data_7UMS
#
_entry.id   7UMS
#
_cell.length_a   1.00
_cell.length_b   1.00
_cell.length_c   1.00
_cell.angle_alpha   90.00
_cell.angle_beta   90.00
_cell.angle_gamma   90.00
#
_symmetry.space_group_name_H-M   'P 1'
#
loop_
_entity.id
_entity.type
_entity.pdbx_description
1 polymer 'Outer capsid protein VP8*'
2 polymer 'Outer capsid protein VP5*'
3 polymer 'Fab 41 heavy chain'
4 polymer 'Fab 41 light chain'
5 polymer 'Intermediate capsid protein VP6'
6 polymer 'Outer capsid glycoprotein VP7'
7 branched beta-D-mannopyranose-(1-4)-2-acetamido-2-deoxy-beta-D-glucopyranose-(1-4)-2-acetamido-2-deoxy-beta-D-glucopyranose
8 non-polymer 2-acetamido-2-deoxy-beta-D-glucopyranose
9 non-polymer 'CALCIUM ION'
#
loop_
_entity_poly.entity_id
_entity_poly.type
_entity_poly.pdbx_seq_one_letter_code
_entity_poly.pdbx_strand_id
1 'polypeptide(L)'
;MASLIYRQLLTNSYSVDLYDEIEQIGSGKTQNVTINPGPFAQTRYAPVNWDHGEINDSTTVEPILDGPYQPTTFTPPNDY
WILINSNTNGVVYESTNNSDFWTAVVAIEPHVTPVDRQYMIFGESKQFNVSNDSNKWKFLEMFRSSSQNEFYNRRTLTSD
TRLVGILKYGGRVWTFHGETPRATTDSSSTANLNNISITIHSEFYIIPRSQESKCNEYINNGLPPIQNTR
;
T,U,V
2 'polypeptide(L)'
;AQVDEDIIVSKTSLWKEMQYNRDIIIRFKFGNSIVKMGGLGYKWSEISYKAANYQYNYLRDGEQVTAHTTCSVNGVNNFS
YNGGFLPTDFGISRYEVIKENSYVYVDYWDDSKAFRNIVYVRSLAANLNSVRCTGGSYHFSLPVGAWPVINGGAVSLHFA
GVTLSTQFTDFVSLNSLRFRFSLTVDEPPFSILRTRTVNLYGLPAANPNNGNEYYEISGRFSLISLVPTNDDYQTPIMNS
VTVRQDLERQLTNLREEFNSLSQEIAMAQLIDLALLPLDMFSMFSGIKSTIDLTKSMATSVMKKFRKSKLATSISEMTNS
LSDAASSASRNVSIRSNLSAISNWTNVSNDVSNVTNSLNDISTQTSTIGKKLRLKEMITQTEGMSFDDISAAVLKTKIDM
STQIGKNTLPDIVTEASEKFIPKRSYRILKDDEVMEINTEGKFFAYKINTFDEVPFDVNKFAELVTDSPVISAIIDFKTL
KNLNDNYGITRTEALNLIKSNPNMLRNFINQNNPIIRNRIEQLILQCKL
;
1,2,3
3 'polypeptide(L)'
;EVQLVESGGGPVQPGGSLKLSCAASGFTFSNYEMYWVRQAPGKGLEWVSYISTSPAITYYADSVRGRFTISRDNAKSSLY
LHMNSLRAEDTAVYYCATISHQQFSSGWNAWFDPWGQGTLVTVSGASTKGPSVFPLAPSSKSTSGGTAALGCLVKDYFPE
PVTVSWNSGALTSGVHTFPAVLQSSGLYSLSSVVTVPSSSLGTQTYICNVNHKPSNTKVDKRVEPKSCDKHHHHHH
;
4,6
4 'polypeptide(L)'
;NFMLTQPHSVSESPGKTVTISCTGSSGSIASNYVQWYRQRPGSAPTTVIYENYQRPSGVPARFSGSIDRSSNSASLTISG
LQTDDEADYYCQSYDNNNLWVFGGGTKLTVLGQPKGAPSVTLFPPSSEELQANKATLVCLISDFYPGAVTVAWKADSSPV
KAGVETTTPSKQSNNKYAASSYLSLTPEQWKSHRSYSCQVTHEGSTVEKTVAPTECS
;
5,7
5 'polypeptide(L)'
;MEVLYSLSKTLKDARDKIVEGTLYSNVSDLIQQFNQMIVTMNGNDFQTGGIGNLPIRNWTFDFGLLGTTLLNLDANYVET
ARTTIEYFIDFIDNVCMDEMVRESQRNGVAPQSEALRKLAGIKFKRINFNNSSEYIENWNLQNRRQRTGFVFHKPNIFPY
SASFTLNRSQPMHDNLMGTMWLNAGSEIQVAGFDYSCALNAPANIQQFEHIVQLRRALTTATITLLPDAERFSFPRVINS
ADGATTWFFNPIILRPNNVEVEFLLNGQIINTYQARFGTIVARNFDTIRLSFQLMRPPNMTPAVNALFPQAQPFQHHATV
GLTLRIESAVCESVLADANETLLANVTAVRQEYAIPVGPVFPPGMNWTELITNYSPSREDNLQRVFTVASIRSMLIK
;
A,B,C,D,E,F,G,H,I,J,K,L,M,N,O,P,Q,R
6 'polypeptide(L)'
;MYGIEYTTILIFLISIILLNYILKSVTRIMDYIIYRFLLIFVALFALTKAQNYGLNIPITGSMDTVYSNSTREEVFLTST
LCLYYPTEASTQISDGEWKDSLSQMFLIKGWPTGSVYFKEYSNIVDFSVDPQLYCDYNLVLMKYDQSLELDMSELADLIL
NEWLCNPMDITLYYYQQSGESNKWISMGSSCTVKVCPLNTQTLGIGCQTTNVDSFETVAENEKLAIVDVVDGINHKINLT
TTTCTIRNCKKLGPRENVAVIQVGGANILDITADPTTNPQIERMMRVNWKRWWQVFYTIVDYINQIVQVMSKRSRSLNSA
AFYYRV
;
a,b,c,d,e,f,g,h,i,j,k,l,m,n,o,p,q,r
#
loop_
_chem_comp.id
_chem_comp.type
_chem_comp.name
_chem_comp.formula
BMA D-saccharide, beta linking beta-D-mannopyranose 'C6 H12 O6'
CA non-polymer 'CALCIUM ION' 'Ca 2'
NAG D-saccharide, beta linking 2-acetamido-2-deoxy-beta-D-glucopyranose 'C8 H15 N O6'
#
# COMPACT_ATOMS: atom_id res chain seq x y z
N ALA A 2 -2.31 14.51 -0.93
CA ALA A 2 -3.47 13.64 -0.77
C ALA A 2 -3.70 12.76 -1.97
N SER A 3 -2.77 12.78 -2.93
CA SER A 3 -2.94 11.92 -4.11
C SER A 3 -2.89 10.45 -3.75
N LEU A 4 -2.37 10.09 -2.58
CA LEU A 4 -2.16 8.69 -2.27
C LEU A 4 -3.44 7.94 -1.98
N ILE A 5 -4.60 8.61 -1.93
CA ILE A 5 -5.85 7.89 -1.73
C ILE A 5 -6.05 6.88 -2.85
N TYR A 6 -5.87 7.31 -4.10
CA TYR A 6 -6.12 6.42 -5.22
C TYR A 6 -5.09 5.31 -5.27
N ARG A 7 -3.82 5.65 -5.05
CA ARG A 7 -2.79 4.62 -4.99
C ARG A 7 -3.10 3.59 -3.91
N GLN A 8 -3.54 4.05 -2.74
CA GLN A 8 -3.84 3.15 -1.65
C GLN A 8 -5.02 2.25 -1.98
N LEU A 9 -6.07 2.81 -2.58
CA LEU A 9 -7.23 2.00 -2.92
C LEU A 9 -6.86 0.94 -3.95
N LEU A 10 -6.11 1.32 -4.98
CA LEU A 10 -5.67 0.33 -5.96
C LEU A 10 -4.80 -0.75 -5.32
N THR A 11 -3.84 -0.35 -4.49
CA THR A 11 -2.92 -1.31 -3.92
C THR A 11 -3.62 -2.26 -2.96
N ASN A 12 -4.55 -1.75 -2.15
CA ASN A 12 -5.24 -2.53 -1.15
C ASN A 12 -6.50 -3.21 -1.68
N SER A 13 -6.80 -3.05 -2.98
CA SER A 13 -8.02 -3.61 -3.55
C SER A 13 -8.21 -5.11 -3.31
N TYR A 14 -7.15 -5.84 -2.95
CA TYR A 14 -7.27 -7.28 -2.74
C TYR A 14 -8.28 -7.63 -1.64
N SER A 15 -8.51 -6.72 -0.68
CA SER A 15 -9.41 -7.02 0.42
C SER A 15 -10.86 -7.20 -0.04
N VAL A 16 -11.20 -6.73 -1.23
CA VAL A 16 -12.55 -6.94 -1.72
C VAL A 16 -12.84 -8.42 -1.93
N ASP A 17 -11.82 -9.25 -2.10
CA ASP A 17 -12.05 -10.69 -2.12
C ASP A 17 -12.60 -11.16 -0.78
N LEU A 18 -12.01 -10.68 0.31
CA LEU A 18 -12.52 -11.00 1.64
C LEU A 18 -13.94 -10.48 1.80
N TYR A 19 -14.19 -9.27 1.32
CA TYR A 19 -15.54 -8.70 1.39
C TYR A 19 -16.54 -9.54 0.60
N ASP A 20 -16.13 -10.03 -0.57
CA ASP A 20 -16.99 -10.89 -1.36
C ASP A 20 -17.29 -12.19 -0.63
N GLU A 21 -16.29 -12.76 0.03
CA GLU A 21 -16.53 -13.96 0.82
C GLU A 21 -17.53 -13.67 1.94
N ILE A 22 -17.39 -12.53 2.59
CA ILE A 22 -18.30 -12.18 3.69
C ILE A 22 -19.73 -12.05 3.18
N GLU A 23 -19.93 -11.30 2.11
CA GLU A 23 -21.30 -11.12 1.62
C GLU A 23 -21.86 -12.44 1.08
N GLN A 24 -21.00 -13.30 0.52
CA GLN A 24 -21.46 -14.62 0.10
C GLN A 24 -21.93 -15.44 1.29
N ILE A 25 -21.20 -15.41 2.40
CA ILE A 25 -21.62 -16.13 3.60
C ILE A 25 -22.92 -15.54 4.13
N GLY A 26 -23.05 -14.21 4.05
CA GLY A 26 -24.26 -13.58 4.55
C GLY A 26 -25.49 -13.93 3.74
N SER A 27 -25.36 -13.95 2.42
CA SER A 27 -26.53 -14.09 1.55
C SER A 27 -27.15 -15.48 1.65
N GLY A 28 -28.47 -15.52 1.69
CA GLY A 28 -29.17 -16.77 1.48
C GLY A 28 -29.04 -17.25 0.05
N LYS A 29 -29.33 -18.53 -0.15
CA LYS A 29 -29.06 -19.19 -1.43
C LYS A 29 -30.30 -19.97 -1.87
N THR A 30 -30.46 -20.08 -3.18
CA THR A 30 -31.47 -20.92 -3.80
C THR A 30 -30.79 -21.66 -4.95
N GLN A 31 -31.58 -22.32 -5.80
CA GLN A 31 -31.02 -23.14 -6.87
C GLN A 31 -32.17 -23.52 -7.80
N ASN A 32 -31.83 -24.19 -8.90
CA ASN A 32 -32.80 -24.64 -9.89
C ASN A 32 -32.79 -26.15 -10.04
N VAL A 33 -33.86 -26.65 -10.64
CA VAL A 33 -34.17 -28.06 -10.80
C VAL A 33 -34.31 -28.35 -12.29
N THR A 34 -33.39 -27.82 -13.09
CA THR A 34 -33.62 -27.36 -14.47
C THR A 34 -34.73 -28.09 -15.23
N ILE A 35 -35.63 -27.29 -15.81
CA ILE A 35 -36.86 -27.80 -16.39
C ILE A 35 -36.55 -28.70 -17.58
N ASN A 36 -37.50 -29.62 -17.86
CA ASN A 36 -37.40 -30.52 -19.01
C ASN A 36 -38.13 -29.92 -20.21
N PRO A 37 -37.50 -29.84 -21.38
CA PRO A 37 -38.28 -29.68 -22.62
C PRO A 37 -38.77 -31.03 -23.10
N GLY A 38 -39.62 -30.99 -24.13
CA GLY A 38 -40.12 -32.19 -24.74
C GLY A 38 -41.52 -32.66 -24.34
N PRO A 39 -42.41 -31.76 -23.83
CA PRO A 39 -43.85 -32.00 -23.95
C PRO A 39 -44.42 -31.64 -25.33
N PHE A 40 -43.80 -32.18 -26.38
CA PHE A 40 -44.24 -31.92 -27.75
C PHE A 40 -45.40 -32.81 -28.19
N ALA A 41 -45.86 -33.72 -27.33
CA ALA A 41 -46.94 -34.65 -27.68
C ALA A 41 -47.82 -34.83 -26.45
N GLN A 42 -48.86 -34.00 -26.35
CA GLN A 42 -49.90 -34.27 -25.37
C GLN A 42 -50.64 -35.55 -25.77
N THR A 43 -51.08 -36.30 -24.76
CA THR A 43 -51.65 -37.63 -24.97
C THR A 43 -53.07 -37.68 -24.42
N ARG A 44 -54.01 -38.10 -25.27
CA ARG A 44 -55.39 -38.25 -24.85
C ARG A 44 -55.56 -39.55 -24.07
N TYR A 45 -56.73 -39.73 -23.46
CA TYR A 45 -56.95 -40.91 -22.63
C TYR A 45 -56.87 -42.21 -23.43
N ALA A 46 -57.87 -42.44 -24.27
CA ALA A 46 -58.05 -43.69 -25.00
C ALA A 46 -59.32 -43.58 -25.81
N PRO A 47 -59.61 -44.49 -26.72
CA PRO A 47 -60.98 -44.63 -27.21
C PRO A 47 -61.84 -45.33 -26.17
N VAL A 48 -62.72 -44.57 -25.52
CA VAL A 48 -63.51 -45.02 -24.38
C VAL A 48 -64.97 -45.04 -24.79
N ASN A 49 -65.64 -46.16 -24.51
CA ASN A 49 -67.07 -46.34 -24.78
C ASN A 49 -67.76 -46.75 -23.49
N TRP A 50 -68.89 -46.13 -23.20
CA TRP A 50 -69.60 -46.38 -21.95
C TRP A 50 -70.67 -47.44 -22.15
N ASP A 51 -70.80 -48.33 -21.17
CA ASP A 51 -71.81 -49.39 -21.26
C ASP A 51 -72.21 -49.81 -19.86
N HIS A 52 -73.36 -50.48 -19.79
CA HIS A 52 -73.78 -51.07 -18.52
C HIS A 52 -72.81 -52.15 -18.09
N GLY A 53 -72.68 -52.33 -16.78
CA GLY A 53 -71.73 -53.26 -16.23
C GLY A 53 -72.09 -54.71 -16.48
N GLU A 54 -71.64 -55.60 -15.61
CA GLU A 54 -71.82 -57.03 -15.78
C GLU A 54 -73.13 -57.44 -15.12
N ILE A 55 -74.17 -57.59 -15.94
CA ILE A 55 -75.46 -58.05 -15.43
C ILE A 55 -75.30 -59.47 -14.90
N ASN A 56 -75.93 -59.73 -13.76
CA ASN A 56 -75.81 -61.02 -13.08
C ASN A 56 -77.05 -61.86 -13.40
N ASP A 57 -77.01 -62.51 -14.55
CA ASP A 57 -78.14 -63.30 -15.01
C ASP A 57 -78.13 -64.68 -14.36
N SER A 58 -79.27 -65.36 -14.45
CA SER A 58 -79.40 -66.73 -13.99
C SER A 58 -80.55 -67.36 -14.75
N THR A 59 -80.24 -68.14 -15.78
CA THR A 59 -81.24 -68.73 -16.67
C THR A 59 -81.56 -70.14 -16.22
N THR A 60 -82.85 -70.43 -16.07
CA THR A 60 -83.32 -71.72 -15.59
C THR A 60 -83.94 -72.52 -16.73
N VAL A 61 -83.80 -73.84 -16.67
CA VAL A 61 -84.31 -74.74 -17.68
C VAL A 61 -85.48 -75.52 -17.07
N GLU A 62 -86.33 -76.05 -17.95
CA GLU A 62 -87.43 -76.87 -17.49
C GLU A 62 -86.90 -78.22 -17.02
N PRO A 63 -87.59 -78.87 -16.07
CA PRO A 63 -87.30 -80.28 -15.81
C PRO A 63 -87.67 -81.14 -17.02
N ILE A 64 -87.00 -82.28 -17.13
CA ILE A 64 -87.19 -83.12 -18.32
C ILE A 64 -88.60 -83.68 -18.38
N LEU A 65 -89.24 -83.87 -17.22
CA LEU A 65 -90.65 -84.23 -17.18
C LEU A 65 -91.25 -83.66 -15.90
N ASP A 66 -92.57 -83.50 -15.90
CA ASP A 66 -93.22 -82.67 -14.89
C ASP A 66 -93.30 -83.31 -13.51
N GLY A 67 -92.68 -84.46 -13.28
CA GLY A 67 -92.51 -84.99 -11.95
C GLY A 67 -93.47 -86.12 -11.62
N PRO A 68 -93.01 -87.17 -10.92
CA PRO A 68 -93.95 -88.23 -10.50
C PRO A 68 -94.83 -87.81 -9.34
N TYR A 69 -95.96 -87.18 -9.65
CA TYR A 69 -96.91 -86.77 -8.63
C TYR A 69 -97.50 -88.01 -7.94
N GLN A 70 -98.35 -87.77 -6.94
CA GLN A 70 -98.79 -88.80 -6.01
C GLN A 70 -100.23 -89.24 -6.26
N PRO A 71 -100.63 -90.44 -5.79
CA PRO A 71 -101.94 -90.99 -6.18
C PRO A 71 -103.10 -90.28 -5.51
N THR A 72 -103.58 -89.23 -6.15
CA THR A 72 -104.62 -88.35 -5.62
C THR A 72 -105.91 -88.52 -6.42
N THR A 73 -106.97 -87.89 -5.92
CA THR A 73 -108.24 -87.74 -6.61
C THR A 73 -108.47 -86.27 -6.90
N PHE A 74 -108.83 -85.95 -8.14
CA PHE A 74 -109.12 -84.56 -8.51
C PHE A 74 -109.74 -84.56 -9.90
N THR A 75 -109.95 -83.37 -10.44
CA THR A 75 -110.53 -83.18 -11.77
C THR A 75 -109.53 -82.46 -12.66
N PRO A 76 -108.71 -83.16 -13.44
CA PRO A 76 -107.74 -82.48 -14.30
C PRO A 76 -108.46 -81.61 -15.31
N PRO A 77 -108.08 -80.35 -15.47
CA PRO A 77 -108.65 -79.56 -16.58
C PRO A 77 -108.29 -80.16 -17.92
N ASN A 78 -108.90 -79.59 -18.96
CA ASN A 78 -108.76 -80.14 -20.30
C ASN A 78 -107.40 -79.79 -20.88
N ASP A 79 -107.12 -80.31 -22.07
CA ASP A 79 -105.89 -80.03 -22.80
C ASP A 79 -104.66 -80.44 -21.99
N TYR A 80 -104.72 -81.62 -21.38
CA TYR A 80 -103.59 -82.10 -20.58
C TYR A 80 -103.60 -83.63 -20.60
N TRP A 81 -102.56 -84.23 -21.20
CA TRP A 81 -102.37 -85.66 -21.07
C TRP A 81 -101.96 -85.98 -19.64
N ILE A 82 -102.64 -86.96 -19.05
CA ILE A 82 -102.24 -87.54 -17.78
C ILE A 82 -101.72 -88.94 -18.07
N LEU A 83 -100.43 -89.14 -17.85
CA LEU A 83 -99.77 -90.43 -18.01
C LEU A 83 -99.51 -91.02 -16.63
N ILE A 84 -99.70 -92.32 -16.50
CA ILE A 84 -99.66 -93.02 -15.22
C ILE A 84 -98.82 -94.27 -15.39
N ASN A 85 -97.93 -94.53 -14.44
CA ASN A 85 -97.25 -95.81 -14.33
C ASN A 85 -97.70 -96.52 -13.07
N SER A 86 -97.82 -97.84 -13.19
CA SER A 86 -98.40 -98.68 -12.15
C SER A 86 -97.31 -99.16 -11.20
N ASN A 87 -97.64 -99.20 -9.92
CA ASN A 87 -96.74 -99.68 -8.87
C ASN A 87 -97.20 -101.01 -8.27
N THR A 88 -98.50 -101.16 -8.02
CA THR A 88 -99.09 -102.40 -7.55
C THR A 88 -99.77 -103.12 -8.70
N ASN A 89 -100.46 -104.21 -8.39
CA ASN A 89 -101.31 -104.90 -9.34
C ASN A 89 -102.75 -104.44 -9.20
N GLY A 90 -103.55 -104.72 -10.23
CA GLY A 90 -104.98 -104.50 -10.15
C GLY A 90 -105.36 -103.15 -10.69
N VAL A 91 -106.20 -102.43 -9.94
CA VAL A 91 -106.71 -101.15 -10.38
C VAL A 91 -105.58 -100.14 -10.42
N VAL A 92 -105.48 -99.40 -11.52
CA VAL A 92 -104.56 -98.29 -11.66
C VAL A 92 -105.26 -96.96 -11.43
N TYR A 93 -106.41 -96.76 -12.09
CA TYR A 93 -107.13 -95.52 -11.98
C TYR A 93 -108.59 -95.75 -12.32
N GLU A 94 -109.41 -94.76 -11.99
CA GLU A 94 -110.76 -94.72 -12.50
C GLU A 94 -111.20 -93.28 -12.73
N SER A 95 -111.91 -93.09 -13.83
CA SER A 95 -112.59 -91.85 -14.18
C SER A 95 -114.09 -92.03 -13.98
N THR A 96 -114.79 -90.92 -13.86
CA THR A 96 -116.25 -90.95 -13.85
C THR A 96 -116.75 -89.52 -13.91
N ASN A 97 -118.06 -89.38 -13.93
CA ASN A 97 -118.71 -88.13 -13.61
C ASN A 97 -119.79 -88.28 -12.55
N ASN A 98 -120.05 -89.49 -12.08
CA ASN A 98 -121.09 -89.84 -11.12
C ASN A 98 -122.49 -89.60 -11.66
N SER A 99 -122.63 -89.23 -12.94
CA SER A 99 -123.92 -88.91 -13.53
C SER A 99 -124.30 -89.89 -14.63
N ASP A 100 -123.48 -90.02 -15.68
CA ASP A 100 -123.74 -90.96 -16.76
C ASP A 100 -122.45 -91.58 -17.29
N PHE A 101 -121.44 -91.74 -16.45
CA PHE A 101 -120.16 -92.27 -16.93
C PHE A 101 -119.34 -92.75 -15.75
N TRP A 102 -118.97 -94.03 -15.77
CA TRP A 102 -118.15 -94.65 -14.72
C TRP A 102 -117.19 -95.61 -15.42
N THR A 103 -115.91 -95.28 -15.44
CA THR A 103 -114.90 -96.09 -16.09
C THR A 103 -113.75 -96.32 -15.14
N ALA A 104 -113.16 -97.52 -15.22
CA ALA A 104 -111.97 -97.84 -14.44
C ALA A 104 -111.07 -98.70 -15.30
N VAL A 105 -109.84 -98.91 -14.84
CA VAL A 105 -108.96 -99.87 -15.50
C VAL A 105 -108.37 -100.81 -14.47
N VAL A 106 -107.92 -101.95 -14.95
CA VAL A 106 -107.11 -102.87 -14.15
C VAL A 106 -105.95 -103.34 -15.01
N ALA A 107 -104.75 -103.25 -14.45
CA ALA A 107 -103.54 -103.75 -15.09
C ALA A 107 -103.23 -105.13 -14.54
N ILE A 108 -102.96 -106.06 -15.44
CA ILE A 108 -102.74 -107.46 -15.07
C ILE A 108 -101.43 -107.92 -15.68
N GLU A 109 -100.67 -108.66 -14.88
CA GLU A 109 -99.40 -109.22 -15.25
C GLU A 109 -99.59 -110.20 -16.41
N PRO A 110 -98.62 -110.31 -17.33
CA PRO A 110 -98.80 -111.22 -18.46
C PRO A 110 -98.85 -112.68 -18.03
N HIS A 111 -99.50 -113.49 -18.86
CA HIS A 111 -99.61 -114.93 -18.61
C HIS A 111 -100.35 -115.20 -17.30
N VAL A 112 -101.62 -114.81 -17.29
CA VAL A 112 -102.53 -115.03 -16.16
C VAL A 112 -103.75 -115.79 -16.64
N THR A 113 -104.26 -116.68 -15.81
CA THR A 113 -105.41 -117.50 -16.18
C THR A 113 -106.69 -116.67 -16.11
N PRO A 114 -107.75 -117.08 -16.83
CA PRO A 114 -109.04 -116.40 -16.67
C PRO A 114 -109.61 -116.58 -15.28
N VAL A 115 -109.71 -115.51 -14.50
CA VAL A 115 -110.16 -115.58 -13.11
C VAL A 115 -111.10 -114.42 -12.83
N ASP A 116 -112.16 -114.71 -12.08
CA ASP A 116 -113.04 -113.68 -11.56
C ASP A 116 -112.44 -113.13 -10.28
N ARG A 117 -111.70 -112.02 -10.38
CA ARG A 117 -111.01 -111.44 -9.25
C ARG A 117 -111.84 -110.32 -8.63
N GLN A 118 -111.52 -110.04 -7.37
CA GLN A 118 -112.26 -109.11 -6.52
C GLN A 118 -111.40 -107.88 -6.27
N TYR A 119 -111.94 -106.71 -6.60
CA TYR A 119 -111.21 -105.46 -6.50
C TYR A 119 -112.02 -104.43 -5.72
N MET A 120 -111.33 -103.65 -4.90
CA MET A 120 -111.95 -102.57 -4.13
C MET A 120 -112.18 -101.38 -5.07
N ILE A 121 -113.08 -101.57 -6.01
CA ILE A 121 -113.45 -100.54 -6.97
C ILE A 121 -114.64 -99.76 -6.43
N PHE A 122 -114.57 -98.43 -6.52
CA PHE A 122 -115.64 -97.54 -6.09
C PHE A 122 -115.97 -97.75 -4.62
N GLY A 123 -114.97 -98.10 -3.83
CA GLY A 123 -115.17 -98.40 -2.42
C GLY A 123 -115.79 -99.77 -2.23
N GLU A 124 -117.05 -99.92 -2.64
CA GLU A 124 -117.74 -101.19 -2.53
C GLU A 124 -117.05 -102.22 -3.41
N SER A 125 -116.44 -103.23 -2.80
CA SER A 125 -115.64 -104.19 -3.55
C SER A 125 -116.51 -104.98 -4.50
N LYS A 126 -116.13 -104.98 -5.79
CA LYS A 126 -116.85 -105.68 -6.85
C LYS A 126 -115.90 -106.65 -7.56
N GLN A 127 -116.50 -107.62 -8.23
CA GLN A 127 -115.76 -108.65 -8.94
C GLN A 127 -115.87 -108.45 -10.44
N PHE A 128 -114.90 -109.02 -11.17
CA PHE A 128 -115.02 -109.15 -12.61
C PHE A 128 -113.91 -110.06 -13.10
N ASN A 129 -114.05 -110.52 -14.35
CA ASN A 129 -113.11 -111.46 -14.92
C ASN A 129 -111.91 -110.73 -15.53
N VAL A 130 -110.76 -111.40 -15.47
CA VAL A 130 -109.54 -110.90 -16.08
C VAL A 130 -108.73 -112.08 -16.58
N SER A 131 -108.02 -111.87 -17.69
CA SER A 131 -107.20 -112.92 -18.29
C SER A 131 -106.17 -112.28 -19.20
N ASN A 132 -105.11 -113.04 -19.49
CA ASN A 132 -104.08 -112.59 -20.42
C ASN A 132 -103.22 -113.78 -20.82
N ASP A 133 -102.82 -113.80 -22.08
CA ASP A 133 -101.90 -114.80 -22.63
C ASP A 133 -100.57 -114.20 -23.08
N SER A 134 -100.60 -112.98 -23.61
CA SER A 134 -99.40 -112.35 -24.12
C SER A 134 -98.39 -112.10 -23.00
N ASN A 135 -97.12 -112.02 -23.38
CA ASN A 135 -96.03 -111.77 -22.45
C ASN A 135 -95.95 -110.30 -22.05
N LYS A 136 -96.76 -109.44 -22.66
CA LYS A 136 -96.84 -108.03 -22.29
C LYS A 136 -98.00 -107.82 -21.33
N TRP A 137 -97.90 -106.75 -20.53
CA TRP A 137 -98.95 -106.45 -19.57
C TRP A 137 -100.24 -106.12 -20.30
N LYS A 138 -101.37 -106.33 -19.62
CA LYS A 138 -102.68 -106.08 -20.20
C LYS A 138 -103.45 -105.10 -19.34
N PHE A 139 -104.14 -104.16 -19.98
CA PHE A 139 -104.92 -103.14 -19.29
C PHE A 139 -106.38 -103.26 -19.73
N LEU A 140 -107.19 -103.88 -18.88
CA LEU A 140 -108.60 -104.09 -19.16
C LEU A 140 -109.39 -102.92 -18.61
N GLU A 141 -110.15 -102.25 -19.47
CA GLU A 141 -111.04 -101.20 -19.00
C GLU A 141 -112.37 -101.82 -18.61
N MET A 142 -113.00 -101.23 -17.60
CA MET A 142 -114.38 -101.54 -17.23
C MET A 142 -115.20 -100.26 -17.43
N PHE A 143 -116.37 -100.42 -18.03
CA PHE A 143 -117.17 -99.32 -18.52
C PHE A 143 -118.60 -99.47 -18.01
N ARG A 144 -119.21 -98.36 -17.64
CA ARG A 144 -120.63 -98.35 -17.30
C ARG A 144 -121.17 -96.95 -17.57
N SER A 145 -122.40 -96.89 -18.08
CA SER A 145 -123.07 -95.63 -18.39
C SER A 145 -124.31 -95.41 -17.54
N SER A 146 -124.46 -96.16 -16.45
CA SER A 146 -125.59 -95.97 -15.55
C SER A 146 -125.29 -96.66 -14.24
N SER A 147 -125.96 -96.18 -13.18
CA SER A 147 -125.84 -96.85 -11.88
C SER A 147 -126.40 -98.26 -11.95
N GLN A 148 -127.54 -98.43 -12.60
CA GLN A 148 -128.11 -99.75 -12.89
C GLN A 148 -127.66 -100.15 -14.28
N ASN A 149 -126.72 -101.07 -14.35
CA ASN A 149 -126.13 -101.49 -15.62
C ASN A 149 -125.18 -102.65 -15.33
N GLU A 150 -124.90 -103.42 -16.37
CA GLU A 150 -123.87 -104.45 -16.31
C GLU A 150 -122.49 -103.83 -16.54
N PHE A 151 -121.48 -104.44 -15.95
CA PHE A 151 -120.11 -103.93 -15.99
C PHE A 151 -119.52 -104.30 -17.34
N TYR A 152 -119.72 -103.45 -18.33
CA TYR A 152 -119.29 -103.76 -19.70
C TYR A 152 -117.76 -103.76 -19.71
N ASN A 153 -117.16 -104.95 -19.77
CA ASN A 153 -115.71 -105.08 -19.70
C ASN A 153 -115.13 -104.83 -21.09
N ARG A 154 -114.54 -103.64 -21.26
CA ARG A 154 -114.13 -103.13 -22.57
C ARG A 154 -112.62 -103.24 -22.73
N ARG A 155 -112.21 -103.38 -23.99
CA ARG A 155 -110.85 -103.70 -24.38
C ARG A 155 -110.30 -102.58 -25.25
N THR A 156 -108.99 -102.26 -25.14
CA THR A 156 -108.05 -102.64 -24.09
C THR A 156 -106.80 -101.79 -24.28
N LEU A 157 -105.73 -102.14 -23.57
CA LEU A 157 -104.41 -101.61 -23.87
C LEU A 157 -103.37 -102.58 -23.34
N THR A 158 -102.36 -102.88 -24.14
CA THR A 158 -101.29 -103.80 -23.78
C THR A 158 -99.95 -103.13 -24.03
N SER A 159 -98.96 -103.48 -23.21
CA SER A 159 -97.62 -102.94 -23.40
C SER A 159 -96.66 -103.63 -22.45
N ASP A 160 -95.38 -103.28 -22.60
CA ASP A 160 -94.34 -103.57 -21.63
C ASP A 160 -93.81 -102.33 -20.94
N THR A 161 -94.16 -101.14 -21.43
CA THR A 161 -93.72 -99.92 -20.77
C THR A 161 -94.32 -99.79 -19.38
N ARG A 162 -95.47 -100.42 -19.14
CA ARG A 162 -96.18 -100.32 -17.86
C ARG A 162 -96.73 -98.90 -17.66
N LEU A 163 -97.32 -98.35 -18.73
CA LEU A 163 -97.84 -96.99 -18.74
C LEU A 163 -99.26 -96.96 -19.30
N VAL A 164 -100.01 -95.95 -18.89
CA VAL A 164 -101.38 -95.70 -19.32
C VAL A 164 -101.54 -94.20 -19.51
N GLY A 165 -102.51 -93.79 -20.33
CA GLY A 165 -102.68 -92.38 -20.59
C GLY A 165 -104.08 -91.93 -20.99
N ILE A 166 -104.52 -90.83 -20.38
CA ILE A 166 -105.87 -90.28 -20.57
C ILE A 166 -105.78 -88.79 -20.88
N LEU A 167 -106.84 -88.27 -21.50
CA LEU A 167 -106.89 -86.86 -21.85
C LEU A 167 -108.33 -86.45 -22.11
N LYS A 168 -108.58 -85.15 -21.98
CA LYS A 168 -109.89 -84.55 -22.23
C LYS A 168 -109.74 -83.54 -23.37
N TYR A 169 -110.66 -83.57 -24.32
CA TYR A 169 -110.61 -82.60 -25.42
C TYR A 169 -111.93 -82.60 -26.17
N GLY A 170 -112.47 -81.41 -26.39
CA GLY A 170 -113.65 -81.25 -27.24
C GLY A 170 -114.84 -82.06 -26.78
N GLY A 171 -115.08 -82.12 -25.48
CA GLY A 171 -116.16 -82.94 -24.98
C GLY A 171 -116.01 -84.41 -25.31
N ARG A 172 -114.76 -84.89 -25.37
CA ARG A 172 -114.47 -86.28 -25.66
C ARG A 172 -113.25 -86.71 -24.86
N VAL A 173 -113.33 -87.87 -24.22
CA VAL A 173 -112.23 -88.40 -23.43
C VAL A 173 -111.43 -89.34 -24.31
N TRP A 174 -110.15 -89.02 -24.48
CA TRP A 174 -109.24 -89.82 -25.29
C TRP A 174 -108.37 -90.65 -24.37
N THR A 175 -108.01 -91.84 -24.83
CA THR A 175 -107.23 -92.77 -24.01
C THR A 175 -106.38 -93.62 -24.93
N PHE A 176 -105.19 -93.98 -24.45
CA PHE A 176 -104.34 -94.85 -25.24
C PHE A 176 -104.87 -96.27 -25.24
N HIS A 177 -104.58 -96.98 -26.34
CA HIS A 177 -105.26 -98.22 -26.67
C HIS A 177 -104.38 -98.99 -27.65
N GLY A 178 -104.42 -100.32 -27.54
CA GLY A 178 -103.70 -101.17 -28.47
C GLY A 178 -102.49 -101.86 -27.86
N GLU A 179 -101.40 -101.94 -28.63
CA GLU A 179 -100.20 -102.65 -28.23
C GLU A 179 -98.97 -101.86 -28.67
N THR A 180 -98.02 -101.68 -27.76
CA THR A 180 -96.77 -101.03 -28.11
C THR A 180 -95.92 -101.96 -28.98
N PRO A 181 -95.15 -101.41 -29.94
CA PRO A 181 -95.00 -100.03 -30.38
C PRO A 181 -96.16 -99.55 -31.27
N ARG A 182 -97.12 -100.45 -31.52
CA ARG A 182 -98.21 -100.17 -32.45
C ARG A 182 -99.33 -99.34 -31.82
N ALA A 183 -99.21 -99.00 -30.54
CA ALA A 183 -100.32 -98.40 -29.81
C ALA A 183 -100.77 -97.10 -30.47
N THR A 184 -101.97 -96.67 -30.09
CA THR A 184 -102.58 -95.45 -30.61
C THR A 184 -103.48 -94.88 -29.54
N THR A 185 -104.36 -93.95 -29.94
CA THR A 185 -105.39 -93.41 -29.08
C THR A 185 -106.76 -93.69 -29.67
N ASP A 186 -107.74 -93.86 -28.80
CA ASP A 186 -109.14 -93.92 -29.19
C ASP A 186 -109.92 -92.97 -28.30
N SER A 187 -111.19 -92.75 -28.67
CA SER A 187 -111.99 -91.69 -28.07
C SER A 187 -113.34 -92.25 -27.62
N SER A 188 -113.87 -91.64 -26.57
CA SER A 188 -115.20 -91.95 -26.05
C SER A 188 -115.95 -90.64 -25.80
N SER A 189 -117.25 -90.69 -26.02
CA SER A 189 -118.12 -89.53 -25.93
C SER A 189 -118.98 -89.61 -24.67
N THR A 190 -119.34 -88.43 -24.16
CA THR A 190 -120.16 -88.35 -22.96
C THR A 190 -120.60 -86.91 -22.77
N ALA A 191 -121.84 -86.73 -22.33
CA ALA A 191 -122.36 -85.40 -22.05
C ALA A 191 -121.78 -84.85 -20.75
N ASN A 192 -121.78 -83.52 -20.65
CA ASN A 192 -121.15 -82.77 -19.56
C ASN A 192 -119.79 -83.35 -19.16
N LEU A 193 -119.01 -83.74 -20.16
CA LEU A 193 -117.74 -84.40 -19.90
C LEU A 193 -116.77 -83.51 -19.15
N ASN A 194 -116.92 -82.18 -19.28
CA ASN A 194 -116.00 -81.26 -18.61
C ASN A 194 -115.99 -81.46 -17.09
N ASN A 195 -117.10 -81.92 -16.51
CA ASN A 195 -117.23 -82.03 -15.06
C ASN A 195 -116.91 -83.44 -14.57
N ILE A 196 -115.98 -84.13 -15.22
CA ILE A 196 -115.59 -85.47 -14.79
C ILE A 196 -114.58 -85.36 -13.66
N SER A 197 -114.32 -86.49 -13.01
CA SER A 197 -113.27 -86.61 -12.00
C SER A 197 -112.48 -87.87 -12.26
N ILE A 198 -111.23 -87.86 -11.79
CA ILE A 198 -110.30 -88.97 -11.91
C ILE A 198 -109.74 -89.23 -10.52
N THR A 199 -109.38 -90.49 -10.26
CA THR A 199 -108.62 -90.83 -9.07
C THR A 199 -107.63 -91.92 -9.42
N ILE A 200 -106.47 -91.86 -8.77
CA ILE A 200 -105.31 -92.64 -9.17
C ILE A 200 -104.88 -93.48 -7.98
N HIS A 201 -104.17 -94.58 -8.27
CA HIS A 201 -103.57 -95.41 -7.23
C HIS A 201 -102.07 -95.63 -7.39
N SER A 202 -101.47 -95.24 -8.52
CA SER A 202 -100.03 -95.35 -8.73
C SER A 202 -99.49 -94.00 -9.18
N GLU A 203 -98.25 -93.94 -9.66
CA GLU A 203 -97.65 -92.63 -9.87
C GLU A 203 -97.97 -92.11 -11.26
N PHE A 204 -97.90 -90.79 -11.43
CA PHE A 204 -98.37 -90.20 -12.68
C PHE A 204 -97.73 -88.83 -12.89
N TYR A 205 -97.53 -88.51 -14.17
CA TYR A 205 -97.02 -87.23 -14.65
C TYR A 205 -98.15 -86.44 -15.30
N ILE A 206 -97.80 -85.28 -15.82
CA ILE A 206 -98.70 -84.45 -16.62
C ILE A 206 -97.91 -83.92 -17.81
N ILE A 207 -98.58 -83.85 -18.97
CA ILE A 207 -97.98 -83.27 -20.16
C ILE A 207 -99.02 -82.36 -20.81
N PRO A 208 -98.65 -81.21 -21.38
CA PRO A 208 -99.63 -80.44 -22.16
C PRO A 208 -99.98 -81.12 -23.48
N ARG A 209 -101.16 -80.78 -23.99
CA ARG A 209 -101.70 -81.44 -25.18
C ARG A 209 -100.86 -81.21 -26.42
N SER A 210 -100.06 -80.13 -26.46
CA SER A 210 -99.43 -79.70 -27.70
C SER A 210 -98.41 -80.69 -28.25
N GLN A 211 -98.00 -81.69 -27.46
CA GLN A 211 -96.86 -82.54 -27.81
C GLN A 211 -97.25 -84.01 -27.84
N GLU A 212 -98.33 -84.34 -28.54
CA GLU A 212 -98.68 -85.73 -28.77
C GLU A 212 -97.53 -86.48 -29.46
N SER A 213 -96.70 -85.75 -30.22
CA SER A 213 -95.58 -86.37 -30.91
C SER A 213 -94.65 -87.11 -29.97
N LYS A 214 -94.47 -86.61 -28.74
CA LYS A 214 -93.72 -87.36 -27.73
C LYS A 214 -94.61 -88.02 -26.69
N CYS A 215 -95.89 -87.66 -26.56
CA CYS A 215 -96.77 -88.46 -25.70
C CYS A 215 -96.90 -89.88 -26.22
N ASN A 216 -97.21 -90.03 -27.50
CA ASN A 216 -97.32 -91.37 -28.06
C ASN A 216 -95.99 -92.10 -28.04
N GLU A 217 -94.88 -91.36 -28.18
CA GLU A 217 -93.57 -91.99 -28.07
C GLU A 217 -93.30 -92.44 -26.64
N TYR A 218 -93.78 -91.70 -25.64
CA TYR A 218 -93.70 -92.17 -24.27
C TYR A 218 -94.47 -93.47 -24.11
N ILE A 219 -95.67 -93.53 -24.66
CA ILE A 219 -96.43 -94.78 -24.58
C ILE A 219 -95.67 -95.90 -25.25
N ASN A 220 -95.01 -95.61 -26.37
CA ASN A 220 -94.19 -96.63 -27.04
C ASN A 220 -93.06 -97.08 -26.14
N ASN A 221 -92.27 -96.13 -25.64
CA ASN A 221 -91.24 -96.39 -24.63
C ASN A 221 -91.12 -95.12 -23.80
N GLY A 222 -91.88 -95.07 -22.69
CA GLY A 222 -91.84 -93.95 -21.78
C GLY A 222 -90.80 -94.16 -20.70
N LEU A 223 -90.74 -93.18 -19.81
CA LEU A 223 -89.75 -93.23 -18.75
C LEU A 223 -88.37 -93.30 -19.40
N PRO A 224 -87.90 -92.19 -20.00
CA PRO A 224 -86.61 -92.21 -20.72
C PRO A 224 -85.51 -92.85 -19.90
N PRO A 225 -84.48 -93.39 -20.54
CA PRO A 225 -83.65 -94.41 -19.88
C PRO A 225 -83.04 -93.92 -18.58
N ILE A 226 -83.03 -94.81 -17.58
CA ILE A 226 -82.42 -94.55 -16.29
C ILE A 226 -81.13 -95.36 -16.24
N GLN A 227 -80.04 -94.76 -16.71
CA GLN A 227 -78.81 -95.51 -16.93
C GLN A 227 -78.06 -95.68 -15.62
N ASN A 228 -77.70 -96.92 -15.32
CA ASN A 228 -77.03 -97.25 -14.06
C ASN A 228 -75.52 -97.22 -14.22
N ALA B 1 -42.50 -66.60 -26.58
CA ALA B 1 -41.26 -66.43 -25.83
C ALA B 1 -41.55 -66.46 -24.35
N GLN B 2 -40.56 -66.92 -23.58
CA GLN B 2 -40.62 -66.96 -22.11
C GLN B 2 -39.49 -66.06 -21.63
N VAL B 3 -39.74 -64.75 -21.63
CA VAL B 3 -38.73 -63.76 -21.27
C VAL B 3 -39.38 -62.39 -21.12
N ASP B 4 -38.83 -61.55 -20.25
CA ASP B 4 -39.34 -60.20 -20.08
C ASP B 4 -38.95 -59.33 -21.27
N GLU B 5 -39.73 -58.28 -21.50
CA GLU B 5 -39.47 -57.37 -22.62
C GLU B 5 -40.28 -56.08 -22.44
N ASP B 6 -39.65 -54.94 -22.66
CA ASP B 6 -40.29 -53.63 -22.55
C ASP B 6 -39.93 -52.77 -23.75
N ILE B 7 -40.81 -51.80 -24.03
CA ILE B 7 -40.50 -50.72 -24.96
C ILE B 7 -41.18 -49.46 -24.43
N ILE B 8 -41.02 -48.34 -25.14
CA ILE B 8 -41.74 -47.11 -24.84
C ILE B 8 -42.50 -46.71 -26.09
N VAL B 9 -43.82 -46.58 -25.95
CA VAL B 9 -44.67 -46.31 -27.11
C VAL B 9 -44.76 -44.83 -27.43
N SER B 10 -44.46 -43.95 -26.48
CA SER B 10 -44.59 -42.53 -26.73
C SER B 10 -43.96 -41.78 -25.56
N LYS B 11 -43.32 -40.67 -25.90
CA LYS B 11 -42.54 -39.91 -24.93
C LYS B 11 -43.46 -39.19 -23.96
N THR B 12 -42.87 -38.47 -23.01
CA THR B 12 -43.61 -37.95 -21.88
C THR B 12 -44.67 -36.93 -22.34
N SER B 13 -45.57 -36.61 -21.41
CA SER B 13 -46.67 -35.71 -21.68
C SER B 13 -47.17 -35.15 -20.36
N LEU B 14 -47.91 -34.03 -20.45
CA LEU B 14 -48.40 -33.34 -19.28
C LEU B 14 -49.77 -33.86 -18.86
N TRP B 15 -49.99 -33.93 -17.56
CA TRP B 15 -51.30 -34.28 -17.02
C TRP B 15 -51.55 -33.43 -15.78
N LYS B 16 -52.66 -32.72 -15.78
CA LYS B 16 -53.17 -32.00 -14.63
C LYS B 16 -54.14 -32.91 -13.89
N GLU B 17 -54.15 -32.85 -12.56
CA GLU B 17 -55.17 -33.48 -11.75
C GLU B 17 -56.10 -32.41 -11.22
N MET B 18 -57.39 -32.63 -11.39
CA MET B 18 -58.40 -31.60 -11.20
C MET B 18 -59.59 -32.20 -10.49
N GLN B 19 -60.38 -31.34 -9.85
CA GLN B 19 -61.58 -31.75 -9.12
C GLN B 19 -62.81 -31.30 -9.88
N TYR B 20 -63.71 -32.23 -10.15
CA TYR B 20 -65.03 -31.95 -10.68
C TYR B 20 -66.04 -32.40 -9.63
N ASN B 21 -66.88 -31.48 -9.18
CA ASN B 21 -67.77 -31.72 -8.04
C ASN B 21 -69.17 -31.31 -8.48
N ARG B 22 -69.86 -32.20 -9.19
CA ARG B 22 -71.18 -31.91 -9.73
C ARG B 22 -72.23 -32.59 -8.88
N ASP B 23 -73.49 -32.24 -9.10
CA ASP B 23 -74.62 -32.90 -8.45
C ASP B 23 -75.26 -33.83 -9.46
N ILE B 24 -75.86 -34.89 -8.94
CA ILE B 24 -76.35 -35.98 -9.77
C ILE B 24 -77.73 -36.41 -9.32
N ILE B 25 -78.54 -36.84 -10.29
CA ILE B 25 -79.89 -37.33 -10.08
C ILE B 25 -79.96 -38.66 -10.81
N ILE B 26 -79.79 -39.76 -10.07
CA ILE B 26 -79.87 -41.10 -10.64
C ILE B 26 -81.27 -41.62 -10.42
N ARG B 27 -81.94 -42.03 -11.49
CA ARG B 27 -83.25 -42.68 -11.38
C ARG B 27 -83.23 -43.98 -12.16
N PHE B 28 -83.95 -44.97 -11.64
CA PHE B 28 -83.85 -46.34 -12.11
C PHE B 28 -85.12 -47.09 -11.73
N LYS B 29 -85.43 -48.14 -12.50
CA LYS B 29 -86.57 -49.00 -12.23
C LYS B 29 -86.12 -50.45 -12.26
N PHE B 30 -86.50 -51.21 -11.23
CA PHE B 30 -86.10 -52.60 -11.12
C PHE B 30 -86.63 -53.41 -12.30
N GLY B 31 -86.18 -54.66 -12.39
CA GLY B 31 -86.65 -55.59 -13.39
C GLY B 31 -86.96 -56.95 -12.81
N ASN B 32 -88.13 -57.48 -13.14
CA ASN B 32 -88.60 -58.75 -12.63
C ASN B 32 -88.87 -59.69 -13.80
N SER B 33 -88.39 -60.92 -13.68
CA SER B 33 -88.64 -61.97 -14.66
C SER B 33 -89.48 -63.06 -14.01
N ILE B 34 -90.60 -63.37 -14.65
CA ILE B 34 -91.53 -64.40 -14.16
C ILE B 34 -91.71 -65.40 -15.28
N VAL B 35 -91.66 -66.69 -14.93
CA VAL B 35 -91.75 -67.76 -15.91
C VAL B 35 -92.56 -68.90 -15.33
N LYS B 36 -93.37 -69.54 -16.17
CA LYS B 36 -94.20 -70.65 -15.75
C LYS B 36 -93.33 -71.87 -15.42
N MET B 37 -94.00 -72.94 -15.00
CA MET B 37 -93.41 -74.27 -14.92
C MET B 37 -94.28 -75.22 -15.73
N GLY B 38 -93.64 -76.13 -16.44
CA GLY B 38 -94.38 -77.08 -17.27
C GLY B 38 -95.35 -77.89 -16.43
N GLY B 39 -96.64 -77.62 -16.59
CA GLY B 39 -97.63 -78.29 -15.79
C GLY B 39 -99.00 -77.64 -15.97
N LEU B 40 -99.87 -77.90 -15.00
CA LEU B 40 -101.24 -77.40 -15.07
C LEU B 40 -101.28 -75.89 -15.03
N GLY B 41 -100.28 -75.25 -14.44
CA GLY B 41 -100.26 -73.80 -14.30
C GLY B 41 -100.45 -73.36 -12.86
N TYR B 42 -99.87 -74.13 -11.94
CA TYR B 42 -99.91 -73.83 -10.52
C TYR B 42 -98.53 -73.66 -9.90
N LYS B 43 -97.46 -74.04 -10.60
CA LYS B 43 -96.10 -73.95 -10.11
C LYS B 43 -95.35 -72.91 -10.92
N TRP B 44 -94.77 -71.93 -10.23
CA TRP B 44 -93.94 -70.91 -10.86
C TRP B 44 -92.48 -71.23 -10.56
N SER B 45 -91.71 -71.50 -11.61
CA SER B 45 -90.34 -71.97 -11.41
C SER B 45 -89.42 -70.85 -10.96
N GLU B 46 -89.57 -69.66 -11.55
CA GLU B 46 -88.67 -68.55 -11.26
C GLU B 46 -89.47 -67.26 -11.20
N ILE B 47 -89.29 -66.52 -10.11
CA ILE B 47 -89.69 -65.12 -10.02
C ILE B 47 -88.51 -64.41 -9.38
N SER B 48 -87.64 -63.83 -10.22
CA SER B 48 -86.35 -63.33 -9.79
C SER B 48 -86.08 -61.98 -10.43
N TYR B 49 -85.22 -61.20 -9.78
CA TYR B 49 -84.79 -59.94 -10.33
C TYR B 49 -84.03 -60.15 -11.62
N LYS B 50 -84.02 -59.12 -12.46
CA LYS B 50 -83.28 -59.15 -13.70
C LYS B 50 -82.77 -57.75 -13.98
N ALA B 51 -81.69 -57.68 -14.76
CA ALA B 51 -81.09 -56.39 -15.07
C ALA B 51 -82.06 -55.53 -15.86
N ALA B 52 -82.33 -54.33 -15.37
CA ALA B 52 -83.32 -53.43 -15.95
C ALA B 52 -82.66 -52.15 -16.39
N ASN B 53 -82.76 -51.84 -17.68
CA ASN B 53 -82.16 -50.66 -18.26
C ASN B 53 -83.21 -49.56 -18.43
N TYR B 54 -82.73 -48.32 -18.47
CA TYR B 54 -83.61 -47.17 -18.51
C TYR B 54 -82.78 -45.94 -18.85
N GLN B 55 -83.30 -45.11 -19.75
CA GLN B 55 -82.62 -43.90 -20.20
C GLN B 55 -83.56 -42.72 -20.06
N TYR B 56 -82.99 -41.55 -19.82
CA TYR B 56 -83.77 -40.35 -19.51
C TYR B 56 -82.84 -39.14 -19.61
N ASN B 57 -83.33 -37.99 -19.16
CA ASN B 57 -82.50 -36.81 -19.07
C ASN B 57 -83.05 -35.92 -17.97
N TYR B 58 -82.29 -34.88 -17.64
CA TYR B 58 -82.77 -33.88 -16.69
C TYR B 58 -81.96 -32.60 -16.86
N LEU B 59 -82.24 -31.62 -16.01
CA LEU B 59 -81.64 -30.30 -16.09
C LEU B 59 -80.65 -30.10 -14.95
N ARG B 60 -79.56 -29.41 -15.24
CA ARG B 60 -78.51 -29.19 -14.25
C ARG B 60 -77.81 -27.89 -14.63
N ASP B 61 -78.20 -26.79 -13.98
CA ASP B 61 -77.78 -25.46 -14.36
C ASP B 61 -78.02 -25.23 -15.87
N GLY B 62 -79.18 -25.68 -16.32
CA GLY B 62 -79.63 -25.47 -17.69
C GLY B 62 -79.14 -26.53 -18.66
N GLU B 63 -77.89 -26.97 -18.51
CA GLU B 63 -77.29 -27.89 -19.47
C GLU B 63 -78.01 -29.23 -19.40
N GLN B 64 -78.84 -29.49 -20.40
CA GLN B 64 -79.61 -30.72 -20.44
C GLN B 64 -78.68 -31.93 -20.47
N VAL B 65 -78.75 -32.74 -19.43
CA VAL B 65 -77.87 -33.91 -19.26
C VAL B 65 -78.70 -35.15 -19.58
N THR B 66 -78.21 -35.95 -20.52
CA THR B 66 -78.83 -37.21 -20.87
C THR B 66 -78.12 -38.33 -20.13
N ALA B 67 -78.89 -39.16 -19.43
CA ALA B 67 -78.37 -40.18 -18.55
C ALA B 67 -78.96 -41.53 -18.92
N HIS B 68 -78.18 -42.57 -18.66
CA HIS B 68 -78.53 -43.91 -19.12
C HIS B 68 -77.99 -44.88 -18.08
N THR B 69 -78.87 -45.69 -17.50
CA THR B 69 -78.50 -46.53 -16.37
C THR B 69 -79.16 -47.89 -16.47
N THR B 70 -78.61 -48.84 -15.73
CA THR B 70 -79.17 -50.18 -15.62
C THR B 70 -78.96 -50.67 -14.19
N CYS B 71 -80.02 -51.14 -13.56
CA CYS B 71 -79.97 -51.60 -12.17
C CYS B 71 -80.05 -53.11 -12.11
N SER B 72 -79.38 -53.66 -11.09
CA SER B 72 -79.34 -55.09 -10.84
C SER B 72 -79.11 -55.30 -9.35
N VAL B 73 -79.10 -56.58 -8.94
CA VAL B 73 -78.94 -56.93 -7.54
C VAL B 73 -77.91 -58.04 -7.40
N ASN B 74 -77.28 -58.08 -6.24
CA ASN B 74 -76.30 -59.10 -5.91
C ASN B 74 -76.39 -59.37 -4.41
N GLY B 75 -76.04 -60.58 -4.01
CA GLY B 75 -76.30 -60.99 -2.65
C GLY B 75 -77.76 -61.21 -2.37
N VAL B 76 -78.54 -61.52 -3.40
CA VAL B 76 -79.98 -61.66 -3.25
C VAL B 76 -80.29 -62.95 -2.50
N ASN B 77 -81.16 -62.86 -1.50
CA ASN B 77 -81.67 -64.05 -0.86
C ASN B 77 -82.72 -64.68 -1.76
N ASN B 78 -82.86 -66.00 -1.65
CA ASN B 78 -83.82 -66.75 -2.47
C ASN B 78 -84.62 -67.67 -1.56
N PHE B 79 -85.92 -67.42 -1.47
CA PHE B 79 -86.82 -68.21 -0.64
C PHE B 79 -87.54 -69.20 -1.54
N SER B 80 -87.62 -70.45 -1.10
CA SER B 80 -88.33 -71.51 -1.83
C SER B 80 -89.53 -71.93 -0.99
N TYR B 81 -90.72 -71.57 -1.44
CA TYR B 81 -91.95 -71.92 -0.74
C TYR B 81 -92.69 -73.00 -1.50
N ASN B 82 -93.16 -74.02 -0.78
CA ASN B 82 -93.89 -75.16 -1.35
C ASN B 82 -95.19 -75.31 -0.58
N GLY B 83 -96.26 -74.72 -1.09
CA GLY B 83 -97.56 -74.86 -0.43
C GLY B 83 -98.07 -76.28 -0.42
N GLY B 84 -97.94 -76.98 -1.54
CA GLY B 84 -98.40 -78.35 -1.60
C GLY B 84 -97.78 -79.07 -2.78
N PHE B 85 -97.72 -80.39 -2.67
CA PHE B 85 -97.01 -81.20 -3.64
C PHE B 85 -97.91 -81.75 -4.75
N LEU B 86 -99.22 -81.67 -4.60
CA LEU B 86 -100.10 -82.20 -5.62
C LEU B 86 -99.96 -81.39 -6.91
N PRO B 87 -100.33 -81.96 -8.07
CA PRO B 87 -100.32 -81.15 -9.29
C PRO B 87 -101.23 -79.94 -9.17
N THR B 88 -102.36 -80.08 -8.49
CA THR B 88 -103.26 -78.97 -8.31
C THR B 88 -102.70 -77.91 -7.37
N ASP B 89 -101.76 -78.27 -6.50
CA ASP B 89 -101.29 -77.35 -5.49
C ASP B 89 -100.53 -76.18 -6.11
N PHE B 90 -100.52 -75.06 -5.39
CA PHE B 90 -99.83 -73.86 -5.81
C PHE B 90 -98.43 -73.85 -5.22
N GLY B 91 -97.46 -73.44 -6.02
CA GLY B 91 -96.08 -73.49 -5.59
C GLY B 91 -95.23 -72.45 -6.29
N ILE B 92 -94.20 -71.99 -5.59
CA ILE B 92 -93.18 -71.12 -6.13
C ILE B 92 -91.85 -71.78 -5.84
N SER B 93 -91.18 -72.28 -6.88
CA SER B 93 -89.92 -73.00 -6.66
C SER B 93 -88.87 -72.09 -6.06
N ARG B 94 -88.85 -70.81 -6.46
CA ARG B 94 -87.89 -69.86 -5.91
C ARG B 94 -88.29 -68.43 -6.20
N TYR B 95 -88.40 -67.60 -5.17
CA TYR B 95 -88.65 -66.17 -5.31
C TYR B 95 -87.55 -65.39 -4.59
N GLU B 96 -87.03 -64.39 -5.27
CA GLU B 96 -85.91 -63.59 -4.77
C GLU B 96 -86.39 -62.51 -3.83
N VAL B 97 -85.53 -62.14 -2.89
CA VAL B 97 -85.77 -61.06 -1.94
C VAL B 97 -84.44 -60.42 -1.61
N ILE B 98 -84.50 -59.23 -1.03
CA ILE B 98 -83.32 -58.48 -0.62
C ILE B 98 -83.43 -58.17 0.87
N LYS B 99 -82.31 -58.28 1.57
CA LYS B 99 -82.28 -58.21 3.02
C LYS B 99 -81.05 -57.39 3.43
N GLU B 100 -80.76 -57.40 4.72
CA GLU B 100 -79.53 -56.75 5.20
C GLU B 100 -78.30 -57.35 4.52
N ASN B 101 -78.35 -58.65 4.24
CA ASN B 101 -77.22 -59.29 3.59
C ASN B 101 -76.97 -58.75 2.20
N SER B 102 -78.04 -58.44 1.46
CA SER B 102 -77.92 -58.17 0.04
C SER B 102 -77.36 -56.78 -0.23
N TYR B 103 -76.96 -56.58 -1.47
CA TYR B 103 -76.59 -55.28 -2.01
C TYR B 103 -77.35 -55.07 -3.30
N VAL B 104 -77.53 -53.81 -3.70
CA VAL B 104 -78.16 -53.47 -4.97
C VAL B 104 -77.24 -52.55 -5.74
N TYR B 105 -76.97 -52.91 -7.00
CA TYR B 105 -76.08 -52.15 -7.86
C TYR B 105 -76.89 -51.36 -8.88
N VAL B 106 -76.40 -50.18 -9.22
CA VAL B 106 -76.97 -49.39 -10.31
C VAL B 106 -75.82 -48.83 -11.13
N ASP B 107 -75.68 -49.33 -12.35
CA ASP B 107 -74.73 -48.77 -13.29
C ASP B 107 -75.32 -47.51 -13.90
N TYR B 108 -74.50 -46.47 -14.00
CA TYR B 108 -74.94 -45.17 -14.47
C TYR B 108 -73.91 -44.62 -15.43
N TRP B 109 -74.36 -43.89 -16.44
CA TRP B 109 -73.41 -43.11 -17.22
C TRP B 109 -74.11 -41.97 -17.94
N ASP B 110 -73.30 -41.03 -18.39
CA ASP B 110 -73.74 -39.74 -18.89
C ASP B 110 -72.69 -39.26 -19.90
N ASP B 111 -73.13 -38.43 -20.83
CA ASP B 111 -72.28 -37.95 -21.91
C ASP B 111 -71.74 -36.54 -21.70
N SER B 112 -72.09 -35.88 -20.60
CA SER B 112 -71.53 -34.57 -20.33
C SER B 112 -70.05 -34.69 -20.01
N LYS B 113 -69.32 -33.57 -20.18
CA LYS B 113 -67.87 -33.58 -19.98
C LYS B 113 -67.52 -34.02 -18.57
N ALA B 114 -68.34 -33.63 -17.59
CA ALA B 114 -68.08 -34.00 -16.20
C ALA B 114 -67.94 -35.50 -16.04
N PHE B 115 -68.65 -36.28 -16.85
CA PHE B 115 -68.52 -37.72 -16.85
C PHE B 115 -67.53 -38.24 -17.88
N ARG B 116 -67.39 -37.55 -19.01
CA ARG B 116 -66.46 -38.00 -20.03
C ARG B 116 -65.03 -37.97 -19.52
N ASN B 117 -64.73 -37.08 -18.58
CA ASN B 117 -63.39 -37.02 -18.01
C ASN B 117 -63.13 -38.13 -17.00
N ILE B 118 -64.02 -39.10 -16.84
CA ILE B 118 -63.82 -40.22 -15.92
C ILE B 118 -63.35 -41.40 -16.78
N VAL B 119 -62.05 -41.48 -16.98
CA VAL B 119 -61.42 -42.66 -17.56
C VAL B 119 -60.37 -43.12 -16.57
N TYR B 120 -59.39 -42.26 -16.34
CA TYR B 120 -58.50 -42.40 -15.21
C TYR B 120 -59.17 -41.82 -13.98
N VAL B 121 -58.63 -42.13 -12.81
CA VAL B 121 -59.15 -41.56 -11.58
C VAL B 121 -58.11 -41.76 -10.47
N ARG B 122 -57.97 -40.72 -9.65
CA ARG B 122 -57.18 -40.80 -8.42
C ARG B 122 -58.03 -40.77 -7.17
N SER B 123 -59.30 -40.39 -7.28
CA SER B 123 -60.22 -40.46 -6.16
C SER B 123 -61.63 -40.21 -6.66
N LEU B 124 -62.60 -40.64 -5.86
CA LEU B 124 -64.00 -40.43 -6.19
C LEU B 124 -64.81 -40.63 -4.93
N ALA B 125 -65.55 -39.60 -4.52
CA ALA B 125 -66.42 -39.66 -3.37
C ALA B 125 -67.76 -39.03 -3.73
N ALA B 126 -68.81 -39.46 -3.05
CA ALA B 126 -70.14 -38.93 -3.33
C ALA B 126 -71.02 -39.21 -2.12
N ASN B 127 -72.10 -38.43 -2.01
CA ASN B 127 -73.09 -38.66 -0.98
C ASN B 127 -74.47 -38.48 -1.58
N LEU B 128 -75.37 -39.41 -1.25
CA LEU B 128 -76.68 -39.52 -1.85
C LEU B 128 -77.74 -39.49 -0.76
N ASN B 129 -78.95 -39.09 -1.14
CA ASN B 129 -80.07 -39.14 -0.22
C ASN B 129 -80.47 -40.59 0.04
N SER B 130 -80.93 -40.85 1.26
CA SER B 130 -81.51 -42.14 1.58
C SER B 130 -82.95 -42.17 1.11
N VAL B 131 -83.35 -43.28 0.48
CA VAL B 131 -84.69 -43.41 -0.09
C VAL B 131 -85.27 -44.78 0.28
N ARG B 132 -86.59 -44.85 0.20
CA ARG B 132 -87.35 -46.05 0.50
C ARG B 132 -87.88 -46.65 -0.79
N CYS B 133 -87.66 -47.94 -0.96
CA CYS B 133 -88.19 -48.71 -2.09
C CYS B 133 -89.29 -49.61 -1.57
N THR B 134 -90.49 -49.44 -2.10
CA THR B 134 -91.67 -50.18 -1.69
C THR B 134 -92.06 -51.18 -2.78
N GLY B 135 -92.85 -52.18 -2.37
CA GLY B 135 -93.24 -53.28 -3.25
C GLY B 135 -94.70 -53.16 -3.66
N GLY B 136 -94.98 -53.54 -4.90
CA GLY B 136 -96.33 -53.53 -5.41
C GLY B 136 -97.08 -54.78 -4.99
N SER B 137 -98.14 -55.08 -5.74
CA SER B 137 -98.97 -56.25 -5.51
C SER B 137 -99.11 -57.03 -6.80
N TYR B 138 -99.01 -58.35 -6.71
CA TYR B 138 -98.98 -59.24 -7.86
C TYR B 138 -100.07 -60.30 -7.71
N HIS B 139 -100.91 -60.43 -8.72
CA HIS B 139 -101.98 -61.43 -8.73
C HIS B 139 -101.44 -62.68 -9.43
N PHE B 140 -101.21 -63.74 -8.65
CA PHE B 140 -100.79 -65.02 -9.22
C PHE B 140 -101.99 -65.63 -9.93
N SER B 141 -102.01 -65.51 -11.26
CA SER B 141 -103.14 -66.05 -12.01
C SER B 141 -103.16 -67.56 -11.87
N LEU B 142 -104.06 -68.07 -11.03
CA LEU B 142 -104.11 -69.48 -10.66
C LEU B 142 -105.39 -70.06 -11.23
N PRO B 143 -105.36 -71.07 -12.11
CA PRO B 143 -106.62 -71.52 -12.72
C PRO B 143 -107.54 -72.37 -11.84
N VAL B 144 -107.35 -72.37 -10.52
CA VAL B 144 -108.37 -72.88 -9.61
C VAL B 144 -108.13 -72.24 -8.25
N GLY B 145 -109.14 -72.27 -7.40
CA GLY B 145 -108.99 -71.78 -6.04
C GLY B 145 -108.79 -70.29 -6.00
N ALA B 146 -108.71 -69.76 -4.78
CA ALA B 146 -108.49 -68.34 -4.59
C ALA B 146 -107.11 -67.95 -5.10
N TRP B 147 -107.04 -66.83 -5.80
CA TRP B 147 -105.75 -66.34 -6.26
C TRP B 147 -104.90 -65.94 -5.06
N PRO B 148 -103.70 -66.50 -4.87
CA PRO B 148 -102.80 -65.90 -3.90
C PRO B 148 -102.27 -64.57 -4.44
N VAL B 149 -102.12 -63.61 -3.54
CA VAL B 149 -101.65 -62.27 -3.90
C VAL B 149 -100.53 -61.89 -2.95
N ILE B 150 -99.46 -61.33 -3.50
CA ILE B 150 -98.32 -60.88 -2.74
C ILE B 150 -98.46 -59.37 -2.54
N ASN B 151 -97.96 -58.90 -1.41
CA ASN B 151 -98.17 -57.51 -1.01
C ASN B 151 -97.03 -57.06 -0.10
N GLY B 152 -96.93 -55.76 0.07
CA GLY B 152 -95.98 -55.20 1.01
C GLY B 152 -94.56 -55.24 0.50
N GLY B 153 -93.63 -55.19 1.44
CA GLY B 153 -92.21 -55.14 1.12
C GLY B 153 -91.70 -53.71 1.10
N ALA B 154 -90.71 -53.41 1.95
CA ALA B 154 -90.18 -52.06 2.01
C ALA B 154 -88.75 -52.12 2.52
N VAL B 155 -87.84 -51.47 1.79
CA VAL B 155 -86.43 -51.40 2.17
C VAL B 155 -85.98 -49.96 2.03
N SER B 156 -84.78 -49.69 2.56
CA SER B 156 -84.15 -48.39 2.48
C SER B 156 -82.76 -48.56 1.92
N LEU B 157 -82.39 -47.66 1.01
CA LEU B 157 -81.08 -47.70 0.37
C LEU B 157 -80.16 -46.72 1.08
N HIS B 158 -79.05 -47.23 1.63
CA HIS B 158 -77.97 -46.41 2.14
C HIS B 158 -76.78 -46.54 1.22
N PHE B 159 -76.04 -45.45 1.06
CA PHE B 159 -74.87 -45.47 0.21
C PHE B 159 -73.81 -46.41 0.77
N ALA B 160 -73.21 -47.20 -0.12
CA ALA B 160 -72.13 -48.11 0.23
C ALA B 160 -70.84 -47.83 -0.51
N GLY B 161 -70.89 -47.52 -1.80
CA GLY B 161 -69.67 -47.16 -2.49
C GLY B 161 -69.88 -46.96 -3.97
N VAL B 162 -68.76 -46.74 -4.65
CA VAL B 162 -68.72 -46.58 -6.10
C VAL B 162 -67.61 -47.46 -6.65
N THR B 163 -67.75 -47.87 -7.90
CA THR B 163 -66.75 -48.71 -8.54
C THR B 163 -66.69 -48.38 -10.02
N LEU B 164 -65.54 -48.64 -10.63
CA LEU B 164 -65.30 -48.41 -12.05
C LEU B 164 -64.82 -49.70 -12.68
N SER B 165 -65.66 -50.30 -13.53
CA SER B 165 -65.28 -51.48 -14.28
C SER B 165 -64.86 -51.06 -15.68
N THR B 166 -63.82 -51.71 -16.20
CA THR B 166 -63.21 -51.30 -17.46
C THR B 166 -62.81 -52.54 -18.25
N GLN B 167 -63.72 -53.01 -19.11
CA GLN B 167 -63.39 -54.09 -20.03
C GLN B 167 -62.43 -53.60 -21.11
N PHE B 168 -61.53 -54.49 -21.54
CA PHE B 168 -60.56 -54.20 -22.58
C PHE B 168 -60.73 -55.19 -23.71
N THR B 169 -60.77 -54.70 -24.94
CA THR B 169 -60.80 -55.57 -26.11
C THR B 169 -60.17 -54.82 -27.28
N ASP B 170 -58.87 -55.04 -27.50
CA ASP B 170 -58.18 -54.54 -28.69
C ASP B 170 -58.25 -53.01 -28.77
N PHE B 171 -57.55 -52.36 -27.83
CA PHE B 171 -57.24 -50.94 -27.86
C PHE B 171 -58.41 -50.02 -27.52
N VAL B 172 -59.61 -50.55 -27.38
CA VAL B 172 -60.81 -49.76 -27.07
C VAL B 172 -61.36 -50.23 -25.74
N SER B 173 -61.60 -49.29 -24.84
CA SER B 173 -61.96 -49.60 -23.46
C SER B 173 -63.45 -49.37 -23.24
N LEU B 174 -64.16 -50.42 -22.80
CA LEU B 174 -65.56 -50.33 -22.43
C LEU B 174 -65.65 -50.09 -20.93
N ASN B 175 -65.97 -48.87 -20.53
CA ASN B 175 -66.02 -48.51 -19.12
C ASN B 175 -67.46 -48.42 -18.62
N SER B 176 -67.58 -48.49 -17.29
CA SER B 176 -68.88 -48.45 -16.64
C SER B 176 -68.70 -48.05 -15.18
N LEU B 177 -69.43 -47.02 -14.76
CA LEU B 177 -69.45 -46.58 -13.36
C LEU B 177 -70.65 -47.21 -12.68
N ARG B 178 -70.44 -47.76 -11.49
CA ARG B 178 -71.42 -48.59 -10.81
C ARG B 178 -71.53 -48.15 -9.36
N PHE B 179 -72.72 -47.75 -8.94
CA PHE B 179 -72.98 -47.37 -7.57
C PHE B 179 -73.50 -48.58 -6.80
N ARG B 180 -72.84 -48.90 -5.69
CA ARG B 180 -73.25 -49.97 -4.80
C ARG B 180 -74.01 -49.39 -3.62
N PHE B 181 -75.23 -49.88 -3.40
CA PHE B 181 -76.07 -49.46 -2.29
C PHE B 181 -76.29 -50.63 -1.35
N SER B 182 -76.12 -50.37 -0.05
CA SER B 182 -76.49 -51.33 0.97
C SER B 182 -77.96 -51.13 1.35
N LEU B 183 -78.54 -52.19 1.91
CA LEU B 183 -79.97 -52.25 2.18
C LEU B 183 -80.21 -52.33 3.68
N THR B 184 -81.25 -51.63 4.14
CA THR B 184 -81.74 -51.76 5.51
C THR B 184 -83.26 -51.86 5.44
N VAL B 185 -83.81 -52.99 5.88
CA VAL B 185 -85.21 -53.29 5.65
C VAL B 185 -86.07 -52.36 6.49
N ASP B 186 -87.37 -52.27 6.18
CA ASP B 186 -88.27 -51.38 6.88
C ASP B 186 -89.68 -51.88 6.69
N GLU B 187 -90.57 -51.48 7.61
CA GLU B 187 -91.96 -51.86 7.52
C GLU B 187 -92.62 -51.19 6.33
N PRO B 188 -93.75 -51.73 5.84
CA PRO B 188 -94.45 -52.94 6.29
C PRO B 188 -93.80 -54.21 5.75
N PRO B 189 -93.80 -55.31 6.52
CA PRO B 189 -93.28 -56.57 5.96
C PRO B 189 -94.14 -57.06 4.81
N PHE B 190 -93.49 -57.70 3.85
CA PHE B 190 -94.22 -58.29 2.75
C PHE B 190 -94.82 -59.62 3.18
N SER B 191 -95.82 -60.07 2.43
CA SER B 191 -96.49 -61.33 2.74
C SER B 191 -97.24 -61.81 1.51
N ILE B 192 -96.97 -63.03 1.09
CA ILE B 192 -97.79 -63.68 0.09
C ILE B 192 -99.08 -64.14 0.78
N LEU B 193 -100.21 -63.66 0.28
CA LEU B 193 -101.47 -63.86 0.99
C LEU B 193 -101.96 -65.29 0.85
N ARG B 194 -102.81 -65.69 1.79
CA ARG B 194 -103.37 -67.04 1.82
C ARG B 194 -102.26 -68.09 1.83
N THR B 195 -101.25 -67.86 2.68
CA THR B 195 -100.05 -68.67 2.62
C THR B 195 -99.37 -68.64 3.98
N ARG B 196 -98.46 -69.60 4.19
CA ARG B 196 -97.68 -69.66 5.43
C ARG B 196 -96.95 -68.35 5.70
N THR B 197 -96.19 -67.88 4.72
CA THR B 197 -95.22 -66.80 4.95
C THR B 197 -95.94 -65.47 5.05
N VAL B 198 -96.06 -64.97 6.28
CA VAL B 198 -96.63 -63.65 6.54
C VAL B 198 -95.72 -62.94 7.53
N ASN B 199 -95.72 -61.61 7.46
CA ASN B 199 -94.92 -60.76 8.34
C ASN B 199 -93.43 -61.13 8.22
N LEU B 200 -92.94 -61.08 7.00
CA LEU B 200 -91.51 -61.23 6.70
C LEU B 200 -90.99 -59.89 6.19
N TYR B 201 -89.84 -59.49 6.69
CA TYR B 201 -89.22 -58.23 6.30
C TYR B 201 -88.35 -58.46 5.07
N GLY B 202 -88.56 -57.63 4.04
CA GLY B 202 -87.80 -57.78 2.81
C GLY B 202 -88.48 -57.02 1.68
N LEU B 203 -88.17 -57.43 0.46
CA LEU B 203 -88.76 -56.84 -0.74
C LEU B 203 -88.69 -57.87 -1.86
N PRO B 204 -89.77 -58.60 -2.14
CA PRO B 204 -89.71 -59.61 -3.20
C PRO B 204 -89.69 -58.97 -4.58
N ALA B 205 -89.27 -59.77 -5.55
CA ALA B 205 -89.15 -59.32 -6.93
C ALA B 205 -90.46 -59.42 -7.70
N ALA B 206 -91.59 -59.63 -7.02
CA ALA B 206 -92.85 -59.81 -7.73
C ALA B 206 -93.24 -58.56 -8.50
N ASN B 207 -93.27 -57.41 -7.82
CA ASN B 207 -93.71 -56.15 -8.43
C ASN B 207 -92.99 -55.00 -7.76
N PRO B 208 -91.66 -54.93 -7.93
CA PRO B 208 -90.90 -53.90 -7.21
C PRO B 208 -91.24 -52.49 -7.63
N ASN B 209 -91.68 -52.28 -8.87
CA ASN B 209 -91.94 -50.92 -9.33
C ASN B 209 -93.06 -50.26 -8.55
N ASN B 210 -94.04 -51.04 -8.11
CA ASN B 210 -95.14 -50.52 -7.29
C ASN B 210 -95.90 -49.42 -8.02
N GLY B 211 -96.08 -49.62 -9.34
CA GLY B 211 -96.79 -48.63 -10.14
C GLY B 211 -96.04 -47.33 -10.35
N ASN B 212 -94.77 -47.28 -10.01
CA ASN B 212 -93.96 -46.08 -10.22
C ASN B 212 -93.12 -46.22 -11.48
N GLU B 213 -93.00 -45.13 -12.23
CA GLU B 213 -92.16 -45.17 -13.42
C GLU B 213 -90.69 -45.34 -13.05
N TYR B 214 -90.29 -44.89 -11.87
CA TYR B 214 -88.89 -44.97 -11.48
C TYR B 214 -88.73 -44.55 -10.02
N TYR B 215 -87.72 -45.12 -9.37
CA TYR B 215 -87.22 -44.64 -8.10
C TYR B 215 -86.09 -43.65 -8.38
N GLU B 216 -86.09 -42.54 -7.66
CA GLU B 216 -85.11 -41.48 -7.85
C GLU B 216 -84.23 -41.33 -6.62
N ILE B 217 -83.00 -40.86 -6.85
CA ILE B 217 -82.09 -40.49 -5.79
C ILE B 217 -81.30 -39.27 -6.26
N SER B 218 -81.06 -38.35 -5.35
CA SER B 218 -80.30 -37.14 -5.61
C SER B 218 -79.04 -37.15 -4.76
N GLY B 219 -78.07 -36.34 -5.15
CA GLY B 219 -76.94 -36.13 -4.26
C GLY B 219 -75.82 -35.37 -4.94
N ARG B 220 -74.71 -35.29 -4.22
CA ARG B 220 -73.50 -34.64 -4.71
C ARG B 220 -72.49 -35.73 -5.05
N PHE B 221 -71.63 -35.42 -6.03
CA PHE B 221 -70.84 -36.40 -6.76
C PHE B 221 -69.49 -35.74 -7.05
N SER B 222 -68.48 -36.11 -6.27
CA SER B 222 -67.16 -35.52 -6.32
C SER B 222 -66.18 -36.46 -6.99
N LEU B 223 -65.25 -35.88 -7.75
CA LEU B 223 -64.34 -36.64 -8.58
C LEU B 223 -63.03 -35.86 -8.67
N ILE B 224 -61.91 -36.58 -8.69
CA ILE B 224 -60.59 -35.94 -8.69
C ILE B 224 -59.72 -36.51 -9.81
N SER B 225 -60.33 -36.91 -10.92
CA SER B 225 -59.58 -37.64 -11.94
C SER B 225 -58.60 -36.72 -12.67
N LEU B 226 -57.65 -37.36 -13.37
CA LEU B 226 -56.62 -36.69 -14.12
C LEU B 226 -57.17 -36.21 -15.47
N VAL B 227 -56.32 -35.49 -16.20
CA VAL B 227 -56.68 -34.91 -17.49
C VAL B 227 -55.41 -34.37 -18.13
N PRO B 228 -55.24 -34.44 -19.46
CA PRO B 228 -54.05 -33.82 -20.06
C PRO B 228 -54.30 -32.35 -20.38
N THR B 229 -53.48 -31.46 -19.83
CA THR B 229 -53.57 -30.02 -20.11
C THR B 229 -52.17 -29.52 -20.45
N ASN B 230 -51.80 -29.69 -21.71
CA ASN B 230 -50.59 -29.08 -22.24
C ASN B 230 -50.84 -27.67 -22.75
N ASP B 231 -52.08 -27.19 -22.70
CA ASP B 231 -52.36 -25.83 -23.14
C ASP B 231 -51.69 -24.80 -22.23
N ASP B 232 -51.39 -25.20 -20.98
CA ASP B 232 -50.67 -24.31 -20.08
C ASP B 232 -49.26 -24.07 -20.57
N TYR B 233 -48.55 -25.13 -20.97
CA TYR B 233 -47.12 -25.07 -21.26
C TYR B 233 -46.40 -24.37 -20.13
N GLN B 234 -46.46 -25.00 -18.94
CA GLN B 234 -46.17 -24.31 -17.70
C GLN B 234 -44.67 -24.10 -17.53
N THR B 235 -44.20 -23.00 -18.07
CA THR B 235 -43.24 -22.20 -17.32
C THR B 235 -43.57 -20.70 -17.38
N PRO B 236 -44.87 -20.27 -17.39
CA PRO B 236 -45.19 -18.99 -16.76
C PRO B 236 -45.61 -19.09 -15.30
N ILE B 237 -44.68 -18.83 -14.39
CA ILE B 237 -44.96 -18.10 -13.15
C ILE B 237 -43.80 -17.13 -13.01
N MET B 238 -43.20 -16.77 -14.15
CA MET B 238 -41.83 -16.30 -14.17
C MET B 238 -41.68 -15.00 -13.42
N ASN B 239 -40.48 -14.80 -12.88
CA ASN B 239 -40.18 -13.65 -12.04
C ASN B 239 -39.91 -12.46 -12.94
N SER B 240 -40.86 -11.54 -13.02
CA SER B 240 -40.60 -10.28 -13.68
C SER B 240 -39.51 -9.53 -12.91
N VAL B 241 -38.59 -8.89 -13.64
CA VAL B 241 -37.43 -8.28 -13.04
C VAL B 241 -37.05 -7.04 -13.84
N THR B 242 -36.56 -6.02 -13.14
CA THR B 242 -36.19 -4.75 -13.77
C THR B 242 -35.08 -4.93 -14.78
N VAL B 243 -34.71 -3.86 -15.48
CA VAL B 243 -33.74 -3.96 -16.59
C VAL B 243 -32.31 -3.65 -16.17
N ARG B 244 -32.09 -3.10 -14.99
CA ARG B 244 -30.73 -2.83 -14.50
C ARG B 244 -30.83 -2.51 -13.01
N GLN B 245 -29.71 -2.07 -12.43
CA GLN B 245 -29.74 -1.49 -11.10
C GLN B 245 -30.39 -0.12 -11.14
N ASP B 246 -30.88 0.33 -9.98
CA ASP B 246 -31.71 1.53 -9.90
C ASP B 246 -31.25 2.44 -8.77
N LEU B 247 -29.94 2.71 -8.72
CA LEU B 247 -29.40 3.81 -7.92
C LEU B 247 -28.75 4.87 -8.79
N GLU B 248 -28.68 4.66 -10.11
CA GLU B 248 -28.17 5.69 -11.02
C GLU B 248 -28.94 6.99 -10.88
N ARG B 249 -30.23 6.92 -10.55
CA ARG B 249 -30.99 8.13 -10.28
C ARG B 249 -30.40 8.89 -9.10
N GLN B 250 -30.07 8.17 -8.03
CA GLN B 250 -29.48 8.81 -6.87
C GLN B 250 -28.12 9.39 -7.21
N LEU B 251 -27.35 8.68 -8.04
CA LEU B 251 -26.07 9.22 -8.50
C LEU B 251 -26.27 10.50 -9.31
N THR B 252 -27.31 10.53 -10.14
CA THR B 252 -27.59 11.73 -10.91
C THR B 252 -27.92 12.90 -10.00
N ASN B 253 -28.69 12.65 -8.94
CA ASN B 253 -28.98 13.71 -7.97
C ASN B 253 -27.71 14.19 -7.29
N LEU B 254 -26.84 13.25 -6.92
CA LEU B 254 -25.54 13.62 -6.34
C LEU B 254 -24.74 14.47 -7.30
N ARG B 255 -24.73 14.11 -8.58
CA ARG B 255 -24.01 14.89 -9.58
C ARG B 255 -24.57 16.29 -9.67
N GLU B 256 -25.90 16.41 -9.71
CA GLU B 256 -26.54 17.72 -9.83
C GLU B 256 -26.16 18.60 -8.66
N GLU B 257 -26.15 18.05 -7.44
CA GLU B 257 -25.80 18.90 -6.30
C GLU B 257 -24.30 19.18 -6.26
N PHE B 258 -23.46 18.22 -6.61
CA PHE B 258 -22.02 18.45 -6.59
C PHE B 258 -21.62 19.55 -7.55
N ASN B 259 -22.20 19.57 -8.76
CA ASN B 259 -21.77 20.53 -9.75
C ASN B 259 -21.98 21.96 -9.27
N SER B 260 -23.12 22.23 -8.62
CA SER B 260 -23.33 23.53 -8.03
C SER B 260 -22.53 23.72 -6.74
N LEU B 261 -22.23 22.63 -6.03
CA LEU B 261 -21.48 22.71 -4.79
C LEU B 261 -20.00 23.00 -5.00
N SER B 262 -19.49 22.83 -6.22
CA SER B 262 -18.08 23.10 -6.48
C SER B 262 -17.72 24.59 -6.37
N GLN B 263 -18.71 25.48 -6.32
CA GLN B 263 -18.42 26.91 -6.32
C GLN B 263 -18.10 27.43 -4.93
N GLU B 264 -18.64 26.81 -3.88
CA GLU B 264 -18.51 27.29 -2.52
C GLU B 264 -17.23 26.83 -1.84
N ILE B 265 -16.21 26.45 -2.61
CA ILE B 265 -14.97 25.90 -2.08
C ILE B 265 -13.93 27.01 -2.04
N ALA B 266 -13.22 27.11 -0.91
CA ALA B 266 -12.11 28.03 -0.81
C ALA B 266 -10.87 27.41 -1.44
N MET B 267 -9.81 28.22 -1.55
CA MET B 267 -8.61 27.87 -2.30
C MET B 267 -7.35 27.81 -1.44
N ALA B 268 -7.05 28.90 -0.73
CA ALA B 268 -5.74 29.04 -0.09
C ALA B 268 -5.52 27.94 0.93
N GLN B 269 -6.55 27.61 1.69
CA GLN B 269 -6.52 26.48 2.61
C GLN B 269 -7.27 25.27 2.07
N LEU B 270 -7.37 25.17 0.74
CA LEU B 270 -7.56 23.90 0.04
C LEU B 270 -6.24 23.33 -0.46
N ILE B 271 -5.31 24.19 -0.84
CA ILE B 271 -4.01 23.69 -1.31
C ILE B 271 -3.30 22.95 -0.19
N ASP B 272 -3.42 23.45 1.04
CA ASP B 272 -2.79 22.73 2.16
C ASP B 272 -3.44 21.38 2.39
N LEU B 273 -4.76 21.29 2.19
CA LEU B 273 -5.43 20.00 2.26
C LEU B 273 -4.89 19.05 1.20
N ALA B 274 -4.65 19.58 0.00
CA ALA B 274 -4.02 18.76 -1.04
C ALA B 274 -2.64 18.30 -0.61
N LEU B 275 -1.86 19.19 0.02
CA LEU B 275 -0.54 18.83 0.50
C LEU B 275 -0.62 17.71 1.53
N LEU B 276 -1.62 17.76 2.40
CA LEU B 276 -1.77 16.77 3.45
C LEU B 276 -2.01 15.39 2.82
N PRO B 277 -1.40 14.31 3.36
CA PRO B 277 -1.71 12.97 2.82
C PRO B 277 -2.98 12.39 3.41
N LEU B 278 -4.05 12.37 2.61
CA LEU B 278 -5.24 11.62 2.96
C LEU B 278 -4.99 10.14 2.69
N ASP B 279 -5.51 9.29 3.58
CA ASP B 279 -5.38 7.85 3.44
C ASP B 279 -6.72 7.19 3.70
N MET B 280 -6.73 5.86 3.75
CA MET B 280 -7.97 5.13 3.97
C MET B 280 -8.58 5.49 5.32
N PHE B 281 -7.74 5.67 6.34
CA PHE B 281 -8.23 6.05 7.65
C PHE B 281 -8.91 7.41 7.62
N SER B 282 -8.33 8.35 6.88
CA SER B 282 -8.78 9.75 6.96
C SER B 282 -9.94 10.05 6.03
N MET B 283 -10.01 9.39 4.87
CA MET B 283 -10.91 9.82 3.81
C MET B 283 -12.37 9.76 4.25
N PHE B 284 -12.80 8.61 4.76
CA PHE B 284 -14.22 8.37 5.01
C PHE B 284 -14.64 8.71 6.43
N SER B 285 -13.72 9.15 7.28
CA SER B 285 -14.10 9.55 8.63
C SER B 285 -14.95 10.81 8.66
N GLY B 286 -14.98 11.58 7.57
CA GLY B 286 -15.73 12.81 7.51
C GLY B 286 -17.18 12.66 7.16
N ILE B 287 -17.71 11.43 7.21
CA ILE B 287 -19.13 11.23 6.92
C ILE B 287 -19.98 11.99 7.95
N LYS B 288 -21.26 12.17 7.61
CA LYS B 288 -22.08 13.15 8.33
C LYS B 288 -22.29 12.75 9.79
N SER B 289 -22.65 11.50 10.06
CA SER B 289 -22.98 11.09 11.42
C SER B 289 -22.47 9.71 11.84
N THR B 290 -22.08 8.83 10.93
CA THR B 290 -21.77 7.44 11.27
C THR B 290 -22.94 6.80 12.02
N ILE B 291 -24.05 6.66 11.27
CA ILE B 291 -25.38 6.53 11.84
C ILE B 291 -25.47 5.37 12.82
N ASP B 292 -25.34 4.13 12.34
CA ASP B 292 -25.54 2.96 13.18
C ASP B 292 -24.81 1.78 12.56
N LEU B 293 -23.63 1.46 13.09
CA LEU B 293 -22.83 0.31 12.63
C LEU B 293 -22.65 0.34 11.12
N THR B 294 -22.15 1.47 10.63
CA THR B 294 -21.99 1.65 9.19
C THR B 294 -21.00 0.63 8.64
N LYS B 295 -21.25 0.18 7.42
CA LYS B 295 -20.43 -0.87 6.81
C LYS B 295 -19.03 -0.33 6.55
N SER B 296 -18.17 -1.20 6.02
CA SER B 296 -16.82 -0.83 5.66
C SER B 296 -16.88 0.09 4.46
N MET B 297 -16.76 1.41 4.70
CA MET B 297 -16.75 2.37 3.60
C MET B 297 -15.64 2.05 2.62
N ALA B 298 -14.44 1.80 3.14
CA ALA B 298 -13.27 1.63 2.29
C ALA B 298 -13.42 0.42 1.37
N THR B 299 -13.73 -0.74 1.94
CA THR B 299 -13.83 -1.92 1.12
C THR B 299 -15.07 -1.88 0.23
N SER B 300 -16.14 -1.24 0.69
CA SER B 300 -17.31 -1.11 -0.16
C SER B 300 -17.00 -0.29 -1.40
N VAL B 301 -16.23 0.79 -1.26
CA VAL B 301 -15.89 1.58 -2.44
C VAL B 301 -14.88 0.84 -3.31
N MET B 302 -13.94 0.13 -2.69
CA MET B 302 -12.99 -0.66 -3.48
C MET B 302 -13.67 -1.78 -4.23
N LYS B 303 -14.85 -2.21 -3.79
CA LYS B 303 -15.55 -3.31 -4.45
C LYS B 303 -15.75 -3.04 -5.94
N LYS B 304 -15.90 -1.77 -6.32
CA LYS B 304 -16.03 -1.41 -7.73
C LYS B 304 -15.14 -0.26 -8.15
N PHE B 305 -14.21 0.18 -7.31
CA PHE B 305 -13.12 1.00 -7.82
C PHE B 305 -12.12 0.16 -8.60
N ARG B 306 -12.14 -1.16 -8.44
CA ARG B 306 -11.29 -2.03 -9.24
C ARG B 306 -11.69 -2.01 -10.71
N LYS B 307 -12.99 -1.95 -10.97
CA LYS B 307 -13.52 -2.12 -12.32
C LYS B 307 -13.68 -0.82 -13.07
N SER B 308 -13.24 0.30 -12.50
CA SER B 308 -13.36 1.57 -13.18
C SER B 308 -12.56 1.56 -14.48
N LYS B 309 -12.88 2.51 -15.36
CA LYS B 309 -12.14 2.67 -16.60
C LYS B 309 -10.66 2.90 -16.30
N LEU B 310 -10.37 3.72 -15.29
CA LEU B 310 -8.99 4.02 -14.94
C LEU B 310 -8.24 2.76 -14.53
N ALA B 311 -8.82 1.98 -13.62
CA ALA B 311 -8.14 0.79 -13.14
C ALA B 311 -7.96 -0.23 -14.26
N THR B 312 -8.97 -0.41 -15.10
CA THR B 312 -8.83 -1.32 -16.22
C THR B 312 -7.73 -0.84 -17.16
N SER B 313 -7.63 0.47 -17.38
CA SER B 313 -6.56 0.98 -18.24
C SER B 313 -5.19 0.73 -17.63
N ILE B 314 -5.07 0.89 -16.31
CA ILE B 314 -3.77 0.67 -15.66
C ILE B 314 -3.36 -0.80 -15.81
N SER B 315 -4.29 -1.71 -15.53
CA SER B 315 -3.99 -3.12 -15.69
C SER B 315 -3.67 -3.45 -17.14
N GLU B 316 -4.39 -2.82 -18.07
CA GLU B 316 -4.16 -3.04 -19.49
C GLU B 316 -2.75 -2.63 -19.87
N MET B 317 -2.31 -1.46 -19.41
CA MET B 317 -0.96 -1.01 -19.72
C MET B 317 0.09 -1.94 -19.14
N THR B 318 -0.11 -2.36 -17.89
CA THR B 318 0.86 -3.25 -17.27
C THR B 318 0.96 -4.57 -18.01
N ASN B 319 -0.19 -5.15 -18.40
CA ASN B 319 -0.15 -6.41 -19.13
C ASN B 319 0.39 -6.22 -20.54
N SER B 320 0.18 -5.05 -21.13
CA SER B 320 0.80 -4.78 -22.44
C SER B 320 2.32 -4.79 -22.32
N LEU B 321 2.86 -4.14 -21.29
CA LEU B 321 4.30 -4.18 -21.09
C LEU B 321 4.78 -5.60 -20.81
N SER B 322 3.98 -6.38 -20.07
CA SER B 322 4.36 -7.76 -19.81
C SER B 322 4.42 -8.56 -21.10
N ASP B 323 3.44 -8.37 -21.99
CA ASP B 323 3.46 -9.09 -23.26
C ASP B 323 4.61 -8.63 -24.14
N ALA B 324 4.94 -7.33 -24.09
CA ALA B 324 6.09 -6.83 -24.83
C ALA B 324 7.38 -7.47 -24.33
N ALA B 325 7.50 -7.62 -23.01
CA ALA B 325 8.63 -8.33 -22.44
C ALA B 325 8.66 -9.78 -22.92
N SER B 326 7.51 -10.45 -22.91
CA SER B 326 7.47 -11.86 -23.28
C SER B 326 7.88 -12.07 -24.73
N SER B 327 7.39 -11.22 -25.63
CA SER B 327 7.68 -11.33 -27.06
C SER B 327 8.34 -10.04 -27.53
N ALA B 328 9.55 -10.16 -28.05
CA ALA B 328 10.29 -9.01 -28.55
C ALA B 328 9.77 -8.60 -29.92
N ASN B 359 -3.29 17.33 -36.50
CA ASN B 359 -1.85 17.15 -36.64
C ASN B 359 -1.43 15.78 -36.13
N ASP B 360 -0.56 15.11 -36.88
CA ASP B 360 0.01 13.86 -36.40
C ASP B 360 0.78 14.07 -35.11
N ILE B 361 1.53 15.16 -35.04
CA ILE B 361 2.22 15.52 -33.80
C ILE B 361 1.19 15.69 -32.69
N SER B 362 0.08 16.36 -32.98
CA SER B 362 -0.93 16.61 -31.97
C SER B 362 -1.53 15.31 -31.45
N THR B 363 -1.85 14.37 -32.34
CA THR B 363 -2.54 13.17 -31.88
C THR B 363 -1.59 12.24 -31.14
N GLN B 364 -0.35 12.08 -31.61
CA GLN B 364 0.60 11.26 -30.87
C GLN B 364 0.93 11.91 -29.53
N THR B 365 0.98 13.24 -29.50
CA THR B 365 1.18 13.95 -28.25
C THR B 365 0.02 13.71 -27.29
N SER B 366 -1.21 13.71 -27.80
CA SER B 366 -2.37 13.45 -26.95
C SER B 366 -2.33 12.03 -26.39
N THR B 367 -1.94 11.06 -27.22
CA THR B 367 -1.87 9.69 -26.74
C THR B 367 -0.83 9.54 -25.64
N ILE B 368 0.35 10.13 -25.85
CA ILE B 368 1.36 10.04 -24.79
C ILE B 368 0.92 10.81 -23.55
N GLY B 369 0.15 11.89 -23.73
CA GLY B 369 -0.40 12.58 -22.57
C GLY B 369 -1.33 11.71 -21.76
N LYS B 370 -2.20 10.96 -22.44
CA LYS B 370 -3.07 10.02 -21.74
C LYS B 370 -2.25 8.94 -21.03
N LYS B 371 -1.20 8.45 -21.69
CA LYS B 371 -0.36 7.44 -21.06
C LYS B 371 0.30 7.99 -19.80
N LEU B 372 0.76 9.24 -19.86
CA LEU B 372 1.33 9.87 -18.68
C LEU B 372 0.29 10.09 -17.60
N ARG B 373 -0.96 10.35 -17.99
CA ARG B 373 -2.02 10.47 -17.01
C ARG B 373 -2.20 9.16 -16.27
N LEU B 374 -2.15 8.04 -16.99
CA LEU B 374 -2.19 6.74 -16.32
C LEU B 374 -0.98 6.55 -15.42
N LYS B 375 0.20 6.96 -15.88
CA LYS B 375 1.41 6.75 -15.11
C LYS B 375 1.41 7.53 -13.80
N GLU B 376 0.96 8.78 -13.82
CA GLU B 376 0.97 9.59 -12.61
C GLU B 376 0.01 9.03 -11.57
N MET B 377 -1.02 8.30 -12.00
CA MET B 377 -1.98 7.75 -11.05
C MET B 377 -1.32 6.73 -10.14
N ILE B 378 -0.41 5.92 -10.69
CA ILE B 378 0.24 4.88 -9.91
C ILE B 378 1.52 5.39 -9.25
N THR B 379 2.29 6.21 -9.95
CA THR B 379 3.57 6.68 -9.42
C THR B 379 3.38 7.91 -8.55
N GLN B 380 4.25 8.04 -7.55
CA GLN B 380 4.26 9.24 -6.72
C GLN B 380 4.97 10.36 -7.46
N THR B 381 4.41 11.57 -7.35
CA THR B 381 4.92 12.75 -8.04
C THR B 381 5.40 13.75 -7.01
N GLU B 382 6.64 14.21 -7.15
CA GLU B 382 7.21 15.17 -6.21
C GLU B 382 6.51 16.52 -6.25
N GLY B 383 5.86 16.84 -7.36
CA GLY B 383 5.17 18.12 -7.48
C GLY B 383 3.83 18.14 -6.77
N MET B 384 2.83 18.75 -7.39
CA MET B 384 1.49 18.79 -6.82
C MET B 384 0.59 17.70 -7.37
N SER B 385 0.84 17.20 -8.57
CA SER B 385 0.25 15.92 -8.98
C SER B 385 -1.27 15.96 -9.02
N PHE B 386 -1.84 16.49 -10.12
CA PHE B 386 -3.25 16.83 -10.29
C PHE B 386 -4.23 15.95 -9.51
N ASP B 387 -3.99 14.64 -9.49
CA ASP B 387 -4.83 13.75 -8.70
C ASP B 387 -4.91 14.19 -7.24
N ASP B 388 -3.86 14.84 -6.74
CA ASP B 388 -3.90 15.40 -5.39
C ASP B 388 -4.98 16.47 -5.27
N ILE B 389 -5.01 17.42 -6.22
CA ILE B 389 -6.05 18.43 -6.20
C ILE B 389 -7.41 17.78 -6.32
N SER B 390 -7.51 16.74 -7.16
CA SER B 390 -8.76 16.02 -7.31
C SER B 390 -9.21 15.44 -5.98
N ALA B 391 -8.29 14.79 -5.26
CA ALA B 391 -8.65 14.18 -3.99
C ALA B 391 -9.06 15.22 -2.97
N ALA B 392 -8.35 16.35 -2.91
CA ALA B 392 -8.72 17.41 -1.97
C ALA B 392 -10.11 17.94 -2.26
N VAL B 393 -10.39 18.23 -3.53
CA VAL B 393 -11.70 18.76 -3.90
C VAL B 393 -12.78 17.74 -3.64
N LEU B 394 -12.48 16.46 -3.87
CA LEU B 394 -13.47 15.41 -3.64
C LEU B 394 -13.78 15.26 -2.16
N LYS B 395 -12.75 15.29 -1.31
CA LYS B 395 -12.99 15.24 0.13
C LYS B 395 -13.82 16.43 0.58
N THR B 396 -13.51 17.62 0.08
CA THR B 396 -14.27 18.80 0.45
C THR B 396 -15.72 18.66 0.04
N LYS B 397 -15.97 18.18 -1.18
CA LYS B 397 -17.34 18.03 -1.65
C LYS B 397 -18.09 16.99 -0.83
N ILE B 398 -17.43 15.86 -0.50
CA ILE B 398 -18.09 14.83 0.29
C ILE B 398 -18.48 15.38 1.65
N ASP B 399 -17.55 16.09 2.30
CA ASP B 399 -17.87 16.63 3.63
C ASP B 399 -18.95 17.69 3.57
N MET B 400 -18.91 18.56 2.57
CA MET B 400 -19.89 19.64 2.50
C MET B 400 -21.27 19.12 2.13
N SER B 401 -21.35 18.07 1.32
CA SER B 401 -22.63 17.61 0.81
C SER B 401 -23.51 17.13 1.95
N THR B 402 -24.82 17.35 1.80
CA THR B 402 -25.79 17.05 2.83
C THR B 402 -26.55 15.75 2.59
N GLN B 403 -26.43 15.15 1.41
CA GLN B 403 -27.12 13.90 1.10
C GLN B 403 -26.17 12.94 0.39
N ILE B 404 -24.97 12.78 0.93
CA ILE B 404 -24.09 11.71 0.52
C ILE B 404 -24.54 10.42 1.21
N GLY B 405 -24.74 9.37 0.42
CA GLY B 405 -25.32 8.14 0.93
C GLY B 405 -24.33 7.02 1.13
N LYS B 406 -24.70 6.05 1.98
CA LYS B 406 -23.87 4.87 2.17
C LYS B 406 -23.63 4.16 0.84
N ASN B 407 -24.72 3.87 0.11
CA ASN B 407 -24.56 3.23 -1.19
C ASN B 407 -23.98 4.18 -2.22
N THR B 408 -24.32 5.47 -2.13
CA THR B 408 -23.86 6.42 -3.14
C THR B 408 -22.34 6.58 -3.12
N LEU B 409 -21.75 6.66 -1.93
CA LEU B 409 -20.33 7.01 -1.84
C LEU B 409 -19.44 6.04 -2.62
N PRO B 410 -19.64 4.73 -2.57
CA PRO B 410 -19.07 3.88 -3.62
C PRO B 410 -19.55 4.32 -4.99
N ASP B 411 -18.61 4.46 -5.90
CA ASP B 411 -18.66 4.92 -7.29
C ASP B 411 -18.73 6.44 -7.44
N ILE B 412 -18.99 7.20 -6.38
CA ILE B 412 -18.76 8.64 -6.48
C ILE B 412 -17.27 8.91 -6.64
N VAL B 413 -16.44 8.21 -5.88
CA VAL B 413 -14.99 8.44 -6.02
C VAL B 413 -14.52 7.90 -7.36
N THR B 414 -15.14 6.83 -7.88
CA THR B 414 -14.72 6.32 -9.17
C THR B 414 -15.06 7.29 -10.29
N GLU B 415 -16.28 7.84 -10.27
CA GLU B 415 -16.62 8.89 -11.23
C GLU B 415 -15.71 10.10 -11.06
N ALA B 416 -15.35 10.43 -9.82
CA ALA B 416 -14.44 11.53 -9.58
C ALA B 416 -13.08 11.26 -10.21
N SER B 417 -12.55 10.06 -10.01
CA SER B 417 -11.28 9.70 -10.61
C SER B 417 -11.35 9.79 -12.13
N GLU B 418 -12.45 9.33 -12.70
CA GLU B 418 -12.60 9.39 -14.15
C GLU B 418 -12.66 10.82 -14.65
N LYS B 419 -13.40 11.69 -13.95
CA LYS B 419 -13.85 12.96 -14.52
C LYS B 419 -13.58 14.13 -13.59
N PHE B 420 -12.41 14.16 -12.96
CA PHE B 420 -11.92 15.34 -12.26
C PHE B 420 -10.72 15.87 -13.04
N ILE B 421 -10.81 17.12 -13.50
CA ILE B 421 -9.79 17.71 -14.34
C ILE B 421 -9.65 16.83 -15.57
N PRO B 422 -10.63 16.81 -16.47
CA PRO B 422 -10.49 15.96 -17.67
C PRO B 422 -9.28 16.31 -18.51
N LYS B 423 -9.08 17.58 -18.82
CA LYS B 423 -7.93 18.04 -19.60
C LYS B 423 -6.89 18.62 -18.64
N ARG B 424 -5.77 17.92 -18.52
CA ARG B 424 -4.68 18.31 -17.64
C ARG B 424 -3.38 18.18 -18.42
N SER B 425 -2.29 18.70 -17.85
CA SER B 425 -1.06 18.89 -18.59
C SER B 425 0.16 18.37 -17.82
N TYR B 426 1.17 17.96 -18.58
CA TYR B 426 2.40 17.39 -18.05
C TYR B 426 3.58 18.09 -18.71
N ARG B 427 4.77 17.90 -18.16
CA ARG B 427 5.94 18.52 -18.74
C ARG B 427 7.20 17.81 -18.28
N ILE B 428 8.29 18.09 -18.98
CA ILE B 428 9.61 17.56 -18.68
C ILE B 428 10.61 18.70 -18.76
N LEU B 429 11.52 18.75 -17.80
CA LEU B 429 12.61 19.72 -17.81
C LEU B 429 13.87 19.10 -18.38
N LYS B 430 14.63 19.91 -19.11
CA LYS B 430 15.97 19.53 -19.55
C LYS B 430 16.83 20.78 -19.45
N ASP B 431 17.98 20.78 -20.11
CA ASP B 431 18.93 21.87 -19.91
C ASP B 431 18.34 23.18 -20.41
N ASP B 432 17.89 24.01 -19.47
CA ASP B 432 17.33 25.33 -19.77
C ASP B 432 16.21 25.22 -20.80
N GLU B 433 15.33 24.25 -20.59
CA GLU B 433 14.22 24.04 -21.53
C GLU B 433 13.19 23.13 -20.88
N VAL B 434 11.93 23.37 -21.21
CA VAL B 434 10.80 22.62 -20.69
C VAL B 434 9.87 22.28 -21.84
N MET B 435 9.54 21.00 -21.99
CA MET B 435 8.61 20.53 -22.99
C MET B 435 7.32 20.14 -22.30
N GLU B 436 6.22 20.80 -22.66
CA GLU B 436 4.93 20.64 -21.99
C GLU B 436 3.89 20.14 -22.97
N ILE B 437 2.98 19.31 -22.46
CA ILE B 437 1.96 18.63 -23.23
C ILE B 437 0.62 18.78 -22.53
N ASN B 438 -0.41 19.12 -23.30
CA ASN B 438 -1.79 18.96 -22.86
C ASN B 438 -2.28 17.57 -23.23
N THR B 439 -3.24 17.06 -22.46
CA THR B 439 -3.82 15.77 -22.79
C THR B 439 -4.72 15.82 -24.01
N GLU B 440 -5.00 17.00 -24.55
CA GLU B 440 -5.82 17.18 -25.73
C GLU B 440 -5.00 17.75 -26.89
N GLY B 441 -3.79 17.24 -27.05
CA GLY B 441 -2.99 17.49 -28.24
C GLY B 441 -2.06 18.68 -28.22
N LYS B 442 -2.50 19.80 -27.65
CA LYS B 442 -1.71 21.02 -27.70
C LYS B 442 -0.39 20.83 -26.95
N PHE B 443 0.69 21.34 -27.55
CA PHE B 443 2.04 21.14 -27.05
C PHE B 443 2.84 22.43 -27.12
N PHE B 444 3.78 22.59 -26.19
CA PHE B 444 4.64 23.76 -26.14
C PHE B 444 6.04 23.36 -25.70
N ALA B 445 6.99 24.24 -25.99
CA ALA B 445 8.37 24.07 -25.53
C ALA B 445 8.91 25.46 -25.26
N TYR B 446 9.63 25.63 -24.15
CA TYR B 446 9.96 26.98 -23.71
C TYR B 446 11.06 26.95 -22.66
N LYS B 447 11.89 27.99 -22.69
CA LYS B 447 12.99 28.09 -21.75
C LYS B 447 12.46 28.28 -20.34
N ILE B 448 13.37 28.20 -19.36
CA ILE B 448 13.02 28.34 -17.96
C ILE B 448 13.27 29.75 -17.46
N ASN B 449 14.48 30.26 -17.66
CA ASN B 449 14.83 31.58 -17.15
C ASN B 449 13.93 32.66 -17.73
N THR B 450 13.66 32.59 -19.02
CA THR B 450 12.80 33.56 -19.71
C THR B 450 11.82 32.76 -20.57
N PHE B 451 10.54 32.80 -20.22
CA PHE B 451 9.59 31.89 -20.85
C PHE B 451 9.30 32.28 -22.29
N ASP B 452 10.30 32.17 -23.16
CA ASP B 452 10.14 32.41 -24.59
C ASP B 452 10.05 31.05 -25.27
N GLU B 453 8.89 30.74 -25.82
CA GLU B 453 8.68 29.39 -26.33
C GLU B 453 9.52 29.14 -27.57
N VAL B 454 9.83 27.87 -27.78
CA VAL B 454 10.73 27.42 -28.84
C VAL B 454 9.99 26.37 -29.65
N PRO B 455 10.35 26.16 -30.92
CA PRO B 455 9.71 25.08 -31.68
C PRO B 455 9.81 23.74 -30.97
N PHE B 456 8.69 23.02 -30.93
CA PHE B 456 8.65 21.71 -30.30
C PHE B 456 9.48 20.72 -31.09
N ASP B 457 9.99 19.71 -30.37
CA ASP B 457 10.84 18.67 -30.96
C ASP B 457 10.28 17.31 -30.58
N VAL B 458 9.33 16.82 -31.37
CA VAL B 458 8.90 15.44 -31.27
C VAL B 458 9.98 14.55 -31.87
N ASN B 459 10.06 13.32 -31.36
CA ASN B 459 11.14 12.35 -31.54
C ASN B 459 12.34 12.70 -30.67
N LYS B 460 12.36 13.86 -30.03
CA LYS B 460 13.15 14.08 -28.83
C LYS B 460 12.30 14.00 -27.58
N PHE B 461 11.11 14.60 -27.60
CA PHE B 461 10.20 14.46 -26.46
C PHE B 461 9.78 13.00 -26.29
N ALA B 462 9.51 12.31 -27.40
CA ALA B 462 9.10 10.91 -27.31
C ALA B 462 10.18 10.06 -26.67
N GLU B 463 11.45 10.39 -26.94
CA GLU B 463 12.54 9.65 -26.32
C GLU B 463 12.72 10.05 -24.86
N LEU B 464 12.62 11.34 -24.56
CA LEU B 464 12.85 11.81 -23.20
C LEU B 464 11.80 11.27 -22.24
N VAL B 465 10.53 11.35 -22.62
CA VAL B 465 9.45 11.05 -21.69
C VAL B 465 9.47 9.60 -21.23
N THR B 466 10.11 8.71 -21.98
CA THR B 466 10.19 7.32 -21.54
C THR B 466 10.91 7.21 -20.22
N ASP B 467 11.97 7.99 -20.03
CA ASP B 467 12.87 7.86 -18.90
C ASP B 467 12.80 9.01 -17.90
N SER B 468 12.62 10.25 -18.36
CA SER B 468 12.79 11.39 -17.49
C SER B 468 11.66 11.48 -16.47
N PRO B 469 11.87 12.22 -15.36
CA PRO B 469 10.77 12.38 -14.38
C PRO B 469 9.77 13.43 -14.84
N VAL B 470 8.59 12.98 -15.23
CA VAL B 470 7.55 13.89 -15.68
C VAL B 470 7.01 14.68 -14.49
N ILE B 471 6.49 15.87 -14.76
CA ILE B 471 5.97 16.78 -13.74
C ILE B 471 4.58 17.24 -14.17
N SER B 472 3.62 17.14 -13.26
CA SER B 472 2.30 17.68 -13.52
C SER B 472 2.40 19.20 -13.64
N ALA B 473 1.47 19.78 -14.39
CA ALA B 473 1.57 21.18 -14.79
C ALA B 473 0.40 22.00 -14.27
N ILE B 474 0.13 21.90 -12.97
CA ILE B 474 -0.99 22.62 -12.36
C ILE B 474 -0.99 24.10 -12.73
N ILE B 475 0.20 24.68 -12.95
CA ILE B 475 0.33 26.01 -13.52
C ILE B 475 0.67 25.81 -14.99
N ASP B 476 -0.35 25.89 -15.84
CA ASP B 476 -0.18 25.69 -17.27
C ASP B 476 0.86 26.66 -17.82
N PHE B 477 1.41 26.31 -18.99
CA PHE B 477 2.42 27.18 -19.61
C PHE B 477 1.82 28.53 -19.97
N LYS B 478 0.59 28.54 -20.47
CA LYS B 478 -0.04 29.80 -20.85
C LYS B 478 -0.18 30.72 -19.65
N THR B 479 -0.74 30.21 -18.56
CA THR B 479 -0.90 31.04 -17.36
C THR B 479 0.45 31.41 -16.78
N LEU B 480 1.44 30.52 -16.86
CA LEU B 480 2.76 30.82 -16.34
C LEU B 480 3.39 31.97 -17.11
N LYS B 481 3.30 31.94 -18.44
CA LYS B 481 3.83 33.03 -19.25
C LYS B 481 3.09 34.32 -18.98
N ASN B 482 1.77 34.25 -18.86
CA ASN B 482 0.99 35.46 -18.55
C ASN B 482 1.42 36.04 -17.22
N LEU B 483 1.64 35.18 -16.22
CA LEU B 483 2.10 35.62 -14.92
C LEU B 483 3.46 36.28 -15.01
N ASN B 484 4.39 35.66 -15.74
CA ASN B 484 5.74 36.21 -15.83
C ASN B 484 5.72 37.57 -16.52
N ASP B 485 4.86 37.73 -17.53
CA ASP B 485 4.80 38.99 -18.25
C ASP B 485 4.16 40.08 -17.40
N ASN B 486 3.08 39.75 -16.68
CA ASN B 486 2.39 40.76 -15.90
C ASN B 486 3.15 41.12 -14.62
N TYR B 487 3.85 40.17 -14.02
CA TYR B 487 4.47 40.34 -12.70
C TYR B 487 5.98 40.24 -12.72
N GLY B 488 6.56 39.33 -13.49
CA GLY B 488 8.00 39.22 -13.55
C GLY B 488 8.62 38.46 -12.40
N ILE B 489 8.29 37.17 -12.29
CA ILE B 489 8.87 36.35 -11.22
C ILE B 489 10.36 36.20 -11.41
N THR B 490 11.02 35.75 -10.35
CA THR B 490 12.47 35.57 -10.34
C THR B 490 12.84 34.19 -10.90
N ARG B 491 14.14 33.91 -10.96
CA ARG B 491 14.58 32.61 -11.45
C ARG B 491 14.16 31.49 -10.52
N THR B 492 14.34 31.69 -9.21
CA THR B 492 14.01 30.64 -8.25
C THR B 492 12.51 30.34 -8.28
N GLU B 493 11.70 31.40 -8.23
CA GLU B 493 10.25 31.19 -8.26
C GLU B 493 9.80 30.62 -9.59
N ALA B 494 10.45 31.00 -10.69
CA ALA B 494 10.11 30.42 -11.98
C ALA B 494 10.38 28.93 -11.98
N LEU B 495 11.53 28.51 -11.47
CA LEU B 495 11.86 27.10 -11.45
C LEU B 495 10.90 26.33 -10.54
N ASN B 496 10.56 26.91 -9.39
CA ASN B 496 9.65 26.22 -8.48
C ASN B 496 8.24 26.13 -9.06
N LEU B 497 7.76 27.17 -9.73
CA LEU B 497 6.49 27.09 -10.41
C LEU B 497 6.52 26.03 -11.51
N ILE B 498 7.64 25.96 -12.24
CA ILE B 498 7.78 24.94 -13.28
C ILE B 498 7.67 23.55 -12.68
N LYS B 499 8.35 23.34 -11.55
CA LYS B 499 8.34 22.05 -10.89
C LYS B 499 7.12 21.82 -10.00
N SER B 500 6.20 22.79 -9.93
CA SER B 500 5.00 22.68 -9.10
C SER B 500 5.36 22.39 -7.65
N ASN B 501 6.41 23.03 -7.18
CA ASN B 501 6.81 22.92 -5.78
C ASN B 501 5.76 23.62 -4.92
N PRO B 502 5.09 22.91 -4.00
CA PRO B 502 4.03 23.60 -3.24
C PRO B 502 4.57 24.57 -2.22
N ASN B 503 5.79 24.32 -1.70
CA ASN B 503 6.38 25.21 -0.71
C ASN B 503 6.39 26.64 -1.18
N MET B 504 6.62 26.84 -2.47
CA MET B 504 6.63 28.16 -3.08
C MET B 504 5.33 28.49 -3.79
N LEU B 505 4.62 27.49 -4.32
CA LEU B 505 3.35 27.78 -4.96
C LEU B 505 2.32 28.33 -3.97
N ARG B 506 2.44 27.97 -2.69
CA ARG B 506 1.56 28.57 -1.69
C ARG B 506 1.79 30.06 -1.56
N ASN B 507 3.01 30.53 -1.87
CA ASN B 507 3.33 31.94 -1.63
C ASN B 507 2.50 32.85 -2.52
N PHE B 508 2.27 32.47 -3.78
CA PHE B 508 1.49 33.33 -4.66
C PHE B 508 0.04 33.40 -4.21
N ILE B 509 -0.53 32.27 -3.79
CA ILE B 509 -1.90 32.29 -3.32
C ILE B 509 -2.00 33.08 -2.02
N ASN B 510 -0.94 33.08 -1.21
CA ASN B 510 -0.91 33.99 -0.06
C ASN B 510 -0.88 35.43 -0.52
N GLN B 511 -0.08 35.73 -1.55
CA GLN B 511 0.02 37.07 -2.10
C GLN B 511 -1.25 37.53 -2.80
N ASN B 512 -2.19 36.61 -3.06
CA ASN B 512 -3.39 36.91 -3.82
C ASN B 512 -3.05 37.22 -5.29
N ASN B 513 -2.13 36.46 -5.84
CA ASN B 513 -1.72 36.63 -7.23
C ASN B 513 -2.87 36.22 -8.15
N PRO B 514 -3.54 37.17 -8.81
CA PRO B 514 -4.78 36.80 -9.52
C PRO B 514 -4.59 35.77 -10.61
N ILE B 515 -3.42 35.67 -11.22
CA ILE B 515 -3.21 34.67 -12.26
C ILE B 515 -3.28 33.27 -11.66
N ILE B 516 -2.51 33.03 -10.60
CA ILE B 516 -2.51 31.71 -9.97
C ILE B 516 -3.88 31.43 -9.35
N ARG B 517 -4.49 32.45 -8.76
CA ARG B 517 -5.84 32.30 -8.25
C ARG B 517 -6.76 31.77 -9.36
N ASN B 518 -6.91 32.56 -10.42
CA ASN B 518 -7.79 32.20 -11.52
C ASN B 518 -7.50 30.80 -12.05
N ARG B 519 -6.23 30.43 -12.16
CA ARG B 519 -5.92 29.08 -12.62
C ARG B 519 -6.44 28.02 -11.65
N ILE B 520 -6.27 28.25 -10.35
CA ILE B 520 -6.62 27.22 -9.38
C ILE B 520 -8.13 27.08 -9.23
N GLU B 521 -8.86 28.21 -9.17
CA GLU B 521 -10.31 28.10 -9.28
C GLU B 521 -10.75 27.53 -10.62
N GLN B 522 -9.99 27.73 -11.69
CA GLN B 522 -10.34 27.08 -12.94
C GLN B 522 -10.29 25.57 -12.79
N LEU B 523 -9.25 25.06 -12.15
CA LEU B 523 -9.17 23.62 -11.91
C LEU B 523 -10.30 23.13 -11.00
N ILE B 524 -10.58 23.88 -9.92
CA ILE B 524 -11.61 23.45 -8.98
C ILE B 524 -12.98 23.42 -9.66
N LEU B 525 -13.26 24.42 -10.50
CA LEU B 525 -14.51 24.41 -11.27
C LEU B 525 -14.49 23.39 -12.38
N GLN B 526 -13.31 23.00 -12.86
CA GLN B 526 -13.15 21.92 -13.81
C GLN B 526 -13.28 20.55 -13.19
N CYS B 527 -13.37 20.48 -11.86
CA CYS B 527 -13.56 19.21 -11.15
C CYS B 527 -15.04 18.84 -11.02
N LYS B 528 -15.86 19.16 -12.02
CA LYS B 528 -17.29 18.89 -11.99
C LYS B 528 -17.59 17.40 -11.93
N LEU B 529 -18.88 17.07 -11.86
CA LEU B 529 -19.36 15.68 -11.91
C LEU B 529 -18.82 14.84 -10.77
N ALA C 2 8.51 -2.22 -9.10
CA ALA C 2 8.03 -3.59 -9.26
C ALA C 2 8.44 -4.46 -8.08
N SER C 3 9.49 -4.03 -7.37
CA SER C 3 9.85 -4.69 -6.12
C SER C 3 8.77 -4.49 -5.06
N LEU C 4 7.90 -3.50 -5.23
CA LEU C 4 6.89 -3.18 -4.24
C LEU C 4 5.94 -4.34 -3.98
N ILE C 5 5.81 -5.27 -4.92
CA ILE C 5 4.89 -6.39 -4.70
C ILE C 5 5.37 -7.26 -3.56
N TYR C 6 6.68 -7.51 -3.48
CA TYR C 6 7.19 -8.33 -2.38
C TYR C 6 6.93 -7.67 -1.04
N ARG C 7 7.17 -6.36 -0.97
CA ARG C 7 6.90 -5.62 0.27
C ARG C 7 5.42 -5.68 0.62
N GLN C 8 4.55 -5.52 -0.37
CA GLN C 8 3.12 -5.54 -0.09
C GLN C 8 2.69 -6.92 0.41
N LEU C 9 3.21 -7.99 -0.19
CA LEU C 9 2.85 -9.32 0.25
C LEU C 9 3.29 -9.54 1.70
N LEU C 10 4.54 -9.23 2.01
CA LEU C 10 5.03 -9.43 3.38
C LEU C 10 4.25 -8.58 4.36
N THR C 11 3.99 -7.32 4.02
CA THR C 11 3.28 -6.43 4.93
C THR C 11 1.85 -6.90 5.16
N ASN C 12 1.17 -7.33 4.11
CA ASN C 12 -0.24 -7.68 4.19
C ASN C 12 -0.50 -9.13 4.56
N SER C 13 0.55 -9.90 4.84
CA SER C 13 0.37 -11.29 5.24
C SER C 13 -0.66 -11.50 6.35
N TYR C 14 -0.94 -10.50 7.18
CA TYR C 14 -1.95 -10.67 8.23
C TYR C 14 -3.32 -10.97 7.63
N SER C 15 -3.59 -10.48 6.42
CA SER C 15 -4.84 -10.80 5.76
C SER C 15 -4.98 -12.29 5.50
N VAL C 16 -3.88 -13.04 5.49
CA VAL C 16 -3.98 -14.49 5.36
C VAL C 16 -4.70 -15.08 6.56
N ASP C 17 -4.28 -14.71 7.76
CA ASP C 17 -4.96 -15.21 8.95
C ASP C 17 -6.39 -14.69 8.99
N LEU C 18 -6.59 -13.45 8.57
CA LEU C 18 -7.96 -12.93 8.52
C LEU C 18 -8.82 -13.77 7.57
N TYR C 19 -8.29 -14.15 6.41
CA TYR C 19 -9.01 -14.98 5.46
C TYR C 19 -9.25 -16.38 6.01
N ASP C 20 -8.29 -16.92 6.75
CA ASP C 20 -8.53 -18.20 7.41
C ASP C 20 -9.72 -18.09 8.33
N GLU C 21 -9.81 -17.00 9.10
CA GLU C 21 -10.98 -16.79 9.93
C GLU C 21 -12.25 -16.68 9.08
N ILE C 22 -12.17 -15.94 7.96
CA ILE C 22 -13.32 -15.82 7.05
C ILE C 22 -13.88 -17.19 6.74
N GLU C 23 -13.05 -18.06 6.17
CA GLU C 23 -13.57 -19.33 5.68
C GLU C 23 -13.96 -20.25 6.82
N GLN C 24 -13.14 -20.33 7.88
CA GLN C 24 -13.38 -21.31 8.93
C GLN C 24 -14.45 -20.87 9.93
N ILE C 25 -15.01 -19.67 9.78
CA ILE C 25 -16.23 -19.32 10.49
C ILE C 25 -17.43 -19.16 9.55
N GLY C 26 -17.21 -18.88 8.27
CA GLY C 26 -18.29 -18.96 7.32
C GLY C 26 -18.79 -20.37 7.15
N SER C 27 -17.90 -21.36 7.22
CA SER C 27 -18.35 -22.74 7.29
C SER C 27 -19.19 -22.98 8.53
N GLY C 28 -18.76 -22.42 9.67
CA GLY C 28 -19.52 -22.59 10.90
C GLY C 28 -20.92 -22.00 10.81
N LYS C 29 -21.04 -20.83 10.18
CA LYS C 29 -22.33 -20.20 10.01
C LYS C 29 -23.23 -21.09 9.16
N THR C 30 -24.52 -21.07 9.47
CA THR C 30 -25.48 -21.96 8.82
C THR C 30 -25.85 -21.43 7.43
N GLN C 31 -25.75 -22.31 6.44
CA GLN C 31 -26.21 -22.03 5.08
C GLN C 31 -27.15 -23.16 4.65
N ASN C 32 -28.10 -22.83 3.79
CA ASN C 32 -29.01 -23.83 3.23
C ASN C 32 -29.36 -23.42 1.81
N VAL C 33 -28.74 -24.06 0.82
CA VAL C 33 -29.18 -23.89 -0.56
C VAL C 33 -30.46 -24.69 -0.75
N THR C 34 -31.56 -23.98 -1.03
CA THR C 34 -32.89 -24.57 -1.10
C THR C 34 -33.17 -24.93 -2.55
N ILE C 35 -32.67 -26.08 -2.99
CA ILE C 35 -33.06 -26.58 -4.29
C ILE C 35 -34.58 -26.77 -4.29
N ASN C 36 -35.19 -26.45 -5.41
CA ASN C 36 -36.62 -26.26 -5.50
C ASN C 36 -37.28 -27.61 -5.78
N PRO C 37 -38.59 -27.66 -5.87
CA PRO C 37 -39.20 -28.48 -6.93
C PRO C 37 -39.51 -27.58 -8.10
N GLY C 38 -39.28 -28.03 -9.33
CA GLY C 38 -39.43 -27.17 -10.48
C GLY C 38 -40.85 -26.65 -10.64
N PRO C 39 -41.09 -25.86 -11.69
CA PRO C 39 -42.47 -25.40 -11.93
C PRO C 39 -43.42 -26.56 -12.16
N PHE C 40 -42.94 -27.65 -12.75
CA PHE C 40 -43.75 -28.84 -12.96
C PHE C 40 -43.85 -29.61 -11.64
N ALA C 41 -45.07 -29.96 -11.24
CA ALA C 41 -45.32 -30.55 -9.94
C ALA C 41 -45.44 -32.07 -10.01
N GLN C 42 -44.92 -32.74 -8.99
CA GLN C 42 -44.97 -34.20 -8.89
C GLN C 42 -46.28 -34.65 -8.25
N THR C 43 -46.59 -35.93 -8.44
CA THR C 43 -47.69 -36.57 -7.75
C THR C 43 -47.62 -38.07 -7.98
N ARG C 44 -47.82 -38.83 -6.91
CA ARG C 44 -47.84 -40.28 -6.97
C ARG C 44 -49.25 -40.76 -7.31
N TYR C 45 -49.36 -42.04 -7.69
CA TYR C 45 -50.66 -42.59 -8.10
C TYR C 45 -51.73 -42.41 -7.04
N ALA C 46 -51.61 -43.19 -5.97
CA ALA C 46 -52.57 -43.21 -4.87
C ALA C 46 -52.09 -44.26 -3.88
N PRO C 47 -52.65 -44.32 -2.69
CA PRO C 47 -52.50 -45.56 -1.90
C PRO C 47 -53.40 -46.63 -2.49
N VAL C 48 -52.78 -47.60 -3.18
CA VAL C 48 -53.49 -48.63 -3.92
C VAL C 48 -53.20 -49.96 -3.24
N ASN C 49 -54.26 -50.70 -2.91
CA ASN C 49 -54.15 -52.01 -2.31
C ASN C 49 -54.91 -53.03 -3.15
N TRP C 50 -54.33 -54.20 -3.33
CA TRP C 50 -54.92 -55.23 -4.17
C TRP C 50 -55.82 -56.14 -3.34
N ASP C 51 -56.94 -56.53 -3.92
CA ASP C 51 -57.89 -57.41 -3.24
C ASP C 51 -58.64 -58.23 -4.27
N HIS C 52 -59.32 -59.28 -3.81
CA HIS C 52 -60.20 -60.03 -4.68
C HIS C 52 -61.42 -59.21 -5.02
N GLY C 53 -61.88 -59.32 -6.25
CA GLY C 53 -62.99 -58.50 -6.71
C GLY C 53 -64.32 -58.98 -6.14
N GLU C 54 -65.39 -58.41 -6.67
CA GLU C 54 -66.72 -58.71 -6.18
C GLU C 54 -67.08 -60.17 -6.45
N ILE C 55 -67.65 -60.81 -5.44
CA ILE C 55 -68.05 -62.22 -5.50
C ILE C 55 -69.56 -62.28 -5.58
N ASN C 56 -70.06 -63.15 -6.45
CA ASN C 56 -71.51 -63.29 -6.65
C ASN C 56 -72.03 -64.35 -5.69
N ASP C 57 -72.35 -63.94 -4.48
CA ASP C 57 -72.86 -64.84 -3.45
C ASP C 57 -74.38 -64.97 -3.57
N SER C 58 -74.90 -66.01 -2.91
CA SER C 58 -76.34 -66.22 -2.85
C SER C 58 -76.62 -67.12 -1.67
N THR C 59 -77.32 -66.59 -0.67
CA THR C 59 -77.62 -67.31 0.56
C THR C 59 -79.02 -67.90 0.47
N THR C 60 -79.14 -69.19 0.74
CA THR C 60 -80.41 -69.90 0.70
C THR C 60 -80.93 -70.12 2.11
N VAL C 61 -82.22 -69.85 2.29
CA VAL C 61 -82.87 -69.95 3.59
C VAL C 61 -83.62 -71.26 3.67
N GLU C 62 -83.63 -71.87 4.85
CA GLU C 62 -84.40 -73.09 5.04
C GLU C 62 -85.89 -72.76 4.91
N PRO C 63 -86.69 -73.68 4.36
CA PRO C 63 -88.15 -73.48 4.42
C PRO C 63 -88.62 -73.53 5.87
N ILE C 64 -89.68 -72.79 6.16
CA ILE C 64 -90.16 -72.69 7.53
C ILE C 64 -90.69 -74.04 8.01
N LEU C 65 -91.36 -74.78 7.12
CA LEU C 65 -91.77 -76.16 7.38
C LEU C 65 -91.24 -77.06 6.28
N ASP C 66 -91.14 -78.34 6.58
CA ASP C 66 -90.48 -79.28 5.67
C ASP C 66 -91.38 -79.72 4.52
N GLY C 67 -92.65 -79.35 4.52
CA GLY C 67 -93.54 -79.64 3.41
C GLY C 67 -94.75 -80.46 3.82
N PRO C 68 -95.95 -80.12 3.33
CA PRO C 68 -97.09 -81.04 3.56
C PRO C 68 -97.04 -82.26 2.64
N TYR C 69 -96.28 -83.27 3.04
CA TYR C 69 -96.15 -84.47 2.22
C TYR C 69 -97.48 -85.24 2.20
N GLN C 70 -97.49 -86.33 1.44
CA GLN C 70 -98.72 -87.01 1.06
C GLN C 70 -98.92 -88.31 1.85
N PRO C 71 -100.17 -88.81 1.92
CA PRO C 71 -100.44 -89.97 2.78
C PRO C 71 -99.91 -91.27 2.21
N THR C 72 -98.66 -91.59 2.54
CA THR C 72 -97.95 -92.75 2.01
C THR C 72 -97.65 -93.70 3.16
N THR C 73 -97.07 -94.86 2.82
CA THR C 73 -96.51 -95.82 3.75
C THR C 73 -95.00 -95.83 3.62
N PHE C 74 -94.30 -95.85 4.76
CA PHE C 74 -92.85 -96.02 4.76
C PHE C 74 -92.40 -96.26 6.19
N THR C 75 -91.07 -96.32 6.38
CA THR C 75 -90.45 -96.58 7.67
C THR C 75 -89.61 -95.36 8.05
N PRO C 76 -90.16 -94.39 8.76
CA PRO C 76 -89.38 -93.19 9.08
C PRO C 76 -88.23 -93.55 10.02
N PRO C 77 -86.99 -93.12 9.73
CA PRO C 77 -85.91 -93.39 10.68
C PRO C 77 -86.11 -92.70 12.01
N ASN C 78 -85.20 -92.93 12.95
CA ASN C 78 -85.33 -92.40 14.29
C ASN C 78 -84.92 -90.93 14.34
N ASP C 79 -85.02 -90.35 15.53
CA ASP C 79 -84.65 -88.95 15.76
C ASP C 79 -85.42 -88.02 14.82
N TYR C 80 -86.72 -88.28 14.67
CA TYR C 80 -87.56 -87.48 13.78
C TYR C 80 -89.00 -87.53 14.28
N TRP C 81 -89.54 -86.37 14.65
CA TRP C 81 -90.96 -86.25 14.90
C TRP C 81 -91.71 -86.27 13.57
N ILE C 82 -92.75 -87.08 13.49
CA ILE C 82 -93.70 -87.05 12.39
C ILE C 82 -94.99 -86.48 12.94
N LEU C 83 -95.39 -85.32 12.42
CA LEU C 83 -96.64 -84.67 12.81
C LEU C 83 -97.62 -84.84 11.67
N ILE C 84 -98.90 -85.04 12.00
CA ILE C 84 -99.92 -85.32 11.00
C ILE C 84 -101.14 -84.47 11.32
N ASN C 85 -101.69 -83.80 10.31
CA ASN C 85 -102.99 -83.16 10.40
C ASN C 85 -104.01 -83.97 9.59
N SER C 86 -105.20 -84.10 10.18
CA SER C 86 -106.27 -84.90 9.64
C SER C 86 -107.11 -84.08 8.66
N ASN C 87 -107.47 -84.71 7.55
CA ASN C 87 -108.30 -84.10 6.52
C ASN C 87 -109.71 -84.67 6.49
N THR C 88 -109.87 -85.95 6.77
CA THR C 88 -111.16 -86.63 6.80
C THR C 88 -111.44 -87.12 8.22
N ASN C 89 -112.54 -87.87 8.36
CA ASN C 89 -112.86 -88.53 9.60
C ASN C 89 -112.27 -89.94 9.62
N GLY C 90 -112.29 -90.55 10.79
CA GLY C 90 -111.86 -91.93 10.93
C GLY C 90 -110.38 -92.09 11.17
N VAL C 91 -109.78 -93.08 10.51
CA VAL C 91 -108.38 -93.39 10.72
C VAL C 91 -107.51 -92.23 10.23
N VAL C 92 -106.50 -91.89 11.01
CA VAL C 92 -105.49 -90.91 10.62
C VAL C 92 -104.19 -91.60 10.23
N TYR C 93 -103.71 -92.52 11.06
CA TYR C 93 -102.49 -93.23 10.76
C TYR C 93 -102.46 -94.53 11.55
N GLU C 94 -101.64 -95.47 11.06
CA GLU C 94 -101.35 -96.67 11.83
C GLU C 94 -99.88 -97.04 11.72
N SER C 95 -99.34 -97.51 12.83
CA SER C 95 -97.98 -98.01 12.95
C SER C 95 -98.02 -99.50 13.24
N THR C 96 -96.94 -100.19 12.88
CA THR C 96 -96.79 -101.58 13.30
C THR C 96 -95.41 -102.08 12.91
N ASN C 97 -94.88 -102.99 13.72
CA ASN C 97 -93.74 -103.79 13.29
C ASN C 97 -94.17 -105.09 12.63
N ASN C 98 -95.45 -105.43 12.67
CA ASN C 98 -96.00 -106.66 12.14
C ASN C 98 -95.48 -107.90 12.85
N SER C 99 -94.76 -107.74 13.97
CA SER C 99 -94.22 -108.85 14.74
C SER C 99 -94.80 -108.92 16.13
N ASP C 100 -94.68 -107.86 16.93
CA ASP C 100 -95.21 -107.82 18.28
C ASP C 100 -95.76 -106.45 18.64
N PHE C 101 -96.19 -105.67 17.66
CA PHE C 101 -96.70 -104.32 17.93
C PHE C 101 -97.52 -103.84 16.75
N TRP C 102 -98.82 -103.62 16.99
CA TRP C 102 -99.73 -103.02 16.02
C TRP C 102 -100.46 -101.89 16.72
N THR C 103 -100.64 -100.78 16.01
CA THR C 103 -101.30 -99.63 16.60
C THR C 103 -101.93 -98.81 15.48
N ALA C 104 -103.07 -98.19 15.79
CA ALA C 104 -103.72 -97.28 14.86
C ALA C 104 -104.38 -96.20 15.69
N VAL C 105 -104.84 -95.14 15.01
CA VAL C 105 -105.65 -94.14 15.69
C VAL C 105 -106.87 -93.83 14.84
N VAL C 106 -107.87 -93.25 15.48
CA VAL C 106 -109.03 -92.70 14.79
C VAL C 106 -109.36 -91.36 15.42
N ALA C 107 -109.59 -90.36 14.57
CA ALA C 107 -110.03 -89.04 15.00
C ALA C 107 -111.54 -88.95 14.86
N ILE C 108 -112.19 -88.33 15.84
CA ILE C 108 -113.63 -88.20 15.85
C ILE C 108 -114.02 -86.78 16.26
N GLU C 109 -115.04 -86.28 15.58
CA GLU C 109 -115.55 -84.94 15.76
C GLU C 109 -116.13 -84.76 17.16
N PRO C 110 -116.03 -83.58 17.75
CA PRO C 110 -116.59 -83.40 19.10
C PRO C 110 -118.10 -83.55 19.12
N HIS C 111 -118.60 -84.01 20.28
CA HIS C 111 -120.02 -84.29 20.46
C HIS C 111 -120.50 -85.37 19.48
N VAL C 112 -119.95 -86.56 19.66
CA VAL C 112 -120.40 -87.76 18.97
C VAL C 112 -120.81 -88.79 20.02
N THR C 113 -121.95 -89.45 19.78
CA THR C 113 -122.50 -90.37 20.75
C THR C 113 -121.71 -91.68 20.78
N PRO C 114 -121.83 -92.46 21.86
CA PRO C 114 -121.14 -93.76 21.88
C PRO C 114 -121.71 -94.69 20.82
N VAL C 115 -120.88 -95.05 19.84
CA VAL C 115 -121.31 -95.86 18.71
C VAL C 115 -120.19 -96.84 18.35
N ASP C 116 -120.59 -98.07 18.01
CA ASP C 116 -119.69 -99.00 17.35
C ASP C 116 -119.62 -98.63 15.87
N ARG C 117 -118.40 -98.49 15.35
CA ARG C 117 -118.19 -98.06 13.98
C ARG C 117 -117.20 -99.00 13.29
N GLN C 118 -117.30 -98.97 11.96
CA GLN C 118 -116.57 -99.86 11.06
C GLN C 118 -115.50 -99.06 10.33
N TYR C 119 -114.31 -99.65 10.19
CA TYR C 119 -113.18 -98.96 9.58
C TYR C 119 -112.36 -99.93 8.75
N MET C 120 -111.93 -99.45 7.58
CA MET C 120 -111.07 -100.21 6.67
C MET C 120 -109.65 -100.18 7.21
N ILE C 121 -109.47 -100.82 8.36
CA ILE C 121 -108.18 -100.87 9.06
C ILE C 121 -107.50 -102.19 8.71
N PHE C 122 -106.21 -102.11 8.40
CA PHE C 122 -105.41 -103.29 8.06
C PHE C 122 -105.98 -104.02 6.85
N GLY C 123 -106.65 -103.28 5.97
CA GLY C 123 -107.33 -103.87 4.84
C GLY C 123 -108.63 -104.53 5.24
N GLU C 124 -108.54 -105.65 5.95
CA GLU C 124 -109.73 -106.33 6.44
C GLU C 124 -110.48 -105.44 7.43
N SER C 125 -111.66 -104.98 7.02
CA SER C 125 -112.40 -103.99 7.81
C SER C 125 -112.76 -104.57 9.18
N LYS C 126 -112.51 -103.78 10.23
CA LYS C 126 -112.77 -104.15 11.61
C LYS C 126 -113.71 -103.15 12.27
N GLN C 127 -114.17 -103.52 13.47
CA GLN C 127 -115.11 -102.74 14.24
C GLN C 127 -114.50 -102.32 15.57
N PHE C 128 -114.95 -101.19 16.10
CA PHE C 128 -114.70 -100.87 17.50
C PHE C 128 -115.57 -99.70 17.91
N ASN C 129 -115.67 -99.49 19.22
CA ASN C 129 -116.50 -98.44 19.78
C ASN C 129 -115.73 -97.13 19.82
N VAL C 130 -116.47 -96.02 19.68
CA VAL C 130 -115.91 -94.68 19.79
C VAL C 130 -116.95 -93.79 20.45
N SER C 131 -116.48 -92.67 21.00
CA SER C 131 -117.33 -91.70 21.65
C SER C 131 -116.52 -90.45 21.93
N ASN C 132 -117.22 -89.30 21.92
CA ASN C 132 -116.61 -88.03 22.31
C ASN C 132 -117.72 -87.05 22.63
N ASP C 133 -117.61 -86.40 23.77
CA ASP C 133 -118.54 -85.36 24.20
C ASP C 133 -117.90 -83.99 24.31
N SER C 134 -116.63 -83.92 24.68
CA SER C 134 -115.95 -82.64 24.79
C SER C 134 -115.93 -81.93 23.45
N ASN C 135 -115.88 -80.60 23.50
CA ASN C 135 -115.95 -79.77 22.29
C ASN C 135 -114.68 -79.85 21.45
N LYS C 136 -113.63 -80.49 21.94
CA LYS C 136 -112.40 -80.69 21.17
C LYS C 136 -112.45 -82.03 20.45
N TRP C 137 -111.68 -82.12 19.37
CA TRP C 137 -111.57 -83.39 18.65
C TRP C 137 -110.93 -84.44 19.53
N LYS C 138 -111.29 -85.70 19.30
CA LYS C 138 -110.79 -86.81 20.11
C LYS C 138 -110.05 -87.80 19.23
N PHE C 139 -108.83 -88.15 19.63
CA PHE C 139 -107.99 -89.10 18.91
C PHE C 139 -107.84 -90.34 19.79
N LEU C 140 -108.57 -91.39 19.44
CA LEU C 140 -108.56 -92.65 20.18
C LEU C 140 -107.56 -93.59 19.53
N GLU C 141 -106.60 -94.08 20.31
CA GLU C 141 -105.65 -95.06 19.80
C GLU C 141 -106.22 -96.45 20.03
N MET C 142 -105.84 -97.38 19.16
CA MET C 142 -106.11 -98.79 19.32
C MET C 142 -104.77 -99.52 19.26
N PHE C 143 -104.61 -100.51 20.14
CA PHE C 143 -103.34 -101.13 20.45
C PHE C 143 -103.49 -102.63 20.38
N ARG C 144 -102.44 -103.32 19.94
CA ARG C 144 -102.42 -104.77 19.95
C ARG C 144 -100.98 -105.25 20.05
N SER C 145 -100.76 -106.25 20.90
CA SER C 145 -99.45 -106.85 21.11
C SER C 145 -99.29 -108.18 20.39
N SER C 146 -100.32 -108.65 19.69
CA SER C 146 -100.22 -109.92 18.98
C SER C 146 -101.32 -109.98 17.93
N SER C 147 -101.10 -110.84 16.93
CA SER C 147 -102.15 -111.11 15.96
C SER C 147 -103.35 -111.77 16.63
N GLN C 148 -103.09 -112.73 17.51
CA GLN C 148 -104.14 -113.41 18.29
C GLN C 148 -104.29 -112.67 19.62
N ASN C 149 -105.15 -111.66 19.61
CA ASN C 149 -105.34 -110.79 20.76
C ASN C 149 -106.60 -109.98 20.52
N GLU C 150 -107.03 -109.26 21.56
CA GLU C 150 -108.12 -108.31 21.46
C GLU C 150 -107.56 -106.92 21.18
N PHE C 151 -108.47 -106.01 20.81
CA PHE C 151 -108.11 -104.65 20.40
C PHE C 151 -108.13 -103.76 21.62
N TYR C 152 -106.97 -103.61 22.26
CA TYR C 152 -106.84 -102.81 23.47
C TYR C 152 -107.05 -101.34 23.09
N ASN C 153 -108.24 -100.81 23.37
CA ASN C 153 -108.58 -99.46 22.96
C ASN C 153 -108.01 -98.49 23.99
N ARG C 154 -106.95 -97.77 23.61
CA ARG C 154 -106.15 -96.97 24.52
C ARG C 154 -106.35 -95.49 24.25
N ARG C 155 -106.16 -94.71 25.31
CA ARG C 155 -106.52 -93.29 25.35
C ARG C 155 -105.29 -92.47 25.71
N THR C 156 -105.14 -91.26 25.19
CA THR C 156 -105.84 -90.68 24.02
C THR C 156 -105.08 -89.41 23.66
N LEU C 157 -105.67 -88.62 22.76
CA LEU C 157 -105.19 -87.27 22.51
C LEU C 157 -106.38 -86.42 22.11
N THR C 158 -106.69 -85.42 22.92
CA THR C 158 -107.79 -84.50 22.69
C THR C 158 -107.22 -83.12 22.37
N SER C 159 -107.79 -82.46 21.37
CA SER C 159 -107.31 -81.14 21.01
C SER C 159 -108.27 -80.49 20.04
N ASP C 160 -108.02 -79.21 19.77
CA ASP C 160 -108.65 -78.47 18.69
C ASP C 160 -107.67 -78.10 17.58
N THR C 161 -106.37 -78.29 17.80
CA THR C 161 -105.41 -78.05 16.74
C THR C 161 -105.62 -78.99 15.56
N ARG C 162 -106.18 -80.17 15.82
CA ARG C 162 -106.39 -81.19 14.79
C ARG C 162 -105.07 -81.76 14.29
N LEU C 163 -104.19 -82.09 15.24
CA LEU C 163 -102.85 -82.59 14.95
C LEU C 163 -102.53 -83.80 15.84
N VAL C 164 -101.60 -84.61 15.35
CA VAL C 164 -101.14 -85.81 16.04
C VAL C 164 -99.64 -85.91 15.80
N GLY C 165 -98.92 -86.55 16.73
CA GLY C 165 -97.48 -86.63 16.61
C GLY C 165 -96.82 -87.86 17.21
N ILE C 166 -95.89 -88.45 16.45
CA ILE C 166 -95.20 -89.68 16.81
C ILE C 166 -93.70 -89.53 16.59
N LEU C 167 -92.94 -90.40 17.23
CA LEU C 167 -91.48 -90.33 17.14
C LEU C 167 -90.88 -91.63 17.65
N LYS C 168 -89.67 -91.91 17.17
CA LYS C 168 -88.88 -93.07 17.57
C LYS C 168 -87.63 -92.60 18.29
N TYR C 169 -87.36 -93.15 19.48
CA TYR C 169 -86.16 -92.80 20.21
C TYR C 169 -85.91 -93.75 21.37
N GLY C 170 -84.65 -94.15 21.54
CA GLY C 170 -84.29 -95.06 22.62
C GLY C 170 -85.02 -96.38 22.56
N GLY C 171 -85.25 -96.89 21.34
CA GLY C 171 -86.02 -98.10 21.19
C GLY C 171 -87.44 -97.99 21.69
N ARG C 172 -87.97 -96.77 21.80
CA ARG C 172 -89.28 -96.52 22.36
C ARG C 172 -90.04 -95.57 21.43
N VAL C 173 -91.33 -95.84 21.27
CA VAL C 173 -92.18 -94.97 20.45
C VAL C 173 -92.81 -93.93 21.36
N TRP C 174 -92.53 -92.67 21.09
CA TRP C 174 -93.06 -91.56 21.87
C TRP C 174 -94.19 -90.92 21.07
N THR C 175 -95.22 -90.46 21.77
CA THR C 175 -96.42 -89.97 21.12
C THR C 175 -97.02 -88.86 21.95
N PHE C 176 -97.64 -87.90 21.28
CA PHE C 176 -98.32 -86.84 22.01
C PHE C 176 -99.66 -87.32 22.53
N HIS C 177 -100.07 -86.77 23.68
CA HIS C 177 -101.15 -87.32 24.46
C HIS C 177 -101.75 -86.23 25.34
N GLY C 178 -103.07 -86.29 25.51
CA GLY C 178 -103.76 -85.43 26.45
C GLY C 178 -104.59 -84.33 25.85
N GLU C 179 -104.62 -83.18 26.53
CA GLU C 179 -105.45 -82.04 26.17
C GLU C 179 -104.55 -80.85 25.91
N THR C 180 -104.81 -80.13 24.82
CA THR C 180 -104.13 -78.86 24.58
C THR C 180 -104.82 -77.75 25.38
N PRO C 181 -104.06 -76.76 25.88
CA PRO C 181 -102.61 -76.55 25.88
C PRO C 181 -101.86 -77.47 26.85
N ARG C 182 -102.59 -78.14 27.73
CA ARG C 182 -102.01 -79.04 28.72
C ARG C 182 -101.50 -80.35 28.13
N ALA C 183 -101.41 -80.54 26.82
CA ALA C 183 -100.94 -81.80 26.27
C ALA C 183 -99.50 -82.06 26.69
N THR C 184 -99.04 -83.28 26.43
CA THR C 184 -97.66 -83.66 26.73
C THR C 184 -97.29 -84.84 25.86
N THR C 185 -96.18 -85.48 26.19
CA THR C 185 -95.71 -86.68 25.51
C THR C 185 -95.73 -87.85 26.47
N ASP C 186 -95.97 -89.04 25.93
CA ASP C 186 -95.81 -90.30 26.65
C ASP C 186 -94.97 -91.23 25.79
N SER C 187 -94.52 -92.32 26.39
CA SER C 187 -93.62 -93.26 25.75
C SER C 187 -94.13 -94.68 25.93
N SER C 188 -93.92 -95.50 24.90
CA SER C 188 -94.28 -96.90 24.92
C SER C 188 -93.08 -97.73 24.48
N SER C 189 -92.91 -98.88 25.12
CA SER C 189 -91.77 -99.75 24.90
C SER C 189 -92.14 -100.89 23.97
N THR C 190 -91.20 -101.24 23.08
CA THR C 190 -91.42 -102.32 22.12
C THR C 190 -90.07 -102.87 21.70
N ALA C 191 -90.01 -104.18 21.48
CA ALA C 191 -88.80 -104.83 21.00
C ALA C 191 -88.67 -104.66 19.49
N ASN C 192 -87.43 -104.71 19.02
CA ASN C 192 -87.04 -104.44 17.63
C ASN C 192 -87.82 -103.26 17.05
N LEU C 193 -87.98 -102.20 17.85
CA LEU C 193 -88.70 -101.02 17.43
C LEU C 193 -88.05 -100.33 16.23
N ASN C 194 -86.77 -100.58 15.99
CA ASN C 194 -86.08 -99.97 14.87
C ASN C 194 -86.41 -100.61 13.53
N ASN C 195 -87.41 -101.47 13.47
CA ASN C 195 -87.92 -102.04 12.22
C ASN C 195 -89.44 -101.96 12.18
N ILE C 196 -89.97 -100.80 12.53
CA ILE C 196 -91.41 -100.57 12.47
C ILE C 196 -91.71 -99.82 11.18
N SER C 197 -93.00 -99.75 10.84
CA SER C 197 -93.45 -99.03 9.66
C SER C 197 -94.69 -98.24 10.03
N ILE C 198 -94.94 -97.19 9.25
CA ILE C 198 -96.04 -96.27 9.44
C ILE C 198 -96.74 -96.10 8.11
N THR C 199 -98.05 -95.89 8.16
CA THR C 199 -98.79 -95.48 6.97
C THR C 199 -99.85 -94.47 7.37
N ILE C 200 -99.91 -93.38 6.61
CA ILE C 200 -100.72 -92.21 6.96
C ILE C 200 -101.84 -92.09 5.95
N HIS C 201 -102.94 -91.47 6.38
CA HIS C 201 -104.10 -91.24 5.52
C HIS C 201 -104.47 -89.76 5.40
N SER C 202 -103.72 -88.88 6.05
CA SER C 202 -103.90 -87.43 5.93
C SER C 202 -102.51 -86.82 5.77
N GLU C 203 -102.40 -85.50 5.89
CA GLU C 203 -101.15 -84.87 5.49
C GLU C 203 -100.23 -84.74 6.70
N PHE C 204 -98.93 -84.66 6.43
CA PHE C 204 -97.97 -84.80 7.52
C PHE C 204 -96.66 -84.08 7.21
N TYR C 205 -96.01 -83.64 8.27
CA TYR C 205 -94.75 -82.91 8.26
C TYR C 205 -93.71 -83.71 9.03
N ILE C 206 -92.44 -83.47 8.70
CA ILE C 206 -91.31 -84.06 9.39
C ILE C 206 -90.57 -82.96 10.12
N ILE C 207 -90.11 -83.25 11.34
CA ILE C 207 -89.34 -82.32 12.15
C ILE C 207 -88.19 -83.09 12.79
N PRO C 208 -86.99 -82.54 12.93
CA PRO C 208 -85.96 -83.22 13.71
C PRO C 208 -86.27 -83.22 15.20
N ARG C 209 -85.75 -84.24 15.90
CA ARG C 209 -86.02 -84.40 17.32
C ARG C 209 -85.45 -83.28 18.17
N SER C 210 -84.46 -82.54 17.67
CA SER C 210 -83.69 -81.62 18.50
C SER C 210 -84.51 -80.46 19.06
N GLN C 211 -85.73 -80.25 18.57
CA GLN C 211 -86.50 -79.05 18.90
C GLN C 211 -87.86 -79.39 19.48
N GLU C 212 -87.88 -80.26 20.50
CA GLU C 212 -89.10 -80.50 21.25
C GLU C 212 -89.68 -79.19 21.78
N SER C 213 -88.81 -78.22 22.07
CA SER C 213 -89.23 -76.94 22.63
C SER C 213 -90.20 -76.21 21.72
N LYS C 214 -90.23 -76.51 20.42
CA LYS C 214 -91.31 -76.03 19.56
C LYS C 214 -92.19 -77.13 18.99
N CYS C 215 -91.79 -78.40 19.08
CA CYS C 215 -92.74 -79.46 18.73
C CYS C 215 -93.93 -79.45 19.68
N ASN C 216 -93.68 -79.31 20.98
CA ASN C 216 -94.80 -79.18 21.91
C ASN C 216 -95.58 -77.90 21.67
N GLU C 217 -94.89 -76.82 21.27
CA GLU C 217 -95.59 -75.59 20.91
C GLU C 217 -96.51 -75.84 19.72
N TYR C 218 -96.06 -76.61 18.74
CA TYR C 218 -96.90 -76.96 17.59
C TYR C 218 -98.13 -77.72 18.06
N ILE C 219 -97.93 -78.70 18.93
CA ILE C 219 -99.06 -79.47 19.42
C ILE C 219 -100.05 -78.56 20.15
N ASN C 220 -99.53 -77.58 20.88
CA ASN C 220 -100.40 -76.61 21.53
C ASN C 220 -101.19 -75.81 20.50
N ASN C 221 -100.48 -75.21 19.55
CA ASN C 221 -101.08 -74.50 18.41
C ASN C 221 -100.10 -74.65 17.25
N GLY C 222 -100.30 -75.67 16.43
CA GLY C 222 -99.44 -75.93 15.29
C GLY C 222 -99.95 -75.27 14.03
N LEU C 223 -99.22 -75.50 12.95
CA LEU C 223 -99.58 -74.91 11.67
C LEU C 223 -99.59 -73.39 11.82
N PRO C 224 -98.41 -72.75 11.91
CA PRO C 224 -98.34 -71.30 12.14
C PRO C 224 -99.29 -70.52 11.26
N PRO C 225 -99.66 -69.30 11.66
CA PRO C 225 -100.91 -68.70 11.18
C PRO C 225 -100.94 -68.55 9.67
N ILE C 226 -102.11 -68.85 9.10
CA ILE C 226 -102.36 -68.68 7.68
C ILE C 226 -103.12 -67.35 7.56
N GLN C 227 -102.37 -66.26 7.41
CA GLN C 227 -102.95 -64.93 7.41
C GLN C 227 -103.63 -64.66 6.07
N ASN C 228 -104.77 -63.98 6.13
CA ASN C 228 -105.56 -63.68 4.95
C ASN C 228 -105.84 -62.18 4.87
N ALA D 1 -74.03 -25.87 -1.56
CA ALA D 1 -74.33 -25.21 -2.83
C ALA D 1 -75.08 -26.16 -3.76
N GLN D 2 -75.89 -25.60 -4.65
CA GLN D 2 -76.48 -26.36 -5.77
C GLN D 2 -76.10 -25.64 -7.05
N VAL D 3 -74.89 -25.93 -7.54
CA VAL D 3 -74.34 -25.21 -8.69
C VAL D 3 -73.14 -25.95 -9.24
N ASP D 4 -72.86 -25.76 -10.53
CA ASP D 4 -71.68 -26.36 -11.14
C ASP D 4 -70.42 -25.70 -10.60
N GLU D 5 -69.34 -26.47 -10.52
CA GLU D 5 -68.14 -25.98 -9.86
C GLU D 5 -66.94 -26.87 -10.19
N ASP D 6 -65.84 -26.24 -10.59
CA ASP D 6 -64.54 -26.89 -10.77
C ASP D 6 -63.45 -26.08 -10.09
N ILE D 7 -62.57 -26.77 -9.36
CA ILE D 7 -61.33 -26.19 -8.84
C ILE D 7 -60.15 -27.04 -9.27
N ILE D 8 -59.05 -26.38 -9.58
CA ILE D 8 -57.78 -27.06 -9.76
C ILE D 8 -57.22 -27.42 -8.40
N VAL D 9 -56.82 -28.68 -8.23
CA VAL D 9 -56.20 -29.15 -7.00
C VAL D 9 -54.69 -29.31 -7.17
N SER D 10 -54.15 -28.94 -8.33
CA SER D 10 -52.71 -28.95 -8.54
C SER D 10 -52.42 -28.24 -9.85
N LYS D 11 -51.16 -28.24 -10.27
CA LYS D 11 -50.76 -27.78 -11.59
C LYS D 11 -50.24 -28.98 -12.37
N THR D 12 -49.78 -28.73 -13.60
CA THR D 12 -49.44 -29.80 -14.51
C THR D 12 -48.25 -30.61 -13.99
N SER D 13 -47.98 -31.72 -14.67
CA SER D 13 -46.97 -32.70 -14.23
C SER D 13 -46.36 -33.35 -15.46
N LEU D 14 -45.62 -34.45 -15.25
CA LEU D 14 -45.02 -35.23 -16.32
C LEU D 14 -45.27 -36.72 -16.11
N TRP D 15 -45.69 -37.39 -17.17
CA TRP D 15 -45.94 -38.83 -17.15
C TRP D 15 -45.54 -39.43 -18.49
N LYS D 16 -44.98 -40.62 -18.45
CA LYS D 16 -44.75 -41.44 -19.63
C LYS D 16 -45.79 -42.54 -19.70
N GLU D 17 -45.90 -43.16 -20.87
CA GLU D 17 -46.75 -44.33 -21.07
C GLU D 17 -45.85 -45.47 -21.53
N MET D 18 -45.31 -46.20 -20.57
CA MET D 18 -44.39 -47.30 -20.80
C MET D 18 -45.17 -48.58 -21.06
N GLN D 19 -44.56 -49.49 -21.82
CA GLN D 19 -45.17 -50.77 -22.14
C GLN D 19 -44.46 -51.87 -21.37
N TYR D 20 -45.23 -52.66 -20.63
CA TYR D 20 -44.74 -53.83 -19.93
C TYR D 20 -45.33 -55.06 -20.59
N ASN D 21 -44.48 -55.90 -21.16
CA ASN D 21 -44.91 -57.09 -21.90
C ASN D 21 -44.31 -58.29 -21.20
N ARG D 22 -45.00 -58.79 -20.18
CA ARG D 22 -44.57 -59.97 -19.44
C ARG D 22 -45.39 -61.17 -19.90
N ASP D 23 -45.21 -62.29 -19.20
CA ASP D 23 -46.01 -63.48 -19.43
C ASP D 23 -46.47 -64.01 -18.08
N ILE D 24 -47.59 -64.72 -18.12
CA ILE D 24 -48.40 -64.97 -16.94
C ILE D 24 -48.84 -66.42 -16.89
N ILE D 25 -48.90 -66.97 -15.68
CA ILE D 25 -49.37 -68.32 -15.42
C ILE D 25 -50.43 -68.18 -14.34
N ILE D 26 -51.70 -68.23 -14.72
CA ILE D 26 -52.81 -68.15 -13.78
C ILE D 26 -53.28 -69.56 -13.51
N ARG D 27 -53.28 -69.98 -12.24
CA ARG D 27 -53.86 -71.25 -11.85
C ARG D 27 -54.93 -71.02 -10.79
N PHE D 28 -56.03 -71.75 -10.91
CA PHE D 28 -57.20 -71.51 -10.09
C PHE D 28 -57.98 -72.82 -9.94
N LYS D 29 -58.61 -72.98 -8.78
CA LYS D 29 -59.44 -74.15 -8.48
C LYS D 29 -60.85 -73.68 -8.12
N PHE D 30 -61.85 -74.27 -8.74
CA PHE D 30 -63.23 -73.89 -8.50
C PHE D 30 -63.60 -74.13 -7.04
N GLY D 31 -64.78 -73.63 -6.67
CA GLY D 31 -65.34 -73.86 -5.36
C GLY D 31 -66.81 -74.19 -5.43
N ASN D 32 -67.23 -75.15 -4.60
CA ASN D 32 -68.60 -75.64 -4.60
C ASN D 32 -69.12 -75.67 -3.17
N SER D 33 -70.41 -75.37 -3.01
CA SER D 33 -71.09 -75.43 -1.73
C SER D 33 -72.26 -76.38 -1.85
N ILE D 34 -72.37 -77.33 -0.92
CA ILE D 34 -73.42 -78.32 -0.89
C ILE D 34 -74.10 -78.21 0.48
N VAL D 35 -75.43 -78.16 0.49
CA VAL D 35 -76.18 -77.95 1.71
C VAL D 35 -77.35 -78.92 1.76
N LYS D 36 -77.65 -79.42 2.96
CA LYS D 36 -78.75 -80.33 3.16
C LYS D 36 -80.08 -79.57 3.07
N MET D 37 -81.17 -80.30 3.29
CA MET D 37 -82.50 -79.73 3.47
C MET D 37 -83.13 -80.38 4.69
N GLY D 38 -83.89 -79.59 5.43
CA GLY D 38 -84.54 -80.10 6.63
C GLY D 38 -85.46 -81.27 6.32
N GLY D 39 -85.04 -82.47 6.70
CA GLY D 39 -85.84 -83.64 6.39
C GLY D 39 -85.04 -84.92 6.60
N LEU D 40 -85.50 -85.98 5.95
CA LEU D 40 -84.85 -87.27 6.07
C LEU D 40 -83.46 -87.29 5.47
N GLY D 41 -83.16 -86.37 4.56
CA GLY D 41 -81.86 -86.33 3.91
C GLY D 41 -81.85 -86.94 2.53
N TYR D 42 -82.86 -86.59 1.73
CA TYR D 42 -82.92 -86.97 0.32
C TYR D 42 -83.16 -85.79 -0.61
N LYS D 43 -83.44 -84.61 -0.08
CA LYS D 43 -83.59 -83.39 -0.86
C LYS D 43 -82.41 -82.48 -0.56
N TRP D 44 -81.63 -82.15 -1.60
CA TRP D 44 -80.51 -81.24 -1.48
C TRP D 44 -80.95 -79.87 -1.98
N SER D 45 -80.90 -78.86 -1.10
CA SER D 45 -81.44 -77.56 -1.43
C SER D 45 -80.55 -76.82 -2.41
N GLU D 46 -79.24 -76.94 -2.26
CA GLU D 46 -78.31 -76.19 -3.10
C GLU D 46 -77.06 -77.01 -3.36
N ILE D 47 -76.66 -77.07 -4.62
CA ILE D 47 -75.29 -77.44 -4.97
C ILE D 47 -74.85 -76.46 -6.04
N SER D 48 -74.13 -75.42 -5.63
CA SER D 48 -73.84 -74.27 -6.47
C SER D 48 -72.38 -73.88 -6.37
N TYR D 49 -71.88 -73.26 -7.43
CA TYR D 49 -70.55 -72.69 -7.41
C TYR D 49 -70.44 -71.64 -6.30
N LYS D 50 -69.22 -71.39 -5.87
CA LYS D 50 -68.97 -70.39 -4.85
C LYS D 50 -67.58 -69.83 -5.06
N ALA D 51 -67.36 -68.61 -4.55
CA ALA D 51 -66.08 -67.95 -4.70
C ALA D 51 -64.99 -68.78 -4.04
N ALA D 52 -63.94 -69.10 -4.80
CA ALA D 52 -62.86 -69.97 -4.32
C ALA D 52 -61.54 -69.24 -4.45
N ASN D 53 -60.85 -69.06 -3.32
CA ASN D 53 -59.58 -68.36 -3.28
C ASN D 53 -58.42 -69.36 -3.23
N TYR D 54 -57.26 -68.91 -3.69
CA TYR D 54 -56.12 -69.80 -3.82
C TYR D 54 -54.88 -68.95 -4.10
N GLN D 55 -53.78 -69.28 -3.43
CA GLN D 55 -52.51 -68.61 -3.61
C GLN D 55 -51.47 -69.61 -4.08
N TYR D 56 -50.41 -69.10 -4.68
CA TYR D 56 -49.34 -69.95 -5.20
C TYR D 56 -48.17 -69.05 -5.60
N ASN D 57 -47.14 -69.66 -6.18
CA ASN D 57 -46.02 -68.90 -6.70
C ASN D 57 -45.32 -69.73 -7.76
N TYR D 58 -44.48 -69.07 -8.54
CA TYR D 58 -43.76 -69.76 -9.59
C TYR D 58 -42.57 -68.91 -10.02
N LEU D 59 -41.90 -69.35 -11.09
CA LEU D 59 -40.67 -68.75 -11.58
C LEU D 59 -40.93 -68.10 -12.93
N ARG D 60 -40.36 -66.91 -13.13
CA ARG D 60 -40.57 -66.15 -14.36
C ARG D 60 -39.33 -65.28 -14.54
N ASP D 61 -38.41 -65.73 -15.38
CA ASP D 61 -37.12 -65.08 -15.55
C ASP D 61 -36.38 -64.97 -14.22
N GLY D 62 -36.48 -66.00 -13.40
CA GLY D 62 -35.73 -66.05 -12.16
C GLY D 62 -36.48 -65.47 -10.98
N GLU D 63 -36.86 -64.19 -11.08
CA GLU D 63 -37.52 -63.50 -9.98
C GLU D 63 -38.77 -64.24 -9.55
N GLN D 64 -38.77 -64.78 -8.34
CA GLN D 64 -39.89 -65.55 -7.84
C GLN D 64 -41.14 -64.66 -7.79
N VAL D 65 -42.23 -65.17 -8.36
CA VAL D 65 -43.47 -64.42 -8.47
C VAL D 65 -44.52 -65.10 -7.61
N THR D 66 -45.04 -64.38 -6.62
CA THR D 66 -46.12 -64.87 -5.79
C THR D 66 -47.44 -64.29 -6.30
N ALA D 67 -48.43 -65.16 -6.46
CA ALA D 67 -49.70 -64.81 -7.07
C ALA D 67 -50.84 -65.29 -6.19
N HIS D 68 -51.93 -64.53 -6.22
CA HIS D 68 -53.08 -64.76 -5.37
C HIS D 68 -54.31 -64.49 -6.19
N THR D 69 -55.21 -65.47 -6.27
CA THR D 69 -56.36 -65.38 -7.16
C THR D 69 -57.60 -65.94 -6.49
N THR D 70 -58.75 -65.54 -7.02
CA THR D 70 -60.04 -66.02 -6.58
C THR D 70 -60.94 -66.16 -7.79
N CYS D 71 -61.54 -67.33 -7.96
CA CYS D 71 -62.37 -67.63 -9.12
C CYS D 71 -63.83 -67.71 -8.72
N SER D 72 -64.69 -67.34 -9.65
CA SER D 72 -66.13 -67.42 -9.48
C SER D 72 -66.77 -67.51 -10.87
N VAL D 73 -68.10 -67.59 -10.88
CA VAL D 73 -68.86 -67.75 -12.12
C VAL D 73 -69.98 -66.72 -12.15
N ASN D 74 -70.42 -66.43 -13.37
CA ASN D 74 -71.51 -65.50 -13.60
C ASN D 74 -72.27 -65.94 -14.84
N GLY D 75 -73.56 -65.62 -14.88
CA GLY D 75 -74.40 -66.16 -15.93
C GLY D 75 -74.64 -67.64 -15.79
N VAL D 76 -74.49 -68.17 -14.58
CA VAL D 76 -74.60 -69.60 -14.35
C VAL D 76 -76.04 -70.04 -14.56
N ASN D 77 -76.22 -71.08 -15.36
CA ASN D 77 -77.54 -71.70 -15.46
C ASN D 77 -77.83 -72.48 -14.20
N ASN D 78 -79.10 -72.54 -13.83
CA ASN D 78 -79.54 -73.23 -12.62
C ASN D 78 -80.60 -74.26 -13.01
N PHE D 79 -80.20 -75.51 -13.03
CA PHE D 79 -81.10 -76.62 -13.34
C PHE D 79 -81.70 -77.10 -12.03
N SER D 80 -82.78 -77.88 -12.13
CA SER D 80 -83.45 -78.43 -10.96
C SER D 80 -84.00 -79.80 -11.31
N TYR D 81 -83.98 -80.73 -10.36
CA TYR D 81 -84.49 -82.08 -10.59
C TYR D 81 -85.28 -82.56 -9.38
N ASN D 82 -86.36 -83.30 -9.65
CA ASN D 82 -87.26 -83.83 -8.63
C ASN D 82 -87.59 -85.27 -9.01
N GLY D 83 -86.82 -86.23 -8.48
CA GLY D 83 -87.12 -87.61 -8.81
C GLY D 83 -88.37 -88.16 -8.16
N GLY D 84 -88.94 -87.43 -7.20
CA GLY D 84 -90.17 -87.87 -6.58
C GLY D 84 -90.52 -86.92 -5.45
N PHE D 85 -91.80 -86.95 -5.09
CA PHE D 85 -92.34 -85.98 -4.14
C PHE D 85 -92.45 -86.50 -2.72
N LEU D 86 -92.26 -87.79 -2.49
CA LEU D 86 -92.34 -88.33 -1.15
C LEU D 86 -91.15 -87.86 -0.32
N PRO D 87 -91.25 -87.90 1.01
CA PRO D 87 -90.05 -87.65 1.82
C PRO D 87 -88.92 -88.59 1.47
N THR D 88 -89.22 -89.86 1.21
CA THR D 88 -88.20 -90.81 0.84
C THR D 88 -87.55 -90.48 -0.50
N ASP D 89 -88.26 -89.78 -1.37
CA ASP D 89 -87.79 -89.57 -2.73
C ASP D 89 -86.57 -88.63 -2.75
N PHE D 90 -85.86 -88.66 -3.86
CA PHE D 90 -84.62 -87.91 -4.04
C PHE D 90 -84.88 -86.66 -4.86
N GLY D 91 -84.17 -85.58 -4.52
CA GLY D 91 -84.36 -84.34 -5.25
C GLY D 91 -83.21 -83.38 -5.07
N ILE D 92 -83.02 -82.55 -6.08
CA ILE D 92 -82.07 -81.45 -6.04
C ILE D 92 -82.84 -80.19 -6.41
N SER D 93 -83.07 -79.32 -5.43
CA SER D 93 -83.89 -78.14 -5.67
C SER D 93 -83.23 -77.22 -6.69
N ARG D 94 -81.90 -77.13 -6.68
CA ARG D 94 -81.20 -76.30 -7.64
C ARG D 94 -79.73 -76.70 -7.68
N TYR D 95 -79.24 -77.02 -8.87
CA TYR D 95 -77.83 -77.28 -9.10
C TYR D 95 -77.35 -76.44 -10.27
N GLU D 96 -76.17 -75.85 -10.10
CA GLU D 96 -75.64 -74.90 -11.07
C GLU D 96 -74.86 -75.62 -12.16
N VAL D 97 -74.99 -75.12 -13.39
CA VAL D 97 -74.22 -75.58 -14.52
C VAL D 97 -73.78 -74.35 -15.31
N ILE D 98 -72.79 -74.55 -16.17
CA ILE D 98 -72.23 -73.49 -17.00
C ILE D 98 -72.37 -73.90 -18.46
N LYS D 99 -72.79 -72.96 -19.28
CA LYS D 99 -73.07 -73.21 -20.69
C LYS D 99 -72.45 -72.11 -21.54
N GLU D 100 -72.74 -72.12 -22.85
CA GLU D 100 -72.27 -71.04 -23.71
C GLU D 100 -72.77 -69.69 -23.21
N ASN D 101 -73.97 -69.66 -22.63
CA ASN D 101 -74.48 -68.41 -22.09
C ASN D 101 -73.64 -67.89 -20.95
N SER D 102 -72.99 -68.77 -20.21
CA SER D 102 -72.31 -68.40 -18.98
C SER D 102 -70.88 -67.93 -19.25
N TYR D 103 -70.41 -67.01 -18.41
CA TYR D 103 -69.02 -66.60 -18.34
C TYR D 103 -68.44 -67.08 -17.02
N VAL D 104 -67.10 -67.14 -16.96
CA VAL D 104 -66.41 -67.50 -15.73
C VAL D 104 -65.31 -66.47 -15.47
N TYR D 105 -65.25 -65.98 -14.24
CA TYR D 105 -64.34 -64.91 -13.86
C TYR D 105 -63.24 -65.45 -12.96
N VAL D 106 -62.03 -64.93 -13.13
CA VAL D 106 -60.92 -65.24 -12.24
C VAL D 106 -60.21 -63.93 -11.90
N ASP D 107 -60.36 -63.47 -10.67
CA ASP D 107 -59.57 -62.36 -10.17
C ASP D 107 -58.17 -62.85 -9.87
N TYR D 108 -57.17 -62.03 -10.21
CA TYR D 108 -55.78 -62.42 -10.07
C TYR D 108 -54.97 -61.19 -9.68
N TRP D 109 -53.96 -61.38 -8.85
CA TRP D 109 -53.02 -60.29 -8.61
C TRP D 109 -51.69 -60.83 -8.09
N ASP D 110 -50.69 -59.96 -8.18
CA ASP D 110 -49.29 -60.31 -7.99
C ASP D 110 -48.57 -59.07 -7.46
N ASP D 111 -47.47 -59.30 -6.75
CA ASP D 111 -46.66 -58.23 -6.18
C ASP D 111 -45.40 -57.95 -6.99
N SER D 112 -45.46 -58.14 -8.30
CA SER D 112 -44.37 -57.78 -9.18
C SER D 112 -44.49 -56.33 -9.64
N LYS D 113 -43.43 -55.82 -10.27
CA LYS D 113 -43.45 -54.45 -10.75
C LYS D 113 -44.54 -54.23 -11.78
N ALA D 114 -44.65 -55.14 -12.74
CA ALA D 114 -45.59 -54.95 -13.85
C ALA D 114 -47.02 -54.87 -13.34
N PHE D 115 -47.38 -55.74 -12.40
CA PHE D 115 -48.73 -55.70 -11.87
C PHE D 115 -48.92 -54.56 -10.89
N ARG D 116 -47.90 -54.21 -10.11
CA ARG D 116 -48.04 -53.10 -9.18
C ARG D 116 -48.22 -51.78 -9.91
N ASN D 117 -47.71 -51.66 -11.13
CA ASN D 117 -47.89 -50.45 -11.91
C ASN D 117 -49.26 -50.35 -12.56
N ILE D 118 -50.15 -51.31 -12.34
CA ILE D 118 -51.48 -51.22 -12.91
C ILE D 118 -52.37 -50.41 -11.98
N VAL D 119 -52.29 -49.09 -12.09
CA VAL D 119 -53.21 -48.18 -11.44
C VAL D 119 -53.92 -47.30 -12.47
N TYR D 120 -53.19 -46.86 -13.48
CA TYR D 120 -53.72 -46.14 -14.62
C TYR D 120 -53.35 -46.91 -15.87
N VAL D 121 -54.28 -47.04 -16.80
CA VAL D 121 -54.08 -47.87 -17.99
C VAL D 121 -54.74 -47.21 -19.20
N ARG D 122 -54.00 -47.17 -20.31
CA ARG D 122 -54.56 -46.75 -21.58
C ARG D 122 -55.04 -47.92 -22.41
N SER D 123 -54.39 -49.08 -22.27
CA SER D 123 -54.79 -50.27 -23.02
C SER D 123 -54.12 -51.50 -22.43
N LEU D 124 -54.89 -52.57 -22.28
CA LEU D 124 -54.42 -53.81 -21.65
C LEU D 124 -54.94 -54.98 -22.47
N ALA D 125 -54.07 -55.55 -23.30
CA ALA D 125 -54.39 -56.69 -24.13
C ALA D 125 -53.57 -57.89 -23.68
N ALA D 126 -54.04 -59.07 -24.05
CA ALA D 126 -53.37 -60.30 -23.65
C ALA D 126 -54.00 -61.47 -24.38
N ASN D 127 -53.19 -62.50 -24.62
CA ASN D 127 -53.65 -63.75 -25.21
C ASN D 127 -53.28 -64.90 -24.28
N LEU D 128 -54.19 -65.87 -24.18
CA LEU D 128 -54.10 -66.98 -23.24
C LEU D 128 -54.30 -68.29 -24.00
N ASN D 129 -53.82 -69.38 -23.41
CA ASN D 129 -54.06 -70.69 -23.96
C ASN D 129 -55.41 -71.21 -23.50
N SER D 130 -56.25 -71.61 -24.45
CA SER D 130 -57.53 -72.22 -24.09
C SER D 130 -57.29 -73.57 -23.44
N VAL D 131 -58.09 -73.89 -22.42
CA VAL D 131 -57.94 -75.12 -21.65
C VAL D 131 -59.30 -75.77 -21.41
N ARG D 132 -59.25 -77.07 -21.13
CA ARG D 132 -60.44 -77.87 -20.88
C ARG D 132 -60.67 -77.99 -19.38
N CYS D 133 -61.90 -77.77 -18.95
CA CYS D 133 -62.34 -77.98 -17.58
C CYS D 133 -63.24 -79.20 -17.56
N THR D 134 -62.86 -80.19 -16.77
CA THR D 134 -63.58 -81.45 -16.66
C THR D 134 -64.13 -81.62 -15.24
N GLY D 135 -65.25 -82.33 -15.16
CA GLY D 135 -65.96 -82.53 -13.90
C GLY D 135 -65.80 -83.96 -13.42
N GLY D 136 -65.50 -84.09 -12.13
CA GLY D 136 -65.31 -85.38 -11.52
C GLY D 136 -66.63 -86.01 -11.14
N SER D 137 -66.55 -86.98 -10.23
CA SER D 137 -67.71 -87.74 -9.76
C SER D 137 -68.05 -87.34 -8.33
N TYR D 138 -69.33 -87.44 -7.99
CA TYR D 138 -69.82 -87.12 -6.66
C TYR D 138 -70.85 -88.16 -6.25
N HIS D 139 -70.56 -88.87 -5.16
CA HIS D 139 -71.51 -89.81 -4.58
C HIS D 139 -72.48 -89.04 -3.70
N PHE D 140 -73.75 -89.02 -4.09
CA PHE D 140 -74.78 -88.39 -3.26
C PHE D 140 -75.05 -89.30 -2.07
N SER D 141 -74.45 -88.97 -0.93
CA SER D 141 -74.65 -89.76 0.28
C SER D 141 -76.12 -89.79 0.64
N LEU D 142 -76.75 -90.96 0.48
CA LEU D 142 -78.17 -91.14 0.62
C LEU D 142 -78.45 -92.19 1.68
N PRO D 143 -79.22 -91.89 2.74
CA PRO D 143 -79.39 -92.91 3.80
C PRO D 143 -80.33 -94.07 3.46
N VAL D 144 -80.70 -94.26 2.19
CA VAL D 144 -81.42 -95.47 1.80
C VAL D 144 -81.32 -95.60 0.29
N GLY D 145 -81.52 -96.82 -0.20
CA GLY D 145 -81.48 -97.08 -1.62
C GLY D 145 -80.07 -96.95 -2.18
N ALA D 146 -79.99 -97.07 -3.51
CA ALA D 146 -78.70 -97.00 -4.19
C ALA D 146 -78.32 -95.54 -4.39
N TRP D 147 -77.09 -95.20 -4.03
CA TRP D 147 -76.63 -93.83 -4.10
C TRP D 147 -76.64 -93.34 -5.54
N PRO D 148 -77.33 -92.25 -5.87
CA PRO D 148 -77.08 -91.60 -7.16
C PRO D 148 -75.67 -91.04 -7.19
N VAL D 149 -75.10 -91.01 -8.40
CA VAL D 149 -73.76 -90.47 -8.60
C VAL D 149 -73.79 -89.63 -9.87
N ILE D 150 -73.11 -88.48 -9.83
CA ILE D 150 -73.02 -87.59 -10.97
C ILE D 150 -71.68 -87.80 -11.64
N ASN D 151 -71.63 -87.56 -12.95
CA ASN D 151 -70.44 -87.89 -13.73
C ASN D 151 -70.35 -86.94 -14.92
N GLY D 152 -69.16 -86.90 -15.52
CA GLY D 152 -68.96 -86.18 -16.75
C GLY D 152 -68.91 -84.67 -16.55
N GLY D 153 -69.12 -83.97 -17.65
CA GLY D 153 -69.02 -82.52 -17.69
C GLY D 153 -67.70 -82.06 -18.26
N ALA D 154 -67.74 -81.39 -19.41
CA ALA D 154 -66.51 -80.95 -20.06
C ALA D 154 -66.80 -79.66 -20.81
N VAL D 155 -66.01 -78.62 -20.52
CA VAL D 155 -66.12 -77.34 -21.21
C VAL D 155 -64.72 -76.87 -21.56
N SER D 156 -64.66 -75.79 -22.34
CA SER D 156 -63.41 -75.19 -22.74
C SER D 156 -63.51 -73.69 -22.50
N LEU D 157 -62.40 -73.11 -22.03
CA LEU D 157 -62.32 -71.69 -21.74
C LEU D 157 -61.68 -70.97 -22.92
N HIS D 158 -62.34 -69.92 -23.41
CA HIS D 158 -61.78 -69.01 -24.39
C HIS D 158 -61.70 -67.62 -23.76
N PHE D 159 -60.67 -66.88 -24.15
CA PHE D 159 -60.48 -65.54 -23.62
C PHE D 159 -61.61 -64.63 -24.07
N ALA D 160 -62.16 -63.85 -23.14
CA ALA D 160 -63.20 -62.88 -23.43
C ALA D 160 -62.79 -61.45 -23.11
N GLY D 161 -62.11 -61.22 -21.99
CA GLY D 161 -61.66 -59.86 -21.72
C GLY D 161 -60.94 -59.76 -20.39
N VAL D 162 -60.53 -58.53 -20.10
CA VAL D 162 -59.88 -58.20 -18.84
C VAL D 162 -60.57 -56.97 -18.27
N THR D 163 -60.70 -56.92 -16.94
CA THR D 163 -61.39 -55.83 -16.28
C THR D 163 -60.60 -55.39 -15.05
N LEU D 164 -60.77 -54.11 -14.70
CA LEU D 164 -60.13 -53.51 -13.53
C LEU D 164 -61.21 -52.92 -12.64
N SER D 165 -61.54 -53.61 -11.55
CA SER D 165 -62.46 -53.08 -10.57
C SER D 165 -61.67 -52.24 -9.57
N THR D 166 -62.26 -51.12 -9.13
CA THR D 166 -61.58 -50.16 -8.26
C THR D 166 -62.58 -49.60 -7.26
N GLN D 167 -62.56 -50.14 -6.05
CA GLN D 167 -63.37 -49.60 -4.97
C GLN D 167 -62.67 -48.40 -4.33
N PHE D 168 -63.48 -47.44 -3.89
CA PHE D 168 -63.00 -46.20 -3.30
C PHE D 168 -63.58 -46.07 -1.91
N THR D 169 -62.73 -45.73 -0.94
CA THR D 169 -63.20 -45.51 0.44
C THR D 169 -62.32 -44.43 1.06
N ASP D 170 -62.79 -43.18 0.95
CA ASP D 170 -62.08 -42.03 1.49
C ASP D 170 -60.67 -41.91 0.88
N PHE D 171 -60.64 -41.71 -0.43
CA PHE D 171 -59.47 -41.34 -1.21
C PHE D 171 -58.46 -42.46 -1.40
N VAL D 172 -58.63 -43.62 -0.76
CA VAL D 172 -57.73 -44.76 -0.92
C VAL D 172 -58.37 -45.74 -1.88
N SER D 173 -57.56 -46.39 -2.71
CA SER D 173 -58.05 -47.26 -3.77
C SER D 173 -57.81 -48.72 -3.42
N LEU D 174 -58.85 -49.53 -3.58
CA LEU D 174 -58.76 -50.98 -3.44
C LEU D 174 -59.08 -51.56 -4.82
N ASN D 175 -58.05 -51.98 -5.52
CA ASN D 175 -58.17 -52.43 -6.90
C ASN D 175 -58.12 -53.94 -7.01
N SER D 176 -58.55 -54.43 -8.17
CA SER D 176 -58.58 -55.86 -8.44
C SER D 176 -58.66 -56.07 -9.94
N LEU D 177 -57.73 -56.85 -10.48
CA LEU D 177 -57.76 -57.23 -11.89
C LEU D 177 -58.46 -58.56 -12.04
N ARG D 178 -59.31 -58.65 -13.07
CA ARG D 178 -60.19 -59.77 -13.29
C ARG D 178 -60.09 -60.21 -14.74
N PHE D 179 -60.09 -61.52 -14.97
CA PHE D 179 -60.06 -62.09 -16.31
C PHE D 179 -61.41 -62.75 -16.55
N ARG D 180 -62.08 -62.35 -17.63
CA ARG D 180 -63.36 -62.91 -18.02
C ARG D 180 -63.13 -63.90 -19.16
N PHE D 181 -63.61 -65.13 -18.97
CA PHE D 181 -63.50 -66.19 -19.96
C PHE D 181 -64.88 -66.62 -20.42
N SER D 182 -65.07 -66.67 -21.72
CA SER D 182 -66.24 -67.29 -22.31
C SER D 182 -66.05 -68.80 -22.35
N LEU D 183 -67.17 -69.52 -22.52
CA LEU D 183 -67.20 -70.97 -22.43
C LEU D 183 -67.68 -71.56 -23.74
N THR D 184 -67.16 -72.74 -24.06
CA THR D 184 -67.65 -73.53 -25.18
C THR D 184 -67.65 -74.99 -24.76
N VAL D 185 -68.83 -75.61 -24.75
CA VAL D 185 -68.99 -76.93 -24.15
C VAL D 185 -68.28 -77.97 -25.02
N ASP D 186 -68.11 -79.18 -24.47
CA ASP D 186 -67.37 -80.23 -25.15
C ASP D 186 -67.78 -81.56 -24.56
N GLU D 187 -67.62 -82.62 -25.35
CA GLU D 187 -67.87 -83.96 -24.85
C GLU D 187 -66.84 -84.31 -23.77
N PRO D 188 -67.16 -85.29 -22.90
CA PRO D 188 -68.40 -86.05 -22.79
C PRO D 188 -69.47 -85.29 -22.01
N PRO D 189 -70.75 -85.46 -22.34
CA PRO D 189 -71.78 -84.78 -21.57
C PRO D 189 -71.85 -85.30 -20.15
N PHE D 190 -72.27 -84.42 -19.24
CA PHE D 190 -72.44 -84.83 -17.86
C PHE D 190 -73.82 -85.47 -17.70
N SER D 191 -73.95 -86.27 -16.65
CA SER D 191 -75.20 -86.95 -16.38
C SER D 191 -75.24 -87.38 -14.93
N ILE D 192 -76.37 -87.15 -14.28
CA ILE D 192 -76.60 -87.68 -12.95
C ILE D 192 -77.11 -89.11 -13.09
N LEU D 193 -76.37 -90.06 -12.55
CA LEU D 193 -76.65 -91.46 -12.81
C LEU D 193 -77.93 -91.90 -12.09
N ARG D 194 -78.52 -92.98 -12.60
CA ARG D 194 -79.75 -93.54 -12.05
C ARG D 194 -80.84 -92.49 -11.98
N THR D 195 -80.92 -91.66 -13.01
CA THR D 195 -81.76 -90.48 -12.97
C THR D 195 -82.20 -90.13 -14.39
N ARG D 196 -83.22 -89.26 -14.48
CA ARG D 196 -83.73 -88.84 -15.78
C ARG D 196 -82.65 -88.14 -16.60
N THR D 197 -82.16 -87.01 -16.12
CA THR D 197 -81.33 -86.13 -16.94
C THR D 197 -80.01 -86.81 -17.26
N VAL D 198 -79.88 -87.26 -18.49
CA VAL D 198 -78.67 -87.90 -19.00
C VAL D 198 -78.34 -87.29 -20.34
N ASN D 199 -77.05 -87.30 -20.69
CA ASN D 199 -76.57 -86.75 -21.95
C ASN D 199 -76.96 -85.28 -22.10
N LEU D 200 -76.49 -84.48 -21.14
CA LEU D 200 -76.60 -83.04 -21.18
C LEU D 200 -75.21 -82.43 -21.25
N TYR D 201 -75.07 -81.37 -22.04
CA TYR D 201 -73.80 -80.71 -22.24
C TYR D 201 -73.64 -79.58 -21.25
N GLY D 202 -72.52 -79.56 -20.54
CA GLY D 202 -72.28 -78.53 -19.54
C GLY D 202 -71.21 -78.98 -18.56
N LEU D 203 -71.27 -78.40 -17.36
CA LEU D 203 -70.35 -78.76 -16.29
C LEU D 203 -70.97 -78.43 -14.94
N PRO D 204 -71.52 -79.41 -14.21
CA PRO D 204 -72.17 -79.08 -12.93
C PRO D 204 -71.15 -78.72 -11.87
N ALA D 205 -71.67 -78.21 -10.76
CA ALA D 205 -70.84 -77.74 -9.66
C ALA D 205 -70.50 -78.82 -8.65
N ALA D 206 -70.92 -80.07 -8.89
CA ALA D 206 -70.75 -81.11 -7.88
C ALA D 206 -69.27 -81.36 -7.57
N ASN D 207 -68.47 -81.60 -8.61
CA ASN D 207 -67.06 -81.95 -8.45
C ASN D 207 -66.27 -81.34 -9.59
N PRO D 208 -66.16 -80.01 -9.62
CA PRO D 208 -65.45 -79.37 -10.73
C PRO D 208 -63.95 -79.58 -10.70
N ASN D 209 -63.37 -79.74 -9.50
CA ASN D 209 -61.92 -79.91 -9.42
C ASN D 209 -61.47 -81.20 -10.11
N ASN D 210 -62.31 -82.22 -10.12
CA ASN D 210 -61.98 -83.50 -10.74
C ASN D 210 -60.73 -84.12 -10.12
N GLY D 211 -60.54 -83.89 -8.82
CA GLY D 211 -59.37 -84.39 -8.13
C GLY D 211 -58.09 -83.67 -8.45
N ASN D 212 -58.13 -82.61 -9.26
CA ASN D 212 -56.94 -81.85 -9.60
C ASN D 212 -56.76 -80.72 -8.61
N GLU D 213 -55.50 -80.44 -8.27
CA GLU D 213 -55.21 -79.34 -7.36
C GLU D 213 -55.60 -78.01 -7.97
N TYR D 214 -55.38 -77.84 -9.27
CA TYR D 214 -55.66 -76.56 -9.90
C TYR D 214 -55.79 -76.73 -11.40
N TYR D 215 -56.48 -75.79 -12.02
CA TYR D 215 -56.53 -75.64 -13.47
C TYR D 215 -55.62 -74.49 -13.85
N GLU D 216 -54.67 -74.75 -14.74
CA GLU D 216 -53.63 -73.78 -15.10
C GLU D 216 -53.87 -73.25 -16.50
N ILE D 217 -53.47 -72.00 -16.72
CA ILE D 217 -53.49 -71.36 -18.02
C ILE D 217 -52.26 -70.47 -18.14
N SER D 218 -51.67 -70.43 -19.32
CA SER D 218 -50.50 -69.63 -19.61
C SER D 218 -50.86 -68.59 -20.66
N GLY D 219 -50.09 -67.51 -20.70
CA GLY D 219 -50.30 -66.52 -21.74
C GLY D 219 -49.34 -65.36 -21.61
N ARG D 220 -49.56 -64.37 -22.49
CA ARG D 220 -48.77 -63.15 -22.51
C ARG D 220 -49.62 -62.01 -21.97
N PHE D 221 -48.96 -60.98 -21.47
CA PHE D 221 -49.60 -59.94 -20.66
C PHE D 221 -49.01 -58.60 -21.08
N SER D 222 -49.78 -57.83 -21.83
CA SER D 222 -49.35 -56.55 -22.38
C SER D 222 -50.06 -55.41 -21.67
N LEU D 223 -49.30 -54.54 -21.02
CA LEU D 223 -49.82 -53.44 -20.23
C LEU D 223 -49.20 -52.14 -20.74
N ILE D 224 -50.02 -51.10 -20.84
CA ILE D 224 -49.61 -49.82 -21.40
C ILE D 224 -49.85 -48.74 -20.36
N SER D 225 -49.59 -49.06 -19.10
CA SER D 225 -49.84 -48.14 -18.00
C SER D 225 -49.09 -46.82 -18.20
N LEU D 226 -49.44 -45.85 -17.36
CA LEU D 226 -48.93 -44.49 -17.43
C LEU D 226 -48.08 -44.25 -16.19
N VAL D 227 -46.79 -44.50 -16.31
CA VAL D 227 -45.87 -44.45 -15.17
C VAL D 227 -45.72 -43.02 -14.67
N PRO D 228 -45.31 -42.80 -13.42
CA PRO D 228 -44.91 -41.45 -13.00
C PRO D 228 -43.46 -41.13 -13.28
N THR D 229 -42.74 -42.01 -13.96
CA THR D 229 -41.29 -41.95 -13.98
C THR D 229 -40.80 -40.70 -14.72
N ASN D 230 -39.74 -40.10 -14.19
CA ASN D 230 -39.14 -38.92 -14.75
C ASN D 230 -38.46 -39.26 -16.09
N ASP D 231 -37.82 -38.25 -16.68
CA ASP D 231 -36.97 -38.43 -17.86
C ASP D 231 -35.56 -37.91 -17.59
N ASP D 232 -35.11 -38.03 -16.35
CA ASP D 232 -33.78 -37.61 -15.91
C ASP D 232 -33.61 -36.10 -15.90
N TYR D 233 -34.64 -35.35 -16.26
CA TYR D 233 -34.71 -33.92 -15.99
C TYR D 233 -35.48 -33.74 -14.69
N GLN D 234 -35.72 -32.50 -14.28
CA GLN D 234 -36.28 -32.19 -12.97
C GLN D 234 -35.44 -32.85 -11.88
N THR D 235 -34.19 -32.42 -11.82
CA THR D 235 -33.23 -32.98 -10.88
C THR D 235 -32.10 -31.97 -10.75
N PRO D 236 -31.53 -31.78 -9.55
CA PRO D 236 -30.69 -30.61 -9.32
C PRO D 236 -29.44 -30.60 -10.18
N ILE D 237 -28.87 -29.41 -10.30
CA ILE D 237 -27.84 -29.19 -11.30
C ILE D 237 -26.58 -29.99 -10.96
N MET D 238 -26.33 -30.24 -9.68
CA MET D 238 -25.21 -31.09 -9.26
C MET D 238 -25.64 -32.54 -9.08
N ASN D 239 -26.29 -33.06 -10.10
CA ASN D 239 -26.76 -34.45 -10.15
C ASN D 239 -25.64 -35.32 -10.71
N SER D 240 -24.62 -35.55 -9.90
CA SER D 240 -23.52 -36.35 -10.41
C SER D 240 -22.56 -36.69 -9.30
N VAL D 241 -21.87 -37.82 -9.45
CA VAL D 241 -20.59 -38.00 -8.79
C VAL D 241 -19.78 -36.75 -9.09
N THR D 242 -19.13 -36.20 -8.08
CA THR D 242 -19.01 -34.74 -8.03
C THR D 242 -18.25 -34.16 -9.20
N VAL D 243 -16.92 -34.26 -9.16
CA VAL D 243 -16.02 -33.65 -10.13
C VAL D 243 -14.64 -34.19 -9.81
N ARG D 244 -13.83 -34.42 -10.84
CA ARG D 244 -12.38 -34.50 -10.70
C ARG D 244 -11.88 -33.26 -11.42
N GLN D 245 -11.69 -32.18 -10.65
CA GLN D 245 -11.61 -30.85 -11.26
C GLN D 245 -10.45 -30.76 -12.23
N ASP D 246 -9.27 -31.22 -11.80
CA ASP D 246 -8.10 -31.39 -12.66
C ASP D 246 -7.00 -31.89 -11.74
N LEU D 247 -5.87 -32.24 -12.35
CA LEU D 247 -4.59 -32.24 -11.66
C LEU D 247 -3.86 -30.96 -12.03
N GLU D 248 -2.91 -30.56 -11.19
CA GLU D 248 -2.25 -29.28 -11.32
C GLU D 248 -0.74 -29.47 -11.26
N ARG D 249 -0.05 -28.88 -12.23
CA ARG D 249 1.41 -28.94 -12.27
C ARG D 249 2.01 -28.35 -11.01
N GLN D 250 3.22 -28.79 -10.69
CA GLN D 250 3.93 -28.43 -9.47
C GLN D 250 5.27 -27.79 -9.82
N LEU D 251 5.99 -27.38 -8.77
CA LEU D 251 7.31 -26.81 -8.95
C LEU D 251 8.25 -27.79 -9.66
N THR D 252 8.23 -29.05 -9.22
CA THR D 252 9.14 -30.04 -9.79
C THR D 252 8.87 -30.25 -11.27
N ASN D 253 7.60 -30.28 -11.68
CA ASN D 253 7.28 -30.48 -13.08
C ASN D 253 7.49 -29.22 -13.91
N LEU D 254 7.45 -28.05 -13.28
CA LEU D 254 7.31 -26.79 -14.00
C LEU D 254 8.57 -25.92 -14.01
N ARG D 255 9.55 -26.23 -13.16
CA ARG D 255 10.76 -25.40 -13.15
C ARG D 255 11.55 -25.56 -14.44
N GLU D 256 11.55 -26.76 -15.03
CA GLU D 256 12.20 -26.93 -16.33
C GLU D 256 11.43 -26.17 -17.41
N GLU D 257 10.11 -26.09 -17.31
CA GLU D 257 9.35 -25.28 -18.24
C GLU D 257 9.74 -23.82 -18.15
N PHE D 258 9.91 -23.31 -16.93
CA PHE D 258 10.36 -21.92 -16.80
C PHE D 258 11.79 -21.73 -17.30
N ASN D 259 12.66 -22.72 -17.06
CA ASN D 259 14.00 -22.66 -17.63
C ASN D 259 13.94 -22.53 -19.15
N SER D 260 13.13 -23.37 -19.78
CA SER D 260 12.97 -23.31 -21.24
C SER D 260 12.16 -22.11 -21.70
N LEU D 261 11.50 -21.41 -20.78
CA LEU D 261 10.73 -20.22 -21.11
C LEU D 261 11.54 -18.93 -20.95
N SER D 262 12.65 -18.98 -20.22
CA SER D 262 13.43 -17.77 -19.98
C SER D 262 13.98 -17.17 -21.26
N GLN D 263 14.47 -17.99 -22.19
CA GLN D 263 15.26 -17.47 -23.30
C GLN D 263 14.46 -16.56 -24.23
N GLU D 264 13.12 -16.64 -24.20
CA GLU D 264 12.31 -15.73 -25.00
C GLU D 264 12.24 -14.32 -24.42
N ILE D 265 12.79 -14.11 -23.24
CA ILE D 265 12.62 -12.85 -22.51
C ILE D 265 13.58 -11.80 -23.06
N ALA D 266 13.05 -10.64 -23.43
CA ALA D 266 13.87 -9.54 -23.91
C ALA D 266 14.47 -8.80 -22.72
N MET D 267 15.11 -7.66 -22.96
CA MET D 267 15.68 -6.84 -21.89
C MET D 267 15.47 -5.35 -22.03
N ALA D 268 15.10 -4.84 -23.20
CA ALA D 268 14.94 -3.40 -23.36
C ALA D 268 13.67 -2.87 -22.70
N GLN D 269 12.72 -3.77 -22.39
CA GLN D 269 11.44 -3.40 -21.81
C GLN D 269 11.17 -4.09 -20.48
N LEU D 270 11.97 -5.09 -20.11
CA LEU D 270 11.95 -5.57 -18.73
C LEU D 270 12.27 -4.43 -17.78
N ILE D 271 13.10 -3.48 -18.22
CA ILE D 271 13.40 -2.32 -17.39
C ILE D 271 12.14 -1.49 -17.19
N ASP D 272 11.36 -1.28 -18.25
CA ASP D 272 10.12 -0.52 -18.11
C ASP D 272 9.15 -1.23 -17.18
N LEU D 273 9.01 -2.55 -17.36
CA LEU D 273 8.11 -3.32 -16.50
C LEU D 273 8.57 -3.25 -15.05
N ALA D 274 9.88 -3.30 -14.82
CA ALA D 274 10.41 -3.16 -13.47
C ALA D 274 10.11 -1.78 -12.90
N LEU D 275 10.26 -0.74 -13.70
CA LEU D 275 10.01 0.61 -13.22
C LEU D 275 8.56 0.81 -12.83
N LEU D 276 7.63 0.26 -13.61
CA LEU D 276 6.23 0.37 -13.23
C LEU D 276 6.01 -0.34 -11.90
N PRO D 277 5.37 0.31 -10.91
CA PRO D 277 5.19 -0.35 -9.61
C PRO D 277 4.02 -1.33 -9.66
N LEU D 278 4.31 -2.60 -9.42
CA LEU D 278 3.31 -3.66 -9.45
C LEU D 278 2.77 -3.87 -8.05
N ASP D 279 1.49 -3.57 -7.86
CA ASP D 279 0.84 -3.79 -6.59
C ASP D 279 0.09 -5.12 -6.63
N MET D 280 -0.56 -5.46 -5.51
CA MET D 280 -1.30 -6.71 -5.42
C MET D 280 -2.35 -6.79 -6.52
N PHE D 281 -2.98 -5.66 -6.84
CA PHE D 281 -3.92 -5.61 -7.94
C PHE D 281 -3.25 -5.84 -9.29
N SER D 282 -2.17 -5.10 -9.56
CA SER D 282 -1.62 -5.08 -10.90
C SER D 282 -0.96 -6.40 -11.26
N MET D 283 -0.24 -7.00 -10.32
CA MET D 283 0.53 -8.20 -10.68
C MET D 283 -0.39 -9.36 -11.06
N PHE D 284 -1.49 -9.52 -10.33
CA PHE D 284 -2.43 -10.61 -10.57
C PHE D 284 -3.64 -10.18 -11.39
N SER D 285 -3.63 -8.97 -11.94
CA SER D 285 -4.75 -8.55 -12.78
C SER D 285 -4.89 -9.43 -14.01
N GLY D 286 -3.78 -9.75 -14.67
CA GLY D 286 -3.81 -10.36 -15.99
C GLY D 286 -3.45 -11.83 -16.04
N ILE D 287 -3.98 -12.63 -15.12
CA ILE D 287 -3.67 -14.06 -15.06
C ILE D 287 -4.68 -14.80 -15.93
N LYS D 288 -4.24 -15.17 -17.14
CA LYS D 288 -4.91 -16.10 -18.06
C LYS D 288 -6.31 -15.68 -18.52
N SER D 289 -6.81 -14.52 -18.10
CA SER D 289 -8.05 -13.91 -18.60
C SER D 289 -9.28 -14.78 -18.43
N THR D 290 -9.21 -15.90 -17.72
CA THR D 290 -10.40 -16.73 -17.50
C THR D 290 -10.18 -17.74 -16.38
N ILE D 291 -11.01 -17.65 -15.34
CA ILE D 291 -11.01 -18.63 -14.26
C ILE D 291 -12.27 -18.39 -13.43
N ASP D 292 -12.88 -19.48 -12.95
CA ASP D 292 -14.08 -19.38 -12.12
C ASP D 292 -13.77 -19.27 -10.63
N LEU D 293 -12.69 -19.91 -10.17
CA LEU D 293 -12.38 -19.92 -8.74
C LEU D 293 -12.08 -18.51 -8.23
N THR D 294 -10.94 -17.95 -8.65
CA THR D 294 -10.49 -16.62 -8.27
C THR D 294 -10.72 -16.32 -6.78
N LYS D 295 -10.52 -17.33 -5.93
CA LYS D 295 -10.83 -17.20 -4.50
C LYS D 295 -9.66 -16.55 -3.78
N SER D 296 -9.47 -15.26 -4.10
CA SER D 296 -8.41 -14.46 -3.47
C SER D 296 -7.04 -15.07 -3.73
N MET D 297 -6.66 -15.12 -5.00
CA MET D 297 -5.33 -15.62 -5.33
C MET D 297 -4.24 -14.78 -4.66
N ALA D 298 -4.51 -13.51 -4.42
CA ALA D 298 -3.58 -12.68 -3.65
C ALA D 298 -3.34 -13.28 -2.26
N THR D 299 -4.43 -13.58 -1.55
CA THR D 299 -4.28 -14.13 -0.21
C THR D 299 -3.65 -15.52 -0.26
N SER D 300 -4.02 -16.32 -1.25
CA SER D 300 -3.44 -17.65 -1.36
C SER D 300 -1.94 -17.56 -1.57
N VAL D 301 -1.48 -16.61 -2.38
CA VAL D 301 -0.05 -16.42 -2.58
C VAL D 301 0.60 -15.96 -1.29
N MET D 302 -0.03 -15.02 -0.59
CA MET D 302 0.56 -14.49 0.64
C MET D 302 0.69 -15.57 1.70
N LYS D 303 -0.23 -16.53 1.74
CA LYS D 303 -0.20 -17.54 2.77
C LYS D 303 1.08 -18.35 2.72
N LYS D 304 1.46 -18.83 1.54
CA LYS D 304 2.71 -19.55 1.38
C LYS D 304 3.91 -18.62 1.29
N PHE D 305 3.69 -17.34 0.99
CA PHE D 305 4.80 -16.39 0.94
C PHE D 305 5.32 -16.05 2.32
N ARG D 306 4.42 -15.97 3.31
CA ARG D 306 4.85 -15.64 4.67
C ARG D 306 5.80 -16.67 5.24
N LYS D 307 5.79 -17.90 4.75
CA LYS D 307 6.63 -18.97 5.30
C LYS D 307 7.90 -19.19 4.50
N SER D 308 8.15 -18.42 3.44
CA SER D 308 9.36 -18.60 2.66
C SER D 308 10.59 -18.26 3.51
N LYS D 309 11.76 -18.66 3.01
CA LYS D 309 12.99 -18.40 3.75
C LYS D 309 13.23 -16.91 3.91
N LEU D 310 12.86 -16.11 2.90
CA LEU D 310 13.05 -14.68 3.01
C LEU D 310 12.20 -14.10 4.13
N ALA D 311 10.96 -14.53 4.24
CA ALA D 311 10.08 -14.02 5.28
C ALA D 311 10.60 -14.39 6.66
N THR D 312 10.87 -15.67 6.88
CA THR D 312 11.39 -16.08 8.18
C THR D 312 12.78 -15.48 8.43
N SER D 313 13.54 -15.22 7.37
CA SER D 313 14.86 -14.61 7.57
C SER D 313 14.73 -13.18 8.04
N ILE D 314 13.83 -12.39 7.46
CA ILE D 314 13.66 -11.03 7.94
C ILE D 314 13.07 -11.04 9.36
N SER D 315 12.19 -12.00 9.64
CA SER D 315 11.67 -12.11 11.00
C SER D 315 12.78 -12.41 11.98
N GLU D 316 13.70 -13.30 11.61
CA GLU D 316 14.82 -13.62 12.49
C GLU D 316 15.76 -12.43 12.65
N MET D 317 15.97 -11.66 11.58
CA MET D 317 16.81 -10.47 11.70
C MET D 317 16.19 -9.46 12.67
N THR D 318 14.89 -9.21 12.53
CA THR D 318 14.22 -8.29 13.45
C THR D 318 14.28 -8.81 14.87
N ASN D 319 14.04 -10.11 15.05
CA ASN D 319 14.10 -10.70 16.38
C ASN D 319 15.50 -10.57 16.97
N SER D 320 16.54 -10.75 16.13
CA SER D 320 17.90 -10.66 16.64
C SER D 320 18.25 -9.24 17.06
N LEU D 321 17.81 -8.25 16.29
CA LEU D 321 18.05 -6.86 16.70
C LEU D 321 17.30 -6.54 17.99
N SER D 322 16.06 -7.02 18.11
CA SER D 322 15.31 -6.77 19.34
C SER D 322 15.97 -7.45 20.54
N ASP D 323 16.49 -8.67 20.33
CA ASP D 323 17.22 -9.35 21.40
C ASP D 323 18.50 -8.60 21.76
N ALA D 324 19.18 -8.05 20.75
CA ALA D 324 20.39 -7.28 21.04
C ALA D 324 20.05 -6.06 21.88
N ALA D 325 18.95 -5.39 21.55
CA ALA D 325 18.51 -4.26 22.36
C ALA D 325 18.14 -4.68 23.77
N SER D 326 17.47 -5.83 23.91
CA SER D 326 17.04 -6.35 25.20
C SER D 326 18.13 -7.15 25.89
N SER D 327 19.36 -7.16 25.36
CA SER D 327 20.49 -7.79 26.00
C SER D 327 21.39 -6.72 26.61
N ALA D 328 21.71 -6.87 27.89
CA ALA D 328 22.58 -5.94 28.61
C ALA D 328 22.02 -4.52 28.55
N ASN D 359 39.38 -16.19 4.91
CA ASN D 359 39.55 -14.74 4.96
C ASN D 359 38.47 -14.09 5.83
N ASP D 360 38.92 -13.49 6.93
CA ASP D 360 37.98 -12.87 7.86
C ASP D 360 37.18 -11.77 7.18
N ILE D 361 37.84 -10.95 6.36
CA ILE D 361 37.14 -9.86 5.68
C ILE D 361 36.08 -10.42 4.75
N SER D 362 36.43 -11.46 3.98
CA SER D 362 35.46 -12.03 3.05
C SER D 362 34.28 -12.62 3.79
N THR D 363 34.52 -13.33 4.90
CA THR D 363 33.41 -13.92 5.64
C THR D 363 32.51 -12.84 6.22
N GLN D 364 33.11 -11.81 6.81
CA GLN D 364 32.32 -10.71 7.38
C GLN D 364 31.49 -10.03 6.30
N THR D 365 32.09 -9.79 5.15
CA THR D 365 31.36 -9.13 4.08
C THR D 365 30.27 -10.03 3.51
N SER D 366 30.49 -11.35 3.50
CA SER D 366 29.42 -12.25 3.06
C SER D 366 28.23 -12.17 4.00
N THR D 367 28.48 -12.17 5.31
CA THR D 367 27.38 -12.04 6.27
C THR D 367 26.67 -10.71 6.09
N ILE D 368 27.44 -9.64 5.93
CA ILE D 368 26.84 -8.32 5.73
C ILE D 368 26.04 -8.29 4.45
N GLY D 369 26.49 -9.01 3.42
CA GLY D 369 25.75 -9.05 2.17
C GLY D 369 24.42 -9.77 2.31
N LYS D 370 24.41 -10.88 3.05
CA LYS D 370 23.14 -11.54 3.33
C LYS D 370 22.18 -10.60 4.05
N LYS D 371 22.70 -9.92 5.09
CA LYS D 371 21.87 -8.98 5.82
C LYS D 371 21.36 -7.88 4.90
N LEU D 372 22.20 -7.41 3.99
CA LEU D 372 21.79 -6.35 3.08
C LEU D 372 20.74 -6.82 2.09
N ARG D 373 20.80 -8.08 1.69
CA ARG D 373 19.73 -8.60 0.83
C ARG D 373 18.41 -8.58 1.58
N LEU D 374 18.43 -8.98 2.86
CA LEU D 374 17.22 -8.89 3.66
C LEU D 374 16.73 -7.45 3.78
N LYS D 375 17.67 -6.51 4.01
CA LYS D 375 17.30 -5.11 4.11
C LYS D 375 16.68 -4.60 2.81
N GLU D 376 17.24 -5.00 1.67
CA GLU D 376 16.69 -4.60 0.39
C GLU D 376 15.24 -5.08 0.27
N MET D 377 15.00 -6.33 0.65
CA MET D 377 13.62 -6.83 0.61
C MET D 377 12.72 -5.99 1.52
N ILE D 378 13.21 -5.64 2.71
CA ILE D 378 12.36 -4.97 3.69
C ILE D 378 12.02 -3.56 3.23
N THR D 379 13.01 -2.78 2.81
CA THR D 379 12.89 -1.34 2.74
C THR D 379 12.55 -0.86 1.32
N GLN D 380 12.42 0.46 1.19
CA GLN D 380 12.01 1.13 -0.05
C GLN D 380 13.21 1.91 -0.58
N THR D 381 13.91 1.34 -1.54
CA THR D 381 15.10 1.93 -2.13
C THR D 381 14.74 2.65 -3.43
N GLU D 382 15.46 3.75 -3.70
CA GLU D 382 15.25 4.55 -4.88
C GLU D 382 16.07 4.09 -6.08
N GLY D 383 16.89 3.06 -5.92
CA GLY D 383 17.63 2.48 -7.03
C GLY D 383 16.82 1.46 -7.78
N MET D 384 17.49 0.72 -8.65
CA MET D 384 16.79 -0.29 -9.42
C MET D 384 16.43 -1.50 -8.57
N SER D 385 17.19 -1.77 -7.51
CA SER D 385 16.70 -2.73 -6.51
C SER D 385 16.47 -4.12 -7.07
N PHE D 386 17.51 -4.94 -7.21
CA PHE D 386 17.49 -6.26 -7.84
C PHE D 386 16.17 -7.00 -7.71
N ASP D 387 15.58 -6.95 -6.51
CA ASP D 387 14.25 -7.51 -6.29
C ASP D 387 13.24 -6.97 -7.30
N ASP D 388 13.39 -5.71 -7.71
CA ASP D 388 12.56 -5.14 -8.77
C ASP D 388 12.70 -5.95 -10.06
N ILE D 389 13.92 -6.22 -10.49
CA ILE D 389 14.11 -6.98 -11.72
C ILE D 389 13.54 -8.39 -11.54
N SER D 390 13.72 -8.96 -10.36
CA SER D 390 13.18 -10.29 -10.10
C SER D 390 11.66 -10.28 -10.24
N ALA D 391 11.00 -9.27 -9.69
CA ALA D 391 9.55 -9.19 -9.80
C ALA D 391 9.11 -8.97 -11.25
N ALA D 392 9.86 -8.15 -12.00
CA ALA D 392 9.50 -7.93 -13.39
C ALA D 392 9.60 -9.22 -14.20
N VAL D 393 10.69 -9.96 -14.01
CA VAL D 393 10.86 -11.21 -14.73
C VAL D 393 9.79 -12.20 -14.31
N LEU D 394 9.46 -12.23 -13.02
CA LEU D 394 8.40 -13.11 -12.53
C LEU D 394 7.08 -12.77 -13.20
N LYS D 395 6.76 -11.48 -13.28
CA LYS D 395 5.48 -11.07 -13.88
C LYS D 395 5.44 -11.47 -15.35
N THR D 396 6.53 -11.24 -16.08
CA THR D 396 6.55 -11.59 -17.49
C THR D 396 6.39 -13.10 -17.69
N LYS D 397 7.14 -13.89 -16.92
CA LYS D 397 7.06 -15.33 -17.03
C LYS D 397 5.67 -15.83 -16.68
N ILE D 398 5.07 -15.29 -15.61
CA ILE D 398 3.75 -15.71 -15.19
C ILE D 398 2.73 -15.36 -16.27
N ASP D 399 2.82 -14.16 -16.84
CA ASP D 399 1.84 -13.74 -17.83
C ASP D 399 1.93 -14.60 -19.08
N MET D 400 3.15 -14.85 -19.59
CA MET D 400 3.25 -15.58 -20.83
C MET D 400 2.95 -17.07 -20.63
N SER D 401 3.41 -17.64 -19.53
CA SER D 401 3.14 -19.05 -19.28
C SER D 401 1.65 -19.29 -19.11
N THR D 402 1.17 -20.41 -19.66
CA THR D 402 -0.26 -20.73 -19.70
C THR D 402 -0.56 -22.00 -18.91
N GLN D 403 0.23 -22.27 -17.87
CA GLN D 403 0.04 -23.43 -17.00
C GLN D 403 0.18 -22.93 -15.56
N ILE D 404 -0.92 -22.47 -14.98
CA ILE D 404 -0.92 -21.90 -13.65
C ILE D 404 -2.14 -22.42 -12.88
N GLY D 405 -1.93 -23.43 -12.05
CA GLY D 405 -2.98 -24.01 -11.24
C GLY D 405 -3.22 -23.23 -9.97
N LYS D 406 -4.03 -23.83 -9.08
CA LYS D 406 -4.30 -23.21 -7.79
C LYS D 406 -3.04 -23.13 -6.95
N ASN D 407 -2.24 -24.19 -6.95
CA ASN D 407 -1.04 -24.30 -6.11
C ASN D 407 0.23 -24.09 -6.91
N THR D 408 0.22 -23.14 -7.85
CA THR D 408 1.40 -22.77 -8.61
C THR D 408 1.89 -21.37 -8.31
N LEU D 409 1.01 -20.36 -8.45
CA LEU D 409 1.39 -19.01 -8.03
C LEU D 409 1.81 -18.99 -6.57
N PRO D 410 1.06 -19.57 -5.63
CA PRO D 410 1.69 -19.96 -4.38
C PRO D 410 2.74 -21.01 -4.67
N ASP D 411 3.88 -20.87 -4.01
CA ASP D 411 5.04 -21.75 -4.14
C ASP D 411 5.81 -21.51 -5.43
N ILE D 412 5.43 -20.55 -6.27
CA ILE D 412 6.34 -20.02 -7.25
C ILE D 412 6.66 -18.55 -7.02
N VAL D 413 5.75 -17.76 -6.46
CA VAL D 413 6.13 -16.41 -6.06
C VAL D 413 7.18 -16.48 -4.96
N THR D 414 7.06 -17.46 -4.08
CA THR D 414 8.08 -17.66 -3.06
C THR D 414 9.43 -17.96 -3.70
N GLU D 415 9.46 -18.89 -4.66
CA GLU D 415 10.72 -19.23 -5.31
C GLU D 415 11.29 -18.04 -6.06
N ALA D 416 10.44 -17.27 -6.73
CA ALA D 416 10.90 -16.07 -7.39
C ALA D 416 11.46 -15.06 -6.41
N SER D 417 11.02 -15.12 -5.15
CA SER D 417 11.65 -14.31 -4.12
C SER D 417 12.99 -14.91 -3.68
N GLU D 418 13.09 -16.23 -3.65
CA GLU D 418 14.26 -16.89 -3.09
C GLU D 418 15.42 -16.94 -4.08
N LYS D 419 15.22 -17.62 -5.21
CA LYS D 419 16.30 -18.04 -6.09
C LYS D 419 16.60 -17.06 -7.21
N PHE D 420 15.75 -16.08 -7.47
CA PHE D 420 16.02 -15.13 -8.54
C PHE D 420 17.18 -14.23 -8.13
N ILE D 421 18.22 -14.18 -8.94
CA ILE D 421 19.41 -13.37 -8.68
C ILE D 421 19.97 -13.80 -7.33
N PRO D 422 20.52 -15.01 -7.20
CA PRO D 422 21.09 -15.40 -5.91
C PRO D 422 22.26 -14.53 -5.49
N LYS D 423 23.06 -14.06 -6.44
CA LYS D 423 24.25 -13.27 -6.17
C LYS D 423 24.00 -11.83 -6.59
N ARG D 424 24.31 -10.89 -5.71
CA ARG D 424 24.12 -9.48 -5.98
C ARG D 424 25.05 -8.69 -5.08
N SER D 425 25.11 -7.37 -5.33
CA SER D 425 26.05 -6.50 -4.64
C SER D 425 25.35 -5.19 -4.26
N TYR D 426 25.94 -4.49 -3.30
CA TYR D 426 25.38 -3.26 -2.77
C TYR D 426 26.47 -2.23 -2.61
N ARG D 427 26.05 -0.97 -2.47
CA ARG D 427 26.95 0.17 -2.37
C ARG D 427 26.54 1.05 -1.20
N ILE D 428 27.54 1.69 -0.60
CA ILE D 428 27.33 2.79 0.33
C ILE D 428 28.12 3.96 -0.20
N LEU D 429 27.42 5.04 -0.56
CA LEU D 429 28.07 6.25 -1.00
C LEU D 429 28.49 7.08 0.19
N LYS D 430 29.68 7.67 0.12
CA LYS D 430 30.17 8.46 1.25
C LYS D 430 31.25 9.41 0.77
N ASP D 431 30.97 10.71 0.86
CA ASP D 431 31.91 11.83 0.72
C ASP D 431 32.93 11.61 -0.40
N ASP D 432 32.41 11.53 -1.63
CA ASP D 432 33.19 11.45 -2.87
C ASP D 432 33.74 10.05 -3.11
N GLU D 433 33.51 9.10 -2.21
CA GLU D 433 33.95 7.71 -2.35
C GLU D 433 32.72 6.81 -2.32
N VAL D 434 32.95 5.54 -2.61
CA VAL D 434 31.90 4.52 -2.62
C VAL D 434 32.51 3.25 -2.08
N MET D 435 31.75 2.52 -1.27
CA MET D 435 32.16 1.23 -0.72
C MET D 435 31.18 0.18 -1.18
N GLU D 436 31.64 -0.77 -1.99
CA GLU D 436 30.78 -1.79 -2.56
C GLU D 436 31.10 -3.15 -1.94
N ILE D 437 30.05 -3.94 -1.74
CA ILE D 437 30.11 -5.25 -1.11
C ILE D 437 29.35 -6.24 -1.99
N ASN D 438 29.72 -7.51 -1.85
CA ASN D 438 29.10 -8.59 -2.61
C ASN D 438 28.77 -9.75 -1.68
N THR D 439 27.66 -10.43 -1.97
CA THR D 439 27.25 -11.57 -1.16
C THR D 439 28.25 -12.72 -1.27
N GLU D 440 28.91 -12.86 -2.42
CA GLU D 440 29.92 -13.90 -2.58
C GLU D 440 31.07 -13.68 -1.62
N GLY D 441 31.49 -12.43 -1.44
CA GLY D 441 32.62 -12.09 -0.59
C GLY D 441 33.45 -10.95 -1.12
N LYS D 442 33.24 -10.58 -2.39
CA LYS D 442 34.00 -9.50 -2.98
C LYS D 442 33.68 -8.18 -2.31
N PHE D 443 34.64 -7.26 -2.34
CA PHE D 443 34.49 -5.97 -1.69
C PHE D 443 35.48 -5.00 -2.30
N PHE D 444 34.99 -3.84 -2.71
CA PHE D 444 35.82 -2.80 -3.29
C PHE D 444 35.47 -1.47 -2.66
N ALA D 445 36.33 -0.48 -2.91
CA ALA D 445 36.02 0.90 -2.56
C ALA D 445 36.74 1.80 -3.55
N TYR D 446 36.02 2.77 -4.09
CA TYR D 446 36.55 3.58 -5.18
C TYR D 446 35.98 4.97 -5.16
N LYS D 447 36.77 5.91 -5.68
CA LYS D 447 36.32 7.29 -5.79
C LYS D 447 35.16 7.39 -6.77
N ILE D 448 34.29 8.37 -6.53
CA ILE D 448 33.06 8.47 -7.30
C ILE D 448 33.23 9.30 -8.57
N ASN D 449 34.18 10.23 -8.59
CA ASN D 449 34.37 11.08 -9.77
C ASN D 449 35.23 10.37 -10.81
N THR D 450 36.37 9.83 -10.38
CA THR D 450 37.21 8.98 -11.21
C THR D 450 37.28 7.61 -10.55
N PHE D 451 36.98 6.57 -11.32
CA PHE D 451 36.85 5.22 -10.78
C PHE D 451 38.23 4.61 -10.65
N ASP D 452 38.84 4.80 -9.48
CA ASP D 452 40.12 4.18 -9.13
C ASP D 452 40.02 3.72 -7.69
N GLU D 453 40.14 2.41 -7.46
CA GLU D 453 39.80 1.89 -6.16
C GLU D 453 40.80 2.35 -5.11
N VAL D 454 40.33 2.48 -3.88
CA VAL D 454 41.11 2.99 -2.76
C VAL D 454 41.06 1.95 -1.65
N PRO D 455 41.90 2.03 -0.62
CA PRO D 455 41.90 0.99 0.41
C PRO D 455 40.57 0.91 1.13
N PHE D 456 40.15 -0.32 1.43
CA PHE D 456 38.87 -0.58 2.06
C PHE D 456 39.00 -0.51 3.57
N ASP D 457 37.86 -0.32 4.23
CA ASP D 457 37.79 -0.25 5.69
C ASP D 457 36.53 -1.00 6.12
N VAL D 458 36.70 -2.27 6.50
CA VAL D 458 35.55 -3.10 6.84
C VAL D 458 34.87 -2.59 8.09
N ASN D 459 35.64 -2.07 9.05
CA ASN D 459 35.03 -1.54 10.27
C ASN D 459 34.14 -0.34 9.96
N LYS D 460 34.65 0.58 9.13
CA LYS D 460 33.84 1.71 8.71
C LYS D 460 32.61 1.26 7.95
N PHE D 461 32.75 0.25 7.08
CA PHE D 461 31.62 -0.22 6.32
C PHE D 461 30.56 -0.83 7.22
N ALA D 462 30.98 -1.63 8.20
CA ALA D 462 30.01 -2.22 9.13
C ALA D 462 29.32 -1.15 9.96
N GLU D 463 30.07 -0.12 10.35
CA GLU D 463 29.45 1.02 11.04
C GLU D 463 28.39 1.67 10.15
N LEU D 464 28.74 1.99 8.92
CA LEU D 464 27.89 2.79 8.06
C LEU D 464 26.71 2.02 7.48
N VAL D 465 26.82 0.71 7.35
CA VAL D 465 25.78 -0.05 6.65
C VAL D 465 24.48 -0.05 7.44
N THR D 466 24.54 0.02 8.76
CA THR D 466 23.33 -0.03 9.57
C THR D 466 22.48 1.23 9.43
N ASP D 467 23.10 2.37 9.17
CA ASP D 467 22.40 3.66 9.17
C ASP D 467 22.24 4.24 7.77
N SER D 468 23.32 4.32 6.98
CA SER D 468 23.24 4.98 5.70
C SER D 468 22.42 4.13 4.72
N PRO D 469 21.85 4.75 3.68
CA PRO D 469 21.06 3.98 2.71
C PRO D 469 21.95 3.21 1.76
N VAL D 470 21.46 2.05 1.34
CA VAL D 470 22.21 1.11 0.52
C VAL D 470 21.70 1.19 -0.91
N ILE D 471 22.61 1.25 -1.87
CA ILE D 471 22.29 1.35 -3.29
C ILE D 471 22.52 -0.02 -3.90
N SER D 472 21.44 -0.65 -4.39
CA SER D 472 21.57 -1.93 -5.04
C SER D 472 22.43 -1.82 -6.28
N ALA D 473 23.62 -2.43 -6.27
CA ALA D 473 24.57 -2.27 -7.37
C ALA D 473 24.16 -3.15 -8.54
N ILE D 474 23.11 -2.69 -9.24
CA ILE D 474 22.66 -3.34 -10.45
C ILE D 474 23.77 -3.39 -11.50
N ILE D 475 24.67 -2.42 -11.47
CA ILE D 475 25.56 -2.08 -12.57
C ILE D 475 27.00 -2.14 -12.12
N ASP D 476 27.35 -3.15 -11.31
CA ASP D 476 28.46 -3.12 -10.35
C ASP D 476 29.81 -2.64 -10.86
N PHE D 477 30.71 -2.35 -9.91
CA PHE D 477 31.98 -1.71 -10.21
C PHE D 477 32.78 -2.47 -11.25
N LYS D 478 32.64 -3.79 -11.29
CA LYS D 478 33.26 -4.57 -12.35
C LYS D 478 32.83 -4.04 -13.72
N THR D 479 31.58 -3.58 -13.82
CA THR D 479 31.05 -3.02 -15.05
C THR D 479 31.33 -1.52 -15.18
N LEU D 480 31.30 -0.78 -14.07
CA LEU D 480 31.64 0.64 -14.16
C LEU D 480 33.05 0.85 -14.68
N LYS D 481 34.01 0.05 -14.21
CA LYS D 481 35.39 0.26 -14.65
C LYS D 481 35.50 0.12 -16.16
N ASN D 482 34.98 -0.98 -16.69
CA ASN D 482 35.01 -1.20 -18.14
C ASN D 482 34.28 -0.09 -18.87
N LEU D 483 33.10 0.28 -18.37
CA LEU D 483 32.26 1.21 -19.12
C LEU D 483 32.85 2.60 -19.12
N ASN D 484 33.29 3.09 -17.97
CA ASN D 484 33.92 4.41 -17.92
C ASN D 484 35.21 4.43 -18.73
N ASP D 485 36.03 3.38 -18.62
CA ASP D 485 37.31 3.39 -19.32
C ASP D 485 37.12 3.40 -20.84
N ASN D 486 36.22 2.55 -21.35
CA ASN D 486 36.04 2.49 -22.80
C ASN D 486 35.11 3.59 -23.28
N TYR D 487 33.85 3.56 -22.86
CA TYR D 487 32.88 4.59 -23.20
C TYR D 487 33.05 5.72 -22.20
N GLY D 488 33.72 6.80 -22.58
CA GLY D 488 33.90 7.90 -21.67
C GLY D 488 32.56 8.48 -21.24
N ILE D 489 32.35 8.57 -19.92
CA ILE D 489 31.08 9.01 -19.36
C ILE D 489 31.29 10.34 -18.66
N THR D 490 30.23 11.13 -18.60
CA THR D 490 30.25 12.39 -17.87
C THR D 490 30.03 12.14 -16.38
N ARG D 491 30.33 13.18 -15.60
CA ARG D 491 30.17 13.06 -14.15
C ARG D 491 28.73 12.78 -13.77
N THR D 492 27.78 13.47 -14.40
CA THR D 492 26.38 13.31 -14.04
C THR D 492 25.89 11.90 -14.33
N GLU D 493 26.14 11.41 -15.54
CA GLU D 493 25.70 10.06 -15.90
C GLU D 493 26.38 9.01 -15.04
N ALA D 494 27.69 9.17 -14.78
CA ALA D 494 28.39 8.21 -13.95
C ALA D 494 27.83 8.20 -12.53
N LEU D 495 27.59 9.37 -11.96
CA LEU D 495 27.06 9.45 -10.61
C LEU D 495 25.68 8.81 -10.54
N ASN D 496 24.85 9.04 -11.55
CA ASN D 496 23.51 8.48 -11.52
C ASN D 496 23.52 6.97 -11.72
N LEU D 497 24.44 6.46 -12.55
CA LEU D 497 24.57 5.02 -12.66
C LEU D 497 25.03 4.42 -11.33
N ILE D 498 25.94 5.10 -10.64
CA ILE D 498 26.36 4.63 -9.32
C ILE D 498 25.16 4.62 -8.37
N LYS D 499 24.35 5.67 -8.40
CA LYS D 499 23.12 5.72 -7.63
C LYS D 499 22.02 4.82 -8.18
N SER D 500 22.28 4.08 -9.26
CA SER D 500 21.31 3.17 -9.85
C SER D 500 20.06 3.93 -10.29
N ASN D 501 20.25 5.08 -10.90
CA ASN D 501 19.13 5.89 -11.32
C ASN D 501 18.45 5.25 -12.53
N PRO D 502 17.16 4.92 -12.47
CA PRO D 502 16.51 4.33 -13.65
C PRO D 502 16.56 5.24 -14.86
N ASN D 503 16.56 6.56 -14.65
CA ASN D 503 16.61 7.48 -15.77
C ASN D 503 17.84 7.22 -16.64
N MET D 504 19.03 7.23 -16.02
CA MET D 504 20.23 7.03 -16.80
C MET D 504 20.41 5.58 -17.22
N LEU D 505 19.93 4.62 -16.44
CA LEU D 505 20.03 3.23 -16.87
C LEU D 505 19.22 3.01 -18.14
N ARG D 506 17.98 3.51 -18.17
CA ARG D 506 17.17 3.38 -19.38
C ARG D 506 17.73 4.23 -20.51
N ASN D 507 18.35 5.37 -20.19
CA ASN D 507 19.03 6.15 -21.22
C ASN D 507 20.13 5.33 -21.88
N PHE D 508 20.92 4.63 -21.08
CA PHE D 508 22.01 3.83 -21.65
C PHE D 508 21.47 2.66 -22.46
N ILE D 509 20.41 2.01 -21.99
CA ILE D 509 19.86 0.92 -22.77
C ILE D 509 19.25 1.43 -24.07
N ASN D 510 18.65 2.62 -24.03
CA ASN D 510 18.15 3.23 -25.27
C ASN D 510 19.30 3.52 -26.23
N GLN D 511 20.44 3.98 -25.71
CA GLN D 511 21.64 4.10 -26.53
C GLN D 511 22.07 2.74 -27.07
N ASN D 512 21.72 1.67 -26.35
CA ASN D 512 22.06 0.31 -26.76
C ASN D 512 23.57 0.12 -26.84
N ASN D 513 24.21 0.23 -25.67
CA ASN D 513 25.65 -0.04 -25.59
C ASN D 513 25.87 -1.46 -25.07
N PRO D 514 26.89 -2.14 -25.60
CA PRO D 514 26.99 -3.58 -25.35
C PRO D 514 27.29 -3.92 -23.92
N ILE D 515 28.01 -3.08 -23.19
CA ILE D 515 28.37 -3.43 -21.82
C ILE D 515 27.13 -3.52 -20.94
N ILE D 516 26.29 -2.49 -20.99
CA ILE D 516 25.07 -2.52 -20.21
C ILE D 516 24.12 -3.59 -20.71
N ARG D 517 24.02 -3.75 -22.03
CA ARG D 517 23.14 -4.79 -22.56
C ARG D 517 23.57 -6.16 -22.05
N ASN D 518 24.86 -6.43 -22.08
CA ASN D 518 25.39 -7.71 -21.63
C ASN D 518 25.11 -7.91 -20.15
N ARG D 519 25.32 -6.87 -19.33
CA ARG D 519 25.11 -7.07 -17.90
C ARG D 519 23.64 -7.31 -17.58
N ILE D 520 22.74 -6.55 -18.21
CA ILE D 520 21.31 -6.76 -17.94
C ILE D 520 20.89 -8.15 -18.40
N GLU D 521 21.41 -8.60 -19.54
CA GLU D 521 21.10 -9.96 -19.97
C GLU D 521 21.68 -10.99 -19.01
N GLN D 522 22.84 -10.70 -18.42
CA GLN D 522 23.41 -11.60 -17.43
C GLN D 522 22.51 -11.72 -16.22
N LEU D 523 21.96 -10.61 -15.73
CA LEU D 523 21.05 -10.67 -14.60
C LEU D 523 19.77 -11.43 -14.96
N ILE D 524 19.21 -11.16 -16.13
CA ILE D 524 17.99 -11.85 -16.53
C ILE D 524 18.24 -13.34 -16.64
N LEU D 525 19.44 -13.72 -17.12
CA LEU D 525 19.81 -15.14 -17.12
C LEU D 525 19.94 -15.67 -15.70
N GLN D 526 20.50 -14.87 -14.79
CA GLN D 526 20.64 -15.29 -13.41
C GLN D 526 19.28 -15.50 -12.75
N CYS D 527 18.22 -14.95 -13.32
CA CYS D 527 16.86 -15.18 -12.82
C CYS D 527 16.29 -16.55 -13.24
N LYS D 528 17.13 -17.51 -13.63
CA LYS D 528 16.64 -18.70 -14.32
C LYS D 528 15.76 -19.56 -13.41
N LEU D 529 16.08 -19.64 -12.12
CA LEU D 529 15.45 -20.61 -11.23
C LEU D 529 15.62 -22.02 -11.79
N ALA E 2 11.44 2.56 11.70
CA ALA E 2 10.72 1.86 12.76
C ALA E 2 9.34 2.47 12.99
N SER E 3 9.20 3.77 12.69
CA SER E 3 7.91 4.42 12.79
C SER E 3 6.93 3.97 11.73
N LEU E 4 7.40 3.22 10.73
CA LEU E 4 6.52 2.78 9.65
C LEU E 4 5.34 1.98 10.15
N ILE E 5 5.46 1.33 11.32
CA ILE E 5 4.41 0.43 11.75
C ILE E 5 3.16 1.21 12.16
N TYR E 6 3.32 2.37 12.80
CA TYR E 6 2.14 3.14 13.16
C TYR E 6 1.39 3.60 11.92
N ARG E 7 2.12 4.07 10.91
CA ARG E 7 1.47 4.42 9.65
C ARG E 7 0.78 3.20 9.04
N GLN E 8 1.42 2.03 9.13
CA GLN E 8 0.81 0.84 8.57
C GLN E 8 -0.47 0.47 9.31
N LEU E 9 -0.46 0.60 10.65
CA LEU E 9 -1.67 0.34 11.42
C LEU E 9 -2.79 1.26 11.00
N LEU E 10 -2.52 2.56 10.95
CA LEU E 10 -3.58 3.51 10.58
C LEU E 10 -4.08 3.25 9.18
N THR E 11 -3.17 3.03 8.23
CA THR E 11 -3.57 2.84 6.84
C THR E 11 -4.39 1.57 6.67
N ASN E 12 -3.93 0.46 7.26
CA ASN E 12 -4.58 -0.82 7.10
C ASN E 12 -5.72 -1.04 8.09
N SER E 13 -6.05 -0.01 8.88
CA SER E 13 -7.09 -0.17 9.89
C SER E 13 -8.46 -0.47 9.31
N TYR E 14 -8.67 -0.24 8.01
CA TYR E 14 -9.98 -0.45 7.42
C TYR E 14 -10.45 -1.89 7.56
N SER E 15 -9.52 -2.85 7.59
CA SER E 15 -9.90 -4.25 7.63
C SER E 15 -10.57 -4.65 8.94
N VAL E 16 -10.44 -3.83 9.99
CA VAL E 16 -11.12 -4.14 11.23
C VAL E 16 -12.63 -4.14 11.03
N ASP E 17 -13.11 -3.36 10.06
CA ASP E 17 -14.55 -3.35 9.78
C ASP E 17 -15.02 -4.74 9.35
N LEU E 18 -14.35 -5.33 8.37
CA LEU E 18 -14.77 -6.67 7.94
C LEU E 18 -14.40 -7.73 8.96
N TYR E 19 -13.43 -7.48 9.84
CA TYR E 19 -13.18 -8.42 10.92
C TYR E 19 -14.32 -8.43 11.94
N ASP E 20 -14.79 -7.25 12.35
CA ASP E 20 -15.95 -7.24 13.22
C ASP E 20 -17.18 -7.74 12.49
N GLU E 21 -17.22 -7.61 11.17
CA GLU E 21 -18.28 -8.24 10.40
C GLU E 21 -18.22 -9.76 10.53
N ILE E 22 -17.01 -10.33 10.48
CA ILE E 22 -16.86 -11.76 10.78
C ILE E 22 -17.42 -12.06 12.15
N GLU E 23 -17.03 -11.26 13.14
CA GLU E 23 -17.41 -11.56 14.52
C GLU E 23 -18.92 -11.54 14.70
N GLN E 24 -19.60 -10.54 14.13
CA GLN E 24 -21.03 -10.41 14.37
C GLN E 24 -21.84 -11.37 13.50
N ILE E 25 -21.39 -11.66 12.27
CA ILE E 25 -22.12 -12.63 11.45
C ILE E 25 -21.94 -14.03 12.02
N GLY E 26 -20.76 -14.35 12.54
CA GLY E 26 -20.52 -15.67 13.11
C GLY E 26 -21.37 -15.95 14.32
N LEU F 14 9.52 -18.94 30.32
CA LEU F 14 8.48 -18.93 31.35
C LEU F 14 7.23 -19.68 30.90
N TRP F 15 7.14 -19.98 29.61
CA TRP F 15 6.05 -20.76 29.04
C TRP F 15 6.65 -21.78 28.09
N LYS F 16 6.50 -23.06 28.42
CA LYS F 16 7.24 -24.13 27.77
C LYS F 16 6.37 -24.88 26.78
N GLU F 17 6.92 -25.12 25.60
CA GLU F 17 6.24 -25.95 24.61
C GLU F 17 6.24 -27.42 25.04
N MET F 18 5.13 -28.10 24.80
CA MET F 18 5.03 -29.53 25.08
C MET F 18 4.24 -30.17 23.96
N GLN F 19 4.89 -31.07 23.22
CA GLN F 19 4.21 -31.78 22.13
C GLN F 19 3.38 -32.91 22.70
N TYR F 20 2.12 -33.00 22.26
CA TYR F 20 1.21 -34.10 22.58
C TYR F 20 0.57 -34.54 21.27
N ASN F 21 1.26 -35.41 20.53
CA ASN F 21 0.70 -35.96 19.30
C ASN F 21 0.27 -37.40 19.54
N ARG F 22 -0.96 -37.72 19.12
CA ARG F 22 -1.54 -39.02 19.40
C ARG F 22 -2.24 -39.55 18.16
N ASP F 23 -2.27 -40.87 18.06
CA ASP F 23 -3.04 -41.56 17.02
C ASP F 23 -4.38 -41.96 17.63
N ILE F 24 -5.47 -41.50 17.01
CA ILE F 24 -6.81 -41.65 17.55
C ILE F 24 -7.72 -42.30 16.52
N ILE F 25 -8.78 -42.90 17.02
CA ILE F 25 -9.85 -43.47 16.22
C ILE F 25 -11.13 -42.76 16.63
N ILE F 26 -11.77 -42.10 15.67
CA ILE F 26 -12.93 -41.26 15.91
C ILE F 26 -14.16 -42.01 15.42
N ARG F 27 -15.07 -42.33 16.33
CA ARG F 27 -16.31 -43.01 16.00
C ARG F 27 -17.47 -42.06 16.22
N PHE F 28 -18.38 -42.00 15.25
CA PHE F 28 -19.48 -41.06 15.32
C PHE F 28 -20.64 -41.57 14.48
N LYS F 29 -21.82 -41.02 14.74
CA LYS F 29 -23.02 -41.38 14.00
C LYS F 29 -23.89 -40.14 13.84
N PHE F 30 -24.57 -40.06 12.71
CA PHE F 30 -25.44 -38.92 12.45
C PHE F 30 -26.70 -39.00 13.31
N GLY F 31 -27.32 -37.84 13.50
CA GLY F 31 -28.55 -37.73 14.25
C GLY F 31 -29.71 -37.35 13.34
N ASN F 32 -30.82 -38.05 13.51
CA ASN F 32 -31.99 -37.92 12.64
C ASN F 32 -33.19 -37.46 13.46
N SER F 33 -33.83 -36.39 13.01
CA SER F 33 -35.05 -35.88 13.61
C SER F 33 -36.15 -35.86 12.56
N ILE F 34 -37.35 -36.28 12.97
CA ILE F 34 -38.50 -36.37 12.07
C ILE F 34 -39.69 -35.72 12.76
N VAL F 35 -40.50 -35.01 11.99
CA VAL F 35 -41.73 -34.38 12.47
C VAL F 35 -42.85 -34.74 11.51
N LYS F 36 -43.90 -35.36 12.04
CA LYS F 36 -45.02 -35.82 11.23
C LYS F 36 -46.01 -34.68 10.98
N MET F 37 -46.62 -34.70 9.80
CA MET F 37 -47.72 -33.83 9.44
C MET F 37 -49.03 -34.60 9.58
N GLY F 38 -50.11 -33.85 9.84
CA GLY F 38 -51.37 -34.46 10.22
C GLY F 38 -52.07 -35.26 9.14
N GLY F 39 -53.38 -35.36 9.23
CA GLY F 39 -54.12 -36.23 8.32
C GLY F 39 -54.07 -37.68 8.80
N LEU F 40 -54.19 -38.59 7.84
CA LEU F 40 -54.27 -40.02 8.13
C LEU F 40 -52.89 -40.69 8.18
N GLY F 41 -51.82 -39.93 7.99
CA GLY F 41 -50.49 -40.51 8.06
C GLY F 41 -49.93 -40.90 6.71
N TYR F 42 -49.89 -39.95 5.79
CA TYR F 42 -49.23 -40.11 4.49
C TYR F 42 -48.12 -39.09 4.26
N LYS F 43 -48.26 -37.87 4.75
CA LYS F 43 -47.30 -36.80 4.52
C LYS F 43 -46.22 -36.77 5.61
N TRP F 44 -45.24 -35.91 5.41
CA TRP F 44 -44.22 -35.62 6.40
C TRP F 44 -43.79 -34.17 6.28
N SER F 45 -43.38 -33.58 7.39
CA SER F 45 -43.12 -32.15 7.47
C SER F 45 -41.64 -31.81 7.31
N GLU F 46 -40.75 -32.51 8.02
CA GLU F 46 -39.33 -32.19 7.97
C GLU F 46 -38.53 -33.42 8.35
N ILE F 47 -37.58 -33.79 7.49
CA ILE F 47 -36.59 -34.83 7.77
C ILE F 47 -35.24 -34.14 7.69
N SER F 48 -34.53 -34.07 8.82
CA SER F 48 -33.34 -33.24 8.92
C SER F 48 -32.29 -33.90 9.80
N TYR F 49 -31.05 -33.50 9.59
CA TYR F 49 -29.94 -33.97 10.42
C TYR F 49 -29.95 -33.20 11.74
N LYS F 50 -29.48 -33.87 12.79
CA LYS F 50 -29.48 -33.31 14.13
C LYS F 50 -28.19 -33.71 14.83
N ALA F 51 -27.76 -32.89 15.79
CA ALA F 51 -26.56 -33.17 16.55
C ALA F 51 -26.69 -34.52 17.25
N ALA F 52 -25.63 -35.32 17.20
CA ALA F 52 -25.66 -36.68 17.73
C ALA F 52 -24.40 -36.96 18.55
N ASN F 53 -24.60 -37.41 19.79
CA ASN F 53 -23.51 -37.76 20.67
C ASN F 53 -23.18 -39.25 20.53
N TYR F 54 -22.02 -39.64 21.08
CA TYR F 54 -21.63 -41.04 21.05
C TYR F 54 -20.49 -41.26 22.02
N GLN F 55 -20.53 -42.40 22.73
CA GLN F 55 -19.50 -42.81 23.67
C GLN F 55 -18.83 -44.08 23.16
N TYR F 56 -17.56 -44.26 23.50
CA TYR F 56 -16.91 -45.52 23.19
C TYR F 56 -15.59 -45.60 23.94
N ASN F 57 -14.93 -46.75 23.79
CA ASN F 57 -13.63 -47.01 24.41
C ASN F 57 -12.78 -47.75 23.39
N TYR F 58 -11.48 -47.48 23.40
CA TYR F 58 -10.61 -48.23 22.49
C TYR F 58 -9.21 -48.33 23.07
N LEU F 59 -8.49 -49.35 22.62
CA LEU F 59 -7.15 -49.63 23.10
C LEU F 59 -6.13 -48.98 22.18
N ARG F 60 -5.22 -48.20 22.78
CA ARG F 60 -4.19 -47.52 22.02
C ARG F 60 -3.03 -47.22 22.95
N ASP F 61 -1.82 -47.57 22.53
CA ASP F 61 -0.59 -47.36 23.30
C ASP F 61 -0.54 -48.21 24.57
N GLY F 62 -1.38 -49.21 24.70
CA GLY F 62 -1.38 -50.10 25.85
C GLY F 62 -2.32 -49.73 26.97
N GLU F 63 -3.16 -48.70 26.81
CA GLU F 63 -4.19 -48.37 27.78
C GLU F 63 -5.50 -48.12 27.07
N GLN F 64 -6.60 -48.44 27.74
CA GLN F 64 -7.94 -48.25 27.19
C GLN F 64 -8.36 -46.81 27.44
N VAL F 65 -8.50 -46.04 26.37
CA VAL F 65 -8.88 -44.64 26.45
C VAL F 65 -10.37 -44.53 26.10
N THR F 66 -11.08 -43.75 26.90
CA THR F 66 -12.52 -43.55 26.74
C THR F 66 -12.76 -42.25 26.00
N ALA F 67 -13.56 -42.30 24.94
CA ALA F 67 -13.76 -41.18 24.04
C ALA F 67 -15.24 -40.84 23.90
N HIS F 68 -15.48 -39.56 23.67
CA HIS F 68 -16.81 -38.97 23.56
C HIS F 68 -16.82 -38.08 22.33
N THR F 69 -17.71 -38.36 21.38
CA THR F 69 -17.77 -37.65 20.11
C THR F 69 -19.15 -37.04 19.91
N THR F 70 -19.20 -35.98 19.11
CA THR F 70 -20.44 -35.30 18.79
C THR F 70 -20.40 -34.85 17.33
N CYS F 71 -21.33 -35.36 16.53
CA CYS F 71 -21.39 -35.04 15.11
C CYS F 71 -22.50 -34.04 14.83
N SER F 72 -22.21 -33.09 13.95
CA SER F 72 -23.19 -32.10 13.50
C SER F 72 -22.94 -31.80 12.04
N VAL F 73 -23.96 -31.21 11.39
CA VAL F 73 -23.97 -30.99 9.96
C VAL F 73 -24.32 -29.53 9.68
N ASN F 74 -23.72 -28.99 8.62
CA ASN F 74 -24.00 -27.63 8.19
C ASN F 74 -24.01 -27.58 6.67
N GLY F 75 -24.64 -26.53 6.12
CA GLY F 75 -24.71 -26.37 4.68
C GLY F 75 -25.73 -27.23 3.99
N VAL F 76 -26.69 -27.77 4.73
CA VAL F 76 -27.55 -28.83 4.23
C VAL F 76 -28.55 -28.28 3.21
N ASN F 77 -28.78 -29.05 2.14
CA ASN F 77 -29.81 -28.70 1.16
C ASN F 77 -31.16 -29.16 1.65
N ASN F 78 -32.21 -28.48 1.18
CA ASN F 78 -33.60 -28.85 1.43
C ASN F 78 -34.27 -29.19 0.11
N PHE F 79 -34.17 -30.44 -0.33
CA PHE F 79 -35.06 -30.88 -1.39
C PHE F 79 -36.48 -30.96 -0.84
N SER F 80 -37.41 -31.25 -1.73
CA SER F 80 -38.80 -31.35 -1.36
C SER F 80 -39.47 -32.41 -2.21
N TYR F 81 -40.68 -32.75 -1.81
CA TYR F 81 -41.57 -33.54 -2.65
C TYR F 81 -42.93 -33.52 -1.98
N ASN F 82 -43.97 -33.19 -2.72
CA ASN F 82 -45.31 -33.06 -2.17
C ASN F 82 -46.33 -33.44 -3.23
N GLY F 83 -47.03 -34.55 -3.00
CA GLY F 83 -47.94 -35.08 -3.98
C GLY F 83 -49.18 -34.26 -4.24
N GLY F 84 -49.39 -33.19 -3.48
CA GLY F 84 -50.50 -32.29 -3.67
C GLY F 84 -51.24 -32.06 -2.37
N PHE F 85 -52.29 -31.24 -2.47
CA PHE F 85 -53.09 -30.94 -1.30
C PHE F 85 -54.03 -32.06 -0.92
N LEU F 86 -54.11 -33.14 -1.70
CA LEU F 86 -55.06 -34.20 -1.38
C LEU F 86 -54.67 -34.87 -0.06
N PRO F 87 -55.64 -35.32 0.75
CA PRO F 87 -55.31 -35.69 2.12
C PRO F 87 -54.67 -37.06 2.28
N THR F 88 -54.27 -37.72 1.19
CA THR F 88 -53.62 -39.02 1.29
C THR F 88 -52.44 -39.16 0.34
N ASP F 89 -52.17 -38.19 -0.51
CA ASP F 89 -51.11 -38.30 -1.49
C ASP F 89 -49.76 -38.17 -0.80
N PHE F 90 -48.80 -38.95 -1.28
CA PHE F 90 -47.51 -39.05 -0.62
C PHE F 90 -46.73 -37.75 -0.78
N GLY F 91 -45.83 -37.50 0.16
CA GLY F 91 -44.90 -36.41 0.00
C GLY F 91 -44.10 -36.11 1.24
N ILE F 92 -43.01 -35.36 1.09
CA ILE F 92 -42.22 -34.86 2.20
C ILE F 92 -41.95 -33.39 1.94
N SER F 93 -42.45 -32.52 2.82
CA SER F 93 -42.50 -31.10 2.51
C SER F 93 -41.11 -30.53 2.26
N ARG F 94 -40.17 -30.83 3.15
CA ARG F 94 -38.81 -30.34 3.01
C ARG F 94 -37.89 -31.42 3.59
N TYR F 95 -37.44 -32.31 2.73
CA TYR F 95 -36.52 -33.37 3.13
C TYR F 95 -35.13 -32.97 2.68
N GLU F 96 -34.16 -33.13 3.56
CA GLU F 96 -32.85 -32.55 3.32
C GLU F 96 -31.95 -33.51 2.55
N VAL F 97 -30.72 -33.06 2.33
CA VAL F 97 -29.63 -33.92 1.87
C VAL F 97 -28.35 -33.15 2.12
N ILE F 98 -27.22 -33.84 2.12
CA ILE F 98 -25.90 -33.22 2.10
C ILE F 98 -25.23 -33.56 0.78
N LYS F 99 -24.51 -32.58 0.24
CA LYS F 99 -23.86 -32.64 -1.06
C LYS F 99 -22.62 -31.75 -0.95
N GLU F 100 -22.14 -31.24 -2.09
CA GLU F 100 -20.83 -30.58 -2.16
C GLU F 100 -20.67 -29.52 -1.07
N ASN F 101 -21.67 -28.65 -0.93
CA ASN F 101 -21.52 -27.51 -0.03
C ASN F 101 -21.44 -27.94 1.43
N SER F 102 -22.22 -28.94 1.82
CA SER F 102 -22.40 -29.25 3.23
C SER F 102 -21.10 -29.76 3.86
N TYR F 103 -20.87 -29.34 5.10
CA TYR F 103 -19.77 -29.83 5.93
C TYR F 103 -20.33 -30.61 7.11
N VAL F 104 -19.48 -31.43 7.70
CA VAL F 104 -19.81 -32.17 8.92
C VAL F 104 -18.68 -31.96 9.92
N TYR F 105 -19.04 -31.53 11.12
CA TYR F 105 -18.10 -31.39 12.23
C TYR F 105 -18.23 -32.57 13.16
N VAL F 106 -17.11 -33.04 13.67
CA VAL F 106 -17.07 -34.14 14.65
C VAL F 106 -16.21 -33.65 15.81
N ASP F 107 -16.84 -33.06 16.82
CA ASP F 107 -16.14 -32.75 18.05
C ASP F 107 -15.69 -34.06 18.70
N TYR F 108 -14.44 -34.09 19.15
CA TYR F 108 -13.83 -35.29 19.69
C TYR F 108 -13.23 -35.00 21.04
N TRP F 109 -13.39 -35.92 21.98
CA TRP F 109 -12.85 -35.78 23.32
C TRP F 109 -12.41 -37.16 23.80
N ASP F 110 -11.40 -37.21 24.65
CA ASP F 110 -11.06 -38.47 25.28
C ASP F 110 -10.35 -38.19 26.59
N ASP F 111 -10.35 -39.20 27.46
CA ASP F 111 -9.86 -39.04 28.82
C ASP F 111 -8.34 -38.91 28.91
N SER F 112 -7.62 -39.10 27.80
CA SER F 112 -6.16 -39.13 27.84
C SER F 112 -5.60 -37.82 28.39
N LYS F 113 -4.31 -37.86 28.72
CA LYS F 113 -3.68 -36.71 29.35
C LYS F 113 -3.62 -35.51 28.42
N ALA F 114 -3.58 -35.74 27.11
CA ALA F 114 -3.41 -34.64 26.17
C ALA F 114 -4.54 -33.64 26.29
N PHE F 115 -5.77 -34.11 26.41
CA PHE F 115 -6.92 -33.22 26.39
C PHE F 115 -7.08 -32.43 27.69
N ARG F 116 -6.36 -32.78 28.75
CA ARG F 116 -6.33 -31.91 29.91
C ARG F 116 -5.46 -30.68 29.65
N ASN F 117 -4.48 -30.80 28.77
CA ASN F 117 -3.53 -29.73 28.46
C ASN F 117 -3.87 -29.03 27.16
N ILE F 118 -5.16 -28.87 26.86
CA ILE F 118 -5.62 -28.34 25.59
C ILE F 118 -6.08 -26.89 25.72
N VAL F 119 -5.82 -26.23 26.84
CA VAL F 119 -6.28 -24.86 27.03
C VAL F 119 -5.49 -23.91 26.14
N TYR F 120 -4.18 -23.84 26.37
CA TYR F 120 -3.28 -23.02 25.55
C TYR F 120 -2.55 -23.92 24.58
N VAL F 121 -2.54 -23.53 23.30
CA VAL F 121 -1.94 -24.33 22.25
C VAL F 121 -1.16 -23.43 21.31
N ARG F 122 0.05 -23.87 20.93
CA ARG F 122 0.88 -23.16 19.98
C ARG F 122 0.63 -23.59 18.56
N SER F 123 0.28 -24.87 18.35
CA SER F 123 -0.07 -25.35 17.03
C SER F 123 -0.87 -26.63 17.19
N LEU F 124 -1.65 -26.94 16.15
CA LEU F 124 -2.60 -28.05 16.19
C LEU F 124 -3.01 -28.38 14.78
N ALA F 125 -2.77 -29.62 14.35
CA ALA F 125 -3.17 -30.05 13.02
C ALA F 125 -3.17 -31.58 12.99
N ALA F 126 -3.99 -32.14 12.10
CA ALA F 126 -4.23 -33.58 12.09
C ALA F 126 -4.13 -34.14 10.68
N ASN F 127 -4.01 -35.47 10.63
CA ASN F 127 -4.03 -36.24 9.40
C ASN F 127 -4.97 -37.41 9.63
N LEU F 128 -6.16 -37.36 9.03
CA LEU F 128 -7.15 -38.41 9.17
C LEU F 128 -7.40 -39.04 7.81
N ASN F 129 -7.79 -40.32 7.84
CA ASN F 129 -8.09 -41.04 6.61
C ASN F 129 -9.57 -40.89 6.27
N SER F 130 -9.85 -40.67 4.99
CA SER F 130 -11.21 -40.43 4.56
C SER F 130 -12.08 -41.67 4.80
N VAL F 131 -13.40 -41.47 4.69
CA VAL F 131 -14.34 -42.58 4.85
C VAL F 131 -15.52 -42.37 3.92
N ARG F 132 -16.22 -43.47 3.63
CA ARG F 132 -17.39 -43.47 2.77
C ARG F 132 -18.63 -43.74 3.59
N CYS F 133 -19.51 -42.74 3.69
CA CYS F 133 -20.78 -42.89 4.39
C CYS F 133 -21.87 -43.13 3.35
N THR F 134 -22.71 -44.12 3.60
CA THR F 134 -23.75 -44.55 2.69
C THR F 134 -25.10 -44.55 3.39
N GLY F 135 -26.15 -44.16 2.67
CA GLY F 135 -27.46 -44.07 3.27
C GLY F 135 -28.13 -45.42 3.37
N GLY F 136 -29.00 -45.53 4.37
CA GLY F 136 -29.71 -46.77 4.65
C GLY F 136 -30.97 -46.89 3.83
N SER F 137 -31.89 -47.70 4.35
CA SER F 137 -33.19 -47.95 3.74
C SER F 137 -34.26 -47.48 4.72
N TYR F 138 -35.07 -46.52 4.28
CA TYR F 138 -36.17 -46.00 5.08
C TYR F 138 -37.48 -46.36 4.41
N HIS F 139 -38.34 -47.05 5.14
CA HIS F 139 -39.68 -47.41 4.67
C HIS F 139 -40.65 -46.40 5.26
N PHE F 140 -41.03 -45.42 4.45
CA PHE F 140 -41.95 -44.38 4.91
C PHE F 140 -43.26 -45.00 5.33
N SER F 141 -43.76 -44.61 6.51
CA SER F 141 -44.86 -45.30 7.18
C SER F 141 -46.16 -44.97 6.46
N LEU F 142 -46.42 -45.72 5.40
CA LEU F 142 -47.66 -45.60 4.65
C LEU F 142 -48.68 -46.60 5.17
N PRO F 143 -49.90 -46.18 5.52
CA PRO F 143 -50.79 -47.10 6.24
C PRO F 143 -51.27 -48.25 5.38
N VAL F 144 -51.34 -48.07 4.07
CA VAL F 144 -51.95 -49.05 3.19
C VAL F 144 -51.37 -48.89 1.79
N GLY F 145 -51.16 -50.02 1.13
CA GLY F 145 -50.77 -50.05 -0.25
C GLY F 145 -49.31 -50.39 -0.45
N ALA F 146 -48.82 -50.09 -1.65
CA ALA F 146 -47.43 -50.33 -1.98
C ALA F 146 -46.54 -49.52 -1.05
N TRP F 147 -45.42 -50.12 -0.64
CA TRP F 147 -44.56 -49.53 0.36
C TRP F 147 -43.51 -48.67 -0.34
N PRO F 148 -43.52 -47.35 -0.18
CA PRO F 148 -42.43 -46.55 -0.74
C PRO F 148 -41.10 -46.90 -0.07
N VAL F 149 -40.03 -46.67 -0.83
CA VAL F 149 -38.70 -47.14 -0.45
C VAL F 149 -37.68 -46.04 -0.73
N ILE F 150 -37.16 -45.40 0.32
CA ILE F 150 -35.96 -44.60 0.23
C ILE F 150 -34.75 -45.52 0.30
N ASN F 151 -33.78 -45.30 -0.57
CA ASN F 151 -32.56 -46.10 -0.55
C ASN F 151 -31.46 -45.31 -1.25
N GLY F 152 -30.24 -45.79 -1.10
CA GLY F 152 -29.12 -45.25 -1.83
C GLY F 152 -28.67 -43.90 -1.30
N GLY F 153 -27.79 -43.28 -2.08
CA GLY F 153 -27.16 -42.04 -1.68
C GLY F 153 -25.90 -42.29 -0.88
N ALA F 154 -24.85 -41.54 -1.16
CA ALA F 154 -23.63 -41.70 -0.40
C ALA F 154 -22.77 -40.46 -0.57
N VAL F 155 -21.93 -40.21 0.44
CA VAL F 155 -20.91 -39.18 0.38
C VAL F 155 -19.63 -39.76 0.96
N SER F 156 -18.55 -39.00 0.83
CA SER F 156 -17.27 -39.35 1.41
C SER F 156 -16.78 -38.20 2.25
N LEU F 157 -16.45 -38.49 3.51
CA LEU F 157 -15.85 -37.51 4.39
C LEU F 157 -14.35 -37.48 4.15
N HIS F 158 -13.83 -36.30 3.80
CA HIS F 158 -12.41 -36.03 3.69
C HIS F 158 -12.07 -34.94 4.70
N PHE F 159 -11.03 -35.18 5.49
CA PHE F 159 -10.66 -34.24 6.55
C PHE F 159 -10.13 -32.93 5.97
N ALA F 160 -10.49 -31.81 6.60
CA ALA F 160 -9.92 -30.52 6.25
C ALA F 160 -9.95 -29.63 7.50
N GLY F 161 -8.84 -29.60 8.23
CA GLY F 161 -8.64 -28.67 9.31
C GLY F 161 -9.20 -29.07 10.66
N VAL F 162 -8.38 -28.91 11.71
CA VAL F 162 -8.80 -29.12 13.10
C VAL F 162 -8.86 -27.76 13.78
N THR F 163 -9.81 -27.60 14.71
CA THR F 163 -9.90 -26.41 15.52
C THR F 163 -10.23 -26.80 16.95
N LEU F 164 -10.27 -25.79 17.83
CA LEU F 164 -10.76 -25.98 19.17
C LEU F 164 -12.29 -25.92 19.17
N SER F 165 -12.88 -26.49 20.21
CA SER F 165 -14.34 -26.49 20.36
C SER F 165 -14.66 -26.96 21.77
N THR F 166 -15.94 -27.15 22.05
CA THR F 166 -16.38 -27.56 23.37
C THR F 166 -17.74 -28.24 23.24
N GLN F 167 -17.88 -29.40 23.87
CA GLN F 167 -19.19 -30.03 24.03
C GLN F 167 -19.85 -29.45 25.26
N PHE F 168 -21.07 -28.94 25.10
CA PHE F 168 -21.89 -28.49 26.22
C PHE F 168 -22.62 -29.68 26.84
N THR F 169 -21.83 -30.64 27.29
CA THR F 169 -22.38 -31.86 27.85
C THR F 169 -23.09 -31.56 29.17
N ASP F 170 -24.03 -32.44 29.52
CA ASP F 170 -24.90 -32.19 30.67
C ASP F 170 -24.11 -31.92 31.95
N PHE F 171 -23.16 -32.80 32.29
CA PHE F 171 -22.51 -32.67 33.58
C PHE F 171 -21.48 -31.53 33.60
N VAL F 172 -20.67 -31.37 32.55
CA VAL F 172 -19.76 -30.24 32.43
C VAL F 172 -19.58 -29.85 30.97
N SER F 173 -18.82 -28.78 30.74
CA SER F 173 -18.43 -28.35 29.40
C SER F 173 -17.06 -28.93 29.09
N LEU F 174 -17.00 -29.84 28.14
CA LEU F 174 -15.77 -30.56 27.79
C LEU F 174 -15.05 -29.81 26.67
N ASN F 175 -13.93 -29.17 27.00
CA ASN F 175 -13.07 -28.64 25.96
C ASN F 175 -12.58 -29.77 25.07
N SER F 176 -12.55 -29.53 23.76
CA SER F 176 -12.42 -30.63 22.82
C SER F 176 -11.85 -30.13 21.51
N LEU F 177 -11.54 -31.08 20.64
CA LEU F 177 -11.07 -30.82 19.29
C LEU F 177 -12.21 -31.05 18.31
N ARG F 178 -12.35 -30.13 17.35
CA ARG F 178 -13.38 -30.19 16.33
C ARG F 178 -12.71 -30.46 14.99
N PHE F 179 -13.17 -31.52 14.32
CA PHE F 179 -12.63 -31.93 13.03
C PHE F 179 -13.66 -31.57 11.97
N ARG F 180 -13.29 -30.66 11.07
CA ARG F 180 -14.18 -30.22 10.00
C ARG F 180 -13.88 -31.05 8.75
N PHE F 181 -14.72 -32.04 8.49
CA PHE F 181 -14.59 -32.88 7.31
C PHE F 181 -15.36 -32.25 6.15
N SER F 182 -14.73 -32.25 4.98
CA SER F 182 -15.44 -31.88 3.76
C SER F 182 -16.29 -33.06 3.31
N LEU F 183 -16.92 -32.93 2.14
CA LEU F 183 -17.81 -33.95 1.62
C LEU F 183 -17.50 -34.21 0.16
N THR F 184 -18.00 -35.33 -0.34
CA THR F 184 -17.81 -35.70 -1.74
C THR F 184 -18.89 -36.71 -2.11
N VAL F 185 -19.84 -36.30 -2.94
CA VAL F 185 -20.93 -37.18 -3.33
C VAL F 185 -20.36 -38.38 -4.08
N ASP F 186 -21.01 -39.53 -3.93
CA ASP F 186 -20.46 -40.82 -4.36
C ASP F 186 -21.45 -41.54 -5.29
N GLU F 187 -21.06 -42.75 -5.68
CA GLU F 187 -21.71 -43.44 -6.80
C GLU F 187 -23.19 -43.72 -6.61
N PRO F 188 -23.65 -44.33 -5.52
CA PRO F 188 -25.03 -44.87 -5.50
C PRO F 188 -26.06 -43.78 -5.69
N PRO F 189 -26.79 -43.75 -6.82
CA PRO F 189 -27.76 -42.66 -7.00
C PRO F 189 -28.94 -42.80 -6.07
N PHE F 190 -28.95 -41.94 -5.05
CA PHE F 190 -30.11 -41.76 -4.19
C PHE F 190 -31.39 -41.68 -5.00
N SER F 191 -32.40 -42.40 -4.54
CA SER F 191 -33.70 -42.43 -5.19
C SER F 191 -34.79 -42.46 -4.15
N ILE F 192 -35.97 -42.04 -4.56
CA ILE F 192 -37.19 -42.37 -3.83
C ILE F 192 -37.89 -43.40 -4.70
N LEU F 193 -37.57 -44.67 -4.46
CA LEU F 193 -38.14 -45.71 -5.29
C LEU F 193 -39.64 -45.82 -5.03
N ARG F 194 -40.35 -46.37 -6.00
CA ARG F 194 -41.80 -46.39 -5.96
C ARG F 194 -42.37 -44.98 -5.95
N THR F 195 -41.65 -44.02 -6.55
CA THR F 195 -41.97 -42.61 -6.41
C THR F 195 -41.14 -41.85 -7.45
N ARG F 196 -41.50 -40.58 -7.66
CA ARG F 196 -40.95 -39.74 -8.73
C ARG F 196 -39.70 -38.99 -8.25
N THR F 197 -38.64 -39.75 -7.94
CA THR F 197 -37.32 -39.14 -7.71
C THR F 197 -36.27 -40.24 -7.84
N VAL F 198 -35.58 -40.27 -8.98
CA VAL F 198 -34.56 -41.27 -9.25
C VAL F 198 -33.31 -40.56 -9.76
N ASN F 199 -32.16 -41.23 -9.61
CA ASN F 199 -30.88 -40.72 -10.11
C ASN F 199 -30.60 -39.32 -9.58
N LEU F 200 -30.87 -39.10 -8.31
CA LEU F 200 -30.21 -38.06 -7.56
C LEU F 200 -28.84 -38.57 -7.14
N TYR F 201 -28.05 -37.70 -6.49
CA TYR F 201 -26.81 -38.13 -5.85
C TYR F 201 -26.64 -37.30 -4.60
N GLY F 202 -26.23 -37.93 -3.51
CA GLY F 202 -26.11 -37.28 -2.23
C GLY F 202 -26.65 -38.17 -1.12
N LEU F 203 -26.35 -37.80 0.11
CA LEU F 203 -26.73 -38.59 1.27
C LEU F 203 -27.92 -37.93 1.96
N PRO F 204 -29.12 -38.49 1.90
CA PRO F 204 -30.27 -37.85 2.56
C PRO F 204 -30.28 -38.14 4.05
N ALA F 205 -31.15 -37.41 4.74
CA ALA F 205 -31.24 -37.47 6.19
C ALA F 205 -32.07 -38.64 6.69
N ALA F 206 -32.62 -39.47 5.80
CA ALA F 206 -33.52 -40.54 6.21
C ALA F 206 -32.82 -41.53 7.14
N ASN F 207 -31.82 -42.24 6.63
CA ASN F 207 -31.05 -43.19 7.43
C ASN F 207 -29.57 -43.03 7.08
N PRO F 208 -28.94 -41.95 7.54
CA PRO F 208 -27.54 -41.70 7.14
C PRO F 208 -26.57 -42.76 7.62
N ASN F 209 -26.93 -43.54 8.64
CA ASN F 209 -25.99 -44.49 9.23
C ASN F 209 -26.05 -45.87 8.61
N ASN F 210 -27.09 -46.19 7.83
CA ASN F 210 -27.23 -47.51 7.21
C ASN F 210 -27.27 -48.62 8.27
N GLY F 211 -27.71 -48.30 9.47
CA GLY F 211 -27.74 -49.26 10.55
C GLY F 211 -26.39 -49.57 11.16
N ASN F 212 -25.31 -48.99 10.64
CA ASN F 212 -24.00 -49.22 11.24
C ASN F 212 -23.99 -48.68 12.66
N GLU F 213 -23.32 -49.41 13.56
CA GLU F 213 -23.20 -48.94 14.93
C GLU F 213 -22.46 -47.61 14.98
N TYR F 214 -21.41 -47.47 14.19
CA TYR F 214 -20.66 -46.22 14.14
C TYR F 214 -19.92 -46.11 12.81
N TYR F 215 -19.86 -44.89 12.29
CA TYR F 215 -18.90 -44.55 11.26
C TYR F 215 -17.55 -44.26 11.91
N GLU F 216 -16.47 -44.72 11.28
CA GLU F 216 -15.15 -44.75 11.87
C GLU F 216 -14.15 -43.98 11.03
N ILE F 217 -13.30 -43.21 11.71
CA ILE F 217 -12.16 -42.51 11.14
C ILE F 217 -10.94 -42.90 11.96
N SER F 218 -9.77 -42.85 11.35
CA SER F 218 -8.52 -43.05 12.07
C SER F 218 -7.50 -42.03 11.61
N GLY F 219 -6.70 -41.53 12.53
CA GLY F 219 -5.67 -40.60 12.13
C GLY F 219 -4.73 -40.30 13.27
N ARG F 220 -3.87 -39.31 13.02
CA ARG F 220 -2.93 -38.80 14.00
C ARG F 220 -3.09 -37.29 14.08
N PHE F 221 -3.24 -36.77 15.29
CA PHE F 221 -3.32 -35.33 15.51
C PHE F 221 -2.17 -34.88 16.39
N SER F 222 -1.55 -33.77 16.01
CA SER F 222 -0.49 -33.14 16.77
C SER F 222 -1.04 -31.98 17.58
N LEU F 223 -0.23 -31.49 18.50
CA LEU F 223 -0.63 -30.46 19.43
C LEU F 223 0.62 -29.99 20.16
N ILE F 224 0.76 -28.68 20.33
CA ILE F 224 1.88 -28.11 21.06
C ILE F 224 1.29 -27.19 22.13
N SER F 225 1.15 -27.72 23.34
CA SER F 225 0.60 -26.96 24.44
C SER F 225 1.66 -26.06 25.07
N LEU F 226 1.21 -25.14 25.90
CA LEU F 226 2.02 -24.11 26.53
C LEU F 226 1.83 -24.13 28.04
N VAL F 227 2.02 -25.31 28.64
CA VAL F 227 1.88 -25.43 30.09
C VAL F 227 2.84 -24.45 30.78
N PRO F 228 2.44 -23.75 31.83
CA PRO F 228 3.28 -22.70 32.38
C PRO F 228 4.49 -23.28 33.09
N THR F 229 5.42 -22.40 33.44
CA THR F 229 6.65 -22.81 34.11
C THR F 229 7.33 -21.58 34.71
N ASN F 230 7.60 -21.64 36.01
CA ASN F 230 8.40 -20.63 36.69
C ASN F 230 9.77 -21.15 37.09
N ASP F 231 10.15 -22.34 36.62
CA ASP F 231 11.40 -22.98 37.00
C ASP F 231 11.65 -24.18 36.11
N ASP F 232 12.90 -24.35 35.66
CA ASP F 232 13.18 -25.23 34.52
C ASP F 232 12.83 -26.67 34.83
N TYR F 233 13.14 -27.15 36.03
CA TYR F 233 13.08 -28.58 36.31
C TYR F 233 11.66 -29.10 36.50
N GLN F 234 10.67 -28.22 36.60
CA GLN F 234 9.41 -28.52 37.28
C GLN F 234 8.26 -28.14 36.35
N THR F 235 7.94 -29.06 35.39
CA THR F 235 6.91 -28.78 34.40
C THR F 235 5.61 -29.49 34.76
N PRO F 236 4.45 -28.88 34.57
CA PRO F 236 3.21 -29.46 35.09
C PRO F 236 2.56 -30.45 34.12
N ILE F 237 1.55 -31.13 34.66
CA ILE F 237 0.63 -31.94 33.89
C ILE F 237 -0.77 -31.45 34.24
N MET F 238 -1.72 -31.77 33.38
CA MET F 238 -3.13 -31.46 33.62
C MET F 238 -3.30 -29.95 33.85
N ASN F 239 -3.07 -29.21 32.78
CA ASN F 239 -3.27 -27.76 32.79
C ASN F 239 -4.65 -27.43 33.36
N SER F 240 -4.66 -26.77 34.52
CA SER F 240 -5.90 -26.46 35.25
C SER F 240 -5.90 -25.00 35.68
N VAL F 241 -5.52 -24.11 34.76
CA VAL F 241 -5.57 -22.67 34.98
C VAL F 241 -6.59 -22.12 33.98
N THR F 242 -7.65 -22.90 33.74
CA THR F 242 -8.67 -22.59 32.75
C THR F 242 -9.22 -21.18 32.94
N VAL F 243 -9.92 -20.65 31.94
CA VAL F 243 -10.37 -19.26 31.99
C VAL F 243 -11.33 -18.98 33.13
N ARG F 244 -11.87 -20.02 33.82
CA ARG F 244 -12.38 -19.83 35.20
C ARG F 244 -11.27 -19.46 36.17
N GLN F 245 -10.11 -20.10 36.04
CA GLN F 245 -8.97 -19.86 36.93
C GLN F 245 -8.06 -18.73 36.44
N ASP F 246 -8.38 -18.11 35.31
CA ASP F 246 -7.63 -16.98 34.77
C ASP F 246 -8.53 -15.76 34.77
N LEU F 247 -7.95 -14.59 34.99
CA LEU F 247 -8.73 -13.37 35.16
C LEU F 247 -7.91 -12.19 34.69
N GLU F 248 -8.60 -11.10 34.38
CA GLU F 248 -7.98 -9.90 33.81
C GLU F 248 -6.84 -9.40 34.68
N ARG F 249 -5.64 -9.42 34.13
CA ARG F 249 -4.51 -8.75 34.76
C ARG F 249 -4.79 -7.26 34.82
N GLN F 250 -4.49 -6.64 35.96
CA GLN F 250 -4.92 -5.27 36.19
C GLN F 250 -4.18 -4.30 35.27
N LEU F 251 -4.89 -3.27 34.82
CA LEU F 251 -4.33 -2.29 33.90
C LEU F 251 -3.10 -1.62 34.49
N THR F 252 -3.22 -1.10 35.71
CA THR F 252 -2.06 -0.50 36.37
C THR F 252 -0.98 -1.54 36.61
N ASN F 253 -1.35 -2.80 36.81
CA ASN F 253 -0.35 -3.82 37.09
C ASN F 253 0.56 -4.05 35.88
N LEU F 254 -0.03 -4.28 34.69
CA LEU F 254 0.87 -4.45 33.55
C LEU F 254 1.48 -3.14 33.09
N ARG F 255 0.87 -1.99 33.40
CA ARG F 255 1.55 -0.72 33.20
C ARG F 255 2.85 -0.68 33.99
N GLU F 256 2.78 -1.06 35.26
CA GLU F 256 3.97 -1.09 36.09
C GLU F 256 4.97 -2.11 35.58
N GLU F 257 4.50 -3.26 35.10
CA GLU F 257 5.41 -4.25 34.55
C GLU F 257 6.16 -3.69 33.35
N PHE F 258 5.44 -3.06 32.42
CA PHE F 258 6.09 -2.51 31.23
C PHE F 258 7.05 -1.39 31.59
N ASN F 259 6.68 -0.55 32.56
CA ASN F 259 7.62 0.49 33.01
C ASN F 259 8.86 -0.13 33.62
N SER F 260 8.70 -1.20 34.40
CA SER F 260 9.85 -1.87 34.99
C SER F 260 10.74 -2.49 33.92
N LEU F 261 10.15 -2.94 32.81
CA LEU F 261 10.94 -3.60 31.78
C LEU F 261 12.02 -2.70 31.20
N SER F 262 11.88 -1.38 31.33
CA SER F 262 12.90 -0.46 30.82
C SER F 262 14.17 -0.45 31.67
N GLN F 263 14.22 -1.24 32.74
CA GLN F 263 15.46 -1.43 33.48
C GLN F 263 16.62 -1.83 32.58
N GLU F 264 16.32 -2.57 31.51
CA GLU F 264 17.33 -3.35 30.82
C GLU F 264 17.70 -2.82 29.44
N ILE F 265 16.86 -1.96 28.84
CA ILE F 265 17.06 -1.52 27.46
C ILE F 265 18.45 -0.89 27.30
N ALA F 266 19.05 -1.11 26.13
CA ALA F 266 20.39 -0.64 25.83
C ALA F 266 20.35 0.74 25.15
N MET F 267 21.52 1.26 24.80
CA MET F 267 21.67 2.61 24.27
C MET F 267 21.81 2.63 22.75
N ALA F 268 22.84 1.97 22.22
CA ALA F 268 23.08 1.99 20.78
C ALA F 268 22.28 0.93 20.04
N GLN F 269 22.07 -0.23 20.67
CA GLN F 269 21.30 -1.28 20.03
C GLN F 269 19.86 -0.84 19.79
N LEU F 270 19.32 -0.02 20.68
CA LEU F 270 17.96 0.48 20.46
C LEU F 270 17.90 1.37 19.22
N ILE F 271 18.89 2.24 19.02
CA ILE F 271 18.90 3.06 17.82
C ILE F 271 19.08 2.19 16.58
N ASP F 272 19.91 1.15 16.70
CA ASP F 272 20.11 0.24 15.58
C ASP F 272 18.80 -0.44 15.19
N LEU F 273 18.00 -0.84 16.18
CA LEU F 273 16.69 -1.39 15.87
C LEU F 273 15.77 -0.32 15.30
N ALA F 274 15.79 0.87 15.89
CA ALA F 274 14.90 1.94 15.46
C ALA F 274 15.14 2.34 14.01
N LEU F 275 16.33 2.05 13.47
CA LEU F 275 16.63 2.34 12.08
C LEU F 275 16.25 1.20 11.14
N LEU F 276 15.26 0.39 11.50
CA LEU F 276 14.65 -0.57 10.58
C LEU F 276 13.32 -0.04 10.06
N PRO F 277 12.84 -0.53 8.91
CA PRO F 277 11.41 -0.40 8.59
C PRO F 277 10.63 -1.52 9.27
N LEU F 278 9.87 -1.18 10.30
CA LEU F 278 9.02 -2.14 11.00
C LEU F 278 7.63 -2.10 10.39
N ASP F 279 7.16 -3.26 9.94
CA ASP F 279 5.84 -3.41 9.35
C ASP F 279 5.03 -4.40 10.19
N MET F 280 3.81 -4.68 9.72
CA MET F 280 2.93 -5.60 10.43
C MET F 280 3.62 -6.93 10.66
N PHE F 281 4.13 -7.52 9.58
CA PHE F 281 4.78 -8.82 9.70
C PHE F 281 6.03 -8.75 10.55
N SER F 282 6.85 -7.72 10.36
CA SER F 282 8.12 -7.66 11.07
C SER F 282 7.91 -7.55 12.58
N MET F 283 6.93 -6.74 13.02
CA MET F 283 6.71 -6.65 14.46
C MET F 283 5.93 -7.85 14.97
N PHE F 284 4.69 -8.03 14.51
CA PHE F 284 3.81 -8.94 15.22
C PHE F 284 4.16 -10.40 15.02
N SER F 285 5.04 -10.73 14.08
CA SER F 285 5.55 -12.08 14.03
C SER F 285 6.51 -12.33 15.19
N GLY F 286 6.80 -13.60 15.44
CA GLY F 286 7.74 -13.93 16.50
C GLY F 286 7.28 -13.51 17.88
N ILE F 287 5.99 -13.69 18.17
CA ILE F 287 5.43 -13.48 19.50
C ILE F 287 5.02 -14.83 20.04
N LYS F 288 5.56 -15.20 21.20
CA LYS F 288 5.29 -16.50 21.80
C LYS F 288 3.86 -16.49 22.31
N SER F 289 2.92 -16.72 21.41
CA SER F 289 1.50 -16.59 21.68
C SER F 289 0.78 -17.89 21.37
N THR F 290 -0.47 -17.96 21.80
CA THR F 290 -1.31 -19.11 21.54
C THR F 290 -1.90 -19.04 20.13
N ILE F 291 -2.56 -20.11 19.73
CA ILE F 291 -3.14 -20.16 18.38
C ILE F 291 -4.27 -19.15 18.24
N ASP F 292 -5.11 -19.03 19.27
CA ASP F 292 -6.28 -18.17 19.20
C ASP F 292 -5.91 -16.69 19.14
N LEU F 293 -4.68 -16.34 19.50
CA LEU F 293 -4.21 -14.96 19.45
C LEU F 293 -3.27 -14.69 18.29
N THR F 294 -2.47 -15.68 17.90
CA THR F 294 -1.71 -15.56 16.66
C THR F 294 -2.62 -15.51 15.45
N LYS F 295 -3.85 -16.00 15.56
CA LYS F 295 -4.78 -15.87 14.43
C LYS F 295 -5.02 -14.40 14.11
N SER F 296 -5.62 -13.64 15.03
CA SER F 296 -5.84 -12.21 14.83
C SER F 296 -5.27 -11.45 16.02
N MET F 297 -3.95 -11.28 16.03
CA MET F 297 -3.30 -10.25 16.82
C MET F 297 -3.24 -8.92 16.10
N ALA F 298 -2.91 -8.92 14.81
CA ALA F 298 -2.74 -7.66 14.08
C ALA F 298 -4.05 -6.89 14.00
N THR F 299 -5.13 -7.57 13.64
CA THR F 299 -6.42 -6.91 13.56
C THR F 299 -6.87 -6.45 14.94
N SER F 300 -6.58 -7.24 15.97
CA SER F 300 -6.92 -6.85 17.33
C SER F 300 -6.22 -5.56 17.71
N VAL F 301 -4.95 -5.43 17.33
CA VAL F 301 -4.22 -4.21 17.62
C VAL F 301 -4.82 -3.04 16.86
N MET F 302 -5.14 -3.24 15.58
CA MET F 302 -5.69 -2.16 14.77
C MET F 302 -7.02 -1.67 15.32
N LYS F 303 -7.86 -2.59 15.79
CA LYS F 303 -9.21 -2.24 16.21
C LYS F 303 -9.19 -1.22 17.34
N LYS F 304 -8.30 -1.40 18.31
CA LYS F 304 -8.16 -0.44 19.39
C LYS F 304 -7.21 0.70 19.06
N PHE F 305 -6.36 0.55 18.04
CA PHE F 305 -5.56 1.69 17.59
C PHE F 305 -6.44 2.74 16.92
N ARG F 306 -7.51 2.32 16.27
CA ARG F 306 -8.36 3.27 15.56
C ARG F 306 -8.95 4.32 16.50
N LYS F 307 -9.43 3.88 17.67
CA LYS F 307 -10.18 4.75 18.56
C LYS F 307 -9.30 5.50 19.55
N SER F 308 -7.98 5.38 19.44
CA SER F 308 -7.11 6.06 20.38
C SER F 308 -7.25 7.57 20.22
N LYS F 309 -6.86 8.29 21.28
CA LYS F 309 -6.96 9.74 21.26
C LYS F 309 -6.12 10.33 20.14
N LEU F 310 -4.94 9.75 19.91
CA LEU F 310 -4.07 10.22 18.83
C LEU F 310 -4.72 10.00 17.47
N ALA F 311 -5.32 8.81 17.25
CA ALA F 311 -5.92 8.52 15.95
C ALA F 311 -7.14 9.39 15.69
N THR F 312 -8.01 9.54 16.68
CA THR F 312 -9.14 10.45 16.49
C THR F 312 -8.66 11.89 16.34
N SER F 313 -7.50 12.23 16.91
CA SER F 313 -6.94 13.54 16.65
C SER F 313 -6.50 13.70 15.20
N ILE F 314 -5.92 12.65 14.61
CA ILE F 314 -5.63 12.68 13.17
C ILE F 314 -6.91 12.91 12.39
N SER F 315 -7.95 12.15 12.74
CA SER F 315 -9.23 12.29 12.04
C SER F 315 -9.79 13.70 12.19
N GLU F 316 -9.72 14.25 13.40
CA GLU F 316 -10.23 15.60 13.62
C GLU F 316 -9.42 16.64 12.86
N MET F 317 -8.10 16.46 12.76
CA MET F 317 -7.29 17.39 11.98
C MET F 317 -7.74 17.40 10.53
N THR F 318 -7.82 16.21 9.92
CA THR F 318 -8.18 16.19 8.49
C THR F 318 -9.61 16.69 8.28
N ASN F 319 -10.55 16.31 9.15
CA ASN F 319 -11.92 16.76 8.97
C ASN F 319 -12.05 18.26 9.19
N SER F 320 -11.32 18.81 10.17
CA SER F 320 -11.35 20.25 10.39
C SER F 320 -10.78 21.00 9.20
N LEU F 321 -9.70 20.49 8.62
CA LEU F 321 -9.16 21.13 7.42
C LEU F 321 -10.17 21.06 6.27
N SER F 322 -10.83 19.92 6.11
CA SER F 322 -11.82 19.80 5.04
C SER F 322 -12.98 20.77 5.25
N ASP F 323 -13.47 20.88 6.49
CA ASP F 323 -14.56 21.81 6.76
C ASP F 323 -14.11 23.25 6.56
N ALA F 324 -12.86 23.56 6.92
CA ALA F 324 -12.32 24.88 6.66
C ALA F 324 -12.25 25.16 5.17
N ALA F 325 -12.04 24.12 4.36
CA ALA F 325 -11.93 24.31 2.91
C ALA F 325 -13.18 24.95 2.31
N SER F 326 -14.32 24.87 3.00
CA SER F 326 -15.56 25.50 2.53
C SER F 326 -16.17 26.45 3.55
N SER F 327 -15.61 26.56 4.76
CA SER F 327 -16.13 27.51 5.72
C SER F 327 -16.07 28.94 5.20
N ALA F 328 -15.10 29.24 4.34
CA ALA F 328 -14.95 30.56 3.74
C ALA F 328 -15.11 30.47 2.24
N ASN F 359 2.27 34.82 28.62
CA ASN F 359 2.89 34.00 27.58
C ASN F 359 1.95 33.85 26.39
N ASP F 360 1.88 34.90 25.56
CA ASP F 360 1.00 34.84 24.39
C ASP F 360 1.50 33.82 23.38
N ILE F 361 2.79 33.84 23.07
CA ILE F 361 3.33 33.01 21.99
C ILE F 361 3.23 31.53 22.34
N SER F 362 3.27 31.20 23.62
CA SER F 362 3.33 29.80 24.04
C SER F 362 2.12 29.03 23.56
N THR F 363 0.94 29.63 23.57
CA THR F 363 -0.27 28.90 23.19
C THR F 363 -0.24 28.53 21.71
N GLN F 364 0.07 29.48 20.84
CA GLN F 364 0.15 29.16 19.41
C GLN F 364 1.22 28.12 19.16
N THR F 365 2.39 28.27 19.81
CA THR F 365 3.46 27.30 19.61
C THR F 365 3.03 25.91 20.05
N SER F 366 2.33 25.82 21.18
CA SER F 366 1.88 24.51 21.66
C SER F 366 0.87 23.88 20.71
N THR F 367 -0.09 24.67 20.22
CA THR F 367 -1.08 24.11 19.30
C THR F 367 -0.42 23.59 18.04
N ILE F 368 0.48 24.38 17.45
CA ILE F 368 1.14 23.89 16.25
C ILE F 368 2.11 22.77 16.58
N GLY F 369 2.56 22.66 17.84
CA GLY F 369 3.34 21.51 18.23
C GLY F 369 2.54 20.23 18.23
N LYS F 370 1.32 20.27 18.77
CA LYS F 370 0.44 19.11 18.67
C LYS F 370 0.17 18.77 17.21
N LYS F 371 -0.08 19.81 16.40
CA LYS F 371 -0.31 19.58 14.97
C LYS F 371 0.91 18.94 14.32
N LEU F 372 2.11 19.36 14.71
CA LEU F 372 3.33 18.78 14.17
C LEU F 372 3.47 17.33 14.59
N ARG F 373 3.08 17.00 15.82
CA ARG F 373 3.10 15.60 16.25
C ARG F 373 2.17 14.76 15.38
N LEU F 374 0.98 15.28 15.10
CA LEU F 374 0.05 14.56 14.23
C LEU F 374 0.66 14.37 12.85
N LYS F 375 1.27 15.42 12.31
CA LYS F 375 1.89 15.33 10.99
C LYS F 375 3.02 14.32 10.99
N GLU F 376 3.83 14.30 12.06
CA GLU F 376 4.89 13.30 12.18
C GLU F 376 4.31 11.91 12.08
N MET F 377 3.24 11.63 12.83
CA MET F 377 2.72 10.28 12.81
C MET F 377 2.18 9.91 11.44
N ILE F 378 1.48 10.82 10.77
CA ILE F 378 0.84 10.43 9.51
C ILE F 378 1.86 10.30 8.38
N THR F 379 2.80 11.22 8.28
CA THR F 379 3.70 11.27 7.13
C THR F 379 5.01 10.55 7.44
N GLN F 380 5.81 10.36 6.38
CA GLN F 380 7.14 9.78 6.50
C GLN F 380 8.16 10.91 6.53
N THR F 381 8.71 11.18 7.71
CA THR F 381 9.77 12.15 7.86
C THR F 381 11.12 11.49 7.56
N GLU F 382 12.04 12.28 7.04
CA GLU F 382 13.37 11.79 6.69
C GLU F 382 14.35 11.87 7.85
N GLY F 383 13.93 12.37 9.01
CA GLY F 383 14.79 12.45 10.19
C GLY F 383 14.72 11.19 11.02
N MET F 384 15.23 11.30 12.25
CA MET F 384 15.20 10.17 13.16
C MET F 384 13.84 9.97 13.82
N SER F 385 12.96 10.97 13.79
CA SER F 385 11.52 10.70 13.88
C SER F 385 11.11 9.99 15.16
N PHE F 386 10.96 10.73 16.27
CA PHE F 386 10.71 10.20 17.61
C PHE F 386 9.88 8.92 17.65
N ASP F 387 8.83 8.86 16.84
CA ASP F 387 8.03 7.64 16.77
C ASP F 387 8.87 6.42 16.37
N ASP F 388 9.97 6.60 15.64
CA ASP F 388 10.92 5.51 15.47
C ASP F 388 11.39 4.98 16.82
N ILE F 389 11.85 5.87 17.70
CA ILE F 389 12.35 5.42 18.99
C ILE F 389 11.22 4.80 19.80
N SER F 390 10.02 5.37 19.69
CA SER F 390 8.87 4.83 20.42
C SER F 390 8.59 3.40 19.98
N ALA F 391 8.57 3.16 18.67
CA ALA F 391 8.33 1.82 18.16
C ALA F 391 9.46 0.87 18.52
N ALA F 392 10.70 1.36 18.55
CA ALA F 392 11.82 0.51 18.93
C ALA F 392 11.67 0.05 20.37
N VAL F 393 11.35 0.99 21.27
CA VAL F 393 11.12 0.63 22.67
C VAL F 393 9.95 -0.34 22.76
N LEU F 394 8.90 -0.09 21.98
CA LEU F 394 7.72 -0.95 22.04
C LEU F 394 8.05 -2.37 21.63
N LYS F 395 8.82 -2.54 20.55
CA LYS F 395 9.19 -3.87 20.12
C LYS F 395 10.10 -4.55 21.13
N THR F 396 11.08 -3.83 21.65
CA THR F 396 11.98 -4.43 22.63
C THR F 396 11.26 -4.79 23.92
N LYS F 397 10.13 -4.12 24.19
CA LYS F 397 9.33 -4.48 25.36
C LYS F 397 8.47 -5.71 25.09
N ILE F 398 7.70 -5.68 24.00
CA ILE F 398 6.73 -6.75 23.78
C ILE F 398 7.40 -8.05 23.40
N ASP F 399 8.57 -8.01 22.75
CA ASP F 399 9.21 -9.26 22.33
C ASP F 399 9.54 -10.15 23.52
N MET F 400 9.90 -9.56 24.65
CA MET F 400 10.29 -10.29 25.85
C MET F 400 9.12 -10.47 26.80
N SER F 401 7.91 -10.60 26.28
CA SER F 401 6.72 -10.92 27.06
C SER F 401 6.06 -12.15 26.46
N THR F 402 4.86 -12.49 26.95
CA THR F 402 4.18 -13.70 26.50
C THR F 402 2.67 -13.46 26.60
N GLN F 403 1.95 -14.11 25.69
CA GLN F 403 0.50 -14.07 25.68
C GLN F 403 -0.03 -15.30 26.39
N ILE F 404 -0.86 -15.08 27.41
CA ILE F 404 -1.17 -16.09 28.41
C ILE F 404 -2.67 -16.32 28.48
N GLY F 405 -3.36 -16.18 27.35
CA GLY F 405 -4.79 -16.32 27.27
C GLY F 405 -5.52 -15.01 27.03
N LYS F 406 -4.85 -13.87 27.16
CA LYS F 406 -5.41 -12.58 26.80
C LYS F 406 -4.42 -11.83 25.92
N ASN F 407 -4.92 -11.15 24.90
CA ASN F 407 -4.06 -10.49 23.94
C ASN F 407 -3.20 -9.42 24.62
N THR F 408 -3.85 -8.39 25.16
CA THR F 408 -3.23 -7.28 25.89
C THR F 408 -2.10 -6.59 25.13
N LEU F 409 -1.98 -6.80 23.81
CA LEU F 409 -1.19 -5.93 22.97
C LEU F 409 -2.06 -4.73 22.63
N PRO F 410 -3.34 -4.92 22.35
CA PRO F 410 -4.27 -3.82 22.55
C PRO F 410 -4.18 -3.35 23.99
N ASP F 411 -4.25 -2.03 24.18
CA ASP F 411 -4.03 -1.31 25.43
C ASP F 411 -2.54 -1.14 25.74
N ILE F 412 -1.63 -1.69 24.92
CA ILE F 412 -0.20 -1.53 25.12
C ILE F 412 0.40 -0.84 23.91
N VAL F 413 0.25 -1.44 22.74
CA VAL F 413 0.72 -0.81 21.51
C VAL F 413 0.01 0.53 21.31
N THR F 414 -1.32 0.52 21.38
CA THR F 414 -2.08 1.75 21.16
C THR F 414 -1.86 2.76 22.27
N GLU F 415 -1.62 2.28 23.49
CA GLU F 415 -1.40 3.20 24.61
C GLU F 415 -0.02 3.85 24.53
N ALA F 416 1.00 3.06 24.19
CA ALA F 416 2.34 3.59 23.99
C ALA F 416 2.38 4.57 22.84
N SER F 417 1.64 4.28 21.77
CA SER F 417 1.63 5.17 20.61
C SER F 417 1.24 6.59 20.99
N GLU F 418 0.41 6.75 22.02
CA GLU F 418 -0.04 8.08 22.44
C GLU F 418 0.71 8.62 23.64
N LYS F 419 1.24 7.77 24.51
CA LYS F 419 1.89 8.24 25.73
C LYS F 419 3.41 8.37 25.62
N PHE F 420 4.06 7.61 24.74
CA PHE F 420 5.52 7.61 24.71
C PHE F 420 6.06 8.95 24.28
N ILE F 421 7.12 9.39 24.94
CA ILE F 421 7.77 10.68 24.68
C ILE F 421 6.72 11.79 24.78
N PRO F 422 6.23 12.13 25.97
CA PRO F 422 5.15 13.11 26.04
C PRO F 422 5.53 14.49 25.53
N LYS F 423 6.69 15.00 25.93
CA LYS F 423 7.17 16.31 25.49
C LYS F 423 8.30 16.10 24.48
N ARG F 424 8.07 16.54 23.25
CA ARG F 424 9.01 16.36 22.15
C ARG F 424 9.23 17.70 21.48
N SER F 425 10.06 17.73 20.45
CA SER F 425 10.48 18.99 19.84
C SER F 425 10.72 18.80 18.35
N TYR F 426 10.43 19.87 17.61
CA TYR F 426 10.55 19.88 16.16
C TYR F 426 11.34 21.11 15.73
N ARG F 427 11.78 21.12 14.48
CA ARG F 427 12.51 22.27 14.00
C ARG F 427 12.39 22.38 12.49
N ILE F 428 12.57 23.61 12.02
CA ILE F 428 12.51 23.97 10.60
C ILE F 428 13.73 24.82 10.31
N LEU F 429 14.57 24.39 9.38
CA LEU F 429 15.75 25.15 8.98
C LEU F 429 15.43 25.99 7.75
N LYS F 430 15.87 27.24 7.77
CA LYS F 430 15.72 28.11 6.61
C LYS F 430 16.78 29.20 6.70
N ASP F 431 17.53 29.40 5.62
CA ASP F 431 18.55 30.44 5.55
C ASP F 431 19.56 30.31 6.69
N ASP F 432 19.83 29.09 7.11
CA ASP F 432 20.73 28.84 8.24
C ASP F 432 20.28 29.58 9.49
N GLU F 433 18.97 29.63 9.71
CA GLU F 433 18.38 30.13 10.95
C GLU F 433 17.27 29.16 11.31
N VAL F 434 17.62 28.12 12.05
CA VAL F 434 16.66 27.06 12.35
C VAL F 434 15.79 27.47 13.52
N MET F 435 14.48 27.37 13.34
CA MET F 435 13.50 27.67 14.37
C MET F 435 13.03 26.35 14.97
N GLU F 436 13.17 26.22 16.29
CA GLU F 436 12.83 25.01 17.02
C GLU F 436 11.67 25.29 17.97
N ILE F 437 10.82 24.28 18.12
CA ILE F 437 9.57 24.41 18.88
C ILE F 437 9.42 23.18 19.75
N ASN F 438 8.83 23.39 20.92
CA ASN F 438 8.56 22.32 21.88
C ASN F 438 7.05 22.17 22.03
N THR F 439 6.61 20.92 22.20
CA THR F 439 5.19 20.68 22.41
C THR F 439 4.68 21.29 23.72
N GLU F 440 5.58 21.57 24.66
CA GLU F 440 5.20 22.27 25.87
C GLU F 440 5.04 23.77 25.66
N GLY F 441 5.44 24.29 24.50
CA GLY F 441 5.23 25.68 24.14
C GLY F 441 6.49 26.50 23.96
N LYS F 442 7.66 25.96 24.30
CA LYS F 442 8.88 26.74 24.23
C LYS F 442 9.35 26.87 22.79
N PHE F 443 10.18 27.87 22.54
CA PHE F 443 10.59 28.20 21.18
C PHE F 443 11.98 28.82 21.19
N PHE F 444 12.76 28.48 20.18
CA PHE F 444 14.07 29.08 19.95
C PHE F 444 14.26 29.30 18.46
N ALA F 445 15.27 30.08 18.12
CA ALA F 445 15.63 30.28 16.71
C ALA F 445 17.11 30.60 16.68
N TYR F 446 17.92 29.67 16.18
CA TYR F 446 19.36 29.74 16.30
C TYR F 446 20.04 29.42 14.98
N LYS F 447 21.23 29.99 14.81
CA LYS F 447 21.98 29.80 13.58
C LYS F 447 22.56 28.39 13.50
N ILE F 448 22.87 27.97 12.28
CA ILE F 448 23.42 26.64 12.04
C ILE F 448 24.92 26.62 12.22
N ASN F 449 25.62 27.60 11.63
CA ASN F 449 27.08 27.62 11.74
C ASN F 449 27.53 27.75 13.19
N THR F 450 26.88 28.63 13.96
CA THR F 450 27.14 28.76 15.38
C THR F 450 25.79 28.77 16.11
N PHE F 451 25.71 28.03 17.22
CA PHE F 451 24.45 27.83 17.91
C PHE F 451 24.26 28.91 18.95
N ASP F 452 23.76 30.05 18.49
CA ASP F 452 23.30 31.14 19.35
C ASP F 452 21.93 31.57 18.86
N GLU F 453 21.01 31.82 19.79
CA GLU F 453 19.62 31.98 19.39
C GLU F 453 19.33 33.40 18.92
N VAL F 454 18.15 33.54 18.32
CA VAL F 454 17.68 34.81 17.77
C VAL F 454 16.25 35.02 18.23
N PRO F 455 15.80 36.28 18.28
CA PRO F 455 14.37 36.51 18.49
C PRO F 455 13.50 35.72 17.52
N PHE F 456 12.46 35.10 18.06
CA PHE F 456 11.57 34.25 17.28
C PHE F 456 10.65 35.10 16.42
N ASP F 457 10.11 34.47 15.35
CA ASP F 457 9.20 35.12 14.42
C ASP F 457 7.95 34.24 14.28
N VAL F 458 6.98 34.48 15.16
CA VAL F 458 5.68 33.83 15.03
C VAL F 458 4.96 34.35 13.80
N ASN F 459 4.24 33.45 13.14
CA ASN F 459 3.54 33.63 11.87
C ASN F 459 4.50 33.61 10.68
N LYS F 460 5.81 33.66 10.90
CA LYS F 460 6.79 33.34 9.88
C LYS F 460 7.34 31.93 10.05
N PHE F 461 7.33 31.40 11.27
CA PHE F 461 7.53 29.97 11.45
C PHE F 461 6.31 29.20 10.97
N ALA F 462 5.12 29.77 11.15
CA ALA F 462 3.88 29.06 10.83
C ALA F 462 3.68 28.95 9.32
N GLU F 463 4.20 29.90 8.54
CA GLU F 463 4.05 29.81 7.10
C GLU F 463 4.88 28.66 6.55
N LEU F 464 6.04 28.40 7.15
CA LEU F 464 6.94 27.37 6.66
C LEU F 464 6.68 26.00 7.26
N VAL F 465 6.12 25.94 8.47
CA VAL F 465 5.86 24.64 9.09
C VAL F 465 4.82 23.86 8.30
N THR F 466 4.00 24.53 7.48
CA THR F 466 2.98 23.84 6.71
C THR F 466 3.56 23.06 5.55
N ASP F 467 4.63 23.55 4.94
CA ASP F 467 5.15 23.01 3.69
C ASP F 467 6.57 22.49 3.79
N SER F 468 7.48 23.27 4.36
CA SER F 468 8.87 22.84 4.47
C SER F 468 8.95 21.63 5.40
N PRO F 469 9.83 20.66 5.12
CA PRO F 469 9.78 19.41 5.86
C PRO F 469 10.22 19.62 7.31
N VAL F 470 9.43 19.10 8.23
CA VAL F 470 9.72 19.22 9.65
C VAL F 470 10.79 18.22 10.03
N ILE F 471 11.66 18.60 10.96
CA ILE F 471 12.76 17.76 11.41
C ILE F 471 12.55 17.50 12.88
N SER F 472 12.38 16.23 13.25
CA SER F 472 12.33 15.87 14.65
C SER F 472 13.64 16.24 15.32
N ALA F 473 13.56 16.78 16.54
CA ALA F 473 14.70 17.40 17.20
C ALA F 473 15.29 16.52 18.29
N ILE F 474 15.43 15.21 18.01
CA ILE F 474 15.91 14.26 19.02
C ILE F 474 17.18 14.74 19.71
N ILE F 475 18.01 15.50 19.01
CA ILE F 475 19.09 16.27 19.62
C ILE F 475 18.56 17.70 19.69
N ASP F 476 17.89 18.03 20.78
CA ASP F 476 17.23 19.32 20.89
C ASP F 476 18.27 20.42 21.07
N PHE F 477 17.77 21.66 21.14
CA PHE F 477 18.66 22.80 21.11
C PHE F 477 19.55 22.85 22.34
N LYS F 478 19.02 22.52 23.51
CA LYS F 478 19.79 22.59 24.74
C LYS F 478 20.99 21.63 24.70
N THR F 479 20.71 20.36 24.41
CA THR F 479 21.79 19.38 24.32
C THR F 479 22.75 19.73 23.20
N LEU F 480 22.23 20.25 22.08
CA LEU F 480 23.10 20.61 20.97
C LEU F 480 24.04 21.75 21.37
N LYS F 481 23.52 22.74 22.10
CA LYS F 481 24.37 23.82 22.56
C LYS F 481 25.43 23.32 23.53
N ASN F 482 25.05 22.43 24.44
CA ASN F 482 26.04 21.81 25.32
C ASN F 482 27.13 21.12 24.51
N LEU F 483 26.72 20.37 23.49
CA LEU F 483 27.68 19.61 22.71
C LEU F 483 28.63 20.53 21.97
N ASN F 484 28.10 21.59 21.35
CA ASN F 484 28.97 22.51 20.62
C ASN F 484 29.90 23.24 21.57
N ASP F 485 29.42 23.61 22.75
CA ASP F 485 30.27 24.33 23.69
C ASP F 485 31.41 23.45 24.19
N ASN F 486 31.09 22.25 24.66
CA ASN F 486 32.12 21.39 25.22
C ASN F 486 32.96 20.72 24.13
N TYR F 487 32.33 19.88 23.33
CA TYR F 487 32.99 19.19 22.22
C TYR F 487 32.73 20.02 20.97
N GLY F 488 33.59 20.99 20.71
CA GLY F 488 33.42 21.86 19.56
C GLY F 488 33.35 21.09 18.26
N ILE F 489 32.27 21.30 17.51
CA ILE F 489 31.94 20.48 16.36
C ILE F 489 32.10 21.32 15.09
N THR F 490 32.04 20.64 13.95
CA THR F 490 32.25 21.25 12.64
C THR F 490 30.92 21.56 11.96
N ARG F 491 31.02 22.23 10.81
CA ARG F 491 29.83 22.59 10.05
C ARG F 491 29.08 21.36 9.58
N THR F 492 29.80 20.36 9.09
CA THR F 492 29.16 19.19 8.50
C THR F 492 28.34 18.43 9.55
N GLU F 493 28.98 18.08 10.66
CA GLU F 493 28.26 17.34 11.69
C GLU F 493 27.23 18.22 12.40
N ALA F 494 27.46 19.54 12.44
CA ALA F 494 26.43 20.43 12.96
C ALA F 494 25.16 20.32 12.12
N LEU F 495 25.31 20.44 10.80
CA LEU F 495 24.16 20.32 9.92
C LEU F 495 23.51 18.95 10.03
N ASN F 496 24.33 17.90 10.13
CA ASN F 496 23.78 16.55 10.24
C ASN F 496 22.96 16.37 11.51
N LEU F 497 23.49 16.82 12.65
CA LEU F 497 22.75 16.69 13.89
C LEU F 497 21.50 17.54 13.88
N ILE F 498 21.56 18.72 13.27
CA ILE F 498 20.34 19.52 13.09
C ILE F 498 19.31 18.72 12.31
N LYS F 499 19.74 18.10 11.21
CA LYS F 499 18.83 17.33 10.37
C LYS F 499 18.43 16.01 11.02
N SER F 500 19.06 15.63 12.13
CA SER F 500 18.82 14.33 12.77
C SER F 500 19.22 13.20 11.83
N ASN F 501 20.44 13.28 11.32
CA ASN F 501 20.96 12.27 10.42
C ASN F 501 21.35 11.02 11.21
N PRO F 502 20.83 9.84 10.88
CA PRO F 502 21.23 8.65 11.64
C PRO F 502 22.72 8.39 11.63
N ASN F 503 23.39 8.68 10.51
CA ASN F 503 24.81 8.43 10.41
C ASN F 503 25.57 9.22 11.47
N MET F 504 25.31 10.53 11.54
CA MET F 504 26.02 11.35 12.51
C MET F 504 25.59 11.03 13.93
N LEU F 505 24.31 10.72 14.14
CA LEU F 505 23.85 10.37 15.47
C LEU F 505 24.57 9.12 15.98
N ARG F 506 24.67 8.10 15.15
CA ARG F 506 25.36 6.89 15.58
C ARG F 506 26.86 7.12 15.69
N ASN F 507 27.42 8.00 14.86
CA ASN F 507 28.83 8.34 15.02
C ASN F 507 29.09 8.96 16.38
N PHE F 508 28.23 9.87 16.82
CA PHE F 508 28.42 10.48 18.12
C PHE F 508 28.14 9.49 19.25
N ILE F 509 27.18 8.58 19.05
CA ILE F 509 26.93 7.58 20.09
C ILE F 509 28.14 6.66 20.24
N ASN F 510 28.72 6.21 19.12
CA ASN F 510 29.85 5.30 19.17
C ASN F 510 31.16 6.00 19.49
N GLN F 511 31.20 7.33 19.41
CA GLN F 511 32.28 8.08 20.05
C GLN F 511 32.20 8.01 21.57
N ASN F 512 31.11 7.49 22.12
CA ASN F 512 30.86 7.53 23.56
C ASN F 512 30.80 8.97 24.04
N ASN F 513 30.14 9.82 23.27
CA ASN F 513 29.97 11.20 23.66
C ASN F 513 29.02 11.25 24.86
N PRO F 514 29.44 11.77 26.02
CA PRO F 514 28.51 11.80 27.16
C PRO F 514 27.25 12.59 26.89
N ILE F 515 27.33 13.68 26.14
CA ILE F 515 26.16 14.53 25.95
C ILE F 515 25.07 13.77 25.19
N ILE F 516 25.44 13.19 24.04
CA ILE F 516 24.46 12.46 23.24
C ILE F 516 24.02 11.20 23.97
N ARG F 517 24.96 10.52 24.64
CA ARG F 517 24.60 9.32 25.38
C ARG F 517 23.51 9.62 26.41
N ASN F 518 23.74 10.63 27.24
CA ASN F 518 22.76 10.98 28.27
C ASN F 518 21.44 11.42 27.64
N ARG F 519 21.51 12.23 26.58
CA ARG F 519 20.29 12.73 25.96
C ARG F 519 19.43 11.57 25.45
N ILE F 520 20.03 10.65 24.71
CA ILE F 520 19.27 9.52 24.18
C ILE F 520 18.80 8.63 25.32
N GLU F 521 19.56 8.56 26.42
CA GLU F 521 19.09 7.77 27.55
C GLU F 521 17.82 8.37 28.15
N GLN F 522 17.76 9.69 28.28
CA GLN F 522 16.51 10.28 28.76
C GLN F 522 15.39 10.05 27.75
N LEU F 523 15.69 10.14 26.46
CA LEU F 523 14.69 9.81 25.43
C LEU F 523 14.10 8.43 25.67
N ILE F 524 14.95 7.46 25.91
CA ILE F 524 14.47 6.10 26.19
C ILE F 524 13.64 6.10 27.47
N LEU F 525 14.04 6.91 28.46
CA LEU F 525 13.39 6.84 29.76
C LEU F 525 12.01 7.50 29.79
N GLN F 526 11.70 8.47 28.91
CA GLN F 526 10.30 8.93 28.98
C GLN F 526 9.31 7.88 28.49
N CYS F 527 9.75 6.86 27.76
CA CYS F 527 8.83 5.83 27.27
C CYS F 527 8.36 5.00 28.45
N LYS F 528 7.29 5.48 29.12
CA LYS F 528 6.81 4.89 30.36
C LYS F 528 5.31 4.68 30.36
N LEU F 529 4.66 4.65 29.20
CA LEU F 529 3.22 4.47 29.11
C LEU F 529 2.47 5.50 29.93
N GLU G 1 -107.66 -60.50 -1.40
CA GLU G 1 -109.10 -60.59 -1.22
C GLU G 1 -109.80 -60.80 -2.55
N VAL G 2 -111.05 -61.23 -2.50
CA VAL G 2 -111.85 -61.56 -3.67
C VAL G 2 -113.13 -60.74 -3.63
N GLN G 3 -113.52 -60.19 -4.79
CA GLN G 3 -114.61 -59.23 -4.87
C GLN G 3 -115.60 -59.62 -5.96
N LEU G 4 -116.87 -59.67 -5.59
CA LEU G 4 -117.99 -59.81 -6.52
C LEU G 4 -118.76 -58.50 -6.55
N VAL G 5 -119.02 -57.99 -7.76
CA VAL G 5 -119.77 -56.76 -7.94
C VAL G 5 -120.99 -57.09 -8.79
N GLU G 6 -122.08 -56.34 -8.57
CA GLU G 6 -123.31 -56.61 -9.29
C GLU G 6 -124.09 -55.31 -9.45
N SER G 7 -125.09 -55.35 -10.33
CA SER G 7 -125.91 -54.17 -10.57
C SER G 7 -127.13 -54.54 -11.40
N GLY G 8 -128.13 -53.64 -11.36
CA GLY G 8 -129.34 -53.78 -12.15
C GLY G 8 -130.63 -53.67 -11.34
N GLY G 9 -130.54 -53.22 -10.08
CA GLY G 9 -131.68 -53.25 -9.20
C GLY G 9 -132.57 -52.02 -9.28
N GLY G 10 -133.82 -52.20 -8.84
CA GLY G 10 -134.82 -51.16 -8.86
C GLY G 10 -136.21 -51.73 -9.01
N PRO G 11 -137.22 -50.85 -9.16
CA PRO G 11 -138.58 -51.34 -9.41
C PRO G 11 -138.68 -51.99 -10.78
N VAL G 12 -139.53 -53.02 -10.88
CA VAL G 12 -139.69 -53.78 -12.11
C VAL G 12 -141.18 -53.96 -12.39
N GLN G 13 -141.60 -53.55 -13.58
CA GLN G 13 -142.96 -53.82 -14.02
C GLN G 13 -143.10 -55.30 -14.34
N PRO G 14 -144.02 -56.05 -13.71
CA PRO G 14 -144.31 -57.39 -14.23
C PRO G 14 -144.89 -57.27 -15.64
N GLY G 15 -144.47 -58.19 -16.51
CA GLY G 15 -144.63 -57.98 -17.93
C GLY G 15 -143.61 -57.05 -18.54
N GLY G 16 -142.63 -56.58 -17.76
CA GLY G 16 -141.59 -55.67 -18.20
C GLY G 16 -140.29 -56.37 -18.54
N SER G 17 -139.19 -55.64 -18.40
CA SER G 17 -137.89 -56.17 -18.79
C SER G 17 -136.77 -55.34 -18.17
N LEU G 18 -135.64 -56.00 -17.89
CA LEU G 18 -134.42 -55.32 -17.48
C LEU G 18 -133.26 -56.32 -17.56
N LYS G 19 -132.09 -55.89 -17.08
CA LYS G 19 -130.84 -56.63 -17.17
C LYS G 19 -130.19 -56.66 -15.79
N LEU G 20 -129.59 -57.80 -15.45
CA LEU G 20 -128.87 -57.99 -14.19
C LEU G 20 -127.44 -58.42 -14.50
N SER G 21 -126.48 -57.84 -13.77
CA SER G 21 -125.05 -58.07 -14.00
C SER G 21 -124.38 -58.50 -12.70
N CYS G 22 -123.46 -59.46 -12.81
CA CYS G 22 -122.63 -59.89 -11.68
C CYS G 22 -121.24 -60.24 -12.21
N ALA G 23 -120.29 -59.35 -12.01
CA ALA G 23 -118.89 -59.57 -12.38
C ALA G 23 -118.08 -60.02 -11.18
N ALA G 24 -116.96 -60.71 -11.45
CA ALA G 24 -116.09 -61.24 -10.43
C ALA G 24 -114.66 -60.81 -10.70
N SER G 25 -113.87 -60.64 -9.63
CA SER G 25 -112.51 -60.12 -9.76
C SER G 25 -111.42 -61.09 -9.31
N GLY G 26 -111.52 -61.62 -8.08
CA GLY G 26 -110.35 -62.17 -7.43
C GLY G 26 -109.92 -63.57 -7.84
N PHE G 27 -110.66 -64.26 -8.71
CA PHE G 27 -110.37 -65.64 -9.06
C PHE G 27 -110.47 -65.81 -10.57
N THR G 28 -110.11 -67.01 -11.04
CA THR G 28 -109.96 -67.25 -12.46
C THR G 28 -111.28 -67.13 -13.20
N PHE G 29 -112.32 -67.80 -12.71
CA PHE G 29 -113.61 -67.83 -13.37
C PHE G 29 -113.49 -68.31 -14.81
N SER G 30 -112.74 -69.39 -14.98
CA SER G 30 -112.81 -70.18 -16.21
C SER G 30 -112.94 -71.65 -15.87
N ASN G 31 -112.34 -72.07 -14.76
CA ASN G 31 -112.46 -73.43 -14.25
C ASN G 31 -113.54 -73.56 -13.19
N TYR G 32 -114.43 -72.58 -13.08
CA TYR G 32 -115.55 -72.61 -12.14
C TYR G 32 -116.87 -72.64 -12.89
N GLU G 33 -117.90 -73.06 -12.17
CA GLU G 33 -119.27 -72.96 -12.63
C GLU G 33 -119.89 -71.69 -12.07
N MET G 34 -121.09 -71.36 -12.55
CA MET G 34 -121.80 -70.22 -11.99
C MET G 34 -123.29 -70.42 -12.10
N TYR G 35 -124.00 -69.97 -11.07
CA TYR G 35 -125.41 -70.22 -10.89
C TYR G 35 -126.09 -68.90 -10.53
N TRP G 36 -127.38 -68.98 -10.22
CA TRP G 36 -128.08 -67.85 -9.64
C TRP G 36 -129.10 -68.40 -8.66
N VAL G 37 -129.33 -67.65 -7.57
CA VAL G 37 -130.33 -68.05 -6.59
C VAL G 37 -131.07 -66.81 -6.10
N ARG G 38 -132.39 -66.90 -6.05
CA ARG G 38 -133.23 -65.84 -5.53
C ARG G 38 -133.53 -66.11 -4.06
N GLN G 39 -133.27 -65.12 -3.21
CA GLN G 39 -133.55 -65.22 -1.79
C GLN G 39 -134.65 -64.24 -1.41
N ALA G 40 -135.45 -64.66 -0.45
CA ALA G 40 -136.71 -64.04 -0.08
C ALA G 40 -137.05 -64.52 1.33
N PRO G 41 -138.20 -64.13 1.88
CA PRO G 41 -138.67 -64.77 3.12
C PRO G 41 -138.85 -66.27 2.95
N GLY G 42 -139.35 -66.94 3.97
CA GLY G 42 -138.96 -68.31 4.27
C GLY G 42 -139.29 -69.40 3.25
N LYS G 43 -139.62 -69.03 2.01
CA LYS G 43 -139.54 -70.00 0.92
C LYS G 43 -138.13 -70.55 0.78
N GLY G 44 -137.12 -69.68 0.87
CA GLY G 44 -135.73 -70.10 0.87
C GLY G 44 -135.07 -70.00 -0.49
N LEU G 45 -133.75 -69.87 -0.46
CA LEU G 45 -132.98 -69.80 -1.69
C LEU G 45 -133.12 -71.10 -2.48
N GLU G 46 -133.06 -70.98 -3.80
CA GLU G 46 -133.17 -72.15 -4.66
C GLU G 46 -132.40 -71.93 -5.95
N TRP G 47 -132.06 -73.04 -6.59
CA TRP G 47 -131.28 -73.02 -7.82
C TRP G 47 -132.08 -72.37 -8.94
N VAL G 48 -131.38 -71.64 -9.83
CA VAL G 48 -132.01 -70.98 -10.97
C VAL G 48 -131.37 -71.42 -12.27
N SER G 49 -130.07 -71.17 -12.42
CA SER G 49 -129.35 -71.39 -13.68
C SER G 49 -128.05 -72.15 -13.42
N TYR G 50 -127.49 -72.65 -14.51
CA TYR G 50 -126.32 -73.53 -14.46
C TYR G 50 -125.49 -73.31 -15.72
N ILE G 51 -124.25 -72.86 -15.53
CA ILE G 51 -123.27 -72.79 -16.60
C ILE G 51 -121.96 -73.33 -16.03
N SER G 52 -121.28 -74.20 -16.79
CA SER G 52 -120.05 -74.81 -16.29
C SER G 52 -119.13 -75.10 -17.46
N THR G 53 -118.24 -74.16 -17.76
CA THR G 53 -117.19 -74.33 -18.77
C THR G 53 -117.79 -74.49 -20.17
N SER G 54 -118.94 -73.86 -20.42
CA SER G 54 -119.58 -73.73 -21.72
C SER G 54 -119.51 -74.98 -22.60
N PRO G 55 -120.23 -76.06 -22.27
CA PRO G 55 -120.29 -77.20 -23.21
C PRO G 55 -121.35 -77.01 -24.29
N ALA G 56 -121.86 -75.78 -24.43
CA ALA G 56 -123.14 -75.54 -25.10
C ALA G 56 -124.25 -76.31 -24.39
N ILE G 57 -124.14 -76.40 -23.06
CA ILE G 57 -125.10 -77.12 -22.23
C ILE G 57 -125.35 -76.29 -20.98
N THR G 58 -126.62 -76.15 -20.63
CA THR G 58 -127.04 -75.37 -19.46
C THR G 58 -128.31 -75.98 -18.91
N TYR G 59 -128.78 -75.46 -17.77
CA TYR G 59 -130.02 -75.91 -17.15
C TYR G 59 -130.75 -74.71 -16.57
N TYR G 60 -132.06 -74.87 -16.39
CA TYR G 60 -132.93 -73.84 -15.86
C TYR G 60 -133.85 -74.42 -14.80
N ALA G 61 -134.27 -73.57 -13.87
CA ALA G 61 -135.14 -73.98 -12.78
C ALA G 61 -136.61 -73.85 -13.19
N ASP G 62 -137.51 -74.14 -12.24
CA ASP G 62 -138.92 -74.30 -12.58
C ASP G 62 -139.55 -72.97 -13.03
N SER G 63 -139.38 -71.92 -12.24
CA SER G 63 -140.13 -70.69 -12.42
C SER G 63 -139.38 -69.67 -13.27
N VAL G 64 -138.43 -70.13 -14.09
CA VAL G 64 -137.56 -69.24 -14.86
C VAL G 64 -137.48 -69.63 -16.32
N ARG G 65 -138.23 -70.63 -16.77
CA ARG G 65 -138.11 -71.12 -18.14
C ARG G 65 -138.44 -70.01 -19.14
N GLY G 66 -137.57 -69.83 -20.12
CA GLY G 66 -137.81 -68.87 -21.19
C GLY G 66 -137.59 -67.42 -20.81
N ARG G 67 -138.30 -66.96 -19.78
CA ARG G 67 -138.37 -65.53 -19.46
C ARG G 67 -137.11 -65.02 -18.76
N PHE G 68 -136.34 -65.92 -18.14
CA PHE G 68 -134.94 -65.67 -17.83
C PHE G 68 -134.10 -65.95 -19.07
N THR G 69 -132.89 -65.41 -19.08
CA THR G 69 -131.87 -66.00 -19.94
C THR G 69 -130.50 -65.61 -19.43
N ILE G 70 -129.54 -66.50 -19.66
CA ILE G 70 -128.23 -66.46 -19.01
C ILE G 70 -127.16 -66.20 -20.05
N SER G 71 -126.04 -65.64 -19.58
CA SER G 71 -124.86 -65.47 -20.42
C SER G 71 -123.64 -65.44 -19.52
N ARG G 72 -122.59 -66.13 -19.93
CA ARG G 72 -121.35 -66.24 -19.18
C ARG G 72 -120.22 -65.71 -20.05
N ASP G 73 -119.58 -64.63 -19.62
CA ASP G 73 -118.47 -64.04 -20.36
C ASP G 73 -117.19 -64.27 -19.56
N ASN G 74 -116.30 -65.11 -20.12
CA ASN G 74 -114.98 -65.28 -19.51
C ASN G 74 -114.15 -64.02 -19.63
N ALA G 75 -114.19 -63.36 -20.79
CA ALA G 75 -113.37 -62.17 -21.00
C ALA G 75 -113.69 -61.09 -19.99
N LYS G 76 -114.92 -60.58 -20.00
CA LYS G 76 -115.33 -59.62 -18.97
C LYS G 76 -115.37 -60.25 -17.59
N SER G 77 -115.38 -61.57 -17.49
CA SER G 77 -115.39 -62.28 -16.21
C SER G 77 -116.65 -61.96 -15.42
N SER G 78 -117.79 -62.31 -16.01
CA SER G 78 -119.08 -61.94 -15.43
C SER G 78 -120.18 -62.87 -15.90
N LEU G 79 -121.30 -62.78 -15.19
CA LEU G 79 -122.57 -63.38 -15.59
C LEU G 79 -123.57 -62.28 -15.87
N TYR G 80 -124.25 -62.40 -17.00
CA TYR G 80 -125.18 -61.39 -17.51
C TYR G 80 -126.53 -62.08 -17.73
N LEU G 81 -127.55 -61.66 -16.97
CA LEU G 81 -128.88 -62.23 -17.06
C LEU G 81 -129.83 -61.20 -17.64
N HIS G 82 -130.53 -61.57 -18.72
CA HIS G 82 -131.57 -60.72 -19.27
C HIS G 82 -132.91 -61.26 -18.80
N MET G 83 -133.73 -60.36 -18.23
CA MET G 83 -134.91 -60.72 -17.47
C MET G 83 -136.11 -60.04 -18.11
N ASN G 84 -137.19 -60.81 -18.36
CA ASN G 84 -138.41 -60.20 -18.86
C ASN G 84 -139.64 -60.86 -18.25
N SER G 85 -140.60 -60.02 -17.84
CA SER G 85 -142.02 -60.34 -17.87
C SER G 85 -142.36 -61.64 -17.14
N LEU G 86 -142.21 -61.61 -15.82
CA LEU G 86 -142.50 -62.74 -14.94
C LEU G 86 -143.48 -62.35 -13.84
N ARG G 87 -143.87 -63.37 -13.08
CA ARG G 87 -144.78 -63.21 -11.96
C ARG G 87 -144.16 -62.37 -10.86
N ALA G 88 -145.02 -61.82 -10.00
CA ALA G 88 -144.58 -60.95 -8.93
C ALA G 88 -143.72 -61.65 -7.90
N GLU G 89 -143.67 -62.99 -7.90
CA GLU G 89 -142.83 -63.71 -6.96
C GLU G 89 -141.35 -63.37 -7.11
N ASP G 90 -140.96 -62.82 -8.26
CA ASP G 90 -139.56 -62.47 -8.49
C ASP G 90 -139.07 -61.34 -7.58
N THR G 91 -139.95 -60.71 -6.79
CA THR G 91 -139.48 -59.75 -5.80
C THR G 91 -138.58 -60.47 -4.81
N ALA G 92 -137.29 -60.18 -4.86
CA ALA G 92 -136.29 -60.96 -4.14
C ALA G 92 -134.93 -60.31 -4.35
N VAL G 93 -133.94 -60.84 -3.63
CA VAL G 93 -132.54 -60.46 -3.83
C VAL G 93 -131.86 -61.59 -4.58
N TYR G 94 -131.22 -61.26 -5.70
CA TYR G 94 -130.58 -62.25 -6.54
C TYR G 94 -129.11 -62.35 -6.17
N TYR G 95 -128.61 -63.59 -6.10
CA TYR G 95 -127.27 -63.90 -5.65
C TYR G 95 -126.57 -64.75 -6.71
N CYS G 96 -125.30 -64.41 -6.97
CA CYS G 96 -124.41 -65.14 -7.85
C CYS G 96 -123.25 -65.71 -7.04
N ALA G 97 -122.81 -66.92 -7.38
CA ALA G 97 -121.81 -67.58 -6.56
C ALA G 97 -121.40 -68.91 -7.18
N THR G 98 -120.38 -69.53 -6.58
CA THR G 98 -119.97 -70.89 -6.91
C THR G 98 -119.11 -71.46 -5.80
N ILE G 99 -119.50 -72.61 -5.27
CA ILE G 99 -118.68 -73.35 -4.33
C ILE G 99 -117.78 -74.28 -5.11
N SER G 100 -116.50 -74.30 -4.75
CA SER G 100 -115.48 -75.06 -5.44
C SER G 100 -115.00 -76.18 -4.55
N HIS G 101 -115.07 -77.41 -5.04
CA HIS G 101 -114.63 -78.59 -4.30
C HIS G 101 -113.58 -79.30 -5.14
N GLN G 102 -112.32 -78.98 -4.87
CA GLN G 102 -111.20 -79.73 -5.42
C GLN G 102 -110.12 -79.80 -4.34
N GLN G 103 -109.50 -80.97 -4.22
CA GLN G 103 -108.74 -81.29 -3.02
C GLN G 103 -107.44 -80.52 -2.95
N PHE G 104 -107.51 -79.26 -2.52
CA PHE G 104 -106.31 -78.50 -2.22
C PHE G 104 -105.69 -79.07 -0.94
N SER G 105 -104.38 -79.26 -0.96
CA SER G 105 -103.70 -79.82 0.20
C SER G 105 -103.56 -78.76 1.28
N SER G 106 -102.87 -79.10 2.35
CA SER G 106 -102.61 -78.14 3.40
C SER G 106 -101.56 -77.13 2.96
N GLY G 107 -101.32 -76.14 3.80
CA GLY G 107 -100.30 -75.14 3.56
C GLY G 107 -100.80 -73.86 2.92
N TRP G 108 -102.02 -73.84 2.41
CA TRP G 108 -102.58 -72.61 1.86
C TRP G 108 -104.07 -72.83 1.61
N ASN G 109 -104.86 -71.83 1.96
CA ASN G 109 -106.32 -71.92 1.87
C ASN G 109 -106.78 -71.27 0.57
N ALA G 110 -107.20 -72.10 -0.37
CA ALA G 110 -107.76 -71.64 -1.64
C ALA G 110 -109.26 -71.46 -1.57
N TRP G 111 -109.79 -71.17 -0.39
CA TRP G 111 -111.21 -71.28 -0.09
C TRP G 111 -111.83 -69.90 0.05
N PHE G 112 -113.09 -69.77 -0.38
CA PHE G 112 -113.68 -68.47 -0.71
C PHE G 112 -114.58 -67.89 0.37
N ASP G 113 -115.61 -68.63 0.77
CA ASP G 113 -116.89 -68.05 1.16
C ASP G 113 -117.44 -67.36 -0.09
N PRO G 114 -117.78 -68.13 -1.12
CA PRO G 114 -118.13 -67.57 -2.45
C PRO G 114 -119.56 -67.04 -2.54
N TRP G 115 -119.73 -65.78 -2.16
CA TRP G 115 -121.02 -65.12 -2.24
C TRP G 115 -120.84 -63.64 -2.50
N GLY G 116 -121.30 -63.18 -3.65
CA GLY G 116 -121.49 -61.75 -3.85
C GLY G 116 -122.62 -61.23 -2.99
N GLN G 117 -122.59 -59.92 -2.76
CA GLN G 117 -123.62 -59.30 -1.91
C GLN G 117 -125.01 -59.48 -2.49
N GLY G 118 -125.11 -59.59 -3.82
CA GLY G 118 -126.39 -59.69 -4.48
C GLY G 118 -126.99 -58.34 -4.82
N THR G 119 -128.10 -58.39 -5.55
CA THR G 119 -128.82 -57.19 -5.95
C THR G 119 -130.31 -57.35 -5.67
N LEU G 120 -130.92 -56.32 -5.12
CA LEU G 120 -132.35 -56.34 -4.84
C LEU G 120 -133.13 -56.00 -6.10
N VAL G 121 -134.21 -56.76 -6.33
CA VAL G 121 -135.07 -56.54 -7.48
C VAL G 121 -136.49 -56.83 -7.04
N THR G 122 -137.35 -55.82 -7.09
CA THR G 122 -138.74 -55.91 -6.64
C THR G 122 -139.68 -55.78 -7.83
N VAL G 123 -140.74 -56.57 -7.81
CA VAL G 123 -141.77 -56.56 -8.86
C VAL G 123 -142.95 -55.77 -8.33
N SER G 124 -143.24 -54.65 -8.99
CA SER G 124 -144.17 -53.64 -8.52
C SER G 124 -144.62 -52.85 -9.75
N GLY G 125 -145.09 -51.63 -9.54
CA GLY G 125 -145.58 -50.80 -10.62
C GLY G 125 -146.67 -49.86 -10.17
N ALA G 126 -147.41 -50.24 -9.13
CA ALA G 126 -147.82 -49.34 -8.05
C ALA G 126 -148.07 -47.90 -8.51
N SER G 127 -149.02 -47.69 -9.41
CA SER G 127 -149.55 -46.34 -9.53
C SER G 127 -150.14 -45.88 -8.20
N THR G 128 -150.24 -44.57 -8.04
CA THR G 128 -150.69 -44.00 -6.77
C THR G 128 -152.14 -44.37 -6.49
N LYS G 129 -152.39 -44.81 -5.25
CA LYS G 129 -153.72 -45.24 -4.82
C LYS G 129 -153.89 -44.85 -3.36
N GLY G 130 -155.04 -44.27 -3.03
CA GLY G 130 -155.26 -43.87 -1.66
C GLY G 130 -155.60 -45.11 -0.84
N PRO G 131 -155.41 -45.07 0.48
CA PRO G 131 -155.66 -46.27 1.27
C PRO G 131 -157.13 -46.46 1.61
N SER G 132 -157.49 -47.70 1.85
CA SER G 132 -158.80 -48.08 2.35
C SER G 132 -158.62 -48.58 3.79
N VAL G 133 -159.36 -47.97 4.71
CA VAL G 133 -159.25 -48.30 6.13
C VAL G 133 -160.46 -49.16 6.47
N PHE G 134 -160.22 -50.40 6.95
CA PHE G 134 -161.33 -51.27 7.30
C PHE G 134 -161.34 -51.51 8.81
N PRO G 135 -162.50 -51.56 9.49
CA PRO G 135 -162.45 -51.82 10.93
C PRO G 135 -162.23 -53.30 11.23
N LEU G 136 -161.50 -53.57 12.30
CA LEU G 136 -161.35 -54.92 12.87
C LEU G 136 -162.08 -54.75 14.19
N ALA G 137 -163.40 -55.09 14.20
CA ALA G 137 -164.25 -54.77 15.33
C ALA G 137 -164.06 -55.69 16.54
N PRO G 138 -164.16 -55.15 17.76
CA PRO G 138 -164.10 -55.96 18.98
C PRO G 138 -165.45 -56.57 19.28
N SER G 139 -165.46 -57.65 20.05
CA SER G 139 -166.76 -58.20 20.42
C SER G 139 -166.62 -59.14 21.63
N SER G 140 -167.77 -59.74 22.00
CA SER G 140 -167.76 -60.64 23.14
C SER G 140 -166.95 -61.89 22.85
N LYS G 141 -166.93 -62.29 21.59
CA LYS G 141 -166.15 -63.45 21.20
C LYS G 141 -164.66 -63.13 21.26
N SER G 142 -164.30 -61.87 20.97
CA SER G 142 -162.92 -61.41 20.95
C SER G 142 -162.38 -60.93 22.28
N THR G 143 -163.14 -60.96 23.38
CA THR G 143 -162.67 -60.37 24.63
C THR G 143 -162.44 -61.47 25.66
N SER G 144 -161.37 -61.31 26.45
CA SER G 144 -161.05 -62.21 27.56
C SER G 144 -160.09 -61.54 28.53
N GLY G 145 -160.33 -61.73 29.84
CA GLY G 145 -159.42 -61.21 30.84
C GLY G 145 -159.51 -59.73 31.09
N GLY G 146 -160.66 -59.12 30.82
CA GLY G 146 -160.87 -57.71 31.07
C GLY G 146 -160.24 -56.79 30.05
N THR G 147 -159.72 -57.34 28.96
CA THR G 147 -159.11 -56.56 27.89
C THR G 147 -159.85 -56.85 26.59
N ALA G 148 -159.94 -55.83 25.75
CA ALA G 148 -160.62 -55.95 24.47
C ALA G 148 -159.64 -55.46 23.40
N ALA G 149 -159.68 -56.07 22.22
CA ALA G 149 -158.79 -55.71 21.13
C ALA G 149 -159.59 -55.18 19.95
N LEU G 150 -159.13 -54.08 19.37
CA LEU G 150 -159.77 -53.52 18.18
C LEU G 150 -158.69 -53.04 17.22
N GLY G 151 -159.08 -52.70 16.00
CA GLY G 151 -158.05 -52.22 15.11
C GLY G 151 -158.56 -51.67 13.80
N CYS G 152 -157.58 -51.27 12.97
CA CYS G 152 -157.83 -50.76 11.62
C CYS G 152 -156.89 -51.46 10.64
N LEU G 153 -157.42 -51.79 9.46
CA LEU G 153 -156.71 -52.47 8.38
C LEU G 153 -156.43 -51.44 7.29
N VAL G 154 -155.15 -51.14 7.06
CA VAL G 154 -154.76 -50.19 6.03
C VAL G 154 -154.36 -51.00 4.80
N LYS G 155 -155.22 -50.93 3.77
CA LYS G 155 -155.13 -51.76 2.58
C LYS G 155 -155.10 -50.91 1.32
N ASP G 156 -154.54 -51.48 0.27
CA ASP G 156 -154.51 -50.88 -1.07
C ASP G 156 -153.97 -49.45 -1.08
N TYR G 157 -152.70 -49.30 -0.72
CA TYR G 157 -152.03 -48.01 -0.81
C TYR G 157 -150.70 -48.20 -1.55
N PHE G 158 -150.21 -47.10 -2.12
CA PHE G 158 -148.94 -47.10 -2.84
C PHE G 158 -148.42 -45.69 -2.83
N PRO G 159 -147.11 -45.46 -2.64
CA PRO G 159 -145.98 -46.35 -2.35
C PRO G 159 -145.76 -46.37 -0.83
N GLU G 160 -144.64 -46.91 -0.36
CA GLU G 160 -144.36 -46.85 1.06
C GLU G 160 -143.89 -45.47 1.46
N PRO G 161 -144.01 -45.12 2.76
CA PRO G 161 -144.62 -45.83 3.90
C PRO G 161 -145.95 -45.18 4.30
N VAL G 162 -146.61 -45.74 5.32
CA VAL G 162 -147.80 -45.15 5.92
C VAL G 162 -147.60 -45.08 7.43
N THR G 163 -148.21 -44.07 8.06
CA THR G 163 -148.10 -43.92 9.51
C THR G 163 -149.52 -44.02 10.07
N VAL G 164 -149.69 -44.92 11.04
CA VAL G 164 -150.98 -45.19 11.67
C VAL G 164 -150.89 -44.78 13.14
N SER G 165 -151.89 -44.05 13.62
CA SER G 165 -151.92 -43.62 15.02
C SER G 165 -153.31 -43.87 15.61
N TRP G 166 -153.34 -43.96 16.93
CA TRP G 166 -154.55 -44.18 17.70
C TRP G 166 -154.70 -43.07 18.74
N ASN G 167 -155.91 -42.51 18.83
CA ASN G 167 -156.22 -41.45 19.79
C ASN G 167 -155.25 -40.29 19.62
N SER G 168 -154.94 -39.97 18.37
CA SER G 168 -154.09 -38.84 18.01
C SER G 168 -152.72 -38.93 18.66
N GLY G 169 -152.21 -40.14 18.87
CA GLY G 169 -150.86 -40.32 19.37
C GLY G 169 -150.78 -40.46 20.88
N ALA G 170 -151.88 -40.21 21.59
CA ALA G 170 -151.89 -40.29 23.04
C ALA G 170 -151.65 -41.70 23.54
N LEU G 171 -152.23 -42.69 22.86
CA LEU G 171 -152.18 -44.09 23.30
C LEU G 171 -151.12 -44.83 22.50
N THR G 172 -149.93 -44.94 23.09
CA THR G 172 -148.82 -45.73 22.58
C THR G 172 -148.87 -47.14 23.13
N SER G 173 -149.26 -47.31 24.40
CA SER G 173 -149.12 -48.60 25.04
C SER G 173 -150.16 -49.58 24.49
N GLY G 174 -149.73 -50.82 24.27
CA GLY G 174 -150.62 -51.89 23.86
C GLY G 174 -151.02 -51.88 22.41
N VAL G 175 -150.31 -51.09 21.56
CA VAL G 175 -150.58 -51.01 20.12
C VAL G 175 -149.65 -51.99 19.40
N HIS G 176 -150.13 -52.61 18.34
CA HIS G 176 -149.29 -53.45 17.51
C HIS G 176 -149.63 -53.06 16.08
N THR G 177 -148.71 -52.39 15.40
CA THR G 177 -148.86 -52.02 13.99
C THR G 177 -147.90 -52.82 13.13
N PHE G 178 -148.43 -53.64 12.23
CA PHE G 178 -147.52 -54.46 11.46
C PHE G 178 -146.83 -53.61 10.39
N PRO G 179 -145.58 -53.98 9.94
CA PRO G 179 -144.90 -53.15 8.92
C PRO G 179 -145.80 -52.95 7.69
N ALA G 180 -145.94 -54.01 6.89
CA ALA G 180 -146.73 -54.11 5.66
C ALA G 180 -146.16 -55.21 4.76
N VAL G 181 -147.05 -55.99 4.14
CA VAL G 181 -146.64 -57.07 3.24
C VAL G 181 -147.31 -56.91 1.88
N LEU G 182 -146.62 -57.38 0.84
CA LEU G 182 -147.12 -57.33 -0.53
C LEU G 182 -147.76 -58.68 -0.86
N GLN G 183 -149.02 -58.69 -1.24
CA GLN G 183 -149.70 -59.95 -1.55
C GLN G 183 -149.45 -60.32 -3.02
N SER G 184 -149.92 -61.52 -3.40
CA SER G 184 -149.72 -61.94 -4.78
C SER G 184 -150.54 -61.09 -5.73
N SER G 185 -151.65 -60.54 -5.23
CA SER G 185 -152.55 -59.71 -6.02
C SER G 185 -151.89 -58.37 -6.38
N GLY G 186 -150.77 -58.04 -5.75
CA GLY G 186 -150.05 -56.81 -5.99
C GLY G 186 -150.37 -55.66 -5.07
N LEU G 187 -151.25 -55.85 -4.07
CA LEU G 187 -151.63 -54.81 -3.13
C LEU G 187 -150.96 -55.01 -1.79
N TYR G 188 -150.82 -53.91 -1.05
CA TYR G 188 -150.17 -53.91 0.25
C TYR G 188 -151.26 -54.01 1.31
N SER G 189 -150.94 -54.68 2.42
CA SER G 189 -151.88 -54.76 3.53
C SER G 189 -151.18 -54.74 4.88
N LEU G 190 -151.74 -54.00 5.83
CA LEU G 190 -151.20 -54.05 7.18
C LEU G 190 -152.37 -53.89 8.14
N SER G 191 -152.14 -54.28 9.39
CA SER G 191 -153.14 -54.17 10.42
C SER G 191 -152.54 -53.48 11.63
N SER G 192 -153.36 -52.70 12.32
CA SER G 192 -152.95 -52.05 13.55
C SER G 192 -154.01 -52.37 14.57
N VAL G 193 -153.60 -52.87 15.73
CA VAL G 193 -154.53 -53.28 16.77
C VAL G 193 -154.11 -52.60 18.07
N VAL G 194 -155.08 -52.45 18.97
CA VAL G 194 -154.83 -51.86 20.29
C VAL G 194 -155.63 -52.64 21.31
N THR G 195 -155.09 -52.68 22.54
CA THR G 195 -155.74 -53.34 23.67
C THR G 195 -156.25 -52.28 24.63
N VAL G 196 -157.48 -52.45 25.13
CA VAL G 196 -158.08 -51.47 26.04
C VAL G 196 -158.89 -52.15 27.13
N PRO G 197 -159.22 -51.40 28.21
CA PRO G 197 -160.05 -51.95 29.29
C PRO G 197 -161.48 -52.21 28.81
N SER G 198 -162.04 -53.34 29.26
CA SER G 198 -163.37 -53.75 28.79
C SER G 198 -164.48 -52.81 29.23
N SER G 199 -164.30 -52.10 30.34
CA SER G 199 -165.40 -51.24 30.82
C SER G 199 -165.64 -50.04 29.91
N SER G 200 -164.58 -49.48 29.30
CA SER G 200 -164.70 -48.23 28.56
C SER G 200 -165.43 -48.33 27.22
N LEU G 201 -165.75 -49.53 26.73
CA LEU G 201 -166.35 -49.60 25.39
C LEU G 201 -167.69 -48.87 25.29
N GLY G 202 -168.48 -48.88 26.36
CA GLY G 202 -169.73 -48.12 26.31
C GLY G 202 -169.51 -46.62 26.34
N THR G 203 -168.63 -46.16 27.22
CA THR G 203 -168.41 -44.73 27.45
C THR G 203 -167.55 -44.06 26.38
N GLN G 204 -166.56 -44.75 25.82
CA GLN G 204 -165.55 -44.11 24.99
C GLN G 204 -165.60 -44.51 23.53
N THR G 205 -165.15 -43.56 22.70
CA THR G 205 -165.03 -43.69 21.26
C THR G 205 -163.54 -43.82 20.93
N TYR G 206 -163.24 -44.67 19.96
CA TYR G 206 -161.87 -44.95 19.50
C TYR G 206 -161.79 -44.62 18.03
N ILE G 207 -160.84 -43.76 17.65
CA ILE G 207 -160.68 -43.35 16.27
C ILE G 207 -159.23 -43.59 15.84
N CYS G 208 -159.08 -44.19 14.66
CA CYS G 208 -157.75 -44.46 14.11
C CYS G 208 -157.45 -43.40 13.06
N ASN G 209 -156.23 -42.85 13.12
CA ASN G 209 -155.77 -41.80 12.22
C ASN G 209 -154.75 -42.42 11.28
N VAL G 210 -155.09 -42.54 10.00
CA VAL G 210 -154.21 -43.13 9.00
C VAL G 210 -153.73 -42.01 8.10
N ASN G 211 -152.40 -41.95 7.89
CA ASN G 211 -151.79 -40.93 7.08
C ASN G 211 -150.94 -41.63 6.02
N HIS G 212 -151.10 -41.17 4.78
CA HIS G 212 -150.41 -41.68 3.60
C HIS G 212 -149.83 -40.44 2.91
N LYS G 213 -148.54 -40.24 3.20
CA LYS G 213 -147.82 -39.05 2.76
C LYS G 213 -147.72 -38.86 1.25
N PRO G 214 -147.40 -39.87 0.42
CA PRO G 214 -147.24 -39.59 -1.01
C PRO G 214 -148.49 -38.99 -1.62
N SER G 215 -149.66 -39.50 -1.26
CA SER G 215 -150.91 -38.97 -1.77
C SER G 215 -151.33 -37.73 -0.99
N ASN G 216 -150.64 -37.42 0.11
CA ASN G 216 -150.97 -36.30 0.98
C ASN G 216 -152.38 -36.43 1.58
N THR G 217 -152.75 -37.65 1.99
CA THR G 217 -154.09 -37.91 2.50
C THR G 217 -154.02 -38.34 3.97
N LYS G 218 -154.97 -37.82 4.75
CA LYS G 218 -155.16 -38.14 6.16
C LYS G 218 -156.63 -38.46 6.37
N VAL G 219 -156.92 -39.60 7.01
CA VAL G 219 -158.30 -40.01 7.30
C VAL G 219 -158.39 -40.50 8.74
N ASP G 220 -159.41 -40.02 9.46
CA ASP G 220 -159.70 -40.43 10.83
C ASP G 220 -161.05 -41.14 10.87
N LYS G 221 -161.08 -42.39 11.37
CA LYS G 221 -162.32 -43.18 11.41
C LYS G 221 -162.65 -43.64 12.82
N ARG G 222 -163.89 -43.36 13.26
CA ARG G 222 -164.38 -43.77 14.58
C ARG G 222 -165.12 -45.11 14.58
N VAL G 223 -164.71 -46.03 15.46
CA VAL G 223 -165.34 -47.35 15.57
C VAL G 223 -166.27 -47.38 16.78
N GLU G 224 -167.61 -47.38 16.59
CA GLU G 224 -168.44 -47.47 17.81
C GLU G 224 -168.70 -48.95 18.15
N PRO G 225 -168.73 -49.38 19.41
CA PRO G 225 -169.02 -50.80 19.68
C PRO G 225 -170.50 -51.13 19.56
N LYS G 226 -170.76 -52.42 19.33
CA LYS G 226 -172.10 -52.96 19.16
C LYS G 226 -172.56 -53.69 20.42
N SER G 227 -173.89 -53.71 20.59
CA SER G 227 -174.58 -54.16 21.80
C SER G 227 -174.49 -55.65 22.14
N CYS G 228 -174.04 -56.54 21.26
CA CYS G 228 -174.00 -57.94 21.69
C CYS G 228 -172.95 -58.21 22.76
N ASP G 229 -173.38 -58.14 24.03
CA ASP G 229 -172.54 -58.26 25.21
C ASP G 229 -172.41 -59.73 25.65
N LYS G 230 -171.65 -59.95 26.72
CA LYS G 230 -171.38 -61.30 27.22
C LYS G 230 -172.50 -61.71 28.17
N ASN H 1 -135.23 -86.54 -6.23
CA ASN H 1 -134.15 -86.09 -5.36
C ASN H 1 -134.51 -86.33 -3.89
N PHE H 2 -133.60 -85.96 -3.00
CA PHE H 2 -133.83 -86.03 -1.56
C PHE H 2 -133.83 -84.61 -1.01
N MET H 3 -135.00 -84.14 -0.60
CA MET H 3 -135.08 -82.83 0.04
C MET H 3 -134.48 -82.90 1.43
N LEU H 4 -134.00 -81.75 1.89
CA LEU H 4 -133.25 -81.64 3.14
C LEU H 4 -134.19 -81.00 4.16
N THR H 5 -134.95 -81.84 4.85
CA THR H 5 -135.85 -81.36 5.88
C THR H 5 -135.07 -80.78 7.06
N GLN H 6 -135.65 -79.75 7.66
CA GLN H 6 -135.08 -78.98 8.75
C GLN H 6 -136.09 -78.82 9.87
N PRO H 7 -135.65 -78.58 11.10
CA PRO H 7 -136.54 -78.01 12.12
C PRO H 7 -136.68 -76.52 11.89
N HIS H 8 -137.87 -76.11 11.43
CA HIS H 8 -138.03 -74.74 10.92
C HIS H 8 -137.79 -73.69 12.01
N SER H 9 -137.79 -74.08 13.27
CA SER H 9 -137.22 -73.25 14.32
C SER H 9 -136.74 -74.17 15.43
N VAL H 10 -135.79 -73.65 16.23
CA VAL H 10 -135.27 -74.38 17.38
C VAL H 10 -134.54 -73.36 18.25
N SER H 11 -134.35 -73.70 19.52
CA SER H 11 -133.71 -72.77 20.45
C SER H 11 -133.34 -73.48 21.73
N GLU H 12 -132.49 -72.81 22.51
CA GLU H 12 -132.22 -73.18 23.89
C GLU H 12 -131.96 -71.90 24.68
N SER H 13 -131.50 -72.04 25.91
CA SER H 13 -130.99 -70.90 26.64
C SER H 13 -129.57 -70.62 26.18
N PRO H 14 -129.24 -69.39 25.73
CA PRO H 14 -127.86 -69.13 25.32
C PRO H 14 -126.88 -69.28 26.48
N GLY H 15 -125.66 -69.71 26.13
CA GLY H 15 -124.61 -69.97 27.10
C GLY H 15 -124.21 -71.44 27.20
N LYS H 16 -124.92 -72.34 26.52
CA LYS H 16 -124.65 -73.78 26.58
C LYS H 16 -124.65 -74.38 25.18
N THR H 17 -124.57 -75.71 25.09
CA THR H 17 -124.49 -76.39 23.80
C THR H 17 -125.87 -76.59 23.19
N VAL H 18 -125.95 -76.48 21.87
CA VAL H 18 -127.18 -76.73 21.12
C VAL H 18 -126.81 -77.43 19.83
N THR H 19 -127.80 -78.04 19.19
CA THR H 19 -127.60 -78.80 17.96
C THR H 19 -128.74 -78.54 17.00
N ILE H 20 -128.41 -78.44 15.71
CA ILE H 20 -129.39 -78.31 14.64
C ILE H 20 -129.06 -79.32 13.56
N SER H 21 -130.08 -80.04 13.10
CA SER H 21 -129.92 -81.12 12.14
C SER H 21 -130.45 -80.71 10.78
N CYS H 22 -130.17 -81.56 9.79
CA CYS H 22 -130.58 -81.34 8.40
C CYS H 22 -130.59 -82.71 7.74
N THR H 23 -131.79 -83.25 7.49
CA THR H 23 -131.94 -84.66 7.15
C THR H 23 -132.41 -84.81 5.71
N GLY H 24 -131.71 -85.64 4.94
CA GLY H 24 -132.12 -85.93 3.58
C GLY H 24 -133.16 -87.04 3.57
N SER H 25 -134.29 -86.77 2.91
CA SER H 25 -135.40 -87.72 2.95
C SER H 25 -135.01 -89.07 2.38
N SER H 26 -134.35 -89.07 1.22
CA SER H 26 -133.86 -90.29 0.58
C SER H 26 -132.38 -90.14 0.25
N GLY H 27 -131.85 -91.07 -0.53
CA GLY H 27 -130.45 -90.97 -0.92
C GLY H 27 -129.54 -91.15 0.27
N SER H 28 -128.38 -90.51 0.20
CA SER H 28 -127.37 -90.64 1.24
C SER H 28 -126.57 -89.35 1.31
N ILE H 29 -126.57 -88.71 2.49
CA ILE H 29 -125.73 -87.54 2.70
C ILE H 29 -124.26 -87.93 2.63
N ALA H 30 -123.93 -89.19 2.92
CA ALA H 30 -122.56 -89.67 2.80
C ALA H 30 -122.08 -89.71 1.35
N SER H 31 -122.98 -89.54 0.38
CA SER H 31 -122.58 -89.60 -1.03
C SER H 31 -121.54 -88.54 -1.36
N ASN H 32 -121.75 -87.31 -0.90
CA ASN H 32 -120.87 -86.20 -1.26
C ASN H 32 -120.90 -85.17 -0.13
N TYR H 33 -120.35 -83.99 -0.42
CA TYR H 33 -120.14 -82.99 0.62
C TYR H 33 -121.43 -82.23 0.92
N VAL H 34 -121.45 -81.58 2.08
CA VAL H 34 -122.56 -80.78 2.55
C VAL H 34 -121.98 -79.53 3.21
N GLN H 35 -122.64 -78.39 3.00
CA GLN H 35 -122.15 -77.13 3.53
C GLN H 35 -123.29 -76.29 4.09
N TRP H 36 -122.94 -75.51 5.11
CA TRP H 36 -123.86 -74.80 5.98
C TRP H 36 -123.65 -73.31 5.88
N TYR H 37 -124.73 -72.57 6.11
CA TYR H 37 -124.82 -71.17 5.68
C TYR H 37 -125.56 -70.36 6.73
N ARG H 38 -124.84 -69.53 7.47
CA ARG H 38 -125.46 -68.59 8.40
C ARG H 38 -125.88 -67.33 7.66
N GLN H 39 -126.92 -66.68 8.15
CA GLN H 39 -127.52 -65.57 7.44
C GLN H 39 -128.14 -64.58 8.41
N ARG H 40 -127.95 -63.29 8.13
CA ARG H 40 -128.53 -62.19 8.87
C ARG H 40 -129.58 -61.48 8.01
N PRO H 41 -130.62 -60.88 8.60
CA PRO H 41 -131.56 -60.09 7.78
C PRO H 41 -130.93 -58.85 7.17
N GLY H 42 -129.79 -58.38 7.70
CA GLY H 42 -129.28 -57.07 7.35
C GLY H 42 -128.74 -56.92 5.95
N SER H 43 -127.60 -57.54 5.65
CA SER H 43 -126.87 -57.27 4.42
C SER H 43 -126.81 -58.49 3.51
N ALA H 44 -126.26 -59.60 3.96
CA ALA H 44 -126.03 -60.76 3.12
C ALA H 44 -125.51 -61.89 4.00
N PRO H 45 -125.62 -63.14 3.55
CA PRO H 45 -125.23 -64.27 4.39
C PRO H 45 -123.76 -64.64 4.21
N THR H 46 -123.29 -65.50 5.12
CA THR H 46 -121.93 -66.03 5.10
C THR H 46 -122.00 -67.54 5.32
N THR H 47 -120.95 -68.23 4.88
CA THR H 47 -120.85 -69.66 5.09
C THR H 47 -120.21 -69.94 6.44
N VAL H 48 -120.59 -71.07 7.04
CA VAL H 48 -120.12 -71.43 8.37
C VAL H 48 -119.40 -72.77 8.37
N ILE H 49 -119.87 -73.74 7.60
CA ILE H 49 -119.23 -75.05 7.48
C ILE H 49 -119.28 -75.47 6.02
N TYR H 50 -118.20 -76.09 5.56
CA TYR H 50 -118.15 -76.69 4.24
C TYR H 50 -117.48 -78.06 4.34
N GLU H 51 -117.68 -78.86 3.30
CA GLU H 51 -117.16 -80.23 3.25
C GLU H 51 -117.62 -81.06 4.46
N ASN H 52 -118.81 -80.72 4.97
CA ASN H 52 -119.50 -81.40 6.05
C ASN H 52 -118.90 -81.20 7.44
N TYR H 53 -117.63 -80.83 7.53
CA TYR H 53 -117.09 -80.43 8.82
C TYR H 53 -115.88 -79.52 8.74
N GLN H 54 -115.46 -79.12 7.54
CA GLN H 54 -114.25 -78.33 7.40
C GLN H 54 -114.55 -76.92 7.91
N ARG H 55 -114.13 -76.65 9.13
CA ARG H 55 -114.31 -75.32 9.70
C ARG H 55 -113.51 -74.31 8.89
N PRO H 56 -114.07 -73.14 8.58
CA PRO H 56 -113.29 -72.14 7.85
C PRO H 56 -112.57 -71.18 8.79
N SER H 57 -111.43 -70.70 8.32
CA SER H 57 -110.65 -69.76 9.09
C SER H 57 -111.43 -68.46 9.29
N GLY H 58 -111.14 -67.78 10.39
CA GLY H 58 -111.83 -66.55 10.77
C GLY H 58 -113.04 -66.79 11.65
N VAL H 59 -113.88 -67.77 11.29
CA VAL H 59 -115.05 -68.09 12.09
C VAL H 59 -114.58 -68.87 13.32
N PRO H 60 -115.13 -68.63 14.51
CA PRO H 60 -114.53 -69.24 15.71
C PRO H 60 -114.67 -70.75 15.78
N ALA H 61 -114.13 -71.34 16.84
CA ALA H 61 -114.24 -72.76 17.10
C ALA H 61 -115.56 -73.14 17.77
N ARG H 62 -116.44 -72.17 18.03
CA ARG H 62 -117.70 -72.44 18.69
C ARG H 62 -118.61 -73.34 17.86
N PHE H 63 -118.35 -73.50 16.57
CA PHE H 63 -119.17 -74.26 15.65
C PHE H 63 -118.50 -75.57 15.29
N SER H 64 -119.31 -76.57 14.95
CA SER H 64 -118.78 -77.79 14.38
C SER H 64 -119.93 -78.57 13.77
N GLY H 65 -119.60 -79.64 13.04
CA GLY H 65 -120.62 -80.44 12.40
C GLY H 65 -120.15 -81.84 12.09
N SER H 66 -121.11 -82.72 11.85
CA SER H 66 -120.84 -84.13 11.60
C SER H 66 -122.00 -84.71 10.78
N ILE H 67 -121.90 -86.01 10.49
CA ILE H 67 -122.83 -86.72 9.61
C ILE H 67 -123.33 -87.97 10.33
N ASP H 68 -124.65 -88.13 10.37
CA ASP H 68 -125.28 -89.37 10.83
C ASP H 68 -125.67 -90.17 9.60
N ARG H 69 -124.92 -91.26 9.34
CA ARG H 69 -125.10 -92.03 8.12
C ARG H 69 -126.41 -92.82 8.15
N SER H 70 -126.68 -93.50 9.26
CA SER H 70 -127.85 -94.37 9.33
C SER H 70 -129.14 -93.57 9.14
N SER H 71 -129.29 -92.47 9.85
CA SER H 71 -130.49 -91.66 9.76
C SER H 71 -130.47 -90.71 8.57
N ASN H 72 -129.40 -90.71 7.77
CA ASN H 72 -129.32 -89.88 6.57
C ASN H 72 -129.47 -88.40 6.91
N SER H 73 -128.50 -87.89 7.65
CA SER H 73 -128.56 -86.50 8.09
C SER H 73 -127.16 -85.94 8.28
N ALA H 74 -127.08 -84.62 8.23
CA ALA H 74 -125.96 -83.84 8.72
C ALA H 74 -126.43 -83.07 9.94
N SER H 75 -125.48 -82.63 10.76
CA SER H 75 -125.83 -81.93 11.99
C SER H 75 -124.72 -80.98 12.35
N LEU H 76 -125.06 -79.95 13.12
CA LEU H 76 -124.11 -78.96 13.60
C LEU H 76 -124.33 -78.77 15.09
N THR H 77 -123.23 -78.64 15.82
CA THR H 77 -123.22 -78.35 17.25
C THR H 77 -122.59 -76.98 17.48
N ILE H 78 -123.24 -76.20 18.32
CA ILE H 78 -122.82 -74.84 18.65
C ILE H 78 -122.64 -74.76 20.15
N SER H 79 -121.45 -74.35 20.60
CA SER H 79 -121.12 -74.19 22.00
C SER H 79 -120.84 -72.72 22.30
N GLY H 80 -121.27 -72.28 23.48
CA GLY H 80 -121.08 -70.90 23.86
C GLY H 80 -121.88 -69.95 23.00
N LEU H 81 -123.21 -70.02 23.09
CA LEU H 81 -124.08 -69.25 22.21
C LEU H 81 -123.96 -67.77 22.55
N GLN H 82 -123.42 -67.00 21.61
CA GLN H 82 -123.31 -65.55 21.75
C GLN H 82 -124.66 -64.89 21.53
N THR H 83 -124.74 -63.61 21.89
CA THR H 83 -125.95 -62.84 21.65
C THR H 83 -126.27 -62.78 20.16
N ASP H 84 -125.25 -62.77 19.30
CA ASP H 84 -125.44 -62.72 17.85
C ASP H 84 -125.43 -64.10 17.21
N ASP H 85 -125.91 -65.12 17.92
CA ASP H 85 -126.28 -66.36 17.25
C ASP H 85 -127.65 -66.27 16.58
N GLU H 86 -128.43 -65.23 16.89
CA GLU H 86 -129.67 -64.93 16.19
C GLU H 86 -129.40 -64.87 14.70
N ALA H 87 -129.94 -65.79 13.93
CA ALA H 87 -129.62 -65.85 12.50
C ALA H 87 -130.57 -66.85 11.85
N ASP H 88 -130.31 -67.14 10.58
CA ASP H 88 -130.89 -68.26 9.88
C ASP H 88 -129.74 -69.18 9.47
N TYR H 89 -130.01 -70.48 9.41
CA TYR H 89 -128.97 -71.47 9.12
C TYR H 89 -129.50 -72.45 8.06
N TYR H 90 -129.15 -72.19 6.81
CA TYR H 90 -129.44 -73.11 5.73
C TYR H 90 -128.40 -74.21 5.67
N CYS H 91 -128.80 -75.35 5.14
CA CYS H 91 -127.91 -76.43 4.76
C CYS H 91 -128.15 -76.76 3.30
N GLN H 92 -127.10 -77.19 2.60
CA GLN H 92 -127.33 -77.71 1.27
C GLN H 92 -126.13 -78.52 0.80
N SER H 93 -126.39 -79.37 -0.19
CA SER H 93 -125.43 -80.32 -0.71
C SER H 93 -125.75 -80.53 -2.19
N TYR H 94 -125.26 -81.62 -2.77
CA TYR H 94 -125.52 -81.94 -4.16
C TYR H 94 -126.58 -83.04 -4.29
N ASP H 95 -126.99 -83.28 -5.53
CA ASP H 95 -128.03 -84.25 -5.89
C ASP H 95 -127.39 -85.43 -6.63
N ASN H 96 -128.24 -86.32 -7.14
CA ASN H 96 -127.74 -87.38 -8.01
C ASN H 96 -127.03 -86.81 -9.22
N ASN H 97 -127.43 -85.62 -9.66
CA ASN H 97 -126.70 -84.83 -10.64
C ASN H 97 -126.36 -83.49 -10.02
N ASN H 98 -125.20 -82.95 -10.38
CA ASN H 98 -124.65 -81.78 -9.69
C ASN H 98 -125.41 -80.52 -10.09
N LEU H 99 -126.54 -80.25 -9.43
CA LEU H 99 -127.18 -78.94 -9.53
C LEU H 99 -127.20 -78.25 -8.16
N TRP H 100 -127.98 -78.76 -7.20
CA TRP H 100 -127.78 -78.76 -5.76
C TRP H 100 -129.05 -79.42 -5.20
N VAL H 101 -129.03 -79.71 -3.90
CA VAL H 101 -130.22 -79.93 -3.09
C VAL H 101 -130.13 -79.02 -1.87
N PHE H 102 -131.23 -78.33 -1.54
CA PHE H 102 -131.26 -77.30 -0.51
C PHE H 102 -132.13 -77.73 0.67
N GLY H 103 -131.98 -77.02 1.78
CA GLY H 103 -132.81 -77.20 2.95
C GLY H 103 -133.62 -75.96 3.28
N GLY H 104 -134.69 -76.13 4.05
CA GLY H 104 -135.52 -74.99 4.41
C GLY H 104 -134.78 -74.01 5.30
N GLY H 105 -135.27 -72.77 5.31
CA GLY H 105 -134.68 -71.74 6.15
C GLY H 105 -134.90 -72.00 7.63
N THR H 106 -133.83 -72.38 8.32
CA THR H 106 -133.91 -72.73 9.74
C THR H 106 -133.71 -71.44 10.54
N LYS H 107 -134.80 -70.89 11.06
CA LYS H 107 -134.75 -69.65 11.81
C LYS H 107 -134.29 -69.94 13.23
N LEU H 108 -133.06 -69.55 13.57
CA LEU H 108 -132.52 -69.74 14.91
C LEU H 108 -132.64 -68.42 15.66
N THR H 109 -133.50 -68.41 16.67
CA THR H 109 -133.69 -67.29 17.58
C THR H 109 -133.58 -67.84 18.99
N VAL H 110 -132.47 -67.54 19.66
CA VAL H 110 -132.17 -68.08 20.99
C VAL H 110 -132.27 -66.94 21.99
N LEU H 111 -132.96 -67.20 23.09
CA LEU H 111 -133.27 -66.18 24.08
C LEU H 111 -133.71 -66.89 25.36
N GLY H 112 -133.86 -66.12 26.43
CA GLY H 112 -134.54 -66.60 27.62
C GLY H 112 -135.44 -65.52 28.18
N GLN H 113 -136.54 -65.96 28.78
CA GLN H 113 -137.38 -65.21 29.71
C GLN H 113 -138.49 -66.19 30.10
N PRO H 114 -139.42 -65.85 30.99
CA PRO H 114 -140.46 -66.84 31.32
C PRO H 114 -141.40 -67.09 30.15
N LYS H 115 -141.94 -68.30 30.12
CA LYS H 115 -142.85 -68.72 29.07
C LYS H 115 -144.16 -67.95 29.12
N GLY H 116 -144.76 -67.77 27.94
CA GLY H 116 -146.04 -67.10 27.81
C GLY H 116 -146.91 -67.70 26.71
N ALA H 117 -148.13 -68.12 27.05
CA ALA H 117 -149.01 -68.71 26.07
C ALA H 117 -149.57 -67.62 25.13
N PRO H 118 -149.87 -67.96 23.86
CA PRO H 118 -150.35 -66.91 22.95
C PRO H 118 -151.80 -66.53 23.15
N SER H 119 -152.07 -65.26 22.84
CA SER H 119 -153.42 -64.74 22.78
C SER H 119 -153.85 -64.75 21.32
N VAL H 120 -154.99 -65.36 21.03
CA VAL H 120 -155.49 -65.48 19.66
C VAL H 120 -156.81 -64.74 19.59
N THR H 121 -156.98 -63.88 18.59
CA THR H 121 -158.22 -63.15 18.38
C THR H 121 -158.65 -63.31 16.94
N LEU H 122 -159.90 -63.68 16.70
CA LEU H 122 -160.42 -63.85 15.34
C LEU H 122 -161.48 -62.79 15.12
N PHE H 123 -161.34 -62.02 14.05
CA PHE H 123 -162.27 -60.94 13.78
C PHE H 123 -163.11 -61.30 12.57
N PRO H 124 -164.45 -61.11 12.65
CA PRO H 124 -165.34 -61.35 11.51
C PRO H 124 -165.35 -60.16 10.58
N PRO H 125 -166.06 -60.24 9.46
CA PRO H 125 -166.03 -59.13 8.52
C PRO H 125 -166.66 -57.88 9.14
N SER H 126 -166.09 -56.73 8.80
CA SER H 126 -166.64 -55.48 9.29
C SER H 126 -167.79 -55.08 8.39
N SER H 127 -168.64 -54.18 8.90
CA SER H 127 -169.78 -53.76 8.08
C SER H 127 -169.31 -53.01 6.84
N GLU H 128 -168.32 -52.13 6.99
CA GLU H 128 -167.91 -51.36 5.82
C GLU H 128 -167.31 -52.28 4.78
N GLU H 129 -166.47 -53.23 5.20
CA GLU H 129 -165.84 -54.09 4.19
C GLU H 129 -166.89 -54.96 3.52
N LEU H 130 -167.90 -55.42 4.28
CA LEU H 130 -168.91 -56.25 3.63
C LEU H 130 -169.61 -55.43 2.57
N GLN H 131 -169.89 -54.16 2.87
CA GLN H 131 -170.50 -53.28 1.88
C GLN H 131 -169.56 -53.14 0.70
N ALA H 132 -168.26 -53.13 1.00
CA ALA H 132 -167.13 -53.07 0.06
C ALA H 132 -167.06 -54.31 -0.80
N ASN H 133 -167.76 -55.39 -0.42
CA ASN H 133 -167.72 -56.69 -1.08
C ASN H 133 -166.44 -57.44 -0.72
N LYS H 134 -166.04 -57.32 0.55
CA LYS H 134 -164.87 -58.01 1.08
C LYS H 134 -165.26 -58.69 2.39
N ALA H 135 -165.20 -60.02 2.37
CA ALA H 135 -165.48 -60.94 3.47
C ALA H 135 -164.30 -61.13 4.42
N THR H 136 -163.14 -60.55 4.11
CA THR H 136 -161.87 -60.83 4.79
C THR H 136 -161.99 -61.01 6.30
N LEU H 137 -161.34 -62.06 6.79
CA LEU H 137 -161.26 -62.45 8.20
C LEU H 137 -159.86 -62.19 8.70
N VAL H 138 -159.71 -61.83 9.98
CA VAL H 138 -158.36 -61.59 10.51
C VAL H 138 -158.12 -62.38 11.79
N CYS H 139 -156.97 -63.06 11.88
CA CYS H 139 -156.58 -63.82 13.07
C CYS H 139 -155.28 -63.23 13.62
N LEU H 140 -155.37 -62.56 14.77
CA LEU H 140 -154.27 -61.86 15.41
C LEU H 140 -153.67 -62.76 16.49
N ILE H 141 -152.34 -62.94 16.47
CA ILE H 141 -151.65 -63.80 17.43
C ILE H 141 -150.56 -63.01 18.13
N SER H 142 -150.65 -62.91 19.45
CA SER H 142 -149.75 -62.06 20.24
C SER H 142 -149.27 -62.76 21.51
N ASP H 143 -148.27 -62.11 22.13
CA ASP H 143 -147.61 -62.46 23.41
C ASP H 143 -147.26 -63.94 23.59
N PHE H 144 -146.45 -64.45 22.65
CA PHE H 144 -146.00 -65.84 22.71
C PHE H 144 -144.48 -65.92 22.71
N TYR H 145 -143.96 -66.93 23.40
CA TYR H 145 -142.55 -67.27 23.48
C TYR H 145 -142.51 -68.80 23.51
N PRO H 146 -141.60 -69.45 22.76
CA PRO H 146 -140.54 -68.99 21.85
C PRO H 146 -141.09 -68.36 20.58
N GLY H 147 -140.18 -67.75 19.82
CA GLY H 147 -140.53 -66.97 18.66
C GLY H 147 -141.16 -67.66 17.47
N ALA H 148 -141.50 -68.94 17.56
CA ALA H 148 -142.09 -69.66 16.43
C ALA H 148 -143.51 -70.09 16.75
N VAL H 149 -144.37 -69.96 15.73
CA VAL H 149 -145.78 -70.35 15.80
C VAL H 149 -146.18 -70.77 14.39
N THR H 150 -147.23 -71.58 14.31
CA THR H 150 -147.80 -71.98 13.02
C THR H 150 -149.28 -71.63 13.00
N VAL H 151 -149.78 -71.19 11.85
CA VAL H 151 -151.17 -70.81 11.69
C VAL H 151 -151.75 -71.59 10.52
N ALA H 152 -152.98 -72.06 10.70
CA ALA H 152 -153.73 -72.79 9.70
C ALA H 152 -155.16 -72.29 9.69
N TRP H 153 -155.77 -72.20 8.52
CA TRP H 153 -157.15 -71.74 8.43
C TRP H 153 -157.95 -72.93 7.93
N LYS H 154 -159.20 -73.03 8.38
CA LYS H 154 -160.06 -74.11 7.94
C LYS H 154 -161.47 -73.69 7.56
N ALA H 155 -161.96 -74.37 6.53
CA ALA H 155 -163.34 -74.35 6.05
C ALA H 155 -163.75 -75.73 6.52
N ASP H 156 -164.80 -75.81 7.36
CA ASP H 156 -165.11 -77.06 8.07
C ASP H 156 -164.86 -78.33 7.28
N SER H 157 -165.68 -78.71 6.28
CA SER H 157 -165.30 -79.92 5.57
C SER H 157 -164.34 -79.66 4.40
N SER H 158 -164.13 -78.27 3.92
CA SER H 158 -163.35 -78.19 2.69
C SER H 158 -161.89 -77.80 2.94
N PRO H 159 -160.91 -78.26 2.16
CA PRO H 159 -159.54 -77.78 2.37
C PRO H 159 -159.46 -76.36 1.79
N VAL H 160 -158.71 -75.45 2.42
CA VAL H 160 -158.57 -74.11 1.86
C VAL H 160 -157.09 -73.87 1.59
N LYS H 161 -156.72 -73.82 0.30
CA LYS H 161 -155.36 -73.47 -0.10
C LYS H 161 -155.21 -71.96 -0.30
N ALA H 162 -156.18 -71.38 -1.02
CA ALA H 162 -156.12 -70.01 -1.51
C ALA H 162 -156.31 -68.94 -0.44
N GLY H 163 -155.60 -67.84 -0.61
CA GLY H 163 -155.79 -66.64 0.19
C GLY H 163 -155.19 -66.56 1.57
N VAL H 164 -154.20 -67.38 1.91
CA VAL H 164 -153.58 -67.33 3.23
C VAL H 164 -152.17 -66.79 3.07
N GLU H 165 -151.81 -65.84 3.94
CA GLU H 165 -150.46 -65.30 4.02
C GLU H 165 -150.12 -65.14 5.48
N THR H 166 -148.92 -65.54 5.90
CA THR H 166 -148.52 -65.38 7.28
C THR H 166 -147.16 -64.72 7.40
N THR H 167 -147.07 -63.76 8.30
CA THR H 167 -145.85 -63.00 8.52
C THR H 167 -144.89 -63.75 9.43
N THR H 168 -143.63 -63.38 9.34
CA THR H 168 -142.68 -64.00 10.24
C THR H 168 -142.87 -63.36 11.62
N PRO H 169 -142.76 -64.12 12.72
CA PRO H 169 -143.01 -63.52 14.03
C PRO H 169 -142.03 -62.39 14.29
N SER H 170 -142.53 -61.29 14.85
CA SER H 170 -141.71 -60.10 15.09
C SER H 170 -141.73 -59.68 16.55
N LYS H 171 -140.57 -59.19 17.02
CA LYS H 171 -140.42 -58.73 18.39
C LYS H 171 -140.94 -57.31 18.51
N GLN H 172 -141.75 -57.07 19.53
CA GLN H 172 -142.29 -55.74 19.77
C GLN H 172 -141.46 -55.05 20.84
N SER H 173 -141.86 -53.84 21.22
CA SER H 173 -141.05 -53.10 22.19
C SER H 173 -141.03 -53.83 23.53
N ASN H 174 -142.11 -54.57 23.83
CA ASN H 174 -142.25 -55.35 25.05
C ASN H 174 -141.36 -56.58 25.10
N ASN H 175 -140.71 -56.95 23.99
CA ASN H 175 -139.83 -58.13 23.87
C ASN H 175 -140.64 -59.42 23.78
N LYS H 176 -141.90 -59.33 23.36
CA LYS H 176 -142.78 -60.44 23.08
C LYS H 176 -143.04 -60.45 21.58
N TYR H 177 -143.54 -61.57 21.08
CA TYR H 177 -143.69 -61.70 19.64
C TYR H 177 -145.14 -61.47 19.22
N ALA H 178 -145.30 -60.92 18.02
CA ALA H 178 -146.61 -60.70 17.45
C ALA H 178 -146.60 -61.09 15.98
N ALA H 179 -147.78 -61.46 15.47
CA ALA H 179 -147.96 -61.80 14.07
C ALA H 179 -149.44 -61.70 13.75
N SER H 180 -149.74 -61.60 12.46
CA SER H 180 -151.13 -61.54 12.00
C SER H 180 -151.29 -62.40 10.76
N SER H 181 -152.43 -63.05 10.64
CA SER H 181 -152.80 -63.82 9.46
C SER H 181 -154.12 -63.28 8.96
N TYR H 182 -154.25 -63.08 7.65
CA TYR H 182 -155.51 -62.59 7.10
C TYR H 182 -155.95 -63.54 6.00
N LEU H 183 -157.26 -63.76 5.93
CA LEU H 183 -157.86 -64.62 4.92
C LEU H 183 -158.76 -63.74 4.08
N SER H 184 -158.42 -63.57 2.81
CA SER H 184 -159.17 -62.68 1.92
C SER H 184 -160.30 -63.48 1.29
N LEU H 185 -161.52 -63.25 1.76
CA LEU H 185 -162.68 -63.96 1.25
C LEU H 185 -163.60 -63.02 0.49
N THR H 186 -164.44 -63.59 -0.37
CA THR H 186 -165.50 -62.87 -1.08
C THR H 186 -166.82 -62.98 -0.30
N PRO H 187 -167.78 -62.07 -0.54
CA PRO H 187 -169.05 -62.22 0.20
C PRO H 187 -169.76 -63.53 -0.15
N GLU H 188 -169.59 -64.00 -1.40
CA GLU H 188 -170.22 -65.25 -1.78
C GLU H 188 -169.59 -66.38 -0.99
N GLN H 189 -168.26 -66.32 -0.85
CA GLN H 189 -167.52 -67.38 -0.16
C GLN H 189 -167.97 -67.41 1.29
N TRP H 190 -168.16 -66.22 1.88
CA TRP H 190 -168.59 -66.11 3.26
C TRP H 190 -169.96 -66.74 3.44
N LYS H 191 -170.90 -66.41 2.53
CA LYS H 191 -172.25 -66.93 2.63
C LYS H 191 -172.33 -68.44 2.38
N SER H 192 -171.47 -68.94 1.49
CA SER H 192 -171.56 -70.34 1.06
C SER H 192 -171.28 -71.36 2.17
N HIS H 193 -170.45 -71.04 3.16
CA HIS H 193 -170.07 -72.04 4.15
C HIS H 193 -170.73 -71.80 5.50
N ARG H 194 -170.78 -72.88 6.29
CA ARG H 194 -171.36 -72.81 7.62
C ARG H 194 -170.52 -71.96 8.56
N SER H 195 -169.20 -72.14 8.56
CA SER H 195 -168.33 -71.39 9.45
C SER H 195 -166.89 -71.45 8.95
N TYR H 196 -166.05 -70.59 9.53
CA TYR H 196 -164.62 -70.58 9.27
C TYR H 196 -163.87 -70.58 10.59
N SER H 197 -162.70 -71.22 10.62
CA SER H 197 -161.92 -71.29 11.86
C SER H 197 -160.45 -70.99 11.64
N CYS H 198 -159.82 -70.47 12.69
CA CYS H 198 -158.39 -70.17 12.73
C CYS H 198 -157.78 -71.10 13.77
N GLN H 199 -156.73 -71.81 13.38
CA GLN H 199 -156.02 -72.76 14.23
C GLN H 199 -154.59 -72.28 14.43
N VAL H 200 -154.19 -72.11 15.68
CA VAL H 200 -152.87 -71.62 16.02
C VAL H 200 -152.16 -72.71 16.79
N THR H 201 -150.95 -73.06 16.36
CA THR H 201 -150.15 -74.10 17.00
C THR H 201 -148.91 -73.44 17.59
N HIS H 202 -148.70 -73.66 18.89
CA HIS H 202 -147.56 -73.14 19.60
C HIS H 202 -147.04 -74.21 20.55
N GLU H 203 -145.73 -74.47 20.50
CA GLU H 203 -145.09 -75.45 21.38
C GLU H 203 -145.81 -76.79 21.30
N GLY H 204 -146.23 -77.17 20.09
CA GLY H 204 -146.79 -78.46 19.85
C GLY H 204 -148.23 -78.64 20.30
N SER H 205 -148.86 -77.58 20.83
CA SER H 205 -150.24 -77.61 21.29
C SER H 205 -151.04 -76.66 20.43
N THR H 206 -152.27 -77.05 20.08
CA THR H 206 -153.11 -76.27 19.18
C THR H 206 -154.34 -75.69 19.86
N VAL H 207 -154.60 -74.42 19.56
CA VAL H 207 -155.75 -73.66 20.05
C VAL H 207 -156.54 -73.28 18.79
N GLU H 208 -157.85 -73.13 18.92
CA GLU H 208 -158.69 -72.85 17.77
C GLU H 208 -159.78 -71.85 18.13
N LYS H 209 -160.15 -71.03 17.14
CA LYS H 209 -161.23 -70.07 17.27
C LYS H 209 -162.09 -70.24 16.03
N THR H 210 -163.41 -70.03 16.20
CA THR H 210 -164.37 -70.21 15.11
C THR H 210 -165.34 -69.04 15.01
N VAL H 211 -165.75 -68.75 13.76
CA VAL H 211 -166.72 -67.70 13.45
C VAL H 211 -167.76 -68.29 12.51
N ALA H 212 -168.98 -67.78 12.63
CA ALA H 212 -170.16 -68.19 11.88
C ALA H 212 -170.88 -66.99 11.31
N PRO H 213 -171.74 -67.19 10.30
CA PRO H 213 -172.47 -66.05 9.73
C PRO H 213 -173.47 -65.48 10.73
N THR H 214 -173.69 -64.16 10.60
CA THR H 214 -174.63 -63.44 11.45
C THR H 214 -175.48 -62.51 10.59
N GLU H 215 -176.62 -62.11 11.16
CA GLU H 215 -177.57 -61.25 10.46
C GLU H 215 -177.01 -59.88 10.15
N CYS H 216 -176.38 -59.23 11.13
CA CYS H 216 -175.87 -57.90 10.85
C CYS H 216 -174.57 -57.97 10.04
N SER H 217 -174.24 -56.84 9.44
CA SER H 217 -173.02 -56.72 8.65
C SER H 217 -171.79 -56.73 9.55
N GLU I 1 -72.13 -97.30 -9.28
CA GLU I 1 -72.22 -98.71 -8.97
C GLU I 1 -71.96 -98.95 -7.49
N VAL I 2 -72.32 -100.15 -7.02
CA VAL I 2 -72.17 -100.53 -5.62
C VAL I 2 -71.36 -101.81 -5.56
N GLN I 3 -70.47 -101.90 -4.56
CA GLN I 3 -69.50 -102.97 -4.48
C GLN I 3 -69.43 -103.56 -3.07
N LEU I 4 -69.28 -104.88 -3.04
CA LEU I 4 -69.07 -105.64 -1.81
C LEU I 4 -67.76 -106.40 -1.95
N VAL I 5 -66.87 -106.24 -0.98
CA VAL I 5 -65.58 -106.93 -0.97
C VAL I 5 -65.55 -107.82 0.27
N GLU I 6 -64.85 -108.95 0.15
CA GLU I 6 -64.84 -109.92 1.25
C GLU I 6 -63.54 -110.70 1.21
N SER I 7 -63.20 -111.31 2.34
CA SER I 7 -61.91 -111.99 2.47
C SER I 7 -61.93 -112.95 3.65
N GLY I 8 -61.07 -113.97 3.57
CA GLY I 8 -60.84 -114.90 4.66
C GLY I 8 -61.00 -116.37 4.29
N GLY I 9 -61.00 -116.66 2.99
CA GLY I 9 -61.36 -117.98 2.51
C GLY I 9 -60.18 -118.92 2.31
N GLY I 10 -60.50 -120.20 2.07
CA GLY I 10 -59.50 -121.20 1.78
C GLY I 10 -59.75 -122.53 2.49
N PRO I 11 -58.70 -123.34 2.64
CA PRO I 11 -58.82 -124.57 3.43
C PRO I 11 -58.71 -124.28 4.92
N VAL I 12 -59.46 -125.06 5.71
CA VAL I 12 -59.57 -124.84 7.15
C VAL I 12 -59.56 -126.20 7.83
N GLN I 13 -58.75 -126.35 8.85
CA GLN I 13 -58.83 -127.56 9.66
C GLN I 13 -60.10 -127.51 10.50
N PRO I 14 -60.91 -128.57 10.52
CA PRO I 14 -62.01 -128.59 11.50
C PRO I 14 -61.46 -128.54 12.91
N GLY I 15 -62.16 -127.83 13.79
CA GLY I 15 -61.62 -127.50 15.09
C GLY I 15 -60.65 -126.34 15.10
N GLY I 16 -60.45 -125.67 13.96
CA GLY I 16 -59.51 -124.56 13.84
C GLY I 16 -60.13 -123.23 14.16
N SER I 17 -59.69 -122.20 13.43
CA SER I 17 -60.12 -120.84 13.71
C SER I 17 -59.69 -119.92 12.58
N LEU I 18 -60.53 -118.95 12.25
CA LEU I 18 -60.17 -117.88 11.32
C LEU I 18 -61.18 -116.74 11.43
N LYS I 19 -61.02 -115.74 10.56
CA LYS I 19 -61.77 -114.51 10.60
C LYS I 19 -62.23 -114.17 9.18
N LEU I 20 -63.54 -114.14 8.97
CA LEU I 20 -64.16 -113.79 7.71
C LEU I 20 -64.60 -112.33 7.72
N SER I 21 -64.56 -111.69 6.54
CA SER I 21 -64.83 -110.26 6.42
C SER I 21 -65.66 -109.99 5.17
N CYS I 22 -66.62 -109.08 5.31
CA CYS I 22 -67.38 -108.54 4.17
C CYS I 22 -67.60 -107.04 4.38
N ALA I 23 -66.78 -106.22 3.72
CA ALA I 23 -66.97 -104.78 3.70
C ALA I 23 -67.84 -104.38 2.51
N ALA I 24 -68.50 -103.23 2.65
CA ALA I 24 -69.36 -102.68 1.61
C ALA I 24 -68.95 -101.25 1.31
N SER I 25 -69.12 -100.82 0.06
CA SER I 25 -68.64 -99.51 -0.37
C SER I 25 -69.74 -98.56 -0.81
N GLY I 26 -70.62 -98.97 -1.73
CA GLY I 26 -71.38 -98.01 -2.50
C GLY I 26 -72.63 -97.44 -1.86
N PHE I 27 -73.00 -97.87 -0.65
CA PHE I 27 -74.25 -97.43 -0.04
C PHE I 27 -74.03 -97.12 1.42
N THR I 28 -75.10 -96.69 2.08
CA THR I 28 -75.00 -96.12 3.42
C THR I 28 -74.57 -97.18 4.44
N PHE I 29 -75.24 -98.32 4.47
CA PHE I 29 -74.96 -99.38 5.41
C PHE I 29 -75.04 -98.86 6.86
N SER I 30 -76.07 -98.10 7.12
CA SER I 30 -76.48 -97.81 8.50
C SER I 30 -77.95 -98.05 8.70
N ASN I 31 -78.78 -97.75 7.70
CA ASN I 31 -80.20 -97.99 7.75
C ASN I 31 -80.58 -99.33 7.13
N TYR I 32 -79.62 -100.13 6.69
CA TYR I 32 -79.86 -101.46 6.18
C TYR I 32 -79.59 -102.51 7.24
N GLU I 33 -80.08 -103.71 6.98
CA GLU I 33 -79.79 -104.89 7.75
C GLU I 33 -78.69 -105.68 7.05
N MET I 34 -78.25 -106.77 7.68
CA MET I 34 -77.27 -107.62 7.05
C MET I 34 -77.47 -109.06 7.50
N TYR I 35 -77.30 -109.97 6.55
CA TYR I 35 -77.44 -111.40 6.76
C TYR I 35 -76.16 -112.08 6.34
N TRP I 36 -76.09 -113.37 6.64
CA TRP I 36 -75.09 -114.24 6.06
C TRP I 36 -75.80 -115.50 5.61
N VAL I 37 -75.32 -116.09 4.51
CA VAL I 37 -75.91 -117.31 3.99
C VAL I 37 -74.81 -118.21 3.43
N ARG I 38 -74.76 -119.44 3.90
CA ARG I 38 -73.90 -120.46 3.32
C ARG I 38 -74.60 -121.03 2.09
N GLN I 39 -73.89 -121.09 0.97
CA GLN I 39 -74.39 -121.69 -0.25
C GLN I 39 -73.52 -122.87 -0.62
N ALA I 40 -74.15 -123.90 -1.15
CA ALA I 40 -73.64 -125.26 -1.15
C ALA I 40 -74.41 -126.08 -2.17
N PRO I 41 -74.12 -127.38 -2.32
CA PRO I 41 -74.94 -128.21 -3.19
C PRO I 41 -76.40 -128.25 -2.78
N GLY I 42 -77.22 -129.05 -3.47
CA GLY I 42 -78.64 -128.84 -3.55
C GLY I 42 -79.47 -128.96 -2.28
N LYS I 43 -78.82 -128.97 -1.11
CA LYS I 43 -79.55 -128.69 0.13
C LYS I 43 -80.11 -127.28 0.13
N GLY I 44 -79.45 -126.36 -0.57
CA GLY I 44 -79.95 -125.01 -0.76
C GLY I 44 -79.33 -124.02 0.21
N LEU I 45 -79.35 -122.74 -0.18
CA LEU I 45 -78.85 -121.69 0.69
C LEU I 45 -79.70 -121.58 1.94
N GLU I 46 -79.07 -121.15 3.04
CA GLU I 46 -79.73 -121.10 4.33
C GLU I 46 -79.43 -119.79 5.03
N TRP I 47 -80.37 -119.36 5.86
CA TRP I 47 -80.17 -118.21 6.73
C TRP I 47 -79.13 -118.54 7.80
N VAL I 48 -78.29 -117.55 8.14
CA VAL I 48 -77.27 -117.74 9.16
C VAL I 48 -77.35 -116.65 10.23
N SER I 49 -77.24 -115.39 9.81
CA SER I 49 -77.04 -114.27 10.73
C SER I 49 -78.07 -113.18 10.46
N TYR I 50 -78.21 -112.29 11.43
CA TYR I 50 -79.18 -111.19 11.36
C TYR I 50 -78.73 -110.07 12.28
N ILE I 51 -78.33 -108.94 11.69
CA ILE I 51 -78.09 -107.72 12.43
C ILE I 51 -78.80 -106.60 11.67
N SER I 52 -79.58 -105.78 12.39
CA SER I 52 -80.46 -104.80 11.75
C SER I 52 -80.46 -103.51 12.58
N THR I 53 -79.56 -102.61 12.25
CA THR I 53 -79.47 -101.31 12.92
C THR I 53 -79.12 -101.47 14.40
N SER I 54 -78.37 -102.54 14.72
CA SER I 54 -77.77 -102.82 16.03
C SER I 54 -78.60 -102.39 17.24
N PRO I 55 -79.77 -103.01 17.50
CA PRO I 55 -80.51 -102.65 18.71
C PRO I 55 -80.03 -103.40 19.94
N ALA I 56 -78.82 -103.96 19.89
CA ALA I 56 -78.39 -105.04 20.79
C ALA I 56 -79.29 -106.25 20.59
N ILE I 57 -79.69 -106.49 19.34
CA ILE I 57 -80.56 -107.59 18.96
C ILE I 57 -79.92 -108.32 17.79
N THR I 58 -79.86 -109.65 17.89
CA THR I 58 -79.23 -110.48 16.87
C THR I 58 -79.93 -111.83 16.87
N TYR I 59 -79.66 -112.62 15.82
CA TYR I 59 -80.21 -113.96 15.73
C TYR I 59 -79.22 -114.85 14.98
N TYR I 60 -79.29 -116.14 15.28
CA TYR I 60 -78.39 -117.16 14.73
C TYR I 60 -79.19 -118.35 14.23
N ALA I 61 -78.61 -119.07 13.27
CA ALA I 61 -79.22 -120.28 12.73
C ALA I 61 -78.80 -121.49 13.56
N ASP I 62 -79.30 -122.66 13.15
CA ASP I 62 -79.15 -123.85 13.98
C ASP I 62 -77.69 -124.27 14.12
N SER I 63 -76.98 -124.42 13.01
CA SER I 63 -75.65 -125.04 13.02
C SER I 63 -74.55 -124.08 13.42
N VAL I 64 -74.86 -122.79 13.54
CA VAL I 64 -73.85 -121.75 13.73
C VAL I 64 -73.77 -121.29 15.18
N ARG I 65 -74.53 -121.91 16.08
CA ARG I 65 -74.65 -121.40 17.43
C ARG I 65 -73.30 -121.43 18.14
N GLY I 66 -72.93 -120.30 18.74
CA GLY I 66 -71.72 -120.20 19.51
C GLY I 66 -70.45 -120.08 18.68
N ARG I 67 -70.20 -121.07 17.83
CA ARG I 67 -68.91 -121.19 17.14
C ARG I 67 -68.79 -120.26 15.94
N PHE I 68 -69.90 -119.74 15.43
CA PHE I 68 -69.90 -118.50 14.68
C PHE I 68 -70.03 -117.34 15.67
N THR I 69 -69.55 -116.17 15.26
CA THR I 69 -70.02 -114.97 15.96
C THR I 69 -69.83 -113.77 15.05
N ILE I 70 -70.64 -112.76 15.30
CA ILE I 70 -70.88 -111.66 14.37
C ILE I 70 -70.39 -110.35 14.96
N SER I 71 -70.07 -109.41 14.09
CA SER I 71 -69.85 -108.03 14.49
C SER I 71 -70.16 -107.14 13.31
N ARG I 72 -70.76 -105.99 13.58
CA ARG I 72 -71.23 -105.06 12.56
C ARG I 72 -70.46 -103.75 12.75
N ASP I 73 -69.33 -103.63 12.05
CA ASP I 73 -68.44 -102.48 12.21
C ASP I 73 -68.94 -101.37 11.30
N ASN I 74 -69.66 -100.41 11.89
CA ASN I 74 -70.07 -99.24 11.12
C ASN I 74 -68.90 -98.33 10.81
N ALA I 75 -67.86 -98.37 11.64
CA ALA I 75 -66.69 -97.53 11.40
C ALA I 75 -66.07 -97.82 10.05
N LYS I 76 -65.78 -99.09 9.78
CA LYS I 76 -65.22 -99.50 8.50
C LYS I 76 -66.29 -99.92 7.50
N SER I 77 -67.56 -99.94 7.90
CA SER I 77 -68.66 -100.31 7.02
C SER I 77 -68.52 -101.76 6.54
N SER I 78 -68.57 -102.68 7.50
CA SER I 78 -68.32 -104.08 7.21
C SER I 78 -69.01 -104.98 8.23
N LEU I 79 -69.09 -106.26 7.87
CA LEU I 79 -69.43 -107.35 8.78
C LEU I 79 -68.20 -108.20 9.01
N TYR I 80 -67.88 -108.41 10.28
CA TYR I 80 -66.68 -109.11 10.72
C TYR I 80 -67.13 -110.33 11.50
N LEU I 81 -66.89 -111.53 10.94
CA LEU I 81 -67.33 -112.78 11.53
C LEU I 81 -66.13 -113.55 12.05
N HIS I 82 -66.17 -113.98 13.29
CA HIS I 82 -65.13 -114.83 13.85
C HIS I 82 -65.64 -116.27 13.84
N MET I 83 -64.83 -117.18 13.30
CA MET I 83 -65.26 -118.51 12.91
C MET I 83 -64.36 -119.53 13.60
N ASN I 84 -64.95 -120.51 14.29
CA ASN I 84 -64.18 -121.60 14.86
C ASN I 84 -64.94 -122.91 14.76
N SER I 85 -64.18 -124.00 14.63
CA SER I 85 -64.50 -125.31 15.23
C SER I 85 -65.97 -125.71 15.05
N LEU I 86 -66.33 -125.99 13.79
CA LEU I 86 -67.65 -126.55 13.48
C LEU I 86 -67.52 -127.69 12.48
N ARG I 87 -68.67 -128.31 12.17
CA ARG I 87 -68.72 -129.50 11.35
C ARG I 87 -68.20 -129.24 9.95
N ALA I 88 -67.82 -130.33 9.27
CA ALA I 88 -67.31 -130.25 7.91
C ALA I 88 -68.36 -129.83 6.91
N GLU I 89 -69.64 -129.80 7.29
CA GLU I 89 -70.67 -129.26 6.43
C GLU I 89 -70.47 -127.78 6.16
N ASP I 90 -69.63 -127.10 6.95
CA ASP I 90 -69.34 -125.69 6.72
C ASP I 90 -68.64 -125.43 5.39
N THR I 91 -68.11 -126.46 4.73
CA THR I 91 -67.53 -126.30 3.40
C THR I 91 -68.58 -125.73 2.46
N ALA I 92 -68.40 -124.48 2.05
CA ALA I 92 -69.42 -123.75 1.34
C ALA I 92 -68.85 -122.38 0.95
N VAL I 93 -69.64 -121.62 0.20
CA VAL I 93 -69.33 -120.24 -0.09
C VAL I 93 -70.25 -119.38 0.76
N TYR I 94 -69.65 -118.51 1.57
CA TYR I 94 -70.41 -117.65 2.47
C TYR I 94 -70.70 -116.33 1.77
N TYR I 95 -71.94 -115.87 1.89
CA TYR I 95 -72.46 -114.72 1.16
C TYR I 95 -73.04 -113.71 2.13
N CYS I 96 -72.73 -112.44 1.88
CA CYS I 96 -73.21 -111.29 2.65
C CYS I 96 -74.10 -110.44 1.75
N ALA I 97 -75.19 -109.91 2.30
CA ALA I 97 -76.22 -109.31 1.46
C ALA I 97 -77.27 -108.60 2.32
N THR I 98 -78.14 -107.85 1.63
CA THR I 98 -79.33 -107.26 2.23
C THR I 98 -80.30 -106.77 1.17
N ILE I 99 -81.56 -107.19 1.24
CA ILE I 99 -82.61 -106.69 0.37
C ILE I 99 -83.44 -105.69 1.15
N SER I 100 -83.72 -104.54 0.53
CA SER I 100 -84.42 -103.44 1.17
C SER I 100 -85.74 -103.21 0.47
N HIS I 101 -86.79 -103.03 1.25
CA HIS I 101 -88.15 -102.81 0.75
C HIS I 101 -88.69 -101.55 1.38
N GLN I 102 -88.45 -100.42 0.73
CA GLN I 102 -89.10 -99.17 1.09
C GLN I 102 -89.55 -98.50 -0.20
N GLN I 103 -90.78 -98.00 -0.19
CA GLN I 103 -91.49 -97.65 -1.43
C GLN I 103 -90.90 -96.37 -2.01
N PHE I 104 -89.78 -96.52 -2.70
CA PHE I 104 -89.24 -95.42 -3.48
C PHE I 104 -90.12 -95.20 -4.70
N SER I 105 -90.42 -93.94 -4.99
CA SER I 105 -91.29 -93.64 -6.12
C SER I 105 -90.55 -93.86 -7.43
N SER I 106 -91.22 -93.54 -8.53
CA SER I 106 -90.62 -93.68 -9.84
C SER I 106 -89.57 -92.59 -10.05
N GLY I 107 -88.98 -92.59 -11.25
CA GLY I 107 -88.03 -91.58 -11.65
C GLY I 107 -86.58 -91.93 -11.39
N TRP I 108 -86.31 -92.97 -10.59
CA TRP I 108 -84.94 -93.35 -10.34
C TRP I 108 -84.88 -94.72 -9.65
N ASN I 109 -84.09 -95.64 -10.19
CA ASN I 109 -83.98 -96.98 -9.64
C ASN I 109 -83.02 -96.97 -8.46
N ALA I 110 -83.58 -96.98 -7.25
CA ALA I 110 -82.79 -97.03 -6.03
C ALA I 110 -82.49 -98.46 -5.59
N TRP I 111 -82.49 -99.40 -6.53
CA TRP I 111 -82.52 -100.82 -6.24
C TRP I 111 -81.16 -101.45 -6.54
N PHE I 112 -80.85 -102.52 -5.80
CA PHE I 112 -79.48 -102.99 -5.67
C PHE I 112 -79.09 -104.11 -6.61
N ASP I 113 -79.77 -105.25 -6.53
CA ASP I 113 -79.18 -106.57 -6.76
C ASP I 113 -78.11 -106.75 -5.70
N PRO I 114 -78.48 -106.85 -4.42
CA PRO I 114 -77.54 -106.73 -3.30
C PRO I 114 -76.83 -108.01 -2.87
N TRP I 115 -75.89 -108.46 -3.71
CA TRP I 115 -75.11 -109.66 -3.44
C TRP I 115 -73.64 -109.41 -3.74
N GLY I 116 -72.81 -109.52 -2.71
CA GLY I 116 -71.39 -109.65 -2.92
C GLY I 116 -71.02 -111.02 -3.42
N GLN I 117 -69.82 -111.12 -4.00
CA GLN I 117 -69.41 -112.38 -4.60
C GLN I 117 -69.30 -113.51 -3.59
N GLY I 118 -69.10 -113.19 -2.31
CA GLY I 118 -68.92 -114.21 -1.30
C GLY I 118 -67.50 -114.72 -1.27
N THR I 119 -67.26 -115.67 -0.36
CA THR I 119 -65.94 -116.21 -0.13
C THR I 119 -66.01 -117.71 0.10
N LEU I 120 -65.07 -118.44 -0.52
CA LEU I 120 -65.05 -119.89 -0.44
C LEU I 120 -64.30 -120.34 0.81
N VAL I 121 -64.87 -121.31 1.52
CA VAL I 121 -64.19 -121.95 2.64
C VAL I 121 -64.48 -123.44 2.55
N THR I 122 -63.48 -124.25 2.84
CA THR I 122 -63.64 -125.70 2.87
C THR I 122 -63.05 -126.24 4.16
N VAL I 123 -63.70 -127.25 4.72
CA VAL I 123 -63.29 -127.86 5.98
C VAL I 123 -62.53 -129.13 5.61
N SER I 124 -61.22 -128.99 5.47
CA SER I 124 -60.35 -130.04 4.96
C SER I 124 -58.98 -129.84 5.62
N GLY I 125 -57.95 -130.40 5.01
CA GLY I 125 -56.59 -130.33 5.51
C GLY I 125 -55.91 -131.65 5.26
N ALA I 126 -56.67 -132.74 5.38
CA ALA I 126 -56.55 -133.92 4.53
C ALA I 126 -55.12 -134.28 4.17
N SER I 127 -54.30 -134.67 5.14
CA SER I 127 -52.92 -135.06 4.85
C SER I 127 -52.86 -136.09 3.73
N THR I 128 -51.71 -136.22 3.07
CA THR I 128 -51.64 -137.09 1.91
C THR I 128 -51.87 -138.54 2.27
N LYS I 129 -52.71 -139.19 1.46
CA LYS I 129 -53.12 -140.57 1.66
C LYS I 129 -53.28 -141.15 0.27
N GLY I 130 -52.74 -142.34 0.01
CA GLY I 130 -52.88 -142.89 -1.31
C GLY I 130 -54.27 -143.47 -1.53
N PRO I 131 -54.70 -143.59 -2.79
CA PRO I 131 -56.04 -144.10 -3.05
C PRO I 131 -56.10 -145.61 -3.02
N SER I 132 -57.31 -146.10 -2.76
CA SER I 132 -57.62 -147.52 -2.85
C SER I 132 -58.53 -147.71 -4.06
N VAL I 133 -58.13 -148.60 -4.97
CA VAL I 133 -58.88 -148.83 -6.20
C VAL I 133 -59.63 -150.14 -6.02
N PHE I 134 -60.96 -150.07 -6.11
CA PHE I 134 -61.85 -151.21 -5.95
C PHE I 134 -62.57 -151.57 -7.26
N PRO I 135 -62.78 -152.83 -7.59
CA PRO I 135 -63.48 -153.13 -8.86
C PRO I 135 -64.99 -152.91 -8.77
N LEU I 136 -65.57 -152.46 -9.89
CA LEU I 136 -67.01 -152.36 -10.10
C LEU I 136 -67.22 -153.44 -11.16
N ALA I 137 -67.55 -154.66 -10.69
CA ALA I 137 -67.59 -155.82 -11.56
C ALA I 137 -68.84 -155.93 -12.46
N PRO I 138 -68.67 -156.41 -13.69
CA PRO I 138 -69.82 -156.68 -14.56
C PRO I 138 -70.38 -158.06 -14.26
N SER I 139 -71.64 -158.29 -14.62
CA SER I 139 -72.19 -159.62 -14.40
C SER I 139 -73.46 -159.80 -15.25
N SER I 140 -74.11 -160.95 -15.08
CA SER I 140 -75.32 -161.20 -15.86
C SER I 140 -76.41 -160.24 -15.44
N LYS I 141 -76.38 -159.82 -14.18
CA LYS I 141 -77.37 -158.88 -13.70
C LYS I 141 -77.15 -157.50 -14.29
N SER I 142 -75.87 -157.13 -14.52
CA SER I 142 -75.58 -155.81 -15.07
C SER I 142 -75.57 -155.77 -16.59
N THR I 143 -75.82 -156.90 -17.26
CA THR I 143 -75.71 -156.96 -18.72
C THR I 143 -77.09 -157.21 -19.31
N SER I 144 -77.37 -156.59 -20.45
CA SER I 144 -78.62 -156.86 -21.15
C SER I 144 -78.43 -156.41 -22.59
N GLY I 145 -78.90 -157.23 -23.53
CA GLY I 145 -78.83 -156.88 -24.93
C GLY I 145 -77.44 -157.04 -25.47
N GLY I 146 -76.65 -157.91 -24.84
CA GLY I 146 -75.30 -158.22 -25.26
C GLY I 146 -74.22 -157.21 -24.93
N THR I 147 -74.50 -156.19 -24.12
CA THR I 147 -73.50 -155.20 -23.74
C THR I 147 -73.32 -155.17 -22.23
N ALA I 148 -72.07 -154.95 -21.79
CA ALA I 148 -71.70 -154.91 -20.39
C ALA I 148 -70.94 -153.62 -20.05
N ALA I 149 -71.14 -153.14 -18.82
CA ALA I 149 -70.49 -151.94 -18.32
C ALA I 149 -69.62 -152.36 -17.13
N LEU I 150 -68.38 -151.87 -17.05
CA LEU I 150 -67.53 -152.20 -15.91
C LEU I 150 -66.76 -150.96 -15.47
N GLY I 151 -66.10 -151.05 -14.31
CA GLY I 151 -65.34 -149.90 -13.88
C GLY I 151 -64.47 -150.13 -12.66
N CYS I 152 -63.84 -149.03 -12.23
CA CYS I 152 -62.99 -148.99 -11.04
C CYS I 152 -63.37 -147.80 -10.17
N LEU I 153 -63.36 -148.02 -8.86
CA LEU I 153 -63.70 -147.05 -7.82
C LEU I 153 -62.41 -146.58 -7.16
N VAL I 154 -62.07 -145.30 -7.36
CA VAL I 154 -60.88 -144.65 -6.81
C VAL I 154 -61.33 -143.91 -5.55
N LYS I 155 -60.89 -144.39 -4.38
CA LYS I 155 -61.39 -143.94 -3.10
C LYS I 155 -60.27 -143.42 -2.21
N ASP I 156 -60.65 -142.54 -1.26
CA ASP I 156 -59.76 -141.97 -0.24
C ASP I 156 -58.50 -141.36 -0.86
N TYR I 157 -58.71 -140.31 -1.66
CA TYR I 157 -57.64 -139.52 -2.25
C TYR I 157 -57.81 -138.02 -2.06
N PHE I 158 -56.68 -137.30 -2.15
CA PHE I 158 -56.65 -135.85 -2.04
C PHE I 158 -55.42 -135.27 -2.72
N PRO I 159 -55.53 -134.14 -3.46
CA PRO I 159 -56.73 -133.37 -3.80
C PRO I 159 -57.15 -133.87 -5.19
N GLU I 160 -58.08 -133.20 -5.88
CA GLU I 160 -58.39 -133.66 -7.21
C GLU I 160 -57.31 -133.22 -8.20
N PRO I 161 -57.19 -133.90 -9.35
CA PRO I 161 -57.89 -135.11 -9.83
C PRO I 161 -56.98 -136.33 -9.81
N VAL I 162 -57.52 -137.49 -10.22
CA VAL I 162 -56.76 -138.72 -10.41
C VAL I 162 -57.11 -139.18 -11.80
N THR I 163 -56.19 -139.88 -12.46
CA THR I 163 -56.47 -140.34 -13.82
C THR I 163 -56.45 -141.86 -13.91
N VAL I 164 -57.55 -142.39 -14.43
CA VAL I 164 -57.77 -143.82 -14.61
C VAL I 164 -57.87 -144.04 -16.11
N SER I 165 -57.17 -145.04 -16.63
CA SER I 165 -57.24 -145.30 -18.06
C SER I 165 -57.43 -146.79 -18.33
N TRP I 166 -57.97 -147.02 -19.53
CA TRP I 166 -58.26 -148.36 -20.03
C TRP I 166 -57.56 -148.53 -21.37
N ASN I 167 -56.88 -149.65 -21.55
CA ASN I 167 -56.17 -149.98 -22.79
C ASN I 167 -55.22 -148.86 -23.22
N SER I 168 -54.54 -148.27 -22.24
CA SER I 168 -53.50 -147.25 -22.47
C SER I 168 -54.02 -146.05 -23.26
N GLY I 169 -55.30 -145.69 -23.14
CA GLY I 169 -55.80 -144.49 -23.79
C GLY I 169 -56.39 -144.70 -25.16
N ALA I 170 -56.25 -145.91 -25.73
CA ALA I 170 -56.76 -146.19 -27.07
C ALA I 170 -58.29 -146.11 -27.14
N LEU I 171 -58.97 -146.60 -26.11
CA LEU I 171 -60.42 -146.71 -26.10
C LEU I 171 -60.96 -145.52 -25.31
N THR I 172 -61.34 -144.48 -26.05
CA THR I 172 -62.00 -143.28 -25.55
C THR I 172 -63.51 -143.42 -25.52
N SER I 173 -64.09 -144.09 -26.51
CA SER I 173 -65.55 -144.07 -26.65
C SER I 173 -66.18 -144.89 -25.53
N GLY I 174 -67.28 -144.37 -24.97
CA GLY I 174 -68.05 -145.10 -23.98
C GLY I 174 -67.47 -145.06 -22.58
N VAL I 175 -66.53 -144.12 -22.30
CA VAL I 175 -65.91 -143.95 -20.98
C VAL I 175 -66.70 -142.90 -20.22
N HIS I 176 -66.83 -143.09 -18.91
CA HIS I 176 -67.45 -142.10 -18.01
C HIS I 176 -66.54 -141.99 -16.80
N THR I 177 -65.88 -140.85 -16.62
CA THR I 177 -65.03 -140.59 -15.45
C THR I 177 -65.73 -139.56 -14.57
N PHE I 178 -66.06 -139.96 -13.35
CA PHE I 178 -66.82 -139.10 -12.45
C PHE I 178 -65.97 -137.98 -11.87
N PRO I 179 -66.59 -136.79 -11.53
CA PRO I 179 -65.81 -135.66 -11.00
C PRO I 179 -64.98 -136.06 -9.78
N ALA I 180 -65.69 -136.24 -8.65
CA ALA I 180 -65.24 -136.60 -7.31
C ALA I 180 -66.28 -136.08 -6.34
N VAL I 181 -66.62 -136.84 -5.30
CA VAL I 181 -67.61 -136.42 -4.31
C VAL I 181 -67.00 -136.50 -2.93
N LEU I 182 -67.45 -135.62 -2.04
CA LEU I 182 -66.98 -135.58 -0.66
C LEU I 182 -67.99 -136.37 0.17
N GLN I 183 -67.51 -137.40 0.86
CA GLN I 183 -68.38 -138.25 1.66
C GLN I 183 -68.52 -137.62 3.05
N SER I 184 -69.36 -138.21 3.89
CA SER I 184 -69.53 -137.65 5.22
C SER I 184 -68.26 -137.79 6.02
N SER I 185 -67.46 -138.82 5.72
CA SER I 185 -66.21 -139.07 6.42
C SER I 185 -65.18 -137.98 6.12
N GLY I 186 -65.41 -137.14 5.10
CA GLY I 186 -64.48 -136.09 4.73
C GLY I 186 -63.49 -136.45 3.65
N LEU I 187 -63.58 -137.65 3.08
CA LEU I 187 -62.70 -138.16 2.04
C LEU I 187 -63.38 -138.13 0.67
N TYR I 188 -62.57 -138.11 -0.39
CA TYR I 188 -63.09 -138.03 -1.75
C TYR I 188 -63.20 -139.43 -2.35
N SER I 189 -64.21 -139.58 -3.23
CA SER I 189 -64.42 -140.82 -3.96
C SER I 189 -64.92 -140.55 -5.37
N LEU I 190 -64.40 -141.30 -6.35
CA LEU I 190 -64.90 -141.19 -7.71
C LEU I 190 -64.83 -142.56 -8.36
N SER I 191 -65.58 -142.71 -9.46
CA SER I 191 -65.63 -143.95 -10.22
C SER I 191 -65.39 -143.67 -11.70
N SER I 192 -64.76 -144.61 -12.38
CA SER I 192 -64.56 -144.51 -13.81
C SER I 192 -65.04 -145.81 -14.41
N VAL I 193 -65.93 -145.71 -15.40
CA VAL I 193 -66.54 -146.87 -16.03
C VAL I 193 -66.36 -146.79 -17.54
N VAL I 194 -66.40 -147.95 -18.18
CA VAL I 194 -66.31 -148.05 -19.63
C VAL I 194 -67.31 -149.12 -20.05
N THR I 195 -67.84 -148.97 -21.27
CA THR I 195 -68.78 -149.97 -21.78
C THR I 195 -68.09 -150.80 -22.86
N VAL I 196 -68.27 -152.13 -22.77
CA VAL I 196 -67.67 -153.09 -23.68
C VAL I 196 -68.67 -154.22 -23.93
N PRO I 197 -68.48 -155.06 -24.95
CA PRO I 197 -69.40 -156.18 -25.17
C PRO I 197 -69.32 -157.22 -24.05
N SER I 198 -70.48 -157.74 -23.63
CA SER I 198 -70.51 -158.68 -22.51
C SER I 198 -69.83 -159.98 -22.87
N SER I 199 -69.80 -160.33 -24.15
CA SER I 199 -69.22 -161.59 -24.56
C SER I 199 -67.71 -161.58 -24.38
N SER I 200 -67.07 -160.43 -24.57
CA SER I 200 -65.62 -160.38 -24.60
C SER I 200 -64.96 -160.61 -23.23
N LEU I 201 -65.71 -160.60 -22.12
CA LEU I 201 -65.03 -160.73 -20.84
C LEU I 201 -64.28 -162.04 -20.74
N GLY I 202 -64.83 -163.10 -21.35
CA GLY I 202 -64.12 -164.37 -21.37
C GLY I 202 -62.90 -164.31 -22.26
N THR I 203 -63.05 -163.73 -23.45
CA THR I 203 -61.98 -163.69 -24.44
C THR I 203 -60.94 -162.64 -24.08
N GLN I 204 -61.38 -161.51 -23.52
CA GLN I 204 -60.56 -160.34 -23.31
C GLN I 204 -60.40 -160.12 -21.81
N THR I 205 -59.27 -159.53 -21.43
CA THR I 205 -58.95 -159.18 -20.05
C THR I 205 -59.07 -157.67 -19.88
N TYR I 206 -59.58 -157.24 -18.73
CA TYR I 206 -59.76 -155.81 -18.44
C TYR I 206 -59.01 -155.41 -17.18
N ILE I 207 -58.10 -154.46 -17.33
CA ILE I 207 -57.27 -153.93 -16.24
C ILE I 207 -57.38 -152.41 -16.24
N CYS I 208 -57.60 -151.82 -15.06
CA CYS I 208 -57.67 -150.36 -14.95
C CYS I 208 -56.34 -149.86 -14.40
N ASN I 209 -55.82 -148.78 -15.01
CA ASN I 209 -54.54 -148.19 -14.61
C ASN I 209 -54.86 -146.87 -13.93
N VAL I 210 -54.63 -146.79 -12.61
CA VAL I 210 -54.94 -145.60 -11.81
C VAL I 210 -53.66 -144.90 -11.38
N ASN I 211 -53.62 -143.58 -11.60
CA ASN I 211 -52.47 -142.73 -11.27
C ASN I 211 -52.96 -141.60 -10.36
N HIS I 212 -52.21 -141.38 -9.28
CA HIS I 212 -52.48 -140.36 -8.25
C HIS I 212 -51.20 -139.57 -7.99
N LYS I 213 -51.13 -138.39 -8.62
CA LYS I 213 -49.94 -137.55 -8.57
C LYS I 213 -49.58 -137.06 -7.16
N PRO I 214 -50.52 -136.58 -6.33
CA PRO I 214 -50.10 -136.02 -5.04
C PRO I 214 -49.34 -137.00 -4.17
N SER I 215 -49.80 -138.25 -4.07
CA SER I 215 -49.06 -139.24 -3.29
C SER I 215 -47.92 -139.85 -4.10
N ASN I 216 -47.85 -139.54 -5.40
CA ASN I 216 -46.87 -140.12 -6.32
C ASN I 216 -47.04 -141.64 -6.35
N THR I 217 -48.29 -142.08 -6.35
CA THR I 217 -48.64 -143.50 -6.33
C THR I 217 -49.40 -143.90 -7.58
N LYS I 218 -49.06 -145.08 -8.10
CA LYS I 218 -49.71 -145.68 -9.26
C LYS I 218 -50.08 -147.11 -8.89
N VAL I 219 -51.33 -147.48 -9.18
CA VAL I 219 -51.85 -148.81 -8.90
C VAL I 219 -52.57 -149.32 -10.13
N ASP I 220 -52.26 -150.56 -10.50
CA ASP I 220 -52.90 -151.24 -11.63
C ASP I 220 -53.69 -152.42 -11.08
N LYS I 221 -54.99 -152.46 -11.36
CA LYS I 221 -55.84 -153.53 -10.85
C LYS I 221 -56.55 -154.26 -11.99
N ARG I 222 -56.42 -155.58 -12.02
CA ARG I 222 -57.09 -156.41 -13.02
C ARG I 222 -58.42 -156.86 -12.44
N VAL I 223 -59.52 -156.68 -13.17
CA VAL I 223 -60.83 -157.09 -12.67
C VAL I 223 -61.18 -158.44 -13.31
N GLU I 224 -61.15 -159.55 -12.52
CA GLU I 224 -61.55 -160.79 -13.21
C GLU I 224 -63.06 -161.02 -13.11
N PRO I 225 -63.70 -161.53 -14.17
CA PRO I 225 -65.13 -161.82 -14.10
C PRO I 225 -65.42 -163.12 -13.36
N LYS I 226 -66.65 -163.23 -12.86
CA LYS I 226 -67.08 -164.43 -12.14
C LYS I 226 -67.95 -165.30 -13.05
N SER I 227 -67.90 -166.60 -12.77
CA SER I 227 -68.45 -167.70 -13.56
C SER I 227 -69.98 -167.79 -13.66
N CYS I 228 -70.76 -167.07 -12.86
CA CYS I 228 -72.20 -167.23 -13.04
C CYS I 228 -72.72 -166.68 -14.36
N ASP I 229 -72.81 -167.55 -15.36
CA ASP I 229 -73.19 -167.17 -16.72
C ASP I 229 -74.71 -167.26 -16.86
N LYS I 230 -75.21 -166.90 -18.04
CA LYS I 230 -76.64 -166.86 -18.31
C LYS I 230 -77.15 -168.23 -18.75
N ASN J 1 -92.54 -121.35 10.63
CA ASN J 1 -92.44 -120.81 9.28
C ASN J 1 -93.29 -121.62 8.31
N PHE J 2 -93.44 -121.11 7.09
CA PHE J 2 -94.05 -121.85 5.99
C PHE J 2 -92.98 -122.06 4.94
N MET J 3 -92.55 -123.31 4.77
CA MET J 3 -91.55 -123.59 3.76
C MET J 3 -92.12 -123.38 2.37
N LEU J 4 -91.22 -123.24 1.40
CA LEU J 4 -91.58 -122.91 0.02
C LEU J 4 -91.25 -124.10 -0.85
N THR J 5 -92.23 -124.99 -1.05
CA THR J 5 -92.01 -126.16 -1.88
C THR J 5 -91.84 -125.75 -3.34
N GLN J 6 -91.01 -126.52 -4.04
CA GLN J 6 -90.58 -126.27 -5.41
C GLN J 6 -90.69 -127.54 -6.23
N PRO J 7 -90.76 -127.43 -7.55
CA PRO J 7 -90.40 -128.58 -8.40
C PRO J 7 -88.89 -128.65 -8.53
N HIS J 8 -88.30 -129.73 -8.03
CA HIS J 8 -86.84 -129.81 -7.97
C HIS J 8 -86.21 -129.85 -9.36
N SER J 9 -87.01 -130.08 -10.39
CA SER J 9 -86.60 -129.78 -11.75
C SER J 9 -87.84 -129.50 -12.58
N VAL J 10 -87.62 -128.87 -13.72
CA VAL J 10 -88.68 -128.61 -14.70
C VAL J 10 -88.01 -128.18 -15.99
N SER J 11 -88.66 -128.42 -17.13
CA SER J 11 -88.04 -128.06 -18.41
C SER J 11 -89.05 -128.23 -19.53
N GLU J 12 -88.71 -127.63 -20.67
CA GLU J 12 -89.37 -127.88 -21.94
C GLU J 12 -88.31 -127.77 -23.03
N SER J 13 -88.76 -127.74 -24.29
CA SER J 13 -87.86 -127.41 -25.38
C SER J 13 -87.71 -125.89 -25.47
N PRO J 14 -86.50 -125.36 -25.62
CA PRO J 14 -86.37 -123.89 -25.72
C PRO J 14 -87.07 -123.35 -26.96
N GLY J 15 -87.64 -122.16 -26.81
CA GLY J 15 -88.38 -121.47 -27.87
C GLY J 15 -89.78 -121.06 -27.47
N LYS J 16 -90.42 -121.85 -26.60
CA LYS J 16 -91.79 -121.61 -26.16
C LYS J 16 -91.79 -121.14 -24.70
N THR J 17 -92.99 -120.92 -24.18
CA THR J 17 -93.15 -120.42 -22.82
C THR J 17 -93.10 -121.57 -21.80
N VAL J 18 -92.50 -121.27 -20.64
CA VAL J 18 -92.42 -122.23 -19.55
C VAL J 18 -92.75 -121.51 -18.25
N THR J 19 -93.10 -122.30 -17.22
CA THR J 19 -93.51 -121.76 -15.94
C THR J 19 -92.84 -122.53 -14.82
N ILE J 20 -92.48 -121.82 -13.76
CA ILE J 20 -91.89 -122.41 -12.56
C ILE J 20 -92.59 -121.86 -11.34
N SER J 21 -92.95 -122.74 -10.40
CA SER J 21 -93.77 -122.41 -9.25
C SER J 21 -92.96 -122.44 -7.97
N CYS J 22 -93.54 -121.84 -6.93
CA CYS J 22 -92.93 -121.82 -5.60
C CYS J 22 -94.09 -121.62 -4.62
N THR J 23 -94.53 -122.71 -4.00
CA THR J 23 -95.79 -122.71 -3.25
C THR J 23 -95.51 -122.79 -1.75
N GLY J 24 -96.15 -121.91 -1.00
CA GLY J 24 -96.00 -121.93 0.45
C GLY J 24 -96.82 -123.05 1.04
N SER J 25 -96.18 -123.91 1.83
CA SER J 25 -96.88 -125.04 2.43
C SER J 25 -98.02 -124.55 3.33
N SER J 26 -97.76 -123.53 4.13
CA SER J 26 -98.79 -122.91 4.97
C SER J 26 -98.64 -121.39 4.90
N GLY J 27 -99.34 -120.68 5.78
CA GLY J 27 -99.23 -119.24 5.75
C GLY J 27 -99.84 -118.67 4.48
N SER J 28 -99.44 -117.44 4.18
CA SER J 28 -99.97 -116.72 3.02
C SER J 28 -98.83 -115.96 2.36
N ILE J 29 -98.63 -116.19 1.06
CA ILE J 29 -97.66 -115.42 0.31
C ILE J 29 -98.10 -113.97 0.19
N ALA J 30 -99.41 -113.73 0.20
CA ALA J 30 -99.93 -112.38 0.03
C ALA J 30 -99.55 -111.45 1.18
N SER J 31 -99.07 -111.99 2.30
CA SER J 31 -98.80 -111.15 3.47
C SER J 31 -97.74 -110.10 3.17
N ASN J 32 -96.69 -110.47 2.46
CA ASN J 32 -95.57 -109.56 2.23
C ASN J 32 -94.91 -109.93 0.90
N TYR J 33 -93.74 -109.35 0.64
CA TYR J 33 -93.12 -109.45 -0.66
C TYR J 33 -92.39 -110.78 -0.84
N VAL J 34 -92.10 -111.10 -2.09
CA VAL J 34 -91.39 -112.31 -2.49
C VAL J 34 -90.45 -111.92 -3.62
N GLN J 35 -89.28 -112.55 -3.66
CA GLN J 35 -88.28 -112.24 -4.67
C GLN J 35 -87.66 -113.51 -5.20
N TRP J 36 -87.18 -113.43 -6.44
CA TRP J 36 -86.68 -114.57 -7.19
C TRP J 36 -85.26 -114.32 -7.64
N TYR J 37 -84.49 -115.40 -7.71
CA TYR J 37 -83.07 -115.34 -8.01
C TYR J 37 -82.71 -116.40 -9.05
N ARG J 38 -81.76 -116.06 -9.92
CA ARG J 38 -81.14 -117.00 -10.86
C ARG J 38 -79.71 -117.24 -10.44
N GLN J 39 -79.14 -118.34 -10.92
CA GLN J 39 -77.84 -118.78 -10.42
C GLN J 39 -77.15 -119.69 -11.43
N ARG J 40 -75.83 -119.54 -11.53
CA ARG J 40 -74.98 -120.40 -12.35
C ARG J 40 -74.04 -121.19 -11.45
N PRO J 41 -73.66 -122.42 -11.83
CA PRO J 41 -72.67 -123.14 -11.02
C PRO J 41 -71.31 -122.45 -10.93
N GLY J 42 -70.98 -121.58 -11.88
CA GLY J 42 -69.63 -121.07 -12.01
C GLY J 42 -69.15 -120.12 -10.93
N SER J 43 -69.69 -118.90 -10.90
CA SER J 43 -69.11 -117.82 -10.13
C SER J 43 -70.00 -117.33 -8.99
N ALA J 44 -71.20 -116.87 -9.29
CA ALA J 44 -72.06 -116.29 -8.26
C ALA J 44 -73.44 -116.06 -8.86
N PRO J 45 -74.48 -115.98 -8.03
CA PRO J 45 -75.84 -115.83 -8.53
C PRO J 45 -76.27 -114.37 -8.61
N THR J 46 -77.45 -114.16 -9.21
CA THR J 46 -78.02 -112.82 -9.38
C THR J 46 -79.51 -112.89 -9.09
N THR J 47 -80.15 -111.72 -9.10
CA THR J 47 -81.58 -111.60 -8.90
C THR J 47 -82.29 -111.46 -10.23
N VAL J 48 -83.52 -111.98 -10.29
CA VAL J 48 -84.31 -111.97 -11.52
C VAL J 48 -85.64 -111.23 -11.33
N ILE J 49 -86.29 -111.39 -10.19
CA ILE J 49 -87.51 -110.65 -9.86
C ILE J 49 -87.49 -110.31 -8.38
N TYR J 50 -88.08 -109.17 -8.03
CA TYR J 50 -88.22 -108.74 -6.66
C TYR J 50 -89.59 -108.12 -6.48
N GLU J 51 -90.00 -107.96 -5.22
CA GLU J 51 -91.31 -107.40 -4.87
C GLU J 51 -92.44 -108.18 -5.54
N ASN J 52 -92.22 -109.48 -5.71
CA ASN J 52 -93.15 -110.47 -6.25
C ASN J 52 -93.37 -110.40 -7.75
N TYR J 53 -93.10 -109.25 -8.37
CA TYR J 53 -93.13 -109.21 -9.83
C TYR J 53 -92.31 -108.08 -10.43
N GLN J 54 -91.62 -107.29 -9.61
CA GLN J 54 -90.96 -106.10 -10.15
C GLN J 54 -89.74 -106.52 -10.96
N ARG J 55 -89.64 -106.00 -12.18
CA ARG J 55 -88.66 -106.45 -13.13
C ARG J 55 -87.35 -105.66 -12.98
N PRO J 56 -86.18 -106.29 -13.11
CA PRO J 56 -84.94 -105.53 -13.03
C PRO J 56 -84.72 -104.70 -14.28
N SER J 57 -84.04 -103.57 -14.10
CA SER J 57 -83.54 -102.82 -15.24
C SER J 57 -82.38 -103.58 -15.88
N GLY J 58 -82.29 -103.51 -17.20
CA GLY J 58 -81.24 -104.17 -17.96
C GLY J 58 -81.57 -105.55 -18.49
N VAL J 59 -82.17 -106.39 -17.65
CA VAL J 59 -82.49 -107.77 -18.06
C VAL J 59 -83.72 -107.70 -18.97
N PRO J 60 -83.82 -108.54 -20.01
CA PRO J 60 -84.96 -108.40 -20.93
C PRO J 60 -86.31 -108.67 -20.28
N ALA J 61 -87.37 -108.46 -21.05
CA ALA J 61 -88.74 -108.71 -20.61
C ALA J 61 -89.14 -110.18 -20.71
N ARG J 62 -88.20 -111.07 -21.07
CA ARG J 62 -88.52 -112.47 -21.23
C ARG J 62 -89.01 -113.12 -19.94
N PHE J 63 -88.73 -112.50 -18.79
CA PHE J 63 -89.07 -113.04 -17.49
C PHE J 63 -90.25 -112.26 -16.92
N SER J 64 -91.07 -112.94 -16.13
CA SER J 64 -92.08 -112.25 -15.35
C SER J 64 -92.58 -113.17 -14.25
N GLY J 65 -93.39 -112.63 -13.35
CA GLY J 65 -93.89 -113.41 -12.24
C GLY J 65 -95.15 -112.82 -11.63
N SER J 66 -95.84 -113.64 -10.86
CA SER J 66 -97.12 -113.27 -10.26
C SER J 66 -97.35 -114.11 -9.02
N ILE J 67 -98.47 -113.84 -8.35
CA ILE J 67 -98.85 -114.49 -7.09
C ILE J 67 -100.25 -115.06 -7.24
N ASP J 68 -100.38 -116.37 -7.02
CA ASP J 68 -101.67 -117.03 -6.94
C ASP J 68 -102.07 -117.09 -5.47
N ARG J 69 -103.05 -116.26 -5.10
CA ARG J 69 -103.43 -116.10 -3.71
C ARG J 69 -104.14 -117.34 -3.18
N SER J 70 -105.13 -117.83 -3.92
CA SER J 70 -105.96 -118.93 -3.41
C SER J 70 -105.12 -120.19 -3.18
N SER J 71 -104.24 -120.52 -4.11
CA SER J 71 -103.38 -121.69 -3.96
C SER J 71 -102.17 -121.42 -3.09
N ASN J 72 -101.96 -120.18 -2.64
CA ASN J 72 -100.82 -119.84 -1.79
C ASN J 72 -99.50 -120.15 -2.49
N SER J 73 -99.26 -119.45 -3.59
CA SER J 73 -98.04 -119.69 -4.36
C SER J 73 -97.60 -118.45 -5.10
N ALA J 74 -96.32 -118.42 -5.45
CA ALA J 74 -95.78 -117.50 -6.43
C ALA J 74 -95.35 -118.29 -7.66
N SER J 75 -95.29 -117.61 -8.79
CA SER J 75 -94.96 -118.29 -10.03
C SER J 75 -94.20 -117.32 -10.93
N LEU J 76 -93.43 -117.89 -11.86
CA LEU J 76 -92.70 -117.11 -12.84
C LEU J 76 -92.88 -117.76 -14.20
N THR J 77 -92.99 -116.92 -15.22
CA THR J 77 -93.15 -117.35 -16.61
C THR J 77 -91.97 -116.82 -17.42
N ILE J 78 -91.40 -117.68 -18.25
CA ILE J 78 -90.25 -117.36 -19.09
C ILE J 78 -90.63 -117.62 -20.53
N SER J 79 -90.42 -116.61 -21.38
CA SER J 79 -90.74 -116.69 -22.80
C SER J 79 -89.47 -116.48 -23.63
N GLY J 80 -89.35 -117.24 -24.71
CA GLY J 80 -88.17 -117.16 -25.54
C GLY J 80 -86.95 -117.67 -24.79
N LEU J 81 -87.00 -118.94 -24.39
CA LEU J 81 -85.97 -119.53 -23.56
C LEU J 81 -84.61 -119.50 -24.23
N GLN J 82 -83.69 -118.72 -23.69
CA GLN J 82 -82.35 -118.61 -24.24
C GLN J 82 -81.54 -119.87 -23.95
N THR J 83 -80.43 -120.00 -24.67
CA THR J 83 -79.52 -121.13 -24.42
C THR J 83 -78.94 -121.08 -23.02
N ASP J 84 -78.70 -119.88 -22.48
CA ASP J 84 -78.12 -119.73 -21.16
C ASP J 84 -79.08 -120.12 -20.03
N ASP J 85 -80.36 -120.37 -20.33
CA ASP J 85 -81.34 -120.61 -19.27
C ASP J 85 -81.01 -121.84 -18.43
N GLU J 86 -80.12 -122.72 -18.90
CA GLU J 86 -79.60 -123.79 -18.05
C GLU J 86 -78.98 -123.16 -16.81
N ALA J 87 -79.60 -123.37 -15.66
CA ALA J 87 -79.27 -122.60 -14.46
C ALA J 87 -80.04 -123.17 -13.28
N ASP J 88 -79.85 -122.55 -12.13
CA ASP J 88 -80.64 -122.82 -10.93
C ASP J 88 -81.42 -121.57 -10.58
N TYR J 89 -82.49 -121.75 -9.79
CA TYR J 89 -83.37 -120.66 -9.42
C TYR J 89 -83.83 -120.84 -7.98
N TYR J 90 -84.08 -119.73 -7.31
CA TYR J 90 -84.52 -119.70 -5.93
C TYR J 90 -85.65 -118.69 -5.74
N CYS J 91 -86.49 -118.94 -4.77
CA CYS J 91 -87.48 -117.99 -4.30
C CYS J 91 -87.26 -117.76 -2.81
N GLN J 92 -87.52 -116.53 -2.34
CA GLN J 92 -87.49 -116.33 -0.90
C GLN J 92 -88.30 -115.09 -0.54
N SER J 93 -88.80 -115.09 0.68
CA SER J 93 -89.67 -114.04 1.17
C SER J 93 -89.47 -113.93 2.68
N TYR J 94 -90.40 -113.28 3.37
CA TYR J 94 -90.32 -113.08 4.81
C TYR J 94 -91.23 -114.07 5.53
N ASP J 95 -91.20 -114.00 6.86
CA ASP J 95 -92.01 -114.85 7.75
C ASP J 95 -92.81 -113.96 8.68
N ASN J 96 -93.55 -114.59 9.61
CA ASN J 96 -94.25 -113.83 10.63
C ASN J 96 -93.28 -113.01 11.47
N ASN J 97 -92.06 -113.52 11.65
CA ASN J 97 -90.94 -112.73 12.14
C ASN J 97 -89.95 -112.56 11.00
N ASN J 98 -89.56 -111.31 10.73
CA ASN J 98 -88.77 -111.03 9.54
C ASN J 98 -87.35 -111.55 9.68
N LEU J 99 -87.13 -112.82 9.39
CA LEU J 99 -85.77 -113.36 9.33
C LEU J 99 -85.43 -113.77 7.90
N TRP J 100 -86.09 -114.78 7.34
CA TRP J 100 -86.30 -115.03 5.92
C TRP J 100 -86.97 -116.40 5.81
N VAL J 101 -87.44 -116.72 4.61
CA VAL J 101 -87.94 -118.04 4.28
C VAL J 101 -87.53 -118.33 2.83
N PHE J 102 -87.03 -119.53 2.58
CA PHE J 102 -86.39 -119.88 1.32
C PHE J 102 -87.12 -121.03 0.65
N GLY J 103 -86.85 -121.18 -0.64
CA GLY J 103 -87.27 -122.34 -1.40
C GLY J 103 -86.11 -123.24 -1.76
N GLY J 104 -86.43 -124.44 -2.21
CA GLY J 104 -85.42 -125.32 -2.71
C GLY J 104 -84.83 -124.82 -4.02
N GLY J 105 -83.61 -125.25 -4.29
CA GLY J 105 -82.97 -124.86 -5.54
C GLY J 105 -83.58 -125.56 -6.72
N THR J 106 -84.36 -124.84 -7.52
CA THR J 106 -85.04 -125.42 -8.67
C THR J 106 -84.08 -125.43 -9.84
N LYS J 107 -83.87 -126.60 -10.43
CA LYS J 107 -82.89 -126.79 -11.48
C LYS J 107 -83.59 -126.72 -12.84
N LEU J 108 -83.19 -125.75 -13.66
CA LEU J 108 -83.75 -125.57 -14.98
C LEU J 108 -82.69 -125.98 -16.01
N THR J 109 -83.08 -126.87 -16.92
CA THR J 109 -82.20 -127.32 -17.99
C THR J 109 -83.07 -127.64 -19.19
N VAL J 110 -82.83 -126.95 -20.30
CA VAL J 110 -83.74 -126.95 -21.43
C VAL J 110 -82.97 -127.30 -22.71
N LEU J 111 -83.56 -128.19 -23.51
CA LEU J 111 -82.99 -128.67 -24.76
C LEU J 111 -84.04 -129.57 -25.38
N GLY J 112 -83.91 -129.85 -26.69
CA GLY J 112 -84.75 -130.84 -27.30
C GLY J 112 -84.01 -131.86 -28.14
N GLN J 113 -83.98 -133.10 -27.65
CA GLN J 113 -83.22 -134.17 -28.27
C GLN J 113 -84.08 -135.43 -28.09
N PRO J 114 -83.69 -136.61 -28.58
CA PRO J 114 -84.55 -137.77 -28.37
C PRO J 114 -84.57 -138.21 -26.90
N LYS J 115 -85.71 -138.79 -26.51
CA LYS J 115 -85.87 -139.28 -25.14
C LYS J 115 -84.95 -140.47 -24.87
N GLY J 116 -84.52 -140.58 -23.60
CA GLY J 116 -83.70 -141.71 -23.19
C GLY J 116 -83.97 -142.19 -21.78
N ALA J 117 -84.31 -143.47 -21.63
CA ALA J 117 -84.56 -144.03 -20.32
C ALA J 117 -83.22 -144.24 -19.62
N PRO J 118 -83.15 -144.17 -18.29
CA PRO J 118 -81.84 -144.32 -17.66
C PRO J 118 -81.42 -145.77 -17.59
N SER J 119 -80.10 -145.98 -17.64
CA SER J 119 -79.50 -147.29 -17.42
C SER J 119 -79.05 -147.33 -15.98
N VAL J 120 -79.50 -148.35 -15.23
CA VAL J 120 -79.19 -148.46 -13.81
C VAL J 120 -78.41 -149.75 -13.60
N THR J 121 -77.30 -149.65 -12.88
CA THR J 121 -76.47 -150.80 -12.54
C THR J 121 -76.21 -150.75 -11.04
N LEU J 122 -76.42 -151.85 -10.34
CA LEU J 122 -76.18 -151.91 -8.90
C LEU J 122 -75.04 -152.87 -8.64
N PHE J 123 -74.01 -152.42 -7.92
CA PHE J 123 -72.83 -153.23 -7.67
C PHE J 123 -72.75 -153.63 -6.20
N PRO J 124 -72.47 -154.92 -5.94
CA PRO J 124 -72.28 -155.43 -4.57
C PRO J 124 -70.87 -155.14 -4.08
N PRO J 125 -70.55 -155.47 -2.82
CA PRO J 125 -69.21 -155.12 -2.31
C PRO J 125 -68.15 -155.87 -3.09
N SER J 126 -67.03 -155.21 -3.33
CA SER J 126 -65.92 -155.83 -4.02
C SER J 126 -65.11 -156.68 -3.04
N SER J 127 -64.33 -157.61 -3.59
CA SER J 127 -63.51 -158.46 -2.73
C SER J 127 -62.47 -157.61 -2.01
N GLU J 128 -61.86 -156.67 -2.72
CA GLU J 128 -60.79 -155.89 -2.12
C GLU J 128 -61.37 -155.07 -0.96
N GLU J 129 -62.54 -154.46 -1.17
CA GLU J 129 -63.09 -153.65 -0.10
C GLU J 129 -63.49 -154.52 1.07
N LEU J 130 -64.02 -155.73 0.80
CA LEU J 130 -64.41 -156.58 1.91
C LEU J 130 -63.18 -156.93 2.74
N GLN J 131 -62.06 -157.23 2.07
CA GLN J 131 -60.84 -157.52 2.81
C GLN J 131 -60.43 -156.28 3.61
N ALA J 132 -60.67 -155.11 3.00
CA ALA J 132 -60.42 -153.79 3.58
C ALA J 132 -61.32 -153.51 4.76
N ASN J 133 -62.41 -154.28 4.92
CA ASN J 133 -63.44 -154.08 5.93
C ASN J 133 -64.37 -152.92 5.58
N LYS J 134 -64.69 -152.79 4.28
CA LYS J 134 -65.59 -151.76 3.76
C LYS J 134 -66.60 -152.46 2.86
N ALA J 135 -67.87 -152.43 3.26
CA ALA J 135 -69.02 -153.02 2.55
C ALA J 135 -69.60 -152.17 1.42
N THR J 136 -69.17 -150.92 1.22
CA THR J 136 -69.79 -149.94 0.32
C THR J 136 -70.32 -150.53 -0.99
N LEU J 137 -71.55 -150.12 -1.33
CA LEU J 137 -72.30 -150.49 -2.52
C LEU J 137 -72.35 -149.31 -3.49
N VAL J 138 -72.35 -149.59 -4.81
CA VAL J 138 -72.42 -148.48 -5.78
C VAL J 138 -73.53 -148.69 -6.80
N CYS J 139 -74.31 -147.63 -7.06
CA CYS J 139 -75.41 -147.61 -8.03
C CYS J 139 -75.12 -146.59 -9.12
N LEU J 140 -74.86 -147.06 -10.33
CA LEU J 140 -74.47 -146.25 -11.48
C LEU J 140 -75.69 -145.95 -12.33
N ILE J 141 -75.89 -144.67 -12.68
CA ILE J 141 -77.03 -144.22 -13.47
C ILE J 141 -76.46 -143.48 -14.67
N SER J 142 -76.75 -143.96 -15.87
CA SER J 142 -76.15 -143.40 -17.08
C SER J 142 -77.18 -143.26 -18.20
N ASP J 143 -76.75 -142.52 -19.22
CA ASP J 143 -77.45 -142.26 -20.49
C ASP J 143 -78.93 -141.92 -20.31
N PHE J 144 -79.20 -140.88 -19.52
CA PHE J 144 -80.57 -140.43 -19.29
C PHE J 144 -80.73 -138.97 -19.67
N TYR J 145 -81.92 -138.64 -20.14
CA TYR J 145 -82.34 -137.30 -20.48
C TYR J 145 -83.81 -137.21 -20.10
N PRO J 146 -84.27 -136.12 -19.44
CA PRO J 146 -83.66 -134.88 -18.94
C PRO J 146 -82.69 -135.04 -17.77
N GLY J 147 -82.01 -133.93 -17.47
CA GLY J 147 -80.95 -133.86 -16.49
C GLY J 147 -81.24 -134.05 -15.01
N ALA J 148 -82.45 -134.42 -14.61
CA ALA J 148 -82.78 -134.58 -13.20
C ALA J 148 -83.14 -136.03 -12.91
N VAL J 149 -82.71 -136.52 -11.74
CA VAL J 149 -82.98 -137.88 -11.30
C VAL J 149 -83.05 -137.90 -9.77
N THR J 150 -83.77 -138.89 -9.24
CA THR J 150 -83.86 -139.12 -7.79
C THR J 150 -83.45 -140.56 -7.48
N VAL J 151 -82.77 -140.75 -6.36
CA VAL J 151 -82.31 -142.08 -5.94
C VAL J 151 -82.79 -142.36 -4.52
N ALA J 152 -83.18 -143.60 -4.29
CA ALA J 152 -83.64 -144.10 -3.01
C ALA J 152 -83.01 -145.46 -2.76
N TRP J 153 -82.65 -145.74 -1.52
CA TRP J 153 -81.99 -146.98 -1.16
C TRP J 153 -82.93 -147.74 -0.24
N LYS J 154 -82.88 -149.08 -0.32
CA LYS J 154 -83.71 -149.92 0.53
C LYS J 154 -82.94 -151.07 1.18
N ALA J 155 -83.36 -151.35 2.41
CA ALA J 155 -82.95 -152.49 3.23
C ALA J 155 -84.20 -153.36 3.17
N ASP J 156 -84.06 -154.61 2.72
CA ASP J 156 -85.19 -155.48 2.35
C ASP J 156 -86.52 -155.18 3.03
N SER J 157 -86.72 -155.49 4.31
CA SER J 157 -88.01 -155.09 4.87
C SER J 157 -88.04 -153.68 5.42
N SER J 158 -86.78 -152.98 5.66
CA SER J 158 -86.85 -151.71 6.35
C SER J 158 -86.71 -150.51 5.40
N PRO J 159 -87.31 -149.35 5.64
CA PRO J 159 -87.05 -148.22 4.74
C PRO J 159 -85.64 -147.70 5.04
N VAL J 160 -84.88 -147.26 4.03
CA VAL J 160 -83.53 -146.73 4.30
C VAL J 160 -83.41 -145.27 3.85
N LYS J 161 -83.30 -144.36 4.82
CA LYS J 161 -83.01 -142.95 4.63
C LYS J 161 -81.52 -142.61 4.63
N ALA J 162 -80.82 -143.18 5.61
CA ALA J 162 -79.46 -142.84 6.00
C ALA J 162 -78.37 -143.30 5.02
N GLY J 163 -77.32 -142.47 4.93
CA GLY J 163 -76.12 -142.84 4.20
C GLY J 163 -76.14 -142.64 2.70
N VAL J 164 -77.03 -141.82 2.16
CA VAL J 164 -77.12 -141.60 0.73
C VAL J 164 -76.62 -140.20 0.41
N GLU J 165 -75.78 -140.11 -0.63
CA GLU J 165 -75.28 -138.86 -1.18
C GLU J 165 -75.33 -139.02 -2.69
N THR J 166 -75.80 -137.99 -3.39
CA THR J 166 -75.87 -138.04 -4.84
C THR J 166 -75.25 -136.81 -5.48
N THR J 167 -74.48 -137.06 -6.54
CA THR J 167 -73.78 -136.01 -7.25
C THR J 167 -74.74 -135.30 -8.19
N THR J 168 -74.40 -134.11 -8.58
CA THR J 168 -75.31 -133.48 -9.51
C THR J 168 -75.09 -134.13 -10.89
N PRO J 169 -76.14 -134.36 -11.68
CA PRO J 169 -75.94 -135.02 -12.98
C PRO J 169 -75.04 -134.18 -13.88
N SER J 170 -74.13 -134.86 -14.59
CA SER J 170 -73.16 -134.19 -15.45
C SER J 170 -73.22 -134.65 -16.90
N LYS J 171 -72.99 -133.70 -17.81
CA LYS J 171 -73.02 -133.96 -19.24
C LYS J 171 -71.71 -134.56 -19.71
N GLN J 172 -71.80 -135.61 -20.50
CA GLN J 172 -70.62 -136.26 -21.04
C GLN J 172 -70.41 -135.78 -22.48
N SER J 173 -69.39 -136.32 -23.14
CA SER J 173 -69.09 -135.87 -24.50
C SER J 173 -70.23 -136.22 -25.45
N ASN J 174 -70.95 -137.29 -25.14
CA ASN J 174 -72.08 -137.79 -25.91
C ASN J 174 -73.32 -136.91 -25.79
N ASN J 175 -73.34 -135.92 -24.88
CA ASN J 175 -74.48 -135.03 -24.64
C ASN J 175 -75.57 -135.75 -23.85
N LYS J 176 -75.20 -136.79 -23.12
CA LYS J 176 -76.08 -137.51 -22.21
C LYS J 176 -75.59 -137.28 -20.79
N TYR J 177 -76.46 -137.57 -19.82
CA TYR J 177 -76.16 -137.30 -18.43
C TYR J 177 -75.75 -138.56 -17.68
N ALA J 178 -74.89 -138.37 -16.67
CA ALA J 178 -74.48 -139.48 -15.82
C ALA J 178 -74.49 -139.02 -14.37
N ALA J 179 -74.69 -139.98 -13.47
CA ALA J 179 -74.67 -139.74 -12.02
C ALA J 179 -74.47 -141.07 -11.31
N SER J 180 -74.07 -140.99 -10.03
CA SER J 180 -73.89 -142.18 -9.22
C SER J 180 -74.42 -141.94 -7.81
N SER J 181 -74.98 -142.98 -7.20
CA SER J 181 -75.43 -142.96 -5.81
C SER J 181 -74.71 -144.11 -5.12
N TYR J 182 -74.15 -143.86 -3.93
CA TYR J 182 -73.46 -144.92 -3.21
C TYR J 182 -73.97 -145.06 -1.78
N LEU J 183 -74.00 -146.30 -1.30
CA LEU J 183 -74.46 -146.59 0.06
C LEU J 183 -73.27 -147.19 0.79
N SER J 184 -72.75 -146.46 1.78
CA SER J 184 -71.54 -146.89 2.51
C SER J 184 -71.93 -147.75 3.72
N LEU J 185 -71.73 -149.06 3.62
CA LEU J 185 -72.07 -149.95 4.73
C LEU J 185 -70.79 -150.54 5.32
N THR J 186 -70.90 -151.01 6.57
CA THR J 186 -69.82 -151.74 7.22
C THR J 186 -69.99 -153.23 7.03
N PRO J 187 -68.92 -154.03 7.18
CA PRO J 187 -69.11 -155.47 7.02
C PRO J 187 -70.03 -156.08 8.06
N GLU J 188 -70.05 -155.55 9.30
CA GLU J 188 -70.93 -156.15 10.29
C GLU J 188 -72.39 -155.91 9.93
N GLN J 189 -72.71 -154.68 9.50
CA GLN J 189 -74.09 -154.34 9.16
C GLN J 189 -74.53 -155.12 7.94
N TRP J 190 -73.62 -155.24 6.98
CA TRP J 190 -73.90 -155.95 5.74
C TRP J 190 -74.22 -157.41 6.06
N LYS J 191 -73.39 -158.02 6.93
CA LYS J 191 -73.65 -159.42 7.25
C LYS J 191 -74.95 -159.53 8.04
N SER J 192 -75.25 -158.52 8.88
CA SER J 192 -76.42 -158.63 9.73
C SER J 192 -77.70 -158.65 8.90
N HIS J 193 -77.70 -157.98 7.73
CA HIS J 193 -78.93 -157.91 6.96
C HIS J 193 -78.81 -158.81 5.73
N ARG J 194 -79.97 -159.22 5.19
CA ARG J 194 -79.98 -160.09 4.03
C ARG J 194 -79.50 -159.45 2.73
N SER J 195 -79.98 -158.25 2.39
CA SER J 195 -79.57 -157.65 1.13
C SER J 195 -79.88 -156.15 1.10
N TYR J 196 -79.33 -155.45 0.11
CA TYR J 196 -79.63 -154.04 -0.13
C TYR J 196 -79.99 -153.81 -1.60
N SER J 197 -80.87 -152.82 -1.85
CA SER J 197 -81.32 -152.51 -3.21
C SER J 197 -81.30 -151.00 -3.48
N CYS J 198 -81.11 -150.66 -4.75
CA CYS J 198 -81.10 -149.28 -5.27
C CYS J 198 -82.27 -149.03 -6.22
N GLN J 199 -83.00 -147.95 -5.96
CA GLN J 199 -84.17 -147.52 -6.74
C GLN J 199 -83.87 -146.17 -7.37
N VAL J 200 -83.99 -146.10 -8.70
CA VAL J 200 -83.70 -144.89 -9.46
C VAL J 200 -84.98 -144.41 -10.12
N THR J 201 -85.30 -143.13 -9.92
CA THR J 201 -86.51 -142.50 -10.44
C THR J 201 -86.15 -141.42 -11.47
N HIS J 202 -86.75 -141.52 -12.65
CA HIS J 202 -86.59 -140.59 -13.75
C HIS J 202 -87.95 -140.41 -14.41
N GLU J 203 -88.36 -139.15 -14.62
CA GLU J 203 -89.66 -138.85 -15.25
C GLU J 203 -90.80 -139.52 -14.50
N GLY J 204 -90.71 -139.53 -13.17
CA GLY J 204 -91.77 -139.97 -12.30
C GLY J 204 -91.95 -141.47 -12.19
N SER J 205 -91.10 -142.27 -12.85
CA SER J 205 -91.18 -143.73 -12.79
C SER J 205 -89.92 -144.25 -12.13
N THR J 206 -90.09 -145.26 -11.29
CA THR J 206 -88.99 -145.83 -10.51
C THR J 206 -88.67 -147.25 -10.96
N VAL J 207 -87.38 -147.52 -11.10
CA VAL J 207 -86.84 -148.83 -11.48
C VAL J 207 -85.99 -149.26 -10.30
N GLU J 208 -85.87 -150.57 -10.07
CA GLU J 208 -85.15 -151.06 -8.91
C GLU J 208 -84.29 -152.26 -9.25
N LYS J 209 -83.14 -152.33 -8.56
CA LYS J 209 -82.21 -153.44 -8.66
C LYS J 209 -81.79 -153.80 -7.24
N THR J 210 -81.50 -155.09 -6.99
CA THR J 210 -81.13 -155.55 -5.65
C THR J 210 -79.88 -156.42 -5.71
N VAL J 211 -79.06 -156.34 -4.66
CA VAL J 211 -77.83 -157.13 -4.52
C VAL J 211 -77.77 -157.74 -3.13
N ALA J 212 -77.16 -158.92 -3.08
CA ALA J 212 -77.00 -159.75 -1.90
C ALA J 212 -75.55 -160.22 -1.77
N PRO J 213 -75.15 -160.66 -0.57
CA PRO J 213 -73.78 -161.14 -0.38
C PRO J 213 -73.53 -162.41 -1.17
N THR J 214 -72.28 -162.60 -1.60
CA THR J 214 -71.94 -163.84 -2.32
C THR J 214 -70.63 -164.41 -1.80
N GLU J 215 -70.51 -165.72 -2.05
CA GLU J 215 -69.35 -166.49 -1.60
C GLU J 215 -68.05 -166.11 -2.28
N CYS J 216 -68.05 -165.99 -3.60
CA CYS J 216 -66.82 -165.68 -4.31
C CYS J 216 -66.43 -164.21 -4.23
N SER J 217 -65.17 -163.96 -4.55
CA SER J 217 -64.56 -162.64 -4.57
C SER J 217 -65.09 -161.82 -5.75
N MET K 1 54.10 17.81 -37.11
CA MET K 1 54.40 16.45 -36.58
C MET K 1 55.84 16.06 -36.85
N GLU K 2 56.36 16.43 -38.01
CA GLU K 2 57.79 16.26 -38.25
C GLU K 2 58.58 17.04 -37.22
N VAL K 3 58.08 18.22 -36.82
CA VAL K 3 58.74 18.99 -35.78
C VAL K 3 58.66 18.25 -34.45
N LEU K 4 57.50 17.65 -34.14
CA LEU K 4 57.37 16.91 -32.90
C LEU K 4 58.35 15.74 -32.85
N TYR K 5 58.44 14.99 -33.95
CA TYR K 5 59.40 13.89 -33.99
C TYR K 5 60.82 14.42 -33.84
N SER K 6 61.11 15.57 -34.44
CA SER K 6 62.46 16.10 -34.34
C SER K 6 62.78 16.49 -32.91
N LEU K 7 61.81 17.07 -32.19
CA LEU K 7 61.97 17.31 -30.77
C LEU K 7 62.31 16.02 -30.04
N SER K 8 61.54 14.97 -30.30
CA SER K 8 61.78 13.73 -29.56
C SER K 8 63.15 13.15 -29.90
N LYS K 9 63.54 13.19 -31.17
CA LYS K 9 64.83 12.64 -31.55
C LYS K 9 65.96 13.43 -30.92
N THR K 10 65.89 14.75 -30.92
CA THR K 10 66.98 15.52 -30.34
C THR K 10 67.04 15.34 -28.83
N LEU K 11 65.89 15.21 -28.16
CA LEU K 11 65.94 14.96 -26.73
C LEU K 11 66.50 13.59 -26.41
N LYS K 12 66.12 12.57 -27.18
CA LYS K 12 66.66 11.24 -26.96
C LYS K 12 68.17 11.23 -27.17
N ASP K 13 68.62 11.86 -28.26
CA ASP K 13 70.06 11.88 -28.53
C ASP K 13 70.80 12.75 -27.53
N ALA K 14 70.14 13.76 -26.97
CA ALA K 14 70.79 14.54 -25.92
C ALA K 14 70.93 13.73 -24.65
N ARG K 15 69.86 13.04 -24.25
CA ARG K 15 69.91 12.21 -23.07
C ARG K 15 70.95 11.10 -23.20
N ASP K 16 71.17 10.61 -24.42
CA ASP K 16 72.12 9.52 -24.62
C ASP K 16 73.55 10.03 -24.81
N LYS K 17 73.77 10.89 -25.80
CA LYS K 17 75.12 11.28 -26.18
C LYS K 17 75.76 12.25 -25.20
N ILE K 18 74.98 13.14 -24.59
CA ILE K 18 75.53 14.09 -23.64
C ILE K 18 75.67 13.38 -22.29
N VAL K 19 76.81 12.72 -22.11
CA VAL K 19 77.13 12.01 -20.88
C VAL K 19 78.52 12.44 -20.44
N GLU K 20 78.83 12.19 -19.18
CA GLU K 20 80.07 12.70 -18.61
C GLU K 20 81.28 12.13 -19.33
N GLY K 21 82.28 12.96 -19.54
CA GLY K 21 83.54 12.54 -20.11
C GLY K 21 83.54 12.36 -21.61
N THR K 22 82.40 12.55 -22.27
CA THR K 22 82.37 12.39 -23.72
C THR K 22 83.03 13.57 -24.40
N LEU K 23 83.77 13.29 -25.47
CA LEU K 23 84.43 14.35 -26.21
C LEU K 23 83.41 15.29 -26.83
N TYR K 24 83.76 16.56 -26.91
CA TYR K 24 82.89 17.50 -27.60
C TYR K 24 82.81 17.22 -29.09
N SER K 25 83.81 16.54 -29.65
CA SER K 25 83.72 16.17 -31.06
C SER K 25 82.59 15.17 -31.27
N ASN K 26 82.23 14.41 -30.25
CA ASN K 26 81.14 13.45 -30.38
C ASN K 26 79.78 14.15 -30.46
N VAL K 27 79.66 15.33 -29.86
CA VAL K 27 78.35 15.92 -29.60
C VAL K 27 78.27 17.36 -30.09
N SER K 28 79.23 17.80 -30.90
CA SER K 28 79.16 19.17 -31.41
C SER K 28 77.89 19.41 -32.22
N ASP K 29 77.61 18.53 -33.18
CA ASP K 29 76.43 18.71 -34.00
C ASP K 29 75.16 18.62 -33.17
N LEU K 30 75.14 17.69 -32.21
CA LEU K 30 73.96 17.54 -31.38
C LEU K 30 73.74 18.77 -30.51
N ILE K 31 74.83 19.36 -30.01
CA ILE K 31 74.70 20.59 -29.23
C ILE K 31 74.17 21.71 -30.09
N GLN K 32 74.64 21.81 -31.33
CA GLN K 32 74.11 22.84 -32.23
C GLN K 32 72.62 22.65 -32.47
N GLN K 33 72.20 21.41 -32.71
CA GLN K 33 70.78 21.13 -32.89
C GLN K 33 69.99 21.47 -31.63
N PHE K 34 70.53 21.12 -30.46
CA PHE K 34 69.85 21.40 -29.21
C PHE K 34 69.71 22.89 -28.98
N ASN K 35 70.74 23.67 -29.32
CA ASN K 35 70.66 25.11 -29.16
C ASN K 35 69.65 25.72 -30.12
N GLN K 36 69.58 25.20 -31.35
CA GLN K 36 68.52 25.67 -32.24
C GLN K 36 67.16 25.37 -31.64
N MET K 37 67.00 24.18 -31.07
CA MET K 37 65.73 23.82 -30.43
C MET K 37 65.42 24.78 -29.30
N ILE K 38 66.42 25.10 -28.48
CA ILE K 38 66.22 26.01 -27.35
C ILE K 38 65.79 27.38 -27.85
N VAL K 39 66.51 27.91 -28.84
CA VAL K 39 66.22 29.26 -29.31
C VAL K 39 64.84 29.30 -29.96
N THR K 40 64.44 28.22 -30.63
CA THR K 40 63.14 28.22 -31.28
C THR K 40 62.01 28.12 -30.27
N MET K 41 62.14 27.22 -29.29
CA MET K 41 61.10 27.06 -28.30
C MET K 41 61.09 28.16 -27.24
N ASN K 42 62.15 28.97 -27.17
CA ASN K 42 62.26 29.96 -26.11
C ASN K 42 61.25 31.08 -26.30
N GLY K 43 60.78 31.63 -25.19
CA GLY K 43 59.85 32.73 -25.23
C GLY K 43 58.52 32.37 -25.87
N ASN K 44 57.98 31.20 -25.52
CA ASN K 44 56.72 30.72 -26.04
C ASN K 44 55.85 30.24 -24.90
N ASP K 45 54.59 29.96 -25.21
CA ASP K 45 53.66 29.41 -24.24
C ASP K 45 52.77 28.40 -24.95
N PHE K 46 52.75 27.18 -24.43
CA PHE K 46 51.88 26.13 -24.93
C PHE K 46 50.91 25.73 -23.85
N GLN K 47 49.79 25.16 -24.26
CA GLN K 47 48.80 24.62 -23.35
C GLN K 47 48.39 23.25 -23.84
N THR K 48 48.27 22.30 -22.90
CA THR K 48 48.08 20.90 -23.24
C THR K 48 47.06 20.27 -22.32
N GLY K 49 46.04 19.67 -22.91
CA GLY K 49 45.01 18.96 -22.18
C GLY K 49 43.70 19.72 -22.17
N GLY K 50 42.73 19.12 -21.50
CA GLY K 50 41.39 19.67 -21.42
C GLY K 50 40.36 18.77 -22.06
N ILE K 51 40.62 17.48 -22.08
CA ILE K 51 39.69 16.48 -22.60
C ILE K 51 39.74 15.27 -21.67
N GLY K 52 38.57 14.78 -21.28
CA GLY K 52 38.54 13.70 -20.31
C GLY K 52 39.17 14.13 -19.00
N ASN K 53 39.87 13.21 -18.36
CA ASN K 53 40.58 13.49 -17.12
C ASN K 53 42.01 13.96 -17.35
N LEU K 54 42.46 14.06 -18.59
CA LEU K 54 43.78 14.58 -18.90
C LEU K 54 43.80 16.06 -18.54
N PRO K 55 44.46 16.48 -17.47
CA PRO K 55 44.24 17.84 -16.97
C PRO K 55 45.02 18.89 -17.73
N ILE K 56 44.49 20.11 -17.71
CA ILE K 56 45.13 21.22 -18.42
C ILE K 56 46.48 21.51 -17.79
N ARG K 57 47.46 21.81 -18.62
CA ARG K 57 48.77 22.24 -18.17
C ARG K 57 49.30 23.31 -19.11
N ASN K 58 50.18 24.14 -18.58
CA ASN K 58 50.76 25.25 -19.32
C ASN K 58 52.28 25.13 -19.28
N TRP K 59 52.91 25.26 -20.45
CA TRP K 59 54.34 25.12 -20.61
C TRP K 59 54.93 26.44 -21.07
N THR K 60 55.99 26.88 -20.40
CA THR K 60 56.69 28.12 -20.72
C THR K 60 58.18 27.84 -20.72
N PHE K 61 58.86 28.35 -21.75
CA PHE K 61 60.25 28.01 -22.04
C PHE K 61 61.13 29.25 -21.93
N ASP K 62 61.96 29.29 -20.89
CA ASP K 62 63.06 30.26 -20.81
C ASP K 62 64.27 29.47 -20.30
N PHE K 63 65.02 28.90 -21.22
CA PHE K 63 66.20 28.12 -20.92
C PHE K 63 67.41 28.71 -21.62
N GLY K 64 68.57 28.57 -20.98
CA GLY K 64 69.81 29.04 -21.56
C GLY K 64 70.44 27.98 -22.45
N LEU K 65 71.22 28.45 -23.43
CA LEU K 65 71.90 27.54 -24.32
C LEU K 65 72.96 26.74 -23.59
N LEU K 66 73.17 25.51 -24.02
CA LEU K 66 74.26 24.72 -23.47
C LEU K 66 75.59 25.33 -23.87
N GLY K 67 76.58 25.16 -23.00
CA GLY K 67 77.88 25.72 -23.28
C GLY K 67 78.53 25.09 -24.48
N THR K 68 79.57 25.76 -24.99
CA THR K 68 80.32 25.25 -26.13
C THR K 68 81.83 25.43 -26.03
N THR K 69 82.34 26.02 -24.95
CA THR K 69 83.76 26.30 -24.82
C THR K 69 84.51 25.19 -24.09
N LEU K 70 84.02 23.96 -24.19
CA LEU K 70 84.55 22.84 -23.43
C LEU K 70 85.00 21.76 -24.40
N LEU K 71 86.25 21.31 -24.23
CA LEU K 71 86.76 20.26 -25.10
C LEU K 71 86.21 18.89 -24.74
N ASN K 72 85.99 18.63 -23.45
CA ASN K 72 85.51 17.33 -22.98
C ASN K 72 84.50 17.55 -21.88
N LEU K 73 83.29 17.04 -22.09
CA LEU K 73 82.19 17.29 -21.17
C LEU K 73 82.50 16.74 -19.79
N ASP K 74 82.01 17.43 -18.77
CA ASP K 74 82.20 17.06 -17.38
C ASP K 74 80.84 16.91 -16.70
N ALA K 75 80.87 16.61 -15.41
CA ALA K 75 79.63 16.35 -14.68
C ALA K 75 78.75 17.59 -14.61
N ASN K 76 79.34 18.75 -14.32
CA ASN K 76 78.55 19.96 -14.11
C ASN K 76 77.84 20.42 -15.38
N TYR K 77 78.28 19.95 -16.54
CA TYR K 77 77.55 20.20 -17.78
C TYR K 77 76.27 19.36 -17.84
N VAL K 78 76.38 18.08 -17.46
CA VAL K 78 75.26 17.18 -17.57
C VAL K 78 74.15 17.53 -16.60
N GLU K 79 74.44 18.28 -15.53
CA GLU K 79 73.37 18.68 -14.62
C GLU K 79 72.48 19.75 -15.23
N THR K 80 73.09 20.74 -15.90
CA THR K 80 72.29 21.68 -16.68
C THR K 80 71.51 20.94 -17.75
N ALA K 81 72.17 19.98 -18.40
CA ALA K 81 71.48 19.16 -19.38
C ALA K 81 70.26 18.45 -18.77
N ARG K 82 70.40 17.95 -17.55
CA ARG K 82 69.28 17.32 -16.85
C ARG K 82 68.15 18.33 -16.66
N THR K 83 68.46 19.48 -16.08
CA THR K 83 67.42 20.45 -15.74
C THR K 83 66.65 20.89 -16.97
N THR K 84 67.30 20.91 -18.13
CA THR K 84 66.58 21.23 -19.36
C THR K 84 65.82 20.03 -19.90
N ILE K 85 66.51 18.90 -20.04
CA ILE K 85 65.98 17.77 -20.81
C ILE K 85 64.80 17.13 -20.11
N GLU K 86 64.82 17.08 -18.78
CA GLU K 86 63.70 16.46 -18.08
C GLU K 86 62.41 17.24 -18.33
N TYR K 87 62.48 18.57 -18.24
CA TYR K 87 61.32 19.40 -18.53
C TYR K 87 60.87 19.21 -19.96
N PHE K 88 61.82 19.19 -20.89
CA PHE K 88 61.45 19.02 -22.30
C PHE K 88 60.76 17.68 -22.52
N ILE K 89 61.27 16.62 -21.88
CA ILE K 89 60.69 15.30 -22.05
C ILE K 89 59.26 15.29 -21.52
N ASP K 90 59.04 15.90 -20.37
CA ASP K 90 57.68 15.96 -19.83
C ASP K 90 56.75 16.69 -20.80
N PHE K 91 57.21 17.80 -21.35
CA PHE K 91 56.40 18.57 -22.29
C PHE K 91 56.04 17.73 -23.50
N ILE K 92 57.03 17.01 -24.06
CA ILE K 92 56.78 16.18 -25.23
C ILE K 92 55.80 15.07 -24.89
N ASP K 93 55.94 14.47 -23.71
CA ASP K 93 55.04 13.40 -23.32
C ASP K 93 53.60 13.89 -23.27
N ASN K 94 53.37 15.06 -22.68
CA ASN K 94 52.00 15.55 -22.58
C ASN K 94 51.45 15.98 -23.94
N VAL K 95 52.30 16.55 -24.81
CA VAL K 95 51.84 16.87 -26.16
C VAL K 95 51.41 15.61 -26.89
N CYS K 96 52.21 14.56 -26.79
CA CYS K 96 51.88 13.32 -27.48
C CYS K 96 50.59 12.69 -26.94
N MET K 97 50.43 12.70 -25.61
CA MET K 97 49.18 12.18 -25.04
C MET K 97 47.98 12.99 -25.51
N ASP K 98 48.11 14.31 -25.52
CA ASP K 98 47.00 15.15 -25.95
C ASP K 98 46.65 14.88 -27.40
N GLU K 99 47.66 14.72 -28.25
CA GLU K 99 47.38 14.45 -29.66
C GLU K 99 46.75 13.08 -29.84
N MET K 100 47.14 12.10 -29.02
CA MET K 100 46.57 10.78 -29.15
C MET K 100 45.11 10.75 -28.73
N VAL K 101 44.75 11.49 -27.69
CA VAL K 101 43.38 11.40 -27.16
C VAL K 101 42.34 12.06 -28.05
N ARG K 102 42.75 12.82 -29.06
CA ARG K 102 41.81 13.55 -29.90
C ARG K 102 41.57 12.80 -31.22
N GLU K 103 40.61 13.30 -31.99
CA GLU K 103 40.16 12.63 -33.21
C GLU K 103 39.62 13.67 -34.17
N SER K 104 39.30 13.22 -35.38
CA SER K 104 38.50 14.00 -36.30
C SER K 104 38.03 13.12 -37.45
N GLN K 105 36.73 13.10 -37.72
CA GLN K 105 36.23 12.32 -38.84
C GLN K 105 36.80 12.82 -40.17
N ARG K 106 37.17 14.09 -40.24
CA ARG K 106 37.57 14.72 -41.48
C ARG K 106 38.95 15.35 -41.30
N ASN K 107 39.81 15.18 -42.32
CA ASN K 107 41.14 15.75 -42.30
C ASN K 107 41.91 15.32 -41.06
N GLY K 108 41.77 14.04 -40.71
CA GLY K 108 42.38 13.54 -39.49
C GLY K 108 43.89 13.63 -39.49
N VAL K 109 44.52 13.70 -40.66
CA VAL K 109 45.97 13.79 -40.73
C VAL K 109 46.46 15.09 -40.09
N ALA K 110 45.77 16.19 -40.35
CA ALA K 110 46.20 17.46 -39.80
C ALA K 110 46.13 17.42 -38.29
N PRO K 111 47.05 18.06 -37.58
CA PRO K 111 47.16 17.82 -36.14
C PRO K 111 46.01 18.43 -35.36
N GLN K 112 45.50 17.66 -34.40
CA GLN K 112 44.66 18.18 -33.33
C GLN K 112 45.58 18.74 -32.26
N SER K 113 45.09 18.97 -31.05
CA SER K 113 45.97 19.35 -29.96
C SER K 113 46.66 20.67 -30.24
N GLU K 114 45.95 21.78 -30.03
CA GLU K 114 46.43 23.13 -30.34
C GLU K 114 47.88 23.38 -29.98
N ALA K 115 48.43 22.70 -28.97
CA ALA K 115 49.87 22.74 -28.76
C ALA K 115 50.62 22.23 -29.99
N LEU K 116 50.26 21.04 -30.47
CA LEU K 116 50.91 20.51 -31.66
C LEU K 116 50.56 21.34 -32.89
N ARG K 117 49.35 21.89 -32.93
CA ARG K 117 48.98 22.75 -34.05
C ARG K 117 49.88 23.97 -34.10
N LYS K 118 50.17 24.57 -32.95
CA LYS K 118 51.11 25.67 -32.88
C LYS K 118 52.50 25.22 -33.30
N LEU K 119 52.92 24.04 -32.85
CA LEU K 119 54.20 23.49 -33.28
C LEU K 119 54.28 23.31 -34.78
N ALA K 120 53.14 23.16 -35.45
CA ALA K 120 53.08 23.01 -36.89
C ALA K 120 53.10 24.33 -37.64
N GLY K 121 53.63 25.39 -37.04
CA GLY K 121 53.70 26.70 -37.67
C GLY K 121 54.94 26.87 -38.50
N ILE K 122 55.38 28.12 -38.64
CA ILE K 122 56.51 28.46 -39.50
C ILE K 122 57.75 28.72 -38.66
N LYS K 123 57.56 29.19 -37.43
CA LYS K 123 58.71 29.45 -36.58
C LYS K 123 59.44 28.19 -36.15
N PHE K 124 58.80 27.01 -36.29
CA PHE K 124 59.32 25.78 -35.72
C PHE K 124 59.88 24.81 -36.75
N LYS K 125 59.85 25.15 -38.04
CA LYS K 125 60.48 24.27 -39.02
C LYS K 125 61.99 24.19 -38.82
N ARG K 126 62.59 25.16 -38.15
CA ARG K 126 64.02 25.14 -37.91
C ARG K 126 64.43 24.05 -36.92
N ILE K 127 63.47 23.38 -36.27
CA ILE K 127 63.79 22.29 -35.36
C ILE K 127 63.90 20.96 -36.08
N ASN K 128 63.44 20.84 -37.32
CA ASN K 128 63.46 19.59 -38.07
C ASN K 128 64.86 19.00 -38.08
N PHE K 129 65.01 17.80 -37.48
CA PHE K 129 66.31 17.22 -37.23
C PHE K 129 66.66 16.12 -38.23
N ASN K 130 65.89 15.03 -38.23
CA ASN K 130 66.01 13.96 -39.22
C ASN K 130 64.90 12.96 -38.94
N ASN K 131 64.29 12.41 -39.99
CA ASN K 131 63.12 11.55 -39.85
C ASN K 131 63.55 10.14 -40.21
N SER K 132 64.13 9.44 -39.24
CA SER K 132 64.73 8.13 -39.49
C SER K 132 63.80 6.97 -39.19
N SER K 133 62.95 7.11 -38.18
CA SER K 133 62.10 6.00 -37.77
C SER K 133 61.18 5.57 -38.90
N GLU K 134 60.75 4.31 -38.83
CA GLU K 134 59.87 3.79 -39.87
C GLU K 134 58.58 4.58 -39.94
N TYR K 135 58.00 4.92 -38.79
CA TYR K 135 56.70 5.57 -38.79
C TYR K 135 56.79 7.00 -39.32
N ILE K 136 57.82 7.75 -38.92
CA ILE K 136 57.95 9.11 -39.42
C ILE K 136 58.31 9.11 -40.90
N GLU K 137 59.14 8.17 -41.33
CA GLU K 137 59.50 8.10 -42.74
C GLU K 137 58.28 7.79 -43.58
N ASN K 138 57.49 6.82 -43.16
CA ASN K 138 56.25 6.52 -43.88
C ASN K 138 55.28 7.68 -43.79
N TRP K 139 55.31 8.44 -42.70
CA TRP K 139 54.47 9.63 -42.63
C TRP K 139 54.83 10.61 -43.73
N ASN K 140 56.12 10.88 -43.89
CA ASN K 140 56.55 11.79 -44.95
C ASN K 140 56.14 11.26 -46.32
N LEU K 141 56.42 9.98 -46.56
CA LEU K 141 56.13 9.41 -47.88
C LEU K 141 54.64 9.41 -48.18
N GLN K 142 53.81 9.00 -47.22
CA GLN K 142 52.37 9.04 -47.42
C GLN K 142 51.88 10.46 -47.64
N ASN K 143 52.38 11.42 -46.85
CA ASN K 143 51.92 12.79 -47.00
C ASN K 143 52.34 13.37 -48.34
N ARG K 144 53.35 12.80 -48.98
CA ARG K 144 53.60 13.08 -50.40
C ARG K 144 53.95 11.73 -51.04
N ARG K 145 52.93 11.05 -51.56
CA ARG K 145 53.02 9.60 -51.79
C ARG K 145 54.18 9.24 -52.70
N GLN K 146 55.13 8.52 -52.13
CA GLN K 146 55.81 7.43 -52.80
C GLN K 146 55.20 6.15 -52.26
N ARG K 147 55.41 5.05 -52.95
CA ARG K 147 54.92 3.78 -52.44
C ARG K 147 55.56 3.50 -51.09
N THR K 148 54.75 3.13 -50.12
CA THR K 148 55.20 2.92 -48.75
C THR K 148 54.84 1.52 -48.28
N GLY K 149 55.32 1.19 -47.09
CA GLY K 149 54.96 -0.07 -46.47
C GLY K 149 55.56 -0.21 -45.10
N PHE K 150 54.74 -0.58 -44.13
CA PHE K 150 55.22 -0.97 -42.81
C PHE K 150 55.41 -2.47 -42.79
N VAL K 151 56.59 -2.89 -42.36
CA VAL K 151 56.88 -4.31 -42.16
C VAL K 151 56.34 -4.71 -40.80
N PHE K 152 55.53 -5.76 -40.77
CA PHE K 152 54.85 -6.21 -39.56
C PHE K 152 55.16 -7.67 -39.33
N HIS K 153 55.38 -8.02 -38.05
CA HIS K 153 55.59 -9.39 -37.63
C HIS K 153 54.30 -9.93 -37.05
N LYS K 154 53.68 -10.86 -37.76
CA LYS K 154 52.47 -11.51 -37.30
C LYS K 154 51.40 -10.47 -37.09
N PRO K 155 50.96 -9.78 -38.15
CA PRO K 155 50.02 -8.67 -37.98
C PRO K 155 48.61 -9.19 -37.78
N ASN K 156 47.91 -8.60 -36.81
CA ASN K 156 46.52 -9.01 -36.55
C ASN K 156 45.64 -8.31 -37.58
N ILE K 157 45.66 -8.85 -38.80
CA ILE K 157 44.88 -8.26 -39.88
C ILE K 157 43.46 -8.80 -39.91
N PHE K 158 43.24 -10.03 -39.46
CA PHE K 158 41.89 -10.54 -39.41
C PHE K 158 41.17 -10.01 -38.17
N PRO K 159 39.85 -9.87 -38.22
CA PRO K 159 39.10 -9.64 -36.98
C PRO K 159 38.70 -10.96 -36.35
N TYR K 160 38.59 -10.95 -35.03
CA TYR K 160 38.24 -12.18 -34.34
C TYR K 160 36.85 -12.63 -34.78
N SER K 161 36.80 -13.73 -35.51
CA SER K 161 35.53 -14.27 -35.98
C SER K 161 35.65 -15.78 -36.03
N ALA K 162 34.91 -16.46 -35.16
CA ALA K 162 34.79 -17.91 -35.19
C ALA K 162 33.34 -18.25 -35.47
N SER K 163 33.12 -19.09 -36.47
CA SER K 163 31.77 -19.34 -36.95
C SER K 163 31.75 -20.60 -37.79
N PHE K 164 30.58 -20.92 -38.34
CA PHE K 164 30.42 -22.14 -39.10
C PHE K 164 29.24 -22.01 -40.05
N THR K 165 29.33 -22.69 -41.18
CA THR K 165 28.25 -22.80 -42.14
C THR K 165 27.98 -24.27 -42.40
N LEU K 166 26.72 -24.60 -42.61
CA LEU K 166 26.29 -25.96 -42.89
C LEU K 166 25.76 -26.02 -44.32
N ASN K 167 26.49 -26.67 -45.20
CA ASN K 167 25.99 -26.92 -46.54
C ASN K 167 24.93 -28.01 -46.56
N ARG K 168 24.96 -28.92 -45.59
CA ARG K 168 23.89 -29.89 -45.39
C ARG K 168 23.53 -29.92 -43.91
N SER K 169 22.25 -30.12 -43.61
CA SER K 169 21.79 -30.07 -42.24
C SER K 169 20.40 -30.67 -42.13
N GLN K 170 20.04 -31.04 -40.89
CA GLN K 170 18.70 -31.48 -40.54
C GLN K 170 18.28 -30.78 -39.25
N PRO K 171 16.99 -30.74 -38.92
CA PRO K 171 16.61 -30.21 -37.61
C PRO K 171 17.19 -30.98 -36.43
N MET K 172 17.38 -32.29 -36.56
CA MET K 172 17.99 -33.08 -35.50
C MET K 172 19.50 -33.16 -35.61
N HIS K 173 20.09 -32.59 -36.65
CA HIS K 173 21.54 -32.47 -36.77
C HIS K 173 22.24 -33.81 -36.66
N ASP K 174 21.62 -34.85 -37.21
CA ASP K 174 22.26 -36.16 -37.27
C ASP K 174 23.33 -36.21 -38.35
N ASN K 175 23.03 -35.65 -39.53
CA ASN K 175 23.87 -35.79 -40.73
C ASN K 175 24.18 -34.39 -41.25
N LEU K 176 25.32 -33.85 -40.85
CA LEU K 176 25.76 -32.53 -41.27
C LEU K 176 26.90 -32.64 -42.28
N MET K 177 27.17 -31.51 -42.93
CA MET K 177 28.33 -31.34 -43.76
C MET K 177 28.50 -29.85 -43.96
N GLY K 178 29.72 -29.36 -43.79
CA GLY K 178 29.92 -27.92 -43.89
C GLY K 178 31.33 -27.56 -43.47
N THR K 179 31.49 -26.32 -43.05
CA THR K 179 32.79 -25.83 -42.63
C THR K 179 32.65 -25.04 -41.33
N MET K 180 33.75 -25.03 -40.57
CA MET K 180 33.90 -24.20 -39.39
C MET K 180 35.21 -23.47 -39.54
N TRP K 181 35.32 -22.29 -38.93
CA TRP K 181 36.58 -21.58 -39.00
C TRP K 181 36.72 -20.65 -37.81
N LEU K 182 37.97 -20.31 -37.54
CA LEU K 182 38.34 -19.25 -36.61
C LEU K 182 39.44 -18.42 -37.27
N ASN K 183 39.14 -17.16 -37.55
CA ASN K 183 40.13 -16.18 -37.94
C ASN K 183 40.38 -15.28 -36.74
N ALA K 184 41.60 -15.30 -36.22
CA ALA K 184 41.94 -14.46 -35.08
C ALA K 184 43.38 -13.99 -35.23
N GLY K 185 43.59 -12.69 -35.09
CA GLY K 185 44.93 -12.16 -35.26
C GLY K 185 45.49 -12.46 -36.62
N SER K 186 46.59 -13.20 -36.67
CA SER K 186 47.23 -13.62 -37.91
C SER K 186 47.02 -15.09 -38.21
N GLU K 187 45.99 -15.71 -37.60
CA GLU K 187 45.75 -17.14 -37.68
C GLU K 187 44.43 -17.36 -38.38
N ILE K 188 44.44 -18.19 -39.42
CA ILE K 188 43.24 -18.75 -40.02
C ILE K 188 43.28 -20.24 -39.74
N GLN K 189 42.22 -20.77 -39.14
CA GLN K 189 42.11 -22.20 -38.91
C GLN K 189 40.73 -22.63 -39.35
N VAL K 190 40.66 -23.42 -40.42
CA VAL K 190 39.41 -23.77 -41.05
C VAL K 190 39.34 -25.28 -41.20
N ALA K 191 38.22 -25.87 -40.78
CA ALA K 191 38.02 -27.31 -40.82
C ALA K 191 36.70 -27.60 -41.49
N GLY K 192 36.74 -28.35 -42.59
CA GLY K 192 35.53 -28.83 -43.24
C GLY K 192 35.20 -30.21 -42.74
N PHE K 193 33.93 -30.41 -42.40
CA PHE K 193 33.48 -31.65 -41.80
C PHE K 193 32.34 -32.25 -42.61
N ASP K 194 32.25 -33.57 -42.55
CA ASP K 194 31.20 -34.35 -43.18
C ASP K 194 30.88 -35.49 -42.23
N TYR K 195 29.61 -35.63 -41.87
CA TYR K 195 29.23 -36.67 -40.93
C TYR K 195 29.14 -38.03 -41.58
N SER K 196 29.01 -38.09 -42.89
CA SER K 196 28.96 -39.34 -43.63
C SER K 196 30.29 -39.72 -44.26
N CYS K 197 31.36 -38.96 -44.00
CA CYS K 197 32.66 -39.23 -44.58
C CYS K 197 32.59 -39.26 -46.11
N ALA K 198 31.82 -38.35 -46.68
CA ALA K 198 31.66 -38.27 -48.13
C ALA K 198 31.18 -39.60 -48.69
N LEU K 199 30.25 -40.24 -48.00
CA LEU K 199 29.74 -41.53 -48.44
C LEU K 199 29.02 -41.40 -49.78
N ASN K 200 28.19 -40.36 -49.93
CA ASN K 200 27.38 -40.17 -51.12
C ASN K 200 27.84 -38.98 -51.96
N ALA K 201 29.05 -38.47 -51.74
CA ALA K 201 29.58 -37.41 -52.56
C ALA K 201 29.98 -37.97 -53.92
N PRO K 202 30.14 -37.10 -54.93
CA PRO K 202 30.57 -37.60 -56.25
C PRO K 202 32.00 -38.10 -56.19
N ALA K 203 32.20 -39.37 -56.52
CA ALA K 203 33.49 -40.04 -56.44
C ALA K 203 34.00 -40.12 -55.01
N ASN K 204 33.12 -40.03 -54.02
CA ASN K 204 33.48 -40.10 -52.61
C ASN K 204 34.52 -39.02 -52.26
N ILE K 205 34.33 -37.84 -52.83
CA ILE K 205 35.16 -36.66 -52.57
C ILE K 205 34.23 -35.50 -52.30
N GLN K 206 34.37 -34.88 -51.14
CA GLN K 206 33.59 -33.71 -50.75
C GLN K 206 34.48 -32.48 -50.81
N GLN K 207 33.97 -31.42 -51.43
CA GLN K 207 34.77 -30.22 -51.71
C GLN K 207 34.41 -29.13 -50.71
N PHE K 208 35.43 -28.59 -50.04
CA PHE K 208 35.27 -27.49 -49.11
C PHE K 208 36.07 -26.29 -49.60
N GLU K 209 35.51 -25.10 -49.42
CA GLU K 209 36.14 -23.86 -49.82
C GLU K 209 35.89 -22.80 -48.77
N HIS K 210 36.91 -21.99 -48.50
CA HIS K 210 36.83 -20.92 -47.53
C HIS K 210 37.47 -19.67 -48.13
N ILE K 211 36.80 -18.54 -48.00
CA ILE K 211 37.27 -17.27 -48.53
C ILE K 211 37.52 -16.33 -47.36
N VAL K 212 38.71 -15.71 -47.35
CA VAL K 212 39.08 -14.73 -46.35
C VAL K 212 39.45 -13.46 -47.06
N GLN K 213 38.75 -12.38 -46.77
CA GLN K 213 38.87 -11.11 -47.47
C GLN K 213 39.60 -10.14 -46.55
N LEU K 214 40.89 -9.92 -46.80
CA LEU K 214 41.63 -8.96 -46.00
C LEU K 214 41.03 -7.58 -46.16
N ARG K 215 41.00 -6.82 -45.07
CA ARG K 215 40.50 -5.47 -45.15
C ARG K 215 41.46 -4.56 -45.90
N ARG K 216 42.75 -4.91 -45.93
CA ARG K 216 43.73 -4.17 -46.70
C ARG K 216 44.74 -5.14 -47.29
N ALA K 217 45.25 -4.77 -48.46
CA ALA K 217 46.20 -5.63 -49.16
C ALA K 217 47.48 -5.76 -48.36
N LEU K 218 48.03 -6.97 -48.35
CA LEU K 218 49.32 -7.26 -47.74
C LEU K 218 50.32 -7.64 -48.83
N THR K 219 51.57 -7.25 -48.63
CA THR K 219 52.61 -7.38 -49.64
C THR K 219 53.80 -8.13 -49.05
N THR K 220 54.40 -8.99 -49.88
CA THR K 220 55.57 -9.78 -49.48
C THR K 220 55.33 -10.56 -48.19
N ALA K 221 54.13 -11.11 -48.05
CA ALA K 221 53.79 -11.84 -46.84
C ALA K 221 54.43 -13.21 -46.83
N THR K 222 54.74 -13.69 -45.64
CA THR K 222 55.24 -15.04 -45.41
C THR K 222 54.16 -15.80 -44.63
N ILE K 223 53.76 -16.96 -45.14
CA ILE K 223 52.61 -17.69 -44.63
C ILE K 223 53.04 -19.11 -44.33
N THR K 224 52.84 -19.54 -43.09
CA THR K 224 53.10 -20.92 -42.67
C THR K 224 51.78 -21.68 -42.75
N LEU K 225 51.70 -22.63 -43.67
CA LEU K 225 50.51 -23.43 -43.89
C LEU K 225 50.78 -24.86 -43.44
N LEU K 226 49.89 -25.39 -42.62
CA LEU K 226 49.98 -26.74 -42.10
C LEU K 226 48.59 -27.36 -42.16
N PRO K 227 48.50 -28.69 -42.12
CA PRO K 227 47.17 -29.31 -42.09
C PRO K 227 46.62 -29.38 -40.67
N ASP K 228 45.43 -29.97 -40.51
CA ASP K 228 44.91 -30.30 -39.19
C ASP K 228 44.71 -29.05 -38.32
N ALA K 229 43.68 -28.29 -38.69
CA ALA K 229 43.16 -27.25 -37.82
C ALA K 229 42.98 -27.77 -36.41
N GLU K 230 43.71 -27.20 -35.46
CA GLU K 230 43.73 -27.72 -34.10
C GLU K 230 42.39 -27.51 -33.41
N ARG K 231 41.84 -26.30 -33.52
CA ARG K 231 40.68 -25.93 -32.72
C ARG K 231 39.46 -26.78 -33.00
N PHE K 232 39.43 -27.49 -34.13
CA PHE K 232 38.26 -28.25 -34.53
C PHE K 232 38.63 -29.72 -34.68
N SER K 233 39.36 -30.24 -33.70
CA SER K 233 39.77 -31.63 -33.70
C SER K 233 39.52 -32.29 -32.35
N PHE K 234 38.51 -31.81 -31.63
CA PHE K 234 38.07 -32.44 -30.39
C PHE K 234 36.56 -32.36 -30.34
N PRO K 235 35.90 -33.20 -29.55
CA PRO K 235 34.45 -33.14 -29.49
C PRO K 235 33.97 -31.82 -28.91
N ARG K 236 32.81 -31.38 -29.38
CA ARG K 236 32.17 -30.15 -28.92
C ARG K 236 30.66 -30.33 -28.99
N VAL K 237 29.95 -29.38 -28.39
CA VAL K 237 28.55 -29.17 -28.68
C VAL K 237 28.39 -27.69 -29.02
N ILE K 238 27.75 -27.41 -30.15
CA ILE K 238 27.73 -26.08 -30.74
C ILE K 238 26.29 -25.61 -30.82
N ASN K 239 26.06 -24.36 -30.42
CA ASN K 239 24.74 -23.76 -30.58
C ASN K 239 24.40 -23.68 -32.06
N SER K 240 23.14 -23.95 -32.39
CA SER K 240 22.73 -24.06 -33.78
C SER K 240 22.82 -22.70 -34.47
N ALA K 241 22.58 -22.72 -35.78
CA ALA K 241 22.57 -21.49 -36.55
C ALA K 241 21.50 -20.54 -36.04
N ASP K 242 20.29 -21.06 -35.82
CA ASP K 242 19.22 -20.25 -35.24
C ASP K 242 19.44 -19.99 -33.76
N GLY K 243 20.20 -20.84 -33.07
CA GLY K 243 20.36 -20.76 -31.64
C GLY K 243 19.32 -21.52 -30.85
N ALA K 244 18.37 -22.18 -31.51
CA ALA K 244 17.33 -22.90 -30.79
C ALA K 244 17.91 -24.05 -29.97
N THR K 245 18.74 -24.88 -30.60
CA THR K 245 19.20 -26.14 -30.02
C THR K 245 20.72 -26.16 -30.11
N THR K 246 21.32 -27.24 -29.62
CA THR K 246 22.75 -27.47 -29.76
C THR K 246 22.98 -28.82 -30.42
N TRP K 247 24.02 -28.88 -31.25
CA TRP K 247 24.34 -30.09 -32.00
C TRP K 247 25.72 -30.60 -31.62
N PHE K 248 25.83 -31.92 -31.50
CA PHE K 248 27.06 -32.58 -31.14
C PHE K 248 28.02 -32.60 -32.33
N PHE K 249 29.31 -32.60 -32.04
CA PHE K 249 30.35 -32.64 -33.05
C PHE K 249 31.47 -33.51 -32.51
N ASN K 250 31.94 -34.47 -33.30
CA ASN K 250 32.84 -35.53 -32.83
C ASN K 250 33.85 -35.84 -33.92
N PRO K 251 34.89 -35.02 -34.06
CA PRO K 251 35.78 -35.16 -35.22
C PRO K 251 36.57 -36.45 -35.23
N ILE K 252 36.80 -36.93 -36.44
CA ILE K 252 37.86 -37.88 -36.76
C ILE K 252 38.65 -37.24 -37.89
N ILE K 253 39.94 -36.98 -37.65
CA ILE K 253 40.69 -36.09 -38.51
C ILE K 253 41.31 -36.92 -39.64
N LEU K 254 40.75 -36.79 -40.83
CA LEU K 254 41.40 -37.23 -42.04
C LEU K 254 42.29 -36.10 -42.55
N ARG K 255 43.22 -36.46 -43.41
CA ARG K 255 44.08 -35.44 -44.00
C ARG K 255 43.31 -34.66 -45.06
N PRO K 256 43.70 -33.42 -45.34
CA PRO K 256 43.11 -32.73 -46.49
C PRO K 256 43.89 -33.00 -47.76
N ASN K 257 43.21 -33.52 -48.79
CA ASN K 257 43.88 -33.92 -50.03
C ASN K 257 43.69 -32.87 -51.11
N ASN K 258 44.66 -32.81 -52.02
CA ASN K 258 44.80 -31.79 -53.07
C ASN K 258 44.37 -30.41 -52.56
N VAL K 259 44.89 -30.06 -51.40
CA VAL K 259 44.67 -28.72 -50.88
C VAL K 259 45.27 -27.70 -51.83
N GLU K 260 44.48 -26.69 -52.16
CA GLU K 260 44.93 -25.56 -52.96
C GLU K 260 44.70 -24.29 -52.17
N VAL K 261 45.67 -23.38 -52.24
CA VAL K 261 45.57 -22.07 -51.60
C VAL K 261 45.88 -21.03 -52.66
N GLU K 262 44.94 -20.12 -52.89
CA GLU K 262 45.06 -19.10 -53.92
C GLU K 262 45.05 -17.74 -53.25
N PHE K 263 46.10 -16.96 -53.47
CA PHE K 263 46.20 -15.60 -52.99
C PHE K 263 45.88 -14.68 -54.16
N LEU K 264 44.81 -13.90 -54.01
CA LEU K 264 44.27 -13.07 -55.07
C LEU K 264 44.35 -11.61 -54.68
N LEU K 265 44.47 -10.74 -55.69
CA LEU K 265 44.43 -9.30 -55.52
C LEU K 265 43.46 -8.73 -56.54
N ASN K 266 42.41 -8.08 -56.06
CA ASN K 266 41.42 -7.42 -56.92
C ASN K 266 40.76 -8.41 -57.87
N GLY K 267 40.61 -9.66 -57.46
CA GLY K 267 39.86 -10.65 -58.21
C GLY K 267 40.69 -11.59 -59.06
N GLN K 268 41.94 -11.23 -59.36
CA GLN K 268 42.83 -12.08 -60.15
C GLN K 268 43.79 -12.83 -59.24
N ILE K 269 44.13 -14.04 -59.65
CA ILE K 269 45.02 -14.88 -58.85
C ILE K 269 46.44 -14.38 -59.00
N ILE K 270 47.08 -14.07 -57.88
CA ILE K 270 48.46 -13.62 -57.85
C ILE K 270 49.40 -14.76 -57.55
N ASN K 271 49.08 -15.57 -56.54
CA ASN K 271 49.85 -16.77 -56.23
C ASN K 271 48.89 -17.94 -56.05
N THR K 272 49.40 -19.13 -56.33
CA THR K 272 48.63 -20.34 -56.10
C THR K 272 49.59 -21.46 -55.74
N TYR K 273 49.23 -22.24 -54.72
CA TYR K 273 50.03 -23.37 -54.29
C TYR K 273 49.12 -24.57 -54.09
N GLN K 274 49.66 -25.76 -54.35
CA GLN K 274 48.90 -27.00 -54.32
C GLN K 274 49.69 -28.04 -53.55
N ALA K 275 49.10 -28.53 -52.45
CA ALA K 275 49.72 -29.54 -51.61
C ALA K 275 51.07 -29.08 -51.09
N ARG K 276 51.26 -27.77 -50.95
CA ARG K 276 52.48 -27.19 -50.41
C ARG K 276 52.21 -26.76 -48.98
N PHE K 277 53.05 -27.22 -48.06
CA PHE K 277 52.95 -26.88 -46.65
C PHE K 277 54.26 -26.21 -46.23
N GLY K 278 54.39 -25.97 -44.95
CA GLY K 278 55.53 -25.21 -44.49
C GLY K 278 55.39 -23.77 -44.93
N THR K 279 56.52 -23.07 -44.88
CA THR K 279 56.50 -21.65 -45.20
C THR K 279 56.35 -21.45 -46.71
N ILE K 280 55.57 -20.43 -47.08
CA ILE K 280 55.34 -20.02 -48.44
C ILE K 280 55.24 -18.51 -48.45
N VAL K 281 55.04 -17.92 -49.63
CA VAL K 281 55.01 -16.48 -49.78
C VAL K 281 53.75 -16.05 -50.51
N ALA K 282 53.38 -14.79 -50.31
CA ALA K 282 52.28 -14.16 -51.02
C ALA K 282 52.76 -12.79 -51.47
N ARG K 283 52.89 -12.59 -52.77
CA ARG K 283 53.49 -11.38 -53.29
C ARG K 283 52.71 -10.14 -52.90
N ASN K 284 51.46 -10.05 -53.35
CA ASN K 284 50.62 -8.89 -53.06
C ASN K 284 49.18 -9.38 -53.17
N PHE K 285 48.54 -9.62 -52.03
CA PHE K 285 47.27 -10.34 -52.00
C PHE K 285 46.26 -9.65 -51.10
N ASP K 286 45.01 -9.64 -51.55
CA ASP K 286 43.90 -9.06 -50.81
C ASP K 286 42.90 -10.10 -50.33
N THR K 287 42.91 -11.30 -50.91
CA THR K 287 42.03 -12.37 -50.46
C THR K 287 42.76 -13.69 -50.51
N ILE K 288 42.30 -14.63 -49.68
CA ILE K 288 42.82 -15.98 -49.62
C ILE K 288 41.66 -16.94 -49.87
N ARG K 289 41.85 -17.85 -50.81
CA ARG K 289 40.87 -18.90 -51.10
C ARG K 289 41.53 -20.23 -50.76
N LEU K 290 41.07 -20.86 -49.68
CA LEU K 290 41.56 -22.15 -49.23
C LEU K 290 40.55 -23.19 -49.67
N SER K 291 40.92 -23.99 -50.66
CA SER K 291 40.11 -25.11 -51.12
C SER K 291 40.77 -26.40 -50.67
N PHE K 292 39.97 -27.32 -50.16
CA PHE K 292 40.49 -28.63 -49.81
C PHE K 292 39.36 -29.65 -49.97
N GLN K 293 39.69 -30.91 -49.72
CA GLN K 293 38.77 -31.99 -50.03
C GLN K 293 38.83 -33.05 -48.93
N LEU K 294 37.71 -33.73 -48.77
CA LEU K 294 37.58 -34.87 -47.87
C LEU K 294 37.31 -36.07 -48.77
N MET K 295 38.31 -36.91 -48.96
CA MET K 295 38.20 -38.11 -49.77
C MET K 295 38.00 -39.29 -48.85
N ARG K 296 36.94 -40.04 -49.07
CA ARG K 296 36.74 -41.25 -48.29
C ARG K 296 37.88 -42.22 -48.61
N PRO K 297 38.60 -42.74 -47.61
CA PRO K 297 39.75 -43.59 -47.92
C PRO K 297 39.30 -44.87 -48.61
N PRO K 298 39.85 -45.22 -49.79
CA PRO K 298 39.36 -46.42 -50.48
C PRO K 298 39.53 -47.68 -49.67
N ASN K 299 40.75 -47.99 -49.26
CA ASN K 299 41.03 -49.15 -48.44
C ASN K 299 40.88 -48.75 -46.97
N MET K 300 40.25 -49.63 -46.20
CA MET K 300 39.88 -49.31 -44.83
C MET K 300 40.19 -50.50 -43.93
N THR K 301 41.05 -50.29 -42.95
CA THR K 301 41.31 -51.28 -41.93
C THR K 301 40.01 -51.55 -41.16
N PRO K 302 39.83 -52.76 -40.59
CA PRO K 302 38.65 -53.03 -39.77
C PRO K 302 38.23 -51.93 -38.82
N ALA K 303 39.19 -51.27 -38.16
CA ALA K 303 38.83 -50.22 -37.20
C ALA K 303 38.15 -49.05 -37.91
N VAL K 304 38.74 -48.55 -38.99
CA VAL K 304 38.14 -47.41 -39.67
C VAL K 304 36.84 -47.83 -40.36
N ASN K 305 36.74 -49.07 -40.81
CA ASN K 305 35.48 -49.55 -41.36
C ASN K 305 34.39 -49.54 -40.30
N ALA K 306 34.73 -49.95 -39.08
CA ALA K 306 33.77 -49.85 -37.99
C ALA K 306 33.41 -48.39 -37.71
N LEU K 307 34.38 -47.49 -37.86
CA LEU K 307 34.10 -46.07 -37.63
C LEU K 307 33.06 -45.54 -38.61
N PHE K 308 33.24 -45.82 -39.89
CA PHE K 308 32.41 -45.21 -40.94
C PHE K 308 31.42 -46.22 -41.50
N PRO K 309 30.15 -46.24 -41.02
CA PRO K 309 29.17 -47.13 -41.63
C PRO K 309 28.48 -46.51 -42.83
N GLN K 310 27.59 -47.26 -43.46
CA GLN K 310 26.73 -46.74 -44.52
C GLN K 310 25.32 -46.40 -44.05
N ALA K 311 25.02 -46.54 -42.77
CA ALA K 311 23.73 -46.19 -42.20
C ALA K 311 23.79 -44.80 -41.59
N GLN K 312 22.61 -44.28 -41.25
CA GLN K 312 22.54 -42.91 -40.75
C GLN K 312 23.30 -42.64 -39.46
N PRO K 313 23.35 -43.55 -38.42
CA PRO K 313 23.79 -43.14 -37.08
C PRO K 313 25.02 -42.23 -37.00
N PHE K 314 26.15 -42.64 -37.57
CA PHE K 314 27.32 -41.77 -37.69
C PHE K 314 27.77 -41.24 -36.33
N GLN K 315 28.20 -42.16 -35.47
CA GLN K 315 28.69 -41.76 -34.16
C GLN K 315 29.97 -40.94 -34.25
N HIS K 316 30.71 -41.03 -35.35
CA HIS K 316 31.96 -40.30 -35.54
C HIS K 316 31.90 -39.56 -36.86
N HIS K 317 32.41 -38.32 -36.87
CA HIS K 317 32.21 -37.40 -37.98
C HIS K 317 33.54 -37.01 -38.58
N ALA K 318 33.74 -37.29 -39.87
CA ALA K 318 35.04 -37.05 -40.48
C ALA K 318 35.25 -35.57 -40.71
N THR K 319 36.49 -35.12 -40.53
CA THR K 319 36.82 -33.72 -40.77
C THR K 319 38.24 -33.60 -41.29
N VAL K 320 38.47 -32.57 -42.10
CA VAL K 320 39.80 -32.27 -42.63
C VAL K 320 40.00 -30.76 -42.49
N GLY K 321 41.17 -30.35 -42.02
CA GLY K 321 41.39 -28.96 -41.66
C GLY K 321 42.73 -28.43 -42.09
N LEU K 322 42.83 -27.10 -42.06
CA LEU K 322 44.04 -26.36 -42.39
C LEU K 322 44.26 -25.27 -41.37
N THR K 323 45.53 -24.95 -41.16
CA THR K 323 45.97 -23.84 -40.33
C THR K 323 46.93 -22.99 -41.14
N LEU K 324 46.87 -21.68 -40.94
CA LEU K 324 47.57 -20.72 -41.79
C LEU K 324 47.95 -19.53 -40.94
N ARG K 325 49.25 -19.29 -40.79
CA ARG K 325 49.77 -18.21 -39.96
C ARG K 325 50.50 -17.22 -40.85
N ILE K 326 50.06 -15.97 -40.85
CA ILE K 326 50.79 -14.94 -41.57
C ILE K 326 51.91 -14.45 -40.66
N GLU K 327 53.09 -15.05 -40.79
CA GLU K 327 54.18 -14.75 -39.86
C GLU K 327 54.60 -13.29 -39.95
N SER K 328 54.74 -12.77 -41.17
CA SER K 328 55.13 -11.38 -41.36
C SER K 328 54.64 -10.93 -42.72
N ALA K 329 54.59 -9.62 -42.90
CA ALA K 329 54.06 -9.05 -44.13
C ALA K 329 54.46 -7.58 -44.20
N VAL K 330 54.07 -6.94 -45.30
CA VAL K 330 54.29 -5.52 -45.52
C VAL K 330 52.95 -4.92 -45.94
N CYS K 331 52.46 -3.95 -45.18
CA CYS K 331 51.16 -3.34 -45.43
C CYS K 331 51.35 -1.86 -45.71
N GLU K 332 50.69 -1.37 -46.76
CA GLU K 332 50.77 0.05 -47.06
C GLU K 332 50.14 0.87 -45.95
N SER K 333 48.99 0.45 -45.45
CA SER K 333 48.37 1.07 -44.30
C SER K 333 48.91 0.43 -43.03
N VAL K 334 48.46 0.91 -41.89
CA VAL K 334 49.00 0.51 -40.59
C VAL K 334 48.08 -0.51 -39.94
N LEU K 335 48.69 -1.43 -39.19
CA LEU K 335 47.97 -2.43 -38.43
C LEU K 335 48.71 -2.67 -37.13
N ALA K 336 48.01 -3.21 -36.14
CA ALA K 336 48.69 -3.68 -34.94
C ALA K 336 49.43 -4.97 -35.23
N ASP K 337 50.35 -5.31 -34.34
CA ASP K 337 51.20 -6.49 -34.51
C ASP K 337 51.28 -7.23 -33.19
N ALA K 338 52.20 -8.18 -33.12
CA ALA K 338 52.62 -8.80 -31.88
C ALA K 338 54.00 -8.37 -31.45
N ASN K 339 54.68 -7.52 -32.22
CA ASN K 339 56.00 -7.02 -31.91
C ASN K 339 56.02 -5.56 -31.52
N GLU K 340 54.96 -4.81 -31.84
CA GLU K 340 54.91 -3.37 -31.64
C GLU K 340 53.78 -3.02 -30.68
N THR K 341 54.03 -2.05 -29.81
CA THR K 341 53.12 -1.69 -28.73
C THR K 341 52.38 -0.38 -28.99
N LEU K 342 52.29 0.03 -30.25
CA LEU K 342 51.69 1.33 -30.55
C LEU K 342 50.21 1.34 -30.19
N LEU K 343 49.48 0.30 -30.57
CA LEU K 343 48.07 0.22 -30.24
C LEU K 343 47.87 0.17 -28.74
N ALA K 344 48.72 -0.57 -28.04
CA ALA K 344 48.61 -0.63 -26.59
C ALA K 344 48.81 0.74 -25.97
N ASN K 345 49.81 1.50 -26.44
CA ASN K 345 50.03 2.83 -25.89
C ASN K 345 48.84 3.74 -26.14
N VAL K 346 48.30 3.73 -27.36
CA VAL K 346 47.18 4.59 -27.67
C VAL K 346 45.98 4.25 -26.78
N THR K 347 45.66 2.96 -26.69
CA THR K 347 44.51 2.55 -25.91
C THR K 347 44.70 2.87 -24.44
N ALA K 348 45.91 2.67 -23.91
CA ALA K 348 46.16 2.95 -22.52
C ALA K 348 46.04 4.44 -22.23
N VAL K 349 46.53 5.29 -23.14
CA VAL K 349 46.42 6.73 -22.91
C VAL K 349 44.96 7.15 -22.91
N ARG K 350 44.16 6.58 -23.81
CA ARG K 350 42.74 6.92 -23.81
C ARG K 350 42.04 6.39 -22.56
N GLN K 351 42.41 5.19 -22.11
CA GLN K 351 41.70 4.54 -21.02
C GLN K 351 42.01 5.19 -19.69
N GLU K 352 43.28 5.55 -19.46
CA GLU K 352 43.65 6.12 -18.17
C GLU K 352 42.89 7.41 -17.89
N TYR K 353 42.57 8.17 -18.93
CA TYR K 353 41.90 9.45 -18.79
C TYR K 353 40.43 9.43 -19.17
N ALA K 354 39.92 8.32 -19.69
CA ALA K 354 38.49 8.14 -19.93
C ALA K 354 37.98 9.19 -20.92
N ILE K 355 38.53 9.15 -22.12
CA ILE K 355 38.14 10.11 -23.15
C ILE K 355 36.75 9.77 -23.65
N PRO K 356 35.85 10.74 -23.86
CA PRO K 356 34.57 10.42 -24.49
C PRO K 356 34.79 9.86 -25.90
N VAL K 357 33.98 8.87 -26.26
CA VAL K 357 34.12 8.24 -27.57
C VAL K 357 33.86 9.28 -28.63
N GLY K 358 34.82 9.46 -29.53
CA GLY K 358 34.73 10.47 -30.55
C GLY K 358 34.00 10.00 -31.79
N PRO K 359 33.95 10.85 -32.81
CA PRO K 359 33.21 10.48 -34.02
C PRO K 359 33.75 9.26 -34.75
N VAL K 360 35.07 9.06 -34.77
CA VAL K 360 35.68 8.16 -35.74
C VAL K 360 36.01 6.79 -35.15
N PHE K 361 36.81 6.74 -34.08
CA PHE K 361 37.25 5.46 -33.57
C PHE K 361 36.13 4.78 -32.78
N PRO K 362 36.17 3.46 -32.65
CA PRO K 362 35.13 2.77 -31.90
C PRO K 362 35.39 2.88 -30.41
N PRO K 363 34.45 2.46 -29.58
CA PRO K 363 34.63 2.61 -28.13
C PRO K 363 35.80 1.78 -27.63
N GLY K 364 36.70 2.45 -26.91
CA GLY K 364 37.81 1.76 -26.29
C GLY K 364 38.86 1.24 -27.24
N MET K 365 38.92 1.79 -28.46
CA MET K 365 39.86 1.34 -29.48
C MET K 365 39.75 -0.17 -29.70
N ASN K 366 38.52 -0.66 -29.78
CA ASN K 366 38.30 -2.08 -30.01
C ASN K 366 38.84 -2.46 -31.37
N TRP K 367 39.98 -3.16 -31.37
CA TRP K 367 40.67 -3.41 -32.64
C TRP K 367 39.86 -4.29 -33.57
N THR K 368 39.04 -5.19 -33.03
CA THR K 368 38.26 -6.07 -33.90
C THR K 368 37.26 -5.27 -34.73
N GLU K 369 36.48 -4.41 -34.08
CA GLU K 369 35.56 -3.57 -34.83
C GLU K 369 36.32 -2.59 -35.72
N LEU K 370 37.45 -2.09 -35.23
CA LEU K 370 38.20 -1.10 -35.99
C LEU K 370 38.73 -1.68 -37.29
N ILE K 371 39.20 -2.92 -37.27
CA ILE K 371 39.67 -3.54 -38.51
C ILE K 371 38.50 -4.07 -39.33
N THR K 372 37.38 -4.41 -38.69
CA THR K 372 36.22 -4.83 -39.46
C THR K 372 35.70 -3.68 -40.33
N ASN K 373 35.66 -2.48 -39.78
CA ASN K 373 35.28 -1.27 -40.52
C ASN K 373 36.47 -0.32 -40.49
N TYR K 374 37.18 -0.23 -41.61
CA TYR K 374 38.48 0.42 -41.69
C TYR K 374 38.47 1.48 -42.77
N SER K 375 37.47 2.36 -42.74
CA SER K 375 37.31 3.36 -43.77
C SER K 375 38.50 4.32 -43.78
N PRO K 376 38.72 5.04 -44.88
CA PRO K 376 39.94 5.86 -44.98
C PRO K 376 40.08 6.91 -43.89
N SER K 377 38.99 7.51 -43.43
CA SER K 377 39.09 8.47 -42.33
C SER K 377 39.62 7.79 -41.07
N ARG K 378 39.08 6.60 -40.78
CA ARG K 378 39.55 5.84 -39.63
C ARG K 378 41.01 5.46 -39.80
N GLU K 379 41.40 5.09 -41.02
CA GLU K 379 42.80 4.74 -41.29
C GLU K 379 43.72 5.93 -41.06
N ASP K 380 43.32 7.12 -41.52
CA ASP K 380 44.16 8.29 -41.36
C ASP K 380 44.32 8.64 -39.89
N ASN K 381 43.23 8.61 -39.13
CA ASN K 381 43.32 8.90 -37.71
C ASN K 381 44.18 7.87 -37.00
N LEU K 382 44.04 6.59 -37.37
CA LEU K 382 44.85 5.55 -36.77
C LEU K 382 46.32 5.79 -37.05
N GLN K 383 46.66 6.15 -38.29
CA GLN K 383 48.05 6.39 -38.61
C GLN K 383 48.60 7.56 -37.84
N ARG K 384 47.81 8.62 -37.69
CA ARG K 384 48.27 9.77 -36.92
C ARG K 384 48.57 9.38 -35.47
N VAL K 385 47.61 8.73 -34.82
CA VAL K 385 47.82 8.41 -33.41
C VAL K 385 48.96 7.41 -33.26
N PHE K 386 49.11 6.47 -34.20
CA PHE K 386 50.19 5.51 -34.11
C PHE K 386 51.55 6.18 -34.27
N THR K 387 51.69 7.11 -35.22
CA THR K 387 52.99 7.76 -35.36
C THR K 387 53.27 8.65 -34.16
N VAL K 388 52.24 9.26 -33.57
CA VAL K 388 52.46 10.06 -32.36
C VAL K 388 52.93 9.16 -31.23
N ALA K 389 52.31 7.97 -31.09
CA ALA K 389 52.77 7.04 -30.07
C ALA K 389 54.18 6.56 -30.36
N SER K 390 54.54 6.42 -31.63
CA SER K 390 55.92 6.06 -31.96
C SER K 390 56.88 7.15 -31.51
N ILE K 391 56.50 8.40 -31.71
CA ILE K 391 57.32 9.51 -31.23
C ILE K 391 57.45 9.46 -29.73
N ARG K 392 56.34 9.22 -29.03
CA ARG K 392 56.36 9.22 -27.57
C ARG K 392 57.21 8.10 -27.02
N SER K 393 57.16 6.92 -27.65
CA SER K 393 57.90 5.77 -27.15
C SER K 393 59.40 5.97 -27.22
N MET K 394 59.88 6.92 -28.02
CA MET K 394 61.31 7.17 -28.07
C MET K 394 61.84 7.75 -26.76
N LEU K 395 60.97 8.28 -25.91
CA LEU K 395 61.38 8.92 -24.67
C LEU K 395 60.70 8.36 -23.43
N ILE K 396 59.45 7.91 -23.53
CA ILE K 396 58.68 7.44 -22.38
C ILE K 396 58.35 5.98 -22.59
N LYS K 397 58.65 5.17 -21.58
CA LYS K 397 58.38 3.74 -21.62
C LYS K 397 57.94 3.24 -20.25
N MET L 1 79.80 -5.21 -53.69
CA MET L 1 78.49 -5.11 -53.01
C MET L 1 78.57 -4.20 -51.80
N GLU L 2 79.75 -4.09 -51.20
CA GLU L 2 79.94 -3.08 -50.17
C GLU L 2 79.64 -1.70 -50.73
N VAL L 3 79.97 -1.47 -52.00
CA VAL L 3 79.63 -0.20 -52.64
C VAL L 3 78.12 -0.05 -52.77
N LEU L 4 77.42 -1.14 -53.07
CA LEU L 4 75.97 -1.06 -53.18
C LEU L 4 75.34 -0.75 -51.82
N TYR L 5 75.80 -1.41 -50.76
CA TYR L 5 75.28 -1.07 -49.44
C TYR L 5 75.61 0.36 -49.08
N SER L 6 76.78 0.84 -49.49
CA SER L 6 77.15 2.23 -49.24
C SER L 6 76.20 3.17 -49.94
N LEU L 7 75.89 2.90 -51.21
CA LEU L 7 74.96 3.75 -51.94
C LEU L 7 73.60 3.75 -51.27
N SER L 8 73.11 2.58 -50.87
CA SER L 8 71.81 2.52 -50.24
C SER L 8 71.81 3.23 -48.89
N LYS L 9 72.88 3.07 -48.12
CA LYS L 9 72.99 3.75 -46.84
C LYS L 9 72.94 5.25 -47.02
N THR L 10 73.77 5.78 -47.92
CA THR L 10 73.80 7.22 -48.08
C THR L 10 72.50 7.74 -48.68
N LEU L 11 71.82 6.95 -49.49
CA LEU L 11 70.56 7.43 -50.07
C LEU L 11 69.43 7.43 -49.05
N LYS L 12 69.35 6.40 -48.21
CA LYS L 12 68.39 6.44 -47.11
C LYS L 12 68.70 7.60 -46.19
N ASP L 13 69.98 7.81 -45.89
CA ASP L 13 70.37 8.92 -45.03
C ASP L 13 70.06 10.25 -45.68
N ALA L 14 70.10 10.34 -47.00
CA ALA L 14 69.76 11.58 -47.69
C ALA L 14 68.27 11.82 -47.69
N ARG L 15 67.48 10.77 -47.92
CA ARG L 15 66.03 10.92 -47.85
C ARG L 15 65.58 11.27 -46.43
N ASP L 16 66.34 10.85 -45.43
CA ASP L 16 66.01 11.18 -44.05
C ASP L 16 66.51 12.56 -43.66
N LYS L 17 67.83 12.75 -43.66
CA LYS L 17 68.42 13.91 -42.99
C LYS L 17 68.15 15.20 -43.75
N ILE L 18 68.17 15.16 -45.08
CA ILE L 18 67.97 16.37 -45.86
C ILE L 18 66.49 16.66 -45.96
N VAL L 19 65.97 17.47 -45.03
CA VAL L 19 64.60 17.92 -45.04
C VAL L 19 64.57 19.40 -44.69
N GLU L 20 63.40 20.01 -44.85
CA GLU L 20 63.29 21.45 -44.69
C GLU L 20 63.65 21.86 -43.26
N GLY L 21 64.41 22.93 -43.15
CA GLY L 21 64.68 23.56 -41.87
C GLY L 21 65.79 22.96 -41.06
N THR L 22 66.36 21.83 -41.47
CA THR L 22 67.46 21.27 -40.71
C THR L 22 68.68 22.17 -40.84
N LEU L 23 69.47 22.24 -39.77
CA LEU L 23 70.73 22.94 -39.87
C LEU L 23 71.61 22.27 -40.90
N TYR L 24 72.49 23.05 -41.51
CA TYR L 24 73.46 22.43 -42.41
C TYR L 24 74.49 21.60 -41.66
N SER L 25 74.72 21.90 -40.38
CA SER L 25 75.66 21.10 -39.61
C SER L 25 75.13 19.69 -39.37
N ASN L 26 73.82 19.53 -39.36
CA ASN L 26 73.25 18.19 -39.21
C ASN L 26 73.62 17.29 -40.36
N VAL L 27 73.89 17.85 -41.54
CA VAL L 27 74.03 17.07 -42.76
C VAL L 27 75.29 17.42 -43.53
N SER L 28 76.23 18.12 -42.90
CA SER L 28 77.47 18.49 -43.60
C SER L 28 78.21 17.26 -44.11
N ASP L 29 78.48 16.29 -43.23
CA ASP L 29 79.26 15.13 -43.65
C ASP L 29 78.47 14.28 -44.63
N LEU L 30 77.16 14.18 -44.45
CA LEU L 30 76.35 13.43 -45.38
C LEU L 30 76.34 14.09 -46.76
N ILE L 31 76.31 15.42 -46.80
CA ILE L 31 76.37 16.11 -48.07
C ILE L 31 77.71 15.89 -48.74
N GLN L 32 78.78 15.86 -47.96
CA GLN L 32 80.09 15.55 -48.54
C GLN L 32 80.09 14.15 -49.13
N GLN L 33 79.52 13.18 -48.42
CA GLN L 33 79.43 11.82 -48.93
C GLN L 33 78.61 11.76 -50.21
N PHE L 34 77.48 12.47 -50.23
CA PHE L 34 76.62 12.48 -51.41
C PHE L 34 77.34 13.11 -52.60
N ASN L 35 78.08 14.19 -52.36
CA ASN L 35 78.83 14.81 -53.45
C ASN L 35 79.90 13.88 -53.98
N GLN L 36 80.58 13.16 -53.10
CA GLN L 36 81.57 12.18 -53.56
C GLN L 36 80.89 11.10 -54.40
N MET L 37 79.74 10.62 -53.96
CA MET L 37 79.00 9.63 -54.73
C MET L 37 78.64 10.17 -56.11
N ILE L 38 78.16 11.42 -56.16
CA ILE L 38 77.76 12.00 -57.43
C ILE L 38 78.95 12.12 -58.36
N VAL L 39 80.08 12.61 -57.84
CA VAL L 39 81.24 12.81 -58.70
C VAL L 39 81.75 11.46 -59.21
N THR L 40 81.68 10.43 -58.38
CA THR L 40 82.16 9.13 -58.83
C THR L 40 81.22 8.50 -59.84
N MET L 41 79.91 8.71 -59.67
CA MET L 41 78.92 8.07 -60.53
C MET L 41 78.62 8.85 -61.80
N ASN L 42 79.05 10.11 -61.89
CA ASN L 42 78.77 10.88 -63.09
C ASN L 42 79.51 10.31 -64.28
N GLY L 43 78.88 10.39 -65.46
CA GLY L 43 79.52 9.89 -66.67
C GLY L 43 79.79 8.41 -66.65
N ASN L 44 78.82 7.62 -66.19
CA ASN L 44 78.96 6.17 -66.13
C ASN L 44 77.66 5.55 -66.61
N ASP L 45 77.72 4.81 -67.70
CA ASP L 45 76.55 4.18 -68.27
C ASP L 45 76.38 2.80 -67.63
N PHE L 46 75.30 2.62 -66.89
CA PHE L 46 74.97 1.35 -66.28
C PHE L 46 73.79 0.73 -67.02
N GLN L 47 73.72 -0.60 -66.99
CA GLN L 47 72.61 -1.33 -67.59
C GLN L 47 72.08 -2.32 -66.59
N THR L 48 70.77 -2.56 -66.65
CA THR L 48 70.09 -3.37 -65.67
C THR L 48 68.99 -4.17 -66.34
N GLY L 49 68.71 -5.35 -65.77
CA GLY L 49 67.65 -6.20 -66.28
C GLY L 49 68.16 -7.19 -67.29
N GLY L 50 67.37 -7.43 -68.34
CA GLY L 50 67.77 -8.36 -69.37
C GLY L 50 67.54 -9.82 -69.05
N ILE L 51 66.75 -10.12 -68.04
CA ILE L 51 66.44 -11.48 -67.64
C ILE L 51 64.97 -11.59 -67.30
N GLY L 52 64.32 -12.64 -67.78
CA GLY L 52 62.91 -12.82 -67.51
C GLY L 52 62.10 -11.66 -68.03
N ASN L 53 61.23 -11.12 -67.18
CA ASN L 53 60.41 -9.96 -67.51
C ASN L 53 60.97 -8.66 -66.93
N LEU L 54 62.16 -8.68 -66.36
CA LEU L 54 62.81 -7.43 -65.97
C LEU L 54 63.19 -6.69 -67.24
N PRO L 55 62.68 -5.49 -67.50
CA PRO L 55 63.01 -4.82 -68.75
C PRO L 55 64.41 -4.23 -68.71
N ILE L 56 65.06 -4.23 -69.87
CA ILE L 56 66.35 -3.58 -69.99
C ILE L 56 66.18 -2.12 -69.63
N ARG L 57 67.05 -1.62 -68.76
CA ARG L 57 67.08 -0.22 -68.39
C ARG L 57 68.51 0.29 -68.51
N ASN L 58 68.65 1.50 -69.04
CA ASN L 58 69.92 2.19 -69.11
C ASN L 58 69.90 3.38 -68.17
N TRP L 59 71.00 3.55 -67.43
CA TRP L 59 71.14 4.61 -66.45
C TRP L 59 72.37 5.43 -66.78
N THR L 60 72.19 6.75 -66.79
CA THR L 60 73.26 7.71 -66.98
C THR L 60 73.12 8.78 -65.91
N PHE L 61 74.26 9.29 -65.45
CA PHE L 61 74.30 10.26 -64.37
C PHE L 61 75.07 11.49 -64.83
N ASP L 62 74.40 12.64 -64.87
CA ASP L 62 75.04 13.95 -64.93
C ASP L 62 74.22 14.84 -63.99
N PHE L 63 74.59 14.83 -62.71
CA PHE L 63 73.90 15.59 -61.67
C PHE L 63 74.85 16.57 -61.02
N GLY L 64 74.31 17.70 -60.60
CA GLY L 64 75.10 18.68 -59.89
C GLY L 64 75.25 18.34 -58.43
N LEU L 65 76.31 18.88 -57.83
CA LEU L 65 76.53 18.65 -56.41
C LEU L 65 75.55 19.47 -55.59
N LEU L 66 75.42 19.11 -54.32
CA LEU L 66 74.51 19.81 -53.42
C LEU L 66 75.24 20.97 -52.76
N GLY L 67 74.64 22.16 -52.81
CA GLY L 67 75.31 23.36 -52.37
C GLY L 67 75.44 23.46 -50.86
N THR L 68 76.23 24.44 -50.42
CA THR L 68 76.59 24.59 -49.02
C THR L 68 76.57 26.01 -48.48
N THR L 69 76.52 27.05 -49.32
CA THR L 69 76.74 28.42 -48.84
C THR L 69 75.70 28.86 -47.83
N LEU L 70 74.56 28.19 -47.77
CA LEU L 70 73.52 28.51 -46.81
C LEU L 70 73.96 28.16 -45.38
N LEU L 71 73.09 28.51 -44.43
CA LEU L 71 73.32 28.22 -43.02
C LEU L 71 72.14 27.49 -42.37
N ASN L 72 71.09 27.17 -43.13
CA ASN L 72 69.97 26.38 -42.63
C ASN L 72 69.12 25.95 -43.82
N LEU L 73 68.83 24.66 -43.94
CA LEU L 73 68.22 24.15 -45.16
C LEU L 73 66.81 24.70 -45.36
N ASP L 74 66.45 24.91 -46.63
CA ASP L 74 65.16 25.46 -47.00
C ASP L 74 64.46 24.57 -48.02
N ALA L 75 63.35 25.03 -48.58
CA ALA L 75 62.53 24.20 -49.44
C ALA L 75 63.22 23.88 -50.77
N ASN L 76 63.81 24.89 -51.41
CA ASN L 76 64.38 24.67 -52.75
C ASN L 76 65.47 23.61 -52.71
N TYR L 77 66.33 23.67 -51.71
CA TYR L 77 67.41 22.70 -51.56
C TYR L 77 66.85 21.29 -51.54
N VAL L 78 65.82 21.05 -50.74
CA VAL L 78 65.28 19.70 -50.66
C VAL L 78 64.55 19.33 -51.94
N GLU L 79 64.06 20.30 -52.70
CA GLU L 79 63.45 19.98 -53.99
C GLU L 79 64.49 19.41 -54.95
N THR L 80 65.62 20.10 -55.11
CA THR L 80 66.66 19.58 -56.00
C THR L 80 67.21 18.25 -55.49
N ALA L 81 67.45 18.17 -54.18
CA ALA L 81 67.93 16.92 -53.61
C ALA L 81 66.95 15.79 -53.84
N ARG L 82 65.65 16.07 -53.79
CA ARG L 82 64.65 15.03 -54.05
C ARG L 82 64.70 14.59 -55.50
N THR L 83 64.84 15.54 -56.42
CA THR L 83 64.94 15.19 -57.82
C THR L 83 66.10 14.22 -58.06
N THR L 84 67.23 14.45 -57.38
CA THR L 84 68.36 13.51 -57.53
C THR L 84 68.09 12.19 -56.81
N ILE L 85 67.56 12.27 -55.60
CA ILE L 85 67.48 11.10 -54.72
C ILE L 85 66.49 10.09 -55.28
N GLU L 86 65.39 10.55 -55.87
CA GLU L 86 64.43 9.60 -56.42
C GLU L 86 65.06 8.77 -57.54
N TYR L 87 65.82 9.42 -58.41
CA TYR L 87 66.47 8.69 -59.50
C TYR L 87 67.47 7.68 -58.95
N PHE L 88 68.28 8.09 -57.97
CA PHE L 88 69.23 7.15 -57.40
C PHE L 88 68.53 5.98 -56.71
N ILE L 89 67.43 6.25 -56.02
CA ILE L 89 66.70 5.17 -55.35
C ILE L 89 66.17 4.19 -56.36
N ASP L 90 65.65 4.69 -57.49
CA ASP L 90 65.18 3.81 -58.55
C ASP L 90 66.32 2.95 -59.08
N PHE L 91 67.50 3.56 -59.28
CA PHE L 91 68.64 2.82 -59.77
C PHE L 91 69.01 1.69 -58.82
N ILE L 92 69.04 2.00 -57.52
CA ILE L 92 69.40 0.98 -56.53
C ILE L 92 68.38 -0.14 -56.52
N ASP L 93 67.09 0.22 -56.59
CA ASP L 93 66.04 -0.79 -56.64
C ASP L 93 66.26 -1.76 -57.80
N ASN L 94 66.54 -1.20 -58.98
CA ASN L 94 66.69 -2.06 -60.16
C ASN L 94 67.95 -2.91 -60.07
N VAL L 95 69.05 -2.35 -59.57
CA VAL L 95 70.26 -3.14 -59.42
C VAL L 95 70.03 -4.29 -58.45
N CYS L 96 69.36 -4.02 -57.34
CA CYS L 96 69.11 -5.06 -56.36
C CYS L 96 68.23 -6.16 -56.93
N MET L 97 67.19 -5.78 -57.69
CA MET L 97 66.35 -6.80 -58.31
C MET L 97 67.14 -7.65 -59.29
N ASP L 98 67.97 -7.01 -60.12
CA ASP L 98 68.76 -7.74 -61.09
C ASP L 98 69.72 -8.70 -60.41
N GLU L 99 70.29 -8.30 -59.29
CA GLU L 99 71.23 -9.18 -58.60
C GLU L 99 70.51 -10.29 -57.87
N MET L 100 69.28 -10.06 -57.40
CA MET L 100 68.56 -11.11 -56.70
C MET L 100 68.06 -12.17 -57.67
N VAL L 101 67.78 -11.81 -58.92
CA VAL L 101 67.16 -12.77 -59.83
C VAL L 101 68.18 -13.71 -60.48
N ARG L 102 69.43 -13.67 -60.03
CA ARG L 102 70.50 -14.43 -60.67
C ARG L 102 71.11 -15.44 -59.69
N GLU L 103 71.82 -16.42 -60.26
CA GLU L 103 72.43 -17.51 -59.50
C GLU L 103 73.76 -17.87 -60.14
N SER L 104 74.49 -18.76 -59.49
CA SER L 104 75.69 -19.32 -60.08
C SER L 104 76.16 -20.54 -59.31
N GLN L 105 76.40 -21.64 -60.02
CA GLN L 105 76.92 -22.84 -59.37
C GLN L 105 78.34 -22.61 -58.86
N ARG L 106 79.18 -22.02 -59.71
CA ARG L 106 80.57 -21.74 -59.36
C ARG L 106 80.68 -20.28 -58.91
N ASN L 107 81.32 -20.07 -57.76
CA ASN L 107 81.60 -18.73 -57.27
C ASN L 107 80.30 -17.94 -57.03
N GLY L 108 79.48 -18.47 -56.12
CA GLY L 108 78.19 -17.86 -55.85
C GLY L 108 78.27 -16.59 -55.05
N VAL L 109 79.37 -16.37 -54.31
CA VAL L 109 79.51 -15.13 -53.56
C VAL L 109 79.96 -13.97 -54.43
N ALA L 110 80.58 -14.25 -55.57
CA ALA L 110 80.97 -13.19 -56.47
C ALA L 110 79.73 -12.55 -57.07
N PRO L 111 79.84 -11.31 -57.56
CA PRO L 111 78.63 -10.60 -58.00
C PRO L 111 78.24 -10.99 -59.42
N GLN L 112 76.96 -11.26 -59.61
CA GLN L 112 76.37 -11.40 -60.93
C GLN L 112 75.85 -10.01 -61.34
N SER L 113 75.02 -9.94 -62.38
CA SER L 113 74.33 -8.69 -62.69
C SER L 113 75.31 -7.57 -63.02
N GLU L 114 75.90 -7.60 -64.22
CA GLU L 114 77.11 -6.86 -64.59
C GLU L 114 77.18 -5.43 -64.07
N ALA L 115 76.03 -4.79 -63.83
CA ALA L 115 76.03 -3.53 -63.12
C ALA L 115 76.79 -3.65 -61.79
N LEU L 116 76.52 -4.72 -61.04
CA LEU L 116 77.21 -4.89 -59.77
C LEU L 116 78.68 -5.24 -59.97
N ARG L 117 79.05 -5.87 -61.08
CA ARG L 117 80.46 -6.04 -61.38
C ARG L 117 81.14 -4.69 -61.57
N LYS L 118 80.51 -3.82 -62.36
CA LYS L 118 81.06 -2.49 -62.57
C LYS L 118 81.17 -1.73 -61.25
N LEU L 119 80.17 -1.88 -60.38
CA LEU L 119 80.26 -1.28 -59.05
C LEU L 119 81.42 -1.87 -58.27
N ALA L 120 81.65 -3.17 -58.39
CA ALA L 120 82.79 -3.80 -57.74
C ALA L 120 84.11 -3.30 -58.33
N GLY L 121 84.09 -2.67 -59.49
CA GLY L 121 85.29 -2.10 -60.09
C GLY L 121 86.09 -1.21 -59.15
N ILE L 122 87.36 -0.97 -59.51
CA ILE L 122 88.28 -0.26 -58.61
C ILE L 122 87.87 1.18 -58.41
N LYS L 123 87.29 1.82 -59.44
CA LYS L 123 86.96 3.24 -59.35
C LYS L 123 85.97 3.52 -58.23
N PHE L 124 84.96 2.66 -58.09
CA PHE L 124 83.85 2.92 -57.21
C PHE L 124 84.15 2.63 -55.75
N LYS L 125 85.34 2.13 -55.42
CA LYS L 125 85.69 1.91 -54.03
C LYS L 125 85.72 3.21 -53.24
N ARG L 126 85.86 4.35 -53.94
CA ARG L 126 85.82 5.65 -53.29
C ARG L 126 84.51 5.93 -52.58
N ILE L 127 83.44 5.20 -52.93
CA ILE L 127 82.12 5.48 -52.39
C ILE L 127 81.86 4.76 -51.07
N ASN L 128 82.68 3.77 -50.71
CA ASN L 128 82.38 2.90 -49.58
C ASN L 128 82.21 3.70 -48.29
N PHE L 129 80.99 3.70 -47.75
CA PHE L 129 80.57 4.67 -46.75
C PHE L 129 80.77 4.13 -45.33
N ASN L 130 80.06 3.05 -45.00
CA ASN L 130 80.24 2.34 -43.73
C ASN L 130 79.48 1.04 -43.85
N ASN L 131 79.70 0.15 -42.90
CA ASN L 131 79.12 -1.20 -42.91
C ASN L 131 78.53 -1.47 -41.53
N SER L 132 77.29 -1.05 -41.33
CA SER L 132 76.66 -1.05 -40.01
C SER L 132 75.61 -2.14 -39.84
N SER L 133 74.83 -2.43 -40.86
CA SER L 133 73.75 -3.40 -40.71
C SER L 133 74.31 -4.78 -40.41
N GLU L 134 73.48 -5.64 -39.83
CA GLU L 134 73.95 -6.97 -39.45
C GLU L 134 74.36 -7.76 -40.68
N TYR L 135 73.61 -7.63 -41.77
CA TYR L 135 73.87 -8.47 -42.94
C TYR L 135 75.17 -8.07 -43.62
N ILE L 136 75.41 -6.78 -43.80
CA ILE L 136 76.67 -6.37 -44.39
C ILE L 136 77.82 -6.59 -43.42
N GLU L 137 77.57 -6.48 -42.12
CA GLU L 137 78.60 -6.81 -41.15
C GLU L 137 79.05 -8.26 -41.30
N ASN L 138 78.08 -9.18 -41.35
CA ASN L 138 78.41 -10.58 -41.53
C ASN L 138 79.05 -10.81 -42.89
N TRP L 139 78.61 -10.09 -43.91
CA TRP L 139 79.21 -10.25 -45.23
C TRP L 139 80.69 -9.89 -45.21
N ASN L 140 81.04 -8.78 -44.58
CA ASN L 140 82.45 -8.44 -44.46
C ASN L 140 83.20 -9.47 -43.63
N LEU L 141 82.62 -9.87 -42.49
CA LEU L 141 83.30 -10.78 -41.59
C LEU L 141 83.49 -12.17 -42.17
N GLN L 142 82.68 -12.57 -43.15
CA GLN L 142 82.86 -13.84 -43.82
C GLN L 142 83.67 -13.72 -45.10
N ASN L 143 83.63 -12.58 -45.77
CA ASN L 143 84.57 -12.34 -46.87
C ASN L 143 85.99 -12.38 -46.36
N ARG L 144 86.22 -11.88 -45.15
CA ARG L 144 87.41 -12.22 -44.39
C ARG L 144 87.11 -13.47 -43.58
N ARG L 145 88.16 -14.11 -43.06
CA ARG L 145 87.96 -15.34 -42.29
C ARG L 145 87.73 -14.97 -40.83
N GLN L 146 86.48 -14.70 -40.50
CA GLN L 146 86.06 -14.43 -39.12
C GLN L 146 84.77 -15.18 -38.87
N ARG L 147 84.28 -15.09 -37.63
CA ARG L 147 83.07 -15.79 -37.23
C ARG L 147 81.88 -14.84 -37.32
N THR L 148 80.88 -15.21 -38.10
CA THR L 148 79.68 -14.42 -38.30
C THR L 148 78.59 -14.91 -37.36
N GLY L 149 77.45 -14.21 -37.39
CA GLY L 149 76.31 -14.64 -36.63
C GLY L 149 75.06 -13.86 -36.97
N PHE L 150 73.98 -14.59 -37.26
CA PHE L 150 72.66 -14.01 -37.51
C PHE L 150 71.75 -14.45 -36.38
N VAL L 151 71.12 -13.48 -35.74
CA VAL L 151 70.14 -13.75 -34.69
C VAL L 151 68.78 -13.91 -35.35
N PHE L 152 68.08 -14.98 -35.01
CA PHE L 152 66.81 -15.32 -35.62
C PHE L 152 65.74 -15.48 -34.55
N HIS L 153 64.55 -14.98 -34.84
CA HIS L 153 63.36 -15.18 -34.01
C HIS L 153 62.51 -16.24 -34.70
N LYS L 154 62.42 -17.43 -34.08
CA LYS L 154 61.71 -18.57 -34.65
C LYS L 154 62.27 -18.89 -36.02
N PRO L 155 63.51 -19.34 -36.12
CA PRO L 155 64.05 -19.70 -37.44
C PRO L 155 63.46 -21.02 -37.90
N ASN L 156 63.06 -21.06 -39.18
CA ASN L 156 62.53 -22.30 -39.75
C ASN L 156 63.72 -23.16 -40.21
N ILE L 157 64.47 -23.63 -39.21
CA ILE L 157 65.56 -24.57 -39.48
C ILE L 157 65.01 -25.88 -40.01
N PHE L 158 63.88 -26.32 -39.47
CA PHE L 158 63.37 -27.64 -39.78
C PHE L 158 62.68 -27.65 -41.14
N PRO L 159 63.00 -28.58 -42.04
CA PRO L 159 62.17 -28.74 -43.23
C PRO L 159 60.88 -29.44 -42.87
N TYR L 160 59.78 -28.99 -43.45
CA TYR L 160 58.47 -29.52 -43.10
C TYR L 160 58.43 -31.02 -43.36
N SER L 161 57.99 -31.78 -42.37
CA SER L 161 57.84 -33.23 -42.52
C SER L 161 56.96 -33.74 -41.41
N ALA L 162 55.86 -34.39 -41.78
CA ALA L 162 55.00 -35.11 -40.86
C ALA L 162 55.05 -36.57 -41.25
N SER L 163 55.29 -37.44 -40.28
CA SER L 163 55.48 -38.86 -40.59
C SER L 163 55.45 -39.65 -39.29
N PHE L 164 55.72 -40.95 -39.39
CA PHE L 164 55.69 -41.82 -38.22
C PHE L 164 56.54 -43.05 -38.49
N THR L 165 57.10 -43.61 -37.42
CA THR L 165 57.82 -44.86 -37.45
C THR L 165 57.14 -45.83 -36.49
N LEU L 166 56.70 -46.97 -37.01
CA LEU L 166 56.04 -48.01 -36.23
C LEU L 166 57.08 -49.05 -35.87
N ASN L 167 57.35 -49.20 -34.58
CA ASN L 167 58.22 -50.26 -34.08
C ASN L 167 57.49 -51.58 -33.88
N ARG L 168 56.16 -51.60 -34.06
CA ARG L 168 55.39 -52.83 -34.01
C ARG L 168 54.11 -52.63 -34.80
N SER L 169 53.82 -53.53 -35.71
CA SER L 169 52.65 -53.40 -36.57
C SER L 169 52.26 -54.75 -37.13
N GLN L 170 51.04 -54.82 -37.63
CA GLN L 170 50.53 -55.99 -38.31
C GLN L 170 49.28 -55.58 -39.11
N PRO L 171 48.82 -56.43 -40.04
CA PRO L 171 47.81 -55.96 -41.01
C PRO L 171 46.54 -55.40 -40.41
N MET L 172 45.98 -56.01 -39.36
CA MET L 172 44.79 -55.43 -38.75
C MET L 172 45.07 -54.09 -38.11
N HIS L 173 46.34 -53.79 -37.80
CA HIS L 173 46.73 -52.52 -37.19
C HIS L 173 46.02 -52.29 -35.87
N ASP L 174 45.67 -53.37 -35.17
CA ASP L 174 44.96 -53.25 -33.90
C ASP L 174 45.87 -53.20 -32.69
N ASN L 175 47.18 -53.44 -32.87
CA ASN L 175 48.14 -53.35 -31.77
C ASN L 175 49.41 -52.76 -32.38
N LEU L 176 49.53 -51.44 -32.34
CA LEU L 176 50.67 -50.72 -32.84
C LEU L 176 51.48 -50.13 -31.71
N MET L 177 52.70 -49.75 -32.04
CA MET L 177 53.56 -49.01 -31.15
C MET L 177 54.55 -48.27 -32.01
N GLY L 178 54.90 -47.06 -31.63
CA GLY L 178 55.83 -46.29 -32.43
C GLY L 178 55.76 -44.83 -32.05
N THR L 179 56.20 -43.99 -32.97
CA THR L 179 56.16 -42.55 -32.78
C THR L 179 55.63 -41.89 -34.04
N MET L 180 55.01 -40.75 -33.85
CA MET L 180 54.65 -39.84 -34.91
C MET L 180 55.38 -38.53 -34.65
N TRP L 181 55.65 -37.77 -35.69
CA TRP L 181 56.27 -36.48 -35.50
C TRP L 181 55.87 -35.54 -36.61
N LEU L 182 55.89 -34.25 -36.26
CA LEU L 182 55.81 -33.15 -37.22
C LEU L 182 56.92 -32.17 -36.88
N ASN L 183 57.87 -32.03 -37.80
CA ASN L 183 58.83 -30.94 -37.77
C ASN L 183 58.33 -29.90 -38.75
N ALA L 184 58.25 -28.65 -38.31
CA ALA L 184 57.72 -27.60 -39.18
C ALA L 184 58.15 -26.25 -38.65
N GLY L 185 58.80 -25.46 -39.46
CA GLY L 185 59.26 -24.17 -39.00
C GLY L 185 60.24 -24.37 -37.86
N SER L 186 59.93 -23.75 -36.72
CA SER L 186 60.71 -23.89 -35.50
C SER L 186 60.08 -24.84 -34.50
N GLU L 187 59.02 -25.55 -34.87
CA GLU L 187 58.31 -26.49 -34.02
C GLU L 187 58.80 -27.90 -34.29
N ILE L 188 59.08 -28.65 -33.23
CA ILE L 188 59.06 -30.11 -33.25
C ILE L 188 57.88 -30.53 -32.38
N GLN L 189 57.10 -31.48 -32.88
CA GLN L 189 56.01 -32.05 -32.10
C GLN L 189 56.05 -33.55 -32.30
N VAL L 190 56.51 -34.29 -31.29
CA VAL L 190 56.72 -35.73 -31.40
C VAL L 190 55.86 -36.42 -30.35
N ALA L 191 55.10 -37.40 -30.79
CA ALA L 191 54.20 -38.14 -29.90
C ALA L 191 54.46 -39.63 -30.07
N GLY L 192 55.01 -40.24 -29.04
CA GLY L 192 55.06 -41.68 -28.99
C GLY L 192 53.72 -42.25 -28.59
N PHE L 193 53.42 -43.44 -29.10
CA PHE L 193 52.15 -44.08 -28.82
C PHE L 193 52.34 -45.57 -28.75
N ASP L 194 51.47 -46.20 -27.97
CA ASP L 194 51.49 -47.63 -27.72
C ASP L 194 50.04 -48.05 -27.50
N TYR L 195 49.58 -49.04 -28.26
CA TYR L 195 48.20 -49.48 -28.13
C TYR L 195 47.98 -50.32 -26.89
N SER L 196 49.02 -50.98 -26.39
CA SER L 196 48.91 -51.82 -25.22
C SER L 196 49.15 -51.07 -23.92
N CYS L 197 49.49 -49.78 -23.98
CA CYS L 197 49.78 -48.99 -22.79
C CYS L 197 50.90 -49.62 -21.97
N ALA L 198 51.94 -50.08 -22.66
CA ALA L 198 53.10 -50.70 -22.01
C ALA L 198 52.69 -51.85 -21.11
N LEU L 199 51.69 -52.62 -21.55
CA LEU L 199 51.27 -53.77 -20.77
C LEU L 199 52.39 -54.79 -20.67
N ASN L 200 52.95 -55.19 -21.81
CA ASN L 200 53.99 -56.21 -21.87
C ASN L 200 55.40 -55.65 -21.86
N ALA L 201 55.54 -54.32 -21.87
CA ALA L 201 56.87 -53.73 -21.99
C ALA L 201 57.70 -54.08 -20.75
N PRO L 202 59.03 -54.12 -20.89
CA PRO L 202 59.86 -54.54 -19.74
C PRO L 202 59.76 -53.52 -18.62
N ALA L 203 59.20 -53.95 -17.49
CA ALA L 203 58.87 -53.10 -16.36
C ALA L 203 57.77 -52.10 -16.69
N ASN L 204 56.93 -52.42 -17.68
CA ASN L 204 55.76 -51.61 -18.01
C ASN L 204 56.13 -50.17 -18.34
N ILE L 205 57.25 -50.00 -19.04
CA ILE L 205 57.78 -48.69 -19.41
C ILE L 205 58.28 -48.81 -20.85
N GLN L 206 57.54 -48.22 -21.79
CA GLN L 206 57.93 -48.25 -23.19
C GLN L 206 58.74 -47.01 -23.52
N GLN L 207 59.93 -47.21 -24.07
CA GLN L 207 60.86 -46.12 -24.34
C GLN L 207 60.69 -45.68 -25.80
N PHE L 208 60.38 -44.40 -25.99
CA PHE L 208 60.37 -43.77 -27.30
C PHE L 208 61.54 -42.81 -27.41
N GLU L 209 62.13 -42.74 -28.59
CA GLU L 209 63.20 -41.80 -28.88
C GLU L 209 62.98 -41.21 -30.26
N HIS L 210 63.38 -39.96 -30.42
CA HIS L 210 63.27 -39.25 -31.69
C HIS L 210 64.50 -38.36 -31.82
N ILE L 211 65.21 -38.52 -32.93
CA ILE L 211 66.44 -37.77 -33.20
C ILE L 211 66.16 -36.86 -34.38
N VAL L 212 66.37 -35.55 -34.19
CA VAL L 212 66.18 -34.55 -35.22
C VAL L 212 67.54 -33.99 -35.59
N GLN L 213 67.82 -33.92 -36.89
CA GLN L 213 69.15 -33.69 -37.42
C GLN L 213 69.14 -32.37 -38.17
N LEU L 214 69.55 -31.28 -37.51
CA LEU L 214 69.52 -29.99 -38.17
C LEU L 214 70.47 -29.98 -39.34
N ARG L 215 70.14 -29.15 -40.34
CA ARG L 215 70.97 -29.04 -41.52
C ARG L 215 72.16 -28.12 -41.28
N ARG L 216 72.02 -27.16 -40.37
CA ARG L 216 73.12 -26.31 -39.97
C ARG L 216 73.11 -26.18 -38.45
N ALA L 217 74.27 -25.90 -37.89
CA ALA L 217 74.37 -25.74 -36.45
C ALA L 217 73.66 -24.47 -35.99
N LEU L 218 73.26 -24.47 -34.73
CA LEU L 218 72.64 -23.30 -34.11
C LEU L 218 73.39 -22.99 -32.81
N THR L 219 73.29 -21.73 -32.38
CA THR L 219 74.03 -21.25 -31.23
C THR L 219 73.09 -20.47 -30.31
N THR L 220 73.25 -20.69 -29.01
CA THR L 220 72.56 -19.94 -27.96
C THR L 220 71.06 -19.81 -28.26
N ALA L 221 70.39 -20.95 -28.32
CA ALA L 221 68.98 -21.01 -28.70
C ALA L 221 68.13 -21.19 -27.46
N THR L 222 67.19 -20.27 -27.27
CA THR L 222 66.15 -20.44 -26.27
C THR L 222 65.10 -21.38 -26.83
N ILE L 223 64.66 -22.34 -26.03
CA ILE L 223 63.78 -23.40 -26.48
C ILE L 223 62.64 -23.56 -25.48
N THR L 224 61.41 -23.39 -25.94
CA THR L 224 60.24 -23.67 -25.13
C THR L 224 59.88 -25.14 -25.30
N LEU L 225 60.07 -25.92 -24.23
CA LEU L 225 59.73 -27.33 -24.22
C LEU L 225 58.51 -27.52 -23.34
N LEU L 226 57.47 -28.15 -23.87
CA LEU L 226 56.26 -28.46 -23.15
C LEU L 226 55.91 -29.91 -23.37
N PRO L 227 55.16 -30.54 -22.47
CA PRO L 227 54.70 -31.91 -22.73
C PRO L 227 53.40 -31.94 -23.50
N ASP L 228 52.93 -33.14 -23.85
CA ASP L 228 51.61 -33.32 -24.44
C ASP L 228 51.51 -32.57 -25.78
N ALA L 229 52.29 -33.07 -26.75
CA ALA L 229 52.22 -32.57 -28.12
C ALA L 229 50.78 -32.54 -28.60
N GLU L 230 50.30 -31.34 -28.93
CA GLU L 230 48.89 -31.14 -29.15
C GLU L 230 48.40 -31.87 -30.39
N ARG L 231 49.11 -31.74 -31.50
CA ARG L 231 48.50 -32.13 -32.76
C ARG L 231 48.42 -33.64 -32.96
N PHE L 232 48.91 -34.45 -32.02
CA PHE L 232 48.75 -35.89 -32.04
C PHE L 232 48.03 -36.38 -30.79
N SER L 233 47.04 -35.61 -30.34
CA SER L 233 46.33 -35.88 -29.10
C SER L 233 44.83 -35.98 -29.35
N PHE L 234 44.45 -36.52 -30.50
CA PHE L 234 43.07 -36.57 -30.94
C PHE L 234 42.96 -37.57 -32.07
N PRO L 235 41.76 -38.13 -32.30
CA PRO L 235 41.64 -39.25 -33.23
C PRO L 235 42.02 -38.88 -34.65
N ARG L 236 42.59 -39.86 -35.36
CA ARG L 236 42.98 -39.69 -36.75
C ARG L 236 42.80 -41.00 -37.49
N VAL L 237 42.75 -40.89 -38.81
CA VAL L 237 42.71 -42.02 -39.71
C VAL L 237 43.92 -41.87 -40.63
N ILE L 238 45.01 -42.53 -40.28
CA ILE L 238 46.29 -42.30 -40.94
C ILE L 238 46.52 -43.37 -41.99
N ASN L 239 46.95 -42.95 -43.18
CA ASN L 239 47.31 -43.93 -44.18
C ASN L 239 48.48 -44.78 -43.71
N SER L 240 48.56 -46.00 -44.21
CA SER L 240 49.69 -46.85 -43.88
C SER L 240 50.96 -46.28 -44.49
N ALA L 241 52.10 -46.80 -44.03
CA ALA L 241 53.38 -46.29 -44.51
C ALA L 241 53.52 -46.46 -46.01
N ASP L 242 53.23 -47.66 -46.51
CA ASP L 242 53.30 -47.91 -47.94
C ASP L 242 52.17 -47.23 -48.69
N GLY L 243 51.03 -46.99 -48.04
CA GLY L 243 49.90 -46.37 -48.68
C GLY L 243 48.82 -47.32 -49.12
N ALA L 244 48.79 -48.56 -48.61
CA ALA L 244 47.78 -49.51 -49.03
C ALA L 244 46.45 -49.27 -48.33
N THR L 245 46.44 -49.39 -47.01
CA THR L 245 45.24 -49.26 -46.19
C THR L 245 45.34 -47.99 -45.35
N THR L 246 44.36 -47.80 -44.48
CA THR L 246 44.36 -46.72 -43.51
C THR L 246 44.02 -47.30 -42.14
N TRP L 247 44.78 -46.89 -41.13
CA TRP L 247 44.65 -47.41 -39.78
C TRP L 247 44.17 -46.32 -38.84
N PHE L 248 43.37 -46.73 -37.86
CA PHE L 248 42.74 -45.80 -36.93
C PHE L 248 43.66 -45.55 -35.74
N PHE L 249 43.65 -44.30 -35.27
CA PHE L 249 44.46 -43.88 -34.13
C PHE L 249 43.55 -43.08 -33.21
N ASN L 250 43.61 -43.36 -31.92
CA ASN L 250 42.59 -42.90 -30.95
C ASN L 250 43.28 -42.63 -29.63
N PRO L 251 43.96 -41.49 -29.50
CA PRO L 251 44.80 -41.26 -28.34
C PRO L 251 44.03 -41.14 -27.03
N ILE L 252 44.67 -41.61 -25.97
CA ILE L 252 44.44 -41.18 -24.60
C ILE L 252 45.80 -40.77 -24.07
N ILE L 253 45.89 -39.53 -23.60
CA ILE L 253 47.18 -38.87 -23.39
C ILE L 253 47.61 -39.08 -21.95
N LEU L 254 48.68 -39.84 -21.76
CA LEU L 254 49.34 -39.96 -20.48
C LEU L 254 50.35 -38.82 -20.36
N ARG L 255 51.22 -38.89 -19.36
CA ARG L 255 52.31 -37.95 -19.14
C ARG L 255 53.62 -38.60 -19.52
N PRO L 256 54.51 -37.93 -20.26
CA PRO L 256 55.81 -38.56 -20.56
C PRO L 256 56.74 -38.45 -19.35
N ASN L 257 56.96 -39.58 -18.69
CA ASN L 257 57.77 -39.58 -17.48
C ASN L 257 59.25 -39.72 -17.84
N ASN L 258 60.09 -39.18 -16.97
CA ASN L 258 61.54 -39.06 -17.16
C ASN L 258 61.90 -38.73 -18.61
N VAL L 259 61.30 -37.65 -19.10
CA VAL L 259 61.72 -37.08 -20.37
C VAL L 259 63.17 -36.65 -20.26
N GLU L 260 63.91 -36.81 -21.36
CA GLU L 260 65.29 -36.36 -21.44
C GLU L 260 65.52 -35.76 -22.80
N VAL L 261 66.18 -34.60 -22.83
CA VAL L 261 66.47 -33.89 -24.06
C VAL L 261 67.96 -33.64 -24.10
N GLU L 262 68.63 -34.17 -25.11
CA GLU L 262 70.07 -34.01 -25.29
C GLU L 262 70.33 -33.21 -26.54
N PHE L 263 71.02 -32.09 -26.39
CA PHE L 263 71.44 -31.24 -27.50
C PHE L 263 72.88 -31.59 -27.83
N LEU L 264 73.11 -32.07 -29.06
CA LEU L 264 74.37 -32.66 -29.44
C LEU L 264 74.99 -31.86 -30.58
N LEU L 265 76.30 -31.62 -30.50
CA LEU L 265 77.07 -31.04 -31.59
C LEU L 265 78.10 -32.06 -32.04
N ASN L 266 78.02 -32.47 -33.31
CA ASN L 266 78.97 -33.41 -33.88
C ASN L 266 78.93 -34.77 -33.19
N GLY L 267 77.82 -35.09 -32.51
CA GLY L 267 77.68 -36.36 -31.85
C GLY L 267 78.18 -36.42 -30.43
N GLN L 268 78.35 -35.29 -29.77
CA GLN L 268 78.78 -35.22 -28.37
C GLN L 268 77.75 -34.43 -27.57
N ILE L 269 77.50 -34.86 -26.34
CA ILE L 269 76.40 -34.30 -25.56
C ILE L 269 76.82 -32.93 -25.05
N ILE L 270 76.42 -31.88 -25.77
CA ILE L 270 76.73 -30.52 -25.34
C ILE L 270 75.85 -30.13 -24.18
N ASN L 271 74.56 -30.49 -24.23
CA ASN L 271 73.66 -30.19 -23.12
C ASN L 271 72.68 -31.32 -22.94
N THR L 272 72.14 -31.41 -21.72
CA THR L 272 71.15 -32.43 -21.40
C THR L 272 70.25 -31.93 -20.29
N TYR L 273 68.95 -32.13 -20.44
CA TYR L 273 67.95 -31.73 -19.46
C TYR L 273 66.99 -32.87 -19.21
N GLN L 274 66.78 -33.21 -17.93
CA GLN L 274 65.92 -34.30 -17.51
C GLN L 274 64.73 -33.73 -16.76
N ALA L 275 63.52 -34.00 -17.27
CA ALA L 275 62.28 -33.65 -16.59
C ALA L 275 62.24 -32.18 -16.19
N ARG L 276 62.69 -31.31 -17.10
CA ARG L 276 62.71 -29.87 -16.88
C ARG L 276 62.04 -29.22 -18.08
N PHE L 277 60.73 -29.06 -18.00
CA PHE L 277 59.96 -28.41 -19.05
C PHE L 277 60.17 -26.90 -18.96
N GLY L 278 59.39 -26.15 -19.72
CA GLY L 278 59.56 -24.72 -19.76
C GLY L 278 60.75 -24.30 -20.58
N THR L 279 61.15 -23.04 -20.41
CA THR L 279 62.25 -22.49 -21.19
C THR L 279 63.56 -23.16 -20.81
N ILE L 280 64.31 -23.60 -21.82
CA ILE L 280 65.63 -24.17 -21.67
C ILE L 280 66.53 -23.51 -22.71
N VAL L 281 67.82 -23.87 -22.68
CA VAL L 281 68.82 -23.25 -23.53
C VAL L 281 69.70 -24.33 -24.15
N ALA L 282 70.05 -24.13 -25.42
CA ALA L 282 71.01 -24.99 -26.12
C ALA L 282 72.10 -24.10 -26.68
N ARG L 283 73.31 -24.19 -26.11
CA ARG L 283 74.37 -23.26 -26.50
C ARG L 283 74.96 -23.61 -27.85
N ASN L 284 75.02 -24.90 -28.19
CA ASN L 284 75.48 -25.34 -29.51
C ASN L 284 74.88 -26.70 -29.78
N PHE L 285 74.29 -26.88 -30.95
CA PHE L 285 73.65 -28.16 -31.24
C PHE L 285 73.34 -28.33 -32.71
N ASP L 286 73.84 -29.42 -33.30
CA ASP L 286 73.47 -29.84 -34.63
C ASP L 286 72.39 -30.91 -34.63
N THR L 287 72.09 -31.53 -33.49
CA THR L 287 70.98 -32.45 -33.41
C THR L 287 70.32 -32.33 -32.05
N ILE L 288 69.05 -32.71 -32.01
CA ILE L 288 68.25 -32.77 -30.79
C ILE L 288 67.77 -34.21 -30.63
N ARG L 289 68.05 -34.80 -29.47
CA ARG L 289 67.65 -36.18 -29.18
C ARG L 289 66.67 -36.15 -28.02
N LEU L 290 65.39 -36.36 -28.32
CA LEU L 290 64.36 -36.43 -27.31
C LEU L 290 64.10 -37.90 -27.00
N SER L 291 63.98 -38.22 -25.72
CA SER L 291 63.74 -39.59 -25.29
C SER L 291 62.79 -39.56 -24.11
N PHE L 292 61.61 -40.14 -24.29
CA PHE L 292 60.58 -40.12 -23.27
C PHE L 292 60.05 -41.53 -23.09
N GLN L 293 59.33 -41.74 -21.99
CA GLN L 293 58.88 -43.06 -21.58
C GLN L 293 57.39 -43.00 -21.31
N LEU L 294 56.65 -43.90 -21.95
CA LEU L 294 55.25 -44.14 -21.59
C LEU L 294 55.26 -45.21 -20.52
N MET L 295 55.04 -44.82 -19.27
CA MET L 295 54.95 -45.74 -18.16
C MET L 295 53.50 -46.06 -17.90
N ARG L 296 53.16 -47.34 -17.86
CA ARG L 296 51.81 -47.72 -17.51
C ARG L 296 51.55 -47.27 -16.07
N PRO L 297 50.45 -46.59 -15.78
CA PRO L 297 50.20 -46.17 -14.40
C PRO L 297 50.09 -47.37 -13.49
N PRO L 298 50.86 -47.44 -12.39
CA PRO L 298 50.72 -48.59 -11.49
C PRO L 298 49.34 -48.65 -10.86
N ASN L 299 48.93 -47.59 -10.18
CA ASN L 299 47.59 -47.49 -9.63
C ASN L 299 46.65 -46.92 -10.68
N MET L 300 45.36 -47.18 -10.49
CA MET L 300 44.41 -46.87 -11.55
C MET L 300 43.01 -46.85 -10.99
N THR L 301 42.29 -45.78 -11.27
CA THR L 301 40.87 -45.71 -11.01
C THR L 301 40.15 -46.72 -11.89
N PRO L 302 38.94 -47.15 -11.52
CA PRO L 302 38.18 -48.02 -12.44
C PRO L 302 37.99 -47.46 -13.84
N ALA L 303 37.89 -46.14 -14.01
CA ALA L 303 37.72 -45.60 -15.36
C ALA L 303 38.95 -45.86 -16.22
N VAL L 304 40.13 -45.54 -15.70
CA VAL L 304 41.36 -45.82 -16.45
C VAL L 304 41.55 -47.31 -16.63
N ASN L 305 41.14 -48.11 -15.64
CA ASN L 305 41.23 -49.56 -15.80
C ASN L 305 40.35 -50.04 -16.95
N ALA L 306 39.15 -49.48 -17.07
CA ALA L 306 38.28 -49.82 -18.19
C ALA L 306 38.93 -49.41 -19.50
N LEU L 307 39.59 -48.25 -19.51
CA LEU L 307 40.29 -47.82 -20.72
C LEU L 307 41.35 -48.84 -21.16
N PHE L 308 42.18 -49.28 -20.21
CA PHE L 308 43.31 -50.14 -20.53
C PHE L 308 43.04 -51.57 -20.05
N PRO L 309 42.72 -52.52 -20.93
CA PRO L 309 42.56 -53.90 -20.51
C PRO L 309 43.83 -54.71 -20.72
N GLN L 310 43.84 -55.91 -20.15
CA GLN L 310 44.91 -56.87 -20.39
C GLN L 310 44.71 -57.67 -21.67
N ALA L 311 43.52 -57.63 -22.26
CA ALA L 311 43.18 -58.44 -23.42
C ALA L 311 43.69 -57.75 -24.68
N GLN L 312 43.21 -58.22 -25.82
CA GLN L 312 43.64 -57.73 -27.13
C GLN L 312 42.97 -56.45 -27.63
N PRO L 313 41.61 -56.29 -27.50
CA PRO L 313 40.90 -55.25 -28.28
C PRO L 313 41.55 -53.87 -28.38
N PHE L 314 41.84 -53.21 -27.25
CA PHE L 314 42.58 -51.95 -27.26
C PHE L 314 41.89 -50.88 -28.11
N GLN L 315 40.71 -50.48 -27.62
CA GLN L 315 39.94 -49.45 -28.32
C GLN L 315 40.44 -48.03 -28.03
N HIS L 316 41.39 -47.86 -27.12
CA HIS L 316 42.00 -46.56 -26.85
C HIS L 316 43.51 -46.74 -26.76
N HIS L 317 44.25 -45.83 -27.38
CA HIS L 317 45.67 -46.02 -27.62
C HIS L 317 46.45 -45.00 -26.79
N ALA L 318 47.34 -45.45 -25.93
CA ALA L 318 47.97 -44.57 -24.97
C ALA L 318 49.13 -43.82 -25.62
N THR L 319 49.14 -42.49 -25.47
CA THR L 319 50.11 -41.64 -26.15
C THR L 319 50.76 -40.67 -25.16
N VAL L 320 52.02 -40.33 -25.44
CA VAL L 320 52.74 -39.31 -24.70
C VAL L 320 53.56 -38.49 -25.68
N GLY L 321 53.55 -37.16 -25.51
CA GLY L 321 54.13 -36.28 -26.50
C GLY L 321 55.03 -35.21 -25.89
N LEU L 322 55.70 -34.49 -26.79
CA LEU L 322 56.56 -33.39 -26.44
C LEU L 322 56.53 -32.37 -27.57
N THR L 323 56.38 -31.10 -27.19
CA THR L 323 56.50 -29.97 -28.10
C THR L 323 57.76 -29.20 -27.78
N LEU L 324 58.45 -28.73 -28.81
CA LEU L 324 59.75 -28.10 -28.65
C LEU L 324 59.87 -27.00 -29.69
N ARG L 325 59.83 -25.75 -29.25
CA ARG L 325 59.83 -24.59 -30.13
C ARG L 325 61.12 -23.82 -29.94
N ILE L 326 61.85 -23.60 -31.02
CA ILE L 326 63.08 -22.79 -30.95
C ILE L 326 62.64 -21.34 -31.00
N GLU L 327 62.52 -20.69 -29.84
CA GLU L 327 61.96 -19.34 -29.81
C GLU L 327 62.90 -18.36 -30.50
N SER L 328 64.17 -18.36 -30.14
CA SER L 328 65.15 -17.47 -30.74
C SER L 328 66.51 -18.13 -30.68
N ALA L 329 67.22 -18.11 -31.80
CA ALA L 329 68.50 -18.80 -31.93
C ALA L 329 69.49 -17.90 -32.62
N VAL L 330 70.72 -18.40 -32.78
CA VAL L 330 71.78 -17.72 -33.51
C VAL L 330 72.44 -18.75 -34.39
N CYS L 331 72.68 -18.38 -35.66
CA CYS L 331 73.27 -19.31 -36.61
C CYS L 331 74.32 -18.60 -37.45
N GLU L 332 75.32 -19.36 -37.90
CA GLU L 332 76.37 -18.77 -38.72
C GLU L 332 75.96 -18.65 -40.19
N SER L 333 74.84 -19.25 -40.59
CA SER L 333 74.38 -19.24 -41.96
C SER L 333 72.98 -18.64 -42.03
N VAL L 334 72.71 -17.94 -43.12
CA VAL L 334 71.45 -17.21 -43.25
C VAL L 334 70.29 -18.18 -43.34
N LEU L 335 69.18 -17.83 -42.72
CA LEU L 335 67.95 -18.61 -42.77
C LEU L 335 66.76 -17.66 -42.83
N ALA L 336 65.61 -18.22 -43.19
CA ALA L 336 64.36 -17.49 -43.09
C ALA L 336 63.89 -17.43 -41.64
N ASP L 337 62.98 -16.51 -41.36
CA ASP L 337 62.54 -16.25 -40.00
C ASP L 337 61.04 -15.94 -40.00
N ALA L 338 60.50 -15.86 -38.78
CA ALA L 338 59.20 -15.22 -38.60
C ALA L 338 59.33 -13.71 -38.56
N ASN L 339 60.48 -13.19 -38.13
CA ASN L 339 60.67 -11.75 -38.00
C ASN L 339 61.09 -11.13 -39.32
N GLU L 340 62.24 -11.54 -39.85
CA GLU L 340 62.79 -10.94 -41.05
C GLU L 340 61.89 -11.23 -42.26
N THR L 341 62.08 -10.46 -43.32
CA THR L 341 61.26 -10.53 -44.52
C THR L 341 62.13 -10.50 -45.76
N LEU L 342 63.16 -11.35 -45.79
CA LEU L 342 64.07 -11.42 -46.92
C LEU L 342 63.76 -12.57 -47.88
N LEU L 343 63.37 -13.73 -47.34
CA LEU L 343 62.97 -14.82 -48.22
C LEU L 343 61.75 -14.41 -49.04
N ALA L 344 60.77 -13.78 -48.40
CA ALA L 344 59.60 -13.32 -49.14
C ALA L 344 60.00 -12.27 -50.16
N ASN L 345 60.93 -11.37 -49.81
CA ASN L 345 61.34 -10.34 -50.73
C ASN L 345 61.99 -10.93 -51.98
N VAL L 346 62.96 -11.81 -51.79
CA VAL L 346 63.66 -12.37 -52.95
C VAL L 346 62.71 -13.22 -53.78
N THR L 347 61.87 -14.02 -53.13
CA THR L 347 60.95 -14.87 -53.88
C THR L 347 59.96 -14.03 -54.67
N ALA L 348 59.47 -12.95 -54.07
CA ALA L 348 58.53 -12.07 -54.77
C ALA L 348 59.20 -11.41 -55.95
N VAL L 349 60.44 -10.94 -55.79
CA VAL L 349 61.11 -10.29 -56.91
C VAL L 349 61.33 -11.29 -58.04
N ARG L 350 61.65 -12.53 -57.71
CA ARG L 350 61.84 -13.53 -58.76
C ARG L 350 60.54 -13.82 -59.48
N GLN L 351 59.48 -14.16 -58.75
CA GLN L 351 58.28 -14.67 -59.40
C GLN L 351 57.36 -13.56 -59.88
N GLU L 352 57.61 -12.30 -59.52
CA GLU L 352 56.88 -11.20 -60.14
C GLU L 352 57.21 -11.12 -61.62
N TYR L 353 58.48 -11.25 -61.96
CA TYR L 353 58.95 -11.21 -63.34
C TYR L 353 59.13 -12.60 -63.93
N ALA L 354 58.86 -13.66 -63.17
CA ALA L 354 58.83 -15.02 -63.71
C ALA L 354 60.21 -15.40 -64.28
N ILE L 355 61.19 -15.37 -63.40
CA ILE L 355 62.55 -15.74 -63.79
C ILE L 355 62.60 -17.25 -64.04
N PRO L 356 63.31 -17.74 -65.05
CA PRO L 356 63.34 -19.19 -65.26
C PRO L 356 64.02 -19.89 -64.10
N VAL L 357 63.57 -21.11 -63.82
CA VAL L 357 64.17 -21.91 -62.76
C VAL L 357 65.65 -22.09 -63.06
N GLY L 358 66.49 -21.65 -62.13
CA GLY L 358 67.91 -21.70 -62.32
C GLY L 358 68.50 -23.03 -61.88
N PRO L 359 69.82 -23.12 -61.84
CA PRO L 359 70.46 -24.39 -61.49
C PRO L 359 70.53 -24.67 -60.00
N VAL L 360 70.72 -23.65 -59.17
CA VAL L 360 71.07 -23.88 -57.76
C VAL L 360 69.83 -23.90 -56.87
N PHE L 361 68.93 -22.94 -57.01
CA PHE L 361 67.76 -22.91 -56.14
C PHE L 361 66.68 -23.84 -56.69
N PRO L 362 65.78 -24.32 -55.83
CA PRO L 362 64.71 -25.19 -56.31
C PRO L 362 63.68 -24.38 -57.06
N PRO L 363 62.72 -25.03 -57.73
CA PRO L 363 61.68 -24.28 -58.43
C PRO L 363 60.79 -23.55 -57.45
N GLY L 364 60.67 -22.23 -57.62
CA GLY L 364 59.79 -21.44 -56.80
C GLY L 364 60.35 -21.00 -55.47
N MET L 365 61.58 -21.36 -55.14
CA MET L 365 62.24 -20.95 -53.90
C MET L 365 61.40 -21.38 -52.69
N ASN L 366 61.06 -22.65 -52.63
CA ASN L 366 60.34 -23.21 -51.49
C ASN L 366 61.33 -23.59 -50.41
N TRP L 367 61.15 -23.03 -49.21
CA TRP L 367 62.16 -23.20 -48.17
C TRP L 367 62.31 -24.66 -47.76
N THR L 368 61.22 -25.43 -47.80
CA THR L 368 61.31 -26.83 -47.40
C THR L 368 62.34 -27.57 -48.23
N GLU L 369 62.24 -27.49 -49.55
CA GLU L 369 63.19 -28.17 -50.42
C GLU L 369 64.49 -27.40 -50.58
N LEU L 370 64.53 -26.13 -50.18
CA LEU L 370 65.81 -25.43 -50.18
C LEU L 370 66.67 -25.88 -49.02
N ILE L 371 66.06 -26.13 -47.86
CA ILE L 371 66.80 -26.52 -46.67
C ILE L 371 66.91 -28.03 -46.51
N THR L 372 66.08 -28.81 -47.20
CA THR L 372 66.25 -30.26 -47.12
C THR L 372 67.61 -30.70 -47.63
N ASN L 373 68.18 -29.93 -48.56
CA ASN L 373 69.56 -30.11 -49.00
C ASN L 373 70.13 -28.73 -49.24
N TYR L 374 71.12 -28.36 -48.44
CA TYR L 374 71.54 -26.97 -48.24
C TYR L 374 73.03 -26.83 -48.51
N SER L 375 73.46 -27.30 -49.67
CA SER L 375 74.86 -27.40 -50.05
C SER L 375 75.60 -26.07 -49.92
N PRO L 376 76.93 -26.08 -49.91
CA PRO L 376 77.66 -24.80 -49.78
C PRO L 376 77.38 -23.80 -50.88
N SER L 377 77.24 -24.25 -52.12
CA SER L 377 76.96 -23.30 -53.21
C SER L 377 75.59 -22.66 -53.03
N ARG L 378 74.59 -23.47 -52.66
CA ARG L 378 73.27 -22.93 -52.37
C ARG L 378 73.33 -21.96 -51.22
N GLU L 379 74.12 -22.27 -50.19
CA GLU L 379 74.29 -21.36 -49.07
C GLU L 379 74.86 -20.03 -49.53
N ASP L 380 75.89 -20.07 -50.37
CA ASP L 380 76.52 -18.84 -50.84
C ASP L 380 75.52 -17.99 -51.62
N ASN L 381 74.81 -18.62 -52.55
CA ASN L 381 73.85 -17.86 -53.35
C ASN L 381 72.72 -17.32 -52.49
N LEU L 382 72.26 -18.09 -51.51
CA LEU L 382 71.21 -17.61 -50.62
C LEU L 382 71.70 -16.42 -49.81
N GLN L 383 72.94 -16.48 -49.33
CA GLN L 383 73.47 -15.35 -48.58
C GLN L 383 73.55 -14.12 -49.46
N ARG L 384 74.01 -14.27 -50.71
CA ARG L 384 74.13 -13.12 -51.60
C ARG L 384 72.76 -12.49 -51.86
N VAL L 385 71.78 -13.31 -52.23
CA VAL L 385 70.47 -12.73 -52.53
C VAL L 385 69.84 -12.15 -51.28
N PHE L 386 70.07 -12.75 -50.11
CA PHE L 386 69.48 -12.21 -48.89
C PHE L 386 70.09 -10.87 -48.53
N THR L 387 71.42 -10.75 -48.61
CA THR L 387 72.02 -9.46 -48.28
C THR L 387 71.56 -8.41 -49.26
N VAL L 388 71.49 -8.74 -50.55
CA VAL L 388 71.02 -7.77 -51.53
C VAL L 388 69.57 -7.39 -51.26
N ALA L 389 68.76 -8.35 -50.82
CA ALA L 389 67.39 -8.04 -50.45
C ALA L 389 67.35 -7.04 -49.31
N SER L 390 68.26 -7.19 -48.34
CA SER L 390 68.35 -6.21 -47.27
C SER L 390 68.74 -4.83 -47.80
N ILE L 391 69.70 -4.79 -48.72
CA ILE L 391 70.07 -3.53 -49.36
C ILE L 391 68.84 -2.87 -49.97
N ARG L 392 68.06 -3.66 -50.71
CA ARG L 392 66.86 -3.12 -51.34
C ARG L 392 65.86 -2.64 -50.31
N SER L 393 65.63 -3.44 -49.27
CA SER L 393 64.63 -3.10 -48.27
C SER L 393 65.00 -1.87 -47.47
N MET L 394 66.28 -1.49 -47.46
CA MET L 394 66.65 -0.25 -46.79
C MET L 394 65.93 0.95 -47.38
N LEU L 395 65.58 0.90 -48.66
CA LEU L 395 64.91 1.99 -49.36
C LEU L 395 63.49 1.65 -49.78
N ILE L 396 63.29 0.53 -50.48
CA ILE L 396 62.05 0.22 -51.16
C ILE L 396 61.23 -0.71 -50.29
N LYS L 397 59.95 -0.40 -50.15
CA LYS L 397 59.00 -1.27 -49.46
C LYS L 397 57.63 -1.21 -50.14
N MET M 1 80.89 0.60 -16.09
CA MET M 1 80.18 -0.32 -17.00
C MET M 1 79.69 0.41 -18.23
N GLU M 2 79.24 1.64 -18.03
CA GLU M 2 79.01 2.52 -19.17
C GLU M 2 80.30 2.70 -19.97
N VAL M 3 81.44 2.66 -19.30
CA VAL M 3 82.72 2.68 -20.01
C VAL M 3 82.89 1.43 -20.85
N LEU M 4 82.48 0.27 -20.32
CA LEU M 4 82.57 -0.95 -21.10
C LEU M 4 81.67 -0.88 -22.33
N TYR M 5 80.46 -0.38 -22.17
CA TYR M 5 79.58 -0.22 -23.32
C TYR M 5 80.18 0.75 -24.33
N SER M 6 80.80 1.82 -23.86
CA SER M 6 81.43 2.77 -24.77
C SER M 6 82.57 2.12 -25.53
N LEU M 7 83.36 1.28 -24.85
CA LEU M 7 84.41 0.55 -25.54
C LEU M 7 83.82 -0.35 -26.62
N SER M 8 82.75 -1.06 -26.28
CA SER M 8 82.13 -1.93 -27.28
C SER M 8 81.61 -1.12 -28.46
N LYS M 9 80.96 0.01 -28.18
CA LYS M 9 80.39 0.82 -29.27
C LYS M 9 81.49 1.39 -30.16
N THR M 10 82.57 1.90 -29.56
CA THR M 10 83.62 2.50 -30.39
C THR M 10 84.38 1.44 -31.16
N LEU M 11 84.58 0.25 -30.59
CA LEU M 11 85.21 -0.81 -31.35
C LEU M 11 84.32 -1.27 -32.49
N LYS M 12 83.01 -1.34 -32.25
CA LYS M 12 82.10 -1.71 -33.33
C LYS M 12 82.12 -0.66 -34.44
N ASP M 13 82.12 0.61 -34.07
CA ASP M 13 82.18 1.67 -35.07
C ASP M 13 83.51 1.67 -35.80
N ALA M 14 84.58 1.27 -35.13
CA ALA M 14 85.86 1.13 -35.83
C ALA M 14 85.81 -0.02 -36.81
N ARG M 15 85.20 -1.13 -36.42
CA ARG M 15 85.08 -2.27 -37.34
C ARG M 15 84.22 -1.91 -38.54
N ASP M 16 83.22 -1.05 -38.35
CA ASP M 16 82.25 -0.74 -39.40
C ASP M 16 82.68 0.43 -40.28
N LYS M 17 82.94 1.58 -39.67
CA LYS M 17 83.21 2.79 -40.44
C LYS M 17 84.62 2.81 -41.01
N ILE M 18 85.61 2.32 -40.29
CA ILE M 18 86.97 2.34 -40.81
C ILE M 18 87.12 1.20 -41.80
N VAL M 19 86.81 1.49 -43.06
CA VAL M 19 86.87 0.52 -44.15
C VAL M 19 87.58 1.17 -45.32
N GLU M 20 88.16 0.33 -46.17
CA GLU M 20 89.02 0.81 -47.24
C GLU M 20 88.24 1.71 -48.19
N GLY M 21 88.82 2.86 -48.50
CA GLY M 21 88.27 3.77 -49.49
C GLY M 21 87.32 4.81 -48.96
N THR M 22 86.87 4.70 -47.71
CA THR M 22 85.89 5.64 -47.20
C THR M 22 86.50 7.02 -47.05
N LEU M 23 85.65 8.04 -47.17
CA LEU M 23 86.08 9.41 -46.93
C LEU M 23 86.51 9.59 -45.49
N TYR M 24 87.51 10.45 -45.29
CA TYR M 24 87.93 10.76 -43.93
C TYR M 24 86.92 11.63 -43.20
N SER M 25 86.09 12.37 -43.92
CA SER M 25 85.07 13.16 -43.25
C SER M 25 84.02 12.25 -42.59
N ASN M 26 83.86 11.04 -43.10
CA ASN M 26 82.91 10.11 -42.51
C ASN M 26 83.38 9.58 -41.17
N VAL M 27 84.69 9.62 -40.90
CA VAL M 27 85.24 8.93 -39.74
C VAL M 27 86.18 9.82 -38.93
N SER M 28 86.20 11.13 -39.20
CA SER M 28 87.05 12.01 -38.41
C SER M 28 86.71 11.96 -36.93
N ASP M 29 85.44 12.14 -36.59
CA ASP M 29 85.04 12.14 -35.18
C ASP M 29 85.28 10.77 -34.56
N LEU M 30 84.98 9.71 -35.30
CA LEU M 30 85.19 8.36 -34.78
C LEU M 30 86.66 8.13 -34.50
N ILE M 31 87.54 8.57 -35.41
CA ILE M 31 88.97 8.37 -35.20
C ILE M 31 89.44 9.16 -34.01
N GLN M 32 88.90 10.36 -33.80
CA GLN M 32 89.29 11.13 -32.63
C GLN M 32 88.89 10.44 -31.35
N GLN M 33 87.68 9.89 -31.31
CA GLN M 33 87.25 9.20 -30.10
C GLN M 33 88.01 7.90 -29.92
N PHE M 34 88.37 7.24 -31.02
CA PHE M 34 89.21 6.05 -30.96
C PHE M 34 90.58 6.37 -30.38
N ASN M 35 91.17 7.49 -30.80
CA ASN M 35 92.45 7.90 -30.25
C ASN M 35 92.33 8.23 -28.77
N GLN M 36 91.22 8.85 -28.36
CA GLN M 36 91.00 9.06 -26.93
C GLN M 36 90.95 7.74 -26.19
N MET M 37 90.26 6.76 -26.76
CA MET M 37 90.21 5.43 -26.16
C MET M 37 91.61 4.84 -26.02
N ILE M 38 92.40 4.93 -27.08
CA ILE M 38 93.75 4.36 -27.06
C ILE M 38 94.59 5.03 -26.00
N VAL M 39 94.62 6.36 -26.00
CA VAL M 39 95.52 7.07 -25.10
C VAL M 39 95.08 6.90 -23.65
N THR M 40 93.78 6.88 -23.39
CA THR M 40 93.31 6.73 -22.02
C THR M 40 93.40 5.29 -21.53
N MET M 41 93.49 4.31 -22.43
CA MET M 41 93.71 2.92 -22.05
C MET M 41 95.17 2.51 -22.08
N ASN M 42 96.06 3.39 -22.52
CA ASN M 42 97.48 3.07 -22.50
C ASN M 42 97.96 2.90 -21.05
N GLY M 43 98.91 1.98 -20.87
CA GLY M 43 99.57 1.80 -19.60
C GLY M 43 98.81 1.03 -18.56
N ASN M 44 97.48 0.99 -18.64
CA ASN M 44 96.66 0.37 -17.61
C ASN M 44 96.58 -1.13 -17.87
N ASP M 45 97.24 -1.91 -17.02
CA ASP M 45 97.20 -3.36 -17.12
C ASP M 45 95.94 -3.90 -16.45
N PHE M 46 95.37 -4.95 -17.05
CA PHE M 46 94.14 -5.54 -16.57
C PHE M 46 94.30 -7.04 -16.39
N GLN M 47 93.53 -7.60 -15.47
CA GLN M 47 93.48 -9.03 -15.21
C GLN M 47 92.06 -9.49 -15.43
N THR M 48 91.88 -10.65 -16.06
CA THR M 48 90.54 -11.14 -16.33
C THR M 48 90.49 -12.65 -16.14
N GLY M 49 89.59 -13.10 -15.28
CA GLY M 49 89.30 -14.52 -15.13
C GLY M 49 89.95 -15.12 -13.91
N GLY M 50 89.61 -16.39 -13.68
CA GLY M 50 90.01 -17.11 -12.50
C GLY M 50 88.82 -17.64 -11.72
N ILE M 51 87.71 -17.87 -12.41
CA ILE M 51 86.51 -18.46 -11.80
C ILE M 51 86.00 -19.54 -12.74
N GLY M 52 85.61 -20.67 -12.17
CA GLY M 52 85.28 -21.82 -13.01
C GLY M 52 86.49 -22.25 -13.80
N ASN M 53 86.26 -22.59 -15.08
CA ASN M 53 87.32 -22.92 -16.01
C ASN M 53 87.74 -21.75 -16.87
N LEU M 54 87.21 -20.56 -16.61
CA LEU M 54 87.55 -19.41 -17.43
C LEU M 54 89.00 -19.04 -17.15
N PRO M 55 89.89 -19.04 -18.13
CA PRO M 55 91.32 -18.93 -17.82
C PRO M 55 91.73 -17.53 -17.41
N ILE M 56 92.68 -17.45 -16.48
CA ILE M 56 93.26 -16.17 -16.11
C ILE M 56 94.08 -15.65 -17.27
N ARG M 57 93.82 -14.41 -17.68
CA ARG M 57 94.53 -13.80 -18.79
C ARG M 57 94.84 -12.35 -18.46
N ASN M 58 96.03 -11.92 -18.84
CA ASN M 58 96.54 -10.59 -18.52
C ASN M 58 96.58 -9.74 -19.79
N TRP M 59 96.07 -8.52 -19.68
CA TRP M 59 96.01 -7.59 -20.79
C TRP M 59 96.89 -6.39 -20.51
N THR M 60 97.68 -5.99 -21.48
CA THR M 60 98.47 -4.77 -21.43
C THR M 60 98.21 -3.98 -22.70
N PHE M 61 98.18 -2.66 -22.57
CA PHE M 61 97.79 -1.76 -23.65
C PHE M 61 98.93 -0.80 -23.93
N ASP M 62 99.59 -0.97 -25.07
CA ASP M 62 100.58 -0.01 -25.58
C ASP M 62 100.43 0.02 -27.09
N PHE M 63 99.61 0.94 -27.59
CA PHE M 63 99.28 1.03 -29.00
C PHE M 63 99.50 2.45 -29.49
N GLY M 64 99.74 2.57 -30.79
CA GLY M 64 99.91 3.86 -31.41
C GLY M 64 98.58 4.42 -31.91
N LEU M 65 98.49 5.75 -31.92
CA LEU M 65 97.25 6.39 -32.32
C LEU M 65 97.01 6.22 -33.82
N LEU M 66 95.76 6.06 -34.19
CA LEU M 66 95.39 5.99 -35.60
C LEU M 66 95.69 7.31 -36.27
N GLY M 67 96.22 7.24 -37.50
CA GLY M 67 96.55 8.44 -38.22
C GLY M 67 95.32 9.28 -38.52
N THR M 68 95.56 10.58 -38.70
CA THR M 68 94.51 11.54 -38.99
C THR M 68 94.76 12.37 -40.24
N THR M 69 96.00 12.46 -40.71
CA THR M 69 96.30 13.28 -41.88
C THR M 69 95.63 12.75 -43.14
N LEU M 70 95.46 11.45 -43.24
CA LEU M 70 94.96 10.84 -44.47
C LEU M 70 93.57 11.37 -44.79
N LEU M 71 93.37 11.78 -46.06
CA LEU M 71 92.08 12.27 -46.51
C LEU M 71 91.21 11.18 -47.11
N ASN M 72 91.73 9.96 -47.26
CA ASN M 72 90.94 8.84 -47.76
C ASN M 72 91.58 7.56 -47.30
N LEU M 73 90.82 6.73 -46.57
CA LEU M 73 91.39 5.53 -45.99
C LEU M 73 91.82 4.55 -47.07
N ASP M 74 92.94 3.87 -46.81
CA ASP M 74 93.51 2.90 -47.74
C ASP M 74 93.84 1.61 -47.00
N ALA M 75 94.54 0.68 -47.67
CA ALA M 75 94.77 -0.64 -47.09
C ALA M 75 95.62 -0.57 -45.83
N ASN M 76 96.64 0.28 -45.83
CA ASN M 76 97.55 0.33 -44.68
C ASN M 76 96.82 0.81 -43.43
N TYR M 77 96.04 1.88 -43.58
CA TYR M 77 95.30 2.42 -42.45
C TYR M 77 94.40 1.36 -41.84
N VAL M 78 93.59 0.71 -42.68
CA VAL M 78 92.60 -0.23 -42.17
C VAL M 78 93.27 -1.45 -41.55
N GLU M 79 94.40 -1.91 -42.10
CA GLU M 79 95.00 -3.12 -41.55
C GLU M 79 95.69 -2.84 -40.22
N THR M 80 96.36 -1.68 -40.08
CA THR M 80 96.87 -1.33 -38.76
C THR M 80 95.73 -1.21 -37.75
N ALA M 81 94.64 -0.56 -38.17
CA ALA M 81 93.46 -0.49 -37.33
C ALA M 81 93.03 -1.88 -36.89
N ARG M 82 92.75 -2.76 -37.85
CA ARG M 82 92.23 -4.08 -37.51
C ARG M 82 93.17 -4.84 -36.59
N THR M 83 94.49 -4.65 -36.73
CA THR M 83 95.41 -5.22 -35.76
C THR M 83 95.11 -4.71 -34.35
N THR M 84 94.79 -3.42 -34.21
CA THR M 84 94.44 -2.91 -32.88
C THR M 84 93.07 -3.41 -32.41
N ILE M 85 92.06 -3.28 -33.28
CA ILE M 85 90.68 -3.63 -32.90
C ILE M 85 90.54 -5.11 -32.55
N GLU M 86 91.33 -5.99 -33.15
CA GLU M 86 91.19 -7.41 -32.80
C GLU M 86 91.54 -7.63 -31.34
N TYR M 87 92.68 -7.11 -30.90
CA TYR M 87 93.07 -7.22 -29.50
C TYR M 87 92.05 -6.57 -28.59
N PHE M 88 91.57 -5.38 -28.97
CA PHE M 88 90.61 -4.70 -28.11
C PHE M 88 89.32 -5.49 -27.98
N ILE M 89 88.83 -6.08 -29.06
CA ILE M 89 87.61 -6.87 -29.00
C ILE M 89 87.83 -8.09 -28.13
N ASP M 90 89.00 -8.72 -28.24
CA ASP M 90 89.27 -9.87 -27.38
C ASP M 90 89.21 -9.48 -25.91
N PHE M 91 89.83 -8.34 -25.56
CA PHE M 91 89.79 -7.86 -24.18
C PHE M 91 88.36 -7.65 -23.72
N ILE M 92 87.56 -6.98 -24.54
CA ILE M 92 86.18 -6.68 -24.14
C ILE M 92 85.39 -7.97 -23.97
N ASP M 93 85.60 -8.94 -24.86
CA ASP M 93 84.86 -10.19 -24.77
C ASP M 93 85.20 -10.93 -23.48
N ASN M 94 86.48 -11.01 -23.14
CA ASN M 94 86.86 -11.69 -21.91
C ASN M 94 86.29 -10.97 -20.68
N VAL M 95 86.32 -9.64 -20.68
CA VAL M 95 85.76 -8.89 -19.56
C VAL M 95 84.27 -9.17 -19.43
N CYS M 96 83.56 -9.20 -20.55
CA CYS M 96 82.13 -9.45 -20.50
C CYS M 96 81.82 -10.84 -19.98
N MET M 97 82.53 -11.86 -20.47
CA MET M 97 82.34 -13.21 -19.95
C MET M 97 82.58 -13.24 -18.45
N ASP M 98 83.64 -12.57 -18.00
CA ASP M 98 84.02 -12.65 -16.60
C ASP M 98 82.96 -12.00 -15.71
N GLU M 99 82.46 -10.84 -16.12
CA GLU M 99 81.43 -10.17 -15.34
C GLU M 99 80.12 -10.94 -15.38
N MET M 100 79.85 -11.65 -16.48
CA MET M 100 78.68 -12.52 -16.50
C MET M 100 78.79 -13.61 -15.45
N VAL M 101 79.92 -14.31 -15.44
CA VAL M 101 80.02 -15.49 -14.59
C VAL M 101 80.00 -15.09 -13.11
N ARG M 102 80.68 -14.01 -12.73
CA ARG M 102 80.63 -13.68 -11.31
C ARG M 102 79.28 -13.15 -10.88
N GLU M 103 79.09 -13.13 -9.56
CA GLU M 103 77.80 -12.84 -8.93
C GLU M 103 78.05 -12.19 -7.58
N SER M 104 77.01 -11.53 -7.07
CA SER M 104 77.05 -10.96 -5.73
C SER M 104 75.65 -10.90 -5.17
N GLN M 105 75.55 -10.86 -3.84
CA GLN M 105 74.29 -10.86 -3.13
C GLN M 105 73.93 -9.49 -2.57
N ARG M 106 74.90 -8.76 -2.05
CA ARG M 106 74.73 -7.37 -1.65
C ARG M 106 75.35 -6.49 -2.71
N ASN M 107 74.68 -5.38 -3.03
CA ASN M 107 75.18 -4.44 -4.02
C ASN M 107 75.35 -5.12 -5.37
N GLY M 108 74.29 -5.82 -5.79
CA GLY M 108 74.37 -6.57 -7.03
C GLY M 108 74.60 -5.70 -8.25
N VAL M 109 74.06 -4.49 -8.24
CA VAL M 109 74.20 -3.60 -9.38
C VAL M 109 75.66 -3.24 -9.62
N ALA M 110 76.43 -3.07 -8.55
CA ALA M 110 77.80 -2.61 -8.70
C ALA M 110 78.64 -3.69 -9.39
N PRO M 111 79.77 -3.29 -9.98
CA PRO M 111 80.56 -4.27 -10.73
C PRO M 111 81.28 -5.27 -9.83
N GLN M 112 81.48 -6.46 -10.39
CA GLN M 112 82.42 -7.45 -9.90
C GLN M 112 83.56 -7.52 -10.93
N SER M 113 84.45 -8.49 -10.80
CA SER M 113 85.43 -8.71 -11.85
C SER M 113 86.39 -7.53 -12.00
N GLU M 114 87.40 -7.47 -11.14
CA GLU M 114 88.25 -6.30 -10.92
C GLU M 114 88.63 -5.54 -12.19
N ALA M 115 88.69 -6.21 -13.34
CA ALA M 115 88.80 -5.49 -14.60
C ALA M 115 87.71 -4.44 -14.72
N LEU M 116 86.45 -4.83 -14.49
CA LEU M 116 85.35 -3.88 -14.61
C LEU M 116 85.34 -2.89 -13.45
N ARG M 117 85.77 -3.31 -12.25
CA ARG M 117 85.87 -2.37 -11.14
C ARG M 117 86.87 -1.27 -11.45
N LYS M 118 88.01 -1.63 -12.03
CA LYS M 118 89.00 -0.64 -12.43
C LYS M 118 88.46 0.22 -13.57
N LEU M 119 87.73 -0.38 -14.52
CA LEU M 119 87.15 0.41 -15.60
C LEU M 119 86.17 1.44 -15.06
N ALA M 120 85.48 1.12 -13.97
CA ALA M 120 84.55 2.06 -13.36
C ALA M 120 85.27 3.26 -12.74
N GLY M 121 86.59 3.22 -12.60
CA GLY M 121 87.33 4.33 -12.04
C GLY M 121 87.15 5.60 -12.85
N ILE M 122 87.68 6.69 -12.30
CA ILE M 122 87.48 8.00 -12.91
C ILE M 122 88.43 8.25 -14.07
N LYS M 123 89.59 7.60 -14.10
CA LYS M 123 90.51 7.78 -15.21
C LYS M 123 89.86 7.39 -16.53
N PHE M 124 89.05 6.34 -16.51
CA PHE M 124 88.43 5.80 -17.71
C PHE M 124 87.08 6.43 -18.01
N LYS M 125 86.82 7.64 -17.52
CA LYS M 125 85.58 8.32 -17.85
C LYS M 125 85.62 8.98 -19.22
N ARG M 126 86.81 9.19 -19.78
CA ARG M 126 86.96 9.84 -21.08
C ARG M 126 86.73 8.91 -22.26
N ILE M 127 86.27 7.68 -22.02
CA ILE M 127 85.90 6.77 -23.10
C ILE M 127 84.41 6.77 -23.37
N ASN M 128 83.60 7.40 -22.50
CA ASN M 128 82.15 7.43 -22.67
C ASN M 128 81.79 8.03 -24.03
N PHE M 129 81.25 7.20 -24.92
CA PHE M 129 81.02 7.57 -26.31
C PHE M 129 79.59 8.05 -26.53
N ASN M 130 78.62 7.18 -26.30
CA ASN M 130 77.22 7.53 -26.20
C ASN M 130 76.49 6.29 -25.73
N ASN M 131 75.36 6.50 -25.07
CA ASN M 131 74.61 5.41 -24.44
C ASN M 131 73.24 5.36 -25.08
N SER M 132 73.14 4.68 -26.23
CA SER M 132 71.95 4.71 -27.06
C SER M 132 71.17 3.40 -27.06
N SER M 133 71.81 2.26 -26.80
CA SER M 133 71.11 1.00 -26.81
C SER M 133 70.06 0.97 -25.72
N GLU M 134 69.01 0.18 -25.93
CA GLU M 134 67.93 0.13 -24.95
C GLU M 134 68.42 -0.36 -23.61
N TYR M 135 69.29 -1.37 -23.60
CA TYR M 135 69.76 -1.92 -22.34
C TYR M 135 70.65 -0.93 -21.61
N ILE M 136 71.59 -0.30 -22.33
CA ILE M 136 72.50 0.62 -21.66
C ILE M 136 71.76 1.85 -21.19
N GLU M 137 70.76 2.31 -21.93
CA GLU M 137 70.07 3.51 -21.47
C GLU M 137 69.15 3.20 -20.30
N ASN M 138 68.54 2.01 -20.26
CA ASN M 138 67.82 1.62 -19.07
C ASN M 138 68.75 1.52 -17.88
N TRP M 139 69.96 1.00 -18.10
CA TRP M 139 70.95 0.98 -17.03
C TRP M 139 71.30 2.37 -16.55
N ASN M 140 71.47 3.31 -17.49
CA ASN M 140 71.79 4.68 -17.11
C ASN M 140 70.65 5.30 -16.33
N LEU M 141 69.41 5.04 -16.74
CA LEU M 141 68.27 5.55 -15.99
C LEU M 141 68.24 4.96 -14.58
N GLN M 142 68.51 3.66 -14.45
CA GLN M 142 68.53 3.04 -13.12
C GLN M 142 69.61 3.66 -12.24
N ASN M 143 70.81 3.88 -12.80
CA ASN M 143 71.86 4.54 -12.05
C ASN M 143 71.44 5.95 -11.65
N ARG M 144 70.77 6.66 -12.56
CA ARG M 144 70.25 8.00 -12.36
C ARG M 144 68.80 7.96 -11.89
N ARG M 145 68.47 6.96 -11.08
CA ARG M 145 67.21 6.22 -11.11
C ARG M 145 65.99 7.05 -11.48
N GLN M 146 65.28 6.56 -12.49
CA GLN M 146 64.04 7.12 -13.01
C GLN M 146 63.19 5.93 -13.45
N ARG M 147 62.17 6.18 -14.25
CA ARG M 147 61.29 5.11 -14.71
C ARG M 147 61.94 4.42 -15.91
N THR M 148 62.49 3.23 -15.68
CA THR M 148 63.03 2.42 -16.76
C THR M 148 61.91 1.61 -17.42
N GLY M 149 62.19 1.16 -18.63
CA GLY M 149 61.22 0.36 -19.36
C GLY M 149 61.85 -0.47 -20.45
N PHE M 150 61.54 -1.77 -20.48
CA PHE M 150 61.99 -2.67 -21.52
C PHE M 150 60.77 -3.15 -22.29
N VAL M 151 60.85 -3.07 -23.62
CA VAL M 151 59.79 -3.57 -24.49
C VAL M 151 60.09 -5.02 -24.80
N PHE M 152 59.19 -5.92 -24.41
CA PHE M 152 59.38 -7.35 -24.53
C PHE M 152 58.34 -7.93 -25.46
N HIS M 153 58.81 -8.68 -26.46
CA HIS M 153 57.93 -9.44 -27.35
C HIS M 153 57.76 -10.84 -26.77
N LYS M 154 56.58 -11.10 -26.22
CA LYS M 154 56.26 -12.42 -25.69
C LYS M 154 57.18 -12.77 -24.53
N PRO M 155 57.15 -12.01 -23.45
CA PRO M 155 58.00 -12.33 -22.30
C PRO M 155 57.58 -13.62 -21.63
N ASN M 156 58.57 -14.35 -21.13
CA ASN M 156 58.29 -15.57 -20.36
C ASN M 156 58.15 -15.23 -18.88
N ILE M 157 57.17 -14.37 -18.59
CA ILE M 157 56.95 -13.92 -17.23
C ILE M 157 56.34 -15.03 -16.37
N PHE M 158 55.50 -15.86 -16.95
CA PHE M 158 54.84 -16.89 -16.18
C PHE M 158 55.80 -18.04 -15.86
N PRO M 159 55.94 -18.46 -14.61
CA PRO M 159 56.66 -19.71 -14.35
C PRO M 159 55.94 -20.88 -15.00
N TYR M 160 56.70 -21.88 -15.41
CA TYR M 160 56.07 -23.11 -15.86
C TYR M 160 55.27 -23.71 -14.72
N SER M 161 54.00 -23.97 -14.97
CA SER M 161 53.15 -24.56 -13.93
C SER M 161 51.96 -25.23 -14.62
N ALA M 162 51.92 -26.55 -14.58
CA ALA M 162 50.77 -27.33 -15.03
C ALA M 162 50.17 -28.01 -13.80
N SER M 163 48.89 -27.79 -13.55
CA SER M 163 48.30 -28.34 -12.34
C SER M 163 46.78 -28.24 -12.44
N PHE M 164 46.10 -28.53 -11.33
CA PHE M 164 44.65 -28.46 -11.27
C PHE M 164 44.22 -28.33 -9.82
N THR M 165 42.95 -28.00 -9.63
CA THR M 165 42.28 -28.09 -8.34
C THR M 165 40.92 -28.71 -8.53
N LEU M 166 40.54 -29.58 -7.61
CA LEU M 166 39.25 -30.25 -7.61
C LEU M 166 38.42 -29.68 -6.48
N ASN M 167 37.37 -28.94 -6.82
CA ASN M 167 36.44 -28.44 -5.82
C ASN M 167 35.41 -29.49 -5.43
N ARG M 168 35.30 -30.58 -6.17
CA ARG M 168 34.47 -31.71 -5.79
C ARG M 168 35.23 -32.97 -6.15
N SER M 169 35.40 -33.87 -5.18
CA SER M 169 36.24 -35.03 -5.40
C SER M 169 35.83 -36.15 -4.47
N GLN M 170 36.09 -37.37 -4.92
CA GLN M 170 35.84 -38.58 -4.15
C GLN M 170 36.75 -39.66 -4.71
N PRO M 171 37.05 -40.71 -3.92
CA PRO M 171 38.10 -41.64 -4.35
C PRO M 171 37.83 -42.32 -5.67
N MET M 172 36.58 -42.51 -6.07
CA MET M 172 36.31 -43.09 -7.38
C MET M 172 36.65 -42.13 -8.52
N HIS M 173 36.70 -40.82 -8.25
CA HIS M 173 36.99 -39.83 -9.28
C HIS M 173 36.06 -39.99 -10.49
N ASP M 174 34.78 -40.24 -10.21
CA ASP M 174 33.79 -40.45 -11.25
C ASP M 174 32.88 -39.25 -11.47
N ASN M 175 32.87 -38.30 -10.54
CA ASN M 175 32.04 -37.10 -10.63
C ASN M 175 32.86 -35.97 -10.00
N LEU M 176 33.60 -35.25 -10.85
CA LEU M 176 34.51 -34.22 -10.42
C LEU M 176 34.07 -32.87 -10.95
N MET M 177 34.67 -31.83 -10.39
CA MET M 177 34.47 -30.46 -10.84
C MET M 177 35.67 -29.67 -10.37
N GLY M 178 36.14 -28.75 -11.20
CA GLY M 178 37.29 -27.96 -10.80
C GLY M 178 37.90 -27.25 -11.99
N THR M 179 39.18 -26.91 -11.82
CA THR M 179 39.92 -26.16 -12.82
C THR M 179 41.25 -26.86 -13.06
N MET M 180 41.82 -26.61 -14.23
CA MET M 180 43.08 -27.22 -14.60
C MET M 180 43.77 -26.31 -15.60
N TRP M 181 45.03 -25.99 -15.35
CA TRP M 181 45.69 -24.93 -16.10
C TRP M 181 47.13 -25.28 -16.41
N LEU M 182 47.63 -24.64 -17.46
CA LEU M 182 49.04 -24.53 -17.79
C LEU M 182 49.38 -23.06 -17.92
N ASN M 183 50.41 -22.62 -17.20
CA ASN M 183 51.07 -21.36 -17.45
C ASN M 183 52.46 -21.68 -17.95
N ALA M 184 52.82 -21.14 -19.11
CA ALA M 184 54.11 -21.45 -19.71
C ALA M 184 54.53 -20.27 -20.57
N GLY M 185 55.71 -19.73 -20.31
CA GLY M 185 56.19 -18.61 -21.10
C GLY M 185 55.24 -17.44 -21.07
N SER M 186 54.57 -17.20 -22.19
CA SER M 186 53.62 -16.09 -22.33
C SER M 186 52.20 -16.57 -22.53
N GLU M 187 51.89 -17.80 -22.14
CA GLU M 187 50.60 -18.42 -22.41
C GLU M 187 49.97 -18.89 -21.11
N ILE M 188 48.70 -18.56 -20.92
CA ILE M 188 47.87 -19.13 -19.87
C ILE M 188 46.75 -19.90 -20.56
N GLN M 189 46.72 -21.20 -20.39
CA GLN M 189 45.64 -22.05 -20.89
C GLN M 189 44.92 -22.62 -19.68
N VAL M 190 43.71 -22.15 -19.42
CA VAL M 190 42.96 -22.52 -18.23
C VAL M 190 41.63 -23.12 -18.67
N ALA M 191 41.30 -24.30 -18.13
CA ALA M 191 40.07 -24.99 -18.48
C ALA M 191 39.38 -25.41 -17.20
N GLY M 192 38.15 -24.93 -17.02
CA GLY M 192 37.29 -25.45 -15.99
C GLY M 192 36.53 -26.65 -16.54
N PHE M 193 36.15 -27.55 -15.64
CA PHE M 193 35.46 -28.75 -16.06
C PHE M 193 34.53 -29.22 -14.95
N ASP M 194 33.53 -29.98 -15.37
CA ASP M 194 32.54 -30.54 -14.47
C ASP M 194 31.96 -31.78 -15.15
N TYR M 195 31.88 -32.88 -14.41
CA TYR M 195 31.40 -34.11 -15.03
C TYR M 195 29.88 -34.11 -15.15
N SER M 196 29.19 -33.51 -14.18
CA SER M 196 27.73 -33.49 -14.18
C SER M 196 27.14 -32.41 -15.07
N CYS M 197 27.97 -31.60 -15.74
CA CYS M 197 27.50 -30.56 -16.64
C CYS M 197 26.59 -29.58 -15.92
N ALA M 198 26.96 -29.23 -14.69
CA ALA M 198 26.19 -28.29 -13.88
C ALA M 198 24.75 -28.75 -13.71
N LEU M 199 24.57 -30.05 -13.45
CA LEU M 199 23.23 -30.58 -13.23
C LEU M 199 22.61 -29.99 -11.97
N ASN M 200 23.27 -30.19 -10.84
CA ASN M 200 22.75 -29.74 -9.55
C ASN M 200 23.34 -28.40 -9.11
N ALA M 201 24.05 -27.71 -9.99
CA ALA M 201 24.52 -26.37 -9.69
C ALA M 201 23.36 -25.38 -9.82
N PRO M 202 23.44 -24.24 -9.13
CA PRO M 202 22.30 -23.32 -9.16
C PRO M 202 22.20 -22.62 -10.51
N ALA M 203 21.00 -22.65 -11.09
CA ALA M 203 20.71 -22.11 -12.40
C ALA M 203 21.42 -22.84 -13.53
N ASN M 204 21.95 -24.03 -13.26
CA ASN M 204 22.69 -24.79 -14.26
C ASN M 204 23.91 -24.02 -14.75
N ILE M 205 24.53 -23.29 -13.83
CA ILE M 205 25.70 -22.44 -14.09
C ILE M 205 26.76 -22.81 -13.09
N GLN M 206 27.90 -23.30 -13.57
CA GLN M 206 29.05 -23.62 -12.72
C GLN M 206 30.11 -22.55 -12.93
N GLN M 207 30.37 -21.76 -11.89
CA GLN M 207 31.37 -20.71 -11.99
C GLN M 207 32.77 -21.30 -11.89
N PHE M 208 33.70 -20.70 -12.62
CA PHE M 208 35.11 -21.05 -12.56
C PHE M 208 35.92 -19.77 -12.51
N GLU M 209 37.01 -19.79 -11.76
CA GLU M 209 37.88 -18.63 -11.60
C GLU M 209 39.32 -19.09 -11.55
N HIS M 210 40.24 -18.21 -11.96
CA HIS M 210 41.65 -18.52 -11.96
C HIS M 210 42.44 -17.23 -11.80
N ILE M 211 43.31 -17.17 -10.81
CA ILE M 211 44.09 -15.98 -10.49
C ILE M 211 45.56 -16.30 -10.72
N VAL M 212 46.20 -15.55 -11.61
CA VAL M 212 47.60 -15.75 -11.96
C VAL M 212 48.36 -14.51 -11.51
N GLN M 213 49.32 -14.71 -10.63
CA GLN M 213 50.08 -13.62 -10.02
C GLN M 213 51.41 -13.47 -10.72
N LEU M 214 51.56 -12.41 -11.52
CA LEU M 214 52.87 -12.11 -12.05
C LEU M 214 53.79 -11.66 -10.93
N ARG M 215 55.08 -11.62 -11.23
CA ARG M 215 56.06 -11.16 -10.25
C ARG M 215 56.39 -9.70 -10.43
N ARG M 216 56.35 -9.20 -11.67
CA ARG M 216 56.51 -7.79 -11.95
C ARG M 216 55.36 -7.34 -12.84
N ALA M 217 54.88 -6.12 -12.58
CA ALA M 217 53.71 -5.62 -13.28
C ALA M 217 54.09 -5.24 -14.71
N LEU M 218 53.35 -5.76 -15.67
CA LEU M 218 53.58 -5.45 -17.07
C LEU M 218 52.77 -4.22 -17.48
N THR M 219 53.42 -3.31 -18.19
CA THR M 219 52.83 -2.06 -18.61
C THR M 219 52.51 -2.10 -20.10
N THR M 220 51.36 -1.55 -20.46
CA THR M 220 50.91 -1.39 -21.85
C THR M 220 51.10 -2.68 -22.64
N ALA M 221 50.41 -3.72 -22.19
CA ALA M 221 50.55 -5.05 -22.76
C ALA M 221 49.39 -5.34 -23.69
N THR M 222 49.68 -6.05 -24.79
CA THR M 222 48.67 -6.54 -25.72
C THR M 222 48.49 -8.03 -25.50
N ILE M 223 47.24 -8.45 -25.37
CA ILE M 223 46.90 -9.81 -24.96
C ILE M 223 45.86 -10.37 -25.91
N THR M 224 46.12 -11.56 -26.42
CA THR M 224 45.18 -12.27 -27.27
C THR M 224 44.42 -13.28 -26.42
N LEU M 225 43.12 -13.07 -26.28
CA LEU M 225 42.26 -13.92 -25.48
C LEU M 225 41.33 -14.68 -26.41
N LEU M 226 41.40 -16.00 -26.36
CA LEU M 226 40.60 -16.90 -27.18
C LEU M 226 39.90 -17.90 -26.27
N PRO M 227 38.83 -18.52 -26.74
CA PRO M 227 38.18 -19.58 -25.95
C PRO M 227 38.74 -20.95 -26.29
N ASP M 228 38.29 -21.95 -25.52
CA ASP M 228 38.54 -23.36 -25.81
C ASP M 228 40.03 -23.68 -25.83
N ALA M 229 40.62 -23.59 -24.63
CA ALA M 229 41.99 -24.03 -24.41
C ALA M 229 42.24 -25.40 -25.03
N GLU M 230 43.39 -25.54 -25.68
CA GLU M 230 43.64 -26.70 -26.52
C GLU M 230 44.11 -27.89 -25.71
N ARG M 231 45.12 -27.69 -24.85
CA ARG M 231 45.74 -28.81 -24.15
C ARG M 231 44.77 -29.55 -23.24
N PHE M 232 43.66 -28.93 -22.87
CA PHE M 232 42.69 -29.52 -21.96
C PHE M 232 41.39 -29.84 -22.66
N SER M 233 41.48 -30.16 -23.95
CA SER M 233 40.32 -30.47 -24.79
C SER M 233 40.40 -31.84 -25.41
N PHE M 234 41.32 -32.69 -24.97
CA PHE M 234 41.41 -34.07 -25.43
C PHE M 234 41.40 -35.01 -24.24
N PRO M 235 40.91 -36.24 -24.42
CA PRO M 235 40.77 -37.13 -23.27
C PRO M 235 42.12 -37.54 -22.73
N ARG M 236 42.26 -37.52 -21.41
CA ARG M 236 43.55 -37.80 -20.80
C ARG M 236 43.36 -38.33 -19.39
N VAL M 237 44.43 -38.92 -18.86
CA VAL M 237 44.44 -39.50 -17.53
C VAL M 237 45.51 -38.79 -16.73
N ILE M 238 45.17 -38.38 -15.51
CA ILE M 238 46.00 -37.50 -14.70
C ILE M 238 46.16 -38.11 -13.33
N ASN M 239 47.37 -38.06 -12.79
CA ASN M 239 47.58 -38.58 -11.44
C ASN M 239 46.80 -37.75 -10.44
N SER M 240 46.32 -38.40 -9.39
CA SER M 240 45.60 -37.70 -8.35
C SER M 240 46.51 -36.67 -7.68
N ALA M 241 45.90 -35.75 -6.95
CA ALA M 241 46.68 -34.73 -6.26
C ALA M 241 47.64 -35.35 -5.26
N ASP M 242 47.17 -36.34 -4.49
CA ASP M 242 48.05 -37.06 -3.59
C ASP M 242 49.15 -37.77 -4.35
N GLY M 243 48.87 -38.20 -5.58
CA GLY M 243 49.81 -38.99 -6.36
C GLY M 243 49.64 -40.49 -6.19
N ALA M 244 48.56 -40.94 -5.55
CA ALA M 244 48.36 -42.37 -5.36
C ALA M 244 47.77 -43.01 -6.61
N THR M 245 46.54 -42.63 -6.96
CA THR M 245 45.83 -43.19 -8.10
C THR M 245 45.91 -42.25 -9.29
N THR M 246 45.18 -42.59 -10.35
CA THR M 246 45.04 -41.75 -11.52
C THR M 246 43.59 -41.75 -11.95
N TRP M 247 43.12 -40.62 -12.46
CA TRP M 247 41.74 -40.44 -12.88
C TRP M 247 41.69 -39.99 -14.33
N PHE M 248 40.71 -40.52 -15.06
CA PHE M 248 40.54 -40.29 -16.48
C PHE M 248 39.43 -39.28 -16.70
N PHE M 249 39.60 -38.38 -17.67
CA PHE M 249 38.46 -37.54 -18.02
C PHE M 249 38.48 -37.25 -19.51
N ASN M 250 37.28 -37.16 -20.08
CA ASN M 250 37.02 -37.13 -21.52
C ASN M 250 36.30 -35.82 -21.83
N PRO M 251 37.02 -34.77 -22.20
CA PRO M 251 36.38 -33.47 -22.40
C PRO M 251 35.35 -33.47 -23.50
N ILE M 252 34.28 -32.71 -23.28
CA ILE M 252 33.42 -32.17 -24.32
C ILE M 252 33.50 -30.66 -24.16
N ILE M 253 34.03 -29.99 -25.17
CA ILE M 253 34.25 -28.56 -25.06
C ILE M 253 32.94 -27.83 -25.26
N LEU M 254 32.77 -26.74 -24.50
CA LEU M 254 31.56 -25.94 -24.50
C LEU M 254 31.92 -24.47 -24.58
N ARG M 255 30.95 -23.69 -25.02
CA ARG M 255 31.08 -22.25 -25.04
C ARG M 255 31.33 -21.74 -23.62
N PRO M 256 32.44 -21.02 -23.35
CA PRO M 256 32.55 -20.32 -22.06
C PRO M 256 31.77 -19.02 -22.09
N ASN M 257 30.67 -18.97 -21.37
CA ASN M 257 29.75 -17.85 -21.45
C ASN M 257 29.99 -16.86 -20.32
N ASN M 258 29.64 -15.60 -20.61
CA ASN M 258 29.91 -14.44 -19.75
C ASN M 258 31.30 -14.50 -19.14
N VAL M 259 32.28 -14.83 -19.98
CA VAL M 259 33.67 -14.79 -19.56
C VAL M 259 34.07 -13.36 -19.22
N GLU M 260 34.89 -13.20 -18.19
CA GLU M 260 35.39 -11.92 -17.75
C GLU M 260 36.88 -12.04 -17.47
N VAL M 261 37.63 -11.01 -17.82
CA VAL M 261 39.06 -10.94 -17.58
C VAL M 261 39.34 -9.64 -16.85
N GLU M 262 39.85 -9.75 -15.63
CA GLU M 262 40.23 -8.59 -14.84
C GLU M 262 41.74 -8.53 -14.73
N PHE M 263 42.28 -7.32 -14.87
CA PHE M 263 43.71 -7.09 -14.74
C PHE M 263 43.92 -6.18 -13.56
N LEU M 264 44.65 -6.67 -12.55
CA LEU M 264 44.75 -6.07 -11.24
C LEU M 264 46.19 -5.65 -10.97
N LEU M 265 46.34 -4.61 -10.16
CA LEU M 265 47.66 -4.11 -9.75
C LEU M 265 47.60 -3.88 -8.24
N ASN M 266 48.01 -4.89 -7.47
CA ASN M 266 47.95 -4.84 -6.01
C ASN M 266 46.51 -4.70 -5.55
N GLY M 267 45.67 -5.63 -5.98
CA GLY M 267 44.25 -5.57 -5.66
C GLY M 267 43.53 -4.39 -6.26
N GLN M 268 44.13 -3.70 -7.22
CA GLN M 268 43.57 -2.50 -7.83
C GLN M 268 42.99 -2.92 -9.17
N ILE M 269 41.67 -2.94 -9.29
CA ILE M 269 41.07 -3.33 -10.55
C ILE M 269 41.42 -2.24 -11.56
N ILE M 270 42.37 -2.54 -12.44
CA ILE M 270 42.85 -1.57 -13.41
C ILE M 270 42.16 -1.74 -14.75
N ASN M 271 41.89 -2.97 -15.18
CA ASN M 271 41.13 -3.18 -16.40
C ASN M 271 40.15 -4.33 -16.21
N THR M 272 39.06 -4.26 -16.96
CA THR M 272 38.07 -5.32 -16.98
C THR M 272 37.52 -5.43 -18.39
N TYR M 273 37.48 -6.65 -18.90
CA TYR M 273 36.93 -6.94 -20.22
C TYR M 273 35.96 -8.10 -20.10
N GLN M 274 34.70 -7.85 -20.40
CA GLN M 274 33.64 -8.83 -20.25
C GLN M 274 33.19 -9.28 -21.62
N ALA M 275 33.31 -10.59 -21.88
CA ALA M 275 32.80 -11.20 -23.10
C ALA M 275 33.36 -10.51 -24.34
N ARG M 276 34.65 -10.23 -24.32
CA ARG M 276 35.34 -9.60 -25.45
C ARG M 276 36.60 -10.42 -25.75
N PHE M 277 36.52 -11.23 -26.79
CA PHE M 277 37.65 -12.05 -27.24
C PHE M 277 38.50 -11.25 -28.21
N GLY M 278 39.45 -11.91 -28.86
CA GLY M 278 40.36 -11.21 -29.74
C GLY M 278 41.39 -10.45 -28.94
N THR M 279 42.07 -9.52 -29.60
CA THR M 279 43.09 -8.74 -28.94
C THR M 279 42.46 -7.75 -27.97
N ILE M 280 43.12 -7.57 -26.83
CA ILE M 280 42.77 -6.62 -25.80
C ILE M 280 44.08 -6.03 -25.29
N VAL M 281 43.98 -5.04 -24.40
CA VAL M 281 45.17 -4.41 -23.85
C VAL M 281 44.98 -4.12 -22.37
N ALA M 282 46.08 -4.19 -21.64
CA ALA M 282 46.13 -3.86 -20.22
C ALA M 282 47.11 -2.73 -20.01
N ARG M 283 46.64 -1.67 -19.34
CA ARG M 283 47.50 -0.52 -19.09
C ARG M 283 48.67 -0.90 -18.20
N ASN M 284 48.37 -1.53 -17.06
CA ASN M 284 49.38 -1.87 -16.07
C ASN M 284 48.73 -2.90 -15.16
N PHE M 285 49.38 -4.05 -14.99
CA PHE M 285 48.76 -5.11 -14.23
C PHE M 285 49.81 -6.04 -13.66
N ASP M 286 49.52 -6.55 -12.46
CA ASP M 286 50.37 -7.49 -11.75
C ASP M 286 49.69 -8.82 -11.48
N THR M 287 48.37 -8.90 -11.66
CA THR M 287 47.64 -10.14 -11.51
C THR M 287 46.58 -10.18 -12.59
N ILE M 288 46.24 -11.39 -13.03
CA ILE M 288 45.20 -11.62 -14.02
C ILE M 288 44.18 -12.55 -13.39
N ARG M 289 42.94 -12.08 -13.31
CA ARG M 289 41.84 -12.84 -12.73
C ARG M 289 40.87 -13.19 -13.85
N LEU M 290 40.97 -14.41 -14.35
CA LEU M 290 40.04 -14.92 -15.34
C LEU M 290 38.84 -15.52 -14.63
N SER M 291 37.67 -15.36 -15.22
CA SER M 291 36.46 -15.98 -14.70
C SER M 291 35.60 -16.40 -15.88
N PHE M 292 34.95 -17.54 -15.76
CA PHE M 292 34.04 -18.00 -16.80
C PHE M 292 33.03 -18.94 -16.17
N GLN M 293 32.11 -19.43 -16.99
CA GLN M 293 30.99 -20.21 -16.49
C GLN M 293 30.71 -21.37 -17.44
N LEU M 294 30.33 -22.50 -16.86
CA LEU M 294 29.84 -23.64 -17.60
C LEU M 294 28.32 -23.62 -17.50
N MET M 295 27.65 -23.26 -18.59
CA MET M 295 26.21 -23.21 -18.63
C MET M 295 25.71 -24.49 -19.29
N ARG M 296 24.88 -25.24 -18.58
CA ARG M 296 24.27 -26.41 -19.20
C ARG M 296 23.39 -25.93 -20.35
N PRO M 297 23.47 -26.55 -21.53
CA PRO M 297 22.69 -26.04 -22.66
C PRO M 297 21.21 -26.32 -22.45
N PRO M 298 20.35 -25.29 -22.36
CA PRO M 298 18.95 -25.55 -21.99
C PRO M 298 18.21 -26.40 -23.00
N ASN M 299 18.53 -26.28 -24.29
CA ASN M 299 17.93 -27.08 -25.35
C ASN M 299 18.99 -28.00 -25.92
N MET M 300 18.59 -29.23 -26.23
CA MET M 300 19.54 -30.27 -26.55
C MET M 300 19.02 -31.18 -27.65
N THR M 301 19.82 -31.33 -28.69
CA THR M 301 19.61 -32.36 -29.69
C THR M 301 19.72 -33.73 -28.99
N PRO M 302 19.06 -34.77 -29.49
CA PRO M 302 19.22 -36.09 -28.86
C PRO M 302 20.65 -36.57 -28.73
N ALA M 303 21.54 -36.22 -29.66
CA ALA M 303 22.94 -36.63 -29.51
C ALA M 303 23.55 -36.04 -28.24
N VAL M 304 23.44 -34.73 -28.08
CA VAL M 304 23.99 -34.10 -26.87
C VAL M 304 23.21 -34.53 -25.64
N ASN M 305 21.92 -34.84 -25.78
CA ASN M 305 21.16 -35.28 -24.63
C ASN M 305 21.67 -36.61 -24.11
N ALA M 306 21.86 -37.58 -25.00
CA ALA M 306 22.49 -38.83 -24.60
C ALA M 306 23.91 -38.60 -24.11
N LEU M 307 24.57 -37.57 -24.62
CA LEU M 307 25.93 -37.27 -24.20
C LEU M 307 25.96 -36.82 -22.73
N PHE M 308 25.00 -36.00 -22.32
CA PHE M 308 24.91 -35.46 -20.97
C PHE M 308 23.68 -36.01 -20.26
N PRO M 309 23.78 -37.12 -19.52
CA PRO M 309 22.61 -37.66 -18.83
C PRO M 309 22.44 -37.06 -17.44
N GLN M 310 21.23 -37.25 -16.91
CA GLN M 310 20.92 -36.86 -15.54
C GLN M 310 21.31 -37.92 -14.53
N ALA M 311 21.64 -39.13 -14.97
CA ALA M 311 21.98 -40.22 -14.07
C ALA M 311 23.43 -40.07 -13.61
N GLN M 312 23.98 -41.11 -13.01
CA GLN M 312 25.29 -41.06 -12.40
C GLN M 312 26.49 -41.25 -13.33
N PRO M 313 26.47 -42.19 -14.29
CA PRO M 313 27.73 -42.56 -14.98
C PRO M 313 28.61 -41.42 -15.47
N PHE M 314 28.08 -40.47 -16.23
CA PHE M 314 28.83 -39.31 -16.71
C PHE M 314 30.08 -39.76 -17.48
N GLN M 315 29.83 -40.40 -18.62
CA GLN M 315 30.92 -40.93 -19.41
C GLN M 315 31.64 -39.88 -20.24
N HIS M 316 31.05 -38.70 -20.42
CA HIS M 316 31.72 -37.56 -21.07
C HIS M 316 31.58 -36.36 -20.17
N HIS M 317 32.64 -35.56 -20.08
CA HIS M 317 32.80 -34.56 -19.02
C HIS M 317 32.87 -33.18 -19.63
N ALA M 318 31.98 -32.28 -19.21
CA ALA M 318 31.89 -30.98 -19.84
C ALA M 318 33.06 -30.10 -19.42
N THR M 319 33.57 -29.32 -20.36
CA THR M 319 34.70 -28.43 -20.09
C THR M 319 34.49 -27.11 -20.82
N VAL M 320 35.10 -26.07 -20.29
CA VAL M 320 35.14 -24.75 -20.92
C VAL M 320 36.52 -24.16 -20.68
N GLY M 321 37.14 -23.62 -21.74
CA GLY M 321 38.52 -23.20 -21.68
C GLY M 321 38.72 -21.73 -22.06
N LEU M 322 39.95 -21.28 -21.85
CA LEU M 322 40.41 -19.96 -22.24
C LEU M 322 41.91 -20.01 -22.47
N THR M 323 42.37 -19.17 -23.39
CA THR M 323 43.77 -19.12 -23.80
C THR M 323 44.18 -17.67 -23.89
N LEU M 324 45.26 -17.31 -23.19
CA LEU M 324 45.67 -15.92 -23.01
C LEU M 324 47.14 -15.80 -23.38
N ARG M 325 47.41 -15.17 -24.51
CA ARG M 325 48.78 -14.96 -25.01
C ARG M 325 49.16 -13.51 -24.77
N ILE M 326 50.21 -13.28 -23.97
CA ILE M 326 50.75 -11.93 -23.85
C ILE M 326 51.66 -11.71 -25.05
N GLU M 327 51.12 -11.08 -26.10
CA GLU M 327 51.90 -10.94 -27.33
C GLU M 327 53.04 -9.95 -27.16
N SER M 328 52.87 -8.93 -26.33
CA SER M 328 53.91 -7.94 -26.10
C SER M 328 53.60 -7.20 -24.81
N ALA M 329 54.63 -6.61 -24.22
CA ALA M 329 54.45 -5.86 -22.98
C ALA M 329 55.63 -4.93 -22.78
N VAL M 330 55.49 -4.06 -21.78
CA VAL M 330 56.56 -3.18 -21.34
C VAL M 330 56.73 -3.40 -19.86
N CYS M 331 57.92 -3.83 -19.44
CA CYS M 331 58.18 -4.17 -18.05
C CYS M 331 59.36 -3.35 -17.52
N GLU M 332 59.25 -2.90 -16.28
CA GLU M 332 60.34 -2.15 -15.68
C GLU M 332 61.55 -3.04 -15.44
N SER M 333 61.32 -4.24 -14.93
CA SER M 333 62.41 -5.15 -14.64
C SER M 333 62.77 -5.98 -15.87
N VAL M 334 63.98 -6.51 -15.87
CA VAL M 334 64.49 -7.25 -17.02
C VAL M 334 63.93 -8.66 -16.99
N LEU M 335 63.56 -9.15 -18.17
CA LEU M 335 62.95 -10.47 -18.33
C LEU M 335 63.48 -11.08 -19.62
N ALA M 336 63.35 -12.41 -19.72
CA ALA M 336 63.72 -13.09 -20.95
C ALA M 336 62.55 -13.04 -21.93
N ASP M 337 62.86 -13.26 -23.20
CA ASP M 337 61.91 -13.05 -24.29
C ASP M 337 62.00 -14.18 -25.28
N ALA M 338 61.07 -14.16 -26.24
CA ALA M 338 61.19 -14.94 -27.45
C ALA M 338 61.92 -14.19 -28.55
N ASN M 339 62.26 -12.92 -28.33
CA ASN M 339 62.89 -12.08 -29.35
C ASN M 339 64.28 -11.62 -28.98
N GLU M 340 64.80 -12.02 -27.82
CA GLU M 340 66.09 -11.55 -27.33
C GLU M 340 66.98 -12.73 -26.99
N THR M 341 68.30 -12.52 -27.11
CA THR M 341 69.29 -13.57 -26.89
C THR M 341 70.24 -13.20 -25.76
N LEU M 342 69.69 -12.72 -24.65
CA LEU M 342 70.49 -12.31 -23.49
C LEU M 342 70.57 -13.41 -22.45
N LEU M 343 69.43 -14.00 -22.08
CA LEU M 343 69.44 -15.15 -21.19
C LEU M 343 70.25 -16.29 -21.78
N ALA M 344 70.08 -16.54 -23.08
CA ALA M 344 70.82 -17.61 -23.72
C ALA M 344 72.32 -17.35 -23.68
N ASN M 345 72.74 -16.11 -23.94
CA ASN M 345 74.16 -15.79 -23.92
C ASN M 345 74.75 -15.97 -22.52
N VAL M 346 74.05 -15.48 -21.50
CA VAL M 346 74.57 -15.59 -20.14
C VAL M 346 74.66 -17.06 -19.75
N THR M 347 73.61 -17.83 -20.04
CA THR M 347 73.61 -19.24 -19.66
C THR M 347 74.70 -19.99 -20.41
N ALA M 348 74.90 -19.68 -21.68
CA ALA M 348 75.96 -20.34 -22.44
C ALA M 348 77.32 -20.03 -21.87
N VAL M 349 77.55 -18.77 -21.48
CA VAL M 349 78.86 -18.41 -20.93
C VAL M 349 79.08 -19.09 -19.59
N ARG M 350 78.01 -19.26 -18.80
CA ARG M 350 78.16 -19.98 -17.54
C ARG M 350 78.46 -21.45 -17.78
N GLN M 351 77.70 -22.10 -18.67
CA GLN M 351 77.85 -23.53 -18.87
C GLN M 351 79.19 -23.87 -19.53
N GLU M 352 79.59 -23.11 -20.55
CA GLU M 352 80.78 -23.46 -21.32
C GLU M 352 82.02 -23.58 -20.44
N TYR M 353 82.07 -22.83 -19.34
CA TYR M 353 83.18 -22.88 -18.40
C TYR M 353 82.82 -23.55 -17.09
N ALA M 354 81.56 -23.96 -16.91
CA ALA M 354 81.16 -24.74 -15.74
C ALA M 354 81.44 -23.96 -14.46
N ILE M 355 80.76 -22.83 -14.34
CA ILE M 355 80.95 -21.99 -13.16
C ILE M 355 80.29 -22.66 -11.96
N PRO M 356 80.87 -22.60 -10.76
CA PRO M 356 80.16 -23.15 -9.60
C PRO M 356 78.90 -22.34 -9.33
N VAL M 357 77.91 -23.01 -8.73
CA VAL M 357 76.64 -22.36 -8.46
C VAL M 357 76.88 -21.15 -7.58
N GLY M 358 76.24 -20.05 -7.91
CA GLY M 358 76.46 -18.81 -7.20
C GLY M 358 75.69 -18.76 -5.90
N PRO M 359 75.92 -17.68 -5.14
CA PRO M 359 75.12 -17.48 -3.93
C PRO M 359 73.72 -16.95 -4.19
N VAL M 360 73.40 -16.55 -5.42
CA VAL M 360 72.17 -15.84 -5.74
C VAL M 360 71.35 -16.57 -6.80
N PHE M 361 71.96 -16.89 -7.93
CA PHE M 361 71.21 -17.47 -9.03
C PHE M 361 70.93 -18.94 -8.77
N PRO M 362 69.90 -19.50 -9.38
CA PRO M 362 69.60 -20.92 -9.19
C PRO M 362 70.55 -21.77 -10.01
N PRO M 363 70.63 -23.07 -9.73
CA PRO M 363 71.59 -23.92 -10.45
C PRO M 363 71.24 -24.03 -11.92
N GLY M 364 72.17 -23.61 -12.77
CA GLY M 364 71.97 -23.66 -14.20
C GLY M 364 71.14 -22.54 -14.77
N MET M 365 70.74 -21.56 -13.96
CA MET M 365 69.92 -20.45 -14.40
C MET M 365 68.64 -20.95 -15.07
N ASN M 366 68.04 -21.97 -14.49
CA ASN M 366 66.75 -22.43 -14.99
C ASN M 366 65.72 -21.33 -14.77
N TRP M 367 65.16 -20.85 -15.87
CA TRP M 367 64.36 -19.63 -15.80
C TRP M 367 63.13 -19.79 -14.95
N THR M 368 62.52 -20.98 -14.95
CA THR M 368 61.33 -21.19 -14.15
C THR M 368 61.62 -20.96 -12.67
N GLU M 369 62.70 -21.54 -12.17
CA GLU M 369 63.05 -21.34 -10.76
C GLU M 369 63.56 -19.93 -10.51
N LEU M 370 64.23 -19.33 -11.50
CA LEU M 370 64.72 -17.97 -11.31
C LEU M 370 63.58 -16.98 -11.19
N ILE M 371 62.49 -17.21 -11.92
CA ILE M 371 61.38 -16.27 -11.94
C ILE M 371 60.28 -16.62 -10.95
N THR M 372 60.24 -17.86 -10.46
CA THR M 372 59.29 -18.18 -9.40
C THR M 372 59.58 -17.35 -8.16
N ASN M 373 60.86 -17.28 -7.78
CA ASN M 373 61.34 -16.39 -6.73
C ASN M 373 62.27 -15.39 -7.37
N TYR M 374 61.81 -14.14 -7.49
CA TYR M 374 62.48 -13.13 -8.31
C TYR M 374 62.80 -11.92 -7.45
N SER M 375 63.45 -12.16 -6.32
CA SER M 375 63.68 -11.12 -5.33
C SER M 375 64.58 -10.03 -5.90
N PRO M 376 64.57 -8.84 -5.29
CA PRO M 376 65.29 -7.70 -5.89
C PRO M 376 66.77 -7.92 -6.10
N SER M 377 67.45 -8.65 -5.22
CA SER M 377 68.86 -8.93 -5.46
C SER M 377 69.04 -9.78 -6.71
N ARG M 378 68.19 -10.79 -6.87
CA ARG M 378 68.23 -11.60 -8.08
C ARG M 378 67.95 -10.75 -9.30
N GLU M 379 66.99 -9.83 -9.20
CA GLU M 379 66.68 -8.95 -10.31
C GLU M 379 67.86 -8.05 -10.66
N ASP M 380 68.54 -7.53 -9.65
CA ASP M 380 69.69 -6.66 -9.89
C ASP M 380 70.79 -7.41 -10.61
N ASN M 381 71.12 -8.61 -10.12
CA ASN M 381 72.15 -9.40 -10.78
C ASN M 381 71.74 -9.79 -12.19
N LEU M 382 70.46 -10.10 -12.38
CA LEU M 382 69.96 -10.43 -13.71
C LEU M 382 70.11 -9.26 -14.66
N GLN M 383 69.78 -8.05 -14.20
CA GLN M 383 69.96 -6.88 -15.05
C GLN M 383 71.43 -6.66 -15.37
N ARG M 384 72.31 -6.84 -14.39
CA ARG M 384 73.73 -6.65 -14.65
C ARG M 384 74.23 -7.61 -15.72
N VAL M 385 73.92 -8.89 -15.57
CA VAL M 385 74.44 -9.87 -16.53
C VAL M 385 73.78 -9.69 -17.88
N PHE M 386 72.49 -9.34 -17.92
CA PHE M 386 71.84 -9.09 -19.20
C PHE M 386 72.45 -7.90 -19.92
N THR M 387 72.74 -6.83 -19.19
CA THR M 387 73.33 -5.67 -19.83
C THR M 387 74.75 -5.99 -20.33
N VAL M 388 75.51 -6.76 -19.56
CA VAL M 388 76.83 -7.15 -20.03
C VAL M 388 76.71 -8.01 -21.28
N ALA M 389 75.67 -8.84 -21.35
CA ALA M 389 75.48 -9.67 -22.53
C ALA M 389 75.04 -8.85 -23.73
N SER M 390 74.29 -7.77 -23.52
CA SER M 390 74.02 -6.86 -24.61
C SER M 390 75.32 -6.23 -25.12
N ILE M 391 76.16 -5.79 -24.18
CA ILE M 391 77.43 -5.17 -24.54
C ILE M 391 78.28 -6.15 -25.33
N ARG M 392 78.30 -7.41 -24.91
CA ARG M 392 79.10 -8.41 -25.61
C ARG M 392 78.49 -8.73 -26.98
N SER M 393 77.18 -8.94 -27.03
CA SER M 393 76.51 -9.29 -28.28
C SER M 393 76.63 -8.19 -29.32
N MET M 394 76.93 -6.96 -28.90
CA MET M 394 77.22 -5.93 -29.89
C MET M 394 78.40 -6.31 -30.79
N LEU M 395 79.35 -7.11 -30.28
CA LEU M 395 80.57 -7.46 -30.99
C LEU M 395 80.66 -8.93 -31.32
N ILE M 396 80.54 -9.80 -30.33
CA ILE M 396 80.67 -11.24 -30.52
C ILE M 396 79.27 -11.86 -30.63
N LYS M 397 78.77 -11.96 -31.85
CA LYS M 397 77.48 -12.58 -32.09
C LYS M 397 77.63 -14.09 -32.22
N MET N 1 30.12 39.89 -43.10
CA MET N 1 29.71 38.86 -44.09
C MET N 1 30.44 39.07 -45.41
N GLU N 2 30.42 40.30 -45.91
CA GLU N 2 31.18 40.59 -47.12
C GLU N 2 32.67 40.39 -46.88
N VAL N 3 33.16 40.79 -45.72
CA VAL N 3 34.57 40.57 -45.40
C VAL N 3 34.86 39.08 -45.28
N LEU N 4 33.91 38.32 -44.72
CA LEU N 4 34.12 36.89 -44.59
C LEU N 4 34.21 36.23 -45.96
N TYR N 5 33.30 36.59 -46.87
CA TYR N 5 33.35 36.05 -48.21
C TYR N 5 34.65 36.46 -48.88
N SER N 6 35.11 37.68 -48.64
CA SER N 6 36.34 38.14 -49.27
C SER N 6 37.54 37.33 -48.77
N LEU N 7 37.57 37.04 -47.47
CA LEU N 7 38.62 36.18 -46.94
C LEU N 7 38.59 34.81 -47.60
N SER N 8 37.39 34.23 -47.72
CA SER N 8 37.29 32.93 -48.34
C SER N 8 37.73 32.97 -49.80
N LYS N 9 37.34 34.01 -50.52
CA LYS N 9 37.70 34.15 -51.92
C LYS N 9 39.21 34.26 -52.08
N THR N 10 39.84 35.12 -51.30
CA THR N 10 41.28 35.28 -51.45
C THR N 10 42.03 34.04 -51.02
N LEU N 11 41.52 33.28 -50.05
CA LEU N 11 42.19 32.04 -49.68
C LEU N 11 42.05 31.00 -50.77
N LYS N 12 40.87 30.91 -51.39
CA LYS N 12 40.72 29.97 -52.50
C LYS N 12 41.63 30.34 -53.64
N ASP N 13 41.71 31.63 -53.96
CA ASP N 13 42.58 32.07 -55.04
C ASP N 13 44.04 31.91 -54.68
N ALA N 14 44.39 31.96 -53.40
CA ALA N 14 45.78 31.72 -53.01
C ALA N 14 46.11 30.24 -53.10
N ARG N 15 45.17 29.38 -52.74
CA ARG N 15 45.40 27.95 -52.87
C ARG N 15 45.52 27.54 -54.32
N ASP N 16 44.80 28.21 -55.22
CA ASP N 16 44.83 27.86 -56.64
C ASP N 16 45.99 28.53 -57.38
N LYS N 17 46.02 29.86 -57.36
CA LYS N 17 46.98 30.60 -58.18
C LYS N 17 48.40 30.40 -57.70
N ILE N 18 48.63 30.42 -56.40
CA ILE N 18 49.99 30.33 -55.86
C ILE N 18 50.42 28.87 -55.84
N VAL N 19 51.06 28.43 -56.92
CA VAL N 19 51.65 27.11 -57.02
C VAL N 19 53.05 27.26 -57.60
N GLU N 20 53.85 26.23 -57.44
CA GLU N 20 55.25 26.31 -57.82
C GLU N 20 55.40 26.51 -59.32
N GLY N 21 56.35 27.35 -59.70
CA GLY N 21 56.65 27.61 -61.09
C GLY N 21 55.85 28.73 -61.73
N THR N 22 54.76 29.15 -61.10
CA THR N 22 53.89 30.14 -61.71
C THR N 22 54.62 31.47 -61.86
N LEU N 23 54.35 32.14 -62.97
CA LEU N 23 54.87 33.49 -63.16
C LEU N 23 54.31 34.41 -62.09
N TYR N 24 55.07 35.45 -61.76
CA TYR N 24 54.56 36.45 -60.83
C TYR N 24 53.49 37.32 -61.47
N SER N 25 53.46 37.40 -62.79
CA SER N 25 52.41 38.17 -63.44
C SER N 25 51.05 37.59 -63.14
N ASN N 26 50.96 36.28 -62.96
CA ASN N 26 49.69 35.63 -62.70
C ASN N 26 49.21 35.77 -61.27
N VAL N 27 50.06 36.25 -60.35
CA VAL N 27 49.72 36.28 -58.94
C VAL N 27 50.02 37.63 -58.29
N SER N 28 50.42 38.63 -59.07
CA SER N 28 50.78 39.92 -58.48
C SER N 28 49.61 40.53 -57.70
N ASP N 29 48.45 40.66 -58.36
CA ASP N 29 47.32 41.30 -57.70
C ASP N 29 46.86 40.51 -56.49
N LEU N 30 46.83 39.19 -56.59
CA LEU N 30 46.43 38.38 -55.46
C LEU N 30 47.45 38.46 -54.33
N ILE N 31 48.74 38.62 -54.66
CA ILE N 31 49.73 38.77 -53.60
C ILE N 31 49.53 40.08 -52.87
N GLN N 32 49.17 41.14 -53.61
CA GLN N 32 48.90 42.40 -52.93
C GLN N 32 47.67 42.28 -52.02
N GLN N 33 46.63 41.61 -52.50
CA GLN N 33 45.47 41.37 -51.67
C GLN N 33 45.83 40.56 -50.43
N PHE N 34 46.63 39.51 -50.62
CA PHE N 34 47.03 38.65 -49.51
C PHE N 34 47.87 39.42 -48.50
N ASN N 35 48.77 40.27 -48.98
CA ASN N 35 49.57 41.09 -48.07
C ASN N 35 48.69 42.01 -47.26
N GLN N 36 47.71 42.65 -47.90
CA GLN N 36 46.84 43.54 -47.15
C GLN N 36 46.02 42.76 -46.13
N MET N 37 45.56 41.57 -46.50
CA MET N 37 44.85 40.72 -45.54
C MET N 37 45.74 40.39 -44.35
N ILE N 38 46.98 40.02 -44.61
CA ILE N 38 47.91 39.69 -43.54
C ILE N 38 48.11 40.89 -42.62
N VAL N 39 48.31 42.06 -43.21
CA VAL N 39 48.59 43.26 -42.42
C VAL N 39 47.39 43.62 -41.57
N THR N 40 46.20 43.63 -42.16
CA THR N 40 45.03 44.06 -41.42
C THR N 40 44.63 43.06 -40.34
N MET N 41 44.80 41.77 -40.58
CA MET N 41 44.42 40.78 -39.59
C MET N 41 45.53 40.47 -38.59
N ASN N 42 46.75 40.97 -38.80
CA ASN N 42 47.81 40.76 -37.82
C ASN N 42 47.46 41.47 -36.51
N GLY N 43 47.84 40.85 -35.40
CA GLY N 43 47.56 41.45 -34.10
C GLY N 43 46.08 41.57 -33.81
N ASN N 44 45.31 40.53 -34.08
CA ASN N 44 43.89 40.51 -33.78
C ASN N 44 43.53 39.13 -33.27
N ASP N 45 42.71 39.09 -32.23
CA ASP N 45 42.34 37.86 -31.55
C ASP N 45 40.86 37.59 -31.77
N PHE N 46 40.56 36.38 -32.25
CA PHE N 46 39.20 35.90 -32.42
C PHE N 46 38.96 34.71 -31.51
N GLN N 47 37.70 34.46 -31.21
CA GLN N 47 37.31 33.36 -30.33
C GLN N 47 36.04 32.74 -30.90
N THR N 48 36.19 31.65 -31.63
CA THR N 48 35.07 31.01 -32.31
C THR N 48 34.56 29.82 -31.49
N GLY N 49 33.31 29.47 -31.74
CA GLY N 49 32.68 28.38 -31.02
C GLY N 49 32.17 28.81 -29.67
N GLY N 50 31.57 27.85 -28.98
CA GLY N 50 31.02 28.08 -27.65
C GLY N 50 29.52 27.89 -27.60
N ILE N 51 29.01 26.98 -28.44
CA ILE N 51 27.59 26.64 -28.43
C ILE N 51 27.46 25.20 -28.87
N GLY N 52 26.57 24.46 -28.21
CA GLY N 52 26.49 23.04 -28.44
C GLY N 52 27.80 22.37 -28.05
N ASN N 53 28.30 21.50 -28.93
CA ASN N 53 29.58 20.84 -28.74
C ASN N 53 30.68 21.44 -29.59
N LEU N 54 30.45 22.60 -30.20
CA LEU N 54 31.45 23.19 -31.07
C LEU N 54 32.59 23.73 -30.21
N PRO N 55 33.82 23.24 -30.34
CA PRO N 55 34.85 23.63 -29.36
C PRO N 55 35.21 25.10 -29.45
N ILE N 56 35.56 25.65 -28.30
CA ILE N 56 35.95 27.06 -28.21
C ILE N 56 37.40 27.17 -28.63
N ARG N 57 37.65 27.80 -29.77
CA ARG N 57 38.98 27.91 -30.35
C ARG N 57 39.39 29.37 -30.40
N ASN N 58 40.60 29.65 -29.92
CA ASN N 58 41.19 30.98 -29.96
C ASN N 58 42.10 31.09 -31.17
N TRP N 59 41.98 32.20 -31.91
CA TRP N 59 42.79 32.44 -33.09
C TRP N 59 43.57 33.73 -32.88
N THR N 60 44.88 33.65 -33.05
CA THR N 60 45.76 34.81 -33.04
C THR N 60 46.60 34.79 -34.30
N PHE N 61 46.74 35.94 -34.94
CA PHE N 61 47.37 36.05 -36.24
C PHE N 61 48.69 36.81 -36.10
N ASP N 62 49.78 36.14 -36.46
CA ASP N 62 51.09 36.78 -36.60
C ASP N 62 51.78 36.10 -37.77
N PHE N 63 51.61 36.68 -38.96
CA PHE N 63 52.09 36.09 -40.20
C PHE N 63 52.87 37.13 -40.98
N GLY N 64 53.92 36.67 -41.67
CA GLY N 64 54.72 37.55 -42.49
C GLY N 64 54.09 37.78 -43.85
N LEU N 65 54.61 38.80 -44.53
CA LEU N 65 54.11 39.17 -45.84
C LEU N 65 54.63 38.18 -46.87
N LEU N 66 54.43 38.49 -48.16
CA LEU N 66 54.94 37.67 -49.24
C LEU N 66 55.77 38.53 -50.19
N GLY N 67 56.75 37.92 -50.82
CA GLY N 67 57.72 38.65 -51.60
C GLY N 67 57.16 39.18 -52.89
N THR N 68 57.97 40.04 -53.52
CA THR N 68 57.63 40.65 -54.80
C THR N 68 58.78 40.69 -55.80
N THR N 69 60.02 40.44 -55.37
CA THR N 69 61.16 40.54 -56.29
C THR N 69 61.37 39.27 -57.11
N LEU N 70 60.60 38.21 -56.89
CA LEU N 70 60.72 37.02 -57.71
C LEU N 70 60.25 37.29 -59.14
N LEU N 71 60.66 36.40 -60.03
CA LEU N 71 60.11 36.30 -61.38
C LEU N 71 59.16 35.11 -61.49
N ASN N 72 59.62 33.93 -61.10
CA ASN N 72 58.80 32.73 -61.04
C ASN N 72 58.80 32.20 -59.61
N LEU N 73 57.63 31.76 -59.16
CA LEU N 73 57.51 31.22 -57.81
C LEU N 73 58.31 29.94 -57.68
N ASP N 74 58.77 29.66 -56.46
CA ASP N 74 59.54 28.46 -56.18
C ASP N 74 59.03 27.86 -54.86
N ALA N 75 59.76 26.87 -54.35
CA ALA N 75 59.28 26.09 -53.21
C ALA N 75 59.17 26.94 -51.95
N ASN N 76 60.15 27.83 -51.72
CA ASN N 76 60.13 28.64 -50.51
C ASN N 76 58.87 29.47 -50.42
N TYR N 77 58.58 30.22 -51.48
CA TYR N 77 57.38 31.03 -51.56
C TYR N 77 56.14 30.19 -51.28
N VAL N 78 56.01 29.07 -51.99
CA VAL N 78 54.84 28.22 -51.86
C VAL N 78 54.76 27.64 -50.47
N GLU N 79 55.89 27.29 -49.87
CA GLU N 79 55.86 26.68 -48.54
C GLU N 79 55.37 27.66 -47.50
N THR N 80 55.91 28.88 -47.48
CA THR N 80 55.44 29.87 -46.52
C THR N 80 53.97 30.19 -46.73
N ALA N 81 53.58 30.40 -48.00
CA ALA N 81 52.19 30.69 -48.29
C ALA N 81 51.30 29.53 -47.85
N ARG N 82 51.76 28.29 -48.01
CA ARG N 82 50.96 27.14 -47.61
C ARG N 82 50.74 27.13 -46.11
N THR N 83 51.80 27.39 -45.35
CA THR N 83 51.66 27.39 -43.90
C THR N 83 50.65 28.44 -43.46
N THR N 84 50.71 29.63 -44.05
CA THR N 84 49.75 30.67 -43.67
C THR N 84 48.34 30.30 -44.13
N ILE N 85 48.23 29.72 -45.33
CA ILE N 85 46.93 29.49 -45.94
C ILE N 85 46.16 28.42 -45.19
N GLU N 86 46.85 27.38 -44.70
CA GLU N 86 46.16 26.36 -43.93
C GLU N 86 45.53 26.95 -42.68
N TYR N 87 46.26 27.83 -41.99
CA TYR N 87 45.74 28.44 -40.78
C TYR N 87 44.53 29.31 -41.08
N PHE N 88 44.63 30.17 -42.10
CA PHE N 88 43.45 30.98 -42.44
C PHE N 88 42.28 30.13 -42.89
N ILE N 89 42.54 29.03 -43.61
CA ILE N 89 41.43 28.20 -44.05
C ILE N 89 40.71 27.58 -42.87
N ASP N 90 41.47 27.07 -41.89
CA ASP N 90 40.83 26.51 -40.70
C ASP N 90 40.05 27.59 -39.95
N PHE N 91 40.64 28.78 -39.84
CA PHE N 91 39.96 29.87 -39.14
C PHE N 91 38.65 30.23 -39.82
N ILE N 92 38.66 30.31 -41.16
CA ILE N 92 37.46 30.66 -41.89
C ILE N 92 36.42 29.57 -41.76
N ASP N 93 36.84 28.31 -41.82
CA ASP N 93 35.90 27.21 -41.65
C ASP N 93 35.21 27.30 -40.30
N ASN N 94 35.97 27.57 -39.24
CA ASN N 94 35.35 27.62 -37.92
C ASN N 94 34.47 28.85 -37.76
N VAL N 95 34.86 29.98 -38.35
CA VAL N 95 34.01 31.16 -38.30
C VAL N 95 32.68 30.89 -39.00
N CYS N 96 32.74 30.26 -40.18
CA CYS N 96 31.51 29.96 -40.90
C CYS N 96 30.64 29.00 -40.12
N MET N 97 31.22 27.96 -39.50
CA MET N 97 30.41 27.04 -38.70
C MET N 97 29.78 27.76 -37.52
N ASP N 98 30.54 28.64 -36.86
CA ASP N 98 30.02 29.39 -35.74
C ASP N 98 28.85 30.26 -36.15
N GLU N 99 28.94 30.88 -37.33
CA GLU N 99 27.86 31.73 -37.80
C GLU N 99 26.67 30.91 -38.27
N MET N 100 26.90 29.68 -38.75
CA MET N 100 25.81 28.84 -39.21
C MET N 100 25.00 28.30 -38.04
N VAL N 101 25.66 27.91 -36.95
CA VAL N 101 24.95 27.27 -35.86
C VAL N 101 24.03 28.21 -35.09
N ARG N 102 24.14 29.52 -35.29
CA ARG N 102 23.43 30.49 -34.47
C ARG N 102 22.21 31.06 -35.18
N GLU N 103 21.23 31.49 -34.38
CA GLU N 103 20.02 32.13 -34.89
C GLU N 103 19.76 33.41 -34.11
N SER N 104 18.63 34.05 -34.37
CA SER N 104 18.24 35.29 -33.71
C SER N 104 16.79 35.58 -34.06
N GLN N 105 15.93 35.73 -33.05
CA GLN N 105 14.52 35.97 -33.32
C GLN N 105 14.33 37.29 -34.05
N ARG N 106 14.91 38.36 -33.52
CA ARG N 106 14.88 39.69 -34.14
C ARG N 106 16.21 39.96 -34.81
N ASN N 107 16.16 40.71 -35.91
CA ASN N 107 17.35 41.17 -36.60
C ASN N 107 18.16 39.97 -37.13
N GLY N 108 17.51 39.20 -38.00
CA GLY N 108 18.14 38.03 -38.55
C GLY N 108 19.31 38.34 -39.47
N VAL N 109 19.13 39.34 -40.35
CA VAL N 109 20.15 39.62 -41.36
C VAL N 109 21.45 40.08 -40.73
N ALA N 110 21.37 40.81 -39.61
CA ALA N 110 22.58 41.27 -38.95
C ALA N 110 23.35 40.07 -38.41
N PRO N 111 24.66 40.21 -38.22
CA PRO N 111 25.48 39.04 -37.93
C PRO N 111 25.38 38.60 -36.48
N GLN N 112 25.67 37.32 -36.28
CA GLN N 112 25.84 36.67 -35.00
C GLN N 112 27.29 36.21 -34.94
N SER N 113 27.64 35.39 -33.96
CA SER N 113 28.99 34.85 -33.94
C SER N 113 30.01 35.98 -33.77
N GLU N 114 30.19 36.41 -32.51
CA GLU N 114 31.01 37.56 -32.15
C GLU N 114 32.32 37.65 -32.93
N ALA N 115 32.90 36.53 -33.35
CA ALA N 115 34.03 36.60 -34.28
C ALA N 115 33.66 37.34 -35.55
N LEU N 116 32.57 36.91 -36.20
CA LEU N 116 32.14 37.58 -37.41
C LEU N 116 31.63 38.98 -37.12
N ARG N 117 31.00 39.17 -35.95
CA ARG N 117 30.56 40.51 -35.58
C ARG N 117 31.74 41.46 -35.45
N LYS N 118 32.85 40.98 -34.91
CA LYS N 118 34.08 41.76 -34.89
C LYS N 118 34.59 42.01 -36.29
N LEU N 119 34.52 40.99 -37.15
CA LEU N 119 34.95 41.16 -38.53
C LEU N 119 34.16 42.26 -39.23
N ALA N 120 32.91 42.46 -38.83
CA ALA N 120 32.05 43.45 -39.48
C ALA N 120 32.47 44.89 -39.19
N GLY N 121 33.47 45.14 -38.36
CA GLY N 121 33.81 46.48 -37.97
C GLY N 121 34.48 47.27 -39.08
N ILE N 122 34.70 48.56 -38.78
CA ILE N 122 35.34 49.47 -39.73
C ILE N 122 36.80 49.07 -39.96
N LYS N 123 37.42 48.39 -39.00
CA LYS N 123 38.84 48.09 -39.11
C LYS N 123 39.15 47.16 -40.27
N PHE N 124 38.20 46.29 -40.63
CA PHE N 124 38.43 45.24 -41.62
C PHE N 124 37.80 45.55 -42.98
N LYS N 125 37.41 46.80 -43.23
CA LYS N 125 36.77 47.11 -44.51
C LYS N 125 37.72 46.99 -45.69
N ARG N 126 39.02 46.91 -45.45
CA ARG N 126 39.99 46.89 -46.55
C ARG N 126 40.18 45.50 -47.14
N ILE N 127 39.49 44.49 -46.64
CA ILE N 127 39.68 43.13 -47.12
C ILE N 127 38.80 42.80 -48.32
N ASN N 128 37.69 43.53 -48.52
CA ASN N 128 36.73 43.22 -49.57
C ASN N 128 37.41 43.12 -50.93
N PHE N 129 37.34 41.93 -51.53
CA PHE N 129 38.10 41.60 -52.72
C PHE N 129 37.22 41.71 -53.98
N ASN N 130 36.19 40.87 -54.06
CA ASN N 130 35.14 41.01 -55.06
C ASN N 130 34.04 40.02 -54.72
N ASN N 131 32.78 40.48 -54.78
CA ASN N 131 31.65 39.65 -54.35
C ASN N 131 31.01 39.02 -55.57
N SER N 132 31.69 38.02 -56.12
CA SER N 132 31.35 37.43 -57.39
C SER N 132 30.28 36.35 -57.28
N SER N 133 30.35 35.52 -56.25
CA SER N 133 29.46 34.38 -56.14
C SER N 133 28.01 34.82 -56.13
N GLU N 134 27.13 33.91 -56.55
CA GLU N 134 25.72 34.25 -56.67
C GLU N 134 25.14 34.63 -55.32
N TYR N 135 25.46 33.87 -54.29
CA TYR N 135 24.87 34.10 -52.98
C TYR N 135 25.32 35.43 -52.39
N ILE N 136 26.60 35.76 -52.50
CA ILE N 136 27.07 37.03 -51.95
C ILE N 136 26.57 38.20 -52.78
N GLU N 137 26.47 38.01 -54.11
CA GLU N 137 25.93 39.08 -54.93
C GLU N 137 24.50 39.39 -54.55
N ASN N 138 23.71 38.35 -54.30
CA ASN N 138 22.34 38.57 -53.85
C ASN N 138 22.31 39.12 -52.43
N TRP N 139 23.29 38.76 -51.60
CA TRP N 139 23.41 39.35 -50.29
C TRP N 139 23.55 40.87 -50.39
N ASN N 140 24.41 41.33 -51.31
CA ASN N 140 24.59 42.78 -51.45
C ASN N 140 23.36 43.43 -52.08
N LEU N 141 22.81 42.81 -53.13
CA LEU N 141 21.67 43.37 -53.82
C LEU N 141 20.43 43.41 -52.95
N GLN N 142 20.38 42.63 -51.87
CA GLN N 142 19.31 42.73 -50.89
C GLN N 142 19.69 43.60 -49.70
N ASN N 143 20.98 43.66 -49.34
CA ASN N 143 21.40 44.51 -48.24
C ASN N 143 21.20 45.98 -48.57
N ARG N 144 21.37 46.37 -49.82
CA ARG N 144 20.80 47.62 -50.32
C ARG N 144 19.69 47.26 -51.29
N ARG N 145 18.51 47.84 -51.05
CA ARG N 145 17.28 47.26 -51.57
C ARG N 145 17.27 47.34 -53.09
N GLN N 146 17.53 46.21 -53.73
CA GLN N 146 17.47 46.06 -55.17
C GLN N 146 16.87 44.70 -55.49
N ARG N 147 16.74 44.42 -56.79
CA ARG N 147 16.03 43.23 -57.26
C ARG N 147 17.01 42.07 -57.35
N THR N 148 16.84 41.09 -56.47
CA THR N 148 17.70 39.93 -56.37
C THR N 148 17.12 38.78 -57.19
N GLY N 149 17.78 37.62 -57.12
CA GLY N 149 17.26 36.41 -57.72
C GLY N 149 18.20 35.25 -57.57
N PHE N 150 17.68 34.09 -57.19
CA PHE N 150 18.44 32.85 -57.15
C PHE N 150 17.84 31.88 -58.17
N VAL N 151 18.70 31.30 -59.00
CA VAL N 151 18.27 30.35 -60.02
C VAL N 151 18.37 28.95 -59.45
N PHE N 152 17.30 28.17 -59.62
CA PHE N 152 17.16 26.87 -58.98
C PHE N 152 16.80 25.81 -59.99
N HIS N 153 17.38 24.62 -59.80
CA HIS N 153 17.03 23.42 -60.54
C HIS N 153 16.20 22.53 -59.65
N LYS N 154 14.98 22.23 -60.06
CA LYS N 154 14.02 21.48 -59.27
C LYS N 154 13.87 22.10 -57.87
N PRO N 155 13.41 23.35 -57.79
CA PRO N 155 13.31 24.01 -56.49
C PRO N 155 12.27 23.34 -55.61
N ASN N 156 12.69 22.73 -54.51
CA ASN N 156 11.73 22.03 -53.66
C ASN N 156 10.94 23.06 -52.89
N ILE N 157 10.00 23.67 -53.59
CA ILE N 157 9.15 24.73 -53.05
C ILE N 157 7.94 24.15 -52.32
N PHE N 158 7.34 23.10 -52.84
CA PHE N 158 6.13 22.58 -52.23
C PHE N 158 6.49 21.81 -50.97
N PRO N 159 5.85 22.08 -49.83
CA PRO N 159 6.05 21.20 -48.68
C PRO N 159 5.39 19.86 -48.94
N TYR N 160 5.98 18.81 -48.37
CA TYR N 160 5.47 17.48 -48.61
C TYR N 160 4.06 17.35 -48.07
N SER N 161 3.15 16.85 -48.91
CA SER N 161 1.79 16.58 -48.46
C SER N 161 1.15 15.63 -49.45
N ALA N 162 0.78 14.44 -48.99
CA ALA N 162 -0.02 13.49 -49.75
C ALA N 162 -1.36 13.35 -49.03
N SER N 163 -2.44 13.61 -49.74
CA SER N 163 -3.75 13.70 -49.10
C SER N 163 -4.83 13.60 -50.16
N PHE N 164 -6.09 13.73 -49.73
CA PHE N 164 -7.21 13.59 -50.63
C PHE N 164 -8.43 14.29 -50.04
N THR N 165 -9.33 14.70 -50.93
CA THR N 165 -10.62 15.23 -50.54
C THR N 165 -11.70 14.46 -51.28
N LEU N 166 -12.83 14.26 -50.60
CA LEU N 166 -13.96 13.49 -51.13
C LEU N 166 -15.17 14.40 -51.21
N ASN N 167 -15.59 14.72 -52.43
CA ASN N 167 -16.77 15.53 -52.64
C ASN N 167 -18.06 14.72 -52.61
N ARG N 168 -17.98 13.40 -52.63
CA ARG N 168 -19.14 12.54 -52.44
C ARG N 168 -18.64 11.26 -51.79
N SER N 169 -19.25 10.87 -50.68
CA SER N 169 -18.81 9.69 -49.96
C SER N 169 -19.88 9.24 -48.99
N GLN N 170 -19.67 8.05 -48.44
CA GLN N 170 -20.62 7.39 -47.57
C GLN N 170 -19.90 6.22 -46.90
N PRO N 171 -20.35 5.80 -45.70
CA PRO N 171 -19.50 4.91 -44.89
C PRO N 171 -19.14 3.59 -45.56
N MET N 172 -19.94 3.08 -46.48
CA MET N 172 -19.57 1.86 -47.18
C MET N 172 -18.48 2.10 -48.22
N HIS N 173 -18.24 3.35 -48.59
CA HIS N 173 -17.15 3.72 -49.49
C HIS N 173 -17.21 2.97 -50.82
N ASP N 174 -18.43 2.78 -51.33
CA ASP N 174 -18.60 2.06 -52.59
C ASP N 174 -18.64 3.01 -53.78
N ASN N 175 -19.23 4.18 -53.61
CA ASN N 175 -19.38 5.18 -54.66
C ASN N 175 -18.78 6.49 -54.15
N LEU N 176 -17.50 6.71 -54.45
CA LEU N 176 -16.78 7.91 -54.05
C LEU N 176 -16.57 8.82 -55.25
N MET N 177 -16.13 10.03 -54.95
CA MET N 177 -15.69 10.96 -55.98
C MET N 177 -14.89 12.06 -55.29
N GLY N 178 -13.83 12.50 -55.95
CA GLY N 178 -13.00 13.51 -55.35
C GLY N 178 -11.64 13.56 -56.00
N THR N 179 -10.66 14.02 -55.25
CA THR N 179 -9.29 14.14 -55.73
C THR N 179 -8.32 13.60 -54.71
N MET N 180 -7.22 13.04 -55.22
CA MET N 180 -6.03 12.77 -54.44
C MET N 180 -4.91 13.64 -54.98
N TRP N 181 -3.94 13.96 -54.13
CA TRP N 181 -2.81 14.73 -54.61
C TRP N 181 -1.61 14.51 -53.72
N LEU N 182 -0.44 14.46 -54.35
CA LEU N 182 0.84 14.50 -53.65
C LEU N 182 1.65 15.67 -54.19
N ASN N 183 1.93 16.63 -53.32
CA ASN N 183 2.90 17.68 -53.59
C ASN N 183 4.17 17.30 -52.85
N ALA N 184 5.29 17.21 -53.57
CA ALA N 184 6.55 16.84 -52.95
C ALA N 184 7.67 17.58 -53.67
N GLY N 185 8.37 18.42 -52.92
CA GLY N 185 9.48 19.15 -53.49
C GLY N 185 9.05 19.97 -54.68
N SER N 186 9.44 19.53 -55.87
CA SER N 186 9.19 20.25 -57.10
C SER N 186 8.06 19.66 -57.94
N GLU N 187 7.42 18.57 -57.50
CA GLU N 187 6.47 17.84 -58.31
C GLU N 187 5.09 17.82 -57.65
N ILE N 188 4.08 18.17 -58.42
CA ILE N 188 2.68 17.98 -58.06
C ILE N 188 2.17 16.79 -58.86
N GLN N 189 1.37 15.95 -58.22
CA GLN N 189 0.71 14.85 -58.92
C GLN N 189 -0.69 14.75 -58.36
N VAL N 190 -1.68 15.12 -59.17
CA VAL N 190 -3.07 15.21 -58.74
C VAL N 190 -3.91 14.30 -59.62
N ALA N 191 -4.79 13.53 -59.00
CA ALA N 191 -5.63 12.57 -59.71
C ALA N 191 -7.05 12.71 -59.22
N GLY N 192 -7.95 13.09 -60.12
CA GLY N 192 -9.35 13.16 -59.79
C GLY N 192 -10.04 11.85 -60.13
N PHE N 193 -10.69 11.24 -59.14
CA PHE N 193 -11.27 9.91 -59.29
C PHE N 193 -12.76 9.98 -59.04
N ASP N 194 -13.52 9.34 -59.92
CA ASP N 194 -14.96 9.17 -59.80
C ASP N 194 -15.26 7.69 -59.89
N TYR N 195 -15.97 7.15 -58.90
CA TYR N 195 -16.24 5.72 -58.91
C TYR N 195 -17.34 5.37 -59.89
N SER N 196 -18.25 6.30 -60.17
CA SER N 196 -19.32 6.07 -61.11
C SER N 196 -18.95 6.48 -62.53
N CYS N 197 -17.71 6.93 -62.76
CA CYS N 197 -17.26 7.38 -64.08
C CYS N 197 -18.15 8.48 -64.64
N ALA N 198 -18.63 9.36 -63.77
CA ALA N 198 -19.50 10.46 -64.17
C ALA N 198 -20.75 9.95 -64.88
N LEU N 199 -21.51 9.14 -64.15
CA LEU N 199 -22.74 8.60 -64.69
C LEU N 199 -23.85 9.64 -64.74
N ASN N 200 -24.05 10.35 -63.62
CA ASN N 200 -25.15 11.30 -63.48
C ASN N 200 -24.67 12.75 -63.49
N ALA N 201 -23.40 13.00 -63.79
CA ALA N 201 -22.90 14.36 -63.82
C ALA N 201 -23.52 15.11 -65.01
N PRO N 202 -23.55 16.44 -64.97
CA PRO N 202 -24.09 17.18 -66.12
C PRO N 202 -23.24 16.95 -67.35
N ALA N 203 -23.90 16.48 -68.42
CA ALA N 203 -23.23 16.13 -69.68
C ALA N 203 -22.19 15.04 -69.50
N ASN N 204 -22.30 14.25 -68.43
CA ASN N 204 -21.38 13.15 -68.17
C ASN N 204 -19.93 13.64 -68.11
N ILE N 205 -19.73 14.79 -67.47
CA ILE N 205 -18.41 15.32 -67.18
C ILE N 205 -18.36 15.70 -65.71
N GLN N 206 -17.30 15.29 -65.02
CA GLN N 206 -17.07 15.62 -63.62
C GLN N 206 -15.86 16.54 -63.54
N GLN N 207 -16.07 17.71 -62.95
CA GLN N 207 -15.03 18.74 -62.88
C GLN N 207 -14.18 18.54 -61.63
N PHE N 208 -12.87 18.68 -61.77
CA PHE N 208 -11.92 18.59 -60.68
C PHE N 208 -11.05 19.83 -60.69
N GLU N 209 -10.77 20.36 -59.50
CA GLU N 209 -9.93 21.53 -59.32
C GLU N 209 -8.94 21.27 -58.19
N HIS N 210 -7.72 21.77 -58.35
CA HIS N 210 -6.67 21.63 -57.35
C HIS N 210 -5.85 22.91 -57.33
N ILE N 211 -5.91 23.61 -56.21
CA ILE N 211 -5.24 24.90 -56.03
C ILE N 211 -4.09 24.68 -55.07
N VAL N 212 -2.87 24.98 -55.53
CA VAL N 212 -1.67 24.88 -54.70
C VAL N 212 -1.01 26.24 -54.68
N GLN N 213 -0.87 26.81 -53.48
CA GLN N 213 -0.32 28.14 -53.31
C GLN N 213 1.12 28.00 -52.83
N LEU N 214 2.05 28.50 -53.62
CA LEU N 214 3.44 28.48 -53.21
C LEU N 214 3.67 29.53 -52.14
N ARG N 215 4.69 29.31 -51.31
CA ARG N 215 5.02 30.26 -50.27
C ARG N 215 5.90 31.40 -50.77
N ARG N 216 6.36 31.34 -52.02
CA ARG N 216 7.14 32.40 -52.61
C ARG N 216 6.87 32.43 -54.11
N ALA N 217 6.83 33.64 -54.67
CA ALA N 217 6.68 33.77 -56.11
C ALA N 217 7.89 33.18 -56.82
N LEU N 218 7.65 32.43 -57.89
CA LEU N 218 8.70 31.87 -58.73
C LEU N 218 8.64 32.55 -60.09
N THR N 219 9.77 33.10 -60.51
CA THR N 219 9.84 33.91 -61.72
C THR N 219 10.54 33.12 -62.82
N THR N 220 9.97 33.19 -64.02
CA THR N 220 10.52 32.55 -65.22
C THR N 220 10.84 31.08 -64.97
N ALA N 221 9.80 30.33 -64.65
CA ALA N 221 9.92 28.93 -64.30
C ALA N 221 9.57 28.07 -65.50
N THR N 222 10.42 27.10 -65.82
CA THR N 222 10.14 26.09 -66.82
C THR N 222 9.55 24.87 -66.13
N ILE N 223 8.43 24.38 -66.67
CA ILE N 223 7.65 23.33 -66.03
C ILE N 223 7.38 22.24 -67.07
N THR N 224 7.30 21.01 -66.59
CA THR N 224 6.94 19.86 -67.42
C THR N 224 5.60 19.36 -66.93
N LEU N 225 4.58 19.53 -67.77
CA LEU N 225 3.22 19.08 -67.48
C LEU N 225 2.91 17.87 -68.34
N LEU N 226 2.51 16.79 -67.70
CA LEU N 226 2.15 15.55 -68.40
C LEU N 226 0.87 15.01 -67.79
N PRO N 227 0.15 14.16 -68.50
CA PRO N 227 -1.03 13.51 -67.91
C PRO N 227 -0.66 12.25 -67.16
N ASP N 228 -1.66 11.54 -66.62
CA ASP N 228 -1.46 10.22 -66.03
C ASP N 228 -0.48 10.28 -64.86
N ALA N 229 -0.93 10.94 -63.79
CA ALA N 229 -0.20 10.92 -62.53
C ALA N 229 0.12 9.49 -62.12
N GLU N 230 1.40 9.21 -61.91
CA GLU N 230 1.83 7.83 -61.73
C GLU N 230 1.33 7.26 -60.41
N ARG N 231 1.50 8.02 -59.33
CA ARG N 231 1.35 7.44 -57.99
C ARG N 231 -0.09 7.18 -57.61
N PHE N 232 -1.06 7.68 -58.36
CA PHE N 232 -2.47 7.44 -58.08
C PHE N 232 -3.12 6.67 -59.22
N SER N 233 -2.33 5.81 -59.85
CA SER N 233 -2.74 5.06 -61.02
C SER N 233 -2.55 3.57 -60.79
N PHE N 234 -2.82 3.11 -59.58
CA PHE N 234 -2.76 1.70 -59.26
C PHE N 234 -3.60 1.45 -58.03
N PRO N 235 -4.01 0.22 -57.77
CA PRO N 235 -4.91 -0.04 -56.65
C PRO N 235 -4.23 0.23 -55.31
N ARG N 236 -5.03 0.69 -54.36
CA ARG N 236 -4.56 0.96 -53.01
C ARG N 236 -5.65 0.62 -52.02
N VAL N 237 -5.30 0.72 -50.73
CA VAL N 237 -6.29 0.80 -49.65
C VAL N 237 -5.88 1.98 -48.79
N ILE N 238 -6.78 2.93 -48.64
CA ILE N 238 -6.47 4.22 -48.01
C ILE N 238 -7.32 4.38 -46.77
N ASN N 239 -6.78 5.11 -45.80
CA ASN N 239 -7.52 5.40 -44.58
C ASN N 239 -8.80 6.17 -44.91
N SER N 240 -9.66 6.27 -43.92
CA SER N 240 -10.70 7.28 -43.98
C SER N 240 -10.14 8.62 -43.54
N ALA N 241 -10.93 9.67 -43.70
CA ALA N 241 -10.51 10.98 -43.22
C ALA N 241 -10.34 10.95 -41.70
N ASP N 242 -11.25 10.29 -40.99
CA ASP N 242 -11.16 10.17 -39.55
C ASP N 242 -10.22 9.06 -39.09
N GLY N 243 -9.74 8.23 -40.00
CA GLY N 243 -8.87 7.13 -39.63
C GLY N 243 -9.58 5.92 -39.09
N ALA N 244 -10.91 5.88 -39.16
CA ALA N 244 -11.65 4.75 -38.61
C ALA N 244 -11.46 3.51 -39.46
N THR N 245 -11.88 3.56 -40.72
CA THR N 245 -11.94 2.40 -41.60
C THR N 245 -11.22 2.69 -42.89
N THR N 246 -10.71 1.65 -43.53
CA THR N 246 -9.98 1.77 -44.78
C THR N 246 -10.88 1.41 -45.95
N TRP N 247 -10.67 2.10 -47.07
CA TRP N 247 -11.46 1.91 -48.28
C TRP N 247 -10.56 1.58 -49.46
N PHE N 248 -11.07 0.74 -50.33
CA PHE N 248 -10.34 0.24 -51.49
C PHE N 248 -10.37 1.26 -52.61
N PHE N 249 -9.31 1.27 -53.41
CA PHE N 249 -9.21 2.10 -54.60
C PHE N 249 -8.64 1.25 -55.71
N ASN N 250 -9.18 1.43 -56.92
CA ASN N 250 -8.91 0.55 -58.05
C ASN N 250 -8.99 1.34 -59.35
N PRO N 251 -7.97 2.13 -59.67
CA PRO N 251 -8.12 3.10 -60.75
C PRO N 251 -8.04 2.47 -62.14
N ILE N 252 -8.85 3.02 -63.04
CA ILE N 252 -8.66 2.92 -64.48
C ILE N 252 -8.41 4.32 -65.00
N ILE N 253 -7.30 4.51 -65.71
CA ILE N 253 -6.80 5.84 -66.02
C ILE N 253 -7.42 6.27 -67.34
N LEU N 254 -8.55 6.96 -67.27
CA LEU N 254 -8.97 7.78 -68.39
C LEU N 254 -7.98 8.92 -68.57
N ARG N 255 -8.03 9.55 -69.73
CA ARG N 255 -7.25 10.75 -69.94
C ARG N 255 -7.99 11.94 -69.36
N PRO N 256 -7.29 13.03 -69.05
CA PRO N 256 -7.99 14.26 -68.66
C PRO N 256 -8.33 15.10 -69.87
N ASN N 257 -9.57 15.56 -69.97
CA ASN N 257 -10.03 16.33 -71.12
C ASN N 257 -10.24 17.79 -70.74
N ASN N 258 -10.11 18.66 -71.75
CA ASN N 258 -10.08 20.13 -71.62
C ASN N 258 -9.37 20.58 -70.35
N VAL N 259 -8.20 19.98 -70.12
CA VAL N 259 -7.41 20.32 -68.95
C VAL N 259 -6.84 21.71 -69.11
N GLU N 260 -7.04 22.54 -68.09
CA GLU N 260 -6.45 23.87 -68.00
C GLU N 260 -5.49 23.90 -66.83
N VAL N 261 -4.37 24.60 -67.02
CA VAL N 261 -3.48 24.93 -65.91
C VAL N 261 -3.30 26.44 -65.91
N GLU N 262 -3.60 27.07 -64.77
CA GLU N 262 -3.58 28.52 -64.64
C GLU N 262 -2.52 28.89 -63.62
N PHE N 263 -1.58 29.73 -64.02
CA PHE N 263 -0.54 30.26 -63.15
C PHE N 263 -0.93 31.67 -62.75
N LEU N 264 -1.15 31.88 -61.44
CA LEU N 264 -1.76 33.09 -60.92
C LEU N 264 -0.83 33.80 -59.96
N LEU N 265 -0.77 35.12 -60.08
CA LEU N 265 -0.04 35.99 -59.17
C LEU N 265 -1.02 36.98 -58.55
N ASN N 266 -1.16 36.93 -57.22
CA ASN N 266 -2.01 37.86 -56.49
C ASN N 266 -3.46 37.78 -56.98
N GLY N 267 -3.92 36.57 -57.29
CA GLY N 267 -5.26 36.34 -57.77
C GLY N 267 -5.42 36.52 -59.27
N GLN N 268 -4.78 37.54 -59.84
CA GLN N 268 -4.87 37.77 -61.27
C GLN N 268 -4.28 36.60 -62.04
N ILE N 269 -4.88 36.31 -63.19
CA ILE N 269 -4.41 35.21 -64.03
C ILE N 269 -3.24 35.72 -64.85
N ILE N 270 -2.05 35.16 -64.59
CA ILE N 270 -0.86 35.54 -65.34
C ILE N 270 -0.73 34.71 -66.60
N ASN N 271 -0.81 33.38 -66.48
CA ASN N 271 -0.72 32.50 -67.63
C ASN N 271 -1.79 31.44 -67.53
N THR N 272 -2.19 30.92 -68.69
CA THR N 272 -3.18 29.85 -68.76
C THR N 272 -2.87 29.01 -69.98
N TYR N 273 -2.80 27.69 -69.79
CA TYR N 273 -2.54 26.76 -70.86
C TYR N 273 -3.69 25.77 -70.96
N GLN N 274 -4.14 25.53 -72.18
CA GLN N 274 -5.39 24.84 -72.49
C GLN N 274 -5.07 23.57 -73.26
N ALA N 275 -5.01 22.44 -72.54
CA ALA N 275 -4.76 21.13 -73.16
C ALA N 275 -3.48 21.16 -73.99
N ARG N 276 -2.38 21.53 -73.33
CA ARG N 276 -1.10 21.72 -73.99
C ARG N 276 -0.03 21.21 -73.04
N PHE N 277 0.33 19.94 -73.20
CA PHE N 277 1.27 19.28 -72.32
C PHE N 277 2.69 19.49 -72.82
N GLY N 278 3.66 19.10 -71.99
CA GLY N 278 5.06 19.21 -72.34
C GLY N 278 5.74 20.33 -71.57
N THR N 279 6.75 20.95 -72.18
CA THR N 279 7.48 22.02 -71.53
C THR N 279 6.74 23.34 -71.70
N ILE N 280 6.49 24.00 -70.58
CA ILE N 280 5.72 25.25 -70.54
C ILE N 280 6.48 26.22 -69.65
N VAL N 281 6.09 27.49 -69.70
CA VAL N 281 6.75 28.55 -68.97
C VAL N 281 5.74 29.31 -68.13
N ALA N 282 6.17 29.76 -66.95
CA ALA N 282 5.37 30.61 -66.09
C ALA N 282 6.20 31.84 -65.75
N ARG N 283 5.71 33.02 -66.12
CA ARG N 283 6.45 34.25 -65.85
C ARG N 283 6.52 34.52 -64.36
N ASN N 284 5.37 34.50 -63.69
CA ASN N 284 5.29 34.67 -62.25
C ASN N 284 4.08 33.88 -61.78
N PHE N 285 4.17 33.32 -60.59
CA PHE N 285 2.99 32.67 -60.03
C PHE N 285 3.17 32.44 -58.54
N ASP N 286 2.28 33.02 -57.75
CA ASP N 286 2.14 32.66 -56.36
C ASP N 286 1.25 31.44 -56.17
N THR N 287 0.49 31.03 -57.18
CA THR N 287 -0.32 29.83 -57.03
C THR N 287 -0.59 29.21 -58.39
N ILE N 288 -0.95 27.93 -58.36
CA ILE N 288 -1.24 27.14 -59.54
C ILE N 288 -2.62 26.53 -59.36
N ARG N 289 -3.46 26.68 -60.37
CA ARG N 289 -4.81 26.13 -60.39
C ARG N 289 -4.87 25.12 -61.52
N LEU N 290 -4.84 23.84 -61.17
CA LEU N 290 -5.01 22.76 -62.14
C LEU N 290 -6.48 22.38 -62.16
N SER N 291 -7.14 22.57 -63.31
CA SER N 291 -8.52 22.18 -63.48
C SER N 291 -8.58 21.15 -64.61
N PHE N 292 -9.32 20.08 -64.40
CA PHE N 292 -9.49 19.08 -65.44
C PHE N 292 -10.85 18.44 -65.26
N GLN N 293 -11.18 17.51 -66.16
CA GLN N 293 -12.51 16.93 -66.20
C GLN N 293 -12.41 15.46 -66.59
N LEU N 294 -13.19 14.65 -65.89
CA LEU N 294 -13.38 13.25 -66.23
C LEU N 294 -14.65 13.16 -67.06
N MET N 295 -14.51 12.90 -68.35
CA MET N 295 -15.64 12.74 -69.25
C MET N 295 -15.87 11.25 -69.47
N ARG N 296 -17.10 10.80 -69.22
CA ARG N 296 -17.43 9.43 -69.60
C ARG N 296 -17.26 9.29 -71.10
N PRO N 297 -16.52 8.30 -71.59
CA PRO N 297 -16.37 8.17 -73.03
C PRO N 297 -17.71 7.81 -73.66
N PRO N 298 -18.17 8.55 -74.68
CA PRO N 298 -19.50 8.26 -75.20
C PRO N 298 -19.57 6.92 -75.91
N ASN N 299 -18.60 6.63 -76.75
CA ASN N 299 -18.54 5.40 -77.51
C ASN N 299 -17.65 4.41 -76.77
N MET N 300 -18.27 3.39 -76.20
CA MET N 300 -17.58 2.41 -75.36
C MET N 300 -17.55 1.07 -76.07
N THR N 301 -16.36 0.53 -76.26
CA THR N 301 -16.22 -0.85 -76.70
C THR N 301 -16.84 -1.75 -75.63
N PRO N 302 -17.34 -2.94 -75.99
CA PRO N 302 -17.90 -3.84 -74.97
C PRO N 302 -17.06 -4.04 -73.72
N ALA N 303 -15.74 -4.10 -73.83
CA ALA N 303 -14.93 -4.31 -72.64
C ALA N 303 -15.07 -3.14 -71.67
N VAL N 304 -14.87 -1.92 -72.15
CA VAL N 304 -14.99 -0.77 -71.27
C VAL N 304 -16.43 -0.57 -70.82
N ASN N 305 -17.40 -0.95 -71.66
CA ASN N 305 -18.78 -0.91 -71.24
C ASN N 305 -19.01 -1.82 -70.04
N ALA N 306 -18.41 -3.01 -70.08
CA ALA N 306 -18.48 -3.90 -68.92
C ALA N 306 -17.82 -3.26 -67.71
N LEU N 307 -16.69 -2.57 -67.92
CA LEU N 307 -16.00 -1.93 -66.81
C LEU N 307 -16.89 -0.91 -66.11
N PHE N 308 -17.62 -0.11 -66.89
CA PHE N 308 -18.43 0.99 -66.34
C PHE N 308 -19.91 0.67 -66.44
N PRO N 309 -20.54 0.13 -65.39
CA PRO N 309 -21.98 -0.16 -65.45
C PRO N 309 -22.79 0.99 -64.87
N GLN N 310 -24.11 0.86 -65.00
CA GLN N 310 -25.04 1.78 -64.38
C GLN N 310 -25.50 1.31 -63.01
N ALA N 311 -25.10 0.13 -62.57
CA ALA N 311 -25.55 -0.44 -61.30
C ALA N 311 -24.75 0.19 -60.17
N GLN N 312 -24.90 -0.36 -58.97
CA GLN N 312 -24.27 0.18 -57.77
C GLN N 312 -22.81 -0.24 -57.56
N PRO N 313 -22.42 -1.53 -57.80
CA PRO N 313 -21.08 -1.98 -57.39
C PRO N 313 -19.92 -1.09 -57.79
N PHE N 314 -19.75 -0.80 -59.08
CA PHE N 314 -18.62 -0.01 -59.56
C PHE N 314 -17.30 -0.65 -59.15
N GLN N 315 -17.08 -1.86 -59.65
CA GLN N 315 -15.91 -2.62 -59.21
C GLN N 315 -14.60 -1.96 -59.61
N HIS N 316 -14.61 -1.09 -60.61
CA HIS N 316 -13.43 -0.35 -61.04
C HIS N 316 -13.74 1.13 -61.06
N HIS N 317 -12.80 1.95 -60.60
CA HIS N 317 -13.04 3.37 -60.36
C HIS N 317 -12.30 4.20 -61.39
N ALA N 318 -13.02 5.08 -62.08
CA ALA N 318 -12.40 5.87 -63.13
C ALA N 318 -11.57 6.98 -62.54
N THR N 319 -10.47 7.33 -63.21
CA THR N 319 -9.57 8.38 -62.73
C THR N 319 -9.05 9.18 -63.91
N VAL N 320 -8.61 10.39 -63.62
CA VAL N 320 -7.92 11.23 -64.59
C VAL N 320 -6.83 12.00 -63.85
N GLY N 321 -5.61 11.96 -64.39
CA GLY N 321 -4.44 12.40 -63.67
C GLY N 321 -3.74 13.60 -64.31
N LEU N 322 -2.82 14.18 -63.54
CA LEU N 322 -1.94 15.23 -64.00
C LEU N 322 -0.69 15.21 -63.15
N THR N 323 0.46 15.44 -63.78
CA THR N 323 1.72 15.55 -63.09
C THR N 323 2.43 16.79 -63.61
N LEU N 324 3.15 17.46 -62.73
CA LEU N 324 3.65 18.81 -63.01
C LEU N 324 4.94 18.99 -62.24
N ARG N 325 6.07 19.05 -62.95
CA ARG N 325 7.38 19.18 -62.34
C ARG N 325 7.97 20.55 -62.67
N ILE N 326 8.37 21.29 -61.64
CA ILE N 326 9.03 22.57 -61.87
C ILE N 326 10.50 22.27 -62.16
N GLU N 327 10.85 22.12 -63.43
CA GLU N 327 12.19 21.66 -63.76
C GLU N 327 13.24 22.68 -63.35
N SER N 328 12.90 23.97 -63.41
CA SER N 328 13.80 25.02 -62.96
C SER N 328 12.97 26.27 -62.73
N ALA N 329 13.58 27.24 -62.04
CA ALA N 329 12.89 28.49 -61.77
C ALA N 329 13.88 29.51 -61.22
N VAL N 330 13.37 30.69 -60.89
CA VAL N 330 14.13 31.74 -60.25
C VAL N 330 13.26 32.33 -59.15
N CYS N 331 13.83 32.50 -57.96
CA CYS N 331 13.09 32.95 -56.79
C CYS N 331 13.79 34.10 -56.09
N GLU N 332 13.01 35.02 -55.53
CA GLU N 332 13.56 36.16 -54.82
C GLU N 332 14.19 35.77 -53.49
N SER N 333 13.89 34.59 -52.95
CA SER N 333 14.41 34.16 -51.67
C SER N 333 14.95 32.74 -51.79
N VAL N 334 15.90 32.41 -50.93
CA VAL N 334 16.61 31.15 -51.05
C VAL N 334 15.67 29.99 -50.80
N LEU N 335 15.99 28.85 -51.41
CA LEU N 335 15.28 27.60 -51.19
C LEU N 335 16.30 26.48 -51.37
N ALA N 336 15.94 25.30 -50.90
CA ALA N 336 16.76 24.13 -51.16
C ALA N 336 16.59 23.70 -52.61
N ASP N 337 17.50 22.86 -53.07
CA ASP N 337 17.55 22.47 -54.48
C ASP N 337 18.03 21.04 -54.59
N ALA N 338 17.87 20.48 -55.80
CA ALA N 338 18.49 19.22 -56.14
C ALA N 338 19.92 19.38 -56.64
N ASN N 339 20.31 20.58 -57.01
CA ASN N 339 21.66 20.86 -57.48
C ASN N 339 22.59 21.29 -56.35
N GLU N 340 22.11 22.19 -55.49
CA GLU N 340 22.93 22.78 -54.45
C GLU N 340 23.10 21.80 -53.29
N THR N 341 23.91 22.22 -52.30
CA THR N 341 24.12 21.45 -51.08
C THR N 341 24.13 22.34 -49.85
N LEU N 342 23.48 23.50 -49.94
CA LEU N 342 23.53 24.47 -48.85
C LEU N 342 22.75 23.98 -47.64
N LEU N 343 21.53 23.49 -47.87
CA LEU N 343 20.74 22.94 -46.78
C LEU N 343 21.45 21.75 -46.14
N ALA N 344 22.04 20.89 -46.97
CA ALA N 344 22.76 19.76 -46.43
C ALA N 344 23.92 20.22 -45.56
N ASN N 345 24.66 21.21 -46.02
CA ASN N 345 25.78 21.72 -45.23
C ASN N 345 25.30 22.23 -43.88
N VAL N 346 24.25 23.03 -43.88
CA VAL N 346 23.77 23.66 -42.66
C VAL N 346 23.27 22.60 -41.69
N THR N 347 22.43 21.70 -42.17
CA THR N 347 21.86 20.67 -41.30
C THR N 347 22.95 19.74 -40.78
N ALA N 348 23.92 19.39 -41.62
CA ALA N 348 25.00 18.54 -41.18
C ALA N 348 25.83 19.22 -40.09
N VAL N 349 26.10 20.51 -40.26
CA VAL N 349 26.88 21.20 -39.24
C VAL N 349 26.11 21.27 -37.93
N ARG N 350 24.80 21.43 -38.01
CA ARG N 350 24.00 21.42 -36.78
C ARG N 350 24.03 20.04 -36.12
N GLN N 351 23.91 18.98 -36.93
CA GLN N 351 23.81 17.64 -36.37
C GLN N 351 25.15 17.15 -35.83
N GLU N 352 26.27 17.55 -36.44
CA GLU N 352 27.58 17.16 -35.95
C GLU N 352 27.75 17.53 -34.48
N TYR N 353 27.44 18.78 -34.15
CA TYR N 353 27.72 19.33 -32.83
C TYR N 353 26.49 19.44 -31.95
N ALA N 354 25.34 18.92 -32.39
CA ALA N 354 24.17 18.78 -31.53
C ALA N 354 23.73 20.12 -30.97
N ILE N 355 23.61 21.11 -31.85
CA ILE N 355 23.16 22.43 -31.43
C ILE N 355 21.71 22.31 -30.95
N PRO N 356 21.35 22.82 -29.77
CA PRO N 356 19.96 22.68 -29.33
C PRO N 356 19.03 23.45 -30.22
N VAL N 357 17.78 22.99 -30.29
CA VAL N 357 16.79 23.60 -31.15
C VAL N 357 16.69 25.08 -30.81
N GLY N 358 16.95 25.94 -31.80
CA GLY N 358 17.04 27.35 -31.58
C GLY N 358 15.71 28.05 -31.66
N PRO N 359 15.72 29.37 -31.58
CA PRO N 359 14.46 30.13 -31.61
C PRO N 359 13.62 29.89 -32.85
N VAL N 360 14.21 30.02 -34.04
CA VAL N 360 13.42 30.17 -35.28
C VAL N 360 13.31 28.87 -36.06
N PHE N 361 14.43 28.24 -36.40
CA PHE N 361 14.36 27.08 -37.29
C PHE N 361 13.74 25.89 -36.56
N PRO N 362 13.01 25.03 -37.25
CA PRO N 362 12.43 23.88 -36.59
C PRO N 362 13.50 22.87 -36.23
N PRO N 363 13.17 21.85 -35.44
CA PRO N 363 14.19 20.84 -35.10
C PRO N 363 14.67 20.11 -36.33
N GLY N 364 15.97 19.88 -36.40
CA GLY N 364 16.55 19.18 -37.53
C GLY N 364 16.49 19.90 -38.84
N MET N 365 16.05 21.16 -38.85
CA MET N 365 15.96 21.96 -40.07
C MET N 365 15.09 21.27 -41.12
N ASN N 366 14.04 20.58 -40.68
CA ASN N 366 13.24 19.82 -41.63
C ASN N 366 12.55 20.76 -42.61
N TRP N 367 12.89 20.59 -43.88
CA TRP N 367 12.46 21.54 -44.90
C TRP N 367 10.96 21.63 -44.99
N THR N 368 10.24 20.55 -44.68
CA THR N 368 8.79 20.58 -44.78
C THR N 368 8.20 21.63 -43.86
N GLU N 369 8.57 21.61 -42.57
CA GLU N 369 8.11 22.68 -41.68
C GLU N 369 8.72 24.02 -42.07
N LEU N 370 10.00 24.02 -42.43
CA LEU N 370 10.69 25.27 -42.69
C LEU N 370 10.12 26.01 -43.90
N ILE N 371 9.42 25.31 -44.80
CA ILE N 371 8.83 25.93 -45.97
C ILE N 371 7.32 26.07 -45.77
N THR N 372 6.72 25.21 -44.94
CA THR N 372 5.33 25.41 -44.57
C THR N 372 5.14 26.74 -43.86
N ASN N 373 6.04 27.05 -42.94
CA ASN N 373 6.03 28.33 -42.22
C ASN N 373 7.30 29.06 -42.58
N TYR N 374 7.16 30.16 -43.34
CA TYR N 374 8.29 30.86 -43.94
C TYR N 374 8.21 32.35 -43.62
N SER N 375 8.04 32.66 -42.34
CA SER N 375 7.96 34.03 -41.83
C SER N 375 9.16 34.85 -42.30
N PRO N 376 9.06 36.18 -42.35
CA PRO N 376 10.23 36.97 -42.76
C PRO N 376 11.45 36.77 -41.89
N SER N 377 11.27 36.55 -40.59
CA SER N 377 12.41 36.26 -39.73
C SER N 377 13.10 34.97 -40.15
N ARG N 378 12.32 33.93 -40.40
CA ARG N 378 12.90 32.67 -40.84
C ARG N 378 13.58 32.84 -42.19
N GLU N 379 12.99 33.61 -43.10
CA GLU N 379 13.61 33.86 -44.39
C GLU N 379 14.96 34.56 -44.22
N ASP N 380 15.01 35.58 -43.37
CA ASP N 380 16.24 36.33 -43.17
C ASP N 380 17.33 35.43 -42.60
N ASN N 381 16.98 34.63 -41.60
CA ASN N 381 17.98 33.75 -41.01
C ASN N 381 18.44 32.70 -41.99
N LEU N 382 17.51 32.16 -42.79
CA LEU N 382 17.91 31.16 -43.76
C LEU N 382 18.84 31.75 -44.80
N GLN N 383 18.58 32.98 -45.23
CA GLN N 383 19.47 33.62 -46.18
C GLN N 383 20.85 33.84 -45.58
N ARG N 384 20.93 34.32 -44.34
CA ARG N 384 22.24 34.52 -43.72
C ARG N 384 22.99 33.21 -43.63
N VAL N 385 22.33 32.17 -43.14
CA VAL N 385 23.01 30.90 -42.93
C VAL N 385 23.41 30.28 -44.25
N PHE N 386 22.58 30.43 -45.29
CA PHE N 386 22.93 29.89 -46.59
C PHE N 386 24.11 30.63 -47.22
N THR N 387 24.15 31.95 -47.07
CA THR N 387 25.30 32.69 -47.58
C THR N 387 26.56 32.24 -46.88
N VAL N 388 26.49 32.03 -45.57
CA VAL N 388 27.67 31.55 -44.85
C VAL N 388 28.05 30.16 -45.32
N ALA N 389 27.05 29.32 -45.58
CA ALA N 389 27.34 27.96 -46.05
C ALA N 389 28.01 27.98 -47.42
N SER N 390 27.58 28.87 -48.31
CA SER N 390 28.26 29.01 -49.59
C SER N 390 29.69 29.50 -49.41
N ILE N 391 29.88 30.46 -48.51
CA ILE N 391 31.22 30.97 -48.23
C ILE N 391 32.12 29.84 -47.76
N ARG N 392 31.59 28.98 -46.88
CA ARG N 392 32.36 27.83 -46.43
C ARG N 392 32.63 26.87 -47.58
N SER N 393 31.60 26.55 -48.37
CA SER N 393 31.73 25.56 -49.42
C SER N 393 32.69 26.00 -50.51
N MET N 394 32.99 27.29 -50.60
CA MET N 394 34.05 27.73 -51.52
C MET N 394 35.35 27.00 -51.24
N LEU N 395 35.72 26.87 -49.97
CA LEU N 395 37.00 26.32 -49.56
C LEU N 395 36.92 24.88 -49.06
N ILE N 396 35.81 24.51 -48.41
CA ILE N 396 35.71 23.27 -47.66
C ILE N 396 34.66 22.40 -48.33
N LYS N 397 35.06 21.20 -48.72
CA LYS N 397 34.13 20.21 -49.27
C LYS N 397 34.51 18.82 -48.79
N MET O 1 26.97 41.92 -81.23
CA MET O 1 26.49 41.06 -80.12
C MET O 1 27.61 40.74 -79.16
N GLU O 2 28.82 40.58 -79.70
CA GLU O 2 29.99 40.49 -78.83
C GLU O 2 30.12 41.73 -77.98
N VAL O 3 29.80 42.89 -78.56
CA VAL O 3 29.86 44.12 -77.79
C VAL O 3 28.80 44.12 -76.70
N LEU O 4 27.61 43.61 -76.99
CA LEU O 4 26.58 43.56 -75.96
C LEU O 4 27.01 42.64 -74.83
N TYR O 5 27.57 41.48 -75.15
CA TYR O 5 28.09 40.60 -74.11
C TYR O 5 29.17 41.31 -73.31
N SER O 6 30.04 42.05 -73.98
CA SER O 6 31.13 42.70 -73.26
C SER O 6 30.61 43.78 -72.33
N LEU O 7 29.62 44.55 -72.77
CA LEU O 7 29.00 45.52 -71.87
C LEU O 7 28.40 44.82 -70.67
N SER O 8 27.67 43.72 -70.89
CA SER O 8 27.07 43.02 -69.76
C SER O 8 28.14 42.48 -68.83
N LYS O 9 29.21 41.93 -69.38
CA LYS O 9 30.26 41.34 -68.57
C LYS O 9 30.99 42.39 -67.74
N THR O 10 31.31 43.53 -68.35
CA THR O 10 32.02 44.56 -67.60
C THR O 10 31.10 45.21 -66.58
N LEU O 11 29.80 45.33 -66.86
CA LEU O 11 28.89 45.82 -65.83
C LEU O 11 28.81 44.85 -64.66
N LYS O 12 28.72 43.55 -64.94
CA LYS O 12 28.70 42.56 -63.87
C LYS O 12 29.99 42.61 -63.06
N ASP O 13 31.12 42.68 -63.75
CA ASP O 13 32.41 42.71 -63.05
C ASP O 13 32.59 44.00 -62.27
N ALA O 14 32.03 45.11 -62.73
CA ALA O 14 32.12 46.35 -61.96
C ALA O 14 31.24 46.28 -60.72
N ARG O 15 30.00 45.83 -60.88
CA ARG O 15 29.12 45.69 -59.72
C ARG O 15 29.66 44.66 -58.74
N ASP O 16 30.51 43.75 -59.21
CA ASP O 16 31.17 42.77 -58.36
C ASP O 16 32.39 43.37 -57.67
N LYS O 17 33.38 43.77 -58.45
CA LYS O 17 34.70 44.10 -57.93
C LYS O 17 34.74 45.46 -57.26
N ILE O 18 34.08 46.47 -57.84
CA ILE O 18 34.13 47.80 -57.29
C ILE O 18 33.29 47.82 -56.02
N VAL O 19 33.95 47.69 -54.87
CA VAL O 19 33.31 47.65 -53.58
C VAL O 19 34.10 48.54 -52.63
N GLU O 20 33.45 48.96 -51.56
CA GLU O 20 34.04 49.91 -50.64
C GLU O 20 35.18 49.26 -49.87
N GLY O 21 36.40 49.76 -50.07
CA GLY O 21 37.56 49.30 -49.35
C GLY O 21 38.49 48.39 -50.14
N THR O 22 38.08 47.93 -51.32
CA THR O 22 38.95 47.06 -52.10
C THR O 22 40.15 47.84 -52.63
N LEU O 23 41.27 47.15 -52.76
CA LEU O 23 42.47 47.77 -53.27
C LEU O 23 42.28 48.19 -54.72
N TYR O 24 42.97 49.25 -55.11
CA TYR O 24 42.95 49.64 -56.51
C TYR O 24 43.68 48.64 -57.39
N SER O 25 44.61 47.87 -56.83
CA SER O 25 45.26 46.83 -57.61
C SER O 25 44.26 45.80 -58.09
N ASN O 26 43.23 45.54 -57.31
CA ASN O 26 42.26 44.51 -57.66
C ASN O 26 41.39 44.92 -58.83
N VAL O 27 41.24 46.22 -59.11
CA VAL O 27 40.28 46.69 -60.10
C VAL O 27 40.91 47.69 -61.06
N SER O 28 42.24 47.78 -61.11
CA SER O 28 42.86 48.69 -62.06
C SER O 28 42.48 48.36 -63.50
N ASP O 29 42.62 47.08 -63.88
CA ASP O 29 42.28 46.68 -65.24
C ASP O 29 40.79 46.86 -65.51
N LEU O 30 39.97 46.57 -64.52
CA LEU O 30 38.53 46.76 -64.68
C LEU O 30 38.21 48.23 -64.89
N ILE O 31 38.92 49.12 -64.20
CA ILE O 31 38.68 50.55 -64.39
C ILE O 31 39.14 50.98 -65.77
N GLN O 32 40.23 50.41 -66.27
CA GLN O 32 40.62 50.69 -67.66
C GLN O 32 39.50 50.30 -68.61
N GLN O 33 38.95 49.10 -68.42
CA GLN O 33 37.87 48.65 -69.30
C GLN O 33 36.62 49.52 -69.16
N PHE O 34 36.29 49.90 -67.93
CA PHE O 34 35.12 50.74 -67.70
C PHE O 34 35.28 52.12 -68.32
N ASN O 35 36.47 52.71 -68.19
CA ASN O 35 36.73 54.00 -68.84
C ASN O 35 36.64 53.87 -70.35
N GLN O 36 37.16 52.77 -70.90
CA GLN O 36 37.04 52.54 -72.33
C GLN O 36 35.57 52.51 -72.74
N MET O 37 34.75 51.76 -72.00
CA MET O 37 33.34 51.68 -72.32
C MET O 37 32.67 53.05 -72.22
N ILE O 38 32.99 53.80 -71.16
CA ILE O 38 32.32 55.07 -70.93
C ILE O 38 32.67 56.06 -72.04
N VAL O 39 33.95 56.15 -72.40
CA VAL O 39 34.32 57.07 -73.47
C VAL O 39 33.72 56.63 -74.79
N THR O 40 33.74 55.32 -75.08
CA THR O 40 33.23 54.85 -76.36
C THR O 40 31.71 54.96 -76.46
N MET O 41 31.01 55.02 -75.34
CA MET O 41 29.56 55.20 -75.34
C MET O 41 29.14 56.65 -75.15
N ASN O 42 30.02 57.53 -74.70
CA ASN O 42 29.63 58.90 -74.45
C ASN O 42 29.29 59.63 -75.74
N GLY O 43 28.49 60.68 -75.62
CA GLY O 43 28.09 61.45 -76.78
C GLY O 43 27.29 60.66 -77.79
N ASN O 44 26.50 59.69 -77.33
CA ASN O 44 25.72 58.83 -78.20
C ASN O 44 24.28 58.75 -77.71
N ASP O 45 23.40 58.46 -78.67
CA ASP O 45 21.97 58.32 -78.44
C ASP O 45 21.50 57.00 -79.02
N PHE O 46 20.65 56.30 -78.28
CA PHE O 46 20.09 55.03 -78.70
C PHE O 46 18.58 55.07 -78.49
N GLN O 47 17.86 54.29 -79.29
CA GLN O 47 16.41 54.17 -79.15
C GLN O 47 16.06 52.70 -79.05
N THR O 48 15.34 52.32 -78.00
CA THR O 48 15.03 50.94 -77.70
C THR O 48 13.53 50.74 -77.63
N GLY O 49 13.07 49.62 -78.18
CA GLY O 49 11.67 49.25 -78.12
C GLY O 49 10.87 49.79 -79.29
N GLY O 50 9.59 49.45 -79.27
CA GLY O 50 8.65 49.87 -80.30
C GLY O 50 7.96 48.71 -80.98
N ILE O 51 7.89 47.57 -80.29
CA ILE O 51 7.21 46.38 -80.81
C ILE O 51 6.38 45.80 -79.67
N GLY O 52 5.12 45.50 -79.95
CA GLY O 52 4.24 45.08 -78.89
C GLY O 52 4.03 46.21 -77.90
N ASN O 53 3.82 45.83 -76.63
CA ASN O 53 3.66 46.80 -75.56
C ASN O 53 4.99 47.28 -75.00
N LEU O 54 6.11 46.78 -75.50
CA LEU O 54 7.41 47.17 -74.96
C LEU O 54 7.63 48.63 -75.28
N PRO O 55 7.81 49.50 -74.28
CA PRO O 55 7.72 50.94 -74.55
C PRO O 55 8.99 51.49 -75.20
N ILE O 56 8.82 52.64 -75.84
CA ILE O 56 9.93 53.34 -76.47
C ILE O 56 10.73 54.07 -75.39
N ARG O 57 12.03 53.84 -75.37
CA ARG O 57 12.91 54.49 -74.41
C ARG O 57 14.16 54.98 -75.12
N ASN O 58 14.49 56.26 -74.89
CA ASN O 58 15.61 56.90 -75.53
C ASN O 58 16.73 57.08 -74.51
N TRP O 59 17.92 56.64 -74.88
CA TRP O 59 19.07 56.63 -74.01
C TRP O 59 20.08 57.64 -74.54
N THR O 60 20.62 58.47 -73.67
CA THR O 60 21.66 59.42 -74.03
C THR O 60 22.79 59.27 -73.03
N PHE O 61 24.00 59.03 -73.53
CA PHE O 61 25.13 58.69 -72.67
C PHE O 61 26.09 59.86 -72.53
N ASP O 62 26.25 60.34 -71.31
CA ASP O 62 27.23 61.38 -70.99
C ASP O 62 27.62 61.18 -69.53
N PHE O 63 28.76 60.54 -69.30
CA PHE O 63 29.23 60.20 -67.96
C PHE O 63 30.67 60.62 -67.77
N GLY O 64 31.09 60.59 -66.51
CA GLY O 64 32.46 60.93 -66.14
C GLY O 64 33.30 59.69 -65.93
N LEU O 65 34.59 59.82 -66.25
CA LEU O 65 35.50 58.70 -66.15
C LEU O 65 35.79 58.37 -64.69
N LEU O 66 35.76 57.09 -64.36
CA LEU O 66 36.18 56.66 -63.03
C LEU O 66 37.64 57.02 -62.82
N GLY O 67 37.96 57.49 -61.63
CA GLY O 67 39.28 58.00 -61.36
C GLY O 67 40.34 56.92 -61.28
N THR O 68 41.59 57.37 -61.17
CA THR O 68 42.73 56.48 -61.03
C THR O 68 43.70 56.95 -59.95
N THR O 69 43.44 58.07 -59.28
CA THR O 69 44.36 58.64 -58.32
C THR O 69 44.20 58.04 -56.93
N LEU O 70 43.38 57.01 -56.78
CA LEU O 70 43.04 56.47 -55.47
C LEU O 70 43.79 55.17 -55.23
N LEU O 71 44.43 55.07 -54.06
CA LEU O 71 45.12 53.84 -53.68
C LEU O 71 44.19 52.78 -53.12
N ASN O 72 42.98 53.16 -52.72
CA ASN O 72 42.05 52.21 -52.11
C ASN O 72 40.66 52.80 -52.17
N LEU O 73 39.72 52.05 -52.73
CA LEU O 73 38.40 52.58 -53.05
C LEU O 73 37.65 52.95 -51.78
N ASP O 74 36.93 54.08 -51.83
CA ASP O 74 36.16 54.60 -50.72
C ASP O 74 34.76 54.92 -51.20
N ALA O 75 33.92 55.41 -50.29
CA ALA O 75 32.49 55.51 -50.57
C ALA O 75 32.19 56.44 -51.75
N ASN O 76 33.01 57.47 -51.95
CA ASN O 76 32.80 58.35 -53.10
C ASN O 76 32.91 57.58 -54.40
N TYR O 77 34.01 56.84 -54.55
CA TYR O 77 34.26 56.09 -55.77
C TYR O 77 33.15 55.08 -56.02
N VAL O 78 32.77 54.34 -54.98
CA VAL O 78 31.74 53.33 -55.11
C VAL O 78 30.41 53.95 -55.51
N GLU O 79 30.06 55.07 -54.87
CA GLU O 79 28.77 55.68 -55.17
C GLU O 79 28.71 56.21 -56.60
N THR O 80 29.78 56.86 -57.06
CA THR O 80 29.81 57.32 -58.44
C THR O 80 29.69 56.14 -59.40
N ALA O 81 30.45 55.08 -59.13
CA ALA O 81 30.44 53.92 -59.99
C ALA O 81 29.05 53.30 -60.07
N ARG O 82 28.37 53.21 -58.92
CA ARG O 82 27.05 52.58 -58.94
C ARG O 82 25.98 53.48 -59.55
N THR O 83 26.10 54.79 -59.40
CA THR O 83 25.19 55.68 -60.11
C THR O 83 25.33 55.51 -61.61
N THR O 84 26.55 55.26 -62.10
CA THR O 84 26.69 54.96 -63.53
C THR O 84 26.15 53.56 -63.85
N ILE O 85 26.46 52.58 -63.01
CA ILE O 85 26.22 51.19 -63.35
C ILE O 85 24.73 50.85 -63.33
N GLU O 86 23.94 51.49 -62.46
CA GLU O 86 22.51 51.25 -62.49
C GLU O 86 21.92 51.66 -63.83
N TYR O 87 22.32 52.83 -64.31
CA TYR O 87 21.87 53.32 -65.61
C TYR O 87 22.27 52.35 -66.71
N PHE O 88 23.54 51.92 -66.68
CA PHE O 88 24.02 51.02 -67.74
C PHE O 88 23.29 49.68 -67.70
N ILE O 89 23.04 49.14 -66.51
CA ILE O 89 22.36 47.85 -66.42
C ILE O 89 20.95 47.96 -66.95
N ASP O 90 20.24 49.05 -66.63
CA ASP O 90 18.89 49.18 -67.18
C ASP O 90 18.94 49.29 -68.69
N PHE O 91 19.94 50.00 -69.22
CA PHE O 91 20.11 50.06 -70.67
C PHE O 91 20.31 48.68 -71.27
N ILE O 92 21.17 47.87 -70.66
CA ILE O 92 21.47 46.55 -71.22
C ILE O 92 20.25 45.64 -71.13
N ASP O 93 19.52 45.72 -70.02
CA ASP O 93 18.29 44.94 -69.89
C ASP O 93 17.31 45.30 -71.00
N ASN O 94 17.14 46.60 -71.24
CA ASN O 94 16.21 47.01 -72.28
C ASN O 94 16.68 46.56 -73.66
N VAL O 95 17.99 46.64 -73.93
CA VAL O 95 18.49 46.22 -75.24
C VAL O 95 18.27 44.72 -75.44
N CYS O 96 18.55 43.92 -74.41
CA CYS O 96 18.35 42.48 -74.54
C CYS O 96 16.88 42.14 -74.74
N MET O 97 15.99 42.80 -73.98
CA MET O 97 14.56 42.54 -74.15
C MET O 97 14.10 42.95 -75.53
N ASP O 98 14.63 44.07 -76.05
CA ASP O 98 14.28 44.51 -77.38
C ASP O 98 14.72 43.50 -78.43
N GLU O 99 15.93 42.96 -78.28
CA GLU O 99 16.43 42.03 -79.29
C GLU O 99 15.76 40.67 -79.21
N MET O 100 15.32 40.25 -78.01
CA MET O 100 14.72 38.94 -77.88
C MET O 100 13.37 38.82 -78.56
N VAL O 101 12.74 39.94 -78.91
CA VAL O 101 11.38 39.91 -79.44
C VAL O 101 11.40 40.06 -80.96
N ARG O 102 12.41 40.75 -81.49
CA ARG O 102 12.55 40.82 -82.94
C ARG O 102 12.80 39.43 -83.50
N GLU O 103 12.57 39.29 -84.81
CA GLU O 103 12.56 37.98 -85.44
C GLU O 103 12.69 38.12 -86.94
N SER O 104 13.58 37.34 -87.55
CA SER O 104 13.87 37.46 -88.97
C SER O 104 13.87 36.07 -89.61
N GLN O 105 13.00 35.89 -90.60
CA GLN O 105 13.03 34.65 -91.39
C GLN O 105 14.35 34.52 -92.11
N ARG O 106 14.75 35.55 -92.85
CA ARG O 106 16.00 35.56 -93.59
C ARG O 106 17.06 36.30 -92.79
N ASN O 107 18.25 35.70 -92.70
CA ASN O 107 19.38 36.31 -92.00
C ASN O 107 19.08 36.44 -90.51
N GLY O 108 18.74 35.30 -89.90
CA GLY O 108 18.43 35.30 -88.48
C GLY O 108 19.63 35.61 -87.61
N VAL O 109 20.81 35.10 -87.98
CA VAL O 109 22.00 35.31 -87.16
C VAL O 109 22.37 36.79 -87.09
N ALA O 110 22.02 37.56 -88.11
CA ALA O 110 22.36 38.97 -88.12
C ALA O 110 21.52 39.70 -87.06
N PRO O 111 21.99 40.87 -86.58
CA PRO O 111 21.32 41.51 -85.46
C PRO O 111 20.14 42.39 -85.83
N GLN O 112 18.99 42.12 -85.23
CA GLN O 112 17.84 43.02 -85.31
C GLN O 112 18.07 44.16 -84.31
N SER O 113 17.03 44.93 -83.99
CA SER O 113 17.14 45.92 -82.93
C SER O 113 18.17 46.98 -83.27
N GLU O 114 17.79 47.90 -84.18
CA GLU O 114 18.65 48.95 -84.72
C GLU O 114 19.57 49.58 -83.67
N ALA O 115 19.12 49.69 -82.42
CA ALA O 115 20.04 50.05 -81.35
C ALA O 115 21.18 49.04 -81.25
N LEU O 116 20.84 47.75 -81.27
CA LEU O 116 21.88 46.73 -81.17
C LEU O 116 22.70 46.66 -82.45
N ARG O 117 22.10 47.03 -83.59
CA ARG O 117 22.91 47.14 -84.81
C ARG O 117 23.94 48.25 -84.68
N LYS O 118 23.54 49.41 -84.15
CA LYS O 118 24.50 50.48 -83.93
C LYS O 118 25.58 50.03 -82.95
N LEU O 119 25.20 49.23 -81.95
CA LEU O 119 26.21 48.64 -81.07
C LEU O 119 27.16 47.75 -81.87
N ALA O 120 26.62 46.99 -82.82
CA ALA O 120 27.41 46.13 -83.69
C ALA O 120 28.22 46.93 -84.70
N GLY O 121 28.07 48.24 -84.76
CA GLY O 121 28.86 49.05 -85.66
C GLY O 121 30.36 48.98 -85.40
N ILE O 122 31.12 49.90 -85.99
CA ILE O 122 32.57 49.75 -86.09
C ILE O 122 33.35 50.66 -85.15
N LYS O 123 32.68 51.43 -84.30
CA LYS O 123 33.35 52.22 -83.28
C LYS O 123 33.11 51.71 -81.87
N PHE O 124 32.31 50.66 -81.71
CA PHE O 124 32.13 50.00 -80.43
C PHE O 124 32.92 48.70 -80.33
N LYS O 125 33.71 48.36 -81.34
CA LYS O 125 34.52 47.15 -81.29
C LYS O 125 35.50 47.19 -80.13
N ARG O 126 35.95 48.39 -79.75
CA ARG O 126 36.95 48.54 -78.70
C ARG O 126 36.38 48.30 -77.31
N ILE O 127 35.11 47.92 -77.19
CA ILE O 127 34.54 47.50 -75.92
C ILE O 127 34.58 46.00 -75.73
N ASN O 128 34.94 45.24 -76.77
CA ASN O 128 34.99 43.79 -76.67
C ASN O 128 35.92 43.36 -75.54
N PHE O 129 35.36 42.77 -74.49
CA PHE O 129 36.08 42.54 -73.24
C PHE O 129 36.67 41.15 -73.16
N ASN O 130 35.81 40.13 -73.14
CA ASN O 130 36.22 38.73 -73.25
C ASN O 130 34.95 37.91 -73.39
N ASN O 131 35.02 36.89 -74.23
CA ASN O 131 33.88 36.03 -74.53
C ASN O 131 34.13 34.71 -73.83
N SER O 132 33.74 34.64 -72.57
CA SER O 132 34.07 33.52 -71.69
C SER O 132 32.93 32.54 -71.52
N SER O 133 31.69 33.01 -71.45
CA SER O 133 30.57 32.12 -71.21
C SER O 133 30.40 31.17 -72.38
N GLU O 134 29.75 30.04 -72.09
CA GLU O 134 29.60 28.99 -73.11
C GLU O 134 28.85 29.50 -74.33
N TYR O 135 27.77 30.25 -74.11
CA TYR O 135 26.92 30.66 -75.22
C TYR O 135 27.66 31.62 -76.14
N ILE O 136 28.33 32.63 -75.57
CA ILE O 136 29.05 33.57 -76.43
C ILE O 136 30.25 32.87 -77.07
N GLU O 137 30.88 31.94 -76.36
CA GLU O 137 32.00 31.21 -76.95
C GLU O 137 31.55 30.44 -78.18
N ASN O 138 30.44 29.72 -78.07
CA ASN O 138 29.90 29.01 -79.22
C ASN O 138 29.43 29.98 -80.29
N TRP O 139 28.97 31.16 -79.90
CA TRP O 139 28.57 32.16 -80.89
C TRP O 139 29.76 32.59 -81.74
N ASN O 140 30.89 32.85 -81.10
CA ASN O 140 32.11 33.17 -81.86
C ASN O 140 32.54 31.98 -82.72
N LEU O 141 32.50 30.78 -82.14
CA LEU O 141 32.94 29.60 -82.86
C LEU O 141 32.06 29.29 -84.06
N GLN O 142 30.80 29.71 -84.02
CA GLN O 142 29.92 29.52 -85.16
C GLN O 142 30.07 30.64 -86.18
N ASN O 143 30.31 31.87 -85.71
CA ASN O 143 30.54 32.97 -86.65
C ASN O 143 31.81 32.76 -87.45
N ARG O 144 32.80 32.09 -86.88
CA ARG O 144 33.98 31.65 -87.62
C ARG O 144 33.92 30.13 -87.62
N ARG O 145 33.44 29.57 -88.73
CA ARG O 145 32.91 28.21 -88.77
C ARG O 145 33.84 27.22 -88.10
N GLN O 146 33.35 26.64 -87.00
CA GLN O 146 34.15 25.73 -86.18
C GLN O 146 33.19 24.86 -85.38
N ARG O 147 33.75 23.92 -84.64
CA ARG O 147 32.96 22.93 -83.92
C ARG O 147 32.41 23.56 -82.65
N THR O 148 31.12 23.82 -82.63
CA THR O 148 30.47 24.40 -81.47
C THR O 148 30.19 23.30 -80.45
N GLY O 149 29.39 23.61 -79.43
CA GLY O 149 28.97 22.59 -78.48
C GLY O 149 28.46 23.17 -77.18
N PHE O 150 27.35 22.61 -76.69
CA PHE O 150 26.74 23.00 -75.43
C PHE O 150 26.51 21.74 -74.61
N VAL O 151 26.93 21.78 -73.35
CA VAL O 151 26.67 20.68 -72.43
C VAL O 151 25.29 20.88 -71.84
N PHE O 152 24.43 19.87 -71.98
CA PHE O 152 23.05 19.93 -71.52
C PHE O 152 22.80 18.86 -70.48
N HIS O 153 22.27 19.28 -69.34
CA HIS O 153 21.67 18.38 -68.37
C HIS O 153 20.20 18.17 -68.74
N LYS O 154 19.86 16.97 -69.17
CA LYS O 154 18.47 16.60 -69.42
C LYS O 154 17.89 17.47 -70.52
N PRO O 155 18.38 17.38 -71.75
CA PRO O 155 17.87 18.24 -72.81
C PRO O 155 16.46 17.85 -73.22
N ASN O 156 15.74 18.83 -73.75
CA ASN O 156 14.41 18.59 -74.33
C ASN O 156 14.55 18.28 -75.82
N ILE O 157 15.35 17.26 -76.11
CA ILE O 157 15.60 16.88 -77.50
C ILE O 157 14.35 16.29 -78.12
N PHE O 158 13.49 15.66 -77.33
CA PHE O 158 12.36 14.92 -77.87
C PHE O 158 11.14 15.82 -77.97
N PRO O 159 10.49 15.95 -79.12
CA PRO O 159 9.19 16.62 -79.14
C PRO O 159 8.17 15.80 -78.38
N TYR O 160 7.27 16.48 -77.68
CA TYR O 160 6.28 15.77 -76.88
C TYR O 160 5.35 14.99 -77.80
N SER O 161 5.25 13.68 -77.54
CA SER O 161 4.36 12.85 -78.35
C SER O 161 4.04 11.59 -77.55
N ALA O 162 2.78 11.45 -77.15
CA ALA O 162 2.25 10.24 -76.56
C ALA O 162 1.29 9.63 -77.56
N SER O 163 1.54 8.39 -77.97
CA SER O 163 0.76 7.80 -79.05
C SER O 163 0.94 6.30 -79.02
N PHE O 164 0.35 5.62 -80.00
CA PHE O 164 0.40 4.17 -80.07
C PHE O 164 0.15 3.74 -81.50
N THR O 165 0.79 2.63 -81.88
CA THR O 165 0.57 2.00 -83.18
C THR O 165 0.15 0.56 -82.95
N LEU O 166 -0.92 0.15 -83.62
CA LEU O 166 -1.51 -1.18 -83.47
C LEU O 166 -1.18 -2.00 -84.71
N ASN O 167 -0.27 -2.95 -84.56
CA ASN O 167 0.06 -3.87 -85.65
C ASN O 167 -0.97 -4.97 -85.83
N ARG O 168 -1.95 -5.08 -84.92
CA ARG O 168 -3.06 -5.99 -85.09
C ARG O 168 -4.24 -5.45 -84.29
N SER O 169 -5.41 -5.37 -84.92
CA SER O 169 -6.56 -4.77 -84.28
C SER O 169 -7.83 -5.25 -84.96
N GLN O 170 -8.95 -5.03 -84.29
CA GLN O 170 -10.28 -5.35 -84.79
C GLN O 170 -11.23 -4.27 -84.32
N PRO O 171 -12.39 -4.12 -84.98
CA PRO O 171 -13.38 -3.16 -84.45
C PRO O 171 -13.84 -3.51 -83.05
N MET O 172 -13.87 -4.80 -82.70
CA MET O 172 -14.18 -5.20 -81.33
C MET O 172 -13.07 -4.80 -80.37
N HIS O 173 -11.84 -4.61 -80.87
CA HIS O 173 -10.69 -4.24 -80.04
C HIS O 173 -10.48 -5.22 -78.88
N ASP O 174 -10.80 -6.50 -79.11
CA ASP O 174 -10.61 -7.53 -78.11
C ASP O 174 -9.20 -8.11 -78.14
N ASN O 175 -8.63 -8.26 -79.34
CA ASN O 175 -7.32 -8.85 -79.55
C ASN O 175 -6.46 -7.81 -80.24
N LEU O 176 -5.57 -7.18 -79.49
CA LEU O 176 -4.71 -6.12 -80.01
C LEU O 176 -3.25 -6.49 -79.80
N MET O 177 -2.40 -5.86 -80.60
CA MET O 177 -0.96 -6.02 -80.46
C MET O 177 -0.33 -4.80 -81.08
N GLY O 178 0.67 -4.25 -80.41
CA GLY O 178 1.29 -3.04 -80.90
C GLY O 178 2.24 -2.45 -79.88
N THR O 179 2.52 -1.16 -80.06
CA THR O 179 3.42 -0.45 -79.15
C THR O 179 2.84 0.91 -78.83
N MET O 180 2.75 1.21 -77.54
CA MET O 180 2.50 2.56 -77.07
C MET O 180 3.83 3.22 -76.74
N TRP O 181 3.87 4.54 -76.81
CA TRP O 181 5.09 5.25 -76.43
C TRP O 181 4.76 6.66 -75.99
N LEU O 182 5.70 7.21 -75.23
CA LEU O 182 5.70 8.62 -74.84
C LEU O 182 7.13 9.12 -74.96
N ASN O 183 7.34 10.09 -75.83
CA ASN O 183 8.57 10.85 -75.89
C ASN O 183 8.30 12.22 -75.29
N ALA O 184 9.13 12.64 -74.34
CA ALA O 184 8.87 13.91 -73.65
C ALA O 184 10.16 14.41 -73.02
N GLY O 185 10.62 15.58 -73.45
CA GLY O 185 11.80 16.17 -72.87
C GLY O 185 13.03 15.30 -73.10
N SER O 186 13.51 14.66 -72.03
CA SER O 186 14.65 13.76 -72.09
C SER O 186 14.26 12.30 -71.88
N GLU O 187 12.96 12.01 -71.75
CA GLU O 187 12.46 10.70 -71.37
C GLU O 187 11.83 10.04 -72.58
N ILE O 188 12.09 8.75 -72.75
CA ILE O 188 11.34 7.89 -73.66
C ILE O 188 10.79 6.75 -72.83
N GLN O 189 9.53 6.44 -73.03
CA GLN O 189 8.94 5.21 -72.52
C GLN O 189 8.26 4.52 -73.68
N VAL O 190 8.51 3.22 -73.83
CA VAL O 190 7.85 2.43 -74.85
C VAL O 190 7.30 1.19 -74.17
N ALA O 191 6.22 0.66 -74.73
CA ALA O 191 5.58 -0.53 -74.17
C ALA O 191 4.96 -1.30 -75.32
N GLY O 192 5.59 -2.40 -75.69
CA GLY O 192 5.02 -3.31 -76.66
C GLY O 192 4.10 -4.27 -75.95
N PHE O 193 2.84 -4.35 -76.40
CA PHE O 193 1.83 -5.16 -75.76
C PHE O 193 1.23 -6.12 -76.76
N ASP O 194 0.86 -7.29 -76.26
CA ASP O 194 0.19 -8.33 -77.03
C ASP O 194 -0.92 -8.88 -76.16
N TYR O 195 -2.13 -8.95 -76.72
CA TYR O 195 -3.25 -9.44 -75.93
C TYR O 195 -3.27 -10.96 -75.88
N SER O 196 -2.73 -11.62 -76.90
CA SER O 196 -2.64 -13.07 -76.93
C SER O 196 -1.36 -13.60 -76.28
N CYS O 197 -0.47 -12.71 -75.83
CA CYS O 197 0.79 -13.11 -75.19
C CYS O 197 1.59 -14.05 -76.08
N ALA O 198 1.64 -13.75 -77.38
CA ALA O 198 2.49 -14.45 -78.33
C ALA O 198 2.16 -15.95 -78.37
N LEU O 199 0.93 -16.24 -78.79
CA LEU O 199 0.49 -17.62 -79.00
C LEU O 199 0.56 -18.02 -80.47
N ASN O 200 -0.16 -17.30 -81.31
CA ASN O 200 -0.12 -17.57 -82.75
C ASN O 200 1.16 -17.07 -83.39
N ALA O 201 1.96 -16.27 -82.69
CA ALA O 201 3.19 -15.77 -83.28
C ALA O 201 4.21 -16.89 -83.42
N PRO O 202 5.15 -16.78 -84.37
CA PRO O 202 6.17 -17.82 -84.50
C PRO O 202 7.11 -17.83 -83.30
N ALA O 203 7.44 -19.03 -82.85
CA ALA O 203 8.41 -19.27 -81.78
C ALA O 203 7.96 -18.72 -80.43
N ASN O 204 6.72 -18.27 -80.30
CA ASN O 204 6.20 -17.69 -79.06
C ASN O 204 7.06 -16.51 -78.61
N ILE O 205 7.60 -15.79 -79.58
CA ILE O 205 8.40 -14.59 -79.36
C ILE O 205 7.88 -13.52 -80.31
N GLN O 206 7.41 -12.41 -79.75
CA GLN O 206 6.88 -11.30 -80.53
C GLN O 206 7.88 -10.16 -80.53
N GLN O 207 8.26 -9.71 -81.72
CA GLN O 207 9.25 -8.66 -81.89
C GLN O 207 8.57 -7.30 -81.80
N PHE O 208 9.26 -6.34 -81.19
CA PHE O 208 8.81 -4.96 -81.10
C PHE O 208 9.99 -4.05 -81.38
N GLU O 209 9.74 -2.98 -82.13
CA GLU O 209 10.78 -2.04 -82.50
C GLU O 209 10.20 -0.63 -82.48
N HIS O 210 10.95 0.30 -81.89
CA HIS O 210 10.56 1.70 -81.82
C HIS O 210 11.72 2.58 -82.27
N ILE O 211 11.43 3.51 -83.16
CA ILE O 211 12.42 4.43 -83.71
C ILE O 211 12.11 5.82 -83.16
N VAL O 212 13.14 6.48 -82.64
CA VAL O 212 13.04 7.88 -82.24
C VAL O 212 14.08 8.65 -83.04
N GLN O 213 13.64 9.63 -83.79
CA GLN O 213 14.47 10.35 -84.76
C GLN O 213 14.77 11.72 -84.19
N LEU O 214 15.95 11.88 -83.59
CA LEU O 214 16.30 13.18 -83.04
C LEU O 214 16.44 14.19 -84.16
N ARG O 215 15.97 15.41 -83.89
CA ARG O 215 16.11 16.49 -84.84
C ARG O 215 17.52 17.04 -84.90
N ARG O 216 18.32 16.79 -83.88
CA ARG O 216 19.73 17.17 -83.86
C ARG O 216 20.53 16.05 -83.22
N ALA O 217 21.76 15.87 -83.69
CA ALA O 217 22.60 14.79 -83.19
C ALA O 217 23.26 15.20 -81.88
N LEU O 218 23.20 14.32 -80.90
CA LEU O 218 23.85 14.54 -79.61
C LEU O 218 25.23 13.89 -79.61
N THR O 219 25.97 14.13 -78.53
CA THR O 219 27.34 13.66 -78.43
C THR O 219 27.67 13.37 -76.97
N THR O 220 28.32 12.23 -76.74
CA THR O 220 28.76 11.83 -75.40
C THR O 220 27.60 11.87 -74.42
N ALA O 221 26.50 11.26 -74.80
CA ALA O 221 25.26 11.34 -74.04
C ALA O 221 25.21 10.18 -73.05
N THR O 222 25.24 10.50 -71.76
CA THR O 222 25.00 9.51 -70.73
C THR O 222 23.51 9.24 -70.65
N ILE O 223 23.12 7.98 -70.81
CA ILE O 223 21.72 7.60 -70.97
C ILE O 223 21.42 6.48 -69.98
N THR O 224 20.47 6.72 -69.08
CA THR O 224 19.95 5.66 -68.25
C THR O 224 18.96 4.84 -69.06
N LEU O 225 19.00 3.53 -68.87
CA LEU O 225 18.13 2.60 -69.59
C LEU O 225 17.65 1.55 -68.60
N LEU O 226 16.34 1.50 -68.39
CA LEU O 226 15.71 0.61 -67.42
C LEU O 226 14.58 -0.14 -68.08
N PRO O 227 14.16 -1.28 -67.52
CA PRO O 227 12.97 -1.95 -68.06
C PRO O 227 11.68 -1.35 -67.55
N ASP O 228 10.55 -1.96 -67.92
CA ASP O 228 9.26 -1.76 -67.25
C ASP O 228 8.84 -0.29 -67.27
N ALA O 229 8.53 0.18 -68.48
CA ALA O 229 7.95 1.51 -68.66
C ALA O 229 6.78 1.72 -67.71
N GLU O 230 6.92 2.68 -66.81
CA GLU O 230 5.92 2.85 -65.75
C GLU O 230 4.59 3.30 -66.34
N ARG O 231 4.62 4.34 -67.17
CA ARG O 231 3.39 5.00 -67.59
C ARG O 231 2.48 4.11 -68.42
N PHE O 232 2.97 2.98 -68.93
CA PHE O 232 2.16 2.08 -69.72
C PHE O 232 2.11 0.72 -69.05
N SER O 233 1.87 0.71 -67.74
CA SER O 233 1.80 -0.52 -66.98
C SER O 233 0.63 -0.54 -66.00
N PHE O 234 -0.32 0.37 -66.13
CA PHE O 234 -1.55 0.38 -65.34
C PHE O 234 -2.73 0.40 -66.28
N PRO O 235 -3.90 -0.10 -65.86
CA PRO O 235 -5.02 -0.20 -66.80
C PRO O 235 -5.50 1.17 -67.24
N ARG O 236 -5.94 1.23 -68.49
CA ARG O 236 -6.40 2.46 -69.12
C ARG O 236 -7.55 2.14 -70.06
N VAL O 237 -8.27 3.18 -70.46
CA VAL O 237 -9.18 3.12 -71.58
C VAL O 237 -8.77 4.22 -72.54
N ILE O 238 -8.47 3.84 -73.79
CA ILE O 238 -7.79 4.70 -74.74
C ILE O 238 -8.68 4.87 -75.95
N ASN O 239 -8.83 6.10 -76.41
CA ASN O 239 -9.61 6.35 -77.62
C ASN O 239 -8.95 5.64 -78.79
N SER O 240 -9.75 5.31 -79.79
CA SER O 240 -9.28 4.52 -80.91
C SER O 240 -8.41 5.39 -81.81
N ALA O 241 -8.03 4.84 -82.97
CA ALA O 241 -7.11 5.53 -83.86
C ALA O 241 -7.66 6.86 -84.33
N ASP O 242 -8.98 6.99 -84.42
CA ASP O 242 -9.64 8.21 -84.89
C ASP O 242 -10.68 8.72 -83.91
N GLY O 243 -10.69 8.24 -82.67
CA GLY O 243 -11.61 8.70 -81.67
C GLY O 243 -13.00 8.12 -81.74
N ALA O 244 -13.27 7.24 -82.71
CA ALA O 244 -14.62 6.74 -82.91
C ALA O 244 -15.11 5.96 -81.69
N THR O 245 -14.24 5.15 -81.10
CA THR O 245 -14.59 4.32 -79.95
C THR O 245 -13.45 4.40 -78.94
N THR O 246 -13.52 3.58 -77.91
CA THR O 246 -12.48 3.49 -76.90
C THR O 246 -12.28 2.03 -76.54
N TRP O 247 -11.03 1.64 -76.36
CA TRP O 247 -10.66 0.26 -76.08
C TRP O 247 -9.94 0.17 -74.75
N PHE O 248 -10.14 -0.96 -74.07
CA PHE O 248 -9.60 -1.18 -72.75
C PHE O 248 -8.24 -1.85 -72.84
N PHE O 249 -7.31 -1.39 -72.00
CA PHE O 249 -5.96 -1.92 -71.95
C PHE O 249 -5.65 -2.28 -70.51
N ASN O 250 -5.18 -3.52 -70.29
CA ASN O 250 -5.06 -4.11 -68.96
C ASN O 250 -3.72 -4.82 -68.86
N PRO O 251 -2.65 -4.09 -68.65
CA PRO O 251 -1.32 -4.68 -68.78
C PRO O 251 -0.99 -5.68 -67.68
N ILE O 252 -0.24 -6.70 -68.08
CA ILE O 252 0.50 -7.59 -67.19
C ILE O 252 1.93 -7.56 -67.67
N ILE O 253 2.83 -7.06 -66.83
CA ILE O 253 4.17 -6.69 -67.27
C ILE O 253 5.07 -7.92 -67.22
N LEU O 254 5.39 -8.46 -68.39
CA LEU O 254 6.45 -9.44 -68.54
C LEU O 254 7.79 -8.71 -68.56
N ARG O 255 8.86 -9.47 -68.63
CA ARG O 255 10.19 -8.90 -68.74
C ARG O 255 10.59 -8.78 -70.20
N PRO O 256 11.04 -7.62 -70.68
CA PRO O 256 11.49 -7.55 -72.08
C PRO O 256 12.79 -8.30 -72.30
N ASN O 257 12.74 -9.41 -73.03
CA ASN O 257 13.93 -10.24 -73.21
C ASN O 257 14.67 -9.86 -74.48
N ASN O 258 15.96 -10.20 -74.49
CA ASN O 258 16.94 -9.85 -75.54
C ASN O 258 16.70 -8.45 -76.11
N VAL O 259 16.54 -7.49 -75.20
CA VAL O 259 16.45 -6.09 -75.62
C VAL O 259 17.75 -5.69 -76.30
N GLU O 260 17.66 -4.74 -77.21
CA GLU O 260 18.80 -4.30 -78.00
C GLU O 260 18.56 -2.84 -78.36
N VAL O 261 19.38 -1.94 -77.80
CA VAL O 261 19.27 -0.51 -78.04
C VAL O 261 20.41 -0.09 -78.94
N GLU O 262 20.08 0.43 -80.11
CA GLU O 262 21.08 0.87 -81.08
C GLU O 262 21.01 2.38 -81.24
N PHE O 263 22.18 3.01 -81.29
CA PHE O 263 22.32 4.44 -81.52
C PHE O 263 22.95 4.63 -82.88
N LEU O 264 22.18 5.26 -83.78
CA LEU O 264 22.50 5.36 -85.20
C LEU O 264 22.78 6.80 -85.58
N LEU O 265 23.79 6.98 -86.43
CA LEU O 265 24.10 8.25 -87.07
C LEU O 265 24.08 8.03 -88.58
N ASN O 266 23.09 8.62 -89.24
CA ASN O 266 22.94 8.52 -90.69
C ASN O 266 22.84 7.06 -91.15
N GLY O 267 22.25 6.22 -90.32
CA GLY O 267 22.07 4.81 -90.63
C GLY O 267 23.21 3.92 -90.18
N GLN O 268 24.38 4.48 -89.89
CA GLN O 268 25.50 3.68 -89.41
C GLN O 268 25.37 3.45 -87.92
N ILE O 269 25.48 2.20 -87.50
CA ILE O 269 25.45 1.86 -86.08
C ILE O 269 26.66 2.52 -85.43
N ILE O 270 26.43 3.52 -84.61
CA ILE O 270 27.50 4.12 -83.82
C ILE O 270 27.66 3.39 -82.49
N ASN O 271 26.56 2.95 -81.89
CA ASN O 271 26.67 2.17 -80.67
C ASN O 271 25.54 1.14 -80.61
N THR O 272 25.77 0.09 -79.85
CA THR O 272 24.77 -0.94 -79.61
C THR O 272 24.94 -1.45 -78.20
N TYR O 273 23.82 -1.82 -77.58
CA TYR O 273 23.82 -2.36 -76.23
C TYR O 273 22.77 -3.45 -76.15
N GLN O 274 23.20 -4.68 -75.90
CA GLN O 274 22.34 -5.85 -75.88
C GLN O 274 22.15 -6.30 -74.45
N ALA O 275 20.95 -6.07 -73.91
CA ALA O 275 20.59 -6.54 -72.57
C ALA O 275 21.57 -6.01 -71.53
N ARG O 276 21.75 -4.70 -71.50
CA ARG O 276 22.64 -4.03 -70.55
C ARG O 276 21.91 -2.79 -70.06
N PHE O 277 21.14 -2.95 -68.99
CA PHE O 277 20.38 -1.85 -68.44
C PHE O 277 21.28 -1.00 -67.54
N GLY O 278 20.69 0.01 -66.93
CA GLY O 278 21.46 0.97 -66.17
C GLY O 278 22.11 1.98 -67.08
N THR O 279 23.06 2.71 -66.52
CA THR O 279 23.72 3.76 -67.27
C THR O 279 24.50 3.20 -68.44
N ILE O 280 24.42 3.88 -69.58
CA ILE O 280 25.19 3.55 -70.77
C ILE O 280 25.55 4.88 -71.43
N VAL O 281 26.26 4.83 -72.54
CA VAL O 281 26.74 6.04 -73.21
C VAL O 281 26.51 5.89 -74.70
N ALA O 282 26.05 6.97 -75.33
CA ALA O 282 25.95 7.08 -76.78
C ALA O 282 27.02 8.06 -77.25
N ARG O 283 27.92 7.59 -78.08
CA ARG O 283 29.04 8.41 -78.53
C ARG O 283 28.56 9.58 -79.39
N ASN O 284 27.81 9.28 -80.44
CA ASN O 284 27.38 10.29 -81.40
C ASN O 284 26.22 9.70 -82.19
N PHE O 285 25.04 10.30 -82.09
CA PHE O 285 23.87 9.65 -82.64
C PHE O 285 22.77 10.66 -82.90
N ASP O 286 21.94 10.34 -83.90
CA ASP O 286 20.74 11.09 -84.19
C ASP O 286 19.50 10.22 -84.31
N THR O 287 19.60 8.92 -84.07
CA THR O 287 18.43 8.07 -84.01
C THR O 287 18.62 7.00 -82.96
N ILE O 288 17.55 6.67 -82.25
CA ILE O 288 17.53 5.61 -81.26
C ILE O 288 16.59 4.53 -81.76
N ARG O 289 17.09 3.30 -81.82
CA ARG O 289 16.31 2.16 -82.28
C ARG O 289 16.26 1.14 -81.15
N LEU O 290 15.11 1.03 -80.50
CA LEU O 290 14.92 0.11 -79.38
C LEU O 290 14.19 -1.12 -79.92
N SER O 291 14.84 -2.26 -79.89
CA SER O 291 14.26 -3.52 -80.36
C SER O 291 14.18 -4.47 -79.18
N PHE O 292 12.97 -4.71 -78.70
CA PHE O 292 12.74 -5.59 -77.57
C PHE O 292 11.75 -6.66 -77.99
N GLN O 293 11.48 -7.60 -77.08
CA GLN O 293 10.71 -8.78 -77.42
C GLN O 293 9.82 -9.18 -76.26
N LEU O 294 8.71 -9.80 -76.61
CA LEU O 294 7.77 -10.38 -75.66
C LEU O 294 7.81 -11.88 -75.87
N MET O 295 8.48 -12.58 -74.97
CA MET O 295 8.57 -14.04 -75.03
C MET O 295 7.54 -14.61 -74.08
N ARG O 296 6.68 -15.48 -74.59
CA ARG O 296 5.76 -16.15 -73.70
C ARG O 296 6.57 -17.02 -72.74
N PRO O 297 6.30 -16.99 -71.45
CA PRO O 297 7.09 -17.82 -70.54
C PRO O 297 6.77 -19.28 -70.78
N PRO O 298 7.76 -20.12 -71.13
CA PRO O 298 7.42 -21.52 -71.43
C PRO O 298 6.89 -22.25 -70.21
N ASN O 299 7.63 -22.19 -69.12
CA ASN O 299 7.16 -22.72 -67.86
C ASN O 299 6.33 -21.66 -67.15
N MET O 300 5.24 -22.10 -66.54
CA MET O 300 4.26 -21.19 -66.00
C MET O 300 3.57 -21.85 -64.82
N THR O 301 3.53 -21.14 -63.69
CA THR O 301 2.80 -21.63 -62.55
C THR O 301 1.30 -21.49 -62.83
N PRO O 302 0.45 -22.12 -62.02
CA PRO O 302 -0.99 -22.04 -62.28
C PRO O 302 -1.53 -20.63 -62.38
N ALA O 303 -1.03 -19.68 -61.59
CA ALA O 303 -1.58 -18.32 -61.62
C ALA O 303 -1.35 -17.67 -62.98
N VAL O 304 -0.10 -17.67 -63.46
CA VAL O 304 0.16 -17.03 -64.75
C VAL O 304 -0.46 -17.83 -65.88
N ASN O 305 -0.55 -19.15 -65.72
CA ASN O 305 -1.22 -19.96 -66.73
C ASN O 305 -2.69 -19.54 -66.85
N ALA O 306 -3.35 -19.31 -65.71
CA ALA O 306 -4.72 -18.81 -65.75
C ALA O 306 -4.78 -17.41 -66.33
N LEU O 307 -3.75 -16.60 -66.10
CA LEU O 307 -3.73 -15.26 -66.67
C LEU O 307 -3.68 -15.28 -68.19
N PHE O 308 -2.99 -16.26 -68.78
CA PHE O 308 -2.81 -16.33 -70.23
C PHE O 308 -3.52 -17.54 -70.82
N PRO O 309 -4.81 -17.43 -71.18
CA PRO O 309 -5.47 -18.57 -71.83
C PRO O 309 -5.05 -18.70 -73.28
N GLN O 310 -5.68 -19.63 -73.99
CA GLN O 310 -5.52 -19.78 -75.43
C GLN O 310 -6.81 -19.56 -76.20
N ALA O 311 -7.95 -19.43 -75.52
CA ALA O 311 -9.20 -19.11 -76.18
C ALA O 311 -9.24 -17.62 -76.47
N GLN O 312 -10.39 -17.11 -76.83
CA GLN O 312 -10.53 -15.74 -77.31
C GLN O 312 -10.52 -14.62 -76.25
N PRO O 313 -11.05 -14.80 -75.03
CA PRO O 313 -11.39 -13.60 -74.23
C PRO O 313 -10.21 -12.68 -73.92
N PHE O 314 -9.09 -13.22 -73.45
CA PHE O 314 -7.88 -12.42 -73.19
C PHE O 314 -8.16 -11.28 -72.21
N GLN O 315 -8.49 -11.67 -70.98
CA GLN O 315 -8.85 -10.69 -69.97
C GLN O 315 -7.63 -9.99 -69.36
N HIS O 316 -6.41 -10.43 -69.68
CA HIS O 316 -5.18 -9.77 -69.25
C HIS O 316 -4.26 -9.68 -70.45
N HIS O 317 -3.58 -8.55 -70.61
CA HIS O 317 -2.86 -8.23 -71.84
C HIS O 317 -1.38 -8.08 -71.55
N ALA O 318 -0.56 -8.97 -72.11
CA ALA O 318 0.85 -8.95 -71.77
C ALA O 318 1.52 -7.69 -72.32
N THR O 319 2.50 -7.20 -71.59
CA THR O 319 3.17 -5.95 -71.93
C THR O 319 4.62 -6.02 -71.52
N VAL O 320 5.50 -5.48 -72.35
CA VAL O 320 6.92 -5.34 -72.04
C VAL O 320 7.36 -3.94 -72.39
N GLY O 321 8.06 -3.29 -71.46
CA GLY O 321 8.35 -1.88 -71.58
C GLY O 321 9.82 -1.56 -71.35
N LEU O 322 10.21 -0.41 -71.89
CA LEU O 322 11.54 0.15 -71.70
C LEU O 322 11.43 1.63 -71.39
N THR O 323 12.32 2.10 -70.52
CA THR O 323 12.46 3.50 -70.15
C THR O 323 13.88 3.95 -70.45
N LEU O 324 14.02 5.16 -70.97
CA LEU O 324 15.32 5.64 -71.44
C LEU O 324 15.40 7.14 -71.21
N ARG O 325 16.26 7.56 -70.30
CA ARG O 325 16.43 8.98 -69.98
C ARG O 325 17.80 9.45 -70.41
N ILE O 326 17.86 10.53 -71.19
CA ILE O 326 19.13 11.14 -71.52
C ILE O 326 19.56 12.03 -70.35
N GLU O 327 20.35 11.48 -69.43
CA GLU O 327 20.69 12.22 -68.22
C GLU O 327 21.50 13.47 -68.54
N SER O 328 22.44 13.36 -69.47
CA SER O 328 23.23 14.51 -69.90
C SER O 328 23.77 14.22 -71.29
N ALA O 329 24.16 15.27 -71.99
CA ALA O 329 24.63 15.12 -73.35
C ALA O 329 25.33 16.42 -73.77
N VAL O 330 25.82 16.42 -75.01
CA VAL O 330 26.56 17.55 -75.57
C VAL O 330 26.05 17.74 -76.98
N CYS O 331 25.33 18.83 -77.21
CA CYS O 331 24.67 19.08 -78.48
C CYS O 331 25.39 20.18 -79.23
N GLU O 332 25.53 20.00 -80.55
CA GLU O 332 26.20 21.02 -81.34
C GLU O 332 25.34 22.28 -81.47
N SER O 333 24.03 22.13 -81.49
CA SER O 333 23.10 23.25 -81.59
C SER O 333 22.56 23.57 -80.21
N VAL O 334 21.61 24.51 -80.15
CA VAL O 334 21.09 25.05 -78.90
C VAL O 334 19.70 24.47 -78.64
N LEU O 335 19.47 24.03 -77.41
CA LEU O 335 18.20 23.44 -77.00
C LEU O 335 17.87 23.89 -75.59
N ALA O 336 16.62 23.70 -75.21
CA ALA O 336 16.21 23.94 -73.83
C ALA O 336 16.75 22.83 -72.94
N ASP O 337 16.80 23.12 -71.65
CA ASP O 337 17.39 22.22 -70.67
C ASP O 337 16.51 22.22 -69.43
N ALA O 338 17.02 21.58 -68.38
CA ALA O 338 16.53 21.76 -67.03
C ALA O 338 17.47 22.57 -66.16
N ASN O 339 18.76 22.60 -66.52
CA ASN O 339 19.72 23.38 -65.75
C ASN O 339 19.57 24.87 -66.01
N GLU O 340 19.17 25.25 -67.21
CA GLU O 340 19.13 26.64 -67.66
C GLU O 340 17.69 27.13 -67.71
N THR O 341 17.56 28.45 -67.87
CA THR O 341 16.26 29.12 -67.93
C THR O 341 16.15 30.03 -69.14
N LEU O 342 16.92 29.77 -70.20
CA LEU O 342 16.93 30.68 -71.33
C LEU O 342 15.59 30.68 -72.06
N LEU O 343 15.02 29.50 -72.28
CA LEU O 343 13.71 29.44 -72.91
C LEU O 343 12.67 30.15 -72.05
N ALA O 344 12.76 29.97 -70.73
CA ALA O 344 11.85 30.66 -69.84
C ALA O 344 11.97 32.16 -69.99
N ASN O 345 13.20 32.69 -70.02
CA ASN O 345 13.38 34.13 -70.14
C ASN O 345 12.84 34.64 -71.47
N VAL O 346 13.15 33.94 -72.55
CA VAL O 346 12.74 34.42 -73.88
C VAL O 346 11.22 34.42 -73.98
N THR O 347 10.58 33.32 -73.59
CA THR O 347 9.13 33.26 -73.72
C THR O 347 8.45 34.21 -72.75
N ALA O 348 9.02 34.40 -71.54
CA ALA O 348 8.44 35.37 -70.62
C ALA O 348 8.50 36.76 -71.20
N VAL O 349 9.62 37.12 -71.84
CA VAL O 349 9.71 38.42 -72.46
C VAL O 349 8.69 38.57 -73.58
N ARG O 350 8.55 37.53 -74.41
CA ARG O 350 7.58 37.61 -75.50
C ARG O 350 6.15 37.66 -74.99
N GLN O 351 5.88 37.09 -73.81
CA GLN O 351 4.53 37.08 -73.27
C GLN O 351 4.21 38.31 -72.44
N GLU O 352 5.22 38.98 -71.87
CA GLU O 352 4.98 40.21 -71.11
C GLU O 352 4.28 41.25 -71.95
N TYR O 353 4.75 41.44 -73.18
CA TYR O 353 4.35 42.57 -74.02
C TYR O 353 3.41 42.17 -75.15
N ALA O 354 2.96 40.92 -75.19
CA ALA O 354 2.03 40.45 -76.21
C ALA O 354 2.58 40.72 -77.61
N ILE O 355 3.79 40.22 -77.84
CA ILE O 355 4.44 40.43 -79.13
C ILE O 355 3.65 39.68 -80.20
N PRO O 356 3.35 40.28 -81.36
CA PRO O 356 2.61 39.54 -82.38
C PRO O 356 3.41 38.36 -82.91
N VAL O 357 2.70 37.32 -83.33
CA VAL O 357 3.35 36.11 -83.82
C VAL O 357 4.20 36.45 -85.04
N GLY O 358 5.48 36.13 -84.97
CA GLY O 358 6.39 36.38 -86.07
C GLY O 358 6.36 35.25 -87.06
N PRO O 359 7.22 35.32 -88.08
CA PRO O 359 7.23 34.27 -89.10
C PRO O 359 7.65 32.90 -88.60
N VAL O 360 8.80 32.82 -87.93
CA VAL O 360 9.48 31.53 -87.76
C VAL O 360 9.10 30.85 -86.45
N PHE O 361 9.11 31.57 -85.33
CA PHE O 361 8.78 30.92 -84.07
C PHE O 361 7.29 30.62 -84.00
N PRO O 362 6.88 29.49 -83.43
CA PRO O 362 5.45 29.19 -83.36
C PRO O 362 4.77 30.05 -82.31
N PRO O 363 3.44 30.04 -82.24
CA PRO O 363 2.76 30.91 -81.29
C PRO O 363 3.08 30.53 -79.85
N GLY O 364 3.43 31.54 -79.05
CA GLY O 364 3.81 31.31 -77.68
C GLY O 364 5.12 30.58 -77.49
N MET O 365 5.88 30.36 -78.56
CA MET O 365 7.14 29.62 -78.51
C MET O 365 6.93 28.25 -77.87
N ASN O 366 5.85 27.58 -78.25
CA ASN O 366 5.58 26.23 -77.79
C ASN O 366 6.76 25.35 -78.16
N TRP O 367 7.49 24.83 -77.17
CA TRP O 367 8.74 24.14 -77.46
C TRP O 367 8.51 22.89 -78.29
N THR O 368 7.40 22.19 -78.05
CA THR O 368 7.10 21.01 -78.85
C THR O 368 6.97 21.38 -80.32
N GLU O 369 6.17 22.39 -80.63
CA GLU O 369 6.00 22.79 -82.02
C GLU O 369 7.29 23.38 -82.59
N LEU O 370 8.13 23.95 -81.73
CA LEU O 370 9.37 24.55 -82.20
C LEU O 370 10.37 23.47 -82.60
N ILE O 371 10.42 22.39 -81.82
CA ILE O 371 11.41 21.34 -82.08
C ILE O 371 10.92 20.31 -83.08
N THR O 372 9.61 20.14 -83.26
CA THR O 372 9.14 19.21 -84.29
C THR O 372 9.63 19.64 -85.67
N ASN O 373 9.57 20.94 -85.96
CA ASN O 373 10.10 21.51 -87.19
C ASN O 373 11.20 22.49 -86.79
N TYR O 374 12.45 22.09 -87.01
CA TYR O 374 13.59 22.79 -86.46
C TYR O 374 14.48 23.29 -87.59
N SER O 375 13.87 23.95 -88.58
CA SER O 375 14.57 24.36 -89.79
C SER O 375 15.77 25.24 -89.47
N PRO O 376 16.68 25.44 -90.44
CA PRO O 376 17.91 26.19 -90.14
C PRO O 376 17.67 27.63 -89.74
N SER O 377 16.75 28.34 -90.39
CA SER O 377 16.49 29.73 -90.01
C SER O 377 15.92 29.80 -88.61
N ARG O 378 15.02 28.87 -88.28
CA ARG O 378 14.48 28.81 -86.93
C ARG O 378 15.59 28.55 -85.92
N GLU O 379 16.53 27.66 -86.24
CA GLU O 379 17.65 27.40 -85.34
C GLU O 379 18.51 28.64 -85.17
N ASP O 380 18.75 29.37 -86.25
CA ASP O 380 19.58 30.57 -86.17
C ASP O 380 18.93 31.61 -85.26
N ASN O 381 17.64 31.84 -85.46
CA ASN O 381 16.94 32.80 -84.62
C ASN O 381 16.91 32.34 -83.17
N LEU O 382 16.73 31.03 -82.95
CA LEU O 382 16.73 30.51 -81.59
C LEU O 382 18.07 30.72 -80.92
N GLN O 383 19.17 30.49 -81.65
CA GLN O 383 20.49 30.72 -81.08
C GLN O 383 20.69 32.18 -80.73
N ARG O 384 20.27 33.09 -81.63
CA ARG O 384 20.44 34.52 -81.35
C ARG O 384 19.67 34.93 -80.11
N VAL O 385 18.40 34.55 -80.03
CA VAL O 385 17.60 34.97 -78.87
C VAL O 385 18.10 34.29 -77.61
N PHE O 386 18.56 33.05 -77.70
CA PHE O 386 19.07 32.38 -76.50
C PHE O 386 20.36 33.02 -76.00
N THR O 387 21.29 33.37 -76.89
CA THR O 387 22.50 34.01 -76.41
C THR O 387 22.20 35.39 -75.84
N VAL O 388 21.25 36.12 -76.44
CA VAL O 388 20.86 37.40 -75.87
C VAL O 388 20.23 37.20 -74.49
N ALA O 389 19.42 36.16 -74.35
CA ALA O 389 18.80 35.87 -73.06
C ALA O 389 19.86 35.51 -72.02
N SER O 390 20.92 34.81 -72.44
CA SER O 390 22.01 34.52 -71.53
C SER O 390 22.70 35.81 -71.09
N ILE O 391 22.95 36.71 -72.04
CA ILE O 391 23.58 37.98 -71.71
C ILE O 391 22.72 38.76 -70.74
N ARG O 392 21.40 38.70 -70.90
CA ARG O 392 20.52 39.39 -69.97
C ARG O 392 20.53 38.71 -68.60
N SER O 393 20.40 37.39 -68.57
CA SER O 393 20.38 36.66 -67.30
C SER O 393 21.69 36.79 -66.56
N MET O 394 22.74 37.22 -67.22
CA MET O 394 23.98 37.55 -66.52
C MET O 394 23.75 38.61 -65.45
N LEU O 395 22.78 39.52 -65.65
CA LEU O 395 22.53 40.64 -64.75
C LEU O 395 21.13 40.69 -64.18
N ILE O 396 20.13 40.27 -64.94
CA ILE O 396 18.72 40.43 -64.58
C ILE O 396 18.20 39.05 -64.22
N LYS O 397 18.08 38.78 -62.92
CA LYS O 397 17.51 37.53 -62.43
C LYS O 397 16.30 37.83 -61.57
N MET P 1 50.54 16.40 -64.81
CA MET P 1 49.13 16.62 -65.23
C MET P 1 48.68 18.02 -64.86
N GLU P 2 49.23 18.56 -63.77
CA GLU P 2 48.96 19.95 -63.43
C GLU P 2 49.46 20.87 -64.54
N VAL P 3 50.59 20.53 -65.15
CA VAL P 3 51.07 21.31 -66.28
C VAL P 3 50.13 21.17 -67.46
N LEU P 4 49.56 19.97 -67.65
CA LEU P 4 48.59 19.80 -68.73
C LEU P 4 47.36 20.67 -68.50
N TYR P 5 46.88 20.71 -67.26
CA TYR P 5 45.76 21.60 -66.95
C TYR P 5 46.14 23.05 -67.21
N SER P 6 47.37 23.42 -66.86
CA SER P 6 47.79 24.80 -67.08
C SER P 6 47.80 25.13 -68.56
N LEU P 7 48.28 24.21 -69.40
CA LEU P 7 48.19 24.40 -70.85
C LEU P 7 46.74 24.59 -71.28
N SER P 8 45.85 23.73 -70.79
CA SER P 8 44.45 23.83 -71.20
C SER P 8 43.85 25.16 -70.79
N LYS P 9 44.12 25.59 -69.56
CA LYS P 9 43.56 26.84 -69.07
C LYS P 9 44.12 28.03 -69.85
N THR P 10 45.42 28.05 -70.11
CA THR P 10 45.97 29.21 -70.80
C THR P 10 45.54 29.25 -72.25
N LEU P 11 45.35 28.10 -72.90
CA LEU P 11 44.79 28.15 -74.25
C LEU P 11 43.32 28.53 -74.24
N LYS P 12 42.56 28.12 -73.23
CA LYS P 12 41.18 28.56 -73.15
C LYS P 12 41.11 30.07 -72.97
N ASP P 13 41.95 30.61 -72.11
CA ASP P 13 42.00 32.06 -71.93
C ASP P 13 42.49 32.75 -73.19
N ALA P 14 43.42 32.14 -73.93
CA ALA P 14 43.83 32.72 -75.20
C ALA P 14 42.66 32.78 -76.17
N ARG P 15 41.87 31.71 -76.22
CA ARG P 15 40.76 31.67 -77.17
C ARG P 15 39.66 32.64 -76.78
N ASP P 16 39.49 32.90 -75.47
CA ASP P 16 38.40 33.76 -75.02
C ASP P 16 38.82 35.23 -74.88
N LYS P 17 39.86 35.50 -74.12
CA LYS P 17 40.22 36.88 -73.81
C LYS P 17 40.85 37.59 -75.00
N ILE P 18 41.72 36.92 -75.76
CA ILE P 18 42.33 37.56 -76.91
C ILE P 18 41.30 37.56 -78.02
N VAL P 19 40.56 38.66 -78.13
CA VAL P 19 39.58 38.86 -79.19
C VAL P 19 39.82 40.24 -79.78
N GLU P 20 39.28 40.45 -80.98
CA GLU P 20 39.57 41.67 -81.72
C GLU P 20 39.00 42.88 -80.99
N GLY P 21 39.86 43.85 -80.72
CA GLY P 21 39.45 45.09 -80.10
C GLY P 21 39.75 45.23 -78.62
N THR P 22 40.12 44.15 -77.94
CA THR P 22 40.36 44.22 -76.50
C THR P 22 41.49 45.19 -76.19
N LEU P 23 41.36 45.86 -75.05
CA LEU P 23 42.50 46.55 -74.48
C LEU P 23 43.61 45.54 -74.18
N TYR P 24 44.85 45.98 -74.33
CA TYR P 24 45.94 45.13 -73.89
C TYR P 24 46.02 45.05 -72.37
N SER P 25 45.43 46.01 -71.68
CA SER P 25 45.35 45.92 -70.22
C SER P 25 44.49 44.74 -69.80
N ASN P 26 43.58 44.30 -70.65
CA ASN P 26 42.76 43.15 -70.33
C ASN P 26 43.55 41.85 -70.41
N VAL P 27 44.56 41.79 -71.27
CA VAL P 27 45.22 40.53 -71.61
C VAL P 27 46.72 40.57 -71.33
N SER P 28 47.21 41.55 -70.58
CA SER P 28 48.65 41.59 -70.28
C SER P 28 49.11 40.32 -69.58
N ASP P 29 48.44 39.94 -68.49
CA ASP P 29 48.86 38.75 -67.76
C ASP P 29 48.74 37.50 -68.61
N LEU P 30 47.65 37.40 -69.37
CA LEU P 30 47.45 36.23 -70.21
C LEU P 30 48.53 36.14 -71.28
N ILE P 31 48.92 37.27 -71.86
CA ILE P 31 49.95 37.24 -72.89
C ILE P 31 51.29 36.86 -72.28
N GLN P 32 51.57 37.31 -71.06
CA GLN P 32 52.80 36.88 -70.42
C GLN P 32 52.80 35.38 -70.19
N GLN P 33 51.67 34.83 -69.73
CA GLN P 33 51.56 33.38 -69.56
C GLN P 33 51.74 32.66 -70.89
N PHE P 34 51.13 33.18 -71.94
CA PHE P 34 51.22 32.56 -73.26
C PHE P 34 52.65 32.56 -73.76
N ASN P 35 53.36 33.67 -73.60
CA ASN P 35 54.74 33.73 -74.04
C ASN P 35 55.63 32.79 -73.23
N GLN P 36 55.36 32.68 -71.93
CA GLN P 36 56.11 31.71 -71.12
C GLN P 36 55.88 30.30 -71.64
N MET P 37 54.63 29.97 -71.95
CA MET P 37 54.32 28.66 -72.50
C MET P 37 55.04 28.44 -73.81
N ILE P 38 55.05 29.44 -74.68
CA ILE P 38 55.70 29.30 -75.97
C ILE P 38 57.19 29.07 -75.80
N VAL P 39 57.83 29.83 -74.91
CA VAL P 39 59.27 29.67 -74.70
C VAL P 39 59.58 28.31 -74.13
N THR P 40 58.79 27.86 -73.15
CA THR P 40 59.07 26.59 -72.52
C THR P 40 58.88 25.43 -73.50
N MET P 41 57.84 25.49 -74.33
CA MET P 41 57.60 24.40 -75.27
C MET P 41 58.49 24.47 -76.50
N ASN P 42 59.07 25.63 -76.81
CA ASN P 42 59.88 25.75 -78.01
C ASN P 42 61.10 24.85 -77.94
N GLY P 43 61.47 24.28 -79.09
CA GLY P 43 62.64 23.44 -79.19
C GLY P 43 62.45 22.03 -78.67
N ASN P 44 61.27 21.69 -78.16
CA ASN P 44 61.00 20.37 -77.63
C ASN P 44 60.34 19.52 -78.71
N ASP P 45 60.04 18.26 -78.38
CA ASP P 45 59.42 17.34 -79.31
C ASP P 45 58.59 16.35 -78.52
N PHE P 46 57.44 15.97 -79.08
CA PHE P 46 56.53 15.07 -78.41
C PHE P 46 56.02 14.04 -79.40
N GLN P 47 55.80 12.82 -78.91
CA GLN P 47 55.15 11.75 -79.65
C GLN P 47 53.86 11.40 -78.93
N THR P 48 52.76 11.32 -79.67
CA THR P 48 51.45 11.09 -79.07
C THR P 48 50.74 9.96 -79.79
N GLY P 49 50.07 9.12 -79.01
CA GLY P 49 49.28 8.04 -79.56
C GLY P 49 50.13 6.84 -79.95
N GLY P 50 49.44 5.83 -80.48
CA GLY P 50 50.05 4.57 -80.85
C GLY P 50 49.40 3.39 -80.17
N ILE P 51 48.22 3.61 -79.58
CA ILE P 51 47.44 2.55 -78.93
C ILE P 51 46.09 2.50 -79.61
N GLY P 52 45.64 1.30 -79.95
CA GLY P 52 44.42 1.21 -80.72
C GLY P 52 44.64 1.85 -82.08
N ASN P 53 43.57 2.46 -82.59
CA ASN P 53 43.63 3.18 -83.86
C ASN P 53 44.08 4.63 -83.70
N LEU P 54 44.38 5.07 -82.49
CA LEU P 54 44.83 6.45 -82.28
C LEU P 54 46.17 6.63 -82.98
N PRO P 55 46.27 7.44 -84.02
CA PRO P 55 47.50 7.42 -84.83
C PRO P 55 48.67 8.04 -84.09
N ILE P 56 49.87 7.61 -84.47
CA ILE P 56 51.09 8.23 -83.97
C ILE P 56 51.22 9.61 -84.60
N ARG P 57 51.43 10.63 -83.76
CA ARG P 57 51.62 11.99 -84.22
C ARG P 57 52.87 12.58 -83.57
N ASN P 58 53.63 13.31 -84.38
CA ASN P 58 54.83 14.02 -83.92
C ASN P 58 54.52 15.50 -83.83
N TRP P 59 54.85 16.09 -82.68
CA TRP P 59 54.68 17.51 -82.44
C TRP P 59 56.04 18.15 -82.22
N THR P 60 56.34 19.18 -83.01
CA THR P 60 57.53 19.99 -82.84
C THR P 60 57.11 21.44 -82.72
N PHE P 61 57.51 22.08 -81.64
CA PHE P 61 57.12 23.44 -81.34
C PHE P 61 58.25 24.41 -81.67
N ASP P 62 57.94 25.41 -82.50
CA ASP P 62 58.81 26.57 -82.65
C ASP P 62 57.91 27.70 -83.14
N PHE P 63 57.56 28.62 -82.24
CA PHE P 63 56.59 29.66 -82.51
C PHE P 63 57.11 31.01 -82.05
N GLY P 64 56.62 32.05 -82.72
CA GLY P 64 57.01 33.39 -82.36
C GLY P 64 56.20 33.92 -81.19
N LEU P 65 56.86 34.73 -80.37
CA LEU P 65 56.21 35.28 -79.19
C LEU P 65 55.12 36.25 -79.60
N LEU P 66 54.04 36.29 -78.82
CA LEU P 66 52.98 37.25 -79.08
C LEU P 66 53.44 38.65 -78.73
N GLY P 67 53.15 39.60 -79.60
CA GLY P 67 53.52 40.97 -79.35
C GLY P 67 52.79 41.55 -78.15
N THR P 68 53.40 42.59 -77.58
CA THR P 68 52.88 43.24 -76.38
C THR P 68 52.83 44.75 -76.47
N THR P 69 53.32 45.36 -77.55
CA THR P 69 53.34 46.80 -77.65
C THR P 69 51.97 47.39 -77.93
N LEU P 70 51.07 46.62 -78.53
CA LEU P 70 49.80 47.16 -79.01
C LEU P 70 48.95 47.65 -77.85
N LEU P 71 48.42 48.87 -77.99
CA LEU P 71 47.53 49.40 -76.96
C LEU P 71 46.18 48.69 -76.99
N ASN P 72 45.70 48.36 -78.18
CA ASN P 72 44.34 47.86 -78.35
C ASN P 72 44.36 46.83 -79.46
N LEU P 73 43.98 45.59 -79.14
CA LEU P 73 44.13 44.48 -80.06
C LEU P 73 43.36 44.71 -81.35
N ASP P 74 44.03 44.45 -82.48
CA ASP P 74 43.47 44.60 -83.81
C ASP P 74 43.37 43.25 -84.48
N ALA P 75 42.93 43.25 -85.74
CA ALA P 75 42.71 41.98 -86.44
C ALA P 75 44.03 41.31 -86.83
N ASN P 76 45.09 42.09 -87.01
CA ASN P 76 46.38 41.48 -87.33
C ASN P 76 46.86 40.58 -86.20
N TYR P 77 46.65 41.01 -84.96
CA TYR P 77 47.11 40.26 -83.80
C TYR P 77 46.45 38.90 -83.72
N VAL P 78 45.11 38.88 -83.82
CA VAL P 78 44.37 37.66 -83.59
C VAL P 78 44.64 36.61 -84.66
N GLU P 79 45.12 37.00 -85.84
CA GLU P 79 45.44 35.99 -86.85
C GLU P 79 46.64 35.15 -86.43
N THR P 80 47.72 35.81 -86.00
CA THR P 80 48.88 35.07 -85.50
C THR P 80 48.52 34.27 -84.26
N ALA P 81 47.77 34.90 -83.34
CA ALA P 81 47.34 34.19 -82.14
C ALA P 81 46.55 32.95 -82.51
N ARG P 82 45.66 33.05 -83.49
CA ARG P 82 44.83 31.92 -83.89
C ARG P 82 45.68 30.82 -84.51
N THR P 83 46.67 31.19 -85.33
CA THR P 83 47.54 30.19 -85.93
C THR P 83 48.23 29.37 -84.85
N THR P 84 48.75 30.03 -83.81
CA THR P 84 49.42 29.29 -82.75
C THR P 84 48.42 28.51 -81.90
N ILE P 85 47.26 29.11 -81.64
CA ILE P 85 46.28 28.51 -80.73
C ILE P 85 45.74 27.22 -81.31
N GLU P 86 45.49 27.18 -82.62
CA GLU P 86 44.95 25.97 -83.21
C GLU P 86 45.89 24.79 -83.01
N TYR P 87 47.18 25.00 -83.27
CA TYR P 87 48.16 23.93 -83.09
C TYR P 87 48.20 23.49 -81.63
N PHE P 88 48.23 24.44 -80.70
CA PHE P 88 48.32 24.05 -79.30
C PHE P 88 47.06 23.28 -78.86
N ILE P 89 45.89 23.70 -79.34
CA ILE P 89 44.67 23.00 -78.97
C ILE P 89 44.70 21.57 -79.49
N ASP P 90 45.16 21.39 -80.74
CA ASP P 90 45.26 20.04 -81.27
C ASP P 90 46.21 19.19 -80.44
N PHE P 91 47.35 19.77 -80.07
CA PHE P 91 48.34 19.03 -79.28
C PHE P 91 47.76 18.59 -77.94
N ILE P 92 47.10 19.51 -77.25
CA ILE P 92 46.55 19.16 -75.93
C ILE P 92 45.45 18.14 -76.07
N ASP P 93 44.64 18.25 -77.12
CA ASP P 93 43.57 17.27 -77.34
C ASP P 93 44.16 15.88 -77.51
N ASN P 94 45.22 15.76 -78.32
CA ASN P 94 45.78 14.44 -78.54
C ASN P 94 46.45 13.89 -77.28
N VAL P 95 47.14 14.75 -76.52
CA VAL P 95 47.78 14.28 -75.30
C VAL P 95 46.72 13.77 -74.32
N CYS P 96 45.62 14.51 -74.18
CA CYS P 96 44.57 14.08 -73.27
C CYS P 96 43.94 12.77 -73.74
N MET P 97 43.72 12.62 -75.04
CA MET P 97 43.16 11.37 -75.54
C MET P 97 44.08 10.21 -75.22
N ASP P 98 45.39 10.38 -75.45
CA ASP P 98 46.34 9.32 -75.16
C ASP P 98 46.31 8.96 -73.67
N GLU P 99 46.33 9.97 -72.81
CA GLU P 99 46.41 9.66 -71.39
C GLU P 99 45.13 9.02 -70.88
N MET P 100 43.98 9.37 -71.45
CA MET P 100 42.72 8.81 -70.99
C MET P 100 42.36 7.52 -71.70
N VAL P 101 43.13 7.08 -72.68
CA VAL P 101 43.02 5.70 -73.14
C VAL P 101 43.98 4.78 -72.40
N ARG P 102 45.16 5.28 -72.00
CA ARG P 102 46.12 4.42 -71.31
C ARG P 102 45.54 3.98 -69.97
N GLU P 103 46.28 3.10 -69.28
CA GLU P 103 45.73 2.39 -68.13
C GLU P 103 46.86 1.61 -67.47
N SER P 104 46.73 1.38 -66.17
CA SER P 104 47.80 0.72 -65.42
C SER P 104 47.34 0.15 -64.09
N GLN P 105 47.68 -1.11 -63.82
CA GLN P 105 47.32 -1.74 -62.55
C GLN P 105 48.00 -1.05 -61.38
N ARG P 106 49.30 -0.83 -61.50
CA ARG P 106 50.14 -0.39 -60.40
C ARG P 106 50.52 1.07 -60.61
N ASN P 107 50.41 1.87 -59.56
CA ASN P 107 50.73 3.29 -59.62
C ASN P 107 49.83 4.00 -60.64
N GLY P 108 48.52 3.93 -60.37
CA GLY P 108 47.55 4.48 -61.31
C GLY P 108 47.64 5.99 -61.45
N VAL P 109 47.77 6.70 -60.32
CA VAL P 109 47.78 8.17 -60.36
C VAL P 109 48.96 8.68 -61.16
N ALA P 110 50.03 7.91 -61.25
CA ALA P 110 51.19 8.36 -62.01
C ALA P 110 50.82 8.52 -63.48
N PRO P 111 51.55 9.35 -64.23
CA PRO P 111 51.13 9.62 -65.61
C PRO P 111 51.70 8.59 -66.59
N GLN P 112 50.82 8.05 -67.42
CA GLN P 112 51.15 7.20 -68.55
C GLN P 112 51.35 8.10 -69.76
N SER P 113 51.34 7.51 -70.96
CA SER P 113 51.29 8.33 -72.17
C SER P 113 52.50 9.23 -72.28
N GLU P 114 53.66 8.66 -72.63
CA GLU P 114 54.97 9.27 -72.43
C GLU P 114 55.06 10.76 -72.77
N ALA P 115 54.18 11.27 -73.64
CA ALA P 115 54.08 12.71 -73.82
C ALA P 115 53.80 13.41 -72.50
N LEU P 116 52.81 12.92 -71.75
CA LEU P 116 52.49 13.53 -70.46
C LEU P 116 53.60 13.28 -69.45
N ARG P 117 54.27 12.12 -69.52
CA ARG P 117 55.39 11.87 -68.64
C ARG P 117 56.51 12.89 -68.88
N LYS P 118 56.77 13.20 -70.15
CA LYS P 118 57.71 14.26 -70.47
C LYS P 118 57.24 15.61 -69.93
N LEU P 119 55.94 15.91 -70.11
CA LEU P 119 55.42 17.17 -69.59
C LEU P 119 55.53 17.27 -68.07
N ALA P 120 55.57 16.14 -67.38
CA ALA P 120 55.76 16.14 -65.94
C ALA P 120 57.21 16.42 -65.53
N GLY P 121 58.10 16.67 -66.48
CA GLY P 121 59.51 16.89 -66.17
C GLY P 121 59.76 18.19 -65.43
N ILE P 122 60.99 18.69 -65.53
CA ILE P 122 61.43 19.84 -64.75
C ILE P 122 61.42 21.10 -65.60
N LYS P 123 61.62 20.95 -66.91
CA LYS P 123 61.57 22.11 -67.79
C LYS P 123 60.17 22.72 -67.78
N PHE P 124 59.14 21.88 -67.76
CA PHE P 124 57.76 22.31 -67.91
C PHE P 124 57.09 22.63 -66.59
N LYS P 125 57.86 22.85 -65.52
CA LYS P 125 57.27 23.33 -64.28
C LYS P 125 56.91 24.80 -64.34
N ARG P 126 57.56 25.57 -65.20
CA ARG P 126 57.30 27.00 -65.33
C ARG P 126 55.96 27.31 -65.99
N ILE P 127 55.27 26.30 -66.52
CA ILE P 127 54.00 26.53 -67.21
C ILE P 127 52.82 26.43 -66.27
N ASN P 128 53.02 25.97 -65.03
CA ASN P 128 51.92 25.87 -64.08
C ASN P 128 51.28 27.22 -63.86
N PHE P 129 50.02 27.35 -64.27
CA PHE P 129 49.35 28.64 -64.37
C PHE P 129 48.43 28.91 -63.19
N ASN P 130 47.44 28.05 -62.99
CA ASN P 130 46.60 28.07 -61.80
C ASN P 130 45.77 26.80 -61.85
N ASN P 131 45.18 26.44 -60.71
CA ASN P 131 44.40 25.21 -60.58
C ASN P 131 43.14 25.57 -59.79
N SER P 132 42.10 25.97 -60.51
CA SER P 132 40.87 26.47 -59.92
C SER P 132 39.69 25.54 -60.11
N SER P 133 39.61 24.85 -61.25
CA SER P 133 38.47 23.98 -61.51
C SER P 133 38.39 22.88 -60.47
N GLU P 134 37.20 22.30 -60.33
CA GLU P 134 36.95 21.38 -59.22
C GLU P 134 37.84 20.15 -59.32
N TYR P 135 37.99 19.60 -60.52
CA TYR P 135 38.70 18.34 -60.64
C TYR P 135 40.20 18.50 -60.40
N ILE P 136 40.80 19.55 -60.96
CA ILE P 136 42.22 19.77 -60.68
C ILE P 136 42.42 20.19 -59.25
N GLU P 137 41.48 20.94 -58.66
CA GLU P 137 41.61 21.32 -57.27
C GLU P 137 41.61 20.09 -56.37
N ASN P 138 40.70 19.15 -56.64
CA ASN P 138 40.70 17.89 -55.90
C ASN P 138 41.97 17.12 -56.18
N TRP P 139 42.47 17.16 -57.41
CA TRP P 139 43.72 16.47 -57.74
C TRP P 139 44.86 16.97 -56.87
N ASN P 140 44.98 18.29 -56.71
CA ASN P 140 46.07 18.83 -55.91
C ASN P 140 45.83 18.62 -54.42
N LEU P 141 44.60 18.85 -53.95
CA LEU P 141 44.27 18.63 -52.56
C LEU P 141 44.37 17.16 -52.17
N GLN P 142 44.43 16.26 -53.14
CA GLN P 142 44.67 14.85 -52.89
C GLN P 142 46.12 14.47 -53.09
N ASN P 143 46.83 15.14 -54.01
CA ASN P 143 48.27 14.92 -54.16
C ASN P 143 48.99 15.27 -52.87
N ARG P 144 48.74 16.46 -52.35
CA ARG P 144 49.06 16.73 -50.95
C ARG P 144 47.97 16.09 -50.11
N ARG P 145 48.36 15.32 -49.09
CA ARG P 145 47.36 14.53 -48.41
C ARG P 145 46.45 15.43 -47.60
N GLN P 146 45.35 15.87 -48.22
CA GLN P 146 44.33 16.67 -47.56
C GLN P 146 42.98 16.17 -48.06
N ARG P 147 41.94 16.41 -47.27
CA ARG P 147 40.63 15.91 -47.65
C ARG P 147 40.16 16.60 -48.92
N THR P 148 39.54 15.83 -49.80
CA THR P 148 39.02 16.30 -51.07
C THR P 148 37.51 16.13 -51.09
N GLY P 149 36.89 16.69 -52.13
CA GLY P 149 35.46 16.59 -52.25
C GLY P 149 34.95 16.98 -53.61
N PHE P 150 34.08 16.14 -54.17
CA PHE P 150 33.37 16.40 -55.41
C PHE P 150 31.90 16.50 -55.08
N VAL P 151 31.25 17.55 -55.55
CA VAL P 151 29.81 17.72 -55.42
C VAL P 151 29.14 17.05 -56.62
N PHE P 152 28.13 16.22 -56.34
CA PHE P 152 27.48 15.43 -57.38
C PHE P 152 25.98 15.66 -57.31
N HIS P 153 25.37 15.87 -58.47
CA HIS P 153 23.93 15.97 -58.62
C HIS P 153 23.43 14.67 -59.24
N LYS P 154 22.57 13.96 -58.53
CA LYS P 154 22.13 12.62 -58.91
C LYS P 154 23.35 11.75 -59.16
N PRO P 155 24.06 11.34 -58.11
CA PRO P 155 25.23 10.46 -58.28
C PRO P 155 24.78 9.02 -58.46
N ASN P 156 25.20 8.39 -59.55
CA ASN P 156 24.87 6.98 -59.78
C ASN P 156 25.84 6.15 -58.94
N ILE P 157 25.56 6.12 -57.64
CA ILE P 157 26.40 5.40 -56.71
C ILE P 157 26.02 3.93 -56.64
N PHE P 158 24.74 3.61 -56.85
CA PHE P 158 24.30 2.23 -56.77
C PHE P 158 24.55 1.54 -58.11
N PRO P 159 25.20 0.38 -58.14
CA PRO P 159 25.21 -0.40 -59.38
C PRO P 159 23.81 -0.90 -59.67
N TYR P 160 23.51 -1.04 -60.95
CA TYR P 160 22.18 -1.52 -61.34
C TYR P 160 21.94 -2.89 -60.74
N SER P 161 20.83 -3.04 -60.03
CA SER P 161 20.51 -4.31 -59.39
C SER P 161 19.01 -4.36 -59.18
N ALA P 162 18.33 -5.20 -59.95
CA ALA P 162 16.90 -5.46 -59.78
C ALA P 162 16.76 -6.92 -59.39
N SER P 163 16.17 -7.18 -58.22
CA SER P 163 16.08 -8.55 -57.74
C SER P 163 15.05 -8.62 -56.61
N PHE P 164 14.96 -9.78 -55.97
CA PHE P 164 13.99 -9.98 -54.91
C PHE P 164 14.44 -11.13 -54.02
N THR P 165 14.11 -11.01 -52.74
CA THR P 165 14.33 -12.06 -51.74
C THR P 165 12.98 -12.54 -51.25
N LEU P 166 12.80 -13.86 -51.23
CA LEU P 166 11.57 -14.50 -50.77
C LEU P 166 11.84 -15.16 -49.43
N ASN P 167 11.30 -14.58 -48.36
CA ASN P 167 11.44 -15.17 -47.04
C ASN P 167 10.46 -16.31 -46.81
N ARG P 168 9.51 -16.52 -47.72
CA ARG P 168 8.59 -17.65 -47.63
C ARG P 168 8.10 -17.93 -49.04
N SER P 169 8.19 -19.19 -49.46
CA SER P 169 7.83 -19.54 -50.83
C SER P 169 7.41 -21.01 -50.90
N GLN P 170 6.73 -21.34 -51.98
CA GLN P 170 6.27 -22.69 -52.27
C GLN P 170 6.46 -22.95 -53.75
N PRO P 171 6.49 -24.22 -54.17
CA PRO P 171 6.55 -24.49 -55.62
C PRO P 171 5.42 -23.86 -56.40
N MET P 172 4.21 -23.84 -55.84
CA MET P 172 3.11 -23.18 -56.53
C MET P 172 3.26 -21.66 -56.53
N HIS P 173 4.12 -21.11 -55.68
CA HIS P 173 4.30 -19.67 -55.59
C HIS P 173 2.98 -18.96 -55.36
N ASP P 174 2.14 -19.55 -54.52
CA ASP P 174 0.81 -19.02 -54.24
C ASP P 174 0.75 -18.18 -52.98
N ASN P 175 1.62 -18.44 -52.01
CA ASN P 175 1.68 -17.69 -50.76
C ASN P 175 3.13 -17.28 -50.54
N LEU P 176 3.52 -16.16 -51.15
CA LEU P 176 4.86 -15.63 -51.03
C LEU P 176 4.89 -14.45 -50.06
N MET P 177 6.11 -14.06 -49.70
CA MET P 177 6.33 -12.92 -48.84
C MET P 177 7.82 -12.59 -48.87
N GLY P 178 8.13 -11.32 -48.98
CA GLY P 178 9.53 -10.94 -49.06
C GLY P 178 9.66 -9.51 -49.53
N THR P 179 10.80 -9.22 -50.16
CA THR P 179 11.07 -7.90 -50.69
C THR P 179 11.51 -8.00 -52.14
N MET P 180 11.27 -6.93 -52.87
CA MET P 180 11.81 -6.72 -54.21
C MET P 180 12.48 -5.37 -54.19
N TRP P 181 13.48 -5.19 -55.03
CA TRP P 181 14.13 -3.89 -55.05
C TRP P 181 14.84 -3.65 -56.36
N LEU P 182 14.81 -2.39 -56.80
CA LEU P 182 15.67 -1.91 -57.86
C LEU P 182 16.53 -0.79 -57.28
N ASN P 183 17.84 -0.98 -57.35
CA ASN P 183 18.83 0.03 -57.02
C ASN P 183 19.52 0.40 -58.32
N ALA P 184 19.31 1.63 -58.78
CA ALA P 184 19.92 2.04 -60.04
C ALA P 184 20.12 3.55 -60.03
N GLY P 185 21.27 3.99 -60.51
CA GLY P 185 21.56 5.41 -60.44
C GLY P 185 21.53 5.88 -59.00
N SER P 186 20.77 6.94 -58.75
CA SER P 186 20.58 7.45 -57.41
C SER P 186 19.27 7.00 -56.79
N GLU P 187 18.61 6.00 -57.38
CA GLU P 187 17.31 5.50 -56.95
C GLU P 187 17.53 4.23 -56.15
N ILE P 188 16.99 4.19 -54.95
CA ILE P 188 16.63 2.95 -54.29
C ILE P 188 15.11 2.87 -54.34
N GLN P 189 14.59 1.69 -54.69
CA GLN P 189 13.15 1.56 -54.85
C GLN P 189 12.80 0.15 -54.39
N VAL P 190 12.29 0.03 -53.16
CA VAL P 190 12.16 -1.26 -52.49
C VAL P 190 10.71 -1.45 -52.07
N ALA P 191 10.15 -2.61 -52.38
CA ALA P 191 8.76 -2.93 -52.08
C ALA P 191 8.70 -4.27 -51.38
N GLY P 192 8.24 -4.27 -50.13
CA GLY P 192 7.99 -5.50 -49.42
C GLY P 192 6.56 -5.95 -49.64
N PHE P 193 6.39 -7.20 -49.99
CA PHE P 193 5.09 -7.75 -50.34
C PHE P 193 4.79 -8.96 -49.47
N ASP P 194 3.50 -9.18 -49.24
CA ASP P 194 3.01 -10.28 -48.43
C ASP P 194 1.71 -10.74 -49.04
N TYR P 195 1.62 -12.03 -49.37
CA TYR P 195 0.43 -12.51 -50.04
C TYR P 195 -0.73 -12.67 -49.08
N SER P 196 -0.44 -13.03 -47.83
CA SER P 196 -1.46 -13.20 -46.81
C SER P 196 -1.83 -11.90 -46.11
N CYS P 197 -1.20 -10.78 -46.48
CA CYS P 197 -1.47 -9.48 -45.85
C CYS P 197 -1.28 -9.54 -44.35
N ALA P 198 -0.21 -10.20 -43.92
CA ALA P 198 0.12 -10.33 -42.50
C ALA P 198 -1.04 -10.96 -41.73
N LEU P 199 -1.63 -12.01 -42.31
CA LEU P 199 -2.73 -12.70 -41.66
C LEU P 199 -2.27 -13.33 -40.36
N ASN P 200 -1.15 -14.06 -40.40
CA ASN P 200 -0.67 -14.84 -39.26
C ASN P 200 0.63 -14.29 -38.68
N ALA P 201 1.08 -13.12 -39.11
CA ALA P 201 2.26 -12.53 -38.51
C ALA P 201 1.94 -12.11 -37.08
N PRO P 202 2.95 -11.95 -36.22
CA PRO P 202 2.67 -11.53 -34.84
C PRO P 202 2.10 -10.12 -34.82
N ALA P 203 0.93 -9.99 -34.20
CA ALA P 203 0.19 -8.73 -34.13
C ALA P 203 -0.19 -8.21 -35.50
N ASN P 204 -0.28 -9.09 -36.50
CA ASN P 204 -0.68 -8.71 -37.85
C ASN P 204 0.22 -7.61 -38.42
N ILE P 205 1.52 -7.73 -38.16
CA ILE P 205 2.52 -6.76 -38.59
C ILE P 205 3.70 -7.54 -39.15
N GLN P 206 3.86 -7.52 -40.46
CA GLN P 206 5.05 -8.07 -41.11
C GLN P 206 6.13 -7.01 -41.13
N GLN P 207 7.38 -7.43 -40.99
CA GLN P 207 8.53 -6.54 -40.86
C GLN P 207 9.47 -6.78 -42.02
N PHE P 208 9.88 -5.69 -42.69
CA PHE P 208 10.76 -5.76 -43.85
C PHE P 208 11.98 -4.87 -43.63
N GLU P 209 13.13 -5.38 -44.02
CA GLU P 209 14.40 -4.67 -43.91
C GLU P 209 15.11 -4.75 -45.24
N HIS P 210 15.83 -3.70 -45.60
CA HIS P 210 16.63 -3.68 -46.82
C HIS P 210 17.90 -2.91 -46.56
N ILE P 211 19.04 -3.57 -46.77
CA ILE P 211 20.37 -2.97 -46.63
C ILE P 211 20.86 -2.57 -48.01
N VAL P 212 21.60 -1.47 -48.07
CA VAL P 212 22.27 -1.04 -49.29
C VAL P 212 23.62 -0.48 -48.88
N GLN P 213 24.68 -1.18 -49.25
CA GLN P 213 26.04 -0.86 -48.84
C GLN P 213 26.67 -0.02 -49.94
N LEU P 214 26.86 1.27 -49.69
CA LEU P 214 27.51 2.10 -50.69
C LEU P 214 28.94 1.64 -50.89
N ARG P 215 29.37 1.63 -52.15
CA ARG P 215 30.75 1.27 -52.43
C ARG P 215 31.71 2.34 -51.97
N ARG P 216 31.24 3.56 -51.77
CA ARG P 216 32.07 4.63 -51.23
C ARG P 216 31.19 5.57 -50.42
N ALA P 217 31.77 6.13 -49.37
CA ALA P 217 31.01 6.99 -48.47
C ALA P 217 30.52 8.23 -49.18
N LEU P 218 29.34 8.70 -48.78
CA LEU P 218 28.75 9.93 -49.28
C LEU P 218 28.66 10.94 -48.13
N THR P 219 28.67 12.23 -48.49
CA THR P 219 28.69 13.30 -47.52
C THR P 219 27.67 14.37 -47.90
N THR P 220 27.02 14.92 -46.87
CA THR P 220 26.05 16.01 -47.04
C THR P 220 25.02 15.69 -48.10
N ALA P 221 24.49 14.47 -48.05
CA ALA P 221 23.56 14.01 -49.06
C ALA P 221 22.17 14.57 -48.79
N THR P 222 21.63 15.29 -49.77
CA THR P 222 20.22 15.65 -49.77
C THR P 222 19.46 14.51 -50.45
N ILE P 223 18.45 13.98 -49.77
CA ILE P 223 17.74 12.79 -50.21
C ILE P 223 16.26 13.12 -50.28
N THR P 224 15.56 12.42 -51.16
CA THR P 224 14.11 12.55 -51.31
C THR P 224 13.49 11.19 -51.04
N LEU P 225 12.74 11.08 -49.95
CA LEU P 225 12.12 9.84 -49.52
C LEU P 225 10.62 9.95 -49.69
N LEU P 226 10.04 9.03 -50.45
CA LEU P 226 8.61 8.97 -50.67
C LEU P 226 8.14 7.54 -50.44
N PRO P 227 6.87 7.32 -50.12
CA PRO P 227 6.34 5.95 -50.05
C PRO P 227 5.91 5.47 -51.42
N ASP P 228 5.33 4.27 -51.44
CA ASP P 228 4.66 3.73 -52.63
C ASP P 228 5.61 3.64 -53.81
N ALA P 229 6.57 2.74 -53.68
CA ALA P 229 7.52 2.46 -54.75
C ALA P 229 6.79 2.18 -56.05
N GLU P 230 6.93 3.07 -57.02
CA GLU P 230 6.09 3.02 -58.21
C GLU P 230 6.50 1.92 -59.17
N ARG P 231 7.76 1.50 -59.15
CA ARG P 231 8.18 0.43 -60.03
C ARG P 231 7.49 -0.88 -59.70
N PHE P 232 7.39 -1.22 -58.43
CA PHE P 232 6.86 -2.50 -57.98
C PHE P 232 5.40 -2.37 -57.60
N SER P 233 4.68 -1.56 -58.37
CA SER P 233 3.32 -1.15 -58.03
C SER P 233 2.32 -1.50 -59.12
N PHE P 234 2.64 -2.43 -60.00
CA PHE P 234 1.74 -2.89 -61.03
C PHE P 234 1.93 -4.39 -61.19
N PRO P 235 0.94 -5.09 -61.76
CA PRO P 235 1.07 -6.54 -61.87
C PRO P 235 2.26 -6.96 -62.72
N ARG P 236 2.84 -8.09 -62.34
CA ARG P 236 4.01 -8.65 -63.01
C ARG P 236 3.88 -10.16 -63.03
N VAL P 237 4.68 -10.79 -63.88
CA VAL P 237 5.06 -12.18 -63.68
C VAL P 237 6.58 -12.22 -63.72
N ILE P 238 7.18 -12.92 -62.76
CA ILE P 238 8.60 -12.87 -62.50
C ILE P 238 9.15 -14.28 -62.58
N ASN P 239 10.25 -14.44 -63.31
CA ASN P 239 10.92 -15.73 -63.33
C ASN P 239 11.39 -16.09 -61.93
N SER P 240 11.29 -17.37 -61.58
CA SER P 240 11.65 -17.82 -60.25
C SER P 240 13.13 -17.62 -59.99
N ALA P 241 13.52 -17.79 -58.73
CA ALA P 241 14.92 -17.62 -58.37
C ALA P 241 15.80 -18.62 -59.10
N ASP P 242 15.32 -19.87 -59.22
CA ASP P 242 16.09 -20.87 -59.94
C ASP P 242 16.12 -20.57 -61.44
N GLY P 243 15.03 -20.02 -61.97
CA GLY P 243 14.84 -19.87 -63.39
C GLY P 243 13.94 -20.90 -64.02
N ALA P 244 13.32 -21.77 -63.22
CA ALA P 244 12.49 -22.83 -63.78
C ALA P 244 11.12 -22.32 -64.18
N THR P 245 10.34 -21.85 -63.21
CA THR P 245 8.96 -21.42 -63.42
C THR P 245 8.86 -19.91 -63.36
N THR P 246 7.64 -19.40 -63.41
CA THR P 246 7.35 -17.98 -63.24
C THR P 246 6.17 -17.82 -62.32
N TRP P 247 6.23 -16.82 -61.44
CA TRP P 247 5.20 -16.57 -60.45
C TRP P 247 4.54 -15.23 -60.69
N PHE P 248 3.29 -15.13 -60.27
CA PHE P 248 2.43 -13.98 -60.53
C PHE P 248 2.46 -13.04 -59.32
N PHE P 249 2.64 -11.74 -59.58
CA PHE P 249 2.66 -10.72 -58.55
C PHE P 249 1.56 -9.71 -58.87
N ASN P 250 0.65 -9.50 -57.94
CA ASN P 250 -0.57 -8.71 -58.15
C ASN P 250 -0.72 -7.75 -56.99
N PRO P 251 0.05 -6.65 -56.98
CA PRO P 251 0.11 -5.82 -55.78
C PRO P 251 -1.17 -5.01 -55.56
N ILE P 252 -1.51 -4.88 -54.28
CA ILE P 252 -2.39 -3.84 -53.77
C ILE P 252 -1.61 -3.12 -52.68
N ILE P 253 -1.51 -1.81 -52.79
CA ILE P 253 -0.53 -1.05 -52.03
C ILE P 253 -1.17 -0.55 -50.74
N LEU P 254 -0.79 -1.18 -49.64
CA LEU P 254 -1.00 -0.64 -48.31
C LEU P 254 -0.03 0.51 -48.06
N ARG P 255 -0.31 1.27 -47.04
CA ARG P 255 0.61 2.31 -46.60
C ARG P 255 1.74 1.68 -45.78
N PRO P 256 3.00 2.04 -46.00
CA PRO P 256 4.06 1.54 -45.11
C PRO P 256 4.07 2.35 -43.82
N ASN P 257 4.17 1.65 -42.69
CA ASN P 257 4.00 2.24 -41.38
C ASN P 257 5.25 2.04 -40.52
N ASN P 258 5.44 2.97 -39.58
CA ASN P 258 6.63 3.10 -38.74
C ASN P 258 7.90 2.79 -39.53
N VAL P 259 8.00 3.38 -40.71
CA VAL P 259 9.21 3.29 -41.49
C VAL P 259 10.35 3.98 -40.75
N GLU P 260 11.52 3.37 -40.77
CA GLU P 260 12.74 3.94 -40.24
C GLU P 260 13.81 3.88 -41.30
N VAL P 261 14.38 5.02 -41.65
CA VAL P 261 15.52 5.10 -42.55
C VAL P 261 16.74 5.42 -41.69
N GLU P 262 17.70 4.51 -41.67
CA GLU P 262 18.91 4.64 -40.87
C GLU P 262 20.10 4.76 -41.81
N PHE P 263 20.83 5.87 -41.69
CA PHE P 263 22.05 6.10 -42.44
C PHE P 263 23.22 5.80 -41.52
N LEU P 264 24.01 4.80 -41.92
CA LEU P 264 25.04 4.18 -41.10
C LEU P 264 26.41 4.51 -41.66
N LEU P 265 27.38 4.67 -40.76
CA LEU P 265 28.78 4.80 -41.13
C LEU P 265 29.61 3.95 -40.18
N ASN P 266 30.26 2.93 -40.72
CA ASN P 266 31.02 1.97 -39.92
C ASN P 266 30.12 1.28 -38.91
N GLY P 267 28.88 1.00 -39.29
CA GLY P 267 27.96 0.32 -38.43
C GLY P 267 27.30 1.17 -37.38
N GLN P 268 27.71 2.42 -37.22
CA GLN P 268 27.14 3.32 -36.23
C GLN P 268 26.08 4.19 -36.88
N ILE P 269 24.90 4.24 -36.28
CA ILE P 269 23.82 5.04 -36.84
C ILE P 269 24.24 6.51 -36.82
N ILE P 270 24.48 7.07 -37.99
CA ILE P 270 24.77 8.49 -38.08
C ILE P 270 23.49 9.30 -38.09
N ASN P 271 22.46 8.83 -38.81
CA ASN P 271 21.19 9.53 -38.82
C ASN P 271 20.04 8.53 -38.84
N THR P 272 18.91 8.94 -38.30
CA THR P 272 17.70 8.14 -38.30
C THR P 272 16.50 9.03 -38.54
N TYR P 273 15.61 8.59 -39.42
CA TYR P 273 14.38 9.32 -39.73
C TYR P 273 13.22 8.36 -39.66
N GLN P 274 12.29 8.61 -38.75
CA GLN P 274 11.13 7.76 -38.53
C GLN P 274 9.91 8.47 -39.08
N ALA P 275 9.34 7.93 -40.16
CA ALA P 275 8.10 8.44 -40.74
C ALA P 275 8.23 9.91 -41.11
N ARG P 276 9.39 10.29 -41.61
CA ARG P 276 9.67 11.66 -42.04
C ARG P 276 9.99 11.63 -43.53
N PHE P 277 8.97 11.85 -44.35
CA PHE P 277 9.13 11.87 -45.80
C PHE P 277 9.48 13.28 -46.26
N GLY P 278 9.47 13.50 -47.56
CA GLY P 278 9.97 14.73 -48.10
C GLY P 278 11.47 14.69 -48.15
N THR P 279 12.07 15.88 -48.33
CA THR P 279 13.51 15.95 -48.38
C THR P 279 14.10 15.73 -46.99
N ILE P 280 15.22 15.02 -46.95
CA ILE P 280 15.94 14.72 -45.72
C ILE P 280 17.42 14.89 -46.01
N VAL P 281 18.23 14.84 -44.95
CA VAL P 281 19.65 15.09 -45.04
C VAL P 281 20.40 13.98 -44.31
N ALA P 282 21.48 13.50 -44.93
CA ALA P 282 22.40 12.56 -44.31
C ALA P 282 23.77 13.20 -44.31
N ARG P 283 24.28 13.51 -43.12
CA ARG P 283 25.52 14.27 -43.04
C ARG P 283 26.71 13.48 -43.58
N ASN P 284 26.74 12.19 -43.28
CA ASN P 284 27.85 11.34 -43.72
C ASN P 284 27.42 9.89 -43.50
N PHE P 285 27.51 9.06 -44.53
CA PHE P 285 27.00 7.71 -44.40
C PHE P 285 27.61 6.80 -45.45
N ASP P 286 27.72 5.52 -45.10
CA ASP P 286 28.29 4.48 -45.94
C ASP P 286 27.32 3.35 -46.23
N THR P 287 26.22 3.26 -45.48
CA THR P 287 25.25 2.21 -45.69
C THR P 287 23.88 2.75 -45.34
N ILE P 288 22.85 2.13 -45.91
CA ILE P 288 21.48 2.54 -45.72
C ILE P 288 20.67 1.33 -45.29
N ARG P 289 19.95 1.45 -44.17
CA ARG P 289 19.00 0.43 -43.74
C ARG P 289 17.62 1.05 -43.79
N LEU P 290 16.81 0.60 -44.74
CA LEU P 290 15.41 1.00 -44.82
C LEU P 290 14.58 -0.12 -44.21
N SER P 291 13.90 0.19 -43.10
CA SER P 291 13.01 -0.75 -42.44
C SER P 291 11.60 -0.21 -42.59
N PHE P 292 10.68 -1.06 -43.02
CA PHE P 292 9.28 -0.69 -43.09
C PHE P 292 8.45 -1.89 -42.66
N GLN P 293 7.14 -1.70 -42.62
CA GLN P 293 6.25 -2.70 -42.05
C GLN P 293 4.96 -2.73 -42.83
N LEU P 294 4.36 -3.91 -42.88
CA LEU P 294 3.06 -4.13 -43.51
C LEU P 294 2.11 -4.52 -42.38
N MET P 295 1.29 -3.59 -41.96
CA MET P 295 0.32 -3.82 -40.90
C MET P 295 -1.03 -4.09 -41.54
N ARG P 296 -1.68 -5.16 -41.10
CA ARG P 296 -3.00 -5.45 -41.60
C ARG P 296 -3.96 -4.33 -41.17
N PRO P 297 -4.81 -3.81 -42.06
CA PRO P 297 -5.79 -2.83 -41.63
C PRO P 297 -6.70 -3.42 -40.56
N PRO P 298 -6.73 -2.86 -39.35
CA PRO P 298 -7.63 -3.44 -38.34
C PRO P 298 -9.09 -3.36 -38.75
N ASN P 299 -9.57 -2.16 -39.07
CA ASN P 299 -10.91 -1.99 -39.62
C ASN P 299 -10.86 -2.02 -41.13
N MET P 300 -11.94 -2.48 -41.73
CA MET P 300 -11.95 -2.77 -43.16
C MET P 300 -13.33 -2.54 -43.74
N THR P 301 -13.39 -1.80 -44.84
CA THR P 301 -14.61 -1.72 -45.62
C THR P 301 -14.91 -3.11 -46.18
N PRO P 302 -16.18 -3.40 -46.50
CA PRO P 302 -16.47 -4.67 -47.16
C PRO P 302 -15.65 -4.94 -48.40
N ALA P 303 -15.36 -3.92 -49.21
CA ALA P 303 -14.57 -4.14 -50.41
C ALA P 303 -13.17 -4.64 -50.08
N VAL P 304 -12.48 -3.94 -49.18
CA VAL P 304 -11.12 -4.35 -48.83
C VAL P 304 -11.13 -5.68 -48.08
N ASN P 305 -12.18 -5.93 -47.30
CA ASN P 305 -12.31 -7.24 -46.66
C ASN P 305 -12.42 -8.34 -47.70
N ALA P 306 -13.17 -8.09 -48.77
CA ALA P 306 -13.22 -9.04 -49.87
C ALA P 306 -11.86 -9.18 -50.54
N LEU P 307 -11.10 -8.09 -50.59
CA LEU P 307 -9.75 -8.18 -51.15
C LEU P 307 -8.88 -9.14 -50.34
N PHE P 308 -8.97 -9.06 -49.01
CA PHE P 308 -8.11 -9.86 -48.14
C PHE P 308 -8.89 -11.00 -47.48
N PRO P 309 -8.83 -12.24 -47.99
CA PRO P 309 -9.58 -13.33 -47.36
C PRO P 309 -8.74 -14.10 -46.37
N GLN P 310 -9.38 -14.95 -45.56
CA GLN P 310 -8.68 -15.82 -44.63
C GLN P 310 -8.25 -17.13 -45.27
N ALA P 311 -8.72 -17.44 -46.47
CA ALA P 311 -8.45 -18.72 -47.12
C ALA P 311 -7.12 -18.64 -47.88
N GLN P 312 -6.87 -19.63 -48.72
CA GLN P 312 -5.64 -19.75 -49.48
C GLN P 312 -5.54 -18.92 -50.75
N PRO P 313 -6.60 -18.78 -51.57
CA PRO P 313 -6.41 -18.25 -52.95
C PRO P 313 -5.59 -16.98 -53.07
N PHE P 314 -5.92 -15.93 -52.33
CA PHE P 314 -5.14 -14.70 -52.34
C PHE P 314 -5.00 -14.14 -53.75
N GLN P 315 -6.15 -13.80 -54.35
CA GLN P 315 -6.15 -13.24 -55.69
C GLN P 315 -5.49 -11.87 -55.76
N HIS P 316 -5.25 -11.22 -54.63
CA HIS P 316 -4.51 -9.97 -54.55
C HIS P 316 -3.48 -10.06 -53.44
N HIS P 317 -2.35 -9.40 -53.60
CA HIS P 317 -1.22 -9.54 -52.69
C HIS P 317 -0.81 -8.17 -52.17
N ALA P 318 -0.74 -8.02 -50.85
CA ALA P 318 -0.47 -6.71 -50.27
C ALA P 318 0.98 -6.33 -50.48
N THR P 319 1.23 -5.03 -50.58
CA THR P 319 2.57 -4.53 -50.85
C THR P 319 2.72 -3.15 -50.22
N VAL P 320 3.93 -2.84 -49.77
CA VAL P 320 4.25 -1.54 -49.22
C VAL P 320 5.66 -1.19 -49.66
N GLY P 321 5.87 0.03 -50.15
CA GLY P 321 7.10 0.38 -50.81
C GLY P 321 7.65 1.72 -50.37
N LEU P 322 8.91 1.93 -50.74
CA LEU P 322 9.62 3.18 -50.51
C LEU P 322 10.48 3.49 -51.72
N THR P 323 10.70 4.79 -51.92
CA THR P 323 11.56 5.31 -52.97
C THR P 323 12.48 6.33 -52.33
N LEU P 324 13.76 6.26 -52.66
CA LEU P 324 14.79 7.08 -52.04
C LEU P 324 15.70 7.59 -53.15
N ARG P 325 15.71 8.89 -53.36
CA ARG P 325 16.45 9.53 -54.45
C ARG P 325 17.55 10.38 -53.86
N ILE P 326 18.79 10.03 -54.14
CA ILE P 326 19.90 10.86 -53.67
C ILE P 326 20.02 12.05 -54.61
N GLU P 327 19.33 13.15 -54.27
CA GLU P 327 19.29 14.30 -55.17
C GLU P 327 20.68 14.89 -55.38
N SER P 328 21.45 15.01 -54.31
CA SER P 328 22.81 15.54 -54.41
C SER P 328 23.61 14.99 -53.25
N ALA P 329 24.93 15.06 -53.39
CA ALA P 329 25.82 14.54 -52.35
C ALA P 329 27.23 15.05 -52.59
N VAL P 330 28.13 14.70 -51.68
CA VAL P 330 29.53 15.06 -51.75
C VAL P 330 30.35 13.80 -51.44
N CYS P 331 31.36 13.54 -52.27
CA CYS P 331 32.14 12.31 -52.12
C CYS P 331 33.60 12.57 -52.42
N GLU P 332 34.46 11.74 -51.85
CA GLU P 332 35.89 11.87 -52.09
C GLU P 332 36.28 11.23 -53.43
N SER P 333 36.07 9.93 -53.55
CA SER P 333 36.41 9.23 -54.77
C SER P 333 35.49 9.69 -55.91
N VAL P 334 36.04 9.75 -57.11
CA VAL P 334 35.28 10.28 -58.24
C VAL P 334 34.21 9.29 -58.66
N LEU P 335 33.08 9.81 -59.12
CA LEU P 335 31.96 9.01 -59.57
C LEU P 335 31.42 9.58 -60.88
N ALA P 336 30.35 8.97 -61.37
CA ALA P 336 29.63 9.46 -62.53
C ALA P 336 28.36 10.16 -62.07
N ASP P 337 27.86 11.07 -62.90
CA ASP P 337 26.77 11.95 -62.54
C ASP P 337 25.80 12.09 -63.70
N ALA P 338 24.63 12.62 -63.38
CA ALA P 338 23.70 13.08 -64.40
C ALA P 338 23.98 14.53 -64.82
N ASN P 339 25.01 15.16 -64.26
CA ASN P 339 25.34 16.55 -64.54
C ASN P 339 26.70 16.72 -65.19
N GLU P 340 27.59 15.74 -65.11
CA GLU P 340 28.93 15.82 -65.67
C GLU P 340 29.06 14.81 -66.79
N THR P 341 29.88 15.15 -67.79
CA THR P 341 30.03 14.36 -69.00
C THR P 341 31.33 13.57 -69.02
N LEU P 342 32.00 13.41 -67.87
CA LEU P 342 33.35 12.87 -67.90
C LEU P 342 33.34 11.36 -68.17
N LEU P 343 32.43 10.61 -67.53
CA LEU P 343 32.35 9.19 -67.80
C LEU P 343 32.06 8.92 -69.27
N ALA P 344 31.07 9.64 -69.81
CA ALA P 344 30.71 9.45 -71.21
C ALA P 344 31.85 9.86 -72.12
N ASN P 345 32.58 10.92 -71.78
CA ASN P 345 33.68 11.35 -72.63
C ASN P 345 34.79 10.32 -72.64
N VAL P 346 35.14 9.76 -71.48
CA VAL P 346 36.19 8.75 -71.44
C VAL P 346 35.76 7.51 -72.21
N THR P 347 34.52 7.07 -71.99
CA THR P 347 34.05 5.88 -72.71
C THR P 347 34.00 6.13 -74.21
N ALA P 348 33.63 7.34 -74.62
CA ALA P 348 33.55 7.67 -76.04
C ALA P 348 34.93 7.66 -76.67
N VAL P 349 35.91 8.29 -76.02
CA VAL P 349 37.25 8.33 -76.61
C VAL P 349 37.91 6.96 -76.55
N ARG P 350 37.49 6.08 -75.65
CA ARG P 350 37.97 4.70 -75.70
C ARG P 350 37.31 3.94 -76.84
N GLN P 351 36.01 4.12 -77.04
CA GLN P 351 35.30 3.41 -78.11
C GLN P 351 35.68 3.92 -79.49
N GLU P 352 36.15 5.17 -79.59
CA GLU P 352 36.43 5.74 -80.90
C GLU P 352 37.49 4.95 -81.64
N TYR P 353 38.61 4.70 -81.00
CA TYR P 353 39.80 4.16 -81.64
C TYR P 353 40.01 2.68 -81.30
N ALA P 354 38.97 2.00 -80.81
CA ALA P 354 39.01 0.56 -80.57
C ALA P 354 40.18 0.19 -79.65
N ILE P 355 40.25 0.86 -78.53
CA ILE P 355 41.29 0.54 -77.54
C ILE P 355 41.02 -0.86 -76.98
N PRO P 356 42.00 -1.76 -76.93
CA PRO P 356 41.70 -3.10 -76.43
C PRO P 356 41.36 -3.07 -74.95
N VAL P 357 40.61 -4.09 -74.52
CA VAL P 357 40.19 -4.15 -73.12
C VAL P 357 41.41 -4.31 -72.24
N GLY P 358 41.54 -3.42 -71.26
CA GLY P 358 42.72 -3.35 -70.44
C GLY P 358 42.62 -4.15 -69.17
N PRO P 359 43.61 -4.01 -68.29
CA PRO P 359 43.62 -4.83 -67.06
C PRO P 359 42.54 -4.49 -66.05
N VAL P 360 42.41 -3.21 -65.68
CA VAL P 360 41.60 -2.82 -64.52
C VAL P 360 40.18 -2.43 -64.92
N PHE P 361 40.03 -1.63 -65.96
CA PHE P 361 38.69 -1.19 -66.32
C PHE P 361 37.93 -2.34 -66.97
N PRO P 362 36.63 -2.50 -66.70
CA PRO P 362 35.88 -3.58 -67.33
C PRO P 362 35.78 -3.38 -68.83
N PRO P 363 35.27 -4.36 -69.57
CA PRO P 363 35.17 -4.20 -71.02
C PRO P 363 34.09 -3.21 -71.40
N GLY P 364 34.46 -2.22 -72.19
CA GLY P 364 33.52 -1.18 -72.60
C GLY P 364 33.22 -0.15 -71.53
N MET P 365 33.93 -0.17 -70.41
CA MET P 365 33.72 0.79 -69.33
C MET P 365 32.28 0.70 -68.80
N ASN P 366 31.77 -0.52 -68.66
CA ASN P 366 30.45 -0.70 -68.07
C ASN P 366 30.49 -0.19 -66.64
N TRP P 367 29.80 0.92 -66.38
CA TRP P 367 29.94 1.58 -65.09
C TRP P 367 29.39 0.72 -63.96
N THR P 368 28.38 -0.10 -64.23
CA THR P 368 27.87 -1.00 -63.20
C THR P 368 28.95 -1.97 -62.75
N GLU P 369 29.67 -2.57 -63.70
CA GLU P 369 30.75 -3.47 -63.33
C GLU P 369 31.96 -2.74 -62.78
N LEU P 370 32.13 -1.46 -63.12
CA LEU P 370 33.25 -0.72 -62.56
C LEU P 370 32.98 -0.36 -61.11
N ILE P 371 31.74 -0.03 -60.79
CA ILE P 371 31.40 0.38 -59.43
C ILE P 371 31.05 -0.81 -58.52
N THR P 372 30.70 -1.97 -59.08
CA THR P 372 30.33 -3.09 -58.22
C THR P 372 31.51 -3.60 -57.41
N ASN P 373 32.71 -3.52 -57.96
CA ASN P 373 33.94 -3.71 -57.20
C ASN P 373 34.89 -2.59 -57.59
N TYR P 374 35.34 -1.83 -56.60
CA TYR P 374 35.92 -0.51 -56.77
C TYR P 374 37.29 -0.43 -56.14
N SER P 375 38.15 -1.37 -56.50
CA SER P 375 39.50 -1.52 -55.96
C SER P 375 40.26 -0.20 -55.96
N PRO P 376 41.26 -0.03 -55.09
CA PRO P 376 42.02 1.23 -55.09
C PRO P 376 42.74 1.50 -56.40
N SER P 377 43.21 0.46 -57.10
CA SER P 377 43.81 0.68 -58.40
C SER P 377 42.80 1.27 -59.37
N ARG P 378 41.57 0.74 -59.34
CA ARG P 378 40.52 1.30 -60.18
C ARG P 378 40.23 2.74 -59.78
N GLU P 379 40.22 3.04 -58.48
CA GLU P 379 39.96 4.40 -58.04
C GLU P 379 41.04 5.35 -58.57
N ASP P 380 42.30 4.96 -58.46
CA ASP P 380 43.38 5.82 -58.92
C ASP P 380 43.29 6.05 -60.42
N ASN P 381 43.12 4.98 -61.19
CA ASN P 381 43.03 5.12 -62.64
C ASN P 381 41.81 5.95 -63.03
N LEU P 382 40.70 5.74 -62.34
CA LEU P 382 39.48 6.48 -62.67
C LEU P 382 39.65 7.96 -62.38
N GLN P 383 40.28 8.32 -61.26
CA GLN P 383 40.53 9.73 -61.01
C GLN P 383 41.44 10.32 -62.06
N ARG P 384 42.47 9.58 -62.47
CA ARG P 384 43.37 10.09 -63.49
C ARG P 384 42.64 10.36 -64.80
N VAL P 385 41.87 9.38 -65.27
CA VAL P 385 41.22 9.54 -66.57
C VAL P 385 40.13 10.59 -66.49
N PHE P 386 39.43 10.69 -65.35
CA PHE P 386 38.42 11.74 -65.22
C PHE P 386 39.04 13.13 -65.20
N THR P 387 40.18 13.27 -64.52
CA THR P 387 40.85 14.56 -64.51
C THR P 387 41.27 14.96 -65.92
N VAL P 388 41.85 14.02 -66.68
CA VAL P 388 42.22 14.35 -68.04
C VAL P 388 40.98 14.63 -68.89
N ALA P 389 39.88 13.92 -68.62
CA ALA P 389 38.66 14.16 -69.36
C ALA P 389 38.16 15.57 -69.13
N SER P 390 38.19 16.05 -67.89
CA SER P 390 37.79 17.43 -67.63
C SER P 390 38.75 18.41 -68.28
N ILE P 391 40.05 18.14 -68.22
CA ILE P 391 41.02 19.02 -68.83
C ILE P 391 40.77 19.14 -70.32
N ARG P 392 40.39 18.03 -70.95
CA ARG P 392 40.11 18.05 -72.38
C ARG P 392 38.78 18.73 -72.68
N SER P 393 37.75 18.43 -71.89
CA SER P 393 36.44 19.04 -72.08
C SER P 393 36.48 20.54 -71.87
N MET P 394 37.50 21.05 -71.18
CA MET P 394 37.66 22.49 -71.09
C MET P 394 37.93 23.15 -72.43
N LEU P 395 38.30 22.38 -73.47
CA LEU P 395 38.59 22.96 -74.78
C LEU P 395 37.78 22.32 -75.90
N ILE P 396 37.53 21.01 -75.82
CA ILE P 396 36.90 20.25 -76.90
C ILE P 396 35.49 19.91 -76.46
N LYS P 397 34.51 20.40 -77.21
CA LYS P 397 33.11 20.09 -76.95
C LYS P 397 32.43 19.69 -78.26
N MET Q 1 17.28 64.10 -18.14
CA MET Q 1 16.10 63.95 -19.03
C MET Q 1 16.19 64.91 -20.19
N GLU Q 2 16.46 66.18 -19.88
CA GLU Q 2 16.73 67.15 -20.94
C GLU Q 2 17.93 66.70 -21.76
N VAL Q 3 18.96 66.19 -21.09
CA VAL Q 3 20.14 65.71 -21.81
C VAL Q 3 19.79 64.53 -22.70
N LEU Q 4 19.03 63.57 -22.17
CA LEU Q 4 18.68 62.40 -22.97
C LEU Q 4 17.84 62.79 -24.18
N TYR Q 5 16.90 63.70 -24.00
CA TYR Q 5 16.12 64.17 -25.13
C TYR Q 5 17.01 64.87 -26.14
N SER Q 6 18.00 65.61 -25.67
CA SER Q 6 18.91 66.27 -26.60
C SER Q 6 19.75 65.26 -27.37
N LEU Q 7 20.19 64.19 -26.70
CA LEU Q 7 20.87 63.11 -27.41
C LEU Q 7 20.00 62.55 -28.53
N SER Q 8 18.74 62.24 -28.21
CA SER Q 8 17.85 61.69 -29.24
C SER Q 8 17.62 62.69 -30.37
N LYS Q 9 17.41 63.96 -30.02
CA LYS Q 9 17.12 64.97 -31.03
C LYS Q 9 18.30 65.14 -31.97
N THR Q 10 19.51 65.27 -31.41
CA THR Q 10 20.67 65.48 -32.27
C THR Q 10 20.98 64.24 -33.07
N LEU Q 11 20.73 63.04 -32.54
CA LEU Q 11 20.94 61.86 -33.36
C LEU Q 11 19.96 61.79 -34.51
N LYS Q 12 18.69 62.12 -34.25
CA LYS Q 12 17.72 62.14 -35.34
C LYS Q 12 18.11 63.16 -36.39
N ASP Q 13 18.52 64.35 -35.97
CA ASP Q 13 18.94 65.36 -36.92
C ASP Q 13 20.22 64.97 -37.63
N ALA Q 14 21.07 64.14 -37.01
CA ALA Q 14 22.26 63.66 -37.70
C ALA Q 14 21.90 62.58 -38.71
N ARG Q 15 20.91 61.76 -38.41
CA ARG Q 15 20.44 60.78 -39.39
C ARG Q 15 19.72 61.44 -40.55
N ASP Q 16 19.12 62.61 -40.34
CA ASP Q 16 18.39 63.29 -41.39
C ASP Q 16 19.25 64.29 -42.16
N LYS Q 17 19.78 65.31 -41.48
CA LYS Q 17 20.44 66.41 -42.18
C LYS Q 17 21.76 65.99 -42.80
N ILE Q 18 22.50 65.07 -42.17
CA ILE Q 18 23.77 64.62 -42.72
C ILE Q 18 23.48 63.53 -43.74
N VAL Q 19 23.34 63.93 -45.00
CA VAL Q 19 23.09 63.03 -46.11
C VAL Q 19 24.03 63.41 -47.24
N GLU Q 20 24.21 62.49 -48.18
CA GLU Q 20 25.19 62.67 -49.23
C GLU Q 20 24.86 63.90 -50.07
N GLY Q 21 25.87 64.75 -50.27
CA GLY Q 21 25.74 65.87 -51.17
C GLY Q 21 25.05 67.09 -50.60
N THR Q 22 24.60 67.06 -49.37
CA THR Q 22 24.01 68.25 -48.77
C THR Q 22 25.09 69.27 -48.48
N LEU Q 23 24.77 70.54 -48.70
CA LEU Q 23 25.74 71.60 -48.46
C LEU Q 23 26.18 71.60 -47.01
N TYR Q 24 27.33 72.19 -46.75
CA TYR Q 24 27.78 72.34 -45.38
C TYR Q 24 27.06 73.45 -44.65
N SER Q 25 26.53 74.44 -45.36
CA SER Q 25 25.72 75.45 -44.70
C SER Q 25 24.42 74.88 -44.17
N ASN Q 26 23.95 73.76 -44.73
CA ASN Q 26 22.74 73.13 -44.22
C ASN Q 26 22.98 72.41 -42.91
N VAL Q 27 24.22 72.01 -42.60
CA VAL Q 27 24.48 71.13 -41.47
C VAL Q 27 25.61 71.64 -40.59
N SER Q 28 26.02 72.90 -40.76
CA SER Q 28 27.14 73.40 -39.97
C SER Q 28 26.82 73.40 -38.48
N ASP Q 29 25.69 74.00 -38.10
CA ASP Q 29 25.33 74.06 -36.69
C ASP Q 29 25.14 72.67 -36.11
N LEU Q 30 24.52 71.78 -36.87
CA LEU Q 30 24.35 70.43 -36.39
C LEU Q 30 25.68 69.70 -36.24
N ILE Q 31 26.63 69.97 -37.12
CA ILE Q 31 27.95 69.37 -36.97
C ILE Q 31 28.61 69.84 -35.68
N GLN Q 32 28.50 71.13 -35.37
CA GLN Q 32 29.08 71.60 -34.12
C GLN Q 32 28.37 70.98 -32.93
N GLN Q 33 27.06 70.80 -33.01
CA GLN Q 33 26.33 70.13 -31.94
C GLN Q 33 26.81 68.69 -31.78
N PHE Q 34 27.00 68.00 -32.91
CA PHE Q 34 27.47 66.61 -32.86
C PHE Q 34 28.85 66.53 -32.24
N ASN Q 35 29.75 67.45 -32.61
CA ASN Q 35 31.07 67.48 -32.03
C ASN Q 35 31.01 67.72 -30.53
N GLN Q 36 30.15 68.64 -30.09
CA GLN Q 36 29.99 68.88 -28.66
C GLN Q 36 29.53 67.63 -27.94
N MET Q 37 28.55 66.93 -28.51
CA MET Q 37 28.06 65.70 -27.90
C MET Q 37 29.15 64.66 -27.82
N ILE Q 38 29.93 64.48 -28.90
CA ILE Q 38 30.99 63.48 -28.90
C ILE Q 38 32.03 63.82 -27.86
N VAL Q 39 32.46 65.08 -27.82
CA VAL Q 39 33.52 65.46 -26.90
C VAL Q 39 33.07 65.28 -25.45
N THR Q 40 31.83 65.66 -25.14
CA THR Q 40 31.37 65.54 -23.76
C THR Q 40 30.88 64.15 -23.40
N MET Q 41 30.76 63.24 -24.37
CA MET Q 41 30.47 61.84 -24.07
C MET Q 41 31.73 60.97 -24.06
N ASN Q 42 32.83 61.45 -24.63
CA ASN Q 42 34.04 60.64 -24.72
C ASN Q 42 34.55 60.29 -23.32
N GLY Q 43 35.06 59.06 -23.20
CA GLY Q 43 35.72 58.67 -21.97
C GLY Q 43 34.80 58.50 -20.78
N ASN Q 44 33.52 58.32 -21.00
CA ASN Q 44 32.55 58.05 -19.95
C ASN Q 44 32.05 56.62 -20.09
N ASP Q 45 32.13 55.85 -19.01
CA ASP Q 45 31.69 54.46 -19.00
C ASP Q 45 30.29 54.42 -18.40
N PHE Q 46 29.30 54.16 -19.23
CA PHE Q 46 27.92 53.98 -18.78
C PHE Q 46 27.61 52.51 -18.65
N GLN Q 47 26.62 52.20 -17.83
CA GLN Q 47 26.13 50.85 -17.65
C GLN Q 47 24.61 50.88 -17.74
N THR Q 48 24.04 49.86 -18.37
CA THR Q 48 22.62 49.85 -18.68
C THR Q 48 22.04 48.46 -18.43
N GLY Q 49 20.87 48.43 -17.82
CA GLY Q 49 20.19 47.19 -17.55
C GLY Q 49 20.47 46.69 -16.15
N GLY Q 50 20.09 45.44 -15.94
CA GLY Q 50 20.23 44.77 -14.66
C GLY Q 50 18.94 44.57 -13.90
N ILE Q 51 17.79 44.72 -14.54
CA ILE Q 51 16.49 44.52 -13.91
C ILE Q 51 15.66 43.63 -14.80
N GLY Q 52 14.97 42.65 -14.20
CA GLY Q 52 14.19 41.73 -14.99
C GLY Q 52 15.10 40.91 -15.88
N ASN Q 53 14.87 41.00 -17.19
CA ASN Q 53 15.65 40.28 -18.19
C ASN Q 53 16.45 41.22 -19.08
N LEU Q 54 16.54 42.49 -18.74
CA LEU Q 54 17.39 43.40 -19.48
C LEU Q 54 18.84 42.96 -19.35
N PRO Q 55 19.58 42.76 -20.44
CA PRO Q 55 21.00 42.45 -20.29
C PRO Q 55 21.77 43.61 -19.70
N ILE Q 56 22.85 43.28 -19.00
CA ILE Q 56 23.69 44.28 -18.34
C ILE Q 56 24.78 44.66 -19.33
N ARG Q 57 24.50 45.66 -20.15
CA ARG Q 57 25.46 46.14 -21.13
C ARG Q 57 26.29 47.27 -20.56
N ASN Q 58 27.49 47.44 -21.09
CA ASN Q 58 28.39 48.53 -20.72
C ASN Q 58 28.80 49.27 -21.98
N TRP Q 59 28.70 50.59 -21.94
CA TRP Q 59 29.02 51.46 -23.06
C TRP Q 59 30.23 52.30 -22.74
N THR Q 60 31.17 52.39 -23.67
CA THR Q 60 32.32 53.26 -23.57
C THR Q 60 32.47 54.01 -24.89
N PHE Q 61 32.79 55.30 -24.81
CA PHE Q 61 32.80 56.18 -25.96
C PHE Q 61 34.20 56.70 -26.21
N ASP Q 62 34.73 56.42 -27.41
CA ASP Q 62 35.86 57.16 -27.95
C ASP Q 62 35.67 57.17 -29.46
N PHE Q 63 35.04 58.23 -29.96
CA PHE Q 63 34.68 58.37 -31.36
C PHE Q 63 35.33 59.62 -31.94
N GLY Q 64 35.57 59.59 -33.24
CA GLY Q 64 36.17 60.72 -33.89
C GLY Q 64 35.18 61.82 -34.19
N LEU Q 65 35.70 63.03 -34.37
CA LEU Q 65 34.87 64.18 -34.68
C LEU Q 65 34.66 64.29 -36.18
N LEU Q 66 33.83 65.24 -36.57
CA LEU Q 66 33.35 65.39 -37.94
C LEU Q 66 33.99 66.60 -38.59
N GLY Q 67 34.14 66.54 -39.91
CA GLY Q 67 34.86 67.57 -40.63
C GLY Q 67 34.18 68.92 -40.54
N THR Q 68 34.92 69.94 -40.96
CA THR Q 68 34.48 71.32 -40.80
C THR Q 68 34.66 72.19 -42.04
N THR Q 69 35.57 71.87 -42.95
CA THR Q 69 35.90 72.78 -44.05
C THR Q 69 35.27 72.38 -45.38
N LEU Q 70 34.84 71.13 -45.53
CA LEU Q 70 34.28 70.70 -46.81
C LEU Q 70 33.04 71.51 -47.13
N LEU Q 71 32.99 72.05 -48.35
CA LEU Q 71 31.88 72.89 -48.76
C LEU Q 71 30.66 72.11 -49.19
N ASN Q 72 30.76 70.81 -49.39
CA ASN Q 72 29.61 69.99 -49.72
C ASN Q 72 29.89 68.55 -49.31
N LEU Q 73 28.97 67.98 -48.54
CA LEU Q 73 29.20 66.65 -47.98
C LEU Q 73 29.29 65.60 -49.09
N ASP Q 74 29.78 64.42 -48.71
CA ASP Q 74 30.03 63.35 -49.66
C ASP Q 74 29.91 62.02 -48.92
N ALA Q 75 30.06 60.93 -49.67
CA ALA Q 75 29.61 59.62 -49.19
C ALA Q 75 30.41 59.16 -47.99
N ASN Q 76 31.74 59.30 -48.03
CA ASN Q 76 32.56 58.78 -46.94
C ASN Q 76 32.30 59.52 -45.63
N TYR Q 77 32.10 60.84 -45.71
CA TYR Q 77 31.70 61.62 -44.55
C TYR Q 77 30.46 61.02 -43.89
N VAL Q 78 29.43 60.77 -44.70
CA VAL Q 78 28.22 60.14 -44.21
C VAL Q 78 28.51 58.77 -43.66
N GLU Q 79 29.48 58.06 -44.23
CA GLU Q 79 29.77 56.70 -43.77
C GLU Q 79 30.34 56.70 -42.36
N THR Q 80 31.32 57.56 -42.10
CA THR Q 80 31.86 57.66 -40.75
C THR Q 80 30.79 58.12 -39.77
N ALA Q 81 30.01 59.13 -40.16
CA ALA Q 81 28.95 59.60 -39.29
C ALA Q 81 27.96 58.49 -38.96
N ARG Q 82 27.66 57.64 -39.95
CA ARG Q 82 26.68 56.58 -39.74
C ARG Q 82 27.24 55.48 -38.84
N THR Q 83 28.54 55.20 -38.97
CA THR Q 83 29.17 54.24 -38.07
C THR Q 83 29.05 54.70 -36.63
N THR Q 84 29.23 56.00 -36.38
CA THR Q 84 29.05 56.51 -35.03
C THR Q 84 27.57 56.52 -34.62
N ILE Q 85 26.68 56.87 -35.55
CA ILE Q 85 25.27 57.07 -35.24
C ILE Q 85 24.61 55.77 -34.84
N GLU Q 86 25.01 54.66 -35.47
CA GLU Q 86 24.44 53.37 -35.10
C GLU Q 86 24.69 53.08 -33.62
N TYR Q 87 25.93 53.27 -33.18
CA TYR Q 87 26.29 53.00 -31.79
C TYR Q 87 25.52 53.92 -30.85
N PHE Q 88 25.46 55.21 -31.18
CA PHE Q 88 24.76 56.13 -30.28
C PHE Q 88 23.27 55.84 -30.22
N ILE Q 89 22.65 55.48 -31.34
CA ILE Q 89 21.23 55.12 -31.31
C ILE Q 89 21.01 53.90 -30.45
N ASP Q 90 21.88 52.91 -30.55
CA ASP Q 90 21.74 51.73 -29.71
C ASP Q 90 21.84 52.11 -28.24
N PHE Q 91 22.81 52.98 -27.91
CA PHE Q 91 22.99 53.41 -26.52
C PHE Q 91 21.73 54.10 -26.00
N ILE Q 92 21.17 55.00 -26.79
CA ILE Q 92 19.97 55.71 -26.35
C ILE Q 92 18.80 54.77 -26.18
N ASP Q 93 18.62 53.83 -27.12
CA ASP Q 93 17.52 52.89 -27.01
C ASP Q 93 17.64 52.09 -25.72
N ASN Q 94 18.83 51.61 -25.42
CA ASN Q 94 19.02 50.83 -24.19
C ASN Q 94 18.77 51.69 -22.96
N VAL Q 95 19.24 52.94 -22.96
CA VAL Q 95 19.04 53.79 -21.79
C VAL Q 95 17.56 54.08 -21.58
N CYS Q 96 16.84 54.36 -22.66
CA CYS Q 96 15.41 54.66 -22.52
C CYS Q 96 14.65 53.44 -22.04
N MET Q 97 14.98 52.25 -22.56
CA MET Q 97 14.35 51.04 -22.05
C MET Q 97 14.69 50.82 -20.58
N ASP Q 98 15.91 51.16 -20.18
CA ASP Q 98 16.30 51.02 -18.78
C ASP Q 98 15.51 51.97 -17.90
N GLU Q 99 15.28 53.19 -18.36
CA GLU Q 99 14.58 54.17 -17.55
C GLU Q 99 13.08 53.92 -17.49
N MET Q 100 12.49 53.41 -18.57
CA MET Q 100 11.05 53.19 -18.58
C MET Q 100 10.60 52.11 -17.61
N VAL Q 101 11.51 51.27 -17.12
CA VAL Q 101 11.15 50.12 -16.30
C VAL Q 101 11.33 50.38 -14.81
N ARG Q 102 11.81 51.55 -14.43
CA ARG Q 102 12.02 51.90 -13.03
C ARG Q 102 10.84 52.68 -12.49
N GLU Q 103 10.62 52.58 -11.19
CA GLU Q 103 9.55 53.30 -10.52
C GLU Q 103 10.07 53.82 -9.19
N SER Q 104 9.24 54.62 -8.52
CA SER Q 104 9.55 55.07 -7.18
C SER Q 104 8.33 55.72 -6.55
N GLN Q 105 7.97 55.29 -5.34
CA GLN Q 105 6.90 55.96 -4.62
C GLN Q 105 7.30 57.39 -4.28
N ARG Q 106 8.54 57.59 -3.84
CA ARG Q 106 9.06 58.90 -3.49
C ARG Q 106 9.84 59.47 -4.67
N ASN Q 107 9.51 60.69 -5.06
CA ASN Q 107 10.29 61.42 -6.04
C ASN Q 107 10.30 60.71 -7.39
N GLY Q 108 9.11 60.41 -7.89
CA GLY Q 108 8.99 59.68 -9.14
C GLY Q 108 9.46 60.44 -10.36
N VAL Q 109 9.71 61.74 -10.23
CA VAL Q 109 10.14 62.55 -11.37
C VAL Q 109 11.65 62.51 -11.51
N ALA Q 110 12.38 62.38 -10.42
CA ALA Q 110 13.83 62.37 -10.51
C ALA Q 110 14.27 61.11 -11.26
N PRO Q 111 15.47 61.13 -11.85
CA PRO Q 111 15.87 59.99 -12.69
C PRO Q 111 16.22 58.77 -11.86
N GLN Q 112 15.71 57.62 -12.31
CA GLN Q 112 16.19 56.30 -11.90
C GLN Q 112 17.18 55.84 -12.97
N SER Q 113 17.57 54.57 -12.94
CA SER Q 113 18.37 54.03 -14.02
C SER Q 113 19.71 54.73 -14.13
N GLU Q 114 20.64 54.42 -13.22
CA GLU Q 114 21.83 55.20 -12.91
C GLU Q 114 22.54 55.80 -14.13
N ALA Q 115 22.43 55.19 -15.30
CA ALA Q 115 22.95 55.83 -16.50
C ALA Q 115 22.33 57.21 -16.70
N LEU Q 116 21.01 57.31 -16.62
CA LEU Q 116 20.35 58.60 -16.79
C LEU Q 116 20.70 59.55 -15.65
N ARG Q 117 20.84 59.02 -14.44
CA ARG Q 117 21.25 59.85 -13.31
C ARG Q 117 22.64 60.42 -13.51
N LYS Q 118 23.54 59.63 -14.11
CA LYS Q 118 24.84 60.17 -14.49
C LYS Q 118 24.70 61.25 -15.54
N LEU Q 119 23.83 61.02 -16.53
CA LEU Q 119 23.61 62.03 -17.57
C LEU Q 119 23.08 63.33 -16.96
N ALA Q 120 22.38 63.24 -15.85
CA ALA Q 120 21.85 64.42 -15.18
C ALA Q 120 22.92 65.25 -14.49
N GLY Q 121 24.22 64.98 -14.61
CA GLY Q 121 25.22 65.76 -13.93
C GLY Q 121 25.52 67.07 -14.63
N ILE Q 122 26.56 67.73 -14.15
CA ILE Q 122 26.96 69.01 -14.71
C ILE Q 122 27.91 68.85 -15.90
N LYS Q 123 28.58 67.71 -16.02
CA LYS Q 123 29.46 67.50 -17.16
C LYS Q 123 28.65 67.46 -18.46
N PHE Q 124 27.49 66.82 -18.44
CA PHE Q 124 26.71 66.57 -19.63
C PHE Q 124 25.72 67.68 -19.95
N LYS Q 125 25.85 68.83 -19.30
CA LYS Q 125 24.92 69.92 -19.57
C LYS Q 125 25.18 70.58 -20.91
N ARG Q 126 26.41 70.51 -21.42
CA ARG Q 126 26.71 71.13 -22.70
C ARG Q 126 25.97 70.46 -23.85
N ILE Q 127 25.43 69.26 -23.63
CA ILE Q 127 24.75 68.56 -24.72
C ILE Q 127 23.44 69.23 -25.08
N ASN Q 128 22.77 69.85 -24.10
CA ASN Q 128 21.38 70.30 -24.22
C ASN Q 128 21.16 71.08 -25.51
N PHE Q 129 20.36 70.54 -26.42
CA PHE Q 129 20.29 71.03 -27.79
C PHE Q 129 19.13 71.99 -27.99
N ASN Q 130 17.90 71.51 -27.84
CA ASN Q 130 16.71 72.35 -27.76
C ASN Q 130 15.54 71.47 -27.37
N ASN Q 131 14.74 71.95 -26.43
CA ASN Q 131 13.56 71.21 -25.98
C ASN Q 131 12.37 71.71 -26.78
N SER Q 132 12.07 71.00 -27.86
CA SER Q 132 11.05 71.40 -28.83
C SER Q 132 9.79 70.56 -28.77
N SER Q 133 9.92 69.26 -28.54
CA SER Q 133 8.76 68.37 -28.61
C SER Q 133 7.75 68.73 -27.53
N GLU Q 134 6.54 68.21 -27.70
CA GLU Q 134 5.47 68.51 -26.76
C GLU Q 134 5.82 68.05 -25.35
N TYR Q 135 6.25 66.80 -25.22
CA TYR Q 135 6.47 66.23 -23.90
C TYR Q 135 7.64 66.89 -23.19
N ILE Q 136 8.72 67.18 -23.92
CA ILE Q 136 9.86 67.82 -23.27
C ILE Q 136 9.53 69.26 -22.90
N GLU Q 137 8.79 69.97 -23.76
CA GLU Q 137 8.42 71.33 -23.43
C GLU Q 137 7.55 71.36 -22.19
N ASN Q 138 6.60 70.45 -22.10
CA ASN Q 138 5.77 70.37 -20.90
C ASN Q 138 6.60 69.96 -19.69
N TRP Q 139 7.60 69.10 -19.90
CA TRP Q 139 8.46 68.69 -18.79
C TRP Q 139 9.21 69.89 -18.22
N ASN Q 140 9.74 70.75 -19.09
CA ASN Q 140 10.41 71.95 -18.61
C ASN Q 140 9.42 72.87 -17.90
N LEU Q 141 8.27 73.12 -18.54
CA LEU Q 141 7.28 74.03 -17.98
C LEU Q 141 6.73 73.54 -16.66
N GLN Q 142 6.78 72.24 -16.41
CA GLN Q 142 6.20 71.65 -15.21
C GLN Q 142 7.23 71.39 -14.13
N ASN Q 143 8.51 71.27 -14.50
CA ASN Q 143 9.58 71.32 -13.52
C ASN Q 143 9.72 72.73 -12.96
N ARG Q 144 10.02 73.70 -13.82
CA ARG Q 144 9.95 75.10 -13.41
C ARG Q 144 8.48 75.44 -13.51
N ARG Q 145 7.77 75.29 -12.39
CA ARG Q 145 6.32 75.11 -12.40
C ARG Q 145 5.58 76.19 -13.18
N GLN Q 146 4.96 75.78 -14.28
CA GLN Q 146 4.12 76.65 -15.09
C GLN Q 146 2.93 75.84 -15.56
N ARG Q 147 1.98 76.52 -16.18
CA ARG Q 147 0.81 75.83 -16.72
C ARG Q 147 1.22 75.08 -17.99
N THR Q 148 0.87 73.80 -18.03
CA THR Q 148 1.17 72.93 -19.15
C THR Q 148 -0.14 72.38 -19.71
N GLY Q 149 -0.03 71.61 -20.79
CA GLY Q 149 -1.19 71.00 -21.37
C GLY Q 149 -0.85 70.04 -22.48
N PHE Q 150 -1.44 68.86 -22.42
CA PHE Q 150 -1.28 67.85 -23.47
C PHE Q 150 -2.58 67.83 -24.27
N VAL Q 151 -2.45 67.91 -25.59
CA VAL Q 151 -3.60 67.79 -26.48
C VAL Q 151 -3.80 66.32 -26.77
N PHE Q 152 -5.03 65.84 -26.61
CA PHE Q 152 -5.35 64.42 -26.75
C PHE Q 152 -6.50 64.26 -27.72
N HIS Q 153 -6.30 63.34 -28.68
CA HIS Q 153 -7.35 62.91 -29.59
C HIS Q 153 -7.96 61.63 -29.02
N LYS Q 154 -9.21 61.73 -28.59
CA LYS Q 154 -9.90 60.62 -27.93
C LYS Q 154 -9.13 60.17 -26.70
N PRO Q 155 -9.06 61.00 -25.67
CA PRO Q 155 -8.36 60.59 -24.44
C PRO Q 155 -9.20 59.58 -23.68
N ASN Q 156 -8.58 58.43 -23.36
CA ASN Q 156 -9.28 57.42 -22.57
C ASN Q 156 -9.18 57.82 -21.10
N ILE Q 157 -9.90 58.89 -20.77
CA ILE Q 157 -9.98 59.34 -19.39
C ILE Q 157 -10.83 58.37 -18.56
N PHE Q 158 -11.89 57.85 -19.14
CA PHE Q 158 -12.81 57.03 -18.38
C PHE Q 158 -12.23 55.64 -18.18
N PRO Q 159 -12.30 55.06 -16.97
CA PRO Q 159 -11.95 53.66 -16.83
C PRO Q 159 -13.10 52.79 -17.29
N TYR Q 160 -12.76 51.60 -17.77
CA TYR Q 160 -13.81 50.71 -18.26
C TYR Q 160 -14.74 50.34 -17.13
N SER Q 161 -16.03 50.63 -17.31
CA SER Q 161 -17.03 50.26 -16.32
C SER Q 161 -18.36 50.12 -17.02
N ALA Q 162 -18.91 48.91 -17.03
CA ALA Q 162 -20.23 48.63 -17.56
C ALA Q 162 -21.09 48.12 -16.42
N SER Q 163 -22.15 48.83 -16.09
CA SER Q 163 -22.96 48.44 -14.95
C SER Q 163 -24.32 49.11 -15.05
N PHE Q 164 -25.11 48.99 -13.98
CA PHE Q 164 -26.46 49.54 -13.97
C PHE Q 164 -26.89 49.81 -12.54
N THR Q 165 -27.89 50.68 -12.40
CA THR Q 165 -28.58 50.90 -11.15
C THR Q 165 -30.08 50.71 -11.37
N LEU Q 166 -30.75 50.20 -10.35
CA LEU Q 166 -32.17 49.88 -10.40
C LEU Q 166 -32.88 50.72 -9.32
N ASN Q 167 -33.51 51.81 -9.74
CA ASN Q 167 -34.32 52.60 -8.82
C ASN Q 167 -35.65 51.93 -8.50
N ARG Q 168 -36.11 51.01 -9.36
CA ARG Q 168 -37.24 50.14 -9.05
C ARG Q 168 -36.83 48.72 -9.34
N SER Q 169 -37.29 47.78 -8.52
CA SER Q 169 -36.92 46.38 -8.70
C SER Q 169 -37.85 45.50 -7.88
N GLN Q 170 -37.81 44.21 -8.18
CA GLN Q 170 -38.59 43.19 -7.48
C GLN Q 170 -37.75 41.92 -7.37
N PRO Q 171 -38.16 40.94 -6.57
CA PRO Q 171 -37.46 39.66 -6.61
C PRO Q 171 -37.51 38.98 -7.97
N MET Q 172 -38.58 39.16 -8.75
CA MET Q 172 -38.54 38.66 -10.12
C MET Q 172 -37.50 39.39 -10.94
N HIS Q 173 -37.46 40.71 -10.82
CA HIS Q 173 -36.99 41.60 -11.89
C HIS Q 173 -37.90 41.47 -13.11
N ASP Q 174 -39.14 41.92 -12.92
CA ASP Q 174 -40.15 41.94 -13.97
C ASP Q 174 -40.70 43.32 -14.27
N ASN Q 175 -40.67 44.25 -13.32
CA ASN Q 175 -41.10 45.63 -13.53
C ASN Q 175 -40.03 46.51 -12.91
N LEU Q 176 -39.02 46.87 -13.70
CA LEU Q 176 -37.86 47.60 -13.24
C LEU Q 176 -37.91 49.03 -13.77
N MET Q 177 -36.99 49.84 -13.25
CA MET Q 177 -36.72 51.16 -13.77
C MET Q 177 -35.35 51.56 -13.25
N GLY Q 178 -34.56 52.20 -14.10
CA GLY Q 178 -33.22 52.56 -13.68
C GLY Q 178 -32.39 53.01 -14.84
N THR Q 179 -31.08 52.84 -14.71
CA THR Q 179 -30.16 53.23 -15.76
C THR Q 179 -29.10 52.17 -15.92
N MET Q 180 -28.49 52.14 -17.10
CA MET Q 180 -27.30 51.37 -17.37
C MET Q 180 -26.29 52.29 -18.02
N TRP Q 181 -25.01 51.95 -17.90
CA TRP Q 181 -24.00 52.79 -18.49
C TRP Q 181 -22.76 51.97 -18.82
N LEU Q 182 -22.15 52.32 -19.95
CA LEU Q 182 -20.78 51.93 -20.29
C LEU Q 182 -19.96 53.20 -20.36
N ASN Q 183 -18.99 53.33 -19.48
CA ASN Q 183 -17.94 54.34 -19.58
C ASN Q 183 -16.68 53.60 -19.99
N ALA Q 184 -16.24 53.81 -21.22
CA ALA Q 184 -15.08 53.08 -21.74
C ALA Q 184 -14.29 53.99 -22.66
N GLY Q 185 -12.99 54.09 -22.41
CA GLY Q 185 -12.17 54.95 -23.24
C GLY Q 185 -12.67 56.37 -23.16
N SER Q 186 -13.03 56.93 -24.32
CA SER Q 186 -13.56 58.28 -24.41
C SER Q 186 -15.06 58.29 -24.69
N GLU Q 187 -15.76 57.23 -24.31
CA GLU Q 187 -17.14 56.99 -24.69
C GLU Q 187 -17.98 56.81 -23.43
N ILE Q 188 -19.13 57.47 -23.39
CA ILE Q 188 -20.15 57.25 -22.36
C ILE Q 188 -21.43 56.92 -23.10
N GLN Q 189 -21.92 55.70 -22.92
CA GLN Q 189 -23.23 55.31 -23.43
C GLN Q 189 -24.10 55.03 -22.21
N VAL Q 190 -25.07 55.90 -21.96
CA VAL Q 190 -25.93 55.80 -20.79
C VAL Q 190 -27.37 55.68 -21.25
N ALA Q 191 -28.07 54.66 -20.75
CA ALA Q 191 -29.41 54.35 -21.19
C ALA Q 191 -30.30 54.16 -19.98
N GLY Q 192 -31.22 55.10 -19.77
CA GLY Q 192 -32.26 54.89 -18.79
C GLY Q 192 -33.36 54.02 -19.37
N PHE Q 193 -34.02 53.27 -18.49
CA PHE Q 193 -35.08 52.37 -18.92
C PHE Q 193 -36.16 52.31 -17.85
N ASP Q 194 -37.36 52.01 -18.30
CA ASP Q 194 -38.52 51.88 -17.43
C ASP Q 194 -39.43 50.84 -18.05
N TYR Q 195 -39.77 49.81 -17.28
CA TYR Q 195 -40.62 48.75 -17.80
C TYR Q 195 -42.06 49.19 -17.91
N SER Q 196 -42.48 50.17 -17.12
CA SER Q 196 -43.83 50.70 -17.18
C SER Q 196 -43.99 51.80 -18.23
N CYS Q 197 -42.91 52.19 -18.90
CA CYS Q 197 -42.93 53.31 -19.84
C CYS Q 197 -43.44 54.57 -19.16
N ALA Q 198 -43.02 54.78 -17.92
CA ALA Q 198 -43.44 55.94 -17.13
C ALA Q 198 -44.95 56.04 -17.05
N LEU Q 199 -45.60 54.90 -16.83
CA LEU Q 199 -47.06 54.87 -16.78
C LEU Q 199 -47.58 55.71 -15.62
N ASN Q 200 -47.08 55.45 -14.42
CA ASN Q 200 -47.57 56.08 -13.20
C ASN Q 200 -46.64 57.17 -12.67
N ALA Q 201 -45.63 57.56 -13.43
CA ALA Q 201 -44.76 58.63 -13.00
C ALA Q 201 -45.54 59.94 -13.00
N PRO Q 202 -45.04 60.96 -12.29
CA PRO Q 202 -45.77 62.24 -12.26
C PRO Q 202 -45.70 62.94 -13.61
N ALA Q 203 -46.87 63.12 -14.22
CA ALA Q 203 -47.01 63.59 -15.59
C ALA Q 203 -46.43 62.61 -16.60
N ASN Q 204 -46.29 61.34 -16.21
CA ASN Q 204 -45.76 60.29 -17.08
C ASN Q 204 -44.34 60.64 -17.56
N ILE Q 205 -43.57 61.25 -16.67
CA ILE Q 205 -42.18 61.60 -16.90
C ILE Q 205 -41.34 60.86 -15.87
N GLN Q 206 -40.31 60.17 -16.35
CA GLN Q 206 -39.33 59.50 -15.48
C GLN Q 206 -37.99 60.17 -15.68
N GLN Q 207 -37.44 60.74 -14.62
CA GLN Q 207 -36.21 61.50 -14.68
C GLN Q 207 -35.03 60.58 -14.40
N PHE Q 208 -34.10 60.49 -15.35
CA PHE Q 208 -32.87 59.73 -15.20
C PHE Q 208 -31.70 60.70 -15.13
N GLU Q 209 -30.76 60.42 -14.23
CA GLU Q 209 -29.58 61.25 -14.05
C GLU Q 209 -28.37 60.35 -13.89
N HIS Q 210 -27.24 60.79 -14.45
CA HIS Q 210 -26.01 60.02 -14.46
C HIS Q 210 -24.84 60.97 -14.25
N ILE Q 211 -24.04 60.70 -13.21
CA ILE Q 211 -22.88 61.53 -12.87
C ILE Q 211 -21.64 60.71 -13.16
N VAL Q 212 -20.80 61.20 -14.07
CA VAL Q 212 -19.52 60.58 -14.38
C VAL Q 212 -18.43 61.52 -13.93
N GLN Q 213 -17.56 61.04 -13.05
CA GLN Q 213 -16.54 61.86 -12.41
C GLN Q 213 -15.19 61.48 -12.98
N LEU Q 214 -14.54 62.42 -13.67
CA LEU Q 214 -13.23 62.13 -14.24
C LEU Q 214 -12.17 62.12 -13.14
N ARG Q 215 -11.09 61.40 -13.40
CA ARG Q 215 -9.98 61.36 -12.46
C ARG Q 215 -9.09 62.58 -12.56
N ARG Q 216 -9.12 63.29 -13.68
CA ARG Q 216 -8.42 64.57 -13.81
C ARG Q 216 -9.25 65.48 -14.69
N ALA Q 217 -9.08 66.79 -14.49
CA ALA Q 217 -9.87 67.77 -15.19
C ALA Q 217 -9.37 67.93 -16.63
N LEU Q 218 -10.29 67.88 -17.58
CA LEU Q 218 -9.99 68.11 -18.99
C LEU Q 218 -10.36 69.55 -19.36
N THR Q 219 -9.67 70.08 -20.37
CA THR Q 219 -9.79 71.47 -20.76
C THR Q 219 -10.08 71.57 -22.25
N THR Q 220 -11.00 72.47 -22.60
CA THR Q 220 -11.36 72.77 -23.98
C THR Q 220 -11.62 71.50 -24.78
N ALA Q 221 -12.57 70.72 -24.30
CA ALA Q 221 -12.87 69.42 -24.86
C ALA Q 221 -14.06 69.53 -25.82
N THR Q 222 -13.87 69.05 -27.05
CA THR Q 222 -14.96 68.90 -27.99
C THR Q 222 -15.61 67.54 -27.76
N ILE Q 223 -16.94 67.54 -27.67
CA ILE Q 223 -17.70 66.38 -27.29
C ILE Q 223 -18.83 66.18 -28.29
N THR Q 224 -18.93 64.97 -28.82
CA THR Q 224 -20.01 64.61 -29.73
C THR Q 224 -21.11 63.92 -28.93
N LEU Q 225 -22.26 64.58 -28.84
CA LEU Q 225 -23.40 64.09 -28.06
C LEU Q 225 -24.53 63.76 -29.02
N LEU Q 226 -25.00 62.52 -28.98
CA LEU Q 226 -26.07 62.03 -29.81
C LEU Q 226 -27.08 61.27 -28.97
N PRO Q 227 -28.33 61.18 -29.41
CA PRO Q 227 -29.32 60.43 -28.62
C PRO Q 227 -29.31 58.95 -28.93
N ASP Q 228 -30.14 58.19 -28.24
CA ASP Q 228 -30.40 56.79 -28.56
C ASP Q 228 -29.12 55.97 -28.56
N ALA Q 229 -28.57 55.80 -27.36
CA ALA Q 229 -27.39 54.98 -27.13
C ALA Q 229 -27.51 53.63 -27.83
N GLU Q 230 -26.66 53.40 -28.82
CA GLU Q 230 -26.77 52.25 -29.69
C GLU Q 230 -26.37 50.94 -29.00
N ARG Q 231 -25.80 51.01 -27.80
CA ARG Q 231 -25.25 49.83 -27.15
C ARG Q 231 -26.23 49.13 -26.22
N PHE Q 232 -27.29 49.82 -25.79
CA PHE Q 232 -28.26 49.23 -24.87
C PHE Q 232 -29.64 49.14 -25.49
N SER Q 233 -29.75 49.33 -26.80
CA SER Q 233 -31.04 49.46 -27.48
C SER Q 233 -31.45 48.16 -28.15
N PHE Q 234 -31.12 47.03 -27.55
CA PHE Q 234 -31.43 45.72 -28.08
C PHE Q 234 -31.59 44.74 -26.92
N PRO Q 235 -32.19 43.57 -27.17
CA PRO Q 235 -32.50 42.66 -26.05
C PRO Q 235 -31.27 42.17 -25.32
N ARG Q 236 -31.46 41.85 -24.05
CA ARG Q 236 -30.41 41.39 -23.16
C ARG Q 236 -31.00 40.46 -22.12
N VAL Q 237 -30.14 39.63 -21.54
CA VAL Q 237 -30.42 38.99 -20.26
C VAL Q 237 -29.22 39.27 -19.37
N ILE Q 238 -29.48 39.87 -18.22
CA ILE Q 238 -28.43 40.46 -17.39
C ILE Q 238 -28.47 39.79 -16.02
N ASN Q 239 -27.32 39.31 -15.58
CA ASN Q 239 -27.24 38.76 -14.22
C ASN Q 239 -27.52 39.87 -13.21
N SER Q 240 -28.22 39.51 -12.14
CA SER Q 240 -28.65 40.49 -11.17
C SER Q 240 -27.46 41.09 -10.44
N ALA Q 241 -27.74 42.13 -9.65
CA ALA Q 241 -26.68 42.76 -8.88
C ALA Q 241 -26.09 41.77 -7.88
N ASP Q 242 -26.92 40.95 -7.26
CA ASP Q 242 -26.45 39.94 -6.34
C ASP Q 242 -25.82 38.76 -7.06
N GLY Q 243 -26.10 38.58 -8.34
CA GLY Q 243 -25.68 37.40 -9.06
C GLY Q 243 -26.55 36.18 -8.86
N ALA Q 244 -27.64 36.31 -8.09
CA ALA Q 244 -28.48 35.16 -7.81
C ALA Q 244 -29.19 34.68 -9.08
N THR Q 245 -30.01 35.55 -9.67
CA THR Q 245 -30.80 35.24 -10.86
C THR Q 245 -30.36 36.13 -12.00
N THR Q 246 -31.06 36.02 -13.12
CA THR Q 246 -30.91 36.90 -14.26
C THR Q 246 -32.23 37.59 -14.54
N TRP Q 247 -32.19 38.62 -15.38
CA TRP Q 247 -33.40 39.35 -15.72
C TRP Q 247 -33.37 39.77 -17.18
N PHE Q 248 -34.51 39.63 -17.84
CA PHE Q 248 -34.64 39.92 -19.25
C PHE Q 248 -34.86 41.41 -19.45
N PHE Q 249 -34.37 41.93 -20.57
CA PHE Q 249 -34.47 43.34 -20.91
C PHE Q 249 -34.77 43.45 -22.39
N ASN Q 250 -35.86 44.13 -22.74
CA ASN Q 250 -36.42 44.13 -24.10
C ASN Q 250 -36.73 45.57 -24.50
N PRO Q 251 -35.72 46.32 -24.95
CA PRO Q 251 -35.91 47.75 -25.16
C PRO Q 251 -36.85 48.09 -26.30
N ILE Q 252 -37.53 49.23 -26.13
CA ILE Q 252 -38.15 49.98 -27.21
C ILE Q 252 -37.72 51.43 -27.01
N ILE Q 253 -37.18 52.04 -28.05
CA ILE Q 253 -36.36 53.24 -27.90
C ILE Q 253 -37.22 54.47 -28.14
N LEU Q 254 -37.46 55.22 -27.06
CA LEU Q 254 -37.96 56.58 -27.14
C LEU Q 254 -36.75 57.50 -27.27
N ARG Q 255 -36.95 58.68 -27.87
CA ARG Q 255 -35.87 59.64 -27.72
C ARG Q 255 -35.93 60.29 -26.35
N PRO Q 256 -34.79 60.71 -25.79
CA PRO Q 256 -34.82 61.41 -24.51
C PRO Q 256 -35.27 62.85 -24.73
N ASN Q 257 -36.35 63.24 -24.08
CA ASN Q 257 -36.84 64.61 -24.17
C ASN Q 257 -36.17 65.47 -23.12
N ASN Q 258 -36.01 66.76 -23.46
CA ASN Q 258 -35.29 67.78 -22.69
C ASN Q 258 -34.07 67.21 -21.96
N VAL Q 259 -33.20 66.56 -22.74
CA VAL Q 259 -31.90 66.18 -22.23
C VAL Q 259 -31.13 67.44 -21.84
N GLU Q 260 -30.34 67.33 -20.78
CA GLU Q 260 -29.48 68.42 -20.35
C GLU Q 260 -28.17 67.83 -19.86
N VAL Q 261 -27.07 68.29 -20.44
CA VAL Q 261 -25.73 67.87 -20.04
C VAL Q 261 -25.03 69.05 -19.40
N GLU Q 262 -24.55 68.85 -18.17
CA GLU Q 262 -23.82 69.87 -17.44
C GLU Q 262 -22.40 69.39 -17.23
N PHE Q 263 -21.44 70.25 -17.52
CA PHE Q 263 -20.05 70.00 -17.26
C PHE Q 263 -19.65 70.86 -16.06
N LEU Q 264 -19.12 70.19 -15.03
CA LEU Q 264 -18.91 70.75 -13.71
C LEU Q 264 -17.44 70.71 -13.36
N LEU Q 265 -16.93 71.81 -12.81
CA LEU Q 265 -15.59 71.86 -12.22
C LEU Q 265 -15.73 72.38 -10.80
N ASN Q 266 -15.33 71.55 -9.82
CA ASN Q 266 -15.36 71.93 -8.42
C ASN Q 266 -16.76 72.36 -8.00
N GLY Q 267 -17.74 71.58 -8.40
CA GLY Q 267 -19.13 71.84 -8.04
C GLY Q 267 -19.87 72.79 -8.95
N GLN Q 268 -19.25 73.92 -9.28
CA GLN Q 268 -19.92 74.94 -10.08
C GLN Q 268 -20.23 74.42 -11.48
N ILE Q 269 -21.29 74.96 -12.08
CA ILE Q 269 -21.77 74.51 -13.39
C ILE Q 269 -21.04 75.36 -14.42
N ILE Q 270 -19.91 74.84 -14.91
CA ILE Q 270 -19.12 75.57 -15.89
C ILE Q 270 -19.87 75.67 -17.21
N ASN Q 271 -20.44 74.55 -17.67
CA ASN Q 271 -21.19 74.53 -18.93
C ASN Q 271 -22.50 73.79 -18.75
N THR Q 272 -23.51 74.21 -19.50
CA THR Q 272 -24.79 73.52 -19.53
C THR Q 272 -25.35 73.61 -20.94
N TYR Q 273 -25.84 72.50 -21.45
CA TYR Q 273 -26.44 72.44 -22.77
C TYR Q 273 -27.75 71.67 -22.68
N GLN Q 274 -28.84 72.29 -23.10
CA GLN Q 274 -30.17 71.71 -23.05
C GLN Q 274 -30.65 71.38 -24.45
N ALA Q 275 -31.03 70.12 -24.68
CA ALA Q 275 -31.66 69.68 -25.91
C ALA Q 275 -30.80 69.93 -27.14
N ARG Q 276 -29.49 70.06 -26.96
CA ARG Q 276 -28.55 70.20 -28.06
C ARG Q 276 -27.84 68.88 -28.31
N PHE Q 277 -27.51 68.62 -29.56
CA PHE Q 277 -26.78 67.44 -29.96
C PHE Q 277 -25.68 67.86 -30.94
N GLY Q 278 -24.95 66.88 -31.44
CA GLY Q 278 -23.81 67.17 -32.27
C GLY Q 278 -22.64 67.63 -31.42
N THR Q 279 -21.72 68.35 -32.06
CA THR Q 279 -20.54 68.79 -31.34
C THR Q 279 -20.90 69.89 -30.35
N ILE Q 280 -20.30 69.80 -29.16
CA ILE Q 280 -20.44 70.77 -28.09
C ILE Q 280 -19.08 70.91 -27.44
N VAL Q 281 -18.91 71.94 -26.62
CA VAL Q 281 -17.60 72.26 -26.06
C VAL Q 281 -17.72 72.44 -24.56
N ALA Q 282 -16.83 71.76 -23.82
CA ALA Q 282 -16.69 71.96 -22.38
C ALA Q 282 -15.35 72.65 -22.15
N ARG Q 283 -15.41 73.92 -21.75
CA ARG Q 283 -14.18 74.70 -21.63
C ARG Q 283 -13.27 74.14 -20.55
N ASN Q 284 -13.83 73.75 -19.41
CA ASN Q 284 -13.03 73.26 -18.30
C ASN Q 284 -13.96 72.51 -17.36
N PHE Q 285 -13.72 71.21 -17.17
CA PHE Q 285 -14.65 70.40 -16.40
C PHE Q 285 -13.95 69.21 -15.79
N ASP Q 286 -14.61 68.64 -14.77
CA ASP Q 286 -14.15 67.46 -14.08
C ASP Q 286 -15.25 66.44 -13.84
N THR Q 287 -16.52 66.81 -14.03
CA THR Q 287 -17.63 65.89 -13.89
C THR Q 287 -18.65 66.19 -14.97
N ILE Q 288 -19.36 65.16 -15.41
CA ILE Q 288 -20.40 65.27 -16.42
C ILE Q 288 -21.70 64.76 -15.81
N ARG Q 289 -22.70 65.62 -15.74
CA ARG Q 289 -24.03 65.27 -15.26
C ARG Q 289 -24.95 65.23 -16.48
N LEU Q 290 -25.41 64.04 -16.84
CA LEU Q 290 -26.37 63.86 -17.92
C LEU Q 290 -27.73 63.60 -17.31
N SER Q 291 -28.70 64.45 -17.60
CA SER Q 291 -30.04 64.33 -17.05
C SER Q 291 -31.02 64.32 -18.20
N PHE Q 292 -31.68 63.18 -18.41
CA PHE Q 292 -32.67 63.04 -19.47
C PHE Q 292 -33.96 62.53 -18.87
N GLN Q 293 -35.00 62.47 -19.69
CA GLN Q 293 -36.34 62.14 -19.23
C GLN Q 293 -37.00 61.20 -20.22
N LEU Q 294 -37.71 60.22 -19.69
CA LEU Q 294 -38.57 59.36 -20.49
C LEU Q 294 -40.00 59.86 -20.30
N MET Q 295 -40.57 60.43 -21.36
CA MET Q 295 -41.94 60.93 -21.35
C MET Q 295 -42.80 59.96 -22.14
N ARG Q 296 -43.88 59.50 -21.53
CA ARG Q 296 -44.79 58.62 -22.26
C ARG Q 296 -45.37 59.39 -23.46
N PRO Q 297 -45.56 58.76 -24.60
CA PRO Q 297 -46.24 59.44 -25.70
C PRO Q 297 -47.66 59.82 -25.30
N PRO Q 298 -48.02 61.10 -25.34
CA PRO Q 298 -49.41 61.46 -25.04
C PRO Q 298 -50.37 60.84 -26.04
N ASN Q 299 -50.15 61.10 -27.33
CA ASN Q 299 -50.86 60.41 -28.40
C ASN Q 299 -50.06 59.19 -28.82
N MET Q 300 -50.78 58.15 -29.25
CA MET Q 300 -50.15 56.83 -29.40
C MET Q 300 -50.98 56.02 -30.38
N THR Q 301 -50.37 55.61 -31.49
CA THR Q 301 -51.09 54.81 -32.47
C THR Q 301 -51.31 53.40 -31.93
N PRO Q 302 -52.22 52.63 -32.53
CA PRO Q 302 -52.57 51.33 -31.94
C PRO Q 302 -51.42 50.37 -31.73
N ALA Q 303 -50.43 50.31 -32.63
CA ALA Q 303 -49.34 49.34 -32.45
C ALA Q 303 -48.50 49.67 -31.22
N VAL Q 304 -48.05 50.92 -31.13
CA VAL Q 304 -47.28 51.32 -29.96
C VAL Q 304 -48.13 51.27 -28.69
N ASN Q 305 -49.43 51.52 -28.80
CA ASN Q 305 -50.28 51.35 -27.63
C ASN Q 305 -50.31 49.90 -27.18
N ALA Q 306 -50.42 48.97 -28.13
CA ALA Q 306 -50.35 47.56 -27.80
C ALA Q 306 -49.04 47.22 -27.12
N LEU Q 307 -47.96 47.89 -27.52
CA LEU Q 307 -46.69 47.68 -26.83
C LEU Q 307 -46.77 48.12 -25.38
N PHE Q 308 -47.34 49.31 -25.13
CA PHE Q 308 -47.34 49.89 -23.79
C PHE Q 308 -48.72 49.77 -23.14
N PRO Q 309 -48.97 48.78 -22.26
CA PRO Q 309 -50.31 48.64 -21.67
C PRO Q 309 -50.41 49.33 -20.32
N GLN Q 310 -51.63 49.40 -19.78
CA GLN Q 310 -51.84 49.80 -18.39
C GLN Q 310 -51.69 48.64 -17.42
N ALA Q 311 -51.70 47.41 -17.91
CA ALA Q 311 -51.71 46.23 -17.05
C ALA Q 311 -50.30 45.95 -16.52
N GLN Q 312 -50.10 44.78 -15.95
CA GLN Q 312 -48.82 44.41 -15.34
C GLN Q 312 -47.75 43.93 -16.31
N PRO Q 313 -48.03 42.99 -17.22
CA PRO Q 313 -46.95 42.12 -17.73
C PRO Q 313 -45.77 42.85 -18.37
N PHE Q 314 -46.01 43.90 -19.17
CA PHE Q 314 -44.93 44.73 -19.71
C PHE Q 314 -43.93 43.90 -20.52
N GLN Q 315 -44.43 43.37 -21.64
CA GLN Q 315 -43.58 42.55 -22.49
C GLN Q 315 -42.44 43.35 -23.11
N HIS Q 316 -42.64 44.65 -23.33
CA HIS Q 316 -41.62 45.53 -23.89
C HIS Q 316 -41.37 46.69 -22.94
N HIS Q 317 -40.12 47.14 -22.87
CA HIS Q 317 -39.66 48.06 -21.85
C HIS Q 317 -39.10 49.31 -22.50
N ALA Q 318 -39.61 50.48 -22.13
CA ALA Q 318 -39.18 51.70 -22.79
C ALA Q 318 -37.79 52.08 -22.33
N THR Q 319 -36.99 52.65 -23.23
CA THR Q 319 -35.66 53.12 -22.89
C THR Q 319 -35.34 54.39 -23.64
N VAL Q 320 -34.57 55.25 -23.00
CA VAL Q 320 -34.08 56.50 -23.58
C VAL Q 320 -32.59 56.58 -23.31
N GLY Q 321 -31.80 56.85 -24.36
CA GLY Q 321 -30.37 56.69 -24.29
C GLY Q 321 -29.63 57.96 -24.70
N LEU Q 322 -28.32 57.91 -24.49
CA LEU Q 322 -27.41 58.98 -24.86
C LEU Q 322 -26.04 58.41 -25.11
N THR Q 323 -25.35 58.95 -26.10
CA THR Q 323 -23.97 58.61 -26.42
C THR Q 323 -23.15 59.89 -26.42
N LEU Q 324 -22.02 59.86 -25.74
CA LEU Q 324 -21.20 61.05 -25.53
C LEU Q 324 -19.75 60.65 -25.74
N ARG Q 325 -19.17 61.13 -26.83
CA ARG Q 325 -17.75 60.90 -27.12
C ARG Q 325 -16.98 62.17 -26.80
N ILE Q 326 -15.79 62.01 -26.21
CA ILE Q 326 -14.87 63.13 -26.03
C ILE Q 326 -13.90 63.06 -27.20
N GLU Q 327 -14.25 63.77 -28.29
CA GLU Q 327 -13.46 63.67 -29.51
C GLU Q 327 -12.04 64.18 -29.29
N SER Q 328 -11.91 65.28 -28.54
CA SER Q 328 -10.60 65.87 -28.29
C SER Q 328 -10.64 66.57 -26.93
N ALA Q 329 -9.46 66.82 -26.39
CA ALA Q 329 -9.39 67.52 -25.11
C ALA Q 329 -7.98 68.02 -24.89
N VAL Q 330 -7.83 68.85 -23.87
CA VAL Q 330 -6.53 69.30 -23.37
C VAL Q 330 -6.51 69.01 -21.88
N CYS Q 331 -5.48 68.30 -21.43
CA CYS Q 331 -5.39 67.84 -20.05
C CYS Q 331 -4.08 68.27 -19.41
N GLU Q 332 -4.15 68.53 -18.11
CA GLU Q 332 -2.96 68.95 -17.39
C GLU Q 332 -1.95 67.81 -17.26
N SER Q 333 -2.43 66.62 -16.94
CA SER Q 333 -1.58 65.46 -16.72
C SER Q 333 -1.58 64.59 -17.98
N VAL Q 334 -0.77 63.55 -17.94
CA VAL Q 334 -0.57 62.68 -19.10
C VAL Q 334 -1.66 61.61 -19.11
N LEU Q 335 -2.07 61.21 -20.31
CA LEU Q 335 -3.06 60.16 -20.50
C LEU Q 335 -2.75 59.41 -21.79
N ALA Q 336 -3.41 58.27 -21.97
CA ALA Q 336 -3.29 57.51 -23.19
C ALA Q 336 -4.28 58.03 -24.22
N ASP Q 337 -4.04 57.65 -25.48
CA ASP Q 337 -4.81 58.15 -26.61
C ASP Q 337 -5.00 57.04 -27.62
N ALA Q 338 -5.74 57.38 -28.68
CA ALA Q 338 -5.75 56.61 -29.92
C ALA Q 338 -4.82 57.22 -30.96
N ASN Q 339 -3.88 58.06 -30.55
CA ASN Q 339 -3.02 58.79 -31.47
C ASN Q 339 -1.55 58.78 -31.04
N GLU Q 340 -1.20 58.12 -29.94
CA GLU Q 340 0.18 58.06 -29.48
C GLU Q 340 0.45 56.67 -28.93
N THR Q 341 1.65 56.17 -29.22
CA THR Q 341 2.06 54.82 -28.83
C THR Q 341 2.95 54.82 -27.60
N LEU Q 342 2.74 55.75 -26.67
CA LEU Q 342 3.61 55.86 -25.51
C LEU Q 342 3.26 54.82 -24.45
N LEU Q 343 1.97 54.72 -24.11
CA LEU Q 343 1.55 53.65 -23.22
C LEU Q 343 1.89 52.30 -23.82
N ALA Q 344 1.67 52.14 -25.12
CA ALA Q 344 2.01 50.90 -25.78
C ALA Q 344 3.50 50.61 -25.68
N ASN Q 345 4.34 51.63 -25.89
CA ASN Q 345 5.78 51.42 -25.82
C ASN Q 345 6.22 51.02 -24.42
N VAL Q 346 5.71 51.71 -23.40
CA VAL Q 346 6.15 51.42 -22.04
C VAL Q 346 5.70 50.02 -21.63
N THR Q 347 4.43 49.69 -21.89
CA THR Q 347 3.95 48.37 -21.53
C THR Q 347 4.70 47.29 -22.30
N ALA Q 348 4.99 47.54 -23.57
CA ALA Q 348 5.73 46.56 -24.35
C ALA Q 348 7.14 46.38 -23.81
N VAL Q 349 7.79 47.47 -23.41
CA VAL Q 349 9.16 47.35 -22.91
C VAL Q 349 9.17 46.58 -21.60
N ARG Q 350 8.16 46.76 -20.77
CA ARG Q 350 8.11 45.99 -19.53
C ARG Q 350 7.79 44.53 -19.79
N GLN Q 351 6.89 44.26 -20.75
CA GLN Q 351 6.49 42.88 -21.01
C GLN Q 351 7.60 42.11 -21.69
N GLU Q 352 8.37 42.74 -22.56
CA GLU Q 352 9.40 42.04 -23.32
C GLU Q 352 10.46 41.45 -22.41
N TYR Q 353 10.68 42.06 -21.25
CA TYR Q 353 11.74 41.67 -20.33
C TYR Q 353 11.24 41.24 -18.96
N ALA Q 354 9.92 41.21 -18.74
CA ALA Q 354 9.35 40.68 -17.50
C ALA Q 354 9.90 41.42 -16.28
N ILE Q 355 9.67 42.72 -16.27
CA ILE Q 355 10.13 43.54 -15.15
C ILE Q 355 9.40 43.13 -13.89
N PRO Q 356 10.06 43.01 -12.74
CA PRO Q 356 9.31 42.71 -11.51
C PRO Q 356 8.30 43.80 -11.21
N VAL Q 357 7.15 43.39 -10.66
CA VAL Q 357 6.09 44.34 -10.35
C VAL Q 357 6.61 45.35 -9.33
N GLY Q 358 6.36 46.62 -9.58
CA GLY Q 358 6.93 47.68 -8.80
C GLY Q 358 5.97 48.25 -7.78
N PRO Q 359 6.41 49.25 -7.03
CA PRO Q 359 5.54 49.80 -5.97
C PRO Q 359 4.35 50.58 -6.51
N VAL Q 360 4.53 51.36 -7.56
CA VAL Q 360 3.56 52.40 -7.93
C VAL Q 360 2.62 51.96 -9.05
N PHE Q 361 3.14 51.34 -10.10
CA PHE Q 361 2.27 50.99 -11.22
C PHE Q 361 1.53 49.69 -10.94
N PRO Q 362 0.41 49.44 -11.61
CA PRO Q 362 -0.29 48.17 -11.41
C PRO Q 362 0.43 47.05 -12.13
N PRO Q 363 0.09 45.80 -11.82
CA PRO Q 363 0.68 44.69 -12.59
C PRO Q 363 0.26 44.76 -14.04
N GLY Q 364 1.25 44.81 -14.93
CA GLY Q 364 1.00 44.82 -16.35
C GLY Q 364 0.61 46.15 -16.93
N MET Q 365 0.52 47.19 -16.10
CA MET Q 365 0.20 48.54 -16.57
C MET Q 365 -1.13 48.58 -17.30
N ASN Q 366 -2.11 47.86 -16.78
CA ASN Q 366 -3.44 47.92 -17.38
C ASN Q 366 -4.05 49.29 -17.11
N TRP Q 367 -4.53 49.93 -18.16
CA TRP Q 367 -4.89 51.34 -18.07
C TRP Q 367 -6.07 51.55 -17.14
N THR Q 368 -7.01 50.60 -17.08
CA THR Q 368 -8.18 50.78 -16.24
C THR Q 368 -7.78 50.95 -14.78
N GLU Q 369 -6.97 50.03 -14.26
CA GLU Q 369 -6.50 50.15 -12.89
C GLU Q 369 -5.46 51.24 -12.74
N LEU Q 370 -4.79 51.63 -13.83
CA LEU Q 370 -3.81 52.71 -13.73
C LEU Q 370 -4.47 54.07 -13.60
N ILE Q 371 -5.69 54.22 -14.14
CA ILE Q 371 -6.38 55.50 -14.12
C ILE Q 371 -7.39 55.55 -12.99
N THR Q 372 -7.95 54.40 -12.60
CA THR Q 372 -8.95 54.40 -11.53
C THR Q 372 -8.37 54.94 -10.23
N ASN Q 373 -7.15 54.53 -9.91
CA ASN Q 373 -6.39 55.08 -8.80
C ASN Q 373 -5.16 55.77 -9.38
N TYR Q 374 -5.17 57.09 -9.38
CA TYR Q 374 -4.25 57.90 -10.16
C TYR Q 374 -3.59 58.96 -9.29
N SER Q 375 -3.03 58.52 -8.16
CA SER Q 375 -2.49 59.43 -7.17
C SER Q 375 -1.33 60.24 -7.76
N PRO Q 376 -0.98 61.37 -7.14
CA PRO Q 376 0.08 62.22 -7.72
C PRO Q 376 1.39 61.51 -7.96
N SER Q 377 1.82 60.63 -7.07
CA SER Q 377 3.09 59.93 -7.28
C SER Q 377 3.01 59.03 -8.52
N ARG Q 378 1.89 58.32 -8.67
CA ARG Q 378 1.69 57.49 -9.84
C ARG Q 378 1.66 58.35 -11.10
N GLU Q 379 1.03 59.51 -11.03
CA GLU Q 379 1.01 60.41 -12.19
C GLU Q 379 2.41 60.88 -12.54
N ASP Q 380 3.23 61.18 -11.52
CA ASP Q 380 4.59 61.65 -11.78
C ASP Q 380 5.42 60.56 -12.45
N ASN Q 381 5.36 59.34 -11.92
CA ASN Q 381 6.08 58.24 -12.56
C ASN Q 381 5.57 58.00 -13.98
N LEU Q 382 4.26 58.13 -14.17
CA LEU Q 382 3.71 57.95 -15.51
C LEU Q 382 4.24 59.01 -16.46
N GLN Q 383 4.30 60.26 -16.02
CA GLN Q 383 4.83 61.31 -16.87
C GLN Q 383 6.28 61.04 -17.22
N ARG Q 384 7.07 60.57 -16.24
CA ARG Q 384 8.48 60.29 -16.50
C ARG Q 384 8.63 59.19 -17.55
N VAL Q 385 7.95 58.07 -17.36
CA VAL Q 385 8.11 56.96 -18.30
C VAL Q 385 7.54 57.34 -19.67
N PHE Q 386 6.45 58.11 -19.70
CA PHE Q 386 5.89 58.52 -20.98
C PHE Q 386 6.84 59.44 -21.74
N THR Q 387 7.47 60.39 -21.05
CA THR Q 387 8.40 61.25 -21.77
C THR Q 387 9.63 60.48 -22.22
N VAL Q 388 10.07 59.50 -21.44
CA VAL Q 388 11.19 58.67 -21.89
C VAL Q 388 10.80 57.91 -23.14
N ALA Q 389 9.58 57.35 -23.15
CA ALA Q 389 9.12 56.63 -24.33
C ALA Q 389 9.01 57.55 -25.52
N SER Q 390 8.58 58.80 -25.30
CA SER Q 390 8.54 59.77 -26.38
C SER Q 390 9.93 60.06 -26.92
N ILE Q 391 10.92 60.12 -26.03
CA ILE Q 391 12.30 60.32 -26.47
C ILE Q 391 12.75 59.13 -27.31
N ARG Q 392 12.39 57.92 -26.89
CA ARG Q 392 12.81 56.72 -27.60
C ARG Q 392 12.13 56.61 -28.96
N SER Q 393 10.88 57.07 -29.06
CA SER Q 393 10.15 57.03 -30.32
C SER Q 393 10.73 57.96 -31.38
N MET Q 394 11.65 58.85 -31.01
CA MET Q 394 12.32 59.69 -31.99
C MET Q 394 13.36 58.94 -32.78
N LEU Q 395 13.73 57.73 -32.36
CA LEU Q 395 14.73 56.93 -33.04
C LEU Q 395 14.25 55.52 -33.37
N ILE Q 396 13.48 54.90 -32.50
CA ILE Q 396 13.14 53.49 -32.61
C ILE Q 396 11.63 53.37 -32.81
N LYS Q 397 11.24 52.76 -33.92
CA LYS Q 397 9.84 52.44 -34.18
C LYS Q 397 9.74 51.06 -34.82
N MET R 1 -1.35 90.19 -39.14
CA MET R 1 -1.51 88.90 -38.40
C MET R 1 -0.31 88.00 -38.59
N GLU R 2 0.31 88.08 -39.76
CA GLU R 2 1.58 87.38 -39.96
C GLU R 2 2.60 87.83 -38.94
N VAL R 3 2.55 89.10 -38.53
CA VAL R 3 3.43 89.57 -37.47
C VAL R 3 3.11 88.87 -36.16
N LEU R 4 1.83 88.66 -35.88
CA LEU R 4 1.47 87.96 -34.65
C LEU R 4 1.99 86.55 -34.66
N TYR R 5 1.83 85.84 -35.78
CA TYR R 5 2.34 84.47 -35.84
C TYR R 5 3.85 84.46 -35.74
N SER R 6 4.51 85.46 -36.33
CA SER R 6 5.96 85.52 -36.24
C SER R 6 6.41 85.71 -34.80
N LEU R 7 5.76 86.60 -34.06
CA LEU R 7 6.07 86.75 -32.64
C LEU R 7 5.85 85.45 -31.90
N SER R 8 4.75 84.76 -32.17
CA SER R 8 4.47 83.53 -31.46
C SER R 8 5.52 82.46 -31.76
N LYS R 9 5.92 82.32 -33.02
CA LYS R 9 6.97 81.39 -33.38
C LYS R 9 8.28 81.76 -32.69
N THR R 10 8.61 83.05 -32.68
CA THR R 10 9.85 83.49 -32.07
C THR R 10 9.87 83.16 -30.59
N LEU R 11 8.74 83.32 -29.91
CA LEU R 11 8.71 83.08 -28.48
C LEU R 11 8.71 81.58 -28.17
N LYS R 12 8.02 80.78 -28.98
CA LYS R 12 8.11 79.34 -28.80
C LYS R 12 9.55 78.86 -29.00
N ASP R 13 10.23 79.40 -30.01
CA ASP R 13 11.62 79.03 -30.22
C ASP R 13 12.51 79.54 -29.09
N ALA R 14 12.20 80.71 -28.54
CA ALA R 14 12.98 81.20 -27.40
C ALA R 14 12.81 80.28 -26.21
N ARG R 15 11.60 79.78 -26.00
CA ARG R 15 11.35 78.87 -24.89
C ARG R 15 11.91 77.48 -25.14
N ASP R 16 12.13 77.10 -26.39
CA ASP R 16 12.63 75.77 -26.72
C ASP R 16 14.14 75.70 -26.85
N LYS R 17 14.75 76.66 -27.53
CA LYS R 17 16.17 76.62 -27.89
C LYS R 17 17.06 77.38 -26.92
N ILE R 18 16.58 78.46 -26.30
CA ILE R 18 17.40 79.16 -25.33
C ILE R 18 17.22 78.45 -24.01
N VAL R 19 17.98 77.37 -23.83
CA VAL R 19 17.99 76.58 -22.60
C VAL R 19 19.45 76.38 -22.22
N GLU R 20 19.74 76.48 -20.93
CA GLU R 20 21.11 76.60 -20.47
C GLU R 20 21.91 75.36 -20.84
N GLY R 21 23.14 75.59 -21.32
CA GLY R 21 24.00 74.55 -21.83
C GLY R 21 24.09 74.48 -23.34
N THR R 22 23.17 75.14 -24.06
CA THR R 22 23.17 75.07 -25.51
C THR R 22 24.37 75.77 -26.09
N LEU R 23 24.89 75.25 -27.21
CA LEU R 23 25.86 76.01 -27.97
C LEU R 23 25.22 77.27 -28.50
N TYR R 24 26.03 78.32 -28.61
CA TYR R 24 25.56 79.55 -29.23
C TYR R 24 25.21 79.35 -30.71
N SER R 25 25.78 78.34 -31.35
CA SER R 25 25.48 78.10 -32.75
C SER R 25 24.01 77.75 -32.95
N ASN R 26 23.44 76.99 -32.03
CA ASN R 26 22.05 76.57 -32.18
C ASN R 26 21.09 77.76 -32.11
N VAL R 27 21.47 78.82 -31.41
CA VAL R 27 20.56 79.93 -31.11
C VAL R 27 21.03 81.25 -31.71
N SER R 28 22.07 81.23 -32.55
CA SER R 28 22.53 82.49 -33.14
C SER R 28 21.43 83.17 -33.94
N ASP R 29 20.81 82.45 -34.89
CA ASP R 29 19.76 83.05 -35.70
C ASP R 29 18.57 83.44 -34.85
N LEU R 30 18.24 82.62 -33.86
CA LEU R 30 17.10 82.91 -33.01
C LEU R 30 17.33 84.17 -32.19
N ILE R 31 18.53 84.36 -31.67
CA ILE R 31 18.83 85.57 -30.92
C ILE R 31 18.81 86.79 -31.85
N GLN R 32 19.25 86.62 -33.09
CA GLN R 32 19.12 87.73 -34.03
C GLN R 32 17.67 88.10 -34.25
N GLN R 33 16.81 87.10 -34.44
CA GLN R 33 15.38 87.36 -34.62
C GLN R 33 14.77 88.00 -33.37
N PHE R 34 15.15 87.49 -32.20
CA PHE R 34 14.64 88.03 -30.95
C PHE R 34 15.09 89.47 -30.76
N ASN R 35 16.33 89.79 -31.13
CA ASN R 35 16.80 91.16 -31.03
C ASN R 35 16.05 92.08 -31.98
N GLN R 36 15.77 91.61 -33.20
CA GLN R 36 14.94 92.40 -34.10
C GLN R 36 13.57 92.65 -33.49
N MET R 37 12.97 91.62 -32.91
CA MET R 37 11.67 91.76 -32.26
C MET R 37 11.72 92.80 -31.15
N ILE R 38 12.74 92.72 -30.30
CA ILE R 38 12.84 93.64 -29.17
C ILE R 38 13.02 95.07 -29.66
N VAL R 39 13.97 95.28 -30.57
CA VAL R 39 14.25 96.65 -31.00
C VAL R 39 13.08 97.24 -31.76
N THR R 40 12.27 96.40 -32.41
CA THR R 40 11.07 96.93 -33.06
C THR R 40 10.00 97.25 -32.02
N MET R 41 9.80 96.37 -31.04
CA MET R 41 8.69 96.54 -30.11
C MET R 41 8.95 97.64 -29.09
N ASN R 42 10.22 97.94 -28.79
CA ASN R 42 10.53 98.95 -27.78
C ASN R 42 9.94 100.30 -28.16
N GLY R 43 9.36 100.98 -27.18
CA GLY R 43 8.83 102.31 -27.38
C GLY R 43 7.41 102.38 -27.90
N ASN R 44 6.64 101.31 -27.78
CA ASN R 44 5.26 101.27 -28.25
C ASN R 44 4.35 100.81 -27.13
N ASP R 45 3.11 101.30 -27.16
CA ASP R 45 2.10 100.97 -26.17
C ASP R 45 0.93 100.28 -26.86
N PHE R 46 0.43 99.23 -26.22
CA PHE R 46 -0.73 98.50 -26.71
C PHE R 46 -1.80 98.44 -25.63
N GLN R 47 -3.06 98.40 -26.05
CA GLN R 47 -4.18 98.22 -25.15
C GLN R 47 -5.02 97.06 -25.65
N THR R 48 -5.31 96.13 -24.76
CA THR R 48 -5.99 94.89 -25.12
C THR R 48 -7.18 94.68 -24.19
N GLY R 49 -8.15 93.92 -24.67
CA GLY R 49 -9.38 93.71 -23.94
C GLY R 49 -10.32 94.88 -24.07
N GLY R 50 -11.52 94.70 -23.51
CA GLY R 50 -12.51 95.76 -23.46
C GLY R 50 -13.87 95.38 -24.01
N ILE R 51 -14.14 94.08 -24.13
CA ILE R 51 -15.45 93.59 -24.51
C ILE R 51 -15.77 92.37 -23.67
N GLY R 52 -17.01 92.28 -23.21
CA GLY R 52 -17.34 91.25 -22.25
C GLY R 52 -16.57 91.47 -20.98
N ASN R 53 -16.15 90.37 -20.36
CA ASN R 53 -15.33 90.42 -19.16
C ASN R 53 -13.84 90.38 -19.45
N LEU R 54 -13.44 90.42 -20.72
CA LEU R 54 -12.02 90.47 -21.07
C LEU R 54 -11.44 91.75 -20.49
N PRO R 55 -10.62 91.70 -19.44
CA PRO R 55 -10.24 92.93 -18.74
C PRO R 55 -9.33 93.80 -19.59
N ILE R 56 -9.44 95.11 -19.37
CA ILE R 56 -8.56 96.06 -20.03
C ILE R 56 -7.14 95.88 -19.50
N ARG R 57 -6.18 95.75 -20.40
CA ARG R 57 -4.77 95.63 -20.06
C ARG R 57 -3.96 96.54 -20.94
N ASN R 58 -2.86 97.06 -20.39
CA ASN R 58 -1.95 97.92 -21.11
C ASN R 58 -0.56 97.29 -21.12
N TRP R 59 0.07 97.28 -22.29
CA TRP R 59 1.38 96.68 -22.50
C TRP R 59 2.35 97.76 -22.95
N THR R 60 3.47 97.86 -22.23
CA THR R 60 4.53 98.81 -22.56
C THR R 60 5.83 98.03 -22.65
N PHE R 61 6.54 98.18 -23.77
CA PHE R 61 7.75 97.43 -24.06
C PHE R 61 8.96 98.33 -23.91
N ASP R 62 9.85 97.97 -22.98
CA ASP R 62 11.18 98.55 -22.90
C ASP R 62 12.08 97.46 -22.32
N PHE R 63 12.73 96.71 -23.21
CA PHE R 63 13.52 95.55 -22.85
C PHE R 63 14.92 95.68 -23.43
N GLY R 64 15.83 94.88 -22.89
CA GLY R 64 17.22 94.89 -23.32
C GLY R 64 17.51 93.75 -24.28
N LEU R 65 18.35 94.03 -25.26
CA LEU R 65 18.71 93.03 -26.25
C LEU R 65 19.45 91.89 -25.58
N LEU R 66 19.14 90.67 -25.99
CA LEU R 66 19.86 89.51 -25.49
C LEU R 66 21.32 89.57 -25.93
N GLY R 67 22.21 89.18 -25.04
CA GLY R 67 23.62 89.22 -25.35
C GLY R 67 24.02 88.21 -26.40
N THR R 68 25.21 88.40 -26.96
CA THR R 68 25.73 87.56 -28.03
C THR R 68 27.16 87.08 -27.80
N THR R 69 27.93 87.71 -26.91
CA THR R 69 29.34 87.35 -26.77
C THR R 69 29.51 85.93 -26.24
N LEU R 70 28.56 85.42 -25.50
CA LEU R 70 28.70 84.12 -24.87
C LEU R 70 28.78 83.02 -25.92
N LEU R 71 29.58 81.98 -25.63
CA LEU R 71 29.75 80.86 -26.54
C LEU R 71 28.91 79.65 -26.19
N ASN R 72 28.48 79.53 -24.93
CA ASN R 72 27.74 78.37 -24.49
C ASN R 72 26.82 78.81 -23.37
N LEU R 73 25.51 78.76 -23.61
CA LEU R 73 24.55 79.43 -22.74
C LEU R 73 24.61 78.87 -21.32
N ASP R 74 24.54 79.78 -20.36
CA ASP R 74 24.54 79.46 -18.94
C ASP R 74 23.21 79.93 -18.31
N ALA R 75 23.13 79.83 -16.99
CA ALA R 75 21.84 80.02 -16.32
C ALA R 75 21.37 81.47 -16.41
N ASN R 76 22.24 82.42 -16.08
CA ASN R 76 21.80 83.82 -15.98
C ASN R 76 21.30 84.35 -17.32
N TYR R 77 21.94 83.94 -18.41
CA TYR R 77 21.42 84.25 -19.74
C TYR R 77 19.99 83.78 -19.88
N VAL R 78 19.73 82.53 -19.50
CA VAL R 78 18.37 82.00 -19.53
C VAL R 78 17.48 82.77 -18.58
N GLU R 79 18.02 83.23 -17.45
CA GLU R 79 17.19 83.96 -16.49
C GLU R 79 16.67 85.25 -17.11
N THR R 80 17.56 86.07 -17.67
CA THR R 80 17.09 87.31 -18.29
C THR R 80 16.18 87.02 -19.48
N ALA R 81 16.55 86.01 -20.27
CA ALA R 81 15.73 85.65 -21.42
C ALA R 81 14.32 85.30 -20.99
N ARG R 82 14.17 84.53 -19.92
CA ARG R 82 12.85 84.07 -19.52
C ARG R 82 12.07 85.19 -18.85
N THR R 83 12.73 86.12 -18.16
CA THR R 83 12.01 87.26 -17.62
C THR R 83 11.40 88.09 -18.74
N THR R 84 12.12 88.24 -19.86
CA THR R 84 11.52 88.91 -21.01
C THR R 84 10.43 88.05 -21.65
N ILE R 85 10.69 86.74 -21.77
CA ILE R 85 9.85 85.88 -22.58
C ILE R 85 8.49 85.71 -21.93
N GLU R 86 8.41 85.63 -20.61
CA GLU R 86 7.11 85.44 -19.97
C GLU R 86 6.20 86.64 -20.22
N TYR R 87 6.77 87.85 -20.17
CA TYR R 87 5.99 89.04 -20.47
C TYR R 87 5.50 89.02 -21.91
N PHE R 88 6.39 88.67 -22.85
CA PHE R 88 5.95 88.60 -24.24
C PHE R 88 4.88 87.53 -24.44
N ILE R 89 5.00 86.40 -23.74
CA ILE R 89 4.02 85.33 -23.86
C ILE R 89 2.66 85.81 -23.40
N ASP R 90 2.61 86.50 -22.26
CA ASP R 90 1.34 87.02 -21.77
C ASP R 90 0.75 88.03 -22.75
N PHE R 91 1.59 88.89 -23.32
CA PHE R 91 1.11 89.86 -24.30
C PHE R 91 0.48 89.16 -25.50
N ILE R 92 1.17 88.15 -26.04
CA ILE R 92 0.66 87.46 -27.22
C ILE R 92 -0.63 86.74 -26.90
N ASP R 93 -0.71 86.13 -25.72
CA ASP R 93 -1.93 85.43 -25.34
C ASP R 93 -3.11 86.39 -25.26
N ASN R 94 -2.91 87.56 -24.66
CA ASN R 94 -4.00 88.52 -24.57
C ASN R 94 -4.41 89.04 -25.94
N VAL R 95 -3.44 89.30 -26.83
CA VAL R 95 -3.77 89.75 -28.18
C VAL R 95 -4.60 88.69 -28.90
N CYS R 96 -4.20 87.43 -28.79
CA CYS R 96 -4.95 86.36 -29.44
C CYS R 96 -6.36 86.27 -28.88
N MET R 97 -6.50 86.39 -27.55
CA MET R 97 -7.84 86.31 -26.96
C MET R 97 -8.73 87.44 -27.47
N ASP R 98 -8.18 88.64 -27.54
CA ASP R 98 -8.96 89.77 -28.04
C ASP R 98 -9.40 89.53 -29.48
N GLU R 99 -8.49 89.07 -30.34
CA GLU R 99 -8.84 88.87 -31.73
C GLU R 99 -9.80 87.70 -31.90
N MET R 100 -9.76 86.72 -31.01
CA MET R 100 -10.73 85.65 -31.08
C MET R 100 -12.12 86.14 -30.71
N VAL R 101 -12.23 86.96 -29.67
CA VAL R 101 -13.55 87.41 -29.26
C VAL R 101 -14.15 88.38 -30.27
N ARG R 102 -13.32 89.21 -30.91
CA ARG R 102 -13.86 90.20 -31.83
C ARG R 102 -14.40 89.55 -33.10
N GLU R 103 -15.36 90.22 -33.74
CA GLU R 103 -15.93 89.78 -35.01
C GLU R 103 -16.20 91.01 -35.87
N SER R 104 -16.78 90.76 -37.05
CA SER R 104 -17.18 91.83 -37.98
C SER R 104 -17.92 91.23 -39.17
N GLN R 105 -18.88 91.99 -39.72
CA GLN R 105 -19.61 91.52 -40.89
C GLN R 105 -18.83 91.76 -42.18
N ARG R 106 -18.57 93.03 -42.48
CA ARG R 106 -17.82 93.40 -43.67
C ARG R 106 -16.33 93.42 -43.36
N ASN R 107 -15.53 92.87 -44.28
CA ASN R 107 -14.09 92.81 -44.12
C ASN R 107 -13.72 91.94 -42.92
N GLY R 108 -14.21 90.70 -42.95
CA GLY R 108 -13.99 89.80 -41.83
C GLY R 108 -12.54 89.37 -41.69
N VAL R 109 -11.87 89.11 -42.81
CA VAL R 109 -10.48 88.68 -42.76
C VAL R 109 -9.59 89.78 -42.20
N ALA R 110 -10.01 91.03 -42.31
CA ALA R 110 -9.17 92.13 -41.90
C ALA R 110 -8.97 92.13 -40.39
N PRO R 111 -7.92 92.81 -39.89
CA PRO R 111 -7.68 92.81 -38.45
C PRO R 111 -8.80 93.47 -37.67
N GLN R 112 -9.01 92.96 -36.46
CA GLN R 112 -9.76 93.62 -35.40
C GLN R 112 -8.79 93.85 -34.25
N SER R 113 -9.30 94.24 -33.07
CA SER R 113 -8.43 94.33 -31.91
C SER R 113 -7.33 95.37 -32.12
N GLU R 114 -7.67 96.63 -31.90
CA GLU R 114 -6.81 97.78 -32.23
C GLU R 114 -5.33 97.53 -31.92
N ALA R 115 -5.03 96.72 -30.90
CA ALA R 115 -3.65 96.25 -30.73
C ALA R 115 -3.15 95.52 -31.97
N LEU R 116 -3.91 94.51 -32.43
CA LEU R 116 -3.44 93.73 -33.56
C LEU R 116 -3.56 94.54 -34.85
N ARG R 117 -4.54 95.43 -34.92
CA ARG R 117 -4.61 96.36 -36.05
C ARG R 117 -3.36 97.23 -36.12
N LYS R 118 -2.87 97.68 -34.97
CA LYS R 118 -1.61 98.40 -34.92
C LYS R 118 -0.46 97.51 -35.36
N LEU R 119 -0.45 96.26 -34.91
CA LEU R 119 0.60 95.32 -35.31
C LEU R 119 0.64 95.14 -36.82
N ALA R 120 -0.51 95.25 -37.47
CA ALA R 120 -0.60 95.07 -38.91
C ALA R 120 -0.07 96.26 -39.72
N GLY R 121 0.62 97.22 -39.09
CA GLY R 121 1.15 98.36 -39.79
C GLY R 121 2.50 98.08 -40.43
N ILE R 122 3.02 99.11 -41.12
CA ILE R 122 4.29 98.97 -41.82
C ILE R 122 5.46 98.92 -40.84
N LYS R 123 5.30 99.49 -39.66
CA LYS R 123 6.41 99.56 -38.71
C LYS R 123 6.86 98.17 -38.28
N PHE R 124 5.91 97.29 -37.98
CA PHE R 124 6.22 95.97 -37.45
C PHE R 124 6.43 94.92 -38.53
N LYS R 125 6.54 95.33 -39.79
CA LYS R 125 6.80 94.35 -40.84
C LYS R 125 8.14 93.65 -40.65
N ARG R 126 9.09 94.29 -39.96
CA ARG R 126 10.39 93.68 -39.74
C ARG R 126 10.31 92.41 -38.90
N ILE R 127 9.23 92.24 -38.12
CA ILE R 127 9.13 91.10 -37.21
C ILE R 127 8.64 89.84 -37.92
N ASN R 128 8.37 89.91 -39.21
CA ASN R 128 7.96 88.72 -39.96
C ASN R 128 9.13 87.76 -40.03
N PHE R 129 8.97 86.58 -39.43
CA PHE R 129 10.07 85.64 -39.23
C PHE R 129 9.90 84.40 -40.09
N ASN R 130 8.77 83.71 -39.98
CA ASN R 130 8.57 82.43 -40.63
C ASN R 130 7.09 82.12 -40.59
N ASN R 131 6.58 81.51 -41.65
CA ASN R 131 5.17 81.16 -41.76
C ASN R 131 5.12 79.72 -42.25
N SER R 132 5.21 78.78 -41.32
CA SER R 132 5.38 77.37 -41.64
C SER R 132 4.17 76.52 -41.32
N SER R 133 3.44 76.84 -40.24
CA SER R 133 2.28 76.04 -39.86
C SER R 133 1.26 76.04 -40.99
N GLU R 134 0.44 75.00 -41.01
CA GLU R 134 -0.53 74.86 -42.09
C GLU R 134 -1.54 76.02 -42.07
N TYR R 135 -1.92 76.48 -40.88
CA TYR R 135 -2.96 77.50 -40.79
C TYR R 135 -2.45 78.84 -41.29
N ILE R 136 -1.26 79.25 -40.87
CA ILE R 136 -0.73 80.50 -41.38
C ILE R 136 -0.34 80.38 -42.84
N GLU R 137 0.10 79.20 -43.28
CA GLU R 137 0.38 79.00 -44.69
C GLU R 137 -0.86 79.22 -45.53
N ASN R 138 -1.97 78.63 -45.12
CA ASN R 138 -3.23 78.84 -45.83
C ASN R 138 -3.71 80.28 -45.71
N TRP R 139 -3.42 80.94 -44.59
CA TRP R 139 -3.76 82.34 -44.46
C TRP R 139 -3.04 83.17 -45.51
N ASN R 140 -1.76 82.91 -45.71
CA ASN R 140 -1.02 83.64 -46.76
C ASN R 140 -1.53 83.25 -48.14
N LEU R 141 -1.81 81.97 -48.36
CA LEU R 141 -2.30 81.52 -49.65
C LEU R 141 -3.66 82.09 -50.00
N GLN R 142 -4.45 82.47 -49.00
CA GLN R 142 -5.67 83.22 -49.27
C GLN R 142 -5.41 84.72 -49.40
N ASN R 143 -4.46 85.25 -48.63
CA ASN R 143 -4.16 86.67 -48.69
C ASN R 143 -3.72 87.06 -50.08
N ARG R 144 -2.84 86.26 -50.67
CA ARG R 144 -2.54 86.35 -52.10
C ARG R 144 -3.37 85.28 -52.78
N ARG R 145 -4.35 85.71 -53.59
CA ARG R 145 -5.43 84.82 -54.02
C ARG R 145 -4.90 83.59 -54.72
N GLN R 146 -5.02 82.44 -54.08
CA GLN R 146 -4.44 81.21 -54.59
C GLN R 146 -5.18 80.02 -53.98
N ARG R 147 -4.90 78.85 -54.54
CA ARG R 147 -5.43 77.61 -53.99
C ARG R 147 -4.99 77.47 -52.54
N THR R 148 -5.92 77.04 -51.69
CA THR R 148 -5.66 76.78 -50.29
C THR R 148 -6.23 75.43 -49.93
N GLY R 149 -5.68 74.82 -48.88
CA GLY R 149 -6.17 73.53 -48.46
C GLY R 149 -5.80 73.16 -47.04
N PHE R 150 -6.80 72.76 -46.28
CA PHE R 150 -6.63 72.20 -44.95
C PHE R 150 -6.95 70.72 -45.00
N VAL R 151 -6.27 69.94 -44.17
CA VAL R 151 -6.44 68.50 -44.10
C VAL R 151 -7.02 68.17 -42.73
N PHE R 152 -8.11 67.39 -42.73
CA PHE R 152 -8.87 67.11 -41.53
C PHE R 152 -8.98 65.61 -41.32
N HIS R 153 -9.08 65.22 -40.05
CA HIS R 153 -9.39 63.86 -39.64
C HIS R 153 -10.76 63.89 -38.96
N LYS R 154 -11.68 63.08 -39.48
CA LYS R 154 -13.08 63.10 -39.05
C LYS R 154 -13.65 64.52 -39.13
N PRO R 155 -13.90 65.04 -40.33
CA PRO R 155 -14.47 66.39 -40.44
C PRO R 155 -15.89 66.44 -39.88
N ASN R 156 -16.24 67.58 -39.29
CA ASN R 156 -17.64 67.86 -38.93
C ASN R 156 -18.35 68.57 -40.07
N ILE R 157 -18.29 67.97 -41.26
CA ILE R 157 -18.90 68.58 -42.43
C ILE R 157 -20.41 68.53 -42.33
N PHE R 158 -20.97 67.40 -41.89
CA PHE R 158 -22.41 67.25 -41.87
C PHE R 158 -23.01 67.97 -40.67
N PRO R 159 -23.92 68.94 -40.87
CA PRO R 159 -24.66 69.45 -39.71
C PRO R 159 -25.52 68.35 -39.11
N TYR R 160 -25.72 68.43 -37.80
CA TYR R 160 -26.53 67.42 -37.12
C TYR R 160 -27.94 67.43 -37.68
N SER R 161 -28.45 66.25 -38.02
CA SER R 161 -29.81 66.13 -38.53
C SER R 161 -30.26 64.69 -38.42
N ALA R 162 -31.27 64.44 -37.61
CA ALA R 162 -31.92 63.14 -37.53
C ALA R 162 -33.36 63.31 -37.98
N SER R 163 -33.77 62.54 -38.98
CA SER R 163 -35.11 62.76 -39.55
C SER R 163 -35.48 61.57 -40.42
N PHE R 164 -36.63 61.67 -41.07
CA PHE R 164 -37.10 60.60 -41.93
C PHE R 164 -38.05 61.15 -42.97
N THR R 165 -38.29 60.34 -43.99
CA THR R 165 -39.26 60.61 -45.04
C THR R 165 -40.07 59.36 -45.28
N LEU R 166 -41.38 59.54 -45.42
CA LEU R 166 -42.32 58.44 -45.65
C LEU R 166 -42.94 58.61 -47.02
N ASN R 167 -42.54 57.76 -47.96
CA ASN R 167 -43.13 57.75 -49.29
C ASN R 167 -44.47 57.02 -49.34
N ARG R 168 -44.81 56.27 -48.29
CA ARG R 168 -46.14 55.69 -48.15
C ARG R 168 -46.54 55.76 -46.69
N SER R 169 -47.72 56.30 -46.42
CA SER R 169 -48.16 56.47 -45.04
C SER R 169 -49.66 56.65 -44.99
N GLN R 170 -50.21 56.47 -43.80
CA GLN R 170 -51.64 56.61 -43.54
C GLN R 170 -51.83 56.81 -42.05
N PRO R 171 -53.03 57.22 -41.61
CA PRO R 171 -53.20 57.52 -40.18
C PRO R 171 -52.89 56.36 -39.25
N MET R 172 -53.17 55.12 -39.65
CA MET R 172 -52.84 53.98 -38.79
C MET R 172 -51.33 53.82 -38.62
N HIS R 173 -50.55 54.16 -39.63
CA HIS R 173 -49.09 54.00 -39.60
C HIS R 173 -48.67 52.54 -39.43
N ASP R 174 -49.50 51.60 -39.88
CA ASP R 174 -49.16 50.19 -39.83
C ASP R 174 -48.45 49.67 -41.07
N ASN R 175 -48.34 50.49 -42.11
CA ASN R 175 -47.81 50.03 -43.40
C ASN R 175 -47.14 51.24 -44.05
N LEU R 176 -45.84 51.36 -43.86
CA LEU R 176 -45.06 52.49 -44.32
C LEU R 176 -43.96 52.03 -45.25
N MET R 177 -43.29 53.01 -45.84
CA MET R 177 -42.14 52.77 -46.69
C MET R 177 -41.42 54.09 -46.82
N GLY R 178 -40.10 54.06 -46.83
CA GLY R 178 -39.38 55.31 -46.90
C GLY R 178 -37.98 55.14 -46.35
N THR R 179 -37.45 56.24 -45.83
CA THR R 179 -36.09 56.24 -45.32
C THR R 179 -36.04 57.03 -44.02
N MET R 180 -35.01 56.75 -43.23
CA MET R 180 -34.73 57.48 -42.01
C MET R 180 -33.23 57.59 -41.87
N TRP R 181 -32.74 58.76 -41.49
CA TRP R 181 -31.30 59.03 -41.53
C TRP R 181 -30.85 59.85 -40.35
N LEU R 182 -29.58 59.68 -40.02
CA LEU R 182 -28.80 60.59 -39.18
C LEU R 182 -27.58 61.03 -39.96
N ASN R 183 -27.41 62.33 -40.09
CA ASN R 183 -26.15 62.92 -40.54
C ASN R 183 -25.57 63.69 -39.36
N ALA R 184 -24.39 63.30 -38.90
CA ALA R 184 -23.79 63.93 -37.73
C ALA R 184 -22.28 63.94 -37.87
N GLY R 185 -21.69 65.13 -37.86
CA GLY R 185 -20.25 65.24 -37.93
C GLY R 185 -19.67 64.63 -39.18
N SER R 186 -18.99 63.49 -39.02
CA SER R 186 -18.37 62.79 -40.13
C SER R 186 -19.13 61.54 -40.55
N GLU R 187 -20.32 61.32 -40.01
CA GLU R 187 -21.04 60.06 -40.10
C GLU R 187 -22.36 60.28 -40.82
N ILE R 188 -22.67 59.39 -41.75
CA ILE R 188 -24.01 59.25 -42.29
C ILE R 188 -24.49 57.85 -41.97
N GLN R 189 -25.73 57.76 -41.52
CA GLN R 189 -26.38 56.46 -41.32
C GLN R 189 -27.77 56.58 -41.90
N VAL R 190 -28.00 55.94 -43.05
CA VAL R 190 -29.27 56.03 -43.76
C VAL R 190 -29.85 54.64 -43.87
N ALA R 191 -31.11 54.49 -43.49
CA ALA R 191 -31.78 53.20 -43.50
C ALA R 191 -33.12 53.35 -44.20
N GLY R 192 -33.25 52.70 -45.34
CA GLY R 192 -34.55 52.54 -45.94
C GLY R 192 -35.31 51.42 -45.25
N PHE R 193 -36.64 51.53 -45.29
CA PHE R 193 -37.47 50.51 -44.67
C PHE R 193 -38.77 50.40 -45.44
N ASP R 194 -39.39 49.24 -45.31
CA ASP R 194 -40.64 48.90 -45.96
C ASP R 194 -41.36 47.93 -45.05
N TYR R 195 -42.61 48.25 -44.70
CA TYR R 195 -43.35 47.40 -43.79
C TYR R 195 -43.93 46.18 -44.48
N SER R 196 -43.97 46.17 -45.80
CA SER R 196 -44.52 45.06 -46.57
C SER R 196 -43.45 44.16 -47.17
N CYS R 197 -42.17 44.51 -47.03
CA CYS R 197 -41.08 43.74 -47.61
C CYS R 197 -41.24 43.59 -49.12
N ALA R 198 -41.76 44.63 -49.76
CA ALA R 198 -41.87 44.69 -51.22
C ALA R 198 -42.70 43.53 -51.76
N LEU R 199 -43.98 43.52 -51.36
CA LEU R 199 -44.92 42.57 -51.95
C LEU R 199 -45.44 43.09 -53.28
N ASN R 200 -46.06 44.26 -53.26
CA ASN R 200 -46.58 44.88 -54.47
C ASN R 200 -45.53 45.70 -55.21
N ALA R 201 -44.31 45.81 -54.69
CA ALA R 201 -43.28 46.57 -55.34
C ALA R 201 -42.88 45.89 -56.66
N PRO R 202 -42.28 46.64 -57.59
CA PRO R 202 -41.98 46.07 -58.90
C PRO R 202 -40.86 45.04 -58.81
N ALA R 203 -41.17 43.80 -59.20
CA ALA R 203 -40.20 42.70 -59.20
C ALA R 203 -39.68 42.41 -57.80
N ASN R 204 -40.47 42.74 -56.77
CA ASN R 204 -40.07 42.53 -55.38
C ASN R 204 -38.79 43.29 -55.05
N ILE R 205 -38.64 44.47 -55.62
CA ILE R 205 -37.52 45.37 -55.37
C ILE R 205 -38.11 46.71 -54.95
N GLN R 206 -37.41 47.40 -54.04
CA GLN R 206 -37.83 48.72 -53.58
C GLN R 206 -36.60 49.62 -53.53
N GLN R 207 -36.63 50.72 -54.26
CA GLN R 207 -35.48 51.60 -54.41
C GLN R 207 -35.52 52.70 -53.35
N PHE R 208 -34.36 53.01 -52.78
CA PHE R 208 -34.19 54.13 -51.86
C PHE R 208 -33.04 54.98 -52.32
N GLU R 209 -33.19 56.29 -52.19
CA GLU R 209 -32.18 57.26 -52.52
C GLU R 209 -32.02 58.24 -51.36
N HIS R 210 -30.82 58.77 -51.21
CA HIS R 210 -30.57 59.79 -50.19
C HIS R 210 -29.48 60.70 -50.72
N ILE R 211 -29.82 61.96 -50.96
CA ILE R 211 -28.90 62.97 -51.44
C ILE R 211 -28.47 63.81 -50.25
N VAL R 212 -27.17 63.96 -50.06
CA VAL R 212 -26.60 64.77 -48.99
C VAL R 212 -25.76 65.86 -49.64
N GLN R 213 -26.19 67.10 -49.51
CA GLN R 213 -25.56 68.25 -50.14
C GLN R 213 -24.59 68.86 -49.15
N LEU R 214 -23.29 68.65 -49.35
CA LEU R 214 -22.31 69.22 -48.45
C LEU R 214 -22.28 70.73 -48.59
N ARG R 215 -21.99 71.41 -47.48
CA ARG R 215 -21.85 72.86 -47.50
C ARG R 215 -20.53 73.30 -48.09
N ARG R 216 -19.53 72.44 -48.10
CA ARG R 216 -18.23 72.73 -48.70
C ARG R 216 -17.71 71.48 -49.39
N ALA R 217 -17.15 71.65 -50.58
CA ALA R 217 -16.70 70.52 -51.36
C ALA R 217 -15.42 69.95 -50.78
N LEU R 218 -15.48 68.70 -50.31
CA LEU R 218 -14.31 68.03 -49.79
C LEU R 218 -13.47 67.47 -50.93
N THR R 219 -12.22 67.13 -50.61
CA THR R 219 -11.25 66.68 -51.59
C THR R 219 -10.45 65.53 -51.03
N THR R 220 -10.15 64.54 -51.88
CA THR R 220 -9.34 63.38 -51.54
C THR R 220 -9.78 62.78 -50.21
N ALA R 221 -11.04 62.38 -50.15
CA ALA R 221 -11.63 61.89 -48.92
C ALA R 221 -11.53 60.37 -48.86
N THR R 222 -11.06 59.85 -47.74
CA THR R 222 -11.08 58.43 -47.45
C THR R 222 -12.37 58.14 -46.69
N ILE R 223 -13.24 57.33 -47.30
CA ILE R 223 -14.60 57.12 -46.80
C ILE R 223 -14.77 55.64 -46.52
N THR R 224 -15.24 55.32 -45.33
CA THR R 224 -15.50 53.94 -44.92
C THR R 224 -16.99 53.67 -45.03
N LEU R 225 -17.36 52.75 -45.92
CA LEU R 225 -18.74 52.42 -46.20
C LEU R 225 -19.01 51.00 -45.73
N LEU R 226 -20.04 50.82 -44.92
CA LEU R 226 -20.45 49.54 -44.39
C LEU R 226 -21.95 49.39 -44.54
N PRO R 227 -22.48 48.16 -44.52
CA PRO R 227 -23.92 48.00 -44.56
C PRO R 227 -24.52 48.03 -43.16
N ASP R 228 -25.84 47.88 -43.06
CA ASP R 228 -26.52 47.71 -41.78
C ASP R 228 -26.28 48.90 -40.85
N ALA R 229 -26.83 50.03 -41.25
CA ALA R 229 -26.95 51.18 -40.37
C ALA R 229 -27.56 50.76 -39.04
N GLU R 230 -26.78 50.90 -37.97
CA GLU R 230 -27.13 50.29 -36.69
C GLU R 230 -28.04 51.17 -35.85
N ARG R 231 -27.98 52.48 -36.01
CA ARG R 231 -28.86 53.35 -35.24
C ARG R 231 -30.33 53.12 -35.58
N PHE R 232 -30.62 52.64 -36.79
CA PHE R 232 -31.98 52.42 -37.25
C PHE R 232 -32.21 50.94 -37.48
N SER R 233 -31.72 50.13 -36.54
CA SER R 233 -31.76 48.68 -36.66
C SER R 233 -32.33 48.02 -35.41
N PHE R 234 -33.00 48.77 -34.54
CA PHE R 234 -33.60 48.26 -33.34
C PHE R 234 -34.94 48.94 -33.15
N PRO R 235 -35.86 48.33 -32.40
CA PRO R 235 -37.25 48.82 -32.41
C PRO R 235 -37.37 50.14 -31.68
N ARG R 236 -38.01 51.10 -32.35
CA ARG R 236 -38.24 52.44 -31.83
C ARG R 236 -39.73 52.75 -31.84
N VAL R 237 -40.07 53.86 -31.20
CA VAL R 237 -41.36 54.52 -31.39
C VAL R 237 -41.05 55.97 -31.75
N ILE R 238 -41.56 56.42 -32.90
CA ILE R 238 -41.11 57.63 -33.54
C ILE R 238 -42.29 58.58 -33.65
N ASN R 239 -42.09 59.84 -33.28
CA ASN R 239 -43.15 60.83 -33.46
C ASN R 239 -43.56 60.89 -34.93
N SER R 240 -44.77 61.36 -35.17
CA SER R 240 -45.25 61.49 -36.53
C SER R 240 -44.59 62.70 -37.19
N ALA R 241 -45.05 63.03 -38.39
CA ALA R 241 -44.48 64.15 -39.12
C ALA R 241 -44.64 65.45 -38.35
N ASP R 242 -45.84 65.69 -37.80
CA ASP R 242 -46.17 66.91 -37.09
C ASP R 242 -46.28 66.72 -35.59
N GLY R 243 -45.91 65.54 -35.08
CA GLY R 243 -46.09 65.26 -33.67
C GLY R 243 -47.51 64.91 -33.28
N ALA R 244 -48.39 64.66 -34.24
CA ALA R 244 -49.78 64.35 -33.91
C ALA R 244 -49.88 63.07 -33.10
N THR R 245 -49.18 62.02 -33.52
CA THR R 245 -49.17 60.74 -32.83
C THR R 245 -47.76 60.18 -32.88
N THR R 246 -47.62 58.91 -32.55
CA THR R 246 -46.36 58.19 -32.67
C THR R 246 -46.62 56.84 -33.31
N TRP R 247 -45.65 56.37 -34.08
CA TRP R 247 -45.75 55.12 -34.82
C TRP R 247 -44.61 54.19 -34.46
N PHE R 248 -44.90 52.91 -34.45
CA PHE R 248 -43.93 51.90 -34.02
C PHE R 248 -43.08 51.45 -35.19
N PHE R 249 -41.78 51.29 -34.92
CA PHE R 249 -40.82 50.79 -35.90
C PHE R 249 -40.12 49.59 -35.28
N ASN R 250 -39.91 48.56 -36.08
CA ASN R 250 -39.56 47.23 -35.58
C ASN R 250 -38.78 46.51 -36.67
N PRO R 251 -37.50 46.85 -36.84
CA PRO R 251 -36.78 46.43 -38.03
C PRO R 251 -36.23 45.01 -37.94
N ILE R 252 -36.40 44.27 -39.02
CA ILE R 252 -35.59 43.12 -39.36
C ILE R 252 -34.83 43.53 -40.61
N ILE R 253 -33.50 43.49 -40.56
CA ILE R 253 -32.72 43.99 -41.68
C ILE R 253 -32.47 42.87 -42.67
N LEU R 254 -32.61 43.19 -43.95
CA LEU R 254 -32.14 42.36 -45.04
C LEU R 254 -30.78 42.87 -45.47
N ARG R 255 -30.27 42.31 -46.53
CA ARG R 255 -29.00 42.76 -47.10
C ARG R 255 -29.27 43.87 -48.10
N PRO R 256 -28.63 45.05 -47.99
CA PRO R 256 -28.82 46.05 -49.04
C PRO R 256 -28.13 45.64 -50.32
N ASN R 257 -28.90 45.27 -51.34
CA ASN R 257 -28.34 44.69 -52.55
C ASN R 257 -28.19 45.76 -53.64
N ASN R 258 -27.23 45.52 -54.53
CA ASN R 258 -26.83 46.44 -55.60
C ASN R 258 -26.80 47.89 -55.12
N VAL R 259 -26.16 48.10 -53.98
CA VAL R 259 -25.93 49.45 -53.49
C VAL R 259 -25.08 50.22 -54.48
N GLU R 260 -25.53 51.42 -54.83
CA GLU R 260 -24.77 52.38 -55.60
C GLU R 260 -24.42 53.56 -54.70
N VAL R 261 -23.21 54.06 -54.83
CA VAL R 261 -22.81 55.28 -54.13
C VAL R 261 -22.13 56.18 -55.14
N GLU R 262 -22.67 57.39 -55.30
CA GLU R 262 -22.16 58.36 -56.24
C GLU R 262 -21.65 59.58 -55.49
N PHE R 263 -20.48 60.07 -55.89
CA PHE R 263 -19.92 61.29 -55.36
C PHE R 263 -19.90 62.30 -56.49
N LEU R 264 -20.64 63.39 -56.31
CA LEU R 264 -20.91 64.38 -57.34
C LEU R 264 -20.29 65.71 -56.97
N LEU R 265 -19.84 66.46 -57.98
CA LEU R 265 -19.40 67.83 -57.82
C LEU R 265 -19.99 68.66 -58.95
N ASN R 266 -20.67 69.75 -58.58
CA ASN R 266 -21.35 70.62 -59.54
C ASN R 266 -22.39 69.86 -60.37
N GLY R 267 -22.89 68.74 -59.86
CA GLY R 267 -23.94 67.99 -60.51
C GLY R 267 -23.48 66.82 -61.35
N GLN R 268 -22.20 66.78 -61.74
CA GLN R 268 -21.67 65.73 -62.59
C GLN R 268 -21.01 64.64 -61.75
N ILE R 269 -21.14 63.40 -62.20
CA ILE R 269 -20.70 62.25 -61.41
C ILE R 269 -19.18 62.20 -61.43
N ILE R 270 -18.57 62.41 -60.25
CA ILE R 270 -17.12 62.35 -60.13
C ILE R 270 -16.66 60.94 -59.77
N ASN R 271 -17.43 60.21 -58.98
CA ASN R 271 -17.11 58.82 -58.69
C ASN R 271 -18.39 58.02 -58.51
N THR R 272 -18.30 56.73 -58.81
CA THR R 272 -19.42 55.82 -58.59
C THR R 272 -18.86 54.47 -58.19
N TYR R 273 -19.49 53.87 -57.18
CA TYR R 273 -19.06 52.57 -56.65
C TYR R 273 -20.28 51.69 -56.45
N GLN R 274 -20.22 50.48 -57.00
CA GLN R 274 -21.31 49.51 -56.93
C GLN R 274 -20.90 48.36 -56.03
N ALA R 275 -21.65 48.14 -54.95
CA ALA R 275 -21.46 46.98 -54.07
C ALA R 275 -20.01 46.90 -53.60
N ARG R 276 -19.43 48.05 -53.31
CA ARG R 276 -18.02 48.20 -52.96
C ARG R 276 -17.97 48.76 -51.55
N PHE R 277 -18.03 47.86 -50.57
CA PHE R 277 -17.98 48.25 -49.17
C PHE R 277 -16.53 48.46 -48.77
N GLY R 278 -16.27 48.59 -47.48
CA GLY R 278 -14.93 48.84 -47.04
C GLY R 278 -14.49 50.25 -47.40
N THR R 279 -13.19 50.47 -47.28
CA THR R 279 -12.63 51.78 -47.54
C THR R 279 -12.69 52.09 -49.03
N ILE R 280 -13.01 53.35 -49.34
CA ILE R 280 -13.08 53.85 -50.71
C ILE R 280 -12.55 55.27 -50.69
N VAL R 281 -12.35 55.83 -51.89
CA VAL R 281 -11.81 57.17 -52.05
C VAL R 281 -12.79 57.98 -52.88
N ALA R 282 -13.11 59.18 -52.40
CA ALA R 282 -13.85 60.17 -53.16
C ALA R 282 -12.85 61.23 -53.63
N ARG R 283 -12.75 61.38 -54.95
CA ARG R 283 -11.73 62.25 -55.51
C ARG R 283 -11.98 63.71 -55.13
N ASN R 284 -13.15 64.22 -55.50
CA ASN R 284 -13.50 65.62 -55.24
C ASN R 284 -15.01 65.71 -55.41
N PHE R 285 -15.72 66.05 -54.33
CA PHE R 285 -17.16 65.95 -54.34
C PHE R 285 -17.79 67.01 -53.46
N ASP R 286 -19.03 67.37 -53.83
CA ASP R 286 -19.85 68.30 -53.08
C ASP R 286 -21.20 67.71 -52.70
N THR R 287 -21.54 66.53 -53.21
CA THR R 287 -22.79 65.89 -52.88
C THR R 287 -22.56 64.39 -52.88
N ILE R 288 -23.23 63.69 -51.97
CA ILE R 288 -23.18 62.24 -51.89
C ILE R 288 -24.58 61.72 -52.17
N ARG R 289 -24.71 60.88 -53.18
CA ARG R 289 -25.99 60.25 -53.52
C ARG R 289 -25.85 58.77 -53.20
N LEU R 290 -26.52 58.34 -52.13
CA LEU R 290 -26.52 56.92 -51.73
C LEU R 290 -27.81 56.31 -52.23
N SER R 291 -27.70 55.35 -53.15
CA SER R 291 -28.84 54.61 -53.65
C SER R 291 -28.70 53.16 -53.23
N PHE R 292 -29.80 52.53 -52.86
CA PHE R 292 -29.75 51.11 -52.52
C PHE R 292 -31.15 50.53 -52.70
N GLN R 293 -31.26 49.24 -52.43
CA GLN R 293 -32.47 48.50 -52.74
C GLN R 293 -32.78 47.52 -51.63
N LEU R 294 -34.06 47.40 -51.33
CA LEU R 294 -34.59 46.34 -50.48
C LEU R 294 -35.22 45.32 -51.42
N MET R 295 -34.62 44.14 -51.49
CA MET R 295 -35.10 43.07 -52.36
C MET R 295 -35.67 41.96 -51.51
N ARG R 296 -36.90 41.57 -51.80
CA ARG R 296 -37.52 40.50 -51.03
C ARG R 296 -36.76 39.19 -51.29
N PRO R 297 -36.38 38.44 -50.26
CA PRO R 297 -35.67 37.18 -50.50
C PRO R 297 -36.57 36.20 -51.25
N PRO R 298 -36.11 35.62 -52.37
CA PRO R 298 -36.98 34.68 -53.09
C PRO R 298 -37.30 33.44 -52.28
N ASN R 299 -36.27 32.74 -51.82
CA ASN R 299 -36.44 31.55 -50.99
C ASN R 299 -36.36 31.93 -49.53
N MET R 300 -36.97 31.10 -48.68
CA MET R 300 -37.17 31.48 -47.28
C MET R 300 -37.40 30.25 -46.42
N THR R 301 -36.54 30.05 -45.45
CA THR R 301 -36.78 29.19 -44.30
C THR R 301 -38.17 29.52 -43.72
N PRO R 302 -38.90 28.55 -43.15
CA PRO R 302 -40.23 28.87 -42.63
C PRO R 302 -40.28 29.98 -41.61
N ALA R 303 -39.26 30.15 -40.76
CA ALA R 303 -39.28 31.27 -39.81
C ALA R 303 -39.27 32.61 -40.54
N VAL R 304 -38.32 32.80 -41.44
CA VAL R 304 -38.26 34.05 -42.19
C VAL R 304 -39.48 34.21 -43.08
N ASN R 305 -40.13 33.12 -43.46
CA ASN R 305 -41.39 33.24 -44.19
C ASN R 305 -42.50 33.73 -43.28
N ALA R 306 -42.58 33.18 -42.07
CA ALA R 306 -43.59 33.62 -41.12
C ALA R 306 -43.41 35.08 -40.77
N LEU R 307 -42.19 35.59 -40.88
CA LEU R 307 -41.98 37.01 -40.59
C LEU R 307 -42.77 37.91 -41.54
N PHE R 308 -42.79 37.56 -42.84
CA PHE R 308 -43.30 38.44 -43.89
C PHE R 308 -44.52 37.82 -44.56
N PRO R 309 -45.72 37.99 -44.00
CA PRO R 309 -46.92 37.43 -44.63
C PRO R 309 -47.37 38.30 -45.79
N GLN R 310 -48.44 37.85 -46.45
CA GLN R 310 -49.06 38.60 -47.53
C GLN R 310 -50.27 39.42 -47.09
N ALA R 311 -50.79 39.18 -45.89
CA ALA R 311 -51.90 39.95 -45.37
C ALA R 311 -51.37 41.28 -44.84
N GLN R 312 -52.22 42.02 -44.15
CA GLN R 312 -51.85 43.36 -43.70
C GLN R 312 -50.99 43.46 -42.44
N PRO R 313 -51.14 42.60 -41.41
CA PRO R 313 -50.68 43.02 -40.07
C PRO R 313 -49.22 43.44 -39.97
N PHE R 314 -48.29 42.72 -40.61
CA PHE R 314 -46.91 43.15 -40.77
C PHE R 314 -46.28 43.55 -39.44
N GLN R 315 -46.09 42.56 -38.58
CA GLN R 315 -45.53 42.82 -37.26
C GLN R 315 -44.01 42.98 -37.27
N HIS R 316 -43.35 42.75 -38.41
CA HIS R 316 -41.90 42.89 -38.51
C HIS R 316 -41.56 43.58 -39.82
N HIS R 317 -40.84 44.70 -39.76
CA HIS R 317 -40.69 45.58 -40.90
C HIS R 317 -39.31 45.45 -41.51
N ALA R 318 -39.24 45.25 -42.82
CA ALA R 318 -37.95 45.04 -43.47
C ALA R 318 -37.17 46.34 -43.54
N THR R 319 -35.86 46.24 -43.38
CA THR R 319 -34.98 47.41 -43.37
C THR R 319 -33.70 47.09 -44.14
N VAL R 320 -33.10 48.11 -44.72
CA VAL R 320 -31.79 47.99 -45.35
C VAL R 320 -31.04 49.29 -45.13
N GLY R 321 -29.78 49.18 -44.69
CA GLY R 321 -29.06 50.34 -44.18
C GLY R 321 -27.73 50.57 -44.88
N LEU R 322 -27.13 51.70 -44.53
CA LEU R 322 -25.80 52.06 -45.01
C LEU R 322 -25.18 53.04 -44.03
N THR R 323 -23.94 52.76 -43.65
CA THR R 323 -23.15 53.62 -42.77
C THR R 323 -21.96 54.13 -43.56
N LEU R 324 -21.67 55.42 -43.44
CA LEU R 324 -20.65 56.08 -44.25
C LEU R 324 -19.90 57.07 -43.39
N ARG R 325 -18.68 56.73 -43.00
CA ARG R 325 -17.80 57.63 -42.28
C ARG R 325 -16.88 58.32 -43.27
N ILE R 326 -16.55 59.58 -43.02
CA ILE R 326 -15.49 60.28 -43.74
C ILE R 326 -14.31 60.32 -42.79
N GLU R 327 -13.42 59.34 -42.91
CA GLU R 327 -12.34 59.20 -41.94
C GLU R 327 -11.39 60.40 -41.99
N SER R 328 -11.05 60.85 -43.19
CA SER R 328 -10.24 62.05 -43.35
C SER R 328 -10.59 62.69 -44.68
N ALA R 329 -10.27 63.97 -44.79
CA ALA R 329 -10.65 64.72 -45.98
C ALA R 329 -9.76 65.94 -46.10
N VAL R 330 -9.94 66.68 -47.20
CA VAL R 330 -9.26 67.95 -47.42
C VAL R 330 -10.31 68.93 -47.93
N CYS R 331 -10.22 70.18 -47.47
CA CYS R 331 -11.16 71.21 -47.89
C CYS R 331 -10.47 72.55 -47.98
N GLU R 332 -10.99 73.41 -48.84
CA GLU R 332 -10.43 74.77 -48.96
C GLU R 332 -10.68 75.56 -47.69
N SER R 333 -11.88 75.47 -47.13
CA SER R 333 -12.30 76.30 -46.02
C SER R 333 -12.17 75.54 -44.71
N VAL R 334 -11.99 76.30 -43.63
CA VAL R 334 -11.68 75.71 -42.33
C VAL R 334 -12.92 75.08 -41.74
N LEU R 335 -12.74 73.93 -41.09
CA LEU R 335 -13.83 73.21 -40.45
C LEU R 335 -13.39 72.68 -39.10
N ALA R 336 -14.37 72.33 -38.28
CA ALA R 336 -14.10 71.63 -37.03
C ALA R 336 -13.69 70.20 -37.32
N ASP R 337 -12.78 69.69 -36.50
CA ASP R 337 -12.15 68.40 -36.74
C ASP R 337 -12.14 67.62 -35.44
N ALA R 338 -11.40 66.51 -35.45
CA ALA R 338 -11.10 65.74 -34.24
C ALA R 338 -9.69 65.98 -33.74
N ASN R 339 -8.70 66.04 -34.64
CA ASN R 339 -7.33 66.27 -34.20
C ASN R 339 -7.17 67.67 -33.60
N GLU R 340 -7.72 68.68 -34.26
CA GLU R 340 -7.50 70.05 -33.85
C GLU R 340 -8.36 70.40 -32.63
N THR R 341 -7.97 71.49 -31.97
CA THR R 341 -8.71 72.02 -30.82
C THR R 341 -9.06 73.48 -31.01
N LEU R 342 -9.16 73.94 -32.26
CA LEU R 342 -9.33 75.37 -32.51
C LEU R 342 -10.75 75.81 -32.21
N LEU R 343 -11.75 75.00 -32.57
CA LEU R 343 -13.12 75.33 -32.21
C LEU R 343 -13.28 75.36 -30.70
N ALA R 344 -12.69 74.39 -30.01
CA ALA R 344 -12.75 74.40 -28.56
C ALA R 344 -12.12 75.66 -28.00
N ASN R 345 -10.96 76.06 -28.55
CA ASN R 345 -10.30 77.27 -28.06
C ASN R 345 -11.19 78.49 -28.24
N VAL R 346 -11.74 78.68 -29.43
CA VAL R 346 -12.52 79.88 -29.70
C VAL R 346 -13.77 79.90 -28.84
N THR R 347 -14.51 78.79 -28.79
CA THR R 347 -15.73 78.74 -28.02
C THR R 347 -15.45 78.93 -26.53
N ALA R 348 -14.37 78.33 -26.04
CA ALA R 348 -14.04 78.47 -24.63
C ALA R 348 -13.68 79.90 -24.29
N VAL R 349 -12.92 80.58 -25.15
CA VAL R 349 -12.60 81.96 -24.87
C VAL R 349 -13.85 82.82 -24.92
N ARG R 350 -14.79 82.49 -25.80
CA ARG R 350 -16.08 83.19 -25.81
C ARG R 350 -16.80 83.01 -24.48
N GLN R 351 -16.97 81.75 -24.05
CA GLN R 351 -17.74 81.46 -22.86
C GLN R 351 -17.10 82.01 -21.60
N GLU R 352 -15.76 81.89 -21.48
CA GLU R 352 -15.06 82.32 -20.28
C GLU R 352 -15.34 83.77 -19.94
N TYR R 353 -15.53 84.60 -20.96
CA TYR R 353 -15.69 86.03 -20.78
C TYR R 353 -17.08 86.54 -21.11
N ALA R 354 -17.98 85.66 -21.56
CA ALA R 354 -19.37 86.04 -21.80
C ALA R 354 -19.46 87.18 -22.82
N ILE R 355 -18.82 86.95 -23.96
CA ILE R 355 -18.90 87.95 -25.04
C ILE R 355 -20.34 88.02 -25.53
N PRO R 356 -20.92 89.21 -25.70
CA PRO R 356 -22.28 89.27 -26.27
C PRO R 356 -22.30 88.67 -27.67
N VAL R 357 -23.41 88.01 -28.01
CA VAL R 357 -23.54 87.38 -29.31
C VAL R 357 -23.37 88.42 -30.40
N GLY R 358 -22.45 88.16 -31.32
CA GLY R 358 -22.11 89.14 -32.32
C GLY R 358 -23.02 89.07 -33.53
N PRO R 359 -22.78 89.97 -34.48
CA PRO R 359 -23.61 89.99 -35.69
C PRO R 359 -23.55 88.71 -36.51
N VAL R 360 -22.39 88.05 -36.58
CA VAL R 360 -22.18 87.01 -37.59
C VAL R 360 -22.39 85.62 -37.00
N PHE R 361 -21.67 85.28 -35.95
CA PHE R 361 -21.72 83.91 -35.45
C PHE R 361 -23.04 83.63 -34.76
N PRO R 362 -23.43 82.37 -34.63
CA PRO R 362 -24.70 82.07 -33.97
C PRO R 362 -24.59 82.24 -32.48
N PRO R 363 -25.70 82.16 -31.75
CA PRO R 363 -25.62 82.23 -30.28
C PRO R 363 -24.93 80.99 -29.73
N GLY R 364 -23.82 81.21 -29.03
CA GLY R 364 -23.06 80.12 -28.46
C GLY R 364 -22.00 79.54 -29.38
N MET R 365 -21.96 79.95 -30.64
CA MET R 365 -20.97 79.49 -31.61
C MET R 365 -20.97 77.97 -31.70
N ASN R 366 -22.15 77.41 -31.98
CA ASN R 366 -22.33 75.98 -32.11
C ASN R 366 -22.24 75.57 -33.57
N TRP R 367 -21.58 74.44 -33.81
CA TRP R 367 -21.17 74.12 -35.17
C TRP R 367 -22.35 73.80 -36.06
N THR R 368 -23.43 73.26 -35.53
CA THR R 368 -24.56 72.91 -36.38
C THR R 368 -25.13 74.15 -37.06
N GLU R 369 -25.44 75.17 -36.26
CA GLU R 369 -25.94 76.41 -36.84
C GLU R 369 -24.84 77.18 -37.57
N LEU R 370 -23.57 76.93 -37.25
CA LEU R 370 -22.53 77.64 -37.98
C LEU R 370 -22.35 77.06 -39.38
N ILE R 371 -22.49 75.74 -39.51
CA ILE R 371 -22.22 75.08 -40.78
C ILE R 371 -23.46 74.96 -41.65
N THR R 372 -24.66 74.92 -41.06
CA THR R 372 -25.87 74.88 -41.87
C THR R 372 -25.98 76.11 -42.74
N ASN R 373 -25.68 77.27 -42.18
CA ASN R 373 -25.55 78.52 -42.93
C ASN R 373 -24.09 78.94 -42.84
N TYR R 374 -23.37 78.81 -43.94
CA TYR R 374 -21.92 78.94 -43.97
C TYR R 374 -21.49 80.00 -44.97
N SER R 375 -22.09 81.19 -44.86
CA SER R 375 -21.89 82.22 -45.85
C SER R 375 -20.43 82.65 -45.90
N PRO R 376 -20.00 83.30 -46.99
CA PRO R 376 -18.59 83.70 -47.11
C PRO R 376 -18.08 84.57 -45.97
N SER R 377 -18.87 85.52 -45.48
CA SER R 377 -18.39 86.35 -44.38
C SER R 377 -18.18 85.52 -43.12
N ARG R 378 -19.11 84.61 -42.84
CA ARG R 378 -18.95 83.72 -41.70
C ARG R 378 -17.71 82.88 -41.86
N GLU R 379 -17.46 82.38 -43.08
CA GLU R 379 -16.27 81.59 -43.33
C GLU R 379 -15.00 82.40 -43.11
N ASP R 380 -14.99 83.66 -43.56
CA ASP R 380 -13.82 84.50 -43.40
C ASP R 380 -13.53 84.75 -41.92
N ASN R 381 -14.55 85.11 -41.16
CA ASN R 381 -14.37 85.34 -39.73
C ASN R 381 -13.92 84.05 -39.05
N LEU R 382 -14.47 82.92 -39.48
CA LEU R 382 -14.07 81.65 -38.89
C LEU R 382 -12.60 81.36 -39.16
N GLN R 383 -12.13 81.62 -40.38
CA GLN R 383 -10.71 81.40 -40.64
C GLN R 383 -9.85 82.32 -39.80
N ARG R 384 -10.24 83.58 -39.66
CA ARG R 384 -9.44 84.49 -38.86
C ARG R 384 -9.34 84.02 -37.42
N VAL R 385 -10.47 83.70 -36.81
CA VAL R 385 -10.44 83.31 -35.40
C VAL R 385 -9.75 81.96 -35.23
N PHE R 386 -9.93 81.03 -36.18
CA PHE R 386 -9.25 79.74 -36.07
C PHE R 386 -7.75 79.89 -36.21
N THR R 387 -7.29 80.74 -37.12
CA THR R 387 -5.86 80.96 -37.24
C THR R 387 -5.30 81.62 -35.99
N VAL R 388 -6.03 82.55 -35.40
CA VAL R 388 -5.58 83.15 -34.14
C VAL R 388 -5.54 82.10 -33.05
N ALA R 389 -6.51 81.19 -33.05
CA ALA R 389 -6.51 80.12 -32.06
C ALA R 389 -5.31 79.22 -32.22
N SER R 390 -4.94 78.93 -33.46
CA SER R 390 -3.72 78.17 -33.70
C SER R 390 -2.50 78.91 -33.18
N ILE R 391 -2.42 80.22 -33.43
CA ILE R 391 -1.31 81.00 -32.94
C ILE R 391 -1.24 80.94 -31.43
N ARG R 392 -2.39 81.07 -30.77
CA ARG R 392 -2.43 81.04 -29.31
C ARG R 392 -1.99 79.67 -28.80
N SER R 393 -2.51 78.60 -29.40
CA SER R 393 -2.14 77.26 -28.98
C SER R 393 -0.68 76.98 -29.24
N MET R 394 -0.04 77.75 -30.12
CA MET R 394 1.40 77.60 -30.31
C MET R 394 2.18 77.86 -29.04
N LEU R 395 1.62 78.59 -28.07
CA LEU R 395 2.28 78.90 -26.81
C LEU R 395 1.51 78.39 -25.60
N ILE R 396 0.23 78.70 -25.51
CA ILE R 396 -0.55 78.53 -24.29
C ILE R 396 -1.55 77.39 -24.54
N LYS R 397 -1.18 76.18 -24.13
CA LYS R 397 -2.12 75.07 -24.10
C LYS R 397 -2.83 75.04 -22.76
N MET S 1 15.01 59.22 -55.38
CA MET S 1 13.88 60.16 -55.19
C MET S 1 14.05 61.01 -53.93
N GLU S 2 15.09 60.71 -53.15
CA GLU S 2 15.45 61.62 -52.07
C GLU S 2 15.75 63.01 -52.61
N VAL S 3 16.31 63.10 -53.82
CA VAL S 3 16.48 64.40 -54.45
C VAL S 3 15.13 65.06 -54.70
N LEU S 4 14.13 64.27 -55.08
CA LEU S 4 12.81 64.85 -55.29
C LEU S 4 12.23 65.39 -53.99
N TYR S 5 12.35 64.61 -52.91
CA TYR S 5 11.89 65.11 -51.62
C TYR S 5 12.65 66.37 -51.24
N SER S 6 13.94 66.44 -51.57
CA SER S 6 14.72 67.61 -51.21
C SER S 6 14.27 68.83 -52.00
N LEU S 7 13.97 68.68 -53.28
CA LEU S 7 13.40 69.78 -54.04
C LEU S 7 12.10 70.25 -53.41
N SER S 8 11.23 69.30 -53.07
CA SER S 8 9.94 69.69 -52.50
C SER S 8 10.12 70.39 -51.17
N LYS S 9 11.00 69.88 -50.32
CA LYS S 9 11.25 70.50 -49.04
C LYS S 9 11.80 71.91 -49.20
N THR S 10 12.77 72.10 -50.10
CA THR S 10 13.36 73.42 -50.21
C THR S 10 12.41 74.41 -50.84
N LEU S 11 11.55 73.97 -51.78
CA LEU S 11 10.54 74.89 -52.29
C LEU S 11 9.52 75.26 -51.23
N LYS S 12 9.08 74.29 -50.43
CA LYS S 12 8.16 74.61 -49.34
C LYS S 12 8.80 75.59 -48.37
N ASP S 13 10.06 75.35 -48.02
CA ASP S 13 10.75 76.24 -47.11
C ASP S 13 10.95 77.62 -47.72
N ALA S 14 11.22 77.68 -49.02
CA ALA S 14 11.37 78.98 -49.67
C ALA S 14 10.06 79.75 -49.63
N ARG S 15 8.95 79.08 -49.91
CA ARG S 15 7.66 79.74 -49.84
C ARG S 15 7.31 80.16 -48.43
N ASP S 16 7.79 79.42 -47.42
CA ASP S 16 7.41 79.64 -46.04
C ASP S 16 8.44 80.42 -45.22
N LYS S 17 9.55 80.84 -45.83
CA LYS S 17 10.57 81.61 -45.15
C LYS S 17 10.96 82.89 -45.85
N ILE S 18 10.96 82.90 -47.18
CA ILE S 18 11.27 84.12 -47.91
C ILE S 18 10.01 84.98 -47.87
N VAL S 19 9.92 85.83 -46.86
CA VAL S 19 8.78 86.71 -46.65
C VAL S 19 9.30 88.12 -46.44
N GLU S 20 8.51 89.10 -46.83
CA GLU S 20 9.00 90.48 -46.85
C GLU S 20 9.23 90.98 -45.44
N GLY S 21 10.34 91.68 -45.25
CA GLY S 21 10.71 92.24 -43.97
C GLY S 21 11.51 91.32 -43.07
N THR S 22 11.66 90.05 -43.44
CA THR S 22 12.36 89.11 -42.59
C THR S 22 13.86 89.32 -42.68
N LEU S 23 14.56 89.16 -41.55
CA LEU S 23 16.00 89.33 -41.52
C LEU S 23 16.67 88.36 -42.48
N TYR S 24 17.78 88.82 -43.08
CA TYR S 24 18.55 87.93 -43.94
C TYR S 24 19.21 86.82 -43.14
N SER S 25 19.34 86.95 -41.83
CA SER S 25 19.91 85.87 -41.04
C SER S 25 18.94 84.71 -40.90
N ASN S 26 17.66 84.91 -41.18
CA ASN S 26 16.71 83.80 -41.17
C ASN S 26 16.74 82.98 -42.44
N VAL S 27 17.26 83.53 -43.54
CA VAL S 27 17.19 82.86 -44.83
C VAL S 27 18.53 82.86 -45.54
N SER S 28 19.63 83.15 -44.84
CA SER S 28 20.94 83.01 -45.46
C SER S 28 21.18 81.58 -45.93
N ASP S 29 20.98 80.62 -45.03
CA ASP S 29 21.20 79.22 -45.37
C ASP S 29 20.25 78.78 -46.49
N LEU S 30 19.00 79.21 -46.43
CA LEU S 30 18.05 78.76 -47.44
C LEU S 30 18.29 79.43 -48.78
N ILE S 31 18.78 80.66 -48.79
CA ILE S 31 19.17 81.28 -50.05
C ILE S 31 20.36 80.54 -50.64
N GLN S 32 21.30 80.12 -49.80
CA GLN S 32 22.42 79.31 -50.29
C GLN S 32 21.91 78.02 -50.92
N GLN S 33 21.00 77.34 -50.24
CA GLN S 33 20.43 76.10 -50.79
C GLN S 33 19.69 76.37 -52.09
N PHE S 34 18.90 77.43 -52.13
CA PHE S 34 18.11 77.72 -53.31
C PHE S 34 19.00 78.03 -54.49
N ASN S 35 20.10 78.75 -54.25
CA ASN S 35 21.03 79.04 -55.34
C ASN S 35 21.73 77.77 -55.81
N GLN S 36 22.07 76.87 -54.89
CA GLN S 36 22.61 75.58 -55.31
C GLN S 36 21.60 74.85 -56.19
N MET S 37 20.33 74.85 -55.79
CA MET S 37 19.29 74.20 -56.58
C MET S 37 19.18 74.82 -57.96
N ILE S 38 19.20 76.15 -58.03
CA ILE S 38 19.04 76.84 -59.30
C ILE S 38 20.20 76.52 -60.23
N VAL S 39 21.43 76.58 -59.70
CA VAL S 39 22.60 76.29 -60.52
C VAL S 39 22.56 74.85 -61.01
N THR S 40 22.19 73.93 -60.13
CA THR S 40 22.15 72.52 -60.52
C THR S 40 21.10 72.29 -61.60
N MET S 41 19.92 72.88 -61.47
CA MET S 41 18.84 72.63 -62.40
C MET S 41 18.94 73.43 -63.68
N ASN S 42 19.78 74.46 -63.72
CA ASN S 42 19.87 75.31 -64.91
C ASN S 42 20.31 74.50 -66.13
N GLY S 43 19.63 74.71 -67.25
CA GLY S 43 19.98 74.09 -68.50
C GLY S 43 19.54 72.65 -68.66
N ASN S 44 18.99 72.03 -67.62
CA ASN S 44 18.58 70.64 -67.66
C ASN S 44 17.11 70.56 -68.08
N ASP S 45 16.86 70.13 -69.30
CA ASP S 45 15.50 70.01 -69.83
C ASP S 45 14.92 68.66 -69.41
N PHE S 46 13.77 68.71 -68.75
CA PHE S 46 13.05 67.52 -68.32
C PHE S 46 11.80 67.35 -69.17
N GLN S 47 11.30 66.11 -69.17
CA GLN S 47 10.06 65.78 -69.85
C GLN S 47 9.19 64.97 -68.91
N THR S 48 7.91 65.27 -68.87
CA THR S 48 6.98 64.65 -67.93
C THR S 48 5.71 64.26 -68.66
N GLY S 49 5.01 63.28 -68.13
CA GLY S 49 3.74 62.85 -68.68
C GLY S 49 3.91 61.85 -69.80
N GLY S 50 2.77 61.53 -70.42
CA GLY S 50 2.73 60.57 -71.51
C GLY S 50 2.18 59.24 -71.09
N ILE S 51 1.16 59.25 -70.24
CA ILE S 51 0.48 58.04 -69.82
C ILE S 51 -0.95 58.40 -69.47
N GLY S 52 -1.88 57.55 -69.87
CA GLY S 52 -3.29 57.86 -69.67
C GLY S 52 -3.64 59.18 -70.33
N ASN S 53 -4.37 60.01 -69.61
CA ASN S 53 -4.67 61.37 -70.06
C ASN S 53 -3.71 62.42 -69.52
N LEU S 54 -2.69 62.00 -68.78
CA LEU S 54 -1.75 62.96 -68.21
C LEU S 54 -1.00 63.66 -69.34
N PRO S 55 -1.01 64.99 -69.41
CA PRO S 55 -0.48 65.65 -70.59
C PRO S 55 1.04 65.56 -70.65
N ILE S 56 1.56 65.61 -71.87
CA ILE S 56 3.00 65.67 -72.09
C ILE S 56 3.44 67.10 -71.85
N ARG S 57 4.46 67.28 -71.01
CA ARG S 57 4.98 68.59 -70.66
C ARG S 57 6.50 68.57 -70.77
N ASN S 58 7.07 69.70 -71.14
CA ASN S 58 8.51 69.89 -71.22
C ASN S 58 8.91 71.04 -70.32
N TRP S 59 9.88 70.79 -69.45
CA TRP S 59 10.28 71.72 -68.41
C TRP S 59 11.70 72.18 -68.68
N THR S 60 11.91 73.50 -68.65
CA THR S 60 13.21 74.09 -68.90
C THR S 60 13.52 75.12 -67.82
N PHE S 61 14.76 75.10 -67.34
CA PHE S 61 15.18 75.96 -66.24
C PHE S 61 16.30 76.87 -66.72
N ASP S 62 16.05 78.17 -66.69
CA ASP S 62 17.11 79.18 -66.74
C ASP S 62 16.65 80.33 -65.83
N PHE S 63 17.02 80.24 -64.56
CA PHE S 63 16.59 81.19 -63.54
C PHE S 63 17.81 81.85 -62.93
N GLY S 64 17.71 83.16 -62.71
CA GLY S 64 18.75 83.86 -62.00
C GLY S 64 18.75 83.49 -60.53
N LEU S 65 19.83 83.87 -59.86
CA LEU S 65 19.96 83.61 -58.44
C LEU S 65 19.38 84.75 -57.63
N LEU S 66 19.17 84.48 -56.34
CA LEU S 66 18.58 85.45 -55.44
C LEU S 66 19.67 86.29 -54.79
N GLY S 67 19.30 87.51 -54.40
CA GLY S 67 20.27 88.42 -53.83
C GLY S 67 20.83 87.91 -52.51
N THR S 68 22.03 88.39 -52.20
CA THR S 68 22.72 88.03 -50.97
C THR S 68 23.33 89.21 -50.23
N THR S 69 23.41 90.38 -50.85
CA THR S 69 23.92 91.59 -50.21
C THR S 69 22.80 92.48 -49.71
N LEU S 70 21.70 91.88 -49.26
CA LEU S 70 20.55 92.60 -48.72
C LEU S 70 20.51 92.39 -47.22
N LEU S 71 20.35 93.48 -46.47
CA LEU S 71 20.29 93.37 -45.02
C LEU S 71 18.96 92.84 -44.54
N ASN S 72 17.89 93.12 -45.29
CA ASN S 72 16.55 92.75 -44.83
C ASN S 72 15.62 92.69 -46.03
N LEU S 73 14.89 91.59 -46.18
CA LEU S 73 14.12 91.33 -47.37
C LEU S 73 13.02 92.37 -47.58
N ASP S 74 12.69 92.63 -48.84
CA ASP S 74 11.66 93.60 -49.20
C ASP S 74 10.71 93.01 -50.25
N ALA S 75 9.80 93.83 -50.77
CA ALA S 75 8.72 93.32 -51.61
C ALA S 75 9.25 92.75 -52.92
N ASN S 76 10.14 93.49 -53.59
CA ASN S 76 10.62 93.05 -54.91
C ASN S 76 11.33 91.71 -54.82
N TYR S 77 12.20 91.57 -53.81
CA TYR S 77 12.89 90.31 -53.58
C TYR S 77 11.91 89.15 -53.48
N VAL S 78 10.88 89.33 -52.66
CA VAL S 78 9.91 88.26 -52.45
C VAL S 78 9.15 87.97 -53.73
N GLU S 79 8.88 88.99 -54.54
CA GLU S 79 8.09 88.78 -55.75
C GLU S 79 8.88 88.00 -56.80
N THR S 80 10.13 88.38 -57.03
CA THR S 80 10.96 87.61 -57.96
C THR S 80 11.12 86.18 -57.46
N ALA S 81 11.38 86.02 -56.16
CA ALA S 81 11.42 84.69 -55.57
C ALA S 81 10.17 83.90 -55.91
N ARG S 82 9.01 84.39 -55.48
CA ARG S 82 7.79 83.62 -55.65
C ARG S 82 7.48 83.36 -57.12
N THR S 83 7.93 84.23 -58.02
CA THR S 83 7.85 83.91 -59.44
C THR S 83 8.65 82.65 -59.74
N THR S 84 9.84 82.50 -59.14
CA THR S 84 10.60 81.27 -59.36
C THR S 84 9.94 80.06 -58.69
N ILE S 85 9.54 80.22 -57.42
CA ILE S 85 8.97 79.09 -56.67
C ILE S 85 7.67 78.58 -57.28
N GLU S 86 6.86 79.44 -57.88
CA GLU S 86 5.63 78.95 -58.49
C GLU S 86 5.93 77.96 -59.61
N TYR S 87 6.89 78.32 -60.47
CA TYR S 87 7.29 77.42 -61.55
C TYR S 87 7.88 76.14 -61.00
N PHE S 88 8.74 76.24 -59.99
CA PHE S 88 9.36 75.03 -59.45
C PHE S 88 8.32 74.12 -58.82
N ILE S 89 7.32 74.69 -58.12
CA ILE S 89 6.26 73.89 -57.54
C ILE S 89 5.48 73.19 -58.63
N ASP S 90 5.20 73.89 -59.73
CA ASP S 90 4.48 73.27 -60.83
C ASP S 90 5.24 72.06 -61.37
N PHE S 91 6.55 72.24 -61.60
CA PHE S 91 7.37 71.15 -62.11
C PHE S 91 7.38 69.97 -61.16
N ILE S 92 7.52 70.23 -59.86
CA ILE S 92 7.57 69.15 -58.88
C ILE S 92 6.24 68.43 -58.82
N ASP S 93 5.13 69.16 -58.88
CA ASP S 93 3.82 68.53 -58.85
C ASP S 93 3.65 67.60 -60.04
N ASN S 94 4.05 68.05 -61.23
CA ASN S 94 3.93 67.22 -62.41
C ASN S 94 4.79 65.96 -62.29
N VAL S 95 6.02 66.12 -61.80
CA VAL S 95 6.88 64.94 -61.63
C VAL S 95 6.26 63.96 -60.66
N CYS S 96 5.71 64.46 -59.55
CA CYS S 96 5.14 63.57 -58.55
C CYS S 96 3.94 62.82 -59.11
N MET S 97 3.07 63.51 -59.84
CA MET S 97 1.93 62.81 -60.44
C MET S 97 2.40 61.77 -61.45
N ASP S 98 3.39 62.13 -62.27
CA ASP S 98 3.90 61.18 -63.25
C ASP S 98 4.50 59.95 -62.59
N GLU S 99 5.10 60.12 -61.41
CA GLU S 99 5.69 58.99 -60.72
C GLU S 99 4.65 58.17 -59.98
N MET S 100 3.56 58.79 -59.55
CA MET S 100 2.51 58.03 -58.87
C MET S 100 1.71 57.18 -59.86
N VAL S 101 1.39 57.73 -61.03
CA VAL S 101 0.59 56.98 -61.99
C VAL S 101 1.34 55.73 -62.45
N ARG S 102 2.63 55.86 -62.72
CA ARG S 102 3.39 54.74 -63.24
C ARG S 102 3.50 53.64 -62.19
N GLU S 103 4.06 52.50 -62.63
CA GLU S 103 4.01 51.28 -61.85
C GLU S 103 4.87 50.24 -62.56
N SER S 104 5.50 49.37 -61.79
CA SER S 104 6.45 48.40 -62.34
C SER S 104 6.43 47.14 -61.52
N GLN S 105 6.20 46.00 -62.18
CA GLN S 105 6.19 44.72 -61.48
C GLN S 105 7.57 44.37 -60.95
N ARG S 106 8.57 44.44 -61.81
CA ARG S 106 9.94 44.06 -61.46
C ARG S 106 10.72 45.31 -61.10
N ASN S 107 11.42 45.27 -59.96
CA ASN S 107 12.25 46.38 -59.51
C ASN S 107 11.40 47.63 -59.33
N GLY S 108 10.36 47.49 -58.50
CA GLY S 108 9.42 48.58 -58.30
C GLY S 108 9.91 49.68 -57.39
N VAL S 109 10.98 49.44 -56.64
CA VAL S 109 11.54 50.49 -55.81
C VAL S 109 12.20 51.55 -56.67
N ALA S 110 12.78 51.17 -57.79
CA ALA S 110 13.52 52.12 -58.60
C ALA S 110 12.57 53.12 -59.23
N PRO S 111 13.07 54.30 -59.60
CA PRO S 111 12.17 55.31 -60.17
C PRO S 111 11.67 54.92 -61.56
N GLN S 112 10.38 55.14 -61.79
CA GLN S 112 9.81 55.22 -63.12
C GLN S 112 9.88 56.68 -63.54
N SER S 113 9.15 57.09 -64.59
CA SER S 113 9.03 58.52 -64.84
C SER S 113 10.37 59.17 -65.19
N GLU S 114 10.76 59.08 -66.47
CA GLU S 114 12.04 59.57 -66.98
C GLU S 114 12.51 60.87 -66.33
N ALA S 115 11.60 61.78 -65.98
CA ALA S 115 11.99 62.96 -65.23
C ALA S 115 12.66 62.59 -63.92
N LEU S 116 12.01 61.75 -63.12
CA LEU S 116 12.62 61.36 -61.85
C LEU S 116 13.84 60.46 -62.07
N ARG S 117 13.81 59.61 -63.09
CA ARG S 117 14.98 58.79 -63.35
C ARG S 117 16.18 59.62 -63.81
N LYS S 118 15.93 60.81 -64.37
CA LYS S 118 17.01 61.75 -64.63
C LYS S 118 17.43 62.47 -63.37
N LEU S 119 16.48 62.77 -62.49
CA LEU S 119 16.83 63.38 -61.21
C LEU S 119 17.72 62.46 -60.40
N ALA S 120 17.56 61.15 -60.58
CA ALA S 120 18.39 60.20 -59.85
C ALA S 120 19.86 60.24 -60.27
N GLY S 121 20.20 60.93 -61.35
CA GLY S 121 21.56 60.92 -61.86
C GLY S 121 22.55 61.55 -60.90
N ILE S 122 23.77 61.74 -61.40
CA ILE S 122 24.85 62.24 -60.55
C ILE S 122 24.83 63.76 -60.47
N LYS S 123 24.33 64.44 -61.48
CA LYS S 123 24.35 65.90 -61.48
C LYS S 123 23.52 66.49 -60.35
N PHE S 124 22.54 65.75 -59.83
CA PHE S 124 21.54 66.28 -58.92
C PHE S 124 21.73 65.83 -57.47
N LYS S 125 22.87 65.24 -57.14
CA LYS S 125 23.09 64.84 -55.75
C LYS S 125 23.34 66.03 -54.84
N ARG S 126 23.64 67.19 -55.39
CA ARG S 126 23.93 68.37 -54.57
C ARG S 126 22.67 69.02 -54.03
N ILE S 127 21.49 68.56 -54.42
CA ILE S 127 20.24 69.16 -53.94
C ILE S 127 19.78 68.59 -52.61
N ASN S 128 20.39 67.51 -52.13
CA ASN S 128 19.87 66.82 -50.96
C ASN S 128 19.87 67.75 -49.75
N PHE S 129 18.69 68.04 -49.23
CA PHE S 129 18.52 69.04 -48.16
C PHE S 129 18.57 68.35 -46.80
N ASN S 130 17.60 67.48 -46.54
CA ASN S 130 17.51 66.65 -45.35
C ASN S 130 16.28 65.78 -45.53
N ASN S 131 16.26 64.66 -44.82
CA ASN S 131 15.17 63.71 -44.90
C ASN S 131 14.50 63.67 -43.53
N SER S 132 13.57 64.59 -43.32
CA SER S 132 12.95 64.79 -42.01
C SER S 132 11.66 64.00 -41.85
N SER S 133 10.85 63.93 -42.90
CA SER S 133 9.54 63.31 -42.77
C SER S 133 9.65 61.83 -42.46
N GLU S 134 8.58 61.29 -41.88
CA GLU S 134 8.59 59.87 -41.51
C GLU S 134 8.73 59.00 -42.75
N TYR S 135 8.01 59.33 -43.82
CA TYR S 135 8.07 58.49 -45.01
C TYR S 135 9.44 58.53 -45.65
N ILE S 136 10.04 59.72 -45.75
CA ILE S 136 11.34 59.80 -46.40
C ILE S 136 12.41 59.14 -45.54
N GLU S 137 12.34 59.27 -44.22
CA GLU S 137 13.36 58.63 -43.41
C GLU S 137 13.23 57.12 -43.45
N ASN S 138 11.99 56.59 -43.43
CA ASN S 138 11.82 55.15 -43.57
C ASN S 138 12.30 54.68 -44.94
N TRP S 139 12.06 55.48 -45.98
CA TRP S 139 12.56 55.15 -47.31
C TRP S 139 14.08 55.03 -47.29
N ASN S 140 14.76 56.00 -46.67
CA ASN S 140 16.21 55.94 -46.61
C ASN S 140 16.70 54.73 -45.82
N LEU S 141 16.06 54.45 -44.68
CA LEU S 141 16.47 53.31 -43.88
C LEU S 141 16.35 52.02 -44.67
N GLN S 142 15.20 51.80 -45.31
CA GLN S 142 15.02 50.57 -46.07
C GLN S 142 15.99 50.49 -47.24
N ASN S 143 16.23 51.62 -47.91
CA ASN S 143 17.18 51.60 -49.01
C ASN S 143 18.58 51.23 -48.53
N ARG S 144 18.96 51.68 -47.34
CA ARG S 144 20.10 51.13 -46.62
C ARG S 144 19.51 50.37 -45.45
N ARG S 145 19.14 49.11 -45.72
CA ARG S 145 18.26 48.28 -44.91
C ARG S 145 18.53 48.41 -43.42
N GLN S 146 17.50 48.82 -42.67
CA GLN S 146 17.54 48.89 -41.22
C GLN S 146 16.14 48.56 -40.74
N ARG S 147 16.00 48.38 -39.43
CA ARG S 147 14.69 48.28 -38.83
C ARG S 147 14.00 49.63 -38.96
N THR S 148 12.76 49.61 -39.45
CA THR S 148 11.99 50.84 -39.67
C THR S 148 10.62 50.70 -39.04
N GLY S 149 9.74 51.64 -39.34
CA GLY S 149 8.39 51.57 -38.84
C GLY S 149 7.58 52.80 -39.14
N PHE S 150 6.33 52.60 -39.55
CA PHE S 150 5.35 53.65 -39.73
C PHE S 150 4.34 53.54 -38.61
N VAL S 151 4.06 54.68 -37.97
CA VAL S 151 3.04 54.74 -36.93
C VAL S 151 1.73 55.16 -37.56
N PHE S 152 0.68 54.40 -37.29
CA PHE S 152 -0.61 54.56 -37.94
C PHE S 152 -1.69 54.70 -36.89
N HIS S 153 -2.60 55.64 -37.13
CA HIS S 153 -3.78 55.84 -36.28
C HIS S 153 -4.95 55.08 -36.89
N LYS S 154 -5.34 53.99 -36.25
CA LYS S 154 -6.50 53.20 -36.63
C LYS S 154 -6.29 52.69 -38.04
N PRO S 155 -5.33 51.78 -38.24
CA PRO S 155 -5.03 51.33 -39.61
C PRO S 155 -6.17 50.47 -40.16
N ASN S 156 -6.31 50.48 -41.48
CA ASN S 156 -7.20 49.53 -42.16
C ASN S 156 -6.39 48.32 -42.61
N ILE S 157 -5.80 47.64 -41.63
CA ILE S 157 -5.03 46.44 -41.91
C ILE S 157 -5.94 45.30 -42.34
N PHE S 158 -7.13 45.22 -41.76
CA PHE S 158 -8.05 44.14 -42.10
C PHE S 158 -8.77 44.45 -43.40
N PRO S 159 -8.82 43.54 -44.36
CA PRO S 159 -9.70 43.76 -45.51
C PRO S 159 -11.15 43.53 -45.10
N TYR S 160 -12.06 44.23 -45.78
CA TYR S 160 -13.47 44.08 -45.46
C TYR S 160 -13.90 42.63 -45.67
N SER S 161 -14.53 42.06 -44.65
CA SER S 161 -14.98 40.68 -44.74
C SER S 161 -16.10 40.49 -43.72
N ALA S 162 -17.32 40.32 -44.21
CA ALA S 162 -18.49 40.06 -43.37
C ALA S 162 -19.00 38.68 -43.76
N SER S 163 -19.04 37.77 -42.81
CA SER S 163 -19.39 36.39 -43.13
C SER S 163 -19.73 35.65 -41.84
N PHE S 164 -19.90 34.34 -41.95
CA PHE S 164 -20.28 33.52 -40.81
C PHE S 164 -19.89 32.08 -41.09
N THR S 165 -19.75 31.32 -40.01
CA THR S 165 -19.58 29.88 -40.06
C THR S 165 -20.67 29.24 -39.21
N LEU S 166 -21.13 28.07 -39.63
CA LEU S 166 -22.16 27.33 -38.92
C LEU S 166 -21.58 26.00 -38.46
N ASN S 167 -21.33 25.89 -37.16
CA ASN S 167 -20.81 24.65 -36.62
C ASN S 167 -21.89 23.59 -36.51
N ARG S 168 -23.11 23.98 -36.14
CA ARG S 168 -24.27 23.11 -36.19
C ARG S 168 -25.31 23.76 -37.08
N SER S 169 -25.94 22.97 -37.93
CA SER S 169 -26.87 23.51 -38.91
C SER S 169 -27.85 22.44 -39.35
N GLN S 170 -28.94 22.89 -39.96
CA GLN S 170 -29.95 22.05 -40.57
C GLN S 170 -30.32 22.66 -41.90
N PRO S 171 -30.93 21.88 -42.80
CA PRO S 171 -31.51 22.52 -43.99
C PRO S 171 -32.57 23.55 -43.65
N MET S 172 -33.35 23.31 -42.60
CA MET S 172 -34.37 24.28 -42.20
C MET S 172 -33.77 25.49 -41.50
N HIS S 173 -32.54 25.40 -41.00
CA HIS S 173 -31.90 26.49 -40.28
C HIS S 173 -32.77 26.96 -39.12
N ASP S 174 -33.21 25.99 -38.31
CA ASP S 174 -34.00 26.27 -37.12
C ASP S 174 -33.18 26.21 -35.84
N ASN S 175 -32.08 25.45 -35.83
CA ASN S 175 -31.29 25.20 -34.62
C ASN S 175 -29.81 25.26 -35.00
N LEU S 176 -29.23 26.46 -34.89
CA LEU S 176 -27.90 26.75 -35.40
C LEU S 176 -26.95 27.14 -34.28
N MET S 177 -25.74 26.59 -34.31
CA MET S 177 -24.59 27.16 -33.63
C MET S 177 -23.64 27.72 -34.67
N GLY S 178 -22.93 28.77 -34.30
CA GLY S 178 -21.86 29.21 -35.18
C GLY S 178 -21.30 30.55 -34.75
N THR S 179 -20.55 31.15 -35.66
CA THR S 179 -19.92 32.43 -35.45
C THR S 179 -20.27 33.34 -36.61
N MET S 180 -20.33 34.64 -36.34
CA MET S 180 -20.53 35.66 -37.33
C MET S 180 -19.46 36.70 -37.11
N TRP S 181 -18.91 37.25 -38.19
CA TRP S 181 -17.88 38.25 -37.99
C TRP S 181 -17.91 39.30 -39.09
N LEU S 182 -17.49 40.49 -38.71
CA LEU S 182 -17.16 41.57 -39.63
C LEU S 182 -15.79 42.10 -39.27
N ASN S 183 -14.81 41.85 -40.14
CA ASN S 183 -13.54 42.56 -40.10
C ASN S 183 -13.65 43.72 -41.06
N ALA S 184 -13.36 44.93 -40.58
CA ALA S 184 -13.47 46.10 -41.44
C ALA S 184 -12.54 47.17 -40.91
N GLY S 185 -11.61 47.60 -41.75
CA GLY S 185 -10.64 48.61 -41.33
C GLY S 185 -9.89 48.18 -40.10
N SER S 186 -10.11 48.88 -39.00
CA SER S 186 -9.44 48.61 -37.74
C SER S 186 -10.27 47.81 -36.75
N GLU S 187 -11.51 47.45 -37.10
CA GLU S 187 -12.46 46.91 -36.15
C GLU S 187 -12.77 45.47 -36.51
N ILE S 188 -12.57 44.56 -35.57
CA ILE S 188 -13.07 43.20 -35.63
C ILE S 188 -14.31 43.16 -34.75
N GLN S 189 -15.40 42.61 -35.28
CA GLN S 189 -16.62 42.43 -34.51
C GLN S 189 -17.06 40.99 -34.73
N VAL S 190 -16.88 40.15 -33.71
CA VAL S 190 -17.16 38.73 -33.80
C VAL S 190 -18.22 38.41 -32.77
N ALA S 191 -19.24 37.65 -33.19
CA ALA S 191 -20.32 37.26 -32.31
C ALA S 191 -20.64 35.80 -32.55
N GLY S 192 -20.49 34.99 -31.52
CA GLY S 192 -20.97 33.64 -31.58
C GLY S 192 -22.44 33.58 -31.25
N PHE S 193 -23.10 32.52 -31.70
CA PHE S 193 -24.52 32.40 -31.45
C PHE S 193 -24.91 30.93 -31.37
N ASP S 194 -25.84 30.65 -30.46
CA ASP S 194 -26.41 29.34 -30.25
C ASP S 194 -27.91 29.51 -30.15
N TYR S 195 -28.65 28.77 -30.99
CA TYR S 195 -30.09 28.88 -30.95
C TYR S 195 -30.71 28.15 -29.78
N SER S 196 -29.99 27.19 -29.18
CA SER S 196 -30.49 26.44 -28.04
C SER S 196 -29.97 26.96 -26.71
N CYS S 197 -29.20 28.06 -26.71
CA CYS S 197 -28.65 28.63 -25.49
C CYS S 197 -27.84 27.60 -24.70
N ALA S 198 -27.06 26.80 -25.42
CA ALA S 198 -26.18 25.79 -24.81
C ALA S 198 -26.99 24.85 -23.93
N LEU S 199 -27.94 24.16 -24.55
CA LEU S 199 -28.74 23.18 -23.83
C LEU S 199 -27.98 21.87 -23.67
N ASN S 200 -27.62 21.25 -24.79
CA ASN S 200 -26.91 19.98 -24.79
C ASN S 200 -25.39 20.15 -24.83
N ALA S 201 -24.90 21.38 -24.72
CA ALA S 201 -23.46 21.58 -24.71
C ALA S 201 -22.87 20.99 -23.42
N PRO S 202 -21.58 20.65 -23.42
CA PRO S 202 -20.97 20.13 -22.19
C PRO S 202 -21.07 21.11 -21.03
N ALA S 203 -21.83 20.75 -20.01
CA ALA S 203 -22.01 21.59 -18.82
C ALA S 203 -22.62 22.94 -19.15
N ASN S 204 -23.40 23.00 -20.22
CA ASN S 204 -24.06 24.23 -20.64
C ASN S 204 -23.07 25.35 -20.92
N ILE S 205 -21.89 24.97 -21.43
CA ILE S 205 -20.86 25.90 -21.87
C ILE S 205 -20.58 25.60 -23.33
N GLN S 206 -20.70 26.62 -24.18
CA GLN S 206 -20.44 26.49 -25.61
C GLN S 206 -19.25 27.36 -25.96
N GLN S 207 -18.14 26.72 -26.33
CA GLN S 207 -16.93 27.44 -26.69
C GLN S 207 -17.10 28.10 -28.05
N PHE S 208 -16.41 29.22 -28.24
CA PHE S 208 -16.40 29.93 -29.51
C PHE S 208 -14.99 30.42 -29.77
N GLU S 209 -14.51 30.22 -31.00
CA GLU S 209 -13.18 30.59 -31.43
C GLU S 209 -13.25 31.50 -32.64
N HIS S 210 -12.23 32.33 -32.82
CA HIS S 210 -12.15 33.14 -34.02
C HIS S 210 -10.71 33.55 -34.24
N ILE S 211 -10.11 33.04 -35.31
CA ILE S 211 -8.76 33.41 -35.73
C ILE S 211 -8.88 34.50 -36.78
N VAL S 212 -8.11 35.56 -36.64
CA VAL S 212 -7.93 36.53 -37.71
C VAL S 212 -6.44 36.74 -37.91
N GLN S 213 -6.01 36.71 -39.17
CA GLN S 213 -4.61 36.53 -39.55
C GLN S 213 -4.17 37.82 -40.27
N LEU S 214 -3.52 38.72 -39.55
CA LEU S 214 -3.08 39.96 -40.15
C LEU S 214 -2.05 39.66 -41.23
N ARG S 215 -2.13 40.38 -42.34
CA ARG S 215 -1.20 40.12 -43.43
C ARG S 215 0.22 40.52 -43.07
N ARG S 216 0.38 41.66 -42.40
CA ARG S 216 1.67 42.13 -41.91
C ARG S 216 1.62 42.27 -40.41
N ALA S 217 2.67 41.82 -39.73
CA ALA S 217 2.71 41.89 -38.28
C ALA S 217 2.74 43.34 -37.82
N LEU S 218 1.93 43.65 -36.81
CA LEU S 218 1.89 44.97 -36.21
C LEU S 218 2.70 44.97 -34.92
N THR S 219 3.17 46.15 -34.54
CA THR S 219 4.04 46.33 -33.40
C THR S 219 3.46 47.40 -32.48
N THR S 220 3.54 47.15 -31.18
CA THR S 220 3.12 48.10 -30.15
C THR S 220 1.74 48.66 -30.43
N ALA S 221 0.79 47.77 -30.69
CA ALA S 221 -0.56 48.15 -31.03
C ALA S 221 -1.38 48.39 -29.76
N THR S 222 -2.09 49.50 -29.72
CA THR S 222 -3.08 49.76 -28.69
C THR S 222 -4.42 49.24 -29.20
N ILE S 223 -5.15 48.54 -28.33
CA ILE S 223 -6.39 47.87 -28.72
C ILE S 223 -7.46 48.23 -27.71
N THR S 224 -8.70 48.31 -28.18
CA THR S 224 -9.87 48.55 -27.35
C THR S 224 -10.78 47.34 -27.50
N LEU S 225 -10.92 46.57 -26.43
CA LEU S 225 -11.75 45.37 -26.41
C LEU S 225 -12.97 45.64 -25.56
N LEU S 226 -14.16 45.43 -26.13
CA LEU S 226 -15.41 45.58 -25.44
C LEU S 226 -16.29 44.37 -25.75
N PRO S 227 -17.30 44.10 -24.91
CA PRO S 227 -18.22 43.01 -25.23
C PRO S 227 -19.39 43.49 -26.09
N ASP S 228 -20.30 42.58 -26.42
CA ASP S 228 -21.55 42.92 -27.10
C ASP S 228 -21.29 43.61 -28.45
N ALA S 229 -20.72 42.82 -29.37
CA ALA S 229 -20.59 43.28 -30.75
C ALA S 229 -21.94 43.70 -31.29
N GLU S 230 -22.06 44.99 -31.61
CA GLU S 230 -23.38 45.57 -31.85
C GLU S 230 -23.96 45.14 -33.18
N ARG S 231 -23.13 45.04 -34.22
CA ARG S 231 -23.66 44.81 -35.56
C ARG S 231 -24.30 43.44 -35.73
N PHE S 232 -23.94 42.48 -34.90
CA PHE S 232 -24.54 41.15 -34.94
C PHE S 232 -25.39 40.90 -33.69
N SER S 233 -26.12 41.92 -33.27
CA SER S 233 -26.83 41.89 -32.00
C SER S 233 -28.24 42.44 -32.16
N PHE S 234 -28.86 42.21 -33.31
CA PHE S 234 -30.23 42.60 -33.59
C PHE S 234 -30.78 41.70 -34.69
N PRO S 235 -32.09 41.67 -34.88
CA PRO S 235 -32.67 40.69 -35.81
C PRO S 235 -32.18 40.88 -37.23
N ARG S 236 -31.99 39.76 -37.94
CA ARG S 236 -31.53 39.76 -39.31
C ARG S 236 -32.16 38.57 -40.03
N VAL S 237 -32.10 38.61 -41.36
CA VAL S 237 -32.25 37.43 -42.19
C VAL S 237 -31.03 37.36 -43.09
N ILE S 238 -30.29 36.26 -43.02
CA ILE S 238 -29.03 36.11 -43.71
C ILE S 238 -29.18 35.04 -44.78
N ASN S 239 -28.55 35.25 -45.93
CA ASN S 239 -28.50 34.21 -46.94
C ASN S 239 -27.89 32.94 -46.36
N SER S 240 -28.13 31.83 -47.04
CA SER S 240 -27.59 30.55 -46.59
C SER S 240 -26.11 30.48 -46.93
N ALA S 241 -25.49 29.36 -46.56
CA ALA S 241 -24.08 29.19 -46.84
C ALA S 241 -23.82 29.20 -48.33
N ASP S 242 -24.53 28.37 -49.08
CA ASP S 242 -24.38 28.36 -50.54
C ASP S 242 -25.02 29.59 -51.17
N GLY S 243 -26.20 29.97 -50.68
CA GLY S 243 -26.91 31.14 -51.15
C GLY S 243 -28.26 30.84 -51.76
N ALA S 244 -28.79 29.65 -51.47
CA ALA S 244 -30.11 29.29 -51.99
C ALA S 244 -31.22 29.89 -51.13
N THR S 245 -31.27 29.49 -49.86
CA THR S 245 -32.31 29.89 -48.94
C THR S 245 -31.83 31.06 -48.09
N THR S 246 -32.67 31.47 -47.14
CA THR S 246 -32.32 32.47 -46.15
C THR S 246 -32.78 31.97 -44.79
N TRP S 247 -32.11 32.41 -43.74
CA TRP S 247 -32.39 31.98 -42.39
C TRP S 247 -32.50 33.19 -41.47
N PHE S 248 -33.43 33.10 -40.52
CA PHE S 248 -33.74 34.20 -39.62
C PHE S 248 -32.92 34.07 -38.35
N PHE S 249 -32.48 35.21 -37.82
CA PHE S 249 -31.55 35.28 -36.71
C PHE S 249 -32.07 36.34 -35.76
N ASN S 250 -32.46 35.93 -34.55
CA ASN S 250 -33.14 36.79 -33.57
C ASN S 250 -32.32 36.80 -32.29
N PRO S 251 -31.34 37.69 -32.16
CA PRO S 251 -30.37 37.56 -31.08
C PRO S 251 -30.85 38.18 -29.79
N ILE S 252 -30.70 37.42 -28.70
CA ILE S 252 -30.75 37.92 -27.34
C ILE S 252 -29.37 37.68 -26.77
N ILE S 253 -28.73 38.72 -26.25
CA ILE S 253 -27.32 38.60 -25.87
C ILE S 253 -27.19 38.09 -24.45
N LEU S 254 -26.37 37.06 -24.29
CA LEU S 254 -25.78 36.73 -23.01
C LEU S 254 -24.48 37.51 -22.87
N ARG S 255 -23.84 37.37 -21.74
CA ARG S 255 -22.57 38.02 -21.46
C ARG S 255 -21.44 37.04 -21.72
N PRO S 256 -20.38 37.39 -22.49
CA PRO S 256 -19.36 36.41 -22.81
C PRO S 256 -18.43 36.17 -21.64
N ASN S 257 -18.38 34.93 -21.15
CA ASN S 257 -17.64 34.60 -19.94
C ASN S 257 -16.31 33.94 -20.29
N ASN S 258 -15.36 34.08 -19.36
CA ASN S 258 -13.97 33.68 -19.51
C ASN S 258 -13.45 33.94 -20.92
N VAL S 259 -13.64 35.19 -21.37
CA VAL S 259 -13.10 35.62 -22.64
C VAL S 259 -11.58 35.60 -22.59
N GLU S 260 -10.97 35.37 -23.75
CA GLU S 260 -9.53 35.39 -23.90
C GLU S 260 -9.18 35.96 -25.26
N VAL S 261 -8.10 36.73 -25.31
CA VAL S 261 -7.56 37.24 -26.56
C VAL S 261 -6.07 36.92 -26.56
N GLU S 262 -5.63 36.12 -27.52
CA GLU S 262 -4.24 35.74 -27.64
C GLU S 262 -3.65 36.37 -28.89
N PHE S 263 -2.62 37.18 -28.70
CA PHE S 263 -1.92 37.84 -29.79
C PHE S 263 -0.66 37.03 -30.09
N LEU S 264 -0.59 36.49 -31.30
CA LEU S 264 0.42 35.53 -31.69
C LEU S 264 1.24 36.07 -32.84
N LEU S 265 2.50 35.63 -32.93
CA LEU S 265 3.41 36.03 -33.99
C LEU S 265 4.09 34.78 -34.53
N ASN S 266 3.48 34.16 -35.54
CA ASN S 266 3.97 32.92 -36.12
C ASN S 266 3.99 31.81 -35.07
N GLY S 267 2.80 31.49 -34.56
CA GLY S 267 2.67 30.45 -33.55
C GLY S 267 3.38 30.75 -32.25
N GLN S 268 3.73 32.02 -32.03
CA GLN S 268 4.48 32.47 -30.87
C GLN S 268 3.51 33.28 -30.02
N ILE S 269 3.10 32.74 -28.89
CA ILE S 269 2.08 33.41 -28.09
C ILE S 269 2.74 34.63 -27.46
N ILE S 270 2.60 35.78 -28.11
CA ILE S 270 3.25 36.98 -27.62
C ILE S 270 2.50 37.53 -26.42
N ASN S 271 1.17 37.56 -26.46
CA ASN S 271 0.39 38.11 -25.37
C ASN S 271 -0.90 37.33 -25.19
N THR S 272 -1.40 37.34 -23.96
CA THR S 272 -2.66 36.71 -23.63
C THR S 272 -3.37 37.57 -22.59
N TYR S 273 -4.55 38.08 -22.94
CA TYR S 273 -5.38 38.86 -22.04
C TYR S 273 -6.67 38.09 -21.82
N GLN S 274 -6.88 37.64 -20.58
CA GLN S 274 -8.04 36.83 -20.22
C GLN S 274 -8.90 37.61 -19.24
N ALA S 275 -10.19 37.73 -19.55
CA ALA S 275 -11.14 38.47 -18.73
C ALA S 275 -10.68 39.91 -18.52
N ARG S 276 -10.33 40.56 -19.63
CA ARG S 276 -9.91 41.95 -19.63
C ARG S 276 -10.68 42.68 -20.70
N PHE S 277 -11.07 43.92 -20.41
CA PHE S 277 -11.77 44.77 -21.35
C PHE S 277 -11.18 46.16 -21.28
N GLY S 278 -11.61 47.02 -22.19
CA GLY S 278 -11.03 48.33 -22.28
C GLY S 278 -9.68 48.28 -22.99
N THR S 279 -8.87 49.31 -22.72
CA THR S 279 -7.60 49.43 -23.41
C THR S 279 -6.66 48.30 -23.03
N ILE S 280 -5.98 47.74 -24.03
CA ILE S 280 -4.96 46.73 -23.85
C ILE S 280 -3.85 47.02 -24.86
N VAL S 281 -2.73 46.33 -24.71
CA VAL S 281 -1.55 46.53 -25.54
C VAL S 281 -1.09 45.18 -26.06
N ALA S 282 -0.89 45.10 -27.38
CA ALA S 282 -0.25 43.95 -28.02
C ALA S 282 1.11 44.43 -28.48
N ARG S 283 2.17 43.99 -27.80
CA ARG S 283 3.48 44.53 -28.08
C ARG S 283 3.94 44.21 -29.49
N ASN S 284 3.56 43.04 -30.00
CA ASN S 284 3.97 42.62 -31.33
C ASN S 284 3.18 41.38 -31.71
N PHE S 285 2.54 41.36 -32.89
CA PHE S 285 1.68 40.23 -33.21
C PHE S 285 1.40 40.18 -34.70
N ASP S 286 0.94 39.01 -35.13
CA ASP S 286 0.57 38.73 -36.50
C ASP S 286 -0.79 38.07 -36.63
N THR S 287 -1.33 37.50 -35.57
CA THR S 287 -2.68 36.96 -35.58
C THR S 287 -3.34 37.29 -34.25
N ILE S 288 -4.65 37.49 -34.29
CA ILE S 288 -5.47 37.66 -33.09
C ILE S 288 -6.35 36.44 -32.98
N ARG S 289 -6.31 35.79 -31.82
CA ARG S 289 -6.97 34.52 -31.56
C ARG S 289 -7.96 34.79 -30.45
N LEU S 290 -9.18 35.17 -30.84
CA LEU S 290 -10.23 35.47 -29.88
C LEU S 290 -10.93 34.19 -29.48
N SER S 291 -11.27 34.10 -28.20
CA SER S 291 -12.02 32.97 -27.68
C SER S 291 -13.00 33.49 -26.65
N PHE S 292 -14.22 32.95 -26.66
CA PHE S 292 -15.19 33.29 -25.65
C PHE S 292 -16.10 32.09 -25.46
N GLN S 293 -17.10 32.23 -24.59
CA GLN S 293 -17.95 31.12 -24.23
C GLN S 293 -19.36 31.64 -23.99
N LEU S 294 -20.33 30.81 -24.32
CA LEU S 294 -21.72 31.05 -24.00
C LEU S 294 -22.09 30.11 -22.86
N MET S 295 -22.31 30.67 -21.68
CA MET S 295 -22.72 29.91 -20.52
C MET S 295 -24.22 30.09 -20.34
N ARG S 296 -24.95 28.98 -20.32
CA ARG S 296 -26.37 29.07 -20.07
C ARG S 296 -26.59 29.65 -18.68
N PRO S 297 -27.57 30.54 -18.49
CA PRO S 297 -27.79 31.09 -17.14
C PRO S 297 -28.19 29.99 -16.18
N PRO S 298 -27.48 29.83 -15.05
CA PRO S 298 -27.86 28.75 -14.12
C PRO S 298 -29.20 29.00 -13.46
N ASN S 299 -29.43 30.24 -13.02
CA ASN S 299 -30.71 30.68 -12.49
C ASN S 299 -31.42 31.51 -13.54
N MET S 300 -32.75 31.60 -13.42
CA MET S 300 -33.53 32.33 -14.41
C MET S 300 -34.77 32.93 -13.78
N THR S 301 -34.94 34.24 -13.96
CA THR S 301 -36.22 34.88 -13.85
C THR S 301 -37.18 34.18 -14.81
N PRO S 302 -38.47 34.03 -14.47
CA PRO S 302 -39.35 33.34 -15.40
C PRO S 302 -39.48 33.98 -16.78
N ALA S 303 -39.20 35.27 -16.92
CA ALA S 303 -39.10 35.85 -18.26
C ALA S 303 -38.00 35.17 -19.07
N VAL S 304 -36.80 35.08 -18.50
CA VAL S 304 -35.70 34.42 -19.18
C VAL S 304 -36.00 32.95 -19.41
N ASN S 305 -36.67 32.33 -18.44
CA ASN S 305 -37.06 30.93 -18.61
C ASN S 305 -37.99 30.76 -19.79
N ALA S 306 -38.94 31.68 -19.96
CA ALA S 306 -39.82 31.65 -21.12
C ALA S 306 -39.05 31.87 -22.40
N LEU S 307 -38.00 32.69 -22.35
CA LEU S 307 -37.16 32.87 -23.54
C LEU S 307 -36.52 31.55 -23.96
N PHE S 308 -35.84 30.89 -23.02
CA PHE S 308 -35.04 29.72 -23.34
C PHE S 308 -35.73 28.44 -22.89
N PRO S 309 -36.40 27.70 -23.78
CA PRO S 309 -37.09 26.48 -23.34
C PRO S 309 -36.21 25.25 -23.45
N GLN S 310 -36.75 24.09 -23.11
CA GLN S 310 -36.11 22.82 -23.42
C GLN S 310 -36.57 22.23 -24.74
N ALA S 311 -37.73 22.67 -25.25
CA ALA S 311 -38.29 22.11 -26.46
C ALA S 311 -37.59 22.71 -27.69
N GLN S 312 -38.11 22.36 -28.85
CA GLN S 312 -37.52 22.72 -30.14
C GLN S 312 -37.75 24.13 -30.67
N PRO S 313 -38.91 24.78 -30.46
CA PRO S 313 -39.20 26.02 -31.21
C PRO S 313 -38.08 27.05 -31.28
N PHE S 314 -37.50 27.44 -30.15
CA PHE S 314 -36.36 28.36 -30.11
C PHE S 314 -36.68 29.68 -30.82
N GLN S 315 -37.67 30.39 -30.28
CA GLN S 315 -38.04 31.68 -30.85
C GLN S 315 -36.89 32.67 -30.75
N HIS S 316 -36.19 32.67 -29.62
CA HIS S 316 -35.10 33.61 -29.35
C HIS S 316 -33.78 32.86 -29.35
N HIS S 317 -32.73 33.50 -29.84
CA HIS S 317 -31.45 32.84 -30.11
C HIS S 317 -30.36 33.51 -29.29
N ALA S 318 -29.70 32.76 -28.42
CA ALA S 318 -28.70 33.35 -27.54
C ALA S 318 -27.46 33.69 -28.34
N THR S 319 -26.82 34.81 -28.00
CA THR S 319 -25.58 35.20 -28.68
C THR S 319 -24.61 35.85 -27.70
N VAL S 320 -23.33 35.77 -28.03
CA VAL S 320 -22.27 36.43 -27.30
C VAL S 320 -21.45 37.20 -28.32
N GLY S 321 -20.79 38.28 -27.87
CA GLY S 321 -20.16 39.20 -28.78
C GLY S 321 -18.84 39.74 -28.26
N LEU S 322 -18.08 40.33 -29.19
CA LEU S 322 -16.82 40.97 -28.85
C LEU S 322 -16.45 41.94 -29.96
N THR S 323 -16.07 43.16 -29.57
CA THR S 323 -15.57 44.18 -30.48
C THR S 323 -14.12 44.47 -30.11
N LEU S 324 -13.27 44.57 -31.12
CA LEU S 324 -11.83 44.78 -30.94
C LEU S 324 -11.39 45.82 -31.96
N ARG S 325 -11.11 47.03 -31.49
CA ARG S 325 -10.70 48.13 -32.33
C ARG S 325 -9.22 48.40 -32.13
N ILE S 326 -8.44 48.35 -33.20
CA ILE S 326 -7.03 48.70 -33.11
C ILE S 326 -6.92 50.21 -33.21
N GLU S 327 -6.61 50.87 -32.09
CA GLU S 327 -6.54 52.31 -32.08
C GLU S 327 -5.34 52.80 -32.89
N SER S 328 -4.14 52.42 -32.47
CA SER S 328 -2.91 52.84 -33.12
C SER S 328 -1.98 51.65 -33.20
N ALA S 329 -1.04 51.70 -34.14
CA ALA S 329 -0.13 50.59 -34.35
C ALA S 329 1.14 51.08 -35.01
N VAL S 330 2.14 50.22 -35.03
CA VAL S 330 3.41 50.47 -35.72
C VAL S 330 3.68 49.29 -36.62
N CYS S 331 3.76 49.54 -37.92
CA CYS S 331 3.92 48.50 -38.92
C CYS S 331 5.21 48.72 -39.68
N GLU S 332 5.93 47.62 -39.95
CA GLU S 332 7.18 47.73 -40.68
C GLU S 332 6.94 48.25 -42.08
N SER S 333 5.90 47.77 -42.75
CA SER S 333 5.56 48.18 -44.10
C SER S 333 4.49 49.27 -44.06
N VAL S 334 4.13 49.79 -45.23
CA VAL S 334 3.14 50.86 -45.30
C VAL S 334 1.74 50.28 -45.24
N LEU S 335 0.80 51.12 -44.82
CA LEU S 335 -0.61 50.77 -44.74
C LEU S 335 -1.41 52.05 -44.79
N ALA S 336 -2.60 51.97 -45.37
CA ALA S 336 -3.51 53.10 -45.32
C ALA S 336 -3.99 53.30 -43.90
N ASP S 337 -4.32 54.54 -43.57
CA ASP S 337 -4.73 54.90 -42.22
C ASP S 337 -5.78 55.98 -42.28
N ALA S 338 -6.42 56.23 -41.14
CA ALA S 338 -7.48 57.21 -41.03
C ALA S 338 -6.97 58.60 -40.67
N ASN S 339 -5.65 58.82 -40.72
CA ASN S 339 -5.07 60.11 -40.36
C ASN S 339 -4.55 60.87 -41.57
N GLU S 340 -3.72 60.24 -42.39
CA GLU S 340 -3.12 60.87 -43.55
C GLU S 340 -3.83 60.42 -44.82
N THR S 341 -3.68 61.21 -45.87
CA THR S 341 -4.43 61.04 -47.11
C THR S 341 -3.55 60.52 -48.25
N LEU S 342 -2.62 59.62 -47.94
CA LEU S 342 -1.72 59.14 -48.99
C LEU S 342 -2.46 58.27 -50.00
N LEU S 343 -3.23 57.29 -49.51
CA LEU S 343 -3.98 56.43 -50.41
C LEU S 343 -4.98 57.24 -51.22
N ALA S 344 -5.69 58.16 -50.57
CA ALA S 344 -6.65 58.99 -51.27
C ALA S 344 -5.97 59.84 -52.32
N ASN S 345 -4.79 60.38 -52.01
CA ASN S 345 -4.07 61.20 -52.98
C ASN S 345 -3.68 60.39 -54.20
N VAL S 346 -3.15 59.18 -53.98
CA VAL S 346 -2.73 58.36 -55.11
C VAL S 346 -3.93 57.97 -55.97
N THR S 347 -5.02 57.54 -55.32
CA THR S 347 -6.19 57.11 -56.07
C THR S 347 -6.82 58.28 -56.81
N ALA S 348 -6.80 59.46 -56.20
CA ALA S 348 -7.31 60.65 -56.89
C ALA S 348 -6.50 60.96 -58.13
N VAL S 349 -5.16 60.88 -58.02
CA VAL S 349 -4.32 61.17 -59.17
C VAL S 349 -4.56 60.15 -60.27
N ARG S 350 -4.80 58.89 -59.90
CA ARG S 350 -5.06 57.88 -60.91
C ARG S 350 -6.40 58.11 -61.60
N GLN S 351 -7.45 58.36 -60.81
CA GLN S 351 -8.79 58.48 -61.39
C GLN S 351 -8.93 59.75 -62.22
N GLU S 352 -8.30 60.85 -61.78
CA GLU S 352 -8.43 62.12 -62.50
C GLU S 352 -7.95 61.99 -63.94
N TYR S 353 -6.98 61.13 -64.19
CA TYR S 353 -6.34 61.01 -65.49
C TYR S 353 -6.56 59.65 -66.14
N ALA S 354 -7.38 58.79 -65.53
CA ALA S 354 -7.85 57.57 -66.19
C ALA S 354 -6.70 56.67 -66.60
N ILE S 355 -5.80 56.42 -65.66
CA ILE S 355 -4.64 55.57 -65.95
C ILE S 355 -5.12 54.14 -66.15
N PRO S 356 -4.75 53.45 -67.24
CA PRO S 356 -5.20 52.06 -67.39
C PRO S 356 -4.66 51.18 -66.29
N VAL S 357 -5.16 49.95 -66.24
CA VAL S 357 -4.71 49.01 -65.22
C VAL S 357 -3.23 48.72 -65.41
N GLY S 358 -2.52 48.59 -64.30
CA GLY S 358 -1.12 48.26 -64.31
C GLY S 358 -0.88 46.79 -64.03
N PRO S 359 0.39 46.40 -63.96
CA PRO S 359 0.69 44.99 -63.68
C PRO S 359 0.33 44.56 -62.26
N VAL S 360 0.75 45.31 -61.24
CA VAL S 360 0.73 44.83 -59.86
C VAL S 360 -0.49 45.34 -59.10
N PHE S 361 -0.81 46.63 -59.19
CA PHE S 361 -1.92 47.14 -58.40
C PHE S 361 -3.25 46.61 -58.93
N PRO S 362 -4.27 46.48 -58.08
CA PRO S 362 -5.59 46.11 -58.58
C PRO S 362 -6.24 47.28 -59.28
N PRO S 363 -7.36 47.07 -59.96
CA PRO S 363 -8.02 48.18 -60.66
C PRO S 363 -8.62 49.15 -59.65
N GLY S 364 -8.40 50.44 -59.88
CA GLY S 364 -8.92 51.47 -59.02
C GLY S 364 -8.20 51.63 -57.71
N MET S 365 -7.06 50.97 -57.52
CA MET S 365 -6.36 50.94 -56.24
C MET S 365 -7.32 50.51 -55.13
N ASN S 366 -8.04 49.44 -55.39
CA ASN S 366 -9.01 48.91 -54.44
C ASN S 366 -8.28 48.36 -53.24
N TRP S 367 -8.41 49.02 -52.09
CA TRP S 367 -7.60 48.67 -50.94
C TRP S 367 -7.88 47.26 -50.44
N THR S 368 -9.12 46.80 -50.57
CA THR S 368 -9.45 45.49 -50.02
C THR S 368 -8.66 44.38 -50.70
N GLU S 369 -8.69 44.34 -52.04
CA GLU S 369 -7.89 43.35 -52.73
C GLU S 369 -6.43 43.75 -52.84
N LEU S 370 -6.09 44.99 -52.50
CA LEU S 370 -4.68 45.36 -52.40
C LEU S 370 -4.05 44.84 -51.12
N ILE S 371 -4.86 44.61 -50.08
CA ILE S 371 -4.34 44.12 -48.81
C ILE S 371 -4.62 42.64 -48.57
N THR S 372 -5.60 42.05 -49.25
CA THR S 372 -5.75 40.60 -49.15
C THR S 372 -4.54 39.90 -49.73
N ASN S 373 -4.06 40.37 -50.88
CA ASN S 373 -2.85 39.86 -51.52
C ASN S 373 -1.86 41.02 -51.58
N TYR S 374 -0.83 40.95 -50.76
CA TYR S 374 0.06 42.08 -50.49
C TYR S 374 1.52 41.66 -50.66
N SER S 375 1.80 41.03 -51.80
CA SER S 375 3.12 40.47 -52.06
C SER S 375 4.19 41.56 -52.01
N PRO S 376 5.47 41.18 -51.93
CA PRO S 376 6.53 42.20 -51.79
C PRO S 376 6.58 43.21 -52.93
N SER S 377 6.32 42.78 -54.17
CA SER S 377 6.32 43.73 -55.28
C SER S 377 5.23 44.78 -55.10
N ARG S 378 4.03 44.33 -54.74
CA ARG S 378 2.94 45.25 -54.49
C ARG S 378 3.28 46.18 -53.33
N GLU S 379 3.89 45.62 -52.29
CA GLU S 379 4.24 46.43 -51.12
C GLU S 379 5.23 47.53 -51.48
N ASP S 380 6.26 47.20 -52.26
CA ASP S 380 7.27 48.21 -52.56
C ASP S 380 6.74 49.25 -53.54
N ASN S 381 5.89 48.83 -54.49
CA ASN S 381 5.24 49.83 -55.34
C ASN S 381 4.37 50.76 -54.52
N LEU S 382 3.65 50.20 -53.55
CA LEU S 382 2.83 51.03 -52.67
C LEU S 382 3.69 51.98 -51.87
N GLN S 383 4.85 51.52 -51.40
CA GLN S 383 5.75 52.40 -50.67
C GLN S 383 6.25 53.54 -51.56
N ARG S 384 6.59 53.23 -52.81
CA ARG S 384 7.06 54.27 -53.72
C ARG S 384 5.98 55.33 -53.93
N VAL S 385 4.76 54.89 -54.26
CA VAL S 385 3.71 55.85 -54.55
C VAL S 385 3.32 56.61 -53.29
N PHE S 386 3.34 55.97 -52.12
CA PHE S 386 3.00 56.68 -50.89
C PHE S 386 4.04 57.73 -50.55
N THR S 387 5.32 57.41 -50.69
CA THR S 387 6.35 58.40 -50.42
C THR S 387 6.22 59.57 -51.40
N VAL S 388 5.97 59.27 -52.67
CA VAL S 388 5.82 60.33 -53.65
C VAL S 388 4.60 61.19 -53.31
N ALA S 389 3.53 60.56 -52.84
CA ALA S 389 2.33 61.31 -52.48
C ALA S 389 2.58 62.21 -51.29
N SER S 390 3.34 61.75 -50.30
CA SER S 390 3.70 62.62 -49.19
C SER S 390 4.52 63.81 -49.69
N ILE S 391 5.47 63.55 -50.58
CA ILE S 391 6.28 64.61 -51.15
C ILE S 391 5.38 65.64 -51.84
N ARG S 392 4.39 65.16 -52.59
CA ARG S 392 3.48 66.08 -53.27
C ARG S 392 2.65 66.87 -52.26
N SER S 393 2.12 66.18 -51.24
CA SER S 393 1.27 66.86 -50.27
C SER S 393 2.03 67.89 -49.46
N MET S 394 3.37 67.82 -49.44
CA MET S 394 4.12 68.90 -48.81
C MET S 394 3.87 70.24 -49.50
N LEU S 395 3.51 70.23 -50.79
CA LEU S 395 3.35 71.45 -51.58
C LEU S 395 1.93 71.69 -52.08
N ILE S 396 1.27 70.67 -52.60
CA ILE S 396 -0.05 70.80 -53.21
C ILE S 396 -1.06 70.08 -52.34
N LYS S 397 -2.15 70.77 -52.01
CA LYS S 397 -3.18 70.23 -51.13
C LYS S 397 -4.56 70.53 -51.69
N MET T 1 18.61 91.02 32.81
CA MET T 1 18.25 89.61 32.51
C MET T 1 18.57 89.24 31.06
N GLU T 2 18.50 90.24 30.17
CA GLU T 2 18.98 90.02 28.82
C GLU T 2 20.43 89.56 28.82
N VAL T 3 21.22 90.05 29.78
CA VAL T 3 22.59 89.57 29.93
C VAL T 3 22.59 88.08 30.27
N LEU T 4 21.69 87.64 31.15
CA LEU T 4 21.64 86.23 31.49
C LEU T 4 21.30 85.38 30.28
N TYR T 5 20.30 85.82 29.50
CA TYR T 5 19.97 85.07 28.29
C TYR T 5 21.16 85.03 27.34
N SER T 6 21.87 86.15 27.21
CA SER T 6 22.99 86.19 26.29
C SER T 6 24.11 85.26 26.75
N LEU T 7 24.41 85.23 28.05
CA LEU T 7 25.39 84.27 28.55
C LEU T 7 24.96 82.85 28.23
N SER T 8 23.70 82.52 28.50
CA SER T 8 23.24 81.16 28.26
C SER T 8 23.34 80.80 26.78
N LYS T 9 22.95 81.71 25.90
CA LYS T 9 22.97 81.40 24.48
C LYS T 9 24.39 81.30 23.96
N THR T 10 25.29 82.16 24.44
CA THR T 10 26.68 82.06 24.00
C THR T 10 27.29 80.76 24.46
N LEU T 11 26.99 80.33 25.68
CA LEU T 11 27.49 79.03 26.14
C LEU T 11 26.91 77.90 25.32
N LYS T 12 25.62 77.97 24.99
CA LYS T 12 25.00 76.93 24.19
C LYS T 12 25.64 76.86 22.81
N ASP T 13 25.83 78.01 22.18
CA ASP T 13 26.45 78.05 20.87
C ASP T 13 27.91 77.62 20.92
N ALA T 14 28.58 77.82 22.05
CA ALA T 14 29.94 77.31 22.20
C ALA T 14 29.94 75.80 22.33
N ARG T 15 29.00 75.25 23.09
CA ARG T 15 28.91 73.80 23.21
C ARG T 15 28.54 73.16 21.88
N ASP T 16 27.82 73.88 21.02
CA ASP T 16 27.36 73.32 19.75
C ASP T 16 28.34 73.54 18.61
N LYS T 17 28.99 74.70 18.56
CA LYS T 17 29.80 75.09 17.40
C LYS T 17 31.29 74.92 17.62
N ILE T 18 31.78 75.12 18.84
CA ILE T 18 33.19 74.89 19.11
C ILE T 18 33.35 73.40 19.38
N VAL T 19 33.52 72.63 18.31
CA VAL T 19 33.68 71.19 18.36
C VAL T 19 34.87 70.83 17.51
N GLU T 20 35.43 69.66 17.77
CA GLU T 20 36.66 69.25 17.10
C GLU T 20 36.47 69.16 15.60
N GLY T 21 37.38 69.77 14.85
CA GLY T 21 37.43 69.69 13.41
C GLY T 21 36.83 70.85 12.67
N THR T 22 36.00 71.66 13.32
CA THR T 22 35.34 72.76 12.63
C THR T 22 36.36 73.79 12.16
N LEU T 23 36.12 74.35 10.98
CA LEU T 23 36.90 75.49 10.52
C LEU T 23 36.84 76.61 11.55
N TYR T 24 37.85 77.48 11.51
CA TYR T 24 37.81 78.66 12.34
C TYR T 24 36.86 79.71 11.80
N SER T 25 36.57 79.69 10.50
CA SER T 25 35.60 80.63 9.96
C SER T 25 34.21 80.34 10.49
N ASN T 26 33.89 79.07 10.79
CA ASN T 26 32.58 78.74 11.32
C ASN T 26 32.35 79.33 12.69
N VAL T 27 33.41 79.68 13.43
CA VAL T 27 33.29 80.10 14.82
C VAL T 27 34.06 81.38 15.09
N SER T 28 34.46 82.12 14.06
CA SER T 28 35.16 83.38 14.29
C SER T 28 34.32 84.36 15.09
N ASP T 29 33.09 84.62 14.62
CA ASP T 29 32.24 85.57 15.34
C ASP T 29 31.90 85.07 16.73
N LEU T 30 31.60 83.78 16.87
CA LEU T 30 31.25 83.23 18.17
C LEU T 30 32.43 83.32 19.12
N ILE T 31 33.65 83.11 18.61
CA ILE T 31 34.82 83.19 19.46
C ILE T 31 35.06 84.62 19.90
N GLN T 32 34.82 85.59 19.01
CA GLN T 32 34.95 86.98 19.43
C GLN T 32 33.95 87.31 20.52
N GLN T 33 32.71 86.83 20.38
CA GLN T 33 31.71 87.06 21.41
C GLN T 33 32.10 86.38 22.71
N PHE T 34 32.62 85.16 22.63
CA PHE T 34 33.04 84.43 23.82
C PHE T 34 34.18 85.14 24.52
N ASN T 35 35.12 85.71 23.74
CA ASN T 35 36.21 86.47 24.34
C ASN T 35 35.68 87.72 25.03
N GLN T 36 34.73 88.41 24.42
CA GLN T 36 34.10 89.55 25.07
C GLN T 36 33.48 89.11 26.40
N MET T 37 32.78 87.98 26.38
CA MET T 37 32.15 87.45 27.58
C MET T 37 33.18 87.17 28.66
N ILE T 38 34.28 86.51 28.29
CA ILE T 38 35.29 86.12 29.26
C ILE T 38 35.93 87.35 29.86
N VAL T 39 36.29 88.33 29.01
CA VAL T 39 36.93 89.54 29.52
C VAL T 39 36.00 90.28 30.45
N THR T 40 34.71 90.38 30.10
CA THR T 40 33.79 91.13 30.93
C THR T 40 33.49 90.42 32.24
N MET T 41 33.50 89.09 32.24
CA MET T 41 33.25 88.34 33.48
C MET T 41 34.49 88.20 34.34
N ASN T 42 35.67 88.44 33.78
CA ASN T 42 36.90 88.30 34.56
C ASN T 42 36.95 89.32 35.69
N GLY T 43 37.53 88.91 36.80
CA GLY T 43 37.76 89.82 37.90
C GLY T 43 36.53 90.20 38.68
N ASN T 44 35.54 89.32 38.77
CA ASN T 44 34.33 89.54 39.55
C ASN T 44 34.04 88.33 40.41
N ASP T 45 33.39 88.57 41.53
CA ASP T 45 32.94 87.52 42.43
C ASP T 45 31.42 87.55 42.49
N PHE T 46 30.80 86.39 42.31
CA PHE T 46 29.36 86.24 42.41
C PHE T 46 29.03 85.28 43.53
N GLN T 47 27.88 85.50 44.18
CA GLN T 47 27.39 84.64 45.24
C GLN T 47 25.98 84.22 44.90
N THR T 48 25.73 82.92 44.97
CA THR T 48 24.44 82.35 44.57
C THR T 48 23.92 81.48 45.71
N GLY T 49 22.61 81.28 45.71
CA GLY T 49 21.98 80.52 46.77
C GLY T 49 21.81 81.35 48.03
N GLY T 50 21.31 80.69 49.07
CA GLY T 50 21.00 81.34 50.32
C GLY T 50 19.51 81.44 50.56
N ILE T 51 18.77 80.41 50.15
CA ILE T 51 17.32 80.35 50.37
C ILE T 51 16.94 78.88 50.42
N GLY T 52 16.16 78.49 51.42
CA GLY T 52 15.78 77.10 51.55
C GLY T 52 16.99 76.22 51.74
N ASN T 53 16.93 75.02 51.17
CA ASN T 53 18.05 74.10 51.19
C ASN T 53 19.07 74.40 50.09
N LEU T 54 18.83 75.39 49.25
CA LEU T 54 19.73 75.66 48.13
C LEU T 54 21.09 76.08 48.67
N PRO T 55 22.19 75.41 48.33
CA PRO T 55 23.45 75.70 49.01
C PRO T 55 24.11 76.97 48.49
N ILE T 56 24.70 77.72 49.42
CA ILE T 56 25.44 78.91 49.05
C ILE T 56 26.66 78.52 48.23
N ARG T 57 26.87 79.22 47.12
CA ARG T 57 27.98 78.98 46.21
C ARG T 57 28.68 80.29 45.91
N ASN T 58 29.99 80.21 45.71
CA ASN T 58 30.81 81.36 45.35
C ASN T 58 31.48 81.09 44.01
N TRP T 59 31.49 82.10 43.13
CA TRP T 59 32.03 81.99 41.80
C TRP T 59 33.06 83.09 41.59
N THR T 60 34.27 82.69 41.21
CA THR T 60 35.33 83.61 40.83
C THR T 60 35.75 83.27 39.40
N PHE T 61 35.84 84.28 38.55
CA PHE T 61 36.11 84.11 37.14
C PHE T 61 37.51 84.63 36.81
N ASP T 62 38.38 83.75 36.31
CA ASP T 62 39.58 84.17 35.62
C ASP T 62 39.94 83.05 34.65
N PHE T 63 39.50 83.21 33.40
CA PHE T 63 39.75 82.23 32.35
C PHE T 63 40.49 82.89 31.21
N GLY T 64 41.47 82.17 30.66
CA GLY T 64 42.20 82.71 29.53
C GLY T 64 41.33 82.80 28.30
N LEU T 65 41.68 83.75 27.43
CA LEU T 65 40.93 83.96 26.21
C LEU T 65 41.16 82.80 25.25
N LEU T 66 40.16 82.54 24.42
CA LEU T 66 40.28 81.48 23.42
C LEU T 66 41.19 81.93 22.28
N GLY T 67 41.80 80.95 21.63
CA GLY T 67 42.78 81.26 20.59
C GLY T 67 42.12 81.75 19.31
N THR T 68 42.96 82.28 18.43
CA THR T 68 42.51 82.79 17.14
C THR T 68 43.39 82.39 15.97
N THR T 69 44.61 81.89 16.20
CA THR T 69 45.53 81.56 15.11
C THR T 69 45.35 80.15 14.58
N LEU T 70 44.45 79.36 15.16
CA LEU T 70 44.29 77.98 14.75
C LEU T 70 43.40 77.91 13.52
N LEU T 71 43.96 77.43 12.41
CA LEU T 71 43.21 77.39 11.16
C LEU T 71 42.03 76.44 11.26
N ASN T 72 42.20 75.31 11.93
CA ASN T 72 41.14 74.33 12.11
C ASN T 72 41.16 73.83 13.55
N LEU T 73 40.00 73.79 14.19
CA LEU T 73 39.94 73.44 15.60
C LEU T 73 40.42 72.02 15.83
N ASP T 74 41.25 71.85 16.87
CA ASP T 74 41.80 70.56 17.23
C ASP T 74 41.52 70.27 18.69
N ALA T 75 42.15 69.21 19.23
CA ALA T 75 41.82 68.76 20.57
C ALA T 75 42.10 69.83 21.62
N ASN T 76 43.27 70.48 21.54
CA ASN T 76 43.65 71.43 22.58
C ASN T 76 42.63 72.55 22.70
N TYR T 77 42.25 73.13 21.57
CA TYR T 77 41.29 74.24 21.58
C TYR T 77 39.98 73.80 22.22
N VAL T 78 39.42 72.68 21.76
CA VAL T 78 38.10 72.28 22.24
C VAL T 78 38.15 71.92 23.71
N GLU T 79 39.25 71.33 24.19
CA GLU T 79 39.31 70.95 25.59
C GLU T 79 39.46 72.15 26.51
N THR T 80 40.27 73.13 26.11
CA THR T 80 40.32 74.37 26.90
C THR T 80 38.95 75.04 26.92
N ALA T 81 38.32 75.14 25.75
CA ALA T 81 37.00 75.73 25.69
C ALA T 81 36.00 74.95 26.53
N ARG T 82 36.16 73.63 26.60
CA ARG T 82 35.20 72.82 27.35
C ARG T 82 35.38 72.98 28.85
N THR T 83 36.62 73.06 29.33
CA THR T 83 36.77 73.33 30.75
C THR T 83 36.26 74.71 31.12
N THR T 84 36.33 75.68 30.20
CA THR T 84 35.65 76.94 30.46
C THR T 84 34.13 76.78 30.45
N ILE T 85 33.61 76.03 29.49
CA ILE T 85 32.18 75.93 29.28
C ILE T 85 31.51 75.23 30.45
N GLU T 86 32.17 74.24 31.04
CA GLU T 86 31.56 73.52 32.17
C GLU T 86 31.31 74.46 33.34
N TYR T 87 32.34 75.23 33.71
CA TYR T 87 32.18 76.19 34.80
C TYR T 87 31.10 77.21 34.46
N PHE T 88 31.09 77.70 33.22
CA PHE T 88 30.10 78.73 32.88
C PHE T 88 28.68 78.17 32.91
N ILE T 89 28.49 76.94 32.42
CA ILE T 89 27.16 76.35 32.44
C ILE T 89 26.71 76.13 33.87
N ASP T 90 27.62 75.69 34.75
CA ASP T 90 27.25 75.51 36.15
C ASP T 90 26.84 76.84 36.77
N PHE T 91 27.59 77.91 36.48
CA PHE T 91 27.26 79.21 37.03
C PHE T 91 25.91 79.69 36.54
N ILE T 92 25.62 79.50 35.25
CA ILE T 92 24.35 79.98 34.71
C ILE T 92 23.20 79.16 35.27
N ASP T 93 23.38 77.85 35.40
CA ASP T 93 22.36 77.02 36.04
C ASP T 93 22.05 77.53 37.44
N ASN T 94 23.09 77.80 38.23
CA ASN T 94 22.85 78.25 39.60
C ASN T 94 22.18 79.61 39.63
N VAL T 95 22.58 80.53 38.75
CA VAL T 95 21.95 81.85 38.72
C VAL T 95 20.47 81.73 38.37
N CYS T 96 20.17 80.94 37.33
CA CYS T 96 18.79 80.76 36.93
C CYS T 96 17.97 80.14 38.05
N MET T 97 18.52 79.14 38.73
CA MET T 97 17.79 78.49 39.80
C MET T 97 17.55 79.43 40.97
N ASP T 98 18.56 80.23 41.32
CA ASP T 98 18.41 81.16 42.42
C ASP T 98 17.41 82.26 42.09
N GLU T 99 17.30 82.63 40.82
CA GLU T 99 16.28 83.60 40.45
C GLU T 99 14.89 82.98 40.39
N MET T 100 14.80 81.71 39.96
CA MET T 100 13.49 81.05 39.92
C MET T 100 12.90 80.92 41.31
N VAL T 101 13.71 80.51 42.29
CA VAL T 101 13.16 80.25 43.61
C VAL T 101 12.61 81.54 44.24
N ARG T 102 13.33 82.65 44.08
CA ARG T 102 12.95 83.88 44.74
C ARG T 102 11.68 84.47 44.14
N GLU T 103 11.01 85.30 44.93
CA GLU T 103 9.81 86.02 44.51
C GLU T 103 9.89 87.44 45.08
N SER T 104 8.85 88.23 44.79
CA SER T 104 8.72 89.56 45.37
C SER T 104 7.35 90.10 45.02
N GLN T 105 6.73 90.81 45.97
CA GLN T 105 5.43 91.39 45.71
C GLN T 105 5.57 92.67 44.87
N ARG T 106 6.27 93.66 45.40
CA ARG T 106 6.47 94.92 44.70
C ARG T 106 7.62 94.80 43.71
N ASN T 107 7.45 95.44 42.55
CA ASN T 107 8.46 95.43 41.50
C ASN T 107 8.76 93.98 41.08
N GLY T 108 7.73 93.32 40.56
CA GLY T 108 7.85 91.91 40.25
C GLY T 108 8.86 91.63 39.17
N VAL T 109 8.81 92.38 38.07
CA VAL T 109 9.70 92.13 36.95
C VAL T 109 11.16 92.41 37.31
N ALA T 110 11.41 93.18 38.36
CA ALA T 110 12.78 93.56 38.68
C ALA T 110 13.60 92.34 39.03
N PRO T 111 14.93 92.41 38.92
CA PRO T 111 15.76 91.22 39.13
C PRO T 111 16.03 90.97 40.59
N GLN T 112 15.66 89.77 41.05
CA GLN T 112 15.95 89.32 42.40
C GLN T 112 17.31 88.63 42.38
N SER T 113 17.65 87.90 43.45
CA SER T 113 18.80 87.00 43.39
C SER T 113 20.11 87.73 43.12
N GLU T 114 20.64 88.41 44.15
CA GLU T 114 21.67 89.44 44.03
C GLU T 114 22.77 89.13 43.02
N ALA T 115 23.07 87.84 42.77
CA ALA T 115 23.94 87.50 41.66
C ALA T 115 23.44 88.13 40.37
N LEU T 116 22.14 88.00 40.09
CA LEU T 116 21.61 88.53 38.85
C LEU T 116 21.44 90.05 38.92
N ARG T 117 21.20 90.61 40.10
CA ARG T 117 21.24 92.06 40.25
C ARG T 117 22.59 92.60 39.84
N LYS T 118 23.67 91.97 40.34
CA LYS T 118 25.01 92.36 39.94
C LYS T 118 25.21 92.17 38.45
N LEU T 119 24.71 91.06 37.91
CA LEU T 119 24.89 90.78 36.50
C LEU T 119 24.11 91.75 35.61
N ALA T 120 23.15 92.48 36.16
CA ALA T 120 22.38 93.46 35.40
C ALA T 120 22.92 94.88 35.57
N GLY T 121 24.24 95.05 35.67
CA GLY T 121 24.86 96.35 35.79
C GLY T 121 25.40 96.87 34.47
N ILE T 122 25.96 98.08 34.53
CA ILE T 122 26.52 98.68 33.33
C ILE T 122 27.74 97.92 32.85
N LYS T 123 28.44 97.21 33.75
CA LYS T 123 29.63 96.48 33.36
C LYS T 123 29.31 95.39 32.34
N PHE T 124 28.18 94.73 32.50
CA PHE T 124 27.87 93.52 31.74
C PHE T 124 26.94 93.78 30.57
N LYS T 125 26.66 95.04 30.23
CA LYS T 125 25.82 95.31 29.08
C LYS T 125 26.50 94.99 27.77
N ARG T 126 27.82 94.80 27.76
CA ARG T 126 28.53 94.45 26.55
C ARG T 126 28.26 93.03 26.08
N ILE T 127 27.58 92.22 26.91
CA ILE T 127 27.41 90.80 26.59
C ILE T 127 26.11 90.51 25.84
N ASN T 128 25.23 91.50 25.68
CA ASN T 128 23.98 91.29 24.96
C ASN T 128 24.27 90.77 23.56
N PHE T 129 23.93 89.51 23.31
CA PHE T 129 24.30 88.84 22.07
C PHE T 129 23.18 88.92 21.03
N ASN T 130 22.04 88.33 21.34
CA ASN T 130 20.83 88.45 20.56
C ASN T 130 19.71 87.80 21.37
N ASN T 131 18.49 88.24 21.11
CA ASN T 131 17.31 87.77 21.84
C ASN T 131 16.35 87.19 20.83
N SER T 132 16.57 85.92 20.48
CA SER T 132 15.84 85.26 19.42
C SER T 132 14.77 84.31 19.93
N SER T 133 14.93 83.75 21.12
CA SER T 133 13.93 82.83 21.64
C SER T 133 12.64 83.58 21.92
N GLU T 134 11.52 82.84 21.87
CA GLU T 134 10.21 83.45 22.03
C GLU T 134 10.09 84.15 23.38
N TYR T 135 10.60 83.52 24.43
CA TYR T 135 10.38 84.06 25.77
C TYR T 135 11.18 85.33 26.00
N ILE T 136 12.44 85.36 25.59
CA ILE T 136 13.22 86.57 25.74
C ILE T 136 12.69 87.66 24.82
N GLU T 137 12.22 87.27 23.63
CA GLU T 137 11.63 88.25 22.72
C GLU T 137 10.43 88.93 23.36
N ASN T 138 9.52 88.13 23.93
CA ASN T 138 8.37 88.71 24.60
C ASN T 138 8.78 89.49 25.84
N TRP T 139 9.84 89.07 26.51
CA TRP T 139 10.32 89.81 27.69
C TRP T 139 10.77 91.21 27.29
N ASN T 140 11.54 91.32 26.20
CA ASN T 140 11.95 92.63 25.72
C ASN T 140 10.75 93.44 25.25
N LEU T 141 9.86 92.81 24.49
CA LEU T 141 8.72 93.50 23.93
C LEU T 141 7.66 93.86 24.97
N GLN T 142 7.78 93.35 26.20
CA GLN T 142 6.99 93.83 27.31
C GLN T 142 7.74 94.83 28.18
N ASN T 143 9.07 94.72 28.27
CA ASN T 143 9.83 95.77 28.93
C ASN T 143 9.61 97.11 28.25
N ARG T 144 9.75 97.13 26.92
CA ARG T 144 9.20 98.24 26.16
C ARG T 144 7.72 97.95 25.98
N ARG T 145 6.87 98.94 26.26
CA ARG T 145 5.42 98.69 26.32
C ARG T 145 4.91 98.50 24.90
N GLN T 146 5.01 97.26 24.41
CA GLN T 146 4.54 96.89 23.09
C GLN T 146 3.69 95.64 23.18
N ARG T 147 2.94 95.36 22.12
CA ARG T 147 2.07 94.19 22.09
C ARG T 147 2.88 92.94 21.83
N THR T 148 2.63 91.91 22.63
CA THR T 148 3.37 90.65 22.58
C THR T 148 2.40 89.50 22.41
N GLY T 149 2.93 88.28 22.45
CA GLY T 149 2.08 87.12 22.39
C GLY T 149 2.85 85.82 22.39
N PHE T 150 2.40 84.86 23.20
CA PHE T 150 2.97 83.54 23.28
C PHE T 150 2.01 82.55 22.63
N VAL T 151 2.55 81.65 21.82
CA VAL T 151 1.76 80.60 21.18
C VAL T 151 1.77 79.38 22.08
N PHE T 152 0.60 78.84 22.37
CA PHE T 152 0.45 77.66 23.23
C PHE T 152 -0.28 76.57 22.48
N HIS T 153 0.20 75.34 22.62
CA HIS T 153 -0.53 74.14 22.19
C HIS T 153 -1.28 73.61 23.40
N LYS T 154 -2.60 73.69 23.37
CA LYS T 154 -3.42 73.15 24.44
C LYS T 154 -3.11 73.86 25.76
N PRO T 155 -3.42 75.15 25.87
CA PRO T 155 -3.03 75.89 27.06
C PRO T 155 -3.83 75.47 28.27
N ASN T 156 -3.22 75.63 29.45
CA ASN T 156 -3.86 75.30 30.72
C ASN T 156 -4.44 76.60 31.29
N ILE T 157 -5.57 77.02 30.72
CA ILE T 157 -6.15 78.32 31.02
C ILE T 157 -7.28 78.18 32.03
N PHE T 158 -8.01 77.07 31.98
CA PHE T 158 -9.13 76.85 32.89
C PHE T 158 -8.62 76.26 34.20
N PRO T 159 -8.83 76.89 35.35
CA PRO T 159 -8.56 76.21 36.60
C PRO T 159 -9.49 75.03 36.76
N TYR T 160 -8.99 73.96 37.37
CA TYR T 160 -9.77 72.74 37.48
C TYR T 160 -11.01 73.00 38.33
N SER T 161 -12.18 72.77 37.74
CA SER T 161 -13.43 72.91 38.48
C SER T 161 -14.44 71.95 37.89
N ALA T 162 -14.81 70.94 38.66
CA ALA T 162 -15.95 70.08 38.38
C ALA T 162 -17.06 70.47 39.34
N SER T 163 -18.24 70.73 38.80
CA SER T 163 -19.32 71.26 39.64
C SER T 163 -20.64 71.16 38.87
N PHE T 164 -21.69 71.72 39.46
CA PHE T 164 -23.02 71.64 38.87
C PHE T 164 -23.92 72.66 39.57
N THR T 165 -24.94 73.12 38.83
CA THR T 165 -26.03 73.91 39.38
C THR T 165 -27.33 73.17 39.15
N LEU T 166 -28.27 73.36 40.08
CA LEU T 166 -29.61 72.76 40.02
C LEU T 166 -30.63 73.89 39.98
N ASN T 167 -31.11 74.22 38.79
CA ASN T 167 -32.11 75.26 38.64
C ASN T 167 -33.50 74.81 39.08
N ARG T 168 -33.68 73.52 39.40
CA ARG T 168 -34.96 73.03 39.90
C ARG T 168 -34.69 71.72 40.62
N SER T 169 -34.98 71.69 41.93
CA SER T 169 -34.67 70.52 42.74
C SER T 169 -35.61 70.48 43.93
N GLN T 170 -35.40 69.47 44.77
CA GLN T 170 -36.12 69.31 46.04
C GLN T 170 -35.42 68.21 46.82
N PRO T 171 -35.66 68.12 48.14
CA PRO T 171 -34.78 67.26 48.96
C PRO T 171 -34.81 65.79 48.57
N MET T 172 -35.92 65.31 48.02
CA MET T 172 -35.92 63.92 47.56
C MET T 172 -34.99 63.72 46.38
N HIS T 173 -34.75 64.78 45.60
CA HIS T 173 -33.91 64.69 44.41
C HIS T 173 -34.44 63.65 43.43
N ASP T 174 -35.75 63.43 43.42
CA ASP T 174 -36.36 62.60 42.38
C ASP T 174 -36.45 63.32 41.05
N ASN T 175 -36.50 64.65 41.08
CA ASN T 175 -36.79 65.46 39.91
C ASN T 175 -35.82 66.63 39.93
N LEU T 176 -34.93 66.69 38.94
CA LEU T 176 -33.90 67.70 38.88
C LEU T 176 -33.83 68.28 37.48
N MET T 177 -33.35 69.51 37.40
CA MET T 177 -33.00 70.13 36.14
C MET T 177 -31.85 71.07 36.40
N GLY T 178 -30.79 70.97 35.63
CA GLY T 178 -29.64 71.80 35.89
C GLY T 178 -28.52 71.54 34.91
N THR T 179 -27.35 72.05 35.24
CA THR T 179 -26.16 71.90 34.42
C THR T 179 -25.04 71.31 35.26
N MET T 180 -24.09 70.69 34.57
CA MET T 180 -23.08 69.84 35.19
C MET T 180 -21.84 69.94 34.33
N TRP T 181 -20.76 70.50 34.87
CA TRP T 181 -19.61 70.85 34.06
C TRP T 181 -18.30 70.38 34.69
N LEU T 182 -17.31 70.24 33.82
CA LEU T 182 -15.91 70.07 34.22
C LEU T 182 -15.06 70.94 33.30
N ASN T 183 -14.38 71.91 33.88
CA ASN T 183 -13.38 72.72 33.18
C ASN T 183 -12.02 72.30 33.68
N ALA T 184 -11.11 71.99 32.76
CA ALA T 184 -9.81 71.45 33.17
C ALA T 184 -8.79 71.69 32.06
N GLY T 185 -7.77 72.48 32.34
CA GLY T 185 -6.75 72.75 31.34
C GLY T 185 -7.31 73.42 30.11
N SER T 186 -7.39 72.68 29.00
CA SER T 186 -7.99 73.18 27.77
C SER T 186 -9.34 72.56 27.45
N GLU T 187 -9.90 71.75 28.37
CA GLU T 187 -11.16 71.06 28.18
C GLU T 187 -12.27 71.85 28.87
N ILE T 188 -13.38 72.03 28.16
CA ILE T 188 -14.67 72.28 28.79
C ILE T 188 -15.58 71.12 28.41
N GLN T 189 -16.25 70.55 29.40
CA GLN T 189 -17.29 69.56 29.17
C GLN T 189 -18.49 69.98 29.98
N VAL T 190 -19.52 70.48 29.31
CA VAL T 190 -20.73 70.94 29.96
C VAL T 190 -21.86 70.01 29.56
N ALA T 191 -22.83 69.83 30.44
CA ALA T 191 -23.98 68.99 30.13
C ALA T 191 -25.17 69.48 30.93
N GLY T 192 -26.26 69.79 30.23
CA GLY T 192 -27.52 70.11 30.87
C GLY T 192 -28.38 68.87 30.96
N PHE T 193 -28.89 68.59 32.15
CA PHE T 193 -29.73 67.44 32.39
C PHE T 193 -31.09 67.88 32.90
N ASP T 194 -32.10 67.09 32.55
CA ASP T 194 -33.47 67.29 33.00
C ASP T 194 -34.06 65.91 33.24
N TYR T 195 -34.58 65.69 34.44
CA TYR T 195 -35.15 64.38 34.77
C TYR T 195 -36.51 64.20 34.13
N SER T 196 -37.26 65.30 33.97
CA SER T 196 -38.58 65.25 33.34
C SER T 196 -38.51 65.31 31.82
N CYS T 197 -37.32 65.41 31.24
CA CYS T 197 -37.16 65.51 29.79
C CYS T 197 -37.89 66.73 29.23
N ALA T 198 -37.87 67.83 30.00
CA ALA T 198 -38.51 69.08 29.58
C ALA T 198 -39.97 68.87 29.25
N LEU T 199 -40.64 68.05 30.07
CA LEU T 199 -42.04 67.74 29.79
C LEU T 199 -42.91 68.96 29.93
N ASN T 200 -42.69 69.78 30.96
CA ASN T 200 -43.52 70.93 31.25
C ASN T 200 -42.82 72.25 30.91
N ALA T 201 -41.87 72.22 29.98
CA ALA T 201 -41.16 73.41 29.58
C ALA T 201 -41.95 74.15 28.50
N PRO T 202 -41.59 75.41 28.21
CA PRO T 202 -42.24 76.11 27.09
C PRO T 202 -41.96 75.43 25.75
N ALA T 203 -43.01 74.88 25.14
CA ALA T 203 -42.90 74.17 23.86
C ALA T 203 -42.00 72.95 23.96
N ASN T 204 -41.91 72.35 25.15
CA ASN T 204 -41.11 71.15 25.37
C ASN T 204 -39.64 71.38 24.99
N ILE T 205 -39.13 72.56 25.31
CA ILE T 205 -37.75 72.94 25.06
C ILE T 205 -37.20 73.57 26.33
N GLN T 206 -36.06 73.07 26.79
CA GLN T 206 -35.39 73.58 27.99
C GLN T 206 -34.08 74.24 27.56
N GLN T 207 -33.95 75.53 27.87
CA GLN T 207 -32.74 76.26 27.55
C GLN T 207 -31.68 76.02 28.61
N PHE T 208 -30.43 75.88 28.17
CA PHE T 208 -29.30 75.62 29.04
C PHE T 208 -28.17 76.57 28.69
N GLU T 209 -27.58 77.16 29.72
CA GLU T 209 -26.58 78.21 29.58
C GLU T 209 -25.33 77.83 30.35
N HIS T 210 -24.19 78.27 29.86
CA HIS T 210 -22.94 78.11 30.60
C HIS T 210 -21.96 79.20 30.14
N ILE T 211 -21.52 80.03 31.07
CA ILE T 211 -20.63 81.15 30.78
C ILE T 211 -19.30 80.85 31.45
N VAL T 212 -18.27 80.65 30.64
CA VAL T 212 -16.91 80.37 31.13
C VAL T 212 -16.09 81.64 30.91
N GLN T 213 -15.55 82.18 31.99
CA GLN T 213 -14.87 83.47 31.97
C GLN T 213 -13.37 83.23 32.07
N LEU T 214 -12.65 83.39 30.95
CA LEU T 214 -11.21 83.25 30.98
C LEU T 214 -10.60 84.34 31.85
N ARG T 215 -9.57 83.96 32.61
CA ARG T 215 -8.87 84.95 33.41
C ARG T 215 -7.97 85.84 32.57
N ARG T 216 -7.60 85.40 31.37
CA ARG T 216 -6.85 86.23 30.43
C ARG T 216 -7.32 85.91 29.02
N ALA T 217 -7.44 86.94 28.19
CA ALA T 217 -8.06 86.80 26.88
C ALA T 217 -7.13 86.11 25.91
N LEU T 218 -7.63 85.08 25.24
CA LEU T 218 -6.89 84.37 24.22
C LEU T 218 -7.03 85.06 22.88
N THR T 219 -6.22 84.63 21.92
CA THR T 219 -6.20 85.24 20.60
C THR T 219 -5.88 84.18 19.56
N THR T 220 -6.55 84.27 18.41
CA THR T 220 -6.32 83.37 17.26
C THR T 220 -6.28 81.91 17.70
N ALA T 221 -7.30 81.52 18.45
CA ALA T 221 -7.38 80.17 19.01
C ALA T 221 -8.16 79.25 18.08
N THR T 222 -7.63 78.04 17.90
CA THR T 222 -8.33 76.96 17.23
C THR T 222 -9.03 76.13 18.30
N ILE T 223 -10.32 75.87 18.11
CA ILE T 223 -11.16 75.25 19.13
C ILE T 223 -11.92 74.10 18.49
N THR T 224 -11.79 72.92 19.06
CA THR T 224 -12.51 71.74 18.60
C THR T 224 -13.76 71.58 19.43
N LEU T 225 -14.92 71.66 18.78
CA LEU T 225 -16.21 71.54 19.46
C LEU T 225 -16.93 70.30 18.99
N LEU T 226 -17.45 69.52 19.93
CA LEU T 226 -18.17 68.30 19.63
C LEU T 226 -19.36 68.21 20.58
N PRO T 227 -20.37 67.40 20.24
CA PRO T 227 -21.50 67.24 21.16
C PRO T 227 -21.30 66.11 22.15
N ASP T 228 -22.29 65.86 23.01
CA ASP T 228 -22.37 64.66 23.83
C ASP T 228 -21.15 64.54 24.76
N ALA T 229 -21.12 65.46 25.72
CA ALA T 229 -20.12 65.43 26.79
C ALA T 229 -20.01 64.04 27.38
N GLU T 230 -18.83 63.44 27.22
CA GLU T 230 -18.64 62.04 27.57
C GLU T 230 -18.60 61.82 29.08
N ARG T 231 -18.07 62.78 29.83
CA ARG T 231 -17.83 62.56 31.25
C ARG T 231 -19.13 62.35 32.02
N PHE T 232 -20.17 63.12 31.69
CA PHE T 232 -21.41 63.11 32.45
C PHE T 232 -22.48 62.25 31.81
N SER T 233 -22.08 61.29 30.98
CA SER T 233 -23.02 60.48 30.22
C SER T 233 -23.11 59.05 30.75
N PHE T 234 -22.65 58.80 31.97
CA PHE T 234 -22.78 57.49 32.61
C PHE T 234 -23.36 57.67 34.00
N PRO T 235 -23.94 56.61 34.58
CA PRO T 235 -24.58 56.76 35.88
C PRO T 235 -23.61 57.19 36.96
N ARG T 236 -24.10 58.03 37.87
CA ARG T 236 -23.26 58.62 38.91
C ARG T 236 -24.09 58.80 40.18
N VAL T 237 -23.37 58.93 41.30
CA VAL T 237 -23.95 59.28 42.59
C VAL T 237 -23.18 60.49 43.09
N ILE T 238 -23.87 61.61 43.25
CA ILE T 238 -23.23 62.89 43.54
C ILE T 238 -23.79 63.43 44.84
N ASN T 239 -22.91 63.83 45.75
CA ASN T 239 -23.34 64.53 46.95
C ASN T 239 -23.98 65.85 46.58
N SER T 240 -25.04 66.22 47.30
CA SER T 240 -25.75 67.45 47.01
C SER T 240 -24.86 68.66 47.28
N ALA T 241 -25.38 69.85 46.98
CA ALA T 241 -24.62 71.06 47.16
C ALA T 241 -24.25 71.26 48.63
N ASP T 242 -25.20 71.03 49.52
CA ASP T 242 -24.93 71.14 50.95
C ASP T 242 -24.08 70.00 51.48
N GLY T 243 -23.96 68.90 50.72
CA GLY T 243 -23.19 67.76 51.16
C GLY T 243 -23.91 66.84 52.12
N ALA T 244 -25.16 67.15 52.47
CA ALA T 244 -25.88 66.34 53.45
C ALA T 244 -26.08 64.91 52.94
N THR T 245 -26.63 64.77 51.75
CA THR T 245 -27.00 63.47 51.20
C THR T 245 -26.71 63.44 49.71
N THR T 246 -26.73 62.25 49.13
CA THR T 246 -26.31 62.01 47.77
C THR T 246 -27.50 61.69 46.88
N TRP T 247 -27.48 62.22 45.66
CA TRP T 247 -28.54 62.02 44.69
C TRP T 247 -28.00 61.28 43.48
N PHE T 248 -28.90 60.54 42.83
CA PHE T 248 -28.54 59.67 41.71
C PHE T 248 -28.65 60.43 40.40
N PHE T 249 -27.88 60.00 39.41
CA PHE T 249 -27.92 60.57 38.07
C PHE T 249 -27.79 59.44 37.07
N ASN T 250 -28.74 59.33 36.14
CA ASN T 250 -28.83 58.21 35.20
C ASN T 250 -29.07 58.73 33.80
N PRO T 251 -28.02 59.19 33.11
CA PRO T 251 -28.23 59.89 31.84
C PRO T 251 -28.74 59.00 30.73
N ILE T 252 -29.58 59.60 29.89
CA ILE T 252 -29.83 59.17 28.52
C ILE T 252 -29.52 60.36 27.63
N ILE T 253 -28.65 60.17 26.65
CA ILE T 253 -28.07 61.30 25.93
C ILE T 253 -28.89 61.60 24.69
N LEU T 254 -29.68 62.67 24.77
CA LEU T 254 -30.28 63.30 23.61
C LEU T 254 -29.25 64.15 22.88
N ARG T 255 -29.59 64.56 21.65
CA ARG T 255 -28.66 65.41 20.92
C ARG T 255 -28.89 66.87 21.27
N PRO T 256 -27.87 67.69 21.48
CA PRO T 256 -28.12 69.09 21.85
C PRO T 256 -28.50 69.91 20.63
N ASN T 257 -29.77 70.25 20.52
CA ASN T 257 -30.26 70.94 19.34
C ASN T 257 -29.97 72.44 19.43
N ASN T 258 -29.87 73.06 18.25
CA ASN T 258 -29.56 74.47 18.02
C ASN T 258 -28.60 75.06 19.05
N VAL T 259 -27.43 74.44 19.18
CA VAL T 259 -26.41 75.00 20.06
C VAL T 259 -25.91 76.31 19.46
N GLU T 260 -25.45 77.19 20.34
CA GLU T 260 -24.93 78.50 19.96
C GLU T 260 -23.75 78.78 20.87
N VAL T 261 -22.55 78.82 20.28
CA VAL T 261 -21.33 79.09 21.01
C VAL T 261 -20.84 80.45 20.55
N GLU T 262 -20.82 81.41 21.45
CA GLU T 262 -20.35 82.75 21.11
C GLU T 262 -19.17 83.12 21.99
N PHE T 263 -18.11 83.57 21.34
CA PHE T 263 -16.89 83.98 22.00
C PHE T 263 -16.88 85.51 22.10
N LEU T 264 -16.66 85.99 23.32
CA LEU T 264 -16.82 87.40 23.67
C LEU T 264 -15.51 87.98 24.16
N LEU T 265 -15.22 89.20 23.74
CA LEU T 265 -14.15 90.02 24.32
C LEU T 265 -14.82 91.23 24.94
N ASN T 266 -15.00 91.20 26.27
CA ASN T 266 -15.57 92.31 27.00
C ASN T 266 -17.01 92.58 26.54
N GLY T 267 -17.83 91.54 26.60
CA GLY T 267 -19.25 91.68 26.27
C GLY T 267 -19.58 91.73 24.80
N GLN T 268 -18.84 92.51 24.02
CA GLN T 268 -19.11 92.61 22.59
C GLN T 268 -18.84 91.26 21.93
N ILE T 269 -19.89 90.68 21.35
CA ILE T 269 -19.77 89.36 20.74
C ILE T 269 -18.81 89.45 19.56
N ILE T 270 -17.73 88.66 19.61
CA ILE T 270 -16.65 88.74 18.63
C ILE T 270 -16.76 87.59 17.66
N ASN T 271 -17.24 86.44 18.11
CA ASN T 271 -17.46 85.32 17.21
C ASN T 271 -18.72 84.58 17.60
N THR T 272 -19.40 84.02 16.61
CA THR T 272 -20.63 83.27 16.80
C THR T 272 -20.57 82.01 15.96
N TYR T 273 -21.02 80.89 16.51
CA TYR T 273 -21.11 79.63 15.78
C TYR T 273 -22.38 78.92 16.19
N GLN T 274 -23.29 78.73 15.23
CA GLN T 274 -24.61 78.17 15.47
C GLN T 274 -24.68 76.79 14.82
N ALA T 275 -24.77 75.75 15.65
CA ALA T 275 -24.92 74.38 15.17
C ALA T 275 -23.79 73.98 14.24
N ARG T 276 -22.58 74.45 14.53
CA ARG T 276 -21.38 74.09 13.78
C ARG T 276 -20.43 73.37 14.73
N PHE T 277 -20.04 72.17 14.36
CA PHE T 277 -19.17 71.32 15.16
C PHE T 277 -17.82 71.20 14.46
N GLY T 278 -16.92 70.45 15.07
CA GLY T 278 -15.58 70.33 14.53
C GLY T 278 -14.79 71.59 14.81
N THR T 279 -13.61 71.65 14.19
CA THR T 279 -12.70 72.76 14.44
C THR T 279 -13.31 74.08 13.99
N ILE T 280 -13.15 75.09 14.83
CA ILE T 280 -13.63 76.44 14.57
C ILE T 280 -12.59 77.40 15.12
N VAL T 281 -12.76 78.68 14.82
CA VAL T 281 -11.76 79.69 15.12
C VAL T 281 -12.35 80.73 16.06
N ALA T 282 -11.48 81.36 16.84
CA ALA T 282 -11.85 82.51 17.65
C ALA T 282 -10.69 83.49 17.65
N ARG T 283 -10.89 84.67 17.08
CA ARG T 283 -9.78 85.62 16.95
C ARG T 283 -9.45 86.30 18.27
N ASN T 284 -10.46 86.53 19.11
CA ASN T 284 -10.28 87.15 20.41
C ASN T 284 -11.43 86.76 21.30
N PHE T 285 -11.14 86.51 22.58
CA PHE T 285 -12.23 86.36 23.54
C PHE T 285 -11.69 86.33 24.95
N ASP T 286 -12.43 86.97 25.85
CA ASP T 286 -12.25 86.83 27.29
C ASP T 286 -13.29 85.91 27.91
N THR T 287 -14.31 85.52 27.16
CA THR T 287 -15.40 84.72 27.71
C THR T 287 -15.96 83.83 26.61
N ILE T 288 -16.56 82.72 27.03
CA ILE T 288 -17.28 81.81 26.17
C ILE T 288 -18.68 81.67 26.72
N ARG T 289 -19.69 81.77 25.86
CA ARG T 289 -21.07 81.50 26.25
C ARG T 289 -21.57 80.35 25.41
N LEU T 290 -21.93 79.26 26.08
CA LEU T 290 -22.46 78.06 25.46
C LEU T 290 -23.94 78.01 25.77
N SER T 291 -24.79 78.09 24.75
CA SER T 291 -26.23 78.06 24.92
C SER T 291 -26.77 76.92 24.08
N PHE T 292 -27.22 75.85 24.75
CA PHE T 292 -27.78 74.70 24.06
C PHE T 292 -29.16 74.42 24.62
N GLN T 293 -29.83 73.43 24.06
CA GLN T 293 -31.24 73.19 24.35
C GLN T 293 -31.50 71.70 24.45
N LEU T 294 -32.50 71.36 25.25
CA LEU T 294 -33.02 70.00 25.39
C LEU T 294 -34.44 70.02 24.88
N MET T 295 -34.68 69.46 23.69
CA MET T 295 -35.99 69.43 23.09
C MET T 295 -36.54 68.02 23.21
N ARG T 296 -37.74 67.91 23.79
CA ARG T 296 -38.38 66.62 23.86
C ARG T 296 -38.66 66.13 22.44
N PRO T 297 -38.30 64.89 22.10
CA PRO T 297 -38.49 64.45 20.71
C PRO T 297 -39.97 64.25 20.41
N PRO T 298 -40.56 65.05 19.50
CA PRO T 298 -42.01 64.94 19.31
C PRO T 298 -42.49 63.56 18.90
N ASN T 299 -41.70 62.87 18.07
CA ASN T 299 -42.00 61.50 17.66
C ASN T 299 -41.10 60.57 18.44
N MET T 300 -41.68 59.51 18.98
CA MET T 300 -40.97 58.58 19.84
C MET T 300 -41.28 57.15 19.44
N THR T 301 -40.25 56.32 19.45
CA THR T 301 -40.44 54.89 19.39
C THR T 301 -41.07 54.43 20.70
N PRO T 302 -41.70 53.25 20.72
CA PRO T 302 -42.17 52.71 22.01
C PRO T 302 -41.11 52.68 23.09
N ALA T 303 -39.86 52.38 22.76
CA ALA T 303 -38.80 52.36 23.76
C ALA T 303 -38.63 53.73 24.41
N VAL T 304 -38.55 54.78 23.58
CA VAL T 304 -38.34 56.12 24.12
C VAL T 304 -39.59 56.57 24.89
N ASN T 305 -40.76 56.20 24.38
CA ASN T 305 -41.99 56.55 25.08
C ASN T 305 -42.03 55.92 26.46
N ALA T 306 -41.50 54.71 26.59
CA ALA T 306 -41.39 54.09 27.90
C ALA T 306 -40.28 54.73 28.73
N LEU T 307 -39.26 55.30 28.09
CA LEU T 307 -38.19 55.95 28.83
C LEU T 307 -38.66 57.22 29.50
N PHE T 308 -39.45 58.03 28.80
CA PHE T 308 -39.86 59.35 29.29
C PHE T 308 -41.35 59.38 29.55
N PRO T 309 -41.81 59.07 30.76
CA PRO T 309 -43.25 59.13 31.05
C PRO T 309 -43.64 60.46 31.68
N GLN T 310 -44.94 60.64 31.87
CA GLN T 310 -45.49 61.85 32.47
C GLN T 310 -45.65 61.75 33.99
N ALA T 311 -45.42 60.59 34.59
CA ALA T 311 -45.51 60.44 36.03
C ALA T 311 -44.25 61.01 36.67
N GLN T 312 -44.08 60.81 37.97
CA GLN T 312 -42.90 61.29 38.67
C GLN T 312 -41.66 60.40 38.57
N PRO T 313 -41.77 59.03 38.66
CA PRO T 313 -40.57 58.20 38.88
C PRO T 313 -39.29 58.58 38.13
N PHE T 314 -39.34 58.66 36.81
CA PHE T 314 -38.20 59.09 36.00
C PHE T 314 -36.97 58.23 36.27
N GLN T 315 -37.09 56.96 35.87
CA GLN T 315 -35.97 56.03 36.01
C GLN T 315 -34.76 56.49 35.21
N HIS T 316 -34.99 57.21 34.11
CA HIS T 316 -33.94 57.64 33.20
C HIS T 316 -34.04 59.14 33.02
N HIS T 317 -32.90 59.83 32.99
CA HIS T 317 -32.85 61.29 33.02
C HIS T 317 -32.22 61.83 31.75
N ALA T 318 -32.93 62.70 31.05
CA ALA T 318 -32.41 63.22 29.79
C ALA T 318 -31.20 64.10 30.03
N THR T 319 -30.25 64.07 29.09
CA THR T 319 -29.02 64.85 29.19
C THR T 319 -28.53 65.22 27.80
N VAL T 320 -27.99 66.43 27.68
CA VAL T 320 -27.38 66.90 26.44
C VAL T 320 -26.10 67.65 26.79
N GLY T 321 -25.02 67.35 26.07
CA GLY T 321 -23.72 67.86 26.45
C GLY T 321 -22.91 68.37 25.27
N LEU T 322 -21.91 69.19 25.60
CA LEU T 322 -20.97 69.76 24.66
C LEU T 322 -19.56 69.66 25.22
N THR T 323 -18.61 69.33 24.35
CA THR T 323 -17.19 69.36 24.65
C THR T 323 -16.52 70.42 23.80
N LEU T 324 -15.57 71.14 24.39
CA LEU T 324 -14.90 72.26 23.75
C LEU T 324 -13.44 72.22 24.17
N ARG T 325 -12.58 71.77 23.28
CA ARG T 325 -11.14 71.81 23.48
C ARG T 325 -10.58 73.08 22.87
N ILE T 326 -9.63 73.70 23.56
CA ILE T 326 -8.85 74.81 22.99
C ILE T 326 -7.53 74.18 22.54
N GLU T 327 -7.48 73.79 21.27
CA GLU T 327 -6.33 73.01 20.79
C GLU T 327 -5.06 73.85 20.79
N SER T 328 -5.15 75.09 20.35
CA SER T 328 -4.00 75.99 20.35
C SER T 328 -4.50 77.42 20.42
N ALA T 329 -3.63 78.32 20.86
CA ALA T 329 -4.05 79.70 21.04
C ALA T 329 -2.83 80.60 21.13
N VAL T 330 -3.09 81.90 21.15
CA VAL T 330 -2.07 82.93 21.31
C VAL T 330 -2.53 83.86 22.41
N CYS T 331 -1.74 83.96 23.47
CA CYS T 331 -2.12 84.73 24.65
C CYS T 331 -1.06 85.77 24.95
N GLU T 332 -1.50 86.97 25.29
CA GLU T 332 -0.55 88.03 25.63
C GLU T 332 0.23 87.69 26.89
N SER T 333 -0.39 87.00 27.83
CA SER T 333 0.25 86.61 29.08
C SER T 333 0.71 85.16 29.01
N VAL T 334 1.57 84.79 29.96
CA VAL T 334 2.23 83.50 29.95
C VAL T 334 1.40 82.50 30.73
N LEU T 335 1.21 81.31 30.17
CA LEU T 335 0.44 80.23 30.77
C LEU T 335 1.22 78.93 30.67
N ALA T 336 0.80 77.95 31.45
CA ALA T 336 1.30 76.60 31.29
C ALA T 336 0.70 75.98 30.04
N ASP T 337 1.39 74.97 29.51
CA ASP T 337 1.01 74.34 28.25
C ASP T 337 1.11 72.83 28.39
N ALA T 338 0.77 72.14 27.32
CA ALA T 338 1.09 70.73 27.15
C ALA T 338 2.32 70.54 26.28
N ASN T 339 3.05 71.62 25.97
CA ASN T 339 4.13 71.61 25.02
C ASN T 339 5.46 72.07 25.59
N GLU T 340 5.45 72.92 26.62
CA GLU T 340 6.66 73.41 27.25
C GLU T 340 6.57 73.14 28.75
N THR T 341 7.70 72.75 29.33
CA THR T 341 7.77 72.26 30.71
C THR T 341 8.34 73.30 31.65
N LEU T 342 8.01 74.57 31.44
CA LEU T 342 8.58 75.62 32.28
C LEU T 342 7.93 75.64 33.66
N LEU T 343 6.62 75.45 33.71
CA LEU T 343 5.95 75.36 35.01
C LEU T 343 6.49 74.18 35.80
N ALA T 344 6.67 73.04 35.15
CA ALA T 344 7.24 71.89 35.82
C ALA T 344 8.65 72.17 36.29
N ASN T 345 9.44 72.86 35.46
CA ASN T 345 10.82 73.18 35.85
C ASN T 345 10.83 74.02 37.12
N VAL T 346 10.02 75.08 37.16
CA VAL T 346 10.03 75.96 38.32
C VAL T 346 9.51 75.22 39.55
N THR T 347 8.43 74.46 39.41
CA THR T 347 7.86 73.76 40.56
C THR T 347 8.82 72.72 41.10
N ALA T 348 9.43 71.92 40.21
CA ALA T 348 10.38 70.93 40.66
C ALA T 348 11.61 71.57 41.28
N VAL T 349 12.04 72.72 40.77
CA VAL T 349 13.18 73.40 41.37
C VAL T 349 12.84 73.85 42.78
N ARG T 350 11.64 74.40 42.98
CA ARG T 350 11.24 74.78 44.34
C ARG T 350 11.17 73.56 45.24
N GLN T 351 10.64 72.45 44.73
CA GLN T 351 10.47 71.27 45.57
C GLN T 351 11.80 70.56 45.85
N GLU T 352 12.80 70.74 45.00
CA GLU T 352 14.12 70.18 45.28
C GLU T 352 14.66 70.69 46.61
N TYR T 353 14.51 71.98 46.85
CA TYR T 353 15.17 72.66 47.95
C TYR T 353 14.19 73.15 49.02
N ALA T 354 12.90 72.82 48.89
CA ALA T 354 11.92 73.09 49.94
C ALA T 354 11.88 74.56 50.30
N ILE T 355 11.76 75.40 49.27
CA ILE T 355 11.78 76.85 49.49
C ILE T 355 10.59 77.24 50.35
N PRO T 356 10.75 78.05 51.40
CA PRO T 356 9.56 78.50 52.16
C PRO T 356 8.62 79.28 51.26
N VAL T 357 7.32 79.09 51.49
CA VAL T 357 6.32 79.72 50.65
C VAL T 357 6.46 81.22 50.73
N GLY T 358 6.39 81.88 49.57
CA GLY T 358 6.61 83.29 49.46
C GLY T 358 5.32 84.09 49.45
N PRO T 359 5.42 85.40 49.28
CA PRO T 359 4.25 86.27 49.47
C PRO T 359 3.34 86.38 48.27
N VAL T 360 3.64 85.73 47.13
CA VAL T 360 2.85 85.89 45.91
C VAL T 360 2.32 84.55 45.40
N PHE T 361 3.20 83.60 45.11
CA PHE T 361 2.74 82.38 44.49
C PHE T 361 2.03 81.50 45.52
N PRO T 362 1.04 80.71 45.10
CA PRO T 362 0.35 79.85 46.06
C PRO T 362 1.28 78.75 46.56
N PRO T 363 0.92 78.05 47.62
CA PRO T 363 1.82 77.05 48.18
C PRO T 363 2.03 75.90 47.21
N GLY T 364 3.29 75.63 46.90
CA GLY T 364 3.63 74.59 45.95
C GLY T 364 3.41 74.97 44.50
N MET T 365 3.16 76.24 44.20
CA MET T 365 2.86 76.70 42.85
C MET T 365 1.73 75.90 42.24
N ASN T 366 0.66 75.74 43.02
CA ASN T 366 -0.52 75.05 42.54
C ASN T 366 -1.12 75.83 41.38
N TRP T 367 -1.05 75.26 40.18
CA TRP T 367 -1.44 76.01 38.98
C TRP T 367 -2.91 76.41 39.04
N THR T 368 -3.74 75.60 39.69
CA THR T 368 -5.17 75.93 39.76
C THR T 368 -5.38 77.25 40.49
N GLU T 369 -4.82 77.39 41.69
CA GLU T 369 -4.93 78.65 42.42
C GLU T 369 -4.21 79.78 41.68
N LEU T 370 -3.06 79.47 41.09
CA LEU T 370 -2.25 80.50 40.44
C LEU T 370 -3.01 81.14 39.29
N ILE T 371 -3.72 80.34 38.49
CA ILE T 371 -4.48 80.89 37.39
C ILE T 371 -5.83 81.41 37.86
N THR T 372 -6.39 80.85 38.94
CA THR T 372 -7.65 81.37 39.44
C THR T 372 -7.50 82.80 39.92
N ASN T 373 -6.44 83.11 40.65
CA ASN T 373 -6.11 84.48 41.05
C ASN T 373 -4.80 84.84 40.39
N TYR T 374 -4.88 85.70 39.37
CA TYR T 374 -3.79 85.99 38.46
C TYR T 374 -3.52 87.48 38.40
N SER T 375 -3.37 88.10 39.58
CA SER T 375 -3.20 89.54 39.68
C SER T 375 -1.98 89.98 38.87
N PRO T 376 -1.88 91.29 38.58
CA PRO T 376 -0.73 91.75 37.75
C PRO T 376 0.63 91.40 38.35
N SER T 377 0.79 91.50 39.66
CA SER T 377 2.08 91.16 40.25
C SER T 377 2.37 89.68 40.11
N ARG T 378 1.35 88.84 40.30
CA ARG T 378 1.55 87.41 40.13
C ARG T 378 1.91 87.09 38.68
N GLU T 379 1.28 87.76 37.72
CA GLU T 379 1.66 87.56 36.32
C GLU T 379 3.10 88.00 36.08
N ASP T 380 3.49 89.13 36.66
CA ASP T 380 4.86 89.61 36.46
C ASP T 380 5.86 88.59 36.96
N ASN T 381 5.66 88.08 38.17
CA ASN T 381 6.59 87.10 38.70
C ASN T 381 6.51 85.79 37.95
N LEU T 382 5.32 85.41 37.48
CA LEU T 382 5.23 84.18 36.72
C LEU T 382 6.00 84.29 35.42
N GLN T 383 5.92 85.43 34.75
CA GLN T 383 6.70 85.61 33.53
C GLN T 383 8.19 85.64 33.84
N ARG T 384 8.58 86.26 34.95
CA ARG T 384 9.99 86.29 35.33
C ARG T 384 10.52 84.88 35.53
N VAL T 385 9.84 84.09 36.36
CA VAL T 385 10.32 82.74 36.62
C VAL T 385 10.25 81.89 35.36
N PHE T 386 9.24 82.10 34.52
CA PHE T 386 9.13 81.30 33.29
C PHE T 386 10.28 81.59 32.33
N THR T 387 10.60 82.86 32.12
CA THR T 387 11.69 83.15 31.19
C THR T 387 13.04 82.73 31.77
N VAL T 388 13.21 82.83 33.09
CA VAL T 388 14.44 82.29 33.67
C VAL T 388 14.50 80.78 33.47
N ALA T 389 13.38 80.10 33.66
CA ALA T 389 13.35 78.66 33.47
C ALA T 389 13.66 78.29 32.03
N SER T 390 13.16 79.08 31.07
CA SER T 390 13.49 78.82 29.68
C SER T 390 14.97 79.02 29.40
N ILE T 391 15.56 80.06 29.99
CA ILE T 391 16.99 80.27 29.83
C ILE T 391 17.76 79.09 30.41
N ARG T 392 17.32 78.58 31.55
CA ARG T 392 17.97 77.42 32.15
C ARG T 392 17.81 76.20 31.25
N SER T 393 16.61 75.97 30.72
CA SER T 393 16.33 74.80 29.91
C SER T 393 16.99 74.87 28.54
N MET T 394 17.49 76.03 28.13
CA MET T 394 18.33 76.08 26.93
C MET T 394 19.56 75.18 27.10
N LEU T 395 20.02 74.99 28.33
CA LEU T 395 21.25 74.26 28.62
C LEU T 395 20.99 72.95 29.37
N ILE T 396 20.20 73.00 30.44
CA ILE T 396 20.04 71.89 31.36
C ILE T 396 18.72 71.20 31.08
N LYS T 397 18.77 69.88 30.89
CA LYS T 397 17.57 69.09 30.67
C LYS T 397 17.71 67.71 31.29
N MET U 1 7.11 85.98 -3.54
CA MET U 1 6.82 85.54 -2.15
C MET U 1 8.10 85.37 -1.36
N GLU U 2 9.09 84.75 -2.00
CA GLU U 2 10.39 84.58 -1.34
C GLU U 2 10.96 85.92 -0.90
N VAL U 3 10.72 86.98 -1.65
CA VAL U 3 11.16 88.30 -1.23
C VAL U 3 10.42 88.71 0.04
N LEU U 4 9.13 88.41 0.11
CA LEU U 4 8.37 88.74 1.33
C LEU U 4 8.92 87.98 2.53
N TYR U 5 9.21 86.69 2.35
CA TYR U 5 9.79 85.93 3.45
C TYR U 5 11.13 86.50 3.86
N SER U 6 11.96 86.87 2.90
CA SER U 6 13.27 87.41 3.24
C SER U 6 13.12 88.72 3.99
N LEU U 7 12.18 89.58 3.58
CA LEU U 7 11.88 90.79 4.33
C LEU U 7 11.51 90.47 5.76
N SER U 8 10.61 89.51 5.94
CA SER U 8 10.17 89.16 7.29
C SER U 8 11.32 88.64 8.12
N LYS U 9 12.14 87.76 7.55
CA LYS U 9 13.23 87.17 8.33
C LYS U 9 14.28 88.22 8.68
N THR U 10 14.65 89.09 7.73
CA THR U 10 15.64 90.09 8.07
C THR U 10 15.10 91.08 9.09
N LEU U 11 13.81 91.39 9.05
CA LEU U 11 13.27 92.31 10.04
C LEU U 11 13.18 91.65 11.41
N LYS U 12 12.78 90.38 11.47
CA LYS U 12 12.78 89.66 12.73
C LYS U 12 14.18 89.62 13.33
N ASP U 13 15.17 89.27 12.51
CA ASP U 13 16.53 89.22 13.01
C ASP U 13 17.06 90.60 13.34
N ALA U 14 16.54 91.64 12.70
CA ALA U 14 16.93 92.99 13.09
C ALA U 14 16.39 93.33 14.47
N ARG U 15 15.13 92.98 14.72
CA ARG U 15 14.55 93.22 16.04
C ARG U 15 15.31 92.45 17.11
N ASP U 16 15.72 91.21 16.80
CA ASP U 16 16.35 90.36 17.80
C ASP U 16 17.82 90.70 18.00
N LYS U 17 18.61 90.69 16.93
CA LYS U 17 20.05 90.81 17.05
C LYS U 17 20.48 92.22 17.40
N ILE U 18 19.86 93.23 16.79
CA ILE U 18 20.28 94.60 17.04
C ILE U 18 19.69 95.06 18.37
N VAL U 19 20.46 94.86 19.44
CA VAL U 19 20.07 95.25 20.79
C VAL U 19 21.24 95.99 21.42
N GLU U 20 20.94 96.74 22.47
CA GLU U 20 21.95 97.57 23.12
C GLU U 20 23.12 96.72 23.58
N GLY U 21 24.33 97.18 23.28
CA GLY U 21 25.54 96.58 23.80
C GLY U 21 26.09 95.42 23.00
N THR U 22 25.40 94.97 21.95
CA THR U 22 25.90 93.85 21.18
C THR U 22 27.05 94.29 20.28
N LEU U 23 28.07 93.44 20.19
CA LEU U 23 29.21 93.75 19.33
C LEU U 23 28.78 93.88 17.88
N TYR U 24 29.53 94.65 17.12
CA TYR U 24 29.26 94.74 15.69
C TYR U 24 29.60 93.45 14.96
N SER U 25 30.43 92.60 15.56
CA SER U 25 30.71 91.31 14.91
C SER U 25 29.45 90.46 14.85
N ASN U 26 28.58 90.56 15.86
CA ASN U 26 27.38 89.75 15.87
C ASN U 26 26.43 90.13 14.75
N VAL U 27 26.44 91.40 14.34
CA VAL U 27 25.40 91.94 13.46
C VAL U 27 25.98 92.55 12.19
N SER U 28 27.25 92.30 11.87
CA SER U 28 27.82 92.86 10.66
C SER U 28 27.10 92.37 9.41
N ASP U 29 26.99 91.05 9.26
CA ASP U 29 26.32 90.50 8.07
C ASP U 29 24.85 90.91 8.04
N LEU U 30 24.20 90.92 9.20
CA LEU U 30 22.81 91.33 9.24
C LEU U 30 22.64 92.79 8.87
N ILE U 31 23.56 93.65 9.29
CA ILE U 31 23.45 95.06 8.93
C ILE U 31 23.68 95.24 7.45
N GLN U 32 24.58 94.44 6.85
CA GLN U 32 24.75 94.49 5.41
C GLN U 32 23.46 94.06 4.69
N GLN U 33 22.82 92.99 5.18
CA GLN U 33 21.55 92.57 4.59
C GLN U 33 20.48 93.63 4.75
N PHE U 34 20.41 94.25 5.93
CA PHE U 34 19.41 95.28 6.19
C PHE U 34 19.64 96.48 5.30
N ASN U 35 20.90 96.86 5.08
CA ASN U 35 21.18 97.98 4.20
C ASN U 35 20.87 97.66 2.75
N GLN U 36 21.08 96.41 2.33
CA GLN U 36 20.63 96.02 0.99
C GLN U 36 19.11 96.15 0.89
N MET U 37 18.40 95.72 1.93
CA MET U 37 16.95 95.87 1.95
C MET U 37 16.57 97.34 1.81
N ILE U 38 17.25 98.21 2.56
CA ILE U 38 16.91 99.64 2.54
C ILE U 38 17.17 100.23 1.17
N VAL U 39 18.32 99.91 0.57
CA VAL U 39 18.67 100.45 -0.72
C VAL U 39 17.67 99.98 -1.78
N THR U 40 17.32 98.69 -1.74
CA THR U 40 16.36 98.18 -2.73
C THR U 40 15.00 98.83 -2.57
N MET U 41 14.53 98.98 -1.33
CA MET U 41 13.17 99.48 -1.13
C MET U 41 13.09 100.99 -1.37
N ASN U 42 14.18 101.72 -1.18
CA ASN U 42 14.15 103.17 -1.34
C ASN U 42 13.70 103.54 -2.74
N GLY U 43 12.85 104.56 -2.82
CA GLY U 43 12.31 105.01 -4.09
C GLY U 43 11.01 104.36 -4.50
N ASN U 44 10.82 103.09 -4.18
CA ASN U 44 9.61 102.39 -4.56
C ASN U 44 8.43 102.84 -3.71
N ASP U 45 7.23 102.72 -4.28
CA ASP U 45 5.98 103.01 -3.58
C ASP U 45 5.05 101.82 -3.74
N PHE U 46 4.24 101.58 -2.71
CA PHE U 46 3.35 100.43 -2.68
C PHE U 46 1.96 100.85 -2.25
N GLN U 47 0.97 100.09 -2.71
CA GLN U 47 -0.43 100.28 -2.36
C GLN U 47 -0.92 98.98 -1.75
N THR U 48 -1.53 99.05 -0.58
CA THR U 48 -1.97 97.87 0.13
C THR U 48 -3.42 98.02 0.54
N GLY U 49 -4.16 96.91 0.44
CA GLY U 49 -5.56 96.90 0.80
C GLY U 49 -6.44 97.33 -0.35
N GLY U 50 -7.74 97.32 -0.08
CA GLY U 50 -8.74 97.68 -1.06
C GLY U 50 -9.75 96.59 -1.31
N ILE U 51 -9.91 95.67 -0.35
CA ILE U 51 -10.91 94.61 -0.41
C ILE U 51 -11.56 94.50 0.96
N GLY U 52 -12.89 94.43 0.98
CA GLY U 52 -13.57 94.39 2.25
C GLY U 52 -13.37 95.69 3.01
N ASN U 53 -13.27 95.56 4.33
CA ASN U 53 -13.05 96.72 5.19
C ASN U 53 -11.59 97.10 5.31
N LEU U 54 -10.69 96.38 4.64
CA LEU U 54 -9.27 96.66 4.78
C LEU U 54 -8.96 98.03 4.17
N PRO U 55 -8.20 98.89 4.85
CA PRO U 55 -8.06 100.27 4.35
C PRO U 55 -6.95 100.40 3.33
N ILE U 56 -7.23 101.14 2.27
CA ILE U 56 -6.24 101.38 1.22
C ILE U 56 -5.16 102.30 1.79
N ARG U 57 -3.98 101.75 2.05
CA ARG U 57 -2.87 102.48 2.64
C ARG U 57 -1.70 102.56 1.66
N ASN U 58 -1.11 103.74 1.57
CA ASN U 58 0.07 103.99 0.75
C ASN U 58 1.33 103.77 1.58
N TRP U 59 2.37 103.26 0.93
CA TRP U 59 3.68 103.10 1.55
C TRP U 59 4.72 103.74 0.65
N THR U 60 5.60 104.53 1.25
CA THR U 60 6.74 105.11 0.56
C THR U 60 7.97 104.89 1.42
N PHE U 61 9.06 104.49 0.78
CA PHE U 61 10.31 104.17 1.46
C PHE U 61 11.36 105.22 1.11
N ASP U 62 11.84 105.92 2.13
CA ASP U 62 13.03 106.76 1.98
C ASP U 62 13.71 106.81 3.34
N PHE U 63 14.67 105.91 3.55
CA PHE U 63 15.30 105.71 4.84
C PHE U 63 16.81 105.83 4.70
N GLY U 64 17.46 106.18 5.81
CA GLY U 64 18.90 106.23 5.86
C GLY U 64 19.50 104.88 6.17
N LEU U 65 20.72 104.66 5.69
CA LEU U 65 21.40 103.40 5.93
C LEU U 65 21.74 103.26 7.40
N LEU U 66 21.67 102.03 7.88
CA LEU U 66 22.06 101.75 9.26
C LEU U 66 23.56 101.94 9.40
N GLY U 67 23.97 102.68 10.42
CA GLY U 67 25.38 102.97 10.60
C GLY U 67 26.19 101.73 10.90
N THR U 68 27.51 101.87 10.72
CA THR U 68 28.43 100.77 10.97
C THR U 68 29.68 101.21 11.72
N THR U 69 29.83 102.48 12.05
CA THR U 69 31.05 103.01 12.67
C THR U 69 31.03 102.90 14.19
N LEU U 70 30.20 102.02 14.75
CA LEU U 70 30.11 101.81 16.19
C LEU U 70 30.78 100.49 16.52
N LEU U 71 31.85 100.54 17.32
CA LEU U 71 32.51 99.31 17.72
C LEU U 71 31.65 98.43 18.60
N ASN U 72 30.58 98.98 19.18
CA ASN U 72 29.66 98.20 20.00
C ASN U 72 28.36 98.98 20.13
N LEU U 73 27.25 98.35 19.71
CA LEU U 73 25.99 99.06 19.56
C LEU U 73 25.54 99.69 20.88
N ASP U 74 25.00 100.90 20.79
CA ASP U 74 24.57 101.67 21.94
C ASP U 74 23.09 102.02 21.81
N ALA U 75 22.58 102.76 22.79
CA ALA U 75 21.16 103.11 22.81
C ALA U 75 20.81 104.03 21.66
N ASN U 76 21.69 104.96 21.30
CA ASN U 76 21.38 105.93 20.25
C ASN U 76 21.13 105.23 18.92
N TYR U 77 21.96 104.27 18.58
CA TYR U 77 21.88 103.61 17.28
C TYR U 77 20.63 102.74 17.19
N VAL U 78 20.38 101.94 18.23
CA VAL U 78 19.26 101.01 18.17
C VAL U 78 17.93 101.75 18.13
N GLU U 79 17.88 102.97 18.65
CA GLU U 79 16.62 103.72 18.61
C GLU U 79 16.25 104.08 17.17
N THR U 80 17.20 104.59 16.39
CA THR U 80 16.93 104.87 14.98
C THR U 80 16.62 103.60 14.23
N ALA U 81 17.39 102.53 14.50
CA ALA U 81 17.12 101.26 13.83
C ALA U 81 15.71 100.78 14.11
N ARG U 82 15.26 100.93 15.36
CA ARG U 82 13.92 100.50 15.73
C ARG U 82 12.86 101.39 15.10
N THR U 83 13.13 102.69 14.98
CA THR U 83 12.22 103.57 14.28
C THR U 83 11.98 103.07 12.85
N THR U 84 13.05 102.70 12.16
CA THR U 84 12.89 102.15 10.82
C THR U 84 12.17 100.79 10.85
N ILE U 85 12.52 99.95 11.82
CA ILE U 85 12.03 98.58 11.85
C ILE U 85 10.52 98.57 12.10
N GLU U 86 10.01 99.49 12.91
CA GLU U 86 8.58 99.51 13.18
C GLU U 86 7.78 99.77 11.91
N TYR U 87 8.22 100.74 11.12
CA TYR U 87 7.53 101.05 9.87
C TYR U 87 7.63 99.86 8.90
N PHE U 88 8.80 99.23 8.83
CA PHE U 88 8.93 98.09 7.93
C PHE U 88 8.03 96.95 8.36
N ILE U 89 7.93 96.69 9.66
CA ILE U 89 7.07 95.62 10.14
C ILE U 89 5.62 95.94 9.85
N ASP U 90 5.23 97.21 9.96
CA ASP U 90 3.89 97.61 9.58
C ASP U 90 3.64 97.30 8.11
N PHE U 91 4.60 97.62 7.25
CA PHE U 91 4.47 97.35 5.82
C PHE U 91 4.27 95.86 5.57
N ILE U 92 5.12 95.03 6.18
CA ILE U 92 5.05 93.60 5.91
C ILE U 92 3.76 93.00 6.48
N ASP U 93 3.32 93.48 7.64
CA ASP U 93 2.07 93.00 8.22
C ASP U 93 0.90 93.29 7.28
N ASN U 94 0.82 94.53 6.79
CA ASN U 94 -0.27 94.88 5.90
C ASN U 94 -0.18 94.09 4.59
N VAL U 95 1.02 93.89 4.07
CA VAL U 95 1.16 93.12 2.84
C VAL U 95 0.69 91.69 3.04
N CYS U 96 1.04 91.10 4.19
CA CYS U 96 0.65 89.71 4.44
C CYS U 96 -0.85 89.57 4.59
N MET U 97 -1.49 90.48 5.34
CA MET U 97 -2.95 90.43 5.44
C MET U 97 -3.58 90.61 4.07
N ASP U 98 -3.06 91.56 3.30
CA ASP U 98 -3.64 91.89 2.01
C ASP U 98 -3.52 90.72 1.03
N GLU U 99 -2.45 89.95 1.13
CA GLU U 99 -2.32 88.76 0.29
C GLU U 99 -3.12 87.58 0.83
N MET U 100 -3.28 87.49 2.16
CA MET U 100 -4.04 86.38 2.72
C MET U 100 -5.51 86.49 2.34
N VAL U 101 -6.04 87.72 2.29
CA VAL U 101 -7.47 87.86 2.05
C VAL U 101 -7.88 87.40 0.66
N ARG U 102 -7.06 87.62 -0.37
CA ARG U 102 -7.53 87.36 -1.72
C ARG U 102 -7.44 85.89 -2.10
N GLU U 103 -8.08 85.57 -3.23
CA GLU U 103 -8.17 84.22 -3.77
C GLU U 103 -8.08 84.31 -5.28
N SER U 104 -8.07 83.15 -5.93
CA SER U 104 -8.14 83.10 -7.39
C SER U 104 -8.43 81.68 -7.82
N GLN U 105 -9.37 81.53 -8.74
CA GLN U 105 -9.77 80.20 -9.20
C GLN U 105 -8.63 79.54 -9.99
N ARG U 106 -8.24 80.15 -11.10
CA ARG U 106 -7.14 79.67 -11.91
C ARG U 106 -5.85 80.37 -11.51
N ASN U 107 -4.74 79.63 -11.54
CA ASN U 107 -3.44 80.18 -11.17
C ASN U 107 -3.46 80.67 -9.72
N GLY U 108 -3.67 79.74 -8.81
CA GLY U 108 -3.87 80.05 -7.41
C GLY U 108 -2.61 80.32 -6.61
N VAL U 109 -1.43 80.04 -7.16
CA VAL U 109 -0.19 80.26 -6.43
C VAL U 109 0.51 81.55 -6.84
N ALA U 110 0.19 82.12 -8.00
CA ALA U 110 0.78 83.38 -8.38
C ALA U 110 0.34 84.46 -7.40
N PRO U 111 1.15 85.50 -7.21
CA PRO U 111 0.81 86.50 -6.19
C PRO U 111 -0.28 87.44 -6.67
N GLN U 112 -1.39 87.47 -5.93
CA GLN U 112 -2.34 88.58 -6.02
C GLN U 112 -1.77 89.72 -5.20
N SER U 113 -2.57 90.73 -4.86
CA SER U 113 -2.05 91.79 -4.00
C SER U 113 -0.91 92.54 -4.69
N GLU U 114 -1.28 93.47 -5.56
CA GLU U 114 -0.36 94.23 -6.39
C GLU U 114 0.92 94.66 -5.68
N ALA U 115 0.87 94.86 -4.35
CA ALA U 115 2.10 95.02 -3.60
C ALA U 115 3.03 93.82 -3.78
N LEU U 116 2.51 92.62 -3.52
CA LEU U 116 3.33 91.42 -3.71
C LEU U 116 3.59 91.16 -5.19
N ARG U 117 2.66 91.54 -6.05
CA ARG U 117 2.89 91.40 -7.49
C ARG U 117 4.10 92.23 -7.92
N LYS U 118 4.21 93.45 -7.40
CA LYS U 118 5.36 94.29 -7.69
C LYS U 118 6.62 93.76 -7.03
N LEU U 119 6.48 93.21 -5.82
CA LEU U 119 7.65 92.65 -5.14
C LEU U 119 8.22 91.47 -5.91
N ALA U 120 7.37 90.72 -6.61
CA ALA U 120 7.84 89.56 -7.34
C ALA U 120 8.80 89.92 -8.46
N GLY U 121 8.86 91.19 -8.86
CA GLY U 121 9.71 91.61 -9.96
C GLY U 121 11.18 91.32 -9.74
N ILE U 122 12.01 91.66 -10.73
CA ILE U 122 13.43 91.35 -10.65
C ILE U 122 14.21 92.40 -9.87
N LYS U 123 13.62 93.58 -9.65
CA LYS U 123 14.32 94.61 -8.88
C LYS U 123 14.55 94.17 -7.44
N PHE U 124 13.62 93.39 -6.88
CA PHE U 124 13.66 93.01 -5.48
C PHE U 124 14.22 91.61 -5.27
N LYS U 125 14.78 90.98 -6.30
CA LYS U 125 15.38 89.67 -6.12
C LYS U 125 16.65 89.72 -5.29
N ARG U 126 17.21 90.91 -5.05
CA ARG U 126 18.44 91.05 -4.28
C ARG U 126 18.17 91.15 -2.78
N ILE U 127 17.03 90.66 -2.32
CA ILE U 127 16.71 90.61 -0.89
C ILE U 127 16.58 89.20 -0.37
N ASN U 128 16.52 88.19 -1.25
CA ASN U 128 16.37 86.80 -0.83
C ASN U 128 17.46 86.43 0.17
N PHE U 129 17.08 86.21 1.42
CA PHE U 129 18.04 86.17 2.52
C PHE U 129 18.47 84.75 2.87
N ASN U 130 17.53 83.94 3.36
CA ASN U 130 17.75 82.51 3.51
C ASN U 130 16.43 81.83 3.78
N ASN U 131 16.05 80.90 2.92
CA ASN U 131 14.72 80.28 2.97
C ASN U 131 14.84 79.02 3.81
N SER U 132 14.82 79.21 5.13
CA SER U 132 15.09 78.16 6.10
C SER U 132 13.85 77.58 6.75
N SER U 133 12.82 78.39 6.98
CA SER U 133 11.64 77.90 7.68
C SER U 133 10.97 76.80 6.89
N GLU U 134 10.15 76.01 7.59
CA GLU U 134 9.53 74.85 6.97
C GLU U 134 8.64 75.23 5.80
N TYR U 135 7.84 76.28 5.98
CA TYR U 135 6.84 76.59 4.97
C TYR U 135 7.47 77.18 3.72
N ILE U 136 8.45 78.07 3.87
CA ILE U 136 9.13 78.58 2.69
C ILE U 136 10.00 77.49 2.06
N GLU U 137 10.55 76.59 2.88
CA GLU U 137 11.31 75.47 2.34
C GLU U 137 10.44 74.64 1.42
N ASN U 138 9.25 74.27 1.89
CA ASN U 138 8.34 73.51 1.05
C ASN U 138 7.85 74.34 -0.13
N TRP U 139 7.71 75.64 0.05
CA TRP U 139 7.31 76.50 -1.06
C TRP U 139 8.33 76.43 -2.19
N ASN U 140 9.62 76.51 -1.86
CA ASN U 140 10.65 76.40 -2.90
C ASN U 140 10.70 74.99 -3.47
N LEU U 141 10.63 73.99 -2.60
CA LEU U 141 10.73 72.60 -3.04
C LEU U 141 9.56 72.20 -3.92
N GLN U 142 8.45 72.93 -3.86
CA GLN U 142 7.32 72.70 -4.75
C GLN U 142 7.33 73.65 -5.94
N ASN U 143 7.92 74.84 -5.76
CA ASN U 143 8.07 75.78 -6.86
C ASN U 143 8.92 75.19 -7.96
N ARG U 144 10.05 74.59 -7.60
CA ARG U 144 10.78 73.70 -8.51
C ARG U 144 10.46 72.29 -8.06
N ARG U 145 9.90 71.50 -8.97
CA ARG U 145 9.26 70.24 -8.57
C ARG U 145 10.21 69.32 -7.82
N GLN U 146 9.95 69.15 -6.53
CA GLN U 146 10.66 68.19 -5.69
C GLN U 146 9.68 67.70 -4.65
N ARG U 147 10.11 66.70 -3.89
CA ARG U 147 9.25 66.08 -2.89
C ARG U 147 9.23 66.94 -1.64
N THR U 148 8.11 67.62 -1.43
CA THR U 148 7.94 68.47 -0.26
C THR U 148 7.45 67.61 0.91
N GLY U 149 7.00 68.26 1.97
CA GLY U 149 6.43 67.55 3.08
C GLY U 149 6.34 68.41 4.32
N PHE U 150 5.21 68.32 5.01
CA PHE U 150 4.95 69.05 6.24
C PHE U 150 4.69 68.04 7.34
N VAL U 151 5.27 68.27 8.51
CA VAL U 151 5.09 67.41 9.67
C VAL U 151 4.00 68.04 10.52
N PHE U 152 2.95 67.27 10.81
CA PHE U 152 1.79 67.74 11.54
C PHE U 152 1.63 66.94 12.83
N HIS U 153 1.38 67.65 13.92
CA HIS U 153 0.98 67.05 15.18
C HIS U 153 -0.54 67.02 15.22
N LYS U 154 -1.12 65.83 15.09
CA LYS U 154 -2.55 65.65 15.22
C LYS U 154 -3.28 66.41 14.11
N PRO U 155 -3.01 66.11 12.84
CA PRO U 155 -3.65 66.85 11.75
C PRO U 155 -5.12 66.49 11.65
N ASN U 156 -5.96 67.52 11.44
CA ASN U 156 -7.39 67.28 11.25
C ASN U 156 -7.65 67.01 9.77
N ILE U 157 -7.14 65.86 9.33
CA ILE U 157 -7.37 65.43 7.95
C ILE U 157 -8.83 65.07 7.74
N PHE U 158 -9.45 64.43 8.73
CA PHE U 158 -10.81 63.97 8.54
C PHE U 158 -11.76 65.17 8.49
N PRO U 159 -12.89 65.04 7.79
CA PRO U 159 -13.96 66.02 7.95
C PRO U 159 -14.90 65.57 9.06
N TYR U 160 -15.47 66.55 9.75
CA TYR U 160 -16.40 66.21 10.82
C TYR U 160 -17.57 65.45 10.25
N SER U 161 -17.81 64.24 10.77
CA SER U 161 -18.90 63.42 10.26
C SER U 161 -19.32 62.45 11.34
N ALA U 162 -20.49 62.69 11.94
CA ALA U 162 -21.14 61.74 12.83
C ALA U 162 -22.28 61.10 12.05
N SER U 163 -22.42 59.78 12.15
CA SER U 163 -23.44 59.10 11.38
C SER U 163 -23.61 57.68 11.88
N PHE U 164 -24.60 57.00 11.30
CA PHE U 164 -24.82 55.59 11.59
C PHE U 164 -25.49 54.96 10.39
N THR U 165 -25.10 53.72 10.08
CA THR U 165 -25.72 52.94 9.01
C THR U 165 -26.28 51.67 9.60
N LEU U 166 -27.56 51.41 9.35
CA LEU U 166 -28.25 50.23 9.82
C LEU U 166 -28.33 49.22 8.69
N ASN U 167 -27.71 48.06 8.87
CA ASN U 167 -27.81 46.99 7.90
C ASN U 167 -29.07 46.15 8.09
N ARG U 168 -29.75 46.28 9.23
CA ARG U 168 -30.98 45.53 9.48
C ARG U 168 -31.84 46.40 10.39
N SER U 169 -32.80 47.12 9.81
CA SER U 169 -33.64 48.03 10.56
C SER U 169 -35.08 47.87 10.13
N GLN U 170 -35.99 48.21 11.04
CA GLN U 170 -37.42 48.17 10.81
C GLN U 170 -38.06 49.18 11.73
N PRO U 171 -39.31 49.60 11.47
CA PRO U 171 -39.78 50.86 12.06
C PRO U 171 -39.83 50.84 13.56
N MET U 172 -40.10 49.69 14.18
CA MET U 172 -40.13 49.62 15.63
C MET U 172 -38.76 49.87 16.24
N HIS U 173 -37.68 49.69 15.49
CA HIS U 173 -36.32 49.95 15.97
C HIS U 173 -36.02 49.20 17.25
N ASP U 174 -36.44 47.94 17.30
CA ASP U 174 -36.21 47.07 18.46
C ASP U 174 -35.20 45.97 18.20
N ASN U 175 -34.96 45.60 16.94
CA ASN U 175 -33.92 44.66 16.55
C ASN U 175 -33.13 45.33 15.44
N LEU U 176 -32.17 46.15 15.82
CA LEU U 176 -31.32 46.86 14.88
C LEU U 176 -29.95 46.21 14.81
N MET U 177 -29.19 46.61 13.81
CA MET U 177 -27.83 46.14 13.63
C MET U 177 -27.16 47.06 12.65
N GLY U 178 -25.91 47.41 12.92
CA GLY U 178 -25.21 48.30 12.03
C GLY U 178 -23.97 48.86 12.70
N THR U 179 -23.55 50.03 12.21
CA THR U 179 -22.34 50.67 12.74
C THR U 179 -22.55 52.17 12.84
N MET U 180 -22.20 52.71 14.00
CA MET U 180 -22.16 54.15 14.24
C MET U 180 -20.71 54.60 14.15
N TRP U 181 -20.51 55.87 13.79
CA TRP U 181 -19.15 56.38 13.77
C TRP U 181 -19.15 57.89 13.91
N LEU U 182 -18.06 58.39 14.46
CA LEU U 182 -17.74 59.81 14.46
C LEU U 182 -16.31 59.96 13.99
N ASN U 183 -16.14 60.63 12.85
CA ASN U 183 -14.83 60.93 12.29
C ASN U 183 -14.63 62.42 12.54
N ALA U 184 -13.75 62.78 13.47
CA ALA U 184 -13.66 64.17 13.90
C ALA U 184 -12.20 64.55 14.09
N GLY U 185 -11.80 65.69 13.53
CA GLY U 185 -10.42 66.11 13.61
C GLY U 185 -9.47 65.05 13.12
N SER U 186 -8.67 64.50 14.04
CA SER U 186 -7.69 63.46 13.74
C SER U 186 -8.04 62.13 14.39
N GLU U 187 -9.29 61.96 14.81
CA GLU U 187 -9.71 60.82 15.62
C GLU U 187 -10.91 60.15 14.98
N ILE U 188 -10.82 58.84 14.84
CA ILE U 188 -11.91 58.00 14.37
C ILE U 188 -12.46 57.25 15.56
N GLN U 189 -13.78 57.17 15.66
CA GLN U 189 -14.43 56.27 16.60
C GLN U 189 -15.52 55.54 15.85
N VAL U 190 -15.54 54.22 15.94
CA VAL U 190 -16.52 53.41 15.23
C VAL U 190 -17.00 52.30 16.14
N ALA U 191 -18.32 52.14 16.24
CA ALA U 191 -18.93 51.16 17.13
C ALA U 191 -19.99 50.39 16.35
N GLY U 192 -19.73 49.12 16.10
CA GLY U 192 -20.71 48.24 15.49
C GLY U 192 -21.60 47.66 16.58
N PHE U 193 -22.90 47.81 16.40
CA PHE U 193 -23.88 47.36 17.38
C PHE U 193 -24.82 46.36 16.76
N ASP U 194 -25.26 45.42 17.59
CA ASP U 194 -26.28 44.44 17.23
C ASP U 194 -27.22 44.33 18.41
N TYR U 195 -28.51 44.47 18.15
CA TYR U 195 -29.49 44.30 19.22
C TYR U 195 -29.72 42.84 19.54
N SER U 196 -29.55 41.97 18.55
CA SER U 196 -29.70 40.53 18.73
C SER U 196 -28.43 39.84 19.23
N CYS U 197 -27.29 40.52 19.22
CA CYS U 197 -26.02 39.94 19.66
C CYS U 197 -25.68 38.68 18.88
N ALA U 198 -25.81 38.77 17.55
CA ALA U 198 -25.39 37.70 16.65
C ALA U 198 -26.04 36.37 17.01
N LEU U 199 -27.32 36.42 17.35
CA LEU U 199 -28.02 35.19 17.71
C LEU U 199 -28.15 34.27 16.50
N ASN U 200 -28.64 34.79 15.39
CA ASN U 200 -28.87 34.02 14.17
C ASN U 200 -27.77 34.21 13.14
N ALA U 201 -26.74 34.98 13.44
CA ALA U 201 -25.68 35.21 12.48
C ALA U 201 -24.88 33.94 12.23
N PRO U 202 -24.22 33.81 11.08
CA PRO U 202 -23.43 32.61 10.83
C PRO U 202 -22.28 32.46 11.81
N ALA U 203 -22.29 31.37 12.57
CA ALA U 203 -21.28 31.07 13.58
C ALA U 203 -21.28 32.09 14.71
N ASN U 204 -22.38 32.81 14.91
CA ASN U 204 -22.51 33.75 16.02
C ASN U 204 -21.45 34.85 15.95
N ILE U 205 -21.11 35.26 14.73
CA ILE U 205 -20.22 36.38 14.47
C ILE U 205 -20.91 37.34 13.51
N GLN U 206 -20.71 38.64 13.75
CA GLN U 206 -21.27 39.70 12.92
C GLN U 206 -20.12 40.60 12.52
N GLN U 207 -19.80 40.62 11.24
CA GLN U 207 -18.70 41.45 10.75
C GLN U 207 -19.13 42.91 10.70
N PHE U 208 -18.18 43.79 10.99
CA PHE U 208 -18.38 45.23 10.88
C PHE U 208 -17.17 45.81 10.21
N GLU U 209 -17.40 46.77 9.33
CA GLU U 209 -16.36 47.34 8.48
C GLU U 209 -16.59 48.84 8.37
N HIS U 210 -15.50 49.58 8.25
CA HIS U 210 -15.57 51.04 8.16
C HIS U 210 -14.41 51.54 7.34
N ILE U 211 -14.71 52.19 6.22
CA ILE U 211 -13.72 52.75 5.31
C ILE U 211 -13.77 54.26 5.43
N VAL U 212 -12.62 54.88 5.68
CA VAL U 212 -12.51 56.34 5.65
C VAL U 212 -11.44 56.70 4.63
N GLN U 213 -11.80 57.56 3.69
CA GLN U 213 -10.99 57.89 2.52
C GLN U 213 -10.34 59.24 2.77
N LEU U 214 -9.07 59.24 3.19
CA LEU U 214 -8.37 60.49 3.35
C LEU U 214 -8.25 61.16 1.99
N ARG U 215 -8.50 62.47 1.97
CA ARG U 215 -8.39 63.21 0.72
C ARG U 215 -6.98 63.14 0.16
N ARG U 216 -5.99 63.40 1.00
CA ARG U 216 -4.59 63.33 0.62
C ARG U 216 -3.86 62.37 1.54
N ALA U 217 -3.07 61.49 0.94
CA ALA U 217 -2.44 60.42 1.70
C ALA U 217 -1.38 60.98 2.65
N LEU U 218 -1.44 60.55 3.91
CA LEU U 218 -0.43 60.89 4.89
C LEU U 218 0.73 59.89 4.80
N THR U 219 1.87 60.31 5.32
CA THR U 219 3.10 59.53 5.27
C THR U 219 3.70 59.43 6.67
N THR U 220 4.21 58.24 7.01
CA THR U 220 4.91 57.98 8.26
C THR U 220 4.12 58.52 9.45
N ALA U 221 2.93 57.95 9.64
CA ALA U 221 2.01 58.40 10.67
C ALA U 221 2.09 57.47 11.87
N THR U 222 2.19 58.05 13.06
CA THR U 222 2.05 57.32 14.32
C THR U 222 0.59 57.37 14.71
N ILE U 223 -0.05 56.21 14.79
CA ILE U 223 -1.48 56.10 15.01
C ILE U 223 -1.71 55.26 16.27
N THR U 224 -2.40 55.83 17.23
CA THR U 224 -2.74 55.14 18.46
C THR U 224 -4.11 54.51 18.30
N LEU U 225 -4.17 53.18 18.38
CA LEU U 225 -5.40 52.42 18.20
C LEU U 225 -5.75 51.75 19.52
N LEU U 226 -6.97 51.98 20.00
CA LEU U 226 -7.47 51.39 21.23
C LEU U 226 -8.83 50.77 20.96
N PRO U 227 -9.25 49.81 21.79
CA PRO U 227 -10.60 49.26 21.61
C PRO U 227 -11.64 50.05 22.38
N ASP U 228 -12.90 49.59 22.35
CA ASP U 228 -13.96 50.15 23.17
C ASP U 228 -14.15 51.65 22.89
N ALA U 229 -14.65 51.91 21.68
CA ALA U 229 -15.04 53.26 21.28
C ALA U 229 -15.87 53.92 22.38
N GLU U 230 -15.45 55.11 22.78
CA GLU U 230 -15.96 55.72 24.00
C GLU U 230 -17.31 56.38 23.78
N ARG U 231 -17.41 57.24 22.77
CA ARG U 231 -18.60 58.07 22.61
C ARG U 231 -19.84 57.27 22.23
N PHE U 232 -19.70 55.99 21.92
CA PHE U 232 -20.82 55.11 21.63
C PHE U 232 -20.88 53.98 22.64
N SER U 233 -20.62 54.31 23.92
CA SER U 233 -20.62 53.35 25.01
C SER U 233 -21.51 53.79 26.15
N PHE U 234 -22.48 54.66 25.89
CA PHE U 234 -23.46 55.11 26.86
C PHE U 234 -24.84 55.15 26.21
N PRO U 235 -25.90 55.13 27.02
CA PRO U 235 -27.25 55.12 26.44
C PRO U 235 -27.53 56.36 25.61
N ARG U 236 -28.39 56.19 24.62
CA ARG U 236 -28.62 57.22 23.62
C ARG U 236 -30.04 57.10 23.08
N VAL U 237 -30.53 58.20 22.53
CA VAL U 237 -31.76 58.21 21.77
C VAL U 237 -31.52 58.97 20.47
N ILE U 238 -31.26 58.23 19.41
CA ILE U 238 -30.78 58.79 18.15
C ILE U 238 -31.97 59.02 17.24
N ASN U 239 -32.05 60.20 16.64
CA ASN U 239 -33.05 60.46 15.63
C ASN U 239 -32.91 59.47 14.49
N SER U 240 -34.03 59.01 13.95
CA SER U 240 -34.00 57.98 12.94
C SER U 240 -33.37 58.52 11.66
N ALA U 241 -33.19 57.61 10.69
CA ALA U 241 -32.54 57.98 9.45
C ALA U 241 -33.32 59.06 8.71
N ASP U 242 -34.64 59.00 8.78
CA ASP U 242 -35.51 59.94 8.09
C ASP U 242 -35.86 61.16 8.91
N GLY U 243 -35.50 61.20 10.20
CA GLY U 243 -36.00 62.23 11.07
C GLY U 243 -37.43 62.05 11.46
N ALA U 244 -38.05 60.92 11.11
CA ALA U 244 -39.45 60.69 11.42
C ALA U 244 -39.65 60.38 12.89
N THR U 245 -38.76 59.57 13.47
CA THR U 245 -38.91 59.07 14.83
C THR U 245 -37.55 59.15 15.53
N THR U 246 -37.48 58.54 16.70
CA THR U 246 -36.23 58.44 17.45
C THR U 246 -36.16 57.07 18.10
N TRP U 247 -34.98 56.45 18.07
CA TRP U 247 -34.81 55.10 18.56
C TRP U 247 -33.80 55.04 19.69
N PHE U 248 -34.06 54.15 20.63
CA PHE U 248 -33.26 53.97 21.83
C PHE U 248 -32.09 53.04 21.54
N PHE U 249 -30.97 53.30 22.22
CA PHE U 249 -29.74 52.56 22.01
C PHE U 249 -29.07 52.40 23.37
N ASN U 250 -29.00 51.15 23.85
CA ASN U 250 -28.62 50.84 25.23
C ASN U 250 -27.42 49.90 25.20
N PRO U 251 -26.22 50.43 25.00
CA PRO U 251 -25.08 49.57 24.66
C PRO U 251 -24.48 48.87 25.86
N ILE U 252 -24.07 47.62 25.63
CA ILE U 252 -23.18 46.86 26.49
C ILE U 252 -21.94 46.57 25.67
N ILE U 253 -20.77 46.89 26.22
CA ILE U 253 -19.54 46.86 25.45
C ILE U 253 -18.90 45.48 25.50
N LEU U 254 -18.64 44.92 24.33
CA LEU U 254 -17.92 43.68 24.11
C LEU U 254 -16.57 43.97 23.47
N ARG U 255 -15.63 43.07 23.71
CA ARG U 255 -14.33 43.22 23.07
C ARG U 255 -14.44 42.84 21.59
N PRO U 256 -13.90 43.64 20.66
CA PRO U 256 -13.97 43.25 19.25
C PRO U 256 -12.88 42.26 18.90
N ASN U 257 -13.28 41.00 18.70
CA ASN U 257 -12.27 39.98 18.43
C ASN U 257 -11.83 40.04 16.97
N ASN U 258 -10.62 39.54 16.74
CA ASN U 258 -9.91 39.58 15.44
C ASN U 258 -10.11 40.90 14.72
N VAL U 259 -9.98 42.00 15.47
CA VAL U 259 -9.91 43.31 14.85
C VAL U 259 -8.73 43.35 13.89
N GLU U 260 -8.92 44.00 12.75
CA GLU U 260 -7.85 44.16 11.77
C GLU U 260 -7.99 45.50 11.09
N VAL U 261 -6.95 46.32 11.17
CA VAL U 261 -6.93 47.64 10.55
C VAL U 261 -5.96 47.57 9.38
N GLU U 262 -6.44 47.94 8.20
CA GLU U 262 -5.63 47.91 6.98
C GLU U 262 -5.52 49.33 6.44
N PHE U 263 -4.28 49.81 6.35
CA PHE U 263 -4.00 51.09 5.74
C PHE U 263 -3.67 50.86 4.28
N LEU U 264 -4.46 51.46 3.39
CA LEU U 264 -4.43 51.19 1.96
C LEU U 264 -4.00 52.44 1.21
N LEU U 265 -3.33 52.23 0.09
CA LEU U 265 -2.92 53.29 -0.81
C LEU U 265 -3.18 52.83 -2.23
N ASN U 266 -4.19 53.40 -2.88
CA ASN U 266 -4.59 53.01 -4.22
C ASN U 266 -4.95 51.52 -4.28
N GLY U 267 -5.74 51.07 -3.32
CA GLY U 267 -6.21 49.70 -3.28
C GLY U 267 -5.21 48.69 -2.76
N GLN U 268 -3.92 49.04 -2.70
CA GLN U 268 -2.90 48.11 -2.24
C GLN U 268 -2.80 48.17 -0.73
N ILE U 269 -2.68 46.99 -0.10
CA ILE U 269 -2.58 46.94 1.36
C ILE U 269 -1.16 47.28 1.74
N ILE U 270 -0.89 48.56 1.98
CA ILE U 270 0.44 48.97 2.42
C ILE U 270 0.72 48.43 3.82
N ASN U 271 -0.26 48.53 4.72
CA ASN U 271 -0.10 48.00 6.07
C ASN U 271 -1.34 47.25 6.51
N THR U 272 -1.13 46.24 7.33
CA THR U 272 -2.22 45.52 7.98
C THR U 272 -1.77 45.14 9.38
N TYR U 273 -2.63 45.41 10.37
CA TYR U 273 -2.36 45.04 11.75
C TYR U 273 -3.57 44.33 12.31
N GLN U 274 -3.35 43.14 12.86
CA GLN U 274 -4.43 42.29 13.37
C GLN U 274 -4.28 42.14 14.88
N ALA U 275 -5.36 42.42 15.61
CA ALA U 275 -5.41 42.22 17.06
C ALA U 275 -4.25 42.92 17.75
N ARG U 276 -3.92 44.12 17.25
CA ARG U 276 -2.76 44.87 17.68
C ARG U 276 -3.22 46.26 18.04
N PHE U 277 -3.11 46.60 19.33
CA PHE U 277 -3.50 47.90 19.85
C PHE U 277 -2.25 48.66 20.27
N GLY U 278 -2.46 49.82 20.86
CA GLY U 278 -1.35 50.68 21.20
C GLY U 278 -0.85 51.41 19.98
N THR U 279 0.28 52.10 20.16
CA THR U 279 0.83 52.89 19.07
C THR U 279 1.31 51.98 17.95
N ILE U 280 0.88 52.29 16.73
CA ILE U 280 1.28 51.59 15.52
C ILE U 280 1.74 52.64 14.52
N VAL U 281 2.29 52.18 13.41
CA VAL U 281 2.88 53.05 12.40
C VAL U 281 2.30 52.67 11.04
N ALA U 282 1.81 53.68 10.31
CA ALA U 282 1.38 53.51 8.93
C ALA U 282 2.33 54.31 8.05
N ARG U 283 3.12 53.62 7.24
CA ARG U 283 4.18 54.30 6.51
C ARG U 283 3.61 55.24 5.45
N ASN U 284 2.58 54.82 4.74
CA ASN U 284 1.98 55.65 3.71
C ASN U 284 0.60 55.10 3.40
N PHE U 285 -0.41 55.96 3.36
CA PHE U 285 -1.77 55.46 3.25
C PHE U 285 -2.71 56.58 2.81
N ASP U 286 -3.67 56.20 1.95
CA ASP U 286 -4.71 57.10 1.48
C ASP U 286 -6.09 56.76 2.02
N THR U 287 -6.31 55.54 2.48
CA THR U 287 -7.56 55.18 3.12
C THR U 287 -7.27 54.25 4.29
N ILE U 288 -8.19 54.25 5.24
CA ILE U 288 -8.10 53.40 6.42
C ILE U 288 -9.33 52.51 6.42
N ARG U 289 -9.12 51.20 6.59
CA ARG U 289 -10.20 50.22 6.60
C ARG U 289 -10.14 49.48 7.93
N LEU U 290 -11.02 49.87 8.85
CA LEU U 290 -11.20 49.13 10.09
C LEU U 290 -12.14 47.95 9.84
N SER U 291 -11.79 46.80 10.40
CA SER U 291 -12.68 45.66 10.42
C SER U 291 -12.67 45.10 11.83
N PHE U 292 -13.85 44.79 12.35
CA PHE U 292 -13.96 44.14 13.64
C PHE U 292 -15.16 43.21 13.59
N GLN U 293 -15.39 42.49 14.67
CA GLN U 293 -16.32 41.38 14.63
C GLN U 293 -16.97 41.22 16.00
N LEU U 294 -18.28 41.44 16.04
CA LEU U 294 -19.07 41.15 17.23
C LEU U 294 -19.33 39.65 17.29
N MET U 295 -18.70 38.97 18.24
CA MET U 295 -18.81 37.52 18.37
C MET U 295 -19.46 37.21 19.71
N ARG U 296 -20.60 36.51 19.67
CA ARG U 296 -21.31 36.20 20.90
C ARG U 296 -20.40 35.40 21.84
N PRO U 297 -20.30 35.76 23.11
CA PRO U 297 -19.51 34.95 24.03
C PRO U 297 -20.15 33.60 24.23
N PRO U 298 -19.44 32.50 23.97
CA PRO U 298 -20.13 31.20 23.99
C PRO U 298 -20.40 30.69 25.40
N ASN U 299 -19.59 31.12 26.36
CA ASN U 299 -19.78 30.75 27.76
C ASN U 299 -20.38 31.94 28.49
N MET U 300 -21.63 31.80 28.89
CA MET U 300 -22.41 32.86 29.49
C MET U 300 -22.56 32.57 30.98
N THR U 301 -22.16 33.52 31.82
CA THR U 301 -22.52 33.47 33.22
C THR U 301 -24.00 33.87 33.32
N PRO U 302 -24.63 33.62 34.48
CA PRO U 302 -26.04 33.99 34.61
C PRO U 302 -26.34 35.45 34.29
N ALA U 303 -25.47 36.37 34.68
CA ALA U 303 -25.74 37.79 34.43
C ALA U 303 -25.78 38.10 32.94
N VAL U 304 -24.75 37.70 32.20
CA VAL U 304 -24.73 37.97 30.77
C VAL U 304 -25.84 37.21 30.07
N ASN U 305 -26.16 36.01 30.55
CA ASN U 305 -27.28 35.28 29.98
C ASN U 305 -28.58 36.06 30.13
N ALA U 306 -28.83 36.58 31.34
CA ALA U 306 -30.02 37.39 31.55
C ALA U 306 -30.01 38.65 30.70
N LEU U 307 -28.82 39.17 30.41
CA LEU U 307 -28.73 40.32 29.51
C LEU U 307 -29.24 39.95 28.12
N PHE U 308 -28.71 38.86 27.56
CA PHE U 308 -29.01 38.46 26.18
C PHE U 308 -29.97 37.27 26.16
N PRO U 309 -31.25 37.46 25.86
CA PRO U 309 -32.13 36.32 25.63
C PRO U 309 -32.20 35.97 24.14
N GLN U 310 -32.83 34.84 23.85
CA GLN U 310 -33.12 34.44 22.48
C GLN U 310 -34.41 35.03 21.94
N ALA U 311 -35.19 35.72 22.77
CA ALA U 311 -36.51 36.20 22.39
C ALA U 311 -36.37 37.57 21.71
N GLN U 312 -37.50 38.24 21.51
CA GLN U 312 -37.55 39.51 20.80
C GLN U 312 -37.14 40.77 21.57
N PRO U 313 -37.41 40.91 22.89
CA PRO U 313 -37.35 42.27 23.49
C PRO U 313 -36.00 42.96 23.37
N PHE U 314 -34.89 42.32 23.77
CA PHE U 314 -33.55 42.87 23.61
C PHE U 314 -33.40 44.20 24.36
N GLN U 315 -33.44 44.09 25.70
CA GLN U 315 -33.32 45.28 26.53
C GLN U 315 -31.89 45.82 26.60
N HIS U 316 -30.87 45.01 26.33
CA HIS U 316 -29.47 45.42 26.37
C HIS U 316 -28.78 45.01 25.08
N HIS U 317 -27.99 45.91 24.49
CA HIS U 317 -27.72 45.92 23.06
C HIS U 317 -26.22 45.77 22.86
N ALA U 318 -25.78 44.70 22.19
CA ALA U 318 -24.34 44.47 22.08
C ALA U 318 -23.68 45.55 21.25
N THR U 319 -22.49 45.98 21.67
CA THR U 319 -21.72 46.97 20.93
C THR U 319 -20.23 46.66 21.04
N VAL U 320 -19.53 46.69 19.91
CA VAL U 320 -18.09 46.49 19.84
C VAL U 320 -17.49 47.69 19.13
N GLY U 321 -16.46 48.30 19.73
CA GLY U 321 -15.97 49.58 19.28
C GLY U 321 -14.47 49.61 19.07
N LEU U 322 -14.04 50.65 18.38
CA LEU U 322 -12.63 50.95 18.17
C LEU U 322 -12.46 52.46 18.10
N THR U 323 -11.28 52.93 18.51
CA THR U 323 -10.90 54.33 18.35
C THR U 323 -9.47 54.39 17.84
N LEU U 324 -9.19 55.44 17.07
CA LEU U 324 -7.95 55.52 16.30
C LEU U 324 -7.57 56.97 16.13
N ARG U 325 -6.50 57.41 16.79
CA ARG U 325 -6.05 58.79 16.72
C ARG U 325 -4.75 58.87 15.96
N ILE U 326 -4.65 59.83 15.05
CA ILE U 326 -3.42 60.05 14.29
C ILE U 326 -2.60 61.05 15.09
N GLU U 327 -1.73 60.53 15.96
CA GLU U 327 -0.99 61.40 16.86
C GLU U 327 0.00 62.30 16.13
N SER U 328 0.42 61.92 14.93
CA SER U 328 1.35 62.72 14.14
C SER U 328 1.44 62.13 12.75
N ALA U 329 1.81 62.95 11.78
CA ALA U 329 1.88 62.48 10.40
C ALA U 329 2.72 63.44 9.58
N VAL U 330 2.99 63.02 8.34
CA VAL U 330 3.70 63.82 7.36
C VAL U 330 2.91 63.80 6.07
N CYS U 331 2.67 64.97 5.49
CA CYS U 331 1.82 65.08 4.31
C CYS U 331 2.38 66.10 3.34
N GLU U 332 2.22 65.82 2.04
CA GLU U 332 2.68 66.77 1.03
C GLU U 332 1.81 68.02 1.03
N SER U 333 0.49 67.85 1.17
CA SER U 333 -0.43 68.98 1.17
C SER U 333 -0.55 69.56 2.57
N VAL U 334 -0.87 70.84 2.64
CA VAL U 334 -0.93 71.57 3.90
C VAL U 334 -2.30 71.41 4.51
N LEU U 335 -2.33 71.18 5.83
CA LEU U 335 -3.55 70.94 6.59
C LEU U 335 -3.56 71.81 7.84
N ALA U 336 -4.74 71.97 8.42
CA ALA U 336 -4.83 72.55 9.74
C ALA U 336 -4.38 71.52 10.77
N ASP U 337 -3.92 72.02 11.92
CA ASP U 337 -3.26 71.18 12.91
C ASP U 337 -3.69 71.61 14.31
N ALA U 338 -3.09 70.98 15.30
CA ALA U 338 -3.20 71.37 16.69
C ALA U 338 -1.94 72.05 17.19
N ASN U 339 -1.02 72.42 16.29
CA ASN U 339 0.26 73.01 16.68
C ASN U 339 0.52 74.31 15.93
N GLU U 340 0.02 74.42 14.70
CA GLU U 340 0.23 75.59 13.86
C GLU U 340 -1.03 76.45 13.86
N THR U 341 -0.86 77.75 14.04
CA THR U 341 -1.96 78.69 14.13
C THR U 341 -2.27 79.36 12.80
N LEU U 342 -1.91 78.72 11.68
CA LEU U 342 -2.05 79.40 10.39
C LEU U 342 -3.50 79.53 9.97
N LEU U 343 -4.28 78.45 10.09
CA LEU U 343 -5.69 78.55 9.73
C LEU U 343 -6.41 79.53 10.63
N ALA U 344 -6.10 79.52 11.92
CA ALA U 344 -6.69 80.48 12.83
C ALA U 344 -6.34 81.90 12.41
N ASN U 345 -5.09 82.14 12.04
CA ASN U 345 -4.68 83.48 11.63
C ASN U 345 -5.42 83.91 10.37
N VAL U 346 -5.52 83.02 9.38
CA VAL U 346 -6.18 83.38 8.13
C VAL U 346 -7.65 83.67 8.37
N THR U 347 -8.32 82.82 9.15
CA THR U 347 -9.73 83.05 9.43
C THR U 347 -9.94 84.32 10.23
N ALA U 348 -9.02 84.63 11.15
CA ALA U 348 -9.14 85.86 11.91
C ALA U 348 -9.00 87.06 11.00
N VAL U 349 -8.05 87.03 10.06
CA VAL U 349 -7.89 88.15 9.15
C VAL U 349 -9.14 88.31 8.28
N ARG U 350 -9.72 87.19 7.85
CA ARG U 350 -10.95 87.27 7.07
C ARG U 350 -12.10 87.87 7.88
N GLN U 351 -12.26 87.42 9.13
CA GLN U 351 -13.38 87.87 9.95
C GLN U 351 -13.23 89.32 10.36
N GLU U 352 -12.01 89.76 10.65
CA GLU U 352 -11.79 91.12 11.14
C GLU U 352 -12.26 92.14 10.11
N TYR U 353 -11.95 91.90 8.84
CA TYR U 353 -12.24 92.85 7.77
C TYR U 353 -13.42 92.46 6.92
N ALA U 354 -14.10 91.35 7.24
CA ALA U 354 -15.33 90.95 6.56
C ALA U 354 -15.11 90.84 5.05
N ILE U 355 -14.14 90.00 4.68
CA ILE U 355 -13.88 89.79 3.26
C ILE U 355 -15.10 89.17 2.62
N PRO U 356 -15.61 89.68 1.49
CA PRO U 356 -16.74 89.00 0.84
C PRO U 356 -16.36 87.60 0.44
N VAL U 357 -17.35 86.71 0.44
CA VAL U 357 -17.10 85.29 0.20
C VAL U 357 -16.52 85.14 -1.20
N GLY U 358 -15.26 84.73 -1.27
CA GLY U 358 -14.57 84.65 -2.52
C GLY U 358 -15.01 83.45 -3.32
N PRO U 359 -14.36 83.26 -4.48
CA PRO U 359 -14.81 82.21 -5.39
C PRO U 359 -14.43 80.81 -4.96
N VAL U 360 -13.25 80.61 -4.38
CA VAL U 360 -12.68 79.27 -4.21
C VAL U 360 -12.89 78.73 -2.79
N PHE U 361 -12.65 79.56 -1.76
CA PHE U 361 -12.83 79.05 -0.41
C PHE U 361 -14.30 79.06 -0.01
N PRO U 362 -14.71 78.22 0.92
CA PRO U 362 -16.09 78.27 1.39
C PRO U 362 -16.31 79.48 2.29
N PRO U 363 -17.55 79.81 2.61
CA PRO U 363 -17.81 81.01 3.42
C PRO U 363 -17.44 80.78 4.87
N GLY U 364 -16.66 81.71 5.42
CA GLY U 364 -16.17 81.57 6.77
C GLY U 364 -14.96 80.68 6.91
N MET U 365 -14.53 80.01 5.84
CA MET U 365 -13.37 79.12 5.85
C MET U 365 -13.53 78.04 6.91
N ASN U 366 -14.66 77.34 6.85
CA ASN U 366 -14.89 76.23 7.76
C ASN U 366 -14.09 75.03 7.27
N TRP U 367 -13.20 74.53 8.11
CA TRP U 367 -12.28 73.50 7.69
C TRP U 367 -13.00 72.23 7.29
N THR U 368 -14.17 71.97 7.88
CA THR U 368 -14.90 70.76 7.54
C THR U 368 -15.26 70.74 6.06
N GLU U 369 -15.90 71.80 5.56
CA GLU U 369 -16.20 71.87 4.13
C GLU U 369 -14.92 71.98 3.31
N LEU U 370 -13.94 72.75 3.81
CA LEU U 370 -12.73 72.98 3.06
C LEU U 370 -12.01 71.68 2.74
N ILE U 371 -11.93 70.78 3.71
CA ILE U 371 -11.30 69.49 3.50
C ILE U 371 -12.25 68.46 2.92
N THR U 372 -13.56 68.63 3.09
CA THR U 372 -14.51 67.73 2.47
C THR U 372 -14.43 67.83 0.96
N ASN U 373 -14.23 69.04 0.45
CA ASN U 373 -14.00 69.27 -0.98
C ASN U 373 -12.71 70.06 -1.11
N TYR U 374 -11.64 69.39 -1.50
CA TYR U 374 -10.27 69.88 -1.39
C TYR U 374 -9.56 69.79 -2.73
N SER U 375 -10.20 70.36 -3.76
CA SER U 375 -9.72 70.40 -5.13
C SER U 375 -8.28 70.92 -5.22
N PRO U 376 -7.56 70.60 -6.30
CA PRO U 376 -6.17 71.08 -6.41
C PRO U 376 -6.04 72.60 -6.44
N SER U 377 -6.99 73.30 -7.04
CA SER U 377 -6.95 74.76 -6.99
C SER U 377 -7.07 75.25 -5.55
N ARG U 378 -7.94 74.59 -4.77
CA ARG U 378 -8.05 74.95 -3.37
C ARG U 378 -6.77 74.61 -2.61
N GLU U 379 -6.08 73.52 -2.96
CA GLU U 379 -4.77 73.28 -2.37
C GLU U 379 -3.81 74.41 -2.68
N ASP U 380 -3.76 74.84 -3.93
CA ASP U 380 -2.83 75.89 -4.33
C ASP U 380 -3.09 77.16 -3.52
N ASN U 381 -4.34 77.60 -3.49
CA ASN U 381 -4.66 78.82 -2.77
C ASN U 381 -4.40 78.65 -1.28
N LEU U 382 -4.71 77.48 -0.72
CA LEU U 382 -4.53 77.28 0.70
C LEU U 382 -3.06 77.32 1.07
N GLN U 383 -2.20 76.69 0.26
CA GLN U 383 -0.78 76.72 0.56
C GLN U 383 -0.22 78.12 0.42
N ARG U 384 -0.69 78.87 -0.58
CA ARG U 384 -0.25 80.25 -0.71
C ARG U 384 -0.59 81.05 0.55
N VAL U 385 -1.85 81.00 0.96
CA VAL U 385 -2.27 81.83 2.09
C VAL U 385 -1.63 81.33 3.39
N PHE U 386 -1.44 80.02 3.54
CA PHE U 386 -0.77 79.52 4.73
C PHE U 386 0.68 79.97 4.79
N THR U 387 1.39 79.95 3.65
CA THR U 387 2.75 80.44 3.65
C THR U 387 2.79 81.92 4.02
N VAL U 388 1.88 82.71 3.48
CA VAL U 388 1.87 84.13 3.81
C VAL U 388 1.51 84.32 5.28
N ALA U 389 0.64 83.47 5.81
CA ALA U 389 0.26 83.59 7.21
C ALA U 389 1.41 83.21 8.13
N SER U 390 2.22 82.24 7.71
CA SER U 390 3.42 81.91 8.48
C SER U 390 4.41 83.07 8.44
N ILE U 391 4.54 83.70 7.28
CA ILE U 391 5.41 84.86 7.16
C ILE U 391 4.92 85.98 8.08
N ARG U 392 3.60 86.12 8.20
CA ARG U 392 3.04 87.12 9.10
C ARG U 392 3.30 86.76 10.55
N SER U 393 3.00 85.52 10.94
CA SER U 393 3.19 85.08 12.31
C SER U 393 4.64 85.13 12.73
N MET U 394 5.56 85.14 11.77
CA MET U 394 6.97 85.36 12.08
C MET U 394 7.20 86.70 12.78
N LEU U 395 6.31 87.66 12.63
CA LEU U 395 6.49 89.01 13.16
C LEU U 395 5.37 89.47 14.09
N ILE U 396 4.12 89.13 13.77
CA ILE U 396 2.96 89.67 14.45
C ILE U 396 2.32 88.57 15.27
N LYS U 397 2.19 88.81 16.58
CA LYS U 397 1.47 87.92 17.48
C LYS U 397 0.54 88.75 18.35
N MET V 1 29.39 59.76 13.53
CA MET V 1 27.97 60.20 13.38
C MET V 1 27.87 61.70 13.32
N GLU V 2 28.69 62.39 14.12
CA GLU V 2 28.70 63.85 14.05
C GLU V 2 29.13 64.32 12.67
N VAL V 3 29.99 63.57 11.99
CA VAL V 3 30.32 63.91 10.61
C VAL V 3 29.09 63.82 9.73
N LEU V 4 28.29 62.78 9.93
CA LEU V 4 27.08 62.61 9.14
C LEU V 4 26.09 63.74 9.42
N TYR V 5 25.93 64.12 10.69
CA TYR V 5 25.06 65.24 11.02
C TYR V 5 25.57 66.53 10.42
N SER V 6 26.88 66.74 10.44
CA SER V 6 27.43 67.95 9.86
C SER V 6 27.19 67.98 8.36
N LEU V 7 27.28 66.83 7.70
CA LEU V 7 26.93 66.76 6.28
C LEU V 7 25.50 67.17 6.06
N SER V 8 24.57 66.63 6.87
CA SER V 8 23.18 66.99 6.72
C SER V 8 22.96 68.49 6.98
N LYS V 9 23.61 69.01 8.02
CA LYS V 9 23.42 70.41 8.38
C LYS V 9 23.92 71.32 7.27
N THR V 10 25.10 71.03 6.73
CA THR V 10 25.65 71.94 5.72
C THR V 10 24.91 71.80 4.40
N LEU V 11 24.36 70.62 4.10
CA LEU V 11 23.55 70.54 2.88
C LEU V 11 22.22 71.24 3.05
N LYS V 12 21.62 71.15 4.23
CA LYS V 12 20.41 71.93 4.50
C LYS V 12 20.69 73.42 4.38
N ASP V 13 21.79 73.86 4.97
CA ASP V 13 22.16 75.27 4.89
C ASP V 13 22.50 75.68 3.47
N ALA V 14 23.02 74.76 2.66
CA ALA V 14 23.29 75.08 1.27
C ALA V 14 22.00 75.23 0.49
N ARG V 15 21.06 74.32 0.69
CA ARG V 15 19.78 74.42 -0.01
C ARG V 15 19.00 75.65 0.41
N ASP V 16 19.19 76.11 1.64
CA ASP V 16 18.43 77.27 2.13
C ASP V 16 19.13 78.59 1.82
N LYS V 17 20.36 78.76 2.28
CA LYS V 17 21.01 80.06 2.20
C LYS V 17 21.39 80.41 0.77
N ILE V 18 21.90 79.45 0.00
CA ILE V 18 22.38 79.76 -1.35
C ILE V 18 21.20 79.88 -2.28
N VAL V 19 20.72 81.12 -2.48
CA VAL V 19 19.60 81.40 -3.36
C VAL V 19 19.91 82.65 -4.16
N GLU V 20 19.15 82.85 -5.23
CA GLU V 20 19.44 83.92 -6.17
C GLU V 20 19.37 85.28 -5.49
N GLY V 21 20.37 86.12 -5.76
CA GLY V 21 20.37 87.48 -5.31
C GLY V 21 20.78 87.70 -3.88
N THR V 22 21.07 86.65 -3.11
CA THR V 22 21.51 86.83 -1.75
C THR V 22 22.93 87.40 -1.74
N LEU V 23 23.22 88.17 -0.69
CA LEU V 23 24.55 88.74 -0.57
C LEU V 23 25.56 87.65 -0.26
N TYR V 24 26.79 87.85 -0.72
CA TYR V 24 27.85 86.95 -0.32
C TYR V 24 28.20 87.10 1.15
N SER V 25 27.90 88.25 1.75
CA SER V 25 28.14 88.45 3.17
C SER V 25 27.36 87.44 4.00
N ASN V 26 26.17 87.04 3.53
CA ASN V 26 25.33 86.15 4.30
C ASN V 26 25.67 84.68 4.11
N VAL V 27 26.56 84.36 3.16
CA VAL V 27 26.80 82.98 2.75
C VAL V 27 28.28 82.65 2.66
N SER V 28 29.17 83.58 3.00
CA SER V 28 30.60 83.32 2.90
C SER V 28 31.05 82.17 3.79
N ASP V 29 30.65 82.19 5.08
CA ASP V 29 31.08 81.15 6.00
C ASP V 29 30.54 79.80 5.58
N LEU V 30 29.27 79.76 5.16
CA LEU V 30 28.71 78.51 4.66
C LEU V 30 29.44 78.02 3.43
N ILE V 31 29.89 78.93 2.57
CA ILE V 31 30.63 78.50 1.39
C ILE V 31 31.97 77.89 1.78
N GLN V 32 32.63 78.47 2.78
CA GLN V 32 33.87 77.86 3.24
C GLN V 32 33.63 76.47 3.80
N GLN V 33 32.57 76.30 4.58
CA GLN V 33 32.22 74.98 5.09
C GLN V 33 31.92 74.02 3.94
N PHE V 34 31.21 74.51 2.92
CA PHE V 34 30.87 73.69 1.76
C PHE V 34 32.12 73.24 1.02
N ASN V 35 33.08 74.15 0.86
CA ASN V 35 34.34 73.80 0.21
C ASN V 35 35.09 72.75 1.01
N GLN V 36 35.11 72.89 2.34
CA GLN V 36 35.80 71.88 3.14
C GLN V 36 35.13 70.52 3.00
N MET V 37 33.80 70.49 3.01
CA MET V 37 33.10 69.22 2.81
C MET V 37 33.46 68.61 1.46
N ILE V 38 33.42 69.42 0.41
CA ILE V 38 33.70 68.91 -0.93
C ILE V 38 35.11 68.37 -1.02
N VAL V 39 36.08 69.11 -0.47
CA VAL V 39 37.48 68.67 -0.55
C VAL V 39 37.68 67.38 0.22
N THR V 40 37.16 67.32 1.44
CA THR V 40 37.36 66.13 2.26
C THR V 40 36.63 64.93 1.73
N MET V 41 35.57 65.11 0.95
CA MET V 41 34.87 63.99 0.35
C MET V 41 35.36 63.64 -1.05
N ASN V 42 36.19 64.49 -1.66
CA ASN V 42 36.69 64.19 -3.00
C ASN V 42 37.50 62.91 -2.99
N GLY V 43 37.33 62.12 -4.05
CA GLY V 43 38.12 60.90 -4.19
C GLY V 43 37.88 59.88 -3.10
N ASN V 44 36.61 59.67 -2.73
CA ASN V 44 36.23 58.61 -1.82
C ASN V 44 35.03 57.89 -2.40
N ASP V 45 35.07 56.57 -2.38
CA ASP V 45 34.00 55.73 -2.89
C ASP V 45 33.29 55.07 -1.72
N PHE V 46 31.97 55.18 -1.68
CA PHE V 46 31.14 54.59 -0.65
C PHE V 46 30.16 53.62 -1.27
N GLN V 47 29.86 52.55 -0.52
CA GLN V 47 28.86 51.57 -0.91
C GLN V 47 27.78 51.55 0.17
N THR V 48 26.52 51.56 -0.27
CA THR V 48 25.39 51.58 0.63
C THR V 48 24.37 50.53 0.19
N GLY V 49 23.55 50.11 1.14
CA GLY V 49 22.56 49.10 0.87
C GLY V 49 23.14 47.70 0.91
N GLY V 50 22.25 46.73 0.73
CA GLY V 50 22.62 45.33 0.73
C GLY V 50 22.01 44.54 1.87
N ILE V 51 20.88 45.02 2.37
CA ILE V 51 20.12 44.31 3.41
C ILE V 51 18.65 44.38 3.03
N GLY V 52 18.00 43.22 3.04
CA GLY V 52 16.63 43.16 2.53
C GLY V 52 16.59 43.57 1.08
N ASN V 53 15.65 44.44 0.74
CA ASN V 53 15.51 44.96 -0.62
C ASN V 53 16.23 46.28 -0.84
N LEU V 54 16.87 46.83 0.18
CA LEU V 54 17.57 48.10 0.02
C LEU V 54 18.72 47.89 -0.95
N PRO V 55 18.64 48.36 -2.21
CA PRO V 55 19.57 47.86 -3.22
C PRO V 55 20.98 48.39 -3.02
N ILE V 56 21.94 47.59 -3.47
CA ILE V 56 23.33 48.02 -3.47
C ILE V 56 23.46 49.28 -4.32
N ARG V 57 24.33 50.19 -3.89
CA ARG V 57 24.45 51.46 -4.57
C ARG V 57 25.83 52.04 -4.29
N ASN V 58 26.41 52.66 -5.31
CA ASN V 58 27.76 53.21 -5.24
C ASN V 58 27.73 54.71 -5.37
N TRP V 59 28.42 55.40 -4.47
CA TRP V 59 28.60 56.84 -4.52
C TRP V 59 30.07 57.14 -4.69
N THR V 60 30.38 58.09 -5.57
CA THR V 60 31.73 58.61 -5.70
C THR V 60 31.63 60.12 -5.89
N PHE V 61 32.48 60.86 -5.18
CA PHE V 61 32.43 62.31 -5.14
C PHE V 61 33.64 62.88 -5.86
N ASP V 62 33.41 63.53 -6.99
CA ASP V 62 34.43 64.35 -7.64
C ASP V 62 33.73 65.60 -8.14
N PHE V 63 33.69 66.61 -7.28
CA PHE V 63 33.07 67.90 -7.57
C PHE V 63 34.11 69.00 -7.44
N GLY V 64 33.66 70.25 -7.58
CA GLY V 64 34.55 71.38 -7.57
C GLY V 64 34.18 72.43 -6.54
N LEU V 65 35.17 73.24 -6.16
CA LEU V 65 34.93 74.31 -5.21
C LEU V 65 34.06 75.39 -5.86
N LEU V 66 33.74 76.42 -5.09
CA LEU V 66 32.85 77.49 -5.52
C LEU V 66 33.63 78.80 -5.58
N GLY V 67 33.46 79.54 -6.67
CA GLY V 67 34.25 80.75 -6.88
C GLY V 67 33.66 81.92 -6.10
N THR V 68 34.48 82.54 -5.27
CA THR V 68 34.04 83.53 -4.29
C THR V 68 34.06 84.97 -4.83
N THR V 69 34.36 85.16 -6.12
CA THR V 69 34.50 86.51 -6.64
C THR V 69 33.17 87.25 -6.74
N LEU V 70 32.03 86.58 -6.54
CA LEU V 70 30.73 87.16 -6.81
C LEU V 70 30.23 87.96 -5.62
N LEU V 71 29.84 89.21 -5.86
CA LEU V 71 29.34 90.08 -4.80
C LEU V 71 27.87 89.86 -4.48
N ASN V 72 27.11 89.23 -5.37
CA ASN V 72 25.69 88.99 -5.15
C ASN V 72 25.29 87.84 -6.04
N LEU V 73 24.81 86.75 -5.44
CA LEU V 73 24.69 85.49 -6.16
C LEU V 73 23.72 85.60 -7.32
N ASP V 74 24.07 84.93 -8.42
CA ASP V 74 23.30 84.93 -9.65
C ASP V 74 22.87 83.50 -9.98
N ALA V 75 22.20 83.34 -11.12
CA ALA V 75 21.50 82.10 -11.41
C ALA V 75 22.45 80.91 -11.55
N ASN V 76 23.59 81.11 -12.21
CA ASN V 76 24.45 79.96 -12.48
C ASN V 76 25.18 79.48 -11.23
N TYR V 77 25.51 80.40 -10.33
CA TYR V 77 26.08 80.00 -9.05
C TYR V 77 25.16 79.04 -8.32
N VAL V 78 23.90 79.43 -8.15
CA VAL V 78 22.96 78.55 -7.46
C VAL V 78 22.73 77.29 -8.28
N GLU V 79 22.85 77.37 -9.60
CA GLU V 79 22.62 76.18 -10.42
C GLU V 79 23.67 75.12 -10.15
N THR V 80 24.95 75.48 -10.22
CA THR V 80 25.98 74.50 -9.91
C THR V 80 25.89 74.04 -8.46
N ALA V 81 25.57 74.96 -7.55
CA ALA V 81 25.43 74.58 -6.15
C ALA V 81 24.35 73.53 -5.99
N ARG V 82 23.19 73.74 -6.63
CA ARG V 82 22.10 72.79 -6.51
C ARG V 82 22.44 71.47 -7.18
N THR V 83 23.20 71.50 -8.27
CA THR V 83 23.62 70.25 -8.90
C THR V 83 24.44 69.41 -7.92
N THR V 84 25.37 70.04 -7.20
CA THR V 84 26.12 69.30 -6.20
C THR V 84 25.23 68.86 -5.04
N ILE V 85 24.33 69.74 -4.61
CA ILE V 85 23.57 69.53 -3.39
C ILE V 85 22.59 68.37 -3.56
N GLU V 86 22.00 68.24 -4.74
CA GLU V 86 21.04 67.15 -4.96
C GLU V 86 21.72 65.79 -4.79
N TYR V 87 22.90 65.64 -5.40
CA TYR V 87 23.65 64.40 -5.27
C TYR V 87 24.01 64.15 -3.80
N PHE V 88 24.51 65.17 -3.11
CA PHE V 88 24.93 64.95 -1.73
C PHE V 88 23.75 64.60 -0.85
N ILE V 89 22.60 65.23 -1.07
CA ILE V 89 21.41 64.95 -0.27
C ILE V 89 20.95 63.54 -0.51
N ASP V 90 20.97 63.08 -1.76
CA ASP V 90 20.60 61.69 -2.02
C ASP V 90 21.56 60.74 -1.31
N PHE V 91 22.85 61.07 -1.32
CA PHE V 91 23.83 60.23 -0.63
C PHE V 91 23.52 60.14 0.86
N ILE V 92 23.25 61.29 1.49
CA ILE V 92 23.02 61.29 2.92
C ILE V 92 21.72 60.56 3.25
N ASP V 93 20.69 60.76 2.43
CA ASP V 93 19.45 60.01 2.60
C ASP V 93 19.71 58.52 2.60
N ASN V 94 20.50 58.04 1.63
CA ASN V 94 20.72 56.60 1.55
C ASN V 94 21.61 56.09 2.68
N VAL V 95 22.58 56.90 3.13
CA VAL V 95 23.40 56.48 4.27
C VAL V 95 22.54 56.33 5.51
N CYS V 96 21.68 57.33 5.79
CA CYS V 96 20.80 57.24 6.94
C CYS V 96 19.86 56.05 6.82
N MET V 97 19.32 55.85 5.62
CA MET V 97 18.39 54.74 5.40
C MET V 97 19.07 53.41 5.67
N ASP V 98 20.30 53.25 5.20
CA ASP V 98 21.04 52.01 5.45
C ASP V 98 21.34 51.84 6.93
N GLU V 99 21.76 52.91 7.61
CA GLU V 99 22.13 52.79 9.00
C GLU V 99 20.93 52.53 9.90
N MET V 100 19.73 52.92 9.48
CA MET V 100 18.54 52.65 10.29
C MET V 100 18.18 51.17 10.31
N VAL V 101 18.61 50.39 9.32
CA VAL V 101 18.14 49.02 9.15
C VAL V 101 19.17 48.01 9.65
N ARG V 102 20.07 48.41 10.53
CA ARG V 102 21.14 47.55 11.02
C ARG V 102 21.14 47.56 12.54
N GLU V 103 21.61 46.45 13.12
CA GLU V 103 21.55 46.23 14.55
C GLU V 103 22.83 45.57 15.03
N SER V 104 22.94 45.44 16.35
CA SER V 104 23.99 44.64 16.96
C SER V 104 23.67 44.42 18.43
N GLN V 105 23.71 43.17 18.88
CA GLN V 105 23.46 42.88 20.29
C GLN V 105 24.53 43.53 21.16
N ARG V 106 25.78 43.52 20.72
CA ARG V 106 26.89 44.11 21.45
C ARG V 106 27.34 45.38 20.75
N ASN V 107 27.65 46.40 21.55
CA ASN V 107 28.17 47.67 21.05
C ASN V 107 27.23 48.28 20.02
N GLY V 108 26.02 48.62 20.49
CA GLY V 108 25.03 49.21 19.60
C GLY V 108 25.28 50.66 19.28
N VAL V 109 25.99 51.37 20.16
CA VAL V 109 26.25 52.79 19.92
C VAL V 109 27.16 52.94 18.71
N ALA V 110 28.16 52.09 18.59
CA ALA V 110 29.12 52.23 17.49
C ALA V 110 28.41 52.04 16.15
N PRO V 111 28.92 52.66 15.09
CA PRO V 111 28.18 52.65 13.82
C PRO V 111 28.21 51.29 13.15
N GLN V 112 27.21 51.09 12.30
CA GLN V 112 27.12 49.98 11.35
C GLN V 112 27.14 50.61 9.97
N SER V 113 26.85 49.82 8.93
CA SER V 113 26.78 50.41 7.60
C SER V 113 28.13 50.98 7.21
N GLU V 114 29.01 50.12 6.73
CA GLU V 114 30.41 50.43 6.43
C GLU V 114 30.61 51.79 5.77
N ALA V 115 29.62 52.30 5.02
CA ALA V 115 29.67 53.69 4.61
C ALA V 115 29.81 54.62 5.81
N LEU V 116 28.92 54.48 6.80
CA LEU V 116 29.02 55.29 8.00
C LEU V 116 30.25 54.92 8.81
N ARG V 117 30.62 53.64 8.81
CA ARG V 117 31.82 53.24 9.53
C ARG V 117 33.05 53.95 8.97
N LYS V 118 33.09 54.14 7.65
CA LYS V 118 34.17 54.91 7.03
C LYS V 118 34.04 56.37 7.36
N LEU V 119 32.82 56.91 7.35
CA LEU V 119 32.63 58.31 7.71
C LEU V 119 33.12 58.60 9.11
N ALA V 120 33.07 57.60 9.99
CA ALA V 120 33.61 57.76 11.33
C ALA V 120 35.13 57.90 11.35
N GLY V 121 35.81 57.65 10.23
CA GLY V 121 37.25 57.65 10.21
C GLY V 121 37.86 59.02 10.49
N ILE V 122 39.18 59.00 10.64
CA ILE V 122 39.91 60.21 11.00
C ILE V 122 39.92 61.21 9.86
N LYS V 123 39.85 60.74 8.61
CA LYS V 123 40.00 61.63 7.47
C LYS V 123 38.87 62.66 7.40
N PHE V 124 37.70 62.33 7.94
CA PHE V 124 36.50 63.14 7.75
C PHE V 124 36.23 64.07 8.92
N LYS V 125 37.19 64.25 9.83
CA LYS V 125 36.92 65.05 11.01
C LYS V 125 36.71 66.52 10.64
N ARG V 126 37.35 67.00 9.59
CA ARG V 126 37.19 68.40 9.20
C ARG V 126 35.80 68.71 8.68
N ILE V 127 34.97 67.71 8.41
CA ILE V 127 33.61 67.96 7.94
C ILE V 127 32.67 68.32 9.08
N ASN V 128 33.08 68.12 10.33
CA ASN V 128 32.25 68.50 11.47
C ASN V 128 32.00 70.00 11.43
N PHE V 129 30.73 70.39 11.54
CA PHE V 129 30.29 71.76 11.35
C PHE V 129 29.72 72.35 12.64
N ASN V 130 28.71 71.72 13.21
CA ASN V 130 28.25 72.02 14.56
C ASN V 130 27.27 70.93 14.95
N ASN V 131 26.88 70.94 16.23
CA ASN V 131 25.95 69.97 16.78
C ASN V 131 24.88 70.78 17.52
N SER V 132 23.89 71.23 16.77
CA SER V 132 22.87 72.13 17.28
C SER V 132 21.57 71.43 17.64
N SER V 133 21.16 70.44 16.85
CA SER V 133 19.89 69.76 17.08
C SER V 133 19.88 69.10 18.45
N GLU V 134 18.68 68.86 18.97
CA GLU V 134 18.55 68.25 20.28
C GLU V 134 19.18 66.87 20.30
N TYR V 135 18.90 66.06 19.27
CA TYR V 135 19.38 64.69 19.27
C TYR V 135 20.89 64.61 19.15
N ILE V 136 21.49 65.43 18.29
CA ILE V 136 22.94 65.40 18.16
C ILE V 136 23.61 65.98 19.40
N GLU V 137 23.03 67.02 19.97
CA GLU V 137 23.59 67.58 21.18
C GLU V 137 23.58 66.54 22.30
N ASN V 138 22.48 65.80 22.43
CA ASN V 138 22.42 64.74 23.43
C ASN V 138 23.35 63.59 23.07
N TRP V 139 23.57 63.34 21.78
CA TRP V 139 24.54 62.32 21.38
C TRP V 139 25.92 62.66 21.89
N ASN V 140 26.33 63.93 21.74
CA ASN V 140 27.64 64.31 22.25
C ASN V 140 27.67 64.32 23.78
N LEU V 141 26.59 64.82 24.40
CA LEU V 141 26.51 64.83 25.86
C LEU V 141 26.50 63.42 26.43
N GLN V 142 26.14 62.42 25.64
CA GLN V 142 26.21 61.03 26.05
C GLN V 142 27.57 60.42 25.74
N ASN V 143 28.20 60.84 24.64
CA ASN V 143 29.54 60.33 24.33
C ASN V 143 30.54 60.77 25.38
N ARG V 144 30.34 61.95 25.96
CA ARG V 144 31.05 62.35 27.17
C ARG V 144 30.01 62.69 28.21
N ARG V 145 29.95 61.88 29.28
CA ARG V 145 28.78 61.82 30.14
C ARG V 145 28.38 63.19 30.66
N GLN V 146 27.17 63.60 30.31
CA GLN V 146 26.49 64.72 30.92
C GLN V 146 25.04 64.31 31.09
N ARG V 147 24.23 65.21 31.64
CA ARG V 147 22.82 64.92 31.87
C ARG V 147 22.08 65.07 30.54
N THR V 148 22.18 64.03 29.71
CA THR V 148 21.43 64.00 28.47
C THR V 148 19.95 63.90 28.78
N GLY V 149 19.15 64.71 28.11
CA GLY V 149 17.72 64.70 28.34
C GLY V 149 16.93 65.12 27.12
N PHE V 150 15.95 64.30 26.76
CA PHE V 150 15.01 64.61 25.69
C PHE V 150 13.71 65.06 26.31
N VAL V 151 13.14 66.15 25.80
CA VAL V 151 11.83 66.62 26.22
C VAL V 151 10.79 66.02 25.29
N PHE V 152 9.75 65.43 25.87
CA PHE V 152 8.71 64.73 25.13
C PHE V 152 7.37 65.35 25.44
N HIS V 153 6.54 65.50 24.40
CA HIS V 153 5.16 65.95 24.53
C HIS V 153 4.26 64.72 24.50
N LYS V 154 3.72 64.36 25.66
CA LYS V 154 2.86 63.20 25.78
C LYS V 154 3.64 61.95 25.39
N PRO V 155 4.71 61.63 26.10
CA PRO V 155 5.47 60.43 25.78
C PRO V 155 4.65 59.18 26.00
N ASN V 156 4.88 58.17 25.17
CA ASN V 156 4.26 56.86 25.38
C ASN V 156 5.25 55.96 26.12
N ILE V 157 5.44 56.31 27.40
CA ILE V 157 6.30 55.53 28.26
C ILE V 157 5.64 54.20 28.60
N PHE V 158 4.33 54.19 28.81
CA PHE V 158 3.68 52.97 29.25
C PHE V 158 3.45 52.03 28.07
N PRO V 159 3.44 50.72 28.30
CA PRO V 159 3.05 49.79 27.25
C PRO V 159 1.56 49.51 27.32
N TYR V 160 0.99 49.17 26.16
CA TYR V 160 -0.44 48.90 26.14
C TYR V 160 -0.75 47.67 26.99
N SER V 161 -1.49 47.87 28.08
CA SER V 161 -1.94 46.76 28.90
C SER V 161 -3.28 47.14 29.50
N ALA V 162 -4.31 46.35 29.22
CA ALA V 162 -5.64 46.54 29.76
C ALA V 162 -6.04 45.25 30.46
N SER V 163 -6.14 45.30 31.79
CA SER V 163 -6.34 44.08 32.55
C SER V 163 -6.91 44.41 33.91
N PHE V 164 -7.36 43.38 34.61
CA PHE V 164 -8.02 43.55 35.89
C PHE V 164 -7.60 42.46 36.86
N THR V 165 -7.58 42.81 38.15
CA THR V 165 -7.41 41.85 39.23
C THR V 165 -8.66 41.86 40.08
N LEU V 166 -8.97 40.70 40.66
CA LEU V 166 -10.18 40.48 41.45
C LEU V 166 -9.78 39.98 42.83
N ASN V 167 -9.68 40.89 43.79
CA ASN V 167 -9.29 40.49 45.14
C ASN V 167 -10.35 39.64 45.82
N ARG V 168 -11.55 39.55 45.27
CA ARG V 168 -12.59 38.69 45.82
C ARG V 168 -13.52 38.30 44.68
N SER V 169 -13.64 36.99 44.41
CA SER V 169 -14.45 36.54 43.29
C SER V 169 -14.92 35.12 43.55
N GLN V 170 -15.93 34.71 42.79
CA GLN V 170 -16.52 33.38 42.93
C GLN V 170 -17.27 33.07 41.64
N PRO V 171 -17.63 31.80 41.42
CA PRO V 171 -18.24 31.42 40.13
C PRO V 171 -19.56 32.10 39.79
N MET V 172 -20.33 32.62 40.76
CA MET V 172 -21.42 33.53 40.38
C MET V 172 -20.90 34.64 39.49
N HIS V 173 -19.74 35.18 39.83
CA HIS V 173 -19.23 36.40 39.23
C HIS V 173 -20.23 37.54 39.40
N ASP V 174 -20.96 37.54 40.53
CA ASP V 174 -21.94 38.59 40.81
C ASP V 174 -21.62 39.40 42.06
N ASN V 175 -20.58 39.03 42.81
CA ASN V 175 -20.11 39.86 43.94
C ASN V 175 -18.59 39.81 43.87
N LEU V 176 -18.02 40.74 43.11
CA LEU V 176 -16.60 40.91 42.90
C LEU V 176 -16.11 42.16 43.60
N MET V 177 -14.80 42.27 43.74
CA MET V 177 -14.18 43.47 44.29
C MET V 177 -12.75 43.49 43.79
N GLY V 178 -12.41 44.47 42.98
CA GLY V 178 -11.09 44.48 42.40
C GLY V 178 -10.80 45.78 41.70
N THR V 179 -9.82 45.73 40.80
CA THR V 179 -9.40 46.91 40.07
C THR V 179 -9.15 46.55 38.62
N MET V 180 -9.75 47.31 37.72
CA MET V 180 -9.41 47.28 36.31
C MET V 180 -8.50 48.45 35.99
N TRP V 181 -7.67 48.31 34.96
CA TRP V 181 -6.82 49.41 34.58
C TRP V 181 -6.35 49.23 33.16
N LEU V 182 -6.27 50.36 32.44
CA LEU V 182 -5.65 50.45 31.13
C LEU V 182 -4.51 51.44 31.21
N ASN V 183 -3.30 50.98 30.89
CA ASN V 183 -2.15 51.83 30.69
C ASN V 183 -1.80 51.80 29.21
N ALA V 184 -1.71 52.97 28.59
CA ALA V 184 -1.40 53.02 27.17
C ALA V 184 -0.98 54.42 26.78
N GLY V 185 0.10 54.54 26.01
CA GLY V 185 0.58 55.86 25.65
C GLY V 185 0.95 56.63 26.90
N SER V 186 0.37 57.81 27.04
CA SER V 186 0.54 58.63 28.24
C SER V 186 -0.64 58.54 29.19
N GLU V 187 -1.66 57.73 28.87
CA GLU V 187 -2.86 57.61 29.68
C GLU V 187 -2.72 56.43 30.64
N ILE V 188 -3.06 56.67 31.90
CA ILE V 188 -3.40 55.63 32.85
C ILE V 188 -4.86 55.85 33.22
N GLN V 189 -5.62 54.77 33.28
CA GLN V 189 -7.02 54.87 33.71
C GLN V 189 -7.33 53.65 34.54
N VAL V 190 -7.51 53.85 35.84
CA VAL V 190 -7.69 52.75 36.79
C VAL V 190 -9.00 52.96 37.52
N ALA V 191 -9.82 51.92 37.54
CA ALA V 191 -11.13 51.94 38.20
C ALA V 191 -11.19 50.79 39.19
N GLY V 192 -11.30 51.13 40.47
CA GLY V 192 -11.55 50.13 41.50
C GLY V 192 -13.04 49.99 41.70
N PHE V 193 -13.52 48.77 41.59
CA PHE V 193 -14.95 48.48 41.59
C PHE V 193 -15.26 47.46 42.67
N ASP V 194 -16.35 47.72 43.39
CA ASP V 194 -16.89 46.80 44.38
C ASP V 194 -18.34 46.55 44.06
N TYR V 195 -18.70 45.28 43.97
CA TYR V 195 -20.08 44.92 43.64
C TYR V 195 -20.99 45.11 44.83
N SER V 196 -20.46 44.98 46.05
CA SER V 196 -21.24 45.18 47.26
C SER V 196 -21.23 46.63 47.75
N CYS V 197 -20.52 47.52 47.07
CA CYS V 197 -20.44 48.92 47.47
C CYS V 197 -19.96 49.08 48.90
N ALA V 198 -18.94 48.29 49.27
CA ALA V 198 -18.27 48.41 50.55
C ALA V 198 -19.25 48.28 51.71
N LEU V 199 -20.03 47.20 51.68
CA LEU V 199 -20.98 46.95 52.77
C LEU V 199 -20.26 46.39 53.99
N ASN V 200 -19.55 45.28 53.82
CA ASN V 200 -18.93 44.57 54.93
C ASN V 200 -17.50 45.00 55.20
N ALA V 201 -16.96 45.93 54.43
CA ALA V 201 -15.60 46.40 54.65
C ALA V 201 -15.54 47.24 55.93
N PRO V 202 -14.35 47.46 56.48
CA PRO V 202 -14.25 48.19 57.74
C PRO V 202 -14.60 49.67 57.57
N ALA V 203 -15.60 50.13 58.31
CA ALA V 203 -16.06 51.52 58.25
C ALA V 203 -16.58 51.87 56.85
N ASN V 204 -17.03 50.88 56.09
CA ASN V 204 -17.60 51.09 54.77
C ASN V 204 -16.60 51.76 53.83
N ILE V 205 -15.31 51.45 54.02
CA ILE V 205 -14.22 51.91 53.17
C ILE V 205 -13.65 50.72 52.45
N GLN V 206 -13.38 50.87 51.16
CA GLN V 206 -12.62 49.90 50.39
C GLN V 206 -11.40 50.60 49.83
N GLN V 207 -10.22 50.04 50.09
CA GLN V 207 -8.96 50.63 49.66
C GLN V 207 -8.53 49.99 48.35
N PHE V 208 -8.23 50.81 47.36
CA PHE V 208 -7.80 50.35 46.05
C PHE V 208 -6.41 50.90 45.78
N GLU V 209 -5.54 50.03 45.25
CA GLU V 209 -4.11 50.28 45.15
C GLU V 209 -3.67 49.87 43.75
N HIS V 210 -3.09 50.80 43.00
CA HIS V 210 -2.53 50.50 41.68
C HIS V 210 -1.13 51.05 41.60
N ILE V 211 -0.20 50.23 41.12
CA ILE V 211 1.20 50.59 40.97
C ILE V 211 1.56 50.47 39.51
N VAL V 212 2.12 51.53 38.93
CA VAL V 212 2.61 51.52 37.56
C VAL V 212 4.11 51.76 37.62
N GLN V 213 4.87 50.74 37.26
CA GLN V 213 6.33 50.74 37.34
C GLN V 213 6.88 51.17 35.99
N LEU V 214 7.26 52.43 35.85
CA LEU V 214 7.79 52.89 34.58
C LEU V 214 9.07 52.14 34.26
N ARG V 215 9.53 52.27 33.02
CA ARG V 215 10.74 51.58 32.61
C ARG V 215 11.97 52.45 32.79
N ARG V 216 11.91 53.71 32.36
CA ARG V 216 12.95 54.68 32.59
C ARG V 216 12.34 55.90 33.25
N ALA V 217 13.05 56.46 34.22
CA ALA V 217 12.50 57.53 35.03
C ALA V 217 12.30 58.80 34.19
N LEU V 218 11.15 59.44 34.38
CA LEU V 218 10.88 60.73 33.77
C LEU V 218 11.29 61.84 34.72
N THR V 219 11.25 63.08 34.23
CA THR V 219 11.75 64.22 34.97
C THR V 219 10.96 65.46 34.59
N THR V 220 10.64 66.28 35.60
CA THR V 220 9.90 67.54 35.41
C THR V 220 8.65 67.31 34.57
N ALA V 221 7.88 66.30 34.94
CA ALA V 221 6.74 65.87 34.15
C ALA V 221 5.48 66.57 34.62
N THR V 222 4.82 67.30 33.72
CA THR V 222 3.51 67.84 33.99
C THR V 222 2.47 66.75 33.75
N ILE V 223 1.54 66.60 34.67
CA ILE V 223 0.57 65.53 34.66
C ILE V 223 -0.80 66.13 34.88
N THR V 224 -1.81 65.53 34.28
CA THR V 224 -3.21 65.93 34.45
C THR V 224 -3.95 64.76 35.09
N LEU V 225 -4.46 64.97 36.29
CA LEU V 225 -5.12 63.93 37.06
C LEU V 225 -6.57 64.33 37.28
N LEU V 226 -7.49 63.51 36.81
CA LEU V 226 -8.92 63.73 36.95
C LEU V 226 -9.55 62.47 37.52
N PRO V 227 -10.73 62.58 38.11
CA PRO V 227 -11.40 61.37 38.60
C PRO V 227 -12.27 60.73 37.53
N ASP V 228 -12.91 59.61 37.86
CA ASP V 228 -13.91 58.99 37.01
C ASP V 228 -13.32 58.59 35.66
N ALA V 229 -12.43 57.60 35.71
CA ALA V 229 -11.90 56.98 34.50
C ALA V 229 -13.02 56.59 33.55
N GLU V 230 -12.93 57.05 32.30
CA GLU V 230 -14.04 56.89 31.37
C GLU V 230 -14.13 55.46 30.83
N ARG V 231 -12.99 54.81 30.59
CA ARG V 231 -13.03 53.52 29.91
C ARG V 231 -13.74 52.46 30.74
N PHE V 232 -13.84 52.64 32.05
CA PHE V 232 -14.45 51.66 32.94
C PHE V 232 -15.62 52.28 33.65
N SER V 233 -16.45 53.02 32.92
CA SER V 233 -17.65 53.64 33.47
C SER V 233 -18.81 53.48 32.50
N PHE V 234 -18.94 52.28 31.94
CA PHE V 234 -20.12 51.91 31.18
C PHE V 234 -20.27 50.40 31.25
N PRO V 235 -21.45 49.87 30.96
CA PRO V 235 -21.66 48.43 31.07
C PRO V 235 -20.72 47.66 30.16
N ARG V 236 -20.32 46.49 30.64
CA ARG V 236 -19.39 45.64 29.91
C ARG V 236 -19.71 44.19 30.26
N VAL V 237 -19.24 43.27 29.44
CA VAL V 237 -19.11 41.89 29.85
C VAL V 237 -17.72 41.44 29.44
N ILE V 238 -16.93 41.01 30.42
CA ILE V 238 -15.50 40.81 30.29
C ILE V 238 -15.22 39.33 30.48
N ASN V 239 -14.37 38.78 29.63
CA ASN V 239 -13.99 37.39 29.81
C ASN V 239 -13.25 37.23 31.14
N SER V 240 -13.44 36.08 31.76
CA SER V 240 -12.88 35.81 33.07
C SER V 240 -11.36 35.70 33.00
N ALA V 241 -10.72 35.49 34.16
CA ALA V 241 -9.27 35.48 34.20
C ALA V 241 -8.69 34.40 33.32
N ASP V 242 -9.25 33.19 33.37
CA ASP V 242 -8.74 32.05 32.63
C ASP V 242 -9.45 31.84 31.30
N GLY V 243 -10.36 32.74 30.91
CA GLY V 243 -11.04 32.60 29.65
C GLY V 243 -12.11 31.54 29.63
N ALA V 244 -12.64 31.15 30.80
CA ALA V 244 -13.68 30.13 30.84
C ALA V 244 -15.03 30.72 30.45
N THR V 245 -15.50 31.72 31.20
CA THR V 245 -16.79 32.36 30.98
C THR V 245 -16.59 33.85 30.85
N THR V 246 -17.70 34.58 30.85
CA THR V 246 -17.70 36.04 30.80
C THR V 246 -18.63 36.58 31.86
N TRP V 247 -18.22 37.64 32.53
CA TRP V 247 -18.95 38.20 33.65
C TRP V 247 -19.37 39.63 33.35
N PHE V 248 -20.51 40.02 33.90
CA PHE V 248 -21.14 41.29 33.61
C PHE V 248 -20.67 42.36 34.59
N PHE V 249 -20.51 43.58 34.11
CA PHE V 249 -20.06 44.71 34.89
C PHE V 249 -20.95 45.90 34.58
N ASN V 250 -21.49 46.53 35.62
CA ASN V 250 -22.54 47.54 35.48
C ASN V 250 -22.24 48.70 36.41
N PRO V 251 -21.37 49.62 36.01
CA PRO V 251 -20.84 50.60 36.96
C PRO V 251 -21.86 51.62 37.40
N ILE V 252 -21.66 52.10 38.62
CA ILE V 252 -22.21 53.36 39.12
C ILE V 252 -21.04 54.12 39.70
N ILE V 253 -20.73 55.29 39.14
CA ILE V 253 -19.44 55.94 39.38
C ILE V 253 -19.59 56.85 40.59
N LEU V 254 -19.22 56.32 41.75
CA LEU V 254 -19.05 57.14 42.93
C LEU V 254 -17.80 58.00 42.76
N ARG V 255 -17.63 58.95 43.67
CA ARG V 255 -16.49 59.85 43.62
C ARG V 255 -15.37 59.28 44.49
N PRO V 256 -14.15 59.08 43.96
CA PRO V 256 -13.08 58.58 44.83
C PRO V 256 -12.71 59.62 45.87
N ASN V 257 -12.42 59.14 47.08
CA ASN V 257 -12.11 60.02 48.22
C ASN V 257 -10.75 59.68 48.78
N ASN V 258 -10.15 60.68 49.43
CA ASN V 258 -8.76 60.68 49.90
C ASN V 258 -7.83 59.97 48.91
N VAL V 259 -7.89 60.42 47.66
CA VAL V 259 -6.96 59.90 46.66
C VAL V 259 -5.56 60.35 47.03
N GLU V 260 -4.62 59.41 47.00
CA GLU V 260 -3.21 59.67 47.19
C GLU V 260 -2.52 59.33 45.88
N VAL V 261 -1.65 60.21 45.42
CA VAL V 261 -0.77 59.91 44.30
C VAL V 261 0.65 60.12 44.77
N GLU V 262 1.45 59.06 44.69
CA GLU V 262 2.84 59.07 45.11
C GLU V 262 3.72 58.76 43.92
N PHE V 263 4.54 59.73 43.53
CA PHE V 263 5.55 59.53 42.51
C PHE V 263 6.84 59.16 43.23
N LEU V 264 7.40 58.00 42.87
CA LEU V 264 8.49 57.39 43.59
C LEU V 264 9.70 57.18 42.69
N LEU V 265 10.89 57.36 43.27
CA LEU V 265 12.16 57.07 42.61
C LEU V 265 12.97 56.18 43.55
N ASN V 266 13.13 54.92 43.17
CA ASN V 266 13.91 53.96 43.97
C ASN V 266 13.32 53.80 45.37
N GLY V 267 12.01 53.62 45.43
CA GLY V 267 11.35 53.34 46.68
C GLY V 267 11.23 54.52 47.63
N GLN V 268 11.57 55.72 47.19
CA GLN V 268 11.40 56.92 47.99
C GLN V 268 10.14 57.66 47.58
N ILE V 269 9.69 58.55 48.44
CA ILE V 269 8.44 59.29 48.24
C ILE V 269 8.86 60.63 47.66
N ILE V 270 9.05 60.68 46.34
CA ILE V 270 9.55 61.90 45.73
C ILE V 270 8.48 62.98 45.74
N ASN V 271 7.22 62.62 45.44
CA ASN V 271 6.17 63.63 45.45
C ASN V 271 4.83 63.00 45.81
N THR V 272 4.16 63.58 46.80
CA THR V 272 2.85 63.12 47.25
C THR V 272 1.81 64.21 46.99
N TYR V 273 0.65 63.81 46.47
CA TYR V 273 -0.46 64.71 46.24
C TYR V 273 -1.73 64.09 46.80
N GLN V 274 -2.45 64.88 47.59
CA GLN V 274 -3.61 64.43 48.35
C GLN V 274 -4.82 65.25 47.94
N ALA V 275 -5.84 64.58 47.41
CA ALA V 275 -7.08 65.21 46.97
C ALA V 275 -6.78 66.44 46.12
N ARG V 276 -6.02 66.20 45.05
CA ARG V 276 -5.42 67.28 44.28
C ARG V 276 -5.49 66.85 42.80
N PHE V 277 -6.55 67.29 42.13
CA PHE V 277 -6.78 66.96 40.74
C PHE V 277 -6.31 68.11 39.86
N GLY V 278 -6.51 67.95 38.56
CA GLY V 278 -6.04 68.95 37.61
C GLY V 278 -4.57 68.77 37.31
N THR V 279 -3.86 69.88 37.16
CA THR V 279 -2.45 69.83 36.80
C THR V 279 -1.60 69.62 38.06
N ILE V 280 -0.64 68.71 37.96
CA ILE V 280 0.32 68.43 39.03
C ILE V 280 1.67 68.24 38.37
N VAL V 281 2.72 68.28 39.19
CA VAL V 281 4.09 68.24 38.71
C VAL V 281 4.83 67.13 39.43
N ALA V 282 5.31 66.15 38.68
CA ALA V 282 6.16 65.10 39.21
C ALA V 282 7.60 65.46 38.92
N ARG V 283 8.38 65.70 39.97
CA ARG V 283 9.74 66.20 39.82
C ARG V 283 10.60 65.20 39.06
N ASN V 284 10.79 64.02 39.63
CA ASN V 284 11.59 62.97 39.00
C ASN V 284 11.15 61.66 39.62
N PHE V 285 10.67 60.73 38.81
CA PHE V 285 10.04 59.54 39.36
C PHE V 285 10.25 58.35 38.43
N ASP V 286 10.09 57.17 39.00
CA ASP V 286 10.16 55.91 38.29
C ASP V 286 8.94 55.03 38.49
N THR V 287 8.08 55.35 39.46
CA THR V 287 6.82 54.63 39.62
C THR V 287 5.74 55.60 40.03
N ILE V 288 4.51 55.28 39.64
CA ILE V 288 3.31 56.03 40.00
C ILE V 288 2.45 55.11 40.85
N ARG V 289 2.16 55.52 42.07
CA ARG V 289 1.31 54.76 42.98
C ARG V 289 0.03 55.55 43.22
N LEU V 290 -1.09 54.98 42.80
CA LEU V 290 -2.40 55.58 42.99
C LEU V 290 -3.13 54.76 44.04
N SER V 291 -3.46 55.37 45.17
CA SER V 291 -4.24 54.69 46.20
C SER V 291 -5.47 55.53 46.47
N PHE V 292 -6.64 55.01 46.08
CA PHE V 292 -7.89 55.72 46.25
C PHE V 292 -8.83 54.83 47.04
N GLN V 293 -10.00 55.36 47.37
CA GLN V 293 -10.92 54.68 48.25
C GLN V 293 -12.34 54.81 47.75
N LEU V 294 -13.09 53.72 47.87
CA LEU V 294 -14.52 53.71 47.66
C LEU V 294 -15.19 53.70 49.02
N MET V 295 -15.81 54.80 49.38
CA MET V 295 -16.54 54.93 50.64
C MET V 295 -18.04 54.87 50.35
N ARG V 296 -18.75 54.01 51.05
CA ARG V 296 -20.19 54.01 50.91
C ARG V 296 -20.73 55.36 51.35
N PRO V 297 -21.67 55.98 50.63
CA PRO V 297 -22.23 57.24 51.10
C PRO V 297 -22.97 57.03 52.41
N PRO V 298 -22.66 57.81 53.47
CA PRO V 298 -23.45 57.67 54.69
C PRO V 298 -24.93 57.95 54.46
N ASN V 299 -25.23 59.14 53.97
CA ASN V 299 -26.60 59.58 53.75
C ASN V 299 -26.98 59.33 52.30
N MET V 300 -27.88 58.38 52.08
CA MET V 300 -28.29 57.98 50.73
C MET V 300 -29.73 58.41 50.49
N THR V 301 -29.93 59.17 49.42
CA THR V 301 -31.26 59.42 48.92
C THR V 301 -31.88 58.07 48.55
N PRO V 302 -33.22 57.91 48.67
CA PRO V 302 -33.80 56.59 48.43
C PRO V 302 -33.50 55.99 47.07
N ALA V 303 -33.25 56.79 46.03
CA ALA V 303 -32.91 56.19 44.75
C ALA V 303 -31.59 55.42 44.82
N VAL V 304 -30.53 56.07 45.31
CA VAL V 304 -29.26 55.37 45.45
C VAL V 304 -29.36 54.27 46.51
N ASN V 305 -30.22 54.46 47.51
CA ASN V 305 -30.47 53.41 48.47
C ASN V 305 -31.00 52.16 47.77
N ALA V 306 -31.98 52.33 46.88
CA ALA V 306 -32.50 51.21 46.13
C ALA V 306 -31.43 50.62 45.21
N LEU V 307 -30.50 51.46 44.74
CA LEU V 307 -29.44 50.93 43.89
C LEU V 307 -28.51 50.01 44.65
N PHE V 308 -28.20 50.34 45.91
CA PHE V 308 -27.26 49.58 46.72
C PHE V 308 -27.98 48.82 47.84
N PRO V 309 -28.44 47.59 47.60
CA PRO V 309 -29.13 46.84 48.66
C PRO V 309 -28.13 46.06 49.51
N GLN V 310 -28.64 45.54 50.62
CA GLN V 310 -27.84 44.70 51.51
C GLN V 310 -27.86 43.24 51.11
N ALA V 311 -28.79 42.82 50.27
CA ALA V 311 -28.92 41.42 49.89
C ALA V 311 -27.82 41.06 48.90
N GLN V 312 -27.90 39.88 48.32
CA GLN V 312 -26.86 39.35 47.44
C GLN V 312 -26.88 39.85 46.01
N PRO V 313 -28.06 40.01 45.34
CA PRO V 313 -28.06 40.23 43.87
C PRO V 313 -27.12 41.29 43.33
N PHE V 314 -27.23 42.53 43.80
CA PHE V 314 -26.34 43.63 43.38
C PHE V 314 -26.41 43.84 41.86
N GLN V 315 -27.59 44.28 41.40
CA GLN V 315 -27.76 44.56 39.98
C GLN V 315 -26.95 45.78 39.52
N HIS V 316 -26.40 46.57 40.42
CA HIS V 316 -25.55 47.72 40.10
C HIS V 316 -24.29 47.63 40.93
N HIS V 317 -23.16 48.05 40.37
CA HIS V 317 -21.86 47.79 40.97
C HIS V 317 -21.10 49.10 41.13
N ALA V 318 -20.70 49.43 42.35
CA ALA V 318 -20.08 50.72 42.59
C ALA V 318 -18.66 50.73 42.03
N THR V 319 -18.24 51.89 41.53
CA THR V 319 -16.94 52.02 40.89
C THR V 319 -16.40 53.41 41.18
N VAL V 320 -15.09 53.50 41.38
CA VAL V 320 -14.42 54.78 41.55
C VAL V 320 -13.14 54.74 40.72
N GLY V 321 -12.89 55.78 39.94
CA GLY V 321 -11.82 55.76 38.97
C GLY V 321 -10.94 56.98 39.05
N LEU V 322 -9.74 56.82 38.50
CA LEU V 322 -8.77 57.89 38.31
C LEU V 322 -8.23 57.79 36.90
N THR V 323 -7.94 58.95 36.31
CA THR V 323 -7.29 59.02 35.01
C THR V 323 -6.11 59.99 35.13
N LEU V 324 -4.98 59.60 34.57
CA LEU V 324 -3.71 60.29 34.76
C LEU V 324 -3.02 60.38 33.41
N ARG V 325 -2.83 61.60 32.90
CA ARG V 325 -2.22 61.84 31.61
C ARG V 325 -0.86 62.48 31.83
N ILE V 326 0.18 61.86 31.27
CA ILE V 326 1.52 62.44 31.35
C ILE V 326 1.67 63.43 30.20
N GLU V 327 1.31 64.70 30.45
CA GLU V 327 1.17 65.64 29.34
C GLU V 327 2.50 65.91 28.65
N SER V 328 3.58 66.09 29.41
CA SER V 328 4.88 66.38 28.82
C SER V 328 5.94 66.17 29.88
N ALA V 329 7.02 65.49 29.51
CA ALA V 329 8.03 65.05 30.46
C ALA V 329 9.41 65.22 29.86
N VAL V 330 10.42 64.84 30.65
CA VAL V 330 11.82 64.83 30.22
C VAL V 330 12.41 63.50 30.63
N CYS V 331 13.20 62.89 29.74
CA CYS V 331 13.71 61.54 29.95
C CYS V 331 15.16 61.46 29.53
N GLU V 332 15.97 60.75 30.34
CA GLU V 332 17.34 60.48 29.94
C GLU V 332 17.38 59.62 28.68
N SER V 333 16.55 58.59 28.63
CA SER V 333 16.52 57.68 27.49
C SER V 333 15.69 58.33 26.38
N VAL V 334 15.41 57.57 25.32
CA VAL V 334 14.67 58.04 24.16
C VAL V 334 13.40 57.22 24.04
N LEU V 335 12.30 57.90 23.73
CA LEU V 335 10.98 57.29 23.67
C LEU V 335 10.23 57.83 22.47
N ALA V 336 9.22 57.08 22.03
CA ALA V 336 8.32 57.59 21.03
C ALA V 336 7.38 58.62 21.64
N ASP V 337 6.86 59.50 20.80
CA ASP V 337 6.16 60.69 21.26
C ASP V 337 4.99 60.95 20.33
N ALA V 338 4.44 62.15 20.43
CA ALA V 338 3.50 62.69 19.45
C ALA V 338 4.13 63.82 18.64
N ASN V 339 4.76 64.79 19.31
CA ASN V 339 5.41 65.88 18.59
C ASN V 339 6.51 65.37 17.67
N GLU V 340 7.13 64.25 18.02
CA GLU V 340 8.19 63.66 17.22
C GLU V 340 7.61 62.63 16.25
N THR V 341 8.46 62.20 15.30
CA THR V 341 8.06 61.25 14.28
C THR V 341 9.16 60.22 13.99
N LEU V 342 10.06 59.99 14.94
CA LEU V 342 11.27 59.24 14.64
C LEU V 342 11.01 57.75 14.57
N LEU V 343 10.20 57.22 15.49
CA LEU V 343 9.78 55.83 15.39
C LEU V 343 9.05 55.59 14.09
N ALA V 344 8.19 56.54 13.71
CA ALA V 344 7.48 56.42 12.44
C ALA V 344 8.47 56.34 11.28
N ASN V 345 9.48 57.21 11.27
CA ASN V 345 10.46 57.19 10.19
C ASN V 345 11.20 55.86 10.12
N VAL V 346 11.69 55.40 11.27
CA VAL V 346 12.50 54.17 11.28
C VAL V 346 11.66 52.98 10.87
N THR V 347 10.45 52.86 11.42
CA THR V 347 9.59 51.74 11.08
C THR V 347 9.19 51.79 9.61
N ALA V 348 8.97 52.98 9.07
CA ALA V 348 8.67 53.09 7.64
C ALA V 348 9.83 52.60 6.81
N VAL V 349 11.06 52.98 7.18
CA VAL V 349 12.21 52.56 6.39
C VAL V 349 12.37 51.04 6.44
N ARG V 350 12.10 50.44 7.59
CA ARG V 350 12.21 48.99 7.69
C ARG V 350 11.12 48.31 6.86
N GLN V 351 9.88 48.78 6.97
CA GLN V 351 8.78 48.13 6.26
C GLN V 351 8.91 48.28 4.76
N GLU V 352 9.40 49.43 4.30
CA GLU V 352 9.45 49.70 2.87
C GLU V 352 10.31 48.67 2.15
N TYR V 353 11.42 48.27 2.76
CA TYR V 353 12.38 47.37 2.15
C TYR V 353 12.34 45.95 2.73
N ALA V 354 11.46 45.69 3.69
CA ALA V 354 11.22 44.33 4.17
C ALA V 354 12.50 43.72 4.75
N ILE V 355 13.07 44.42 5.71
CA ILE V 355 14.30 43.94 6.36
C ILE V 355 13.94 42.74 7.23
N PRO V 356 14.73 41.67 7.26
CA PRO V 356 14.44 40.58 8.20
C PRO V 356 14.49 41.08 9.63
N VAL V 357 13.69 40.45 10.48
CA VAL V 357 13.65 40.83 11.89
C VAL V 357 15.03 40.67 12.49
N GLY V 358 15.52 41.72 13.14
CA GLY V 358 16.88 41.74 13.62
C GLY V 358 17.04 40.99 14.93
N PRO V 359 18.24 41.07 15.52
CA PRO V 359 18.47 40.35 16.78
C PRO V 359 18.07 41.15 18.01
N VAL V 360 18.00 42.48 17.91
CA VAL V 360 17.71 43.33 19.07
C VAL V 360 16.26 43.79 19.10
N PHE V 361 15.72 44.31 17.96
CA PHE V 361 14.40 44.90 18.03
C PHE V 361 13.33 43.84 17.80
N PRO V 362 12.11 44.03 18.31
CA PRO V 362 11.06 43.03 18.08
C PRO V 362 10.66 43.00 16.62
N PRO V 363 9.81 42.07 16.22
CA PRO V 363 9.35 42.04 14.82
C PRO V 363 8.52 43.28 14.50
N GLY V 364 8.82 43.89 13.36
CA GLY V 364 8.04 45.05 12.94
C GLY V 364 8.16 46.25 13.84
N MET V 365 9.16 46.28 14.71
CA MET V 365 9.38 47.40 15.63
C MET V 365 8.11 47.69 16.44
N ASN V 366 7.54 46.64 17.01
CA ASN V 366 6.34 46.78 17.83
C ASN V 366 6.70 47.53 19.10
N TRP V 367 6.16 48.74 19.24
CA TRP V 367 6.61 49.60 20.32
C TRP V 367 6.22 49.07 21.69
N THR V 368 5.06 48.42 21.80
CA THR V 368 4.64 47.92 23.11
C THR V 368 5.63 46.89 23.62
N GLU V 369 6.03 45.96 22.75
CA GLU V 369 7.08 45.01 23.13
C GLU V 369 8.40 45.72 23.39
N LEU V 370 8.73 46.71 22.55
CA LEU V 370 10.03 47.34 22.63
C LEU V 370 10.20 48.08 23.95
N ILE V 371 9.12 48.68 24.45
CA ILE V 371 9.19 49.38 25.73
C ILE V 371 8.96 48.42 26.89
N THR V 372 8.20 47.35 26.70
CA THR V 372 8.02 46.38 27.78
C THR V 372 9.34 45.72 28.14
N ASN V 373 10.13 45.36 27.14
CA ASN V 373 11.48 44.84 27.33
C ASN V 373 12.44 45.84 26.69
N TYR V 374 13.16 46.60 27.52
CA TYR V 374 13.89 47.78 27.11
C TYR V 374 15.32 47.75 27.64
N SER V 375 16.01 46.64 27.38
CA SER V 375 17.35 46.42 27.89
C SER V 375 18.31 47.53 27.44
N PRO V 376 19.48 47.62 28.05
CA PRO V 376 20.45 48.66 27.63
C PRO V 376 20.87 48.54 26.17
N SER V 377 21.04 47.32 25.66
CA SER V 377 21.40 47.15 24.26
C SER V 377 20.31 47.69 23.35
N ARG V 378 19.06 47.34 23.66
CA ARG V 378 17.94 47.84 22.88
C ARG V 378 17.86 49.36 22.95
N GLU V 379 18.10 49.93 24.13
CA GLU V 379 18.09 51.38 24.26
C GLU V 379 19.18 52.02 23.40
N ASP V 380 20.38 51.46 23.43
CA ASP V 380 21.48 52.02 22.64
C ASP V 380 21.14 51.99 21.16
N ASN V 381 20.65 50.85 20.68
CA ASN V 381 20.33 50.74 19.26
C ASN V 381 19.18 51.68 18.90
N LEU V 382 18.19 51.80 19.79
CA LEU V 382 17.08 52.69 19.52
C LEU V 382 17.54 54.13 19.43
N GLN V 383 18.44 54.54 20.33
CA GLN V 383 18.96 55.90 20.27
C GLN V 383 19.73 56.13 18.99
N ARG V 384 20.53 55.15 18.57
CA ARG V 384 21.30 55.30 17.34
C ARG V 384 20.37 55.48 16.14
N VAL V 385 19.37 54.60 16.00
CA VAL V 385 18.49 54.71 14.85
C VAL V 385 17.66 55.98 14.92
N PHE V 386 17.25 56.40 16.12
CA PHE V 386 16.49 57.65 16.23
C PHE V 386 17.32 58.84 15.81
N THR V 387 18.57 58.92 16.25
CA THR V 387 19.36 60.08 15.86
C THR V 387 19.65 60.07 14.36
N VAL V 388 19.88 58.89 13.79
CA VAL V 388 20.08 58.82 12.35
C VAL V 388 18.82 59.25 11.61
N ALA V 389 17.66 58.83 12.11
CA ALA V 389 16.41 59.22 11.48
C ALA V 389 16.17 60.72 11.58
N SER V 390 16.55 61.33 12.70
CA SER V 390 16.43 62.78 12.82
C SER V 390 17.36 63.48 11.83
N ILE V 391 18.58 62.97 11.69
CA ILE V 391 19.52 63.56 10.73
C ILE V 391 18.95 63.46 9.33
N ARG V 392 18.29 62.35 9.02
CA ARG V 392 17.66 62.22 7.70
C ARG V 392 16.51 63.20 7.56
N SER V 393 15.65 63.30 8.58
CA SER V 393 14.50 64.17 8.52
C SER V 393 14.90 65.63 8.42
N MET V 394 16.15 65.97 8.76
CA MET V 394 16.61 67.34 8.55
C MET V 394 16.58 67.74 7.08
N LEU V 395 16.54 66.79 6.15
CA LEU V 395 16.48 67.07 4.72
C LEU V 395 15.31 66.41 4.02
N ILE V 396 14.99 65.17 4.37
CA ILE V 396 14.00 64.36 3.67
C ILE V 396 12.71 64.36 4.49
N LYS V 397 11.66 64.94 3.93
CA LYS V 397 10.38 65.03 4.62
C LYS V 397 9.25 64.54 3.72
N MET W 1 38.62 64.83 39.30
CA MET W 1 38.90 63.64 40.14
C MET W 1 40.21 62.98 39.77
N GLU W 2 40.55 63.04 38.48
CA GLU W 2 41.84 62.53 38.04
C GLU W 2 42.97 63.28 38.74
N VAL W 3 42.81 64.59 38.91
CA VAL W 3 43.79 65.36 39.66
C VAL W 3 43.86 64.89 41.09
N LEU W 4 42.72 64.55 41.70
CA LEU W 4 42.74 64.09 43.08
C LEU W 4 43.48 62.78 43.22
N TYR W 5 43.22 61.83 42.32
CA TYR W 5 43.97 60.57 42.33
C TYR W 5 45.45 60.85 42.15
N SER W 6 45.79 61.79 41.26
CA SER W 6 47.19 62.12 41.04
C SER W 6 47.82 62.65 42.31
N LEU W 7 47.11 63.52 43.02
CA LEU W 7 47.60 64.05 44.29
C LEU W 7 47.89 62.92 45.26
N SER W 8 46.93 62.01 45.41
CA SER W 8 47.13 60.91 46.34
C SER W 8 48.30 60.03 45.91
N LYS W 9 48.41 59.75 44.62
CA LYS W 9 49.47 58.88 44.13
C LYS W 9 50.83 59.50 44.38
N THR W 10 50.98 60.80 44.08
CA THR W 10 52.29 61.40 44.26
C THR W 10 52.63 61.55 45.74
N LEU W 11 51.63 61.73 46.62
CA LEU W 11 51.95 61.75 48.05
C LEU W 11 52.32 60.38 48.58
N LYS W 12 51.60 59.33 48.15
CA LYS W 12 52.00 57.98 48.55
C LYS W 12 53.41 57.68 48.08
N ASP W 13 53.72 58.06 46.85
CA ASP W 13 55.07 57.86 46.33
C ASP W 13 56.08 58.68 47.12
N ALA W 14 55.75 59.91 47.48
CA ALA W 14 56.70 60.72 48.25
C ALA W 14 56.98 60.08 49.60
N ARG W 15 55.95 59.56 50.26
CA ARG W 15 56.16 58.90 51.54
C ARG W 15 56.97 57.62 51.37
N ASP W 16 56.81 56.92 50.24
CA ASP W 16 57.47 55.64 50.06
C ASP W 16 58.93 55.80 49.64
N LYS W 17 59.20 56.66 48.66
CA LYS W 17 60.51 56.73 48.04
C LYS W 17 61.43 57.73 48.72
N ILE W 18 60.94 58.90 49.10
CA ILE W 18 61.81 59.90 49.71
C ILE W 18 62.09 59.44 51.14
N VAL W 19 63.22 58.75 51.33
CA VAL W 19 63.62 58.21 52.61
C VAL W 19 65.09 58.54 52.84
N GLU W 20 65.51 58.44 54.09
CA GLU W 20 66.88 58.78 54.43
C GLU W 20 67.85 57.82 53.75
N GLY W 21 68.84 58.38 53.07
CA GLY W 21 69.93 57.61 52.50
C GLY W 21 69.75 57.22 51.05
N THR W 22 68.54 57.29 50.51
CA THR W 22 68.31 56.85 49.14
C THR W 22 68.98 57.78 48.15
N LEU W 23 69.33 57.22 47.00
CA LEU W 23 69.97 58.01 45.95
C LEU W 23 69.02 59.06 45.42
N TYR W 24 69.59 60.17 44.94
CA TYR W 24 68.75 61.18 44.31
C TYR W 24 68.15 60.64 43.01
N SER W 25 68.94 59.90 42.24
CA SER W 25 68.44 59.33 40.99
C SER W 25 67.26 58.40 41.21
N ASN W 26 67.11 57.85 42.41
CA ASN W 26 65.96 57.01 42.69
C ASN W 26 64.66 57.80 42.72
N VAL W 27 64.73 59.10 43.01
CA VAL W 27 63.53 59.92 43.18
C VAL W 27 63.62 61.22 42.37
N SER W 28 64.47 61.26 41.36
CA SER W 28 64.56 62.48 40.55
C SER W 28 63.24 62.82 39.88
N ASP W 29 62.63 61.84 39.20
CA ASP W 29 61.37 62.10 38.53
C ASP W 29 60.27 62.45 39.53
N LEU W 30 60.28 61.79 40.69
CA LEU W 30 59.26 62.10 41.68
C LEU W 30 59.49 63.47 42.30
N ILE W 31 60.74 63.91 42.41
CA ILE W 31 61.00 65.26 42.86
C ILE W 31 60.47 66.26 41.84
N GLN W 32 60.65 65.97 40.55
CA GLN W 32 60.09 66.85 39.53
C GLN W 32 58.56 66.92 39.64
N GLN W 33 57.92 65.77 39.79
CA GLN W 33 56.47 65.74 39.91
C GLN W 33 56.01 66.47 41.17
N PHE W 34 56.68 66.22 42.30
CA PHE W 34 56.30 66.85 43.55
C PHE W 34 56.46 68.36 43.47
N ASN W 35 57.54 68.83 42.84
CA ASN W 35 57.74 70.26 42.69
C ASN W 35 56.69 70.87 41.78
N GLN W 36 56.32 70.17 40.71
CA GLN W 36 55.25 70.69 39.85
C GLN W 36 53.96 70.83 40.63
N MET W 37 53.64 69.82 41.43
CA MET W 37 52.46 69.89 42.30
C MET W 37 52.55 71.08 43.24
N ILE W 38 53.73 71.28 43.83
CA ILE W 38 53.90 72.35 44.83
C ILE W 38 53.69 73.70 44.18
N VAL W 39 54.37 73.94 43.05
CA VAL W 39 54.25 75.25 42.40
C VAL W 39 52.82 75.46 41.91
N THR W 40 52.14 74.40 41.51
CA THR W 40 50.73 74.55 41.15
C THR W 40 49.90 74.98 42.35
N MET W 41 50.15 74.38 43.51
CA MET W 41 49.29 74.63 44.67
C MET W 41 49.66 75.86 45.47
N ASN W 42 50.83 76.45 45.26
CA ASN W 42 51.19 77.65 46.04
C ASN W 42 50.22 78.78 45.76
N GLY W 43 49.93 79.57 46.80
CA GLY W 43 49.06 80.72 46.69
C GLY W 43 47.59 80.40 46.77
N ASN W 44 47.18 79.23 46.26
CA ASN W 44 45.79 78.86 46.24
C ASN W 44 45.27 78.64 47.66
N ASP W 45 43.96 78.51 47.77
CA ASP W 45 43.31 78.28 49.06
C ASP W 45 42.08 77.44 48.82
N PHE W 46 41.86 76.46 49.69
CA PHE W 46 40.72 75.56 49.59
C PHE W 46 39.97 75.57 50.92
N GLN W 47 38.73 75.11 50.87
CA GLN W 47 37.91 74.99 52.06
C GLN W 47 37.12 73.69 51.96
N THR W 48 37.03 72.98 53.07
CA THR W 48 36.34 71.69 53.12
C THR W 48 35.47 71.65 54.35
N GLY W 49 34.60 70.66 54.40
CA GLY W 49 33.69 70.49 55.52
C GLY W 49 32.37 71.17 55.29
N GLY W 50 31.61 71.31 56.37
CA GLY W 50 30.37 72.04 56.35
C GLY W 50 29.12 71.23 56.06
N ILE W 51 29.19 69.91 56.17
CA ILE W 51 28.02 69.05 56.04
C ILE W 51 28.01 68.09 57.23
N GLY W 52 26.88 67.99 57.91
CA GLY W 52 26.82 67.18 59.09
C GLY W 52 27.71 67.76 60.18
N ASN W 53 28.28 66.86 60.99
CA ASN W 53 29.23 67.24 62.02
C ASN W 53 30.63 67.43 61.50
N LEU W 54 30.86 67.24 60.20
CA LEU W 54 32.21 67.34 59.67
C LEU W 54 32.72 68.77 59.82
N PRO W 55 33.93 68.99 60.34
CA PRO W 55 34.35 70.35 60.65
C PRO W 55 34.76 71.12 59.41
N ILE W 56 34.48 72.41 59.42
CA ILE W 56 34.87 73.29 58.33
C ILE W 56 36.34 73.67 58.53
N ARG W 57 37.16 73.42 57.50
CA ARG W 57 38.60 73.59 57.58
C ARG W 57 39.08 74.36 56.36
N ASN W 58 40.08 75.23 56.58
CA ASN W 58 40.69 76.04 55.55
C ASN W 58 42.10 75.56 55.28
N TRP W 59 42.45 75.44 54.01
CA TRP W 59 43.74 74.91 53.57
C TRP W 59 44.47 75.98 52.77
N THR W 60 45.61 76.42 53.28
CA THR W 60 46.46 77.39 52.63
C THR W 60 47.82 76.77 52.37
N PHE W 61 48.34 76.94 51.16
CA PHE W 61 49.58 76.32 50.73
C PHE W 61 50.61 77.40 50.43
N ASP W 62 51.70 77.40 51.18
CA ASP W 62 52.92 78.14 50.82
C ASP W 62 54.09 77.26 51.29
N PHE W 63 54.53 76.36 50.41
CA PHE W 63 55.54 75.37 50.71
C PHE W 63 56.72 75.57 49.77
N GLY W 64 57.92 75.58 50.33
CA GLY W 64 59.11 75.63 49.50
C GLY W 64 59.27 74.36 48.70
N LEU W 65 59.93 74.49 47.55
CA LEU W 65 60.19 73.32 46.71
C LEU W 65 61.23 72.43 47.37
N LEU W 66 61.42 71.24 46.80
CA LEU W 66 62.40 70.28 47.28
C LEU W 66 63.69 70.43 46.50
N GLY W 67 64.81 70.42 47.20
CA GLY W 67 66.10 70.61 46.56
C GLY W 67 66.45 69.47 45.61
N THR W 68 67.45 69.74 44.77
CA THR W 68 67.88 68.79 43.76
C THR W 68 69.39 68.65 43.64
N THR W 69 70.18 69.38 44.41
CA THR W 69 71.64 69.33 44.32
C THR W 69 72.25 68.32 45.27
N LEU W 70 71.46 67.59 46.04
CA LEU W 70 71.97 66.57 46.95
C LEU W 70 72.02 65.25 46.21
N LEU W 71 73.21 64.66 46.13
CA LEU W 71 73.37 63.40 45.40
C LEU W 71 72.93 62.19 46.21
N ASN W 72 72.59 62.36 47.48
CA ASN W 72 72.08 61.26 48.29
C ASN W 72 71.28 61.84 49.44
N LEU W 73 70.02 61.44 49.55
CA LEU W 73 69.12 62.03 50.53
C LEU W 73 69.62 61.76 51.94
N ASP W 74 69.33 62.70 52.84
CA ASP W 74 69.79 62.64 54.23
C ASP W 74 68.67 63.10 55.15
N ALA W 75 68.94 63.02 56.45
CA ALA W 75 67.91 63.33 57.44
C ALA W 75 67.48 64.79 57.37
N ASN W 76 68.40 65.69 57.07
CA ASN W 76 68.10 67.12 57.05
C ASN W 76 67.22 67.53 55.88
N TYR W 77 66.87 66.58 55.00
CA TYR W 77 66.03 66.80 53.82
C TYR W 77 64.66 66.17 53.99
N VAL W 78 64.63 64.89 54.39
CA VAL W 78 63.39 64.17 54.53
C VAL W 78 62.51 64.77 55.61
N GLU W 79 63.06 65.51 56.57
CA GLU W 79 62.22 66.17 57.57
C GLU W 79 61.32 67.21 56.93
N THR W 80 61.89 68.11 56.13
CA THR W 80 61.09 69.10 55.42
C THR W 80 60.14 68.43 54.44
N ALA W 81 60.65 67.44 53.70
CA ALA W 81 59.76 66.71 52.80
C ALA W 81 58.62 66.06 53.55
N ARG W 82 58.87 65.61 54.79
CA ARG W 82 57.83 64.95 55.56
C ARG W 82 56.78 65.93 56.04
N THR W 83 57.19 67.13 56.46
CA THR W 83 56.20 68.12 56.84
C THR W 83 55.28 68.43 55.66
N THR W 84 55.88 68.63 54.48
CA THR W 84 55.04 68.87 53.30
C THR W 84 54.14 67.68 53.03
N ILE W 85 54.67 66.46 53.13
CA ILE W 85 53.92 65.26 52.81
C ILE W 85 52.74 65.10 53.75
N GLU W 86 52.96 65.30 55.06
CA GLU W 86 51.87 65.06 56.01
C GLU W 86 50.81 66.13 55.89
N TYR W 87 51.20 67.39 55.67
CA TYR W 87 50.18 68.42 55.46
C TYR W 87 49.32 68.10 54.26
N PHE W 88 49.96 67.74 53.14
CA PHE W 88 49.20 67.42 51.94
C PHE W 88 48.34 66.19 52.14
N ILE W 89 48.84 65.19 52.87
CA ILE W 89 48.07 63.97 53.08
C ILE W 89 46.82 64.27 53.89
N ASP W 90 46.95 65.10 54.92
CA ASP W 90 45.77 65.51 55.67
C ASP W 90 44.79 66.26 54.78
N PHE W 91 45.30 67.11 53.90
CA PHE W 91 44.42 67.84 52.99
C PHE W 91 43.66 66.87 52.09
N ILE W 92 44.35 65.88 51.53
CA ILE W 92 43.70 64.95 50.63
C ILE W 92 42.71 64.07 51.38
N ASP W 93 43.02 63.71 52.63
CA ASP W 93 42.06 62.94 53.42
C ASP W 93 40.78 63.73 53.65
N ASN W 94 40.91 65.00 54.00
CA ASN W 94 39.73 65.81 54.21
C ASN W 94 38.95 66.00 52.92
N VAL W 95 39.64 66.19 51.79
CA VAL W 95 38.96 66.30 50.51
C VAL W 95 38.19 65.02 50.21
N CYS W 96 38.82 63.87 50.45
CA CYS W 96 38.16 62.60 50.18
C CYS W 96 36.93 62.43 51.05
N MET W 97 37.02 62.75 52.33
CA MET W 97 35.85 62.61 53.21
C MET W 97 34.73 63.55 52.76
N ASP W 98 35.07 64.80 52.44
CA ASP W 98 34.04 65.75 52.02
C ASP W 98 33.40 65.31 50.71
N GLU W 99 34.15 64.66 49.84
CA GLU W 99 33.58 64.19 48.58
C GLU W 99 32.72 62.96 48.80
N MET W 100 33.10 62.07 49.71
CA MET W 100 32.33 60.88 49.95
C MET W 100 31.01 61.19 50.64
N VAL W 101 30.99 62.20 51.50
CA VAL W 101 29.76 62.50 52.25
C VAL W 101 28.70 63.20 51.41
N ARG W 102 29.04 63.75 50.26
CA ARG W 102 28.12 64.54 49.45
C ARG W 102 27.59 63.72 48.28
N GLU W 103 26.37 64.03 47.86
CA GLU W 103 25.67 63.28 46.82
C GLU W 103 25.01 64.25 45.85
N SER W 104 24.39 63.70 44.82
CA SER W 104 23.56 64.48 43.90
C SER W 104 22.74 63.58 43.00
N GLN W 105 21.44 63.83 42.91
CA GLN W 105 20.60 63.03 42.03
C GLN W 105 20.96 63.27 40.56
N ARG W 106 21.21 64.51 40.19
CA ARG W 106 21.45 64.89 38.80
C ARG W 106 22.94 65.10 38.58
N ASN W 107 23.48 64.42 37.57
CA ASN W 107 24.89 64.53 37.22
C ASN W 107 25.76 64.04 38.36
N GLY W 108 25.50 62.80 38.77
CA GLY W 108 26.19 62.23 39.92
C GLY W 108 27.68 62.07 39.71
N VAL W 109 28.11 61.80 38.48
CA VAL W 109 29.52 61.60 38.20
C VAL W 109 30.30 62.89 38.44
N ALA W 110 29.69 64.03 38.15
CA ALA W 110 30.40 65.29 38.29
C ALA W 110 30.74 65.54 39.75
N PRO W 111 31.87 66.16 40.06
CA PRO W 111 32.30 66.27 41.46
C PRO W 111 31.45 67.23 42.26
N GLN W 112 31.43 66.99 43.56
CA GLN W 112 30.90 67.87 44.60
C GLN W 112 32.09 68.26 45.47
N SER W 113 31.84 68.82 46.65
CA SER W 113 32.94 69.22 47.51
C SER W 113 33.76 70.31 46.81
N GLU W 114 33.25 71.53 46.86
CA GLU W 114 33.81 72.67 46.12
C GLU W 114 35.33 72.76 46.18
N ALA W 115 35.97 72.22 47.21
CA ALA W 115 37.41 72.00 47.14
C ALA W 115 37.77 71.11 45.95
N LEU W 116 37.11 69.96 45.83
CA LEU W 116 37.37 69.09 44.68
C LEU W 116 36.91 69.75 43.38
N ARG W 117 35.82 70.50 43.44
CA ARG W 117 35.36 71.20 42.24
C ARG W 117 36.41 72.19 41.77
N LYS W 118 37.05 72.91 42.69
CA LYS W 118 38.17 73.77 42.35
C LYS W 118 39.34 72.96 41.80
N LEU W 119 39.61 71.81 42.40
CA LEU W 119 40.70 70.96 41.90
C LEU W 119 40.45 70.53 40.46
N ALA W 120 39.19 70.46 40.04
CA ALA W 120 38.85 70.03 38.70
C ALA W 120 38.95 71.16 37.66
N GLY W 121 39.69 72.22 37.94
CA GLY W 121 39.81 73.36 37.04
C GLY W 121 40.87 73.16 35.98
N ILE W 122 41.39 74.29 35.49
CA ILE W 122 42.38 74.28 34.40
C ILE W 122 43.77 74.49 34.97
N LYS W 123 43.86 75.25 36.05
CA LYS W 123 45.16 75.51 36.67
C LYS W 123 45.70 74.28 37.40
N PHE W 124 44.90 73.24 37.58
CA PHE W 124 45.30 72.02 38.27
C PHE W 124 45.46 70.84 37.34
N LYS W 125 45.65 71.08 36.04
CA LYS W 125 45.81 69.98 35.09
C LYS W 125 47.26 69.59 34.86
N ARG W 126 48.22 70.34 35.40
CA ARG W 126 49.62 69.92 35.36
C ARG W 126 49.96 68.85 36.38
N ILE W 127 48.97 68.32 37.11
CA ILE W 127 49.22 67.39 38.21
C ILE W 127 48.90 65.95 37.84
N ASN W 128 48.16 65.71 36.76
CA ASN W 128 47.78 64.34 36.40
C ASN W 128 49.02 63.48 36.21
N PHE W 129 49.22 62.50 37.08
CA PHE W 129 50.48 61.77 37.19
C PHE W 129 50.48 60.48 36.40
N ASN W 130 49.62 59.54 36.79
CA ASN W 130 49.35 58.32 36.03
C ASN W 130 48.19 57.62 36.71
N ASN W 131 47.30 57.06 35.91
CA ASN W 131 46.07 56.44 36.41
C ASN W 131 46.24 54.94 36.30
N SER W 132 46.87 54.36 37.32
CA SER W 132 47.25 52.96 37.32
C SER W 132 46.37 52.07 38.19
N SER W 133 45.81 52.59 39.26
CA SER W 133 44.95 51.78 40.11
C SER W 133 43.70 51.37 39.34
N GLU W 134 43.12 50.24 39.74
CA GLU W 134 41.99 49.69 38.99
C GLU W 134 40.83 50.66 38.96
N TYR W 135 40.52 51.30 40.08
CA TYR W 135 39.32 52.12 40.15
C TYR W 135 39.45 53.38 39.30
N ILE W 136 40.60 54.06 39.35
CA ILE W 136 40.77 55.22 38.49
C ILE W 136 40.86 54.80 37.04
N GLU W 137 41.44 53.64 36.76
CA GLU W 137 41.49 53.14 35.39
C GLU W 137 40.09 52.98 34.83
N ASN W 138 39.21 52.34 35.60
CA ASN W 138 37.82 52.20 35.17
C ASN W 138 37.12 53.55 35.10
N TRP W 139 37.48 54.48 35.99
CA TRP W 139 36.90 55.82 35.94
C TRP W 139 37.20 56.50 34.61
N ASN W 140 38.46 56.42 34.17
CA ASN W 140 38.82 57.02 32.89
C ASN W 140 38.19 56.26 31.73
N LEU W 141 38.22 54.93 31.79
CA LEU W 141 37.62 54.12 30.73
C LEU W 141 36.12 54.29 30.65
N GLN W 142 35.49 54.85 31.68
CA GLN W 142 34.08 55.23 31.61
C GLN W 142 33.88 56.68 31.21
N ASN W 143 34.78 57.58 31.61
CA ASN W 143 34.66 58.98 31.20
C ASN W 143 34.82 59.12 29.69
N ARG W 144 35.72 58.36 29.08
CA ARG W 144 35.66 58.10 27.65
C ARG W 144 35.11 56.70 27.48
N ARG W 145 33.95 56.59 26.83
CA ARG W 145 33.17 55.36 26.90
C ARG W 145 33.93 54.17 26.34
N GLN W 146 34.31 53.25 27.22
CA GLN W 146 35.00 52.02 26.87
C GLN W 146 34.44 50.88 27.71
N ARG W 147 34.82 49.66 27.34
CA ARG W 147 34.40 48.48 28.07
C ARG W 147 35.12 48.46 29.41
N THR W 148 34.42 48.90 30.45
CA THR W 148 34.98 48.91 31.79
C THR W 148 34.84 47.52 32.43
N GLY W 149 35.56 47.31 33.52
CA GLY W 149 35.46 46.06 34.24
C GLY W 149 36.18 46.06 35.57
N PHE W 150 35.48 45.64 36.62
CA PHE W 150 36.06 45.45 37.94
C PHE W 150 36.03 43.96 38.26
N VAL W 151 37.14 43.44 38.76
CA VAL W 151 37.25 42.05 39.15
C VAL W 151 36.96 41.95 40.65
N PHE W 152 36.07 41.03 41.03
CA PHE W 152 35.58 40.89 42.39
C PHE W 152 35.80 39.47 42.88
N HIS W 153 36.14 39.35 44.16
CA HIS W 153 36.16 38.07 44.86
C HIS W 153 34.99 38.02 45.82
N LYS W 154 34.08 37.08 45.60
CA LYS W 154 32.83 37.01 46.35
C LYS W 154 32.11 38.34 46.27
N PRO W 155 31.55 38.71 45.11
CA PRO W 155 30.82 39.98 45.02
C PRO W 155 29.42 39.81 45.59
N ASN W 156 29.08 40.64 46.57
CA ASN W 156 27.76 40.57 47.18
C ASN W 156 26.76 41.21 46.22
N ILE W 157 26.43 40.44 45.18
CA ILE W 157 25.49 40.90 44.16
C ILE W 157 24.06 40.69 44.60
N PHE W 158 23.77 39.57 45.27
CA PHE W 158 22.40 39.22 45.61
C PHE W 158 21.96 39.98 46.85
N PRO W 159 20.86 40.74 46.82
CA PRO W 159 20.35 41.32 48.06
C PRO W 159 19.89 40.22 49.01
N TYR W 160 19.98 40.50 50.30
CA TYR W 160 19.58 39.50 51.29
C TYR W 160 18.10 39.19 51.16
N SER W 161 17.79 37.98 50.72
CA SER W 161 16.40 37.54 50.55
C SER W 161 16.30 36.12 51.07
N ALA W 162 15.72 35.96 52.25
CA ALA W 162 15.34 34.67 52.79
C ALA W 162 13.82 34.57 52.70
N SER W 163 13.33 33.61 51.92
CA SER W 163 11.90 33.56 51.63
C SER W 163 11.54 32.15 51.19
N PHE W 164 10.24 31.96 50.93
CA PHE W 164 9.75 30.68 50.47
C PHE W 164 8.44 30.89 49.72
N THR W 165 8.16 29.97 48.80
CA THR W 165 6.92 29.96 48.04
C THR W 165 6.28 28.59 48.15
N LEU W 166 4.95 28.57 48.16
CA LEU W 166 4.17 27.35 48.33
C LEU W 166 3.34 27.11 47.08
N ASN W 167 3.76 26.16 46.25
CA ASN W 167 2.94 25.74 45.13
C ASN W 167 1.80 24.82 45.54
N ARG W 168 1.80 24.35 46.79
CA ARG W 168 0.67 23.64 47.36
C ARG W 168 0.56 24.03 48.82
N SER W 169 -0.66 24.00 49.36
CA SER W 169 -0.85 24.45 50.72
C SER W 169 -2.22 24.05 51.23
N GLN W 170 -2.38 24.13 52.54
CA GLN W 170 -3.66 24.08 53.22
C GLN W 170 -3.58 25.05 54.37
N PRO W 171 -4.73 25.45 54.94
CA PRO W 171 -4.66 26.25 56.17
C PRO W 171 -3.97 25.53 57.30
N MET W 172 -4.01 24.20 57.32
CA MET W 172 -3.35 23.44 58.37
C MET W 172 -1.89 23.16 58.07
N HIS W 173 -1.42 23.46 56.85
CA HIS W 173 -0.03 23.29 56.47
C HIS W 173 0.48 21.90 56.81
N ASP W 174 -0.28 20.89 56.39
CA ASP W 174 0.03 19.50 56.67
C ASP W 174 0.65 18.78 55.48
N ASN W 175 0.30 19.17 54.26
CA ASN W 175 0.80 18.55 53.04
C ASN W 175 1.17 19.69 52.10
N LEU W 176 2.41 20.16 52.21
CA LEU W 176 2.89 21.30 51.44
C LEU W 176 3.77 20.83 50.29
N MET W 177 4.09 21.78 49.42
CA MET W 177 5.00 21.57 48.31
C MET W 177 5.43 22.93 47.84
N GLY W 178 6.73 23.14 47.67
CA GLY W 178 7.19 24.45 47.29
C GLY W 178 8.69 24.56 47.36
N THR W 179 9.16 25.79 47.49
CA THR W 179 10.58 26.09 47.46
C THR W 179 10.92 27.06 48.58
N MET W 180 12.14 26.96 49.08
CA MET W 180 12.70 27.91 50.03
C MET W 180 14.02 28.38 49.46
N TRP W 181 14.39 29.61 49.77
CA TRP W 181 15.66 30.11 49.25
C TRP W 181 16.22 31.18 50.16
N LEU W 182 17.54 31.19 50.24
CA LEU W 182 18.30 32.28 50.84
C LEU W 182 19.33 32.73 49.83
N ASN W 183 19.19 33.96 49.34
CA ASN W 183 20.20 34.63 48.54
C ASN W 183 20.87 35.65 49.46
N ALA W 184 22.19 35.58 49.58
CA ALA W 184 22.89 36.45 50.51
C ALA W 184 24.31 36.65 50.00
N GLY W 185 24.65 37.88 49.66
CA GLY W 185 25.99 38.13 49.12
C GLY W 185 26.19 37.32 47.87
N SER W 186 27.27 36.52 47.86
CA SER W 186 27.57 35.63 46.74
C SER W 186 27.02 34.23 46.93
N GLU W 187 26.25 33.98 47.99
CA GLU W 187 25.63 32.69 48.25
C GLU W 187 24.23 32.64 47.67
N ILE W 188 23.90 31.52 47.05
CA ILE W 188 22.52 31.11 46.82
C ILE W 188 22.35 29.74 47.45
N GLN W 189 21.24 29.55 48.15
CA GLN W 189 20.91 28.24 48.70
C GLN W 189 19.42 28.05 48.52
N VAL W 190 19.02 27.13 47.66
CA VAL W 190 17.61 26.89 47.36
C VAL W 190 17.30 25.44 47.71
N ALA W 191 16.08 25.18 48.15
CA ALA W 191 15.66 23.84 48.52
C ALA W 191 14.17 23.68 48.18
N GLY W 192 13.87 22.82 47.22
CA GLY W 192 12.51 22.45 46.93
C GLY W 192 12.10 21.28 47.78
N PHE W 193 10.93 21.40 48.41
CA PHE W 193 10.43 20.40 49.34
C PHE W 193 9.04 19.96 48.92
N ASP W 194 8.72 18.74 49.31
CA ASP W 194 7.43 18.12 49.02
C ASP W 194 7.10 17.23 50.20
N TYR W 195 5.99 17.52 50.88
CA TYR W 195 5.66 16.73 52.07
C TYR W 195 5.22 15.33 51.69
N SER W 196 4.54 15.19 50.56
CA SER W 196 4.07 13.88 50.10
C SER W 196 5.15 13.07 49.41
N CYS W 197 6.34 13.64 49.19
CA CYS W 197 7.46 12.93 48.59
C CYS W 197 7.14 12.51 47.15
N ALA W 198 6.49 13.38 46.41
CA ALA W 198 6.22 13.18 44.99
C ALA W 198 5.41 11.90 44.77
N LEU W 199 4.26 11.84 45.41
CA LEU W 199 3.39 10.68 45.31
C LEU W 199 2.45 10.79 44.12
N ASN W 200 1.67 11.85 44.06
CA ASN W 200 0.74 12.07 42.95
C ASN W 200 1.35 12.91 41.83
N ALA W 201 2.64 13.19 41.90
CA ALA W 201 3.29 13.90 40.82
C ALA W 201 3.33 13.03 39.56
N PRO W 202 3.49 13.64 38.39
CA PRO W 202 3.63 12.83 37.16
C PRO W 202 4.90 11.99 37.21
N ALA W 203 4.73 10.67 37.19
CA ALA W 203 5.85 9.72 37.18
C ALA W 203 6.69 9.83 38.44
N ASN W 204 6.09 10.25 39.55
CA ASN W 204 6.79 10.38 40.82
C ASN W 204 7.99 11.31 40.71
N ILE W 205 7.84 12.36 39.91
CA ILE W 205 8.88 13.35 39.68
C ILE W 205 8.24 14.73 39.86
N GLN W 206 8.73 15.49 40.83
CA GLN W 206 8.24 16.84 41.10
C GLN W 206 9.31 17.82 40.64
N GLN W 207 8.92 18.74 39.75
CA GLN W 207 9.86 19.73 39.26
C GLN W 207 10.04 20.84 40.29
N PHE W 208 11.18 21.53 40.20
CA PHE W 208 11.44 22.69 41.01
C PHE W 208 12.33 23.63 40.23
N GLU W 209 12.02 24.92 40.29
CA GLU W 209 12.77 25.92 39.55
C GLU W 209 12.97 27.13 40.45
N HIS W 210 14.05 27.87 40.18
CA HIS W 210 14.36 29.07 40.94
C HIS W 210 15.08 30.03 40.01
N ILE W 211 14.48 31.19 39.77
CA ILE W 211 15.02 32.21 38.88
C ILE W 211 15.59 33.32 39.74
N VAL W 212 16.87 33.62 39.53
CA VAL W 212 17.56 34.67 40.26
C VAL W 212 17.99 35.71 39.25
N GLN W 213 17.39 36.90 39.32
CA GLN W 213 17.66 37.98 38.38
C GLN W 213 18.75 38.85 38.97
N LEU W 214 19.99 38.67 38.51
CA LEU W 214 21.05 39.53 38.95
C LEU W 214 20.77 40.96 38.51
N ARG W 215 21.15 41.92 39.35
CA ARG W 215 20.88 43.30 39.02
C ARG W 215 21.74 43.78 37.87
N ARG W 216 23.03 43.42 37.88
CA ARG W 216 23.95 43.75 36.79
C ARG W 216 24.63 42.47 36.32
N ALA W 217 24.88 42.40 35.02
CA ALA W 217 25.45 41.19 34.42
C ALA W 217 26.89 41.00 34.87
N LEU W 218 27.21 39.79 35.32
CA LEU W 218 28.56 39.42 35.72
C LEU W 218 29.25 38.70 34.58
N THR W 219 30.52 39.04 34.35
CA THR W 219 31.30 38.47 33.26
C THR W 219 32.41 37.58 33.80
N THR W 220 32.67 36.49 33.08
CA THR W 220 33.71 35.50 33.40
C THR W 220 33.76 35.17 34.89
N ALA W 221 32.65 34.66 35.39
CA ALA W 221 32.52 34.34 36.81
C ALA W 221 32.77 32.86 37.03
N THR W 222 33.50 32.56 38.12
CA THR W 222 33.70 31.20 38.58
C THR W 222 32.67 30.91 39.66
N ILE W 223 32.01 29.76 39.56
CA ILE W 223 30.90 29.43 40.44
C ILE W 223 31.17 28.04 41.02
N THR W 224 30.70 27.84 42.25
CA THR W 224 30.79 26.56 42.93
C THR W 224 29.38 26.06 43.21
N LEU W 225 29.00 24.98 42.53
CA LEU W 225 27.65 24.43 42.64
C LEU W 225 27.71 23.08 43.31
N LEU W 226 27.09 22.98 44.48
CA LEU W 226 27.05 21.77 45.29
C LEU W 226 25.60 21.39 45.56
N PRO W 227 25.31 20.13 45.90
CA PRO W 227 23.94 19.76 46.26
C PRO W 227 23.68 19.91 47.74
N ASP W 228 22.44 19.69 48.16
CA ASP W 228 22.08 19.57 49.57
C ASP W 228 22.39 20.85 50.35
N ALA W 229 21.64 21.89 50.03
CA ALA W 229 21.73 23.15 50.76
C ALA W 229 21.60 22.92 52.27
N GLU W 230 22.55 23.49 53.02
CA GLU W 230 22.63 23.22 54.45
C GLU W 230 21.55 23.97 55.24
N ARG W 231 21.28 25.22 54.89
CA ARG W 231 20.38 26.02 55.71
C ARG W 231 18.95 25.51 55.69
N PHE W 232 18.59 24.69 54.71
CA PHE W 232 17.23 24.21 54.54
C PHE W 232 17.19 22.70 54.69
N SER W 233 17.94 22.22 55.69
CA SER W 233 18.24 20.80 55.85
C SER W 233 18.02 20.30 57.27
N PHE W 234 17.39 21.09 58.11
CA PHE W 234 17.14 20.78 59.51
C PHE W 234 15.72 21.17 59.90
N PRO W 235 15.15 20.55 60.93
CA PRO W 235 13.78 20.90 61.32
C PRO W 235 13.67 22.34 61.75
N ARG W 236 12.56 22.97 61.37
CA ARG W 236 12.34 24.37 61.71
C ARG W 236 10.87 24.69 61.54
N VAL W 237 10.39 25.63 62.34
CA VAL W 237 9.00 26.08 62.28
C VAL W 237 9.00 27.50 61.75
N ILE W 238 8.22 27.72 60.70
CA ILE W 238 8.24 28.95 59.92
C ILE W 238 6.87 29.60 59.98
N ASN W 239 6.86 30.91 60.19
CA ASN W 239 5.61 31.65 60.09
C ASN W 239 5.07 31.55 58.67
N SER W 240 3.75 31.44 58.57
CA SER W 240 3.11 31.33 57.26
C SER W 240 3.32 32.62 56.47
N ALA W 241 2.90 32.57 55.21
CA ALA W 241 3.06 33.74 54.34
C ALA W 241 2.32 34.94 54.89
N ASP W 242 1.10 34.73 55.39
CA ASP W 242 0.35 35.84 55.98
C ASP W 242 0.93 36.29 57.30
N GLY W 243 1.71 35.45 57.97
CA GLY W 243 2.11 35.68 59.33
C GLY W 243 1.09 35.26 60.35
N ALA W 244 -0.05 34.73 59.93
CA ALA W 244 -1.10 34.37 60.86
C ALA W 244 -0.64 33.29 61.83
N THR W 245 -0.30 32.12 61.32
CA THR W 245 0.11 30.97 62.12
C THR W 245 1.52 30.58 61.73
N THR W 246 1.98 29.45 62.25
CA THR W 246 3.27 28.88 61.92
C THR W 246 3.11 27.42 61.58
N TRP W 247 3.97 26.94 60.68
CA TRP W 247 3.91 25.58 60.18
C TRP W 247 5.27 24.91 60.38
N PHE W 248 5.24 23.61 60.56
CA PHE W 248 6.41 22.83 60.90
C PHE W 248 7.01 22.22 59.64
N PHE W 249 8.34 22.27 59.53
CA PHE W 249 9.09 21.72 58.41
C PHE W 249 10.10 20.74 58.99
N ASN W 250 10.09 19.51 58.47
CA ASN W 250 10.86 18.39 59.01
C ASN W 250 11.55 17.68 57.85
N PRO W 251 12.69 18.21 57.38
CA PRO W 251 13.22 17.73 56.11
C PRO W 251 13.95 16.41 56.21
N ILE W 252 13.73 15.57 55.21
CA ILE W 252 14.55 14.40 54.91
C ILE W 252 15.07 14.59 53.50
N ILE W 253 16.38 14.54 53.32
CA ILE W 253 17.00 14.98 52.09
C ILE W 253 17.13 13.81 51.12
N LEU W 254 16.84 14.08 49.86
CA LEU W 254 17.09 13.19 48.74
C LEU W 254 18.06 13.86 47.77
N ARG W 255 18.55 13.10 46.83
CA ARG W 255 19.40 13.67 45.80
C ARG W 255 18.54 14.46 44.80
N PRO W 256 18.94 15.67 44.39
CA PRO W 256 18.24 16.33 43.29
C PRO W 256 18.79 15.85 41.95
N ASN W 257 17.96 15.10 41.21
CA ASN W 257 18.42 14.51 39.97
C ASN W 257 18.06 15.39 38.78
N ASN W 258 18.75 15.14 37.67
CA ASN W 258 18.74 15.98 36.46
C ASN W 258 18.69 17.46 36.82
N VAL W 259 19.62 17.85 37.69
CA VAL W 259 19.82 19.26 37.95
C VAL W 259 20.29 19.95 36.68
N GLU W 260 19.85 21.19 36.50
CA GLU W 260 20.18 21.98 35.32
C GLU W 260 20.31 23.43 35.77
N VAL W 261 21.51 23.98 35.70
CA VAL W 261 21.75 25.38 36.01
C VAL W 261 22.04 26.08 34.70
N GLU W 262 21.17 27.00 34.31
CA GLU W 262 21.31 27.77 33.09
C GLU W 262 21.69 29.20 33.44
N PHE W 263 22.68 29.75 32.73
CA PHE W 263 23.07 31.14 32.86
C PHE W 263 22.66 31.88 31.60
N LEU W 264 21.82 32.89 31.78
CA LEU W 264 21.13 33.59 30.72
C LEU W 264 21.52 35.06 30.72
N LEU W 265 21.52 35.67 29.53
CA LEU W 265 21.72 37.10 29.36
C LEU W 265 20.64 37.63 28.43
N ASN W 266 19.61 38.25 29.00
CA ASN W 266 18.47 38.74 28.24
C ASN W 266 17.76 37.62 27.50
N GLY W 267 17.65 36.44 28.12
CA GLY W 267 17.06 35.29 27.49
C GLY W 267 17.99 34.52 26.58
N GLN W 268 19.08 35.14 26.14
CA GLN W 268 20.08 34.50 25.30
C GLN W 268 20.83 33.50 26.17
N ILE W 269 20.36 32.26 26.22
CA ILE W 269 20.96 31.28 27.12
C ILE W 269 22.42 31.09 26.75
N ILE W 270 23.32 31.48 27.64
CA ILE W 270 24.74 31.46 27.36
C ILE W 270 25.29 30.11 27.78
N ASN W 271 25.18 29.79 29.07
CA ASN W 271 25.76 28.57 29.59
C ASN W 271 24.68 27.68 30.19
N THR W 272 24.98 26.39 30.25
CA THR W 272 24.07 25.45 30.89
C THR W 272 24.86 24.24 31.33
N TYR W 273 24.78 23.92 32.61
CA TYR W 273 25.46 22.78 33.21
C TYR W 273 24.40 21.85 33.78
N GLN W 274 24.41 20.60 33.33
CA GLN W 274 23.38 19.64 33.69
C GLN W 274 24.04 18.42 34.32
N ALA W 275 23.60 18.08 35.53
CA ALA W 275 24.15 16.94 36.28
C ALA W 275 25.65 17.12 36.52
N ARG W 276 26.06 18.35 36.79
CA ARG W 276 27.46 18.69 37.02
C ARG W 276 27.56 19.51 38.30
N PHE W 277 28.64 19.30 39.04
CA PHE W 277 28.88 19.99 40.30
C PHE W 277 30.33 20.44 40.30
N GLY W 278 30.78 20.94 41.44
CA GLY W 278 32.13 21.46 41.52
C GLY W 278 32.22 22.80 40.84
N THR W 279 33.45 23.20 40.52
CA THR W 279 33.67 24.48 39.88
C THR W 279 33.10 24.47 38.47
N ILE W 280 32.31 25.49 38.15
CA ILE W 280 31.79 25.74 36.82
C ILE W 280 32.10 27.18 36.46
N VAL W 281 32.01 27.49 35.18
CA VAL W 281 32.36 28.81 34.66
C VAL W 281 31.15 29.36 33.94
N ALA W 282 30.66 30.51 34.40
CA ALA W 282 29.59 31.24 33.73
C ALA W 282 30.22 32.43 33.06
N ARG W 283 30.26 32.40 31.73
CA ARG W 283 30.94 33.46 30.98
C ARG W 283 30.29 34.81 31.25
N ASN W 284 29.05 34.99 30.79
CA ASN W 284 28.35 36.25 30.92
C ASN W 284 26.89 35.95 31.19
N PHE W 285 26.30 36.62 32.17
CA PHE W 285 24.94 36.29 32.56
C PHE W 285 24.36 37.38 33.44
N ASP W 286 23.09 37.68 33.21
CA ASP W 286 22.31 38.55 34.07
C ASP W 286 21.20 37.81 34.79
N THR W 287 20.98 36.54 34.47
CA THR W 287 19.98 35.73 35.15
C THR W 287 20.51 34.33 35.35
N ILE W 288 20.17 33.74 36.49
CA ILE W 288 20.49 32.36 36.81
C ILE W 288 19.17 31.60 36.91
N ARG W 289 19.15 30.38 36.39
CA ARG W 289 17.97 29.52 36.46
C ARG W 289 18.43 28.18 37.01
N LEU W 290 18.14 27.94 38.29
CA LEU W 290 18.34 26.63 38.88
C LEU W 290 17.10 25.79 38.61
N SER W 291 17.31 24.53 38.23
CA SER W 291 16.22 23.60 38.04
C SER W 291 16.65 22.26 38.59
N PHE W 292 15.74 21.58 39.28
CA PHE W 292 16.03 20.26 39.82
C PHE W 292 14.72 19.53 40.03
N GLN W 293 14.83 18.23 40.30
CA GLN W 293 13.67 17.35 40.38
C GLN W 293 13.77 16.49 41.62
N LEU W 294 12.69 16.47 42.40
CA LEU W 294 12.54 15.54 43.51
C LEU W 294 11.87 14.30 42.95
N MET W 295 12.63 13.21 42.84
CA MET W 295 12.11 11.94 42.36
C MET W 295 11.90 11.03 43.56
N ARG W 296 10.73 10.42 43.62
CA ARG W 296 10.48 9.44 44.66
C ARG W 296 11.43 8.27 44.45
N PRO W 297 12.22 7.86 45.45
CA PRO W 297 13.11 6.73 45.26
C PRO W 297 12.30 5.47 44.98
N PRO W 298 12.50 4.81 43.82
CA PRO W 298 11.58 3.74 43.46
C PRO W 298 11.72 2.52 44.35
N ASN W 299 12.95 2.10 44.60
CA ASN W 299 13.24 0.98 45.48
C ASN W 299 13.69 1.52 46.83
N MET W 300 12.88 1.32 47.86
CA MET W 300 13.12 1.86 49.19
C MET W 300 13.21 0.70 50.19
N THR W 301 14.22 0.77 51.06
CA THR W 301 14.34 -0.18 52.14
C THR W 301 13.18 0.01 53.11
N PRO W 302 13.04 -0.88 54.10
CA PRO W 302 11.98 -0.67 55.11
C PRO W 302 12.01 0.69 55.79
N ALA W 303 13.19 1.21 56.11
CA ALA W 303 13.26 2.49 56.81
C ALA W 303 12.68 3.61 55.96
N VAL W 304 13.12 3.72 54.71
CA VAL W 304 12.63 4.80 53.84
C VAL W 304 11.16 4.57 53.52
N ASN W 305 10.76 3.32 53.35
CA ASN W 305 9.35 3.03 53.08
C ASN W 305 8.48 3.45 54.24
N ALA W 306 8.99 3.34 55.47
CA ALA W 306 8.26 3.86 56.63
C ALA W 306 8.30 5.37 56.66
N LEU W 307 9.40 5.99 56.21
CA LEU W 307 9.49 7.43 56.19
C LEU W 307 8.43 8.05 55.28
N PHE W 308 8.23 7.46 54.10
CA PHE W 308 7.32 8.01 53.09
C PHE W 308 6.10 7.10 52.95
N PRO W 309 5.02 7.34 53.71
CA PRO W 309 3.82 6.52 53.54
C PRO W 309 2.94 7.09 52.43
N GLN W 310 1.85 6.39 52.13
CA GLN W 310 0.88 6.86 51.14
C GLN W 310 -0.35 7.49 51.77
N ALA W 311 -0.49 7.42 53.09
CA ALA W 311 -1.62 8.02 53.78
C ALA W 311 -1.37 9.53 53.93
N GLN W 312 -2.16 10.17 54.76
CA GLN W 312 -2.13 11.62 54.92
C GLN W 312 -1.05 12.19 55.84
N PRO W 313 -0.74 11.56 57.03
CA PRO W 313 0.07 12.26 58.04
C PRO W 313 1.35 12.94 57.59
N PHE W 314 2.29 12.21 56.98
CA PHE W 314 3.55 12.78 56.49
C PHE W 314 4.34 13.44 57.62
N GLN W 315 4.79 12.61 58.56
CA GLN W 315 5.63 13.12 59.64
C GLN W 315 6.98 13.62 59.13
N HIS W 316 7.47 13.11 58.01
CA HIS W 316 8.75 13.47 57.43
C HIS W 316 8.54 14.01 56.02
N HIS W 317 9.27 15.06 55.65
CA HIS W 317 8.98 15.81 54.44
C HIS W 317 10.19 15.81 53.51
N ALA W 318 10.00 15.34 52.27
CA ALA W 318 11.12 15.20 51.37
C ALA W 318 11.65 16.57 50.95
N THR W 319 12.95 16.65 50.73
CA THR W 319 13.58 17.91 50.37
C THR W 319 14.82 17.67 49.52
N VAL W 320 15.06 18.54 48.55
CA VAL W 320 16.25 18.49 47.72
C VAL W 320 16.65 19.92 47.39
N GLY W 321 17.95 20.22 47.47
CA GLY W 321 18.40 21.59 47.31
C GLY W 321 19.72 21.69 46.58
N LEU W 322 20.10 22.94 46.33
CA LEU W 322 21.38 23.29 45.71
C LEU W 322 21.97 24.49 46.44
N THR W 323 23.30 24.55 46.41
CA THR W 323 24.07 25.70 46.87
C THR W 323 24.92 26.18 45.71
N LEU W 324 25.00 27.49 45.54
CA LEU W 324 25.68 28.09 44.39
C LEU W 324 26.41 29.34 44.87
N ARG W 325 27.72 29.24 44.96
CA ARG W 325 28.55 30.39 45.27
C ARG W 325 29.05 31.02 44.00
N ILE W 326 29.20 32.34 44.02
CA ILE W 326 29.94 33.06 42.99
C ILE W 326 31.29 33.39 43.61
N GLU W 327 32.29 32.53 43.34
CA GLU W 327 33.60 32.70 43.95
C GLU W 327 34.27 33.98 43.49
N SER W 328 34.16 34.29 42.19
CA SER W 328 34.77 35.47 41.64
C SER W 328 34.02 35.87 40.38
N ALA W 329 34.19 37.12 39.98
CA ALA W 329 33.45 37.62 38.82
C ALA W 329 34.13 38.86 38.28
N VAL W 330 33.65 39.31 37.14
CA VAL W 330 34.11 40.52 36.49
C VAL W 330 32.86 41.28 36.06
N CYS W 331 32.58 42.40 36.72
CA CYS W 331 31.34 43.13 36.52
C CYS W 331 31.64 44.50 35.94
N GLU W 332 30.76 44.99 35.06
CA GLU W 332 30.92 46.34 34.55
C GLU W 332 30.67 47.37 35.63
N SER W 333 29.59 47.22 36.38
CA SER W 333 29.27 48.17 37.43
C SER W 333 30.09 47.86 38.68
N VAL W 334 30.10 48.81 39.60
CA VAL W 334 30.88 48.71 40.83
C VAL W 334 30.01 48.07 41.90
N LEU W 335 30.60 47.16 42.67
CA LEU W 335 29.89 46.43 43.72
C LEU W 335 30.75 46.38 44.97
N ALA W 336 30.10 46.14 46.10
CA ALA W 336 30.83 45.87 47.33
C ALA W 336 31.45 44.48 47.26
N ASP W 337 32.55 44.31 48.01
CA ASP W 337 33.40 43.15 47.81
C ASP W 337 33.79 42.49 49.13
N ALA W 338 34.64 41.47 49.06
CA ALA W 338 35.29 40.89 50.22
C ALA W 338 36.72 41.39 50.38
N ASN W 339 37.52 41.32 49.31
CA ASN W 339 38.91 41.73 49.41
C ASN W 339 39.03 43.22 49.75
N GLU W 340 38.23 44.06 49.10
CA GLU W 340 38.36 45.50 49.21
C GLU W 340 37.29 46.04 50.16
N THR W 341 37.65 47.07 50.92
CA THR W 341 36.82 47.61 52.00
C THR W 341 36.25 48.97 51.63
N LEU W 342 35.84 49.14 50.37
CA LEU W 342 35.44 50.47 49.90
C LEU W 342 34.09 50.86 50.50
N LEU W 343 33.13 49.93 50.48
CA LEU W 343 31.83 50.20 51.08
C LEU W 343 31.98 50.51 52.57
N ALA W 344 32.80 49.73 53.26
CA ALA W 344 33.03 49.97 54.67
C ALA W 344 33.62 51.34 54.90
N ASN W 345 34.58 51.75 54.06
CA ASN W 345 35.18 53.07 54.23
C ASN W 345 34.14 54.17 54.06
N VAL W 346 33.32 54.06 53.02
CA VAL W 346 32.33 55.11 52.76
C VAL W 346 31.32 55.17 53.90
N THR W 347 30.83 54.01 54.33
CA THR W 347 29.85 53.99 55.41
C THR W 347 30.45 54.51 56.70
N ALA W 348 31.71 54.16 56.98
CA ALA W 348 32.35 54.67 58.19
C ALA W 348 32.46 56.19 58.14
N VAL W 349 32.84 56.74 56.98
CA VAL W 349 32.96 58.19 56.88
C VAL W 349 31.60 58.85 57.10
N ARG W 350 30.55 58.30 56.49
CA ARG W 350 29.22 58.89 56.68
C ARG W 350 28.77 58.80 58.13
N GLN W 351 28.98 57.64 58.76
CA GLN W 351 28.44 57.38 60.08
C GLN W 351 29.28 58.02 61.18
N GLU W 352 30.51 58.41 60.88
CA GLU W 352 31.31 59.17 61.83
C GLU W 352 30.64 60.49 62.16
N TYR W 353 30.12 61.18 61.16
CA TYR W 353 29.60 62.52 61.30
C TYR W 353 28.09 62.60 61.18
N ALA W 354 27.42 61.47 60.95
CA ALA W 354 25.95 61.41 60.94
C ALA W 354 25.38 62.37 59.90
N ILE W 355 25.78 62.13 58.65
CA ILE W 355 25.31 62.97 57.56
C ILE W 355 23.80 62.78 57.41
N PRO W 356 23.01 63.85 57.23
CA PRO W 356 21.59 63.63 56.94
C PRO W 356 21.41 62.81 55.69
N VAL W 357 20.39 61.95 55.70
CA VAL W 357 20.17 61.05 54.56
C VAL W 357 19.95 61.87 53.31
N GLY W 358 20.67 61.52 52.25
CA GLY W 358 20.68 62.29 51.03
C GLY W 358 19.59 61.89 50.08
N PRO W 359 19.63 62.41 48.85
CA PRO W 359 18.55 62.14 47.89
C PRO W 359 18.70 60.87 47.07
N VAL W 360 19.82 60.15 47.17
CA VAL W 360 20.11 59.01 46.30
C VAL W 360 20.32 57.72 47.09
N PHE W 361 21.21 57.74 48.07
CA PHE W 361 21.52 56.51 48.77
C PHE W 361 20.49 56.23 49.86
N PRO W 362 20.28 54.98 50.24
CA PRO W 362 19.37 54.69 51.34
C PRO W 362 19.97 55.11 52.66
N PRO W 363 19.19 55.09 53.74
CA PRO W 363 19.74 55.52 55.04
C PRO W 363 20.77 54.53 55.55
N GLY W 364 21.95 55.05 55.89
CA GLY W 364 23.03 54.21 56.37
C GLY W 364 23.73 53.39 55.31
N MET W 365 23.44 53.64 54.04
CA MET W 365 23.95 52.83 52.93
C MET W 365 23.66 51.34 53.19
N ASN W 366 22.39 51.05 53.42
CA ASN W 366 21.95 49.68 53.61
C ASN W 366 22.08 48.97 52.27
N TRP W 367 23.15 48.19 52.12
CA TRP W 367 23.53 47.67 50.81
C TRP W 367 22.43 46.79 50.20
N THR W 368 21.63 46.13 51.04
CA THR W 368 20.57 45.29 50.51
C THR W 368 19.59 46.11 49.68
N GLU W 369 19.06 47.18 50.25
CA GLU W 369 18.15 48.04 49.51
C GLU W 369 18.88 49.00 48.58
N LEU W 370 20.20 49.13 48.70
CA LEU W 370 20.96 49.86 47.71
C LEU W 370 21.01 49.09 46.40
N ILE W 371 21.21 47.77 46.48
CA ILE W 371 21.34 46.96 45.28
C ILE W 371 20.01 46.39 44.82
N THR W 372 18.97 46.39 45.67
CA THR W 372 17.65 46.00 45.18
C THR W 372 17.17 46.94 44.10
N ASN W 373 17.37 48.24 44.28
CA ASN W 373 17.09 49.25 43.26
C ASN W 373 18.40 49.97 42.97
N TYR W 374 18.95 49.73 41.79
CA TYR W 374 20.30 50.16 41.45
C TYR W 374 20.28 51.09 40.25
N SER W 375 19.41 52.10 40.29
CA SER W 375 19.19 53.02 39.19
C SER W 375 20.51 53.63 38.71
N PRO W 376 20.58 54.12 37.46
CA PRO W 376 21.86 54.65 36.97
C PRO W 376 22.42 55.79 37.80
N SER W 377 21.57 56.67 38.33
CA SER W 377 22.08 57.76 39.16
C SER W 377 22.71 57.22 40.44
N ARG W 378 22.06 56.25 41.07
CA ARG W 378 22.65 55.61 42.24
C ARG W 378 23.97 54.97 41.89
N GLU W 379 24.04 54.29 40.74
CA GLU W 379 25.29 53.65 40.34
C GLU W 379 26.39 54.67 40.11
N ASP W 380 26.05 55.80 39.48
CA ASP W 380 27.05 56.83 39.22
C ASP W 380 27.60 57.40 40.52
N ASN W 381 26.71 57.73 41.45
CA ASN W 381 27.18 58.24 42.74
C ASN W 381 27.99 57.18 43.48
N LEU W 382 27.60 55.91 43.35
CA LEU W 382 28.34 54.84 44.00
C LEU W 382 29.75 54.74 43.44
N GLN W 383 29.88 54.81 42.12
CA GLN W 383 31.21 54.76 41.52
C GLN W 383 32.04 55.96 41.96
N ARG W 384 31.42 57.13 42.04
CA ARG W 384 32.15 58.31 42.48
C ARG W 384 32.69 58.12 43.90
N VAL W 385 31.82 57.74 44.83
CA VAL W 385 32.26 57.62 46.22
C VAL W 385 33.24 56.47 46.39
N PHE W 386 33.04 55.36 45.66
CA PHE W 386 33.99 54.25 45.74
C PHE W 386 35.35 54.64 45.20
N THR W 387 35.39 55.36 44.09
CA THR W 387 36.66 55.81 43.55
C THR W 387 37.36 56.73 44.54
N VAL W 388 36.61 57.63 45.16
CA VAL W 388 37.24 58.52 46.14
C VAL W 388 37.71 57.74 47.35
N ALA W 389 36.97 56.71 47.74
CA ALA W 389 37.39 55.87 48.86
C ALA W 389 38.69 55.14 48.54
N SER W 390 38.84 54.65 47.32
CA SER W 390 40.10 54.02 46.94
C SER W 390 41.22 55.04 46.96
N ILE W 391 40.96 56.24 46.46
CA ILE W 391 41.96 57.30 46.48
C ILE W 391 42.37 57.60 47.91
N ARG W 392 41.43 57.56 48.83
CA ARG W 392 41.73 57.79 50.24
C ARG W 392 42.54 56.63 50.81
N SER W 393 42.11 55.40 50.54
CA SER W 393 42.78 54.22 51.07
C SER W 393 44.21 54.10 50.57
N MET W 394 44.53 54.76 49.46
CA MET W 394 45.93 54.81 49.04
C MET W 394 46.83 55.49 50.07
N LEU W 395 46.26 56.34 50.93
CA LEU W 395 47.03 57.11 51.90
C LEU W 395 46.69 56.79 53.34
N ILE W 396 45.40 56.75 53.69
CA ILE W 396 44.95 56.60 55.06
C ILE W 396 44.27 55.24 55.20
N LYS W 397 44.63 54.52 56.25
CA LYS W 397 44.01 53.24 56.57
C LYS W 397 43.82 53.09 58.07
N MET X 1 57.09 34.52 24.57
CA MET X 1 56.02 34.93 25.53
C MET X 1 56.49 36.07 26.41
N GLU X 2 57.80 36.12 26.67
CA GLU X 2 58.36 37.29 27.33
C GLU X 2 58.05 38.54 26.53
N VAL X 3 58.19 38.45 25.20
CA VAL X 3 57.91 39.61 24.35
C VAL X 3 56.43 39.97 24.43
N LEU X 4 55.55 38.96 24.45
CA LEU X 4 54.13 39.25 24.51
C LEU X 4 53.75 39.92 25.82
N TYR X 5 54.30 39.43 26.94
CA TYR X 5 54.03 40.09 28.21
C TYR X 5 54.59 41.50 28.21
N SER X 6 55.72 41.72 27.56
CA SER X 6 56.26 43.07 27.49
C SER X 6 55.35 43.98 26.67
N LEU X 7 54.79 43.47 25.59
CA LEU X 7 53.81 44.24 24.82
C LEU X 7 52.62 44.61 25.68
N SER X 8 52.07 43.64 26.41
CA SER X 8 50.93 43.93 27.26
C SER X 8 51.28 44.94 28.33
N LYS X 9 52.44 44.78 28.96
CA LYS X 9 52.86 45.69 30.02
C LYS X 9 53.02 47.10 29.49
N THR X 10 53.66 47.26 28.33
CA THR X 10 53.91 48.61 27.83
C THR X 10 52.63 49.25 27.31
N LEU X 11 51.71 48.48 26.74
CA LEU X 11 50.44 49.06 26.36
C LEU X 11 49.63 49.48 27.59
N LYS X 12 49.63 48.67 28.64
CA LYS X 12 48.92 49.05 29.85
C LYS X 12 49.53 50.30 30.46
N ASP X 13 50.86 50.36 30.50
CA ASP X 13 51.53 51.55 31.04
C ASP X 13 51.27 52.77 30.17
N ALA X 14 51.19 52.58 28.85
CA ALA X 14 50.85 53.72 27.98
C ALA X 14 49.45 54.20 28.26
N ARG X 15 48.51 53.28 28.44
CA ARG X 15 47.14 53.68 28.74
C ARG X 15 47.05 54.39 30.09
N ASP X 16 47.90 54.01 31.05
CA ASP X 16 47.80 54.53 32.41
C ASP X 16 48.69 55.73 32.68
N LYS X 17 49.68 56.01 31.84
CA LYS X 17 50.64 57.07 32.07
C LYS X 17 50.61 58.18 31.04
N ILE X 18 50.21 57.88 29.81
CA ILE X 18 50.11 58.89 28.75
C ILE X 18 48.70 59.47 28.85
N VAL X 19 48.53 60.45 29.73
CA VAL X 19 47.26 61.13 29.94
C VAL X 19 47.53 62.63 30.01
N GLU X 20 46.46 63.39 29.82
CA GLU X 20 46.58 64.83 29.59
C GLU X 20 47.24 65.51 30.77
N GLY X 21 48.22 66.37 30.48
CA GLY X 21 48.85 67.18 31.49
C GLY X 21 50.01 66.53 32.22
N THR X 22 50.31 65.26 31.94
CA THR X 22 51.44 64.62 32.59
C THR X 22 52.74 65.31 32.20
N LEU X 23 53.65 65.44 33.17
CA LEU X 23 55.01 65.83 32.84
C LEU X 23 55.58 64.88 31.81
N TYR X 24 56.56 65.36 31.05
CA TYR X 24 57.33 64.44 30.23
C TYR X 24 58.36 63.67 31.04
N SER X 25 58.74 64.17 32.22
CA SER X 25 59.58 63.39 33.10
C SER X 25 58.88 62.12 33.55
N ASN X 26 57.56 62.16 33.66
CA ASN X 26 56.81 60.99 34.08
C ASN X 26 56.90 59.88 33.05
N VAL X 27 56.83 60.22 31.76
CA VAL X 27 56.64 59.23 30.71
C VAL X 27 57.80 59.24 29.70
N SER X 28 58.95 59.80 30.05
CA SER X 28 60.08 59.77 29.11
C SER X 28 60.51 58.33 28.82
N ASP X 29 60.76 57.54 29.88
CA ASP X 29 61.19 56.17 29.68
C ASP X 29 60.13 55.36 28.97
N LEU X 30 58.86 55.59 29.32
CA LEU X 30 57.78 54.84 28.69
C LEU X 30 57.61 55.22 27.23
N ILE X 31 57.78 56.49 26.90
CA ILE X 31 57.72 56.90 25.50
C ILE X 31 58.85 56.25 24.74
N GLN X 32 60.03 56.15 25.34
CA GLN X 32 61.14 55.49 24.65
C GLN X 32 60.85 54.03 24.40
N GLN X 33 60.31 53.34 25.41
CA GLN X 33 59.96 51.93 25.23
C GLN X 33 58.89 51.77 24.16
N PHE X 34 57.87 52.61 24.18
CA PHE X 34 56.79 52.51 23.21
C PHE X 34 57.30 52.83 21.81
N ASN X 35 58.17 53.82 21.67
CA ASN X 35 58.71 54.18 20.37
C ASN X 35 59.55 53.05 19.79
N GLN X 36 60.39 52.43 20.61
CA GLN X 36 61.22 51.37 20.04
C GLN X 36 60.39 50.13 19.78
N MET X 37 59.30 49.92 20.53
CA MET X 37 58.32 48.90 20.17
C MET X 37 57.70 49.21 18.82
N ILE X 38 57.35 50.47 18.58
CA ILE X 38 56.79 50.86 17.29
C ILE X 38 57.78 50.56 16.18
N VAL X 39 59.05 50.89 16.41
CA VAL X 39 60.08 50.64 15.42
C VAL X 39 60.19 49.14 15.13
N THR X 40 60.19 48.32 16.17
CA THR X 40 60.32 46.88 15.98
C THR X 40 59.12 46.33 15.21
N MET X 41 57.91 46.67 15.63
CA MET X 41 56.73 46.06 15.05
C MET X 41 56.38 46.62 13.68
N ASN X 42 56.87 47.82 13.34
CA ASN X 42 56.55 48.40 12.05
C ASN X 42 57.17 47.56 10.93
N GLY X 43 56.38 47.30 9.90
CA GLY X 43 56.82 46.52 8.76
C GLY X 43 56.53 45.04 8.85
N ASN X 44 56.27 44.52 10.05
CA ASN X 44 55.93 43.12 10.20
C ASN X 44 54.48 42.90 9.75
N ASP X 45 54.05 41.64 9.75
CA ASP X 45 52.69 41.31 9.40
C ASP X 45 52.34 39.98 10.06
N PHE X 46 51.20 39.94 10.76
CA PHE X 46 50.78 38.79 11.52
C PHE X 46 49.40 38.34 11.06
N GLN X 47 49.11 37.07 11.30
CA GLN X 47 47.81 36.49 10.96
C GLN X 47 47.35 35.67 12.16
N THR X 48 46.25 36.10 12.76
CA THR X 48 45.76 35.53 14.01
C THR X 48 44.41 34.88 13.78
N GLY X 49 44.10 33.87 14.59
CA GLY X 49 42.86 33.16 14.45
C GLY X 49 42.95 32.08 13.38
N GLY X 50 41.79 31.50 13.09
CA GLY X 50 41.67 30.44 12.12
C GLY X 50 41.30 29.08 12.70
N ILE X 51 41.01 29.00 13.99
CA ILE X 51 40.62 27.77 14.65
C ILE X 51 39.22 27.95 15.21
N GLY X 52 38.38 26.95 15.03
CA GLY X 52 37.00 27.06 15.45
C GLY X 52 36.31 28.20 14.73
N ASN X 53 35.53 28.98 15.49
CA ASN X 53 34.89 30.18 14.98
C ASN X 53 35.70 31.44 15.19
N LEU X 54 36.85 31.34 15.85
CA LEU X 54 37.72 32.48 16.07
C LEU X 54 38.14 33.05 14.72
N PRO X 55 37.65 34.23 14.32
CA PRO X 55 37.84 34.66 12.94
C PRO X 55 39.30 34.95 12.61
N ILE X 56 39.63 34.73 11.33
CA ILE X 56 40.95 35.08 10.85
C ILE X 56 41.08 36.60 10.80
N ARG X 57 42.28 37.10 11.08
CA ARG X 57 42.52 38.53 11.06
C ARG X 57 43.96 38.81 10.69
N ASN X 58 44.16 39.78 9.81
CA ASN X 58 45.48 40.21 9.37
C ASN X 58 45.84 41.50 10.10
N TRP X 59 47.00 41.50 10.75
CA TRP X 59 47.50 42.65 11.49
C TRP X 59 48.73 43.18 10.78
N THR X 60 48.69 44.43 10.35
CA THR X 60 49.80 45.10 9.71
C THR X 60 50.09 46.38 10.46
N PHE X 61 51.37 46.65 10.70
CA PHE X 61 51.79 47.75 11.55
C PHE X 61 52.59 48.75 10.74
N ASP X 62 52.15 50.01 10.76
CA ASP X 62 52.97 51.12 10.26
C ASP X 62 52.47 52.37 10.98
N PHE X 63 53.18 52.78 12.03
CA PHE X 63 52.76 53.86 12.90
C PHE X 63 53.92 54.81 13.13
N GLY X 64 53.59 56.07 13.36
CA GLY X 64 54.61 57.07 13.62
C GLY X 64 55.09 57.03 15.05
N LEU X 65 56.37 57.34 15.22
CA LEU X 65 56.94 57.39 16.56
C LEU X 65 56.25 58.46 17.38
N LEU X 66 56.03 58.16 18.66
CA LEU X 66 55.43 59.14 19.56
C LEU X 66 56.37 60.32 19.75
N GLY X 67 55.81 61.51 19.76
CA GLY X 67 56.63 62.70 19.88
C GLY X 67 57.31 62.81 21.23
N THR X 68 58.43 63.52 21.24
CA THR X 68 59.21 63.76 22.46
C THR X 68 59.58 65.24 22.57
N THR X 69 58.72 66.12 22.06
CA THR X 69 59.03 67.53 21.91
C THR X 69 58.09 68.43 22.69
N LEU X 70 57.47 67.91 23.74
CA LEU X 70 56.59 68.69 24.61
C LEU X 70 57.26 68.87 25.97
N LEU X 71 56.54 69.55 26.86
CA LEU X 71 56.88 69.63 28.28
C LEU X 71 55.83 68.95 29.14
N ASN X 72 54.56 69.29 28.92
CA ASN X 72 53.43 68.59 29.52
C ASN X 72 52.52 68.11 28.40
N LEU X 73 52.16 66.83 28.44
CA LEU X 73 51.35 66.26 27.38
C LEU X 73 49.99 66.95 27.31
N ASP X 74 49.53 67.19 26.08
CA ASP X 74 48.28 67.87 25.79
C ASP X 74 47.29 66.88 25.18
N ALA X 75 46.14 67.40 24.74
CA ALA X 75 45.07 66.52 24.27
C ALA X 75 45.38 65.92 22.90
N ASN X 76 46.08 66.66 22.04
CA ASN X 76 46.44 66.12 20.73
C ASN X 76 47.33 64.89 20.86
N TYR X 77 48.40 65.02 21.63
CA TYR X 77 49.32 63.91 21.87
C TYR X 77 48.57 62.70 22.39
N VAL X 78 47.72 62.90 23.39
CA VAL X 78 47.02 61.78 23.97
C VAL X 78 46.05 61.16 22.96
N GLU X 79 45.45 61.98 22.10
CA GLU X 79 44.50 61.44 21.13
C GLU X 79 45.21 60.55 20.11
N THR X 80 46.33 61.01 19.57
CA THR X 80 47.08 60.17 18.63
C THR X 80 47.59 58.91 19.31
N ALA X 81 48.08 59.05 20.55
CA ALA X 81 48.55 57.88 21.28
C ALA X 81 47.43 56.88 21.49
N ARG X 82 46.22 57.37 21.77
CA ARG X 82 45.09 56.47 21.95
C ARG X 82 44.73 55.78 20.65
N THR X 83 44.83 56.51 19.53
CA THR X 83 44.58 55.88 18.24
C THR X 83 45.52 54.71 18.01
N THR X 84 46.80 54.89 18.31
CA THR X 84 47.73 53.77 18.18
C THR X 84 47.43 52.67 19.19
N ILE X 85 47.15 53.05 20.42
CA ILE X 85 47.03 52.10 21.52
C ILE X 85 45.83 51.20 21.33
N GLU X 86 44.74 51.72 20.79
CA GLU X 86 43.56 50.89 20.59
C GLU X 86 43.85 49.76 19.61
N TYR X 87 44.53 50.08 18.50
CA TYR X 87 44.90 49.05 17.54
C TYR X 87 45.82 48.02 18.18
N PHE X 88 46.82 48.50 18.92
CA PHE X 88 47.76 47.56 19.53
C PHE X 88 47.05 46.67 20.53
N ILE X 89 46.14 47.22 21.32
CA ILE X 89 45.44 46.42 22.33
C ILE X 89 44.55 45.40 21.65
N ASP X 90 43.89 45.77 20.55
CA ASP X 90 43.12 44.79 19.80
C ASP X 90 44.00 43.66 19.31
N PHE X 91 45.19 44.00 18.81
CA PHE X 91 46.12 42.97 18.34
C PHE X 91 46.52 42.04 19.47
N ILE X 92 46.85 42.59 20.63
CA ILE X 92 47.31 41.76 21.75
C ILE X 92 46.17 40.88 22.25
N ASP X 93 44.95 41.42 22.30
CA ASP X 93 43.80 40.62 22.69
C ASP X 93 43.63 39.43 21.74
N ASN X 94 43.72 39.69 20.43
CA ASN X 94 43.55 38.61 19.47
C ASN X 94 44.65 37.58 19.59
N VAL X 95 45.90 38.02 19.78
CA VAL X 95 47.01 37.07 19.89
C VAL X 95 46.85 36.20 21.13
N CYS X 96 46.50 36.81 22.26
CA CYS X 96 46.32 36.03 23.48
C CYS X 96 45.16 35.07 23.35
N MET X 97 44.06 35.51 22.74
CA MET X 97 42.93 34.60 22.54
C MET X 97 43.33 33.44 21.65
N ASP X 98 44.11 33.71 20.60
CA ASP X 98 44.55 32.63 19.72
C ASP X 98 45.46 31.66 20.46
N GLU X 99 46.29 32.16 21.36
CA GLU X 99 47.19 31.27 22.07
C GLU X 99 46.47 30.46 23.15
N MET X 100 45.43 31.03 23.76
CA MET X 100 44.75 30.33 24.86
C MET X 100 44.06 29.05 24.39
N VAL X 101 43.65 28.98 23.14
CA VAL X 101 42.84 27.85 22.69
C VAL X 101 43.69 26.68 22.22
N ARG X 102 44.87 26.94 21.67
CA ARG X 102 45.66 25.89 21.05
C ARG X 102 46.34 25.03 22.10
N GLU X 103 46.52 23.76 21.77
CA GLU X 103 47.12 22.77 22.65
C GLU X 103 48.18 22.00 21.90
N SER X 104 48.96 21.23 22.64
CA SER X 104 49.87 20.26 22.02
C SER X 104 50.30 19.28 23.09
N GLN X 105 50.00 17.99 22.90
CA GLN X 105 50.52 16.98 23.80
C GLN X 105 52.03 16.94 23.75
N ARG X 106 52.60 17.13 22.56
CA ARG X 106 54.04 17.07 22.32
C ARG X 106 54.61 18.47 22.43
N ASN X 107 55.50 18.69 23.41
CA ASN X 107 56.11 19.99 23.62
C ASN X 107 55.05 21.05 23.91
N GLY X 108 54.37 20.88 25.05
CA GLY X 108 53.27 21.75 25.42
C GLY X 108 53.69 23.12 25.92
N VAL X 109 54.98 23.33 26.18
CA VAL X 109 55.43 24.61 26.69
C VAL X 109 55.77 25.57 25.55
N ALA X 110 56.07 25.04 24.36
CA ALA X 110 56.55 25.86 23.28
C ALA X 110 55.43 26.75 22.73
N PRO X 111 55.78 27.77 21.94
CA PRO X 111 54.73 28.61 21.34
C PRO X 111 53.91 27.90 20.26
N GLN X 112 52.62 27.70 20.53
CA GLN X 112 51.66 27.43 19.47
C GLN X 112 51.27 28.79 18.88
N SER X 113 50.24 28.83 18.04
CA SER X 113 49.75 30.12 17.58
C SER X 113 50.83 30.87 16.80
N GLU X 114 51.02 30.48 15.53
CA GLU X 114 52.08 30.99 14.66
C GLU X 114 52.34 32.48 14.81
N ALA X 115 51.33 33.28 15.12
CA ALA X 115 51.57 34.68 15.44
C ALA X 115 52.51 34.81 16.64
N LEU X 116 52.21 34.11 17.73
CA LEU X 116 53.07 34.20 18.90
C LEU X 116 54.39 33.50 18.64
N ARG X 117 54.38 32.46 17.81
CA ARG X 117 55.62 31.82 17.40
C ARG X 117 56.55 32.82 16.72
N LYS X 118 56.00 33.59 15.77
CA LYS X 118 56.79 34.61 15.08
C LYS X 118 57.26 35.67 16.06
N LEU X 119 56.39 36.05 17.01
CA LEU X 119 56.80 37.02 18.02
C LEU X 119 57.98 36.50 18.85
N ALA X 120 58.05 35.18 19.06
CA ALA X 120 59.14 34.62 19.83
C ALA X 120 60.50 34.81 19.16
N GLY X 121 60.53 35.13 17.86
CA GLY X 121 61.76 35.22 17.13
C GLY X 121 62.76 36.22 17.67
N ILE X 122 63.92 36.33 17.03
CA ILE X 122 64.99 37.17 17.55
C ILE X 122 64.81 38.63 17.13
N LYS X 123 64.01 38.90 16.11
CA LYS X 123 63.77 40.29 15.72
C LYS X 123 63.08 41.06 16.83
N PHE X 124 62.20 40.41 17.58
CA PHE X 124 61.38 41.04 18.59
C PHE X 124 61.97 40.96 19.98
N LYS X 125 63.20 40.46 20.13
CA LYS X 125 63.79 40.35 21.45
C LYS X 125 63.98 41.71 22.10
N ARG X 126 64.05 42.78 21.30
CA ARG X 126 64.27 44.12 21.82
C ARG X 126 63.01 44.70 22.47
N ILE X 127 61.87 44.04 22.34
CA ILE X 127 60.63 44.52 22.97
C ILE X 127 60.58 44.18 24.45
N ASN X 128 61.43 43.27 24.92
CA ASN X 128 61.41 42.85 26.33
C ASN X 128 61.53 44.05 27.25
N PHE X 129 60.58 44.19 28.18
CA PHE X 129 60.45 45.38 29.01
C PHE X 129 60.74 45.08 30.47
N ASN X 130 59.96 44.21 31.09
CA ASN X 130 60.23 43.69 32.43
C ASN X 130 59.18 42.63 32.71
N ASN X 131 59.57 41.63 33.47
CA ASN X 131 58.72 40.47 33.78
C ASN X 131 58.40 40.53 35.26
N SER X 132 57.36 41.29 35.59
CA SER X 132 57.07 41.68 36.97
C SER X 132 55.96 40.87 37.61
N SER X 133 54.89 40.58 36.88
CA SER X 133 53.76 39.90 37.48
C SER X 133 54.15 38.51 37.97
N GLU X 134 53.32 37.96 38.85
CA GLU X 134 53.61 36.65 39.43
C GLU X 134 53.70 35.58 38.36
N TYR X 135 52.76 35.58 37.41
CA TYR X 135 52.69 34.49 36.46
C TYR X 135 53.85 34.54 35.48
N ILE X 136 54.22 35.72 35.01
CA ILE X 136 55.37 35.81 34.11
C ILE X 136 56.66 35.55 34.87
N GLU X 137 56.75 35.96 36.13
CA GLU X 137 57.96 35.66 36.90
C GLU X 137 58.13 34.16 37.08
N ASN X 138 57.04 33.46 37.38
CA ASN X 138 57.10 32.01 37.44
C ASN X 138 57.41 31.41 36.08
N TRP X 139 56.91 32.03 35.02
CA TRP X 139 57.22 31.55 33.68
C TRP X 139 58.71 31.63 33.39
N ASN X 140 59.36 32.72 33.82
CA ASN X 140 60.80 32.82 33.61
C ASN X 140 61.58 31.89 34.52
N LEU X 141 61.15 31.78 35.78
CA LEU X 141 61.83 30.89 36.72
C LEU X 141 61.66 29.42 36.34
N GLN X 142 60.67 29.10 35.50
CA GLN X 142 60.57 27.78 34.88
C GLN X 142 61.16 27.75 33.49
N ASN X 143 61.37 28.91 32.86
CA ASN X 143 62.12 28.96 31.61
C ASN X 143 63.54 28.52 31.83
N ARG X 144 64.18 29.06 32.87
CA ARG X 144 65.32 28.39 33.48
C ARG X 144 64.79 27.46 34.57
N ARG X 145 65.69 26.68 35.16
CA ARG X 145 65.28 25.71 36.18
C ARG X 145 65.55 26.28 37.56
N GLN X 146 64.54 26.92 38.13
CA GLN X 146 64.56 27.39 39.51
C GLN X 146 63.20 27.09 40.11
N ARG X 147 63.09 27.25 41.43
CA ARG X 147 61.85 26.89 42.11
C ARG X 147 60.84 28.02 41.93
N THR X 148 59.70 27.69 41.34
CA THR X 148 58.64 28.66 41.12
C THR X 148 57.85 28.84 42.40
N GLY X 149 56.71 29.51 42.30
CA GLY X 149 55.80 29.62 43.42
C GLY X 149 54.56 30.39 43.03
N PHE X 150 53.39 29.84 43.37
CA PHE X 150 52.11 30.49 43.13
C PHE X 150 51.36 30.53 44.44
N VAL X 151 51.00 31.72 44.88
CA VAL X 151 50.20 31.89 46.09
C VAL X 151 48.73 31.78 45.70
N PHE X 152 47.99 30.96 46.44
CA PHE X 152 46.60 30.66 46.14
C PHE X 152 45.74 30.88 47.38
N HIS X 153 44.53 31.36 47.14
CA HIS X 153 43.53 31.59 48.17
C HIS X 153 42.35 30.67 47.89
N LYS X 154 42.16 29.68 48.75
CA LYS X 154 41.16 28.62 48.54
C LYS X 154 41.41 27.89 47.21
N PRO X 155 42.58 27.25 47.05
CA PRO X 155 42.86 26.59 45.78
C PRO X 155 41.94 25.40 45.55
N ASN X 156 41.44 25.29 44.32
CA ASN X 156 40.58 24.17 43.93
C ASN X 156 41.48 23.01 43.49
N ILE X 157 42.02 22.31 44.48
CA ILE X 157 42.86 21.15 44.22
C ILE X 157 42.08 19.84 44.33
N PHE X 158 41.17 19.75 45.27
CA PHE X 158 40.45 18.50 45.45
C PHE X 158 39.48 18.30 44.30
N PRO X 159 39.56 17.20 43.54
CA PRO X 159 38.51 16.96 42.55
C PRO X 159 37.19 16.69 43.25
N TYR X 160 36.11 17.11 42.62
CA TYR X 160 34.81 16.96 43.25
C TYR X 160 34.49 15.49 43.43
N SER X 161 34.57 15.01 44.67
CA SER X 161 34.19 13.65 45.02
C SER X 161 33.21 13.71 46.17
N ALA X 162 32.19 12.86 46.11
CA ALA X 162 31.15 12.86 47.14
C ALA X 162 30.66 11.42 47.24
N SER X 163 31.17 10.68 48.22
CA SER X 163 30.86 9.25 48.25
C SER X 163 31.12 8.70 49.64
N PHE X 164 30.71 7.44 49.83
CA PHE X 164 30.81 6.77 51.11
C PHE X 164 31.33 5.36 50.93
N THR X 165 31.98 4.85 51.97
CA THR X 165 32.35 3.45 52.07
C THR X 165 31.67 2.86 53.29
N LEU X 166 31.33 1.58 53.20
CA LEU X 166 30.57 0.86 54.22
C LEU X 166 31.39 -0.34 54.67
N ASN X 167 32.03 -0.25 55.83
CA ASN X 167 32.80 -1.36 56.36
C ASN X 167 31.90 -2.46 56.91
N ARG X 168 30.65 -2.16 57.22
CA ARG X 168 29.66 -3.14 57.64
C ARG X 168 28.35 -2.79 56.97
N SER X 169 27.67 -3.80 56.44
CA SER X 169 26.48 -3.53 55.65
C SER X 169 25.70 -4.82 55.43
N GLN X 170 24.41 -4.66 55.14
CA GLN X 170 23.57 -5.75 54.70
C GLN X 170 22.43 -5.15 53.87
N PRO X 171 21.73 -5.97 53.08
CA PRO X 171 20.72 -5.39 52.17
C PRO X 171 19.61 -4.64 52.89
N MET X 172 19.23 -5.09 54.09
CA MET X 172 18.24 -4.35 54.87
C MET X 172 18.73 -2.96 55.25
N HIS X 173 20.05 -2.76 55.29
CA HIS X 173 20.66 -1.47 55.60
C HIS X 173 20.18 -0.92 56.94
N ASP X 174 19.99 -1.83 57.91
CA ASP X 174 19.56 -1.43 59.24
C ASP X 174 20.73 -1.23 60.19
N ASN X 175 21.86 -1.87 59.94
CA ASN X 175 23.07 -1.71 60.74
C ASN X 175 24.21 -1.44 59.77
N LEU X 176 24.69 -0.20 59.75
CA LEU X 176 25.78 0.22 58.91
C LEU X 176 26.89 0.80 59.76
N MET X 177 28.08 0.89 59.17
CA MET X 177 29.21 1.55 59.80
C MET X 177 30.18 1.86 58.69
N GLY X 178 30.69 3.08 58.66
CA GLY X 178 31.55 3.47 57.56
C GLY X 178 31.80 4.97 57.57
N THR X 179 32.09 5.50 56.39
CA THR X 179 32.46 6.90 56.25
C THR X 179 31.73 7.50 55.06
N MET X 180 31.38 8.78 55.18
CA MET X 180 30.98 9.61 54.06
C MET X 180 32.00 10.72 53.91
N TRP X 181 32.15 11.23 52.71
CA TRP X 181 33.05 12.37 52.54
C TRP X 181 32.71 13.13 51.28
N LEU X 182 32.80 14.45 51.39
CA LEU X 182 32.83 15.37 50.27
C LEU X 182 34.19 16.03 50.22
N ASN X 183 34.83 15.96 49.07
CA ASN X 183 36.00 16.78 48.76
C ASN X 183 35.63 17.67 47.59
N ALA X 184 35.82 18.98 47.76
CA ALA X 184 35.42 19.92 46.72
C ALA X 184 36.18 21.22 46.89
N GLY X 185 36.84 21.66 45.84
CA GLY X 185 37.59 22.89 45.90
C GLY X 185 38.67 22.86 46.96
N SER X 186 38.44 23.58 48.05
CA SER X 186 39.36 23.63 49.19
C SER X 186 38.77 23.05 50.46
N GLU X 187 37.69 22.26 50.34
CA GLU X 187 36.91 21.75 51.46
C GLU X 187 37.03 20.24 51.49
N ILE X 188 37.32 19.68 52.67
CA ILE X 188 37.12 18.26 52.93
C ILE X 188 36.21 18.16 54.13
N GLN X 189 35.05 17.55 53.94
CA GLN X 189 34.13 17.27 55.03
C GLN X 189 33.92 15.77 55.07
N VAL X 190 34.35 15.15 56.16
CA VAL X 190 34.36 13.69 56.29
C VAL X 190 33.66 13.31 57.58
N ALA X 191 32.72 12.38 57.50
CA ALA X 191 31.90 12.01 58.65
C ALA X 191 31.80 10.50 58.71
N GLY X 192 32.41 9.89 59.72
CA GLY X 192 32.17 8.51 60.01
C GLY X 192 30.85 8.34 60.71
N PHE X 193 30.21 7.19 60.47
CA PHE X 193 28.98 6.85 61.16
C PHE X 193 29.04 5.40 61.60
N ASP X 194 28.29 5.11 62.64
CA ASP X 194 28.06 3.77 63.14
C ASP X 194 26.64 3.72 63.67
N TYR X 195 25.85 2.78 63.18
CA TYR X 195 24.47 2.70 63.62
C TYR X 195 24.37 2.14 65.03
N SER X 196 25.34 1.33 65.44
CA SER X 196 25.35 0.72 66.76
C SER X 196 26.06 1.57 67.80
N CYS X 197 26.71 2.67 67.42
CA CYS X 197 27.46 3.50 68.34
C CYS X 197 28.52 2.69 69.08
N ALA X 198 29.14 1.75 68.37
CA ALA X 198 30.22 0.94 68.91
C ALA X 198 29.79 0.18 70.15
N LEU X 199 28.82 -0.72 69.96
CA LEU X 199 28.44 -1.61 71.04
C LEU X 199 29.45 -2.75 71.19
N ASN X 200 29.59 -3.55 70.15
CA ASN X 200 30.46 -4.71 70.17
C ASN X 200 31.87 -4.41 69.67
N ALA X 201 32.14 -3.20 69.21
CA ALA X 201 33.47 -2.88 68.75
C ALA X 201 34.44 -2.89 69.93
N PRO X 202 35.72 -3.18 69.69
CA PRO X 202 36.65 -3.31 70.82
C PRO X 202 36.80 -2.00 71.59
N ALA X 203 36.61 -2.10 72.90
CA ALA X 203 36.80 -0.97 73.83
C ALA X 203 35.79 0.15 73.59
N ASN X 204 34.68 -0.13 72.92
CA ASN X 204 33.62 0.85 72.69
C ASN X 204 34.14 2.09 71.98
N ILE X 205 35.10 1.89 71.08
CA ILE X 205 35.75 2.96 70.33
C ILE X 205 35.93 2.48 68.90
N GLN X 206 35.23 3.08 67.96
CA GLN X 206 35.28 2.70 66.56
C GLN X 206 36.17 3.67 65.80
N GLN X 207 37.22 3.14 65.17
CA GLN X 207 38.19 3.96 64.47
C GLN X 207 37.70 4.27 63.06
N PHE X 208 38.03 5.47 62.58
CA PHE X 208 37.73 5.91 61.24
C PHE X 208 38.94 6.62 60.68
N GLU X 209 39.14 6.47 59.37
CA GLU X 209 40.35 7.00 58.73
C GLU X 209 40.01 7.37 57.29
N HIS X 210 40.51 8.53 56.86
CA HIS X 210 40.26 9.06 55.53
C HIS X 210 41.57 9.58 54.95
N ILE X 211 41.98 9.01 53.82
CA ILE X 211 43.21 9.39 53.12
C ILE X 211 42.80 10.13 51.86
N VAL X 212 43.26 11.37 51.74
CA VAL X 212 42.99 12.18 50.54
C VAL X 212 44.33 12.62 49.96
N GLN X 213 44.55 12.28 48.69
CA GLN X 213 45.85 12.40 48.04
C GLN X 213 45.80 13.58 47.09
N LEU X 214 46.50 14.67 47.44
CA LEU X 214 46.59 15.79 46.53
C LEU X 214 47.31 15.39 45.26
N ARG X 215 46.83 15.91 44.13
CA ARG X 215 47.49 15.63 42.86
C ARG X 215 48.74 16.46 42.67
N ARG X 216 48.98 17.47 43.50
CA ARG X 216 50.23 18.21 43.53
C ARG X 216 50.52 18.61 44.96
N ALA X 217 51.80 18.79 45.27
CA ALA X 217 52.20 19.06 46.64
C ALA X 217 52.09 20.55 46.94
N LEU X 218 51.31 20.89 47.95
CA LEU X 218 51.22 22.26 48.46
C LEU X 218 52.32 22.52 49.47
N THR X 219 52.47 23.80 49.84
CA THR X 219 53.55 24.24 50.68
C THR X 219 53.09 25.46 51.46
N THR X 220 53.50 25.53 52.73
CA THR X 220 53.18 26.64 53.63
C THR X 220 51.69 26.96 53.59
N ALA X 221 50.87 25.92 53.73
CA ALA X 221 49.43 26.05 53.63
C ALA X 221 48.83 26.32 55.00
N THR X 222 47.93 27.29 55.07
CA THR X 222 47.14 27.56 56.27
C THR X 222 45.82 26.81 56.14
N ILE X 223 45.47 26.08 57.19
CA ILE X 223 44.40 25.08 57.14
C ILE X 223 43.50 25.24 58.35
N THR X 224 42.19 25.26 58.13
CA THR X 224 41.22 25.43 59.20
C THR X 224 40.54 24.09 59.45
N LEU X 225 40.71 23.57 60.67
CA LEU X 225 40.15 22.28 61.06
C LEU X 225 39.09 22.52 62.12
N LEU X 226 37.89 22.01 61.89
CA LEU X 226 36.77 22.11 62.81
C LEU X 226 36.13 20.74 62.98
N PRO X 227 35.44 20.50 64.10
CA PRO X 227 34.66 19.28 64.24
C PRO X 227 33.38 19.35 63.41
N ASP X 228 32.56 18.32 63.55
CA ASP X 228 31.13 18.38 63.25
C ASP X 228 30.88 18.74 61.78
N ALA X 229 31.25 17.79 60.92
CA ALA X 229 30.98 17.92 59.48
C ALA X 229 29.52 18.26 59.22
N GLU X 230 29.30 19.42 58.62
CA GLU X 230 27.93 19.92 58.47
C GLU X 230 27.14 19.06 57.50
N ARG X 231 27.70 18.80 56.33
CA ARG X 231 26.94 18.20 55.23
C ARG X 231 26.45 16.79 55.53
N PHE X 232 26.97 16.14 56.56
CA PHE X 232 26.56 14.80 56.96
C PHE X 232 26.11 14.79 58.41
N SER X 233 25.39 15.83 58.79
CA SER X 233 24.90 16.03 60.14
C SER X 233 23.40 16.29 60.12
N PHE X 234 22.68 15.58 59.27
CA PHE X 234 21.24 15.73 59.18
C PHE X 234 20.66 14.52 58.47
N PRO X 235 19.34 14.31 58.54
CA PRO X 235 18.75 13.14 57.90
C PRO X 235 18.92 13.16 56.39
N ARG X 236 19.08 11.96 55.83
CA ARG X 236 19.22 11.78 54.38
C ARG X 236 18.64 10.44 53.98
N VAL X 237 18.36 10.33 52.68
CA VAL X 237 18.03 9.06 52.04
C VAL X 237 18.98 8.89 50.87
N ILE X 238 19.82 7.86 50.94
CA ILE X 238 21.00 7.74 50.09
C ILE X 238 20.87 6.49 49.24
N ASN X 239 21.13 6.62 47.95
CA ASN X 239 21.18 5.46 47.08
C ASN X 239 22.28 4.51 47.54
N SER X 240 22.05 3.22 47.36
CA SER X 240 22.99 2.22 47.83
C SER X 240 24.25 2.25 46.97
N ALA X 241 25.17 1.34 47.26
CA ALA X 241 26.41 1.27 46.51
C ALA X 241 26.16 0.97 45.04
N ASP X 242 25.24 0.05 44.76
CA ASP X 242 24.95 -0.39 43.41
C ASP X 242 23.67 0.22 42.84
N GLY X 243 23.02 1.10 43.58
CA GLY X 243 21.82 1.74 43.07
C GLY X 243 20.58 0.86 43.07
N ALA X 244 20.64 -0.31 43.71
CA ALA X 244 19.46 -1.17 43.73
C ALA X 244 18.38 -0.60 44.64
N THR X 245 18.75 -0.13 45.81
CA THR X 245 17.80 0.39 46.80
C THR X 245 18.36 1.67 47.40
N THR X 246 17.67 2.19 48.40
CA THR X 246 18.08 3.38 49.11
C THR X 246 17.92 3.15 50.60
N TRP X 247 18.79 3.78 51.38
CA TRP X 247 18.84 3.58 52.82
C TRP X 247 18.74 4.91 53.54
N PHE X 248 18.18 4.85 54.74
CA PHE X 248 17.90 6.03 55.55
C PHE X 248 19.05 6.27 56.52
N PHE X 249 19.53 7.51 56.55
CA PHE X 249 20.64 7.92 57.41
C PHE X 249 20.13 9.00 58.34
N ASN X 250 20.22 8.75 59.65
CA ASN X 250 19.60 9.59 60.68
C ASN X 250 20.64 9.93 61.73
N PRO X 251 21.49 10.91 61.49
CA PRO X 251 22.67 11.12 62.33
C PRO X 251 22.36 11.81 63.64
N ILE X 252 23.12 11.40 64.66
CA ILE X 252 23.27 12.13 65.91
C ILE X 252 24.76 12.36 66.07
N ILE X 253 25.16 13.61 66.20
CA ILE X 253 26.59 13.94 66.21
C ILE X 253 27.16 13.68 67.59
N LEU X 254 28.32 13.05 67.62
CA LEU X 254 29.17 12.96 68.80
C LEU X 254 30.48 13.66 68.50
N ARG X 255 31.12 14.15 69.53
CA ARG X 255 32.39 14.84 69.34
C ARG X 255 33.47 13.82 68.95
N PRO X 256 34.27 14.07 67.91
CA PRO X 256 35.30 13.09 67.57
C PRO X 256 36.47 13.17 68.55
N ASN X 257 36.78 12.06 69.20
CA ASN X 257 37.77 12.02 70.25
C ASN X 257 39.11 11.54 69.69
N ASN X 258 40.19 12.00 70.34
CA ASN X 258 41.58 11.82 69.89
C ASN X 258 41.70 11.92 68.37
N VAL X 259 41.08 12.97 67.82
CA VAL X 259 41.23 13.27 66.42
C VAL X 259 42.70 13.54 66.12
N GLU X 260 43.17 13.03 64.99
CA GLU X 260 44.56 13.18 64.59
C GLU X 260 44.61 13.38 63.09
N VAL X 261 45.09 14.54 62.67
CA VAL X 261 45.28 14.84 61.25
C VAL X 261 46.78 14.86 60.97
N GLU X 262 47.17 14.11 59.95
CA GLU X 262 48.58 13.93 59.60
C GLU X 262 48.79 14.36 58.17
N PHE X 263 49.70 15.31 57.97
CA PHE X 263 50.06 15.79 56.65
C PHE X 263 51.35 15.12 56.23
N LEU X 264 51.29 14.38 55.12
CA LEU X 264 52.36 13.50 54.67
C LEU X 264 52.90 13.97 53.33
N LEU X 265 54.20 13.82 53.14
CA LEU X 265 54.86 14.09 51.87
C LEU X 265 55.74 12.91 51.51
N ASN X 266 55.54 12.35 50.32
CA ASN X 266 56.32 11.20 49.85
C ASN X 266 56.26 10.05 50.85
N GLY X 267 55.09 9.83 51.41
CA GLY X 267 54.91 8.76 52.39
C GLY X 267 55.33 9.11 53.80
N GLN X 268 56.50 9.72 53.96
CA GLN X 268 56.95 10.10 55.29
C GLN X 268 56.04 11.18 55.88
N ILE X 269 56.01 11.25 57.19
CA ILE X 269 55.22 12.26 57.88
C ILE X 269 55.94 13.59 57.79
N ILE X 270 55.16 14.67 57.71
CA ILE X 270 55.66 16.03 57.75
C ILE X 270 55.09 16.79 58.94
N ASN X 271 53.78 16.75 59.12
CA ASN X 271 53.14 17.41 60.25
C ASN X 271 52.10 16.49 60.87
N THR X 272 51.94 16.61 62.19
CA THR X 272 50.95 15.86 62.94
C THR X 272 50.25 16.80 63.88
N TYR X 273 48.94 16.65 64.01
CA TYR X 273 48.16 17.47 64.93
C TYR X 273 47.12 16.59 65.62
N GLN X 274 47.23 16.51 66.94
CA GLN X 274 46.38 15.66 67.76
C GLN X 274 45.48 16.52 68.63
N ALA X 275 44.18 16.28 68.57
CA ALA X 275 43.21 17.00 69.40
C ALA X 275 43.36 18.50 69.21
N ARG X 276 43.52 18.90 67.96
CA ARG X 276 43.82 20.27 67.57
C ARG X 276 42.73 20.78 66.65
N PHE X 277 42.29 22.01 66.88
CA PHE X 277 41.27 22.64 66.06
C PHE X 277 41.65 24.09 65.84
N GLY X 278 40.93 24.75 64.95
CA GLY X 278 41.29 26.08 64.55
C GLY X 278 42.39 26.07 63.51
N THR X 279 42.87 27.26 63.19
CA THR X 279 43.87 27.38 62.14
C THR X 279 45.17 26.71 62.54
N ILE X 280 45.73 25.95 61.59
CA ILE X 280 46.98 25.24 61.72
C ILE X 280 47.72 25.42 60.40
N VAL X 281 48.92 24.87 60.32
CA VAL X 281 49.75 24.99 59.13
C VAL X 281 50.27 23.64 58.73
N ALA X 282 50.27 23.38 57.42
CA ALA X 282 50.98 22.26 56.83
C ALA X 282 52.17 22.86 56.09
N ARG X 283 53.37 22.56 56.59
CA ARG X 283 54.57 23.14 55.99
C ARG X 283 54.70 22.74 54.53
N ASN X 284 54.60 21.46 54.24
CA ASN X 284 54.74 20.95 52.88
C ASN X 284 54.15 19.54 52.87
N PHE X 285 53.09 19.34 52.10
CA PHE X 285 52.36 18.08 52.20
C PHE X 285 51.79 17.69 50.86
N ASP X 286 51.57 16.38 50.72
CA ASP X 286 51.06 15.77 49.51
C ASP X 286 49.84 14.90 49.74
N THR X 287 49.63 14.40 50.95
CA THR X 287 48.41 13.69 51.30
C THR X 287 48.01 14.10 52.71
N ILE X 288 46.72 14.01 52.99
CA ILE X 288 46.16 14.28 54.30
C ILE X 288 45.54 12.99 54.81
N ARG X 289 45.79 12.68 56.07
CA ARG X 289 45.33 11.46 56.71
C ARG X 289 44.56 11.88 57.96
N LEU X 290 43.24 11.88 57.86
CA LEU X 290 42.37 12.31 58.93
C LEU X 290 41.86 11.07 59.65
N SER X 291 42.26 10.88 60.89
CA SER X 291 41.81 9.76 61.70
C SER X 291 41.03 10.29 62.89
N PHE X 292 39.91 9.65 63.19
CA PHE X 292 39.13 10.02 64.35
C PHE X 292 38.47 8.76 64.90
N GLN X 293 37.76 8.92 66.01
CA GLN X 293 37.21 7.77 66.73
C GLN X 293 35.84 8.14 67.25
N LEU X 294 34.87 7.27 67.02
CA LEU X 294 33.57 7.36 67.66
C LEU X 294 33.64 6.58 68.95
N MET X 295 33.72 7.27 70.07
CA MET X 295 33.81 6.67 71.40
C MET X 295 32.44 6.71 72.04
N ARG X 296 31.88 5.54 72.33
CA ARG X 296 30.59 5.50 72.99
C ARG X 296 30.71 6.17 74.36
N PRO X 297 29.81 7.09 74.73
CA PRO X 297 29.93 7.73 76.04
C PRO X 297 29.80 6.70 77.15
N PRO X 298 30.74 6.65 78.11
CA PRO X 298 30.58 5.69 79.19
C PRO X 298 29.39 6.03 80.07
N ASN X 299 29.35 7.27 80.55
CA ASN X 299 28.21 7.79 81.28
C ASN X 299 27.20 8.37 80.28
N MET X 300 25.93 8.35 80.67
CA MET X 300 24.88 8.70 79.73
C MET X 300 23.64 9.13 80.48
N THR X 301 23.07 10.26 80.06
CA THR X 301 21.78 10.69 80.54
C THR X 301 20.72 9.71 80.06
N PRO X 302 19.56 9.62 80.74
CA PRO X 302 18.47 8.80 80.20
C PRO X 302 18.09 9.12 78.77
N ALA X 303 18.14 10.39 78.36
CA ALA X 303 17.79 10.72 76.98
C ALA X 303 18.74 10.03 76.01
N VAL X 304 20.05 10.22 76.18
CA VAL X 304 20.99 9.61 75.26
C VAL X 304 20.96 8.08 75.40
N ASN X 305 20.63 7.58 76.59
CA ASN X 305 20.41 6.14 76.74
C ASN X 305 19.30 5.67 75.81
N ALA X 306 18.18 6.38 75.81
CA ALA X 306 17.09 6.04 74.90
C ALA X 306 17.56 6.12 73.45
N LEU X 307 18.43 7.09 73.15
CA LEU X 307 18.96 7.21 71.80
C LEU X 307 19.70 5.95 71.39
N PHE X 308 20.55 5.42 72.28
CA PHE X 308 21.42 4.28 71.96
C PHE X 308 21.04 3.04 72.75
N PRO X 309 20.27 2.10 72.19
CA PRO X 309 20.00 0.84 72.89
C PRO X 309 21.12 -0.17 72.64
N GLN X 310 20.90 -1.39 73.14
CA GLN X 310 21.77 -2.53 72.84
C GLN X 310 21.07 -3.54 71.93
N ALA X 311 20.03 -3.12 71.23
CA ALA X 311 19.22 -3.97 70.37
C ALA X 311 19.42 -3.58 68.92
N GLN X 312 18.69 -4.25 68.03
CA GLN X 312 18.84 -4.05 66.60
C GLN X 312 18.16 -2.82 66.00
N PRO X 313 16.94 -2.38 66.48
CA PRO X 313 16.24 -1.27 65.80
C PRO X 313 17.10 -0.07 65.37
N PHE X 314 17.86 0.52 66.30
CA PHE X 314 18.79 1.60 65.97
C PHE X 314 18.08 2.75 65.27
N GLN X 315 17.15 3.39 65.99
CA GLN X 315 16.39 4.48 65.41
C GLN X 315 17.24 5.70 65.10
N HIS X 316 18.38 5.87 65.77
CA HIS X 316 19.27 7.00 65.56
C HIS X 316 20.70 6.47 65.47
N HIS X 317 21.51 7.10 64.62
CA HIS X 317 22.82 6.55 64.24
C HIS X 317 23.92 7.52 64.60
N ALA X 318 24.90 7.06 65.37
CA ALA X 318 25.93 7.97 65.86
C ALA X 318 26.91 8.30 64.75
N THR X 319 27.34 9.56 64.69
CA THR X 319 28.31 9.98 63.68
C THR X 319 29.27 10.99 64.25
N VAL X 320 30.50 10.97 63.75
CA VAL X 320 31.56 11.88 64.15
C VAL X 320 32.18 12.46 62.89
N GLY X 321 32.38 13.77 62.87
CA GLY X 321 32.74 14.46 61.64
C GLY X 321 33.91 15.42 61.82
N LEU X 322 34.47 15.79 60.67
CA LEU X 322 35.54 16.75 60.57
C LEU X 322 35.31 17.61 59.33
N THR X 323 35.67 18.89 59.45
CA THR X 323 35.68 19.82 58.33
C THR X 323 37.06 20.43 58.23
N LEU X 324 37.55 20.60 57.01
CA LEU X 324 38.96 20.85 56.77
C LEU X 324 39.07 21.77 55.55
N ARG X 325 39.25 23.06 55.80
CA ARG X 325 39.41 24.06 54.77
C ARG X 325 40.89 24.35 54.55
N ILE X 326 41.24 24.68 53.32
CA ILE X 326 42.57 25.22 53.01
C ILE X 326 42.39 26.70 52.72
N GLU X 327 42.71 27.55 53.69
CA GLU X 327 42.51 28.98 53.53
C GLU X 327 43.45 29.55 52.47
N SER X 328 44.71 29.15 52.49
CA SER X 328 45.70 29.67 51.56
C SER X 328 46.80 28.64 51.40
N ALA X 329 47.60 28.81 50.36
CA ALA X 329 48.65 27.84 50.07
C ALA X 329 49.64 28.41 49.08
N VAL X 330 50.75 27.71 48.92
CA VAL X 330 51.77 28.00 47.93
C VAL X 330 52.04 26.71 47.16
N CYS X 331 51.93 26.78 45.83
CA CYS X 331 52.05 25.60 44.99
C CYS X 331 53.06 25.84 43.88
N GLU X 332 53.79 24.78 43.52
CA GLU X 332 54.69 24.86 42.39
C GLU X 332 53.92 24.97 41.09
N SER X 333 52.93 24.10 40.90
CA SER X 333 52.14 24.09 39.68
C SER X 333 51.09 25.19 39.74
N VAL X 334 50.14 25.17 38.81
CA VAL X 334 49.13 26.21 38.67
C VAL X 334 47.76 25.57 38.85
N LEU X 335 46.92 26.21 39.67
CA LEU X 335 45.58 25.72 39.97
C LEU X 335 44.59 26.86 39.87
N ALA X 336 43.31 26.51 39.80
CA ALA X 336 42.25 27.49 39.91
C ALA X 336 42.10 27.92 41.36
N ASP X 337 41.58 29.14 41.55
CA ASP X 337 41.46 29.73 42.87
C ASP X 337 40.10 30.39 43.00
N ALA X 338 39.83 30.89 44.20
CA ALA X 338 38.67 31.73 44.45
C ALA X 338 38.93 33.19 44.09
N ASN X 339 40.19 33.58 43.91
CA ASN X 339 40.56 34.97 43.66
C ASN X 339 40.89 35.23 42.20
N GLU X 340 41.76 34.41 41.60
CA GLU X 340 42.13 34.61 40.21
C GLU X 340 40.97 34.23 39.29
N THR X 341 41.08 34.64 38.02
CA THR X 341 40.05 34.42 37.02
C THR X 341 40.61 33.83 35.74
N LEU X 342 41.77 33.18 35.80
CA LEU X 342 42.41 32.71 34.57
C LEU X 342 41.70 31.49 34.00
N LEU X 343 41.30 30.55 34.86
CA LEU X 343 40.52 29.42 34.39
C LEU X 343 39.23 29.88 33.75
N ALA X 344 38.55 30.84 34.40
CA ALA X 344 37.34 31.39 33.83
C ALA X 344 37.61 32.03 32.47
N ASN X 345 38.71 32.76 32.35
CA ASN X 345 39.02 33.42 31.08
C ASN X 345 39.22 32.40 29.97
N VAL X 346 40.02 31.37 30.24
CA VAL X 346 40.32 30.38 29.21
C VAL X 346 39.05 29.65 28.79
N THR X 347 38.28 29.19 29.78
CA THR X 347 37.04 28.48 29.47
C THR X 347 36.08 29.38 28.72
N ALA X 348 36.04 30.66 29.08
CA ALA X 348 35.16 31.60 28.40
C ALA X 348 35.53 31.73 26.93
N VAL X 349 36.82 31.88 26.65
CA VAL X 349 37.25 32.03 25.26
C VAL X 349 36.88 30.80 24.46
N ARG X 350 37.18 29.62 25.03
CA ARG X 350 36.89 28.37 24.31
C ARG X 350 35.39 28.21 24.08
N GLN X 351 34.57 28.52 25.07
CA GLN X 351 33.12 28.41 24.89
C GLN X 351 32.62 29.41 23.86
N GLU X 352 33.15 30.64 23.88
CA GLU X 352 32.71 31.67 22.95
C GLU X 352 32.96 31.25 21.52
N TYR X 353 34.16 30.76 21.23
CA TYR X 353 34.55 30.48 19.86
C TYR X 353 34.49 29.01 19.51
N ALA X 354 33.84 28.18 20.34
CA ALA X 354 33.51 26.81 20.01
C ALA X 354 34.74 26.04 19.52
N ILE X 355 35.81 26.13 20.29
CA ILE X 355 37.07 25.48 19.91
C ILE X 355 36.86 23.97 19.91
N PRO X 356 37.26 23.23 18.87
CA PRO X 356 37.11 21.78 18.93
C PRO X 356 37.94 21.19 20.06
N VAL X 357 37.40 20.16 20.70
CA VAL X 357 38.08 19.54 21.82
C VAL X 357 39.43 19.03 21.37
N GLY X 358 40.47 19.38 22.13
CA GLY X 358 41.83 19.14 21.71
C GLY X 358 42.44 17.90 22.31
N PRO X 359 43.69 17.61 21.93
CA PRO X 359 44.29 16.33 22.37
C PRO X 359 44.43 16.18 23.87
N VAL X 360 44.72 17.26 24.61
CA VAL X 360 45.19 17.18 25.98
C VAL X 360 44.11 17.60 26.98
N PHE X 361 43.46 18.73 26.75
CA PHE X 361 42.50 19.22 27.72
C PHE X 361 41.20 18.42 27.65
N PRO X 362 40.42 18.44 28.72
CA PRO X 362 39.14 17.74 28.69
C PRO X 362 38.09 18.58 27.98
N PRO X 363 36.89 18.04 27.76
CA PRO X 363 35.86 18.82 27.07
C PRO X 363 35.39 19.98 27.93
N GLY X 364 35.35 21.17 27.34
CA GLY X 364 34.89 22.34 28.06
C GLY X 364 35.77 22.75 29.21
N MET X 365 37.03 22.31 29.23
CA MET X 365 37.95 22.62 30.31
C MET X 365 37.34 22.26 31.66
N ASN X 366 36.69 21.11 31.72
CA ASN X 366 36.09 20.62 32.95
C ASN X 366 37.16 20.50 34.03
N TRP X 367 37.09 21.35 35.04
CA TRP X 367 38.21 21.44 35.98
C TRP X 367 38.33 20.19 36.84
N THR X 368 37.20 19.58 37.21
CA THR X 368 37.27 18.39 38.04
C THR X 368 37.97 17.26 37.32
N GLU X 369 37.57 16.99 36.08
CA GLU X 369 38.27 15.98 35.29
C GLU X 369 39.67 16.41 34.93
N LEU X 370 39.96 17.71 34.93
CA LEU X 370 41.31 18.16 34.62
C LEU X 370 42.26 17.89 35.79
N ILE X 371 41.79 18.12 37.01
CA ILE X 371 42.64 17.90 38.18
C ILE X 371 42.64 16.44 38.61
N THR X 372 41.61 15.67 38.27
CA THR X 372 41.62 14.25 38.59
C THR X 372 42.79 13.55 37.89
N ASN X 373 43.12 13.99 36.68
CA ASN X 373 44.24 13.45 35.90
C ASN X 373 45.06 14.65 35.47
N TYR X 374 46.18 14.88 36.15
CA TYR X 374 46.91 16.14 36.03
C TYR X 374 48.31 15.88 35.50
N SER X 375 48.39 15.11 34.42
CA SER X 375 49.63 14.66 33.80
C SER X 375 50.58 15.83 33.52
N PRO X 376 51.87 15.57 33.32
CA PRO X 376 52.81 16.70 33.13
C PRO X 376 52.55 17.51 31.88
N SER X 377 52.18 16.87 30.76
CA SER X 377 51.88 17.63 29.56
C SER X 377 50.67 18.52 29.78
N ARG X 378 49.63 17.98 30.41
CA ARG X 378 48.45 18.77 30.72
C ARG X 378 48.79 19.94 31.63
N GLU X 379 49.66 19.71 32.62
CA GLU X 379 50.08 20.80 33.49
C GLU X 379 50.83 21.87 32.72
N ASP X 380 51.73 21.47 31.80
CA ASP X 380 52.49 22.45 31.05
C ASP X 380 51.56 23.29 30.17
N ASN X 381 50.63 22.63 29.49
CA ASN X 381 49.69 23.38 28.66
C ASN X 381 48.85 24.32 29.50
N LEU X 382 48.43 23.87 30.68
CA LEU X 382 47.63 24.71 31.56
C LEU X 382 48.43 25.92 32.01
N GLN X 383 49.70 25.73 32.33
CA GLN X 383 50.53 26.87 32.72
C GLN X 383 50.66 27.86 31.58
N ARG X 384 50.84 27.37 30.35
CA ARG X 384 50.96 28.26 29.21
C ARG X 384 49.68 29.09 29.02
N VAL X 385 48.53 28.41 28.98
CA VAL X 385 47.29 29.14 28.74
C VAL X 385 46.97 30.05 29.93
N PHE X 386 47.36 29.68 31.14
CA PHE X 386 47.08 30.55 32.28
C PHE X 386 47.94 31.80 32.24
N THR X 387 49.22 31.68 31.91
CA THR X 387 50.04 32.89 31.82
C THR X 387 49.56 33.78 30.68
N VAL X 388 49.14 33.19 29.57
CA VAL X 388 48.60 34.01 28.50
C VAL X 388 47.29 34.66 28.94
N ALA X 389 46.49 33.95 29.74
CA ALA X 389 45.24 34.52 30.23
C ALA X 389 45.51 35.71 31.14
N SER X 390 46.54 35.62 31.97
CA SER X 390 46.89 36.77 32.82
C SER X 390 47.39 37.93 31.96
N ILE X 391 48.18 37.63 30.93
CA ILE X 391 48.64 38.68 30.02
C ILE X 391 47.45 39.38 29.38
N ARG X 392 46.44 38.61 28.94
CA ARG X 392 45.25 39.22 28.38
C ARG X 392 44.50 40.04 29.42
N SER X 393 44.33 39.50 30.62
CA SER X 393 43.57 40.19 31.65
C SER X 393 44.25 41.46 32.10
N MET X 394 45.54 41.62 31.82
CA MET X 394 46.17 42.91 32.06
C MET X 394 45.44 44.03 31.33
N LEU X 395 45.01 43.78 30.09
CA LEU X 395 44.46 44.81 29.22
C LEU X 395 42.95 44.71 29.02
N ILE X 396 42.38 43.52 29.04
CA ILE X 396 40.97 43.31 28.70
C ILE X 396 40.28 42.66 29.89
N LYS X 397 39.25 43.32 30.40
CA LYS X 397 38.43 42.77 31.48
C LYS X 397 36.95 42.81 31.08
N MET Y 1 66.08 47.51 59.57
CA MET Y 1 65.28 46.54 58.78
C MET Y 1 64.91 47.09 57.42
N GLU Y 2 64.80 48.42 57.34
CA GLU Y 2 64.57 49.05 56.05
C GLU Y 2 65.68 48.70 55.07
N VAL Y 3 66.89 48.49 55.57
CA VAL Y 3 67.98 48.02 54.72
C VAL Y 3 67.63 46.66 54.14
N LEU Y 4 67.13 45.75 54.98
CA LEU Y 4 66.79 44.43 54.49
C LEU Y 4 65.69 44.49 53.44
N TYR Y 5 64.66 45.29 53.68
CA TYR Y 5 63.60 45.42 52.68
C TYR Y 5 64.14 46.04 51.40
N SER Y 6 65.01 47.03 51.51
CA SER Y 6 65.56 47.67 50.32
C SER Y 6 66.39 46.68 49.50
N LEU Y 7 67.21 45.88 50.18
CA LEU Y 7 67.94 44.82 49.48
C LEU Y 7 66.98 43.90 48.76
N SER Y 8 65.92 43.45 49.43
CA SER Y 8 65.01 42.53 48.79
C SER Y 8 64.33 43.18 47.59
N LYS Y 9 63.93 44.44 47.71
CA LYS Y 9 63.26 45.11 46.61
C LYS Y 9 64.20 45.29 45.43
N THR Y 10 65.44 45.71 45.67
CA THR Y 10 66.35 45.91 44.54
C THR Y 10 66.70 44.59 43.89
N LEU Y 11 66.78 43.50 44.65
CA LEU Y 11 67.05 42.19 44.03
C LEU Y 11 65.86 41.71 43.22
N LYS Y 12 64.64 41.87 43.75
CA LYS Y 12 63.46 41.54 42.98
C LYS Y 12 63.41 42.33 41.69
N ASP Y 13 63.72 43.63 41.77
CA ASP Y 13 63.72 44.47 40.59
C ASP Y 13 64.88 44.17 39.66
N ALA Y 14 65.98 43.61 40.18
CA ALA Y 14 67.06 43.22 39.28
C ALA Y 14 66.70 41.96 38.51
N ARG Y 15 66.06 41.00 39.18
CA ARG Y 15 65.57 39.84 38.46
C ARG Y 15 64.44 40.22 37.50
N ASP Y 16 63.70 41.29 37.81
CA ASP Y 16 62.57 41.70 37.00
C ASP Y 16 63.01 42.53 35.80
N LYS Y 17 63.60 43.70 36.07
CA LYS Y 17 63.88 44.66 35.00
C LYS Y 17 65.04 44.21 34.13
N ILE Y 18 66.11 43.72 34.73
CA ILE Y 18 67.32 43.42 33.96
C ILE Y 18 67.10 42.10 33.23
N VAL Y 19 66.58 42.20 32.00
CA VAL Y 19 66.31 41.04 31.16
C VAL Y 19 66.89 41.31 29.78
N GLU Y 20 67.11 40.24 29.04
CA GLU Y 20 67.74 40.36 27.73
C GLU Y 20 66.87 41.17 26.78
N GLY Y 21 67.48 42.14 26.11
CA GLY Y 21 66.84 42.91 25.07
C GLY Y 21 66.21 44.21 25.50
N THR Y 22 66.07 44.45 26.80
CA THR Y 22 65.42 45.67 27.25
C THR Y 22 66.33 46.87 27.05
N LEU Y 23 65.70 48.03 26.87
CA LEU Y 23 66.45 49.26 26.74
C LEU Y 23 67.17 49.58 28.04
N TYR Y 24 68.30 50.28 27.91
CA TYR Y 24 69.01 50.73 29.10
C TYR Y 24 68.28 51.87 29.78
N SER Y 25 67.45 52.62 29.05
CA SER Y 25 66.64 53.65 29.69
C SER Y 25 65.66 53.03 30.67
N ASN Y 26 65.26 51.79 30.45
CA ASN Y 26 64.31 51.13 31.34
C ASN Y 26 64.91 50.77 32.69
N VAL Y 27 66.23 50.61 32.77
CA VAL Y 27 66.86 50.08 33.98
C VAL Y 27 68.04 50.92 34.41
N SER Y 28 68.19 52.14 33.88
CA SER Y 28 69.31 52.98 34.28
C SER Y 28 69.28 53.26 35.79
N ASP Y 29 68.15 53.75 36.30
CA ASP Y 29 68.08 54.09 37.71
C ASP Y 29 68.22 52.85 38.59
N LEU Y 30 67.63 51.74 38.17
CA LEU Y 30 67.81 50.51 38.92
C LEU Y 30 69.26 50.09 38.95
N ILE Y 31 69.98 50.31 37.84
CA ILE Y 31 71.39 49.92 37.83
C ILE Y 31 72.18 50.82 38.76
N GLN Y 32 71.82 52.09 38.86
CA GLN Y 32 72.48 52.94 39.86
C GLN Y 32 72.22 52.41 41.27
N GLN Y 33 70.99 52.01 41.55
CA GLN Y 33 70.69 51.42 42.85
C GLN Y 33 71.50 50.15 43.07
N PHE Y 34 71.64 49.33 42.03
CA PHE Y 34 72.39 48.09 42.13
C PHE Y 34 73.87 48.35 42.40
N ASN Y 35 74.43 49.36 41.74
CA ASN Y 35 75.83 49.73 42.00
C ASN Y 35 75.99 50.21 43.44
N GLN Y 36 75.04 51.00 43.94
CA GLN Y 36 75.12 51.43 45.33
C GLN Y 36 75.06 50.23 46.27
N MET Y 37 74.18 49.28 45.97
CA MET Y 37 74.09 48.07 46.80
C MET Y 37 75.42 47.33 46.82
N ILE Y 38 76.00 47.08 45.64
CA ILE Y 38 77.23 46.30 45.58
C ILE Y 38 78.36 47.04 46.29
N VAL Y 39 78.48 48.34 46.06
CA VAL Y 39 79.57 49.10 46.67
C VAL Y 39 79.41 49.12 48.19
N THR Y 40 78.18 49.23 48.67
CA THR Y 40 77.98 49.29 50.11
C THR Y 40 78.21 47.93 50.76
N MET Y 41 77.86 46.84 50.07
CA MET Y 41 77.99 45.52 50.63
C MET Y 41 79.38 44.93 50.47
N ASN Y 42 80.20 45.48 49.56
CA ASN Y 42 81.52 44.92 49.32
C ASN Y 42 82.41 45.14 50.54
N GLY Y 43 83.28 44.16 50.81
CA GLY Y 43 84.22 44.27 51.90
C GLY Y 43 83.65 44.10 53.28
N ASN Y 44 82.49 43.46 53.40
CA ASN Y 44 81.87 43.18 54.69
C ASN Y 44 81.43 41.73 54.71
N ASP Y 45 81.76 41.03 55.79
CA ASP Y 45 81.41 39.63 55.97
C ASP Y 45 80.20 39.53 56.90
N PHE Y 46 79.42 38.47 56.69
CA PHE Y 46 78.20 38.25 57.46
C PHE Y 46 78.14 36.78 57.89
N GLN Y 47 77.45 36.55 59.00
CA GLN Y 47 77.31 35.20 59.56
C GLN Y 47 75.84 34.98 59.88
N THR Y 48 75.33 33.81 59.46
CA THR Y 48 73.91 33.50 59.57
C THR Y 48 73.74 32.12 60.18
N GLY Y 49 72.63 31.94 60.89
CA GLY Y 49 72.28 30.65 61.44
C GLY Y 49 72.81 30.43 62.83
N GLY Y 50 72.63 29.20 63.29
CA GLY Y 50 73.08 28.77 64.60
C GLY Y 50 71.99 28.41 65.59
N ILE Y 51 70.72 28.42 65.18
CA ILE Y 51 69.61 28.05 66.04
C ILE Y 51 69.03 26.76 65.49
N GLY Y 52 69.04 25.71 66.30
CA GLY Y 52 68.53 24.43 65.86
C GLY Y 52 69.26 23.91 64.65
N ASN Y 53 68.51 23.40 63.69
CA ASN Y 53 69.05 22.82 62.47
C ASN Y 53 69.29 23.86 61.38
N LEU Y 54 69.16 25.14 61.69
CA LEU Y 54 69.46 26.19 60.72
C LEU Y 54 70.98 26.24 60.54
N PRO Y 55 71.54 25.75 59.44
CA PRO Y 55 73.00 25.59 59.37
C PRO Y 55 73.72 26.94 59.42
N ILE Y 56 74.90 26.92 60.04
CA ILE Y 56 75.75 28.10 60.06
C ILE Y 56 76.23 28.38 58.64
N ARG Y 57 76.24 29.66 58.28
CA ARG Y 57 76.68 30.07 56.95
C ARG Y 57 77.49 31.35 57.08
N ASN Y 58 78.47 31.47 56.20
CA ASN Y 58 79.32 32.66 56.10
C ASN Y 58 79.16 33.26 54.71
N TRP Y 59 79.03 34.58 54.66
CA TRP Y 59 78.90 35.31 53.41
C TRP Y 59 79.99 36.36 53.34
N THR Y 60 80.61 36.48 52.18
CA THR Y 60 81.51 37.57 51.87
C THR Y 60 81.16 38.09 50.49
N PHE Y 61 81.19 39.41 50.34
CA PHE Y 61 80.73 40.08 49.14
C PHE Y 61 81.90 40.72 48.43
N ASP Y 62 82.20 40.24 47.23
CA ASP Y 62 83.23 40.82 46.36
C ASP Y 62 82.68 40.70 44.94
N PHE Y 63 82.02 41.76 44.48
CA PHE Y 63 81.43 41.80 43.16
C PHE Y 63 81.75 43.14 42.52
N GLY Y 64 81.65 43.18 41.20
CA GLY Y 64 82.02 44.36 40.43
C GLY Y 64 80.82 45.20 40.05
N LEU Y 65 81.05 46.51 39.99
CA LEU Y 65 79.99 47.42 39.58
C LEU Y 65 79.58 47.13 38.14
N LEU Y 66 78.28 47.03 37.91
CA LEU Y 66 77.78 46.69 36.59
C LEU Y 66 78.16 47.78 35.58
N GLY Y 67 78.43 47.36 34.36
CA GLY Y 67 78.84 48.28 33.32
C GLY Y 67 77.71 49.22 32.94
N THR Y 68 78.07 50.24 32.14
CA THR Y 68 77.11 51.24 31.69
C THR Y 68 77.29 51.65 30.24
N THR Y 69 78.12 50.95 29.47
CA THR Y 69 78.48 51.38 28.14
C THR Y 69 77.48 50.96 27.07
N LEU Y 70 76.41 50.26 27.44
CA LEU Y 70 75.56 49.56 26.48
C LEU Y 70 74.26 50.31 26.23
N LEU Y 71 73.87 50.39 24.96
CA LEU Y 71 72.66 51.08 24.53
C LEU Y 71 71.40 50.21 24.64
N ASN Y 72 71.54 48.89 24.63
CA ASN Y 72 70.40 47.99 24.75
C ASN Y 72 70.91 46.67 25.29
N LEU Y 73 70.24 46.14 26.32
CA LEU Y 73 70.81 45.04 27.08
C LEU Y 73 70.96 43.79 26.22
N ASP Y 74 72.00 43.02 26.53
CA ASP Y 74 72.32 41.80 25.82
C ASP Y 74 72.70 40.73 26.85
N ALA Y 75 73.01 39.53 26.38
CA ALA Y 75 73.15 38.39 27.27
C ALA Y 75 74.32 38.55 28.25
N ASN Y 76 75.37 39.29 27.86
CA ASN Y 76 76.51 39.46 28.76
C ASN Y 76 76.07 40.17 30.04
N TYR Y 77 75.42 41.33 29.87
CA TYR Y 77 74.96 42.10 31.02
C TYR Y 77 74.02 41.27 31.88
N VAL Y 78 73.09 40.57 31.23
CA VAL Y 78 72.11 39.79 31.95
C VAL Y 78 72.80 38.70 32.76
N GLU Y 79 73.82 38.06 32.20
CA GLU Y 79 74.43 36.93 32.90
C GLU Y 79 75.27 37.40 34.08
N THR Y 80 76.03 38.49 33.93
CA THR Y 80 76.76 39.01 35.10
C THR Y 80 75.79 39.42 36.20
N ALA Y 81 74.74 40.14 35.82
CA ALA Y 81 73.74 40.53 36.81
C ALA Y 81 73.12 39.32 37.46
N ARG Y 82 72.85 38.27 36.69
CA ARG Y 82 72.20 37.08 37.22
C ARG Y 82 73.09 36.36 38.23
N THR Y 83 74.38 36.22 37.91
CA THR Y 83 75.24 35.51 38.86
C THR Y 83 75.42 36.31 40.14
N THR Y 84 75.35 37.64 40.07
CA THR Y 84 75.37 38.41 41.32
C THR Y 84 74.04 38.30 42.06
N ILE Y 85 72.93 38.33 41.32
CA ILE Y 85 71.61 38.40 41.92
C ILE Y 85 71.29 37.11 42.65
N GLU Y 86 71.72 35.97 42.10
CA GLU Y 86 71.44 34.70 42.75
C GLU Y 86 72.09 34.65 44.13
N TYR Y 87 73.34 35.08 44.22
CA TYR Y 87 74.04 35.08 45.50
C TYR Y 87 73.35 36.01 46.49
N PHE Y 88 73.02 37.23 46.08
CA PHE Y 88 72.34 38.12 47.01
C PHE Y 88 70.97 37.60 47.40
N ILE Y 89 70.24 36.96 46.47
CA ILE Y 89 68.92 36.43 46.81
C ILE Y 89 69.06 35.37 47.88
N ASP Y 90 70.03 34.48 47.73
CA ASP Y 90 70.24 33.46 48.76
C ASP Y 90 70.62 34.10 50.08
N PHE Y 91 71.43 35.16 50.04
CA PHE Y 91 71.82 35.83 51.29
C PHE Y 91 70.61 36.43 51.99
N ILE Y 92 69.75 37.11 51.24
CA ILE Y 92 68.58 37.75 51.86
C ILE Y 92 67.62 36.70 52.37
N ASP Y 93 67.45 35.61 51.63
CA ASP Y 93 66.62 34.51 52.11
C ASP Y 93 67.14 33.99 53.43
N ASN Y 94 68.46 33.79 53.54
CA ASN Y 94 69.01 33.22 54.76
C ASN Y 94 68.90 34.19 55.93
N VAL Y 95 69.11 35.47 55.68
CA VAL Y 95 68.97 36.45 56.76
C VAL Y 95 67.53 36.49 57.26
N CYS Y 96 66.57 36.50 56.34
CA CYS Y 96 65.17 36.51 56.75
C CYS Y 96 64.83 35.23 57.50
N MET Y 97 65.33 34.10 57.03
CA MET Y 97 65.06 32.82 57.66
C MET Y 97 65.64 32.78 59.07
N ASP Y 98 66.78 33.43 59.28
CA ASP Y 98 67.37 33.50 60.61
C ASP Y 98 66.60 34.46 61.51
N GLU Y 99 66.10 35.56 60.96
CA GLU Y 99 65.42 36.55 61.79
C GLU Y 99 64.00 36.11 62.14
N MET Y 100 63.37 35.27 61.31
CA MET Y 100 62.03 34.81 61.63
C MET Y 100 61.99 33.94 62.88
N VAL Y 101 63.14 33.41 63.31
CA VAL Y 101 63.16 32.36 64.33
C VAL Y 101 63.68 32.82 65.68
N ARG Y 102 63.91 34.13 65.86
CA ARG Y 102 64.46 34.66 67.09
C ARG Y 102 63.47 35.60 67.77
N GLU Y 103 63.56 35.66 69.10
CA GLU Y 103 62.61 36.43 69.90
C GLU Y 103 63.33 37.07 71.07
N SER Y 104 62.61 37.94 71.77
CA SER Y 104 63.09 38.55 72.99
C SER Y 104 61.89 39.13 73.74
N GLN Y 105 61.77 38.78 75.01
CA GLN Y 105 60.70 39.35 75.82
C GLN Y 105 60.81 40.86 75.90
N ARG Y 106 62.03 41.36 76.09
CA ARG Y 106 62.30 42.78 76.25
C ARG Y 106 62.92 43.32 74.96
N ASN Y 107 62.38 44.44 74.47
CA ASN Y 107 62.83 45.04 73.22
C ASN Y 107 62.64 44.08 72.05
N GLY Y 108 61.37 43.76 71.79
CA GLY Y 108 61.05 42.79 70.75
C GLY Y 108 61.08 43.37 69.35
N VAL Y 109 60.85 44.67 69.22
CA VAL Y 109 60.92 45.30 67.91
C VAL Y 109 62.34 45.28 67.38
N ALA Y 110 63.33 45.42 68.26
CA ALA Y 110 64.68 45.67 67.83
C ALA Y 110 65.25 44.48 67.07
N PRO Y 111 66.30 44.69 66.27
CA PRO Y 111 66.89 43.58 65.51
C PRO Y 111 67.37 42.45 66.41
N GLN Y 112 67.11 41.23 65.98
CA GLN Y 112 67.82 40.03 66.40
C GLN Y 112 68.80 39.70 65.29
N SER Y 113 69.41 38.50 65.34
CA SER Y 113 70.16 38.03 64.18
C SER Y 113 71.33 38.94 63.84
N GLU Y 114 72.44 38.81 64.59
CA GLU Y 114 73.59 39.70 64.49
C GLU Y 114 73.94 40.12 63.05
N ALA Y 115 73.68 39.26 62.07
CA ALA Y 115 73.74 39.70 60.69
C ALA Y 115 72.81 40.88 60.44
N LEU Y 116 71.54 40.74 60.81
CA LEU Y 116 70.59 41.83 60.59
C LEU Y 116 70.88 42.99 61.52
N ARG Y 117 71.41 42.72 62.71
CA ARG Y 117 71.84 43.80 63.58
C ARG Y 117 72.94 44.63 62.94
N LYS Y 118 73.87 43.96 62.25
CA LYS Y 118 74.88 44.68 61.47
C LYS Y 118 74.23 45.46 60.34
N LEU Y 119 73.29 44.84 59.62
CA LEU Y 119 72.63 45.53 58.53
C LEU Y 119 71.87 46.76 59.01
N ALA Y 120 71.48 46.80 60.27
CA ALA Y 120 70.89 48.00 60.85
C ALA Y 120 71.90 49.10 61.11
N GLY Y 121 73.18 48.88 60.82
CA GLY Y 121 74.21 49.85 61.13
C GLY Y 121 74.08 51.15 60.38
N ILE Y 122 75.12 51.98 60.44
CA ILE Y 122 75.07 53.32 59.86
C ILE Y 122 75.55 53.34 58.42
N LYS Y 123 76.55 52.51 58.08
CA LYS Y 123 77.08 52.51 56.73
C LYS Y 123 76.11 51.94 55.71
N PHE Y 124 75.07 51.22 56.14
CA PHE Y 124 74.15 50.58 55.24
C PHE Y 124 72.90 51.41 54.94
N LYS Y 125 72.80 52.62 55.49
CA LYS Y 125 71.66 53.47 55.16
C LYS Y 125 71.64 53.89 53.70
N ARG Y 126 72.80 53.85 53.03
CA ARG Y 126 72.86 54.23 51.62
C ARG Y 126 72.09 53.28 50.73
N ILE Y 127 71.70 52.09 51.24
CA ILE Y 127 71.01 51.10 50.42
C ILE Y 127 69.50 51.26 50.50
N ASN Y 128 68.99 52.13 51.38
CA ASN Y 128 67.56 52.35 51.49
C ASN Y 128 67.01 52.83 50.15
N PHE Y 129 66.17 52.01 49.52
CA PHE Y 129 65.76 52.22 48.14
C PHE Y 129 64.37 52.85 48.07
N ASN Y 130 63.38 52.19 48.64
CA ASN Y 130 62.05 52.75 48.80
C ASN Y 130 61.30 51.83 49.75
N ASN Y 131 60.10 52.24 50.13
CA ASN Y 131 59.27 51.48 51.06
C ASN Y 131 57.84 51.53 50.52
N SER Y 132 57.51 50.56 49.67
CA SER Y 132 56.22 50.53 48.99
C SER Y 132 55.31 49.41 49.45
N SER Y 133 55.88 48.31 49.93
CA SER Y 133 55.06 47.19 50.38
C SER Y 133 54.21 47.63 51.57
N GLU Y 134 53.06 46.97 51.73
CA GLU Y 134 52.15 47.33 52.81
C GLU Y 134 52.80 47.13 54.17
N TYR Y 135 53.48 46.00 54.36
CA TYR Y 135 54.05 45.69 55.67
C TYR Y 135 55.17 46.65 56.04
N ILE Y 136 56.06 46.94 55.09
CA ILE Y 136 57.15 47.85 55.41
C ILE Y 136 56.64 49.28 55.54
N GLU Y 137 55.62 49.65 54.78
CA GLU Y 137 55.04 50.98 54.94
C GLU Y 137 54.47 51.14 56.34
N ASN Y 138 53.72 50.14 56.81
CA ASN Y 138 53.19 50.20 58.16
C ASN Y 138 54.31 50.16 59.19
N TRP Y 139 55.38 49.43 58.91
CA TRP Y 139 56.52 49.41 59.82
C TRP Y 139 57.11 50.80 59.98
N ASN Y 140 57.33 51.50 58.87
CA ASN Y 140 57.87 52.86 58.94
C ASN Y 140 56.90 53.79 59.65
N LEU Y 141 55.60 53.65 59.38
CA LEU Y 141 54.62 54.50 60.05
C LEU Y 141 54.66 54.30 61.55
N GLN Y 142 54.69 53.05 62.01
CA GLN Y 142 54.80 52.81 63.44
C GLN Y 142 56.12 53.32 63.99
N ASN Y 143 57.18 53.26 63.21
CA ASN Y 143 58.46 53.77 63.66
C ASN Y 143 58.38 55.27 63.96
N ARG Y 144 57.89 56.04 62.99
CA ARG Y 144 57.64 57.48 63.20
C ARG Y 144 56.17 57.61 63.57
N ARG Y 145 55.90 57.65 64.88
CA ARG Y 145 54.59 57.35 65.48
C ARG Y 145 53.44 57.92 64.68
N GLN Y 146 52.57 57.04 64.20
CA GLN Y 146 51.52 57.43 63.27
C GLN Y 146 50.56 56.26 63.13
N ARG Y 147 49.30 56.58 62.85
CA ARG Y 147 48.27 55.55 62.76
C ARG Y 147 48.46 54.75 61.49
N THR Y 148 48.44 53.43 61.62
CA THR Y 148 48.62 52.50 60.52
C THR Y 148 47.36 51.65 60.40
N GLY Y 149 47.42 50.65 59.54
CA GLY Y 149 46.37 49.67 59.47
C GLY Y 149 46.62 48.64 58.40
N PHE Y 150 46.47 47.37 58.77
CA PHE Y 150 46.59 46.26 57.84
C PHE Y 150 45.19 45.87 57.41
N VAL Y 151 45.00 45.74 56.10
CA VAL Y 151 43.73 45.32 55.53
C VAL Y 151 43.73 43.80 55.45
N PHE Y 152 42.68 43.18 55.99
CA PHE Y 152 42.60 41.75 56.13
C PHE Y 152 41.31 41.23 55.53
N HIS Y 153 41.41 40.06 54.91
CA HIS Y 153 40.27 39.36 54.33
C HIS Y 153 40.05 38.10 55.16
N LYS Y 154 38.93 38.06 55.89
CA LYS Y 154 38.64 37.01 56.86
C LYS Y 154 39.77 36.91 57.89
N PRO Y 155 39.92 37.90 58.76
CA PRO Y 155 41.01 37.86 59.74
C PRO Y 155 40.70 36.88 60.87
N ASN Y 156 41.69 36.04 61.20
CA ASN Y 156 41.54 35.06 62.27
C ASN Y 156 41.79 35.76 63.61
N ILE Y 157 40.75 36.46 64.08
CA ILE Y 157 40.85 37.29 65.27
C ILE Y 157 40.21 36.59 66.47
N PHE Y 158 39.22 35.75 66.20
CA PHE Y 158 38.57 35.01 67.26
C PHE Y 158 39.39 33.78 67.63
N PRO Y 159 39.75 33.58 68.90
CA PRO Y 159 40.35 32.30 69.28
C PRO Y 159 39.33 31.19 69.14
N TYR Y 160 39.81 30.00 68.81
CA TYR Y 160 38.92 28.86 68.67
C TYR Y 160 38.32 28.55 70.04
N SER Y 161 37.03 28.84 70.20
CA SER Y 161 36.33 28.59 71.45
C SER Y 161 34.94 28.07 71.13
N ALA Y 162 34.73 26.78 71.33
CA ALA Y 162 33.41 26.16 71.22
C ALA Y 162 32.98 25.73 72.61
N SER Y 163 31.84 26.22 73.07
CA SER Y 163 31.41 25.94 74.43
C SER Y 163 29.93 26.29 74.58
N PHE Y 164 29.45 26.25 75.82
CA PHE Y 164 28.05 26.51 76.11
C PHE Y 164 27.90 26.91 77.57
N THR Y 165 26.95 27.80 77.83
CA THR Y 165 26.53 28.15 79.17
C THR Y 165 25.08 27.73 79.37
N LEU Y 166 24.78 27.24 80.56
CA LEU Y 166 23.44 26.76 80.92
C LEU Y 166 22.92 27.65 82.04
N ASN Y 167 22.02 28.58 81.70
CA ASN Y 167 21.41 29.42 82.72
C ASN Y 167 20.35 28.69 83.51
N ARG Y 168 19.97 27.48 83.11
CA ARG Y 168 19.01 26.67 83.85
C ARG Y 168 19.35 25.21 83.60
N SER Y 169 19.74 24.49 84.64
CA SER Y 169 20.25 23.14 84.49
C SER Y 169 19.70 22.26 85.61
N GLN Y 170 19.74 20.95 85.36
CA GLN Y 170 19.36 19.93 86.32
C GLN Y 170 20.36 18.79 86.18
N PRO Y 171 20.48 17.94 87.20
CA PRO Y 171 21.41 16.82 87.07
C PRO Y 171 21.00 15.80 86.01
N MET Y 172 19.74 15.81 85.58
CA MET Y 172 19.30 14.96 84.49
C MET Y 172 19.37 15.61 83.13
N HIS Y 173 19.65 16.91 83.05
CA HIS Y 173 19.83 17.63 81.78
C HIS Y 173 18.68 17.36 80.82
N ASP Y 174 17.46 17.42 81.34
CA ASP Y 174 16.25 17.19 80.55
C ASP Y 174 15.49 18.45 80.23
N ASN Y 175 15.71 19.54 80.98
CA ASN Y 175 15.03 20.82 80.77
C ASN Y 175 16.07 21.90 80.95
N LEU Y 176 16.75 22.25 79.85
CA LEU Y 176 17.85 23.19 79.87
C LEU Y 176 17.46 24.49 79.17
N MET Y 177 18.23 25.52 79.45
CA MET Y 177 18.11 26.80 78.75
C MET Y 177 19.46 27.49 78.84
N GLY Y 178 19.88 28.10 77.75
CA GLY Y 178 21.18 28.75 77.74
C GLY Y 178 21.61 29.03 76.32
N THR Y 179 22.93 29.03 76.12
CA THR Y 179 23.48 29.28 74.80
C THR Y 179 24.65 28.34 74.53
N MET Y 180 24.86 28.07 73.26
CA MET Y 180 26.08 27.44 72.77
C MET Y 180 26.70 28.40 71.77
N TRP Y 181 28.01 28.35 71.64
CA TRP Y 181 28.66 29.26 70.70
C TRP Y 181 30.00 28.69 70.27
N LEU Y 182 30.31 28.89 68.99
CA LEU Y 182 31.62 28.62 68.43
C LEU Y 182 32.16 29.92 67.85
N ASN Y 183 33.30 30.35 68.36
CA ASN Y 183 34.02 31.51 67.86
C ASN Y 183 35.29 30.96 67.22
N ALA Y 184 35.43 31.10 65.91
CA ALA Y 184 36.61 30.53 65.25
C ALA Y 184 36.94 31.31 64.00
N GLY Y 185 38.24 31.52 63.79
CA GLY Y 185 38.70 32.26 62.64
C GLY Y 185 38.09 33.65 62.61
N SER Y 186 37.15 33.86 61.70
CA SER Y 186 36.46 35.13 61.54
C SER Y 186 34.95 34.94 61.60
N GLU Y 187 34.47 33.98 62.38
CA GLU Y 187 33.05 33.66 62.43
C GLU Y 187 32.62 33.40 63.86
N ILE Y 188 31.50 34.00 64.23
CA ILE Y 188 30.82 33.74 65.50
C ILE Y 188 29.50 33.08 65.16
N GLN Y 189 29.32 31.83 65.54
CA GLN Y 189 28.04 31.14 65.40
C GLN Y 189 27.53 30.84 66.79
N VAL Y 190 26.49 31.55 67.22
CA VAL Y 190 25.95 31.44 68.57
C VAL Y 190 24.47 31.08 68.46
N ALA Y 191 24.05 30.08 69.22
CA ALA Y 191 22.67 29.62 69.21
C ALA Y 191 22.17 29.53 70.64
N GLY Y 192 21.10 30.27 70.93
CA GLY Y 192 20.47 30.21 72.23
C GLY Y 192 19.31 29.24 72.19
N PHE Y 193 19.29 28.32 73.14
CA PHE Y 193 18.33 27.24 73.16
C PHE Y 193 17.54 27.25 74.46
N ASP Y 194 16.30 26.77 74.37
CA ASP Y 194 15.41 26.57 75.50
C ASP Y 194 14.62 25.31 75.24
N TYR Y 195 14.50 24.47 76.26
CA TYR Y 195 13.77 23.22 76.10
C TYR Y 195 12.28 23.41 76.33
N SER Y 196 11.91 24.34 77.22
CA SER Y 196 10.51 24.62 77.48
C SER Y 196 9.85 25.47 76.40
N CYS Y 197 10.62 25.99 75.45
CA CYS Y 197 10.10 26.91 74.43
C CYS Y 197 9.47 28.13 75.07
N ALA Y 198 10.08 28.62 76.15
CA ALA Y 198 9.68 29.86 76.80
C ALA Y 198 8.23 29.81 77.27
N LEU Y 199 7.85 28.70 77.88
CA LEU Y 199 6.50 28.57 78.41
C LEU Y 199 6.26 29.55 79.55
N ASN Y 200 7.17 29.55 80.53
CA ASN Y 200 7.00 30.32 81.76
C ASN Y 200 7.75 31.65 81.74
N ALA Y 201 8.42 31.98 80.65
CA ALA Y 201 9.17 33.22 80.58
C ALA Y 201 8.21 34.41 80.57
N PRO Y 202 8.69 35.62 80.92
CA PRO Y 202 7.79 36.78 80.94
C PRO Y 202 7.22 37.09 79.58
N ALA Y 203 5.90 36.91 79.43
CA ALA Y 203 5.22 37.10 78.15
C ALA Y 203 5.78 36.18 77.06
N ASN Y 204 6.23 35.00 77.46
CA ASN Y 204 6.75 34.01 76.52
C ASN Y 204 7.91 34.57 75.71
N ILE Y 205 8.84 35.22 76.41
CA ILE Y 205 10.03 35.81 75.81
C ILE Y 205 11.22 35.37 76.64
N GLN Y 206 12.20 34.73 76.00
CA GLN Y 206 13.44 34.33 76.65
C GLN Y 206 14.59 35.08 76.00
N GLN Y 207 15.35 35.82 76.81
CA GLN Y 207 16.41 36.66 76.30
C GLN Y 207 17.72 35.88 76.25
N PHE Y 208 18.46 36.05 75.16
CA PHE Y 208 19.77 35.44 75.00
C PHE Y 208 20.77 36.52 74.63
N GLU Y 209 21.89 36.54 75.34
CA GLU Y 209 22.94 37.53 75.18
C GLU Y 209 24.27 36.83 75.01
N HIS Y 210 25.09 37.33 74.09
CA HIS Y 210 26.44 36.83 73.87
C HIS Y 210 27.37 38.01 73.70
N ILE Y 211 28.48 37.99 74.43
CA ILE Y 211 29.50 39.03 74.39
C ILE Y 211 30.78 38.40 73.88
N VAL Y 212 31.32 38.93 72.79
CA VAL Y 212 32.60 38.50 72.24
C VAL Y 212 33.52 39.70 72.23
N GLN Y 213 34.60 39.63 73.00
CA GLN Y 213 35.50 40.75 73.22
C GLN Y 213 36.76 40.53 72.40
N LEU Y 214 36.92 41.29 71.32
CA LEU Y 214 38.09 41.15 70.48
C LEU Y 214 39.34 41.49 71.26
N ARG Y 215 40.44 40.83 70.90
CA ARG Y 215 41.71 41.10 71.56
C ARG Y 215 42.25 42.45 71.16
N ARG Y 216 42.07 42.83 69.91
CA ARG Y 216 42.48 44.12 69.39
C ARG Y 216 41.36 44.71 68.56
N ALA Y 217 41.32 46.03 68.48
CA ALA Y 217 40.19 46.73 67.87
C ALA Y 217 40.29 46.67 66.36
N LEU Y 218 39.29 46.08 65.72
CA LEU Y 218 39.17 46.14 64.27
C LEU Y 218 38.61 47.49 63.85
N THR Y 219 38.67 47.77 62.56
CA THR Y 219 38.23 49.05 62.02
C THR Y 219 37.72 48.85 60.62
N THR Y 220 36.65 49.59 60.28
CA THR Y 220 36.03 49.54 58.96
C THR Y 220 35.76 48.11 58.51
N ALA Y 221 35.18 47.34 59.42
CA ALA Y 221 34.92 45.93 59.15
C ALA Y 221 33.59 45.76 58.43
N THR Y 222 33.58 44.85 57.45
CA THR Y 222 32.38 44.43 56.76
C THR Y 222 31.98 43.08 57.33
N ILE Y 223 30.73 42.96 57.78
CA ILE Y 223 30.30 41.82 58.57
C ILE Y 223 28.98 41.31 58.01
N THR Y 224 28.98 40.05 57.58
CA THR Y 224 27.77 39.41 57.09
C THR Y 224 27.08 38.71 58.26
N LEU Y 225 25.81 39.05 58.48
CA LEU Y 225 25.02 38.52 59.58
C LEU Y 225 23.86 37.74 59.00
N LEU Y 226 23.65 36.54 59.49
CA LEU Y 226 22.55 35.69 59.07
C LEU Y 226 21.93 35.03 60.29
N PRO Y 227 20.68 34.57 60.19
CA PRO Y 227 20.11 33.75 61.27
C PRO Y 227 20.60 32.31 61.17
N ASP Y 228 20.14 31.50 62.13
CA ASP Y 228 20.15 30.04 62.00
C ASP Y 228 21.58 29.51 61.82
N ALA Y 229 22.37 29.66 62.88
CA ALA Y 229 23.68 29.05 62.93
C ALA Y 229 23.59 27.56 62.63
N GLU Y 230 24.18 27.16 61.50
CA GLU Y 230 24.01 25.77 61.05
C GLU Y 230 24.68 24.80 62.00
N ARG Y 231 25.80 25.19 62.62
CA ARG Y 231 26.54 24.26 63.45
C ARG Y 231 25.71 23.75 64.62
N PHE Y 232 24.72 24.52 65.06
CA PHE Y 232 23.89 24.14 66.20
C PHE Y 232 22.45 24.03 65.75
N SER Y 233 22.22 23.38 64.61
CA SER Y 233 20.90 23.26 64.01
C SER Y 233 20.52 21.80 63.75
N PHE Y 234 21.09 20.87 64.49
CA PHE Y 234 20.92 19.45 64.29
C PHE Y 234 21.26 18.70 65.57
N PRO Y 235 20.72 17.49 65.75
CA PRO Y 235 20.86 16.81 67.03
C PRO Y 235 22.32 16.50 67.37
N ARG Y 236 22.61 16.53 68.66
CA ARG Y 236 23.96 16.23 69.14
C ARG Y 236 23.89 15.90 70.62
N VAL Y 237 24.77 15.02 71.06
CA VAL Y 237 24.95 14.74 72.48
C VAL Y 237 26.20 15.48 72.93
N ILE Y 238 26.04 16.38 73.89
CA ILE Y 238 27.12 17.22 74.38
C ILE Y 238 27.50 16.73 75.77
N ASN Y 239 28.79 16.62 76.03
CA ASN Y 239 29.23 16.23 77.36
C ASN Y 239 28.84 17.29 78.38
N SER Y 240 28.69 16.88 79.63
CA SER Y 240 28.26 17.79 80.67
C SER Y 240 29.32 18.85 80.92
N ALA Y 241 28.96 19.82 81.77
CA ALA Y 241 29.90 20.86 82.12
C ALA Y 241 31.14 20.28 82.80
N ASP Y 242 30.93 19.33 83.71
CA ASP Y 242 32.03 18.67 84.40
C ASP Y 242 32.59 17.48 83.62
N GLY Y 243 31.92 17.04 82.57
CA GLY Y 243 32.29 15.82 81.89
C GLY Y 243 31.75 14.56 82.54
N ALA Y 244 30.96 14.68 83.60
CA ALA Y 244 30.48 13.50 84.31
C ALA Y 244 29.56 12.67 83.44
N THR Y 245 28.67 13.31 82.68
CA THR Y 245 27.67 12.61 81.88
C THR Y 245 27.61 13.26 80.50
N THR Y 246 26.60 12.87 79.73
CA THR Y 246 26.36 13.42 78.40
C THR Y 246 24.87 13.63 78.23
N TRP Y 247 24.50 14.76 77.63
CA TRP Y 247 23.09 15.13 77.49
C TRP Y 247 22.73 15.32 76.03
N PHE Y 248 21.56 14.80 75.68
CA PHE Y 248 21.04 14.90 74.33
C PHE Y 248 20.53 16.31 74.05
N PHE Y 249 20.56 16.71 72.79
CA PHE Y 249 20.11 18.03 72.38
C PHE Y 249 19.54 17.88 70.98
N ASN Y 250 18.33 18.41 70.77
CA ASN Y 250 17.49 18.05 69.64
C ASN Y 250 16.83 19.30 69.10
N PRO Y 251 17.57 20.11 68.34
CA PRO Y 251 17.09 21.45 68.03
C PRO Y 251 15.90 21.47 67.10
N ILE Y 252 15.10 22.52 67.27
CA ILE Y 252 14.15 22.99 66.27
C ILE Y 252 14.42 24.48 66.15
N ILE Y 253 14.79 24.92 64.94
CA ILE Y 253 15.25 26.29 64.76
C ILE Y 253 14.04 27.20 64.53
N LEU Y 254 13.70 27.96 65.55
CA LEU Y 254 12.76 29.07 65.42
C LEU Y 254 13.43 30.26 64.76
N ARG Y 255 12.62 31.20 64.33
CA ARG Y 255 13.14 32.48 63.89
C ARG Y 255 13.64 33.25 65.12
N PRO Y 256 14.81 33.89 65.06
CA PRO Y 256 15.20 34.77 66.17
C PRO Y 256 14.52 36.12 66.02
N ASN Y 257 13.72 36.50 67.01
CA ASN Y 257 12.95 37.75 66.93
C ASN Y 257 13.67 38.87 67.68
N ASN Y 258 13.41 40.09 67.23
CA ASN Y 258 14.05 41.34 67.64
C ASN Y 258 15.52 41.17 68.00
N VAL Y 259 16.29 40.62 67.06
CA VAL Y 259 17.73 40.56 67.24
C VAL Y 259 18.27 41.99 67.28
N GLU Y 260 19.39 42.16 67.98
CA GLU Y 260 20.07 43.45 68.04
C GLU Y 260 21.54 43.18 68.28
N VAL Y 261 22.38 43.59 67.33
CA VAL Y 261 23.82 43.44 67.42
C VAL Y 261 24.42 44.81 67.61
N GLU Y 262 25.20 44.97 68.68
CA GLU Y 262 25.87 46.22 68.99
C GLU Y 262 27.38 46.02 68.89
N PHE Y 263 28.04 46.98 68.27
CA PHE Y 263 29.48 47.02 68.16
C PHE Y 263 29.99 48.11 69.09
N LEU Y 264 30.78 47.70 70.07
CA LEU Y 264 31.18 48.53 71.20
C LEU Y 264 32.66 48.80 71.15
N LEU Y 265 33.05 50.03 71.50
CA LEU Y 265 34.44 50.43 71.64
C LEU Y 265 34.63 51.06 73.02
N ASN Y 266 35.52 50.49 73.82
CA ASN Y 266 35.77 50.97 75.18
C ASN Y 266 34.48 51.00 75.98
N GLY Y 267 33.63 50.00 75.78
CA GLY Y 267 32.36 49.95 76.48
C GLY Y 267 31.32 50.94 75.99
N GLN Y 268 31.61 51.69 74.93
CA GLN Y 268 30.69 52.65 74.36
C GLN Y 268 30.12 52.09 73.07
N ILE Y 269 28.79 52.12 72.94
CA ILE Y 269 28.11 51.53 71.80
C ILE Y 269 28.42 52.39 70.57
N ILE Y 270 29.24 51.87 69.66
CA ILE Y 270 29.60 52.59 68.46
C ILE Y 270 28.57 52.38 67.36
N ASN Y 271 28.07 51.16 67.18
CA ASN Y 271 27.05 50.89 66.17
C ASN Y 271 26.00 49.94 66.72
N THR Y 272 24.81 50.02 66.15
CA THR Y 272 23.72 49.13 66.51
C THR Y 272 22.93 48.78 65.27
N TYR Y 273 22.61 47.50 65.12
CA TYR Y 273 21.80 47.03 64.01
C TYR Y 273 20.81 46.01 64.53
N GLN Y 274 19.53 46.31 64.39
CA GLN Y 274 18.46 45.47 64.92
C GLN Y 274 17.52 45.07 63.80
N ALA Y 275 17.18 43.78 63.76
CA ALA Y 275 16.37 43.21 62.69
C ALA Y 275 17.01 43.43 61.33
N ARG Y 276 18.35 43.45 61.31
CA ARG Y 276 19.13 43.70 60.11
C ARG Y 276 19.99 42.48 59.83
N PHE Y 277 19.91 41.97 58.61
CA PHE Y 277 20.67 40.81 58.16
C PHE Y 277 21.41 41.17 56.87
N GLY Y 278 22.16 40.21 56.36
CA GLY Y 278 23.03 40.49 55.25
C GLY Y 278 24.26 41.26 55.69
N THR Y 279 24.86 41.96 54.74
CA THR Y 279 26.05 42.72 55.03
C THR Y 279 25.73 43.95 55.88
N ILE Y 280 26.59 44.24 56.84
CA ILE Y 280 26.54 45.44 57.64
C ILE Y 280 27.98 45.91 57.84
N VAL Y 281 28.14 47.08 58.43
CA VAL Y 281 29.44 47.73 58.59
C VAL Y 281 29.63 48.10 60.04
N ALA Y 282 30.80 47.81 60.58
CA ALA Y 282 31.24 48.27 61.89
C ALA Y 282 32.42 49.19 61.68
N ARG Y 283 32.20 50.50 61.84
CA ARG Y 283 33.24 51.46 61.54
C ARG Y 283 34.45 51.29 62.46
N ASN Y 284 34.21 51.01 63.74
CA ASN Y 284 35.28 50.78 64.69
C ASN Y 284 34.66 50.16 65.92
N PHE Y 285 35.34 49.16 66.49
CA PHE Y 285 34.76 48.44 67.61
C PHE Y 285 35.80 47.54 68.26
N ASP Y 286 35.46 47.08 69.45
CA ASP Y 286 36.27 46.16 70.23
C ASP Y 286 35.46 45.01 70.82
N THR Y 287 34.13 45.08 70.76
CA THR Y 287 33.30 44.02 71.31
C THR Y 287 32.03 43.91 70.49
N ILE Y 288 31.53 42.68 70.38
CA ILE Y 288 30.27 42.39 69.71
C ILE Y 288 29.31 41.89 70.77
N ARG Y 289 28.16 42.55 70.88
CA ARG Y 289 27.11 42.18 71.82
C ARG Y 289 25.90 41.76 70.99
N LEU Y 290 25.65 40.46 70.92
CA LEU Y 290 24.52 39.90 70.20
C LEU Y 290 23.42 39.62 71.19
N SER Y 291 22.25 40.24 71.00
CA SER Y 291 21.13 40.11 71.91
C SER Y 291 19.91 39.71 71.09
N PHE Y 292 19.49 38.46 71.20
CA PHE Y 292 18.31 37.98 70.49
C PHE Y 292 17.37 37.35 71.50
N GLN Y 293 16.22 36.88 71.03
CA GLN Y 293 15.21 36.34 71.92
C GLN Y 293 14.50 35.17 71.25
N LEU Y 294 14.09 34.23 72.09
CA LEU Y 294 13.19 33.17 71.71
C LEU Y 294 11.78 33.58 72.11
N MET Y 295 10.85 33.50 71.16
CA MET Y 295 9.45 33.80 71.42
C MET Y 295 8.62 32.59 71.01
N ARG Y 296 7.82 32.08 71.92
CA ARG Y 296 6.90 31.02 71.57
C ARG Y 296 5.92 31.56 70.53
N PRO Y 297 5.78 30.92 69.37
CA PRO Y 297 4.91 31.48 68.34
C PRO Y 297 3.47 31.51 68.84
N PRO Y 298 2.78 32.67 68.80
CA PRO Y 298 1.43 32.72 69.35
C PRO Y 298 0.47 31.73 68.70
N ASN Y 299 0.29 31.82 67.39
CA ASN Y 299 -0.62 30.95 66.68
C ASN Y 299 0.15 29.76 66.14
N MET Y 300 -0.30 28.55 66.50
CA MET Y 300 0.42 27.32 66.22
C MET Y 300 -0.44 26.40 65.38
N THR Y 301 0.13 25.86 64.31
CA THR Y 301 -0.46 24.76 63.60
C THR Y 301 -0.54 23.56 64.54
N PRO Y 302 -1.44 22.61 64.29
CA PRO Y 302 -1.47 21.42 65.16
C PRO Y 302 -0.16 20.68 65.27
N ALA Y 303 0.62 20.56 64.19
CA ALA Y 303 1.89 19.84 64.28
C ALA Y 303 2.89 20.59 65.17
N VAL Y 304 3.08 21.89 64.92
CA VAL Y 304 3.99 22.65 65.76
C VAL Y 304 3.47 22.75 67.19
N ASN Y 305 2.16 22.60 67.39
CA ASN Y 305 1.64 22.53 68.75
C ASN Y 305 2.03 21.22 69.40
N ALA Y 306 1.94 20.11 68.66
CA ALA Y 306 2.38 18.83 69.20
C ALA Y 306 3.85 18.85 69.53
N LEU Y 307 4.63 19.66 68.81
CA LEU Y 307 6.07 19.73 69.10
C LEU Y 307 6.34 20.23 70.52
N PHE Y 308 5.63 21.27 70.94
CA PHE Y 308 5.93 21.96 72.21
C PHE Y 308 4.82 21.68 73.21
N PRO Y 309 4.91 20.59 73.99
CA PRO Y 309 3.89 20.35 75.00
C PRO Y 309 4.02 21.32 76.15
N GLN Y 310 2.98 21.37 76.98
CA GLN Y 310 2.98 22.19 78.17
C GLN Y 310 3.66 21.53 79.36
N ALA Y 311 3.94 20.24 79.29
CA ALA Y 311 4.37 19.44 80.42
C ALA Y 311 5.86 19.12 80.34
N GLN Y 312 6.32 18.36 81.32
CA GLN Y 312 7.76 18.19 81.54
C GLN Y 312 8.53 17.52 80.41
N PRO Y 313 8.03 16.45 79.72
CA PRO Y 313 8.92 15.64 78.85
C PRO Y 313 9.79 16.42 77.88
N PHE Y 314 9.21 17.24 77.00
CA PHE Y 314 9.98 18.12 76.13
C PHE Y 314 10.97 17.34 75.27
N GLN Y 315 10.41 16.53 74.36
CA GLN Y 315 11.28 15.74 73.49
C GLN Y 315 12.11 16.64 72.58
N HIS Y 316 11.47 17.58 71.89
CA HIS Y 316 12.18 18.52 71.03
C HIS Y 316 12.59 19.75 71.83
N HIS Y 317 13.64 20.42 71.37
CA HIS Y 317 14.20 21.56 72.09
C HIS Y 317 14.27 22.74 71.14
N ALA Y 318 13.64 23.85 71.49
CA ALA Y 318 13.65 25.00 70.59
C ALA Y 318 14.96 25.75 70.71
N THR Y 319 15.38 26.38 69.61
CA THR Y 319 16.53 27.26 69.69
C THR Y 319 16.52 28.23 68.53
N VAL Y 320 17.31 29.28 68.67
CA VAL Y 320 17.42 30.35 67.69
C VAL Y 320 18.88 30.74 67.54
N GLY Y 321 19.33 30.91 66.30
CA GLY Y 321 20.74 31.06 65.99
C GLY Y 321 21.12 32.43 65.48
N LEU Y 322 22.43 32.60 65.31
CA LEU Y 322 22.98 33.81 64.73
C LEU Y 322 24.38 33.51 64.25
N THR Y 323 24.64 33.77 62.97
CA THR Y 323 25.96 33.64 62.37
C THR Y 323 26.46 35.02 61.99
N LEU Y 324 27.72 35.30 62.29
CA LEU Y 324 28.32 36.61 62.07
C LEU Y 324 29.74 36.41 61.57
N ARG Y 325 29.97 36.68 60.29
CA ARG Y 325 31.27 36.46 59.66
C ARG Y 325 31.87 37.80 59.29
N ILE Y 326 33.09 38.07 59.76
CA ILE Y 326 33.81 39.26 59.35
C ILE Y 326 34.45 38.95 58.00
N GLU Y 327 33.91 39.51 56.92
CA GLU Y 327 34.45 39.24 55.61
C GLU Y 327 35.76 39.99 55.37
N SER Y 328 35.90 41.19 55.94
CA SER Y 328 37.15 41.92 55.82
C SER Y 328 37.17 43.01 56.89
N ALA Y 329 38.37 43.50 57.17
CA ALA Y 329 38.53 44.47 58.25
C ALA Y 329 39.87 45.17 58.09
N VAL Y 330 40.09 46.16 58.95
CA VAL Y 330 41.36 46.88 59.04
C VAL Y 330 41.76 46.92 60.50
N CYS Y 331 42.98 46.50 60.80
CA CYS Y 331 43.43 46.37 62.18
C CYS Y 331 44.75 47.09 62.37
N GLU Y 332 44.89 47.76 63.53
CA GLU Y 332 46.15 48.43 63.84
C GLU Y 332 47.25 47.44 64.20
N SER Y 333 46.91 46.25 64.67
CA SER Y 333 47.88 45.21 64.96
C SER Y 333 48.07 44.34 63.72
N VAL Y 334 48.74 43.21 63.87
CA VAL Y 334 49.02 42.28 62.79
C VAL Y 334 48.37 40.96 63.13
N LEU Y 335 47.68 40.36 62.14
CA LEU Y 335 46.85 39.19 62.37
C LEU Y 335 47.10 38.16 61.28
N ALA Y 336 46.74 36.92 61.60
CA ALA Y 336 46.67 35.85 60.61
C ALA Y 336 45.43 36.03 59.76
N ASP Y 337 45.45 35.48 58.56
CA ASP Y 337 44.47 35.80 57.53
C ASP Y 337 44.02 34.54 56.83
N ALA Y 338 43.14 34.72 55.85
CA ALA Y 338 42.85 33.72 54.84
C ALA Y 338 43.50 34.06 53.50
N ASN Y 339 43.88 35.32 53.29
CA ASN Y 339 44.51 35.75 52.06
C ASN Y 339 46.02 35.78 52.13
N GLU Y 340 46.58 35.93 53.33
CA GLU Y 340 48.00 36.04 53.54
C GLU Y 340 48.57 34.75 54.12
N THR Y 341 49.81 34.44 53.74
CA THR Y 341 50.48 33.21 54.14
C THR Y 341 51.65 33.48 55.07
N LEU Y 342 51.61 34.59 55.80
CA LEU Y 342 52.76 35.02 56.60
C LEU Y 342 52.94 34.13 57.82
N LEU Y 343 51.86 33.84 58.54
CA LEU Y 343 51.94 32.92 59.67
C LEU Y 343 52.39 31.56 59.20
N ALA Y 344 51.92 31.13 58.02
CA ALA Y 344 52.35 29.86 57.47
C ALA Y 344 53.85 29.86 57.24
N ASN Y 345 54.38 30.94 56.68
CA ASN Y 345 55.82 31.00 56.41
C ASN Y 345 56.62 30.93 57.70
N VAL Y 346 56.22 31.71 58.71
CA VAL Y 346 56.98 31.75 59.96
C VAL Y 346 56.94 30.38 60.65
N THR Y 347 55.75 29.80 60.76
CA THR Y 347 55.65 28.51 61.41
C THR Y 347 56.38 27.43 60.62
N ALA Y 348 56.37 27.52 59.29
CA ALA Y 348 57.09 26.54 58.49
C ALA Y 348 58.59 26.64 58.71
N VAL Y 349 59.14 27.85 58.74
CA VAL Y 349 60.57 27.97 58.95
C VAL Y 349 60.94 27.44 60.32
N ARG Y 350 60.10 27.69 61.33
CA ARG Y 350 60.42 27.16 62.65
C ARG Y 350 60.35 25.63 62.66
N GLN Y 351 59.33 25.06 62.03
CA GLN Y 351 59.14 23.61 62.08
C GLN Y 351 60.23 22.89 61.29
N GLU Y 352 60.67 23.46 60.17
CA GLU Y 352 61.64 22.77 59.31
C GLU Y 352 62.93 22.52 60.05
N TYR Y 353 63.44 23.52 60.76
CA TYR Y 353 64.72 23.44 61.45
C TYR Y 353 64.57 23.20 62.94
N ALA Y 354 63.36 22.97 63.44
CA ALA Y 354 63.14 22.55 64.82
C ALA Y 354 63.70 23.57 65.80
N ILE Y 355 63.30 24.83 65.62
CA ILE Y 355 63.71 25.87 66.55
C ILE Y 355 63.01 25.64 67.89
N PRO Y 356 63.73 25.57 69.01
CA PRO Y 356 63.04 25.29 70.28
C PRO Y 356 62.18 26.47 70.69
N VAL Y 357 61.18 26.18 71.52
CA VAL Y 357 60.18 27.18 71.88
C VAL Y 357 60.87 28.34 72.59
N GLY Y 358 60.63 29.55 72.08
CA GLY Y 358 61.19 30.74 72.67
C GLY Y 358 60.42 31.20 73.88
N PRO Y 359 60.86 32.33 74.44
CA PRO Y 359 60.23 32.81 75.68
C PRO Y 359 58.90 33.53 75.49
N VAL Y 360 58.53 33.91 74.26
CA VAL Y 360 57.38 34.79 74.04
C VAL Y 360 56.27 34.11 73.26
N PHE Y 361 56.62 33.18 72.36
CA PHE Y 361 55.62 32.54 71.52
C PHE Y 361 55.21 31.20 72.10
N PRO Y 362 54.01 30.71 71.78
CA PRO Y 362 53.59 29.41 72.29
C PRO Y 362 54.24 28.30 71.48
N PRO Y 363 54.19 27.06 71.97
CA PRO Y 363 54.77 25.95 71.19
C PRO Y 363 54.11 25.83 69.84
N GLY Y 364 54.93 25.58 68.82
CA GLY Y 364 54.44 25.38 67.47
C GLY Y 364 53.79 26.59 66.85
N MET Y 365 53.99 27.76 67.46
CA MET Y 365 53.37 29.01 66.98
C MET Y 365 51.87 28.83 66.81
N ASN Y 366 51.25 28.15 67.77
CA ASN Y 366 49.83 27.86 67.68
C ASN Y 366 49.03 29.15 67.76
N TRP Y 367 48.24 29.40 66.73
CA TRP Y 367 47.57 30.70 66.63
C TRP Y 367 46.56 30.92 67.74
N THR Y 368 45.86 29.86 68.15
CA THR Y 368 44.79 30.04 69.13
C THR Y 368 45.34 30.57 70.44
N GLU Y 369 46.35 29.92 71.00
CA GLU Y 369 46.95 30.41 72.23
C GLU Y 369 47.98 31.50 71.99
N LEU Y 370 48.28 31.84 70.74
CA LEU Y 370 49.01 33.07 70.48
C LEU Y 370 48.10 34.27 70.63
N ILE Y 371 46.85 34.15 70.15
CA ILE Y 371 45.94 35.29 70.16
C ILE Y 371 45.06 35.36 71.41
N THR Y 372 44.92 34.27 72.17
CA THR Y 372 44.18 34.36 73.42
C THR Y 372 44.79 35.42 74.33
N ASN Y 373 46.10 35.38 74.48
CA ASN Y 373 46.85 36.40 75.20
C ASN Y 373 47.81 37.04 74.21
N TYR Y 374 47.55 38.30 73.89
CA TYR Y 374 48.21 38.98 72.78
C TYR Y 374 48.97 40.18 73.31
N SER Y 375 49.77 39.95 74.35
CA SER Y 375 50.55 40.95 75.07
C SER Y 375 51.31 41.86 74.11
N PRO Y 376 51.65 43.10 74.51
CA PRO Y 376 52.36 43.99 73.59
C PRO Y 376 53.69 43.46 73.12
N SER Y 377 54.43 42.77 73.99
CA SER Y 377 55.71 42.19 73.56
C SER Y 377 55.49 41.14 72.47
N ARG Y 378 54.49 40.29 72.66
CA ARG Y 378 54.18 39.28 71.66
C ARG Y 378 53.75 39.93 70.36
N GLU Y 379 52.97 41.00 70.43
CA GLU Y 379 52.58 41.70 69.21
C GLU Y 379 53.78 42.28 68.50
N ASP Y 380 54.72 42.86 69.26
CA ASP Y 380 55.91 43.44 68.66
C ASP Y 380 56.72 42.37 67.93
N ASN Y 381 56.95 41.23 68.59
CA ASN Y 381 57.71 40.17 67.96
C ASN Y 381 56.97 39.61 66.75
N LEU Y 382 55.66 39.45 66.86
CA LEU Y 382 54.89 38.94 65.74
C LEU Y 382 54.95 39.88 64.55
N GLN Y 383 54.89 41.19 64.80
CA GLN Y 383 55.00 42.14 63.71
C GLN Y 383 56.38 42.10 63.07
N ARG Y 384 57.43 41.99 63.89
CA ARG Y 384 58.78 41.92 63.33
C ARG Y 384 58.91 40.69 62.42
N VAL Y 385 58.52 39.53 62.92
CA VAL Y 385 58.67 38.32 62.12
C VAL Y 385 57.76 38.34 60.91
N PHE Y 386 56.56 38.92 61.02
CA PHE Y 386 55.67 38.99 59.86
C PHE Y 386 56.25 39.89 58.79
N THR Y 387 56.80 41.04 59.16
CA THR Y 387 57.43 41.91 58.18
C THR Y 387 58.62 41.23 57.51
N VAL Y 388 59.43 40.52 58.30
CA VAL Y 388 60.57 39.82 57.71
C VAL Y 388 60.09 38.72 56.78
N ALA Y 389 59.03 38.02 57.15
CA ALA Y 389 58.50 36.96 56.30
C ALA Y 389 57.96 37.54 54.99
N SER Y 390 57.34 38.72 55.06
CA SER Y 390 56.91 39.37 53.84
C SER Y 390 58.09 39.71 52.95
N ILE Y 391 59.17 40.21 53.54
CA ILE Y 391 60.38 40.51 52.78
C ILE Y 391 60.89 39.26 52.10
N ARG Y 392 60.89 38.14 52.82
CA ARG Y 392 61.36 36.88 52.24
C ARG Y 392 60.45 36.43 51.11
N SER Y 393 59.13 36.52 51.31
CA SER Y 393 58.18 36.09 50.31
C SER Y 393 58.22 36.96 49.07
N MET Y 394 58.73 38.19 49.17
CA MET Y 394 58.93 38.99 47.97
C MET Y 394 59.84 38.27 46.99
N LEU Y 395 60.85 37.57 47.49
CA LEU Y 395 61.89 36.99 46.64
C LEU Y 395 61.69 35.51 46.39
N ILE Y 396 61.42 34.72 47.43
CA ILE Y 396 61.33 33.26 47.30
C ILE Y 396 59.97 32.80 47.79
N LYS Y 397 59.38 31.87 47.05
CA LYS Y 397 58.12 31.25 47.43
C LYS Y 397 58.24 29.74 47.27
N MET Z 1 78.36 23.57 38.42
CA MET Z 1 78.73 22.15 38.21
C MET Z 1 79.32 21.91 36.83
N GLU Z 2 78.97 22.77 35.87
CA GLU Z 2 79.66 22.72 34.58
C GLU Z 2 81.16 22.87 34.79
N VAL Z 3 81.55 23.74 35.72
CA VAL Z 3 82.97 23.89 36.02
C VAL Z 3 83.54 22.61 36.60
N LEU Z 4 82.78 21.93 37.45
CA LEU Z 4 83.28 20.68 38.03
C LEU Z 4 83.46 19.61 36.96
N TYR Z 5 82.47 19.47 36.08
CA TYR Z 5 82.61 18.49 35.01
C TYR Z 5 83.76 18.84 34.09
N SER Z 6 83.97 20.13 33.84
CA SER Z 6 85.10 20.54 33.01
C SER Z 6 86.41 20.21 33.70
N LEU Z 7 86.48 20.39 35.02
CA LEU Z 7 87.68 20.01 35.76
C LEU Z 7 87.95 18.51 35.60
N SER Z 8 86.92 17.70 35.78
CA SER Z 8 87.11 16.26 35.66
C SER Z 8 87.54 15.88 34.24
N LYS Z 9 86.90 16.46 33.23
CA LYS Z 9 87.24 16.13 31.86
C LYS Z 9 88.66 16.55 31.51
N THR Z 10 89.06 17.77 31.91
CA THR Z 10 90.41 18.19 31.56
C THR Z 10 91.46 17.42 32.33
N LEU Z 11 91.19 17.01 33.57
CA LEU Z 11 92.15 16.17 34.27
C LEU Z 11 92.26 14.80 33.61
N LYS Z 12 91.14 14.22 33.18
CA LYS Z 12 91.22 12.95 32.46
C LYS Z 12 92.02 13.11 31.18
N ASP Z 13 91.76 14.18 30.43
CA ASP Z 13 92.48 14.40 29.19
C ASP Z 13 93.95 14.70 29.45
N ALA Z 14 94.28 15.26 30.61
CA ALA Z 14 95.69 15.49 30.93
C ALA Z 14 96.37 14.20 31.34
N ARG Z 15 95.65 13.30 32.00
CA ARG Z 15 96.20 11.98 32.29
C ARG Z 15 96.41 11.18 31.01
N ASP Z 16 95.60 11.44 29.98
CA ASP Z 16 95.63 10.63 28.77
C ASP Z 16 96.55 11.23 27.70
N LYS Z 17 96.21 12.43 27.23
CA LYS Z 17 96.88 13.00 26.07
C LYS Z 17 98.29 13.47 26.41
N ILE Z 18 98.51 13.96 27.62
CA ILE Z 18 99.86 14.34 28.02
C ILE Z 18 100.56 13.05 28.41
N VAL Z 19 101.20 12.42 27.43
CA VAL Z 19 101.87 11.14 27.59
C VAL Z 19 103.27 11.26 27.02
N GLU Z 20 104.16 10.43 27.52
CA GLU Z 20 105.57 10.52 27.17
C GLU Z 20 105.77 10.32 25.67
N GLY Z 21 106.37 11.31 25.02
CA GLY Z 21 106.77 11.20 23.63
C GLY Z 21 105.81 11.80 22.63
N THR Z 22 104.58 12.12 23.03
CA THR Z 22 103.59 12.58 22.07
C THR Z 22 103.96 13.94 21.48
N LEU Z 23 103.46 14.20 20.29
CA LEU Z 23 103.68 15.49 19.65
C LEU Z 23 102.96 16.60 20.40
N TYR Z 24 103.57 17.77 20.45
CA TYR Z 24 102.90 18.91 21.04
C TYR Z 24 101.69 19.33 20.22
N SER Z 25 101.66 19.02 18.93
CA SER Z 25 100.48 19.35 18.13
C SER Z 25 99.25 18.62 18.63
N ASN Z 26 99.42 17.43 19.21
CA ASN Z 26 98.30 16.64 19.67
C ASN Z 26 97.73 17.14 20.99
N VAL Z 27 98.46 17.98 21.72
CA VAL Z 27 98.06 18.38 23.07
C VAL Z 27 98.15 19.89 23.25
N SER Z 28 98.32 20.65 22.17
CA SER Z 28 98.46 22.10 22.31
C SER Z 28 97.24 22.71 22.98
N ASP Z 29 96.05 22.46 22.45
CA ASP Z 29 94.85 23.08 23.00
C ASP Z 29 94.57 22.57 24.41
N LEU Z 30 94.87 21.31 24.67
CA LEU Z 30 94.72 20.79 26.03
C LEU Z 30 95.69 21.46 26.98
N ILE Z 31 96.88 21.81 26.51
CA ILE Z 31 97.82 22.52 27.37
C ILE Z 31 97.30 23.92 27.67
N GLN Z 32 96.69 24.58 26.68
CA GLN Z 32 96.07 25.87 26.97
C GLN Z 32 94.96 25.71 28.00
N GLN Z 33 94.15 24.67 27.87
CA GLN Z 33 93.08 24.42 28.83
C GLN Z 33 93.65 24.17 30.22
N PHE Z 34 94.70 23.36 30.32
CA PHE Z 34 95.28 23.03 31.60
C PHE Z 34 95.89 24.27 32.25
N ASN Z 35 96.54 25.12 31.46
CA ASN Z 35 97.05 26.37 31.99
C ASN Z 35 95.92 27.27 32.48
N GLN Z 36 94.82 27.34 31.73
CA GLN Z 36 93.70 28.16 32.18
C GLN Z 36 93.15 27.65 33.51
N MET Z 37 93.00 26.33 33.63
CA MET Z 37 92.54 25.76 34.90
C MET Z 37 93.50 26.10 36.02
N ILE Z 38 94.80 25.95 35.78
CA ILE Z 38 95.79 26.19 36.83
C ILE Z 38 95.74 27.65 37.27
N VAL Z 39 95.73 28.58 36.31
CA VAL Z 39 95.81 29.98 36.66
C VAL Z 39 94.54 30.44 37.34
N THR Z 40 93.38 29.95 36.91
CA THR Z 40 92.13 30.38 37.52
C THR Z 40 91.80 29.65 38.80
N MET Z 41 92.50 28.56 39.13
CA MET Z 41 92.40 27.94 40.44
C MET Z 41 93.50 28.39 41.40
N ASN Z 42 94.56 29.00 40.90
CA ASN Z 42 95.67 29.39 41.76
C ASN Z 42 95.23 30.40 42.81
N GLY Z 43 95.72 30.22 44.03
CA GLY Z 43 95.47 31.18 45.08
C GLY Z 43 94.10 31.13 45.69
N ASN Z 44 93.29 30.13 45.35
CA ASN Z 44 91.94 29.99 45.88
C ASN Z 44 91.92 28.87 46.91
N ASP Z 45 91.32 29.13 48.06
CA ASP Z 45 91.21 28.16 49.15
C ASP Z 45 89.84 27.51 49.10
N PHE Z 46 89.82 26.18 49.12
CA PHE Z 46 88.58 25.42 49.15
C PHE Z 46 88.53 24.57 50.40
N GLN Z 47 87.31 24.27 50.85
CA GLN Z 47 87.09 23.38 51.98
C GLN Z 47 86.08 22.32 51.56
N THR Z 48 86.40 21.06 51.82
CA THR Z 48 85.57 19.93 51.44
C THR Z 48 85.24 19.08 52.65
N GLY Z 49 83.98 18.65 52.72
CA GLY Z 49 83.54 17.77 53.77
C GLY Z 49 83.12 18.50 55.01
N GLY Z 50 82.62 17.73 55.97
CA GLY Z 50 82.07 18.26 57.20
C GLY Z 50 80.68 17.74 57.49
N ILE Z 51 80.29 16.64 56.85
CA ILE Z 51 79.01 15.98 57.08
C ILE Z 51 79.29 14.52 57.38
N GLY Z 52 78.73 14.03 58.49
CA GLY Z 52 78.98 12.65 58.85
C GLY Z 52 80.44 12.44 59.20
N ASN Z 53 80.91 11.22 58.98
CA ASN Z 53 82.30 10.87 59.24
C ASN Z 53 83.22 11.25 58.08
N LEU Z 54 82.69 11.80 57.00
CA LEU Z 54 83.54 12.29 55.93
C LEU Z 54 84.38 13.44 56.48
N PRO Z 55 85.71 13.41 56.33
CA PRO Z 55 86.54 14.35 57.05
C PRO Z 55 86.48 15.75 56.44
N ILE Z 56 87.13 16.69 57.13
CA ILE Z 56 87.26 18.06 56.67
C ILE Z 56 88.64 18.23 56.07
N ARG Z 57 88.71 18.71 54.83
CA ARG Z 57 89.96 18.90 54.13
C ARG Z 57 90.01 20.30 53.53
N ASN Z 58 91.22 20.84 53.46
CA ASN Z 58 91.46 22.17 52.92
C ASN Z 58 92.42 22.07 51.73
N TRP Z 59 92.11 22.81 50.67
CA TRP Z 59 92.86 22.79 49.44
C TRP Z 59 93.36 24.19 49.12
N THR Z 60 94.66 24.31 48.88
CA THR Z 60 95.30 25.56 48.49
C THR Z 60 96.10 25.29 47.22
N PHE Z 61 95.69 25.91 46.12
CA PHE Z 61 96.26 25.63 44.81
C PHE Z 61 97.29 26.68 44.45
N ASP Z 62 98.53 26.24 44.24
CA ASP Z 62 99.56 27.10 43.65
C ASP Z 62 100.50 26.19 42.86
N PHE Z 63 100.21 26.04 41.58
CA PHE Z 63 100.91 25.11 40.70
C PHE Z 63 101.49 25.85 39.52
N GLY Z 64 102.66 25.40 39.06
CA GLY Z 64 103.26 25.98 37.88
C GLY Z 64 102.59 25.48 36.60
N LEU Z 65 102.57 26.34 35.60
CA LEU Z 65 101.95 26.00 34.33
C LEU Z 65 102.84 25.03 33.57
N LEU Z 66 102.44 24.71 32.35
CA LEU Z 66 103.13 23.74 31.50
C LEU Z 66 103.68 24.45 30.28
N GLY Z 67 104.94 24.16 29.95
CA GLY Z 67 105.58 24.79 28.80
C GLY Z 67 104.83 24.52 27.51
N THR Z 68 105.22 25.26 26.47
CA THR Z 68 104.53 25.25 25.19
C THR Z 68 105.44 25.00 24.00
N THR Z 69 106.68 25.51 24.02
CA THR Z 69 107.50 25.52 22.82
C THR Z 69 107.98 24.14 22.41
N LEU Z 70 107.82 23.13 23.26
CA LEU Z 70 108.35 21.80 22.96
C LEU Z 70 107.74 21.25 21.68
N LEU Z 71 108.57 20.60 20.87
CA LEU Z 71 108.10 19.90 19.69
C LEU Z 71 107.64 18.47 19.99
N ASN Z 72 108.16 17.87 21.07
CA ASN Z 72 107.78 16.53 21.48
C ASN Z 72 107.97 16.41 22.98
N LEU Z 73 106.95 15.90 23.67
CA LEU Z 73 107.03 15.77 25.11
C LEU Z 73 107.97 14.63 25.50
N ASP Z 74 108.35 14.61 26.78
CA ASP Z 74 109.21 13.57 27.32
C ASP Z 74 108.85 13.38 28.79
N ALA Z 75 109.66 12.59 29.50
CA ALA Z 75 109.38 12.32 30.90
C ALA Z 75 109.47 13.58 31.75
N ASN Z 76 110.34 14.52 31.39
CA ASN Z 76 110.48 15.74 32.17
C ASN Z 76 109.20 16.56 32.18
N TYR Z 77 108.36 16.41 31.16
CA TYR Z 77 107.07 17.07 31.12
C TYR Z 77 106.04 16.31 31.94
N VAL Z 78 105.97 15.00 31.73
CA VAL Z 78 104.97 14.17 32.38
C VAL Z 78 105.15 14.18 33.89
N GLU Z 79 106.37 14.36 34.38
CA GLU Z 79 106.58 14.31 35.82
C GLU Z 79 105.89 15.48 36.52
N THR Z 80 106.08 16.70 36.00
CA THR Z 80 105.35 17.85 36.54
C THR Z 80 103.85 17.68 36.33
N ALA Z 81 103.46 17.20 35.14
CA ALA Z 81 102.05 16.99 34.87
C ALA Z 81 101.41 16.11 35.93
N ARG Z 82 102.05 14.98 36.25
CA ARG Z 82 101.46 14.06 37.22
C ARG Z 82 101.50 14.66 38.62
N THR Z 83 102.56 15.41 38.96
CA THR Z 83 102.64 16.00 40.28
C THR Z 83 101.46 16.93 40.53
N THR Z 84 101.00 17.63 39.50
CA THR Z 84 99.81 18.46 39.66
C THR Z 84 98.50 17.66 39.52
N ILE Z 85 98.51 16.66 38.64
CA ILE Z 85 97.29 15.93 38.32
C ILE Z 85 96.83 15.08 39.50
N GLU Z 86 97.75 14.55 40.30
CA GLU Z 86 97.35 13.78 41.46
C GLU Z 86 96.57 14.64 42.44
N TYR Z 87 97.08 15.84 42.71
CA TYR Z 87 96.40 16.75 43.63
C TYR Z 87 95.03 17.13 43.09
N PHE Z 88 94.94 17.46 41.80
CA PHE Z 88 93.63 17.81 41.26
C PHE Z 88 92.68 16.60 41.28
N ILE Z 89 93.17 15.41 40.99
CA ILE Z 89 92.29 14.24 41.04
C ILE Z 89 91.73 14.09 42.45
N ASP Z 90 92.57 14.25 43.46
CA ASP Z 90 92.09 14.21 44.84
C ASP Z 90 91.03 15.28 45.07
N PHE Z 91 91.27 16.49 44.57
CA PHE Z 91 90.35 17.59 44.83
C PHE Z 91 88.97 17.33 44.23
N ILE Z 92 88.92 16.97 42.94
CA ILE Z 92 87.63 16.69 42.32
C ILE Z 92 86.97 15.47 42.97
N ASP Z 93 87.75 14.48 43.37
CA ASP Z 93 87.17 13.34 44.08
C ASP Z 93 86.45 13.80 45.34
N ASN Z 94 87.11 14.62 46.14
CA ASN Z 94 86.51 15.05 47.40
C ASN Z 94 85.31 15.96 47.16
N VAL Z 95 85.40 16.86 46.17
CA VAL Z 95 84.27 17.74 45.88
C VAL Z 95 83.06 16.93 45.44
N CYS Z 96 83.27 15.95 44.56
CA CYS Z 96 82.16 15.13 44.11
C CYS Z 96 81.57 14.34 45.26
N MET Z 97 82.41 13.80 46.15
CA MET Z 97 81.89 13.08 47.30
C MET Z 97 81.04 13.98 48.18
N ASP Z 98 81.53 15.20 48.45
CA ASP Z 98 80.79 16.12 49.30
C ASP Z 98 79.43 16.45 48.67
N GLU Z 99 79.42 16.75 47.37
CA GLU Z 99 78.16 17.10 46.74
C GLU Z 99 77.21 15.93 46.70
N MET Z 100 77.74 14.71 46.50
CA MET Z 100 76.89 13.53 46.51
C MET Z 100 76.24 13.34 47.87
N VAL Z 101 77.00 13.48 48.95
CA VAL Z 101 76.43 13.25 50.26
C VAL Z 101 75.42 14.34 50.62
N ARG Z 102 75.65 15.58 50.20
CA ARG Z 102 74.73 16.65 50.56
C ARG Z 102 73.40 16.48 49.81
N GLU Z 103 72.41 17.26 50.22
CA GLU Z 103 71.02 16.99 49.84
C GLU Z 103 70.10 18.10 50.36
N SER Z 104 68.97 18.33 49.71
CA SER Z 104 68.02 19.33 50.19
C SER Z 104 66.64 19.06 49.60
N GLN Z 105 65.62 19.65 50.23
CA GLN Z 105 64.25 19.51 49.78
C GLN Z 105 63.83 20.67 48.88
N ARG Z 106 64.29 21.88 49.17
CA ARG Z 106 63.91 23.08 48.44
C ARG Z 106 65.06 23.46 47.51
N ASN Z 107 64.77 23.64 46.23
CA ASN Z 107 65.76 24.07 45.26
C ASN Z 107 66.87 23.03 45.13
N GLY Z 108 66.46 21.78 44.91
CA GLY Z 108 67.40 20.68 44.91
C GLY Z 108 68.44 20.77 43.81
N VAL Z 109 68.06 21.34 42.66
CA VAL Z 109 68.99 21.42 41.53
C VAL Z 109 70.20 22.27 41.89
N ALA Z 110 70.01 23.30 42.70
CA ALA Z 110 71.11 24.17 43.03
C ALA Z 110 72.14 23.42 43.87
N PRO Z 111 73.39 23.86 43.89
CA PRO Z 111 74.44 23.08 44.55
C PRO Z 111 74.52 23.34 46.05
N GLN Z 112 74.97 22.31 46.75
CA GLN Z 112 75.39 22.37 48.15
C GLN Z 112 76.88 22.04 48.16
N SER Z 113 77.44 21.78 49.35
CA SER Z 113 78.88 21.53 49.44
C SER Z 113 79.66 22.75 48.96
N GLU Z 114 79.66 23.77 49.82
CA GLU Z 114 80.03 25.14 49.50
C GLU Z 114 81.23 25.29 48.57
N ALA Z 115 82.15 24.32 48.57
CA ALA Z 115 83.17 24.28 47.54
C ALA Z 115 82.55 24.31 46.15
N LEU Z 116 81.49 23.54 45.94
CA LEU Z 116 80.85 23.51 44.64
C LEU Z 116 80.18 24.85 44.33
N ARG Z 117 79.60 25.51 45.32
CA ARG Z 117 79.03 26.83 45.06
C ARG Z 117 80.12 27.83 44.70
N LYS Z 118 81.25 27.79 45.41
CA LYS Z 118 82.38 28.64 45.07
C LYS Z 118 82.82 28.38 43.64
N LEU Z 119 82.82 27.12 43.22
CA LEU Z 119 83.10 26.81 41.82
C LEU Z 119 82.03 27.40 40.92
N ALA Z 120 80.78 27.36 41.34
CA ALA Z 120 79.66 27.89 40.57
C ALA Z 120 79.69 29.41 40.46
N GLY Z 121 80.54 30.08 41.23
CA GLY Z 121 80.69 31.52 41.10
C GLY Z 121 81.15 31.93 39.70
N ILE Z 122 81.36 33.23 39.51
CA ILE Z 122 81.67 33.76 38.18
C ILE Z 122 83.17 33.72 37.86
N LYS Z 123 84.03 33.70 38.88
CA LYS Z 123 85.46 33.68 38.61
C LYS Z 123 85.88 32.43 37.86
N PHE Z 124 85.14 31.33 38.02
CA PHE Z 124 85.55 30.03 37.54
C PHE Z 124 84.87 29.61 36.25
N LYS Z 125 84.13 30.49 35.59
CA LYS Z 125 83.53 30.12 34.32
C LYS Z 125 84.56 29.87 33.24
N ARG Z 126 85.76 30.43 33.38
CA ARG Z 126 86.81 30.23 32.39
C ARG Z 126 87.29 28.79 32.32
N ILE Z 127 86.93 27.94 33.30
CA ILE Z 127 87.35 26.54 33.28
C ILE Z 127 86.44 25.69 32.39
N ASN Z 128 85.26 26.19 32.04
CA ASN Z 128 84.31 25.41 31.26
C ASN Z 128 84.94 24.96 29.96
N PHE Z 129 85.14 23.65 29.82
CA PHE Z 129 85.93 23.09 28.73
C PHE Z 129 85.05 22.65 27.57
N ASN Z 130 84.20 21.66 27.80
CA ASN Z 130 83.10 21.32 26.89
C ASN Z 130 82.24 20.28 27.57
N ASN Z 131 80.92 20.48 27.50
CA ASN Z 131 79.98 19.58 28.15
C ASN Z 131 79.59 18.51 27.15
N SER Z 132 80.36 17.44 27.09
CA SER Z 132 80.24 16.42 26.06
C SER Z 132 79.44 15.20 26.52
N SER Z 133 79.62 14.76 27.75
CA SER Z 133 79.06 13.49 28.17
C SER Z 133 77.55 13.50 28.14
N GLU Z 134 76.98 12.30 28.28
CA GLU Z 134 75.52 12.15 28.22
C GLU Z 134 74.86 12.90 29.36
N TYR Z 135 75.30 12.66 30.60
CA TYR Z 135 74.65 13.25 31.75
C TYR Z 135 74.78 14.76 31.74
N ILE Z 136 75.95 15.28 31.38
CA ILE Z 136 76.14 16.73 31.40
C ILE Z 136 75.36 17.40 30.27
N GLU Z 137 75.30 16.77 29.11
CA GLU Z 137 74.48 17.33 28.04
C GLU Z 137 73.02 17.37 28.44
N ASN Z 138 72.53 16.28 29.03
CA ASN Z 138 71.15 16.29 29.52
C ASN Z 138 70.97 17.31 30.62
N TRP Z 139 72.00 17.53 31.43
CA TRP Z 139 71.92 18.53 32.49
C TRP Z 139 71.71 19.91 31.91
N ASN Z 140 72.47 20.26 30.87
CA ASN Z 140 72.32 21.58 30.28
C ASN Z 140 70.96 21.72 29.61
N LEU Z 141 70.56 20.71 28.83
CA LEU Z 141 69.29 20.79 28.11
C LEU Z 141 68.09 20.71 29.04
N GLN Z 142 68.27 20.23 30.27
CA GLN Z 142 67.21 20.26 31.27
C GLN Z 142 67.24 21.56 32.07
N ASN Z 143 68.42 22.12 32.30
CA ASN Z 143 68.51 23.40 32.98
C ASN Z 143 67.83 24.49 32.18
N ARG Z 144 68.19 24.62 30.90
CA ARG Z 144 67.49 25.54 30.01
C ARG Z 144 66.46 24.75 29.22
N ARG Z 145 65.41 24.32 29.93
CA ARG Z 145 64.71 23.09 29.59
C ARG Z 145 64.26 22.99 28.14
N GLN Z 146 64.88 22.06 27.43
CA GLN Z 146 64.35 21.44 26.22
C GLN Z 146 64.03 19.98 26.55
N ARG Z 147 63.28 19.35 25.66
CA ARG Z 147 63.10 17.91 25.80
C ARG Z 147 64.45 17.22 25.70
N THR Z 148 64.73 16.35 26.66
CA THR Z 148 65.99 15.61 26.70
C THR Z 148 65.71 14.12 26.83
N GLY Z 149 66.75 13.34 27.04
CA GLY Z 149 66.56 11.90 27.17
C GLY Z 149 67.76 11.17 27.72
N PHE Z 150 67.51 10.26 28.65
CA PHE Z 150 68.51 9.32 29.13
C PHE Z 150 68.14 7.95 28.58
N VAL Z 151 69.11 7.27 27.98
CA VAL Z 151 68.89 5.94 27.41
C VAL Z 151 69.40 4.92 28.42
N PHE Z 152 68.55 3.94 28.73
CA PHE Z 152 68.83 2.95 29.75
C PHE Z 152 68.72 1.56 29.16
N HIS Z 153 69.66 0.69 29.56
CA HIS Z 153 69.62 -0.73 29.24
C HIS Z 153 69.09 -1.47 30.45
N LYS Z 154 67.89 -2.03 30.33
CA LYS Z 154 67.29 -2.80 31.40
C LYS Z 154 67.13 -1.93 32.63
N PRO Z 155 66.27 -0.90 32.56
CA PRO Z 155 66.15 0.05 33.66
C PRO Z 155 65.28 -0.52 34.79
N ASN Z 156 65.77 -0.43 36.01
CA ASN Z 156 64.98 -0.86 37.17
C ASN Z 156 63.96 0.25 37.48
N ILE Z 157 62.94 0.32 36.61
CA ILE Z 157 61.91 1.33 36.76
C ILE Z 157 60.77 0.84 37.63
N PHE Z 158 60.46 -0.46 37.58
CA PHE Z 158 59.38 -0.96 38.39
C PHE Z 158 59.85 -1.11 39.84
N PRO Z 159 59.03 -0.73 40.83
CA PRO Z 159 59.40 -1.02 42.21
C PRO Z 159 59.11 -2.48 42.53
N TYR Z 160 59.96 -3.07 43.38
CA TYR Z 160 59.80 -4.47 43.68
C TYR Z 160 58.46 -4.70 44.38
N SER Z 161 57.67 -5.62 43.85
CA SER Z 161 56.40 -5.98 44.49
C SER Z 161 55.97 -7.32 43.94
N ALA Z 162 55.93 -8.33 44.81
CA ALA Z 162 55.33 -9.62 44.52
C ALA Z 162 54.05 -9.70 45.34
N SER Z 163 52.92 -9.92 44.66
CA SER Z 163 51.63 -9.87 45.33
C SER Z 163 50.64 -10.70 44.54
N PHE Z 164 49.40 -10.70 44.98
CA PHE Z 164 48.34 -11.39 44.25
C PHE Z 164 47.01 -10.75 44.60
N THR Z 165 46.06 -10.88 43.68
CA THR Z 165 44.67 -10.50 43.88
C THR Z 165 43.81 -11.72 43.66
N LEU Z 166 42.84 -11.93 44.54
CA LEU Z 166 41.95 -13.09 44.48
C LEU Z 166 40.56 -12.60 44.10
N ASN Z 167 40.20 -12.78 42.84
CA ASN Z 167 38.85 -12.48 42.38
C ASN Z 167 37.84 -13.51 42.86
N ARG Z 168 38.27 -14.63 43.39
CA ARG Z 168 37.39 -15.62 43.99
C ARG Z 168 38.10 -16.27 45.16
N SER Z 169 37.46 -16.25 46.32
CA SER Z 169 38.10 -16.80 47.50
C SER Z 169 37.06 -17.17 48.54
N GLN Z 170 37.50 -18.02 49.46
CA GLN Z 170 36.66 -18.53 50.53
C GLN Z 170 37.60 -18.98 51.65
N PRO Z 171 37.09 -19.19 52.86
CA PRO Z 171 38.01 -19.32 54.00
C PRO Z 171 38.75 -20.65 54.07
N MET Z 172 38.64 -21.48 53.04
CA MET Z 172 39.45 -22.69 52.91
C MET Z 172 40.29 -22.72 51.66
N HIS Z 173 40.10 -21.78 50.73
CA HIS Z 173 41.02 -21.57 49.61
C HIS Z 173 41.25 -22.84 48.80
N ASP Z 174 40.17 -23.59 48.57
CA ASP Z 174 40.23 -24.80 47.75
C ASP Z 174 39.83 -24.55 46.30
N ASN Z 175 39.03 -23.53 46.03
CA ASN Z 175 38.60 -23.18 44.68
C ASN Z 175 38.74 -21.66 44.56
N LEU Z 176 39.91 -21.20 44.14
CA LEU Z 176 40.27 -19.80 44.03
C LEU Z 176 40.33 -19.38 42.57
N MET Z 177 40.56 -18.09 42.38
CA MET Z 177 40.75 -17.49 41.06
C MET Z 177 41.42 -16.14 41.26
N GLY Z 178 42.27 -15.78 40.33
CA GLY Z 178 42.83 -14.44 40.42
C GLY Z 178 44.11 -14.32 39.63
N THR Z 179 44.97 -13.43 40.12
CA THR Z 179 46.19 -13.04 39.42
C THR Z 179 47.31 -12.87 40.42
N MET Z 180 48.37 -13.66 40.28
CA MET Z 180 49.62 -13.42 40.97
C MET Z 180 50.50 -12.55 40.09
N TRP Z 181 51.38 -11.79 40.70
CA TRP Z 181 52.29 -11.00 39.87
C TRP Z 181 53.55 -10.66 40.64
N LEU Z 182 54.62 -10.43 39.89
CA LEU Z 182 55.87 -9.87 40.41
C LEU Z 182 56.37 -8.82 39.45
N ASN Z 183 56.43 -7.58 39.93
CA ASN Z 183 57.16 -6.51 39.27
C ASN Z 183 58.51 -6.37 39.96
N ALA Z 184 59.59 -6.36 39.19
CA ALA Z 184 60.91 -6.23 39.79
C ALA Z 184 61.89 -5.73 38.76
N GLY Z 185 62.56 -4.62 39.06
CA GLY Z 185 63.51 -4.07 38.12
C GLY Z 185 62.84 -3.74 36.81
N SER Z 186 63.12 -4.53 35.78
CA SER Z 186 62.56 -4.33 34.44
C SER Z 186 61.63 -5.46 34.02
N GLU Z 187 61.16 -6.26 34.98
CA GLU Z 187 60.41 -7.48 34.72
C GLU Z 187 59.00 -7.35 35.27
N ILE Z 188 58.02 -7.75 34.48
CA ILE Z 188 56.65 -7.97 34.92
C ILE Z 188 56.33 -9.42 34.61
N GLN Z 189 56.19 -10.24 35.64
CA GLN Z 189 55.79 -11.63 35.49
C GLN Z 189 54.42 -11.79 36.14
N VAL Z 190 53.38 -11.93 35.33
CA VAL Z 190 52.01 -11.95 35.81
C VAL Z 190 51.37 -13.26 35.39
N ALA Z 191 50.65 -13.89 36.31
CA ALA Z 191 50.09 -15.23 36.07
C ALA Z 191 48.68 -15.27 36.64
N GLY Z 192 47.69 -15.37 35.76
CA GLY Z 192 46.34 -15.62 36.21
C GLY Z 192 46.11 -17.09 36.46
N PHE Z 193 45.08 -17.41 37.23
CA PHE Z 193 44.82 -18.80 37.55
C PHE Z 193 43.37 -19.01 37.96
N ASP Z 194 42.85 -20.18 37.58
CA ASP Z 194 41.56 -20.67 38.03
C ASP Z 194 41.78 -22.03 38.65
N TYR Z 195 41.27 -22.24 39.86
CA TYR Z 195 41.38 -23.57 40.44
C TYR Z 195 40.41 -24.54 39.78
N SER Z 196 39.32 -24.04 39.23
CA SER Z 196 38.34 -24.88 38.54
C SER Z 196 38.58 -24.98 37.03
N CYS Z 197 39.60 -24.29 36.51
CA CYS Z 197 39.91 -24.35 35.08
C CYS Z 197 38.73 -23.94 34.22
N ALA Z 198 38.19 -22.75 34.49
CA ALA Z 198 37.13 -22.15 33.68
C ALA Z 198 35.94 -23.09 33.55
N LEU Z 199 35.54 -23.73 34.65
CA LEU Z 199 34.46 -24.69 34.59
C LEU Z 199 33.13 -24.00 34.25
N ASN Z 200 32.68 -23.10 35.11
CA ASN Z 200 31.43 -22.38 34.92
C ASN Z 200 31.64 -21.01 34.31
N ALA Z 201 32.85 -20.70 33.86
CA ALA Z 201 33.11 -19.42 33.23
C ALA Z 201 32.31 -19.30 31.94
N PRO Z 202 31.97 -18.09 31.52
CA PRO Z 202 31.11 -17.96 30.32
C PRO Z 202 31.86 -18.40 29.08
N ALA Z 203 31.30 -19.38 28.37
CA ALA Z 203 31.94 -20.00 27.21
C ALA Z 203 33.27 -20.63 27.58
N ASN Z 204 33.43 -21.05 28.84
CA ASN Z 204 34.65 -21.68 29.32
C ASN Z 204 35.87 -20.79 29.07
N ILE Z 205 35.70 -19.49 29.26
CA ILE Z 205 36.74 -18.50 29.08
C ILE Z 205 36.73 -17.59 30.30
N GLN Z 206 37.90 -17.41 30.92
CA GLN Z 206 38.06 -16.55 32.08
C GLN Z 206 39.08 -15.47 31.79
N GLN Z 207 38.71 -14.23 32.08
CA GLN Z 207 39.53 -13.06 31.78
C GLN Z 207 40.50 -12.79 32.94
N PHE Z 208 41.68 -12.26 32.59
CA PHE Z 208 42.61 -11.74 33.57
C PHE Z 208 43.19 -10.43 33.03
N GLU Z 209 43.47 -9.51 33.95
CA GLU Z 209 43.95 -8.19 33.59
C GLU Z 209 44.91 -7.71 34.66
N HIS Z 210 45.93 -6.97 34.24
CA HIS Z 210 46.93 -6.46 35.18
C HIS Z 210 47.44 -5.13 34.67
N ILE Z 211 47.35 -4.11 35.53
CA ILE Z 211 47.70 -2.74 35.21
C ILE Z 211 48.97 -2.39 35.96
N VAL Z 212 50.00 -1.95 35.23
CA VAL Z 212 51.25 -1.52 35.84
C VAL Z 212 51.48 -0.07 35.47
N GLN Z 213 51.56 0.80 36.48
CA GLN Z 213 51.66 2.23 36.29
C GLN Z 213 53.10 2.66 36.58
N LEU Z 214 53.86 2.96 35.53
CA LEU Z 214 55.20 3.48 35.72
C LEU Z 214 55.12 4.83 36.41
N ARG Z 215 56.05 5.08 37.34
CA ARG Z 215 56.13 6.39 37.94
C ARG Z 215 56.62 7.44 36.96
N ARG Z 216 57.29 7.02 35.89
CA ARG Z 216 57.78 7.93 34.87
C ARG Z 216 57.51 7.33 33.51
N ALA Z 217 57.14 8.17 32.55
CA ALA Z 217 56.83 7.71 31.20
C ALA Z 217 58.13 7.37 30.48
N LEU Z 218 58.21 6.15 29.97
CA LEU Z 218 59.35 5.73 29.16
C LEU Z 218 59.09 6.05 27.68
N THR Z 219 60.14 5.93 26.89
CA THR Z 219 60.10 6.31 25.48
C THR Z 219 60.95 5.35 24.66
N THR Z 220 60.44 4.96 23.49
CA THR Z 220 61.15 4.08 22.56
C THR Z 220 61.62 2.81 23.25
N ALA Z 221 60.75 2.22 24.05
CA ALA Z 221 61.11 1.06 24.85
C ALA Z 221 61.03 -0.20 24.01
N THR Z 222 62.12 -0.94 23.95
CA THR Z 222 62.15 -2.27 23.37
C THR Z 222 61.78 -3.27 24.45
N ILE Z 223 60.80 -4.13 24.15
CA ILE Z 223 60.17 -4.98 25.15
C ILE Z 223 60.14 -6.41 24.64
N THR Z 224 60.70 -7.33 25.42
CA THR Z 224 60.59 -8.75 25.11
C THR Z 224 59.43 -9.32 25.89
N LEU Z 225 58.42 -9.83 25.17
CA LEU Z 225 57.21 -10.39 25.75
C LEU Z 225 57.18 -11.87 25.42
N LEU Z 226 57.11 -12.70 26.44
CA LEU Z 226 57.07 -14.14 26.32
C LEU Z 226 55.88 -14.69 27.09
N PRO Z 227 55.41 -15.88 26.76
CA PRO Z 227 54.36 -16.50 27.59
C PRO Z 227 54.95 -17.30 28.75
N ASP Z 228 54.08 -17.85 29.59
CA ASP Z 228 54.48 -18.81 30.63
C ASP Z 228 55.46 -18.17 31.62
N ALA Z 229 54.95 -17.20 32.37
CA ALA Z 229 55.68 -16.64 33.50
C ALA Z 229 56.19 -17.75 34.40
N GLU Z 230 57.51 -17.85 34.51
CA GLU Z 230 58.12 -19.04 35.09
C GLU Z 230 58.08 -19.03 36.61
N ARG Z 231 58.20 -17.86 37.23
CA ARG Z 231 58.25 -17.82 38.69
C ARG Z 231 56.96 -18.28 39.35
N PHE Z 232 55.86 -18.31 38.61
CA PHE Z 232 54.57 -18.76 39.16
C PHE Z 232 54.10 -19.98 38.39
N SER Z 233 55.01 -20.93 38.19
CA SER Z 233 54.70 -22.16 37.47
C SER Z 233 55.21 -23.38 38.20
N PHE Z 234 55.27 -23.32 39.53
CA PHE Z 234 55.59 -24.48 40.35
C PHE Z 234 54.75 -24.41 41.62
N PRO Z 235 54.58 -25.53 42.31
CA PRO Z 235 53.77 -25.51 43.53
C PRO Z 235 54.34 -24.58 44.60
N ARG Z 236 53.44 -23.95 45.34
CA ARG Z 236 53.80 -23.04 46.42
C ARG Z 236 52.77 -23.15 47.53
N VAL Z 237 53.11 -22.60 48.70
CA VAL Z 237 52.15 -22.35 49.76
C VAL Z 237 52.28 -20.88 50.12
N ILE Z 238 51.17 -20.14 49.99
CA ILE Z 238 51.19 -18.69 49.99
C ILE Z 238 50.40 -18.21 51.20
N ASN Z 239 50.98 -17.31 51.97
CA ASN Z 239 50.27 -16.67 53.06
C ASN Z 239 49.01 -15.99 52.52
N SER Z 240 47.93 -16.07 53.28
CA SER Z 240 46.67 -15.53 52.81
C SER Z 240 46.75 -14.00 52.72
N ALA Z 241 45.66 -13.40 52.26
CA ALA Z 241 45.63 -11.95 52.07
C ALA Z 241 45.90 -11.21 53.37
N ASP Z 242 45.56 -11.81 54.50
CA ASP Z 242 45.70 -11.19 55.81
C ASP Z 242 46.68 -11.93 56.72
N GLY Z 243 47.29 -13.01 56.25
CA GLY Z 243 48.20 -13.78 57.07
C GLY Z 243 47.53 -14.75 58.01
N ALA Z 244 46.21 -14.87 57.97
CA ALA Z 244 45.53 -15.77 58.90
C ALA Z 244 45.96 -17.21 58.70
N THR Z 245 46.00 -17.67 57.45
CA THR Z 245 46.35 -19.03 57.11
C THR Z 245 47.25 -19.01 55.89
N THR Z 246 47.49 -20.18 55.32
CA THR Z 246 48.28 -20.31 54.10
C THR Z 246 47.54 -21.23 53.15
N TRP Z 247 47.39 -20.79 51.90
CA TRP Z 247 46.67 -21.53 50.88
C TRP Z 247 47.64 -22.16 49.90
N PHE Z 248 47.30 -23.36 49.45
CA PHE Z 248 48.16 -24.13 48.57
C PHE Z 248 47.91 -23.75 47.12
N PHE Z 249 48.98 -23.67 46.34
CA PHE Z 249 48.93 -23.37 44.93
C PHE Z 249 49.63 -24.48 44.18
N ASN Z 250 48.94 -25.11 43.24
CA ASN Z 250 49.41 -26.29 42.51
C ASN Z 250 49.20 -26.04 41.03
N PRO Z 251 50.07 -25.26 40.40
CA PRO Z 251 49.79 -24.79 39.05
C PRO Z 251 50.02 -25.85 38.00
N ILE Z 252 49.17 -25.83 36.99
CA ILE Z 252 49.41 -26.51 35.72
C ILE Z 252 49.11 -25.49 34.64
N ILE Z 253 50.10 -25.19 33.82
CA ILE Z 253 50.00 -24.04 32.93
C ILE Z 253 49.41 -24.46 31.60
N LEU Z 254 48.52 -23.63 31.09
CA LEU Z 254 48.12 -23.64 29.69
C LEU Z 254 48.61 -22.35 29.06
N ARG Z 255 48.57 -22.29 27.73
CA ARG Z 255 48.95 -21.06 27.07
C ARG Z 255 47.86 -20.01 27.24
N PRO Z 256 48.21 -18.74 27.33
CA PRO Z 256 47.18 -17.69 27.42
C PRO Z 256 46.64 -17.35 26.05
N ASN Z 257 45.40 -17.75 25.78
CA ASN Z 257 44.83 -17.47 24.48
C ASN Z 257 44.42 -16.00 24.37
N ASN Z 258 44.44 -15.51 23.13
CA ASN Z 258 44.20 -14.12 22.74
C ASN Z 258 44.71 -13.10 23.76
N VAL Z 259 45.96 -13.29 24.20
CA VAL Z 259 46.62 -12.28 25.01
C VAL Z 259 46.68 -10.98 24.23
N GLU Z 260 46.61 -9.86 24.96
CA GLU Z 260 46.87 -8.56 24.39
C GLU Z 260 47.58 -7.71 25.44
N VAL Z 261 48.37 -6.76 24.96
CA VAL Z 261 49.07 -5.82 25.82
C VAL Z 261 48.92 -4.42 25.23
N GLU Z 262 48.49 -3.47 26.06
CA GLU Z 262 48.23 -2.11 25.63
C GLU Z 262 49.14 -1.17 26.40
N PHE Z 263 49.84 -0.31 25.67
CA PHE Z 263 50.75 0.67 26.25
C PHE Z 263 50.09 2.03 26.14
N LEU Z 264 49.91 2.69 27.29
CA LEU Z 264 49.04 3.84 27.45
C LEU Z 264 49.86 5.02 27.95
N LEU Z 265 49.61 6.19 27.38
CA LEU Z 265 50.18 7.45 27.85
C LEU Z 265 49.02 8.39 28.16
N ASN Z 266 48.80 8.65 29.44
CA ASN Z 266 47.74 9.56 29.87
C ASN Z 266 46.37 9.08 29.41
N GLY Z 267 46.15 7.77 29.48
CA GLY Z 267 44.84 7.19 29.31
C GLY Z 267 44.49 6.76 27.90
N GLN Z 268 45.19 7.26 26.89
CA GLN Z 268 44.91 6.91 25.50
C GLN Z 268 45.78 5.74 25.05
N ILE Z 269 45.26 4.98 24.08
CA ILE Z 269 45.93 3.79 23.60
C ILE Z 269 47.06 4.21 22.67
N ILE Z 270 48.28 4.35 23.20
CA ILE Z 270 49.40 4.65 22.32
C ILE Z 270 49.74 3.46 21.45
N ASN Z 271 49.82 2.27 22.05
CA ASN Z 271 50.12 1.06 21.28
C ASN Z 271 49.31 -0.10 21.82
N THR Z 272 49.11 -1.09 20.96
CA THR Z 272 48.45 -2.33 21.37
C THR Z 272 49.02 -3.46 20.53
N TYR Z 273 49.19 -4.62 21.15
CA TYR Z 273 49.66 -5.82 20.47
C TYR Z 273 48.77 -6.97 20.88
N GLN Z 274 48.39 -7.79 19.90
CA GLN Z 274 47.36 -8.81 20.06
C GLN Z 274 47.95 -10.15 19.69
N ALA Z 275 48.19 -11.01 20.69
CA ALA Z 275 48.68 -12.37 20.47
C ALA Z 275 49.97 -12.37 19.66
N ARG Z 276 50.85 -11.42 19.97
CA ARG Z 276 52.15 -11.30 19.31
C ARG Z 276 53.22 -11.27 20.39
N PHE Z 277 54.16 -12.21 20.33
CA PHE Z 277 55.21 -12.36 21.31
C PHE Z 277 56.55 -12.00 20.68
N GLY Z 278 57.62 -12.20 21.43
CA GLY Z 278 58.94 -11.83 20.97
C GLY Z 278 59.28 -10.41 21.35
N THR Z 279 59.95 -9.68 20.47
CA THR Z 279 60.29 -8.29 20.72
C THR Z 279 59.22 -7.39 20.12
N ILE Z 280 58.91 -6.31 20.84
CA ILE Z 280 57.92 -5.33 20.44
C ILE Z 280 58.42 -3.97 20.89
N VAL Z 281 57.75 -2.91 20.44
CA VAL Z 281 58.18 -1.54 20.69
C VAL Z 281 57.02 -0.77 21.28
N ALA Z 282 57.31 0.02 22.31
CA ALA Z 282 56.38 0.98 22.88
C ALA Z 282 57.00 2.35 22.70
N ARG Z 283 56.45 3.14 21.78
CA ARG Z 283 57.11 4.39 21.42
C ARG Z 283 57.10 5.38 22.58
N ASN Z 284 55.96 5.50 23.28
CA ASN Z 284 55.87 6.42 24.41
C ASN Z 284 54.72 5.94 25.28
N PHE Z 285 55.02 5.58 26.53
CA PHE Z 285 54.00 4.95 27.36
C PHE Z 285 54.29 5.20 28.82
N ASP Z 286 53.23 5.11 29.62
CA ASP Z 286 53.25 5.29 31.05
C ASP Z 286 52.56 4.18 31.82
N THR Z 287 51.68 3.41 31.17
CA THR Z 287 51.00 2.31 31.81
C THR Z 287 50.98 1.11 30.87
N ILE Z 288 51.22 -0.07 31.43
CA ILE Z 288 51.14 -1.33 30.70
C ILE Z 288 49.89 -2.05 31.17
N ARG Z 289 49.00 -2.38 30.24
CA ARG Z 289 47.75 -3.07 30.52
C ARG Z 289 47.84 -4.44 29.85
N LEU Z 290 48.14 -5.47 30.63
CA LEU Z 290 48.24 -6.84 30.12
C LEU Z 290 46.92 -7.53 30.38
N SER Z 291 46.24 -7.96 29.31
CA SER Z 291 44.95 -8.64 29.43
C SER Z 291 45.03 -9.95 28.68
N PHE Z 292 44.90 -11.05 29.40
CA PHE Z 292 44.95 -12.39 28.80
C PHE Z 292 43.74 -13.18 29.26
N GLN Z 293 43.61 -14.40 28.75
CA GLN Z 293 42.47 -15.25 29.05
C GLN Z 293 42.90 -16.69 29.19
N LEU Z 294 42.24 -17.39 30.10
CA LEU Z 294 42.35 -18.83 30.24
C LEU Z 294 41.11 -19.47 29.61
N MET Z 295 41.31 -20.26 28.57
CA MET Z 295 40.24 -20.99 27.93
C MET Z 295 40.36 -22.46 28.27
N ARG Z 296 39.26 -23.05 28.72
CA ARG Z 296 39.25 -24.47 28.97
C ARG Z 296 39.49 -25.21 27.66
N PRO Z 297 40.50 -26.06 27.56
CA PRO Z 297 40.72 -26.78 26.30
C PRO Z 297 39.55 -27.72 26.01
N PRO Z 298 38.80 -27.48 24.93
CA PRO Z 298 37.58 -28.29 24.74
C PRO Z 298 37.84 -29.77 24.55
N ASN Z 299 38.92 -30.14 23.87
CA ASN Z 299 39.24 -31.53 23.61
C ASN Z 299 40.29 -32.00 24.60
N MET Z 300 39.99 -33.11 25.27
CA MET Z 300 40.83 -33.63 26.34
C MET Z 300 41.28 -35.05 26.00
N THR Z 301 42.56 -35.31 26.16
CA THR Z 301 43.01 -36.68 26.30
C THR Z 301 42.66 -37.16 27.70
N PRO Z 302 42.66 -38.48 27.94
CA PRO Z 302 42.28 -38.96 29.28
C PRO Z 302 43.08 -38.36 30.41
N ALA Z 303 44.39 -38.14 30.21
CA ALA Z 303 45.20 -37.58 31.28
C ALA Z 303 44.69 -36.21 31.70
N VAL Z 304 44.69 -35.26 30.77
CA VAL Z 304 44.27 -33.90 31.11
C VAL Z 304 42.82 -33.87 31.55
N ASN Z 305 41.99 -34.78 31.03
CA ASN Z 305 40.62 -34.88 31.49
C ASN Z 305 40.59 -35.25 32.97
N ALA Z 306 41.42 -36.19 33.38
CA ALA Z 306 41.51 -36.54 34.79
C ALA Z 306 42.01 -35.36 35.61
N LEU Z 307 42.93 -34.57 35.04
CA LEU Z 307 43.43 -33.39 35.74
C LEU Z 307 42.32 -32.38 36.03
N PHE Z 308 41.43 -32.15 35.06
CA PHE Z 308 40.42 -31.10 35.17
C PHE Z 308 39.02 -31.70 35.25
N PRO Z 309 38.48 -31.96 36.44
CA PRO Z 309 37.18 -32.61 36.55
C PRO Z 309 36.05 -31.60 36.69
N GLN Z 310 34.82 -32.12 36.59
CA GLN Z 310 33.63 -31.34 36.88
C GLN Z 310 33.33 -31.26 38.38
N ALA Z 311 33.97 -32.09 39.19
CA ALA Z 311 33.63 -32.21 40.60
C ALA Z 311 34.24 -31.04 41.36
N GLN Z 312 34.21 -31.12 42.69
CA GLN Z 312 34.70 -30.06 43.56
C GLN Z 312 36.21 -30.06 43.86
N PRO Z 313 36.85 -31.23 44.13
CA PRO Z 313 38.22 -31.22 44.70
C PRO Z 313 39.25 -30.30 44.06
N PHE Z 314 39.50 -30.43 42.76
CA PHE Z 314 40.47 -29.58 42.07
C PHE Z 314 41.86 -29.71 42.69
N GLN Z 315 42.44 -30.91 42.55
CA GLN Z 315 43.79 -31.14 43.03
C GLN Z 315 44.85 -30.47 42.17
N HIS Z 316 44.50 -29.94 41.00
CA HIS Z 316 45.40 -29.17 40.16
C HIS Z 316 44.69 -27.91 39.71
N HIS Z 317 45.45 -26.84 39.50
CA HIS Z 317 44.89 -25.52 39.29
C HIS Z 317 45.44 -24.91 38.01
N ALA Z 318 44.56 -24.59 37.06
CA ALA Z 318 45.01 -24.08 35.78
C ALA Z 318 45.59 -22.69 35.94
N THR Z 319 46.67 -22.43 35.20
CA THR Z 319 47.40 -21.17 35.28
C THR Z 319 47.75 -20.71 33.87
N VAL Z 320 47.91 -19.40 33.70
CA VAL Z 320 48.28 -18.82 32.43
C VAL Z 320 49.15 -17.60 32.70
N GLY Z 321 50.38 -17.59 32.15
CA GLY Z 321 51.39 -16.65 32.54
C GLY Z 321 51.82 -15.73 31.41
N LEU Z 322 52.60 -14.70 31.80
CA LEU Z 322 53.18 -13.77 30.85
C LEU Z 322 54.38 -13.11 31.48
N THR Z 323 55.48 -13.05 30.73
CA THR Z 323 56.68 -12.35 31.13
C THR Z 323 56.90 -11.17 30.19
N LEU Z 324 57.24 -10.02 30.76
CA LEU Z 324 57.52 -8.81 30.01
C LEU Z 324 58.80 -8.23 30.56
N ARG Z 325 59.75 -7.92 29.67
CA ARG Z 325 61.05 -7.42 30.09
C ARG Z 325 61.40 -6.19 29.27
N ILE Z 326 61.69 -5.09 29.95
CA ILE Z 326 62.08 -3.84 29.30
C ILE Z 326 63.56 -3.92 28.95
N GLU Z 327 63.88 -4.36 27.73
CA GLU Z 327 65.28 -4.52 27.37
C GLU Z 327 66.01 -3.18 27.36
N SER Z 328 65.42 -2.16 26.77
CA SER Z 328 66.02 -0.83 26.76
C SER Z 328 64.89 0.19 26.66
N ALA Z 329 65.20 1.42 27.04
CA ALA Z 329 64.19 2.47 27.03
C ALA Z 329 64.87 3.82 27.07
N VAL Z 330 64.07 4.86 26.85
CA VAL Z 330 64.51 6.25 26.95
C VAL Z 330 63.54 6.95 27.88
N CYS Z 331 64.07 7.71 28.83
CA CYS Z 331 63.26 8.37 29.84
C CYS Z 331 63.68 9.82 29.97
N GLU Z 332 62.72 10.67 30.35
CA GLU Z 332 63.04 12.06 30.59
C GLU Z 332 63.84 12.23 31.88
N SER Z 333 63.46 11.51 32.92
CA SER Z 333 64.10 11.60 34.22
C SER Z 333 65.14 10.50 34.36
N VAL Z 334 65.87 10.55 35.47
CA VAL Z 334 66.99 9.65 35.71
C VAL Z 334 66.50 8.41 36.43
N LEU Z 335 67.08 7.27 36.10
CA LEU Z 335 66.79 6.00 36.76
C LEU Z 335 68.07 5.18 36.84
N ALA Z 336 68.05 4.19 37.72
CA ALA Z 336 69.18 3.27 37.80
C ALA Z 336 69.09 2.25 36.68
N ASP Z 337 70.21 1.58 36.42
CA ASP Z 337 70.35 0.68 35.28
C ASP Z 337 71.15 -0.55 35.69
N ALA Z 338 71.12 -1.53 34.80
CA ALA Z 338 72.05 -2.66 34.86
C ALA Z 338 73.34 -2.41 34.09
N ASN Z 339 73.46 -1.26 33.44
CA ASN Z 339 74.62 -0.94 32.60
C ASN Z 339 75.50 0.16 33.18
N GLU Z 340 75.06 0.85 34.23
CA GLU Z 340 75.78 1.99 34.76
C GLU Z 340 75.82 1.92 36.28
N THR Z 341 76.85 2.54 36.86
CA THR Z 341 77.17 2.39 38.27
C THR Z 341 76.83 3.64 39.09
N LEU Z 342 75.91 4.46 38.60
CA LEU Z 342 75.65 5.74 39.26
C LEU Z 342 75.02 5.55 40.62
N LEU Z 343 73.93 4.77 40.68
CA LEU Z 343 73.25 4.55 41.95
C LEU Z 343 74.18 3.86 42.93
N ALA Z 344 74.92 2.87 42.46
CA ALA Z 344 75.85 2.17 43.34
C ALA Z 344 76.91 3.13 43.87
N ASN Z 345 77.41 4.02 43.03
CA ASN Z 345 78.46 4.94 43.48
C ASN Z 345 77.94 5.90 44.54
N VAL Z 346 76.76 6.51 44.30
CA VAL Z 346 76.23 7.46 45.27
C VAL Z 346 75.92 6.75 46.59
N THR Z 347 75.28 5.58 46.53
CA THR Z 347 74.95 4.89 47.75
C THR Z 347 76.20 4.42 48.48
N ALA Z 348 77.25 4.06 47.73
CA ALA Z 348 78.49 3.63 48.36
C ALA Z 348 79.17 4.78 49.08
N VAL Z 349 79.22 5.96 48.46
CA VAL Z 349 79.87 7.07 49.14
C VAL Z 349 79.06 7.49 50.35
N ARG Z 350 77.73 7.34 50.31
CA ARG Z 350 76.94 7.67 51.49
C ARG Z 350 77.15 6.65 52.61
N GLN Z 351 77.11 5.35 52.27
CA GLN Z 351 77.25 4.31 53.28
C GLN Z 351 78.64 4.33 53.91
N GLU Z 352 79.68 4.60 53.11
CA GLU Z 352 81.04 4.56 53.63
C GLU Z 352 81.22 5.57 54.74
N TYR Z 353 80.70 6.78 54.56
CA TYR Z 353 80.92 7.88 55.49
C TYR Z 353 79.77 8.09 56.46
N ALA Z 354 78.71 7.29 56.38
CA ALA Z 354 77.63 7.30 57.37
C ALA Z 354 76.96 8.68 57.42
N ILE Z 355 76.40 9.05 56.29
CA ILE Z 355 75.69 10.34 56.19
C ILE Z 355 74.34 10.21 56.89
N PRO Z 356 74.00 11.07 57.85
CA PRO Z 356 72.70 10.92 58.52
C PRO Z 356 71.56 11.11 57.53
N VAL Z 357 70.46 10.43 57.79
CA VAL Z 357 69.35 10.41 56.85
C VAL Z 357 68.82 11.82 56.66
N GLY Z 358 68.75 12.25 55.41
CA GLY Z 358 68.32 13.58 55.08
C GLY Z 358 66.82 13.68 54.95
N PRO Z 359 66.33 14.85 54.52
CA PRO Z 359 64.87 15.01 54.42
C PRO Z 359 64.23 14.25 53.28
N VAL Z 360 64.86 14.20 52.12
CA VAL Z 360 64.19 13.77 50.90
C VAL Z 360 64.49 12.31 50.57
N PHE Z 361 65.76 11.92 50.47
CA PHE Z 361 66.06 10.56 50.07
C PHE Z 361 65.67 9.58 51.17
N PRO Z 362 65.31 8.34 50.83
CA PRO Z 362 65.00 7.37 51.87
C PRO Z 362 66.27 6.93 52.58
N PRO Z 363 66.14 6.25 53.71
CA PRO Z 363 67.35 5.78 54.42
C PRO Z 363 68.06 4.71 53.60
N GLY Z 364 69.38 4.87 53.47
CA GLY Z 364 70.17 3.92 52.71
C GLY Z 364 70.02 4.02 51.21
N MET Z 365 69.39 5.08 50.71
CA MET Z 365 69.16 5.25 49.28
C MET Z 365 68.48 4.03 48.69
N ASN Z 366 67.49 3.51 49.41
CA ASN Z 366 66.77 2.35 48.95
C ASN Z 366 66.03 2.66 47.66
N TRP Z 367 66.42 1.99 46.57
CA TRP Z 367 65.81 2.29 45.29
C TRP Z 367 64.33 1.97 45.28
N THR Z 368 63.90 0.97 46.06
CA THR Z 368 62.51 0.53 46.00
C THR Z 368 61.57 1.65 46.40
N GLU Z 369 61.78 2.24 47.58
CA GLU Z 369 60.95 3.37 47.98
C GLU Z 369 61.41 4.69 47.39
N LEU Z 370 62.61 4.75 46.82
CA LEU Z 370 63.03 5.94 46.09
C LEU Z 370 62.36 6.04 44.73
N ILE Z 371 61.82 4.93 44.22
CA ILE Z 371 61.04 4.94 42.99
C ILE Z 371 59.56 4.72 43.26
N THR Z 372 59.17 4.16 44.40
CA THR Z 372 57.74 4.06 44.71
C THR Z 372 57.11 5.43 44.79
N ASN Z 373 57.80 6.38 45.44
CA ASN Z 373 57.36 7.76 45.54
C ASN Z 373 58.49 8.64 45.03
N TYR Z 374 58.29 9.23 43.86
CA TYR Z 374 59.35 9.85 43.07
C TYR Z 374 58.97 11.29 42.73
N SER Z 375 58.58 12.05 43.76
CA SER Z 375 58.11 13.41 43.57
C SER Z 375 59.20 14.26 42.92
N PRO Z 376 58.83 15.44 42.38
CA PRO Z 376 59.84 16.25 41.67
C PRO Z 376 61.06 16.59 42.49
N SER Z 377 60.92 16.80 43.80
CA SER Z 377 62.10 17.04 44.62
C SER Z 377 63.03 15.83 44.60
N ARG Z 378 62.45 14.64 44.77
CA ARG Z 378 63.25 13.42 44.69
C ARG Z 378 63.91 13.32 43.33
N GLU Z 379 63.15 13.58 42.26
CA GLU Z 379 63.66 13.41 40.91
C GLU Z 379 64.84 14.34 40.65
N ASP Z 380 64.67 15.63 40.93
CA ASP Z 380 65.71 16.58 40.56
C ASP Z 380 66.93 16.43 41.46
N ASN Z 381 66.73 16.16 42.75
CA ASN Z 381 67.89 15.92 43.60
C ASN Z 381 68.63 14.65 43.20
N LEU Z 382 67.89 13.61 42.82
CA LEU Z 382 68.53 12.39 42.36
C LEU Z 382 69.30 12.64 41.09
N GLN Z 383 68.76 13.47 40.19
CA GLN Z 383 69.49 13.79 38.97
C GLN Z 383 70.78 14.51 39.29
N ARG Z 384 70.75 15.46 40.22
CA ARG Z 384 71.97 16.19 40.56
C ARG Z 384 73.02 15.26 41.13
N VAL Z 385 72.64 14.41 42.09
CA VAL Z 385 73.64 13.54 42.68
C VAL Z 385 74.12 12.51 41.66
N PHE Z 386 73.25 12.07 40.75
CA PHE Z 386 73.67 11.13 39.73
C PHE Z 386 74.70 11.76 38.79
N THR Z 387 74.44 12.98 38.31
CA THR Z 387 75.41 13.58 37.42
C THR Z 387 76.72 13.89 38.14
N VAL Z 388 76.67 14.21 39.43
CA VAL Z 388 77.91 14.38 40.18
C VAL Z 388 78.67 13.05 40.22
N ALA Z 389 77.96 11.94 40.44
CA ALA Z 389 78.61 10.65 40.44
C ALA Z 389 79.22 10.34 39.08
N SER Z 390 78.52 10.70 38.01
CA SER Z 390 79.06 10.52 36.66
C SER Z 390 80.35 11.30 36.51
N ILE Z 391 80.39 12.53 37.01
CA ILE Z 391 81.61 13.33 36.95
C ILE Z 391 82.74 12.64 37.70
N ARG Z 392 82.43 12.10 38.90
CA ARG Z 392 83.47 11.44 39.69
C ARG Z 392 84.01 10.21 38.99
N SER Z 393 83.13 9.45 38.35
CA SER Z 393 83.54 8.19 37.71
C SER Z 393 84.54 8.40 36.59
N MET Z 394 84.65 9.61 36.05
CA MET Z 394 85.63 9.86 35.00
C MET Z 394 87.04 9.68 35.51
N LEU Z 395 87.33 10.17 36.72
CA LEU Z 395 88.66 10.08 37.31
C LEU Z 395 88.78 8.90 38.26
N ILE Z 396 87.95 8.85 39.30
CA ILE Z 396 88.05 7.81 40.32
C ILE Z 396 87.06 6.71 39.95
N LYS Z 397 87.58 5.51 39.78
CA LYS Z 397 86.76 4.39 39.33
C LYS Z 397 87.34 3.09 39.86
N MET AA 1 74.36 10.94 2.61
CA MET AA 1 74.10 10.31 3.93
C MET AA 1 75.29 10.50 4.84
N GLU AA 2 76.50 10.33 4.29
CA GLU AA 2 77.69 10.72 5.04
C GLU AA 2 77.63 12.19 5.41
N VAL AA 3 77.10 13.02 4.51
CA VAL AA 3 76.95 14.44 4.81
C VAL AA 3 75.92 14.62 5.92
N LEU AA 4 74.85 13.84 5.92
CA LEU AA 4 73.86 13.93 6.99
C LEU AA 4 74.50 13.61 8.34
N TYR AA 5 75.29 12.55 8.39
CA TYR AA 5 75.97 12.22 9.64
C TYR AA 5 76.93 13.33 10.05
N SER AA 6 77.62 13.92 9.06
CA SER AA 6 78.54 15.00 9.38
C SER AA 6 77.79 16.20 9.95
N LEU AA 7 76.62 16.50 9.39
CA LEU AA 7 75.77 17.55 9.94
C LEU AA 7 75.43 17.26 11.40
N SER AA 8 74.99 16.03 11.67
CA SER AA 8 74.64 15.70 13.05
C SER AA 8 75.84 15.81 13.97
N LYS AA 9 77.00 15.33 13.51
CA LYS AA 9 78.21 15.38 14.33
C LYS AA 9 78.60 16.82 14.65
N THR AA 10 78.61 17.69 13.64
CA THR AA 10 79.01 19.06 13.90
C THR AA 10 78.00 19.79 14.77
N LEU AA 11 76.71 19.50 14.62
CA LEU AA 11 75.73 20.11 15.51
C LEU AA 11 75.91 19.63 16.94
N LYS AA 12 76.15 18.34 17.15
CA LYS AA 12 76.36 17.85 18.50
C LYS AA 12 77.60 18.48 19.11
N ASP AA 13 78.68 18.56 18.35
CA ASP AA 13 79.90 19.19 18.86
C ASP AA 13 79.66 20.66 19.15
N ALA AA 14 78.89 21.35 18.32
CA ALA AA 14 78.59 22.76 18.58
C ALA AA 14 77.81 22.91 19.87
N ARG AA 15 76.78 22.10 20.06
CA ARG AA 15 75.97 22.19 21.25
C ARG AA 15 76.70 21.74 22.50
N ASP AA 16 77.81 21.01 22.35
CA ASP AA 16 78.58 20.55 23.50
C ASP AA 16 79.85 21.35 23.75
N LYS AA 17 80.31 22.17 22.79
CA LYS AA 17 81.58 22.85 22.90
C LYS AA 17 81.49 24.37 22.80
N ILE AA 18 80.44 24.91 22.19
CA ILE AA 18 80.22 26.35 22.17
C ILE AA 18 79.38 26.67 23.41
N VAL AA 19 80.07 26.86 24.54
CA VAL AA 19 79.43 27.18 25.81
C VAL AA 19 80.20 28.31 26.46
N GLU AA 20 79.53 28.99 27.39
CA GLU AA 20 80.09 30.19 28.00
C GLU AA 20 81.40 29.89 28.71
N GLY AA 21 82.39 30.72 28.47
CA GLY AA 21 83.66 30.64 29.16
C GLY AA 21 84.70 29.73 28.55
N THR AA 22 84.35 28.97 27.52
CA THR AA 22 85.31 28.07 26.89
C THR AA 22 86.25 28.85 25.99
N LEU AA 23 87.52 28.45 26.00
CA LEU AA 23 88.52 29.14 25.18
C LEU AA 23 88.24 28.92 23.71
N TYR AA 24 88.74 29.85 22.89
CA TYR AA 24 88.71 29.64 21.46
C TYR AA 24 89.67 28.54 21.03
N SER AA 25 90.69 28.25 21.85
CA SER AA 25 91.60 27.17 21.51
C SER AA 25 90.89 25.83 21.44
N ASN AA 26 89.82 25.67 22.22
CA ASN AA 26 89.09 24.41 22.26
C ASN AA 26 88.01 24.30 21.18
N VAL AA 27 87.71 25.38 20.47
CA VAL AA 27 86.59 25.38 19.53
C VAL AA 27 87.00 26.01 18.21
N SER AA 28 88.29 26.23 18.00
CA SER AA 28 88.73 26.85 16.74
C SER AA 28 88.39 25.98 15.53
N ASP AA 29 88.79 24.71 15.57
CA ASP AA 29 88.51 23.83 14.43
C ASP AA 29 87.01 23.60 14.27
N LEU AA 30 86.28 23.55 15.39
CA LEU AA 30 84.83 23.41 15.29
C LEU AA 30 84.21 24.63 14.63
N ILE AA 31 84.69 25.83 14.97
CA ILE AA 31 84.16 27.03 14.34
C ILE AA 31 84.49 27.02 12.86
N GLN AA 32 85.68 26.56 12.49
CA GLN AA 32 86.02 26.47 11.08
C GLN AA 32 85.08 25.51 10.35
N GLN AA 33 84.82 24.35 10.96
CA GLN AA 33 83.91 23.37 10.36
C GLN AA 33 82.51 23.95 10.23
N PHE AA 34 82.03 24.63 11.27
CA PHE AA 34 80.68 25.17 11.26
C PHE AA 34 80.57 26.29 10.24
N ASN AA 35 81.62 27.09 10.07
CA ASN AA 35 81.60 28.14 9.06
C ASN AA 35 81.59 27.56 7.66
N GLN AA 36 82.37 26.52 7.41
CA GLN AA 36 82.30 25.85 6.11
C GLN AA 36 80.89 25.32 5.88
N MET AA 37 80.29 24.74 6.91
CA MET AA 37 78.94 24.21 6.80
C MET AA 37 77.94 25.31 6.48
N ILE AA 38 78.07 26.46 7.15
CA ILE AA 38 77.16 27.58 6.90
C ILE AA 38 77.31 28.09 5.48
N VAL AA 39 78.55 28.28 5.04
CA VAL AA 39 78.80 28.80 3.70
C VAL AA 39 78.22 27.85 2.66
N THR AA 40 78.34 26.55 2.90
CA THR AA 40 77.79 25.59 1.95
C THR AA 40 76.27 25.60 1.97
N MET AA 41 75.66 25.61 3.15
CA MET AA 41 74.22 25.47 3.26
C MET AA 41 73.46 26.74 2.95
N ASN AA 42 74.13 27.91 2.90
CA ASN AA 42 73.42 29.14 2.61
C ASN AA 42 72.81 29.11 1.22
N GLY AA 43 71.64 29.71 1.09
CA GLY AA 43 70.98 29.81 -0.21
C GLY AA 43 70.51 28.48 -0.78
N ASN AA 44 69.90 27.64 0.05
CA ASN AA 44 69.28 26.40 -0.41
C ASN AA 44 67.90 26.27 0.20
N ASP AA 45 67.06 25.47 -0.45
CA ASP AA 45 65.66 25.28 -0.03
C ASP AA 45 65.36 23.79 -0.07
N PHE AA 46 65.24 23.17 1.10
CA PHE AA 46 64.89 21.77 1.21
C PHE AA 46 63.41 21.62 1.56
N GLN AA 47 62.83 20.52 1.11
CA GLN AA 47 61.48 20.13 1.48
C GLN AA 47 61.51 18.76 2.12
N THR AA 48 60.79 18.60 3.23
CA THR AA 48 60.82 17.38 4.01
C THR AA 48 59.40 16.94 4.32
N GLY AA 49 59.13 15.66 4.15
CA GLY AA 49 57.87 15.06 4.50
C GLY AA 49 57.00 14.79 3.30
N GLY AA 50 55.71 14.58 3.58
CA GLY AA 50 54.74 14.25 2.56
C GLY AA 50 54.40 12.77 2.46
N ILE AA 51 54.86 11.95 3.40
CA ILE AA 51 54.56 10.53 3.44
C ILE AA 51 53.87 10.23 4.76
N GLY AA 52 52.73 9.54 4.69
CA GLY AA 52 51.94 9.36 5.89
C GLY AA 52 51.47 10.69 6.42
N ASN AA 53 51.48 10.84 7.74
CA ASN AA 53 51.07 12.06 8.40
C ASN AA 53 52.25 12.93 8.84
N LEU AA 54 53.44 12.64 8.37
CA LEU AA 54 54.57 13.49 8.69
C LEU AA 54 54.40 14.78 7.91
N PRO AA 55 54.38 15.94 8.54
CA PRO AA 55 53.94 17.14 7.83
C PRO AA 55 55.02 17.71 6.92
N ILE AA 56 54.57 18.36 5.85
CA ILE AA 56 55.49 19.04 4.96
C ILE AA 56 56.18 20.16 5.72
N ARG AA 57 57.47 20.37 5.42
CA ARG AA 57 58.22 21.46 6.03
C ARG AA 57 59.27 21.94 5.04
N ASN AA 58 59.35 23.25 4.85
CA ASN AA 58 60.33 23.88 3.98
C ASN AA 58 61.41 24.53 4.83
N TRP AA 59 62.66 24.21 4.53
CA TRP AA 59 63.81 24.75 5.26
C TRP AA 59 64.63 25.62 4.33
N THR AA 60 64.92 26.84 4.79
CA THR AA 60 65.74 27.78 4.05
C THR AA 60 66.81 28.31 5.00
N PHE AA 61 68.06 28.30 4.52
CA PHE AA 61 69.21 28.66 5.33
C PHE AA 61 69.80 29.99 4.84
N ASP AA 62 69.74 31.01 5.68
CA ASP AA 62 70.52 32.23 5.51
C ASP AA 62 71.00 32.62 6.91
N PHE AA 63 72.14 32.10 7.31
CA PHE AA 63 72.70 32.32 8.64
C PHE AA 63 74.11 32.87 8.50
N GLY AA 64 74.41 33.91 9.26
CA GLY AA 64 75.73 34.48 9.22
C GLY AA 64 76.75 33.59 9.90
N LEU AA 65 78.02 33.86 9.61
CA LEU AA 65 79.10 33.06 10.17
C LEU AA 65 79.17 33.27 11.68
N LEU AA 66 80.07 32.53 12.30
CA LEU AA 66 80.35 32.65 13.73
C LEU AA 66 81.66 33.40 13.91
N GLY AA 67 81.75 34.18 14.99
CA GLY AA 67 82.92 35.01 15.18
C GLY AA 67 84.17 34.18 15.38
N THR AA 68 85.29 34.71 14.89
CA THR AA 68 86.60 34.09 15.03
C THR AA 68 87.61 35.09 15.55
N THR AA 69 87.17 35.92 16.51
CA THR AA 69 87.98 36.99 17.08
C THR AA 69 88.13 36.90 18.58
N LEU AA 70 87.16 36.32 19.27
CA LEU AA 70 87.15 36.33 20.71
C LEU AA 70 88.15 35.33 21.28
N LEU AA 71 88.97 35.79 22.23
CA LEU AA 71 89.90 34.89 22.90
C LEU AA 71 89.14 33.81 23.65
N ASN AA 72 88.18 34.21 24.47
CA ASN AA 72 87.43 33.29 25.33
C ASN AA 72 85.95 33.58 25.15
N LEU AA 73 85.18 32.53 24.84
CA LEU AA 73 83.78 32.71 24.50
C LEU AA 73 83.02 33.34 25.65
N ASP AA 74 82.03 34.15 25.31
CA ASP AA 74 81.19 34.87 26.26
C ASP AA 74 79.73 34.55 25.96
N ALA AA 75 78.82 35.29 26.57
CA ALA AA 75 77.41 35.01 26.41
C ALA AA 75 76.97 35.17 24.96
N ASN AA 76 77.05 36.39 24.43
CA ASN AA 76 76.35 36.74 23.19
C ASN AA 76 76.69 35.80 22.05
N TYR AA 77 77.96 35.41 21.96
CA TYR AA 77 78.38 34.39 21.01
C TYR AA 77 77.52 33.14 21.15
N VAL AA 78 77.24 32.73 22.39
CA VAL AA 78 76.50 31.50 22.61
C VAL AA 78 75.07 31.63 22.12
N GLU AA 79 74.42 32.78 22.35
CA GLU AA 79 73.03 32.91 21.88
C GLU AA 79 72.95 32.99 20.37
N THR AA 80 73.89 33.67 19.71
CA THR AA 80 73.88 33.65 18.25
C THR AA 80 74.07 32.22 17.73
N ALA AA 81 75.07 31.53 18.27
CA ALA AA 81 75.31 30.15 17.86
C ALA AA 81 74.08 29.29 18.13
N ARG AA 82 73.39 29.54 19.23
CA ARG AA 82 72.26 28.70 19.58
C ARG AA 82 71.08 28.95 18.66
N THR AA 83 70.78 30.21 18.34
CA THR AA 83 69.68 30.45 17.43
C THR AA 83 69.95 29.87 16.05
N THR AA 84 71.23 29.71 15.68
CA THR AA 84 71.51 28.90 14.49
C THR AA 84 71.31 27.41 14.77
N ILE AA 85 71.75 26.95 15.94
CA ILE AA 85 71.87 25.51 16.20
C ILE AA 85 70.50 24.87 16.34
N GLU AA 86 69.54 25.56 16.95
CA GLU AA 86 68.21 24.95 17.07
C GLU AA 86 67.59 24.73 15.70
N TYR AA 87 67.74 25.70 14.80
CA TYR AA 87 67.22 25.53 13.45
C TYR AA 87 67.88 24.34 12.76
N PHE AA 88 69.20 24.24 12.89
CA PHE AA 88 69.88 23.13 12.22
C PHE AA 88 69.47 21.79 12.81
N ILE AA 89 69.32 21.72 14.14
CA ILE AA 89 68.93 20.48 14.78
C ILE AA 89 67.54 20.06 14.33
N ASP AA 90 66.62 21.02 14.23
CA ASP AA 90 65.29 20.69 13.74
C ASP AA 90 65.36 20.18 12.30
N PHE AA 91 66.18 20.83 11.48
CA PHE AA 91 66.33 20.39 10.10
C PHE AA 91 66.80 18.94 10.03
N ILE AA 92 67.85 18.62 10.79
CA ILE AA 92 68.41 17.28 10.72
C ILE AA 92 67.45 16.25 11.31
N ASP AA 93 66.74 16.62 12.37
CA ASP AA 93 65.75 15.72 12.95
C ASP AA 93 64.66 15.39 11.94
N ASN AA 94 64.16 16.40 11.23
CA ASN AA 94 63.10 16.13 10.26
C ASN AA 94 63.64 15.36 9.06
N VAL AA 95 64.88 15.62 8.65
CA VAL AA 95 65.45 14.85 7.55
C VAL AA 95 65.56 13.38 7.91
N CYS AA 96 66.08 13.10 9.11
CA CYS AA 96 66.19 11.70 9.54
C CYS AA 96 64.83 11.06 9.70
N MET AA 97 63.86 11.79 10.25
CA MET AA 97 62.53 11.24 10.43
C MET AA 97 61.89 10.89 9.10
N ASP AA 98 62.05 11.77 8.11
CA ASP AA 98 61.48 11.50 6.80
C ASP AA 98 62.24 10.41 6.06
N GLU AA 99 63.52 10.25 6.35
CA GLU AA 99 64.30 9.19 5.71
C GLU AA 99 63.93 7.82 6.26
N MET AA 100 63.67 7.74 7.57
CA MET AA 100 63.36 6.45 8.17
C MET AA 100 62.02 5.87 7.75
N VAL AA 101 61.17 6.66 7.09
CA VAL AA 101 59.81 6.23 6.76
C VAL AA 101 59.68 5.81 5.30
N ARG AA 102 60.78 5.75 4.56
CA ARG AA 102 60.78 5.44 3.13
C ARG AA 102 61.62 4.20 2.88
N GLU AA 103 61.08 3.27 2.10
CA GLU AA 103 61.78 2.05 1.71
C GLU AA 103 62.13 2.13 0.23
N SER AA 104 62.75 1.07 -0.27
CA SER AA 104 63.02 0.95 -1.69
C SER AA 104 63.30 -0.50 -1.99
N GLN AA 105 62.46 -1.12 -2.81
CA GLN AA 105 62.67 -2.52 -3.15
C GLN AA 105 63.97 -2.70 -3.93
N ARG AA 106 64.26 -1.79 -4.85
CA ARG AA 106 65.51 -1.77 -5.59
C ARG AA 106 66.40 -0.65 -5.07
N ASN AA 107 67.70 -0.93 -4.95
CA ASN AA 107 68.68 0.06 -4.53
C ASN AA 107 68.33 0.61 -3.14
N GLY AA 108 68.34 -0.28 -2.16
CA GLY AA 108 67.97 0.11 -0.82
C GLY AA 108 68.95 1.07 -0.19
N VAL AA 109 70.25 0.79 -0.31
CA VAL AA 109 71.25 1.56 0.41
C VAL AA 109 71.32 2.99 -0.09
N ALA AA 110 70.85 3.28 -1.30
CA ALA AA 110 70.84 4.64 -1.77
C ALA AA 110 69.81 5.44 -0.97
N PRO AA 111 69.97 6.76 -0.89
CA PRO AA 111 69.06 7.54 -0.07
C PRO AA 111 67.68 7.65 -0.70
N GLN AA 112 66.72 8.02 0.15
CA GLN AA 112 65.38 8.42 -0.25
C GLN AA 112 65.21 9.81 0.34
N SER AA 113 64.00 10.34 0.42
CA SER AA 113 63.84 11.65 1.07
C SER AA 113 64.57 12.71 0.27
N GLU AA 114 63.93 13.18 -0.80
CA GLU AA 114 64.49 14.13 -1.75
C GLU AA 114 65.36 15.21 -1.12
N ALA AA 115 65.04 15.65 0.09
CA ALA AA 115 65.97 16.48 0.85
C ALA AA 115 67.31 15.77 1.00
N LEU AA 116 67.30 14.52 1.48
CA LEU AA 116 68.56 13.79 1.65
C LEU AA 116 69.21 13.49 0.31
N ARG AA 117 68.39 13.24 -0.72
CA ARG AA 117 68.96 13.07 -2.06
C ARG AA 117 69.71 14.31 -2.51
N LYS AA 118 69.13 15.49 -2.26
CA LYS AA 118 69.83 16.73 -2.57
C LYS AA 118 71.10 16.84 -1.76
N LEU AA 119 71.05 16.45 -0.49
CA LEU AA 119 72.25 16.49 0.34
C LEU AA 119 73.34 15.59 -0.21
N ALA AA 120 72.95 14.51 -0.89
CA ALA AA 120 73.91 13.56 -1.45
C ALA AA 120 74.60 14.06 -2.72
N GLY AA 121 74.44 15.32 -3.08
CA GLY AA 121 75.03 15.85 -4.30
C GLY AA 121 76.48 16.25 -4.12
N ILE AA 122 77.03 16.83 -5.18
CA ILE AA 122 78.43 17.24 -5.18
C ILE AA 122 78.62 18.51 -4.37
N LYS AA 123 77.60 19.37 -4.30
CA LYS AA 123 77.75 20.64 -3.60
C LYS AA 123 78.05 20.43 -2.12
N PHE AA 124 77.34 19.50 -1.49
CA PHE AA 124 77.39 19.33 -0.04
C PHE AA 124 78.49 18.39 0.42
N LYS AA 125 79.43 18.03 -0.45
CA LYS AA 125 80.47 17.10 -0.03
C LYS AA 125 81.52 17.76 0.84
N ARG AA 126 81.56 19.09 0.89
CA ARG AA 126 82.51 19.79 1.75
C ARG AA 126 82.13 19.73 3.22
N ILE AA 127 80.94 19.21 3.56
CA ILE AA 127 80.54 19.11 4.96
C ILE AA 127 81.16 17.91 5.66
N ASN AA 128 81.81 17.01 4.93
CA ASN AA 128 82.33 15.79 5.53
C ASN AA 128 83.32 16.12 6.64
N PHE AA 129 82.91 15.87 7.87
CA PHE AA 129 83.67 16.25 9.05
C PHE AA 129 84.40 15.07 9.68
N ASN AA 130 83.68 13.98 9.92
CA ASN AA 130 84.18 12.89 10.74
C ASN AA 130 83.17 11.76 10.61
N ASN AA 131 83.67 10.53 10.55
CA ASN AA 131 82.81 9.34 10.44
C ASN AA 131 83.26 8.35 11.51
N SER AA 132 82.82 8.55 12.74
CA SER AA 132 83.40 7.88 13.90
C SER AA 132 82.48 6.84 14.51
N SER AA 133 81.18 7.08 14.53
CA SER AA 133 80.26 6.14 15.14
C SER AA 133 80.33 4.80 14.40
N GLU AA 134 79.88 3.76 15.09
CA GLU AA 134 80.00 2.42 14.54
C GLU AA 134 79.21 2.28 13.26
N TYR AA 135 77.99 2.82 13.24
CA TYR AA 135 77.11 2.62 12.10
C TYR AA 135 77.59 3.38 10.87
N ILE AA 136 78.01 4.63 11.05
CA ILE AA 136 78.55 5.36 9.91
C ILE AA 136 79.86 4.72 9.45
N GLU AA 137 80.65 4.18 10.38
CA GLU AA 137 81.89 3.53 9.98
C GLU AA 137 81.62 2.32 9.10
N ASN AA 138 80.68 1.48 9.51
CA ASN AA 138 80.34 0.32 8.69
C ASN AA 138 79.67 0.73 7.38
N TRP AA 139 78.91 1.82 7.39
CA TRP AA 139 78.34 2.34 6.15
C TRP AA 139 79.44 2.73 5.18
N ASN AA 140 80.44 3.46 5.68
CA ASN AA 140 81.57 3.84 4.84
C ASN AA 140 82.29 2.61 4.33
N LEU AA 141 82.46 1.60 5.18
CA LEU AA 141 83.15 0.39 4.74
C LEU AA 141 82.40 -0.30 3.62
N GLN AA 142 81.08 -0.48 3.79
CA GLN AA 142 80.31 -1.15 2.74
C GLN AA 142 80.36 -0.36 1.44
N ASN AA 143 80.17 0.95 1.49
CA ASN AA 143 80.33 1.74 0.26
C ASN AA 143 81.74 1.61 -0.29
N ARG AA 144 82.70 1.33 0.58
CA ARG AA 144 84.11 1.10 0.28
C ARG AA 144 84.41 -0.39 0.26
N ARG AA 145 83.48 -1.17 -0.31
CA ARG AA 145 83.16 -2.55 0.08
C ARG AA 145 84.33 -3.33 0.67
N GLN AA 146 84.12 -3.83 1.87
CA GLN AA 146 85.11 -4.64 2.59
C GLN AA 146 84.41 -5.13 3.85
N ARG AA 147 85.17 -5.79 4.73
CA ARG AA 147 84.57 -6.40 5.91
C ARG AA 147 83.91 -5.34 6.79
N THR AA 148 82.78 -5.71 7.37
CA THR AA 148 82.06 -4.88 8.32
C THR AA 148 81.76 -5.70 9.56
N GLY AA 149 81.60 -5.01 10.69
CA GLY AA 149 81.30 -5.69 11.93
C GLY AA 149 80.52 -4.83 12.90
N PHE AA 150 79.39 -5.35 13.37
CA PHE AA 150 78.60 -4.72 14.41
C PHE AA 150 78.65 -5.62 15.63
N VAL AA 151 79.11 -5.05 16.74
CA VAL AA 151 79.17 -5.78 18.00
C VAL AA 151 77.84 -5.59 18.73
N PHE AA 152 77.27 -6.70 19.20
CA PHE AA 152 75.95 -6.71 19.82
C PHE AA 152 76.03 -7.37 21.18
N HIS AA 153 75.18 -6.90 22.09
CA HIS AA 153 74.97 -7.50 23.39
C HIS AA 153 73.53 -8.03 23.42
N LYS AA 154 73.39 -9.33 23.61
CA LYS AA 154 72.09 -10.01 23.49
C LYS AA 154 71.47 -9.76 22.13
N PRO AA 155 72.11 -10.16 21.04
CA PRO AA 155 71.50 -9.99 19.71
C PRO AA 155 70.31 -10.93 19.54
N ASN AA 156 69.20 -10.40 19.04
CA ASN AA 156 68.01 -11.22 18.84
C ASN AA 156 68.04 -11.86 17.44
N ILE AA 157 69.08 -12.67 17.24
CA ILE AA 157 69.22 -13.42 15.99
C ILE AA 157 68.08 -14.42 15.82
N PHE AA 158 67.49 -14.88 16.92
CA PHE AA 158 66.55 -16.00 16.85
C PHE AA 158 65.14 -15.46 16.68
N PRO AA 159 64.45 -15.74 15.56
CA PRO AA 159 63.03 -15.38 15.50
C PRO AA 159 62.26 -16.20 16.52
N TYR AA 160 61.22 -15.59 17.09
CA TYR AA 160 60.45 -16.25 18.12
C TYR AA 160 59.83 -17.52 17.55
N SER AA 161 59.99 -18.63 18.27
CA SER AA 161 59.45 -19.91 17.83
C SER AA 161 59.35 -20.83 19.03
N ALA AA 162 58.13 -21.19 19.40
CA ALA AA 162 57.86 -22.17 20.44
C ALA AA 162 57.18 -23.36 19.78
N SER AA 163 57.82 -24.53 19.82
CA SER AA 163 57.28 -25.64 19.08
C SER AA 163 57.95 -26.94 19.50
N PHE AA 164 57.28 -28.06 19.20
CA PHE AA 164 57.73 -29.37 19.62
C PHE AA 164 57.56 -30.39 18.52
N THR AA 165 58.41 -31.41 18.53
CA THR AA 165 58.30 -32.58 17.66
C THR AA 165 58.21 -33.83 18.52
N LEU AA 166 57.44 -34.80 18.03
CA LEU AA 166 57.24 -36.08 18.72
C LEU AA 166 57.70 -37.20 17.80
N ASN AA 167 58.71 -37.95 18.23
CA ASN AA 167 59.17 -39.11 17.49
C ASN AA 167 58.43 -40.38 17.86
N ARG AA 168 57.58 -40.34 18.89
CA ARG AA 168 56.68 -41.44 19.20
C ARG AA 168 55.35 -40.83 19.63
N SER AA 169 54.28 -41.18 18.93
CA SER AA 169 52.98 -40.58 19.14
C SER AA 169 51.90 -41.64 19.16
N GLN AA 170 50.88 -41.39 19.96
CA GLN AA 170 49.67 -42.19 20.02
C GLN AA 170 48.49 -41.23 20.04
N PRO AA 171 47.30 -41.67 19.64
CA PRO AA 171 46.15 -40.77 19.74
C PRO AA 171 45.84 -40.38 21.17
N MET AA 172 46.12 -41.27 22.13
CA MET AA 172 45.91 -40.98 23.53
C MET AA 172 47.02 -40.15 24.15
N HIS AA 173 48.17 -40.02 23.48
CA HIS AA 173 49.28 -39.22 23.98
C HIS AA 173 49.68 -39.62 25.38
N ASP AA 174 49.69 -40.93 25.64
CA ASP AA 174 50.05 -41.45 26.95
C ASP AA 174 51.52 -41.77 27.08
N ASN AA 175 52.16 -42.18 25.98
CA ASN AA 175 53.57 -42.61 25.98
C ASN AA 175 54.26 -41.91 24.81
N LEU AA 176 54.71 -40.69 25.04
CA LEU AA 176 55.33 -39.86 24.01
C LEU AA 176 56.85 -39.82 24.20
N MET AA 177 57.51 -39.28 23.19
CA MET AA 177 58.95 -39.03 23.24
C MET AA 177 59.25 -38.02 22.16
N GLY AA 178 60.16 -37.10 22.45
CA GLY AA 178 60.48 -36.07 21.48
C GLY AA 178 61.19 -34.91 22.13
N THR AA 179 61.09 -33.76 21.48
CA THR AA 179 61.75 -32.56 21.95
C THR AA 179 60.82 -31.37 21.83
N MET AA 180 61.08 -30.36 22.66
CA MET AA 180 60.39 -29.09 22.60
C MET AA 180 61.43 -27.99 22.66
N TRP AA 181 61.10 -26.83 22.11
CA TRP AA 181 62.06 -25.75 22.10
C TRP AA 181 61.34 -24.42 22.08
N LEU AA 182 61.99 -23.45 22.73
CA LEU AA 182 61.66 -22.03 22.59
C LEU AA 182 62.94 -21.33 22.16
N ASN AA 183 62.96 -20.84 20.94
CA ASN AA 183 63.95 -19.88 20.49
C ASN AA 183 63.33 -18.51 20.60
N ALA AA 184 64.02 -17.58 21.25
CA ALA AA 184 63.45 -16.25 21.45
C ALA AA 184 64.57 -15.28 21.79
N GLY AA 185 64.67 -14.19 21.04
CA GLY AA 185 65.70 -13.23 21.32
C GLY AA 185 67.06 -13.86 21.12
N SER AA 186 67.83 -13.93 22.22
CA SER AA 186 69.15 -14.56 22.22
C SER AA 186 69.16 -15.85 23.04
N GLU AA 187 68.00 -16.45 23.26
CA GLU AA 187 67.82 -17.62 24.10
C GLU AA 187 67.40 -18.80 23.25
N ILE AA 188 68.04 -19.95 23.48
CA ILE AA 188 67.54 -21.24 23.05
C ILE AA 188 67.29 -22.06 24.30
N GLN AA 189 66.05 -22.46 24.51
CA GLN AA 189 65.70 -23.39 25.58
C GLN AA 189 65.16 -24.64 24.92
N VAL AA 190 65.92 -25.73 24.99
CA VAL AA 190 65.52 -26.99 24.37
C VAL AA 190 65.36 -28.01 25.48
N ALA AA 191 64.39 -28.92 25.30
CA ALA AA 191 64.12 -29.95 26.28
C ALA AA 191 63.74 -31.24 25.56
N GLY AA 192 64.50 -32.30 25.81
CA GLY AA 192 64.18 -33.62 25.28
C GLY AA 192 63.51 -34.45 26.36
N PHE AA 193 62.34 -34.99 26.04
CA PHE AA 193 61.51 -35.67 27.01
C PHE AA 193 61.08 -37.02 26.48
N ASP AA 194 61.13 -38.02 27.36
CA ASP AA 194 60.65 -39.37 27.09
C ASP AA 194 59.73 -39.77 28.22
N TYR AA 195 58.58 -40.33 27.87
CA TYR AA 195 57.64 -40.75 28.90
C TYR AA 195 58.06 -42.06 29.54
N SER AA 196 58.70 -42.93 28.77
CA SER AA 196 59.16 -44.22 29.28
C SER AA 196 60.47 -44.12 30.04
N CYS AA 197 61.11 -42.95 30.05
CA CYS AA 197 62.40 -42.79 30.71
C CYS AA 197 63.44 -43.77 30.15
N ALA AA 198 63.35 -44.02 28.83
CA ALA AA 198 64.31 -44.86 28.13
C ALA AA 198 64.31 -46.29 28.68
N LEU AA 199 63.14 -46.92 28.60
CA LEU AA 199 63.06 -48.34 28.94
C LEU AA 199 63.64 -49.20 27.83
N ASN AA 200 63.06 -49.09 26.64
CA ASN AA 200 63.42 -49.94 25.52
C ASN AA 200 64.52 -49.35 24.66
N ALA AA 201 65.03 -48.17 25.00
CA ALA AA 201 66.02 -47.51 24.16
C ALA AA 201 67.33 -48.30 24.18
N PRO AA 202 68.17 -48.13 23.16
CA PRO AA 202 69.46 -48.84 23.16
C PRO AA 202 70.32 -48.43 24.34
N ALA AA 203 70.61 -49.41 25.19
CA ALA AA 203 71.43 -49.22 26.39
C ALA AA 203 70.79 -48.25 27.37
N ASN AA 204 69.48 -48.06 27.30
CA ASN AA 204 68.77 -47.11 28.17
C ASN AA 204 69.35 -45.72 28.04
N ILE AA 205 69.71 -45.34 26.81
CA ILE AA 205 70.15 -44.00 26.46
C ILE AA 205 69.30 -43.56 25.28
N GLN AA 206 68.60 -42.43 25.44
CA GLN AA 206 67.76 -41.86 24.39
C GLN AA 206 68.44 -40.60 23.87
N GLN AA 207 68.67 -40.56 22.56
CA GLN AA 207 69.41 -39.47 21.94
C GLN AA 207 68.44 -38.38 21.49
N PHE AA 208 68.77 -37.13 21.80
CA PHE AA 208 68.02 -35.98 21.36
C PHE AA 208 68.96 -35.03 20.63
N GLU AA 209 68.46 -34.44 19.54
CA GLU AA 209 69.23 -33.50 18.74
C GLU AA 209 68.33 -32.36 18.30
N HIS AA 210 68.88 -31.14 18.34
CA HIS AA 210 68.14 -29.95 17.95
C HIS AA 210 69.06 -29.05 17.14
N ILE AA 211 68.62 -28.68 15.94
CA ILE AA 211 69.40 -27.88 15.02
C ILE AA 211 68.75 -26.51 14.91
N VAL AA 212 69.54 -25.46 15.10
CA VAL AA 212 69.07 -24.08 15.01
C VAL AA 212 69.88 -23.39 13.93
N GLN AA 213 69.18 -22.72 13.00
CA GLN AA 213 69.79 -22.08 11.85
C GLN AA 213 69.71 -20.58 12.05
N LEU AA 214 70.84 -19.94 12.31
CA LEU AA 214 70.84 -18.48 12.32
C LEU AA 214 70.65 -17.98 10.89
N ARG AA 215 69.90 -16.90 10.74
CA ARG AA 215 69.70 -16.33 9.42
C ARG AA 215 70.92 -15.52 8.97
N ARG AA 216 71.79 -15.14 9.90
CA ARG AA 216 73.05 -14.48 9.58
C ARG AA 216 74.12 -15.04 10.49
N ALA AA 217 75.31 -15.27 9.93
CA ALA AA 217 76.37 -15.87 10.71
C ALA AA 217 76.86 -14.89 11.78
N LEU AA 218 76.91 -15.35 13.02
CA LEU AA 218 77.48 -14.58 14.11
C LEU AA 218 78.96 -14.92 14.25
N THR AA 219 79.67 -14.07 14.99
CA THR AA 219 81.13 -14.17 15.06
C THR AA 219 81.60 -13.76 16.45
N THR AA 220 82.61 -14.47 16.95
CA THR AA 220 83.24 -14.20 18.25
C THR AA 220 82.18 -13.98 19.33
N ALA AA 221 81.33 -14.99 19.52
CA ALA AA 221 80.18 -14.86 20.40
C ALA AA 221 80.45 -15.60 21.70
N THR AA 222 80.33 -14.88 22.82
CA THR AA 222 80.32 -15.52 24.12
C THR AA 222 78.92 -16.08 24.35
N ILE AA 223 78.85 -17.37 24.67
CA ILE AA 223 77.59 -18.07 24.87
C ILE AA 223 77.63 -18.72 26.24
N THR AA 224 76.56 -18.53 27.01
CA THR AA 224 76.43 -19.16 28.32
C THR AA 224 75.49 -20.36 28.19
N LEU AA 225 75.98 -21.53 28.60
CA LEU AA 225 75.28 -22.79 28.41
C LEU AA 225 75.07 -23.44 29.77
N LEU AA 226 73.81 -23.63 30.15
CA LEU AA 226 73.45 -24.25 31.40
C LEU AA 226 72.52 -25.43 31.12
N PRO AA 227 72.45 -26.40 32.02
CA PRO AA 227 71.50 -27.49 31.82
C PRO AA 227 70.12 -27.11 32.34
N ASP AA 228 69.17 -28.04 32.29
CA ASP AA 228 67.88 -27.89 32.96
C ASP AA 228 67.12 -26.67 32.43
N ALA AA 229 66.69 -26.79 31.18
CA ALA AA 229 65.84 -25.77 30.56
C ALA AA 229 64.63 -25.47 31.44
N GLU AA 230 64.51 -24.21 31.83
CA GLU AA 230 63.53 -23.84 32.86
C GLU AA 230 62.10 -23.95 32.35
N ARG AA 231 61.82 -23.40 31.17
CA ARG AA 231 60.44 -23.25 30.74
C ARG AA 231 59.76 -24.58 30.46
N PHE AA 232 60.51 -25.66 30.35
CA PHE AA 232 59.96 -26.98 30.08
C PHE AA 232 60.30 -27.93 31.22
N SER AA 233 60.12 -27.46 32.45
CA SER AA 233 60.41 -28.24 33.63
C SER AA 233 59.33 -28.06 34.68
N PHE AA 234 58.08 -28.08 34.26
CA PHE AA 234 56.94 -28.09 35.16
C PHE AA 234 55.68 -28.49 34.42
N PRO AA 235 54.60 -28.84 35.13
CA PRO AA 235 53.41 -29.35 34.46
C PRO AA 235 52.88 -28.41 33.40
N ARG AA 236 52.41 -28.99 32.30
CA ARG AA 236 51.95 -28.20 31.17
C ARG AA 236 50.91 -29.00 30.39
N VAL AA 237 50.06 -28.28 29.68
CA VAL AA 237 49.02 -28.87 28.83
C VAL AA 237 49.21 -28.30 27.44
N ILE AA 238 49.70 -29.11 26.53
CA ILE AA 238 50.08 -28.68 25.19
C ILE AA 238 49.08 -29.23 24.19
N ASN AA 239 48.59 -28.37 23.30
CA ASN AA 239 47.72 -28.85 22.23
C ASN AA 239 48.51 -29.72 21.27
N SER AA 240 47.82 -30.67 20.65
CA SER AA 240 48.46 -31.53 19.68
C SER AA 240 48.89 -30.70 18.48
N ALA AA 241 49.66 -31.33 17.59
CA ALA AA 241 50.25 -30.62 16.47
C ALA AA 241 49.19 -29.99 15.59
N ASP AA 242 48.15 -30.75 15.25
CA ASP AA 242 47.06 -30.22 14.45
C ASP AA 242 46.08 -29.38 15.25
N GLY AA 243 46.17 -29.39 16.58
CA GLY AA 243 45.26 -28.66 17.43
C GLY AA 243 44.00 -29.40 17.81
N ALA AA 244 43.85 -30.66 17.41
CA ALA AA 244 42.64 -31.40 17.73
C ALA AA 244 42.46 -31.54 19.22
N THR AA 245 43.36 -32.26 19.88
CA THR AA 245 43.26 -32.56 21.30
C THR AA 245 44.36 -31.82 22.06
N THR AA 246 44.44 -32.11 23.35
CA THR AA 246 45.50 -31.58 24.21
C THR AA 246 46.04 -32.71 25.06
N TRP AA 247 47.35 -32.67 25.34
CA TRP AA 247 48.02 -33.69 26.10
C TRP AA 247 48.79 -33.06 27.25
N PHE AA 248 49.17 -33.91 28.19
CA PHE AA 248 49.72 -33.52 29.47
C PHE AA 248 51.21 -33.78 29.48
N PHE AA 249 51.97 -32.89 30.08
CA PHE AA 249 53.43 -32.98 30.18
C PHE AA 249 53.80 -32.76 31.64
N ASN AA 250 54.38 -33.77 32.27
CA ASN AA 250 54.54 -33.85 33.73
C ASN AA 250 55.99 -34.14 34.07
N PRO AA 251 56.87 -33.15 33.94
CA PRO AA 251 58.31 -33.43 33.95
C PRO AA 251 58.84 -33.99 35.26
N ILE AA 252 59.86 -34.83 35.11
CA ILE AA 252 60.86 -35.12 36.14
C ILE AA 252 62.20 -34.90 35.46
N ILE AA 253 63.03 -34.01 36.02
CA ILE AA 253 64.18 -33.48 35.31
C ILE AA 253 65.39 -34.33 35.65
N LEU AA 254 65.69 -35.31 34.81
CA LEU AA 254 66.96 -35.99 34.90
C LEU AA 254 68.07 -35.04 34.49
N ARG AA 255 69.30 -35.43 34.78
CA ARG AA 255 70.43 -34.68 34.29
C ARG AA 255 70.53 -34.82 32.76
N PRO AA 256 70.97 -33.78 32.05
CA PRO AA 256 71.43 -33.98 30.67
C PRO AA 256 72.88 -34.45 30.69
N ASN AA 257 73.14 -35.63 30.13
CA ASN AA 257 74.42 -36.29 30.24
C ASN AA 257 75.10 -36.42 28.88
N ASN AA 258 76.43 -36.35 28.91
CA ASN AA 258 77.29 -36.27 27.72
C ASN AA 258 76.67 -35.37 26.65
N VAL AA 259 76.31 -34.15 27.07
CA VAL AA 259 75.82 -33.18 26.11
C VAL AA 259 76.94 -32.82 25.16
N GLU AA 260 76.56 -32.20 24.05
CA GLU AA 260 77.52 -31.89 22.99
C GLU AA 260 76.93 -30.77 22.16
N VAL AA 261 77.59 -29.62 22.14
CA VAL AA 261 77.17 -28.49 21.31
C VAL AA 261 78.20 -28.31 20.21
N GLU AA 262 77.71 -28.22 18.97
CA GLU AA 262 78.53 -28.01 17.79
C GLU AA 262 78.12 -26.68 17.16
N PHE AA 263 79.07 -25.76 17.03
CA PHE AA 263 78.86 -24.51 16.32
C PHE AA 263 79.45 -24.67 14.93
N LEU AA 264 78.62 -24.46 13.91
CA LEU AA 264 78.90 -24.82 12.53
C LEU AA 264 78.82 -23.59 11.66
N LEU AA 265 79.78 -23.46 10.74
CA LEU AA 265 79.71 -22.44 9.69
C LEU AA 265 79.73 -23.15 8.35
N ASN AA 266 78.64 -23.00 7.59
CA ASN AA 266 78.51 -23.60 6.27
C ASN AA 266 78.74 -25.11 6.32
N GLY AA 267 78.14 -25.74 7.32
CA GLY AA 267 78.02 -27.18 7.35
C GLY AA 267 79.25 -27.94 7.83
N GLN AA 268 80.29 -27.25 8.28
CA GLN AA 268 81.48 -27.90 8.80
C GLN AA 268 81.68 -27.51 10.26
N ILE AA 269 82.51 -28.29 10.92
CA ILE AA 269 82.73 -28.13 12.36
C ILE AA 269 83.66 -26.95 12.59
N ILE AA 270 83.19 -25.97 13.36
CA ILE AA 270 83.99 -24.83 13.76
C ILE AA 270 84.30 -24.87 15.25
N ASN AA 271 83.33 -25.29 16.07
CA ASN AA 271 83.61 -25.48 17.49
C ASN AA 271 82.78 -26.64 18.01
N THR AA 272 83.33 -27.34 19.00
CA THR AA 272 82.67 -28.45 19.66
C THR AA 272 82.96 -28.39 21.14
N TYR AA 273 81.94 -28.59 21.96
CA TYR AA 273 82.11 -28.64 23.41
C TYR AA 273 81.29 -29.80 23.95
N GLN AA 274 81.95 -30.69 24.69
CA GLN AA 274 81.32 -31.86 25.29
C GLN AA 274 81.31 -31.70 26.80
N ALA AA 275 80.13 -31.83 27.40
CA ALA AA 275 79.97 -31.82 28.86
C ALA AA 275 80.69 -30.62 29.47
N ARG AA 276 80.46 -29.45 28.87
CA ARG AA 276 81.19 -28.23 29.21
C ARG AA 276 80.15 -27.12 29.30
N PHE AA 277 79.75 -26.80 30.53
CA PHE AA 277 78.77 -25.76 30.80
C PHE AA 277 79.47 -24.51 31.29
N GLY AA 278 78.69 -23.46 31.50
CA GLY AA 278 79.23 -22.17 31.86
C GLY AA 278 79.41 -21.31 30.64
N THR AA 279 80.53 -20.60 30.57
CA THR AA 279 80.80 -19.68 29.48
C THR AA 279 81.68 -20.35 28.44
N ILE AA 280 81.28 -20.25 27.18
CA ILE AA 280 82.00 -20.81 26.05
C ILE AA 280 82.04 -19.76 24.96
N VAL AA 281 82.85 -20.00 23.94
CA VAL AA 281 83.01 -19.09 22.81
C VAL AA 281 82.71 -19.84 21.53
N ALA AA 282 81.89 -19.23 20.68
CA ALA AA 282 81.71 -19.67 19.31
C ALA AA 282 82.54 -18.74 18.44
N ARG AA 283 83.58 -19.29 17.81
CA ARG AA 283 84.51 -18.47 17.05
C ARG AA 283 83.81 -17.80 15.88
N ASN AA 284 83.11 -18.57 15.07
CA ASN AA 284 82.37 -18.05 13.94
C ASN AA 284 81.42 -19.13 13.50
N PHE AA 285 80.12 -18.86 13.48
CA PHE AA 285 79.15 -19.93 13.32
C PHE AA 285 77.86 -19.41 12.73
N ASP AA 286 77.17 -20.30 12.01
CA ASP AA 286 75.89 -20.02 11.39
C ASP AA 286 74.78 -20.95 11.85
N THR AA 287 75.11 -22.11 12.43
CA THR AA 287 74.10 -23.01 12.96
C THR AA 287 74.63 -23.66 14.23
N ILE AA 288 73.70 -24.14 15.05
CA ILE AA 288 74.03 -24.81 16.31
C ILE AA 288 73.37 -26.17 16.32
N ARG AA 289 74.15 -27.20 16.64
CA ARG AA 289 73.61 -28.51 16.99
C ARG AA 289 73.72 -28.66 18.50
N LEU AA 290 72.59 -28.91 19.16
CA LEU AA 290 72.56 -29.28 20.57
C LEU AA 290 72.13 -30.73 20.62
N SER AA 291 73.06 -31.61 20.99
CA SER AA 291 72.80 -33.04 21.04
C SER AA 291 73.09 -33.53 22.45
N PHE AA 292 72.08 -34.11 23.08
CA PHE AA 292 72.21 -34.59 24.45
C PHE AA 292 71.50 -35.93 24.56
N GLN AA 293 71.52 -36.49 25.77
CA GLN AA 293 71.03 -37.85 25.99
C GLN AA 293 70.27 -37.91 27.30
N LEU AA 294 69.10 -38.53 27.27
CA LEU AA 294 68.39 -38.93 28.47
C LEU AA 294 68.85 -40.35 28.79
N MET AA 295 69.69 -40.48 29.80
CA MET AA 295 70.22 -41.77 30.22
C MET AA 295 69.47 -42.19 31.47
N ARG AA 296 68.86 -43.37 31.42
CA ARG AA 296 68.14 -43.85 32.58
C ARG AA 296 69.12 -44.04 33.75
N PRO AA 297 68.71 -43.78 34.99
CA PRO AA 297 69.59 -44.10 36.10
C PRO AA 297 69.56 -45.58 36.41
N PRO AA 298 70.71 -46.25 36.50
CA PRO AA 298 70.66 -47.69 36.79
C PRO AA 298 70.32 -47.98 38.23
N ASN AA 299 70.86 -47.18 39.14
CA ASN AA 299 70.58 -47.30 40.56
C ASN AA 299 69.53 -46.27 40.95
N MET AA 300 68.58 -46.70 41.78
CA MET AA 300 67.46 -45.86 42.18
C MET AA 300 67.10 -46.16 43.61
N THR AA 301 66.88 -45.12 44.39
CA THR AA 301 66.19 -45.27 45.65
C THR AA 301 64.71 -45.56 45.36
N PRO AA 302 63.98 -46.08 46.35
CA PRO AA 302 62.58 -46.44 46.08
C PRO AA 302 61.73 -45.30 45.56
N ALA AA 303 62.03 -44.06 45.94
CA ALA AA 303 61.30 -42.93 45.39
C ALA AA 303 61.42 -42.89 43.87
N VAL AA 304 62.66 -42.91 43.36
CA VAL AA 304 62.87 -42.86 41.92
C VAL AA 304 62.33 -44.12 41.26
N ASN AA 305 62.45 -45.26 41.93
CA ASN AA 305 61.93 -46.50 41.38
C ASN AA 305 60.42 -46.40 41.19
N ALA AA 306 59.72 -45.84 42.16
CA ALA AA 306 58.29 -45.64 42.03
C ALA AA 306 57.98 -44.62 40.95
N LEU AA 307 58.85 -43.63 40.77
CA LEU AA 307 58.63 -42.63 39.72
C LEU AA 307 58.63 -43.27 38.34
N PHE AA 308 59.61 -44.13 38.09
CA PHE AA 308 59.82 -44.70 36.75
C PHE AA 308 59.59 -46.20 36.76
N PRO AA 309 58.38 -46.66 36.46
CA PRO AA 309 58.13 -48.09 36.35
C PRO AA 309 58.32 -48.61 34.93
N GLN AA 310 58.22 -49.93 34.79
CA GLN AA 310 58.24 -50.59 33.49
C GLN AA 310 56.85 -50.74 32.89
N ALA AA 311 55.83 -50.23 33.55
CA ALA AA 311 54.45 -50.60 33.28
C ALA AA 311 53.82 -49.68 32.23
N GLN AA 312 52.49 -49.75 32.12
CA GLN AA 312 51.80 -49.01 31.07
C GLN AA 312 51.65 -47.53 31.37
N PRO AA 313 51.22 -47.10 32.57
CA PRO AA 313 50.75 -45.70 32.71
C PRO AA 313 51.81 -44.64 32.45
N PHE AA 314 52.98 -44.71 33.09
CA PHE AA 314 54.00 -43.67 32.98
C PHE AA 314 53.44 -42.32 33.45
N GLN AA 315 53.13 -42.26 34.74
CA GLN AA 315 52.55 -41.05 35.31
C GLN AA 315 53.48 -39.86 35.14
N HIS AA 316 54.73 -40.00 35.57
CA HIS AA 316 55.70 -38.91 35.57
C HIS AA 316 56.68 -39.10 34.42
N HIS AA 317 57.08 -38.00 33.79
CA HIS AA 317 57.57 -38.01 32.42
C HIS AA 317 59.01 -37.51 32.43
N ALA AA 318 59.95 -38.37 32.09
CA ALA AA 318 61.35 -37.99 32.24
C ALA AA 318 61.72 -36.95 31.19
N THR AA 319 62.58 -36.01 31.56
CA THR AA 319 63.08 -35.06 30.57
C THR AA 319 64.39 -34.45 31.02
N VAL AA 320 65.11 -33.90 30.05
CA VAL AA 320 66.34 -33.17 30.24
C VAL AA 320 66.26 -31.92 29.37
N GLY AA 321 67.17 -30.98 29.61
CA GLY AA 321 67.12 -29.75 28.85
C GLY AA 321 68.39 -28.95 28.91
N LEU AA 322 68.51 -28.03 27.96
CA LEU AA 322 69.62 -27.11 27.84
C LEU AA 322 69.09 -25.69 27.66
N THR AA 323 69.80 -24.73 28.24
CA THR AA 323 69.56 -23.31 28.02
C THR AA 323 70.85 -22.70 27.48
N LEU AA 324 70.71 -21.88 26.44
CA LEU AA 324 71.85 -21.34 25.70
C LEU AA 324 71.57 -19.88 25.42
N ARG AA 325 72.30 -18.97 26.08
CA ARG AA 325 72.18 -17.54 25.84
C ARG AA 325 73.37 -17.08 25.02
N ILE AA 326 73.11 -16.26 24.01
CA ILE AA 326 74.20 -15.57 23.30
C ILE AA 326 74.41 -14.24 24.02
N GLU AA 327 75.36 -14.21 24.95
CA GLU AA 327 75.55 -13.01 25.75
C GLU AA 327 75.99 -11.83 24.89
N SER AA 328 76.83 -12.08 23.90
CA SER AA 328 77.25 -11.05 22.97
C SER AA 328 77.73 -11.72 21.69
N ALA AA 329 77.90 -10.92 20.65
CA ALA AA 329 78.36 -11.47 19.37
C ALA AA 329 78.81 -10.33 18.48
N VAL AA 330 79.28 -10.69 17.29
CA VAL AA 330 79.61 -9.75 16.23
C VAL AA 330 78.99 -10.27 14.95
N CYS AA 331 78.26 -9.42 14.25
CA CYS AA 331 77.58 -9.80 13.02
C CYS AA 331 77.98 -8.85 11.91
N GLU AA 332 78.08 -9.40 10.69
CA GLU AA 332 78.43 -8.56 9.55
C GLU AA 332 77.26 -7.69 9.13
N SER AA 333 76.04 -8.12 9.41
CA SER AA 333 74.83 -7.39 9.05
C SER AA 333 74.12 -6.89 10.31
N VAL AA 334 73.39 -5.80 10.15
CA VAL AA 334 72.82 -5.08 11.29
C VAL AA 334 71.63 -5.85 11.83
N LEU AA 335 71.56 -5.94 13.16
CA LEU AA 335 70.49 -6.63 13.86
C LEU AA 335 70.08 -5.84 15.08
N ALA AA 336 68.90 -6.14 15.61
CA ALA AA 336 68.42 -5.52 16.82
C ALA AA 336 69.10 -6.13 18.05
N ASP AA 337 69.07 -5.39 19.15
CA ASP AA 337 69.75 -5.79 20.37
C ASP AA 337 68.87 -5.48 21.57
N ALA AA 338 69.45 -5.63 22.75
CA ALA AA 338 68.89 -5.11 23.99
C ALA AA 338 69.63 -3.89 24.51
N ASN AA 339 70.77 -3.54 23.91
CA ASN AA 339 71.52 -2.36 24.29
C ASN AA 339 71.16 -1.17 23.41
N GLU AA 340 71.25 -1.33 22.09
CA GLU AA 340 70.92 -0.27 21.17
C GLU AA 340 69.41 -0.03 21.15
N THR AA 341 69.01 1.11 20.58
CA THR AA 341 67.62 1.52 20.53
C THR AA 341 67.16 1.81 19.11
N LEU AA 342 67.88 1.33 18.10
CA LEU AA 342 67.62 1.77 16.74
C LEU AA 342 66.31 1.21 16.20
N LEU AA 343 66.05 -0.07 16.46
CA LEU AA 343 64.76 -0.63 16.05
C LEU AA 343 63.61 0.11 16.71
N ALA AA 344 63.77 0.43 17.99
CA ALA AA 344 62.74 1.19 18.69
C ALA AA 344 62.53 2.55 18.04
N ASN AA 345 63.61 3.25 17.70
CA ASN AA 345 63.46 4.56 17.08
C ASN AA 345 62.73 4.48 15.75
N VAL AA 346 63.15 3.55 14.89
CA VAL AA 346 62.53 3.46 13.57
C VAL AA 346 61.07 3.06 13.69
N THR AA 347 60.77 2.06 14.53
CA THR AA 347 59.39 1.62 14.69
C THR AA 347 58.54 2.73 15.26
N ALA AA 348 59.07 3.47 16.23
CA ALA AA 348 58.31 4.57 16.81
C ALA AA 348 58.04 5.66 15.79
N VAL AA 349 59.03 5.97 14.95
CA VAL AA 349 58.83 7.02 13.96
C VAL AA 349 57.78 6.59 12.94
N ARG AA 350 57.77 5.32 12.57
CA ARG AA 350 56.72 4.86 11.65
C ARG AA 350 55.36 4.90 12.32
N GLN AA 351 55.26 4.42 13.56
CA GLN AA 351 53.97 4.36 14.24
C GLN AA 351 53.41 5.75 14.52
N GLU AA 352 54.29 6.72 14.83
CA GLU AA 352 53.84 8.05 15.21
C GLU AA 352 53.01 8.69 14.11
N TYR AA 353 53.43 8.51 12.86
CA TYR AA 353 52.79 9.16 11.73
C TYR AA 353 51.98 8.19 10.87
N ALA AA 354 51.93 6.91 11.22
CA ALA AA 354 51.08 5.95 10.52
C ALA AA 354 51.46 5.87 9.05
N ILE AA 355 52.71 5.49 8.82
CA ILE AA 355 53.17 5.29 7.44
C ILE AA 355 52.44 4.08 6.86
N PRO AA 356 51.97 4.12 5.61
CA PRO AA 356 51.37 2.92 5.04
C PRO AA 356 52.39 1.81 4.91
N VAL AA 357 51.91 0.57 5.04
CA VAL AA 357 52.81 -0.59 4.97
C VAL AA 357 53.51 -0.58 3.62
N GLY AA 358 54.84 -0.54 3.66
CA GLY AA 358 55.62 -0.29 2.48
C GLY AA 358 55.91 -1.54 1.68
N PRO AA 359 56.65 -1.38 0.58
CA PRO AA 359 56.93 -2.54 -0.28
C PRO AA 359 57.71 -3.65 0.41
N VAL AA 360 58.74 -3.32 1.18
CA VAL AA 360 59.74 -4.30 1.60
C VAL AA 360 59.49 -4.82 3.01
N PHE AA 361 59.18 -3.95 3.97
CA PHE AA 361 59.11 -4.37 5.35
C PHE AA 361 57.78 -5.05 5.64
N PRO AA 362 57.73 -5.89 6.68
CA PRO AA 362 56.46 -6.47 7.09
C PRO AA 362 55.62 -5.45 7.84
N PRO AA 363 54.32 -5.69 8.01
CA PRO AA 363 53.47 -4.67 8.65
C PRO AA 363 53.83 -4.52 10.12
N GLY AA 364 53.99 -3.26 10.54
CA GLY AA 364 54.36 -2.96 11.90
C GLY AA 364 55.83 -3.08 12.20
N MET AA 365 56.65 -3.48 11.22
CA MET AA 365 58.08 -3.69 11.40
C MET AA 365 58.35 -4.59 12.60
N ASN AA 366 57.58 -5.68 12.68
CA ASN AA 366 57.79 -6.67 13.73
C ASN AA 366 59.05 -7.48 13.43
N TRP AA 367 59.92 -7.57 14.43
CA TRP AA 367 61.25 -8.12 14.19
C TRP AA 367 61.22 -9.61 13.88
N THR AA 368 60.25 -10.36 14.43
CA THR AA 368 60.22 -11.79 14.18
C THR AA 368 59.98 -12.07 12.70
N GLU AA 369 58.97 -11.43 12.11
CA GLU AA 369 58.74 -11.59 10.68
C GLU AA 369 59.80 -10.89 9.85
N LEU AA 370 60.43 -9.85 10.39
CA LEU AA 370 61.49 -9.19 9.64
C LEU AA 370 62.70 -10.10 9.52
N ILE AA 371 63.00 -10.87 10.55
CA ILE AA 371 64.23 -11.66 10.59
C ILE AA 371 64.02 -13.07 10.07
N THR AA 372 62.81 -13.63 10.18
CA THR AA 372 62.58 -14.95 9.60
C THR AA 372 62.79 -14.93 8.10
N ASN AA 373 62.53 -13.80 7.45
CA ASN AA 373 62.86 -13.58 6.04
C ASN AA 373 63.70 -12.31 6.01
N TYR AA 374 65.01 -12.47 5.90
CA TYR AA 374 65.97 -11.37 6.07
C TYR AA 374 66.72 -11.16 4.77
N SER AA 375 65.97 -11.06 3.67
CA SER AA 375 66.52 -10.99 2.32
C SER AA 375 67.55 -9.88 2.18
N PRO AA 376 68.42 -9.94 1.17
CA PRO AA 376 69.42 -8.87 1.00
C PRO AA 376 68.81 -7.48 0.80
N SER AA 377 67.68 -7.38 0.12
CA SER AA 377 67.03 -6.07 -0.02
C SER AA 377 66.61 -5.53 1.34
N ARG AA 378 66.01 -6.38 2.16
CA ARG AA 378 65.65 -5.97 3.51
C ARG AA 378 66.89 -5.59 4.30
N GLU AA 379 68.00 -6.30 4.08
CA GLU AA 379 69.22 -5.97 4.80
C GLU AA 379 69.74 -4.60 4.40
N ASP AA 380 69.71 -4.29 3.11
CA ASP AA 380 70.12 -2.96 2.64
C ASP AA 380 69.26 -1.88 3.28
N ASN AA 381 67.94 -2.02 3.18
CA ASN AA 381 67.05 -1.00 3.71
C ASN AA 381 67.19 -0.90 5.22
N LEU AA 382 67.40 -2.03 5.89
CA LEU AA 382 67.49 -2.02 7.33
C LEU AA 382 68.75 -1.31 7.79
N GLN AA 383 69.86 -1.55 7.08
CA GLN AA 383 71.09 -0.82 7.39
C GLN AA 383 70.89 0.67 7.18
N ARG AA 384 70.22 1.06 6.10
CA ARG AA 384 70.00 2.48 5.85
C ARG AA 384 69.21 3.11 6.99
N VAL AA 385 68.07 2.53 7.34
CA VAL AA 385 67.21 3.15 8.35
C VAL AA 385 67.87 3.10 9.73
N PHE AA 386 68.57 2.01 10.05
CA PHE AA 386 69.28 1.96 11.31
C PHE AA 386 70.36 3.01 11.39
N THR AA 387 71.11 3.22 10.31
CA THR AA 387 72.13 4.25 10.32
C THR AA 387 71.51 5.63 10.50
N VAL AA 388 70.39 5.89 9.83
CA VAL AA 388 69.75 7.18 9.97
C VAL AA 388 69.25 7.37 11.41
N ALA AA 389 68.69 6.32 12.01
CA ALA AA 389 68.22 6.42 13.38
C ALA AA 389 69.37 6.67 14.34
N SER AA 390 70.51 6.02 14.10
CA SER AA 390 71.70 6.27 14.93
C SER AA 390 72.18 7.71 14.75
N ILE AA 391 72.08 8.24 13.53
CA ILE AA 391 72.42 9.64 13.30
C ILE AA 391 71.49 10.54 14.10
N ARG AA 392 70.20 10.23 14.07
CA ARG AA 392 69.22 11.05 14.77
C ARG AA 392 69.45 11.03 16.27
N SER AA 393 69.83 9.87 16.81
CA SER AA 393 70.04 9.75 18.25
C SER AA 393 71.17 10.64 18.74
N MET AA 394 72.04 11.12 17.86
CA MET AA 394 73.09 12.03 18.27
C MET AA 394 72.54 13.37 18.73
N LEU AA 395 71.31 13.70 18.38
CA LEU AA 395 70.71 14.99 18.70
C LEU AA 395 69.38 14.86 19.41
N ILE AA 396 68.57 13.87 19.07
CA ILE AA 396 67.19 13.77 19.52
C ILE AA 396 67.01 12.44 20.24
N LYS AA 397 66.45 12.51 21.44
CA LYS AA 397 66.09 11.31 22.19
C LYS AA 397 64.67 11.43 22.71
N MET BA 1 104.18 -0.87 23.92
CA MET BA 1 102.75 -1.29 23.88
C MET BA 1 101.81 -0.11 23.79
N GLU BA 2 102.12 0.94 24.55
CA GLU BA 2 101.48 2.23 24.29
C GLU BA 2 101.70 2.64 22.86
N VAL BA 3 102.84 2.28 22.28
CA VAL BA 3 103.07 2.49 20.86
C VAL BA 3 102.06 1.69 20.04
N LEU BA 4 101.77 0.46 20.44
CA LEU BA 4 100.78 -0.34 19.72
C LEU BA 4 99.41 0.33 19.77
N TYR BA 5 99.00 0.77 20.96
CA TYR BA 5 97.72 1.46 21.07
C TYR BA 5 97.71 2.72 20.22
N SER BA 6 98.81 3.47 20.24
CA SER BA 6 98.86 4.70 19.46
C SER BA 6 98.76 4.43 17.97
N LEU BA 7 99.46 3.40 17.49
CA LEU BA 7 99.34 3.05 16.08
C LEU BA 7 97.92 2.66 15.74
N SER BA 8 97.28 1.85 16.59
CA SER BA 8 95.91 1.45 16.33
C SER BA 8 94.99 2.67 16.28
N LYS BA 9 95.12 3.56 17.26
CA LYS BA 9 94.24 4.71 17.32
C LYS BA 9 94.47 5.65 16.15
N THR BA 10 95.73 5.88 15.76
CA THR BA 10 95.96 6.82 14.68
C THR BA 10 95.55 6.24 13.34
N LEU BA 11 95.67 4.92 13.14
CA LEU BA 11 95.11 4.36 11.92
C LEU BA 11 93.59 4.42 11.93
N LYS BA 12 92.96 4.21 13.09
CA LYS BA 12 91.51 4.38 13.15
C LYS BA 12 91.13 5.82 12.81
N ASP BA 13 91.85 6.78 13.38
CA ASP BA 13 91.54 8.17 13.14
C ASP BA 13 91.90 8.59 11.72
N ALA BA 14 92.82 7.89 11.07
CA ALA BA 14 93.10 8.16 9.67
C ALA BA 14 91.99 7.60 8.79
N ARG BA 15 91.60 6.36 9.03
CA ARG BA 15 90.51 5.76 8.27
C ARG BA 15 89.22 6.53 8.47
N ASP BA 16 89.09 7.24 9.59
CA ASP BA 16 87.88 8.01 9.89
C ASP BA 16 87.99 9.47 9.45
N LYS BA 17 88.91 10.21 10.05
CA LYS BA 17 88.97 11.65 9.85
C LYS BA 17 89.33 11.98 8.41
N ILE BA 18 90.28 11.25 7.84
CA ILE BA 18 90.75 11.56 6.50
C ILE BA 18 89.74 10.97 5.54
N VAL BA 19 88.70 11.74 5.25
CA VAL BA 19 87.68 11.39 4.29
C VAL BA 19 87.53 12.57 3.35
N GLU BA 20 87.20 12.29 2.10
CA GLU BA 20 87.31 13.30 1.06
C GLU BA 20 86.34 14.45 1.31
N GLY BA 21 86.80 15.66 1.02
CA GLY BA 21 86.00 16.86 1.18
C GLY BA 21 86.14 17.54 2.53
N THR BA 22 86.82 16.92 3.49
CA THR BA 22 86.92 17.50 4.81
C THR BA 22 87.95 18.63 4.82
N LEU BA 23 87.68 19.62 5.66
CA LEU BA 23 88.61 20.74 5.80
C LEU BA 23 89.95 20.25 6.29
N TYR BA 24 91.02 20.88 5.81
CA TYR BA 24 92.33 20.56 6.37
C TYR BA 24 92.45 20.99 7.83
N SER BA 25 91.61 21.93 8.28
CA SER BA 25 91.60 22.26 9.69
C SER BA 25 91.17 21.05 10.52
N ASN BA 26 90.22 20.27 10.02
CA ASN BA 26 89.73 19.12 10.76
C ASN BA 26 90.80 18.06 10.97
N VAL BA 27 91.84 18.02 10.12
CA VAL BA 27 92.77 16.89 10.14
C VAL BA 27 94.22 17.33 10.13
N SER BA 28 94.51 18.61 10.39
CA SER BA 28 95.90 19.04 10.39
C SER BA 28 96.71 18.31 11.47
N ASP BA 29 96.16 18.23 12.68
CA ASP BA 29 96.90 17.61 13.77
C ASP BA 29 97.06 16.11 13.52
N LEU BA 30 95.99 15.46 13.05
CA LEU BA 30 96.11 14.04 12.75
C LEU BA 30 97.08 13.80 11.60
N ILE BA 31 97.15 14.69 10.63
CA ILE BA 31 98.08 14.53 9.54
C ILE BA 31 99.51 14.63 10.06
N GLN BA 32 99.76 15.55 10.98
CA GLN BA 32 101.09 15.62 11.58
C GLN BA 32 101.41 14.34 12.35
N GLN BA 33 100.43 13.82 13.09
CA GLN BA 33 100.64 12.56 13.81
C GLN BA 33 100.93 11.41 12.84
N PHE BA 34 100.18 11.35 11.75
CA PHE BA 34 100.38 10.29 10.76
C PHE BA 34 101.75 10.39 10.13
N ASN BA 35 102.20 11.61 9.81
CA ASN BA 35 103.53 11.76 9.23
C ASN BA 35 104.60 11.37 10.23
N GLN BA 36 104.41 11.69 11.51
CA GLN BA 36 105.34 11.21 12.53
C GLN BA 36 105.40 9.69 12.52
N MET BA 37 104.24 9.05 12.47
CA MET BA 37 104.19 7.58 12.44
C MET BA 37 104.95 7.05 11.23
N ILE BA 38 104.68 7.62 10.06
CA ILE BA 38 105.30 7.12 8.83
C ILE BA 38 106.81 7.28 8.90
N VAL BA 39 107.28 8.45 9.32
CA VAL BA 39 108.72 8.69 9.38
C VAL BA 39 109.38 7.75 10.38
N THR BA 40 108.75 7.57 11.54
CA THR BA 40 109.35 6.69 12.55
C THR BA 40 109.41 5.25 12.04
N MET BA 41 108.33 4.77 11.42
CA MET BA 41 108.28 3.38 10.99
C MET BA 41 109.03 3.12 9.69
N ASN BA 42 109.46 4.15 8.97
CA ASN BA 42 110.21 3.94 7.75
C ASN BA 42 111.53 3.23 8.03
N GLY BA 43 111.93 2.37 7.11
CA GLY BA 43 113.24 1.74 7.16
C GLY BA 43 113.38 0.62 8.17
N ASN BA 44 112.33 0.33 8.94
CA ASN BA 44 112.38 -0.68 9.99
C ASN BA 44 111.60 -1.91 9.54
N ASP BA 45 112.23 -3.07 9.60
CA ASP BA 45 111.63 -4.32 9.20
C ASP BA 45 111.11 -5.06 10.42
N PHE BA 46 109.94 -5.70 10.26
CA PHE BA 46 109.29 -6.44 11.32
C PHE BA 46 108.98 -7.85 10.85
N GLN BA 47 108.94 -8.77 11.80
CA GLN BA 47 108.62 -10.16 11.53
C GLN BA 47 107.54 -10.60 12.51
N THR BA 48 106.52 -11.27 12.00
CA THR BA 48 105.33 -11.58 12.79
C THR BA 48 104.91 -13.03 12.55
N GLY BA 49 104.36 -13.65 13.59
CA GLY BA 49 103.87 -15.00 13.49
C GLY BA 49 104.98 -16.02 13.66
N GLY BA 50 104.58 -17.28 13.61
CA GLY BA 50 105.50 -18.39 13.70
C GLY BA 50 105.08 -19.46 14.69
N ILE BA 51 103.85 -19.40 15.19
CA ILE BA 51 103.32 -20.34 16.16
C ILE BA 51 102.07 -20.97 15.58
N GLY BA 52 102.01 -22.30 15.60
CA GLY BA 52 100.86 -22.99 15.05
C GLY BA 52 100.69 -22.67 13.58
N ASN BA 53 99.44 -22.39 13.20
CA ASN BA 53 99.12 -22.04 11.82
C ASN BA 53 99.29 -20.56 11.53
N LEU BA 54 99.55 -19.73 12.54
CA LEU BA 54 99.78 -18.31 12.31
C LEU BA 54 101.04 -18.16 11.46
N PRO BA 55 100.95 -17.78 10.18
CA PRO BA 55 102.12 -17.89 9.31
C PRO BA 55 103.14 -16.79 9.58
N ILE BA 56 104.38 -17.09 9.21
CA ILE BA 56 105.45 -16.10 9.28
C ILE BA 56 105.22 -15.05 8.21
N ARG BA 57 105.37 -13.79 8.58
CA ARG BA 57 105.21 -12.68 7.65
C ARG BA 57 106.26 -11.61 7.93
N ASN BA 58 106.65 -10.91 6.88
CA ASN BA 58 107.66 -9.86 6.94
C ASN BA 58 107.02 -8.55 6.50
N TRP BA 59 107.26 -7.49 7.27
CA TRP BA 59 106.70 -6.18 6.99
C TRP BA 59 107.85 -5.19 6.81
N THR BA 60 107.81 -4.44 5.72
CA THR BA 60 108.80 -3.43 5.41
C THR BA 60 108.07 -2.15 5.04
N PHE BA 61 108.61 -1.02 5.51
CA PHE BA 61 107.97 0.27 5.36
C PHE BA 61 108.88 1.23 4.60
N ASP BA 62 108.34 1.80 3.52
CA ASP BA 62 108.89 3.02 2.94
C ASP BA 62 107.72 3.73 2.26
N PHE BA 63 107.13 4.68 2.96
CA PHE BA 63 105.90 5.32 2.55
C PHE BA 63 106.09 6.84 2.48
N GLY BA 64 105.39 7.46 1.52
CA GLY BA 64 105.49 8.90 1.37
C GLY BA 64 104.60 9.62 2.37
N LEU BA 65 105.09 10.76 2.84
CA LEU BA 65 104.35 11.54 3.82
C LEU BA 65 103.04 12.04 3.21
N LEU BA 66 101.99 12.04 4.03
CA LEU BA 66 100.73 12.60 3.59
C LEU BA 66 100.88 14.09 3.31
N GLY BA 67 100.19 14.57 2.29
CA GLY BA 67 100.32 15.96 1.90
C GLY BA 67 99.73 16.89 2.93
N THR BA 68 100.19 18.15 2.87
CA THR BA 68 99.72 19.19 3.79
C THR BA 68 99.38 20.51 3.10
N THR BA 69 99.90 20.78 1.91
CA THR BA 69 99.64 22.05 1.25
C THR BA 69 98.22 22.19 0.75
N LEU BA 70 97.44 21.11 0.74
CA LEU BA 70 96.06 21.19 0.29
C LEU BA 70 95.20 21.92 1.31
N LEU BA 71 94.20 22.64 0.81
CA LEU BA 71 93.29 23.38 1.67
C LEU BA 71 92.03 22.58 2.01
N ASN BA 72 91.64 21.66 1.14
CA ASN BA 72 90.48 20.82 1.39
C ASN BA 72 90.72 19.47 0.73
N LEU BA 73 90.63 18.40 1.50
CA LEU BA 73 90.92 17.07 0.97
C LEU BA 73 89.93 16.71 -0.13
N ASP BA 74 90.46 16.11 -1.19
CA ASP BA 74 89.69 15.65 -2.34
C ASP BA 74 89.84 14.14 -2.47
N ALA BA 75 89.21 13.59 -3.51
CA ALA BA 75 89.16 12.14 -3.67
C ALA BA 75 90.54 11.54 -3.86
N ASN BA 76 91.40 12.20 -4.64
CA ASN BA 76 92.71 11.63 -4.94
C ASN BA 76 93.59 11.53 -3.70
N TYR BA 77 93.41 12.43 -2.73
CA TYR BA 77 94.13 12.32 -1.47
C TYR BA 77 93.76 11.04 -0.73
N VAL BA 78 92.48 10.73 -0.71
CA VAL BA 78 92.00 9.58 0.05
C VAL BA 78 92.56 8.28 -0.51
N GLU BA 79 92.85 8.23 -1.81
CA GLU BA 79 93.38 6.99 -2.39
C GLU BA 79 94.75 6.66 -1.80
N THR BA 80 95.65 7.64 -1.78
CA THR BA 80 96.96 7.42 -1.16
C THR BA 80 96.81 7.10 0.32
N ALA BA 81 95.92 7.84 1.01
CA ALA BA 81 95.70 7.56 2.41
C ALA BA 81 95.25 6.12 2.61
N ARG BA 82 94.38 5.62 1.74
CA ARG BA 82 93.88 4.25 1.85
C ARG BA 82 95.01 3.25 1.63
N THR BA 83 95.83 3.49 0.60
CA THR BA 83 96.88 2.53 0.30
C THR BA 83 97.86 2.41 1.46
N THR BA 84 98.10 3.51 2.17
CA THR BA 84 98.95 3.43 3.35
C THR BA 84 98.20 2.77 4.52
N ILE BA 85 96.95 3.17 4.73
CA ILE BA 85 96.22 2.79 5.93
C ILE BA 85 95.92 1.29 5.93
N GLU BA 86 95.60 0.73 4.77
CA GLU BA 86 95.28 -0.70 4.72
C GLU BA 86 96.50 -1.53 5.10
N TYR BA 87 97.68 -1.14 4.63
CA TYR BA 87 98.87 -1.90 4.96
C TYR BA 87 99.19 -1.79 6.44
N PHE BA 88 99.07 -0.59 7.02
CA PHE BA 88 99.25 -0.48 8.46
C PHE BA 88 98.20 -1.26 9.24
N ILE BA 89 96.96 -1.31 8.74
CA ILE BA 89 95.94 -2.08 9.44
C ILE BA 89 96.31 -3.56 9.43
N ASP BA 90 96.78 -4.06 8.29
CA ASP BA 90 97.21 -5.45 8.23
C ASP BA 90 98.36 -5.71 9.20
N PHE BA 91 99.34 -4.80 9.25
CA PHE BA 91 100.47 -4.98 10.15
C PHE BA 91 100.01 -5.01 11.60
N ILE BA 92 99.13 -4.09 11.97
CA ILE BA 92 98.66 -4.02 13.34
C ILE BA 92 97.85 -5.25 13.69
N ASP BA 93 97.01 -5.71 12.77
CA ASP BA 93 96.23 -6.91 13.02
C ASP BA 93 97.14 -8.10 13.27
N ASN BA 94 98.15 -8.26 12.43
CA ASN BA 94 99.03 -9.42 12.59
C ASN BA 94 99.84 -9.32 13.88
N VAL BA 95 100.29 -8.13 14.25
CA VAL BA 95 101.04 -8.00 15.50
C VAL BA 95 100.15 -8.30 16.69
N CYS BA 96 98.90 -7.82 16.66
CA CYS BA 96 98.00 -8.09 17.78
C CYS BA 96 97.65 -9.57 17.86
N MET BA 97 97.44 -10.22 16.73
CA MET BA 97 97.16 -11.66 16.75
C MET BA 97 98.37 -12.42 17.27
N ASP BA 98 99.57 -11.99 16.90
CA ASP BA 98 100.78 -12.62 17.41
C ASP BA 98 100.88 -12.47 18.92
N GLU BA 99 100.57 -11.28 19.43
CA GLU BA 99 100.71 -11.03 20.86
C GLU BA 99 99.58 -11.63 21.68
N MET BA 100 98.44 -11.94 21.07
CA MET BA 100 97.31 -12.48 21.82
C MET BA 100 97.46 -13.95 22.16
N VAL BA 101 98.48 -14.65 21.63
CA VAL BA 101 98.62 -16.08 21.83
C VAL BA 101 99.81 -16.42 22.72
N ARG BA 102 100.90 -15.67 22.63
CA ARG BA 102 102.06 -15.97 23.45
C ARG BA 102 101.77 -15.70 24.92
N GLU BA 103 102.38 -16.50 25.79
CA GLU BA 103 102.21 -16.38 27.23
C GLU BA 103 103.57 -16.47 27.88
N SER BA 104 103.59 -16.29 29.20
CA SER BA 104 104.81 -16.46 29.98
C SER BA 104 104.48 -16.52 31.46
N GLN BA 105 105.01 -17.54 32.15
CA GLN BA 105 104.77 -17.63 33.59
C GLN BA 105 105.40 -16.46 34.32
N ARG BA 106 106.67 -16.18 34.04
CA ARG BA 106 107.38 -15.07 34.65
C ARG BA 106 107.38 -13.89 33.72
N ASN BA 107 107.20 -12.69 34.28
CA ASN BA 107 107.20 -11.45 33.51
C ASN BA 107 106.04 -11.43 32.51
N GLY BA 108 104.83 -11.58 33.06
CA GLY BA 108 103.65 -11.69 32.21
C GLY BA 108 103.20 -10.40 31.58
N VAL BA 109 103.58 -9.25 32.14
CA VAL BA 109 103.15 -7.98 31.56
C VAL BA 109 104.08 -7.56 30.43
N ALA BA 110 105.35 -7.92 30.49
CA ALA BA 110 106.27 -7.56 29.43
C ALA BA 110 105.85 -8.27 28.14
N PRO BA 111 106.24 -7.75 26.99
CA PRO BA 111 105.71 -8.28 25.73
C PRO BA 111 106.54 -9.42 25.17
N GLN BA 112 105.87 -10.21 24.34
CA GLN BA 112 106.45 -11.22 23.47
C GLN BA 112 106.16 -10.77 22.04
N SER BA 113 106.35 -11.66 21.07
CA SER BA 113 106.13 -11.23 19.69
C SER BA 113 107.16 -10.15 19.34
N GLU BA 114 108.37 -10.60 19.01
CA GLU BA 114 109.52 -9.74 18.74
C GLU BA 114 109.18 -8.50 17.91
N ALA BA 115 108.15 -8.57 17.07
CA ALA BA 115 107.64 -7.34 16.45
C ALA BA 115 107.23 -6.33 17.51
N LEU BA 116 106.39 -6.73 18.45
CA LEU BA 116 105.95 -5.81 19.48
C LEU BA 116 107.08 -5.50 20.45
N ARG BA 117 107.96 -6.48 20.71
CA ARG BA 117 109.12 -6.19 21.55
C ARG BA 117 110.02 -5.14 20.92
N LYS BA 118 110.07 -5.10 19.58
CA LYS BA 118 110.79 -4.04 18.89
C LYS BA 118 110.04 -2.72 18.97
N LEU BA 119 108.72 -2.78 18.84
CA LEU BA 119 107.92 -1.56 18.99
C LEU BA 119 108.12 -0.93 20.36
N ALA BA 120 108.41 -1.74 21.36
CA ALA BA 120 108.69 -1.23 22.71
C ALA BA 120 110.10 -0.65 22.85
N GLY BA 121 110.82 -0.44 21.76
CA GLY BA 121 112.16 0.09 21.82
C GLY BA 121 112.18 1.59 22.05
N ILE BA 122 113.35 2.19 21.81
CA ILE BA 122 113.52 3.61 22.05
C ILE BA 122 113.11 4.45 20.84
N LYS BA 123 113.27 3.91 19.63
CA LYS BA 123 112.99 4.70 18.43
C LYS BA 123 111.52 5.06 18.33
N PHE BA 124 110.62 4.22 18.84
CA PHE BA 124 109.20 4.33 18.57
C PHE BA 124 108.44 5.06 19.68
N LYS BA 125 109.14 5.79 20.54
CA LYS BA 125 108.44 6.51 21.61
C LYS BA 125 107.68 7.72 21.08
N ARG BA 126 108.06 8.25 19.92
CA ARG BA 126 107.45 9.46 19.40
C ARG BA 126 106.10 9.22 18.73
N ILE BA 127 105.61 7.99 18.72
CA ILE BA 127 104.31 7.68 18.13
C ILE BA 127 103.18 7.69 19.15
N ASN BA 128 103.51 7.75 20.45
CA ASN BA 128 102.48 7.73 21.49
C ASN BA 128 101.50 8.88 21.31
N PHE BA 129 100.25 8.56 20.99
CA PHE BA 129 99.26 9.54 20.56
C PHE BA 129 98.40 10.03 21.70
N ASN BA 130 97.60 9.14 22.29
CA ASN BA 130 96.85 9.41 23.50
C ASN BA 130 96.18 8.10 23.92
N ASN BA 131 96.09 7.90 25.22
CA ASN BA 131 95.61 6.64 25.78
C ASN BA 131 94.29 6.92 26.49
N SER BA 132 93.20 6.87 25.74
CA SER BA 132 91.90 7.29 26.23
C SER BA 132 90.98 6.12 26.59
N SER BA 133 91.02 5.04 25.82
CA SER BA 133 90.13 3.91 26.09
C SER BA 133 90.46 3.28 27.44
N GLU BA 134 89.41 2.81 28.12
CA GLU BA 134 89.53 2.39 29.52
C GLU BA 134 90.61 1.33 29.71
N TYR BA 135 90.76 0.43 28.73
CA TYR BA 135 91.73 -0.64 28.90
C TYR BA 135 93.15 -0.10 28.93
N ILE BA 136 93.47 0.85 28.05
CA ILE BA 136 94.82 1.40 28.06
C ILE BA 136 94.98 2.41 29.19
N GLU BA 137 93.91 3.12 29.58
CA GLU BA 137 93.91 3.89 30.82
C GLU BA 137 94.45 3.03 31.96
N ASN BA 138 93.77 1.92 32.21
CA ASN BA 138 94.13 1.05 33.32
C ASN BA 138 95.50 0.43 33.11
N TRP BA 139 95.87 0.11 31.87
CA TRP BA 139 97.20 -0.42 31.61
C TRP BA 139 98.28 0.55 32.08
N ASN BA 140 98.15 1.82 31.68
CA ASN BA 140 99.12 2.82 32.11
C ASN BA 140 99.10 3.00 33.62
N LEU BA 141 97.90 3.04 34.20
CA LEU BA 141 97.77 3.30 35.62
C LEU BA 141 98.41 2.20 36.44
N GLN BA 142 98.26 0.95 36.02
CA GLN BA 142 98.92 -0.14 36.73
C GLN BA 142 100.41 -0.14 36.47
N ASN BA 143 100.83 0.07 35.22
CA ASN BA 143 102.25 -0.01 34.90
C ASN BA 143 103.06 1.07 35.58
N ARG BA 144 102.43 2.16 36.02
CA ARG BA 144 103.04 3.10 36.95
C ARG BA 144 102.13 3.12 38.18
N ARG BA 145 102.57 2.46 39.25
CA ARG BA 145 101.68 1.94 40.29
C ARG BA 145 100.63 2.94 40.76
N GLN BA 146 99.37 2.63 40.50
CA GLN BA 146 98.25 3.47 40.88
C GLN BA 146 97.03 2.59 41.06
N ARG BA 147 96.05 3.09 41.80
CA ARG BA 147 94.79 2.38 41.93
C ARG BA 147 93.94 2.63 40.70
N THR BA 148 93.17 1.62 40.31
CA THR BA 148 92.40 1.68 39.08
C THR BA 148 91.21 0.72 39.20
N GLY BA 149 90.49 0.56 38.11
CA GLY BA 149 89.36 -0.34 38.10
C GLY BA 149 88.77 -0.43 36.71
N PHE BA 150 88.08 -1.54 36.49
CA PHE BA 150 87.35 -1.82 35.26
C PHE BA 150 85.88 -1.94 35.61
N VAL BA 151 85.02 -1.38 34.77
CA VAL BA 151 83.57 -1.47 34.91
C VAL BA 151 83.08 -2.66 34.10
N PHE BA 152 82.18 -3.44 34.68
CA PHE BA 152 81.67 -4.64 34.04
C PHE BA 152 80.16 -4.66 34.16
N HIS BA 153 79.49 -5.00 33.06
CA HIS BA 153 78.07 -5.27 33.05
C HIS BA 153 77.87 -6.77 33.10
N LYS BA 154 77.32 -7.28 34.20
CA LYS BA 154 77.01 -8.68 34.33
C LYS BA 154 78.29 -9.51 34.28
N PRO BA 155 79.26 -9.24 35.14
CA PRO BA 155 80.52 -9.99 35.09
C PRO BA 155 80.31 -11.44 35.48
N ASN BA 156 81.11 -12.31 34.88
CA ASN BA 156 81.09 -13.73 35.24
C ASN BA 156 82.25 -14.01 36.21
N ILE BA 157 82.09 -13.47 37.41
CA ILE BA 157 83.04 -13.72 38.49
C ILE BA 157 82.88 -15.13 39.04
N PHE BA 158 81.69 -15.70 38.98
CA PHE BA 158 81.47 -17.02 39.57
C PHE BA 158 81.91 -18.10 38.58
N PRO BA 159 82.76 -19.04 38.99
CA PRO BA 159 82.94 -20.23 38.16
C PRO BA 159 81.64 -21.02 38.14
N TYR BA 160 81.41 -21.72 37.03
CA TYR BA 160 80.25 -22.59 37.00
C TYR BA 160 80.36 -23.65 38.07
N SER BA 161 79.29 -23.82 38.84
CA SER BA 161 79.28 -24.84 39.89
C SER BA 161 77.83 -25.11 40.27
N ALA BA 162 77.37 -26.32 39.98
CA ALA BA 162 76.08 -26.81 40.43
C ALA BA 162 76.35 -27.91 41.46
N SER BA 163 75.84 -27.73 42.67
CA SER BA 163 76.20 -28.65 43.75
C SER BA 163 75.12 -28.61 44.81
N PHE BA 164 75.26 -29.51 45.79
CA PHE BA 164 74.38 -29.54 46.94
C PHE BA 164 75.11 -30.10 48.14
N THR BA 165 74.82 -29.54 49.31
CA THR BA 165 75.25 -30.07 50.59
C THR BA 165 74.02 -30.55 51.35
N LEU BA 166 74.17 -31.65 52.08
CA LEU BA 166 73.09 -32.23 52.86
C LEU BA 166 73.55 -32.39 54.30
N ASN BA 167 72.80 -31.80 55.22
CA ASN BA 167 73.14 -31.84 56.63
C ASN BA 167 72.40 -32.94 57.38
N ARG BA 168 71.30 -33.44 56.85
CA ARG BA 168 70.60 -34.60 57.40
C ARG BA 168 70.33 -35.56 56.26
N SER BA 169 70.81 -36.79 56.40
CA SER BA 169 70.68 -37.77 55.32
C SER BA 169 70.76 -39.17 55.88
N GLN BA 170 70.36 -40.11 55.05
CA GLN BA 170 70.50 -41.54 55.29
C GLN BA 170 70.44 -42.24 53.94
N PRO BA 171 70.98 -43.45 53.83
CA PRO BA 171 71.14 -44.04 52.48
C PRO BA 171 69.82 -44.24 51.77
N MET BA 172 68.72 -44.27 52.50
CA MET BA 172 67.41 -44.35 51.88
C MET BA 172 67.09 -43.07 51.11
N HIS BA 173 67.51 -41.91 51.63
CA HIS BA 173 67.23 -40.62 51.01
C HIS BA 173 65.73 -40.33 50.98
N ASP BA 174 65.07 -40.53 52.13
CA ASP BA 174 63.66 -40.20 52.28
C ASP BA 174 63.41 -38.98 53.15
N ASN BA 175 64.40 -38.54 53.91
CA ASN BA 175 64.27 -37.42 54.85
C ASN BA 175 65.58 -36.65 54.76
N LEU BA 176 65.61 -35.65 53.88
CA LEU BA 176 66.82 -34.89 53.59
C LEU BA 176 66.59 -33.42 53.87
N MET BA 177 67.61 -32.79 54.46
CA MET BA 177 67.62 -31.37 54.69
C MET BA 177 68.99 -30.85 54.27
N GLY BA 178 69.00 -29.70 53.61
CA GLY BA 178 70.27 -29.16 53.14
C GLY BA 178 70.04 -28.02 52.16
N THR BA 179 71.06 -27.77 51.35
CA THR BA 179 71.02 -26.68 50.39
C THR BA 179 71.53 -27.19 49.04
N MET BA 180 71.00 -26.58 47.98
CA MET BA 180 71.48 -26.75 46.63
C MET BA 180 71.84 -25.38 46.10
N TRP BA 181 72.77 -25.32 45.15
CA TRP BA 181 73.14 -24.02 44.60
C TRP BA 181 73.72 -24.17 43.22
N LEU BA 182 73.40 -23.19 42.37
CA LEU BA 182 74.11 -22.93 41.13
C LEU BA 182 74.77 -21.57 41.25
N ASN BA 183 76.08 -21.54 41.01
CA ASN BA 183 76.84 -20.32 40.83
C ASN BA 183 77.29 -20.32 39.38
N ALA BA 184 76.73 -19.41 38.58
CA ALA BA 184 76.97 -19.43 37.14
C ALA BA 184 76.99 -18.02 36.60
N GLY BA 185 78.12 -17.62 36.03
CA GLY BA 185 78.22 -16.28 35.47
C GLY BA 185 78.02 -15.22 36.54
N SER BA 186 76.87 -14.55 36.51
CA SER BA 186 76.54 -13.52 37.48
C SER BA 186 75.40 -13.93 38.40
N GLU BA 187 74.96 -15.19 38.35
CA GLU BA 187 73.85 -15.70 39.13
C GLU BA 187 74.35 -16.54 40.29
N ILE BA 188 73.77 -16.31 41.46
CA ILE BA 188 73.77 -17.26 42.56
C ILE BA 188 72.32 -17.62 42.81
N GLN BA 189 71.93 -18.82 42.43
CA GLN BA 189 70.61 -19.35 42.77
C GLN BA 189 70.83 -20.40 43.84
N VAL BA 190 70.34 -20.16 45.05
CA VAL BA 190 70.56 -21.05 46.18
C VAL BA 190 69.23 -21.39 46.80
N ALA BA 191 68.97 -22.68 46.99
CA ALA BA 191 67.69 -23.17 47.50
C ALA BA 191 67.94 -24.13 48.64
N GLY BA 192 67.53 -23.76 49.84
CA GLY BA 192 67.48 -24.71 50.93
C GLY BA 192 66.22 -25.54 50.86
N PHE BA 193 66.30 -26.75 51.40
CA PHE BA 193 65.18 -27.68 51.35
C PHE BA 193 65.18 -28.54 52.61
N ASP BA 194 63.99 -29.02 52.92
CA ASP BA 194 63.73 -29.80 54.13
C ASP BA 194 62.54 -30.69 53.83
N TYR BA 195 62.73 -32.01 53.94
CA TYR BA 195 61.65 -32.91 53.57
C TYR BA 195 60.55 -32.92 54.62
N SER BA 196 60.89 -32.64 55.87
CA SER BA 196 59.92 -32.64 56.96
C SER BA 196 59.28 -31.27 57.19
N CYS BA 197 59.59 -30.28 56.35
CA CYS BA 197 59.04 -28.93 56.52
C CYS BA 197 59.37 -28.36 57.89
N ALA BA 198 60.57 -28.68 58.37
CA ALA BA 198 61.03 -28.24 59.69
C ALA BA 198 60.04 -28.69 60.77
N LEU BA 199 59.92 -30.00 60.91
CA LEU BA 199 58.98 -30.56 61.87
C LEU BA 199 59.55 -30.52 63.29
N ASN BA 200 60.66 -31.22 63.50
CA ASN BA 200 61.30 -31.29 64.80
C ASN BA 200 62.33 -30.18 65.02
N ALA BA 201 62.42 -29.23 64.09
CA ALA BA 201 63.43 -28.19 64.21
C ALA BA 201 63.13 -27.28 65.39
N PRO BA 202 64.11 -26.54 65.88
CA PRO BA 202 63.84 -25.60 66.98
C PRO BA 202 62.83 -24.54 66.58
N ALA BA 203 61.67 -24.57 67.23
CA ALA BA 203 60.60 -23.61 66.97
C ALA BA 203 60.13 -23.67 65.52
N ASN BA 204 60.18 -24.86 64.92
CA ASN BA 204 59.73 -25.06 63.54
C ASN BA 204 60.46 -24.14 62.58
N ILE BA 205 61.73 -23.87 62.86
CA ILE BA 205 62.58 -22.98 62.08
C ILE BA 205 63.84 -23.73 61.72
N GLN BA 206 64.16 -23.77 60.43
CA GLN BA 206 65.38 -24.41 59.93
C GLN BA 206 66.24 -23.34 59.28
N GLN BA 207 67.47 -23.20 59.76
CA GLN BA 207 68.37 -22.14 59.33
C GLN BA 207 69.25 -22.65 58.21
N PHE BA 208 69.22 -21.96 57.06
CA PHE BA 208 70.06 -22.26 55.92
C PHE BA 208 71.04 -21.13 55.70
N GLU BA 209 72.29 -21.47 55.36
CA GLU BA 209 73.31 -20.49 55.09
C GLU BA 209 74.21 -20.99 53.98
N HIS BA 210 74.61 -20.09 53.08
CA HIS BA 210 75.47 -20.43 51.95
C HIS BA 210 76.45 -19.29 51.74
N ILE BA 211 77.74 -19.60 51.81
CA ILE BA 211 78.81 -18.63 51.65
C ILE BA 211 79.46 -18.86 50.30
N VAL BA 212 79.72 -17.76 49.58
CA VAL BA 212 80.42 -17.83 48.29
C VAL BA 212 81.53 -16.80 48.31
N GLN BA 213 82.74 -17.23 47.96
CA GLN BA 213 83.96 -16.44 48.08
C GLN BA 213 84.41 -16.09 46.67
N LEU BA 214 84.27 -14.80 46.30
CA LEU BA 214 84.79 -14.38 45.01
C LEU BA 214 86.30 -14.40 45.03
N ARG BA 215 86.90 -14.89 43.95
CA ARG BA 215 88.36 -14.97 43.91
C ARG BA 215 88.98 -13.58 43.98
N ARG BA 216 88.35 -12.61 43.32
CA ARG BA 216 88.75 -11.21 43.41
C ARG BA 216 87.57 -10.37 43.88
N ALA BA 217 87.89 -9.30 44.60
CA ALA BA 217 86.86 -8.50 45.26
C ALA BA 217 86.27 -7.46 44.31
N LEU BA 218 84.95 -7.51 44.14
CA LEU BA 218 84.25 -6.50 43.36
C LEU BA 218 84.12 -5.22 44.18
N THR BA 219 83.48 -4.21 43.59
CA THR BA 219 83.41 -2.91 44.22
C THR BA 219 82.26 -2.12 43.60
N THR BA 220 81.54 -1.37 44.44
CA THR BA 220 80.44 -0.51 44.00
C THR BA 220 79.47 -1.29 43.11
N ALA BA 221 79.17 -2.51 43.51
CA ALA BA 221 78.38 -3.40 42.67
C ALA BA 221 76.89 -3.17 42.90
N THR BA 222 76.12 -3.29 41.83
CA THR BA 222 74.66 -3.29 41.90
C THR BA 222 74.19 -4.73 41.77
N ILE BA 223 73.32 -5.16 42.67
CA ILE BA 223 72.89 -6.54 42.76
C ILE BA 223 71.37 -6.55 42.78
N THR BA 224 70.79 -7.66 42.34
CA THR BA 224 69.35 -7.85 42.31
C THR BA 224 69.03 -9.12 43.08
N LEU BA 225 68.33 -8.98 44.19
CA LEU BA 225 67.96 -10.09 45.05
C LEU BA 225 66.47 -10.35 44.90
N LEU BA 226 66.11 -11.61 44.69
CA LEU BA 226 64.73 -12.03 44.56
C LEU BA 226 64.52 -13.32 45.33
N PRO BA 227 63.28 -13.66 45.67
CA PRO BA 227 63.01 -14.95 46.29
C PRO BA 227 62.88 -16.04 45.24
N ASP BA 228 62.61 -17.27 45.70
CA ASP BA 228 62.21 -18.38 44.84
C ASP BA 228 63.27 -18.67 43.77
N ALA BA 229 64.40 -19.19 44.23
CA ALA BA 229 65.41 -19.69 43.30
C ALA BA 229 64.76 -20.66 42.34
N GLU BA 230 64.69 -20.27 41.07
CA GLU BA 230 63.77 -20.93 40.15
C GLU BA 230 64.27 -22.32 39.75
N ARG BA 231 65.58 -22.47 39.56
CA ARG BA 231 66.10 -23.70 38.98
C ARG BA 231 65.93 -24.91 39.89
N PHE BA 232 65.66 -24.70 41.17
CA PHE BA 232 65.48 -25.77 42.13
C PHE BA 232 64.09 -25.72 42.74
N SER BA 233 63.09 -25.52 41.88
CA SER BA 233 61.70 -25.42 42.30
C SER BA 233 60.81 -26.32 41.46
N PHE BA 234 61.34 -27.45 41.01
CA PHE BA 234 60.57 -28.42 40.24
C PHE BA 234 61.16 -29.80 40.47
N PRO BA 235 60.42 -30.86 40.14
CA PRO BA 235 60.88 -32.21 40.44
C PRO BA 235 62.22 -32.54 39.79
N ARG BA 236 63.03 -33.31 40.50
CA ARG BA 236 64.34 -33.72 40.01
C ARG BA 236 64.66 -35.10 40.54
N VAL BA 237 65.48 -35.83 39.80
CA VAL BA 237 66.17 -37.00 40.30
C VAL BA 237 67.66 -36.71 40.22
N ILE BA 238 68.34 -36.79 41.35
CA ILE BA 238 69.69 -36.26 41.50
C ILE BA 238 70.60 -37.36 42.00
N ASN BA 239 71.79 -37.45 41.42
CA ASN BA 239 72.76 -38.41 41.88
C ASN BA 239 73.17 -38.11 43.32
N SER BA 240 73.75 -39.10 43.99
CA SER BA 240 74.27 -38.88 45.32
C SER BA 240 75.66 -38.26 45.26
N ALA BA 241 76.14 -37.79 46.41
CA ALA BA 241 77.48 -37.23 46.48
C ALA BA 241 78.51 -38.29 46.11
N ASP BA 242 78.34 -39.51 46.61
CA ASP BA 242 79.22 -40.61 46.25
C ASP BA 242 79.05 -41.04 44.80
N GLY BA 243 77.95 -40.65 44.15
CA GLY BA 243 77.63 -41.18 42.85
C GLY BA 243 77.06 -42.58 42.89
N ALA BA 244 76.58 -43.02 44.05
CA ALA BA 244 76.09 -44.39 44.17
C ALA BA 244 74.69 -44.52 43.57
N THR BA 245 73.72 -43.82 44.13
CA THR BA 245 72.31 -43.97 43.77
C THR BA 245 71.70 -42.59 43.61
N THR BA 246 70.49 -42.54 43.06
CA THR BA 246 69.77 -41.31 42.82
C THR BA 246 68.64 -41.15 43.82
N TRP BA 247 68.40 -39.90 44.21
CA TRP BA 247 67.35 -39.54 45.14
C TRP BA 247 66.41 -38.53 44.51
N PHE BA 248 65.16 -38.58 44.93
CA PHE BA 248 64.09 -37.78 44.34
C PHE BA 248 63.87 -36.52 45.15
N PHE BA 249 63.69 -35.40 44.45
CA PHE BA 249 63.49 -34.09 45.05
C PHE BA 249 62.21 -33.51 44.47
N ASN BA 250 61.26 -33.20 45.34
CA ASN BA 250 59.89 -32.82 44.95
C ASN BA 250 59.54 -31.52 45.65
N PRO BA 251 60.07 -30.40 45.17
CA PRO BA 251 59.99 -29.16 45.94
C PRO BA 251 58.59 -28.58 45.99
N ILE BA 252 58.27 -27.99 47.13
CA ILE BA 252 57.14 -27.08 47.30
C ILE BA 252 57.73 -25.78 47.83
N ILE BA 253 57.51 -24.69 47.11
CA ILE BA 253 58.24 -23.45 47.36
C ILE BA 253 57.51 -22.67 48.44
N LEU BA 254 58.05 -22.72 49.66
CA LEU BA 254 57.66 -21.82 50.73
C LEU BA 254 58.31 -20.46 50.51
N ARG BA 255 58.06 -19.53 51.42
CA ARG BA 255 58.58 -18.17 51.32
C ARG BA 255 59.75 -18.01 52.26
N PRO BA 256 60.94 -17.60 51.82
CA PRO BA 256 62.07 -17.50 52.75
C PRO BA 256 61.93 -16.26 53.63
N ASN BA 257 61.94 -16.47 54.95
CA ASN BA 257 61.73 -15.40 55.91
C ASN BA 257 63.03 -15.04 56.61
N ASN BA 258 63.05 -13.82 57.15
CA ASN BA 258 64.24 -13.18 57.73
C ASN BA 258 65.49 -13.49 56.92
N VAL BA 259 65.40 -13.29 55.61
CA VAL BA 259 66.56 -13.42 54.74
C VAL BA 259 67.59 -12.36 55.12
N GLU BA 260 68.84 -12.78 55.17
CA GLU BA 260 69.97 -11.90 55.43
C GLU BA 260 70.99 -12.07 54.32
N VAL BA 261 71.54 -10.96 53.86
CA VAL BA 261 72.65 -10.95 52.93
C VAL BA 261 73.75 -10.13 53.56
N GLU BA 262 74.91 -10.75 53.74
CA GLU BA 262 76.05 -10.10 54.37
C GLU BA 262 77.20 -10.09 53.36
N PHE BA 263 77.54 -8.89 52.88
CA PHE BA 263 78.65 -8.71 51.97
C PHE BA 263 79.89 -8.44 52.80
N LEU BA 264 80.80 -9.41 52.79
CA LEU BA 264 82.00 -9.46 53.61
C LEU BA 264 83.21 -9.10 52.77
N LEU BA 265 84.22 -8.54 53.43
CA LEU BA 265 85.51 -8.26 52.80
C LEU BA 265 86.61 -8.57 53.80
N ASN BA 266 87.45 -9.55 53.49
CA ASN BA 266 88.55 -9.95 54.36
C ASN BA 266 88.04 -10.32 55.75
N GLY BA 267 86.86 -10.92 55.79
CA GLY BA 267 86.28 -11.37 57.05
C GLY BA 267 85.63 -10.30 57.88
N GLN BA 268 85.52 -9.07 57.39
CA GLN BA 268 84.89 -7.97 58.12
C GLN BA 268 83.62 -7.57 57.38
N ILE BA 269 82.50 -7.57 58.10
CA ILE BA 269 81.21 -7.29 57.48
C ILE BA 269 81.20 -5.88 56.93
N ILE BA 270 80.90 -5.75 55.64
CA ILE BA 270 80.84 -4.45 54.99
C ILE BA 270 79.40 -3.99 54.82
N ASN BA 271 78.53 -4.86 54.30
CA ASN BA 271 77.12 -4.52 54.15
C ASN BA 271 76.25 -5.63 54.70
N THR BA 272 75.11 -5.25 55.28
CA THR BA 272 74.12 -6.19 55.77
C THR BA 272 72.75 -5.72 55.28
N TYR BA 273 71.97 -6.66 54.76
CA TYR BA 273 70.62 -6.38 54.30
C TYR BA 273 69.70 -7.47 54.82
N GLN BA 274 68.74 -7.09 55.66
CA GLN BA 274 67.77 -7.99 56.25
C GLN BA 274 66.43 -7.79 55.59
N ALA BA 275 65.84 -8.89 55.09
CA ALA BA 275 64.49 -8.87 54.53
C ALA BA 275 64.36 -7.86 53.40
N ARG BA 276 65.45 -7.61 52.69
CA ARG BA 276 65.47 -6.67 51.57
C ARG BA 276 65.51 -7.45 50.28
N PHE BA 277 64.59 -7.15 49.38
CA PHE BA 277 64.54 -7.73 48.04
C PHE BA 277 64.67 -6.60 47.03
N GLY BA 278 64.58 -6.96 45.76
CA GLY BA 278 64.78 -5.98 44.73
C GLY BA 278 66.24 -5.58 44.65
N THR BA 279 66.50 -4.52 43.91
CA THR BA 279 67.87 -4.08 43.70
C THR BA 279 68.49 -3.56 44.99
N ILE BA 280 69.77 -3.82 45.16
CA ILE BA 280 70.55 -3.39 46.29
C ILE BA 280 71.96 -3.08 45.78
N VAL BA 281 72.82 -2.61 46.68
CA VAL BA 281 74.18 -2.24 46.35
C VAL BA 281 75.13 -2.90 47.35
N ALA BA 282 76.26 -3.37 46.86
CA ALA BA 282 77.36 -3.83 47.69
C ALA BA 282 78.50 -2.83 47.53
N ARG BA 283 78.86 -2.17 48.63
CA ARG BA 283 79.86 -1.12 48.57
C ARG BA 283 81.20 -1.65 48.10
N ASN BA 284 81.68 -2.71 48.75
CA ASN BA 284 82.95 -3.32 48.42
C ASN BA 284 83.01 -4.66 49.14
N PHE BA 285 83.18 -5.75 48.41
CA PHE BA 285 82.97 -7.06 49.01
C PHE BA 285 83.75 -8.14 48.29
N ASP BA 286 84.19 -9.13 49.07
CA ASP BA 286 84.92 -10.29 48.58
C ASP BA 286 84.18 -11.59 48.82
N THR BA 287 83.15 -11.60 49.66
CA THR BA 287 82.40 -12.80 49.98
C THR BA 287 80.95 -12.41 50.19
N ILE BA 288 80.04 -13.33 49.89
CA ILE BA 288 78.61 -13.13 50.12
C ILE BA 288 78.13 -14.26 51.00
N ARG BA 289 77.51 -13.92 52.12
CA ARG BA 289 76.85 -14.88 53.01
C ARG BA 289 75.36 -14.68 52.84
N LEU BA 290 74.69 -15.65 52.23
CA LEU BA 290 73.25 -15.63 52.04
C LEU BA 290 72.65 -16.57 53.07
N SER BA 291 71.90 -16.01 54.02
CA SER BA 291 71.23 -16.78 55.05
C SER BA 291 69.73 -16.59 54.92
N PHE BA 292 68.99 -17.64 55.25
CA PHE BA 292 67.53 -17.57 55.24
C PHE BA 292 67.02 -18.69 56.12
N GLN BA 293 65.70 -18.75 56.27
CA GLN BA 293 65.09 -19.71 57.18
C GLN BA 293 63.83 -20.28 56.56
N LEU BA 294 63.64 -21.58 56.74
CA LEU BA 294 62.37 -22.23 56.46
C LEU BA 294 61.56 -22.24 57.75
N MET BA 295 60.43 -21.55 57.74
CA MET BA 295 59.50 -21.53 58.87
C MET BA 295 58.30 -22.39 58.49
N ARG BA 296 57.99 -23.38 59.32
CA ARG BA 296 56.78 -24.14 59.09
C ARG BA 296 55.58 -23.20 59.24
N PRO BA 297 54.65 -23.15 58.30
CA PRO BA 297 53.59 -22.16 58.39
C PRO BA 297 52.68 -22.47 59.57
N PRO BA 298 52.54 -21.56 60.56
CA PRO BA 298 51.85 -21.95 61.80
C PRO BA 298 50.40 -22.32 61.58
N ASN BA 299 49.64 -21.41 60.99
CA ASN BA 299 48.25 -21.71 60.61
C ASN BA 299 48.24 -22.28 59.21
N MET BA 300 47.43 -23.31 59.01
CA MET BA 300 47.49 -24.11 57.79
C MET BA 300 46.10 -24.42 57.28
N THR BA 301 45.91 -24.21 55.98
CA THR BA 301 44.75 -24.71 55.28
C THR BA 301 44.76 -26.23 55.32
N PRO BA 302 43.59 -26.88 55.17
CA PRO BA 302 43.62 -28.34 55.02
C PRO BA 302 44.45 -28.83 53.86
N ALA BA 303 44.55 -28.09 52.76
CA ALA BA 303 45.39 -28.52 51.65
C ALA BA 303 46.84 -28.62 52.08
N VAL BA 304 47.39 -27.54 52.64
CA VAL BA 304 48.80 -27.57 53.03
C VAL BA 304 49.02 -28.54 54.18
N ASN BA 305 48.02 -28.72 55.05
CA ASN BA 305 48.19 -29.67 56.12
C ASN BA 305 48.20 -31.10 55.61
N ALA BA 306 47.43 -31.38 54.56
CA ALA BA 306 47.54 -32.69 53.91
C ALA BA 306 48.92 -32.84 53.27
N LEU BA 307 49.46 -31.75 52.72
CA LEU BA 307 50.79 -31.81 52.14
C LEU BA 307 51.84 -32.17 53.18
N PHE BA 308 51.85 -31.47 54.32
CA PHE BA 308 52.91 -31.60 55.31
C PHE BA 308 52.43 -32.41 56.52
N PRO BA 309 52.70 -33.72 56.59
CA PRO BA 309 52.22 -34.49 57.74
C PRO BA 309 53.25 -34.53 58.84
N GLN BA 310 52.95 -35.25 59.93
CA GLN BA 310 53.92 -35.56 60.96
C GLN BA 310 54.47 -36.98 60.85
N ALA BA 311 53.91 -37.81 59.98
CA ALA BA 311 54.40 -39.16 59.79
C ALA BA 311 55.68 -39.12 58.96
N GLN BA 312 56.15 -40.28 58.53
CA GLN BA 312 57.39 -40.38 57.76
C GLN BA 312 57.27 -40.10 56.27
N PRO BA 313 56.21 -40.58 55.54
CA PRO BA 313 56.26 -40.62 54.06
C PRO BA 313 56.84 -39.39 53.36
N PHE BA 314 56.33 -38.20 53.65
CA PHE BA 314 56.89 -36.95 53.12
C PHE BA 314 56.94 -36.98 51.58
N GLN BA 315 55.75 -37.05 50.98
CA GLN BA 315 55.67 -37.08 49.52
C GLN BA 315 55.96 -35.74 48.88
N HIS BA 316 55.98 -34.66 49.66
CA HIS BA 316 56.32 -33.32 49.18
C HIS BA 316 57.42 -32.78 50.08
N HIS BA 317 58.35 -32.02 49.50
CA HIS BA 317 59.55 -31.58 50.20
C HIS BA 317 59.59 -30.06 50.21
N ALA BA 318 59.52 -29.46 51.39
CA ALA BA 318 59.48 -28.01 51.44
C ALA BA 318 60.82 -27.43 51.02
N THR BA 319 60.81 -26.26 50.41
CA THR BA 319 62.07 -25.61 50.08
C THR BA 319 61.85 -24.12 49.91
N VAL BA 320 62.90 -23.36 50.15
CA VAL BA 320 62.89 -21.91 50.05
C VAL BA 320 64.20 -21.46 49.41
N GLY BA 321 64.12 -20.52 48.47
CA GLY BA 321 65.28 -20.17 47.67
C GLY BA 321 65.43 -18.67 47.50
N LEU BA 322 66.65 -18.30 47.10
CA LEU BA 322 67.02 -16.93 46.78
C LEU BA 322 67.75 -16.90 45.46
N THR BA 323 67.61 -15.78 44.75
CA THR BA 323 68.26 -15.52 43.49
C THR BA 323 69.03 -14.21 43.61
N LEU BA 324 70.29 -14.22 43.20
CA LEU BA 324 71.17 -13.06 43.27
C LEU BA 324 71.79 -12.85 41.90
N ARG BA 325 71.60 -11.67 41.33
CA ARG BA 325 72.22 -11.31 40.06
C ARG BA 325 73.13 -10.12 40.29
N ILE BA 326 74.41 -10.27 39.95
CA ILE BA 326 75.29 -9.10 39.98
C ILE BA 326 75.14 -8.38 38.66
N GLU BA 327 74.35 -7.30 38.64
CA GLU BA 327 74.00 -6.66 37.38
C GLU BA 327 75.18 -5.86 36.82
N SER BA 328 75.89 -5.14 37.68
CA SER BA 328 77.05 -4.38 37.25
C SER BA 328 78.00 -4.25 38.43
N ALA BA 329 79.29 -4.22 38.13
CA ALA BA 329 80.29 -4.21 39.19
C ALA BA 329 81.55 -3.53 38.69
N VAL BA 330 82.50 -3.39 39.60
CA VAL BA 330 83.79 -2.77 39.31
C VAL BA 330 84.87 -3.63 39.96
N CYS BA 331 85.96 -3.86 39.23
CA CYS BA 331 87.00 -4.76 39.71
C CYS BA 331 88.37 -4.19 39.41
N GLU BA 332 89.27 -4.30 40.40
CA GLU BA 332 90.64 -3.85 40.18
C GLU BA 332 91.32 -4.65 39.08
N SER BA 333 90.94 -5.91 38.90
CA SER BA 333 91.49 -6.78 37.89
C SER BA 333 90.54 -6.85 36.69
N VAL BA 334 90.85 -7.73 35.75
CA VAL BA 334 90.12 -7.83 34.49
C VAL BA 334 89.32 -9.12 34.47
N LEU BA 335 88.08 -9.04 34.00
CA LEU BA 335 87.16 -10.17 33.95
C LEU BA 335 86.45 -10.21 32.62
N ALA BA 336 85.97 -11.39 32.26
CA ALA BA 336 85.04 -11.50 31.15
C ALA BA 336 83.68 -10.95 31.57
N ASP BA 337 82.93 -10.47 30.59
CA ASP BA 337 81.72 -9.69 30.83
C ASP BA 337 80.64 -10.12 29.84
N ALA BA 338 79.58 -9.32 29.77
CA ALA BA 338 78.52 -9.48 28.81
C ALA BA 338 78.58 -8.48 27.65
N ASN BA 339 79.12 -7.29 27.89
CA ASN BA 339 79.19 -6.30 26.82
C ASN BA 339 80.41 -6.53 25.93
N GLU BA 340 81.60 -6.43 26.49
CA GLU BA 340 82.82 -6.53 25.71
C GLU BA 340 83.09 -7.98 25.34
N THR BA 341 83.84 -8.15 24.25
CA THR BA 341 84.09 -9.46 23.65
C THR BA 341 85.57 -9.76 23.55
N LEU BA 342 86.35 -9.35 24.56
CA LEU BA 342 87.79 -9.56 24.50
C LEU BA 342 88.15 -11.01 24.75
N LEU BA 343 87.46 -11.67 25.69
CA LEU BA 343 87.65 -13.10 25.89
C LEU BA 343 87.33 -13.85 24.61
N ALA BA 344 86.21 -13.49 23.96
CA ALA BA 344 85.85 -14.12 22.71
C ALA BA 344 86.91 -13.90 21.66
N ASN BA 345 87.46 -12.68 21.58
CA ASN BA 345 88.48 -12.41 20.59
C ASN BA 345 89.71 -13.28 20.79
N VAL BA 346 90.24 -13.31 22.02
CA VAL BA 346 91.47 -14.05 22.25
C VAL BA 346 91.25 -15.54 22.05
N THR BA 347 90.13 -16.07 22.55
CA THR BA 347 89.88 -17.50 22.37
C THR BA 347 89.65 -17.84 20.92
N ALA BA 348 88.98 -16.97 20.17
CA ALA BA 348 88.76 -17.22 18.76
C ALA BA 348 90.08 -17.27 18.01
N VAL BA 349 91.00 -16.35 18.32
CA VAL BA 349 92.29 -16.37 17.67
C VAL BA 349 93.04 -17.67 17.98
N ARG BA 350 93.05 -18.04 19.27
CA ARG BA 350 93.77 -19.25 19.66
C ARG BA 350 93.18 -20.49 19.00
N GLN BA 351 91.85 -20.59 18.96
CA GLN BA 351 91.22 -21.74 18.33
C GLN BA 351 91.47 -21.75 16.83
N GLU BA 352 91.40 -20.58 16.19
CA GLU BA 352 91.59 -20.50 14.74
C GLU BA 352 92.98 -20.96 14.35
N TYR BA 353 94.00 -20.54 15.09
CA TYR BA 353 95.37 -20.85 14.72
C TYR BA 353 95.96 -22.04 15.48
N ALA BA 354 95.17 -22.73 16.31
CA ALA BA 354 95.56 -23.99 16.92
C ALA BA 354 96.89 -23.87 17.67
N ILE BA 355 96.88 -23.05 18.70
CA ILE BA 355 98.10 -22.78 19.45
C ILE BA 355 98.30 -23.89 20.48
N PRO BA 356 99.49 -24.49 20.57
CA PRO BA 356 99.71 -25.49 21.62
C PRO BA 356 99.61 -24.86 23.00
N VAL BA 357 99.13 -25.65 23.97
CA VAL BA 357 98.84 -25.11 25.29
C VAL BA 357 100.12 -24.61 25.93
N GLY BA 358 100.06 -23.40 26.49
CA GLY BA 358 101.19 -22.80 27.16
C GLY BA 358 101.24 -23.21 28.61
N PRO BA 359 102.10 -22.56 29.40
CA PRO BA 359 102.21 -22.92 30.81
C PRO BA 359 101.24 -22.16 31.70
N VAL BA 360 100.70 -21.05 31.22
CA VAL BA 360 99.93 -20.15 32.07
C VAL BA 360 98.43 -20.46 31.98
N PHE BA 361 97.84 -20.25 30.81
CA PHE BA 361 96.40 -20.36 30.70
C PHE BA 361 95.97 -21.82 30.64
N PRO BA 362 94.69 -22.11 30.90
CA PRO BA 362 94.21 -23.48 30.79
C PRO BA 362 94.16 -23.91 29.33
N PRO BA 363 93.73 -25.15 29.06
CA PRO BA 363 93.58 -25.57 27.66
C PRO BA 363 92.26 -25.07 27.09
N GLY BA 364 92.34 -24.29 26.02
CA GLY BA 364 91.16 -23.72 25.41
C GLY BA 364 90.70 -22.42 26.04
N MET BA 365 91.47 -21.85 26.96
CA MET BA 365 91.07 -20.64 27.69
C MET BA 365 89.70 -20.82 28.32
N ASN BA 366 89.47 -22.00 28.89
CA ASN BA 366 88.22 -22.24 29.60
C ASN BA 366 88.07 -21.24 30.73
N TRP BA 367 87.03 -20.43 30.66
CA TRP BA 367 86.90 -19.33 31.60
C TRP BA 367 86.73 -19.84 33.04
N THR BA 368 86.06 -20.97 33.21
CA THR BA 368 85.86 -21.50 34.56
C THR BA 368 87.19 -21.89 35.19
N GLU BA 369 87.99 -22.68 34.49
CA GLU BA 369 89.31 -23.04 35.01
C GLU BA 369 90.22 -21.83 35.10
N LEU BA 370 89.97 -20.81 34.29
CA LEU BA 370 90.80 -19.62 34.34
C LEU BA 370 90.49 -18.78 35.57
N ILE BA 371 89.22 -18.69 35.94
CA ILE BA 371 88.82 -17.80 37.03
C ILE BA 371 88.90 -18.52 38.39
N THR BA 372 88.79 -19.84 38.43
CA THR BA 372 88.99 -20.52 39.71
C THR BA 372 90.40 -20.30 40.21
N ASN BA 373 91.39 -20.80 39.47
CA ASN BA 373 92.79 -20.56 39.78
C ASN BA 373 93.23 -19.32 39.01
N TYR BA 374 93.49 -18.23 39.74
CA TYR BA 374 93.61 -16.90 39.16
C TYR BA 374 94.83 -16.20 39.74
N SER BA 375 95.97 -16.88 39.70
CA SER BA 375 97.20 -16.42 40.33
C SER BA 375 97.63 -15.07 39.77
N PRO BA 376 98.59 -14.39 40.40
CA PRO BA 376 99.00 -13.07 39.87
C PRO BA 376 99.56 -13.12 38.46
N SER BA 377 100.39 -14.11 38.15
CA SER BA 377 100.96 -14.20 36.81
C SER BA 377 99.87 -14.49 35.78
N ARG BA 378 98.96 -15.40 36.09
CA ARG BA 378 97.87 -15.70 35.20
C ARG BA 378 97.01 -14.47 34.96
N GLU BA 379 96.75 -13.70 36.03
CA GLU BA 379 95.98 -12.48 35.89
C GLU BA 379 96.70 -11.47 35.01
N ASP BA 380 98.00 -11.30 35.19
CA ASP BA 380 98.74 -10.34 34.39
C ASP BA 380 98.71 -10.71 32.92
N ASN BA 381 98.91 -11.99 32.62
CA ASN BA 381 98.85 -12.43 31.23
C ASN BA 381 97.47 -12.21 30.66
N LEU BA 382 96.43 -12.47 31.46
CA LEU BA 382 95.07 -12.25 30.98
C LEU BA 382 94.84 -10.78 30.69
N GLN BA 383 95.36 -9.89 31.54
CA GLN BA 383 95.22 -8.46 31.29
C GLN BA 383 95.91 -8.08 29.99
N ARG BA 384 97.13 -8.57 29.77
CA ARG BA 384 97.86 -8.20 28.58
C ARG BA 384 97.11 -8.65 27.33
N VAL BA 385 96.70 -9.91 27.29
CA VAL BA 385 96.03 -10.40 26.09
C VAL BA 385 94.68 -9.71 25.90
N PHE BA 386 93.98 -9.40 26.99
CA PHE BA 386 92.71 -8.71 26.87
C PHE BA 386 92.89 -7.32 26.29
N THR BA 387 93.88 -6.57 26.76
CA THR BA 387 94.05 -5.23 26.24
C THR BA 387 94.52 -5.26 24.80
N VAL BA 388 95.35 -6.23 24.41
CA VAL BA 388 95.74 -6.33 23.00
C VAL BA 388 94.52 -6.68 22.16
N ALA BA 389 93.64 -7.53 22.69
CA ALA BA 389 92.43 -7.88 21.97
C ALA BA 389 91.56 -6.65 21.75
N SER BA 390 91.43 -5.81 22.77
CA SER BA 390 90.65 -4.58 22.60
C SER BA 390 91.31 -3.65 21.58
N ILE BA 391 92.64 -3.57 21.62
CA ILE BA 391 93.37 -2.74 20.66
C ILE BA 391 93.08 -3.20 19.24
N ARG BA 392 93.12 -4.51 19.02
CA ARG BA 392 92.80 -5.04 17.70
C ARG BA 392 91.34 -4.79 17.34
N SER BA 393 90.44 -4.96 18.31
CA SER BA 393 89.02 -4.73 18.06
C SER BA 393 88.72 -3.28 17.73
N MET BA 394 89.60 -2.35 18.07
CA MET BA 394 89.41 -0.97 17.61
C MET BA 394 89.36 -0.89 16.10
N LEU BA 395 90.03 -1.81 15.39
CA LEU BA 395 90.20 -1.75 13.95
C LEU BA 395 89.50 -2.88 13.21
N ILE BA 396 89.74 -4.13 13.62
CA ILE BA 396 89.29 -5.29 12.87
C ILE BA 396 88.22 -6.02 13.66
N LYS BA 397 86.95 -5.67 13.41
CA LYS BA 397 85.85 -6.31 14.11
C LYS BA 397 85.39 -7.54 13.35
N ASN CA 56 32.94 -29.73 -0.75
CA ASN CA 56 34.27 -30.26 -0.43
C ASN CA 56 35.34 -29.20 -0.63
N ILE CA 57 36.30 -29.16 0.29
CA ILE CA 57 37.38 -28.19 0.25
C ILE CA 57 38.24 -28.47 -0.99
N PRO CA 58 38.86 -27.46 -1.59
CA PRO CA 58 39.67 -27.73 -2.78
C PRO CA 58 40.93 -28.51 -2.44
N ILE CA 59 41.40 -29.28 -3.41
CA ILE CA 59 42.66 -30.01 -3.31
C ILE CA 59 43.46 -29.73 -4.56
N THR CA 60 44.64 -29.15 -4.40
CA THR CA 60 45.48 -28.71 -5.51
C THR CA 60 46.61 -29.70 -5.72
N GLY CA 61 46.74 -30.19 -6.94
CA GLY CA 61 47.78 -31.14 -7.26
C GLY CA 61 48.36 -30.85 -8.63
N SER CA 62 49.65 -31.16 -8.77
CA SER CA 62 50.33 -30.93 -10.03
C SER CA 62 49.98 -32.00 -11.05
N MET CA 63 50.43 -31.80 -12.28
CA MET CA 63 50.29 -32.79 -13.35
C MET CA 63 51.62 -33.42 -13.72
N ASP CA 64 52.69 -33.13 -12.98
CA ASP CA 64 54.01 -33.67 -13.26
C ASP CA 64 54.56 -34.55 -12.16
N THR CA 65 53.86 -34.69 -11.03
CA THR CA 65 54.33 -35.58 -9.98
C THR CA 65 54.41 -37.01 -10.48
N VAL CA 66 55.43 -37.73 -10.02
CA VAL CA 66 55.65 -39.09 -10.48
C VAL CA 66 54.57 -40.00 -9.92
N TYR CA 67 54.17 -41.00 -10.70
CA TYR CA 67 53.19 -41.96 -10.24
C TYR CA 67 53.72 -42.73 -9.04
N SER CA 68 52.84 -43.01 -8.08
CA SER CA 68 53.24 -43.74 -6.90
C SER CA 68 53.46 -45.21 -7.25
N ASN CA 69 53.83 -46.00 -6.24
CA ASN CA 69 54.01 -47.43 -6.41
C ASN CA 69 52.67 -48.15 -6.35
N SER CA 70 52.68 -49.41 -6.75
CA SER CA 70 51.46 -50.21 -6.71
C SER CA 70 50.97 -50.35 -5.28
N THR CA 71 49.67 -50.12 -5.09
CA THR CA 71 49.04 -50.19 -3.77
C THR CA 71 48.31 -51.53 -3.58
N ARG CA 72 48.50 -52.47 -4.50
CA ARG CA 72 47.78 -53.73 -4.43
C ARG CA 72 48.13 -54.51 -3.17
N GLU CA 73 49.43 -54.59 -2.84
CA GLU CA 73 49.82 -55.32 -1.64
C GLU CA 73 49.24 -54.68 -0.40
N GLU CA 74 49.31 -53.36 -0.31
CA GLU CA 74 48.80 -52.68 0.88
C GLU CA 74 47.31 -52.90 1.03
N VAL CA 75 46.55 -52.76 -0.07
CA VAL CA 75 45.10 -52.91 0.04
C VAL CA 75 44.72 -54.35 0.35
N PHE CA 76 45.46 -55.32 -0.21
CA PHE CA 76 45.18 -56.71 0.13
C PHE CA 76 45.49 -57.01 1.59
N LEU CA 77 46.55 -56.40 2.13
CA LEU CA 77 46.88 -56.64 3.52
C LEU CA 77 45.92 -55.94 4.47
N THR CA 78 45.35 -54.81 4.05
CA THR CA 78 44.54 -53.98 4.94
C THR CA 78 43.04 -54.22 4.80
N SER CA 79 42.58 -54.78 3.69
CA SER CA 79 41.15 -54.86 3.38
C SER CA 79 40.66 -56.30 3.50
N THR CA 80 39.40 -56.50 3.13
CA THR CA 80 38.78 -57.82 3.13
C THR CA 80 37.93 -57.97 1.88
N LEU CA 81 37.85 -59.20 1.39
CA LEU CA 81 37.03 -59.58 0.24
C LEU CA 81 35.94 -60.52 0.72
N CYS CA 82 34.74 -60.39 0.18
CA CYS CA 82 33.63 -61.24 0.62
C CYS CA 82 32.73 -61.60 -0.55
N LEU CA 83 32.46 -62.89 -0.68
CA LEU CA 83 31.70 -63.44 -1.79
C LEU CA 83 30.35 -63.94 -1.32
N TYR CA 84 29.29 -63.52 -2.01
CA TYR CA 84 27.94 -63.99 -1.78
C TYR CA 84 27.50 -64.80 -2.98
N TYR CA 85 27.20 -66.07 -2.76
CA TYR CA 85 26.90 -67.04 -3.79
C TYR CA 85 25.64 -67.79 -3.40
N PRO CA 86 24.95 -68.41 -4.37
CA PRO CA 86 23.75 -69.16 -4.02
C PRO CA 86 24.08 -70.55 -3.48
N THR CA 87 23.12 -71.12 -2.76
CA THR CA 87 23.33 -72.44 -2.15
C THR CA 87 23.61 -73.51 -3.19
N GLU CA 88 23.09 -73.35 -4.40
CA GLU CA 88 23.35 -74.32 -5.46
C GLU CA 88 24.82 -74.40 -5.78
N ALA CA 89 25.59 -73.35 -5.50
CA ALA CA 89 27.04 -73.42 -5.70
C ALA CA 89 27.65 -74.51 -4.82
N SER CA 90 27.37 -74.47 -3.52
CA SER CA 90 27.88 -75.50 -2.63
C SER CA 90 27.27 -76.86 -2.98
N THR CA 91 25.99 -76.87 -3.37
CA THR CA 91 25.34 -78.14 -3.69
C THR CA 91 26.03 -78.83 -4.87
N GLN CA 92 26.36 -78.07 -5.91
CA GLN CA 92 27.03 -78.67 -7.07
C GLN CA 92 28.49 -78.96 -6.77
N ILE CA 93 29.11 -78.18 -5.88
CA ILE CA 93 30.48 -78.48 -5.48
C ILE CA 93 30.54 -79.81 -4.76
N SER CA 94 29.50 -80.14 -3.98
CA SER CA 94 29.39 -81.43 -3.31
C SER CA 94 30.59 -81.67 -2.39
N ASP CA 95 30.93 -80.63 -1.63
CA ASP CA 95 32.13 -80.61 -0.81
C ASP CA 95 31.81 -79.72 0.40
N GLY CA 96 32.81 -79.06 0.97
CA GLY CA 96 32.65 -78.44 2.27
C GLY CA 96 33.97 -78.24 2.99
N GLU CA 97 35.04 -78.78 2.44
CA GLU CA 97 36.37 -78.24 2.65
C GLU CA 97 36.68 -77.13 1.64
N TRP CA 98 35.72 -76.76 0.80
CA TRP CA 98 36.00 -75.90 -0.33
C TRP CA 98 36.23 -74.45 0.10
N LYS CA 99 35.61 -74.02 1.20
CA LYS CA 99 35.91 -72.68 1.71
C LYS CA 99 37.37 -72.59 2.13
N ASP CA 100 37.86 -73.60 2.84
CA ASP CA 100 39.28 -73.63 3.21
C ASP CA 100 40.16 -73.68 1.98
N SER CA 101 39.77 -74.50 0.99
CA SER CA 101 40.56 -74.60 -0.23
C SER CA 101 40.66 -73.27 -0.94
N LEU CA 102 39.53 -72.59 -1.09
CA LEU CA 102 39.54 -71.30 -1.79
C LEU CA 102 40.26 -70.24 -0.99
N SER CA 103 40.21 -70.30 0.34
CA SER CA 103 40.97 -69.35 1.13
C SER CA 103 42.47 -69.54 0.93
N GLN CA 104 42.92 -70.80 0.94
CA GLN CA 104 44.32 -71.08 0.65
C GLN CA 104 44.67 -70.64 -0.76
N MET CA 105 43.72 -70.72 -1.68
CA MET CA 105 43.99 -70.30 -3.06
C MET CA 105 44.15 -68.79 -3.14
N PHE CA 106 43.28 -68.05 -2.46
CA PHE CA 106 43.39 -66.60 -2.41
C PHE CA 106 44.69 -66.16 -1.77
N LEU CA 107 45.14 -66.90 -0.75
CA LEU CA 107 46.39 -66.54 -0.08
C LEU CA 107 47.56 -66.51 -1.05
N ILE CA 108 47.55 -67.37 -2.07
CA ILE CA 108 48.63 -67.34 -3.05
C ILE CA 108 48.66 -66.01 -3.78
N LYS CA 109 47.49 -65.49 -4.17
CA LYS CA 109 47.51 -64.21 -4.86
C LYS CA 109 47.78 -63.06 -3.91
N GLY CA 110 47.56 -63.25 -2.61
CA GLY CA 110 48.04 -62.32 -1.61
C GLY CA 110 46.98 -61.75 -0.69
N TRP CA 111 45.87 -62.48 -0.52
CA TRP CA 111 44.88 -62.11 0.47
C TRP CA 111 45.17 -62.89 1.75
N PRO CA 112 45.58 -62.24 2.86
CA PRO CA 112 45.84 -63.00 4.10
C PRO CA 112 44.69 -63.91 4.50
N THR CA 113 44.98 -64.87 5.39
CA THR CA 113 44.14 -66.06 5.53
C THR CA 113 42.71 -65.71 5.96
N GLY CA 114 42.56 -64.77 6.89
CA GLY CA 114 41.25 -64.41 7.37
C GLY CA 114 40.53 -63.36 6.56
N SER CA 115 41.12 -62.89 5.46
CA SER CA 115 40.60 -61.73 4.76
C SER CA 115 39.44 -62.04 3.82
N VAL CA 116 39.17 -63.32 3.55
CA VAL CA 116 38.15 -63.73 2.60
C VAL CA 116 36.99 -64.34 3.35
N TYR CA 117 35.78 -63.85 3.10
CA TYR CA 117 34.58 -64.31 3.81
C TYR CA 117 33.55 -64.79 2.82
N PHE CA 118 33.09 -66.01 2.99
CA PHE CA 118 32.12 -66.64 2.10
C PHE CA 118 30.77 -66.66 2.80
N LYS CA 119 29.84 -65.83 2.31
CA LYS CA 119 28.53 -65.66 2.94
C LYS CA 119 27.48 -66.22 1.99
N GLU CA 120 27.12 -67.47 2.20
CA GLU CA 120 26.08 -68.11 1.40
C GLU CA 120 24.73 -67.41 1.58
N TYR CA 121 24.00 -67.27 0.46
CA TYR CA 121 22.61 -66.83 0.48
C TYR CA 121 21.76 -67.85 -0.26
N SER CA 122 20.49 -67.96 0.15
CA SER CA 122 19.65 -69.03 -0.36
C SER CA 122 19.38 -68.88 -1.85
N ASN CA 123 18.92 -67.72 -2.28
CA ASN CA 123 18.70 -67.43 -3.70
C ASN CA 123 18.51 -65.92 -3.83
N ILE CA 124 18.34 -65.47 -5.08
CA ILE CA 124 18.39 -64.04 -5.36
C ILE CA 124 17.23 -63.33 -4.69
N VAL CA 125 16.01 -63.81 -4.88
CA VAL CA 125 14.85 -63.10 -4.39
C VAL CA 125 14.82 -63.10 -2.86
N ASP CA 126 15.17 -64.22 -2.24
CA ASP CA 126 15.18 -64.28 -0.79
C ASP CA 126 16.33 -63.49 -0.21
N PHE CA 127 17.43 -63.34 -0.96
CA PHE CA 127 18.54 -62.51 -0.51
C PHE CA 127 18.23 -61.04 -0.65
N SER CA 128 17.35 -60.67 -1.58
CA SER CA 128 17.06 -59.27 -1.83
C SER CA 128 16.56 -58.56 -0.57
N VAL CA 129 15.83 -59.28 0.29
CA VAL CA 129 15.28 -58.65 1.48
C VAL CA 129 16.42 -58.35 2.45
N ASP CA 130 16.53 -57.07 2.84
CA ASP CA 130 17.52 -56.58 3.78
C ASP CA 130 18.92 -57.10 3.47
N PRO CA 131 19.53 -56.70 2.36
CA PRO CA 131 20.88 -57.18 2.04
C PRO CA 131 21.93 -56.41 2.83
N GLN CA 132 22.49 -57.06 3.83
CA GLN CA 132 23.61 -56.53 4.59
C GLN CA 132 24.90 -57.10 4.02
N LEU CA 133 25.81 -56.22 3.63
CA LEU CA 133 27.06 -56.60 2.98
C LEU CA 133 28.17 -56.42 4.00
N TYR CA 134 28.45 -57.50 4.74
CA TYR CA 134 29.28 -57.45 5.94
C TYR CA 134 30.76 -57.49 5.55
N CYS CA 135 31.23 -56.43 4.91
CA CYS CA 135 32.57 -56.57 4.33
C CYS CA 135 33.13 -55.21 3.94
N ASP CA 136 34.26 -55.24 3.23
CA ASP CA 136 34.95 -54.06 2.73
C ASP CA 136 35.16 -54.07 1.22
N TYR CA 137 35.18 -55.25 0.59
CA TYR CA 137 35.00 -55.40 -0.85
C TYR CA 137 34.01 -56.53 -1.04
N ASN CA 138 32.92 -56.26 -1.77
CA ASN CA 138 31.82 -57.21 -1.89
C ASN CA 138 31.70 -57.68 -3.32
N LEU CA 139 31.63 -58.99 -3.50
CA LEU CA 139 31.29 -59.61 -4.78
C LEU CA 139 30.02 -60.40 -4.59
N VAL CA 140 29.05 -60.21 -5.49
CA VAL CA 140 27.80 -60.94 -5.44
C VAL CA 140 27.71 -61.74 -6.73
N LEU CA 141 28.00 -63.03 -6.65
CA LEU CA 141 27.67 -63.92 -7.76
C LEU CA 141 26.15 -64.02 -7.85
N MET CA 142 25.63 -63.94 -9.07
CA MET CA 142 24.20 -63.74 -9.26
C MET CA 142 23.78 -64.57 -10.46
N LYS CA 143 23.24 -65.75 -10.20
CA LYS CA 143 22.77 -66.60 -11.29
C LYS CA 143 21.48 -66.04 -11.85
N TYR CA 144 21.32 -66.15 -13.17
CA TYR CA 144 20.18 -65.61 -13.88
C TYR CA 144 19.36 -66.73 -14.49
N ASP CA 145 18.04 -66.65 -14.30
CA ASP CA 145 17.08 -67.45 -15.03
C ASP CA 145 15.99 -66.51 -15.52
N GLN CA 146 15.38 -66.86 -16.65
CA GLN CA 146 14.34 -66.00 -17.22
C GLN CA 146 13.18 -65.89 -16.23
N SER CA 147 12.53 -64.72 -16.25
CA SER CA 147 11.47 -64.28 -15.35
C SER CA 147 12.02 -63.79 -14.01
N LEU CA 148 13.32 -63.92 -13.74
CA LEU CA 148 13.96 -63.25 -12.62
C LEU CA 148 14.66 -61.97 -13.06
N GLU CA 149 14.42 -61.52 -14.29
CA GLU CA 149 15.14 -60.37 -14.82
C GLU CA 149 14.92 -59.14 -13.95
N LEU CA 150 13.65 -58.82 -13.69
CA LEU CA 150 13.37 -57.57 -12.99
C LEU CA 150 13.85 -57.62 -11.55
N ASP CA 151 13.64 -58.73 -10.84
CA ASP CA 151 14.07 -58.77 -9.45
C ASP CA 151 15.58 -58.78 -9.34
N MET CA 152 16.26 -59.46 -10.26
CA MET CA 152 17.71 -59.41 -10.29
C MET CA 152 18.20 -57.98 -10.54
N SER CA 153 17.57 -57.29 -11.49
CA SER CA 153 17.93 -55.90 -11.75
C SER CA 153 17.64 -55.02 -10.55
N GLU CA 154 16.55 -55.28 -9.84
CA GLU CA 154 16.22 -54.53 -8.64
C GLU CA 154 17.31 -54.66 -7.61
N LEU CA 155 17.73 -55.90 -7.34
CA LEU CA 155 18.77 -56.11 -6.34
C LEU CA 155 20.07 -55.45 -6.77
N ALA CA 156 20.43 -55.57 -8.04
CA ALA CA 156 21.65 -54.94 -8.53
C ALA CA 156 21.57 -53.44 -8.35
N ASP CA 157 20.44 -52.83 -8.70
CA ASP CA 157 20.28 -51.40 -8.52
C ASP CA 157 20.40 -51.02 -7.05
N LEU CA 158 19.74 -51.80 -6.18
CA LEU CA 158 19.72 -51.50 -4.75
C LEU CA 158 21.12 -51.46 -4.18
N ILE CA 159 21.94 -52.46 -4.48
CA ILE CA 159 23.25 -52.53 -3.84
C ILE CA 159 24.28 -51.70 -4.59
N LEU CA 160 24.29 -51.70 -5.92
CA LEU CA 160 25.27 -50.91 -6.65
C LEU CA 160 25.09 -49.41 -6.41
N ASN CA 161 23.84 -48.94 -6.36
CA ASN CA 161 23.59 -47.52 -6.13
C ASN CA 161 23.49 -47.26 -4.63
N GLU CA 162 24.08 -46.15 -4.21
CA GLU CA 162 23.92 -45.71 -2.83
C GLU CA 162 22.53 -45.12 -2.63
N TRP CA 163 22.02 -45.26 -1.41
CA TRP CA 163 20.68 -44.80 -1.08
C TRP CA 163 20.68 -44.05 0.24
N LEU CA 164 19.76 -43.10 0.36
CA LEU CA 164 19.46 -42.42 1.61
C LEU CA 164 17.98 -42.58 1.86
N CYS CA 165 17.61 -43.34 2.88
CA CYS CA 165 16.24 -43.78 3.10
C CYS CA 165 15.69 -43.22 4.40
N ASN CA 166 14.39 -42.95 4.39
CA ASN CA 166 13.63 -42.51 5.54
C ASN CA 166 12.40 -43.39 5.69
N PRO CA 167 11.85 -43.51 6.90
CA PRO CA 167 10.67 -44.35 7.07
C PRO CA 167 9.46 -43.75 6.38
N MET CA 168 8.53 -44.62 6.01
CA MET CA 168 7.23 -44.23 5.47
C MET CA 168 6.14 -44.75 6.39
N ASP CA 169 5.15 -43.91 6.65
CA ASP CA 169 3.99 -44.26 7.48
C ASP CA 169 2.80 -44.38 6.54
N ILE CA 170 2.57 -45.59 6.04
CA ILE CA 170 1.53 -45.81 5.05
C ILE CA 170 0.15 -45.53 5.63
N THR CA 171 -0.03 -45.78 6.93
CA THR CA 171 -1.37 -45.75 7.50
C THR CA 171 -1.99 -44.36 7.47
N LEU CA 172 -1.17 -43.31 7.56
CA LEU CA 172 -1.67 -41.96 7.77
C LEU CA 172 -1.42 -41.03 6.58
N TYR CA 173 -0.17 -40.85 6.17
CA TYR CA 173 0.18 -39.77 5.27
C TYR CA 173 0.05 -40.20 3.81
N TYR CA 174 -0.30 -39.23 2.97
CA TYR CA 174 -0.18 -39.36 1.53
C TYR CA 174 1.23 -38.93 1.13
N TYR CA 175 1.89 -39.75 0.32
CA TYR CA 175 3.30 -39.55 -0.01
C TYR CA 175 3.47 -39.25 -1.49
N GLN CA 176 4.35 -38.30 -1.79
CA GLN CA 176 4.76 -37.93 -3.13
C GLN CA 176 6.08 -38.60 -3.44
N GLN CA 177 6.67 -38.23 -4.58
CA GLN CA 177 8.03 -38.59 -4.92
C GLN CA 177 8.77 -37.33 -5.30
N SER CA 178 9.95 -37.13 -4.71
CA SER CA 178 10.66 -35.86 -4.86
C SER CA 178 11.05 -35.60 -6.31
N GLY CA 179 11.52 -36.63 -7.00
CA GLY CA 179 11.98 -36.41 -8.35
C GLY CA 179 12.58 -37.67 -8.95
N GLU CA 180 13.48 -37.47 -9.92
CA GLU CA 180 13.99 -38.57 -10.70
C GLU CA 180 14.86 -39.52 -9.88
N SER CA 181 15.43 -39.04 -8.78
CA SER CA 181 16.30 -39.86 -7.95
C SER CA 181 15.58 -40.51 -6.78
N ASN CA 182 14.26 -40.31 -6.65
CA ASN CA 182 13.50 -40.82 -5.52
C ASN CA 182 12.70 -42.04 -5.93
N LYS CA 183 12.70 -43.05 -5.07
CA LYS CA 183 11.92 -44.26 -5.26
C LYS CA 183 11.36 -44.68 -3.91
N TRP CA 184 10.43 -45.63 -3.94
CA TRP CA 184 10.00 -46.32 -2.72
C TRP CA 184 10.47 -47.76 -2.81
N ILE CA 185 11.25 -48.20 -1.83
CA ILE CA 185 11.73 -49.58 -1.78
C ILE CA 185 11.01 -50.29 -0.66
N SER CA 186 10.38 -51.42 -1.01
CA SER CA 186 9.63 -52.23 -0.07
C SER CA 186 10.29 -53.59 0.04
N MET CA 187 10.61 -53.98 1.27
CA MET CA 187 11.29 -55.23 1.57
C MET CA 187 10.49 -56.02 2.59
N GLY CA 188 10.42 -57.32 2.40
CA GLY CA 188 9.75 -58.17 3.37
C GLY CA 188 9.53 -59.56 2.81
N SER CA 189 8.88 -60.38 3.64
CA SER CA 189 8.61 -61.75 3.22
C SER CA 189 7.66 -61.81 2.04
N SER CA 190 6.75 -60.84 1.93
CA SER CA 190 5.86 -60.76 0.78
C SER CA 190 5.30 -59.34 0.73
N CYS CA 191 5.71 -58.57 -0.27
CA CYS CA 191 5.22 -57.21 -0.47
C CYS CA 191 4.21 -57.21 -1.60
N THR CA 192 3.03 -56.65 -1.33
CA THR CA 192 2.02 -56.40 -2.36
C THR CA 192 1.55 -54.96 -2.19
N VAL CA 193 2.28 -54.04 -2.79
CA VAL CA 193 1.93 -52.63 -2.72
C VAL CA 193 0.75 -52.36 -3.65
N LYS CA 194 -0.17 -51.53 -3.20
CA LYS CA 194 -1.29 -51.08 -4.01
C LYS CA 194 -1.44 -49.58 -3.83
N VAL CA 195 -1.18 -48.82 -4.89
CA VAL CA 195 -1.15 -47.37 -4.81
C VAL CA 195 -2.42 -46.80 -5.43
N CYS CA 196 -2.77 -45.60 -4.98
CA CYS CA 196 -3.94 -44.89 -5.47
C CYS CA 196 -3.63 -43.40 -5.53
N PRO CA 197 -3.50 -42.79 -6.70
CA PRO CA 197 -3.20 -41.36 -6.76
C PRO CA 197 -4.43 -40.52 -6.45
N LEU CA 198 -4.19 -39.28 -6.04
CA LEU CA 198 -5.24 -38.39 -5.57
C LEU CA 198 -5.15 -37.03 -6.24
N ASN CA 199 -6.21 -36.25 -6.08
CA ASN CA 199 -6.27 -34.85 -6.47
C ASN CA 199 -5.83 -34.00 -5.30
N THR CA 200 -6.03 -32.68 -5.41
CA THR CA 200 -5.89 -31.80 -4.25
C THR CA 200 -7.08 -31.92 -3.33
N GLN CA 201 -8.24 -32.34 -3.83
CA GLN CA 201 -9.42 -32.56 -3.02
C GLN CA 201 -9.54 -34.00 -2.52
N THR CA 202 -8.46 -34.77 -2.61
CA THR CA 202 -8.40 -36.12 -2.03
C THR CA 202 -9.48 -37.03 -2.62
N LEU CA 203 -9.70 -36.89 -3.92
CA LEU CA 203 -10.59 -37.76 -4.67
C LEU CA 203 -9.73 -38.56 -5.63
N GLY CA 204 -9.62 -39.87 -5.40
CA GLY CA 204 -8.70 -40.68 -6.16
C GLY CA 204 -9.07 -40.76 -7.63
N ILE CA 205 -8.04 -40.80 -8.47
CA ILE CA 205 -8.21 -40.97 -9.91
C ILE CA 205 -7.91 -42.43 -10.23
N GLY CA 206 -8.85 -43.09 -10.90
CA GLY CA 206 -8.70 -44.51 -11.15
C GLY CA 206 -8.77 -45.37 -9.92
N CYS CA 207 -9.27 -44.83 -8.80
CA CYS CA 207 -9.36 -45.59 -7.57
C CYS CA 207 -10.25 -44.82 -6.59
N GLN CA 208 -10.83 -45.55 -5.66
CA GLN CA 208 -11.60 -44.97 -4.56
C GLN CA 208 -10.73 -44.99 -3.31
N THR CA 209 -10.53 -43.82 -2.71
CA THR CA 209 -9.58 -43.70 -1.60
C THR CA 209 -9.98 -44.57 -0.41
N THR CA 210 -11.24 -44.97 -0.33
CA THR CA 210 -11.71 -45.78 0.79
C THR CA 210 -11.70 -47.27 0.48
N ASN CA 211 -11.98 -47.65 -0.76
CA ASN CA 211 -12.00 -49.05 -1.16
C ASN CA 211 -10.65 -49.43 -1.74
N VAL CA 212 -10.10 -50.54 -1.27
CA VAL CA 212 -8.77 -50.96 -1.69
C VAL CA 212 -8.78 -51.80 -2.97
N ASP CA 213 -9.93 -52.34 -3.36
CA ASP CA 213 -9.98 -53.15 -4.57
C ASP CA 213 -9.66 -52.32 -5.80
N SER CA 214 -10.16 -51.08 -5.86
CA SER CA 214 -9.95 -50.24 -7.02
C SER CA 214 -8.50 -49.84 -7.20
N PHE CA 215 -7.69 -49.94 -6.15
CA PHE CA 215 -6.29 -49.51 -6.19
C PHE CA 215 -5.54 -50.23 -7.30
N GLU CA 216 -4.51 -49.58 -7.81
CA GLU CA 216 -3.74 -50.08 -8.95
C GLU CA 216 -2.50 -50.76 -8.41
N THR CA 217 -2.51 -52.09 -8.40
CA THR CA 217 -1.36 -52.84 -7.93
C THR CA 217 -0.16 -52.60 -8.84
N VAL CA 218 1.00 -52.39 -8.23
CA VAL CA 218 2.24 -52.18 -8.96
C VAL CA 218 3.29 -53.24 -8.64
N ALA CA 219 3.10 -54.05 -7.60
CA ALA CA 219 3.95 -55.19 -7.33
C ALA CA 219 3.18 -56.14 -6.42
N GLU CA 220 3.30 -57.43 -6.67
CA GLU CA 220 2.58 -58.45 -5.90
C GLU CA 220 3.52 -59.55 -5.45
N ASN CA 221 3.43 -59.91 -4.17
CA ASN CA 221 4.08 -61.10 -3.62
C ASN CA 221 5.59 -61.08 -3.88
N GLU CA 222 6.17 -59.90 -3.80
CA GLU CA 222 7.59 -59.71 -4.09
C GLU CA 222 8.36 -59.52 -2.79
N LYS CA 223 9.48 -60.23 -2.68
CA LYS CA 223 10.35 -60.02 -1.53
C LYS CA 223 10.89 -58.59 -1.53
N LEU CA 224 11.25 -58.07 -2.70
CA LEU CA 224 11.77 -56.72 -2.84
C LEU CA 224 11.12 -56.07 -4.03
N ALA CA 225 10.68 -54.82 -3.86
CA ALA CA 225 10.08 -54.05 -4.96
C ALA CA 225 10.54 -52.61 -4.88
N ILE CA 226 11.17 -52.14 -5.95
CA ILE CA 226 11.58 -50.74 -6.08
C ILE CA 226 10.56 -50.09 -7.01
N VAL CA 227 9.58 -49.39 -6.44
CA VAL CA 227 8.50 -48.80 -7.23
C VAL CA 227 8.79 -47.33 -7.46
N ASP CA 228 8.74 -46.93 -8.73
CA ASP CA 228 8.66 -45.56 -9.16
C ASP CA 228 7.23 -45.27 -9.56
N VAL CA 229 6.73 -44.09 -9.21
CA VAL CA 229 5.42 -43.62 -9.63
C VAL CA 229 5.57 -42.18 -10.07
N VAL CA 230 4.47 -41.63 -10.61
CA VAL CA 230 4.51 -40.32 -11.24
C VAL CA 230 4.85 -39.28 -10.20
N ASP CA 231 5.89 -38.49 -10.46
CA ASP CA 231 6.45 -37.59 -9.46
C ASP CA 231 5.57 -36.36 -9.35
N GLY CA 232 5.20 -36.01 -8.12
CA GLY CA 232 4.42 -34.81 -7.85
C GLY CA 232 2.96 -35.07 -7.57
N ILE CA 233 2.51 -36.31 -7.58
CA ILE CA 233 1.11 -36.66 -7.32
C ILE CA 233 1.05 -37.43 -6.01
N ASN CA 234 0.21 -36.96 -5.09
CA ASN CA 234 0.02 -37.67 -3.84
C ASN CA 234 -0.59 -39.04 -4.08
N HIS CA 235 -0.09 -40.03 -3.37
CA HIS CA 235 -0.57 -41.39 -3.45
C HIS CA 235 -0.93 -41.87 -2.05
N LYS CA 236 -1.93 -42.74 -1.99
CA LYS CA 236 -2.21 -43.54 -0.81
C LYS CA 236 -1.81 -44.98 -1.09
N ILE CA 237 -1.13 -45.60 -0.14
CA ILE CA 237 -0.49 -46.89 -0.34
C ILE CA 237 -1.18 -47.91 0.56
N ASN CA 238 -1.20 -49.16 0.10
CA ASN CA 238 -1.67 -50.28 0.89
C ASN CA 238 -0.66 -51.40 0.76
N LEU CA 239 0.12 -51.61 1.82
CA LEU CA 239 1.13 -52.68 1.85
C LEU CA 239 1.17 -53.29 3.24
N THR CA 240 0.30 -54.28 3.48
CA THR CA 240 0.57 -55.43 4.34
C THR CA 240 1.54 -55.16 5.47
N THR CA 241 1.23 -54.20 6.34
CA THR CA 241 2.25 -53.60 7.20
C THR CA 241 2.94 -54.62 8.09
N THR CA 242 2.27 -55.73 8.42
CA THR CA 242 2.91 -56.73 9.28
C THR CA 242 4.06 -57.40 8.57
N THR CA 243 3.91 -57.68 7.28
CA THR CA 243 4.89 -58.46 6.53
C THR CA 243 5.98 -57.58 5.90
N CYS CA 244 5.58 -56.57 5.14
CA CYS CA 244 6.49 -55.80 4.32
C CYS CA 244 6.66 -54.38 4.86
N THR CA 245 7.91 -53.93 4.89
CA THR CA 245 8.26 -52.59 5.33
C THR CA 245 8.71 -51.78 4.12
N ILE CA 246 8.16 -50.57 3.97
CA ILE CA 246 8.40 -49.73 2.81
C ILE CA 246 9.07 -48.45 3.28
N ARG CA 247 10.04 -47.98 2.51
CA ARG CA 247 10.84 -46.82 2.87
C ARG CA 247 11.03 -45.91 1.66
N ASN CA 248 11.08 -44.61 1.95
CA ASN CA 248 11.24 -43.59 0.92
C ASN CA 248 12.72 -43.30 0.77
N CYS CA 249 13.29 -43.60 -0.40
CA CYS CA 249 14.73 -43.51 -0.59
C CYS CA 249 15.05 -42.58 -1.74
N LYS CA 250 16.21 -41.93 -1.62
CA LYS CA 250 16.80 -41.14 -2.69
C LYS CA 250 18.08 -41.82 -3.15
N LYS CA 251 18.27 -41.87 -4.46
CA LYS CA 251 19.43 -42.52 -5.07
C LYS CA 251 20.56 -41.52 -5.18
N LEU CA 252 21.53 -41.62 -4.28
CA LEU CA 252 22.73 -40.81 -4.34
C LEU CA 252 23.65 -41.40 -5.40
N GLY CA 253 24.93 -41.01 -5.38
CA GLY CA 253 25.88 -41.54 -6.34
C GLY CA 253 26.07 -43.04 -6.20
N PRO CA 254 27.09 -43.58 -6.84
CA PRO CA 254 27.25 -45.03 -6.85
C PRO CA 254 27.94 -45.54 -5.59
N ARG CA 255 27.82 -46.85 -5.38
CA ARG CA 255 28.49 -47.53 -4.28
C ARG CA 255 29.76 -48.18 -4.84
N GLU CA 256 30.91 -47.71 -4.38
CA GLU CA 256 32.19 -48.20 -4.89
C GLU CA 256 32.52 -49.60 -4.38
N ASN CA 257 31.78 -50.10 -3.39
CA ASN CA 257 32.20 -51.24 -2.62
C ASN CA 257 31.77 -52.57 -3.19
N VAL CA 258 30.78 -52.59 -4.07
CA VAL CA 258 30.07 -53.80 -4.43
C VAL CA 258 30.16 -54.02 -5.93
N ALA CA 259 30.43 -55.25 -6.33
CA ALA CA 259 30.40 -55.64 -7.73
C ALA CA 259 29.51 -56.86 -7.90
N VAL CA 260 28.71 -56.86 -8.96
CA VAL CA 260 27.73 -57.92 -9.21
C VAL CA 260 28.18 -58.71 -10.42
N ILE CA 261 28.49 -59.98 -10.20
CA ILE CA 261 28.94 -60.87 -11.27
C ILE CA 261 27.71 -61.68 -11.68
N GLN CA 262 27.02 -61.22 -12.72
CA GLN CA 262 25.99 -62.04 -13.31
C GLN CA 262 26.62 -63.28 -13.90
N VAL CA 263 25.95 -64.42 -13.71
CA VAL CA 263 26.51 -65.70 -14.09
C VAL CA 263 25.78 -66.32 -15.28
N GLY CA 264 24.61 -65.80 -15.65
CA GLY CA 264 23.79 -66.45 -16.65
C GLY CA 264 23.87 -65.87 -18.05
N GLY CA 265 22.90 -65.05 -18.41
CA GLY CA 265 22.57 -64.83 -19.80
C GLY CA 265 23.00 -63.51 -20.38
N ALA CA 266 22.08 -62.82 -21.05
CA ALA CA 266 22.42 -61.60 -21.76
C ALA CA 266 22.63 -60.45 -20.78
N ASN CA 267 23.21 -59.37 -21.29
CA ASN CA 267 23.45 -58.16 -20.50
C ASN CA 267 22.10 -57.48 -20.31
N ILE CA 268 21.32 -58.00 -19.35
CA ILE CA 268 19.93 -57.61 -19.18
C ILE CA 268 19.71 -56.63 -18.04
N LEU CA 269 20.66 -56.49 -17.12
CA LEU CA 269 20.47 -55.62 -15.98
C LEU CA 269 20.29 -54.18 -16.44
N ASP CA 270 19.28 -53.51 -15.90
CA ASP CA 270 19.06 -52.08 -16.10
C ASP CA 270 18.92 -51.48 -14.70
N ILE CA 271 20.01 -50.92 -14.19
CA ILE CA 271 19.97 -50.38 -12.83
C ILE CA 271 19.12 -49.12 -12.78
N THR CA 272 19.19 -48.28 -13.80
CA THR CA 272 18.51 -47.00 -13.80
C THR CA 272 17.09 -47.18 -14.31
N ALA CA 273 16.11 -46.77 -13.51
CA ALA CA 273 14.71 -46.92 -13.89
C ALA CA 273 14.36 -46.09 -15.12
N ASP CA 274 15.14 -45.08 -15.44
CA ASP CA 274 14.91 -44.31 -16.66
C ASP CA 274 14.98 -45.25 -17.87
N PRO CA 275 13.95 -45.28 -18.72
CA PRO CA 275 14.04 -46.13 -19.91
C PRO CA 275 15.19 -45.76 -20.83
N THR CA 276 15.53 -44.48 -20.94
CA THR CA 276 16.49 -44.07 -21.95
C THR CA 276 17.88 -44.61 -21.64
N THR CA 277 18.43 -44.23 -20.49
CA THR CA 277 19.80 -44.62 -20.17
C THR CA 277 19.83 -46.07 -19.71
N ASN CA 278 20.66 -46.89 -20.36
CA ASN CA 278 20.98 -48.24 -19.92
C ASN CA 278 22.49 -48.38 -19.98
N PRO CA 279 23.22 -47.68 -19.11
CA PRO CA 279 24.68 -47.64 -19.23
C PRO CA 279 25.35 -48.82 -18.56
N GLN CA 280 26.23 -49.51 -19.28
CA GLN CA 280 26.92 -50.69 -18.73
C GLN CA 280 28.03 -50.21 -17.82
N ILE CA 281 27.68 -50.02 -16.54
CA ILE CA 281 28.68 -49.63 -15.56
C ILE CA 281 29.68 -50.75 -15.39
N GLU CA 282 30.89 -50.41 -14.92
CA GLU CA 282 31.97 -51.38 -14.88
C GLU CA 282 31.77 -52.45 -13.81
N ARG CA 283 31.04 -52.13 -12.73
CA ARG CA 283 30.88 -53.08 -11.63
C ARG CA 283 29.83 -54.14 -11.92
N MET CA 284 29.08 -54.02 -13.02
CA MET CA 284 28.14 -55.04 -13.46
C MET CA 284 28.88 -56.01 -14.36
N MET CA 285 29.65 -56.90 -13.73
CA MET CA 285 30.41 -57.87 -14.48
C MET CA 285 29.53 -59.04 -14.87
N ARG CA 286 29.98 -59.81 -15.87
CA ARG CA 286 29.20 -60.93 -16.36
C ARG CA 286 30.14 -62.03 -16.83
N VAL CA 287 29.72 -63.27 -16.64
CA VAL CA 287 30.51 -64.42 -17.05
C VAL CA 287 29.58 -65.59 -17.34
N ASN CA 288 29.89 -66.34 -18.38
CA ASN CA 288 29.18 -67.58 -18.67
C ASN CA 288 29.68 -68.69 -17.76
N TRP CA 289 28.92 -69.79 -17.71
CA TRP CA 289 29.23 -70.82 -16.74
C TRP CA 289 28.59 -72.15 -17.11
N LYS CA 290 29.25 -73.22 -16.70
CA LYS CA 290 28.61 -74.53 -16.58
C LYS CA 290 28.93 -75.16 -15.23
N ARG CA 291 30.10 -74.84 -14.67
CA ARG CA 291 30.56 -75.42 -13.42
C ARG CA 291 30.91 -74.32 -12.42
N TRP CA 292 30.32 -74.41 -11.23
CA TRP CA 292 30.59 -73.42 -10.20
C TRP CA 292 32.05 -73.42 -9.81
N TRP CA 293 32.72 -74.57 -9.90
CA TRP CA 293 34.16 -74.59 -9.64
C TRP CA 293 34.89 -73.72 -10.64
N GLN CA 294 34.50 -73.79 -11.91
CA GLN CA 294 35.12 -72.93 -12.90
C GLN CA 294 34.83 -71.47 -12.61
N VAL CA 295 33.62 -71.16 -12.18
CA VAL CA 295 33.27 -69.78 -11.85
C VAL CA 295 34.16 -69.27 -10.73
N PHE CA 296 34.29 -70.05 -9.66
CA PHE CA 296 35.09 -69.60 -8.52
C PHE CA 296 36.55 -69.48 -8.89
N TYR CA 297 37.08 -70.41 -9.67
CA TYR CA 297 38.47 -70.29 -10.11
C TYR CA 297 38.67 -69.04 -10.95
N THR CA 298 37.71 -68.74 -11.82
CA THR CA 298 37.81 -67.52 -12.62
C THR CA 298 37.87 -66.29 -11.74
N ILE CA 299 36.97 -66.22 -10.75
CA ILE CA 299 36.95 -65.07 -9.87
C ILE CA 299 38.26 -64.97 -9.10
N VAL CA 300 38.77 -66.09 -8.62
CA VAL CA 300 40.00 -66.08 -7.85
C VAL CA 300 41.15 -65.58 -8.71
N ASP CA 301 41.28 -66.14 -9.92
CA ASP CA 301 42.41 -65.81 -10.76
C ASP CA 301 42.40 -64.34 -11.16
N TYR CA 302 41.21 -63.80 -11.45
CA TYR CA 302 41.09 -62.41 -11.88
C TYR CA 302 40.71 -61.47 -10.74
N ILE CA 303 40.89 -61.87 -9.49
CA ILE CA 303 40.44 -61.04 -8.37
C ILE CA 303 41.15 -59.69 -8.34
N ASN CA 304 42.32 -59.57 -8.96
CA ASN CA 304 42.94 -58.26 -9.07
C ASN CA 304 42.06 -57.32 -9.89
N GLN CA 305 41.55 -57.80 -11.01
CA GLN CA 305 40.74 -56.94 -11.88
C GLN CA 305 39.45 -56.55 -11.18
N ILE CA 306 38.85 -57.47 -10.42
CA ILE CA 306 37.55 -57.19 -9.81
C ILE CA 306 37.67 -56.09 -8.76
N VAL CA 307 38.65 -56.22 -7.87
CA VAL CA 307 38.83 -55.20 -6.84
C VAL CA 307 39.31 -53.90 -7.47
N GLN CA 308 40.04 -53.98 -8.58
CA GLN CA 308 40.39 -52.76 -9.29
C GLN CA 308 39.14 -52.06 -9.81
N VAL CA 309 38.19 -52.82 -10.34
CA VAL CA 309 36.94 -52.24 -10.81
C VAL CA 309 36.19 -51.61 -9.64
N MET CA 310 36.16 -52.30 -8.51
CA MET CA 310 35.57 -51.71 -7.31
C MET CA 310 36.52 -50.68 -6.72
N SER CA 311 36.10 -50.08 -5.61
CA SER CA 311 36.94 -49.13 -4.90
C SER CA 311 36.38 -48.95 -3.50
N LYS CA 312 37.14 -48.23 -2.67
CA LYS CA 312 36.73 -48.04 -1.29
C LYS CA 312 35.44 -47.21 -1.22
N ARG CA 313 34.64 -47.49 -0.20
CA ARG CA 313 33.38 -46.78 0.00
C ARG CA 313 33.65 -45.47 0.70
N SER CA 314 33.15 -44.38 0.12
CA SER CA 314 33.31 -43.03 0.64
C SER CA 314 31.94 -42.47 0.93
N ARG CA 315 31.45 -42.69 2.14
CA ARG CA 315 30.20 -42.08 2.58
C ARG CA 315 30.19 -42.06 4.10
N SER CA 316 29.81 -40.92 4.67
CA SER CA 316 29.67 -40.78 6.12
C SER CA 316 28.30 -41.34 6.50
N LEU CA 317 28.27 -42.63 6.81
CA LEU CA 317 27.02 -43.31 7.06
C LEU CA 317 26.36 -42.78 8.33
N ASN CA 318 25.12 -43.22 8.56
CA ASN CA 318 24.41 -42.91 9.78
C ASN CA 318 23.69 -44.12 10.37
N SER CA 319 23.89 -45.31 9.79
CA SER CA 319 23.23 -46.53 10.24
C SER CA 319 24.31 -47.55 10.61
N ALA CA 320 24.50 -47.76 11.91
CA ALA CA 320 25.48 -48.72 12.37
C ALA CA 320 25.08 -50.13 11.95
N ALA CA 321 26.08 -50.96 11.69
CA ALA CA 321 25.84 -52.35 11.36
C ALA CA 321 27.16 -53.10 11.40
N PHE CA 322 27.07 -54.41 11.48
CA PHE CA 322 28.27 -55.25 11.57
C PHE CA 322 29.06 -55.20 10.27
N TYR CA 323 30.37 -55.09 10.39
CA TYR CA 323 31.28 -55.14 9.25
C TYR CA 323 32.40 -56.12 9.56
N TYR CA 324 32.87 -56.82 8.54
CA TYR CA 324 33.96 -57.78 8.68
C TYR CA 324 35.28 -57.14 8.26
N ARG CA 325 35.67 -56.10 9.00
CA ARG CA 325 36.92 -55.40 8.73
C ARG CA 325 38.06 -56.04 9.52
N VAL CA 326 39.27 -55.64 9.17
CA VAL CA 326 40.47 -56.06 9.90
C VAL CA 326 41.03 -54.88 10.65
N GLN DA 51 9.33 -23.66 -54.46
CA GLN DA 51 10.66 -23.46 -55.00
C GLN DA 51 11.62 -24.35 -54.24
N ASN DA 52 11.81 -24.02 -52.97
CA ASN DA 52 12.53 -24.83 -52.01
C ASN DA 52 12.31 -24.17 -50.65
N TYR DA 53 13.02 -24.67 -49.64
CA TYR DA 53 13.16 -23.96 -48.37
C TYR DA 53 14.60 -23.47 -48.22
N GLY DA 54 15.17 -23.00 -49.34
CA GLY DA 54 16.55 -22.54 -49.36
C GLY DA 54 17.56 -23.63 -49.09
N LEU DA 55 17.33 -24.83 -49.62
CA LEU DA 55 18.26 -25.93 -49.39
C LEU DA 55 19.64 -25.63 -49.96
N ASN DA 56 19.68 -25.04 -51.15
CA ASN DA 56 20.90 -24.94 -51.92
C ASN DA 56 21.73 -23.71 -51.57
N ILE DA 57 21.56 -23.17 -50.36
CA ILE DA 57 22.47 -22.14 -49.86
C ILE DA 57 22.71 -22.37 -48.38
N PRO DA 58 23.89 -21.98 -47.90
CA PRO DA 58 24.29 -22.39 -46.56
C PRO DA 58 23.87 -21.41 -45.48
N ILE DA 59 23.45 -21.97 -44.34
CA ILE DA 59 23.10 -21.19 -43.17
C ILE DA 59 24.34 -21.03 -42.32
N THR DA 60 24.65 -19.80 -41.93
CA THR DA 60 25.81 -19.47 -41.13
C THR DA 60 25.42 -19.27 -39.68
N GLY DA 61 26.35 -19.58 -38.79
CA GLY DA 61 26.12 -19.39 -37.36
C GLY DA 61 27.43 -19.09 -36.67
N SER DA 62 27.34 -18.34 -35.58
CA SER DA 62 28.51 -17.91 -34.83
C SER DA 62 28.72 -18.80 -33.61
N MET DA 63 29.93 -19.29 -33.44
CA MET DA 63 30.28 -20.07 -32.26
C MET DA 63 30.61 -19.20 -31.06
N ASP DA 64 30.84 -17.91 -31.26
CA ASP DA 64 31.20 -16.98 -30.19
C ASP DA 64 30.03 -16.18 -29.65
N THR DA 65 28.82 -16.39 -30.16
CA THR DA 65 27.68 -15.57 -29.82
C THR DA 65 26.45 -16.45 -29.62
N VAL DA 66 25.77 -16.26 -28.49
CA VAL DA 66 24.51 -16.95 -28.23
C VAL DA 66 23.39 -16.14 -28.84
N TYR DA 67 22.69 -16.73 -29.80
CA TYR DA 67 21.59 -16.06 -30.46
C TYR DA 67 20.39 -15.99 -29.53
N SER DA 68 19.43 -15.12 -29.88
CA SER DA 68 18.28 -14.84 -29.03
C SER DA 68 16.96 -15.21 -29.70
N ASN DA 69 16.74 -14.77 -30.93
CA ASN DA 69 15.43 -14.93 -31.56
C ASN DA 69 15.20 -16.36 -32.00
N SER DA 70 13.94 -16.79 -31.90
CA SER DA 70 13.51 -18.11 -32.34
C SER DA 70 12.26 -17.96 -33.20
N THR DA 71 12.11 -18.87 -34.16
CA THR DA 71 11.01 -18.83 -35.12
C THR DA 71 9.82 -19.58 -34.54
N ARG DA 72 8.83 -18.85 -34.05
CA ARG DA 72 7.64 -19.45 -33.46
C ARG DA 72 6.69 -19.87 -34.59
N GLU DA 73 6.50 -21.17 -34.74
CA GLU DA 73 5.65 -21.72 -35.80
C GLU DA 73 4.87 -22.90 -35.25
N GLU DA 74 3.62 -23.02 -35.66
CA GLU DA 74 2.78 -24.13 -35.25
C GLU DA 74 1.57 -24.22 -36.17
N VAL DA 75 1.33 -25.41 -36.70
CA VAL DA 75 0.06 -25.75 -37.34
C VAL DA 75 -0.46 -26.97 -36.60
N PHE DA 76 -1.20 -26.72 -35.53
CA PHE DA 76 -1.54 -27.74 -34.55
C PHE DA 76 -2.45 -27.12 -33.51
N LEU DA 77 -3.02 -27.99 -32.67
CA LEU DA 77 -3.46 -27.55 -31.35
C LEU DA 77 -2.30 -27.63 -30.38
N THR DA 78 -1.70 -28.81 -30.26
CA THR DA 78 -0.52 -29.08 -29.44
C THR DA 78 -0.10 -30.52 -29.72
N SER DA 79 1.20 -30.79 -29.60
CA SER DA 79 1.72 -32.10 -29.94
C SER DA 79 1.05 -33.19 -29.13
N THR DA 80 1.06 -34.40 -29.66
CA THR DA 80 0.26 -35.51 -29.15
C THR DA 80 1.13 -36.73 -28.88
N LEU DA 81 1.41 -36.99 -27.61
CA LEU DA 81 2.02 -38.25 -27.23
C LEU DA 81 1.05 -39.39 -27.53
N CYS DA 82 1.58 -40.59 -27.74
CA CYS DA 82 0.72 -41.58 -28.37
C CYS DA 82 1.27 -42.98 -28.14
N LEU DA 83 0.61 -43.75 -27.28
CA LEU DA 83 1.08 -45.06 -26.87
C LEU DA 83 0.40 -46.15 -27.69
N TYR DA 84 1.19 -47.13 -28.13
CA TYR DA 84 0.68 -48.36 -28.75
C TYR DA 84 1.01 -49.50 -27.80
N TYR DA 85 0.00 -50.03 -27.11
CA TYR DA 85 0.25 -51.07 -26.13
C TYR DA 85 -0.35 -52.41 -26.58
N PRO DA 86 0.18 -53.54 -26.16
CA PRO DA 86 -0.49 -54.81 -26.45
C PRO DA 86 -1.72 -55.02 -25.57
N THR DA 87 -2.67 -55.79 -26.09
CA THR DA 87 -3.93 -55.97 -25.40
C THR DA 87 -3.75 -56.68 -24.06
N GLU DA 88 -2.72 -57.50 -23.93
CA GLU DA 88 -2.47 -58.16 -22.66
C GLU DA 88 -2.17 -57.16 -21.56
N ALA DA 89 -1.70 -55.96 -21.91
CA ALA DA 89 -1.51 -54.93 -20.90
C ALA DA 89 -2.82 -54.55 -20.24
N SER DA 90 -3.83 -54.22 -21.05
CA SER DA 90 -5.13 -53.89 -20.49
C SER DA 90 -5.73 -55.09 -19.77
N THR DA 91 -5.53 -56.29 -20.33
CA THR DA 91 -6.08 -57.49 -19.71
C THR DA 91 -5.52 -57.68 -18.31
N GLN DA 92 -4.20 -57.50 -18.14
CA GLN DA 92 -3.61 -57.64 -16.82
C GLN DA 92 -4.00 -56.50 -15.90
N ILE DA 93 -4.16 -55.29 -16.45
CA ILE DA 93 -4.57 -54.16 -15.62
C ILE DA 93 -5.93 -54.41 -15.01
N SER DA 94 -6.87 -54.92 -15.81
CA SER DA 94 -8.21 -55.27 -15.34
C SER DA 94 -8.88 -54.07 -14.67
N ASP DA 95 -9.05 -53.02 -15.47
CA ASP DA 95 -9.55 -51.74 -15.00
C ASP DA 95 -10.24 -51.17 -16.24
N GLY DA 96 -10.27 -49.85 -16.43
CA GLY DA 96 -11.02 -49.32 -17.53
C GLY DA 96 -11.40 -47.86 -17.41
N GLU DA 97 -11.14 -47.27 -16.25
CA GLU DA 97 -10.85 -45.85 -16.17
C GLU DA 97 -9.35 -45.59 -16.21
N TRP DA 98 -8.57 -46.57 -16.67
CA TRP DA 98 -7.11 -46.44 -16.65
C TRP DA 98 -6.61 -45.53 -17.76
N LYS DA 99 -7.30 -45.47 -18.90
CA LYS DA 99 -6.94 -44.46 -19.89
C LYS DA 99 -7.13 -43.07 -19.33
N ASP DA 100 -8.24 -42.86 -18.61
CA ASP DA 100 -8.46 -41.58 -17.95
C ASP DA 100 -7.37 -41.30 -16.93
N SER DA 101 -6.99 -42.30 -16.15
CA SER DA 101 -5.96 -42.12 -15.14
C SER DA 101 -4.64 -41.74 -15.79
N LEU DA 102 -4.26 -42.43 -16.86
CA LEU DA 102 -2.99 -42.14 -17.52
C LEU DA 102 -3.00 -40.74 -18.13
N SER DA 103 -4.12 -40.35 -18.74
CA SER DA 103 -4.20 -39.00 -19.27
C SER DA 103 -4.06 -37.96 -18.16
N GLN DA 104 -4.65 -38.24 -16.99
CA GLN DA 104 -4.49 -37.33 -15.87
C GLN DA 104 -3.04 -37.24 -15.43
N MET DA 105 -2.34 -38.37 -15.41
CA MET DA 105 -0.91 -38.35 -15.08
C MET DA 105 -0.14 -37.49 -16.07
N PHE DA 106 -0.43 -37.65 -17.36
CA PHE DA 106 0.30 -36.88 -18.35
C PHE DA 106 -0.05 -35.41 -18.26
N LEU DA 107 -1.22 -35.09 -17.71
CA LEU DA 107 -1.54 -33.69 -17.47
C LEU DA 107 -0.57 -33.08 -16.47
N ILE DA 108 -0.22 -33.82 -15.42
CA ILE DA 108 0.82 -33.36 -14.50
C ILE DA 108 2.13 -33.23 -15.24
N LYS DA 109 2.49 -34.25 -16.02
CA LYS DA 109 3.80 -34.22 -16.66
C LYS DA 109 3.91 -33.12 -17.70
N GLY DA 110 2.79 -32.57 -18.17
CA GLY DA 110 2.81 -31.40 -19.02
C GLY DA 110 2.26 -31.61 -20.41
N TRP DA 111 1.30 -32.53 -20.53
CA TRP DA 111 0.58 -32.75 -21.78
C TRP DA 111 -0.89 -32.43 -21.56
N PRO DA 112 -1.50 -31.48 -22.27
CA PRO DA 112 -2.95 -31.25 -22.08
C PRO DA 112 -3.75 -32.53 -22.29
N THR DA 113 -5.03 -32.46 -21.92
CA THR DA 113 -5.88 -33.66 -21.97
C THR DA 113 -5.94 -34.22 -23.38
N GLY DA 114 -6.31 -33.39 -24.34
CA GLY DA 114 -6.56 -33.89 -25.69
C GLY DA 114 -5.35 -34.38 -26.44
N SER DA 115 -4.15 -34.27 -25.87
CA SER DA 115 -2.93 -34.62 -26.58
C SER DA 115 -2.66 -36.12 -26.54
N VAL DA 116 -2.62 -36.71 -25.36
CA VAL DA 116 -2.14 -38.09 -25.25
C VAL DA 116 -3.22 -39.04 -25.73
N TYR DA 117 -2.84 -39.96 -26.62
CA TYR DA 117 -3.74 -40.94 -27.19
C TYR DA 117 -3.22 -42.35 -26.94
N PHE DA 118 -4.14 -43.30 -26.95
CA PHE DA 118 -3.86 -44.69 -26.60
C PHE DA 118 -4.41 -45.59 -27.68
N LYS DA 119 -3.65 -46.63 -28.04
CA LYS DA 119 -4.03 -47.53 -29.11
C LYS DA 119 -3.70 -48.96 -28.71
N GLU DA 120 -4.73 -49.79 -28.63
CA GLU DA 120 -4.56 -51.20 -28.37
C GLU DA 120 -4.18 -51.91 -29.67
N TYR DA 121 -3.32 -52.91 -29.55
CA TYR DA 121 -3.06 -53.84 -30.64
C TYR DA 121 -2.96 -55.25 -30.05
N SER DA 122 -3.32 -56.24 -30.85
CA SER DA 122 -3.48 -57.60 -30.33
C SER DA 122 -2.13 -58.19 -29.95
N ASN DA 123 -1.25 -58.36 -30.93
CA ASN DA 123 0.10 -58.84 -30.68
C ASN DA 123 0.97 -58.34 -31.82
N ILE DA 124 2.29 -58.36 -31.59
CA ILE DA 124 3.20 -57.62 -32.46
C ILE DA 124 3.15 -58.15 -33.88
N VAL DA 125 3.03 -59.47 -34.04
CA VAL DA 125 2.96 -60.04 -35.38
C VAL DA 125 1.72 -59.54 -36.11
N ASP DA 126 0.61 -59.38 -35.39
CA ASP DA 126 -0.60 -58.88 -36.01
C ASP DA 126 -0.50 -57.39 -36.31
N PHE DA 127 0.04 -56.60 -35.37
CA PHE DA 127 0.17 -55.17 -35.56
C PHE DA 127 1.15 -54.84 -36.67
N SER DA 128 2.07 -55.76 -37.00
CA SER DA 128 3.05 -55.48 -38.03
C SER DA 128 2.42 -55.22 -39.38
N VAL DA 129 1.28 -55.85 -39.68
CA VAL DA 129 0.72 -55.76 -41.02
C VAL DA 129 0.21 -54.33 -41.24
N ASP DA 130 0.93 -53.58 -42.05
CA ASP DA 130 0.55 -52.21 -42.39
C ASP DA 130 0.43 -51.37 -41.13
N PRO DA 131 1.53 -51.05 -40.46
CA PRO DA 131 1.42 -50.26 -39.23
C PRO DA 131 1.11 -48.82 -39.53
N GLN DA 132 -0.12 -48.41 -39.22
CA GLN DA 132 -0.57 -47.04 -39.42
C GLN DA 132 -0.33 -46.28 -38.12
N LEU DA 133 0.69 -45.42 -38.11
CA LEU DA 133 1.01 -44.60 -36.95
C LEU DA 133 0.29 -43.25 -37.11
N TYR DA 134 -0.97 -43.23 -36.66
CA TYR DA 134 -1.87 -42.13 -36.96
C TYR DA 134 -1.64 -40.95 -36.04
N CYS DA 135 -0.40 -40.51 -35.81
CA CYS DA 135 -0.21 -39.86 -34.53
C CYS DA 135 1.18 -39.22 -34.49
N ASP DA 136 1.41 -38.35 -33.50
CA ASP DA 136 2.55 -37.42 -33.56
C ASP DA 136 3.82 -37.92 -32.88
N TYR DA 137 3.81 -38.03 -31.55
CA TYR DA 137 4.93 -38.61 -30.79
C TYR DA 137 4.55 -40.06 -30.48
N ASN DA 138 5.03 -40.95 -31.32
CA ASN DA 138 4.62 -42.34 -31.28
C ASN DA 138 5.58 -43.15 -30.42
N LEU DA 139 5.03 -43.92 -29.49
CA LEU DA 139 5.76 -44.92 -28.73
C LEU DA 139 5.09 -46.26 -28.92
N VAL DA 140 5.88 -47.30 -29.13
CA VAL DA 140 5.37 -48.65 -29.28
C VAL DA 140 5.94 -49.49 -28.15
N LEU DA 141 5.06 -50.04 -27.30
CA LEU DA 141 5.47 -50.92 -26.21
C LEU DA 141 5.46 -52.34 -26.75
N MET DA 142 6.64 -52.87 -27.04
CA MET DA 142 6.79 -54.20 -27.59
C MET DA 142 7.12 -55.16 -26.47
N LYS DA 143 6.14 -55.97 -26.06
CA LYS DA 143 6.38 -56.97 -25.04
C LYS DA 143 7.21 -58.10 -25.64
N TYR DA 144 8.46 -58.20 -25.24
CA TYR DA 144 9.35 -59.20 -25.83
C TYR DA 144 8.91 -60.59 -25.45
N ASP DA 145 9.00 -61.51 -26.41
CA ASP DA 145 8.89 -62.93 -26.12
C ASP DA 145 9.79 -63.68 -27.06
N GLN DA 146 10.25 -64.86 -26.62
CA GLN DA 146 11.16 -65.65 -27.43
C GLN DA 146 10.46 -66.12 -28.70
N SER DA 147 11.25 -66.32 -29.74
CA SER DA 147 10.86 -66.76 -31.07
C SER DA 147 10.22 -65.65 -31.89
N LEU DA 148 9.96 -64.47 -31.32
CA LEU DA 148 9.50 -63.31 -32.06
C LEU DA 148 10.63 -62.30 -32.26
N GLU DA 149 11.88 -62.76 -32.16
CA GLU DA 149 13.01 -61.86 -32.29
C GLU DA 149 13.00 -61.17 -33.64
N LEU DA 150 12.92 -61.96 -34.72
CA LEU DA 150 12.98 -61.36 -36.05
C LEU DA 150 11.77 -60.51 -36.33
N ASP DA 151 10.57 -60.95 -35.92
CA ASP DA 151 9.38 -60.16 -36.19
C ASP DA 151 9.44 -58.82 -35.48
N MET DA 152 9.85 -58.83 -34.22
CA MET DA 152 10.02 -57.57 -33.49
C MET DA 152 11.04 -56.68 -34.19
N SER DA 153 12.20 -57.23 -34.52
CA SER DA 153 13.25 -56.43 -35.14
C SER DA 153 12.80 -55.90 -36.50
N GLU DA 154 11.98 -56.67 -37.21
CA GLU DA 154 11.57 -56.28 -38.55
C GLU DA 154 10.53 -55.17 -38.49
N LEU DA 155 9.58 -55.27 -37.57
CA LEU DA 155 8.67 -54.16 -37.36
C LEU DA 155 9.42 -52.91 -36.91
N ALA DA 156 10.40 -53.07 -36.03
CA ALA DA 156 11.19 -51.93 -35.60
C ALA DA 156 11.91 -51.29 -36.78
N ASP DA 157 12.49 -52.11 -37.65
CA ASP DA 157 13.14 -51.59 -38.85
C ASP DA 157 12.14 -50.84 -39.71
N LEU DA 158 10.90 -51.33 -39.79
CA LEU DA 158 9.90 -50.69 -40.62
C LEU DA 158 9.52 -49.32 -40.06
N ILE DA 159 9.22 -49.24 -38.76
CA ILE DA 159 8.65 -48.00 -38.24
C ILE DA 159 9.74 -46.98 -37.94
N LEU DA 160 10.88 -47.41 -37.38
CA LEU DA 160 11.92 -46.45 -37.01
C LEU DA 160 12.57 -45.80 -38.23
N ASN DA 161 12.33 -46.30 -39.44
CA ASN DA 161 12.96 -45.80 -40.65
C ASN DA 161 11.91 -45.32 -41.63
N GLU DA 162 12.23 -44.26 -42.37
CA GLU DA 162 11.39 -43.84 -43.48
C GLU DA 162 11.66 -44.74 -44.68
N TRP DA 163 10.61 -44.99 -45.45
CA TRP DA 163 10.70 -45.84 -46.63
C TRP DA 163 9.98 -45.16 -47.77
N LEU DA 164 10.41 -45.46 -48.99
CA LEU DA 164 9.83 -44.94 -50.22
C LEU DA 164 9.52 -46.12 -51.11
N CYS DA 165 8.24 -46.43 -51.28
CA CYS DA 165 7.80 -47.70 -51.84
C CYS DA 165 7.05 -47.50 -53.15
N ASN DA 166 7.38 -48.35 -54.11
CA ASN DA 166 6.67 -48.51 -55.36
C ASN DA 166 5.95 -49.86 -55.36
N PRO DA 167 4.85 -50.00 -56.09
CA PRO DA 167 4.22 -51.32 -56.19
C PRO DA 167 5.04 -52.24 -57.08
N MET DA 168 4.79 -53.53 -56.92
CA MET DA 168 5.53 -54.57 -57.64
C MET DA 168 4.52 -55.45 -58.35
N ASP DA 169 4.33 -55.22 -59.65
CA ASP DA 169 3.47 -56.10 -60.42
C ASP DA 169 4.18 -57.44 -60.55
N ILE DA 170 3.88 -58.33 -59.62
CA ILE DA 170 4.66 -59.56 -59.49
C ILE DA 170 4.43 -60.49 -60.68
N THR DA 171 3.19 -60.56 -61.16
CA THR DA 171 2.82 -61.60 -62.10
C THR DA 171 3.33 -61.37 -63.50
N LEU DA 172 3.91 -60.20 -63.79
CA LEU DA 172 4.33 -59.85 -65.14
C LEU DA 172 5.83 -59.70 -65.28
N TYR DA 173 6.47 -58.87 -64.46
CA TYR DA 173 7.86 -58.49 -64.65
C TYR DA 173 8.79 -59.29 -63.74
N TYR DA 174 10.08 -58.99 -63.85
CA TYR DA 174 11.11 -59.46 -62.94
C TYR DA 174 11.72 -58.26 -62.25
N TYR DA 175 12.27 -58.46 -61.05
CA TYR DA 175 12.72 -57.37 -60.21
C TYR DA 175 14.11 -57.63 -59.68
N GLN DA 176 14.87 -56.55 -59.52
CA GLN DA 176 16.19 -56.54 -58.91
C GLN DA 176 16.13 -55.71 -57.64
N GLN DA 177 17.30 -55.45 -57.06
CA GLN DA 177 17.44 -54.53 -55.95
C GLN DA 177 18.58 -53.57 -56.27
N SER DA 178 18.29 -52.27 -56.22
CA SER DA 178 19.23 -51.28 -56.71
C SER DA 178 20.51 -51.26 -55.88
N GLY DA 179 20.39 -51.44 -54.57
CA GLY DA 179 21.57 -51.40 -53.74
C GLY DA 179 21.27 -51.75 -52.31
N GLU DA 180 22.19 -51.34 -51.43
CA GLU DA 180 22.07 -51.66 -50.01
C GLU DA 180 20.79 -51.11 -49.41
N SER DA 181 20.28 -50.01 -49.94
CA SER DA 181 19.12 -49.35 -49.35
C SER DA 181 17.79 -49.97 -49.77
N ASN DA 182 17.79 -50.89 -50.73
CA ASN DA 182 16.53 -51.43 -51.24
C ASN DA 182 16.13 -52.69 -50.49
N LYS DA 183 14.83 -52.90 -50.39
CA LYS DA 183 14.26 -54.11 -49.82
C LYS DA 183 12.93 -54.35 -50.53
N TRP DA 184 12.33 -55.50 -50.25
CA TRP DA 184 10.93 -55.72 -50.60
C TRP DA 184 10.16 -55.96 -49.31
N ILE DA 185 9.15 -55.15 -49.07
CA ILE DA 185 8.30 -55.28 -47.89
C ILE DA 185 7.03 -55.99 -48.34
N SER DA 186 6.78 -57.17 -47.77
CA SER DA 186 5.58 -57.95 -48.07
C SER DA 186 4.70 -57.94 -46.83
N MET DA 187 3.46 -57.50 -47.01
CA MET DA 187 2.54 -57.30 -45.90
C MET DA 187 1.18 -57.86 -46.29
N GLY DA 188 0.52 -58.50 -45.34
CA GLY DA 188 -0.81 -59.01 -45.59
C GLY DA 188 -1.17 -60.10 -44.60
N SER DA 189 -2.28 -60.78 -44.90
CA SER DA 189 -2.79 -61.80 -43.98
C SER DA 189 -1.80 -62.94 -43.81
N SER DA 190 -1.21 -63.42 -44.91
CA SER DA 190 -0.25 -64.51 -44.82
C SER DA 190 0.65 -64.44 -46.06
N CYS DA 191 1.84 -63.90 -45.89
CA CYS DA 191 2.81 -63.79 -46.97
C CYS DA 191 3.70 -65.03 -46.97
N THR DA 192 3.83 -65.66 -48.14
CA THR DA 192 4.75 -66.78 -48.33
C THR DA 192 5.57 -66.48 -49.58
N VAL DA 193 6.65 -65.72 -49.38
CA VAL DA 193 7.47 -65.30 -50.50
C VAL DA 193 8.24 -66.50 -51.02
N LYS DA 194 8.28 -66.68 -52.34
CA LYS DA 194 9.15 -67.67 -52.97
C LYS DA 194 9.85 -66.98 -54.14
N VAL DA 195 11.16 -66.80 -54.03
CA VAL DA 195 11.95 -66.12 -55.04
C VAL DA 195 12.74 -67.14 -55.82
N CYS DA 196 13.04 -66.82 -57.06
CA CYS DA 196 13.83 -67.66 -57.95
C CYS DA 196 14.80 -66.74 -58.71
N PRO DA 197 16.10 -66.78 -58.42
CA PRO DA 197 17.04 -65.96 -59.17
C PRO DA 197 17.19 -66.45 -60.61
N LEU DA 198 17.56 -65.52 -61.49
CA LEU DA 198 17.59 -65.75 -62.93
C LEU DA 198 18.97 -65.48 -63.49
N ASN DA 199 19.39 -66.30 -64.45
CA ASN DA 199 20.64 -66.10 -65.15
C ASN DA 199 20.54 -64.86 -66.03
N THR DA 200 21.66 -64.52 -66.70
CA THR DA 200 21.62 -63.50 -67.73
C THR DA 200 20.77 -63.91 -68.92
N GLN DA 201 20.57 -65.22 -69.12
CA GLN DA 201 19.69 -65.73 -70.16
C GLN DA 201 18.24 -65.82 -69.70
N THR DA 202 17.91 -65.25 -68.54
CA THR DA 202 16.57 -65.36 -67.97
C THR DA 202 16.19 -66.83 -67.79
N LEU DA 203 17.14 -67.63 -67.34
CA LEU DA 203 16.93 -69.01 -66.94
C LEU DA 203 17.26 -69.14 -65.46
N GLY DA 204 16.36 -69.73 -64.70
CA GLY DA 204 16.55 -69.79 -63.26
C GLY DA 204 17.74 -70.64 -62.87
N ILE DA 205 18.33 -70.30 -61.73
CA ILE DA 205 19.45 -71.03 -61.15
C ILE DA 205 18.98 -71.63 -59.83
N GLY DA 206 19.10 -72.94 -59.71
CA GLY DA 206 18.55 -73.65 -58.56
C GLY DA 206 17.05 -73.77 -58.55
N CYS DA 207 16.37 -73.32 -59.61
CA CYS DA 207 14.92 -73.30 -59.67
C CYS DA 207 14.43 -73.09 -61.10
N GLN DA 208 13.67 -74.04 -61.63
CA GLN DA 208 13.12 -73.87 -62.98
C GLN DA 208 12.08 -72.76 -62.94
N THR DA 209 12.18 -71.84 -63.90
CA THR DA 209 11.34 -70.65 -63.87
C THR DA 209 9.86 -70.97 -64.07
N THR DA 210 9.54 -72.16 -64.58
CA THR DA 210 8.15 -72.55 -64.78
C THR DA 210 7.59 -73.20 -63.52
N ASN DA 211 8.20 -74.29 -63.09
CA ASN DA 211 7.77 -74.95 -61.86
C ASN DA 211 8.01 -74.04 -60.67
N VAL DA 212 7.00 -73.93 -59.80
CA VAL DA 212 7.08 -73.05 -58.65
C VAL DA 212 7.53 -73.78 -57.38
N ASP DA 213 7.39 -75.10 -57.33
CA ASP DA 213 7.84 -75.84 -56.16
C ASP DA 213 9.34 -75.71 -55.97
N SER DA 214 10.10 -75.63 -57.07
CA SER DA 214 11.55 -75.51 -56.97
C SER DA 214 12.01 -74.17 -56.42
N PHE DA 215 11.12 -73.18 -56.34
CA PHE DA 215 11.51 -71.84 -55.93
C PHE DA 215 12.03 -71.84 -54.51
N GLU DA 216 13.01 -70.98 -54.25
CA GLU DA 216 13.63 -70.85 -52.94
C GLU DA 216 12.77 -69.95 -52.08
N THR DA 217 12.13 -70.53 -51.07
CA THR DA 217 11.34 -69.75 -50.13
C THR DA 217 12.24 -68.91 -49.23
N VAL DA 218 11.81 -67.68 -48.96
CA VAL DA 218 12.57 -66.77 -48.11
C VAL DA 218 11.75 -66.26 -46.94
N ALA DA 219 10.43 -66.25 -47.03
CA ALA DA 219 9.56 -65.90 -45.92
C ALA DA 219 8.35 -66.81 -45.97
N GLU DA 220 8.01 -67.42 -44.84
CA GLU DA 220 6.99 -68.46 -44.78
C GLU DA 220 5.90 -68.03 -43.81
N ASN DA 221 4.80 -67.51 -44.36
CA ASN DA 221 3.60 -67.22 -43.58
C ASN DA 221 3.90 -66.20 -42.47
N GLU DA 222 4.34 -65.02 -42.89
CA GLU DA 222 4.58 -63.89 -42.01
C GLU DA 222 3.63 -62.76 -42.36
N LYS DA 223 3.06 -62.13 -41.33
CA LYS DA 223 2.22 -60.95 -41.57
C LYS DA 223 3.03 -59.85 -42.22
N LEU DA 224 4.27 -59.65 -41.76
CA LEU DA 224 5.19 -58.67 -42.33
C LEU DA 224 6.52 -59.36 -42.56
N ALA DA 225 7.11 -59.14 -43.73
CA ALA DA 225 8.45 -59.62 -44.03
C ALA DA 225 9.19 -58.56 -44.81
N ILE DA 226 10.48 -58.41 -44.54
CA ILE DA 226 11.34 -57.45 -45.21
C ILE DA 226 12.43 -58.30 -45.85
N VAL DA 227 12.19 -58.73 -47.08
CA VAL DA 227 13.11 -59.64 -47.76
C VAL DA 227 14.17 -58.82 -48.47
N ASP DA 228 15.43 -59.17 -48.21
CA ASP DA 228 16.57 -58.70 -48.96
C ASP DA 228 17.11 -59.87 -49.77
N VAL DA 229 17.33 -59.63 -51.07
CA VAL DA 229 17.93 -60.61 -51.95
C VAL DA 229 19.18 -60.00 -52.56
N VAL DA 230 19.86 -60.77 -53.39
CA VAL DA 230 21.16 -60.38 -53.89
C VAL DA 230 20.98 -59.27 -54.91
N ASP DA 231 21.66 -58.15 -54.70
CA ASP DA 231 21.43 -56.94 -55.48
C ASP DA 231 22.16 -57.07 -56.80
N GLY DA 232 21.41 -57.34 -57.87
CA GLY DA 232 21.96 -57.52 -59.19
C GLY DA 232 21.42 -58.75 -59.90
N ILE DA 233 20.55 -59.50 -59.26
CA ILE DA 233 20.00 -60.74 -59.79
C ILE DA 233 18.54 -60.51 -60.10
N ASN DA 234 18.16 -60.68 -61.37
CA ASN DA 234 16.75 -60.69 -61.71
C ASN DA 234 16.07 -61.84 -60.97
N HIS DA 235 14.83 -61.63 -60.56
CA HIS DA 235 14.11 -62.58 -59.72
C HIS DA 235 12.71 -62.78 -60.26
N LYS DA 236 12.19 -64.00 -60.11
CA LYS DA 236 10.77 -64.26 -60.26
C LYS DA 236 10.20 -64.61 -58.90
N ILE DA 237 9.11 -63.95 -58.53
CA ILE DA 237 8.58 -64.00 -57.18
C ILE DA 237 7.17 -64.57 -57.23
N ASN DA 238 6.84 -65.41 -56.26
CA ASN DA 238 5.54 -66.05 -56.16
C ASN DA 238 5.06 -65.95 -54.72
N LEU DA 239 3.92 -65.28 -54.52
CA LEU DA 239 3.24 -65.34 -53.24
C LEU DA 239 1.80 -64.91 -53.44
N THR DA 240 0.86 -65.85 -53.36
CA THR DA 240 -0.45 -65.65 -52.76
C THR DA 240 -0.98 -64.23 -52.92
N THR DA 241 -1.12 -63.75 -54.15
CA THR DA 241 -1.35 -62.32 -54.39
C THR DA 241 -2.59 -61.81 -53.68
N THR DA 242 -3.56 -62.67 -53.40
CA THR DA 242 -4.78 -62.23 -52.73
C THR DA 242 -4.51 -61.79 -51.30
N THR DA 243 -3.80 -62.62 -50.53
CA THR DA 243 -3.64 -62.39 -49.10
C THR DA 243 -2.40 -61.57 -48.74
N CYS DA 244 -1.53 -61.27 -49.72
CA CYS DA 244 -0.31 -60.53 -49.43
C CYS DA 244 0.01 -59.58 -50.57
N THR DA 245 0.62 -58.46 -50.23
CA THR DA 245 1.03 -57.44 -51.17
C THR DA 245 2.48 -57.08 -50.90
N ILE DA 246 3.30 -57.10 -51.95
CA ILE DA 246 4.73 -56.84 -51.84
C ILE DA 246 5.04 -55.55 -52.56
N ARG DA 247 5.96 -54.76 -51.99
CA ARG DA 247 6.32 -53.47 -52.53
C ARG DA 247 7.82 -53.28 -52.50
N ASN DA 248 8.33 -52.67 -53.57
CA ASN DA 248 9.76 -52.39 -53.71
C ASN DA 248 10.06 -51.09 -52.98
N CYS DA 249 10.77 -51.17 -51.85
CA CYS DA 249 10.91 -50.05 -50.93
C CYS DA 249 12.38 -49.68 -50.77
N LYS DA 250 12.74 -48.46 -51.14
CA LYS DA 250 14.00 -47.89 -50.72
C LYS DA 250 13.86 -47.43 -49.27
N LYS DA 251 15.00 -47.40 -48.57
CA LYS DA 251 15.05 -46.86 -47.22
C LYS DA 251 15.72 -45.49 -47.28
N LEU DA 252 14.94 -44.45 -46.97
CA LEU DA 252 15.48 -43.12 -46.79
C LEU DA 252 16.09 -43.03 -45.40
N GLY DA 253 16.39 -41.83 -44.94
CA GLY DA 253 16.92 -41.64 -43.61
C GLY DA 253 15.98 -42.16 -42.55
N PRO DA 254 16.41 -42.11 -41.30
CA PRO DA 254 15.59 -42.66 -40.22
C PRO DA 254 14.45 -41.74 -39.86
N ARG DA 255 13.30 -42.32 -39.57
CA ARG DA 255 12.18 -41.58 -39.01
C ARG DA 255 12.49 -41.31 -37.55
N GLU DA 256 12.72 -40.04 -37.22
CA GLU DA 256 13.13 -39.64 -35.89
C GLU DA 256 11.94 -39.26 -35.03
N ASN DA 257 10.80 -39.90 -35.26
CA ASN DA 257 9.53 -39.58 -34.62
C ASN DA 257 9.05 -40.71 -33.73
N VAL DA 258 8.91 -41.91 -34.28
CA VAL DA 258 8.48 -43.06 -33.50
C VAL DA 258 9.62 -43.55 -32.64
N ALA DA 259 9.28 -44.22 -31.54
CA ALA DA 259 10.26 -44.85 -30.68
C ALA DA 259 9.71 -46.19 -30.20
N VAL DA 260 10.62 -47.09 -29.88
CA VAL DA 260 10.30 -48.46 -29.53
C VAL DA 260 10.79 -48.70 -28.12
N ILE DA 261 9.86 -49.03 -27.22
CA ILE DA 261 10.18 -49.42 -25.85
C ILE DA 261 9.98 -50.92 -25.77
N GLN DA 262 11.08 -51.66 -25.69
CA GLN DA 262 11.03 -53.10 -25.50
C GLN DA 262 10.77 -53.37 -24.04
N VAL DA 263 9.60 -53.93 -23.73
CA VAL DA 263 9.18 -54.04 -22.35
C VAL DA 263 9.83 -55.23 -21.66
N GLY DA 264 10.16 -56.27 -22.41
CA GLY DA 264 10.70 -57.49 -21.82
C GLY DA 264 12.21 -57.56 -21.77
N GLY DA 265 12.76 -58.72 -22.07
CA GLY DA 265 14.15 -59.01 -21.80
C GLY DA 265 15.15 -58.54 -22.83
N ALA DA 266 16.07 -59.44 -23.20
CA ALA DA 266 17.36 -59.10 -23.78
C ALA DA 266 17.30 -58.17 -24.98
N ASN DA 267 18.42 -57.49 -25.27
CA ASN DA 267 18.51 -56.52 -26.34
C ASN DA 267 18.79 -57.24 -27.65
N ILE DA 268 17.80 -57.29 -28.52
CA ILE DA 268 17.89 -58.06 -29.76
C ILE DA 268 17.46 -57.28 -30.99
N LEU DA 269 17.09 -56.02 -30.86
CA LEU DA 269 16.70 -55.24 -32.02
C LEU DA 269 17.89 -55.05 -32.94
N ASP DA 270 17.68 -55.28 -34.23
CA ASP DA 270 18.67 -54.99 -35.27
C ASP DA 270 17.91 -54.40 -36.45
N ILE DA 271 17.77 -53.08 -36.47
CA ILE DA 271 17.08 -52.47 -37.60
C ILE DA 271 17.91 -52.61 -38.88
N THR DA 272 19.23 -52.56 -38.76
CA THR DA 272 20.11 -52.61 -39.92
C THR DA 272 20.27 -54.06 -40.33
N ALA DA 273 19.75 -54.41 -41.51
CA ALA DA 273 19.83 -55.78 -42.01
C ALA DA 273 21.26 -56.20 -42.27
N ASP DA 274 22.20 -55.27 -42.30
CA ASP DA 274 23.60 -55.62 -42.40
C ASP DA 274 24.01 -56.47 -41.20
N PRO DA 275 24.84 -57.51 -41.39
CA PRO DA 275 25.32 -58.24 -40.22
C PRO DA 275 26.39 -57.48 -39.46
N THR DA 276 27.27 -56.79 -40.16
CA THR DA 276 28.43 -56.19 -39.50
C THR DA 276 28.02 -55.11 -38.52
N THR DA 277 27.07 -54.26 -38.88
CA THR DA 277 26.66 -53.12 -38.07
C THR DA 277 25.38 -53.44 -37.32
N ASN DA 278 25.33 -53.03 -36.05
CA ASN DA 278 24.15 -53.17 -35.21
C ASN DA 278 24.06 -51.95 -34.30
N PRO DA 279 23.85 -50.77 -34.86
CA PRO DA 279 23.79 -49.57 -34.02
C PRO DA 279 22.60 -49.60 -33.09
N GLN DA 280 22.80 -49.05 -31.90
CA GLN DA 280 21.75 -48.91 -30.89
C GLN DA 280 21.33 -47.45 -30.85
N ILE DA 281 20.28 -47.14 -31.62
CA ILE DA 281 19.77 -45.77 -31.65
C ILE DA 281 19.18 -45.43 -30.29
N GLU DA 282 19.12 -44.13 -29.99
CA GLU DA 282 18.56 -43.67 -28.73
C GLU DA 282 17.10 -44.08 -28.57
N ARG DA 283 16.40 -44.34 -29.66
CA ARG DA 283 14.98 -44.64 -29.64
C ARG DA 283 14.69 -46.13 -29.44
N MET DA 284 15.71 -46.95 -29.23
CA MET DA 284 15.51 -48.37 -28.92
C MET DA 284 15.51 -48.58 -27.41
N MET DA 285 14.59 -47.89 -26.74
CA MET DA 285 14.60 -47.93 -25.29
C MET DA 285 14.11 -49.30 -24.81
N ARG DA 286 14.43 -49.61 -23.57
CA ARG DA 286 14.12 -50.92 -23.02
C ARG DA 286 13.90 -50.81 -21.52
N VAL DA 287 13.03 -51.67 -21.00
CA VAL DA 287 12.78 -51.75 -19.57
C VAL DA 287 12.61 -53.21 -19.16
N ASN DA 288 12.78 -53.46 -17.87
CA ASN DA 288 12.53 -54.76 -17.26
C ASN DA 288 11.24 -54.67 -16.48
N TRP DA 289 10.33 -55.61 -16.71
CA TRP DA 289 8.96 -55.50 -16.25
C TRP DA 289 8.49 -56.77 -15.57
N LYS DA 290 7.61 -56.59 -14.61
CA LYS DA 290 6.71 -57.62 -14.11
C LYS DA 290 5.26 -57.18 -14.16
N ARG DA 291 4.99 -55.89 -13.99
CA ARG DA 291 3.63 -55.36 -13.88
C ARG DA 291 3.45 -54.19 -14.84
N TRP DA 292 2.39 -54.26 -15.64
CA TRP DA 292 2.16 -53.25 -16.65
C TRP DA 292 1.89 -51.88 -16.04
N TRP DA 293 1.29 -51.84 -14.85
CA TRP DA 293 1.12 -50.56 -14.18
C TRP DA 293 2.46 -49.91 -13.89
N GLN DA 294 3.42 -50.71 -13.41
CA GLN DA 294 4.74 -50.17 -13.15
C GLN DA 294 5.38 -49.69 -14.45
N VAL DA 295 5.19 -50.45 -15.54
CA VAL DA 295 5.73 -50.02 -16.82
C VAL DA 295 5.17 -48.66 -17.21
N PHE DA 296 3.86 -48.51 -17.10
CA PHE DA 296 3.21 -47.28 -17.54
C PHE DA 296 3.62 -46.10 -16.66
N TYR DA 297 3.74 -46.33 -15.35
CA TYR DA 297 4.21 -45.26 -14.48
C TYR DA 297 5.64 -44.87 -14.81
N THR DA 298 6.49 -45.84 -15.13
CA THR DA 298 7.85 -45.51 -15.56
C THR DA 298 7.82 -44.62 -16.80
N ILE DA 299 7.03 -45.02 -17.80
CA ILE DA 299 6.98 -44.25 -19.03
C ILE DA 299 6.46 -42.85 -18.75
N VAL DA 300 5.43 -42.73 -17.94
CA VAL DA 300 4.85 -41.42 -17.66
C VAL DA 300 5.87 -40.55 -16.96
N ASP DA 301 6.51 -41.08 -15.92
CA ASP DA 301 7.44 -40.27 -15.14
C ASP DA 301 8.60 -39.79 -16.00
N TYR DA 302 9.04 -40.63 -16.95
CA TYR DA 302 10.18 -40.30 -17.80
C TYR DA 302 9.77 -39.93 -19.21
N ILE DA 303 8.57 -39.39 -19.39
CA ILE DA 303 8.11 -39.08 -20.73
C ILE DA 303 8.87 -37.91 -21.33
N ASN DA 304 9.27 -36.94 -20.52
CA ASN DA 304 10.00 -35.79 -21.05
C ASN DA 304 11.32 -36.23 -21.67
N GLN DA 305 12.00 -37.17 -21.03
CA GLN DA 305 13.26 -37.67 -21.57
C GLN DA 305 13.03 -38.45 -22.87
N ILE DA 306 11.92 -39.17 -22.94
CA ILE DA 306 11.63 -39.95 -24.15
C ILE DA 306 11.41 -39.02 -25.34
N VAL DA 307 10.62 -37.97 -25.15
CA VAL DA 307 10.38 -37.04 -26.24
C VAL DA 307 11.63 -36.23 -26.54
N GLN DA 308 12.48 -35.99 -25.55
CA GLN DA 308 13.76 -35.37 -25.82
C GLN DA 308 14.62 -36.24 -26.72
N VAL DA 309 14.58 -37.56 -26.50
CA VAL DA 309 15.27 -38.48 -27.39
C VAL DA 309 14.69 -38.40 -28.79
N MET DA 310 13.36 -38.33 -28.89
CA MET DA 310 12.70 -38.23 -30.18
C MET DA 310 12.73 -36.79 -30.67
N SER DA 311 12.10 -36.56 -31.83
CA SER DA 311 11.95 -35.21 -32.37
C SER DA 311 10.81 -35.21 -33.36
N LYS DA 312 9.84 -34.31 -33.19
CA LYS DA 312 8.62 -34.36 -33.96
C LYS DA 312 8.74 -33.76 -35.35
N ARG DA 313 9.87 -33.15 -35.70
CA ARG DA 313 9.96 -32.44 -36.96
C ARG DA 313 9.79 -33.37 -38.16
N SER DA 314 9.96 -34.68 -37.98
CA SER DA 314 9.72 -35.65 -39.02
C SER DA 314 8.31 -36.22 -38.83
N ARG DA 315 7.37 -35.75 -39.63
CA ARG DA 315 6.03 -36.32 -39.63
C ARG DA 315 5.48 -36.20 -41.04
N SER DA 316 4.56 -37.11 -41.38
CA SER DA 316 3.94 -37.15 -42.68
C SER DA 316 2.47 -36.74 -42.56
N LEU DA 317 1.92 -36.21 -43.65
CA LEU DA 317 0.50 -35.91 -43.68
C LEU DA 317 -0.31 -37.16 -43.38
N ASN DA 318 -0.23 -38.15 -44.27
CA ASN DA 318 -0.93 -39.40 -44.05
C ASN DA 318 -0.21 -40.22 -43.00
N SER DA 319 -0.92 -41.22 -42.49
CA SER DA 319 -0.47 -41.99 -41.36
C SER DA 319 0.34 -43.22 -41.74
N ALA DA 320 0.55 -43.47 -43.03
CA ALA DA 320 1.23 -44.67 -43.46
C ALA DA 320 2.67 -44.69 -42.96
N ALA DA 321 3.17 -45.88 -42.68
CA ALA DA 321 4.56 -46.05 -42.25
C ALA DA 321 5.54 -46.05 -43.41
N PHE DA 322 5.10 -45.72 -44.62
CA PHE DA 322 5.99 -45.70 -45.76
C PHE DA 322 5.40 -44.79 -46.83
N TYR DA 323 6.20 -43.86 -47.33
CA TYR DA 323 5.76 -43.04 -48.44
C TYR DA 323 5.53 -43.93 -49.66
N TYR DA 324 4.49 -43.64 -50.40
CA TYR DA 324 4.08 -44.43 -51.56
C TYR DA 324 4.18 -43.55 -52.79
N ARG DA 325 4.87 -44.02 -53.82
CA ARG DA 325 5.15 -43.19 -54.99
C ARG DA 325 4.91 -43.95 -56.28
N VAL DA 326 3.81 -44.70 -56.33
CA VAL DA 326 3.35 -45.45 -57.52
C VAL DA 326 4.50 -46.10 -58.29
N LEU EA 55 57.10 -58.65 -35.94
CA LEU EA 55 58.25 -58.04 -36.58
C LEU EA 55 58.67 -56.76 -35.86
N ASN EA 56 59.95 -56.71 -35.50
CA ASN EA 56 60.51 -55.56 -34.80
C ASN EA 56 61.10 -54.51 -35.74
N ILE EA 57 61.16 -54.78 -37.03
CA ILE EA 57 61.78 -53.84 -37.96
C ILE EA 57 60.96 -52.55 -38.00
N PRO EA 58 61.55 -51.37 -37.81
CA PRO EA 58 60.75 -50.14 -37.94
C PRO EA 58 60.32 -49.90 -39.38
N ILE EA 59 59.15 -49.30 -39.52
CA ILE EA 59 58.53 -49.06 -40.84
C ILE EA 59 58.19 -47.57 -40.88
N THR EA 60 59.11 -46.77 -41.41
CA THR EA 60 58.86 -45.34 -41.57
C THR EA 60 57.79 -45.12 -42.63
N GLY EA 61 57.01 -44.06 -42.45
CA GLY EA 61 55.93 -43.75 -43.37
C GLY EA 61 55.49 -42.31 -43.31
N SER EA 62 55.30 -41.68 -44.47
CA SER EA 62 54.92 -40.29 -44.53
C SER EA 62 53.40 -40.15 -44.46
N MET EA 63 52.95 -38.96 -44.05
CA MET EA 63 51.54 -38.66 -43.91
C MET EA 63 50.93 -38.01 -45.15
N ASP EA 64 51.74 -37.64 -46.13
CA ASP EA 64 51.26 -37.01 -47.35
C ASP EA 64 51.19 -37.99 -48.52
N THR EA 65 51.37 -39.28 -48.28
CA THR EA 65 51.32 -40.27 -49.34
C THR EA 65 49.91 -40.31 -49.94
N VAL EA 66 49.83 -40.61 -51.23
CA VAL EA 66 48.54 -40.66 -51.91
C VAL EA 66 47.80 -41.93 -51.53
N TYR EA 67 46.50 -41.79 -51.25
CA TYR EA 67 45.65 -42.94 -50.97
C TYR EA 67 45.58 -43.83 -52.20
N SER EA 68 46.16 -45.03 -52.12
CA SER EA 68 46.06 -45.96 -53.24
C SER EA 68 44.61 -46.36 -53.47
N ASN EA 69 44.35 -46.95 -54.63
CA ASN EA 69 42.99 -47.34 -55.00
C ASN EA 69 42.44 -48.40 -54.05
N SER EA 70 41.18 -48.76 -54.24
CA SER EA 70 40.56 -49.82 -53.45
C SER EA 70 40.94 -51.17 -54.04
N THR EA 71 41.55 -52.03 -53.23
CA THR EA 71 41.99 -53.35 -53.66
C THR EA 71 40.92 -54.42 -53.48
N ARG EA 72 39.65 -54.01 -53.40
CA ARG EA 72 38.57 -54.97 -53.23
C ARG EA 72 38.52 -55.94 -54.40
N GLU EA 73 38.66 -55.43 -55.61
CA GLU EA 73 38.66 -56.29 -56.79
C GLU EA 73 39.82 -57.28 -56.74
N GLU EA 74 41.01 -56.81 -56.37
CA GLU EA 74 42.17 -57.69 -56.33
C GLU EA 74 41.98 -58.79 -55.30
N VAL EA 75 41.51 -58.43 -54.10
CA VAL EA 75 41.38 -59.43 -53.05
C VAL EA 75 40.29 -60.44 -53.40
N PHE EA 76 39.21 -59.99 -54.04
CA PHE EA 76 38.21 -60.95 -54.51
C PHE EA 76 38.81 -61.88 -55.56
N LEU EA 77 39.52 -61.33 -56.54
CA LEU EA 77 40.01 -62.16 -57.63
C LEU EA 77 41.11 -63.11 -57.19
N THR EA 78 41.77 -62.85 -56.06
CA THR EA 78 42.88 -63.69 -55.61
C THR EA 78 42.57 -64.56 -54.40
N SER EA 79 41.56 -64.24 -53.60
CA SER EA 79 41.35 -64.89 -52.31
C SER EA 79 40.33 -66.01 -52.43
N THR EA 80 39.93 -66.56 -51.28
CA THR EA 80 38.89 -67.58 -51.20
C THR EA 80 38.01 -67.29 -49.99
N LEU EA 81 36.70 -67.40 -50.19
CA LEU EA 81 35.71 -67.26 -49.13
C LEU EA 81 35.22 -68.65 -48.73
N CYS EA 82 34.80 -68.79 -47.48
CA CYS EA 82 34.71 -70.13 -46.92
C CYS EA 82 33.69 -70.14 -45.77
N LEU EA 83 32.49 -70.62 -46.07
CA LEU EA 83 31.38 -70.60 -45.11
C LEU EA 83 31.32 -71.91 -44.35
N TYR EA 84 30.86 -71.84 -43.10
CA TYR EA 84 30.66 -73.01 -42.25
C TYR EA 84 29.27 -72.89 -41.62
N TYR EA 85 28.39 -73.83 -41.94
CA TYR EA 85 27.01 -73.77 -41.49
C TYR EA 85 26.63 -75.06 -40.78
N PRO EA 86 25.51 -75.07 -40.04
CA PRO EA 86 25.04 -76.33 -39.45
C PRO EA 86 24.25 -77.16 -40.45
N THR EA 87 24.24 -78.47 -40.22
CA THR EA 87 23.50 -79.36 -41.10
C THR EA 87 22.00 -79.06 -41.07
N GLU EA 88 21.51 -78.47 -39.98
CA GLU EA 88 20.11 -78.05 -39.97
C GLU EA 88 19.85 -77.00 -41.03
N ALA EA 89 20.87 -76.25 -41.43
CA ALA EA 89 20.71 -75.33 -42.55
C ALA EA 89 20.36 -76.07 -43.82
N SER EA 90 21.09 -77.15 -44.12
CA SER EA 90 20.77 -77.96 -45.29
C SER EA 90 19.39 -78.59 -45.14
N THR EA 91 19.07 -79.02 -43.93
CA THR EA 91 17.74 -79.61 -43.69
C THR EA 91 16.63 -78.64 -44.05
N GLN EA 92 16.76 -77.39 -43.61
CA GLN EA 92 15.72 -76.41 -43.91
C GLN EA 92 15.74 -76.01 -45.38
N ILE EA 93 16.93 -75.92 -45.99
CA ILE EA 93 17.01 -75.53 -47.38
C ILE EA 93 16.30 -76.55 -48.26
N SER EA 94 16.53 -77.84 -48.02
CA SER EA 94 15.85 -78.92 -48.74
C SER EA 94 16.14 -78.82 -50.24
N ASP EA 95 17.41 -78.86 -50.57
CA ASP EA 95 17.89 -78.64 -51.92
C ASP EA 95 19.20 -79.42 -52.07
N GLY EA 96 20.13 -78.94 -52.91
CA GLY EA 96 21.27 -79.73 -53.31
C GLY EA 96 21.83 -79.29 -54.65
N GLU EA 97 21.14 -78.37 -55.31
CA GLU EA 97 21.76 -77.44 -56.25
C GLU EA 97 22.09 -76.11 -55.58
N TRP EA 98 21.83 -75.99 -54.28
CA TRP EA 98 21.93 -74.68 -53.63
C TRP EA 98 23.36 -74.20 -53.52
N LYS EA 99 24.30 -75.10 -53.31
CA LYS EA 99 25.70 -74.68 -53.25
C LYS EA 99 26.15 -74.11 -54.58
N ASP EA 100 25.79 -74.76 -55.68
CA ASP EA 100 26.14 -74.23 -56.99
C ASP EA 100 25.43 -72.90 -57.27
N SER EA 101 24.16 -72.80 -56.88
CA SER EA 101 23.44 -71.55 -57.09
C SER EA 101 24.10 -70.41 -56.33
N LEU EA 102 24.47 -70.65 -55.07
CA LEU EA 102 25.18 -69.64 -54.32
C LEU EA 102 26.54 -69.34 -54.92
N SER EA 103 27.19 -70.33 -55.54
CA SER EA 103 28.46 -70.06 -56.19
C SER EA 103 28.28 -69.06 -57.33
N GLN EA 104 27.28 -69.29 -58.18
CA GLN EA 104 27.02 -68.34 -59.26
C GLN EA 104 26.62 -66.97 -58.71
N MET EA 105 25.82 -66.97 -57.65
CA MET EA 105 25.29 -65.73 -57.11
C MET EA 105 26.35 -64.98 -56.30
N PHE EA 106 27.43 -65.65 -55.90
CA PHE EA 106 28.62 -64.99 -55.40
C PHE EA 106 29.47 -64.47 -56.56
N LEU EA 107 29.54 -65.24 -57.66
CA LEU EA 107 30.27 -64.77 -58.83
C LEU EA 107 29.71 -63.46 -59.34
N ILE EA 108 28.42 -63.24 -59.16
CA ILE EA 108 27.86 -61.93 -59.51
C ILE EA 108 28.42 -60.84 -58.60
N LYS EA 109 28.64 -61.15 -57.31
CA LYS EA 109 29.30 -60.17 -56.45
C LYS EA 109 30.74 -59.92 -56.88
N GLY EA 110 31.45 -60.96 -57.29
CA GLY EA 110 32.81 -60.78 -57.79
C GLY EA 110 33.80 -61.88 -57.46
N TRP EA 111 33.38 -62.90 -56.73
CA TRP EA 111 34.26 -64.01 -56.43
C TRP EA 111 34.34 -64.96 -57.60
N PRO EA 112 35.52 -65.31 -58.11
CA PRO EA 112 35.58 -66.25 -59.24
C PRO EA 112 34.96 -67.60 -58.85
N THR EA 113 34.82 -68.45 -59.87
CA THR EA 113 33.99 -69.64 -59.72
C THR EA 113 34.52 -70.56 -58.63
N GLY EA 114 35.80 -70.92 -58.69
CA GLY EA 114 36.38 -71.78 -57.69
C GLY EA 114 36.98 -71.02 -56.53
N SER EA 115 36.19 -70.16 -55.88
CA SER EA 115 36.69 -69.28 -54.83
C SER EA 115 35.88 -69.38 -53.55
N VAL EA 116 34.58 -69.65 -53.66
CA VAL EA 116 33.70 -69.77 -52.51
C VAL EA 116 33.50 -71.24 -52.21
N TYR EA 117 33.74 -71.63 -50.96
CA TYR EA 117 33.61 -73.01 -50.52
C TYR EA 117 32.66 -73.07 -49.34
N PHE EA 118 31.92 -74.17 -49.25
CA PHE EA 118 30.90 -74.38 -48.25
C PHE EA 118 31.24 -75.61 -47.43
N LYS EA 119 31.07 -75.52 -46.11
CA LYS EA 119 31.32 -76.63 -45.22
C LYS EA 119 30.19 -76.74 -44.21
N GLU EA 120 29.94 -77.96 -43.77
CA GLU EA 120 28.90 -78.27 -42.79
C GLU EA 120 29.52 -78.84 -41.53
N TYR EA 121 28.80 -78.70 -40.43
CA TYR EA 121 29.14 -79.38 -39.19
C TYR EA 121 27.86 -79.87 -38.54
N SER EA 122 27.97 -81.00 -37.83
CA SER EA 122 26.78 -81.64 -37.29
C SER EA 122 26.06 -80.73 -36.31
N ASN EA 123 26.80 -80.04 -35.45
CA ASN EA 123 26.24 -79.10 -34.50
C ASN EA 123 27.40 -78.34 -33.88
N ILE EA 124 27.06 -77.40 -33.00
CA ILE EA 124 28.07 -76.49 -32.47
C ILE EA 124 29.11 -77.25 -31.66
N VAL EA 125 28.66 -78.15 -30.79
CA VAL EA 125 29.59 -78.85 -29.90
C VAL EA 125 30.44 -79.82 -30.70
N ASP EA 126 29.84 -80.50 -31.69
CA ASP EA 126 30.63 -81.40 -32.54
C ASP EA 126 31.66 -80.64 -33.34
N PHE EA 127 31.30 -79.45 -33.84
CA PHE EA 127 32.28 -78.62 -34.53
C PHE EA 127 33.39 -78.16 -33.60
N SER EA 128 33.08 -78.00 -32.31
CA SER EA 128 34.04 -77.44 -31.38
C SER EA 128 35.32 -78.28 -31.29
N VAL EA 129 35.22 -79.60 -31.47
CA VAL EA 129 36.38 -80.46 -31.29
C VAL EA 129 37.28 -80.36 -32.52
N ASP EA 130 38.42 -79.71 -32.35
CA ASP EA 130 39.42 -79.55 -33.41
C ASP EA 130 38.81 -78.94 -34.66
N PRO EA 131 38.48 -77.65 -34.67
CA PRO EA 131 38.09 -77.00 -35.92
C PRO EA 131 39.29 -76.89 -36.84
N GLN EA 132 39.08 -77.17 -38.12
CA GLN EA 132 40.10 -77.03 -39.15
C GLN EA 132 39.63 -75.93 -40.10
N LEU EA 133 39.93 -74.70 -39.74
CA LEU EA 133 39.60 -73.54 -40.57
C LEU EA 133 40.76 -73.19 -41.51
N TYR EA 134 41.25 -74.21 -42.22
CA TYR EA 134 42.40 -74.07 -43.13
C TYR EA 134 41.89 -73.53 -44.47
N CYS EA 135 41.54 -72.24 -44.45
CA CYS EA 135 40.74 -71.71 -45.56
C CYS EA 135 40.72 -70.19 -45.39
N ASP EA 136 40.81 -69.49 -46.52
CA ASP EA 136 41.41 -68.14 -46.50
C ASP EA 136 40.54 -67.12 -45.75
N TYR EA 137 39.25 -67.03 -46.07
CA TYR EA 137 38.30 -66.18 -45.34
C TYR EA 137 37.23 -67.06 -44.73
N ASN EA 138 37.35 -67.36 -43.45
CA ASN EA 138 36.43 -68.24 -42.77
C ASN EA 138 35.29 -67.44 -42.14
N LEU EA 139 34.06 -67.77 -42.52
CA LEU EA 139 32.87 -67.32 -41.83
C LEU EA 139 32.21 -68.51 -41.17
N VAL EA 140 31.80 -68.35 -39.92
CA VAL EA 140 31.20 -69.42 -39.16
C VAL EA 140 29.80 -68.97 -38.79
N LEU EA 141 28.81 -69.37 -39.58
CA LEU EA 141 27.43 -69.30 -39.13
C LEU EA 141 27.29 -70.18 -37.90
N MET EA 142 26.52 -69.73 -36.92
CA MET EA 142 26.23 -70.61 -35.80
C MET EA 142 24.95 -70.19 -35.12
N LYS EA 143 24.04 -71.14 -34.91
CA LYS EA 143 22.78 -70.86 -34.25
C LYS EA 143 22.96 -70.81 -32.75
N TYR EA 144 22.08 -70.06 -32.10
CA TYR EA 144 22.07 -69.89 -30.66
C TYR EA 144 20.87 -70.63 -30.06
N ASP EA 145 21.09 -71.20 -28.88
CA ASP EA 145 19.99 -71.79 -28.13
C ASP EA 145 20.42 -71.89 -26.67
N GLN EA 146 19.42 -72.06 -25.81
CA GLN EA 146 19.68 -72.10 -24.38
C GLN EA 146 20.57 -73.29 -24.03
N SER EA 147 21.39 -73.11 -22.99
CA SER EA 147 22.31 -74.08 -22.43
C SER EA 147 23.56 -74.26 -23.27
N LEU EA 148 23.66 -73.63 -24.44
CA LEU EA 148 24.85 -73.66 -25.27
C LEU EA 148 25.61 -72.35 -25.24
N GLU EA 149 25.31 -71.47 -24.29
CA GLU EA 149 25.98 -70.18 -24.23
C GLU EA 149 27.48 -70.35 -23.99
N LEU EA 150 27.84 -71.12 -22.95
CA LEU EA 150 29.26 -71.27 -22.64
C LEU EA 150 29.98 -72.06 -23.73
N ASP EA 151 29.34 -73.10 -24.26
CA ASP EA 151 30.00 -73.89 -25.29
C ASP EA 151 30.24 -73.05 -26.54
N MET EA 152 29.27 -72.23 -26.92
CA MET EA 152 29.44 -71.35 -28.05
C MET EA 152 30.51 -70.31 -27.78
N SER EA 153 30.55 -69.77 -26.57
CA SER EA 153 31.61 -68.83 -26.22
C SER EA 153 32.98 -69.48 -26.29
N GLU EA 154 33.08 -70.73 -25.84
CA GLU EA 154 34.35 -71.44 -25.93
C GLU EA 154 34.76 -71.63 -27.38
N LEU EA 155 33.80 -72.00 -28.24
CA LEU EA 155 34.13 -72.15 -29.66
C LEU EA 155 34.62 -70.84 -30.25
N ALA EA 156 33.95 -69.74 -29.92
CA ALA EA 156 34.39 -68.43 -30.40
C ALA EA 156 35.78 -68.11 -29.89
N ASP EA 157 36.05 -68.42 -28.62
CA ASP EA 157 37.39 -68.20 -28.07
C ASP EA 157 38.42 -68.95 -28.89
N LEU EA 158 38.13 -70.21 -29.19
CA LEU EA 158 39.11 -71.03 -29.88
C LEU EA 158 39.40 -70.50 -31.28
N ILE EA 159 38.35 -70.15 -32.03
CA ILE EA 159 38.55 -69.86 -33.45
C ILE EA 159 38.88 -68.39 -33.73
N LEU EA 160 38.42 -67.46 -32.91
CA LEU EA 160 38.66 -66.05 -33.20
C LEU EA 160 40.05 -65.58 -32.79
N ASN EA 161 40.77 -66.35 -31.96
CA ASN EA 161 42.05 -65.93 -31.42
C ASN EA 161 43.13 -66.92 -31.84
N GLU EA 162 44.37 -66.44 -31.87
CA GLU EA 162 45.51 -67.24 -32.28
C GLU EA 162 46.16 -67.84 -31.04
N TRP EA 163 46.06 -69.16 -30.90
CA TRP EA 163 46.55 -69.86 -29.73
C TRP EA 163 47.85 -70.59 -30.05
N LEU EA 164 48.80 -70.54 -29.12
CA LEU EA 164 50.06 -71.25 -29.21
C LEU EA 164 50.03 -72.36 -28.16
N CYS EA 165 50.03 -73.61 -28.60
CA CYS EA 165 49.78 -74.74 -27.71
C CYS EA 165 51.02 -75.61 -27.55
N ASN EA 166 51.15 -76.17 -26.35
CA ASN EA 166 52.11 -77.19 -26.00
C ASN EA 166 51.37 -78.43 -25.52
N PRO EA 167 51.93 -79.62 -25.69
CA PRO EA 167 51.24 -80.83 -25.24
C PRO EA 167 51.28 -80.94 -23.73
N MET EA 168 50.53 -81.91 -23.21
CA MET EA 168 50.48 -82.16 -21.77
C MET EA 168 50.41 -83.68 -21.56
N ASP EA 169 51.52 -84.27 -21.14
CA ASP EA 169 51.52 -85.65 -20.69
C ASP EA 169 50.94 -85.65 -19.28
N ILE EA 170 49.63 -85.92 -19.21
CA ILE EA 170 48.90 -85.70 -17.96
C ILE EA 170 49.39 -86.59 -16.84
N THR EA 171 49.88 -87.79 -17.17
CA THR EA 171 50.22 -88.75 -16.12
C THR EA 171 51.44 -88.31 -15.33
N LEU EA 172 52.52 -87.92 -16.00
CA LEU EA 172 53.78 -87.72 -15.31
C LEU EA 172 53.81 -86.41 -14.53
N TYR EA 173 53.71 -85.29 -15.23
CA TYR EA 173 54.05 -84.00 -14.66
C TYR EA 173 52.83 -83.33 -14.03
N TYR EA 174 53.09 -82.50 -13.03
CA TYR EA 174 52.12 -81.55 -12.52
C TYR EA 174 52.23 -80.26 -13.30
N TYR EA 175 51.09 -79.64 -13.62
CA TYR EA 175 51.06 -78.52 -14.54
C TYR EA 175 50.68 -77.23 -13.84
N GLN EA 176 50.91 -76.13 -14.56
CA GLN EA 176 51.11 -74.82 -13.97
C GLN EA 176 50.75 -73.78 -15.01
N GLN EA 177 49.96 -72.77 -14.62
CA GLN EA 177 49.56 -71.71 -15.53
C GLN EA 177 50.46 -70.51 -15.31
N SER EA 178 51.17 -70.11 -16.37
CA SER EA 178 52.17 -69.06 -16.25
C SER EA 178 51.54 -67.70 -16.00
N GLY EA 179 50.39 -67.43 -16.61
CA GLY EA 179 49.79 -66.12 -16.48
C GLY EA 179 48.33 -66.15 -16.86
N GLU EA 180 47.77 -64.95 -16.98
CA GLU EA 180 46.35 -64.82 -17.32
C GLU EA 180 46.07 -65.28 -18.74
N SER EA 181 47.04 -65.14 -19.64
CA SER EA 181 46.84 -65.46 -21.05
C SER EA 181 46.91 -66.94 -21.34
N ASN EA 182 47.12 -67.79 -20.33
CA ASN EA 182 47.32 -69.21 -20.52
C ASN EA 182 46.10 -69.97 -19.99
N LYS EA 183 45.59 -70.90 -20.80
CA LYS EA 183 44.49 -71.77 -20.44
C LYS EA 183 44.91 -73.19 -20.74
N TRP EA 184 44.04 -74.14 -20.39
CA TRP EA 184 44.17 -75.51 -20.88
C TRP EA 184 42.96 -75.80 -21.76
N ILE EA 185 43.21 -76.25 -22.97
CA ILE EA 185 42.17 -76.57 -23.94
C ILE EA 185 42.10 -78.08 -24.04
N SER EA 186 40.94 -78.64 -23.72
CA SER EA 186 40.73 -80.08 -23.75
C SER EA 186 39.72 -80.40 -24.85
N MET EA 187 40.12 -81.28 -25.77
CA MET EA 187 39.31 -81.64 -26.92
C MET EA 187 39.23 -83.16 -27.01
N GLY EA 188 38.06 -83.66 -27.39
CA GLY EA 188 37.88 -85.09 -27.52
C GLY EA 188 36.41 -85.42 -27.71
N SER EA 189 36.09 -86.69 -27.48
CA SER EA 189 34.71 -87.13 -27.59
C SER EA 189 33.96 -86.99 -26.28
N SER EA 190 34.68 -87.06 -25.14
CA SER EA 190 34.07 -86.72 -23.86
C SER EA 190 35.20 -86.33 -22.91
N CYS EA 191 35.41 -85.03 -22.75
CA CYS EA 191 36.41 -84.52 -21.83
C CYS EA 191 35.74 -84.27 -20.49
N THR EA 192 36.18 -84.99 -19.46
CA THR EA 192 35.72 -84.80 -18.09
C THR EA 192 36.97 -84.51 -17.26
N VAL EA 193 37.36 -83.24 -17.25
CA VAL EA 193 38.58 -82.86 -16.55
C VAL EA 193 38.33 -82.90 -15.05
N LYS EA 194 39.36 -83.24 -14.29
CA LYS EA 194 39.32 -83.11 -12.84
C LYS EA 194 40.68 -82.59 -12.39
N VAL EA 195 40.67 -81.52 -11.58
CA VAL EA 195 41.90 -80.91 -11.12
C VAL EA 195 42.05 -81.15 -9.62
N CYS EA 196 43.28 -81.07 -9.15
CA CYS EA 196 43.60 -81.13 -7.73
C CYS EA 196 44.75 -80.16 -7.50
N PRO EA 197 44.48 -78.96 -6.98
CA PRO EA 197 45.59 -78.05 -6.68
C PRO EA 197 46.50 -78.63 -5.61
N LEU EA 198 47.77 -78.24 -5.68
CA LEU EA 198 48.80 -78.74 -4.78
C LEU EA 198 49.49 -77.59 -4.08
N ASN EA 199 49.71 -77.74 -2.78
CA ASN EA 199 50.37 -76.70 -2.00
C ASN EA 199 51.86 -76.73 -2.31
N THR EA 200 52.64 -75.94 -1.56
CA THR EA 200 54.06 -75.80 -1.84
C THR EA 200 54.79 -77.14 -1.70
N GLN EA 201 54.42 -77.93 -0.70
CA GLN EA 201 55.03 -79.23 -0.46
C GLN EA 201 54.43 -80.33 -1.32
N THR EA 202 53.68 -79.99 -2.37
CA THR EA 202 53.09 -80.98 -3.27
C THR EA 202 52.15 -81.90 -2.51
N LEU EA 203 51.19 -81.29 -1.82
CA LEU EA 203 50.10 -82.00 -1.16
C LEU EA 203 48.80 -81.29 -1.50
N GLY EA 204 47.75 -82.07 -1.73
CA GLY EA 204 46.51 -81.50 -2.19
C GLY EA 204 45.85 -80.61 -1.16
N ILE EA 205 45.12 -79.61 -1.64
CA ILE EA 205 44.28 -78.76 -0.81
C ILE EA 205 42.84 -79.02 -1.23
N GLY EA 206 42.07 -79.64 -0.36
CA GLY EA 206 40.75 -80.12 -0.73
C GLY EA 206 40.76 -81.39 -1.54
N CYS EA 207 41.92 -82.00 -1.76
CA CYS EA 207 42.04 -83.21 -2.55
C CYS EA 207 43.26 -83.99 -2.06
N GLN EA 208 43.35 -85.23 -2.49
CA GLN EA 208 44.50 -86.09 -2.23
C GLN EA 208 45.04 -86.59 -3.55
N THR EA 209 46.35 -86.47 -3.74
CA THR EA 209 46.95 -86.83 -5.03
C THR EA 209 46.70 -88.29 -5.39
N THR EA 210 46.40 -89.14 -4.41
CA THR EA 210 46.13 -90.55 -4.68
C THR EA 210 44.66 -90.83 -4.94
N ASN EA 211 43.76 -90.07 -4.33
CA ASN EA 211 42.32 -90.31 -4.40
C ASN EA 211 41.71 -89.38 -5.43
N VAL EA 212 41.39 -89.93 -6.61
CA VAL EA 212 40.80 -89.12 -7.66
C VAL EA 212 39.38 -88.69 -7.34
N ASP EA 213 38.72 -89.36 -6.39
CA ASP EA 213 37.34 -89.00 -6.08
C ASP EA 213 37.23 -87.61 -5.45
N SER EA 214 38.25 -87.19 -4.70
CA SER EA 214 38.22 -85.88 -4.06
C SER EA 214 38.51 -84.74 -5.02
N PHE EA 215 38.94 -85.04 -6.24
CA PHE EA 215 39.35 -84.00 -7.18
C PHE EA 215 38.19 -83.07 -7.49
N GLU EA 216 38.49 -81.78 -7.61
CA GLU EA 216 37.47 -80.78 -7.91
C GLU EA 216 37.24 -80.77 -9.41
N THR EA 217 36.16 -81.41 -9.84
CA THR EA 217 35.84 -81.46 -11.26
C THR EA 217 35.54 -80.07 -11.80
N VAL EA 218 35.90 -79.85 -13.06
CA VAL EA 218 35.77 -78.53 -13.69
C VAL EA 218 35.09 -78.64 -15.05
N ALA EA 219 34.77 -79.87 -15.49
CA ALA EA 219 34.07 -80.05 -16.75
C ALA EA 219 33.57 -81.49 -16.83
N GLU EA 220 32.37 -81.67 -17.36
CA GLU EA 220 31.73 -82.98 -17.46
C GLU EA 220 31.26 -83.23 -18.89
N ASN EA 221 31.83 -84.25 -19.53
CA ASN EA 221 31.28 -84.80 -20.77
C ASN EA 221 31.14 -83.73 -21.85
N GLU EA 222 32.16 -82.88 -21.99
CA GLU EA 222 32.15 -81.81 -22.98
C GLU EA 222 33.16 -82.13 -24.07
N LYS EA 223 32.78 -81.88 -25.32
CA LYS EA 223 33.68 -82.12 -26.44
C LYS EA 223 34.86 -81.15 -26.38
N LEU EA 224 34.58 -79.88 -26.08
CA LEU EA 224 35.59 -78.85 -25.93
C LEU EA 224 35.43 -78.20 -24.58
N ALA EA 225 36.55 -77.95 -23.91
CA ALA EA 225 36.52 -77.24 -22.64
C ALA EA 225 37.77 -76.41 -22.49
N ILE EA 226 37.59 -75.10 -22.34
CA ILE EA 226 38.66 -74.20 -21.95
C ILE EA 226 38.58 -74.05 -20.44
N VAL EA 227 39.63 -74.49 -19.74
CA VAL EA 227 39.66 -74.46 -18.28
C VAL EA 227 40.80 -73.56 -17.83
N ASP EA 228 40.48 -72.62 -16.96
CA ASP EA 228 41.43 -71.76 -16.29
C ASP EA 228 41.41 -72.10 -14.81
N VAL EA 229 42.59 -72.37 -14.25
CA VAL EA 229 42.77 -72.55 -12.83
C VAL EA 229 43.66 -71.42 -12.33
N VAL EA 230 43.69 -71.27 -11.01
CA VAL EA 230 44.34 -70.11 -10.42
C VAL EA 230 45.82 -70.13 -10.75
N ASP EA 231 46.32 -69.00 -11.25
CA ASP EA 231 47.64 -68.94 -11.84
C ASP EA 231 48.67 -68.80 -10.73
N GLY EA 232 49.43 -69.86 -10.49
CA GLY EA 232 50.43 -69.86 -9.43
C GLY EA 232 50.38 -71.09 -8.56
N ILE EA 233 49.63 -72.11 -8.96
CA ILE EA 233 49.46 -73.33 -8.18
C ILE EA 233 49.62 -74.53 -9.09
N ASN EA 234 50.48 -75.47 -8.71
CA ASN EA 234 50.58 -76.72 -9.43
C ASN EA 234 49.27 -77.49 -9.30
N HIS EA 235 48.97 -78.31 -10.29
CA HIS EA 235 47.76 -79.10 -10.30
C HIS EA 235 48.08 -80.51 -10.77
N LYS EA 236 47.43 -81.49 -10.14
CA LYS EA 236 47.37 -82.84 -10.69
C LYS EA 236 46.05 -83.00 -11.40
N ILE EA 237 46.09 -83.47 -12.64
CA ILE EA 237 44.93 -83.52 -13.52
C ILE EA 237 44.60 -84.97 -13.80
N ASN EA 238 43.31 -85.30 -13.75
CA ASN EA 238 42.79 -86.61 -14.10
C ASN EA 238 41.79 -86.41 -15.22
N LEU EA 239 42.10 -86.92 -16.41
CA LEU EA 239 41.19 -86.76 -17.54
C LEU EA 239 41.38 -87.94 -18.50
N THR EA 240 40.62 -89.02 -18.28
CA THR EA 240 40.08 -89.90 -19.33
C THR EA 240 40.96 -90.00 -20.57
N THR EA 241 42.21 -90.43 -20.40
CA THR EA 241 43.21 -90.27 -21.46
C THR EA 241 42.80 -90.91 -22.78
N THR EA 242 41.93 -91.92 -22.76
CA THR EA 242 41.58 -92.61 -24.00
C THR EA 242 40.85 -91.70 -24.96
N THR EA 243 39.92 -90.89 -24.46
CA THR EA 243 39.00 -90.15 -25.31
C THR EA 243 39.38 -88.69 -25.51
N CYS EA 244 40.01 -88.06 -24.53
CA CYS EA 244 40.25 -86.62 -24.53
C CYS EA 244 41.74 -86.33 -24.43
N THR EA 245 42.17 -85.27 -25.11
CA THR EA 245 43.53 -84.76 -25.04
C THR EA 245 43.48 -83.31 -24.61
N ILE EA 246 44.37 -82.95 -23.70
CA ILE EA 246 44.42 -81.62 -23.11
C ILE EA 246 45.76 -80.99 -23.47
N ARG EA 247 45.73 -79.71 -23.82
CA ARG EA 247 46.92 -78.99 -24.26
C ARG EA 247 47.04 -77.69 -23.47
N ASN EA 248 48.26 -77.37 -23.07
CA ASN EA 248 48.55 -76.13 -22.36
C ASN EA 248 48.75 -75.03 -23.40
N CYS EA 249 47.77 -74.13 -23.51
CA CYS EA 249 47.71 -73.20 -24.64
C CYS EA 249 47.76 -71.77 -24.14
N LYS EA 250 48.76 -71.04 -24.61
CA LYS EA 250 48.86 -69.60 -24.42
C LYS EA 250 48.07 -68.91 -25.53
N LYS EA 251 47.65 -67.68 -25.25
CA LYS EA 251 46.82 -66.90 -26.16
C LYS EA 251 47.64 -65.76 -26.73
N LEU EA 252 47.99 -65.87 -28.01
CA LEU EA 252 48.58 -64.76 -28.73
C LEU EA 252 47.46 -63.81 -29.14
N GLY EA 253 47.73 -62.88 -30.05
CA GLY EA 253 46.75 -61.90 -30.44
C GLY EA 253 45.55 -62.51 -31.14
N PRO EA 254 44.77 -61.69 -31.85
CA PRO EA 254 43.53 -62.20 -32.45
C PRO EA 254 43.79 -62.84 -33.80
N ARG EA 255 42.96 -63.81 -34.13
CA ARG EA 255 43.00 -64.42 -35.46
C ARG EA 255 42.23 -63.50 -36.39
N GLU EA 256 42.97 -62.69 -37.16
CA GLU EA 256 42.35 -61.71 -38.04
C GLU EA 256 41.43 -62.34 -39.07
N ASN EA 257 41.61 -63.64 -39.35
CA ASN EA 257 40.93 -64.28 -40.45
C ASN EA 257 39.46 -64.54 -40.14
N VAL EA 258 39.18 -65.34 -39.11
CA VAL EA 258 37.84 -65.90 -38.94
C VAL EA 258 36.88 -64.83 -38.47
N ALA EA 259 35.61 -64.98 -38.87
CA ALA EA 259 34.52 -64.17 -38.35
C ALA EA 259 33.37 -65.08 -37.98
N VAL EA 260 32.62 -64.68 -36.95
CA VAL EA 260 31.59 -65.51 -36.34
C VAL EA 260 30.27 -64.80 -36.43
N ILE EA 261 29.28 -65.45 -37.02
CA ILE EA 261 27.96 -64.87 -37.25
C ILE EA 261 26.96 -65.62 -36.40
N GLN EA 262 26.49 -64.97 -35.35
CA GLN EA 262 25.50 -65.56 -34.45
C GLN EA 262 24.13 -65.39 -35.08
N VAL EA 263 23.55 -66.51 -35.53
CA VAL EA 263 22.29 -66.47 -36.25
C VAL EA 263 21.09 -66.26 -35.33
N GLY EA 264 21.25 -66.45 -34.02
CA GLY EA 264 20.12 -66.48 -33.13
C GLY EA 264 19.93 -65.27 -32.22
N GLY EA 265 20.20 -65.44 -30.94
CA GLY EA 265 19.67 -64.57 -29.90
C GLY EA 265 20.58 -63.42 -29.55
N ALA EA 266 20.49 -63.00 -28.29
CA ALA EA 266 21.11 -61.77 -27.83
C ALA EA 266 22.63 -61.89 -27.83
N ASN EA 267 23.28 -60.76 -27.55
CA ASN EA 267 24.73 -60.69 -27.50
C ASN EA 267 25.23 -61.45 -26.27
N ILE EA 268 25.74 -62.66 -26.49
CA ILE EA 268 26.11 -63.55 -25.40
C ILE EA 268 27.59 -63.94 -25.41
N LEU EA 269 28.29 -63.80 -26.53
CA LEU EA 269 29.66 -64.30 -26.61
C LEU EA 269 30.59 -63.49 -25.73
N ASP EA 270 31.46 -64.19 -25.01
CA ASP EA 270 32.49 -63.58 -24.17
C ASP EA 270 33.84 -64.08 -24.68
N ILE EA 271 34.53 -63.24 -25.45
CA ILE EA 271 35.77 -63.64 -26.09
C ILE EA 271 36.97 -63.48 -25.15
N THR EA 272 36.71 -63.13 -23.90
CA THR EA 272 37.78 -62.90 -22.93
C THR EA 272 37.39 -63.56 -21.62
N ALA EA 273 38.20 -64.52 -21.18
CA ALA EA 273 37.88 -65.24 -19.94
C ALA EA 273 37.88 -64.32 -18.73
N ASP EA 274 38.52 -63.17 -18.82
CA ASP EA 274 38.43 -62.18 -17.76
C ASP EA 274 36.97 -61.82 -17.52
N PRO EA 275 36.52 -61.73 -16.26
CA PRO EA 275 35.11 -61.38 -16.02
C PRO EA 275 34.80 -59.90 -16.13
N THR EA 276 35.81 -59.03 -16.08
CA THR EA 276 35.53 -57.60 -16.12
C THR EA 276 35.20 -57.12 -17.53
N THR EA 277 35.84 -57.68 -18.55
CA THR EA 277 35.71 -57.21 -19.92
C THR EA 277 34.88 -58.21 -20.74
N ASN EA 278 33.91 -57.69 -21.48
CA ASN EA 278 33.13 -58.46 -22.44
C ASN EA 278 33.10 -57.66 -23.75
N PRO EA 279 34.20 -57.63 -24.48
CA PRO EA 279 34.32 -56.66 -25.58
C PRO EA 279 33.56 -57.08 -26.83
N GLN EA 280 33.09 -56.07 -27.56
CA GLN EA 280 32.32 -56.27 -28.78
C GLN EA 280 33.26 -56.14 -29.98
N ILE EA 281 34.04 -57.20 -30.22
CA ILE EA 281 34.93 -57.22 -31.36
C ILE EA 281 34.10 -57.16 -32.64
N GLU EA 282 34.67 -56.55 -33.68
CA GLU EA 282 33.92 -56.32 -34.91
C GLU EA 282 33.61 -57.60 -35.66
N ARG EA 283 34.41 -58.66 -35.48
CA ARG EA 283 34.20 -59.91 -36.21
C ARG EA 283 33.10 -60.78 -35.60
N MET EA 284 32.51 -60.35 -34.49
CA MET EA 284 31.38 -61.05 -33.87
C MET EA 284 30.11 -60.40 -34.37
N MET EA 285 29.59 -60.92 -35.47
CA MET EA 285 28.39 -60.40 -36.09
C MET EA 285 27.17 -61.08 -35.50
N ARG EA 286 26.03 -60.40 -35.59
CA ARG EA 286 24.78 -60.93 -35.07
C ARG EA 286 23.69 -60.69 -36.09
N VAL EA 287 22.80 -61.67 -36.25
CA VAL EA 287 21.76 -61.61 -37.26
C VAL EA 287 20.53 -62.32 -36.71
N ASN EA 288 19.36 -61.69 -36.86
CA ASN EA 288 18.12 -62.38 -36.60
C ASN EA 288 17.74 -63.23 -37.79
N TRP EA 289 16.91 -64.25 -37.55
CA TRP EA 289 16.67 -65.24 -38.58
C TRP EA 289 15.32 -65.91 -38.40
N LYS EA 290 14.73 -66.29 -39.53
CA LYS EA 290 13.63 -67.25 -39.56
C LYS EA 290 13.90 -68.33 -40.59
N ARG EA 291 14.60 -68.00 -41.67
CA ARG EA 291 14.87 -68.92 -42.77
C ARG EA 291 16.35 -68.90 -43.12
N TRP EA 292 16.93 -70.08 -43.29
CA TRP EA 292 18.33 -70.16 -43.65
C TRP EA 292 18.58 -69.60 -45.04
N TRP EA 293 17.58 -69.66 -45.93
CA TRP EA 293 17.73 -68.97 -47.21
C TRP EA 293 17.90 -67.47 -47.00
N GLN EA 294 17.12 -66.89 -46.09
CA GLN EA 294 17.27 -65.47 -45.82
C GLN EA 294 18.64 -65.18 -45.22
N VAL EA 295 19.10 -66.06 -44.34
CA VAL EA 295 20.42 -65.84 -43.72
C VAL EA 295 21.50 -65.83 -44.80
N PHE EA 296 21.48 -66.84 -45.67
CA PHE EA 296 22.52 -66.92 -46.70
C PHE EA 296 22.39 -65.80 -47.72
N TYR EA 297 21.16 -65.39 -48.04
CA TYR EA 297 20.98 -64.26 -48.95
C TYR EA 297 21.57 -63.00 -48.35
N THR EA 298 21.35 -62.77 -47.05
CA THR EA 298 21.95 -61.61 -46.40
C THR EA 298 23.47 -61.70 -46.46
N ILE EA 299 24.03 -62.88 -46.19
CA ILE EA 299 25.48 -63.01 -46.18
C ILE EA 299 26.06 -62.72 -47.56
N VAL EA 300 25.48 -63.34 -48.60
CA VAL EA 300 26.03 -63.15 -49.94
C VAL EA 300 25.82 -61.72 -50.41
N ASP EA 301 24.70 -61.11 -50.05
CA ASP EA 301 24.45 -59.74 -50.48
C ASP EA 301 25.46 -58.78 -49.85
N TYR EA 302 25.74 -58.95 -48.56
CA TYR EA 302 26.56 -58.00 -47.83
C TYR EA 302 27.97 -58.52 -47.59
N ILE EA 303 28.42 -59.48 -48.40
CA ILE EA 303 29.73 -60.06 -48.20
C ILE EA 303 30.85 -59.05 -48.36
N ASN EA 304 30.63 -57.97 -49.12
CA ASN EA 304 31.67 -56.95 -49.24
C ASN EA 304 32.00 -56.36 -47.89
N GLN EA 305 30.97 -56.03 -47.10
CA GLN EA 305 31.20 -55.49 -45.76
C GLN EA 305 31.90 -56.51 -44.88
N ILE EA 306 31.50 -57.78 -44.97
CA ILE EA 306 32.09 -58.80 -44.13
C ILE EA 306 33.57 -58.98 -44.44
N VAL EA 307 33.91 -59.02 -45.73
CA VAL EA 307 35.30 -59.11 -46.14
C VAL EA 307 36.07 -57.91 -45.63
N GLN EA 308 35.50 -56.72 -45.77
CA GLN EA 308 36.18 -55.52 -45.29
C GLN EA 308 36.38 -55.55 -43.78
N VAL EA 309 35.50 -56.21 -43.05
CA VAL EA 309 35.65 -56.31 -41.61
C VAL EA 309 36.76 -57.28 -41.25
N MET EA 310 36.88 -58.37 -41.99
CA MET EA 310 37.91 -59.38 -41.70
C MET EA 310 39.24 -58.90 -42.29
N SER EA 311 40.25 -59.78 -42.29
CA SER EA 311 41.50 -59.52 -42.98
C SER EA 311 42.06 -60.84 -43.49
N LYS EA 312 42.96 -60.74 -44.46
CA LYS EA 312 43.57 -61.93 -45.05
C LYS EA 312 44.51 -62.60 -44.06
N ARG EA 313 44.77 -63.88 -44.30
CA ARG EA 313 45.72 -64.64 -43.50
C ARG EA 313 47.14 -64.40 -44.00
N SER EA 314 48.10 -64.87 -43.21
CA SER EA 314 49.50 -64.80 -43.60
C SER EA 314 50.35 -65.70 -42.70
N GLN FA 51 -21.80 18.66 -35.91
CA GLN FA 51 -23.03 18.11 -36.45
C GLN FA 51 -23.76 19.15 -37.30
N ASN FA 52 -23.56 19.03 -38.61
CA ASN FA 52 -23.88 20.03 -39.60
C ASN FA 52 -24.71 19.41 -40.73
N TYR FA 53 -25.80 18.74 -40.33
CA TYR FA 53 -26.50 17.80 -41.20
C TYR FA 53 -26.97 18.46 -42.49
N GLY FA 54 -27.39 17.62 -43.42
CA GLY FA 54 -28.01 18.07 -44.67
C GLY FA 54 -27.05 18.43 -45.79
N LEU FA 55 -26.10 19.31 -45.50
CA LEU FA 55 -25.19 19.79 -46.52
C LEU FA 55 -24.18 18.71 -46.91
N ASN FA 56 -23.72 18.78 -48.16
CA ASN FA 56 -22.69 17.88 -48.67
C ASN FA 56 -21.38 18.66 -48.67
N ILE FA 57 -20.64 18.55 -47.56
CA ILE FA 57 -19.41 19.31 -47.36
C ILE FA 57 -18.23 18.41 -47.76
N PRO FA 58 -17.17 18.93 -48.40
CA PRO FA 58 -16.08 18.05 -48.79
C PRO FA 58 -15.10 17.83 -47.65
N ILE FA 59 -15.02 16.59 -47.18
CA ILE FA 59 -14.05 16.23 -46.16
C ILE FA 59 -12.66 16.26 -46.77
N THR FA 60 -11.63 16.21 -45.93
CA THR FA 60 -10.26 16.10 -46.38
C THR FA 60 -9.50 15.22 -45.41
N GLY FA 61 -8.60 14.41 -45.94
CA GLY FA 61 -7.83 13.51 -45.11
C GLY FA 61 -6.45 13.30 -45.68
N SER FA 62 -5.51 12.93 -44.81
CA SER FA 62 -4.12 12.72 -45.19
C SER FA 62 -3.87 11.25 -45.45
N MET FA 63 -3.07 10.97 -46.46
CA MET FA 63 -2.77 9.61 -46.86
C MET FA 63 -1.59 9.02 -46.10
N ASP FA 64 -1.11 9.70 -45.06
CA ASP FA 64 0.01 9.23 -44.25
C ASP FA 64 -0.37 8.98 -42.79
N THR FA 65 -1.60 9.29 -42.38
CA THR FA 65 -2.02 9.01 -41.02
C THR FA 65 -2.00 7.51 -40.76
N VAL FA 66 -2.15 7.15 -39.49
CA VAL FA 66 -2.08 5.77 -39.05
C VAL FA 66 -3.49 5.25 -38.80
N TYR FA 67 -3.59 3.93 -38.62
CA TYR FA 67 -4.88 3.29 -38.37
C TYR FA 67 -5.30 3.58 -36.93
N SER FA 68 -6.35 2.91 -36.47
CA SER FA 68 -6.80 3.00 -35.09
C SER FA 68 -7.07 1.59 -34.59
N ASN FA 69 -7.42 1.48 -33.31
CA ASN FA 69 -7.66 0.17 -32.70
C ASN FA 69 -8.90 -0.47 -33.31
N SER FA 70 -8.91 -1.80 -33.32
CA SER FA 70 -10.00 -2.53 -33.95
C SER FA 70 -11.32 -2.28 -33.24
N THR FA 71 -12.41 -2.29 -34.02
CA THR FA 71 -13.75 -2.01 -33.54
C THR FA 71 -14.59 -3.28 -33.41
N ARG FA 72 -13.93 -4.45 -33.48
CA ARG FA 72 -14.65 -5.72 -33.35
C ARG FA 72 -15.38 -5.78 -32.01
N GLU FA 73 -14.69 -5.37 -30.94
CA GLU FA 73 -15.30 -5.39 -29.62
C GLU FA 73 -16.56 -4.54 -29.60
N GLU FA 74 -16.51 -3.34 -30.18
CA GLU FA 74 -17.68 -2.47 -30.17
C GLU FA 74 -18.83 -3.09 -30.95
N VAL FA 75 -18.55 -3.61 -32.15
CA VAL FA 75 -19.64 -4.11 -32.97
C VAL FA 75 -20.26 -5.35 -32.34
N PHE FA 76 -19.49 -6.13 -31.58
CA PHE FA 76 -20.10 -7.23 -30.83
C PHE FA 76 -20.91 -6.72 -29.65
N LEU FA 77 -20.39 -5.71 -28.93
CA LEU FA 77 -20.94 -5.35 -27.64
C LEU FA 77 -22.06 -4.32 -27.70
N THR FA 78 -22.32 -3.70 -28.85
CA THR FA 78 -23.35 -2.67 -28.94
C THR FA 78 -24.46 -2.98 -29.95
N SER FA 79 -24.16 -3.65 -31.06
CA SER FA 79 -25.15 -3.86 -32.10
C SER FA 79 -26.08 -4.99 -31.69
N THR FA 80 -26.95 -5.42 -32.61
CA THR FA 80 -27.85 -6.54 -32.37
C THR FA 80 -27.92 -7.40 -33.61
N LEU FA 81 -27.48 -8.65 -33.48
CA LEU FA 81 -27.54 -9.59 -34.58
C LEU FA 81 -28.94 -10.16 -34.71
N CYS FA 82 -29.29 -10.59 -35.91
CA CYS FA 82 -30.70 -10.73 -36.23
C CYS FA 82 -30.82 -11.76 -37.34
N LEU FA 83 -31.53 -12.86 -37.10
CA LEU FA 83 -31.49 -14.02 -37.99
C LEU FA 83 -32.89 -14.43 -38.40
N TYR FA 84 -33.11 -14.53 -39.72
CA TYR FA 84 -34.36 -15.00 -40.28
C TYR FA 84 -34.11 -16.34 -40.96
N TYR FA 85 -34.93 -17.33 -40.64
CA TYR FA 85 -34.77 -18.69 -41.12
C TYR FA 85 -36.14 -19.26 -41.44
N PRO FA 86 -36.22 -20.29 -42.26
CA PRO FA 86 -37.52 -20.88 -42.58
C PRO FA 86 -37.95 -21.90 -41.53
N THR FA 87 -39.27 -22.07 -41.41
CA THR FA 87 -39.83 -22.91 -40.35
C THR FA 87 -39.33 -24.36 -40.46
N GLU FA 88 -39.03 -24.81 -41.67
CA GLU FA 88 -38.45 -26.14 -41.83
C GLU FA 88 -37.15 -26.29 -41.07
N ALA FA 89 -36.44 -25.18 -40.81
CA ALA FA 89 -35.26 -25.25 -39.95
C ALA FA 89 -35.62 -25.82 -38.59
N SER FA 90 -36.51 -25.15 -37.86
CA SER FA 90 -36.92 -25.65 -36.56
C SER FA 90 -37.54 -27.03 -36.66
N THR FA 91 -38.27 -27.30 -37.76
CA THR FA 91 -38.88 -28.61 -37.92
C THR FA 91 -37.82 -29.71 -37.92
N GLN FA 92 -36.73 -29.51 -38.67
CA GLN FA 92 -35.67 -30.50 -38.67
C GLN FA 92 -34.89 -30.50 -37.36
N ILE FA 93 -34.79 -29.34 -36.71
CA ILE FA 93 -34.07 -29.27 -35.44
C ILE FA 93 -34.75 -30.13 -34.40
N SER FA 94 -36.07 -30.01 -34.29
CA SER FA 94 -36.87 -30.83 -33.37
C SER FA 94 -36.31 -30.79 -31.95
N ASP FA 95 -36.15 -29.58 -31.44
CA ASP FA 95 -35.57 -29.33 -30.12
C ASP FA 95 -36.28 -28.04 -29.74
N GLY FA 96 -35.72 -27.15 -28.94
CA GLY FA 96 -36.58 -26.10 -28.41
C GLY FA 96 -36.09 -25.37 -27.17
N GLU FA 97 -34.95 -25.80 -26.64
CA GLU FA 97 -34.03 -24.86 -26.01
C GLU FA 97 -32.89 -24.51 -26.95
N TRP FA 98 -33.07 -24.78 -28.25
CA TRP FA 98 -32.02 -24.48 -29.23
C TRP FA 98 -31.87 -22.99 -29.43
N LYS FA 99 -32.91 -22.21 -29.18
CA LYS FA 99 -32.74 -20.76 -29.12
C LYS FA 99 -31.69 -20.39 -28.08
N ASP FA 100 -31.83 -20.94 -26.88
CA ASP FA 100 -30.85 -20.66 -25.82
C ASP FA 100 -29.48 -21.21 -26.18
N SER FA 101 -29.43 -22.40 -26.79
CA SER FA 101 -28.14 -22.98 -27.16
C SER FA 101 -27.41 -22.08 -28.15
N LEU FA 102 -28.12 -21.64 -29.19
CA LEU FA 102 -27.52 -20.74 -30.17
C LEU FA 102 -27.12 -19.43 -29.52
N SER FA 103 -27.94 -18.92 -28.60
CA SER FA 103 -27.60 -17.66 -27.94
C SER FA 103 -26.31 -17.80 -27.13
N GLN FA 104 -26.15 -18.91 -26.43
CA GLN FA 104 -24.93 -19.09 -25.64
C GLN FA 104 -23.72 -19.28 -26.54
N MET FA 105 -23.88 -19.98 -27.66
CA MET FA 105 -22.76 -20.07 -28.61
C MET FA 105 -22.38 -18.70 -29.14
N PHE FA 106 -23.38 -17.87 -29.45
CA PHE FA 106 -23.11 -16.51 -29.89
C PHE FA 106 -22.39 -15.72 -28.80
N LEU FA 107 -22.76 -15.96 -27.53
CA LEU FA 107 -22.06 -15.30 -26.44
C LEU FA 107 -20.61 -15.71 -26.39
N ILE FA 108 -20.33 -17.00 -26.59
CA ILE FA 108 -18.94 -17.45 -26.65
C ILE FA 108 -18.20 -16.73 -27.75
N LYS FA 109 -18.85 -16.55 -28.91
CA LYS FA 109 -18.23 -15.77 -29.97
C LYS FA 109 -18.08 -14.30 -29.59
N GLY FA 110 -18.92 -13.78 -28.69
CA GLY FA 110 -18.77 -12.44 -28.17
C GLY FA 110 -20.01 -11.58 -28.17
N TRP FA 111 -21.17 -12.15 -28.48
CA TRP FA 111 -22.40 -11.38 -28.59
C TRP FA 111 -23.21 -11.52 -27.31
N PRO FA 112 -23.41 -10.44 -26.52
CA PRO FA 112 -24.20 -10.56 -25.29
C PRO FA 112 -25.55 -11.26 -25.45
N THR FA 113 -26.10 -11.75 -24.33
CA THR FA 113 -27.20 -12.70 -24.39
C THR FA 113 -28.43 -12.10 -25.05
N GLY FA 114 -28.79 -10.88 -24.68
CA GLY FA 114 -30.00 -10.28 -25.18
C GLY FA 114 -29.88 -9.61 -26.53
N SER FA 115 -28.71 -9.70 -27.17
CA SER FA 115 -28.41 -8.93 -28.36
C SER FA 115 -28.54 -9.72 -29.66
N VAL FA 116 -28.99 -10.97 -29.60
CA VAL FA 116 -29.16 -11.81 -30.78
C VAL FA 116 -30.62 -12.23 -30.86
N TYR FA 117 -31.25 -11.95 -31.99
CA TYR FA 117 -32.67 -12.20 -32.20
C TYR FA 117 -32.87 -13.24 -33.29
N PHE FA 118 -33.90 -14.06 -33.12
CA PHE FA 118 -34.30 -15.07 -34.09
C PHE FA 118 -35.74 -14.80 -34.51
N LYS FA 119 -36.02 -14.94 -35.82
CA LYS FA 119 -37.33 -14.63 -36.36
C LYS FA 119 -37.68 -15.65 -37.42
N GLU FA 120 -38.42 -16.68 -37.01
CA GLU FA 120 -38.92 -17.67 -37.94
C GLU FA 120 -39.89 -17.04 -38.94
N TYR FA 121 -39.75 -17.41 -40.20
CA TYR FA 121 -40.71 -17.03 -41.23
C TYR FA 121 -41.16 -18.28 -41.99
N SER FA 122 -42.38 -18.24 -42.49
CA SER FA 122 -42.99 -19.45 -43.04
C SER FA 122 -42.22 -19.95 -44.26
N ASN FA 123 -41.99 -19.07 -45.24
CA ASN FA 123 -41.31 -19.45 -46.46
C ASN FA 123 -41.00 -18.18 -47.25
N ILE FA 124 -40.28 -18.36 -48.36
CA ILE FA 124 -39.75 -17.21 -49.11
C ILE FA 124 -40.89 -16.36 -49.65
N VAL FA 125 -41.87 -17.00 -50.29
CA VAL FA 125 -42.90 -16.26 -51.01
C VAL FA 125 -43.77 -15.49 -50.03
N ASP FA 126 -44.14 -16.10 -48.90
CA ASP FA 126 -44.98 -15.43 -47.92
C ASP FA 126 -44.21 -14.49 -47.01
N PHE FA 127 -42.89 -14.59 -46.97
CA PHE FA 127 -42.07 -13.64 -46.23
C PHE FA 127 -41.74 -12.41 -47.07
N SER FA 128 -41.72 -12.55 -48.39
CA SER FA 128 -41.40 -11.42 -49.25
C SER FA 128 -42.48 -10.35 -49.27
N VAL FA 129 -43.65 -10.62 -48.69
CA VAL FA 129 -44.74 -9.64 -48.70
C VAL FA 129 -44.47 -8.61 -47.60
N ASP FA 130 -43.80 -7.52 -47.96
CA ASP FA 130 -43.46 -6.45 -47.04
C ASP FA 130 -42.57 -6.98 -45.91
N PRO FA 131 -41.33 -7.38 -46.22
CA PRO FA 131 -40.42 -7.83 -45.16
C PRO FA 131 -39.79 -6.64 -44.46
N GLN FA 132 -40.09 -6.51 -43.17
CA GLN FA 132 -39.64 -5.37 -42.37
C GLN FA 132 -38.49 -5.82 -41.49
N LEU FA 133 -37.30 -5.30 -41.79
CA LEU FA 133 -36.08 -5.67 -41.06
C LEU FA 133 -35.75 -4.59 -40.04
N TYR FA 134 -36.66 -4.42 -39.08
CA TYR FA 134 -36.50 -3.43 -38.01
C TYR FA 134 -35.49 -3.98 -37.02
N CYS FA 135 -34.21 -3.88 -37.38
CA CYS FA 135 -33.19 -4.55 -36.59
C CYS FA 135 -31.84 -3.99 -37.04
N ASP FA 136 -30.75 -4.52 -36.49
CA ASP FA 136 -29.44 -3.84 -36.58
C ASP FA 136 -28.41 -4.56 -37.43
N TYR FA 137 -28.33 -5.88 -37.41
CA TYR FA 137 -27.46 -6.62 -38.32
C TYR FA 137 -28.25 -7.84 -38.80
N ASN FA 138 -28.74 -7.79 -40.03
CA ASN FA 138 -29.75 -8.73 -40.51
C ASN FA 138 -29.13 -9.82 -41.37
N LEU FA 139 -29.53 -11.05 -41.11
CA LEU FA 139 -29.13 -12.21 -41.90
C LEU FA 139 -30.39 -12.94 -42.31
N VAL FA 140 -30.50 -13.28 -43.59
CA VAL FA 140 -31.69 -13.93 -44.12
C VAL FA 140 -31.25 -15.22 -44.81
N LEU FA 141 -31.55 -16.35 -44.18
CA LEU FA 141 -31.32 -17.64 -44.82
C LEU FA 141 -32.46 -17.93 -45.78
N MET FA 142 -32.13 -18.58 -46.90
CA MET FA 142 -33.12 -18.88 -47.93
C MET FA 142 -32.78 -20.23 -48.53
N LYS FA 143 -33.65 -21.21 -48.30
CA LYS FA 143 -33.47 -22.53 -48.90
C LYS FA 143 -33.90 -22.44 -50.36
N TYR FA 144 -32.93 -22.48 -51.27
CA TYR FA 144 -33.24 -22.40 -52.68
C TYR FA 144 -34.03 -23.62 -53.12
N ASP FA 145 -35.04 -23.39 -53.94
CA ASP FA 145 -35.82 -24.47 -54.52
C ASP FA 145 -36.15 -24.13 -55.96
N GLN FA 146 -36.42 -25.15 -56.75
CA GLN FA 146 -36.74 -24.96 -58.15
C GLN FA 146 -38.02 -24.16 -58.30
N SER FA 147 -38.09 -23.37 -59.37
CA SER FA 147 -39.21 -22.51 -59.75
C SER FA 147 -39.40 -21.32 -58.84
N LEU FA 148 -38.61 -21.17 -57.78
CA LEU FA 148 -38.60 -19.97 -56.95
C LEU FA 148 -37.40 -19.09 -57.23
N GLU FA 149 -36.75 -19.28 -58.39
CA GLU FA 149 -35.59 -18.47 -58.72
C GLU FA 149 -35.95 -17.00 -58.78
N LEU FA 150 -36.99 -16.65 -59.54
CA LEU FA 150 -37.37 -15.25 -59.65
C LEU FA 150 -37.88 -14.70 -58.33
N ASP FA 151 -38.66 -15.49 -57.59
CA ASP FA 151 -39.19 -14.98 -56.33
C ASP FA 151 -38.07 -14.69 -55.35
N MET FA 152 -37.10 -15.59 -55.26
CA MET FA 152 -35.96 -15.37 -54.37
C MET FA 152 -35.13 -14.18 -54.83
N SER FA 153 -34.92 -14.04 -56.14
CA SER FA 153 -34.16 -12.91 -56.64
C SER FA 153 -34.90 -11.59 -56.39
N GLU FA 154 -36.22 -11.59 -56.56
CA GLU FA 154 -37.01 -10.41 -56.27
C GLU FA 154 -36.88 -10.03 -54.81
N LEU FA 155 -36.99 -11.02 -53.91
CA LEU FA 155 -36.86 -10.73 -52.48
C LEU FA 155 -35.48 -10.17 -52.16
N ALA FA 156 -34.43 -10.77 -52.73
CA ALA FA 156 -33.08 -10.28 -52.48
C ALA FA 156 -32.92 -8.86 -52.98
N ASP FA 157 -33.43 -8.57 -54.18
CA ASP FA 157 -33.34 -7.21 -54.70
C ASP FA 157 -34.10 -6.24 -53.82
N LEU FA 158 -35.23 -6.68 -53.26
CA LEU FA 158 -36.03 -5.80 -52.42
C LEU FA 158 -35.32 -5.48 -51.12
N ILE FA 159 -34.68 -6.48 -50.49
CA ILE FA 159 -34.14 -6.25 -49.15
C ILE FA 159 -32.69 -5.77 -49.15
N LEU FA 160 -31.91 -6.07 -50.19
CA LEU FA 160 -30.50 -5.74 -50.19
C LEU FA 160 -30.21 -4.33 -50.68
N ASN FA 161 -31.23 -3.55 -51.01
CA ASN FA 161 -31.04 -2.19 -51.50
C ASN FA 161 -32.07 -1.28 -50.87
N GLU FA 162 -31.68 -0.03 -50.66
CA GLU FA 162 -32.57 0.96 -50.08
C GLU FA 162 -33.53 1.46 -51.15
N TRP FA 163 -34.83 1.32 -50.90
CA TRP FA 163 -35.87 1.68 -51.85
C TRP FA 163 -36.65 2.87 -51.32
N LEU FA 164 -36.78 3.91 -52.14
CA LEU FA 164 -37.56 5.09 -51.81
C LEU FA 164 -38.88 5.01 -52.56
N CYS FA 165 -39.96 4.73 -51.85
CA CYS FA 165 -41.23 4.39 -52.47
C CYS FA 165 -42.27 5.47 -52.21
N ASN FA 166 -42.92 5.93 -53.28
CA ASN FA 166 -44.08 6.79 -53.25
C ASN FA 166 -45.33 5.99 -53.63
N PRO FA 167 -46.52 6.45 -53.25
CA PRO FA 167 -47.73 5.70 -53.58
C PRO FA 167 -47.98 5.71 -55.08
N MET FA 168 -49.01 4.96 -55.46
CA MET FA 168 -49.50 4.95 -56.83
C MET FA 168 -51.00 4.75 -56.79
N ASP FA 169 -51.75 5.80 -57.14
CA ASP FA 169 -53.20 5.71 -57.23
C ASP FA 169 -53.53 5.18 -58.62
N ILE FA 170 -53.72 3.86 -58.70
CA ILE FA 170 -53.94 3.23 -60.00
C ILE FA 170 -55.20 3.77 -60.65
N THR FA 171 -56.24 4.02 -59.86
CA THR FA 171 -57.55 4.31 -60.42
C THR FA 171 -57.61 5.68 -61.09
N LEU FA 172 -56.66 6.57 -60.80
CA LEU FA 172 -56.79 7.97 -61.21
C LEU FA 172 -55.72 8.42 -62.19
N TYR FA 173 -54.44 8.19 -61.88
CA TYR FA 173 -53.35 8.68 -62.71
C TYR FA 173 -52.86 7.61 -63.67
N TYR FA 174 -52.10 8.06 -64.67
CA TYR FA 174 -51.34 7.20 -65.56
C TYR FA 174 -49.87 7.40 -65.26
N TYR FA 175 -49.13 6.30 -65.12
CA TYR FA 175 -47.80 6.33 -64.53
C TYR FA 175 -46.71 6.10 -65.57
N GLN FA 176 -45.48 6.32 -65.11
CA GLN FA 176 -44.32 6.37 -65.97
C GLN FA 176 -43.13 5.84 -65.17
N GLN FA 177 -42.00 5.67 -65.85
CA GLN FA 177 -40.75 5.29 -65.21
C GLN FA 177 -39.69 6.29 -65.65
N SER FA 178 -39.11 7.01 -64.68
CA SER FA 178 -38.15 8.05 -65.01
C SER FA 178 -36.90 7.47 -65.65
N GLY FA 179 -36.41 6.35 -65.15
CA GLY FA 179 -35.19 5.79 -65.68
C GLY FA 179 -34.97 4.38 -65.20
N GLU FA 180 -33.75 3.89 -65.45
CA GLU FA 180 -33.39 2.52 -65.07
C GLU FA 180 -33.45 2.29 -63.57
N SER FA 181 -33.36 3.36 -62.77
CA SER FA 181 -33.36 3.24 -61.32
C SER FA 181 -34.77 3.19 -60.72
N ASN FA 182 -35.80 3.23 -61.54
CA ASN FA 182 -37.19 3.24 -61.08
C ASN FA 182 -37.85 1.90 -61.38
N LYS FA 183 -38.63 1.41 -60.43
CA LYS FA 183 -39.39 0.18 -60.60
C LYS FA 183 -40.74 0.38 -59.92
N TRP FA 184 -41.64 -0.59 -60.09
CA TRP FA 184 -42.90 -0.62 -59.36
C TRP FA 184 -42.93 -1.91 -58.56
N ILE FA 185 -42.95 -1.80 -57.24
CA ILE FA 185 -43.04 -2.97 -56.37
C ILE FA 185 -44.48 -3.14 -55.93
N SER FA 186 -45.04 -4.30 -56.23
CA SER FA 186 -46.39 -4.68 -55.82
C SER FA 186 -46.29 -5.76 -54.76
N MET FA 187 -47.01 -5.56 -53.66
CA MET FA 187 -46.98 -6.48 -52.53
C MET FA 187 -48.39 -6.72 -52.03
N GLY FA 188 -48.70 -7.98 -51.73
CA GLY FA 188 -50.00 -8.32 -51.22
C GLY FA 188 -50.18 -9.83 -51.20
N SER FA 189 -51.41 -10.24 -50.88
CA SER FA 189 -51.72 -11.66 -50.85
C SER FA 189 -51.75 -12.25 -52.25
N SER FA 190 -52.21 -11.48 -53.24
CA SER FA 190 -52.30 -11.99 -54.61
C SER FA 190 -52.23 -10.77 -55.55
N CYS FA 191 -51.07 -10.57 -56.16
CA CYS FA 191 -50.85 -9.48 -57.09
C CYS FA 191 -50.95 -9.98 -58.51
N THR FA 192 -51.81 -9.34 -59.31
CA THR FA 192 -51.91 -9.61 -60.74
C THR FA 192 -51.88 -8.25 -61.45
N VAL FA 193 -50.68 -7.78 -61.73
CA VAL FA 193 -50.51 -6.49 -62.38
C VAL FA 193 -50.77 -6.65 -63.86
N LYS FA 194 -51.66 -5.81 -64.41
CA LYS FA 194 -51.94 -5.79 -65.85
C LYS FA 194 -51.69 -4.37 -66.35
N VAL FA 195 -50.62 -4.19 -67.12
CA VAL FA 195 -50.20 -2.88 -67.59
C VAL FA 195 -50.61 -2.72 -69.05
N CYS FA 196 -51.12 -1.54 -69.37
CA CYS FA 196 -51.49 -1.18 -70.73
C CYS FA 196 -50.69 0.07 -71.09
N PRO FA 197 -49.64 -0.03 -71.91
CA PRO FA 197 -48.92 1.17 -72.32
C PRO FA 197 -49.76 2.02 -73.25
N LEU FA 198 -49.37 3.29 -73.35
CA LEU FA 198 -50.17 4.29 -74.04
C LEU FA 198 -49.35 5.01 -75.11
N ASN FA 199 -50.06 5.56 -76.08
CA ASN FA 199 -49.47 6.40 -77.10
C ASN FA 199 -49.09 7.74 -76.49
N THR FA 200 -48.56 8.64 -77.32
CA THR FA 200 -48.38 10.02 -76.91
C THR FA 200 -49.71 10.77 -76.83
N GLN FA 201 -50.80 10.21 -77.34
CA GLN FA 201 -52.12 10.82 -77.28
C GLN FA 201 -53.07 10.05 -76.37
N THR FA 202 -52.54 9.26 -75.44
CA THR FA 202 -53.36 8.58 -74.43
C THR FA 202 -54.29 7.55 -75.06
N LEU FA 203 -53.81 6.86 -76.09
CA LEU FA 203 -54.46 5.69 -76.65
C LEU FA 203 -53.54 4.50 -76.50
N GLY FA 204 -54.09 3.38 -76.05
CA GLY FA 204 -53.27 2.21 -75.79
C GLY FA 204 -52.69 1.64 -77.06
N ILE FA 205 -51.58 0.91 -76.91
CA ILE FA 205 -50.94 0.19 -78.00
C ILE FA 205 -50.80 -1.26 -77.58
N GLY FA 206 -51.42 -2.16 -78.33
CA GLY FA 206 -51.56 -3.53 -77.90
C GLY FA 206 -52.62 -3.75 -76.85
N CYS FA 207 -53.40 -2.72 -76.53
CA CYS FA 207 -54.40 -2.80 -75.47
C CYS FA 207 -55.34 -1.61 -75.63
N GLN FA 208 -56.58 -1.80 -75.21
CA GLN FA 208 -57.56 -0.73 -75.16
C GLN FA 208 -57.71 -0.26 -73.72
N THR FA 209 -57.81 1.06 -73.55
CA THR FA 209 -57.80 1.63 -72.21
C THR FA 209 -59.00 1.21 -71.37
N THR FA 210 -60.05 0.67 -72.00
CA THR FA 210 -61.27 0.27 -71.31
C THR FA 210 -61.38 -1.23 -71.07
N ASN FA 211 -60.51 -2.04 -71.67
CA ASN FA 211 -60.66 -3.50 -71.65
C ASN FA 211 -59.48 -4.13 -70.91
N VAL FA 212 -59.73 -4.52 -69.66
CA VAL FA 212 -58.73 -5.22 -68.88
C VAL FA 212 -58.40 -6.56 -69.49
N ASP FA 213 -59.28 -7.10 -70.32
CA ASP FA 213 -58.93 -8.29 -71.09
C ASP FA 213 -57.84 -7.95 -72.11
N SER FA 214 -57.99 -6.82 -72.80
CA SER FA 214 -56.98 -6.43 -73.78
C SER FA 214 -55.66 -6.07 -73.13
N PHE FA 215 -55.70 -5.61 -71.87
CA PHE FA 215 -54.49 -5.31 -71.12
C PHE FA 215 -53.49 -6.46 -71.15
N GLU FA 216 -52.21 -6.16 -70.99
CA GLU FA 216 -51.15 -7.16 -71.03
C GLU FA 216 -50.70 -7.48 -69.62
N THR FA 217 -50.68 -8.77 -69.28
CA THR FA 217 -50.29 -9.20 -67.94
C THR FA 217 -48.78 -9.26 -67.83
N VAL FA 218 -48.23 -8.67 -66.77
CA VAL FA 218 -46.79 -8.60 -66.56
C VAL FA 218 -46.39 -9.40 -65.33
N ALA FA 219 -47.29 -9.49 -64.35
CA ALA FA 219 -47.07 -10.30 -63.16
C ALA FA 219 -48.41 -10.88 -62.74
N GLU FA 220 -48.38 -12.11 -62.22
CA GLU FA 220 -49.60 -12.86 -61.98
C GLU FA 220 -49.51 -13.60 -60.64
N ASN FA 221 -50.35 -13.18 -59.69
CA ASN FA 221 -50.66 -13.98 -58.49
C ASN FA 221 -49.41 -14.34 -57.70
N GLU FA 222 -48.51 -13.37 -57.51
CA GLU FA 222 -47.35 -13.54 -56.67
C GLU FA 222 -47.37 -12.53 -55.54
N LYS FA 223 -46.75 -12.91 -54.42
CA LYS FA 223 -46.77 -12.04 -53.24
C LYS FA 223 -45.96 -10.77 -53.49
N LEU FA 224 -44.84 -10.88 -54.18
CA LEU FA 224 -43.96 -9.75 -54.45
C LEU FA 224 -43.66 -9.69 -55.94
N ALA FA 225 -43.85 -8.52 -56.54
CA ALA FA 225 -43.61 -8.34 -57.97
C ALA FA 225 -42.93 -7.00 -58.18
N ILE FA 226 -41.63 -7.03 -58.48
CA ILE FA 226 -40.87 -5.82 -58.80
C ILE FA 226 -40.86 -5.70 -60.32
N VAL FA 227 -41.88 -5.05 -60.86
CA VAL FA 227 -42.07 -4.97 -62.29
C VAL FA 227 -41.38 -3.72 -62.85
N ASP FA 228 -40.70 -3.91 -63.97
CA ASP FA 228 -40.15 -2.85 -64.78
C ASP FA 228 -40.83 -2.84 -66.13
N VAL FA 229 -40.93 -1.66 -66.73
CA VAL FA 229 -41.55 -1.48 -68.03
C VAL FA 229 -40.70 -0.47 -68.81
N VAL FA 230 -41.10 -0.21 -70.05
CA VAL FA 230 -40.37 0.74 -70.88
C VAL FA 230 -40.39 2.10 -70.20
N ASP FA 231 -39.28 2.82 -70.31
CA ASP FA 231 -39.11 4.10 -69.64
C ASP FA 231 -39.43 5.22 -70.62
N GLY FA 232 -40.31 6.12 -70.20
CA GLY FA 232 -40.76 7.21 -71.05
C GLY FA 232 -42.07 6.97 -71.76
N ILE FA 233 -42.78 5.89 -71.44
CA ILE FA 233 -44.08 5.59 -72.02
C ILE FA 233 -45.08 5.55 -70.88
N ASN FA 234 -46.12 6.38 -70.96
CA ASN FA 234 -47.16 6.36 -69.96
C ASN FA 234 -47.87 5.02 -69.96
N HIS FA 235 -48.27 4.58 -68.78
CA HIS FA 235 -48.91 3.28 -68.59
C HIS FA 235 -50.19 3.47 -67.78
N LYS FA 236 -51.17 2.62 -68.06
CA LYS FA 236 -52.35 2.49 -67.21
C LYS FA 236 -52.35 1.11 -66.60
N ILE FA 237 -52.46 1.06 -65.28
CA ILE FA 237 -52.34 -0.20 -64.54
C ILE FA 237 -53.73 -0.65 -64.11
N ASN FA 238 -53.91 -1.96 -63.99
CA ASN FA 238 -54.96 -2.53 -63.16
C ASN FA 238 -54.36 -3.59 -62.27
N LEU FA 239 -54.46 -3.38 -60.96
CA LEU FA 239 -53.98 -4.34 -59.97
C LEU FA 239 -54.94 -4.35 -58.79
N THR FA 240 -56.03 -5.13 -58.91
CA THR FA 240 -56.73 -5.80 -57.81
C THR FA 240 -56.60 -5.09 -56.47
N THR FA 241 -56.97 -3.81 -56.42
CA THR FA 241 -56.49 -2.92 -55.36
C THR FA 241 -56.85 -3.39 -53.95
N THR FA 242 -57.86 -4.24 -53.81
CA THR FA 242 -58.30 -4.63 -52.48
C THR FA 242 -57.31 -5.55 -51.78
N THR FA 243 -56.37 -6.17 -52.51
CA THR FA 243 -55.49 -7.17 -51.92
C THR FA 243 -54.04 -7.07 -52.37
N CYS FA 244 -53.64 -6.00 -53.05
CA CYS FA 244 -52.25 -5.89 -53.49
C CYS FA 244 -51.92 -4.41 -53.69
N THR FA 245 -51.21 -3.83 -52.72
CA THR FA 245 -50.77 -2.45 -52.89
C THR FA 245 -49.60 -2.42 -53.85
N ILE FA 246 -49.38 -1.26 -54.47
CA ILE FA 246 -48.29 -1.06 -55.40
C ILE FA 246 -47.66 0.29 -55.11
N ARG FA 247 -46.34 0.36 -55.24
CA ARG FA 247 -45.59 1.57 -54.93
C ARG FA 247 -44.56 1.83 -56.01
N ASN FA 248 -44.46 3.09 -56.41
CA ASN FA 248 -43.47 3.55 -57.38
C ASN FA 248 -42.20 3.84 -56.61
N CYS FA 249 -41.15 3.03 -56.85
CA CYS FA 249 -39.97 3.04 -56.00
C CYS FA 249 -38.73 3.38 -56.81
N LYS FA 250 -37.80 4.06 -56.15
CA LYS FA 250 -36.53 4.48 -56.71
C LYS FA 250 -35.40 3.79 -55.97
N LYS FA 251 -34.32 3.52 -56.71
CA LYS FA 251 -33.21 2.71 -56.24
C LYS FA 251 -32.11 3.64 -55.73
N LEU FA 252 -31.96 3.70 -54.41
CA LEU FA 252 -30.85 4.43 -53.80
C LEU FA 252 -29.65 3.49 -53.74
N GLY FA 253 -28.64 3.85 -52.96
CA GLY FA 253 -27.49 3.01 -52.76
C GLY FA 253 -27.85 1.68 -52.14
N PRO FA 254 -26.84 0.85 -51.86
CA PRO FA 254 -27.11 -0.49 -51.36
C PRO FA 254 -27.37 -0.49 -49.86
N ARG FA 255 -28.15 -1.47 -49.42
CA ARG FA 255 -28.50 -1.62 -48.01
C ARG FA 255 -27.55 -2.64 -47.41
N GLU FA 256 -26.47 -2.14 -46.82
CA GLU FA 256 -25.45 -3.01 -46.24
C GLU FA 256 -25.94 -3.70 -44.97
N ASN FA 257 -27.06 -3.24 -44.41
CA ASN FA 257 -27.49 -3.73 -43.10
C ASN FA 257 -27.83 -5.21 -43.11
N VAL FA 258 -28.19 -5.76 -44.28
CA VAL FA 258 -28.71 -7.11 -44.40
C VAL FA 258 -27.85 -7.90 -45.38
N ALA FA 259 -27.65 -9.18 -45.06
CA ALA FA 259 -26.96 -10.12 -45.93
C ALA FA 259 -27.84 -11.34 -46.14
N VAL FA 260 -27.72 -11.91 -47.34
CA VAL FA 260 -28.55 -13.03 -47.78
C VAL FA 260 -27.67 -14.25 -47.85
N ILE FA 261 -28.19 -15.40 -47.42
CA ILE FA 261 -27.47 -16.66 -47.42
C ILE FA 261 -28.33 -17.68 -48.15
N GLN FA 262 -27.94 -18.01 -49.38
CA GLN FA 262 -28.60 -19.05 -50.15
C GLN FA 262 -28.09 -20.39 -49.65
N VAL FA 263 -28.97 -21.14 -48.99
CA VAL FA 263 -28.58 -22.41 -48.39
C VAL FA 263 -28.55 -23.54 -49.43
N GLY FA 264 -29.17 -23.37 -50.58
CA GLY FA 264 -29.37 -24.48 -51.49
C GLY FA 264 -28.38 -24.58 -52.63
N GLY FA 265 -28.81 -24.16 -53.81
CA GLY FA 265 -28.19 -24.61 -55.04
C GLY FA 265 -27.02 -23.76 -55.52
N ALA FA 266 -27.14 -23.23 -56.74
CA ALA FA 266 -26.07 -22.49 -57.38
C ALA FA 266 -26.40 -21.01 -57.44
N ASN FA 267 -25.37 -20.21 -57.73
CA ASN FA 267 -25.53 -18.77 -57.82
C ASN FA 267 -26.56 -18.40 -58.88
N ILE FA 268 -27.68 -17.82 -58.45
CA ILE FA 268 -28.72 -17.37 -59.37
C ILE FA 268 -29.18 -15.95 -59.11
N LEU FA 269 -28.93 -15.38 -57.92
CA LEU FA 269 -29.53 -14.13 -57.54
C LEU FA 269 -29.01 -12.99 -58.41
N ASP FA 270 -29.88 -12.44 -59.25
CA ASP FA 270 -29.58 -11.29 -60.11
C ASP FA 270 -30.32 -10.10 -59.50
N ILE FA 271 -29.68 -9.43 -58.55
CA ILE FA 271 -30.29 -8.27 -57.94
C ILE FA 271 -30.45 -7.14 -58.96
N THR FA 272 -29.50 -7.02 -59.89
CA THR FA 272 -29.55 -5.95 -60.89
C THR FA 272 -30.51 -6.36 -61.99
N ALA FA 273 -31.62 -5.63 -62.10
CA ALA FA 273 -32.63 -5.94 -63.12
C ALA FA 273 -32.09 -5.77 -64.53
N ASP FA 274 -31.00 -5.05 -64.70
CA ASP FA 274 -30.38 -4.93 -66.01
C ASP FA 274 -29.96 -6.32 -66.50
N PRO FA 275 -30.31 -6.72 -67.73
CA PRO FA 275 -29.81 -8.01 -68.23
C PRO FA 275 -28.30 -8.10 -68.31
N THR FA 276 -27.63 -6.99 -68.63
CA THR FA 276 -26.20 -7.05 -68.90
C THR FA 276 -25.42 -7.46 -67.65
N THR FA 277 -25.51 -6.65 -66.59
CA THR FA 277 -24.71 -6.88 -65.39
C THR FA 277 -25.45 -7.82 -64.45
N ASN FA 278 -24.79 -8.90 -64.06
CA ASN FA 278 -25.31 -9.88 -63.12
C ASN FA 278 -24.24 -10.12 -62.06
N PRO FA 279 -23.92 -9.09 -61.28
CA PRO FA 279 -22.70 -9.16 -60.45
C PRO FA 279 -22.84 -10.13 -59.29
N GLN FA 280 -21.78 -10.25 -58.50
CA GLN FA 280 -21.77 -11.07 -57.29
C GLN FA 280 -21.35 -10.16 -56.13
N ILE FA 281 -22.32 -9.77 -55.31
CA ILE FA 281 -22.06 -8.87 -54.20
C ILE FA 281 -21.50 -9.66 -53.04
N GLU FA 282 -20.75 -8.97 -52.19
CA GLU FA 282 -20.18 -9.63 -51.01
C GLU FA 282 -21.27 -10.13 -50.08
N ARG FA 283 -22.40 -9.44 -50.02
CA ARG FA 283 -23.48 -9.77 -49.08
C ARG FA 283 -24.36 -10.91 -49.56
N MET FA 284 -24.21 -11.35 -50.81
CA MET FA 284 -24.92 -12.52 -51.32
C MET FA 284 -24.03 -13.72 -51.13
N MET FA 285 -24.17 -14.39 -50.00
CA MET FA 285 -23.38 -15.57 -49.67
C MET FA 285 -24.15 -16.83 -50.01
N ARG FA 286 -23.42 -17.90 -50.26
CA ARG FA 286 -24.00 -19.19 -50.60
C ARG FA 286 -23.31 -20.27 -49.78
N VAL FA 287 -24.06 -21.32 -49.46
CA VAL FA 287 -23.51 -22.42 -48.71
C VAL FA 287 -24.30 -23.68 -49.03
N ASN FA 288 -23.61 -24.81 -49.10
CA ASN FA 288 -24.25 -26.10 -49.26
C ASN FA 288 -24.73 -26.60 -47.92
N TRP FA 289 -25.55 -27.65 -47.93
CA TRP FA 289 -26.16 -28.08 -46.69
C TRP FA 289 -26.76 -29.48 -46.83
N LYS FA 290 -26.74 -30.20 -45.73
CA LYS FA 290 -27.63 -31.33 -45.50
C LYS FA 290 -28.36 -31.25 -44.17
N ARG FA 291 -27.82 -30.54 -43.18
CA ARG FA 291 -28.40 -30.45 -41.85
C ARG FA 291 -28.47 -29.00 -41.41
N TRP FA 292 -29.65 -28.58 -40.99
CA TRP FA 292 -29.83 -27.21 -40.53
C TRP FA 292 -28.96 -26.91 -39.33
N TRP FA 293 -28.69 -27.90 -38.49
CA TRP FA 293 -27.76 -27.70 -37.39
C TRP FA 293 -26.39 -27.32 -37.90
N GLN FA 294 -25.91 -28.00 -38.95
CA GLN FA 294 -24.62 -27.67 -39.51
C GLN FA 294 -24.64 -26.27 -40.11
N VAL FA 295 -25.74 -25.90 -40.77
CA VAL FA 295 -25.83 -24.56 -41.33
C VAL FA 295 -25.70 -23.52 -40.22
N PHE FA 296 -26.46 -23.69 -39.14
CA PHE FA 296 -26.44 -22.70 -38.07
C PHE FA 296 -25.09 -22.67 -37.36
N TYR FA 297 -24.46 -23.82 -37.19
CA TYR FA 297 -23.13 -23.82 -36.59
C TYR FA 297 -22.13 -23.09 -37.46
N THR FA 298 -22.23 -23.26 -38.79
CA THR FA 298 -21.37 -22.49 -39.67
C THR FA 298 -21.61 -21.00 -39.51
N ILE FA 299 -22.88 -20.60 -39.42
CA ILE FA 299 -23.20 -19.19 -39.22
C ILE FA 299 -22.55 -18.67 -37.96
N VAL FA 300 -22.71 -19.40 -36.86
CA VAL FA 300 -22.18 -18.94 -35.58
C VAL FA 300 -20.68 -18.88 -35.62
N ASP FA 301 -20.03 -19.89 -36.22
CA ASP FA 301 -18.58 -19.91 -36.25
C ASP FA 301 -18.03 -18.74 -37.03
N TYR FA 302 -18.64 -18.42 -38.18
CA TYR FA 302 -18.12 -17.38 -39.06
C TYR FA 302 -18.88 -16.08 -38.93
N ILE FA 303 -19.57 -15.86 -37.81
CA ILE FA 303 -20.41 -14.67 -37.67
C ILE FA 303 -19.57 -13.41 -37.71
N ASN FA 304 -18.33 -13.46 -37.22
CA ASN FA 304 -17.48 -12.27 -37.31
C ASN FA 304 -17.20 -11.91 -38.76
N GLN FA 305 -16.94 -12.92 -39.59
CA GLN FA 305 -16.68 -12.66 -41.01
C GLN FA 305 -17.92 -12.12 -41.70
N ILE FA 306 -19.10 -12.64 -41.33
CA ILE FA 306 -20.33 -12.17 -41.92
C ILE FA 306 -20.58 -10.71 -41.58
N VAL FA 307 -20.36 -10.34 -40.32
CA VAL FA 307 -20.52 -8.95 -39.94
C VAL FA 307 -19.48 -8.08 -40.63
N GLN FA 308 -18.27 -8.61 -40.83
CA GLN FA 308 -17.28 -7.86 -41.60
C GLN FA 308 -17.77 -7.61 -43.02
N VAL FA 309 -18.43 -8.61 -43.62
CA VAL FA 309 -19.00 -8.42 -44.94
C VAL FA 309 -20.07 -7.34 -44.91
N MET FA 310 -20.90 -7.35 -43.88
CA MET FA 310 -21.95 -6.34 -43.75
C MET FA 310 -21.38 -5.07 -43.13
N SER FA 311 -22.25 -4.09 -42.91
CA SER FA 311 -21.88 -2.89 -42.19
C SER FA 311 -23.14 -2.18 -41.76
N LYS FA 312 -23.00 -1.25 -40.81
CA LYS FA 312 -24.15 -0.55 -40.27
C LYS FA 312 -24.86 0.23 -41.36
N ARG FA 313 -26.19 0.29 -41.26
CA ARG FA 313 -26.98 0.92 -42.30
C ARG FA 313 -26.60 2.38 -42.45
N SER FA 314 -26.36 2.81 -43.69
CA SER FA 314 -25.98 4.20 -43.92
C SER FA 314 -27.10 5.15 -43.56
N ARG FA 315 -28.34 4.71 -43.67
CA ARG FA 315 -29.51 5.55 -43.42
C ARG FA 315 -30.02 5.46 -41.99
N SER FA 316 -29.41 4.63 -41.15
CA SER FA 316 -29.78 4.55 -39.74
C SER FA 316 -29.01 5.52 -38.86
N LEU FA 317 -28.02 6.22 -39.42
CA LEU FA 317 -27.12 7.05 -38.63
C LEU FA 317 -27.56 8.51 -38.69
N ASN FA 318 -27.21 9.24 -37.64
CA ASN FA 318 -27.40 10.68 -37.65
C ASN FA 318 -26.66 11.36 -38.80
N SER FA 319 -25.57 10.74 -39.29
CA SER FA 319 -24.88 11.29 -40.45
C SER FA 319 -25.81 11.48 -41.62
N ALA FA 320 -26.71 10.51 -41.85
CA ALA FA 320 -27.68 10.57 -42.93
C ALA FA 320 -28.99 11.21 -42.49
N ALA FA 321 -28.94 12.14 -41.53
CA ALA FA 321 -30.15 12.59 -40.86
C ALA FA 321 -31.12 13.24 -41.83
N PHE FA 322 -30.65 14.20 -42.61
CA PHE FA 322 -31.53 15.04 -43.43
C PHE FA 322 -31.45 14.68 -44.91
N TYR FA 323 -31.14 13.43 -45.22
CA TYR FA 323 -31.20 12.95 -46.60
C TYR FA 323 -32.37 11.99 -46.79
N TYR FA 324 -32.30 10.79 -46.24
CA TYR FA 324 -33.44 9.89 -46.21
C TYR FA 324 -33.36 9.01 -44.96
N ARG FA 325 -33.10 9.62 -43.81
CA ARG FA 325 -32.85 8.86 -42.60
C ARG FA 325 -34.04 7.96 -42.26
N VAL FA 326 -33.73 6.73 -41.87
CA VAL FA 326 -34.75 5.79 -41.43
C VAL FA 326 -34.13 4.83 -40.42
N GLY GA 54 -8.46 -4.43 -89.81
CA GLY GA 54 -7.15 -3.80 -89.81
C GLY GA 54 -6.08 -4.69 -89.25
N LEU GA 55 -6.06 -5.95 -89.72
CA LEU GA 55 -5.09 -6.93 -89.24
C LEU GA 55 -3.82 -6.84 -90.09
N ASN GA 56 -2.70 -6.62 -89.41
CA ASN GA 56 -1.37 -6.65 -90.04
C ASN GA 56 -1.13 -5.45 -90.95
N ILE GA 57 -1.72 -4.31 -90.64
CA ILE GA 57 -1.37 -3.03 -91.25
C ILE GA 57 -1.31 -2.00 -90.13
N PRO GA 58 -0.17 -1.38 -89.86
CA PRO GA 58 -0.07 -0.50 -88.67
C PRO GA 58 -1.02 0.68 -88.77
N ILE GA 59 -1.54 1.10 -87.62
CA ILE GA 59 -2.47 2.22 -87.51
C ILE GA 59 -1.97 3.11 -86.39
N THR GA 60 -1.23 4.15 -86.74
CA THR GA 60 -0.80 5.11 -85.73
C THR GA 60 -1.99 5.91 -85.23
N GLY GA 61 -1.90 6.35 -83.97
CA GLY GA 61 -2.96 7.14 -83.37
C GLY GA 61 -2.54 7.73 -82.04
N SER GA 62 -2.81 9.01 -81.84
CA SER GA 62 -2.39 9.67 -80.61
C SER GA 62 -3.31 9.29 -79.46
N MET GA 63 -2.78 9.43 -78.24
CA MET GA 63 -3.53 9.13 -77.04
C MET GA 63 -4.15 10.37 -76.40
N ASP GA 64 -3.73 11.56 -76.79
CA ASP GA 64 -4.23 12.81 -76.22
C ASP GA 64 -5.35 13.42 -77.04
N THR GA 65 -5.79 12.78 -78.12
CA THR GA 65 -6.80 13.38 -78.97
C THR GA 65 -8.15 13.44 -78.26
N VAL GA 66 -9.02 14.32 -78.76
CA VAL GA 66 -10.31 14.53 -78.13
C VAL GA 66 -11.22 13.34 -78.40
N TYR GA 67 -12.17 13.11 -77.49
CA TYR GA 67 -13.16 12.07 -77.70
C TYR GA 67 -14.17 12.50 -78.75
N SER GA 68 -14.67 11.52 -79.49
CA SER GA 68 -15.71 11.75 -80.48
C SER GA 68 -17.05 11.90 -79.76
N ASN GA 69 -18.14 11.93 -80.52
CA ASN GA 69 -19.47 12.08 -79.96
C ASN GA 69 -20.21 10.76 -79.97
N SER GA 70 -21.27 10.69 -79.16
CA SER GA 70 -22.07 9.48 -79.08
C SER GA 70 -22.74 9.20 -80.41
N THR GA 71 -22.61 7.95 -80.87
CA THR GA 71 -23.22 7.51 -82.12
C THR GA 71 -24.37 6.55 -81.90
N ARG GA 72 -24.98 6.57 -80.71
CA ARG GA 72 -26.13 5.72 -80.46
C ARG GA 72 -27.28 6.07 -81.39
N GLU GA 73 -27.56 7.36 -81.55
CA GLU GA 73 -28.62 7.76 -82.47
C GLU GA 73 -28.26 7.40 -83.91
N GLU GA 74 -26.98 7.53 -84.27
CA GLU GA 74 -26.56 7.19 -85.63
C GLU GA 74 -26.78 5.71 -85.91
N VAL GA 75 -26.32 4.83 -85.01
CA VAL GA 75 -26.47 3.41 -85.25
C VAL GA 75 -27.93 3.00 -85.19
N PHE GA 76 -28.71 3.62 -84.31
CA PHE GA 76 -30.14 3.30 -84.27
C PHE GA 76 -30.82 3.68 -85.57
N LEU GA 77 -30.44 4.82 -86.16
CA LEU GA 77 -31.03 5.22 -87.43
C LEU GA 77 -30.56 4.31 -88.56
N THR GA 78 -29.32 3.83 -88.51
CA THR GA 78 -28.71 3.09 -89.61
C THR GA 78 -28.32 1.68 -89.19
N SER GA 79 -29.20 0.98 -88.49
CA SER GA 79 -28.99 -0.42 -88.18
C SER GA 79 -30.32 -1.14 -88.11
N THR GA 80 -30.26 -2.45 -87.89
CA THR GA 80 -31.43 -3.27 -87.67
C THR GA 80 -31.16 -4.21 -86.50
N LEU GA 81 -32.23 -4.63 -85.85
CA LEU GA 81 -32.15 -5.47 -84.66
C LEU GA 81 -33.20 -6.56 -84.78
N CYS GA 82 -32.85 -7.77 -84.36
CA CYS GA 82 -33.73 -8.92 -84.54
C CYS GA 82 -33.71 -9.78 -83.28
N LEU GA 83 -34.90 -10.06 -82.76
CA LEU GA 83 -35.07 -10.89 -81.58
C LEU GA 83 -35.52 -12.28 -81.98
N TYR GA 84 -34.72 -13.28 -81.65
CA TYR GA 84 -35.02 -14.69 -81.91
C TYR GA 84 -35.55 -15.29 -80.61
N TYR GA 85 -36.85 -15.59 -80.58
CA TYR GA 85 -37.52 -16.01 -79.35
C TYR GA 85 -38.22 -17.35 -79.58
N PRO GA 86 -38.42 -18.16 -78.54
CA PRO GA 86 -39.15 -19.40 -78.73
C PRO GA 86 -40.65 -19.17 -78.84
N THR GA 87 -41.30 -20.03 -79.61
CA THR GA 87 -42.73 -19.84 -79.89
C THR GA 87 -43.58 -19.96 -78.64
N GLU GA 88 -43.10 -20.66 -77.61
CA GLU GA 88 -43.82 -20.70 -76.34
C GLU GA 88 -43.93 -19.31 -75.72
N ALA GA 89 -43.05 -18.39 -76.08
CA ALA GA 89 -43.21 -17.00 -75.65
C ALA GA 89 -44.53 -16.43 -76.15
N SER GA 90 -44.78 -16.53 -77.46
CA SER GA 90 -46.04 -16.06 -78.01
C SER GA 90 -47.20 -16.85 -77.43
N THR GA 91 -46.99 -18.16 -77.21
CA THR GA 91 -48.05 -18.98 -76.63
C THR GA 91 -48.48 -18.42 -75.27
N GLN GA 92 -47.52 -18.07 -74.42
CA GLN GA 92 -47.86 -17.48 -73.13
C GLN GA 92 -48.46 -16.10 -73.29
N ILE GA 93 -47.94 -15.31 -74.23
CA ILE GA 93 -48.41 -13.94 -74.38
C ILE GA 93 -49.89 -13.92 -74.75
N SER GA 94 -50.30 -14.81 -75.65
CA SER GA 94 -51.71 -14.92 -76.04
C SER GA 94 -52.20 -13.61 -76.64
N ASP GA 95 -51.50 -13.20 -77.70
CA ASP GA 95 -51.75 -11.95 -78.39
C ASP GA 95 -51.34 -12.16 -79.85
N GLY GA 96 -50.89 -11.12 -80.54
CA GLY GA 96 -50.67 -11.21 -81.96
C GLY GA 96 -50.69 -9.87 -82.67
N GLU GA 97 -51.03 -8.82 -81.95
CA GLU GA 97 -50.54 -7.49 -82.26
C GLU GA 97 -49.32 -7.14 -81.44
N TRP GA 98 -48.79 -8.09 -80.66
CA TRP GA 98 -47.69 -7.79 -79.75
C TRP GA 98 -46.43 -7.42 -80.50
N LYS GA 99 -46.21 -7.97 -81.70
CA LYS GA 99 -45.05 -7.58 -82.46
C LYS GA 99 -45.10 -6.10 -82.83
N ASP GA 100 -46.26 -5.63 -83.30
CA ASP GA 100 -46.40 -4.22 -83.59
C ASP GA 100 -46.29 -3.37 -82.33
N SER GA 101 -46.84 -3.85 -81.22
CA SER GA 101 -46.73 -3.14 -79.96
C SER GA 101 -45.27 -2.93 -79.58
N LEU GA 102 -44.49 -4.02 -79.57
CA LEU GA 102 -43.09 -3.90 -79.21
C LEU GA 102 -42.32 -3.08 -80.23
N SER GA 103 -42.74 -3.09 -81.50
CA SER GA 103 -42.11 -2.20 -82.47
C SER GA 103 -42.34 -0.74 -82.08
N GLN GA 104 -43.54 -0.41 -81.61
CA GLN GA 104 -43.79 0.93 -81.11
C GLN GA 104 -42.89 1.25 -79.93
N MET GA 105 -42.71 0.28 -79.03
CA MET GA 105 -41.84 0.51 -77.87
C MET GA 105 -40.42 0.80 -78.32
N PHE GA 106 -39.91 0.01 -79.25
CA PHE GA 106 -38.55 0.22 -79.74
C PHE GA 106 -38.43 1.56 -80.46
N LEU GA 107 -39.48 2.01 -81.13
CA LEU GA 107 -39.44 3.33 -81.73
C LEU GA 107 -39.35 4.41 -80.67
N ILE GA 108 -40.09 4.26 -79.58
CA ILE GA 108 -39.96 5.22 -78.48
C ILE GA 108 -38.53 5.22 -77.95
N LYS GA 109 -37.91 4.04 -77.89
CA LYS GA 109 -36.51 3.99 -77.48
C LYS GA 109 -35.60 4.69 -78.49
N GLY GA 110 -35.94 4.61 -79.78
CA GLY GA 110 -35.16 5.29 -80.81
C GLY GA 110 -34.94 4.50 -82.08
N TRP GA 111 -35.55 3.32 -82.21
CA TRP GA 111 -35.33 2.47 -83.36
C TRP GA 111 -36.42 2.70 -84.40
N PRO GA 112 -36.13 3.17 -85.62
CA PRO GA 112 -37.22 3.44 -86.57
C PRO GA 112 -38.02 2.18 -86.88
N THR GA 113 -39.13 2.39 -87.59
CA THR GA 113 -40.15 1.36 -87.72
C THR GA 113 -39.62 0.12 -88.43
N GLY GA 114 -38.85 0.31 -89.50
CA GLY GA 114 -38.42 -0.80 -90.32
C GLY GA 114 -37.14 -1.45 -89.87
N SER GA 115 -36.74 -1.19 -88.62
CA SER GA 115 -35.45 -1.65 -88.11
C SER GA 115 -35.55 -2.86 -87.21
N VAL GA 116 -36.64 -3.03 -86.48
CA VAL GA 116 -36.77 -4.10 -85.49
C VAL GA 116 -37.58 -5.24 -86.09
N TYR GA 117 -37.11 -6.47 -85.88
CA TYR GA 117 -37.75 -7.66 -86.41
C TYR GA 117 -37.84 -8.72 -85.33
N PHE GA 118 -38.84 -9.58 -85.47
CA PHE GA 118 -39.11 -10.66 -84.52
C PHE GA 118 -39.15 -11.97 -85.29
N LYS GA 119 -38.37 -12.94 -84.84
CA LYS GA 119 -38.33 -14.26 -85.46
C LYS GA 119 -38.50 -15.32 -84.38
N GLU GA 120 -39.28 -16.35 -84.70
CA GLU GA 120 -39.58 -17.40 -83.75
C GLU GA 120 -38.69 -18.61 -84.03
N TYR GA 121 -38.86 -19.65 -83.23
CA TYR GA 121 -38.28 -20.95 -83.48
C TYR GA 121 -38.90 -21.94 -82.52
N SER GA 122 -38.97 -23.20 -82.96
CA SER GA 122 -39.68 -24.20 -82.17
C SER GA 122 -39.03 -24.38 -80.80
N ASN GA 123 -37.72 -24.59 -80.76
CA ASN GA 123 -36.97 -24.78 -79.54
C ASN GA 123 -35.50 -24.85 -79.89
N ILE GA 124 -34.64 -25.01 -78.88
CA ILE GA 124 -33.21 -24.89 -79.09
C ILE GA 124 -32.71 -25.96 -80.05
N VAL GA 125 -33.14 -27.20 -79.84
CA VAL GA 125 -32.64 -28.30 -80.66
C VAL GA 125 -33.04 -28.10 -82.13
N ASP GA 126 -34.28 -27.69 -82.38
CA ASP GA 126 -34.71 -27.48 -83.75
C ASP GA 126 -34.04 -26.26 -84.37
N PHE GA 127 -33.79 -25.22 -83.57
CA PHE GA 127 -33.18 -24.01 -84.06
C PHE GA 127 -31.69 -24.15 -84.33
N SER GA 128 -31.04 -25.13 -83.70
CA SER GA 128 -29.60 -25.30 -83.87
C SER GA 128 -29.25 -25.54 -85.33
N VAL GA 129 -30.07 -26.28 -86.06
CA VAL GA 129 -29.72 -26.64 -87.43
C VAL GA 129 -29.73 -25.41 -88.32
N ASP GA 130 -28.63 -25.18 -89.02
CA ASP GA 130 -28.49 -24.09 -89.99
C ASP GA 130 -28.95 -22.75 -89.41
N PRO GA 131 -28.39 -22.31 -88.29
CA PRO GA 131 -28.86 -21.06 -87.71
C PRO GA 131 -28.35 -19.86 -88.49
N GLN GA 132 -29.23 -19.26 -89.28
CA GLN GA 132 -28.88 -18.13 -90.13
C GLN GA 132 -29.40 -16.85 -89.48
N LEU GA 133 -28.56 -15.83 -89.43
CA LEU GA 133 -28.88 -14.56 -88.79
C LEU GA 133 -28.94 -13.49 -89.89
N TYR GA 134 -30.12 -13.35 -90.48
CA TYR GA 134 -30.37 -12.37 -91.54
C TYR GA 134 -30.55 -10.97 -90.93
N CYS GA 135 -29.53 -10.48 -90.23
CA CYS GA 135 -29.76 -9.28 -89.44
C CYS GA 135 -28.44 -8.62 -89.07
N ASP GA 136 -28.56 -7.40 -88.54
CA ASP GA 136 -27.41 -6.56 -88.21
C ASP GA 136 -27.10 -6.54 -86.72
N TYR GA 137 -28.10 -6.72 -85.87
CA TYR GA 137 -27.92 -7.06 -84.46
C TYR GA 137 -28.83 -8.24 -84.17
N ASN GA 138 -28.29 -9.25 -83.51
CA ASN GA 138 -29.05 -10.46 -83.20
C ASN GA 138 -29.11 -10.64 -81.70
N LEU GA 139 -30.31 -10.91 -81.18
CA LEU GA 139 -30.50 -11.19 -79.77
C LEU GA 139 -31.30 -12.49 -79.65
N VAL GA 140 -30.61 -13.54 -79.21
CA VAL GA 140 -31.20 -14.87 -79.13
C VAL GA 140 -31.65 -15.13 -77.71
N LEU GA 141 -32.95 -15.08 -77.48
CA LEU GA 141 -33.49 -15.57 -76.23
C LEU GA 141 -33.27 -17.07 -76.14
N MET GA 142 -33.20 -17.59 -74.92
CA MET GA 142 -32.87 -19.00 -74.75
C MET GA 142 -33.48 -19.47 -73.43
N LYS GA 143 -34.55 -20.26 -73.51
CA LYS GA 143 -35.19 -20.79 -72.31
C LYS GA 143 -34.33 -21.91 -71.76
N TYR GA 144 -33.73 -21.68 -70.59
CA TYR GA 144 -32.94 -22.72 -69.95
C TYR GA 144 -33.82 -23.92 -69.63
N ASP GA 145 -33.32 -25.11 -69.96
CA ASP GA 145 -34.02 -26.34 -69.65
C ASP GA 145 -32.99 -27.34 -69.14
N GLN GA 146 -33.28 -27.95 -67.99
CA GLN GA 146 -32.44 -29.04 -67.51
C GLN GA 146 -32.43 -30.16 -68.53
N SER GA 147 -31.26 -30.76 -68.73
CA SER GA 147 -30.96 -31.76 -69.75
C SER GA 147 -30.73 -31.14 -71.12
N LEU GA 148 -30.89 -29.83 -71.28
CA LEU GA 148 -30.51 -29.12 -72.49
C LEU GA 148 -29.26 -28.26 -72.27
N GLU GA 149 -28.53 -28.52 -71.20
CA GLU GA 149 -27.35 -27.70 -70.91
C GLU GA 149 -26.33 -27.79 -72.02
N LEU GA 150 -26.02 -29.02 -72.46
CA LEU GA 150 -25.01 -29.16 -73.49
C LEU GA 150 -25.50 -28.67 -74.84
N ASP GA 151 -26.79 -28.80 -75.13
CA ASP GA 151 -27.26 -28.33 -76.44
C ASP GA 151 -27.32 -26.81 -76.47
N MET GA 152 -27.65 -26.18 -75.34
CA MET GA 152 -27.53 -24.73 -75.25
C MET GA 152 -26.08 -24.31 -75.41
N SER GA 153 -25.15 -25.05 -74.81
CA SER GA 153 -23.74 -24.76 -74.99
C SER GA 153 -23.33 -24.92 -76.46
N GLU GA 154 -23.83 -25.95 -77.12
CA GLU GA 154 -23.54 -26.15 -78.54
C GLU GA 154 -24.00 -24.96 -79.35
N LEU GA 155 -25.26 -24.55 -79.15
CA LEU GA 155 -25.78 -23.42 -79.93
C LEU GA 155 -25.01 -22.15 -79.65
N ALA GA 156 -24.70 -21.91 -78.38
CA ALA GA 156 -23.95 -20.70 -78.02
C ALA GA 156 -22.57 -20.71 -78.64
N ASP GA 157 -21.89 -21.86 -78.63
CA ASP GA 157 -20.60 -21.95 -79.30
C ASP GA 157 -20.75 -21.68 -80.78
N LEU GA 158 -21.81 -22.21 -81.39
CA LEU GA 158 -21.95 -22.08 -82.83
C LEU GA 158 -22.18 -20.63 -83.24
N ILE GA 159 -22.98 -19.89 -82.48
CA ILE GA 159 -23.37 -18.54 -82.94
C ILE GA 159 -22.44 -17.47 -82.38
N LEU GA 160 -21.99 -17.59 -81.14
CA LEU GA 160 -21.20 -16.53 -80.53
C LEU GA 160 -19.80 -16.41 -81.10
N ASN GA 161 -19.34 -17.37 -81.89
CA ASN GA 161 -17.99 -17.36 -82.44
C ASN GA 161 -18.06 -17.51 -83.95
N GLU GA 162 -17.08 -16.94 -84.63
CA GLU GA 162 -17.01 -16.97 -86.09
C GLU GA 162 -16.27 -18.23 -86.51
N TRP GA 163 -16.98 -19.12 -87.19
CA TRP GA 163 -16.42 -20.39 -87.65
C TRP GA 163 -16.12 -20.31 -89.15
N LEU GA 164 -14.92 -20.74 -89.53
CA LEU GA 164 -14.57 -20.93 -90.93
C LEU GA 164 -14.65 -22.44 -91.18
N CYS GA 165 -15.70 -22.85 -91.88
CA CYS GA 165 -16.04 -24.27 -92.01
C CYS GA 165 -15.78 -24.73 -93.44
N ASN GA 166 -14.91 -25.73 -93.59
CA ASN GA 166 -14.70 -26.41 -94.85
C ASN GA 166 -15.57 -27.65 -94.92
N PRO GA 167 -15.93 -28.14 -96.10
CA PRO GA 167 -16.78 -29.32 -96.18
C PRO GA 167 -15.99 -30.58 -95.90
N MET GA 168 -16.73 -31.61 -95.48
CA MET GA 168 -16.15 -32.91 -95.16
C MET GA 168 -16.89 -33.97 -95.96
N ASP GA 169 -16.15 -34.69 -96.80
CA ASP GA 169 -16.69 -35.75 -97.64
C ASP GA 169 -16.32 -37.07 -96.95
N ILE GA 170 -17.23 -37.57 -96.12
CA ILE GA 170 -16.88 -38.60 -95.14
C ILE GA 170 -16.42 -39.88 -95.82
N THR GA 171 -17.14 -40.31 -96.85
CA THR GA 171 -16.91 -41.66 -97.39
C THR GA 171 -15.50 -41.79 -97.96
N LEU GA 172 -14.97 -40.74 -98.57
CA LEU GA 172 -13.71 -40.86 -99.27
C LEU GA 172 -12.52 -40.83 -98.33
N TYR GA 173 -12.32 -39.71 -97.63
CA TYR GA 173 -11.07 -39.43 -96.95
C TYR GA 173 -11.14 -39.77 -95.47
N TYR GA 174 -9.96 -39.84 -94.86
CA TYR GA 174 -9.80 -39.87 -93.41
C TYR GA 174 -9.46 -38.46 -92.95
N TYR GA 175 -10.18 -37.96 -91.95
CA TYR GA 175 -10.03 -36.60 -91.49
C TYR GA 175 -9.28 -36.55 -90.17
N GLN GA 176 -8.78 -35.36 -89.86
CA GLN GA 176 -7.87 -35.16 -88.75
C GLN GA 176 -7.93 -33.72 -88.31
N GLN GA 177 -8.06 -33.49 -87.02
CA GLN GA 177 -8.09 -32.13 -86.48
C GLN GA 177 -6.68 -31.57 -86.38
N SER GA 178 -6.51 -30.32 -86.78
CA SER GA 178 -5.19 -29.72 -86.81
C SER GA 178 -4.73 -29.32 -85.42
N GLY GA 179 -5.49 -28.46 -84.75
CA GLY GA 179 -5.09 -27.94 -83.46
C GLY GA 179 -6.24 -27.68 -82.52
N GLU GA 180 -6.00 -26.83 -81.52
CA GLU GA 180 -7.00 -26.57 -80.50
C GLU GA 180 -8.25 -25.93 -81.08
N SER GA 181 -8.10 -25.07 -82.08
CA SER GA 181 -9.21 -24.30 -82.61
C SER GA 181 -9.96 -25.01 -83.71
N ASN GA 182 -9.83 -26.33 -83.81
CA ASN GA 182 -10.48 -27.12 -84.87
C ASN GA 182 -11.49 -28.05 -84.25
N LYS GA 183 -12.72 -27.99 -84.72
CA LYS GA 183 -13.81 -28.85 -84.30
C LYS GA 183 -14.44 -29.48 -85.53
N TRP GA 184 -15.30 -30.47 -85.32
CA TRP GA 184 -16.16 -30.97 -86.38
C TRP GA 184 -17.60 -30.70 -85.96
N ILE GA 185 -18.33 -29.97 -86.78
CA ILE GA 185 -19.70 -29.58 -86.48
C ILE GA 185 -20.60 -30.41 -87.37
N SER GA 186 -21.41 -31.28 -86.76
CA SER GA 186 -22.43 -32.04 -87.47
C SER GA 186 -23.78 -31.40 -87.22
N MET GA 187 -24.59 -31.31 -88.26
CA MET GA 187 -25.77 -30.48 -88.24
C MET GA 187 -26.84 -31.04 -89.17
N GLY GA 188 -28.03 -31.22 -88.63
CA GLY GA 188 -29.16 -31.67 -89.42
C GLY GA 188 -30.26 -32.21 -88.53
N SER GA 189 -31.19 -32.94 -89.15
CA SER GA 189 -32.36 -33.41 -88.43
C SER GA 189 -31.97 -34.40 -87.33
N SER GA 190 -30.98 -35.25 -87.59
CA SER GA 190 -30.49 -36.15 -86.56
C SER GA 190 -29.14 -36.71 -87.01
N CYS GA 191 -28.12 -36.53 -86.18
CA CYS GA 191 -26.78 -37.00 -86.47
C CYS GA 191 -26.38 -38.11 -85.52
N THR GA 192 -25.60 -39.07 -86.03
CA THR GA 192 -25.03 -40.14 -85.23
C THR GA 192 -23.57 -40.24 -85.62
N VAL GA 193 -22.72 -39.45 -84.94
CA VAL GA 193 -21.31 -39.45 -85.24
C VAL GA 193 -20.67 -40.68 -84.62
N LYS GA 194 -20.01 -41.50 -85.43
CA LYS GA 194 -19.33 -42.69 -84.95
C LYS GA 194 -17.91 -42.67 -85.52
N VAL GA 195 -16.94 -42.37 -84.67
CA VAL GA 195 -15.57 -42.18 -85.09
C VAL GA 195 -14.76 -43.42 -84.76
N CYS GA 196 -13.73 -43.67 -85.55
CA CYS GA 196 -12.76 -44.73 -85.28
C CYS GA 196 -11.38 -44.14 -85.42
N PRO GA 197 -10.60 -43.97 -84.35
CA PRO GA 197 -9.24 -43.44 -84.52
C PRO GA 197 -8.34 -44.46 -85.19
N LEU GA 198 -7.52 -43.97 -86.11
CA LEU GA 198 -6.61 -44.80 -86.89
C LEU GA 198 -5.18 -44.51 -86.47
N ASN GA 199 -4.42 -45.56 -86.20
CA ASN GA 199 -3.02 -45.40 -85.78
C ASN GA 199 -2.17 -45.03 -87.00
N THR GA 200 -0.85 -44.99 -86.82
CA THR GA 200 0.04 -44.61 -87.90
C THR GA 200 -0.02 -45.58 -89.08
N GLN GA 201 -0.53 -46.80 -88.86
CA GLN GA 201 -0.68 -47.78 -89.92
C GLN GA 201 -2.01 -47.64 -90.67
N THR GA 202 -2.84 -46.67 -90.32
CA THR GA 202 -4.19 -46.53 -90.88
C THR GA 202 -5.03 -47.76 -90.60
N LEU GA 203 -4.77 -48.43 -89.48
CA LEU GA 203 -5.60 -49.49 -88.95
C LEU GA 203 -6.17 -49.02 -87.62
N GLY GA 204 -7.46 -49.24 -87.42
CA GLY GA 204 -8.13 -48.64 -86.28
C GLY GA 204 -7.57 -49.14 -84.96
N ILE GA 205 -7.70 -48.31 -83.93
CA ILE GA 205 -7.33 -48.65 -82.57
C ILE GA 205 -8.58 -48.47 -81.71
N GLY GA 206 -8.91 -49.51 -80.93
CA GLY GA 206 -10.21 -49.55 -80.29
C GLY GA 206 -11.36 -49.71 -81.25
N CYS GA 207 -11.09 -50.04 -82.50
CA CYS GA 207 -12.11 -50.16 -83.53
C CYS GA 207 -11.51 -50.87 -84.72
N GLN GA 208 -12.35 -51.62 -85.43
CA GLN GA 208 -11.95 -52.27 -86.68
C GLN GA 208 -12.50 -51.43 -87.82
N THR GA 209 -11.62 -50.98 -88.72
CA THR GA 209 -12.01 -50.02 -89.73
C THR GA 209 -13.08 -50.57 -90.67
N THR GA 210 -13.20 -51.90 -90.80
CA THR GA 210 -14.19 -52.45 -91.71
C THR GA 210 -15.58 -52.51 -91.08
N ASN GA 211 -15.66 -52.85 -89.80
CA ASN GA 211 -16.94 -53.01 -89.11
C ASN GA 211 -17.33 -51.69 -88.46
N VAL GA 212 -18.51 -51.17 -88.84
CA VAL GA 212 -18.95 -49.89 -88.31
C VAL GA 212 -19.34 -50.01 -86.85
N ASP GA 213 -20.03 -51.10 -86.48
CA ASP GA 213 -20.61 -51.19 -85.15
C ASP GA 213 -19.56 -51.24 -84.04
N SER GA 214 -18.30 -51.47 -84.38
CA SER GA 214 -17.21 -51.35 -83.41
C SER GA 214 -16.79 -49.91 -83.17
N PHE GA 215 -17.22 -48.97 -84.02
CA PHE GA 215 -16.81 -47.59 -83.92
C PHE GA 215 -17.28 -46.99 -82.60
N GLU GA 216 -16.51 -46.02 -82.11
CA GLU GA 216 -16.84 -45.33 -80.87
C GLU GA 216 -17.84 -44.24 -81.23
N THR GA 217 -19.06 -44.40 -80.73
CA THR GA 217 -20.11 -43.41 -80.98
C THR GA 217 -19.96 -42.23 -80.04
N VAL GA 218 -19.82 -41.03 -80.61
CA VAL GA 218 -19.55 -39.83 -79.83
C VAL GA 218 -20.79 -38.96 -79.66
N ALA GA 219 -21.85 -39.19 -80.42
CA ALA GA 219 -23.11 -38.50 -80.23
C ALA GA 219 -24.14 -39.14 -81.13
N GLU GA 220 -25.39 -39.24 -80.65
CA GLU GA 220 -26.48 -39.78 -81.45
C GLU GA 220 -27.72 -38.91 -81.32
N ASN GA 221 -28.41 -38.71 -82.45
CA ASN GA 221 -29.68 -38.02 -82.57
C ASN GA 221 -29.59 -36.52 -82.34
N GLU GA 222 -28.41 -35.98 -82.03
CA GLU GA 222 -28.31 -34.55 -81.79
C GLU GA 222 -28.54 -33.78 -83.08
N LYS GA 223 -29.38 -32.76 -83.02
CA LYS GA 223 -29.55 -31.88 -84.17
C LYS GA 223 -28.23 -31.20 -84.51
N LEU GA 224 -27.52 -30.74 -83.49
CA LEU GA 224 -26.22 -30.10 -83.64
C LEU GA 224 -25.26 -30.76 -82.68
N ALA GA 225 -24.05 -31.06 -83.16
CA ALA GA 225 -23.03 -31.69 -82.34
C ALA GA 225 -21.68 -31.10 -82.71
N ILE GA 226 -21.01 -30.51 -81.72
CA ILE GA 226 -19.66 -29.98 -81.87
C ILE GA 226 -18.74 -31.04 -81.27
N VAL GA 227 -18.24 -31.95 -82.10
CA VAL GA 227 -17.39 -33.03 -81.62
C VAL GA 227 -15.94 -32.59 -81.74
N ASP GA 228 -15.22 -32.69 -80.63
CA ASP GA 228 -13.78 -32.46 -80.54
C ASP GA 228 -13.13 -33.79 -80.20
N VAL GA 229 -12.21 -34.22 -81.05
CA VAL GA 229 -11.48 -35.46 -80.84
C VAL GA 229 -10.02 -35.12 -80.59
N VAL GA 230 -9.24 -36.15 -80.26
CA VAL GA 230 -7.82 -35.94 -80.02
C VAL GA 230 -7.18 -35.40 -81.29
N ASP GA 231 -6.45 -34.30 -81.15
CA ASP GA 231 -5.89 -33.59 -82.28
C ASP GA 231 -4.54 -34.20 -82.62
N GLY GA 232 -4.47 -34.94 -83.73
CA GLY GA 232 -3.23 -35.56 -84.15
C GLY GA 232 -3.40 -36.95 -84.72
N ILE GA 233 -4.62 -37.48 -84.71
CA ILE GA 233 -4.90 -38.86 -85.11
C ILE GA 233 -5.92 -38.83 -86.24
N ASN GA 234 -5.63 -39.56 -87.31
CA ASN GA 234 -6.61 -39.75 -88.36
C ASN GA 234 -7.84 -40.43 -87.78
N HIS GA 235 -8.99 -40.16 -88.38
CA HIS GA 235 -10.25 -40.72 -87.94
C HIS GA 235 -11.05 -41.17 -89.14
N LYS GA 236 -11.64 -42.35 -89.04
CA LYS GA 236 -12.64 -42.80 -90.00
C LYS GA 236 -14.00 -42.55 -89.38
N ILE GA 237 -14.80 -41.73 -90.04
CA ILE GA 237 -16.06 -41.25 -89.50
C ILE GA 237 -17.18 -41.94 -90.25
N ASN GA 238 -18.22 -42.35 -89.51
CA ASN GA 238 -19.50 -42.70 -90.09
C ASN GA 238 -20.53 -41.73 -89.55
N LEU GA 239 -21.20 -41.03 -90.45
CA LEU GA 239 -22.29 -40.13 -90.08
C LEU GA 239 -23.26 -40.09 -91.26
N THR GA 240 -24.23 -41.03 -91.26
CA THR GA 240 -25.61 -40.82 -91.70
C THR GA 240 -25.73 -39.76 -92.78
N THR GA 241 -25.08 -39.96 -93.93
CA THR GA 241 -24.84 -38.86 -94.87
C THR GA 241 -26.14 -38.17 -95.28
N THR GA 242 -27.19 -38.94 -95.56
CA THR GA 242 -28.42 -38.34 -96.08
C THR GA 242 -29.09 -37.46 -95.04
N THR GA 243 -29.06 -37.86 -93.77
CA THR GA 243 -29.85 -37.16 -92.76
C THR GA 243 -29.24 -35.82 -92.39
N CYS GA 244 -27.92 -35.75 -92.25
CA CYS GA 244 -27.30 -34.55 -91.71
C CYS GA 244 -25.86 -34.43 -92.20
N THR GA 245 -25.39 -33.19 -92.29
CA THR GA 245 -24.08 -32.88 -92.83
C THR GA 245 -23.06 -32.70 -91.71
N ILE GA 246 -21.80 -32.57 -92.11
CA ILE GA 246 -20.70 -32.37 -91.19
C ILE GA 246 -19.67 -31.47 -91.84
N ARG GA 247 -19.04 -30.61 -91.03
CA ARG GA 247 -18.09 -29.63 -91.53
C ARG GA 247 -16.89 -29.55 -90.62
N ASN GA 248 -15.71 -29.40 -91.22
CA ASN GA 248 -14.46 -29.21 -90.49
C ASN GA 248 -14.27 -27.73 -90.24
N CYS GA 249 -14.44 -27.30 -88.99
CA CYS GA 249 -14.57 -25.88 -88.68
C CYS GA 249 -13.40 -25.41 -87.83
N LYS GA 250 -12.71 -24.38 -88.31
CA LYS GA 250 -11.74 -23.64 -87.50
C LYS GA 250 -12.47 -22.51 -86.79
N LYS GA 251 -12.10 -22.29 -85.53
CA LYS GA 251 -12.76 -21.29 -84.69
C LYS GA 251 -11.94 -20.01 -84.73
N LEU GA 252 -12.42 -19.03 -85.49
CA LEU GA 252 -11.80 -17.72 -85.55
C LEU GA 252 -12.20 -16.92 -84.32
N GLY GA 253 -11.96 -15.61 -84.34
CA GLY GA 253 -12.33 -14.74 -83.26
C GLY GA 253 -13.82 -14.77 -82.97
N PRO GA 254 -14.25 -13.99 -81.98
CA PRO GA 254 -15.64 -14.08 -81.55
C PRO GA 254 -16.56 -13.34 -82.53
N ARG GA 255 -17.81 -13.75 -82.53
CA ARG GA 255 -18.83 -13.06 -83.31
C ARG GA 255 -19.44 -11.97 -82.44
N GLU GA 256 -19.44 -10.75 -82.97
CA GLU GA 256 -19.96 -9.59 -82.23
C GLU GA 256 -21.41 -9.31 -82.58
N ASN GA 257 -21.85 -9.76 -83.75
CA ASN GA 257 -23.18 -9.45 -84.25
C ASN GA 257 -24.29 -9.94 -83.33
N VAL GA 258 -24.05 -10.95 -82.52
CA VAL GA 258 -25.09 -11.68 -81.82
C VAL GA 258 -24.80 -11.73 -80.34
N ALA GA 259 -25.86 -11.67 -79.53
CA ALA GA 259 -25.77 -11.85 -78.09
C ALA GA 259 -26.91 -12.75 -77.63
N VAL GA 260 -26.63 -13.53 -76.58
CA VAL GA 260 -27.54 -14.56 -76.10
C VAL GA 260 -28.08 -14.14 -74.74
N ILE GA 261 -29.37 -14.34 -74.53
CA ILE GA 261 -30.02 -14.07 -73.25
C ILE GA 261 -30.60 -15.38 -72.75
N GLN GA 262 -29.88 -16.04 -71.84
CA GLN GA 262 -30.45 -17.15 -71.11
C GLN GA 262 -31.55 -16.65 -70.18
N VAL GA 263 -32.59 -17.46 -70.03
CA VAL GA 263 -33.82 -17.02 -69.38
C VAL GA 263 -34.03 -17.68 -68.02
N GLY GA 264 -33.34 -18.76 -67.71
CA GLY GA 264 -33.58 -19.48 -66.46
C GLY GA 264 -32.38 -19.60 -65.54
N GLY GA 265 -31.98 -20.84 -65.25
CA GLY GA 265 -31.01 -21.13 -64.22
C GLY GA 265 -29.64 -20.52 -64.41
N ALA GA 266 -28.72 -20.87 -63.52
CA ALA GA 266 -27.42 -20.20 -63.44
C ALA GA 266 -26.60 -20.40 -64.71
N ASN GA 267 -25.44 -19.75 -64.78
CA ASN GA 267 -24.62 -19.80 -65.98
C ASN GA 267 -24.05 -21.19 -66.17
N ILE GA 268 -24.57 -21.90 -67.17
CA ILE GA 268 -24.05 -23.21 -67.57
C ILE GA 268 -23.23 -23.14 -68.85
N LEU GA 269 -23.39 -22.10 -69.65
CA LEU GA 269 -22.77 -22.07 -70.97
C LEU GA 269 -21.26 -22.08 -70.85
N ASP GA 270 -20.64 -23.16 -71.34
CA ASP GA 270 -19.19 -23.31 -71.38
C ASP GA 270 -18.77 -23.00 -72.81
N ILE GA 271 -18.40 -21.74 -73.05
CA ILE GA 271 -18.09 -21.30 -74.41
C ILE GA 271 -16.87 -22.06 -74.93
N THR GA 272 -15.80 -22.08 -74.15
CA THR GA 272 -14.58 -22.77 -74.57
C THR GA 272 -14.74 -24.25 -74.30
N ALA GA 273 -14.62 -25.06 -75.36
CA ALA GA 273 -14.70 -26.50 -75.20
C ALA GA 273 -13.60 -27.04 -74.30
N ASP GA 274 -12.52 -26.28 -74.14
CA ASP GA 274 -11.53 -26.58 -73.12
C ASP GA 274 -12.21 -26.62 -71.74
N PRO GA 275 -11.84 -27.56 -70.86
CA PRO GA 275 -12.45 -27.55 -69.53
C PRO GA 275 -11.77 -26.61 -68.55
N THR GA 276 -10.51 -26.26 -68.77
CA THR GA 276 -9.83 -25.35 -67.86
C THR GA 276 -10.48 -23.97 -67.86
N THR GA 277 -10.82 -23.47 -69.04
CA THR GA 277 -11.35 -22.12 -69.20
C THR GA 277 -12.85 -22.17 -69.40
N ASN GA 278 -13.60 -21.54 -68.49
CA ASN GA 278 -15.04 -21.44 -68.55
C ASN GA 278 -15.42 -19.97 -68.38
N PRO GA 279 -15.19 -19.16 -69.40
CA PRO GA 279 -15.29 -17.70 -69.20
C PRO GA 279 -16.72 -17.23 -69.09
N GLN GA 280 -16.90 -15.94 -68.82
CA GLN GA 280 -18.20 -15.28 -68.83
C GLN GA 280 -18.04 -14.03 -69.68
N ILE GA 281 -18.17 -14.19 -71.00
CA ILE GA 281 -18.03 -13.09 -71.92
C ILE GA 281 -19.25 -12.19 -71.80
N GLU GA 282 -19.17 -10.99 -72.38
CA GLU GA 282 -20.22 -10.00 -72.19
C GLU GA 282 -21.47 -10.33 -72.98
N ARG GA 283 -21.32 -10.91 -74.17
CA ARG GA 283 -22.46 -11.18 -75.04
C ARG GA 283 -23.38 -12.25 -74.48
N MET GA 284 -22.94 -13.02 -73.49
CA MET GA 284 -23.83 -13.88 -72.72
C MET GA 284 -24.50 -13.06 -71.64
N MET GA 285 -25.79 -13.26 -71.46
CA MET GA 285 -26.55 -12.58 -70.42
C MET GA 285 -27.52 -13.59 -69.81
N ARG GA 286 -27.92 -13.33 -68.57
CA ARG GA 286 -28.91 -14.14 -67.89
C ARG GA 286 -29.96 -13.23 -67.28
N VAL GA 287 -31.23 -13.61 -67.42
CA VAL GA 287 -32.32 -12.91 -66.78
C VAL GA 287 -33.29 -13.93 -66.21
N ASN GA 288 -33.67 -13.76 -64.96
CA ASN GA 288 -34.71 -14.60 -64.40
C ASN GA 288 -36.05 -14.23 -65.02
N TRP GA 289 -37.04 -15.10 -64.85
CA TRP GA 289 -38.29 -14.88 -65.56
C TRP GA 289 -39.44 -15.61 -64.87
N LYS GA 290 -40.63 -15.01 -64.99
CA LYS GA 290 -41.88 -15.72 -64.84
C LYS GA 290 -42.90 -15.37 -65.91
N ARG GA 291 -42.73 -14.25 -66.62
CA ARG GA 291 -43.67 -13.84 -67.65
C ARG GA 291 -42.92 -13.26 -68.84
N TRP GA 292 -43.23 -13.78 -70.03
CA TRP GA 292 -42.52 -13.35 -71.21
C TRP GA 292 -42.75 -11.88 -71.52
N TRP GA 293 -43.89 -11.34 -71.10
CA TRP GA 293 -44.07 -9.90 -71.24
C TRP GA 293 -43.06 -9.14 -70.41
N GLN GA 294 -42.82 -9.60 -69.18
CA GLN GA 294 -41.79 -8.97 -68.36
C GLN GA 294 -40.43 -9.09 -69.01
N VAL GA 295 -40.12 -10.26 -69.57
CA VAL GA 295 -38.83 -10.45 -70.22
C VAL GA 295 -38.66 -9.48 -71.39
N PHE GA 296 -39.68 -9.38 -72.24
CA PHE GA 296 -39.56 -8.54 -73.42
C PHE GA 296 -39.53 -7.06 -73.04
N TYR GA 297 -40.30 -6.65 -72.04
CA TYR GA 297 -40.22 -5.27 -71.58
C TYR GA 297 -38.83 -4.98 -71.03
N THR GA 298 -38.24 -5.94 -70.33
CA THR GA 298 -36.87 -5.74 -69.84
C THR GA 298 -35.91 -5.53 -71.00
N ILE GA 299 -36.01 -6.38 -72.02
CA ILE GA 299 -35.10 -6.25 -73.17
C ILE GA 299 -35.29 -4.90 -73.84
N VAL GA 300 -36.55 -4.50 -74.04
CA VAL GA 300 -36.82 -3.23 -74.70
C VAL GA 300 -36.26 -2.08 -73.89
N ASP GA 301 -36.45 -2.11 -72.57
CA ASP GA 301 -35.98 -1.03 -71.73
C ASP GA 301 -34.46 -0.92 -71.78
N TYR GA 302 -33.76 -2.05 -71.66
CA TYR GA 302 -32.31 -2.07 -71.63
C TYR GA 302 -31.71 -2.38 -72.99
N ILE GA 303 -32.40 -2.00 -74.08
CA ILE GA 303 -31.85 -2.25 -75.40
C ILE GA 303 -30.55 -1.51 -75.62
N ASN GA 304 -30.40 -0.31 -75.03
CA ASN GA 304 -29.18 0.47 -75.25
C ASN GA 304 -27.97 -0.28 -74.72
N GLN GA 305 -28.08 -0.84 -73.51
CA GLN GA 305 -26.95 -1.57 -72.94
C GLN GA 305 -26.68 -2.85 -73.72
N ILE GA 306 -27.73 -3.52 -74.19
CA ILE GA 306 -27.54 -4.76 -74.94
C ILE GA 306 -26.78 -4.49 -76.23
N VAL GA 307 -27.25 -3.51 -77.01
CA VAL GA 307 -26.58 -3.19 -78.27
C VAL GA 307 -25.27 -2.46 -78.06
N GLN GA 308 -24.97 -2.03 -76.83
CA GLN GA 308 -23.63 -1.55 -76.53
C GLN GA 308 -22.70 -2.73 -76.24
N VAL GA 309 -23.19 -3.74 -75.54
CA VAL GA 309 -22.39 -4.93 -75.30
C VAL GA 309 -22.09 -5.64 -76.62
N MET GA 310 -23.05 -5.64 -77.53
CA MET GA 310 -22.81 -6.14 -78.87
C MET GA 310 -22.01 -5.12 -79.67
N SER GA 311 -21.77 -5.43 -80.94
CA SER GA 311 -21.21 -4.45 -81.86
C SER GA 311 -21.62 -4.82 -83.27
N LYS GA 312 -21.79 -3.80 -84.10
CA LYS GA 312 -22.30 -4.00 -85.45
C LYS GA 312 -21.32 -4.85 -86.27
N ARG GA 313 -21.88 -5.57 -87.24
CA ARG GA 313 -21.07 -6.38 -88.13
C ARG GA 313 -20.22 -5.48 -89.03
N SER GA 314 -19.26 -6.10 -89.69
CA SER GA 314 -18.41 -5.38 -90.64
C SER GA 314 -17.52 -6.36 -91.41
N GLN HA 51 22.28 -29.29 -48.43
CA GLN HA 51 20.85 -29.50 -48.25
C GLN HA 51 20.45 -29.20 -46.81
N ASN HA 52 19.68 -28.13 -46.63
CA ASN HA 52 19.42 -27.56 -45.32
C ASN HA 52 17.96 -27.75 -44.95
N TYR HA 53 17.48 -28.98 -45.10
CA TYR HA 53 16.10 -29.37 -44.84
C TYR HA 53 15.59 -28.81 -43.53
N GLY HA 54 14.30 -28.50 -43.48
CA GLY HA 54 13.69 -28.05 -42.24
C GLY HA 54 14.16 -26.70 -41.76
N LEU HA 55 14.39 -25.76 -42.68
CA LEU HA 55 14.76 -24.41 -42.31
C LEU HA 55 14.22 -23.43 -43.34
N ASN HA 56 13.54 -22.40 -42.87
CA ASN HA 56 13.11 -21.30 -43.74
C ASN HA 56 14.33 -20.43 -43.99
N ILE HA 57 14.92 -20.56 -45.18
CA ILE HA 57 16.14 -19.86 -45.56
C ILE HA 57 15.80 -18.98 -46.75
N PRO HA 58 15.90 -17.65 -46.66
CA PRO HA 58 15.52 -16.81 -47.80
C PRO HA 58 16.44 -17.01 -48.99
N ILE HA 59 15.88 -16.84 -50.18
CA ILE HA 59 16.59 -17.03 -51.44
C ILE HA 59 16.44 -15.78 -52.29
N THR HA 60 17.55 -15.32 -52.85
CA THR HA 60 17.59 -14.10 -53.66
C THR HA 60 17.60 -14.46 -55.13
N GLY HA 61 16.68 -13.89 -55.88
CA GLY HA 61 16.62 -14.13 -57.32
C GLY HA 61 16.55 -12.83 -58.08
N SER HA 62 17.31 -12.76 -59.17
CA SER HA 62 17.36 -11.57 -59.98
C SER HA 62 16.18 -11.54 -60.96
N MET HA 63 16.07 -10.41 -61.66
CA MET HA 63 15.05 -10.23 -62.68
C MET HA 63 15.60 -10.04 -64.08
N ASP HA 64 16.92 -9.92 -64.23
CA ASP HA 64 17.53 -9.91 -65.56
C ASP HA 64 17.75 -11.32 -66.10
N THR HA 65 17.64 -12.34 -65.26
CA THR HA 65 17.93 -13.70 -65.68
C THR HA 65 16.94 -14.17 -66.74
N VAL HA 66 17.47 -14.78 -67.79
CA VAL HA 66 16.64 -15.30 -68.88
C VAL HA 66 16.10 -16.66 -68.46
N TYR HA 67 14.79 -16.74 -68.28
CA TYR HA 67 14.20 -18.00 -67.82
C TYR HA 67 14.37 -19.10 -68.86
N SER HA 68 14.41 -20.34 -68.37
CA SER HA 68 14.89 -21.48 -69.12
C SER HA 68 13.84 -21.99 -70.09
N ASN HA 69 14.07 -23.16 -70.66
CA ASN HA 69 13.20 -23.71 -71.68
C ASN HA 69 12.05 -24.50 -71.06
N SER HA 70 11.18 -25.01 -71.91
CA SER HA 70 9.95 -25.67 -71.48
C SER HA 70 10.29 -26.94 -70.68
N THR HA 71 9.25 -27.51 -70.07
CA THR HA 71 9.40 -28.68 -69.23
C THR HA 71 8.27 -29.68 -69.42
N ARG HA 72 7.33 -29.43 -70.36
CA ARG HA 72 6.23 -30.36 -70.57
C ARG HA 72 6.75 -31.75 -70.92
N GLU HA 73 7.82 -31.81 -71.72
CA GLU HA 73 8.37 -33.11 -72.09
C GLU HA 73 8.90 -33.85 -70.87
N GLU HA 74 9.48 -33.13 -69.90
CA GLU HA 74 9.91 -33.79 -68.68
C GLU HA 74 8.71 -34.26 -67.86
N VAL HA 75 7.73 -33.40 -67.64
CA VAL HA 75 6.61 -33.75 -66.76
C VAL HA 75 5.69 -34.78 -67.43
N PHE HA 76 5.95 -35.10 -68.70
CA PHE HA 76 5.30 -36.23 -69.35
C PHE HA 76 6.17 -37.48 -69.34
N LEU HA 77 7.45 -37.37 -69.72
CA LEU HA 77 8.31 -38.54 -69.79
C LEU HA 77 8.63 -39.11 -68.42
N THR HA 78 8.40 -38.34 -67.35
CA THR HA 78 8.71 -38.79 -65.99
C THR HA 78 7.47 -39.09 -65.16
N SER HA 79 6.53 -38.15 -65.09
CA SER HA 79 5.43 -38.25 -64.16
C SER HA 79 4.42 -39.30 -64.63
N THR HA 80 3.34 -39.46 -63.85
CA THR HA 80 2.32 -40.45 -64.13
C THR HA 80 0.95 -39.80 -64.03
N LEU HA 81 0.25 -39.73 -65.16
CA LEU HA 81 -1.12 -39.23 -65.18
C LEU HA 81 -2.07 -40.31 -64.68
N CYS HA 82 -3.19 -39.87 -64.11
CA CYS HA 82 -3.93 -40.79 -63.24
C CYS HA 82 -5.39 -40.37 -63.20
N LEU HA 83 -6.25 -41.07 -63.95
CA LEU HA 83 -7.64 -40.67 -64.13
C LEU HA 83 -8.57 -41.53 -63.27
N TYR HA 84 -9.43 -40.88 -62.49
CA TYR HA 84 -10.42 -41.55 -61.65
C TYR HA 84 -11.80 -41.25 -62.20
N TYR HA 85 -12.51 -42.28 -62.64
CA TYR HA 85 -13.79 -42.14 -63.31
C TYR HA 85 -14.82 -43.05 -62.66
N PRO HA 86 -16.11 -42.73 -62.80
CA PRO HA 86 -17.14 -43.60 -62.23
C PRO HA 86 -17.48 -44.76 -63.16
N THR HA 87 -17.98 -45.83 -62.56
CA THR HA 87 -18.24 -47.07 -63.32
C THR HA 87 -19.29 -46.87 -64.38
N GLU HA 88 -20.22 -45.93 -64.17
CA GLU HA 88 -21.23 -45.65 -65.18
C GLU HA 88 -20.61 -45.16 -66.47
N ALA HA 89 -19.43 -44.55 -66.39
CA ALA HA 89 -18.71 -44.19 -67.61
C ALA HA 89 -18.46 -45.42 -68.48
N SER HA 90 -17.75 -46.41 -67.94
CA SER HA 90 -17.49 -47.62 -68.70
C SER HA 90 -18.78 -48.34 -69.08
N THR HA 91 -19.80 -48.26 -68.22
CA THR HA 91 -21.09 -48.87 -68.54
C THR HA 91 -21.66 -48.27 -69.83
N GLN HA 92 -21.58 -46.95 -69.98
CA GLN HA 92 -22.05 -46.33 -71.21
C GLN HA 92 -21.11 -46.56 -72.38
N ILE HA 93 -19.80 -46.61 -72.13
CA ILE HA 93 -18.85 -46.84 -73.22
C ILE HA 93 -19.09 -48.19 -73.86
N SER HA 94 -19.30 -49.22 -73.05
CA SER HA 94 -19.61 -50.56 -73.56
C SER HA 94 -18.48 -51.09 -74.45
N ASP HA 95 -17.31 -51.20 -73.83
CA ASP HA 95 -16.08 -51.57 -74.51
C ASP HA 95 -15.19 -52.27 -73.49
N GLY HA 96 -13.87 -52.18 -73.62
CA GLY HA 96 -12.99 -52.98 -72.80
C GLY HA 96 -11.63 -53.20 -73.41
N GLU HA 97 -11.46 -52.77 -74.67
CA GLU HA 97 -10.18 -52.33 -75.17
C GLU HA 97 -9.99 -50.83 -75.02
N TRP HA 98 -10.94 -50.14 -74.39
CA TRP HA 98 -10.93 -48.68 -74.44
C TRP HA 98 -9.87 -48.10 -73.53
N LYS HA 99 -9.52 -48.76 -72.44
CA LYS HA 99 -8.39 -48.29 -71.65
C LYS HA 99 -7.12 -48.32 -72.48
N ASP HA 100 -6.91 -49.38 -73.24
CA ASP HA 100 -5.75 -49.45 -74.11
C ASP HA 100 -5.81 -48.38 -75.20
N SER HA 101 -7.00 -48.15 -75.77
CA SER HA 101 -7.12 -47.13 -76.80
C SER HA 101 -6.79 -45.75 -76.25
N LEU HA 102 -7.31 -45.43 -75.06
CA LEU HA 102 -6.98 -44.16 -74.44
C LEU HA 102 -5.48 -44.07 -74.15
N SER HA 103 -4.88 -45.18 -73.74
CA SER HA 103 -3.44 -45.17 -73.51
C SER HA 103 -2.69 -44.84 -74.79
N GLN HA 104 -3.12 -45.43 -75.91
CA GLN HA 104 -2.45 -45.15 -77.18
C GLN HA 104 -2.62 -43.70 -77.59
N MET HA 105 -3.80 -43.13 -77.36
CA MET HA 105 -4.00 -41.72 -77.70
C MET HA 105 -3.16 -40.82 -76.81
N PHE HA 106 -3.05 -41.16 -75.52
CA PHE HA 106 -2.15 -40.40 -74.65
C PHE HA 106 -0.71 -40.52 -75.12
N LEU HA 107 -0.33 -41.69 -75.63
CA LEU HA 107 1.01 -41.83 -76.19
C LEU HA 107 1.21 -40.92 -77.39
N ILE HA 108 0.19 -40.83 -78.25
CA ILE HA 108 0.25 -39.89 -79.36
C ILE HA 108 0.42 -38.47 -78.85
N LYS HA 109 -0.19 -38.17 -77.71
CA LYS HA 109 -0.11 -36.82 -77.15
C LYS HA 109 1.16 -36.59 -76.33
N GLY HA 110 1.91 -37.64 -75.98
CA GLY HA 110 3.20 -37.48 -75.33
C GLY HA 110 3.50 -38.43 -74.18
N TRP HA 111 2.49 -38.80 -73.41
CA TRP HA 111 2.74 -39.60 -72.21
C TRP HA 111 3.20 -41.00 -72.59
N PRO HA 112 4.31 -41.51 -72.04
CA PRO HA 112 4.71 -42.89 -72.36
C PRO HA 112 3.62 -43.89 -71.98
N THR HA 113 3.85 -45.14 -72.38
CA THR HA 113 2.79 -46.14 -72.31
C THR HA 113 2.35 -46.40 -70.88
N GLY HA 114 3.29 -46.68 -69.99
CA GLY HA 114 2.93 -47.07 -68.65
C GLY HA 114 2.62 -45.94 -67.70
N SER HA 115 2.64 -44.69 -68.17
CA SER HA 115 2.53 -43.55 -67.28
C SER HA 115 1.09 -43.11 -67.03
N VAL HA 116 0.13 -43.52 -67.85
CA VAL HA 116 -1.26 -43.09 -67.70
C VAL HA 116 -2.05 -44.27 -67.15
N TYR HA 117 -2.59 -44.09 -65.95
CA TYR HA 117 -3.23 -45.18 -65.22
C TYR HA 117 -4.65 -44.79 -64.83
N PHE HA 118 -5.57 -45.75 -64.94
CA PHE HA 118 -6.99 -45.52 -64.77
C PHE HA 118 -7.50 -46.20 -63.50
N LYS HA 119 -8.45 -45.55 -62.84
CA LYS HA 119 -9.09 -46.05 -61.62
C LYS HA 119 -10.59 -45.86 -61.72
N GLU HA 120 -11.33 -46.84 -61.23
CA GLU HA 120 -12.78 -46.82 -61.24
C GLU HA 120 -13.29 -46.61 -59.82
N TYR HA 121 -14.56 -46.23 -59.73
CA TYR HA 121 -15.24 -46.21 -58.44
C TYR HA 121 -16.73 -46.25 -58.67
N SER HA 122 -17.44 -46.89 -57.74
CA SER HA 122 -18.87 -47.15 -57.94
C SER HA 122 -19.64 -45.84 -58.08
N ASN HA 123 -19.35 -44.87 -57.22
CA ASN HA 123 -19.97 -43.56 -57.29
C ASN HA 123 -19.29 -42.68 -56.25
N ILE HA 124 -19.63 -41.38 -56.31
CA ILE HA 124 -18.87 -40.39 -55.56
C ILE HA 124 -18.96 -40.64 -54.07
N VAL HA 125 -20.15 -41.02 -53.57
CA VAL HA 125 -20.33 -41.17 -52.14
C VAL HA 125 -19.50 -42.34 -51.60
N ASP HA 126 -19.40 -43.41 -52.38
CA ASP HA 126 -18.59 -44.56 -51.94
C ASP HA 126 -17.10 -44.26 -52.09
N PHE HA 127 -16.72 -43.55 -53.15
CA PHE HA 127 -15.34 -43.13 -53.29
C PHE HA 127 -14.93 -42.16 -52.19
N SER HA 128 -15.89 -41.50 -51.56
CA SER HA 128 -15.56 -40.50 -50.54
C SER HA 128 -14.84 -41.11 -49.35
N VAL HA 129 -15.12 -42.37 -49.02
CA VAL HA 129 -14.57 -42.96 -47.80
C VAL HA 129 -13.11 -43.31 -48.02
N ASP HA 130 -12.22 -42.64 -47.28
CA ASP HA 130 -10.78 -42.83 -47.38
C ASP HA 130 -10.29 -42.76 -48.83
N PRO HA 131 -10.43 -41.62 -49.49
CA PRO HA 131 -9.89 -41.47 -50.84
C PRO HA 131 -8.42 -41.11 -50.78
N GLN HA 132 -7.57 -42.06 -51.14
CA GLN HA 132 -6.12 -41.87 -51.14
C GLN HA 132 -5.61 -42.06 -52.56
N LEU HA 133 -5.10 -40.98 -53.15
CA LEU HA 133 -4.69 -40.96 -54.54
C LEU HA 133 -3.18 -41.14 -54.62
N TYR HA 134 -2.72 -42.38 -54.41
CA TYR HA 134 -1.31 -42.70 -54.36
C TYR HA 134 -0.71 -42.67 -55.76
N CYS HA 135 -0.71 -41.49 -56.38
CA CYS HA 135 -0.53 -41.47 -57.82
C CYS HA 135 -0.21 -40.05 -58.25
N ASP HA 136 0.64 -39.90 -59.27
CA ASP HA 136 1.47 -38.70 -59.38
C ASP HA 136 0.74 -37.47 -59.89
N TYR HA 137 -0.23 -37.59 -60.79
CA TYR HA 137 -0.96 -36.44 -61.35
C TYR HA 137 -2.42 -36.84 -61.46
N ASN HA 138 -3.25 -36.38 -60.54
CA ASN HA 138 -4.58 -36.96 -60.36
C ASN HA 138 -5.65 -36.08 -61.01
N LEU HA 139 -6.52 -36.73 -61.79
CA LEU HA 139 -7.76 -36.15 -62.27
C LEU HA 139 -8.90 -36.97 -61.71
N VAL HA 140 -9.97 -36.31 -61.29
CA VAL HA 140 -11.16 -36.98 -60.77
C VAL HA 140 -12.34 -36.47 -61.59
N LEU HA 141 -12.81 -37.30 -62.53
CA LEU HA 141 -14.09 -37.02 -63.16
C LEU HA 141 -15.19 -37.23 -62.14
N MET HA 142 -16.09 -36.26 -62.03
CA MET HA 142 -17.08 -36.24 -60.96
C MET HA 142 -18.40 -35.82 -61.57
N LYS HA 143 -19.28 -36.79 -61.82
CA LYS HA 143 -20.58 -36.46 -62.37
C LYS HA 143 -21.44 -35.79 -61.31
N TYR HA 144 -22.22 -34.81 -61.74
CA TYR HA 144 -23.06 -34.01 -60.86
C TYR HA 144 -24.51 -34.43 -61.00
N ASP HA 145 -25.15 -34.69 -59.87
CA ASP HA 145 -26.58 -34.95 -59.82
C ASP HA 145 -27.15 -34.19 -58.63
N GLN HA 146 -28.45 -33.91 -58.71
CA GLN HA 146 -29.11 -33.18 -57.63
C GLN HA 146 -29.01 -33.96 -56.33
N SER HA 147 -28.97 -33.22 -55.22
CA SER HA 147 -28.94 -33.69 -53.85
C SER HA 147 -27.57 -34.21 -53.45
N LEU HA 148 -26.59 -34.30 -54.35
CA LEU HA 148 -25.22 -34.66 -54.02
C LEU HA 148 -24.30 -33.46 -54.02
N GLU HA 149 -24.86 -32.25 -53.94
CA GLU HA 149 -24.03 -31.06 -53.98
C GLU HA 149 -23.08 -31.00 -52.79
N LEU HA 150 -23.61 -31.29 -51.59
CA LEU HA 150 -22.78 -31.19 -50.41
C LEU HA 150 -21.74 -32.31 -50.38
N ASP HA 151 -22.11 -33.50 -50.81
CA ASP HA 151 -21.13 -34.58 -50.88
C ASP HA 151 -20.02 -34.24 -51.86
N MET HA 152 -20.39 -33.68 -53.02
CA MET HA 152 -19.39 -33.26 -53.99
C MET HA 152 -18.46 -32.21 -53.39
N SER HA 153 -19.04 -31.23 -52.68
CA SER HA 153 -18.21 -30.19 -52.08
C SER HA 153 -17.27 -30.77 -51.04
N GLU HA 154 -17.76 -31.71 -50.23
CA GLU HA 154 -16.92 -32.31 -49.20
C GLU HA 154 -15.76 -33.05 -49.83
N LEU HA 155 -16.04 -33.84 -50.87
CA LEU HA 155 -14.97 -34.59 -51.52
C LEU HA 155 -13.98 -33.64 -52.18
N ALA HA 156 -14.47 -32.58 -52.80
CA ALA HA 156 -13.59 -31.62 -53.46
C ALA HA 156 -12.66 -30.98 -52.45
N ASP HA 157 -13.20 -30.53 -51.32
CA ASP HA 157 -12.36 -29.98 -50.26
C ASP HA 157 -11.32 -30.99 -49.81
N LEU HA 158 -11.77 -32.22 -49.53
CA LEU HA 158 -10.88 -33.22 -48.95
C LEU HA 158 -9.71 -33.54 -49.88
N ILE HA 159 -9.98 -33.72 -51.17
CA ILE HA 159 -8.94 -34.15 -52.09
C ILE HA 159 -8.19 -33.00 -52.75
N LEU HA 160 -8.66 -31.76 -52.60
CA LEU HA 160 -7.96 -30.61 -53.15
C LEU HA 160 -7.10 -29.89 -52.13
N ASN HA 161 -7.41 -29.99 -50.84
CA ASN HA 161 -6.63 -29.33 -49.80
C ASN HA 161 -5.96 -30.35 -48.91
N GLU HA 162 -4.69 -30.09 -48.58
CA GLU HA 162 -3.89 -31.02 -47.79
C GLU HA 162 -4.29 -30.92 -46.33
N TRP HA 163 -5.01 -31.92 -45.84
CA TRP HA 163 -5.39 -31.98 -44.43
C TRP HA 163 -4.35 -32.77 -43.67
N LEU HA 164 -3.78 -32.17 -42.63
CA LEU HA 164 -2.94 -32.86 -41.68
C LEU HA 164 -3.76 -33.10 -40.43
N CYS HA 165 -3.71 -34.31 -39.89
CA CYS HA 165 -4.67 -34.58 -38.82
C CYS HA 165 -4.30 -35.71 -37.88
N ASN HA 166 -4.92 -35.64 -36.70
CA ASN HA 166 -4.64 -36.44 -35.54
C ASN HA 166 -5.87 -37.23 -35.16
N PRO HA 167 -5.72 -38.31 -34.40
CA PRO HA 167 -6.88 -39.14 -34.09
C PRO HA 167 -7.73 -38.51 -33.02
N MET HA 168 -8.92 -39.07 -32.82
CA MET HA 168 -9.85 -38.60 -31.80
C MET HA 168 -10.42 -39.81 -31.09
N ASP HA 169 -10.25 -39.84 -29.77
CA ASP HA 169 -10.92 -40.82 -28.90
C ASP HA 169 -12.22 -40.18 -28.43
N ILE HA 170 -13.30 -40.46 -29.16
CA ILE HA 170 -14.61 -39.89 -28.82
C ILE HA 170 -15.02 -40.33 -27.42
N THR HA 171 -14.71 -41.58 -27.07
CA THR HA 171 -15.21 -42.14 -25.82
C THR HA 171 -14.65 -41.43 -24.60
N LEU HA 172 -13.52 -40.75 -24.73
CA LEU HA 172 -12.71 -40.37 -23.57
C LEU HA 172 -12.58 -38.87 -23.40
N TYR HA 173 -12.25 -38.14 -24.46
CA TYR HA 173 -11.97 -36.71 -24.37
C TYR HA 173 -13.17 -35.88 -24.83
N TYR HA 174 -13.11 -34.60 -24.52
CA TYR HA 174 -13.99 -33.58 -25.10
C TYR HA 174 -13.16 -32.76 -26.06
N TYR HA 175 -13.64 -32.60 -27.28
CA TYR HA 175 -12.85 -32.05 -28.38
C TYR HA 175 -13.32 -30.65 -28.73
N GLN HA 176 -12.36 -29.74 -28.87
CA GLN HA 176 -12.61 -28.34 -29.17
C GLN HA 176 -11.89 -27.98 -30.46
N GLN HA 177 -12.49 -27.09 -31.24
CA GLN HA 177 -11.93 -26.67 -32.52
C GLN HA 177 -11.16 -25.37 -32.33
N SER HA 178 -9.93 -25.36 -32.80
CA SER HA 178 -9.03 -24.24 -32.52
C SER HA 178 -9.48 -22.97 -33.23
N GLY HA 179 -9.51 -23.00 -34.56
CA GLY HA 179 -9.74 -21.80 -35.34
C GLY HA 179 -10.39 -22.08 -36.68
N GLU HA 180 -10.13 -21.20 -37.63
CA GLU HA 180 -10.85 -21.21 -38.90
C GLU HA 180 -10.51 -22.42 -39.75
N SER HA 181 -9.30 -22.96 -39.60
CA SER HA 181 -8.81 -24.00 -40.49
C SER HA 181 -8.94 -25.41 -39.91
N ASN HA 182 -9.66 -25.58 -38.81
CA ASN HA 182 -9.78 -26.87 -38.15
C ASN HA 182 -11.20 -27.40 -38.32
N LYS HA 183 -11.32 -28.64 -38.78
CA LYS HA 183 -12.57 -29.37 -38.90
C LYS HA 183 -12.38 -30.74 -38.28
N TRP HA 184 -13.45 -31.52 -38.20
CA TRP HA 184 -13.35 -32.95 -37.94
C TRP HA 184 -13.92 -33.69 -39.13
N ILE HA 185 -13.12 -34.55 -39.74
CA ILE HA 185 -13.60 -35.38 -40.85
C ILE HA 185 -13.89 -36.77 -40.35
N SER HA 186 -15.10 -37.23 -40.62
CA SER HA 186 -15.55 -38.56 -40.25
C SER HA 186 -15.80 -39.36 -41.51
N MET HA 187 -15.16 -40.52 -41.61
CA MET HA 187 -15.25 -41.40 -42.76
C MET HA 187 -15.68 -42.78 -42.31
N GLY HA 188 -16.61 -43.38 -43.04
CA GLY HA 188 -17.07 -44.71 -42.71
C GLY HA 188 -18.22 -45.10 -43.60
N SER HA 189 -18.88 -46.19 -43.24
CA SER HA 189 -20.08 -46.62 -43.95
C SER HA 189 -21.34 -45.92 -43.45
N SER HA 190 -21.37 -45.56 -42.16
CA SER HA 190 -22.50 -44.84 -41.60
C SER HA 190 -21.95 -43.95 -40.48
N CYS HA 191 -21.67 -42.70 -40.82
CA CYS HA 191 -21.15 -41.72 -39.88
C CYS HA 191 -22.32 -40.89 -39.36
N THR HA 192 -22.82 -41.24 -38.19
CA THR HA 192 -23.88 -40.49 -37.52
C THR HA 192 -23.24 -39.77 -36.34
N VAL HA 193 -22.70 -38.58 -36.61
CA VAL HA 193 -22.04 -37.81 -35.57
C VAL HA 193 -23.09 -37.04 -34.78
N LYS HA 194 -23.08 -37.20 -33.46
CA LYS HA 194 -23.97 -36.49 -32.55
C LYS HA 194 -23.09 -35.67 -31.62
N VAL HA 195 -23.05 -34.36 -31.84
CA VAL HA 195 -22.23 -33.46 -31.03
C VAL HA 195 -23.11 -32.80 -29.99
N CYS HA 196 -22.66 -32.82 -28.75
CA CYS HA 196 -23.31 -32.12 -27.65
C CYS HA 196 -22.35 -31.06 -27.13
N PRO HA 197 -22.63 -29.76 -27.29
CA PRO HA 197 -21.71 -28.76 -26.75
C PRO HA 197 -21.69 -28.79 -25.23
N LEU HA 198 -20.70 -28.12 -24.66
CA LEU HA 198 -20.50 -28.11 -23.23
C LEU HA 198 -20.32 -26.68 -22.74
N ASN HA 199 -20.90 -26.38 -21.58
CA ASN HA 199 -20.70 -25.10 -20.94
C ASN HA 199 -19.25 -24.98 -20.48
N THR HA 200 -18.93 -23.84 -19.88
CA THR HA 200 -17.63 -23.70 -19.25
C THR HA 200 -17.48 -24.61 -18.04
N GLN HA 201 -18.58 -25.11 -17.50
CA GLN HA 201 -18.57 -26.07 -16.40
C GLN HA 201 -18.60 -27.51 -16.88
N THR HA 202 -18.53 -27.75 -18.19
CA THR HA 202 -18.63 -29.09 -18.75
C THR HA 202 -20.00 -29.71 -18.50
N LEU HA 203 -21.05 -28.90 -18.71
CA LEU HA 203 -22.43 -29.35 -18.67
C LEU HA 203 -23.09 -29.07 -20.00
N GLY HA 204 -23.94 -29.99 -20.45
CA GLY HA 204 -24.54 -29.85 -21.76
C GLY HA 204 -25.62 -28.79 -21.82
N ILE HA 205 -25.83 -28.28 -23.03
CA ILE HA 205 -26.86 -27.30 -23.32
C ILE HA 205 -27.62 -27.77 -24.56
N GLY HA 206 -28.93 -27.93 -24.42
CA GLY HA 206 -29.70 -28.61 -25.44
C GLY HA 206 -29.53 -30.11 -25.45
N CYS HA 207 -28.68 -30.65 -24.58
CA CYS HA 207 -28.34 -32.06 -24.59
C CYS HA 207 -27.81 -32.41 -23.21
N GLN HA 208 -28.05 -33.65 -22.81
CA GLN HA 208 -27.61 -34.15 -21.51
C GLN HA 208 -26.54 -35.21 -21.73
N THR HA 209 -25.39 -35.02 -21.08
CA THR HA 209 -24.22 -35.85 -21.34
C THR HA 209 -24.53 -37.33 -21.14
N THR HA 210 -25.47 -37.66 -20.26
CA THR HA 210 -25.90 -39.03 -20.07
C THR HA 210 -27.00 -39.45 -21.04
N ASN HA 211 -27.56 -38.53 -21.82
CA ASN HA 211 -28.68 -38.81 -22.70
C ASN HA 211 -28.27 -38.56 -24.14
N VAL HA 212 -28.02 -39.64 -24.88
CA VAL HA 212 -27.57 -39.51 -26.27
C VAL HA 212 -28.66 -38.90 -27.13
N ASP HA 213 -29.93 -39.02 -26.74
CA ASP HA 213 -31.02 -38.66 -27.64
C ASP HA 213 -31.07 -37.17 -27.90
N SER HA 214 -30.87 -36.35 -26.87
CA SER HA 214 -31.06 -34.90 -27.02
C SER HA 214 -29.90 -34.21 -27.72
N PHE HA 215 -28.83 -34.94 -28.03
CA PHE HA 215 -27.68 -34.43 -28.77
C PHE HA 215 -28.13 -33.79 -30.07
N GLU HA 216 -27.26 -32.99 -30.66
CA GLU HA 216 -27.55 -32.28 -31.90
C GLU HA 216 -26.81 -32.96 -33.03
N THR HA 217 -27.53 -33.69 -33.88
CA THR HA 217 -26.93 -34.32 -35.04
C THR HA 217 -26.54 -33.28 -36.08
N VAL HA 218 -25.39 -33.48 -36.71
CA VAL HA 218 -24.93 -32.61 -37.79
C VAL HA 218 -24.49 -33.44 -39.00
N ALA HA 219 -24.70 -34.75 -38.96
CA ALA HA 219 -24.51 -35.59 -40.13
C ALA HA 219 -25.14 -36.96 -39.89
N GLU HA 220 -26.02 -37.40 -40.79
CA GLU HA 220 -26.70 -38.68 -40.66
C GLU HA 220 -26.27 -39.62 -41.77
N ASN HA 221 -25.79 -40.81 -41.38
CA ASN HA 221 -25.38 -41.90 -42.25
C ASN HA 221 -24.59 -41.44 -43.47
N GLU HA 222 -23.74 -40.45 -43.30
CA GLU HA 222 -22.90 -39.95 -44.38
C GLU HA 222 -21.64 -40.80 -44.50
N LYS HA 223 -21.23 -41.08 -45.73
CA LYS HA 223 -19.98 -41.78 -45.93
C LYS HA 223 -18.79 -40.91 -45.57
N LEU HA 224 -18.84 -39.62 -45.94
CA LEU HA 224 -17.84 -38.64 -45.57
C LEU HA 224 -18.56 -37.43 -45.01
N ALA HA 225 -18.03 -36.87 -43.93
CA ALA HA 225 -18.62 -35.68 -43.35
C ALA HA 225 -17.54 -34.79 -42.78
N ILE HA 226 -17.44 -33.56 -43.28
CA ILE HA 226 -16.54 -32.55 -42.75
C ILE HA 226 -17.38 -31.71 -41.80
N VAL HA 227 -17.39 -32.05 -40.53
CA VAL HA 227 -18.18 -31.34 -39.54
C VAL HA 227 -17.37 -30.18 -38.98
N ASP HA 228 -17.99 -29.01 -38.96
CA ASP HA 228 -17.42 -27.78 -38.42
C ASP HA 228 -18.34 -27.29 -37.32
N VAL HA 229 -17.79 -27.08 -36.13
CA VAL HA 229 -18.56 -26.66 -34.97
C VAL HA 229 -18.14 -25.26 -34.57
N VAL HA 230 -18.80 -24.69 -33.56
CA VAL HA 230 -18.49 -23.35 -33.11
C VAL HA 230 -17.12 -23.38 -32.46
N ASP HA 231 -16.13 -22.81 -33.14
CA ASP HA 231 -14.74 -22.87 -32.68
C ASP HA 231 -14.59 -22.06 -31.39
N GLY HA 232 -14.38 -22.77 -30.28
CA GLY HA 232 -14.21 -22.12 -28.99
C GLY HA 232 -14.88 -22.84 -27.83
N ILE HA 233 -15.57 -23.95 -28.12
CA ILE HA 233 -16.38 -24.65 -27.13
C ILE HA 233 -15.98 -26.11 -27.10
N ASN HA 234 -15.94 -26.69 -25.90
CA ASN HA 234 -15.75 -28.12 -25.77
C ASN HA 234 -17.01 -28.85 -26.22
N HIS HA 235 -16.82 -29.99 -26.87
CA HIS HA 235 -17.92 -30.81 -27.36
C HIS HA 235 -17.70 -32.26 -26.93
N LYS HA 236 -18.81 -32.95 -26.71
CA LYS HA 236 -18.79 -34.39 -26.50
C LYS HA 236 -19.48 -35.03 -27.69
N ILE HA 237 -18.76 -35.89 -28.38
CA ILE HA 237 -19.25 -36.50 -29.61
C ILE HA 237 -19.74 -37.91 -29.28
N ASN HA 238 -20.67 -38.40 -30.08
CA ASN HA 238 -20.94 -39.82 -30.17
C ASN HA 238 -21.03 -40.21 -31.63
N LEU HA 239 -20.21 -41.18 -32.05
CA LEU HA 239 -20.23 -41.67 -33.42
C LEU HA 239 -19.78 -43.14 -33.41
N THR HA 240 -20.75 -44.05 -33.24
CA THR HA 240 -20.76 -45.39 -33.84
C THR HA 240 -19.38 -45.98 -34.09
N THR HA 241 -18.56 -46.10 -33.04
CA THR HA 241 -17.12 -46.33 -33.22
C THR HA 241 -16.82 -47.59 -34.02
N THR HA 242 -17.72 -48.57 -34.01
CA THR HA 242 -17.47 -49.80 -34.76
C THR HA 242 -17.42 -49.57 -36.27
N THR HA 243 -18.01 -48.48 -36.75
CA THR HA 243 -18.22 -48.26 -38.18
C THR HA 243 -17.40 -47.11 -38.72
N CYS HA 244 -17.54 -45.92 -38.14
CA CYS HA 244 -17.01 -44.69 -38.72
C CYS HA 244 -15.90 -44.14 -37.86
N THR HA 245 -14.74 -43.90 -38.47
CA THR HA 245 -13.62 -43.27 -37.79
C THR HA 245 -13.73 -41.76 -37.97
N ILE HA 246 -13.18 -41.01 -37.02
CA ILE HA 246 -13.20 -39.56 -37.07
C ILE HA 246 -11.81 -39.04 -36.73
N ARG HA 247 -11.39 -38.00 -37.43
CA ARG HA 247 -10.06 -37.43 -37.27
C ARG HA 247 -10.19 -35.93 -37.11
N ASN HA 248 -9.48 -35.40 -36.12
CA ASN HA 248 -9.40 -33.95 -35.92
C ASN HA 248 -8.38 -33.43 -36.91
N CYS HA 249 -8.86 -32.80 -37.98
CA CYS HA 249 -7.99 -32.40 -39.08
C CYS HA 249 -7.97 -30.90 -39.25
N LYS HA 250 -6.85 -30.40 -39.76
CA LYS HA 250 -6.76 -29.00 -40.09
C LYS HA 250 -6.03 -28.82 -41.42
N LYS HA 251 -6.32 -27.68 -42.02
CA LYS HA 251 -6.15 -27.46 -43.45
C LYS HA 251 -4.85 -26.73 -43.69
N LEU HA 252 -3.88 -27.43 -44.25
CA LEU HA 252 -2.64 -26.80 -44.72
C LEU HA 252 -2.93 -26.13 -46.06
N GLY HA 253 -1.88 -25.74 -46.77
CA GLY HA 253 -2.03 -25.19 -48.09
C GLY HA 253 -2.72 -26.14 -49.03
N PRO HA 254 -2.94 -25.72 -50.27
CA PRO HA 254 -3.73 -26.54 -51.19
C PRO HA 254 -2.94 -27.73 -51.69
N ARG HA 255 -3.67 -28.77 -52.08
CA ARG HA 255 -3.08 -29.88 -52.81
C ARG HA 255 -3.07 -29.50 -54.29
N GLU HA 256 -1.89 -29.20 -54.82
CA GLU HA 256 -1.77 -28.75 -56.20
C GLU HA 256 -1.50 -29.91 -57.16
N ASN HA 257 -1.91 -31.11 -56.78
CA ASN HA 257 -1.65 -32.32 -57.54
C ASN HA 257 -2.91 -33.01 -58.05
N VAL HA 258 -4.08 -32.55 -57.63
CA VAL HA 258 -5.35 -33.22 -57.92
C VAL HA 258 -6.30 -32.19 -58.49
N ALA HA 259 -6.91 -32.52 -59.63
CA ALA HA 259 -7.92 -31.69 -60.27
C ALA HA 259 -9.24 -32.45 -60.27
N VAL HA 260 -10.33 -31.70 -60.26
CA VAL HA 260 -11.68 -32.26 -60.23
C VAL HA 260 -12.42 -31.71 -61.43
N ILE HA 261 -12.86 -32.59 -62.32
CA ILE HA 261 -13.62 -32.23 -63.51
C ILE HA 261 -15.08 -32.53 -63.19
N GLN HA 262 -15.83 -31.50 -62.80
CA GLN HA 262 -17.26 -31.66 -62.63
C GLN HA 262 -17.89 -31.84 -64.00
N VAL HA 263 -18.44 -33.03 -64.24
CA VAL HA 263 -18.88 -33.39 -65.58
C VAL HA 263 -20.27 -32.87 -65.90
N GLY HA 264 -20.97 -32.27 -64.93
CA GLY HA 264 -22.37 -31.94 -65.10
C GLY HA 264 -22.73 -30.47 -65.20
N GLY HA 265 -23.20 -29.89 -64.10
CA GLY HA 265 -24.02 -28.69 -64.14
C GLY HA 265 -23.32 -27.40 -63.82
N ALA HA 266 -23.70 -26.76 -62.71
CA ALA HA 266 -23.29 -25.40 -62.40
C ALA HA 266 -22.14 -25.38 -61.41
N ASN HA 267 -21.70 -24.17 -61.08
CA ASN HA 267 -20.60 -23.94 -60.14
C ASN HA 267 -21.13 -24.07 -58.72
N ILE HA 268 -21.16 -25.30 -58.21
CA ILE HA 268 -21.73 -25.59 -56.90
C ILE HA 268 -20.69 -25.99 -55.86
N LEU HA 269 -19.46 -26.27 -56.26
CA LEU HA 269 -18.44 -26.63 -55.30
C LEU HA 269 -18.08 -25.44 -54.41
N ASP HA 270 -17.98 -25.70 -53.12
CA ASP HA 270 -17.53 -24.72 -52.12
C ASP HA 270 -16.51 -25.43 -51.25
N ILE HA 271 -15.25 -25.38 -51.65
CA ILE HA 271 -14.22 -26.02 -50.85
C ILE HA 271 -14.05 -25.29 -49.52
N THR HA 272 -14.21 -23.97 -49.51
CA THR HA 272 -14.02 -23.18 -48.29
C THR HA 272 -15.29 -23.23 -47.46
N ALA HA 273 -15.19 -23.86 -46.28
CA ALA HA 273 -16.33 -23.98 -45.40
C ALA HA 273 -16.90 -22.63 -44.98
N ASP HA 274 -16.08 -21.58 -45.00
CA ASP HA 274 -16.59 -20.25 -44.74
C ASP HA 274 -17.69 -19.93 -45.75
N PRO HA 275 -18.80 -19.30 -45.33
CA PRO HA 275 -19.83 -18.95 -46.31
C PRO HA 275 -19.55 -17.66 -47.05
N THR HA 276 -18.76 -16.75 -46.46
CA THR HA 276 -18.52 -15.47 -47.11
C THR HA 276 -17.78 -15.63 -48.43
N THR HA 277 -16.77 -16.51 -48.45
CA THR HA 277 -15.90 -16.67 -49.62
C THR HA 277 -16.28 -17.93 -50.37
N ASN HA 278 -16.40 -17.80 -51.69
CA ASN HA 278 -16.73 -18.91 -52.59
C ASN HA 278 -15.72 -18.94 -53.72
N PRO HA 279 -14.47 -19.30 -53.42
CA PRO HA 279 -13.41 -19.17 -54.42
C PRO HA 279 -13.59 -20.14 -55.57
N GLN HA 280 -13.09 -19.74 -56.74
CA GLN HA 280 -13.07 -20.57 -57.93
C GLN HA 280 -11.61 -20.95 -58.18
N ILE HA 281 -11.20 -22.09 -57.63
CA ILE HA 281 -9.82 -22.53 -57.80
C ILE HA 281 -9.60 -22.98 -59.24
N GLU HA 282 -8.33 -22.96 -59.65
CA GLU HA 282 -7.99 -23.29 -61.03
C GLU HA 282 -8.29 -24.76 -61.34
N ARG HA 283 -8.20 -25.64 -60.34
CA ARG HA 283 -8.29 -27.07 -60.56
C ARG HA 283 -9.70 -27.62 -60.43
N MET HA 284 -10.67 -26.79 -60.06
CA MET HA 284 -12.08 -27.20 -60.03
C MET HA 284 -12.69 -26.92 -61.40
N MET HA 285 -12.29 -27.74 -62.37
CA MET HA 285 -12.75 -27.57 -63.73
C MET HA 285 -14.17 -28.08 -63.87
N ARG HA 286 -14.84 -27.66 -64.95
CA ARG HA 286 -16.23 -28.00 -65.17
C ARG HA 286 -16.48 -28.12 -66.66
N VAL HA 287 -17.09 -29.22 -67.09
CA VAL HA 287 -17.32 -29.50 -68.50
C VAL HA 287 -18.71 -30.11 -68.66
N ASN HA 288 -19.43 -29.65 -69.68
CA ASN HA 288 -20.72 -30.23 -70.00
C ASN HA 288 -20.55 -31.63 -70.58
N TRP HA 289 -21.63 -32.40 -70.57
CA TRP HA 289 -21.54 -33.79 -70.99
C TRP HA 289 -22.85 -34.25 -71.59
N LYS HA 290 -22.74 -35.00 -72.67
CA LYS HA 290 -23.80 -35.91 -73.09
C LYS HA 290 -23.24 -37.24 -73.56
N ARG HA 291 -21.91 -37.44 -73.52
CA ARG HA 291 -21.32 -38.68 -73.99
C ARG HA 291 -19.93 -38.83 -73.38
N TRP HA 292 -19.72 -39.94 -72.69
CA TRP HA 292 -18.46 -40.15 -71.97
C TRP HA 292 -17.29 -40.24 -72.94
N TRP HA 293 -17.51 -40.74 -74.15
CA TRP HA 293 -16.44 -40.72 -75.13
C TRP HA 293 -16.01 -39.29 -75.42
N GLN HA 294 -16.97 -38.38 -75.59
CA GLN HA 294 -16.61 -36.99 -75.85
C GLN HA 294 -15.90 -36.37 -74.66
N VAL HA 295 -16.33 -36.71 -73.44
CA VAL HA 295 -15.65 -36.19 -72.26
C VAL HA 295 -14.19 -36.65 -72.24
N PHE HA 296 -13.97 -37.95 -72.44
CA PHE HA 296 -12.62 -38.47 -72.41
C PHE HA 296 -11.78 -37.89 -73.53
N TYR HA 297 -12.37 -37.68 -74.71
CA TYR HA 297 -11.62 -37.08 -75.80
C TYR HA 297 -11.24 -35.65 -75.46
N THR HA 298 -12.12 -34.90 -74.80
CA THR HA 298 -11.76 -33.56 -74.36
C THR HA 298 -10.58 -33.60 -73.41
N ILE HA 299 -10.62 -34.52 -72.45
CA ILE HA 299 -9.52 -34.62 -71.48
C ILE HA 299 -8.23 -34.97 -72.20
N VAL HA 300 -8.29 -35.93 -73.12
CA VAL HA 300 -7.09 -36.36 -73.85
C VAL HA 300 -6.54 -35.21 -74.67
N ASP HA 301 -7.42 -34.47 -75.34
CA ASP HA 301 -6.98 -33.37 -76.20
C ASP HA 301 -6.30 -32.29 -75.39
N TYR HA 302 -6.91 -31.88 -74.28
CA TYR HA 302 -6.41 -30.77 -73.47
C TYR HA 302 -5.64 -31.25 -72.26
N ILE HA 303 -5.04 -32.43 -72.32
CA ILE HA 303 -4.30 -32.94 -71.17
C ILE HA 303 -3.13 -32.04 -70.85
N ASN HA 304 -2.55 -31.38 -71.85
CA ASN HA 304 -1.47 -30.43 -71.56
C ASN HA 304 -1.98 -29.31 -70.67
N GLN HA 305 -3.17 -28.77 -70.96
CA GLN HA 305 -3.69 -27.66 -70.18
C GLN HA 305 -4.03 -28.08 -68.76
N ILE HA 306 -4.62 -29.27 -68.60
CA ILE HA 306 -4.97 -29.72 -67.26
C ILE HA 306 -3.72 -29.90 -66.41
N VAL HA 307 -2.67 -30.46 -67.00
CA VAL HA 307 -1.44 -30.65 -66.26
C VAL HA 307 -0.78 -29.31 -65.97
N GLN HA 308 -0.93 -28.34 -66.86
CA GLN HA 308 -0.44 -26.99 -66.56
C GLN HA 308 -1.18 -26.40 -65.38
N VAL HA 309 -2.49 -26.62 -65.30
CA VAL HA 309 -3.26 -26.14 -64.17
C VAL HA 309 -2.78 -26.80 -62.89
N MET HA 310 -2.56 -28.11 -62.92
CA MET HA 310 -2.07 -28.83 -61.76
C MET HA 310 -0.58 -28.54 -61.58
N SER HA 311 0.02 -29.21 -60.60
CA SER HA 311 1.45 -29.03 -60.33
C SER HA 311 1.94 -30.22 -59.53
N LYS HA 312 3.26 -30.33 -59.43
CA LYS HA 312 3.84 -31.39 -58.62
C LYS HA 312 3.49 -31.15 -57.16
N ARG HA 313 3.14 -32.24 -56.47
CA ARG HA 313 2.73 -32.12 -55.07
C ARG HA 313 3.88 -31.61 -54.23
N SER HA 314 3.63 -30.53 -53.50
CA SER HA 314 4.69 -29.92 -52.70
C SER HA 314 5.18 -30.87 -51.63
N ARG HA 315 4.26 -31.57 -50.95
CA ARG HA 315 4.66 -32.46 -49.88
C ARG HA 315 5.38 -33.70 -50.39
N SER HA 316 5.26 -34.01 -51.68
CA SER HA 316 6.00 -35.13 -52.25
C SER HA 316 7.44 -34.77 -52.60
N LEU HA 317 7.76 -33.49 -52.66
CA LEU HA 317 9.10 -33.08 -53.05
C LEU HA 317 10.10 -33.46 -51.97
N ASN HA 318 11.34 -33.74 -52.40
CA ASN HA 318 12.42 -33.92 -51.44
C ASN HA 318 12.68 -32.63 -50.68
N SER HA 319 12.40 -31.48 -51.29
CA SER HA 319 12.70 -30.19 -50.67
C SER HA 319 11.84 -29.92 -49.45
N ALA HA 320 10.74 -30.64 -49.28
CA ALA HA 320 9.87 -30.49 -48.12
C ALA HA 320 10.16 -31.53 -47.05
N ALA HA 321 11.41 -32.01 -47.00
CA ALA HA 321 11.70 -33.26 -46.30
C ALA HA 321 11.30 -33.20 -44.84
N PHE HA 322 11.74 -32.19 -44.12
CA PHE HA 322 11.60 -32.13 -42.67
C PHE HA 322 10.54 -31.13 -42.23
N TYR HA 323 9.51 -30.94 -43.06
CA TYR HA 323 8.35 -30.16 -42.64
C TYR HA 323 7.11 -31.04 -42.53
N TYR HA 324 6.60 -31.58 -43.63
CA TYR HA 324 5.50 -32.53 -43.56
C TYR HA 324 5.56 -33.53 -44.72
N ARG HA 325 6.77 -33.90 -45.14
CA ARG HA 325 6.95 -34.64 -46.38
C ARG HA 325 6.12 -35.92 -46.37
N VAL HA 326 5.51 -36.22 -47.51
CA VAL HA 326 4.60 -37.35 -47.62
C VAL HA 326 4.62 -37.95 -49.02
N GLN IA 51 -38.42 43.10 4.97
CA GLN IA 51 -37.95 44.07 5.94
C GLN IA 51 -37.01 45.09 5.29
N ASN IA 52 -37.15 45.30 3.99
CA ASN IA 52 -36.42 46.38 3.34
C ASN IA 52 -36.90 47.71 3.90
N TYR IA 53 -35.96 48.56 4.28
CA TYR IA 53 -36.28 49.94 4.62
C TYR IA 53 -35.27 50.93 4.08
N GLY IA 54 -34.25 50.47 3.36
CA GLY IA 54 -33.57 51.31 2.40
C GLY IA 54 -34.36 51.29 1.11
N LEU IA 55 -35.62 51.71 1.22
CA LEU IA 55 -36.58 51.51 0.14
C LEU IA 55 -36.18 52.29 -1.10
N ASN IA 56 -35.69 53.51 -0.93
CA ASN IA 56 -35.54 54.43 -2.05
C ASN IA 56 -34.16 54.38 -2.69
N ILE IA 57 -33.11 54.24 -1.90
CA ILE IA 57 -31.76 54.40 -2.41
C ILE IA 57 -31.45 53.27 -3.38
N PRO IA 58 -30.67 53.50 -4.44
CA PRO IA 58 -30.60 52.53 -5.54
C PRO IA 58 -29.50 51.48 -5.37
N ILE IA 59 -29.71 50.35 -6.01
CA ILE IA 59 -28.69 49.32 -6.11
C ILE IA 59 -27.75 49.67 -7.26
N THR IA 60 -26.54 49.10 -7.22
CA THR IA 60 -25.62 49.11 -8.35
C THR IA 60 -25.06 47.72 -8.53
N GLY IA 61 -24.99 47.28 -9.78
CA GLY IA 61 -24.52 45.93 -10.06
C GLY IA 61 -23.85 45.81 -11.42
N SER IA 62 -22.65 45.25 -11.45
CA SER IA 62 -21.88 45.18 -12.67
C SER IA 62 -22.50 44.18 -13.64
N MET IA 63 -22.08 44.30 -14.91
CA MET IA 63 -22.59 43.46 -15.98
C MET IA 63 -21.65 42.31 -16.33
N ASP IA 64 -20.34 42.54 -16.28
CA ASP IA 64 -19.37 41.58 -16.79
C ASP IA 64 -18.91 40.57 -15.74
N THR IA 65 -19.48 40.61 -14.53
CA THR IA 65 -18.96 39.81 -13.43
C THR IA 65 -20.10 39.07 -12.75
N VAL IA 66 -19.92 37.76 -12.57
CA VAL IA 66 -20.81 36.95 -11.76
C VAL IA 66 -20.20 36.87 -10.36
N TYR IA 67 -20.97 37.30 -9.37
CA TYR IA 67 -20.46 37.42 -8.01
C TYR IA 67 -20.64 36.11 -7.25
N SER IA 68 -19.61 35.72 -6.50
CA SER IA 68 -19.70 34.56 -5.63
C SER IA 68 -20.32 34.90 -4.28
N ASN IA 69 -20.43 36.18 -3.94
CA ASN IA 69 -21.16 36.59 -2.74
C ASN IA 69 -22.66 36.68 -3.06
N SER IA 70 -23.47 36.35 -2.06
CA SER IA 70 -24.92 36.37 -2.23
C SER IA 70 -25.56 36.14 -0.87
N THR IA 71 -26.82 36.56 -0.77
CA THR IA 71 -27.57 36.36 0.47
C THR IA 71 -27.82 34.88 0.71
N ARG IA 72 -27.93 34.52 2.00
CA ARG IA 72 -28.43 33.21 2.42
C ARG IA 72 -29.51 33.50 3.46
N GLU IA 73 -30.72 33.77 2.99
CA GLU IA 73 -31.85 34.06 3.85
C GLU IA 73 -32.71 32.81 4.01
N GLU IA 74 -33.18 32.59 5.23
CA GLU IA 74 -33.97 31.39 5.52
C GLU IA 74 -34.82 31.65 6.75
N VAL IA 75 -36.13 31.82 6.54
CA VAL IA 75 -37.11 31.70 7.62
C VAL IA 75 -38.18 30.73 7.10
N PHE IA 76 -37.91 29.44 7.27
CA PHE IA 76 -38.47 28.30 6.56
C PHE IA 76 -37.94 27.05 7.23
N LEU IA 77 -38.37 25.88 6.73
CA LEU IA 77 -37.54 24.69 6.76
C LEU IA 77 -37.09 24.36 5.34
N THR IA 78 -38.04 24.23 4.43
CA THR IA 78 -37.79 24.07 3.00
C THR IA 78 -39.02 24.60 2.28
N SER IA 79 -38.87 24.81 0.97
CA SER IA 79 -40.02 25.24 0.18
C SER IA 79 -41.10 24.16 0.23
N THR IA 80 -42.36 24.61 0.24
CA THR IA 80 -43.50 23.71 0.34
C THR IA 80 -44.44 23.95 -0.82
N LEU IA 81 -44.93 22.86 -1.41
CA LEU IA 81 -45.85 22.88 -2.54
C LEU IA 81 -47.21 22.42 -2.07
N CYS IA 82 -48.26 22.96 -2.68
CA CYS IA 82 -49.62 22.63 -2.29
C CYS IA 82 -50.51 22.60 -3.52
N LEU IA 83 -51.14 21.46 -3.75
CA LEU IA 83 -51.96 21.20 -4.94
C LEU IA 83 -53.43 21.27 -4.58
N TYR IA 84 -54.16 22.17 -5.24
CA TYR IA 84 -55.61 22.20 -5.16
C TYR IA 84 -56.15 21.45 -6.36
N TYR IA 85 -57.07 20.53 -6.11
CA TYR IA 85 -57.63 19.70 -7.16
C TYR IA 85 -59.12 19.50 -6.89
N PRO IA 86 -59.94 19.34 -7.92
CA PRO IA 86 -61.36 19.07 -7.67
C PRO IA 86 -61.57 17.68 -7.07
N THR IA 87 -62.66 17.55 -6.30
CA THR IA 87 -62.97 16.27 -5.69
C THR IA 87 -63.27 15.19 -6.71
N GLU IA 88 -63.68 15.57 -7.92
CA GLU IA 88 -63.92 14.56 -8.94
C GLU IA 88 -62.64 13.85 -9.33
N ALA IA 89 -61.48 14.48 -9.12
CA ALA IA 89 -60.22 13.77 -9.32
C ALA IA 89 -60.13 12.57 -8.39
N SER IA 90 -60.45 12.78 -7.11
CA SER IA 90 -60.43 11.67 -6.16
C SER IA 90 -61.47 10.62 -6.55
N THR IA 91 -62.66 11.06 -6.96
CA THR IA 91 -63.68 10.07 -7.32
C THR IA 91 -63.24 9.21 -8.49
N GLN IA 92 -62.65 9.82 -9.52
CA GLN IA 92 -62.15 9.04 -10.65
C GLN IA 92 -61.01 8.12 -10.21
N ILE IA 93 -60.10 8.62 -9.38
CA ILE IA 93 -58.95 7.83 -9.00
C ILE IA 93 -59.37 6.60 -8.21
N SER IA 94 -60.40 6.74 -7.36
CA SER IA 94 -60.98 5.61 -6.64
C SER IA 94 -59.91 4.90 -5.80
N ASP IA 95 -59.32 5.67 -4.89
CA ASP IA 95 -58.17 5.24 -4.11
C ASP IA 95 -58.22 6.00 -2.79
N GLY IA 96 -57.07 6.26 -2.17
CA GLY IA 96 -57.04 6.72 -0.80
C GLY IA 96 -55.72 6.43 -0.11
N GLU IA 97 -54.83 5.72 -0.79
CA GLU IA 97 -53.39 5.85 -0.59
C GLU IA 97 -52.75 6.66 -1.71
N TRP IA 98 -53.54 7.30 -2.57
CA TRP IA 98 -52.97 7.96 -3.73
C TRP IA 98 -52.26 9.25 -3.34
N LYS IA 99 -52.73 9.93 -2.28
CA LYS IA 99 -51.97 11.05 -1.77
C LYS IA 99 -50.59 10.61 -1.32
N ASP IA 100 -50.52 9.47 -0.62
CA ASP IA 100 -49.23 8.96 -0.19
C ASP IA 100 -48.35 8.57 -1.36
N SER IA 101 -48.93 7.94 -2.39
CA SER IA 101 -48.13 7.57 -3.55
C SER IA 101 -47.58 8.81 -4.25
N LEU IA 102 -48.41 9.85 -4.39
CA LEU IA 102 -47.93 11.07 -5.02
C LEU IA 102 -46.86 11.73 -4.15
N SER IA 103 -46.99 11.64 -2.83
CA SER IA 103 -45.95 12.17 -1.96
C SER IA 103 -44.64 11.42 -2.18
N GLN IA 104 -44.71 10.09 -2.34
CA GLN IA 104 -43.52 9.32 -2.62
C GLN IA 104 -42.89 9.72 -3.95
N MET IA 105 -43.72 9.96 -4.97
CA MET IA 105 -43.17 10.33 -6.26
C MET IA 105 -42.59 11.75 -6.24
N PHE IA 106 -43.17 12.64 -5.46
CA PHE IA 106 -42.55 13.94 -5.26
C PHE IA 106 -41.21 13.79 -4.55
N LEU IA 107 -41.12 12.88 -3.58
CA LEU IA 107 -39.85 12.59 -2.95
C LEU IA 107 -38.83 12.10 -3.98
N ILE IA 108 -39.28 11.31 -4.95
CA ILE IA 108 -38.40 10.90 -6.02
C ILE IA 108 -37.91 12.11 -6.80
N LYS IA 109 -38.84 13.02 -7.14
CA LYS IA 109 -38.44 14.19 -7.91
C LYS IA 109 -37.66 15.21 -7.10
N GLY IA 110 -37.53 15.05 -5.78
CA GLY IA 110 -36.62 15.83 -4.97
C GLY IA 110 -37.27 16.59 -3.84
N TRP IA 111 -38.56 16.85 -3.91
CA TRP IA 111 -39.22 17.60 -2.84
C TRP IA 111 -39.24 16.75 -1.57
N PRO IA 112 -38.84 17.28 -0.41
CA PRO IA 112 -38.82 16.44 0.79
C PRO IA 112 -40.23 16.03 1.21
N THR IA 113 -40.29 15.07 2.12
CA THR IA 113 -41.55 14.37 2.39
C THR IA 113 -42.62 15.32 2.89
N GLY IA 114 -42.29 16.15 3.87
CA GLY IA 114 -43.29 17.02 4.45
C GLY IA 114 -43.62 18.26 3.66
N SER IA 115 -43.17 18.34 2.41
CA SER IA 115 -43.27 19.58 1.65
C SER IA 115 -44.53 19.67 0.81
N VAL IA 116 -45.04 18.56 0.31
CA VAL IA 116 -46.17 18.56 -0.61
C VAL IA 116 -47.46 18.32 0.16
N TYR IA 117 -48.45 19.15 -0.09
CA TYR IA 117 -49.77 19.03 0.52
C TYR IA 117 -50.83 19.05 -0.57
N PHE IA 118 -52.01 18.55 -0.24
CA PHE IA 118 -53.11 18.47 -1.19
C PHE IA 118 -54.37 19.01 -0.53
N LYS IA 119 -54.91 20.09 -1.07
CA LYS IA 119 -56.08 20.78 -0.52
C LYS IA 119 -57.24 20.60 -1.50
N GLU IA 120 -58.03 19.55 -1.29
CA GLU IA 120 -59.18 19.27 -2.12
C GLU IA 120 -60.18 20.42 -2.05
N TYR IA 121 -60.85 20.69 -3.18
CA TYR IA 121 -61.98 21.60 -3.23
C TYR IA 121 -63.10 20.95 -4.03
N SER IA 122 -64.34 21.32 -3.72
CA SER IA 122 -65.48 20.65 -4.32
C SER IA 122 -65.61 20.95 -5.81
N ASN IA 123 -65.53 22.23 -6.17
CA ASN IA 123 -65.51 22.64 -7.57
C ASN IA 123 -65.14 24.12 -7.61
N ILE IA 124 -65.08 24.67 -8.81
CA ILE IA 124 -64.49 26.00 -9.01
C ILE IA 124 -65.33 27.06 -8.31
N VAL IA 125 -66.65 27.02 -8.49
CA VAL IA 125 -67.49 28.06 -7.92
C VAL IA 125 -67.44 28.03 -6.40
N ASP IA 126 -67.49 26.84 -5.81
CA ASP IA 126 -67.45 26.74 -4.35
C ASP IA 126 -66.07 27.03 -3.79
N PHE IA 127 -65.03 26.86 -4.59
CA PHE IA 127 -63.70 27.27 -4.19
C PHE IA 127 -63.50 28.77 -4.29
N SER IA 128 -64.30 29.43 -5.13
CA SER IA 128 -64.17 30.87 -5.30
C SER IA 128 -64.57 31.66 -4.05
N VAL IA 129 -65.35 31.08 -3.14
CA VAL IA 129 -65.80 31.81 -1.96
C VAL IA 129 -64.67 31.83 -0.94
N ASP IA 130 -64.01 32.98 -0.82
CA ASP IA 130 -62.90 33.14 0.11
C ASP IA 130 -61.81 32.11 -0.16
N PRO IA 131 -61.20 32.11 -1.34
CA PRO IA 131 -60.14 31.13 -1.60
C PRO IA 131 -58.96 31.39 -0.69
N GLN IA 132 -58.26 30.32 -0.34
CA GLN IA 132 -57.19 30.38 0.64
C GLN IA 132 -55.93 29.77 0.06
N LEU IA 133 -54.81 30.42 0.28
CA LEU IA 133 -53.50 30.00 -0.23
C LEU IA 133 -52.66 29.60 0.96
N TYR IA 134 -52.85 28.37 1.43
CA TYR IA 134 -52.23 27.94 2.68
C TYR IA 134 -50.80 27.46 2.46
N CYS IA 135 -49.93 28.16 1.74
CA CYS IA 135 -48.74 27.46 1.30
C CYS IA 135 -47.75 28.45 0.72
N ASP IA 136 -46.68 27.92 0.11
CA ASP IA 136 -45.63 28.72 -0.51
C ASP IA 136 -45.66 28.64 -2.04
N TYR IA 137 -45.71 27.43 -2.59
CA TYR IA 137 -45.86 27.21 -4.02
C TYR IA 137 -47.23 26.57 -4.26
N ASN IA 138 -48.19 27.37 -4.68
CA ASN IA 138 -49.55 26.91 -4.89
C ASN IA 138 -49.78 26.53 -6.35
N LEU IA 139 -50.36 25.37 -6.56
CA LEU IA 139 -50.88 24.96 -7.87
C LEU IA 139 -52.38 24.76 -7.73
N VAL IA 140 -53.14 25.22 -8.72
CA VAL IA 140 -54.59 25.07 -8.71
C VAL IA 140 -55.00 24.43 -10.02
N LEU IA 141 -55.51 23.20 -9.95
CA LEU IA 141 -56.02 22.50 -11.13
C LEU IA 141 -57.48 22.89 -11.33
N MET IA 142 -57.83 23.26 -12.55
CA MET IA 142 -59.17 23.75 -12.87
C MET IA 142 -59.70 22.98 -14.06
N LYS IA 143 -60.75 22.18 -13.85
CA LYS IA 143 -61.37 21.43 -14.94
C LYS IA 143 -62.37 22.33 -15.65
N TYR IA 144 -62.08 22.64 -16.91
CA TYR IA 144 -62.95 23.53 -17.67
C TYR IA 144 -64.25 22.83 -18.04
N ASP IA 145 -65.33 23.61 -18.08
CA ASP IA 145 -66.59 23.15 -18.63
C ASP IA 145 -67.30 24.34 -19.25
N GLN IA 146 -68.22 24.04 -20.18
CA GLN IA 146 -68.98 25.08 -20.83
C GLN IA 146 -69.82 25.84 -19.81
N SER IA 147 -69.93 27.15 -20.00
CA SER IA 147 -70.74 28.08 -19.22
C SER IA 147 -70.12 28.42 -17.87
N LEU IA 148 -69.04 27.76 -17.47
CA LEU IA 148 -68.28 28.12 -16.28
C LEU IA 148 -67.16 29.08 -16.58
N GLU IA 149 -67.17 29.68 -17.78
CA GLU IA 149 -66.00 30.39 -18.27
C GLU IA 149 -65.73 31.65 -17.45
N LEU IA 150 -66.76 32.46 -17.22
CA LEU IA 150 -66.53 33.71 -16.50
C LEU IA 150 -66.21 33.45 -15.03
N ASP IA 151 -66.90 32.49 -14.41
CA ASP IA 151 -66.59 32.12 -13.03
C ASP IA 151 -65.13 31.68 -12.92
N MET IA 152 -64.70 30.84 -13.86
CA MET IA 152 -63.33 30.34 -13.85
C MET IA 152 -62.33 31.46 -14.04
N SER IA 153 -62.61 32.35 -15.00
CA SER IA 153 -61.68 33.45 -15.27
C SER IA 153 -61.61 34.39 -14.07
N GLU IA 154 -62.74 34.64 -13.42
CA GLU IA 154 -62.74 35.51 -12.25
C GLU IA 154 -61.96 34.90 -11.09
N LEU IA 155 -62.12 33.61 -10.87
CA LEU IA 155 -61.34 32.94 -9.83
C LEU IA 155 -59.86 33.04 -10.14
N ALA IA 156 -59.49 32.76 -11.40
CA ALA IA 156 -58.09 32.84 -11.79
C ALA IA 156 -57.54 34.24 -11.60
N ASP IA 157 -58.31 35.25 -11.99
CA ASP IA 157 -57.89 36.63 -11.77
C ASP IA 157 -57.66 36.90 -10.30
N LEU IA 158 -58.62 36.49 -9.46
CA LEU IA 158 -58.54 36.74 -8.03
C LEU IA 158 -57.27 36.17 -7.44
N ILE IA 159 -57.02 34.89 -7.68
CA ILE IA 159 -55.86 34.27 -7.04
C ILE IA 159 -54.56 34.74 -7.67
N LEU IA 160 -54.51 34.83 -9.01
CA LEU IA 160 -53.26 35.15 -9.69
C LEU IA 160 -52.80 36.56 -9.35
N ASN IA 161 -53.70 37.53 -9.42
CA ASN IA 161 -53.31 38.89 -9.07
C ASN IA 161 -53.31 39.06 -7.55
N GLU IA 162 -52.79 40.20 -7.12
CA GLU IA 162 -52.70 40.54 -5.70
C GLU IA 162 -53.63 41.71 -5.42
N TRP IA 163 -54.54 41.53 -4.47
CA TRP IA 163 -55.65 42.45 -4.25
C TRP IA 163 -55.55 43.09 -2.87
N LEU IA 164 -55.86 44.37 -2.81
CA LEU IA 164 -55.88 45.15 -1.59
C LEU IA 164 -57.31 45.60 -1.37
N CYS IA 165 -58.01 44.96 -0.44
CA CYS IA 165 -59.43 45.13 -0.24
C CYS IA 165 -59.74 46.00 0.97
N ASN IA 166 -60.89 46.67 0.90
CA ASN IA 166 -61.45 47.46 1.99
C ASN IA 166 -62.91 47.10 2.16
N PRO IA 167 -63.49 47.36 3.34
CA PRO IA 167 -64.89 46.99 3.58
C PRO IA 167 -65.84 47.87 2.78
N MET IA 168 -67.08 47.41 2.71
CA MET IA 168 -68.15 48.11 2.00
C MET IA 168 -69.45 47.89 2.77
N ASP IA 169 -69.87 48.90 3.52
CA ASP IA 169 -71.15 48.88 4.22
C ASP IA 169 -72.19 49.44 3.27
N ILE IA 170 -72.92 48.55 2.60
CA ILE IA 170 -73.83 48.96 1.52
C ILE IA 170 -74.93 49.84 2.06
N THR IA 171 -75.43 49.54 3.26
CA THR IA 171 -76.65 50.18 3.74
C THR IA 171 -76.49 51.68 3.89
N LEU IA 172 -75.35 52.13 4.41
CA LEU IA 172 -75.18 53.53 4.76
C LEU IA 172 -74.71 54.38 3.58
N TYR IA 173 -73.56 54.04 3.01
CA TYR IA 173 -72.90 54.89 2.03
C TYR IA 173 -73.25 54.47 0.61
N TYR IA 174 -73.17 55.43 -0.30
CA TYR IA 174 -72.98 55.10 -1.70
C TYR IA 174 -71.54 54.63 -1.90
N TYR IA 175 -71.21 54.24 -3.12
CA TYR IA 175 -69.86 53.76 -3.40
C TYR IA 175 -69.47 54.10 -4.82
N GLN IA 176 -68.19 53.92 -5.11
CA GLN IA 176 -67.56 54.45 -6.31
C GLN IA 176 -66.37 53.59 -6.65
N GLN IA 177 -65.91 53.70 -7.89
CA GLN IA 177 -64.68 53.05 -8.34
C GLN IA 177 -63.74 54.13 -8.83
N SER IA 178 -62.69 54.39 -8.03
CA SER IA 178 -61.85 55.56 -8.27
C SER IA 178 -61.13 55.48 -9.60
N GLY IA 179 -60.61 54.31 -9.95
CA GLY IA 179 -59.78 54.16 -11.14
C GLY IA 179 -59.89 52.78 -11.73
N GLU IA 180 -59.18 52.58 -12.84
CA GLU IA 180 -59.28 51.33 -13.57
C GLU IA 180 -58.82 50.14 -12.75
N SER IA 181 -57.88 50.35 -11.83
CA SER IA 181 -57.36 49.25 -11.04
C SER IA 181 -58.30 48.81 -9.92
N ASN IA 182 -59.41 49.51 -9.71
CA ASN IA 182 -60.33 49.23 -8.61
C ASN IA 182 -61.53 48.47 -9.14
N LYS IA 183 -61.81 47.32 -8.51
CA LYS IA 183 -62.99 46.52 -8.77
C LYS IA 183 -63.73 46.33 -7.46
N TRP IA 184 -64.92 45.72 -7.54
CA TRP IA 184 -65.63 45.27 -6.35
C TRP IA 184 -65.76 43.76 -6.44
N ILE IA 185 -65.34 43.06 -5.39
CA ILE IA 185 -65.43 41.61 -5.33
C ILE IA 185 -66.52 41.23 -4.35
N SER IA 186 -67.53 40.55 -4.85
CA SER IA 186 -68.58 39.96 -4.02
C SER IA 186 -68.26 38.50 -3.79
N MET IA 187 -68.27 38.09 -2.52
CA MET IA 187 -68.02 36.71 -2.13
C MET IA 187 -69.13 36.25 -1.19
N GLY IA 188 -69.46 34.98 -1.28
CA GLY IA 188 -70.47 34.40 -0.42
C GLY IA 188 -71.16 33.23 -1.09
N SER IA 189 -72.04 32.60 -0.34
CA SER IA 189 -72.76 31.44 -0.87
C SER IA 189 -73.82 31.84 -1.88
N SER IA 190 -74.30 33.08 -1.84
CA SER IA 190 -75.30 33.54 -2.79
C SER IA 190 -75.22 35.05 -2.87
N CYS IA 191 -74.74 35.56 -4.00
CA CYS IA 191 -74.59 36.99 -4.24
C CYS IA 191 -75.56 37.42 -5.33
N THR IA 192 -76.11 38.62 -5.18
CA THR IA 192 -76.97 39.21 -6.22
C THR IA 192 -76.76 40.72 -6.16
N VAL IA 193 -75.83 41.19 -6.97
CA VAL IA 193 -75.46 42.60 -6.97
C VAL IA 193 -76.46 43.37 -7.83
N LYS IA 194 -77.07 44.40 -7.26
CA LYS IA 194 -77.86 45.37 -8.02
C LYS IA 194 -77.25 46.73 -7.80
N VAL IA 195 -76.96 47.45 -8.87
CA VAL IA 195 -76.32 48.76 -8.81
C VAL IA 195 -77.24 49.78 -9.43
N CYS IA 196 -77.44 50.90 -8.74
CA CYS IA 196 -78.15 52.06 -9.28
C CYS IA 196 -77.16 53.19 -9.39
N PRO IA 197 -76.65 53.51 -10.58
CA PRO IA 197 -75.79 54.69 -10.70
C PRO IA 197 -76.56 55.96 -10.35
N LEU IA 198 -75.84 56.93 -9.79
CA LEU IA 198 -76.38 58.21 -9.38
C LEU IA 198 -75.87 59.30 -10.33
N ASN IA 199 -76.26 60.53 -10.04
CA ASN IA 199 -75.86 61.70 -10.82
C ASN IA 199 -75.21 62.72 -9.89
N THR IA 200 -74.84 63.87 -10.44
CA THR IA 200 -74.40 64.97 -9.60
C THR IA 200 -75.49 65.39 -8.64
N GLN IA 201 -76.72 65.49 -9.13
CA GLN IA 201 -77.87 65.79 -8.29
C GLN IA 201 -78.26 64.63 -7.38
N THR IA 202 -77.65 63.46 -7.55
CA THR IA 202 -77.97 62.27 -6.76
C THR IA 202 -79.41 61.83 -7.05
N LEU IA 203 -79.75 61.80 -8.33
CA LEU IA 203 -80.95 61.15 -8.84
C LEU IA 203 -80.51 59.96 -9.67
N GLY IA 204 -81.06 58.79 -9.38
CA GLY IA 204 -80.67 57.60 -10.10
C GLY IA 204 -80.98 57.73 -11.59
N ILE IA 205 -80.13 57.09 -12.40
CA ILE IA 205 -80.26 57.11 -13.85
C ILE IA 205 -80.53 55.69 -14.31
N GLY IA 206 -81.64 55.51 -15.02
CA GLY IA 206 -82.10 54.17 -15.30
C GLY IA 206 -82.54 53.41 -14.07
N CYS IA 207 -82.81 54.11 -12.98
CA CYS IA 207 -83.18 53.49 -11.71
C CYS IA 207 -83.64 54.56 -10.75
N GLN IA 208 -84.60 54.21 -9.89
CA GLN IA 208 -85.00 55.07 -8.80
C GLN IA 208 -84.20 54.70 -7.56
N THR IA 209 -83.83 55.72 -6.77
CA THR IA 209 -82.96 55.48 -5.63
C THR IA 209 -83.61 54.58 -4.59
N THR IA 210 -84.94 54.49 -4.56
CA THR IA 210 -85.66 53.70 -3.56
C THR IA 210 -86.34 52.47 -4.12
N ASN IA 211 -86.87 52.53 -5.33
CA ASN IA 211 -87.52 51.38 -5.95
C ASN IA 211 -86.42 50.43 -6.40
N VAL IA 212 -86.13 49.43 -5.58
CA VAL IA 212 -84.98 48.55 -5.83
C VAL IA 212 -85.16 47.78 -7.13
N ASP IA 213 -86.41 47.54 -7.55
CA ASP IA 213 -86.62 46.78 -8.77
C ASP IA 213 -86.10 47.52 -9.99
N SER IA 214 -86.08 48.85 -9.94
CA SER IA 214 -85.55 49.63 -11.06
C SER IA 214 -84.04 49.50 -11.23
N PHE IA 215 -83.35 48.94 -10.23
CA PHE IA 215 -81.89 48.83 -10.28
C PHE IA 215 -81.47 47.97 -11.47
N GLU IA 216 -80.15 47.96 -11.72
CA GLU IA 216 -79.55 47.17 -12.77
C GLU IA 216 -78.67 46.09 -12.14
N THR IA 217 -78.93 44.84 -12.49
CA THR IA 217 -78.23 43.70 -11.90
C THR IA 217 -77.03 43.35 -12.75
N VAL IA 218 -75.83 43.45 -12.18
CA VAL IA 218 -74.60 43.16 -12.91
C VAL IA 218 -74.21 41.71 -12.75
N ALA IA 219 -74.62 41.08 -11.64
CA ALA IA 219 -74.34 39.67 -11.43
C ALA IA 219 -75.37 39.10 -10.48
N GLU IA 220 -75.68 37.81 -10.66
CA GLU IA 220 -76.70 37.16 -9.83
C GLU IA 220 -76.32 35.70 -9.57
N ASN IA 221 -76.54 35.27 -8.34
CA ASN IA 221 -76.41 33.86 -7.95
C ASN IA 221 -75.03 33.32 -8.25
N GLU IA 222 -74.01 34.15 -8.08
CA GLU IA 222 -72.62 33.73 -8.21
C GLU IA 222 -71.96 33.73 -6.84
N LYS IA 223 -71.08 32.75 -6.63
CA LYS IA 223 -70.31 32.73 -5.39
C LYS IA 223 -69.25 33.82 -5.39
N LEU IA 224 -68.65 34.09 -6.54
CA LEU IA 224 -67.68 35.16 -6.71
C LEU IA 224 -68.11 36.04 -7.87
N ALA IA 225 -67.99 37.35 -7.68
CA ALA IA 225 -68.30 38.31 -8.74
C ALA IA 225 -67.33 39.46 -8.66
N ILE IA 226 -66.42 39.54 -9.63
CA ILE IA 226 -65.51 40.67 -9.78
C ILE IA 226 -66.20 41.63 -10.74
N VAL IA 227 -66.85 42.66 -10.19
CA VAL IA 227 -67.66 43.57 -10.98
C VAL IA 227 -66.91 44.88 -11.16
N ASP IA 228 -66.86 45.34 -12.40
CA ASP IA 228 -66.37 46.67 -12.77
C ASP IA 228 -67.57 47.52 -13.19
N VAL IA 229 -67.69 48.69 -12.58
CA VAL IA 229 -68.67 49.69 -12.98
C VAL IA 229 -67.90 50.92 -13.45
N VAL IA 230 -68.62 51.85 -14.06
CA VAL IA 230 -67.98 53.00 -14.67
C VAL IA 230 -67.31 53.82 -13.57
N ASP IA 231 -66.06 54.20 -13.82
CA ASP IA 231 -65.20 54.78 -12.80
C ASP IA 231 -65.43 56.28 -12.77
N GLY IA 232 -66.14 56.75 -11.74
CA GLY IA 232 -66.39 58.17 -11.56
C GLY IA 232 -67.78 58.49 -11.05
N ILE IA 233 -68.68 57.53 -11.07
CA ILE IA 233 -70.09 57.73 -10.76
C ILE IA 233 -70.40 57.00 -9.46
N ASN IA 234 -71.05 57.69 -8.52
CA ASN IA 234 -71.53 57.03 -7.32
C ASN IA 234 -72.55 55.96 -7.71
N HIS IA 235 -72.56 54.86 -6.97
CA HIS IA 235 -73.52 53.79 -7.17
C HIS IA 235 -74.12 53.43 -5.82
N LYS IA 236 -75.43 53.26 -5.78
CA LYS IA 236 -76.08 52.66 -4.63
C LYS IA 236 -76.23 51.17 -4.88
N ILE IA 237 -75.77 50.37 -3.93
CA ILE IA 237 -75.70 48.93 -4.09
C ILE IA 237 -76.84 48.29 -3.31
N ASN IA 238 -77.30 47.14 -3.81
CA ASN IA 238 -78.28 46.31 -3.12
C ASN IA 238 -77.79 44.88 -3.26
N LEU IA 239 -77.35 44.30 -2.14
CA LEU IA 239 -76.75 42.96 -2.19
C LEU IA 239 -76.99 42.30 -0.83
N THR IA 240 -78.14 41.62 -0.70
CA THR IA 240 -78.33 40.40 0.10
C THR IA 240 -77.39 40.33 1.30
N THR IA 241 -77.45 41.32 2.19
CA THR IA 241 -76.39 41.49 3.18
C THR IA 241 -76.25 40.29 4.11
N THR IA 242 -77.32 39.52 4.30
CA THR IA 242 -77.26 38.41 5.25
C THR IA 242 -76.29 37.33 4.81
N THR IA 243 -76.10 37.15 3.49
CA THR IA 243 -75.34 36.04 2.95
C THR IA 243 -74.02 36.47 2.34
N CYS IA 244 -74.05 37.39 1.37
CA CYS IA 244 -72.89 37.72 0.55
C CYS IA 244 -72.29 39.05 0.99
N THR IA 245 -70.97 39.07 1.13
CA THR IA 245 -70.21 40.27 1.44
C THR IA 245 -69.61 40.84 0.17
N ILE IA 246 -69.28 42.12 0.23
CA ILE IA 246 -68.71 42.86 -0.89
C ILE IA 246 -67.51 43.63 -0.39
N ARG IA 247 -66.46 43.69 -1.20
CA ARG IA 247 -65.21 44.33 -0.83
C ARG IA 247 -64.76 45.23 -1.96
N ASN IA 248 -64.34 46.45 -1.62
CA ASN IA 248 -63.82 47.40 -2.59
C ASN IA 248 -62.32 47.19 -2.67
N CYS IA 249 -61.84 46.61 -3.78
CA CYS IA 249 -60.46 46.14 -3.85
C CYS IA 249 -59.73 46.77 -5.03
N LYS IA 250 -58.53 47.26 -4.77
CA LYS IA 250 -57.61 47.65 -5.83
C LYS IA 250 -56.72 46.47 -6.19
N LYS IA 251 -56.22 46.48 -7.42
CA LYS IA 251 -55.36 45.43 -7.93
C LYS IA 251 -53.92 45.90 -7.85
N LEU IA 252 -53.16 45.32 -6.94
CA LEU IA 252 -51.71 45.52 -6.90
C LEU IA 252 -51.08 44.66 -7.97
N GLY IA 253 -49.78 44.44 -7.90
CA GLY IA 253 -49.10 43.62 -8.86
C GLY IA 253 -49.58 42.17 -8.83
N PRO IA 254 -48.85 41.27 -9.47
CA PRO IA 254 -49.30 39.87 -9.55
C PRO IA 254 -48.82 39.04 -8.38
N ARG IA 255 -49.58 37.99 -8.10
CA ARG IA 255 -49.20 36.97 -7.12
C ARG IA 255 -48.55 35.80 -7.85
N GLU IA 256 -47.56 35.20 -7.21
CA GLU IA 256 -46.69 34.22 -7.84
C GLU IA 256 -46.73 32.85 -7.19
N ASN IA 257 -47.21 32.73 -5.96
CA ASN IA 257 -47.34 31.42 -5.35
C ASN IA 257 -48.30 30.54 -6.15
N VAL IA 258 -49.24 31.14 -6.86
CA VAL IA 258 -50.32 30.42 -7.51
C VAL IA 258 -50.00 30.29 -8.99
N ALA IA 259 -50.01 29.05 -9.46
CA ALA IA 259 -50.02 28.74 -10.88
C ALA IA 259 -51.28 27.95 -11.18
N VAL IA 260 -51.98 28.36 -12.22
CA VAL IA 260 -53.29 27.81 -12.54
C VAL IA 260 -53.12 26.88 -13.71
N ILE IA 261 -53.36 25.59 -13.47
CA ILE IA 261 -53.27 24.55 -14.49
C ILE IA 261 -54.69 24.27 -14.94
N GLN IA 262 -55.08 24.87 -16.06
CA GLN IA 262 -56.34 24.54 -16.68
C GLN IA 262 -56.23 23.17 -17.33
N VAL IA 263 -57.31 22.40 -17.24
CA VAL IA 263 -57.27 20.99 -17.62
C VAL IA 263 -58.06 20.70 -18.88
N GLY IA 264 -58.98 21.58 -19.30
CA GLY IA 264 -59.85 21.30 -20.42
C GLY IA 264 -59.63 22.12 -21.68
N GLY IA 265 -60.44 23.15 -21.86
CA GLY IA 265 -60.61 23.78 -23.14
C GLY IA 265 -59.49 24.74 -23.48
N ALA IA 266 -59.73 25.52 -24.53
CA ALA IA 266 -58.71 26.39 -25.09
C ALA IA 266 -58.43 27.57 -24.16
N ASN IA 267 -57.47 28.40 -24.56
CA ASN IA 267 -57.09 29.56 -23.76
C ASN IA 267 -58.24 30.56 -23.74
N ILE IA 268 -58.89 30.68 -22.59
CA ILE IA 268 -60.07 31.53 -22.44
C ILE IA 268 -59.95 32.46 -21.23
N LEU IA 269 -58.99 32.17 -20.35
CA LEU IA 269 -58.82 32.98 -19.15
C LEU IA 269 -58.34 34.37 -19.54
N ASP IA 270 -59.23 35.37 -19.40
CA ASP IA 270 -58.89 36.77 -19.59
C ASP IA 270 -58.92 37.42 -18.21
N ILE IA 271 -57.81 37.34 -17.49
CA ILE IA 271 -57.76 37.89 -16.14
C ILE IA 271 -57.88 39.41 -16.18
N THR IA 272 -57.31 40.03 -17.21
CA THR IA 272 -57.31 41.49 -17.30
C THR IA 272 -58.69 41.94 -17.77
N ALA IA 273 -59.41 42.64 -16.90
CA ALA IA 273 -60.77 43.08 -17.22
C ALA IA 273 -60.82 44.01 -18.42
N ASP IA 274 -59.70 44.63 -18.77
CA ASP IA 274 -59.67 45.46 -19.96
C ASP IA 274 -59.97 44.60 -21.19
N PRO IA 275 -60.91 44.98 -22.05
CA PRO IA 275 -61.12 44.19 -23.26
C PRO IA 275 -59.91 44.11 -24.18
N THR IA 276 -59.11 45.18 -24.27
CA THR IA 276 -58.06 45.24 -25.28
C THR IA 276 -56.98 44.19 -25.02
N THR IA 277 -56.47 44.14 -23.80
CA THR IA 277 -55.32 43.30 -23.48
C THR IA 277 -55.78 41.96 -22.92
N ASN IA 278 -55.28 40.89 -23.50
CA ASN IA 278 -55.55 39.52 -23.04
C ASN IA 278 -54.23 38.76 -23.04
N PRO IA 279 -53.29 39.14 -22.19
CA PRO IA 279 -51.95 38.56 -22.27
C PRO IA 279 -51.83 37.25 -21.52
N GLN IA 280 -51.31 36.22 -22.19
CA GLN IA 280 -51.12 34.92 -21.57
C GLN IA 280 -49.81 34.94 -20.80
N ILE IA 281 -49.90 35.15 -19.50
CA ILE IA 281 -48.73 35.14 -18.64
C ILE IA 281 -48.23 33.71 -18.47
N GLU IA 282 -47.05 33.55 -17.89
CA GLU IA 282 -46.41 32.24 -17.80
C GLU IA 282 -47.03 31.34 -16.74
N ARG IA 283 -47.89 31.87 -15.88
CA ARG IA 283 -48.46 31.08 -14.79
C ARG IA 283 -49.82 30.47 -15.13
N MET IA 284 -50.41 30.81 -16.28
CA MET IA 284 -51.69 30.24 -16.70
C MET IA 284 -51.40 29.08 -17.65
N MET IA 285 -51.02 27.95 -17.07
CA MET IA 285 -50.68 26.79 -17.87
C MET IA 285 -51.94 26.01 -18.24
N ARG IA 286 -51.86 25.29 -19.34
CA ARG IA 286 -52.99 24.51 -19.83
C ARG IA 286 -52.48 23.15 -20.27
N VAL IA 287 -53.33 22.14 -20.07
CA VAL IA 287 -53.00 20.78 -20.49
C VAL IA 287 -54.31 20.06 -20.82
N ASN IA 288 -54.28 19.27 -21.89
CA ASN IA 288 -55.40 18.41 -22.21
C ASN IA 288 -55.35 17.16 -21.35
N TRP IA 289 -56.47 16.45 -21.31
CA TRP IA 289 -56.60 15.37 -20.34
C TRP IA 289 -57.68 14.40 -20.78
N LYS IA 290 -57.52 13.15 -20.33
CA LYS IA 290 -58.66 12.24 -20.20
C LYS IA 290 -58.65 11.45 -18.91
N ARG IA 291 -57.52 11.37 -18.18
CA ARG IA 291 -57.45 10.68 -16.90
C ARG IA 291 -56.74 11.56 -15.89
N TRP IA 292 -57.33 11.65 -14.70
CA TRP IA 292 -56.72 12.47 -13.65
C TRP IA 292 -55.38 11.90 -13.22
N TRP IA 293 -55.20 10.57 -13.33
CA TRP IA 293 -53.89 10.01 -13.06
C TRP IA 293 -52.87 10.55 -14.06
N GLN IA 294 -53.26 10.66 -15.33
CA GLN IA 294 -52.36 11.24 -16.32
C GLN IA 294 -52.03 12.68 -15.97
N VAL IA 295 -53.03 13.45 -15.55
CA VAL IA 295 -52.78 14.85 -15.19
C VAL IA 295 -51.80 14.93 -14.04
N PHE IA 296 -52.02 14.13 -13.00
CA PHE IA 296 -51.18 14.21 -11.81
C PHE IA 296 -49.76 13.73 -12.09
N TYR IA 297 -49.62 12.67 -12.89
CA TYR IA 297 -48.29 12.22 -13.29
C TYR IA 297 -47.58 13.30 -14.09
N THR IA 298 -48.30 13.98 -14.98
CA THR IA 298 -47.69 15.07 -15.74
C THR IA 298 -47.18 16.15 -14.80
N ILE IA 299 -47.99 16.55 -13.83
CA ILE IA 299 -47.58 17.62 -12.92
C ILE IA 299 -46.39 17.18 -12.09
N VAL IA 300 -46.39 15.94 -11.62
CA VAL IA 300 -45.26 15.46 -10.84
C VAL IA 300 -44.00 15.43 -11.68
N ASP IA 301 -44.11 14.97 -12.93
CA ASP IA 301 -42.93 14.85 -13.78
C ASP IA 301 -42.34 16.23 -14.08
N TYR IA 302 -43.18 17.21 -14.36
CA TYR IA 302 -42.73 18.55 -14.72
C TYR IA 302 -42.87 19.55 -13.60
N ILE IA 303 -42.82 19.10 -12.34
CA ILE IA 303 -42.99 20.02 -11.23
C ILE IA 303 -41.84 21.03 -11.18
N ASN IA 304 -40.62 20.58 -11.49
CA ASN IA 304 -39.48 21.49 -11.39
C ASN IA 304 -39.63 22.67 -12.33
N GLN IA 305 -40.10 22.42 -13.54
CA GLN IA 305 -40.34 23.52 -14.48
C GLN IA 305 -41.43 24.45 -13.97
N ILE IA 306 -42.49 23.89 -13.40
CA ILE IA 306 -43.59 24.71 -12.90
C ILE IA 306 -43.11 25.60 -11.76
N VAL IA 307 -42.37 25.02 -10.81
CA VAL IA 307 -41.95 25.80 -9.65
C VAL IA 307 -40.94 26.86 -10.05
N GLN IA 308 -40.07 26.57 -11.02
CA GLN IA 308 -39.15 27.61 -11.46
C GLN IA 308 -39.79 28.58 -12.45
N VAL IA 309 -41.04 28.34 -12.86
CA VAL IA 309 -41.84 29.40 -13.46
C VAL IA 309 -42.47 30.27 -12.37
N MET IA 310 -42.81 29.68 -11.23
CA MET IA 310 -43.42 30.42 -10.13
C MET IA 310 -42.33 31.13 -9.33
N SER IA 311 -42.68 31.69 -8.17
CA SER IA 311 -41.72 32.38 -7.32
C SER IA 311 -42.19 32.35 -5.87
N LYS IA 312 -41.31 31.92 -4.97
CA LYS IA 312 -41.67 31.83 -3.56
C LYS IA 312 -41.72 33.17 -2.86
N ARG IA 313 -41.00 34.18 -3.36
CA ARG IA 313 -40.79 35.40 -2.59
C ARG IA 313 -42.09 36.10 -2.27
N SER IA 314 -42.97 36.23 -3.26
CA SER IA 314 -44.22 36.97 -3.08
C SER IA 314 -45.21 36.08 -2.34
N ARG IA 315 -44.95 35.89 -1.05
CA ARG IA 315 -45.83 35.16 -0.15
C ARG IA 315 -46.36 36.13 0.89
N SER IA 316 -47.42 35.74 1.57
CA SER IA 316 -48.05 36.55 2.61
C SER IA 316 -48.25 35.70 3.86
N LEU IA 317 -48.28 36.36 5.00
CA LEU IA 317 -48.47 35.66 6.27
C LEU IA 317 -49.82 34.95 6.28
N ASN IA 318 -50.89 35.71 6.24
CA ASN IA 318 -52.22 35.11 6.24
C ASN IA 318 -52.49 34.45 4.89
N SER IA 319 -53.23 33.35 4.94
CA SER IA 319 -53.56 32.59 3.74
C SER IA 319 -54.70 33.21 2.95
N ALA IA 320 -55.21 34.37 3.36
CA ALA IA 320 -56.27 35.01 2.60
C ALA IA 320 -55.77 35.44 1.23
N ALA IA 321 -56.67 35.41 0.25
CA ALA IA 321 -56.30 35.76 -1.12
C ALA IA 321 -56.13 37.25 -1.32
N PHE IA 322 -56.33 38.08 -0.30
CA PHE IA 322 -56.27 39.52 -0.42
C PHE IA 322 -55.83 40.14 0.89
N TYR IA 323 -55.32 41.36 0.81
CA TYR IA 323 -54.91 42.12 1.99
C TYR IA 323 -56.06 43.02 2.39
N TYR IA 324 -56.68 42.73 3.53
CA TYR IA 324 -57.88 43.44 3.99
C TYR IA 324 -57.45 44.55 4.95
N ARG IA 325 -57.64 45.81 4.54
CA ARG IA 325 -57.09 46.95 5.26
C ARG IA 325 -58.12 47.69 6.11
N VAL IA 326 -59.29 47.08 6.35
CA VAL IA 326 -60.42 47.71 7.05
C VAL IA 326 -60.62 49.15 6.58
N ASN JA 56 -49.89 60.16 -50.65
CA ASN JA 56 -49.72 60.51 -52.05
C ASN JA 56 -48.56 61.50 -52.27
N ILE JA 57 -47.79 61.76 -51.23
CA ILE JA 57 -46.63 62.65 -51.33
C ILE JA 57 -45.59 62.20 -50.31
N PRO JA 58 -44.30 62.54 -50.47
CA PRO JA 58 -43.32 62.22 -49.43
C PRO JA 58 -43.40 63.22 -48.29
N ILE JA 59 -43.93 62.78 -47.15
CA ILE JA 59 -43.97 63.58 -45.95
C ILE JA 59 -42.69 63.32 -45.16
N THR JA 60 -42.01 64.41 -44.79
CA THR JA 60 -40.75 64.33 -44.06
C THR JA 60 -40.86 65.14 -42.77
N GLY JA 61 -40.21 64.66 -41.73
CA GLY JA 61 -40.26 65.32 -40.44
C GLY JA 61 -39.20 64.82 -39.49
N SER JA 62 -38.59 65.73 -38.75
CA SER JA 62 -37.47 65.38 -37.89
C SER JA 62 -37.93 64.48 -36.75
N MET JA 63 -36.95 63.96 -36.01
CA MET JA 63 -37.22 63.16 -34.82
C MET JA 63 -37.10 63.96 -33.53
N ASP JA 64 -36.46 65.12 -33.56
CA ASP JA 64 -36.34 65.97 -32.38
C ASP JA 64 -37.59 66.79 -32.10
N THR JA 65 -38.67 66.56 -32.84
CA THR JA 65 -39.92 67.25 -32.54
C THR JA 65 -40.46 66.78 -31.19
N VAL JA 66 -40.97 67.72 -30.40
CA VAL JA 66 -41.55 67.40 -29.11
C VAL JA 66 -42.99 66.90 -29.29
N TYR JA 67 -43.47 66.16 -28.31
CA TYR JA 67 -44.82 65.64 -28.37
C TYR JA 67 -45.85 66.76 -28.28
N SER JA 68 -46.96 66.58 -28.99
CA SER JA 68 -48.10 67.46 -28.85
C SER JA 68 -48.97 67.01 -27.68
N ASN JA 69 -49.86 67.90 -27.24
CA ASN JA 69 -50.75 67.55 -26.16
C ASN JA 69 -51.70 66.44 -26.60
N SER JA 70 -52.27 65.75 -25.63
CA SER JA 70 -53.12 64.60 -25.93
C SER JA 70 -54.34 65.03 -26.73
N THR JA 71 -54.66 64.25 -27.76
CA THR JA 71 -55.75 64.55 -28.67
C THR JA 71 -57.04 63.84 -28.28
N ARG JA 72 -57.04 63.16 -27.12
CA ARG JA 72 -58.22 62.45 -26.66
C ARG JA 72 -59.40 63.39 -26.50
N GLU JA 73 -59.16 64.59 -25.97
CA GLU JA 73 -60.24 65.54 -25.75
C GLU JA 73 -60.88 65.94 -27.07
N GLU JA 74 -60.05 66.26 -28.08
CA GLU JA 74 -60.61 66.68 -29.36
C GLU JA 74 -61.35 65.55 -30.05
N VAL JA 75 -60.80 64.33 -30.03
CA VAL JA 75 -61.50 63.24 -30.71
C VAL JA 75 -62.82 62.93 -30.00
N PHE JA 76 -62.84 63.01 -28.67
CA PHE JA 76 -64.09 62.79 -27.95
C PHE JA 76 -65.10 63.90 -28.27
N LEU JA 77 -64.64 65.14 -28.37
CA LEU JA 77 -65.57 66.25 -28.58
C LEU JA 77 -65.98 66.43 -30.04
N THR JA 78 -65.33 65.76 -30.98
CA THR JA 78 -65.67 65.87 -32.40
C THR JA 78 -66.26 64.60 -33.00
N SER JA 79 -65.83 63.42 -32.56
CA SER JA 79 -66.18 62.18 -33.24
C SER JA 79 -67.37 61.51 -32.57
N THR JA 80 -67.87 60.46 -33.22
CA THR JA 80 -69.02 59.69 -32.76
C THR JA 80 -68.62 58.25 -32.52
N LEU JA 81 -69.01 57.72 -31.37
CA LEU JA 81 -68.92 56.30 -31.07
C LEU JA 81 -70.29 55.69 -31.31
N CYS JA 82 -70.30 54.49 -31.88
CA CYS JA 82 -71.58 53.84 -32.16
C CYS JA 82 -71.46 52.35 -31.90
N LEU JA 83 -72.35 51.84 -31.06
CA LEU JA 83 -72.36 50.46 -30.64
C LEU JA 83 -73.41 49.68 -31.41
N TYR JA 84 -73.06 48.46 -31.77
CA TYR JA 84 -73.99 47.48 -32.31
C TYR JA 84 -74.02 46.31 -31.35
N TYR JA 85 -75.22 45.96 -30.91
CA TYR JA 85 -75.45 44.91 -29.92
C TYR JA 85 -76.57 44.03 -30.42
N PRO JA 86 -76.63 42.78 -29.99
CA PRO JA 86 -77.72 41.90 -30.43
C PRO JA 86 -78.97 42.12 -29.59
N THR JA 87 -80.11 41.77 -30.18
CA THR JA 87 -81.39 41.92 -29.49
C THR JA 87 -81.44 41.12 -28.20
N GLU JA 88 -80.65 40.06 -28.10
CA GLU JA 88 -80.53 39.33 -26.84
C GLU JA 88 -80.11 40.26 -25.71
N ALA JA 89 -79.23 41.22 -26.00
CA ALA JA 89 -78.78 42.14 -24.98
C ALA JA 89 -79.94 42.94 -24.42
N SER JA 90 -80.73 43.56 -25.30
CA SER JA 90 -81.89 44.32 -24.84
C SER JA 90 -82.87 43.42 -24.10
N THR JA 91 -83.08 42.21 -24.60
CA THR JA 91 -84.05 41.31 -23.97
C THR JA 91 -83.63 40.96 -22.55
N GLN JA 92 -82.34 40.68 -22.33
CA GLN JA 92 -81.89 40.43 -20.97
C GLN JA 92 -81.96 41.70 -20.12
N ILE JA 93 -81.65 42.85 -20.72
CA ILE JA 93 -81.64 44.09 -19.97
C ILE JA 93 -83.03 44.38 -19.41
N SER JA 94 -84.06 44.16 -20.23
CA SER JA 94 -85.46 44.32 -19.80
C SER JA 94 -85.71 45.74 -19.28
N ASP JA 95 -85.43 46.70 -20.15
CA ASP JA 95 -85.44 48.11 -19.81
C ASP JA 95 -85.80 48.88 -21.08
N GLY JA 96 -85.33 50.11 -21.24
CA GLY JA 96 -85.81 50.96 -22.30
C GLY JA 96 -85.63 52.43 -22.03
N GLU JA 97 -85.17 52.78 -20.83
CA GLU JA 97 -84.38 53.97 -20.61
C GLU JA 97 -82.89 53.64 -20.51
N TRP JA 98 -82.51 52.40 -20.81
CA TRP JA 98 -81.11 52.01 -20.66
C TRP JA 98 -80.22 52.66 -21.70
N LYS JA 99 -80.73 52.90 -22.91
CA LYS JA 99 -79.95 53.63 -23.89
C LYS JA 99 -79.59 55.01 -23.37
N ASP JA 100 -80.58 55.74 -22.87
CA ASP JA 100 -80.34 57.09 -22.37
C ASP JA 100 -79.43 57.06 -21.15
N SER JA 101 -79.64 56.10 -20.25
CA SER JA 101 -78.78 56.01 -19.08
C SER JA 101 -77.34 55.74 -19.47
N LEU JA 102 -77.13 54.84 -20.44
CA LEU JA 102 -75.78 54.56 -20.90
C LEU JA 102 -75.17 55.77 -21.60
N SER JA 103 -75.98 56.58 -22.27
CA SER JA 103 -75.45 57.80 -22.87
C SER JA 103 -75.01 58.78 -21.79
N GLN JA 104 -75.86 58.98 -20.76
CA GLN JA 104 -75.47 59.84 -19.65
C GLN JA 104 -74.23 59.31 -18.94
N MET JA 105 -74.05 58.00 -18.96
CA MET JA 105 -72.88 57.37 -18.33
C MET JA 105 -71.63 57.53 -19.19
N PHE JA 106 -71.80 57.54 -20.51
CA PHE JA 106 -70.70 57.87 -21.41
C PHE JA 106 -70.29 59.32 -21.28
N LEU JA 107 -71.26 60.19 -20.95
CA LEU JA 107 -70.96 61.62 -20.87
C LEU JA 107 -69.85 61.91 -19.89
N ILE JA 108 -69.88 61.28 -18.72
CA ILE JA 108 -68.82 61.51 -17.74
C ILE JA 108 -67.50 60.99 -18.28
N LYS JA 109 -67.52 59.94 -19.09
CA LYS JA 109 -66.30 59.48 -19.73
C LYS JA 109 -65.79 60.48 -20.77
N GLY JA 110 -66.67 61.32 -21.32
CA GLY JA 110 -66.23 62.48 -22.06
C GLY JA 110 -67.02 62.81 -23.31
N TRP JA 111 -67.72 61.84 -23.87
CA TRP JA 111 -68.41 62.06 -25.13
C TRP JA 111 -69.58 63.03 -24.91
N PRO JA 112 -69.88 63.90 -25.88
CA PRO JA 112 -71.04 64.78 -25.70
C PRO JA 112 -72.35 64.00 -25.63
N THR JA 113 -73.46 64.70 -25.45
CA THR JA 113 -74.71 64.03 -25.11
C THR JA 113 -75.16 63.10 -26.23
N GLY JA 114 -75.00 63.52 -27.49
CA GLY JA 114 -75.50 62.78 -28.62
C GLY JA 114 -74.49 61.95 -29.37
N SER JA 115 -73.22 61.98 -28.97
CA SER JA 115 -72.17 61.37 -29.78
C SER JA 115 -72.10 59.86 -29.67
N VAL JA 116 -72.86 59.25 -28.77
CA VAL JA 116 -72.91 57.81 -28.62
C VAL JA 116 -74.24 57.33 -29.18
N TYR JA 117 -74.19 56.43 -30.16
CA TYR JA 117 -75.39 56.00 -30.87
C TYR JA 117 -75.48 54.48 -30.85
N PHE JA 118 -76.61 53.95 -30.40
CA PHE JA 118 -76.82 52.52 -30.26
C PHE JA 118 -77.72 52.03 -31.38
N LYS JA 119 -77.29 50.97 -32.08
CA LYS JA 119 -78.03 50.42 -33.21
C LYS JA 119 -78.19 48.92 -33.00
N GLU JA 120 -79.38 48.51 -32.56
CA GLU JA 120 -79.69 47.11 -32.35
C GLU JA 120 -79.65 46.35 -33.67
N TYR JA 121 -79.27 45.08 -33.58
CA TYR JA 121 -79.42 44.14 -34.68
C TYR JA 121 -79.96 42.84 -34.11
N SER JA 122 -80.60 42.03 -34.96
CA SER JA 122 -81.29 40.84 -34.48
C SER JA 122 -80.29 39.77 -34.05
N ASN JA 123 -79.47 39.31 -34.98
CA ASN JA 123 -78.44 38.32 -34.67
C ASN JA 123 -77.37 38.37 -35.75
N ILE JA 124 -76.38 37.50 -35.62
CA ILE JA 124 -75.19 37.58 -36.47
C ILE JA 124 -75.55 37.29 -37.93
N VAL JA 125 -76.35 36.26 -38.17
CA VAL JA 125 -76.62 35.84 -39.54
C VAL JA 125 -77.43 36.91 -40.27
N ASP JA 126 -78.37 37.55 -39.57
CA ASP JA 126 -79.18 38.59 -40.18
C ASP JA 126 -78.41 39.90 -40.33
N PHE JA 127 -77.49 40.19 -39.41
CA PHE JA 127 -76.67 41.39 -39.54
C PHE JA 127 -75.63 41.26 -40.63
N SER JA 128 -75.25 40.02 -40.98
CA SER JA 128 -74.24 39.83 -42.01
C SER JA 128 -74.64 40.44 -43.34
N VAL JA 129 -75.93 40.43 -43.68
CA VAL JA 129 -76.36 40.85 -45.01
C VAL JA 129 -76.19 42.36 -45.13
N ASP JA 130 -75.22 42.77 -45.95
CA ASP JA 130 -75.01 44.16 -46.32
C ASP JA 130 -74.95 45.09 -45.10
N PRO JA 131 -74.00 44.86 -44.18
CA PRO JA 131 -73.99 45.64 -42.95
C PRO JA 131 -73.52 47.06 -43.21
N GLN JA 132 -74.37 48.03 -42.91
CA GLN JA 132 -73.95 49.41 -42.92
C GLN JA 132 -73.26 49.75 -41.61
N LEU JA 133 -72.43 50.79 -41.65
CA LEU JA 133 -71.67 51.24 -40.49
C LEU JA 133 -71.81 52.75 -40.40
N TYR JA 134 -72.86 53.20 -39.72
CA TYR JA 134 -73.25 54.61 -39.72
C TYR JA 134 -72.51 55.39 -38.63
N CYS JA 135 -71.19 55.50 -38.72
CA CYS JA 135 -70.55 56.14 -37.57
C CYS JA 135 -69.11 56.52 -37.92
N ASP JA 136 -68.38 56.96 -36.89
CA ASP JA 136 -66.97 57.31 -36.97
C ASP JA 136 -66.10 56.48 -36.04
N TYR JA 137 -66.69 55.70 -35.14
CA TYR JA 137 -65.97 54.71 -34.34
C TYR JA 137 -66.97 53.61 -34.04
N ASN JA 138 -66.94 52.54 -34.81
CA ASN JA 138 -67.94 51.48 -34.71
C ASN JA 138 -67.45 50.35 -33.82
N LEU JA 139 -68.24 49.99 -32.82
CA LEU JA 139 -68.06 48.77 -32.06
C LEU JA 139 -69.15 47.78 -32.44
N VAL JA 140 -68.77 46.53 -32.62
CA VAL JA 140 -69.72 45.47 -32.97
C VAL JA 140 -69.55 44.36 -31.95
N LEU JA 141 -70.60 44.11 -31.15
CA LEU JA 141 -70.59 43.05 -30.16
C LEU JA 141 -71.15 41.79 -30.80
N MET JA 142 -70.37 40.71 -30.75
CA MET JA 142 -70.73 39.45 -31.39
C MET JA 142 -70.76 38.37 -30.32
N LYS JA 143 -71.94 37.87 -29.98
CA LYS JA 143 -72.01 36.74 -29.07
C LYS JA 143 -71.47 35.49 -29.77
N TYR JA 144 -70.67 34.73 -29.05
CA TYR JA 144 -70.13 33.49 -29.57
C TYR JA 144 -71.02 32.34 -29.16
N ASP JA 145 -71.33 31.46 -30.11
CA ASP JA 145 -72.05 30.24 -29.84
C ASP JA 145 -71.67 29.22 -30.89
N GLN JA 146 -71.83 27.95 -30.55
CA GLN JA 146 -71.34 26.89 -31.41
C GLN JA 146 -72.08 26.89 -32.75
N SER JA 147 -71.36 26.49 -33.79
CA SER JA 147 -71.80 26.43 -35.18
C SER JA 147 -71.83 27.79 -35.85
N LEU JA 148 -71.58 28.89 -35.11
CA LEU JA 148 -71.54 30.23 -35.68
C LEU JA 148 -70.11 30.71 -35.89
N GLU JA 149 -69.12 29.83 -35.76
CA GLU JA 149 -67.73 30.24 -35.84
C GLU JA 149 -67.40 30.86 -37.19
N LEU JA 150 -67.71 30.14 -38.28
CA LEU JA 150 -67.34 30.66 -39.58
C LEU JA 150 -68.18 31.86 -39.97
N ASP JA 151 -69.45 31.91 -39.55
CA ASP JA 151 -70.25 33.08 -39.87
C ASP JA 151 -69.72 34.32 -39.17
N MET JA 152 -69.36 34.18 -37.89
CA MET JA 152 -68.74 35.29 -37.18
C MET JA 152 -67.42 35.69 -37.82
N SER JA 153 -66.61 34.71 -38.20
CA SER JA 153 -65.34 35.02 -38.85
C SER JA 153 -65.57 35.74 -40.19
N GLU JA 154 -66.59 35.32 -40.93
CA GLU JA 154 -66.89 35.96 -42.20
C GLU JA 154 -67.34 37.40 -42.00
N LEU JA 155 -68.20 37.64 -41.02
CA LEU JA 155 -68.61 39.02 -40.75
C LEU JA 155 -67.42 39.87 -40.33
N ALA JA 156 -66.56 39.33 -39.48
CA ALA JA 156 -65.37 40.07 -39.08
C ALA JA 156 -64.48 40.37 -40.28
N ASP JA 157 -64.28 39.38 -41.15
CA ASP JA 157 -63.50 39.59 -42.35
C ASP JA 157 -64.14 40.64 -43.23
N LEU JA 158 -65.47 40.74 -43.23
CA LEU JA 158 -66.15 41.71 -44.06
C LEU JA 158 -65.97 43.13 -43.54
N ILE JA 159 -66.13 43.32 -42.23
CA ILE JA 159 -66.15 44.69 -41.71
C ILE JA 159 -64.75 45.17 -41.34
N LEU JA 160 -63.93 44.35 -40.68
CA LEU JA 160 -62.61 44.82 -40.26
C LEU JA 160 -61.74 45.15 -41.47
N ASN JA 161 -61.72 44.29 -42.47
CA ASN JA 161 -61.01 44.56 -43.70
C ASN JA 161 -61.85 45.46 -44.60
N GLU JA 162 -61.18 46.18 -45.48
CA GLU JA 162 -61.82 47.16 -46.34
C GLU JA 162 -61.78 46.66 -47.78
N TRP JA 163 -62.95 46.41 -48.35
CA TRP JA 163 -63.09 45.79 -49.66
C TRP JA 163 -63.50 46.82 -50.70
N LEU JA 164 -62.87 46.76 -51.87
CA LEU JA 164 -63.29 47.53 -53.04
C LEU JA 164 -63.80 46.53 -54.06
N CYS JA 165 -64.99 46.76 -54.62
CA CYS JA 165 -65.54 45.66 -55.40
C CYS JA 165 -66.64 46.06 -56.37
N ASN JA 166 -66.86 45.13 -57.32
CA ASN JA 166 -67.68 45.31 -58.51
C ASN JA 166 -68.76 44.25 -58.56
N PRO JA 167 -69.80 44.44 -59.35
CA PRO JA 167 -70.87 43.44 -59.44
C PRO JA 167 -70.51 42.32 -60.42
N MET JA 168 -71.29 41.25 -60.34
CA MET JA 168 -71.09 40.05 -61.16
C MET JA 168 -72.41 39.67 -61.82
N ASP JA 169 -72.38 39.51 -63.15
CA ASP JA 169 -73.52 38.99 -63.88
C ASP JA 169 -73.33 37.48 -64.02
N ILE JA 170 -73.95 36.74 -63.10
CA ILE JA 170 -73.71 35.30 -63.04
C ILE JA 170 -74.30 34.60 -64.25
N THR JA 171 -75.46 35.06 -64.73
CA THR JA 171 -76.14 34.33 -65.78
C THR JA 171 -75.35 34.34 -67.09
N LEU JA 172 -74.51 35.34 -67.31
CA LEU JA 172 -73.84 35.54 -68.60
C LEU JA 172 -72.43 34.95 -68.64
N TYR JA 173 -71.53 35.46 -67.82
CA TYR JA 173 -70.10 35.27 -68.02
C TYR JA 173 -69.54 34.18 -67.10
N TYR JA 174 -68.25 33.93 -67.25
CA TYR JA 174 -67.46 33.11 -66.35
C TYR JA 174 -66.43 33.99 -65.67
N TYR JA 175 -66.27 33.80 -64.36
CA TYR JA 175 -65.48 34.71 -63.53
C TYR JA 175 -64.34 33.95 -62.87
N GLN JA 176 -63.14 34.49 -62.98
CA GLN JA 176 -61.95 33.93 -62.35
C GLN JA 176 -61.78 34.55 -60.97
N GLN JA 177 -60.63 34.30 -60.34
CA GLN JA 177 -60.17 35.05 -59.19
C GLN JA 177 -58.73 35.44 -59.43
N SER JA 178 -58.47 36.74 -59.48
CA SER JA 178 -57.19 37.23 -59.97
C SER JA 178 -56.04 36.76 -59.07
N GLY JA 179 -56.21 36.87 -57.77
CA GLY JA 179 -55.12 36.53 -56.87
C GLY JA 179 -55.54 36.23 -55.44
N GLU JA 180 -54.62 36.46 -54.51
CA GLU JA 180 -54.89 36.16 -53.11
C GLU JA 180 -56.01 37.03 -52.57
N SER JA 181 -56.01 38.31 -52.93
CA SER JA 181 -56.95 39.23 -52.32
C SER JA 181 -58.38 39.00 -52.81
N ASN JA 182 -58.54 38.61 -54.07
CA ASN JA 182 -59.85 38.63 -54.71
C ASN JA 182 -60.69 37.45 -54.23
N LYS JA 183 -61.81 37.77 -53.58
CA LYS JA 183 -62.82 36.82 -53.12
C LYS JA 183 -64.14 37.15 -53.81
N TRP JA 184 -65.14 36.30 -53.60
CA TRP JA 184 -66.51 36.60 -54.00
C TRP JA 184 -67.38 36.67 -52.76
N ILE JA 185 -68.13 37.76 -52.63
CA ILE JA 185 -69.00 37.98 -51.48
C ILE JA 185 -70.44 37.79 -51.95
N SER JA 186 -71.11 36.79 -51.36
CA SER JA 186 -72.51 36.48 -51.67
C SER JA 186 -73.36 36.89 -50.48
N MET JA 187 -74.39 37.69 -50.74
CA MET JA 187 -75.23 38.25 -49.69
C MET JA 187 -76.68 38.22 -50.13
N GLY JA 188 -77.57 37.84 -49.22
CA GLY JA 188 -78.99 37.84 -49.52
C GLY JA 188 -79.77 37.17 -48.40
N SER JA 189 -81.06 36.96 -48.67
CA SER JA 189 -81.90 36.27 -47.69
C SER JA 189 -81.45 34.83 -47.51
N SER JA 190 -81.09 34.15 -48.59
CA SER JA 190 -80.54 32.80 -48.49
C SER JA 190 -79.73 32.53 -49.75
N CYS JA 191 -78.41 32.52 -49.62
CA CYS JA 191 -77.52 32.22 -50.73
C CYS JA 191 -77.27 30.72 -50.81
N THR JA 192 -77.12 30.24 -52.04
CA THR JA 192 -76.67 28.87 -52.30
C THR JA 192 -75.75 28.96 -53.51
N VAL JA 193 -74.45 29.12 -53.24
CA VAL JA 193 -73.47 29.37 -54.27
C VAL JA 193 -72.99 28.01 -54.78
N LYS JA 194 -73.49 27.62 -55.95
CA LYS JA 194 -72.99 26.43 -56.63
C LYS JA 194 -72.00 26.88 -57.69
N VAL JA 195 -70.89 26.17 -57.82
CA VAL JA 195 -69.81 26.55 -58.73
C VAL JA 195 -69.38 25.32 -59.51
N CYS JA 196 -69.21 25.48 -60.81
CA CYS JA 196 -68.62 24.46 -61.67
C CYS JA 196 -67.33 25.04 -62.24
N PRO JA 197 -66.15 24.49 -61.93
CA PRO JA 197 -64.93 24.99 -62.55
C PRO JA 197 -64.73 24.39 -63.93
N LEU JA 198 -64.19 25.21 -64.83
CA LEU JA 198 -64.06 24.87 -66.23
C LEU JA 198 -62.59 24.67 -66.60
N ASN JA 199 -62.34 23.77 -67.54
CA ASN JA 199 -61.00 23.57 -68.06
C ASN JA 199 -60.68 24.70 -69.04
N THR JA 200 -59.56 24.60 -69.74
CA THR JA 200 -59.22 25.61 -70.73
C THR JA 200 -60.11 25.54 -71.96
N GLN JA 201 -60.73 24.39 -72.22
CA GLN JA 201 -61.64 24.23 -73.35
C GLN JA 201 -63.06 24.64 -73.03
N THR JA 202 -63.28 25.35 -71.92
CA THR JA 202 -64.62 25.81 -71.54
C THR JA 202 -65.56 24.62 -71.32
N LEU JA 203 -65.02 23.56 -70.71
CA LEU JA 203 -65.79 22.41 -70.28
C LEU JA 203 -65.58 22.20 -68.79
N GLY JA 204 -66.66 21.88 -68.09
CA GLY JA 204 -66.56 21.66 -66.66
C GLY JA 204 -65.72 20.44 -66.33
N ILE JA 205 -65.03 20.52 -65.20
CA ILE JA 205 -64.28 19.40 -64.63
C ILE JA 205 -65.00 18.98 -63.36
N GLY JA 206 -65.36 17.71 -63.28
CA GLY JA 206 -66.23 17.28 -62.19
C GLY JA 206 -67.59 17.92 -62.21
N CYS JA 207 -68.05 18.38 -63.36
CA CYS JA 207 -69.35 19.01 -63.50
C CYS JA 207 -69.63 19.25 -64.98
N GLN JA 208 -70.90 19.19 -65.34
CA GLN JA 208 -71.37 19.54 -66.67
C GLN JA 208 -71.90 20.96 -66.67
N THR JA 209 -71.48 21.75 -67.65
CA THR JA 209 -71.89 23.15 -67.69
C THR JA 209 -73.40 23.32 -67.85
N THR JA 210 -74.10 22.29 -68.33
CA THR JA 210 -75.55 22.34 -68.47
C THR JA 210 -76.25 21.83 -67.22
N ASN JA 211 -75.98 20.58 -66.84
CA ASN JA 211 -76.60 20.01 -65.65
C ASN JA 211 -76.14 20.75 -64.41
N VAL JA 212 -77.09 21.09 -63.55
CA VAL JA 212 -76.79 21.86 -62.34
C VAL JA 212 -76.56 20.96 -61.13
N ASP JA 213 -77.06 19.73 -61.14
CA ASP JA 213 -76.86 18.85 -59.99
C ASP JA 213 -75.38 18.54 -59.78
N SER JA 214 -74.63 18.36 -60.87
CA SER JA 214 -73.22 18.01 -60.74
C SER JA 214 -72.39 19.14 -60.14
N PHE JA 215 -72.92 20.36 -60.12
CA PHE JA 215 -72.20 21.49 -59.53
C PHE JA 215 -71.85 21.18 -58.08
N GLU JA 216 -70.90 21.95 -57.54
CA GLU JA 216 -70.33 21.68 -56.25
C GLU JA 216 -70.61 22.87 -55.33
N THR JA 217 -71.45 22.65 -54.32
CA THR JA 217 -71.80 23.72 -53.40
C THR JA 217 -70.58 24.14 -52.59
N VAL JA 218 -70.41 25.45 -52.44
CA VAL JA 218 -69.41 26.01 -51.53
C VAL JA 218 -70.03 26.77 -50.38
N ALA JA 219 -71.33 27.08 -50.45
CA ALA JA 219 -72.03 27.74 -49.37
C ALA JA 219 -73.52 27.63 -49.62
N GLU JA 220 -74.29 27.21 -48.62
CA GLU JA 220 -75.71 26.95 -48.76
C GLU JA 220 -76.47 27.58 -47.60
N ASN JA 221 -77.61 28.20 -47.92
CA ASN JA 221 -78.49 28.82 -46.93
C ASN JA 221 -77.71 29.81 -46.07
N GLU JA 222 -76.82 30.56 -46.71
CA GLU JA 222 -75.97 31.52 -46.03
C GLU JA 222 -76.47 32.94 -46.32
N LYS JA 223 -76.66 33.72 -45.26
CA LYS JA 223 -76.89 35.15 -45.46
C LYS JA 223 -75.62 35.86 -45.91
N LEU JA 224 -74.45 35.28 -45.65
CA LEU JA 224 -73.18 35.84 -46.08
C LEU JA 224 -72.24 34.68 -46.39
N ALA JA 225 -71.54 34.78 -47.51
CA ALA JA 225 -70.57 33.77 -47.89
C ALA JA 225 -69.42 34.44 -48.62
N ILE JA 226 -68.23 34.40 -48.02
CA ILE JA 226 -67.00 34.85 -48.66
C ILE JA 226 -66.32 33.60 -49.19
N VAL JA 227 -66.35 33.41 -50.50
CA VAL JA 227 -65.86 32.19 -51.13
C VAL JA 227 -64.61 32.50 -51.94
N ASP JA 228 -63.60 31.66 -51.78
CA ASP JA 228 -62.37 31.67 -52.57
C ASP JA 228 -62.30 30.37 -53.35
N VAL JA 229 -62.12 30.48 -54.65
CA VAL JA 229 -61.92 29.32 -55.52
C VAL JA 229 -60.49 29.35 -56.04
N VAL JA 230 -60.10 28.25 -56.68
CA VAL JA 230 -58.72 28.13 -57.15
C VAL JA 230 -58.47 29.19 -58.19
N ASP JA 231 -57.40 29.97 -58.01
CA ASP JA 231 -57.16 31.11 -58.86
C ASP JA 231 -56.75 30.67 -60.25
N GLY JA 232 -57.13 31.47 -61.25
CA GLY JA 232 -56.78 31.18 -62.62
C GLY JA 232 -57.66 30.17 -63.31
N ILE JA 233 -58.80 29.82 -62.73
CA ILE JA 233 -59.74 28.86 -63.32
C ILE JA 233 -61.05 29.57 -63.56
N ASN JA 234 -61.57 29.46 -64.77
CA ASN JA 234 -62.90 29.99 -65.06
C ASN JA 234 -63.93 29.20 -64.29
N HIS JA 235 -64.97 29.89 -63.83
CA HIS JA 235 -66.02 29.28 -63.02
C HIS JA 235 -67.39 29.72 -63.52
N LYS JA 236 -68.31 28.77 -63.57
CA LYS JA 236 -69.72 29.07 -63.84
C LYS JA 236 -70.47 28.93 -62.54
N ILE JA 237 -71.09 30.02 -62.09
CA ILE JA 237 -71.84 30.05 -60.84
C ILE JA 237 -73.31 29.85 -61.13
N ASN JA 238 -73.96 29.03 -60.32
CA ASN JA 238 -75.41 28.97 -60.21
C ASN JA 238 -75.77 29.49 -58.84
N LEU JA 239 -76.43 30.64 -58.80
CA LEU JA 239 -76.69 31.32 -57.53
C LEU JA 239 -78.01 32.08 -57.66
N THR JA 240 -79.11 31.39 -57.34
CA THR JA 240 -80.28 31.93 -56.66
C THR JA 240 -80.49 33.42 -56.95
N THR JA 241 -80.70 33.78 -58.22
CA THR JA 241 -80.64 35.18 -58.61
C THR JA 241 -81.63 36.06 -57.85
N THR JA 242 -82.72 35.49 -57.33
CA THR JA 242 -83.73 36.30 -56.66
C THR JA 242 -83.22 36.84 -55.34
N THR JA 243 -82.91 35.95 -54.39
CA THR JA 243 -82.59 36.39 -53.04
C THR JA 243 -81.16 36.89 -52.92
N CYS JA 244 -80.21 36.19 -53.55
CA CYS JA 244 -78.79 36.38 -53.28
C CYS JA 244 -78.13 37.13 -54.43
N THR JA 245 -77.51 38.26 -54.11
CA THR JA 245 -76.57 38.92 -55.02
C THR JA 245 -75.16 38.47 -54.69
N ILE JA 246 -74.27 38.66 -55.65
CA ILE JA 246 -72.87 38.25 -55.50
C ILE JA 246 -71.99 39.32 -56.13
N ARG JA 247 -70.87 39.62 -55.47
CA ARG JA 247 -69.98 40.69 -55.87
C ARG JA 247 -68.54 40.19 -55.91
N ASN JA 248 -67.83 40.58 -56.97
CA ASN JA 248 -66.41 40.27 -57.14
C ASN JA 248 -65.61 41.31 -56.36
N CYS JA 249 -65.03 40.91 -55.22
CA CYS JA 249 -64.45 41.88 -54.30
C CYS JA 249 -62.99 41.63 -53.98
N LYS JA 250 -62.19 42.70 -54.06
CA LYS JA 250 -60.79 42.68 -53.70
C LYS JA 250 -60.59 43.28 -52.33
N LYS JA 251 -59.60 42.73 -51.61
CA LYS JA 251 -59.31 43.09 -50.23
C LYS JA 251 -58.23 44.16 -50.21
N LEU JA 252 -58.63 45.40 -49.94
CA LEU JA 252 -57.67 46.47 -49.73
C LEU JA 252 -57.11 46.37 -48.32
N GLY JA 253 -56.47 47.43 -47.84
CA GLY JA 253 -55.95 47.45 -46.50
C GLY JA 253 -57.04 47.29 -45.45
N PRO JA 254 -56.70 47.45 -44.18
CA PRO JA 254 -57.69 47.22 -43.13
C PRO JA 254 -58.61 48.43 -42.98
N ARG JA 255 -59.82 48.15 -42.51
CA ARG JA 255 -60.77 49.20 -42.15
C ARG JA 255 -60.55 49.52 -40.69
N GLU JA 256 -60.02 50.71 -40.42
CA GLU JA 256 -59.66 51.11 -39.07
C GLU JA 256 -60.83 51.72 -38.31
N ASN JA 257 -61.93 52.03 -39.00
CA ASN JA 257 -63.07 52.69 -38.40
C ASN JA 257 -63.84 51.79 -37.43
N VAL JA 258 -63.62 50.48 -37.50
CA VAL JA 258 -64.49 49.51 -36.86
C VAL JA 258 -63.67 48.72 -35.84
N ALA JA 259 -64.37 47.97 -35.01
CA ALA JA 259 -63.73 47.07 -34.06
C ALA JA 259 -64.76 46.07 -33.56
N VAL JA 260 -64.30 44.85 -33.29
CA VAL JA 260 -65.17 43.72 -33.02
C VAL JA 260 -64.87 43.21 -31.61
N ILE JA 261 -65.87 43.28 -30.74
CA ILE JA 261 -65.80 42.68 -29.41
C ILE JA 261 -66.54 41.35 -29.49
N GLN JA 262 -65.80 40.27 -29.53
CA GLN JA 262 -66.38 38.96 -29.25
C GLN JA 262 -66.80 38.92 -27.78
N VAL JA 263 -67.96 38.34 -27.53
CA VAL JA 263 -68.55 38.40 -26.19
C VAL JA 263 -68.41 37.08 -25.44
N GLY JA 264 -68.10 35.98 -26.13
CA GLY JA 264 -68.09 34.67 -25.51
C GLY JA 264 -66.74 34.00 -25.39
N GLY JA 265 -66.45 33.07 -26.29
CA GLY JA 265 -65.45 32.05 -26.04
C GLY JA 265 -64.01 32.40 -26.39
N ALA JA 266 -63.35 31.52 -27.14
CA ALA JA 266 -61.92 31.55 -27.34
C ALA JA 266 -61.59 32.23 -28.68
N ASN JA 267 -60.30 32.22 -29.03
CA ASN JA 267 -59.86 32.74 -30.31
C ASN JA 267 -60.45 31.90 -31.43
N ILE JA 268 -61.44 32.44 -32.13
CA ILE JA 268 -62.01 31.77 -33.30
C ILE JA 268 -62.03 32.65 -34.54
N LEU JA 269 -62.04 33.97 -34.40
CA LEU JA 269 -62.04 34.83 -35.57
C LEU JA 269 -60.75 34.64 -36.34
N ASP JA 270 -60.87 34.47 -37.66
CA ASP JA 270 -59.74 34.32 -38.57
C ASP JA 270 -60.00 35.25 -39.75
N ILE JA 271 -59.57 36.50 -39.61
CA ILE JA 271 -59.85 37.49 -40.65
C ILE JA 271 -59.16 37.13 -41.96
N THR JA 272 -58.06 36.39 -41.90
CA THR JA 272 -57.28 36.04 -43.08
C THR JA 272 -57.72 34.67 -43.57
N ALA JA 273 -58.25 34.63 -44.79
CA ALA JA 273 -58.70 33.37 -45.38
C ALA JA 273 -57.56 32.38 -45.57
N ASP JA 274 -56.33 32.87 -45.63
CA ASP JA 274 -55.19 31.98 -45.77
C ASP JA 274 -55.12 31.03 -44.58
N PRO JA 275 -54.74 29.76 -44.78
CA PRO JA 275 -54.55 28.90 -43.61
C PRO JA 275 -53.28 29.20 -42.84
N THR JA 276 -52.21 29.55 -43.54
CA THR JA 276 -50.90 29.68 -42.89
C THR JA 276 -50.92 30.76 -41.82
N THR JA 277 -51.51 31.91 -42.12
CA THR JA 277 -51.53 33.05 -41.23
C THR JA 277 -52.85 33.12 -40.49
N ASN JA 278 -52.79 33.18 -39.16
CA ASN JA 278 -53.95 33.41 -38.30
C ASN JA 278 -53.60 34.55 -37.36
N PRO JA 279 -53.41 35.75 -37.89
CA PRO JA 279 -52.97 36.87 -37.06
C PRO JA 279 -54.09 37.32 -36.12
N GLN JA 280 -53.67 37.97 -35.03
CA GLN JA 280 -54.58 38.56 -34.05
C GLN JA 280 -54.34 40.06 -34.08
N ILE JA 281 -55.17 40.77 -34.83
CA ILE JA 281 -55.04 42.22 -34.92
C ILE JA 281 -55.57 42.83 -33.62
N GLU JA 282 -55.30 44.12 -33.43
CA GLU JA 282 -55.65 44.77 -32.17
C GLU JA 282 -57.14 45.04 -32.06
N ARG JA 283 -57.85 45.15 -33.18
CA ARG JA 283 -59.25 45.53 -33.17
C ARG JA 283 -60.19 44.34 -32.94
N MET JA 284 -59.66 43.12 -32.82
CA MET JA 284 -60.44 41.95 -32.48
C MET JA 284 -60.28 41.68 -31.00
N MET JA 285 -61.15 42.27 -30.19
CA MET JA 285 -61.14 42.08 -28.75
C MET JA 285 -62.08 40.94 -28.40
N ARG JA 286 -61.89 40.37 -27.22
CA ARG JA 286 -62.85 39.40 -26.69
C ARG JA 286 -62.95 39.57 -25.19
N VAL JA 287 -64.18 39.48 -24.68
CA VAL JA 287 -64.46 39.64 -23.27
C VAL JA 287 -65.36 38.49 -22.82
N ASN JA 288 -65.26 38.16 -21.53
CA ASN JA 288 -66.01 37.07 -20.94
C ASN JA 288 -67.31 37.60 -20.37
N TRP JA 289 -68.43 37.03 -20.81
CA TRP JA 289 -69.74 37.57 -20.50
C TRP JA 289 -70.53 36.61 -19.62
N LYS JA 290 -71.24 37.18 -18.66
CA LYS JA 290 -72.36 36.50 -18.03
C LYS JA 290 -73.57 37.39 -17.85
N ARG JA 291 -73.41 38.71 -17.85
CA ARG JA 291 -74.53 39.65 -17.81
C ARG JA 291 -74.23 40.81 -18.75
N TRP JA 292 -75.20 41.11 -19.62
CA TRP JA 292 -75.00 42.15 -20.60
C TRP JA 292 -74.78 43.50 -19.94
N TRP JA 293 -75.36 43.72 -18.77
CA TRP JA 293 -75.05 44.94 -18.03
C TRP JA 293 -73.57 45.01 -17.72
N GLN JA 294 -72.99 43.90 -17.27
CA GLN JA 294 -71.56 43.90 -16.98
C GLN JA 294 -70.74 44.13 -18.23
N VAL JA 295 -71.16 43.54 -19.35
CA VAL JA 295 -70.45 43.75 -20.61
C VAL JA 295 -70.46 45.23 -20.97
N PHE JA 296 -71.62 45.86 -20.89
CA PHE JA 296 -71.73 47.26 -21.28
C PHE JA 296 -70.99 48.17 -20.31
N TYR JA 297 -71.02 47.85 -19.03
CA TYR JA 297 -70.24 48.63 -18.06
C TYR JA 297 -68.76 48.52 -18.38
N THR JA 298 -68.29 47.33 -18.73
CA THR JA 298 -66.89 47.17 -19.09
C THR JA 298 -66.54 48.03 -20.29
N ILE JA 299 -67.40 48.00 -21.31
CA ILE JA 299 -67.12 48.76 -22.53
C ILE JA 299 -67.09 50.25 -22.22
N VAL JA 300 -68.05 50.74 -21.43
CA VAL JA 300 -68.08 52.17 -21.13
C VAL JA 300 -66.86 52.56 -20.31
N ASP JA 301 -66.50 51.75 -19.30
CA ASP JA 301 -65.39 52.09 -18.43
C ASP JA 301 -64.09 52.14 -19.22
N TYR JA 302 -63.89 51.18 -20.13
CA TYR JA 302 -62.65 51.08 -20.89
C TYR JA 302 -62.78 51.68 -22.28
N ILE JA 303 -63.76 52.56 -22.50
CA ILE JA 303 -63.94 53.18 -23.82
C ILE JA 303 -62.67 53.88 -24.28
N ASN JA 304 -61.89 54.42 -23.35
CA ASN JA 304 -60.70 55.16 -23.75
C ASN JA 304 -59.75 54.27 -24.55
N GLN JA 305 -59.49 53.07 -24.04
CA GLN JA 305 -58.58 52.16 -24.73
C GLN JA 305 -59.16 51.64 -26.03
N ILE JA 306 -60.48 51.41 -26.08
CA ILE JA 306 -61.08 50.89 -27.32
C ILE JA 306 -60.95 51.91 -28.44
N VAL JA 307 -61.36 53.15 -28.16
CA VAL JA 307 -61.28 54.20 -29.16
C VAL JA 307 -59.84 54.48 -29.51
N GLN JA 308 -58.94 54.39 -28.53
CA GLN JA 308 -57.54 54.65 -28.78
C GLN JA 308 -56.86 53.51 -29.52
N VAL JA 309 -57.47 52.33 -29.56
CA VAL JA 309 -56.99 51.24 -30.42
C VAL JA 309 -57.57 51.33 -31.82
N MET JA 310 -58.78 51.87 -31.96
CA MET JA 310 -59.31 52.13 -33.29
C MET JA 310 -58.59 53.34 -33.91
N SER JA 311 -58.96 53.66 -35.14
CA SER JA 311 -58.43 54.84 -35.80
C SER JA 311 -59.39 55.29 -36.88
N LYS JA 312 -59.22 56.53 -37.32
CA LYS JA 312 -60.12 57.11 -38.31
C LYS JA 312 -59.96 56.41 -39.65
N ARG JA 313 -61.05 56.35 -40.41
CA ARG JA 313 -61.02 55.73 -41.72
C ARG JA 313 -60.17 56.54 -42.68
N SER JA 314 -59.35 55.86 -43.48
CA SER JA 314 -58.52 56.49 -44.51
C SER JA 314 -58.76 55.74 -45.81
N ARG JA 315 -59.81 56.15 -46.52
CA ARG JA 315 -60.06 55.66 -47.87
C ARG JA 315 -61.03 56.62 -48.54
N SER JA 316 -60.57 57.27 -49.59
CA SER JA 316 -61.42 58.22 -50.30
C SER JA 316 -62.47 57.45 -51.08
N LEU JA 317 -63.63 57.24 -50.46
CA LEU JA 317 -64.73 56.57 -51.15
C LEU JA 317 -65.32 57.52 -52.19
N ASN JA 318 -66.21 56.97 -53.03
CA ASN JA 318 -66.93 57.74 -54.02
C ASN JA 318 -68.41 57.36 -54.07
N SER JA 319 -68.92 56.64 -53.07
CA SER JA 319 -70.30 56.19 -53.01
C SER JA 319 -70.96 56.84 -51.81
N ALA JA 320 -71.87 57.77 -52.05
CA ALA JA 320 -72.51 58.50 -50.97
C ALA JA 320 -73.35 57.53 -50.13
N ALA JA 321 -73.35 57.76 -48.82
CA ALA JA 321 -74.12 56.93 -47.90
C ALA JA 321 -74.36 57.73 -46.63
N PHE JA 322 -75.27 57.23 -45.80
CA PHE JA 322 -75.64 57.93 -44.58
C PHE JA 322 -74.62 57.65 -43.49
N TYR JA 323 -74.10 58.71 -42.87
CA TYR JA 323 -73.14 58.62 -41.79
C TYR JA 323 -73.64 59.45 -40.61
N TYR JA 324 -73.35 58.96 -39.41
CA TYR JA 324 -73.74 59.64 -38.18
C TYR JA 324 -72.57 60.47 -37.65
N ARG JA 325 -72.27 61.54 -38.37
CA ARG JA 325 -71.18 62.44 -38.03
C ARG JA 325 -71.74 63.66 -37.32
N VAL JA 326 -71.14 64.00 -36.17
CA VAL JA 326 -71.43 65.26 -35.50
C VAL JA 326 -70.10 65.85 -35.09
N GLN KA 51 -17.06 7.59 -44.64
CA GLN KA 51 -17.02 9.04 -44.44
C GLN KA 51 -18.37 9.56 -43.98
N ASN KA 52 -18.34 10.51 -43.05
CA ASN KA 52 -19.51 11.32 -42.79
C ASN KA 52 -19.78 12.25 -43.97
N TYR KA 53 -20.95 12.87 -43.97
CA TYR KA 53 -21.26 13.86 -44.99
C TYR KA 53 -20.57 15.19 -44.75
N GLY KA 54 -19.77 15.31 -43.69
CA GLY KA 54 -19.20 16.57 -43.26
C GLY KA 54 -19.85 17.14 -42.02
N LEU KA 55 -20.32 16.29 -41.11
CA LEU KA 55 -21.12 16.76 -39.98
C LEU KA 55 -20.32 17.68 -39.09
N ASN KA 56 -19.03 17.39 -38.90
CA ASN KA 56 -18.19 18.09 -37.95
C ASN KA 56 -17.18 18.99 -38.67
N ILE KA 57 -17.63 19.65 -39.73
CA ILE KA 57 -16.81 20.58 -40.49
C ILE KA 57 -17.63 21.87 -40.63
N PRO KA 58 -17.07 23.05 -40.39
CA PRO KA 58 -17.89 24.26 -40.50
C PRO KA 58 -18.03 24.70 -41.95
N ILE KA 59 -19.16 25.35 -42.23
CA ILE KA 59 -19.42 25.89 -43.57
C ILE KA 59 -19.31 27.41 -43.52
N THR KA 60 -18.12 27.92 -43.79
CA THR KA 60 -17.95 29.37 -43.87
C THR KA 60 -18.77 29.92 -45.01
N GLY KA 61 -19.67 30.84 -44.69
CA GLY KA 61 -20.54 31.46 -45.66
C GLY KA 61 -20.08 32.85 -46.01
N SER KA 62 -21.04 33.71 -46.33
CA SER KA 62 -20.74 35.11 -46.59
C SER KA 62 -22.01 35.92 -46.40
N MET KA 63 -21.84 37.23 -46.23
CA MET KA 63 -22.95 38.15 -46.05
C MET KA 63 -23.09 39.12 -47.22
N ASP KA 64 -22.50 38.80 -48.36
CA ASP KA 64 -22.63 39.62 -49.56
C ASP KA 64 -22.94 38.83 -50.82
N THR KA 65 -22.94 37.50 -50.76
CA THR KA 65 -23.36 36.72 -51.92
C THR KA 65 -24.80 37.02 -52.26
N VAL KA 66 -25.09 37.13 -53.56
CA VAL KA 66 -26.42 37.51 -54.01
C VAL KA 66 -27.34 36.30 -53.96
N TYR KA 67 -28.61 36.56 -53.66
CA TYR KA 67 -29.58 35.48 -53.56
C TYR KA 67 -29.73 34.76 -54.89
N SER KA 68 -29.68 33.42 -54.85
CA SER KA 68 -30.08 32.64 -56.00
C SER KA 68 -31.58 32.74 -56.19
N ASN KA 69 -32.04 32.54 -57.42
CA ASN KA 69 -33.41 32.90 -57.77
C ASN KA 69 -34.38 31.84 -57.22
N SER KA 70 -35.65 31.93 -57.63
CA SER KA 70 -36.71 31.17 -57.00
C SER KA 70 -36.54 29.68 -57.22
N THR KA 71 -37.24 28.88 -56.40
CA THR KA 71 -37.20 27.43 -56.47
C THR KA 71 -38.59 26.81 -56.34
N ARG KA 72 -39.65 27.62 -56.30
CA ARG KA 72 -41.00 27.08 -56.19
C ARG KA 72 -41.30 26.11 -57.34
N GLU KA 73 -40.87 26.46 -58.55
CA GLU KA 73 -41.14 25.62 -59.71
C GLU KA 73 -40.51 24.24 -59.53
N GLU KA 74 -39.25 24.21 -59.11
CA GLU KA 74 -38.55 22.94 -58.99
C GLU KA 74 -39.12 22.10 -57.84
N VAL KA 75 -39.47 22.73 -56.72
CA VAL KA 75 -40.03 21.95 -55.63
C VAL KA 75 -41.39 21.38 -56.03
N PHE KA 76 -42.18 22.12 -56.81
CA PHE KA 76 -43.42 21.55 -57.34
C PHE KA 76 -43.12 20.37 -58.25
N LEU KA 77 -42.19 20.54 -59.18
CA LEU KA 77 -41.95 19.51 -60.18
C LEU KA 77 -41.26 18.28 -59.60
N THR KA 78 -40.69 18.37 -58.40
CA THR KA 78 -40.08 17.22 -57.74
C THR KA 78 -40.97 16.60 -56.67
N SER KA 79 -41.43 17.40 -55.71
CA SER KA 79 -42.14 16.87 -54.55
C SER KA 79 -43.46 16.23 -54.98
N THR KA 80 -44.14 15.64 -54.00
CA THR KA 80 -45.49 15.11 -54.18
C THR KA 80 -46.35 15.56 -53.02
N LEU KA 81 -47.37 16.37 -53.33
CA LEU KA 81 -48.31 16.81 -52.30
C LEU KA 81 -49.26 15.68 -51.96
N CYS KA 82 -49.84 15.76 -50.77
CA CYS KA 82 -50.54 14.58 -50.30
C CYS KA 82 -51.47 14.96 -49.16
N LEU KA 83 -52.71 14.48 -49.22
CA LEU KA 83 -53.75 14.89 -48.30
C LEU KA 83 -54.25 13.69 -47.50
N TYR KA 84 -54.63 13.95 -46.25
CA TYR KA 84 -55.31 12.96 -45.42
C TYR KA 84 -56.59 13.60 -44.91
N TYR KA 85 -57.73 13.09 -45.38
CA TYR KA 85 -59.02 13.69 -45.09
C TYR KA 85 -59.97 12.65 -44.53
N PRO KA 86 -60.95 13.04 -43.71
CA PRO KA 86 -61.87 12.05 -43.15
C PRO KA 86 -62.87 11.56 -44.18
N THR KA 87 -63.47 10.40 -43.87
CA THR KA 87 -64.52 9.88 -44.73
C THR KA 87 -65.71 10.82 -44.79
N GLU KA 88 -65.92 11.61 -43.74
CA GLU KA 88 -66.99 12.60 -43.73
C GLU KA 88 -66.84 13.58 -44.88
N ALA KA 89 -65.60 13.89 -45.27
CA ALA KA 89 -65.40 14.83 -46.37
C ALA KA 89 -65.97 14.29 -47.67
N SER KA 90 -65.64 13.05 -48.01
CA SER KA 90 -66.20 12.46 -49.22
C SER KA 90 -67.71 12.31 -49.11
N THR KA 91 -68.19 11.92 -47.92
CA THR KA 91 -69.63 11.74 -47.75
C THR KA 91 -70.38 13.04 -48.00
N GLN KA 92 -69.87 14.15 -47.47
CA GLN KA 92 -70.53 15.44 -47.68
C GLN KA 92 -70.34 15.92 -49.11
N ILE KA 93 -69.21 15.61 -49.74
CA ILE KA 93 -68.99 16.05 -51.11
C ILE KA 93 -69.96 15.35 -52.05
N SER KA 94 -70.27 14.08 -51.77
CA SER KA 94 -71.27 13.33 -52.55
C SER KA 94 -70.86 13.29 -54.02
N ASP KA 95 -69.64 12.80 -54.26
CA ASP KA 95 -69.02 12.81 -55.57
C ASP KA 95 -68.08 11.60 -55.64
N GLY KA 96 -67.01 11.69 -56.42
CA GLY KA 96 -66.29 10.52 -56.85
C GLY KA 96 -65.56 10.76 -58.16
N GLU KA 97 -65.81 11.91 -58.77
CA GLU KA 97 -64.84 12.56 -59.64
C GLU KA 97 -64.16 13.74 -58.94
N TRP KA 98 -64.38 13.90 -57.63
CA TRP KA 98 -63.80 15.04 -56.95
C TRP KA 98 -62.30 14.90 -56.79
N LYS KA 99 -61.79 13.67 -56.70
CA LYS KA 99 -60.36 13.47 -56.71
C LYS KA 99 -59.76 13.98 -58.00
N ASP KA 100 -60.38 13.65 -59.13
CA ASP KA 100 -59.89 14.13 -60.41
C ASP KA 100 -59.99 15.64 -60.52
N SER KA 101 -61.11 16.21 -60.07
CA SER KA 101 -61.27 17.66 -60.16
C SER KA 101 -60.20 18.37 -59.34
N LEU KA 102 -59.94 17.88 -58.12
CA LEU KA 102 -58.90 18.50 -57.31
C LEU KA 102 -57.52 18.33 -57.93
N SER KA 103 -57.26 17.17 -58.53
CA SER KA 103 -55.97 16.96 -59.16
C SER KA 103 -55.75 17.94 -60.32
N GLN KA 104 -56.79 18.15 -61.13
CA GLN KA 104 -56.66 19.11 -62.22
C GLN KA 104 -56.51 20.53 -61.70
N MET KA 105 -57.20 20.86 -60.60
CA MET KA 105 -57.00 22.17 -59.99
C MET KA 105 -55.57 22.35 -59.52
N PHE KA 106 -54.99 21.32 -58.90
CA PHE KA 106 -53.60 21.40 -58.48
C PHE KA 106 -52.68 21.54 -59.68
N LEU KA 107 -53.03 20.89 -60.79
CA LEU KA 107 -52.24 21.03 -62.00
C LEU KA 107 -52.26 22.46 -62.50
N ILE KA 108 -53.43 23.10 -62.48
CA ILE KA 108 -53.48 24.51 -62.85
C ILE KA 108 -52.70 25.35 -61.85
N LYS KA 109 -52.67 24.93 -60.59
CA LYS KA 109 -51.90 25.66 -59.58
C LYS KA 109 -50.40 25.50 -59.75
N GLY KA 110 -49.95 24.42 -60.40
CA GLY KA 110 -48.55 24.28 -60.76
C GLY KA 110 -47.85 23.03 -60.27
N TRP KA 111 -48.60 21.95 -60.04
CA TRP KA 111 -48.03 20.66 -59.68
C TRP KA 111 -48.26 19.67 -60.82
N PRO KA 112 -47.28 18.89 -61.26
CA PRO KA 112 -47.56 17.94 -62.34
C PRO KA 112 -48.58 16.91 -61.88
N THR KA 113 -49.15 16.20 -62.86
CA THR KA 113 -50.33 15.37 -62.60
C THR KA 113 -50.08 14.35 -61.50
N GLY KA 114 -49.21 13.38 -61.75
CA GLY KA 114 -49.03 12.31 -60.79
C GLY KA 114 -48.27 12.70 -59.55
N SER KA 115 -48.74 13.74 -58.85
CA SER KA 115 -48.03 14.27 -57.69
C SER KA 115 -48.92 14.55 -56.50
N VAL KA 116 -50.23 14.70 -56.65
CA VAL KA 116 -51.14 14.95 -55.53
C VAL KA 116 -51.86 13.65 -55.22
N TYR KA 117 -51.64 13.12 -54.02
CA TYR KA 117 -52.21 11.83 -53.62
C TYR KA 117 -53.14 12.03 -52.43
N PHE KA 118 -54.38 11.57 -52.59
CA PHE KA 118 -55.39 11.69 -51.55
C PHE KA 118 -55.50 10.39 -50.77
N LYS KA 119 -55.65 10.50 -49.45
CA LYS KA 119 -55.83 9.35 -48.57
C LYS KA 119 -56.97 9.65 -47.61
N GLU KA 120 -57.68 8.59 -47.23
CA GLU KA 120 -58.91 8.68 -46.47
C GLU KA 120 -58.80 7.83 -45.21
N TYR KA 121 -59.19 8.41 -44.08
CA TYR KA 121 -59.26 7.71 -42.81
C TYR KA 121 -60.64 7.88 -42.20
N SER KA 122 -61.07 6.88 -41.44
CA SER KA 122 -62.44 6.92 -40.92
C SER KA 122 -62.63 8.09 -39.95
N ASN KA 123 -61.67 8.32 -39.06
CA ASN KA 123 -61.74 9.42 -38.11
C ASN KA 123 -60.38 9.53 -37.42
N ILE KA 124 -60.25 10.51 -36.53
CA ILE KA 124 -58.95 10.83 -35.95
C ILE KA 124 -58.44 9.67 -35.11
N VAL KA 125 -59.28 9.15 -34.23
CA VAL KA 125 -58.82 8.11 -33.30
C VAL KA 125 -58.44 6.85 -34.04
N ASP KA 126 -59.19 6.50 -35.09
CA ASP KA 126 -58.87 5.29 -35.86
C ASP KA 126 -57.70 5.50 -36.80
N PHE KA 127 -57.47 6.73 -37.26
CA PHE KA 127 -56.24 7.03 -37.97
C PHE KA 127 -55.04 6.95 -37.05
N SER KA 128 -55.25 7.19 -35.75
CA SER KA 128 -54.14 7.23 -34.81
C SER KA 128 -53.44 5.89 -34.66
N VAL KA 129 -54.09 4.78 -35.00
CA VAL KA 129 -53.48 3.46 -34.82
C VAL KA 129 -52.52 3.22 -35.96
N ASP KA 130 -51.23 3.44 -35.71
CA ASP KA 130 -50.19 3.23 -36.70
C ASP KA 130 -50.42 4.13 -37.91
N PRO KA 131 -50.33 5.44 -37.75
CA PRO KA 131 -50.50 6.33 -38.91
C PRO KA 131 -49.24 6.31 -39.76
N GLN KA 132 -49.35 5.69 -40.93
CA GLN KA 132 -48.23 5.59 -41.86
C GLN KA 132 -48.43 6.67 -42.92
N LEU KA 133 -47.57 7.68 -42.89
CA LEU KA 133 -47.62 8.76 -43.86
C LEU KA 133 -46.83 8.34 -45.10
N TYR KA 134 -47.55 7.74 -46.06
CA TYR KA 134 -46.89 7.03 -47.16
C TYR KA 134 -46.42 7.97 -48.24
N CYS KA 135 -45.80 9.10 -47.93
CA CYS KA 135 -46.04 10.18 -48.87
C CYS KA 135 -45.16 11.37 -48.48
N ASP KA 136 -44.99 12.33 -49.41
CA ASP KA 136 -43.87 13.28 -49.30
C ASP KA 136 -44.21 14.57 -48.55
N TYR KA 137 -45.08 15.41 -49.11
CA TYR KA 137 -45.64 16.56 -48.39
C TYR KA 137 -47.00 16.17 -47.84
N ASN KA 138 -47.07 15.98 -46.53
CA ASN KA 138 -48.27 15.49 -45.87
C ASN KA 138 -49.06 16.67 -45.32
N LEU KA 139 -50.35 16.72 -45.66
CA LEU KA 139 -51.28 17.67 -45.06
C LEU KA 139 -52.41 16.87 -44.46
N VAL KA 140 -52.52 16.89 -43.14
CA VAL KA 140 -53.53 16.12 -42.43
C VAL KA 140 -54.66 17.08 -42.09
N LEU KA 141 -55.71 17.08 -42.89
CA LEU KA 141 -56.94 17.76 -42.52
C LEU KA 141 -57.56 17.02 -41.35
N MET KA 142 -58.05 17.76 -40.36
CA MET KA 142 -58.42 17.15 -39.09
C MET KA 142 -59.59 17.93 -38.49
N LYS KA 143 -60.75 17.26 -38.41
CA LYS KA 143 -61.96 17.91 -37.96
C LYS KA 143 -62.06 17.86 -36.44
N TYR KA 144 -62.28 19.02 -35.83
CA TYR KA 144 -62.37 19.12 -34.39
C TYR KA 144 -63.78 18.80 -33.93
N ASP KA 145 -63.88 18.07 -32.83
CA ASP KA 145 -65.14 17.84 -32.14
C ASP KA 145 -64.82 17.59 -30.68
N GLN KA 146 -65.74 17.98 -29.81
CA GLN KA 146 -65.47 17.96 -28.38
C GLN KA 146 -65.21 16.53 -27.91
N SER KA 147 -64.36 16.42 -26.89
CA SER KA 147 -63.90 15.20 -26.24
C SER KA 147 -62.81 14.50 -27.04
N LEU KA 148 -62.48 14.97 -28.25
CA LEU KA 148 -61.34 14.47 -29.00
C LEU KA 148 -60.11 15.37 -28.84
N GLU KA 149 -60.15 16.30 -27.88
CA GLU KA 149 -59.02 17.22 -27.69
C GLU KA 149 -57.73 16.45 -27.47
N LEU KA 150 -57.73 15.52 -26.53
CA LEU KA 150 -56.48 14.88 -26.13
C LEU KA 150 -55.98 13.92 -27.20
N ASP KA 151 -56.85 13.11 -27.78
CA ASP KA 151 -56.38 12.16 -28.79
C ASP KA 151 -55.97 12.88 -30.06
N MET KA 152 -56.66 13.95 -30.42
CA MET KA 152 -56.25 14.78 -31.55
C MET KA 152 -54.88 15.40 -31.29
N SER KA 153 -54.66 15.91 -30.07
CA SER KA 153 -53.36 16.47 -29.72
C SER KA 153 -52.28 15.39 -29.77
N GLU KA 154 -52.60 14.19 -29.30
CA GLU KA 154 -51.62 13.11 -29.32
C GLU KA 154 -51.24 12.73 -30.74
N LEU KA 155 -52.23 12.63 -31.63
CA LEU KA 155 -51.92 12.33 -33.03
C LEU KA 155 -51.05 13.44 -33.62
N ALA KA 156 -51.39 14.69 -33.34
CA ALA KA 156 -50.61 15.80 -33.86
C ALA KA 156 -49.17 15.71 -33.37
N ASP KA 157 -48.99 15.43 -32.08
CA ASP KA 157 -47.65 15.26 -31.54
C ASP KA 157 -46.90 14.15 -32.26
N LEU KA 158 -47.56 12.99 -32.40
CA LEU KA 158 -46.92 11.81 -32.96
C LEU KA 158 -46.43 12.05 -34.38
N ILE KA 159 -47.26 12.69 -35.21
CA ILE KA 159 -46.86 12.86 -36.61
C ILE KA 159 -45.96 14.08 -36.78
N LEU KA 160 -46.16 15.14 -36.01
CA LEU KA 160 -45.35 16.34 -36.20
C LEU KA 160 -43.92 16.13 -35.75
N ASN KA 161 -43.70 15.35 -34.69
CA ASN KA 161 -42.35 15.16 -34.17
C ASN KA 161 -41.81 13.79 -34.57
N GLU KA 162 -40.49 13.72 -34.71
CA GLU KA 162 -39.81 12.47 -35.00
C GLU KA 162 -39.53 11.72 -33.70
N TRP KA 163 -39.95 10.46 -33.66
CA TRP KA 163 -39.78 9.62 -32.49
C TRP KA 163 -38.87 8.45 -32.84
N LEU KA 164 -37.97 8.12 -31.92
CA LEU KA 164 -37.13 6.94 -32.00
C LEU KA 164 -37.66 5.95 -30.98
N CYS KA 165 -38.24 4.85 -31.46
CA CYS KA 165 -38.97 3.92 -30.63
C CYS KA 165 -38.22 2.61 -30.51
N ASN KA 166 -38.13 2.10 -29.28
CA ASN KA 166 -37.62 0.78 -28.96
C ASN KA 166 -38.74 -0.12 -28.49
N PRO KA 167 -38.59 -1.44 -28.61
CA PRO KA 167 -39.66 -2.33 -28.15
C PRO KA 167 -39.70 -2.40 -26.64
N MET KA 168 -40.81 -2.91 -26.13
CA MET KA 168 -40.98 -3.17 -24.70
C MET KA 168 -41.65 -4.53 -24.54
N ASP KA 169 -41.10 -5.36 -23.66
CA ASP KA 169 -41.71 -6.64 -23.29
C ASP KA 169 -42.38 -6.42 -21.94
N ILE KA 170 -43.70 -6.25 -21.97
CA ILE KA 170 -44.42 -5.80 -20.79
C ILE KA 170 -44.43 -6.87 -19.71
N THR KA 171 -44.68 -8.13 -20.09
CA THR KA 171 -44.89 -9.16 -19.08
C THR KA 171 -43.62 -9.44 -18.29
N LEU KA 172 -42.45 -9.18 -18.87
CA LEU KA 172 -41.19 -9.57 -18.24
C LEU KA 172 -40.56 -8.43 -17.42
N TYR KA 173 -40.23 -7.33 -18.07
CA TYR KA 173 -39.38 -6.31 -17.46
C TYR KA 173 -40.18 -5.10 -17.00
N TYR KA 174 -39.65 -4.44 -15.98
CA TYR KA 174 -40.12 -3.11 -15.59
C TYR KA 174 -39.44 -2.06 -16.46
N TYR KA 175 -40.05 -0.88 -16.52
CA TYR KA 175 -39.58 0.16 -17.44
C TYR KA 175 -39.69 1.54 -16.80
N GLN KA 176 -38.63 2.32 -16.96
CA GLN KA 176 -38.58 3.70 -16.54
C GLN KA 176 -38.77 4.61 -17.74
N GLN KA 177 -38.75 5.92 -17.48
CA GLN KA 177 -38.61 6.93 -18.52
C GLN KA 177 -37.36 7.74 -18.22
N SER KA 178 -36.47 7.83 -19.20
CA SER KA 178 -35.15 8.38 -18.94
C SER KA 178 -35.22 9.85 -18.56
N GLY KA 179 -35.94 10.65 -19.33
CA GLY KA 179 -35.95 12.08 -19.13
C GLY KA 179 -37.17 12.76 -19.69
N GLU KA 180 -37.00 14.05 -20.00
CA GLU KA 180 -38.13 14.87 -20.44
C GLU KA 180 -38.63 14.47 -21.82
N SER KA 181 -37.75 13.91 -22.66
CA SER KA 181 -38.08 13.65 -24.05
C SER KA 181 -38.62 12.24 -24.29
N ASN KA 182 -38.76 11.42 -23.25
CA ASN KA 182 -39.18 10.04 -23.42
C ASN KA 182 -40.64 9.86 -23.04
N LYS KA 183 -41.34 9.02 -23.80
CA LYS KA 183 -42.73 8.68 -23.55
C LYS KA 183 -42.90 7.20 -23.82
N TRP KA 184 -44.06 6.67 -23.45
CA TRP KA 184 -44.49 5.35 -23.90
C TRP KA 184 -45.68 5.53 -24.82
N ILE KA 185 -45.56 5.04 -26.05
CA ILE KA 185 -46.61 5.19 -27.06
C ILE KA 185 -47.25 3.84 -27.25
N SER KA 186 -48.55 3.75 -27.01
CA SER KA 186 -49.30 2.52 -27.05
C SER KA 186 -50.35 2.62 -28.14
N MET KA 187 -50.30 1.71 -29.11
CA MET KA 187 -51.15 1.76 -30.29
C MET KA 187 -51.76 0.39 -30.56
N GLY KA 188 -53.02 0.39 -30.97
CA GLY KA 188 -53.71 -0.85 -31.22
C GLY KA 188 -55.21 -0.64 -31.18
N SER KA 189 -55.94 -1.76 -31.12
CA SER KA 189 -57.39 -1.69 -31.16
C SER KA 189 -57.99 -1.25 -29.84
N SER KA 190 -57.41 -1.68 -28.72
CA SER KA 190 -57.92 -1.28 -27.40
C SER KA 190 -56.73 -1.23 -26.44
N CYS KA 191 -56.17 -0.04 -26.28
CA CYS KA 191 -55.02 0.18 -25.42
C CYS KA 191 -55.49 0.70 -24.08
N THR KA 192 -55.71 -0.21 -23.14
CA THR KA 192 -55.93 0.14 -21.74
C THR KA 192 -54.62 -0.11 -21.00
N VAL KA 193 -54.10 0.93 -20.35
CA VAL KA 193 -52.79 0.90 -19.72
C VAL KA 193 -52.99 1.11 -18.24
N LYS KA 194 -52.47 0.17 -17.44
CA LYS KA 194 -52.49 0.27 -15.99
C LYS KA 194 -51.06 0.09 -15.50
N VAL KA 195 -50.53 1.10 -14.82
CA VAL KA 195 -49.16 1.09 -14.33
C VAL KA 195 -49.19 0.94 -12.82
N CYS KA 196 -48.14 0.31 -12.29
CA CYS KA 196 -47.92 0.23 -10.84
C CYS KA 196 -46.48 0.66 -10.60
N PRO KA 197 -46.24 1.80 -9.96
CA PRO KA 197 -44.85 2.22 -9.74
C PRO KA 197 -44.24 1.50 -8.56
N LEU KA 198 -42.97 1.14 -8.69
CA LEU KA 198 -42.24 0.41 -7.66
C LEU KA 198 -41.25 1.33 -6.96
N ASN KA 199 -41.06 1.08 -5.67
CA ASN KA 199 -40.12 1.85 -4.87
C ASN KA 199 -38.75 1.18 -4.90
N THR KA 200 -37.85 1.61 -4.01
CA THR KA 200 -36.50 1.07 -3.98
C THR KA 200 -36.51 -0.43 -3.68
N GLN KA 201 -37.53 -0.92 -2.98
CA GLN KA 201 -37.61 -2.32 -2.57
C GLN KA 201 -38.38 -3.18 -3.55
N THR KA 202 -38.68 -2.68 -4.75
CA THR KA 202 -39.38 -3.43 -5.80
C THR KA 202 -40.80 -3.80 -5.37
N LEU KA 203 -41.35 -3.08 -4.39
CA LEU KA 203 -42.74 -3.22 -3.99
C LEU KA 203 -43.52 -2.00 -4.48
N GLY KA 204 -44.69 -2.25 -5.04
CA GLY KA 204 -45.45 -1.15 -5.59
C GLY KA 204 -45.90 -0.18 -4.52
N ILE KA 205 -46.08 1.08 -4.92
CA ILE KA 205 -46.54 2.14 -4.04
C ILE KA 205 -47.94 2.54 -4.47
N GLY KA 206 -48.91 2.38 -3.56
CA GLY KA 206 -50.29 2.55 -3.90
C GLY KA 206 -50.92 1.37 -4.63
N CYS KA 207 -50.16 0.31 -4.87
CA CYS KA 207 -50.62 -0.82 -5.65
C CYS KA 207 -49.70 -2.01 -5.39
N GLN KA 208 -50.29 -3.20 -5.37
CA GLN KA 208 -49.53 -4.44 -5.24
C GLN KA 208 -49.37 -5.06 -6.62
N THR KA 209 -48.16 -5.55 -6.91
CA THR KA 209 -47.86 -6.07 -8.24
C THR KA 209 -48.68 -7.31 -8.58
N THR KA 210 -49.23 -7.99 -7.57
CA THR KA 210 -50.00 -9.19 -7.84
C THR KA 210 -51.45 -8.87 -8.18
N ASN KA 211 -52.05 -7.92 -7.48
CA ASN KA 211 -53.47 -7.59 -7.63
C ASN KA 211 -53.60 -6.51 -8.69
N VAL KA 212 -53.96 -6.92 -9.90
CA VAL KA 212 -53.99 -5.98 -11.03
C VAL KA 212 -55.07 -4.92 -10.87
N ASP KA 213 -56.07 -5.17 -10.02
CA ASP KA 213 -57.10 -4.16 -9.81
C ASP KA 213 -56.52 -2.91 -9.17
N SER KA 214 -55.53 -3.06 -8.29
CA SER KA 214 -54.95 -1.92 -7.61
C SER KA 214 -54.07 -1.05 -8.52
N PHE KA 215 -53.71 -1.55 -9.70
CA PHE KA 215 -52.90 -0.78 -10.63
C PHE KA 215 -53.62 0.51 -11.00
N GLU KA 216 -52.85 1.57 -11.16
CA GLU KA 216 -53.39 2.89 -11.49
C GLU KA 216 -53.56 2.95 -13.00
N THR KA 217 -54.80 3.07 -13.45
CA THR KA 217 -55.06 3.20 -14.88
C THR KA 217 -54.67 4.60 -15.34
N VAL KA 218 -53.96 4.66 -16.46
CA VAL KA 218 -53.44 5.93 -16.97
C VAL KA 218 -54.01 6.28 -18.34
N ALA KA 219 -54.54 5.33 -19.09
CA ALA KA 219 -55.24 5.64 -20.34
C ALA KA 219 -56.04 4.41 -20.72
N GLU KA 220 -57.36 4.55 -20.85
CA GLU KA 220 -58.26 3.43 -21.07
C GLU KA 220 -58.92 3.54 -22.43
N ASN KA 221 -58.86 2.43 -23.19
CA ASN KA 221 -59.63 2.28 -24.41
C ASN KA 221 -59.37 3.40 -25.42
N GLU KA 222 -58.10 3.76 -25.60
CA GLU KA 222 -57.68 4.61 -26.70
C GLU KA 222 -57.03 3.76 -27.78
N LYS KA 223 -57.18 4.20 -29.03
CA LYS KA 223 -56.44 3.58 -30.11
C LYS KA 223 -54.98 4.01 -30.07
N LEU KA 224 -54.70 5.24 -29.63
CA LEU KA 224 -53.35 5.73 -29.44
C LEU KA 224 -53.28 6.42 -28.09
N ALA KA 225 -52.23 6.13 -27.33
CA ALA KA 225 -52.02 6.76 -26.03
C ALA KA 225 -50.54 7.05 -25.87
N ILE KA 226 -50.18 8.33 -25.82
CA ILE KA 226 -48.84 8.76 -25.48
C ILE KA 226 -48.87 9.08 -23.99
N VAL KA 227 -48.26 8.22 -23.18
CA VAL KA 227 -48.32 8.33 -21.72
C VAL KA 227 -46.95 8.70 -21.21
N ASP KA 228 -46.93 9.70 -20.33
CA ASP KA 228 -45.77 10.08 -19.54
C ASP KA 228 -46.02 9.70 -18.09
N VAL KA 229 -44.96 9.27 -17.41
CA VAL KA 229 -44.99 8.96 -16.00
C VAL KA 229 -43.72 9.54 -15.39
N VAL KA 230 -43.75 9.74 -14.07
CA VAL KA 230 -42.64 10.36 -13.37
C VAL KA 230 -41.35 9.64 -13.70
N ASP KA 231 -40.34 10.40 -14.09
CA ASP KA 231 -39.13 9.85 -14.70
C ASP KA 231 -38.16 9.43 -13.60
N GLY KA 232 -37.91 8.13 -13.51
CA GLY KA 232 -36.93 7.60 -12.58
C GLY KA 232 -37.49 6.54 -11.64
N ILE KA 233 -38.64 5.98 -11.97
CA ILE KA 233 -39.29 4.96 -11.15
C ILE KA 233 -39.61 3.77 -12.04
N ASN KA 234 -39.20 2.58 -11.60
CA ASN KA 234 -39.60 1.36 -12.29
C ASN KA 234 -41.11 1.20 -12.22
N HIS KA 235 -41.68 0.58 -13.24
CA HIS KA 235 -43.12 0.39 -13.31
C HIS KA 235 -43.42 -1.01 -13.80
N LYS KA 236 -44.56 -1.53 -13.36
CA LYS KA 236 -45.12 -2.76 -13.90
C LYS KA 236 -46.39 -2.41 -14.65
N ILE KA 237 -46.46 -2.78 -15.92
CA ILE KA 237 -47.54 -2.38 -16.81
C ILE KA 237 -48.39 -3.60 -17.13
N ASN KA 238 -49.71 -3.41 -17.13
CA ASN KA 238 -50.65 -4.45 -17.53
C ASN KA 238 -51.38 -3.96 -18.77
N LEU KA 239 -50.88 -4.36 -19.95
CA LEU KA 239 -51.38 -3.86 -21.23
C LEU KA 239 -51.64 -5.02 -22.18
N THR KA 240 -52.78 -5.70 -21.99
CA THR KA 240 -53.61 -6.28 -23.05
C THR KA 240 -52.84 -6.64 -24.31
N THR KA 241 -51.81 -7.50 -24.18
CA THR KA 241 -50.83 -7.65 -25.23
C THR KA 241 -51.41 -8.13 -26.56
N THR KA 242 -52.58 -8.77 -26.54
CA THR KA 242 -53.13 -9.33 -27.77
C THR KA 242 -53.46 -8.24 -28.79
N THR KA 243 -54.06 -7.13 -28.34
CA THR KA 243 -54.45 -6.06 -29.25
C THR KA 243 -53.38 -4.97 -29.33
N CYS KA 244 -53.05 -4.36 -28.20
CA CYS KA 244 -52.22 -3.17 -28.18
C CYS KA 244 -50.75 -3.50 -28.04
N THR KA 245 -49.92 -2.70 -28.70
CA THR KA 245 -48.47 -2.80 -28.60
C THR KA 245 -47.92 -1.46 -28.14
N ILE KA 246 -46.94 -1.51 -27.25
CA ILE KA 246 -46.43 -0.34 -26.55
C ILE KA 246 -44.93 -0.25 -26.78
N ARG KA 247 -44.46 0.92 -27.21
CA ARG KA 247 -43.06 1.17 -27.51
C ARG KA 247 -42.54 2.28 -26.62
N ASN KA 248 -41.26 2.18 -26.26
CA ASN KA 248 -40.57 3.21 -25.48
C ASN KA 248 -39.92 4.17 -26.46
N CYS KA 249 -40.47 5.39 -26.57
CA CYS KA 249 -40.10 6.30 -27.65
C CYS KA 249 -39.46 7.56 -27.10
N LYS KA 250 -38.23 7.81 -27.50
CA LYS KA 250 -37.60 9.11 -27.35
C LYS KA 250 -38.12 10.04 -28.43
N LYS KA 251 -38.09 11.33 -28.15
CA LYS KA 251 -38.57 12.36 -29.07
C LYS KA 251 -37.39 13.15 -29.58
N LEU KA 252 -37.03 12.92 -30.84
CA LEU KA 252 -36.00 13.71 -31.51
C LEU KA 252 -36.64 15.02 -31.96
N GLY KA 253 -35.97 15.76 -32.83
CA GLY KA 253 -36.47 17.04 -33.29
C GLY KA 253 -37.79 16.92 -34.03
N PRO KA 254 -38.20 17.98 -34.71
CA PRO KA 254 -39.52 17.96 -35.35
C PRO KA 254 -39.49 17.33 -36.72
N ARG KA 255 -40.47 16.48 -36.99
CA ARG KA 255 -40.68 16.03 -38.36
C ARG KA 255 -41.27 17.22 -39.10
N GLU KA 256 -40.42 17.98 -39.77
CA GLU KA 256 -40.80 19.27 -40.34
C GLU KA 256 -41.25 19.14 -41.77
N ASN KA 257 -41.91 18.03 -42.06
CA ASN KA 257 -42.48 17.72 -43.35
C ASN KA 257 -44.00 17.67 -43.33
N VAL KA 258 -44.58 17.04 -42.32
CA VAL KA 258 -46.03 16.91 -42.22
C VAL KA 258 -46.59 18.13 -41.52
N ALA KA 259 -47.70 18.66 -42.05
CA ALA KA 259 -48.41 19.78 -41.46
C ALA KA 259 -49.85 19.36 -41.17
N VAL KA 260 -50.40 19.94 -40.11
CA VAL KA 260 -51.70 19.54 -39.58
C VAL KA 260 -52.63 20.73 -39.70
N ILE KA 261 -53.74 20.54 -40.39
CA ILE KA 261 -54.70 21.60 -40.66
C ILE KA 261 -55.96 21.26 -39.87
N GLN KA 262 -56.11 21.89 -38.70
CA GLN KA 262 -57.34 21.76 -37.95
C GLN KA 262 -58.45 22.51 -38.65
N VAL KA 263 -59.65 21.94 -38.62
CA VAL KA 263 -60.76 22.43 -39.42
C VAL KA 263 -61.85 23.10 -38.57
N GLY KA 264 -61.94 22.78 -37.28
CA GLY KA 264 -63.05 23.27 -36.48
C GLY KA 264 -62.71 24.38 -35.50
N GLY KA 265 -62.59 24.02 -34.23
CA GLY KA 265 -62.67 24.96 -33.13
C GLY KA 265 -61.37 25.68 -32.87
N ALA KA 266 -61.25 26.19 -31.64
CA ALA KA 266 -60.10 27.01 -31.27
C ALA KA 266 -58.83 26.17 -31.20
N ASN KA 267 -57.70 26.87 -31.24
CA ASN KA 267 -56.41 26.18 -31.17
C ASN KA 267 -56.27 25.48 -29.83
N ILE KA 268 -56.08 24.16 -29.86
CA ILE KA 268 -56.04 23.34 -28.66
C ILE KA 268 -54.86 22.38 -28.65
N LEU KA 269 -54.20 22.20 -29.79
CA LEU KA 269 -53.17 21.18 -29.91
C LEU KA 269 -51.96 21.57 -29.07
N ASP KA 270 -51.81 20.90 -27.92
CA ASP KA 270 -50.62 21.02 -27.08
C ASP KA 270 -49.69 19.88 -27.47
N ILE KA 271 -48.87 20.11 -28.48
CA ILE KA 271 -47.94 19.07 -28.93
C ILE KA 271 -46.95 18.74 -27.83
N THR KA 272 -46.54 19.74 -27.06
CA THR KA 272 -45.55 19.55 -26.01
C THR KA 272 -46.26 19.12 -24.73
N ALA KA 273 -45.98 17.89 -24.29
CA ALA KA 273 -46.69 17.34 -23.14
C ALA KA 273 -46.41 18.11 -21.87
N ASP KA 274 -45.26 18.78 -21.79
CA ASP KA 274 -44.97 19.61 -20.63
C ASP KA 274 -46.00 20.73 -20.54
N PRO KA 275 -46.52 21.04 -19.34
CA PRO KA 275 -47.57 22.05 -19.25
C PRO KA 275 -47.06 23.47 -19.24
N THR KA 276 -45.80 23.70 -18.85
CA THR KA 276 -45.29 25.05 -18.77
C THR KA 276 -45.21 25.74 -20.13
N THR KA 277 -45.14 24.98 -21.21
CA THR KA 277 -44.97 25.53 -22.55
C THR KA 277 -46.02 24.98 -23.49
N ASN KA 278 -46.58 25.85 -24.31
CA ASN KA 278 -47.55 25.48 -25.34
C ASN KA 278 -47.20 26.21 -26.62
N PRO KA 279 -46.07 25.87 -27.24
CA PRO KA 279 -45.64 26.60 -28.43
C PRO KA 279 -46.58 26.39 -29.60
N GLN KA 280 -46.63 27.39 -30.49
CA GLN KA 280 -47.45 27.35 -31.68
C GLN KA 280 -46.53 27.19 -32.88
N ILE KA 281 -46.56 26.02 -33.49
CA ILE KA 281 -45.74 25.72 -34.65
C ILE KA 281 -46.41 26.29 -35.88
N GLU KA 282 -45.60 26.77 -36.83
CA GLU KA 282 -46.15 27.27 -38.08
C GLU KA 282 -46.76 26.17 -38.93
N ARG KA 283 -46.44 24.90 -38.66
CA ARG KA 283 -47.02 23.78 -39.39
C ARG KA 283 -48.37 23.35 -38.84
N MET KA 284 -48.86 23.98 -37.77
CA MET KA 284 -50.19 23.74 -37.23
C MET KA 284 -51.09 24.87 -37.70
N MET KA 285 -51.87 24.62 -38.73
CA MET KA 285 -52.81 25.60 -39.27
C MET KA 285 -54.21 25.34 -38.72
N ARG KA 286 -55.06 26.34 -38.83
CA ARG KA 286 -56.40 26.28 -38.25
C ARG KA 286 -57.32 27.12 -39.12
N VAL KA 287 -58.28 26.49 -39.79
CA VAL KA 287 -59.20 27.18 -40.68
C VAL KA 287 -60.63 26.79 -40.31
N ASN KA 288 -61.49 27.79 -40.13
CA ASN KA 288 -62.89 27.54 -39.89
C ASN KA 288 -63.52 26.95 -41.15
N TRP KA 289 -64.74 26.45 -41.01
CA TRP KA 289 -65.35 25.74 -42.12
C TRP KA 289 -66.85 25.59 -41.91
N LYS KA 290 -67.55 25.49 -43.02
CA LYS KA 290 -68.86 24.85 -43.06
C LYS KA 290 -68.95 23.81 -44.17
N ARG KA 291 -68.31 24.06 -45.32
CA ARG KA 291 -68.40 23.17 -46.48
C ARG KA 291 -67.03 22.60 -46.80
N TRP KA 292 -66.97 21.28 -46.90
CA TRP KA 292 -65.71 20.62 -47.23
C TRP KA 292 -65.18 21.06 -48.57
N TRP KA 293 -66.06 21.39 -49.52
CA TRP KA 293 -65.59 21.90 -50.79
C TRP KA 293 -64.88 23.22 -50.62
N GLN KA 294 -65.41 24.10 -49.77
CA GLN KA 294 -64.74 25.36 -49.50
C GLN KA 294 -63.38 25.11 -48.85
N VAL KA 295 -63.31 24.12 -47.95
CA VAL KA 295 -62.05 23.81 -47.29
C VAL KA 295 -61.02 23.36 -48.33
N PHE KA 296 -61.41 22.45 -49.21
CA PHE KA 296 -60.48 21.93 -50.21
C PHE KA 296 -60.06 23.03 -51.17
N TYR KA 297 -60.98 23.92 -51.54
CA TYR KA 297 -60.61 25.02 -52.41
C TYR KA 297 -59.62 25.96 -51.72
N THR KA 298 -59.82 26.20 -50.43
CA THR KA 298 -58.84 27.02 -49.71
C THR KA 298 -57.46 26.37 -49.74
N ILE KA 299 -57.42 25.05 -49.51
CA ILE KA 299 -56.14 24.34 -49.54
C ILE KA 299 -55.49 24.48 -50.90
N VAL KA 300 -56.27 24.24 -51.96
CA VAL KA 300 -55.71 24.28 -53.31
C VAL KA 300 -55.23 25.67 -53.64
N ASP KA 301 -56.00 26.69 -53.26
CA ASP KA 301 -55.62 28.06 -53.57
C ASP KA 301 -54.33 28.44 -52.85
N TYR KA 302 -54.21 28.08 -51.57
CA TYR KA 302 -53.07 28.49 -50.76
C TYR KA 302 -52.06 27.38 -50.57
N ILE KA 303 -51.94 26.47 -51.54
CA ILE KA 303 -50.98 25.38 -51.40
C ILE KA 303 -49.55 25.91 -51.38
N ASN KA 304 -49.24 26.92 -52.17
CA ASN KA 304 -47.87 27.41 -52.25
C ASN KA 304 -47.38 27.89 -50.88
N GLN KA 305 -48.22 28.62 -50.15
CA GLN KA 305 -47.83 29.08 -48.82
C GLN KA 305 -47.63 27.91 -47.87
N ILE KA 306 -48.48 26.88 -47.97
CA ILE KA 306 -48.39 25.77 -47.05
C ILE KA 306 -47.07 25.02 -47.25
N VAL KA 307 -46.72 24.73 -48.51
CA VAL KA 307 -45.47 24.04 -48.74
C VAL KA 307 -44.29 24.94 -48.42
N GLN KA 308 -44.43 26.25 -48.61
CA GLN KA 308 -43.38 27.16 -48.20
C GLN KA 308 -43.15 27.06 -46.70
N VAL KA 309 -44.21 26.84 -45.93
CA VAL KA 309 -44.06 26.62 -44.49
C VAL KA 309 -43.41 25.28 -44.22
N MET KA 310 -43.82 24.23 -44.94
CA MET KA 310 -43.28 22.91 -44.74
C MET KA 310 -41.90 22.79 -45.37
N SER KA 311 -41.27 21.63 -45.20
CA SER KA 311 -39.98 21.34 -45.82
C SER KA 311 -39.97 19.91 -46.34
N LYS KA 312 -39.11 19.66 -47.32
CA LYS KA 312 -39.03 18.37 -48.00
C LYS KA 312 -37.92 17.49 -47.45
N ARG KA 313 -36.81 18.07 -47.01
CA ARG KA 313 -35.64 17.27 -46.67
C ARG KA 313 -35.92 16.30 -45.54
N SER KA 314 -36.86 16.64 -44.66
CA SER KA 314 -37.16 15.80 -43.50
C SER KA 314 -38.19 14.74 -43.86
N ARG KA 315 -37.79 13.85 -44.76
CA ARG KA 315 -38.57 12.69 -45.14
C ARG KA 315 -37.77 11.44 -44.83
N SER KA 316 -38.47 10.37 -44.52
CA SER KA 316 -37.86 9.10 -44.17
C SER KA 316 -38.20 8.05 -45.22
N LEU KA 317 -37.31 7.07 -45.38
CA LEU KA 317 -37.57 6.00 -46.34
C LEU KA 317 -38.82 5.23 -45.97
N ASN KA 318 -38.97 4.91 -44.68
CA ASN KA 318 -40.15 4.19 -44.24
C ASN KA 318 -41.32 5.14 -44.09
N SER KA 319 -42.50 4.66 -44.50
CA SER KA 319 -43.73 5.39 -44.26
C SER KA 319 -44.15 5.39 -42.81
N ALA KA 320 -43.49 4.59 -41.96
CA ALA KA 320 -43.81 4.58 -40.55
C ALA KA 320 -43.54 5.95 -39.94
N ALA KA 321 -44.28 6.26 -38.88
CA ALA KA 321 -44.17 7.54 -38.19
C ALA KA 321 -43.17 7.52 -37.05
N PHE KA 322 -42.17 6.65 -37.11
CA PHE KA 322 -41.16 6.58 -36.07
C PHE KA 322 -40.04 5.67 -36.55
N TYR KA 323 -38.88 5.82 -35.90
CA TYR KA 323 -37.69 5.03 -36.23
C TYR KA 323 -37.60 3.89 -35.24
N TYR KA 324 -37.93 2.68 -35.69
CA TYR KA 324 -37.92 1.50 -34.84
C TYR KA 324 -36.49 0.98 -34.77
N ARG KA 325 -35.90 1.00 -33.57
CA ARG KA 325 -34.48 0.69 -33.40
C ARG KA 325 -34.24 -0.60 -32.60
N VAL KA 326 -35.26 -1.45 -32.48
CA VAL KA 326 -35.16 -2.74 -31.76
C VAL KA 326 -34.42 -2.63 -30.43
N TYR LA 53 -39.45 81.81 50.23
CA TYR LA 53 -38.08 81.37 50.49
C TYR LA 53 -37.16 81.84 49.38
N GLY LA 54 -37.67 81.83 48.15
CA GLY LA 54 -36.89 82.24 47.00
C GLY LA 54 -36.36 81.04 46.24
N LEU LA 55 -37.05 80.68 45.15
CA LEU LA 55 -36.70 79.53 44.35
C LEU LA 55 -36.01 79.89 43.05
N ASN LA 56 -36.08 81.14 42.62
CA ASN LA 56 -35.61 81.55 41.30
C ASN LA 56 -34.12 81.84 41.27
N ILE LA 57 -33.33 81.31 42.20
CA ILE LA 57 -31.88 81.44 42.16
C ILE LA 57 -31.28 80.03 42.17
N PRO LA 58 -30.15 79.79 41.53
CA PRO LA 58 -29.63 78.42 41.45
C PRO LA 58 -28.81 78.07 42.67
N ILE LA 59 -28.71 76.76 42.91
CA ILE LA 59 -27.92 76.19 44.00
C ILE LA 59 -26.73 75.50 43.37
N THR LA 60 -25.53 76.00 43.66
CA THR LA 60 -24.30 75.55 43.02
C THR LA 60 -23.58 74.57 43.94
N GLY LA 61 -23.35 73.36 43.43
CA GLY LA 61 -22.62 72.34 44.16
C GLY LA 61 -21.23 72.12 43.62
N SER LA 62 -20.56 71.12 44.20
CA SER LA 62 -19.24 70.71 43.74
C SER LA 62 -19.17 69.20 43.80
N MET LA 63 -18.31 68.62 42.95
CA MET LA 63 -18.16 67.18 42.86
C MET LA 63 -16.94 66.67 43.62
N ASP LA 64 -16.38 67.50 44.51
CA ASP LA 64 -15.27 67.10 45.35
C ASP LA 64 -15.51 67.42 46.82
N THR LA 65 -16.76 67.67 47.22
CA THR LA 65 -17.08 67.87 48.61
C THR LA 65 -17.13 66.51 49.29
N VAL LA 66 -16.24 66.32 50.27
CA VAL LA 66 -16.22 65.06 51.02
C VAL LA 66 -17.58 64.82 51.65
N TYR LA 67 -17.94 63.55 51.81
CA TYR LA 67 -19.24 63.20 52.33
C TYR LA 67 -19.38 63.68 53.77
N SER LA 68 -20.58 64.08 54.14
CA SER LA 68 -20.86 64.60 55.47
C SER LA 68 -20.96 63.43 56.44
N ASN LA 69 -21.49 63.69 57.63
CA ASN LA 69 -21.54 62.72 58.72
C ASN LA 69 -22.95 62.14 58.78
N SER LA 70 -23.02 60.84 59.04
CA SER LA 70 -24.31 60.14 59.00
C SER LA 70 -25.27 60.73 60.04
N THR LA 71 -26.54 60.81 59.67
CA THR LA 71 -27.55 61.47 60.49
C THR LA 71 -28.74 60.56 60.79
N ARG LA 72 -28.60 59.25 60.57
CA ARG LA 72 -29.68 58.34 60.93
C ARG LA 72 -29.96 58.41 62.43
N GLU LA 73 -28.92 58.61 63.24
CA GLU LA 73 -29.15 58.78 64.67
C GLU LA 73 -30.02 59.99 64.94
N GLU LA 74 -29.78 61.09 64.22
CA GLU LA 74 -30.55 62.30 64.45
C GLU LA 74 -32.00 62.12 64.02
N VAL LA 75 -32.22 61.53 62.85
CA VAL LA 75 -33.60 61.38 62.40
C VAL LA 75 -34.35 60.41 63.31
N PHE LA 76 -33.69 59.37 63.80
CA PHE LA 76 -34.32 58.51 64.81
C PHE LA 76 -34.67 59.30 66.06
N LEU LA 77 -33.69 60.04 66.59
CA LEU LA 77 -33.89 60.67 67.89
C LEU LA 77 -34.91 61.79 67.85
N THR LA 78 -35.19 62.37 66.68
CA THR LA 78 -36.21 63.42 66.57
C THR LA 78 -37.53 62.89 66.04
N SER LA 79 -37.53 62.24 64.88
CA SER LA 79 -38.75 61.93 64.16
C SER LA 79 -39.65 60.96 64.93
N THR LA 80 -40.83 60.69 64.38
CA THR LA 80 -41.78 59.74 64.97
C THR LA 80 -42.33 58.86 63.87
N LEU LA 81 -42.28 57.55 64.08
CA LEU LA 81 -42.84 56.58 63.16
C LEU LA 81 -44.22 56.15 63.64
N CYS LA 82 -45.08 55.78 62.69
CA CYS LA 82 -46.45 55.40 63.04
C CYS LA 82 -46.91 54.28 62.12
N LEU LA 83 -47.20 53.12 62.72
CA LEU LA 83 -47.77 52.00 61.98
C LEU LA 83 -49.27 52.17 61.88
N TYR LA 84 -49.82 51.72 60.76
CA TYR LA 84 -51.26 51.64 60.54
C TYR LA 84 -51.56 50.19 60.18
N TYR LA 85 -52.20 49.45 61.08
CA TYR LA 85 -52.38 48.03 60.94
C TYR LA 85 -53.85 47.67 61.08
N PRO LA 86 -54.32 46.62 60.41
CA PRO LA 86 -55.74 46.28 60.50
C PRO LA 86 -56.06 45.66 61.85
N THR LA 87 -57.35 45.71 62.20
CA THR LA 87 -57.79 45.14 63.46
C THR LA 87 -57.56 43.64 63.52
N GLU LA 88 -57.56 42.98 62.36
CA GLU LA 88 -57.26 41.55 62.31
C GLU LA 88 -55.92 41.25 62.94
N ALA LA 89 -54.95 42.15 62.78
CA ALA LA 89 -53.63 41.92 63.36
C ALA LA 89 -53.72 41.76 64.87
N SER LA 90 -54.35 42.73 65.53
CA SER LA 90 -54.50 42.63 66.99
C SER LA 90 -55.33 41.42 67.37
N THR LA 91 -56.34 41.08 66.55
CA THR LA 91 -57.18 39.94 66.85
C THR LA 91 -56.37 38.65 66.86
N GLN LA 92 -55.46 38.49 65.91
CA GLN LA 92 -54.62 37.30 65.89
C GLN LA 92 -53.53 37.37 66.96
N ILE LA 93 -53.05 38.56 67.27
CA ILE LA 93 -52.04 38.70 68.32
C ILE LA 93 -52.60 38.23 69.65
N SER LA 94 -53.82 38.64 69.98
CA SER LA 94 -54.51 38.21 71.20
C SER LA 94 -53.70 38.60 72.43
N ASP LA 95 -53.45 39.89 72.55
CA ASP LA 95 -52.55 40.44 73.56
C ASP LA 95 -53.03 41.86 73.87
N GLY LA 96 -52.13 42.77 74.23
CA GLY LA 96 -52.51 44.06 74.75
C GLY LA 96 -51.43 44.68 75.62
N GLU LA 97 -50.39 43.90 75.91
CA GLU LA 97 -49.07 44.44 76.19
C GLU LA 97 -48.20 44.49 74.94
N TRP LA 98 -48.77 44.15 73.78
CA TRP LA 98 -47.95 44.01 72.58
C TRP LA 98 -47.51 45.35 72.02
N LYS LA 99 -48.31 46.40 72.19
CA LYS LA 99 -47.85 47.74 71.83
C LYS LA 99 -46.62 48.11 72.65
N ASP LA 100 -46.65 47.85 73.95
CA ASP LA 100 -45.50 48.13 74.80
C ASP LA 100 -44.29 47.29 74.37
N SER LA 101 -44.53 46.02 74.07
CA SER LA 101 -43.43 45.16 73.62
C SER LA 101 -42.80 45.70 72.35
N LEU LA 102 -43.62 46.06 71.36
CA LEU LA 102 -43.09 46.58 70.11
C LEU LA 102 -42.34 47.88 70.34
N SER LA 103 -42.86 48.74 71.22
CA SER LA 103 -42.15 49.98 71.52
C SER LA 103 -40.78 49.70 72.14
N GLN LA 104 -40.70 48.71 73.03
CA GLN LA 104 -39.42 48.37 73.62
C GLN LA 104 -38.44 47.88 72.55
N MET LA 105 -38.92 47.04 71.63
CA MET LA 105 -38.04 46.56 70.58
C MET LA 105 -37.61 47.69 69.65
N PHE LA 106 -38.51 48.63 69.37
CA PHE LA 106 -38.12 49.79 68.57
C PHE LA 106 -37.05 50.59 69.28
N LEU LA 107 -37.17 50.73 70.60
CA LEU LA 107 -36.13 51.43 71.36
C LEU LA 107 -34.80 50.70 71.23
N ILE LA 108 -34.82 49.37 71.28
CA ILE LA 108 -33.59 48.61 71.04
C ILE LA 108 -33.04 48.95 69.66
N LYS LA 109 -33.90 49.02 68.65
CA LYS LA 109 -33.44 49.39 67.32
C LYS LA 109 -32.97 50.83 67.23
N GLY LA 110 -33.27 51.66 68.23
CA GLY LA 110 -32.67 52.97 68.34
C GLY LA 110 -33.62 54.13 68.13
N TRP LA 111 -34.88 53.97 68.51
CA TRP LA 111 -35.88 55.02 68.46
C TRP LA 111 -36.19 55.50 69.88
N PRO LA 112 -36.54 56.77 70.07
CA PRO LA 112 -36.96 57.20 71.41
C PRO LA 112 -38.25 56.48 71.81
N THR LA 113 -38.43 56.33 73.12
CA THR LA 113 -39.57 55.56 73.60
C THR LA 113 -40.90 56.21 73.22
N GLY LA 114 -40.95 57.53 73.18
CA GLY LA 114 -42.17 58.24 72.86
C GLY LA 114 -42.41 58.47 71.38
N SER LA 115 -41.70 57.78 70.50
CA SER LA 115 -41.78 58.05 69.08
C SER LA 115 -42.79 57.15 68.37
N VAL LA 116 -42.60 55.84 68.46
CA VAL LA 116 -43.38 54.92 67.64
C VAL LA 116 -44.82 54.86 68.14
N TYR LA 117 -45.76 55.08 67.22
CA TYR LA 117 -47.18 55.02 67.52
C TYR LA 117 -47.85 53.95 66.67
N PHE LA 118 -48.99 53.48 67.15
CA PHE LA 118 -49.73 52.39 66.52
C PHE LA 118 -51.16 52.82 66.29
N LYS LA 119 -51.67 52.61 65.08
CA LYS LA 119 -53.01 53.02 64.68
C LYS LA 119 -53.75 51.81 64.14
N GLU LA 120 -54.88 51.49 64.75
CA GLU LA 120 -55.64 50.28 64.45
C GLU LA 120 -56.84 50.66 63.58
N TYR LA 121 -56.61 50.71 62.27
CA TYR LA 121 -57.70 50.98 61.35
C TYR LA 121 -58.55 49.73 61.19
N SER LA 122 -59.87 49.92 61.10
CA SER LA 122 -60.80 48.79 61.20
C SER LA 122 -60.60 47.81 60.05
N ASN LA 123 -60.63 48.31 58.82
CA ASN LA 123 -60.33 47.48 57.66
C ASN LA 123 -59.91 48.41 56.53
N ILE LA 124 -59.51 47.80 55.42
CA ILE LA 124 -58.90 48.58 54.35
C ILE LA 124 -59.91 49.55 53.74
N VAL LA 125 -61.12 49.07 53.45
CA VAL LA 125 -62.10 49.92 52.80
C VAL LA 125 -62.57 51.01 53.75
N ASP LA 126 -62.76 50.67 55.03
CA ASP LA 126 -63.16 51.69 56.00
C ASP LA 126 -62.08 52.75 56.14
N PHE LA 127 -60.82 52.34 56.23
CA PHE LA 127 -59.72 53.29 56.30
C PHE LA 127 -59.61 54.13 55.05
N SER LA 128 -60.11 53.64 53.91
CA SER LA 128 -60.00 54.39 52.67
C SER LA 128 -60.71 55.74 52.73
N VAL LA 129 -61.63 55.94 53.65
CA VAL LA 129 -62.34 57.21 53.76
C VAL LA 129 -61.45 58.21 54.49
N ASP LA 130 -61.12 59.33 53.81
CA ASP LA 130 -60.30 60.44 54.28
C ASP LA 130 -59.18 59.99 55.22
N PRO LA 131 -58.28 59.13 54.76
CA PRO LA 131 -57.32 58.53 55.71
C PRO LA 131 -56.33 59.56 56.21
N GLN LA 132 -56.54 60.01 57.44
CA GLN LA 132 -55.68 61.02 58.03
C GLN LA 132 -54.39 60.35 58.51
N LEU LA 133 -53.26 60.92 58.11
CA LEU LA 133 -51.95 60.38 58.44
C LEU LA 133 -51.31 61.30 59.49
N TYR LA 134 -51.28 60.83 60.73
CA TYR LA 134 -51.00 61.69 61.88
C TYR LA 134 -49.55 61.59 62.33
N CYS LA 135 -48.57 61.79 61.46
CA CYS LA 135 -47.25 61.34 61.90
C CYS LA 135 -46.16 61.96 61.01
N ASP LA 136 -44.93 61.51 61.25
CA ASP LA 136 -43.74 61.98 60.55
C ASP LA 136 -43.17 60.95 59.58
N TYR LA 137 -43.12 59.69 59.98
CA TYR LA 137 -42.96 58.56 59.08
C TYR LA 137 -44.21 57.71 59.20
N ASN LA 138 -44.83 57.37 58.08
CA ASN LA 138 -46.09 56.65 58.06
C ASN LA 138 -45.89 55.32 57.38
N LEU LA 139 -46.24 54.23 58.07
CA LEU LA 139 -46.26 52.91 57.48
C LEU LA 139 -47.70 52.43 57.46
N VAL LA 140 -48.11 51.78 56.38
CA VAL LA 140 -49.47 51.29 56.22
C VAL LA 140 -49.38 49.80 55.88
N LEU LA 141 -49.48 48.95 56.90
CA LEU LA 141 -49.69 47.54 56.65
C LEU LA 141 -51.06 47.38 55.98
N MET LA 142 -51.11 46.55 54.94
CA MET LA 142 -52.28 46.48 54.07
C MET LA 142 -52.49 45.02 53.70
N LYS LA 143 -53.39 44.35 54.40
CA LYS LA 143 -53.63 42.93 54.14
C LYS LA 143 -54.43 42.79 52.85
N TYR LA 144 -53.86 42.09 51.88
CA TYR LA 144 -54.52 41.91 50.59
C TYR LA 144 -55.38 40.66 50.63
N ASP LA 145 -56.67 40.84 50.39
CA ASP LA 145 -57.58 39.75 50.08
C ASP LA 145 -58.15 40.00 48.69
N GLN LA 146 -58.30 38.93 47.92
CA GLN LA 146 -58.76 39.05 46.55
C GLN LA 146 -60.09 39.78 46.48
N SER LA 147 -60.36 40.38 45.32
CA SER LA 147 -61.56 41.15 45.00
C SER LA 147 -61.51 42.55 45.59
N LEU LA 148 -60.48 42.92 46.33
CA LEU LA 148 -60.31 44.27 46.85
C LEU LA 148 -59.21 45.02 46.09
N GLU LA 149 -58.93 44.59 44.86
CA GLU LA 149 -57.82 45.15 44.10
C GLU LA 149 -57.97 46.64 43.92
N LEU LA 150 -59.14 47.08 43.45
CA LEU LA 150 -59.28 48.47 43.04
C LEU LA 150 -59.27 49.40 44.24
N ASP LA 151 -60.00 49.08 45.30
CA ASP LA 151 -60.01 49.97 46.45
C ASP LA 151 -58.67 49.96 47.16
N MET LA 152 -58.00 48.82 47.20
CA MET LA 152 -56.64 48.77 47.74
C MET LA 152 -55.72 49.69 46.96
N SER LA 153 -55.76 49.60 45.63
CA SER LA 153 -54.90 50.44 44.80
C SER LA 153 -55.30 51.91 44.88
N GLU LA 154 -56.60 52.18 45.01
CA GLU LA 154 -57.06 53.56 45.13
C GLU LA 154 -56.53 54.20 46.40
N LEU LA 155 -56.60 53.49 47.52
CA LEU LA 155 -56.02 54.00 48.74
C LEU LA 155 -54.52 54.19 48.58
N ALA LA 156 -53.85 53.21 47.95
CA ALA LA 156 -52.42 53.30 47.76
C ALA LA 156 -52.07 54.59 47.03
N ASP LA 157 -52.74 54.84 45.91
CA ASP LA 157 -52.52 56.07 45.15
C ASP LA 157 -52.80 57.30 46.00
N LEU LA 158 -53.93 57.28 46.73
CA LEU LA 158 -54.37 58.47 47.45
C LEU LA 158 -53.36 58.88 48.51
N ILE LA 159 -52.81 57.92 49.25
CA ILE LA 159 -51.89 58.27 50.32
C ILE LA 159 -50.46 58.44 49.80
N LEU LA 160 -50.04 57.65 48.80
CA LEU LA 160 -48.68 57.80 48.29
C LEU LA 160 -48.49 59.15 47.62
N ASN LA 161 -49.42 59.53 46.74
CA ASN LA 161 -49.30 60.78 46.02
C ASN LA 161 -49.98 61.91 46.76
N GLU LA 162 -49.38 63.09 46.72
CA GLU LA 162 -50.04 64.27 47.23
C GLU LA 162 -51.21 64.63 46.33
N TRP LA 163 -52.13 65.44 46.86
CA TRP LA 163 -53.30 65.83 46.12
C TRP LA 163 -53.70 67.23 46.58
N LEU LA 164 -54.23 68.02 45.65
CA LEU LA 164 -54.73 69.36 45.92
C LEU LA 164 -56.18 69.39 45.47
N CYS LA 165 -57.10 69.49 46.42
CA CYS LA 165 -58.52 69.28 46.16
C CYS LA 165 -59.28 70.58 46.35
N ASN LA 166 -60.15 70.87 45.38
CA ASN LA 166 -61.13 71.93 45.46
C ASN LA 166 -62.53 71.32 45.62
N PRO LA 167 -63.46 72.03 46.23
CA PRO LA 167 -64.79 71.46 46.43
C PRO LA 167 -65.64 71.55 45.17
N MET LA 168 -66.46 70.53 44.98
CA MET LA 168 -67.37 70.44 43.86
C MET LA 168 -68.80 70.56 44.37
N ASP LA 169 -69.54 71.51 43.80
CA ASP LA 169 -70.96 71.68 44.12
C ASP LA 169 -71.73 70.92 43.04
N ILE LA 170 -72.02 69.65 43.33
CA ILE LA 170 -72.56 68.75 42.31
C ILE LA 170 -73.94 69.22 41.87
N THR LA 171 -74.73 69.76 42.79
CA THR LA 171 -76.12 70.09 42.46
C THR LA 171 -76.26 71.33 41.61
N LEU LA 172 -75.20 72.13 41.43
CA LEU LA 172 -75.29 73.40 40.73
C LEU LA 172 -74.58 73.38 39.38
N TYR LA 173 -73.30 73.04 39.34
CA TYR LA 173 -72.47 73.21 38.16
C TYR LA 173 -72.16 71.88 37.50
N TYR LA 174 -71.58 71.96 36.31
CA TYR LA 174 -71.05 70.83 35.57
C TYR LA 174 -69.54 70.94 35.51
N TYR LA 175 -68.86 69.82 35.75
CA TYR LA 175 -67.42 69.82 35.98
C TYR LA 175 -66.70 69.11 34.84
N GLN LA 176 -65.39 69.36 34.79
CA GLN LA 176 -64.58 68.98 33.65
C GLN LA 176 -63.16 68.75 34.12
N GLN LA 177 -62.60 67.60 33.79
CA GLN LA 177 -61.24 67.25 34.19
C GLN LA 177 -60.26 67.86 33.21
N SER LA 178 -59.33 68.67 33.73
CA SER LA 178 -58.47 69.46 32.83
C SER LA 178 -57.44 68.58 32.12
N GLY LA 179 -56.80 67.68 32.85
CA GLY LA 179 -55.73 66.92 32.26
C GLY LA 179 -55.52 65.59 32.97
N GLU LA 180 -54.40 64.95 32.63
CA GLU LA 180 -54.09 63.65 33.21
C GLU LA 180 -53.93 63.73 34.72
N SER LA 181 -53.48 64.87 35.23
CA SER LA 181 -53.19 65.02 36.65
C SER LA 181 -54.41 65.32 37.49
N ASN LA 182 -55.62 65.10 36.97
CA ASN LA 182 -56.85 65.52 37.62
C ASN LA 182 -57.81 64.35 37.71
N LYS LA 183 -58.34 64.12 38.90
CA LYS LA 183 -59.35 63.10 39.13
C LYS LA 183 -60.45 63.69 39.99
N TRP LA 184 -61.55 62.96 40.13
CA TRP LA 184 -62.58 63.28 41.11
C TRP LA 184 -62.52 62.22 42.19
N ILE LA 185 -62.29 62.64 43.43
CA ILE LA 185 -62.14 61.73 44.55
C ILE LA 185 -63.40 61.86 45.39
N SER LA 186 -64.09 60.75 45.61
CA SER LA 186 -65.30 60.71 46.40
C SER LA 186 -65.07 59.84 47.62
N MET LA 187 -65.39 60.37 48.79
CA MET LA 187 -65.22 59.67 50.05
C MET LA 187 -66.53 59.72 50.82
N GLY LA 188 -66.76 58.69 51.62
CA GLY LA 188 -67.95 58.63 52.45
C GLY LA 188 -68.24 57.20 52.86
N SER LA 189 -69.33 57.05 53.61
CA SER LA 189 -69.74 55.72 54.03
C SER LA 189 -70.16 54.88 52.84
N SER LA 190 -70.82 55.49 51.86
CA SER LA 190 -71.21 54.78 50.65
C SER LA 190 -71.39 55.82 49.55
N CYS LA 191 -70.46 55.84 48.60
CA CYS LA 191 -70.55 56.73 47.45
C CYS LA 191 -71.12 55.99 46.25
N THR LA 192 -71.83 56.73 45.40
CA THR LA 192 -72.39 56.17 44.18
C THR LA 192 -72.37 57.30 43.14
N VAL LA 193 -71.31 57.36 42.36
CA VAL LA 193 -71.07 58.47 41.45
C VAL LA 193 -71.62 58.08 40.09
N LYS LA 194 -72.78 58.62 39.74
CA LYS LA 194 -73.37 58.43 38.42
C LYS LA 194 -73.10 59.68 37.59
N VAL LA 195 -72.49 59.50 36.42
CA VAL LA 195 -72.08 60.62 35.58
C VAL LA 195 -72.83 60.57 34.27
N CYS LA 196 -73.08 61.75 33.71
CA CYS LA 196 -73.73 61.93 32.42
C CYS LA 196 -72.95 62.97 31.62
N PRO LA 197 -72.21 62.60 30.57
CA PRO LA 197 -71.52 63.62 29.78
C PRO LA 197 -72.51 64.48 29.00
N LEU LA 198 -72.06 65.68 28.65
CA LEU LA 198 -72.94 66.68 28.05
C LEU LA 198 -72.34 67.21 26.75
N ASN LA 199 -73.22 67.69 25.88
CA ASN LA 199 -72.83 68.39 24.66
C ASN LA 199 -72.43 69.82 24.99
N THR LA 200 -72.09 70.57 23.95
CA THR LA 200 -71.99 72.01 24.10
C THR LA 200 -73.36 72.67 24.27
N GLN LA 201 -74.44 71.94 24.00
CA GLN LA 201 -75.80 72.41 24.25
C GLN LA 201 -76.34 71.97 25.60
N THR LA 202 -75.51 71.36 26.45
CA THR LA 202 -75.93 70.88 27.76
C THR LA 202 -77.07 69.87 27.62
N LEU LA 203 -76.75 68.76 26.96
CA LEU LA 203 -77.68 67.65 26.79
C LEU LA 203 -76.91 66.36 26.90
N GLY LA 204 -77.52 65.38 27.58
CA GLY LA 204 -76.84 64.12 27.78
C GLY LA 204 -76.63 63.36 26.48
N ILE LA 205 -75.53 62.62 26.43
CA ILE LA 205 -75.23 61.68 25.35
C ILE LA 205 -75.01 60.33 26.00
N GLY LA 206 -75.76 59.32 25.54
CA GLY LA 206 -75.85 58.09 26.29
C GLY LA 206 -76.65 58.20 27.56
N CYS LA 207 -77.27 59.35 27.79
CA CYS LA 207 -77.93 59.68 29.04
C CYS LA 207 -78.82 60.88 28.80
N GLN LA 208 -79.74 61.11 29.74
CA GLN LA 208 -80.60 62.27 29.74
C GLN LA 208 -80.31 63.08 31.00
N THR LA 209 -80.07 64.38 30.83
CA THR LA 209 -79.60 65.21 31.92
C THR LA 209 -80.60 65.32 33.06
N THR LA 210 -81.87 64.97 32.83
CA THR LA 210 -82.90 65.02 33.87
C THR LA 210 -83.28 63.65 34.42
N ASN LA 211 -83.08 62.58 33.65
CA ASN LA 211 -83.44 61.23 34.08
C ASN LA 211 -82.17 60.57 34.62
N VAL LA 212 -82.06 60.49 35.95
CA VAL LA 212 -80.87 59.94 36.57
C VAL LA 212 -80.69 58.47 36.22
N ASP LA 213 -81.80 57.75 36.01
CA ASP LA 213 -81.70 56.30 35.81
C ASP LA 213 -80.96 55.94 34.52
N SER LA 214 -80.78 56.88 33.61
CA SER LA 214 -80.01 56.65 32.39
C SER LA 214 -78.53 56.99 32.55
N PHE LA 215 -78.14 57.58 33.68
CA PHE LA 215 -76.75 57.93 33.90
C PHE LA 215 -75.86 56.70 33.83
N GLU LA 216 -74.56 56.94 33.67
CA GLU LA 216 -73.56 55.87 33.52
C GLU LA 216 -72.78 55.77 34.83
N THR LA 217 -73.19 54.86 35.69
CA THR LA 217 -72.51 54.66 36.96
C THR LA 217 -71.09 54.19 36.74
N VAL LA 218 -70.15 54.81 37.47
CA VAL LA 218 -68.74 54.45 37.38
C VAL LA 218 -68.20 53.84 38.67
N ALA LA 219 -68.86 54.04 39.80
CA ALA LA 219 -68.43 53.44 41.06
C ALA LA 219 -69.59 53.51 42.04
N GLU LA 220 -70.02 52.36 42.56
CA GLU LA 220 -71.24 52.27 43.35
C GLU LA 220 -70.96 51.52 44.64
N ASN LA 221 -71.58 51.98 45.72
CA ASN LA 221 -71.45 51.36 47.04
C ASN LA 221 -69.99 51.25 47.47
N GLU LA 222 -69.18 52.22 47.07
CA GLU LA 222 -67.76 52.25 47.42
C GLU LA 222 -67.50 53.45 48.31
N LYS LA 223 -66.67 53.23 49.33
CA LYS LA 223 -66.32 54.32 50.24
C LYS LA 223 -65.42 55.33 49.55
N LEU LA 224 -64.25 54.89 49.09
CA LEU LA 224 -63.33 55.73 48.34
C LEU LA 224 -63.44 55.38 46.87
N ALA LA 225 -63.54 56.40 46.03
CA ALA LA 225 -63.62 56.21 44.58
C ALA LA 225 -62.85 57.31 43.88
N ILE LA 226 -61.81 56.94 43.15
CA ILE LA 226 -61.06 57.86 42.31
C ILE LA 226 -61.59 57.66 40.89
N VAL LA 227 -62.54 58.48 40.48
CA VAL LA 227 -63.15 58.36 39.16
C VAL LA 227 -62.46 59.32 38.20
N ASP LA 228 -62.07 58.79 37.05
CA ASP LA 228 -61.54 59.56 35.93
C ASP LA 228 -62.55 59.47 34.80
N VAL LA 229 -62.99 60.62 34.31
CA VAL LA 229 -63.86 60.70 33.15
C VAL LA 229 -63.04 61.27 32.00
N VAL LA 230 -63.60 61.17 30.79
CA VAL LA 230 -62.91 61.61 29.59
C VAL LA 230 -62.66 63.10 29.70
N ASP LA 231 -61.39 63.49 29.73
CA ASP LA 231 -61.04 64.87 29.97
C ASP LA 231 -61.47 65.75 28.80
N GLY LA 232 -61.98 66.93 29.12
CA GLY LA 232 -62.44 67.85 28.11
C GLY LA 232 -63.91 67.76 27.77
N ILE LA 233 -64.73 67.24 28.68
CA ILE LA 233 -66.16 67.13 28.48
C ILE LA 233 -66.86 67.59 29.75
N ASN LA 234 -67.89 68.41 29.59
CA ASN LA 234 -68.72 68.77 30.74
C ASN LA 234 -69.52 67.56 31.19
N HIS LA 235 -69.68 67.42 32.50
CA HIS LA 235 -70.33 66.25 33.10
C HIS LA 235 -71.33 66.70 34.14
N LYS LA 236 -72.42 65.94 34.27
CA LYS LA 236 -73.37 66.09 35.35
C LYS LA 236 -73.25 64.88 36.28
N ILE LA 237 -73.05 65.14 37.56
CA ILE LA 237 -72.77 64.11 38.55
C ILE LA 237 -73.96 63.98 39.48
N ASN LA 238 -74.18 62.77 39.97
CA ASN LA 238 -75.12 62.54 41.06
C ASN LA 238 -74.50 61.55 42.05
N LEU LA 239 -74.46 61.93 43.32
CA LEU LA 239 -74.10 61.01 44.38
C LEU LA 239 -74.68 61.55 45.69
N THR LA 240 -75.85 61.01 46.08
CA THR LA 240 -76.24 60.79 47.48
C THR LA 240 -75.61 61.80 48.43
N THR LA 241 -75.86 63.10 48.20
CA THR LA 241 -75.02 64.14 48.80
C THR LA 241 -75.01 64.10 50.33
N THR LA 242 -76.02 63.52 50.96
CA THR LA 242 -76.02 63.46 52.42
C THR LA 242 -74.92 62.55 52.94
N THR LA 243 -74.56 61.51 52.20
CA THR LA 243 -73.57 60.53 52.64
C THR LA 243 -72.17 60.89 52.12
N CYS LA 244 -72.02 60.95 50.81
CA CYS LA 244 -70.70 61.04 50.17
C CYS LA 244 -70.36 62.49 49.86
N THR LA 245 -69.06 62.77 49.80
CA THR LA 245 -68.53 64.07 49.42
C THR LA 245 -67.48 63.86 48.34
N ILE LA 246 -67.56 64.64 47.28
CA ILE LA 246 -66.72 64.50 46.10
C ILE LA 246 -65.94 65.79 45.90
N ARG LA 247 -64.67 65.67 45.53
CA ARG LA 247 -63.78 66.80 45.38
C ARG LA 247 -62.99 66.66 44.09
N ASN LA 248 -62.70 67.80 43.46
CA ASN LA 248 -61.90 67.84 42.24
C ASN LA 248 -60.45 67.96 42.68
N CYS LA 249 -59.67 66.89 42.48
CA CYS LA 249 -58.33 66.79 43.05
C CYS LA 249 -57.30 66.69 41.95
N LYS LA 250 -56.34 67.61 41.96
CA LYS LA 250 -55.19 67.59 41.08
C LYS LA 250 -54.05 66.87 41.76
N LYS LA 251 -53.27 66.12 40.99
CA LYS LA 251 -52.22 65.26 41.53
C LYS LA 251 -50.88 65.99 41.44
N LEU LA 252 -50.37 66.41 42.59
CA LEU LA 252 -49.05 67.00 42.68
C LEU LA 252 -48.02 65.88 42.82
N GLY LA 253 -46.79 66.23 43.17
CA GLY LA 253 -45.74 65.26 43.31
C GLY LA 253 -46.03 64.22 44.37
N PRO LA 254 -45.25 63.15 44.43
CA PRO LA 254 -45.54 62.08 45.39
C PRO LA 254 -45.35 62.53 46.81
N ARG LA 255 -46.09 61.89 47.71
CA ARG LA 255 -45.86 62.02 49.15
C ARG LA 255 -44.94 60.89 49.58
N GLU LA 256 -43.76 61.25 50.10
CA GLU LA 256 -42.77 60.27 50.51
C GLU LA 256 -42.75 60.07 52.02
N ASN LA 257 -43.60 60.78 52.76
CA ASN LA 257 -43.76 60.51 54.18
C ASN LA 257 -44.32 59.12 54.44
N VAL LA 258 -45.05 58.55 53.48
CA VAL LA 258 -45.78 57.31 53.68
C VAL LA 258 -45.04 56.16 53.01
N ALA LA 259 -45.44 54.94 53.36
CA ALA LA 259 -44.93 53.73 52.73
C ALA LA 259 -45.90 52.61 53.02
N VAL LA 260 -46.30 51.91 51.97
CA VAL LA 260 -47.33 50.88 52.06
C VAL LA 260 -46.66 49.52 52.03
N ILE LA 261 -47.20 48.58 52.81
CA ILE LA 261 -46.68 47.22 52.91
C ILE LA 261 -47.83 46.28 52.61
N GLN LA 262 -47.92 45.82 51.36
CA GLN LA 262 -48.85 44.76 51.04
C GLN LA 262 -48.46 43.51 51.80
N VAL LA 263 -49.28 43.13 52.78
CA VAL LA 263 -48.99 41.95 53.59
C VAL LA 263 -49.37 40.66 52.89
N GLY LA 264 -50.16 40.73 51.82
CA GLY LA 264 -50.67 39.53 51.18
C GLY LA 264 -49.82 39.01 50.05
N GLY LA 265 -50.34 39.07 48.83
CA GLY LA 265 -49.82 38.29 47.73
C GLY LA 265 -49.24 39.06 46.56
N ALA LA 266 -49.89 38.93 45.40
CA ALA LA 266 -49.27 39.29 44.13
C ALA LA 266 -49.13 40.81 44.00
N ASN LA 267 -48.33 41.21 43.02
CA ASN LA 267 -48.17 42.61 42.67
C ASN LA 267 -49.45 43.11 41.99
N ILE LA 268 -50.21 43.95 42.69
CA ILE LA 268 -51.51 44.41 42.21
C ILE LA 268 -51.58 45.92 42.20
N LEU LA 269 -50.83 46.57 43.09
CA LEU LA 269 -50.97 48.01 43.24
C LEU LA 269 -50.52 48.72 41.96
N ASP LA 270 -51.41 49.54 41.41
CA ASP LA 270 -51.14 50.35 40.22
C ASP LA 270 -51.57 51.77 40.58
N ILE LA 271 -50.66 52.54 41.16
CA ILE LA 271 -51.02 53.87 41.63
C ILE LA 271 -51.39 54.78 40.45
N THR LA 272 -50.73 54.62 39.32
CA THR LA 272 -50.94 55.49 38.17
C THR LA 272 -52.12 54.96 37.37
N ALA LA 273 -53.21 55.75 37.33
CA ALA LA 273 -54.43 55.32 36.66
C ALA LA 273 -54.24 55.13 35.16
N ASP LA 274 -53.16 55.66 34.59
CA ASP LA 274 -52.86 55.40 33.19
C ASP LA 274 -52.70 53.90 32.99
N PRO LA 275 -53.36 53.30 31.98
CA PRO LA 275 -53.14 51.87 31.73
C PRO LA 275 -51.75 51.55 31.22
N THR LA 276 -51.06 52.50 30.60
CA THR LA 276 -49.75 52.19 30.02
C THR LA 276 -48.70 51.97 31.10
N THR LA 277 -48.45 53.00 31.90
CA THR LA 277 -47.37 52.94 32.88
C THR LA 277 -47.84 52.22 34.14
N ASN LA 278 -47.02 51.28 34.61
CA ASN LA 278 -47.27 50.53 35.84
C ASN LA 278 -45.99 50.54 36.66
N PRO LA 279 -45.66 51.67 37.27
CA PRO LA 279 -44.36 51.78 37.95
C PRO LA 279 -44.31 50.90 39.19
N GLN LA 280 -43.09 50.70 39.66
CA GLN LA 280 -42.81 49.95 40.88
C GLN LA 280 -42.08 50.91 41.82
N ILE LA 281 -42.84 51.67 42.59
CA ILE LA 281 -42.24 52.65 43.48
C ILE LA 281 -41.66 51.95 44.69
N GLU LA 282 -40.50 52.42 45.13
CA GLU LA 282 -39.82 51.85 46.29
C GLU LA 282 -40.68 51.88 47.55
N ARG LA 283 -41.53 52.90 47.70
CA ARG LA 283 -42.36 53.01 48.90
C ARG LA 283 -43.49 51.98 48.93
N MET LA 284 -43.74 51.29 47.83
CA MET LA 284 -44.56 50.09 47.84
C MET LA 284 -43.69 48.91 48.24
N MET LA 285 -44.20 48.07 49.14
CA MET LA 285 -43.46 46.93 49.64
C MET LA 285 -44.38 45.73 49.70
N ARG LA 286 -43.79 44.55 49.80
CA ARG LA 286 -44.54 43.30 49.80
C ARG LA 286 -43.90 42.34 50.77
N VAL LA 287 -44.71 41.72 51.61
CA VAL LA 287 -44.23 40.70 52.53
C VAL LA 287 -45.24 39.56 52.54
N ASN LA 288 -44.76 38.33 52.40
CA ASN LA 288 -45.60 37.17 52.64
C ASN LA 288 -45.91 37.09 54.13
N TRP LA 289 -47.05 36.49 54.46
CA TRP LA 289 -47.50 36.49 55.84
C TRP LA 289 -48.18 35.17 56.16
N LYS LA 290 -47.95 34.70 57.38
CA LYS LA 290 -48.87 33.75 58.00
C LYS LA 290 -49.21 34.19 59.42
N ARG LA 291 -48.26 34.81 60.10
CA ARG LA 291 -48.43 35.25 61.48
C ARG LA 291 -48.14 36.74 61.60
N TRP LA 292 -49.10 37.46 62.16
CA TRP LA 292 -48.94 38.90 62.29
C TRP LA 292 -47.79 39.25 63.22
N TRP LA 293 -47.46 38.38 64.17
CA TRP LA 293 -46.24 38.59 64.94
C TRP LA 293 -45.03 38.59 64.03
N GLN LA 294 -44.98 37.65 63.09
CA GLN LA 294 -43.85 37.61 62.17
C GLN LA 294 -43.80 38.87 61.32
N VAL LA 295 -44.95 39.35 60.86
CA VAL LA 295 -44.97 40.56 60.06
C VAL LA 295 -44.41 41.74 60.86
N PHE LA 296 -44.91 41.92 62.08
CA PHE LA 296 -44.49 43.07 62.87
C PHE LA 296 -43.02 42.96 63.26
N TYR LA 297 -42.56 41.75 63.56
CA TYR LA 297 -41.14 41.56 63.85
C TYR LA 297 -40.29 41.92 62.64
N THR LA 298 -40.74 41.56 61.45
CA THR LA 298 -40.01 41.93 60.24
C THR LA 298 -39.93 43.45 60.11
N ILE LA 299 -41.05 44.13 60.37
CA ILE LA 299 -41.04 45.59 60.28
C ILE LA 299 -40.05 46.18 61.27
N VAL LA 300 -40.08 45.69 62.51
CA VAL LA 300 -39.20 46.24 63.53
C VAL LA 300 -37.74 45.95 63.18
N ASP LA 301 -37.46 44.75 62.70
CA ASP LA 301 -36.09 44.39 62.38
C ASP LA 301 -35.54 45.27 61.26
N TYR LA 302 -36.34 45.48 60.20
CA TYR LA 302 -35.87 46.19 59.02
C TYR LA 302 -36.29 47.65 59.00
N ILE LA 303 -36.67 48.21 60.15
CA ILE LA 303 -37.18 49.58 60.17
C ILE LA 303 -36.15 50.57 59.65
N ASN LA 304 -34.86 50.27 59.79
CA ASN LA 304 -33.85 51.19 59.30
C ASN LA 304 -33.96 51.36 57.79
N GLN LA 305 -34.14 50.26 57.07
CA GLN LA 305 -34.28 50.35 55.62
C GLN LA 305 -35.60 51.02 55.23
N ILE LA 306 -36.66 50.81 56.01
CA ILE LA 306 -37.94 51.44 55.72
C ILE LA 306 -37.79 52.96 55.73
N VAL LA 307 -37.22 53.49 56.80
CA VAL LA 307 -37.06 54.93 56.90
C VAL LA 307 -36.03 55.43 55.90
N GLN LA 308 -35.04 54.60 55.55
CA GLN LA 308 -34.11 54.99 54.51
C GLN LA 308 -34.83 55.17 53.18
N VAL LA 309 -35.82 54.33 52.92
CA VAL LA 309 -36.62 54.48 51.71
C VAL LA 309 -37.49 55.72 51.78
N MET LA 310 -38.11 55.97 52.93
CA MET LA 310 -38.99 57.12 53.07
C MET LA 310 -38.16 58.40 53.27
N SER LA 311 -38.85 59.54 53.36
CA SER LA 311 -38.19 60.82 53.63
C SER LA 311 -39.15 61.69 54.42
N LYS LA 312 -38.71 62.11 55.61
CA LYS LA 312 -39.58 62.90 56.49
C LYS LA 312 -39.92 64.26 55.92
N ARG LA 313 -39.14 64.77 54.97
CA ARG LA 313 -39.29 66.17 54.57
C ARG LA 313 -40.62 66.45 53.89
N SER LA 314 -41.36 65.45 53.47
CA SER LA 314 -42.69 65.66 52.90
C SER LA 314 -43.76 65.61 53.96
N ARG LA 315 -43.56 66.37 55.02
CA ARG LA 315 -44.57 66.53 56.07
C ARG LA 315 -45.46 67.72 55.74
N SER LA 316 -46.71 67.64 56.17
CA SER LA 316 -47.68 68.71 56.01
C SER LA 316 -48.26 69.04 57.36
N LEU LA 317 -48.59 70.33 57.56
CA LEU LA 317 -49.17 70.75 58.83
C LEU LA 317 -50.46 69.99 59.11
N ASN LA 318 -51.39 70.01 58.16
CA ASN LA 318 -52.60 69.24 58.30
C ASN LA 318 -52.29 67.75 58.21
N SER LA 319 -52.96 66.96 59.05
CA SER LA 319 -52.80 65.51 59.00
C SER LA 319 -53.62 64.87 57.89
N ALA LA 320 -54.46 65.63 57.20
CA ALA LA 320 -55.28 65.06 56.14
C ALA LA 320 -54.40 64.61 54.97
N ALA LA 321 -54.95 63.72 54.16
CA ALA LA 321 -54.22 63.13 53.04
C ALA LA 321 -54.27 63.98 51.78
N PHE LA 322 -54.60 65.26 51.88
CA PHE LA 322 -54.66 66.11 50.70
C PHE LA 322 -54.81 67.55 51.14
N TYR LA 323 -54.16 68.46 50.43
CA TYR LA 323 -54.40 69.88 50.66
C TYR LA 323 -55.79 70.22 50.17
N TYR LA 324 -56.47 71.10 50.89
CA TYR LA 324 -57.84 71.52 50.57
C TYR LA 324 -57.80 73.01 50.28
N ARG LA 325 -57.83 73.38 49.01
CA ARG LA 325 -57.57 74.75 48.58
C ARG LA 325 -58.82 75.43 48.05
N VAL LA 326 -59.96 75.16 48.69
CA VAL LA 326 -61.26 75.80 48.43
C VAL LA 326 -61.54 76.04 46.95
N GLN MA 51 -37.88 52.60 -4.05
CA GLN MA 51 -38.62 51.36 -3.87
C GLN MA 51 -37.98 50.23 -4.66
N ASN MA 52 -37.28 49.37 -3.92
CA ASN MA 52 -36.48 48.27 -4.44
C ASN MA 52 -36.81 47.01 -3.68
N TYR MA 53 -38.10 46.69 -3.64
CA TYR MA 53 -38.66 45.72 -2.70
C TYR MA 53 -37.93 44.39 -2.74
N GLY MA 54 -38.10 43.59 -1.69
CA GLY MA 54 -37.51 42.26 -1.66
C GLY MA 54 -36.00 42.25 -1.66
N LEU MA 55 -35.37 43.23 -1.01
CA LEU MA 55 -33.93 43.33 -1.02
C LEU MA 55 -33.49 44.20 0.15
N ASN MA 56 -32.69 43.64 1.06
CA ASN MA 56 -32.20 44.41 2.20
C ASN MA 56 -31.17 45.41 1.73
N ILE MA 57 -31.37 46.68 2.10
CA ILE MA 57 -30.52 47.78 1.66
C ILE MA 57 -30.16 48.61 2.88
N PRO MA 58 -28.88 48.83 3.19
CA PRO MA 58 -28.54 49.63 4.37
C PRO MA 58 -29.00 51.07 4.23
N ILE MA 59 -29.31 51.69 5.37
CA ILE MA 59 -29.78 53.07 5.44
C ILE MA 59 -28.73 53.88 6.17
N THR MA 60 -28.14 54.85 5.48
CA THR MA 60 -27.17 55.76 6.09
C THR MA 60 -27.90 56.94 6.69
N GLY MA 61 -27.89 57.05 8.01
CA GLY MA 61 -28.57 58.12 8.73
C GLY MA 61 -27.57 59.06 9.35
N SER MA 62 -27.92 60.35 9.38
CA SER MA 62 -27.07 61.35 9.98
C SER MA 62 -27.27 61.36 11.49
N MET MA 63 -26.45 62.15 12.18
CA MET MA 63 -26.47 62.24 13.63
C MET MA 63 -26.82 63.63 14.15
N ASP MA 64 -27.01 64.62 13.28
CA ASP MA 64 -27.25 65.99 13.74
C ASP MA 64 -28.34 66.69 12.94
N THR MA 65 -29.06 66.01 12.07
CA THR MA 65 -30.17 66.65 11.39
C THR MA 65 -31.29 66.92 12.38
N VAL MA 66 -31.74 68.18 12.43
CA VAL MA 66 -32.90 68.51 13.25
C VAL MA 66 -34.07 67.67 12.79
N TYR MA 67 -34.80 67.11 13.75
CA TYR MA 67 -35.81 66.10 13.46
C TYR MA 67 -37.21 66.72 13.40
N SER MA 68 -38.12 65.96 12.80
CA SER MA 68 -39.39 66.49 12.32
C SER MA 68 -40.31 66.84 13.49
N ASN MA 69 -41.49 67.33 13.14
CA ASN MA 69 -42.54 67.68 14.09
C ASN MA 69 -43.43 66.47 14.34
N SER MA 70 -44.43 66.63 15.21
CA SER MA 70 -45.22 65.51 15.70
C SER MA 70 -46.01 64.84 14.57
N THR MA 71 -46.41 63.58 14.83
CA THR MA 71 -47.18 62.77 13.91
C THR MA 71 -48.53 62.36 14.49
N ARG MA 72 -48.86 62.83 15.70
CA ARG MA 72 -50.12 62.45 16.34
C ARG MA 72 -51.31 62.88 15.50
N GLU MA 73 -51.24 64.08 14.92
CA GLU MA 73 -52.30 64.51 14.01
C GLU MA 73 -52.45 63.53 12.85
N GLU MA 74 -51.33 63.06 12.31
CA GLU MA 74 -51.40 62.13 11.19
C GLU MA 74 -52.06 60.83 11.60
N VAL MA 75 -51.67 60.28 12.76
CA VAL MA 75 -52.22 58.97 13.13
C VAL MA 75 -53.70 59.08 13.48
N PHE MA 76 -54.10 60.17 14.13
CA PHE MA 76 -55.53 60.34 14.40
C PHE MA 76 -56.32 60.53 13.12
N LEU MA 77 -55.83 61.36 12.19
CA LEU MA 77 -56.60 61.68 11.00
C LEU MA 77 -56.48 60.63 9.91
N THR MA 78 -55.64 59.60 10.09
CA THR MA 78 -55.47 58.56 9.07
C THR MA 78 -55.89 57.19 9.56
N SER MA 79 -55.37 56.74 10.70
CA SER MA 79 -55.53 55.35 11.09
C SER MA 79 -56.96 55.09 11.57
N THR MA 80 -57.20 53.87 12.05
CA THR MA 80 -58.49 53.48 12.59
C THR MA 80 -58.27 52.70 13.87
N LEU MA 81 -58.76 53.26 14.98
CA LEU MA 81 -58.69 52.60 16.28
C LEU MA 81 -59.80 51.56 16.36
N CYS MA 82 -59.54 50.50 17.13
CA CYS MA 82 -60.27 49.27 16.91
C CYS MA 82 -60.31 48.52 18.24
N LEU MA 83 -61.41 48.69 18.98
CA LEU MA 83 -61.53 48.10 20.31
C LEU MA 83 -62.16 46.72 20.23
N TYR MA 84 -61.73 45.83 21.13
CA TYR MA 84 -62.35 44.52 21.30
C TYR MA 84 -62.69 44.37 22.76
N TYR MA 85 -63.97 44.14 23.05
CA TYR MA 85 -64.46 44.03 24.42
C TYR MA 85 -65.31 42.77 24.57
N PRO MA 86 -65.38 42.19 25.76
CA PRO MA 86 -66.21 41.00 25.95
C PRO MA 86 -67.67 41.34 26.23
N THR MA 87 -68.53 40.34 26.01
CA THR MA 87 -69.96 40.54 26.12
C THR MA 87 -70.39 40.97 27.51
N GLU MA 88 -69.69 40.48 28.54
CA GLU MA 88 -70.00 40.88 29.91
C GLU MA 88 -69.94 42.39 30.09
N ALA MA 89 -69.07 43.07 29.35
CA ALA MA 89 -69.00 44.52 29.43
C ALA MA 89 -70.33 45.14 29.01
N SER MA 90 -70.85 44.72 27.86
CA SER MA 90 -72.14 45.25 27.40
C SER MA 90 -73.25 44.91 28.38
N THR MA 91 -73.26 43.68 28.89
CA THR MA 91 -74.32 43.28 29.80
C THR MA 91 -74.31 44.14 31.06
N GLN MA 92 -73.13 44.38 31.63
CA GLN MA 92 -73.08 45.23 32.81
C GLN MA 92 -73.43 46.67 32.48
N ILE MA 93 -73.04 47.14 31.29
CA ILE MA 93 -73.34 48.52 30.94
C ILE MA 93 -74.85 48.73 30.80
N SER MA 94 -75.57 47.71 30.32
CA SER MA 94 -77.03 47.75 30.24
C SER MA 94 -77.50 48.94 29.41
N ASP MA 95 -76.95 49.03 28.20
CA ASP MA 95 -77.13 50.17 27.32
C ASP MA 95 -77.02 49.66 25.88
N GLY MA 96 -76.56 50.51 24.97
CA GLY MA 96 -76.53 50.14 23.57
C GLY MA 96 -76.52 51.35 22.64
N GLU MA 97 -76.73 52.53 23.20
CA GLU MA 97 -76.20 53.75 22.62
C GLU MA 97 -74.82 54.07 23.17
N TRP MA 98 -74.25 53.19 24.00
CA TRP MA 98 -72.92 53.44 24.54
C TRP MA 98 -71.85 53.40 23.46
N LYS MA 99 -72.09 52.67 22.38
CA LYS MA 99 -71.20 52.74 21.23
C LYS MA 99 -71.11 54.17 20.72
N ASP MA 100 -72.26 54.81 20.50
CA ASP MA 100 -72.25 56.19 20.04
C ASP MA 100 -71.65 57.13 21.08
N SER MA 101 -71.94 56.88 22.36
CA SER MA 101 -71.40 57.74 23.40
C SER MA 101 -69.88 57.69 23.41
N LEU MA 102 -69.31 56.48 23.33
CA LEU MA 102 -67.86 56.36 23.31
C LEU MA 102 -67.28 56.92 22.02
N SER MA 103 -67.99 56.78 20.89
CA SER MA 103 -67.50 57.38 19.66
C SER MA 103 -67.42 58.90 19.78
N GLN MA 104 -68.44 59.51 20.38
CA GLN MA 104 -68.41 60.95 20.61
C GLN MA 104 -67.25 61.32 21.53
N MET MA 105 -67.06 60.57 22.61
CA MET MA 105 -65.99 60.90 23.54
C MET MA 105 -64.61 60.70 22.90
N PHE MA 106 -64.51 59.78 21.94
CA PHE MA 106 -63.29 59.63 21.18
C PHE MA 106 -63.07 60.84 20.28
N LEU MA 107 -64.11 61.23 19.53
CA LEU MA 107 -63.99 62.38 18.65
C LEU MA 107 -63.62 63.64 19.42
N ILE MA 108 -64.01 63.73 20.69
CA ILE MA 108 -63.58 64.86 21.50
C ILE MA 108 -62.06 64.92 21.54
N LYS MA 109 -61.41 63.78 21.74
CA LYS MA 109 -59.96 63.75 21.74
C LYS MA 109 -59.36 63.74 20.34
N GLY MA 110 -60.17 63.53 19.31
CA GLY MA 110 -59.76 63.87 17.95
C GLY MA 110 -59.68 62.72 16.97
N TRP MA 111 -60.49 61.69 17.15
CA TRP MA 111 -60.59 60.62 16.16
C TRP MA 111 -61.80 60.88 15.27
N PRO MA 112 -61.70 60.77 13.95
CA PRO MA 112 -62.91 60.88 13.13
C PRO MA 112 -63.92 59.81 13.51
N THR MA 113 -65.18 60.07 13.14
CA THR MA 113 -66.28 59.26 13.64
C THR MA 113 -66.13 57.79 13.22
N GLY MA 114 -65.83 57.55 11.96
CA GLY MA 114 -65.63 56.18 11.52
C GLY MA 114 -64.30 55.58 11.93
N SER MA 115 -63.40 56.39 12.49
CA SER MA 115 -62.08 55.89 12.84
C SER MA 115 -62.15 54.90 14.00
N VAL MA 116 -63.03 55.14 14.96
CA VAL MA 116 -63.18 54.23 16.09
C VAL MA 116 -64.13 53.11 15.69
N TYR MA 117 -63.76 51.88 16.05
CA TYR MA 117 -64.44 50.71 15.52
C TYR MA 117 -64.55 49.69 16.65
N PHE MA 118 -65.75 49.49 17.18
CA PHE MA 118 -65.95 48.59 18.31
C PHE MA 118 -66.27 47.19 17.83
N LYS MA 119 -65.73 46.20 18.53
CA LYS MA 119 -65.94 44.80 18.23
C LYS MA 119 -66.21 44.03 19.52
N GLU MA 120 -67.14 43.09 19.45
CA GLU MA 120 -67.67 42.41 20.61
C GLU MA 120 -67.41 40.93 20.45
N TYR MA 121 -66.80 40.32 21.46
CA TYR MA 121 -66.49 38.89 21.44
C TYR MA 121 -67.09 38.22 22.68
N SER MA 122 -67.46 36.95 22.51
CA SER MA 122 -68.20 36.26 23.56
C SER MA 122 -67.36 36.13 24.83
N ASN MA 123 -66.15 35.60 24.72
CA ASN MA 123 -65.28 35.40 25.86
C ASN MA 123 -63.89 35.06 25.34
N ILE MA 124 -62.94 34.93 26.26
CA ILE MA 124 -61.54 34.79 25.88
C ILE MA 124 -61.33 33.52 25.07
N VAL MA 125 -61.81 32.40 25.59
CA VAL MA 125 -61.48 31.11 24.97
C VAL MA 125 -62.12 30.98 23.60
N ASP MA 126 -63.38 31.42 23.46
CA ASP MA 126 -64.05 31.34 22.17
C ASP MA 126 -63.60 32.42 21.19
N PHE MA 127 -63.05 33.54 21.69
CA PHE MA 127 -62.47 34.53 20.80
C PHE MA 127 -61.11 34.10 20.30
N SER MA 128 -60.37 33.34 21.11
CA SER MA 128 -59.03 32.94 20.73
C SER MA 128 -59.01 32.04 19.50
N VAL MA 129 -60.11 31.34 19.19
CA VAL MA 129 -60.13 30.46 18.04
C VAL MA 129 -60.14 31.32 16.77
N ASP MA 130 -59.04 31.30 16.03
CA ASP MA 130 -58.92 32.05 14.79
C ASP MA 130 -59.11 33.54 15.05
N PRO MA 131 -58.33 34.14 15.94
CA PRO MA 131 -58.53 35.57 16.21
C PRO MA 131 -58.05 36.39 15.04
N GLN MA 132 -58.99 36.93 14.28
CA GLN MA 132 -58.67 37.58 13.01
C GLN MA 132 -58.75 39.08 13.24
N LEU MA 133 -57.60 39.68 13.52
CA LEU MA 133 -57.53 41.09 13.89
C LEU MA 133 -57.25 41.96 12.65
N TYR MA 134 -58.13 41.84 11.67
CA TYR MA 134 -58.04 42.63 10.45
C TYR MA 134 -58.39 44.07 10.74
N CYS MA 135 -57.44 44.89 11.16
CA CYS MA 135 -57.79 46.24 11.54
C CYS MA 135 -56.50 47.05 11.54
N ASP MA 136 -56.54 48.29 12.05
CA ASP MA 136 -55.39 49.20 11.97
C ASP MA 136 -54.72 49.51 13.31
N TYR MA 137 -55.49 49.72 14.39
CA TYR MA 137 -54.90 49.93 15.71
C TYR MA 137 -55.75 49.18 16.71
N ASN MA 138 -55.33 47.97 17.09
CA ASN MA 138 -56.19 47.06 17.83
C ASN MA 138 -55.91 47.14 19.32
N LEU MA 139 -56.97 47.35 20.10
CA LEU MA 139 -56.96 47.17 21.54
C LEU MA 139 -57.80 45.94 21.86
N VAL MA 140 -57.31 45.11 22.77
CA VAL MA 140 -58.02 43.90 23.17
C VAL MA 140 -58.12 43.89 24.68
N LEU MA 141 -59.35 43.92 25.19
CA LEU MA 141 -59.60 43.91 26.63
C LEU MA 141 -59.82 42.46 27.06
N MET MA 142 -59.01 41.99 28.00
CA MET MA 142 -59.08 40.60 28.46
C MET MA 142 -59.34 40.59 29.96
N LYS MA 143 -60.53 40.15 30.36
CA LYS MA 143 -60.86 40.01 31.76
C LYS MA 143 -60.17 38.77 32.31
N TYR MA 144 -59.43 38.94 33.40
CA TYR MA 144 -58.76 37.80 34.02
C TYR MA 144 -59.71 37.09 34.97
N ASP MA 145 -59.67 35.76 34.92
CA ASP MA 145 -60.30 34.92 35.94
C ASP MA 145 -59.42 33.70 36.15
N GLN MA 146 -59.58 33.07 37.30
CA GLN MA 146 -58.74 31.95 37.66
C GLN MA 146 -58.94 30.80 36.69
N SER MA 147 -57.87 30.04 36.45
CA SER MA 147 -57.80 28.89 35.54
C SER MA 147 -57.70 29.31 34.07
N LEU MA 148 -57.77 30.61 33.76
CA LEU MA 148 -57.61 31.11 32.40
C LEU MA 148 -56.21 31.68 32.17
N GLU MA 149 -55.26 31.39 33.06
CA GLU MA 149 -53.92 31.94 32.90
C GLU MA 149 -53.31 31.52 31.57
N LEU MA 150 -53.30 30.22 31.30
CA LEU MA 150 -52.66 29.74 30.08
C LEU MA 150 -53.46 30.14 28.85
N ASP MA 151 -54.79 30.18 28.93
CA ASP MA 151 -55.58 30.57 27.78
C ASP MA 151 -55.31 32.03 27.41
N MET MA 152 -55.30 32.92 28.40
CA MET MA 152 -54.95 34.31 28.13
C MET MA 152 -53.53 34.41 27.61
N SER MA 153 -52.61 33.65 28.21
CA SER MA 153 -51.21 33.74 27.80
C SER MA 153 -51.03 33.31 26.35
N GLU MA 154 -51.67 32.21 25.95
CA GLU MA 154 -51.51 31.75 24.58
C GLU MA 154 -52.28 32.63 23.59
N LEU MA 155 -53.41 33.21 23.99
CA LEU MA 155 -54.06 34.18 23.11
C LEU MA 155 -53.16 35.39 22.88
N ALA MA 156 -52.56 35.91 23.95
CA ALA MA 156 -51.64 37.02 23.80
C ALA MA 156 -50.44 36.63 22.96
N ASP MA 157 -49.92 35.41 23.16
CA ASP MA 157 -48.82 34.95 22.34
C ASP MA 157 -49.20 34.92 20.87
N LEU MA 158 -50.42 34.49 20.58
CA LEU MA 158 -50.86 34.38 19.20
C LEU MA 158 -51.00 35.75 18.55
N ILE MA 159 -51.57 36.72 19.25
CA ILE MA 159 -51.89 37.99 18.61
C ILE MA 159 -50.74 38.98 18.69
N LEU MA 160 -50.03 39.07 19.82
CA LEU MA 160 -48.97 40.06 19.96
C LEU MA 160 -47.83 39.88 18.95
N ASN MA 161 -47.67 38.69 18.40
CA ASN MA 161 -46.57 38.39 17.49
C ASN MA 161 -47.12 37.94 16.14
N GLU MA 162 -46.44 38.35 15.07
CA GLU MA 162 -46.77 37.84 13.76
C GLU MA 162 -46.29 36.41 13.62
N TRP MA 163 -47.14 35.55 13.10
CA TRP MA 163 -46.85 34.14 12.91
C TRP MA 163 -46.97 33.79 11.44
N LEU MA 164 -46.02 32.98 10.95
CA LEU MA 164 -46.09 32.41 9.61
C LEU MA 164 -46.45 30.95 9.76
N CYS MA 165 -47.64 30.57 9.29
CA CYS MA 165 -48.19 29.26 9.53
C CYS MA 165 -48.24 28.47 8.24
N ASN MA 166 -47.37 27.47 8.12
CA ASN MA 166 -47.51 26.47 7.07
C ASN MA 166 -48.57 25.45 7.49
N PRO MA 167 -49.19 24.76 6.54
CA PRO MA 167 -50.23 23.81 6.89
C PRO MA 167 -49.63 22.47 7.28
N MET MA 168 -50.49 21.59 7.78
CA MET MA 168 -50.09 20.26 8.20
C MET MA 168 -51.13 19.25 7.76
N ASP MA 169 -50.67 18.03 7.46
CA ASP MA 169 -51.51 16.90 7.07
C ASP MA 169 -51.19 15.77 8.03
N ILE MA 170 -51.98 15.68 9.10
CA ILE MA 170 -51.62 14.84 10.23
C ILE MA 170 -51.60 13.36 9.85
N THR MA 171 -52.58 12.91 9.06
CA THR MA 171 -52.73 11.50 8.79
C THR MA 171 -51.76 10.96 7.76
N LEU MA 172 -50.80 11.76 7.31
CA LEU MA 172 -49.92 11.39 6.21
C LEU MA 172 -48.45 11.51 6.51
N TYR MA 173 -48.05 12.52 7.29
CA TYR MA 173 -46.64 12.80 7.55
C TYR MA 173 -46.36 12.81 9.04
N TYR MA 174 -45.07 12.70 9.37
CA TYR MA 174 -44.56 13.00 10.70
C TYR MA 174 -43.94 14.39 10.67
N TYR MA 175 -43.85 15.01 11.85
CA TYR MA 175 -43.51 16.42 11.95
C TYR MA 175 -42.47 16.66 13.03
N GLN MA 176 -41.76 17.77 12.87
CA GLN MA 176 -40.64 18.17 13.70
C GLN MA 176 -40.85 19.61 14.13
N GLN MA 177 -39.92 20.12 14.93
CA GLN MA 177 -39.80 21.54 15.21
C GLN MA 177 -38.38 21.96 14.90
N SER MA 178 -38.22 22.98 14.05
CA SER MA 178 -36.90 23.41 13.66
C SER MA 178 -36.11 23.89 14.86
N GLY MA 179 -36.77 24.55 15.81
CA GLY MA 179 -36.08 25.00 16.99
C GLY MA 179 -36.89 25.91 17.89
N GLU MA 180 -36.24 26.97 18.36
CA GLU MA 180 -36.81 27.78 19.44
C GLU MA 180 -38.11 28.45 19.01
N SER MA 181 -38.17 28.96 17.79
CA SER MA 181 -39.25 29.84 17.37
C SER MA 181 -40.39 29.13 16.67
N ASN MA 182 -40.35 27.81 16.54
CA ASN MA 182 -41.36 27.06 15.80
C ASN MA 182 -42.24 26.30 16.77
N LYS MA 183 -43.55 26.59 16.73
CA LYS MA 183 -44.55 25.89 17.52
C LYS MA 183 -45.56 25.27 16.56
N TRP MA 184 -46.53 24.55 17.11
CA TRP MA 184 -47.69 24.11 16.35
C TRP MA 184 -48.92 24.74 16.97
N ILE MA 185 -49.67 25.49 16.17
CA ILE MA 185 -50.84 26.21 16.66
C ILE MA 185 -52.07 25.45 16.19
N SER MA 186 -52.92 25.04 17.14
CA SER MA 186 -54.14 24.31 16.84
C SER MA 186 -55.33 25.13 17.29
N MET MA 187 -56.31 25.27 16.40
CA MET MA 187 -57.48 26.08 16.67
C MET MA 187 -58.71 25.34 16.16
N GLY MA 188 -59.82 25.53 16.86
CA GLY MA 188 -61.07 24.93 16.44
C GLY MA 188 -62.05 24.87 17.59
N SER MA 189 -63.12 24.10 17.36
CA SER MA 189 -64.15 23.96 18.38
C SER MA 189 -63.69 23.06 19.50
N SER MA 190 -62.96 22.00 19.18
CA SER MA 190 -62.48 21.08 20.21
C SER MA 190 -61.16 20.46 19.72
N CYS MA 191 -60.05 21.06 20.13
CA CYS MA 191 -58.73 20.51 19.87
C CYS MA 191 -58.35 19.60 21.02
N THR MA 192 -58.07 18.34 20.71
CA THR MA 192 -57.47 17.40 21.66
C THR MA 192 -56.29 16.75 20.96
N VAL MA 193 -55.16 17.46 20.99
CA VAL MA 193 -53.98 17.01 20.27
C VAL MA 193 -53.24 15.98 21.12
N LYS MA 194 -53.05 14.79 20.57
CA LYS MA 194 -52.28 13.73 21.20
C LYS MA 194 -51.08 13.47 20.31
N VAL MA 195 -49.91 13.91 20.75
CA VAL MA 195 -48.67 13.66 20.05
C VAL MA 195 -48.02 12.45 20.69
N CYS MA 196 -47.14 11.78 19.94
CA CYS MA 196 -46.21 10.93 20.60
C CYS MA 196 -44.95 10.84 19.75
N PRO MA 197 -43.76 10.83 20.37
CA PRO MA 197 -42.53 10.97 19.60
C PRO MA 197 -42.15 9.65 18.94
N LEU MA 198 -41.15 9.74 18.06
CA LEU MA 198 -40.61 8.59 17.36
C LEU MA 198 -39.10 8.64 17.45
N ASN MA 199 -38.49 7.47 17.67
CA ASN MA 199 -37.04 7.38 17.60
C ASN MA 199 -36.60 7.46 16.14
N THR MA 200 -35.29 7.37 15.92
CA THR MA 200 -34.79 7.44 14.55
C THR MA 200 -35.26 6.28 13.69
N GLN MA 201 -35.62 5.15 14.30
CA GLN MA 201 -36.12 4.00 13.56
C GLN MA 201 -37.62 4.07 13.29
N THR MA 202 -38.26 5.22 13.50
CA THR MA 202 -39.68 5.44 13.26
C THR MA 202 -40.56 4.68 14.26
N LEU MA 203 -39.97 4.13 15.32
CA LEU MA 203 -40.71 3.43 16.36
C LEU MA 203 -40.98 4.38 17.51
N GLY MA 204 -42.22 4.43 17.97
CA GLY MA 204 -42.57 5.35 19.04
C GLY MA 204 -41.88 5.01 20.34
N ILE MA 205 -41.70 6.03 21.17
CA ILE MA 205 -41.16 5.89 22.51
C ILE MA 205 -42.16 6.51 23.48
N GLY MA 206 -42.59 5.74 24.47
CA GLY MA 206 -43.73 6.10 25.27
C GLY MA 206 -45.06 5.86 24.59
N CYS MA 207 -45.06 5.37 23.35
CA CYS MA 207 -46.27 5.12 22.60
C CYS MA 207 -46.01 4.00 21.60
N GLN MA 208 -47.08 3.36 21.16
CA GLN MA 208 -47.08 2.55 19.96
C GLN MA 208 -47.78 3.35 18.87
N THR MA 209 -47.16 3.42 17.69
CA THR MA 209 -47.67 4.29 16.63
C THR MA 209 -49.12 3.94 16.28
N THR MA 210 -49.45 2.66 16.24
CA THR MA 210 -50.79 2.25 15.88
C THR MA 210 -51.79 2.45 17.02
N ASN MA 211 -51.34 2.32 18.26
CA ASN MA 211 -52.23 2.35 19.41
C ASN MA 211 -52.39 3.80 19.87
N VAL MA 212 -53.56 4.39 19.60
CA VAL MA 212 -53.78 5.77 20.02
C VAL MA 212 -53.87 5.87 21.53
N ASP MA 213 -54.28 4.79 22.22
CA ASP MA 213 -54.42 4.86 23.66
C ASP MA 213 -53.10 5.15 24.35
N SER MA 214 -51.98 4.76 23.74
CA SER MA 214 -50.67 4.99 24.34
C SER MA 214 -50.17 6.40 24.10
N PHE MA 215 -50.76 7.15 23.17
CA PHE MA 215 -50.31 8.49 22.86
C PHE MA 215 -50.39 9.38 24.09
N GLU MA 216 -49.60 10.44 24.07
CA GLU MA 216 -49.40 11.30 25.23
C GLU MA 216 -50.07 12.64 24.95
N THR MA 217 -51.28 12.81 25.46
CA THR MA 217 -52.01 14.05 25.26
C THR MA 217 -51.25 15.21 25.89
N VAL MA 218 -51.24 16.35 25.18
CA VAL MA 218 -50.51 17.53 25.60
C VAL MA 218 -51.42 18.76 25.61
N ALA MA 219 -52.65 18.62 25.10
CA ALA MA 219 -53.67 19.64 25.24
C ALA MA 219 -55.02 19.07 24.84
N GLU MA 220 -56.04 19.20 25.70
CA GLU MA 220 -57.34 18.58 25.45
C GLU MA 220 -58.44 19.61 25.59
N ASN MA 221 -59.34 19.62 24.60
CA ASN MA 221 -60.58 20.41 24.64
C ASN MA 221 -60.31 21.90 24.79
N GLU MA 222 -59.14 22.36 24.37
CA GLU MA 222 -58.84 23.79 24.28
C GLU MA 222 -59.24 24.30 22.91
N LYS MA 223 -59.90 25.46 22.90
CA LYS MA 223 -60.20 26.10 21.62
C LYS MA 223 -58.92 26.48 20.90
N LEU MA 224 -57.95 27.01 21.63
CA LEU MA 224 -56.64 27.36 21.08
C LEU MA 224 -55.57 26.67 21.93
N ALA MA 225 -54.64 25.99 21.25
CA ALA MA 225 -53.51 25.37 21.93
C ALA MA 225 -52.25 25.61 21.12
N ILE MA 226 -51.26 26.22 21.75
CA ILE MA 226 -49.97 26.50 21.12
C ILE MA 226 -49.00 25.47 21.71
N VAL MA 227 -48.88 24.33 21.04
CA VAL MA 227 -48.11 23.21 21.59
C VAL MA 227 -46.67 23.31 21.12
N ASP MA 228 -45.76 23.21 22.08
CA ASP MA 228 -44.33 23.04 21.85
C ASP MA 228 -43.93 21.66 22.35
N VAL MA 229 -43.24 20.90 21.51
CA VAL MA 229 -42.73 19.59 21.85
C VAL MA 229 -41.21 19.64 21.76
N VAL MA 230 -40.54 18.53 22.08
CA VAL MA 230 -39.09 18.54 22.08
C VAL MA 230 -38.60 18.71 20.65
N ASP MA 231 -37.71 19.68 20.46
CA ASP MA 231 -37.32 20.09 19.11
C ASP MA 231 -36.31 19.10 18.55
N GLY MA 232 -36.54 18.66 17.31
CA GLY MA 232 -35.65 17.74 16.64
C GLY MA 232 -36.08 16.29 16.70
N ILE MA 233 -37.28 15.99 17.18
CA ILE MA 233 -37.80 14.64 17.28
C ILE MA 233 -39.03 14.55 16.39
N ASN MA 234 -39.06 13.57 15.50
CA ASN MA 234 -40.25 13.34 14.72
C ASN MA 234 -41.39 12.92 15.65
N HIS MA 235 -42.60 13.30 15.29
CA HIS MA 235 -43.79 13.04 16.09
C HIS MA 235 -44.91 12.53 15.21
N LYS MA 236 -45.82 11.79 15.81
CA LYS MA 236 -47.10 11.46 15.18
C LYS MA 236 -48.20 12.09 15.99
N ILE MA 237 -49.16 12.68 15.29
CA ILE MA 237 -50.20 13.50 15.91
C ILE MA 237 -51.55 12.84 15.65
N ASN MA 238 -52.47 12.98 16.59
CA ASN MA 238 -53.87 12.68 16.37
C ASN MA 238 -54.72 13.77 16.99
N LEU MA 239 -55.60 14.38 16.19
CA LEU MA 239 -56.57 15.33 16.74
C LEU MA 239 -57.74 15.41 15.78
N THR MA 240 -58.82 14.68 16.09
CA THR MA 240 -60.21 15.08 15.87
C THR MA 240 -60.38 16.00 14.66
N THR MA 241 -59.97 15.54 13.48
CA THR MA 241 -59.72 16.45 12.36
C THR MA 241 -60.96 17.22 11.92
N THR MA 242 -62.16 16.77 12.29
CA THR MA 242 -63.37 17.42 11.77
C THR MA 242 -63.56 18.81 12.36
N THR MA 243 -63.24 18.99 13.64
CA THR MA 243 -63.43 20.28 14.31
C THR MA 243 -62.16 21.12 14.35
N CYS MA 244 -61.04 20.53 14.77
CA CYS MA 244 -59.83 21.27 15.07
C CYS MA 244 -58.81 21.13 13.94
N THR MA 245 -58.26 22.26 13.51
CA THR MA 245 -57.16 22.30 12.55
C THR MA 245 -55.88 22.67 13.28
N ILE MA 246 -54.76 22.36 12.65
CA ILE MA 246 -53.43 22.56 13.23
C ILE MA 246 -52.49 23.03 12.16
N ARG MA 247 -51.56 23.92 12.52
CA ARG MA 247 -50.67 24.56 11.56
C ARG MA 247 -49.28 24.71 12.17
N ASN MA 248 -48.27 24.34 11.39
CA ASN MA 248 -46.88 24.48 11.79
C ASN MA 248 -46.49 25.94 11.69
N CYS MA 249 -46.41 26.63 12.83
CA CYS MA 249 -46.31 28.09 12.85
C CYS MA 249 -44.98 28.52 13.43
N LYS MA 250 -44.27 29.35 12.67
CA LYS MA 250 -43.00 29.93 13.06
C LYS MA 250 -43.20 31.39 13.46
N LYS MA 251 -42.59 31.78 14.57
CA LYS MA 251 -42.75 33.13 15.10
C LYS MA 251 -41.75 34.06 14.42
N LEU MA 252 -42.27 35.06 13.73
CA LEU MA 252 -41.46 36.17 13.26
C LEU MA 252 -41.44 37.25 14.35
N GLY MA 253 -41.01 38.44 14.00
CA GLY MA 253 -40.92 39.52 14.95
C GLY MA 253 -42.26 39.88 15.57
N PRO MA 254 -42.27 40.90 16.41
CA PRO MA 254 -43.50 41.24 17.12
C PRO MA 254 -44.50 41.94 16.22
N ARG MA 255 -45.76 41.88 16.63
CA ARG MA 255 -46.86 42.57 15.95
C ARG MA 255 -47.12 43.86 16.71
N GLU MA 256 -46.81 44.99 16.09
CA GLU MA 256 -47.04 46.27 16.72
C GLU MA 256 -48.49 46.73 16.65
N ASN MA 257 -49.32 46.05 15.85
CA ASN MA 257 -50.67 46.52 15.59
C ASN MA 257 -51.56 46.40 16.82
N VAL MA 258 -51.28 45.43 17.70
CA VAL MA 258 -52.21 45.03 18.74
C VAL MA 258 -51.66 45.45 20.09
N ALA MA 259 -52.56 45.61 21.04
CA ALA MA 259 -52.21 45.92 22.41
C ALA MA 259 -53.22 45.27 23.33
N VAL MA 260 -52.73 44.49 24.28
CA VAL MA 260 -53.58 43.72 25.18
C VAL MA 260 -53.66 44.46 26.50
N ILE MA 261 -54.86 44.89 26.85
CA ILE MA 261 -55.15 45.43 28.18
C ILE MA 261 -55.71 44.28 28.99
N GLN MA 262 -54.88 43.70 29.86
CA GLN MA 262 -55.40 42.82 30.88
C GLN MA 262 -56.17 43.66 31.88
N VAL MA 263 -57.38 43.23 32.21
CA VAL MA 263 -58.25 44.06 33.03
C VAL MA 263 -58.16 43.70 34.51
N GLY MA 264 -57.91 42.44 34.85
CA GLY MA 264 -58.09 41.99 36.21
C GLY MA 264 -56.83 41.88 37.05
N GLY MA 265 -56.31 40.68 37.20
CA GLY MA 265 -55.34 40.37 38.22
C GLY MA 265 -53.91 40.68 37.84
N ALA MA 266 -52.99 40.16 38.66
CA ALA MA 266 -51.59 40.52 38.56
C ALA MA 266 -50.98 39.96 37.28
N ASN MA 267 -49.69 40.22 37.09
CA ASN MA 267 -49.00 39.82 35.87
C ASN MA 267 -48.98 38.30 35.75
N ILE MA 268 -49.59 37.78 34.68
CA ILE MA 268 -49.61 36.35 34.41
C ILE MA 268 -49.23 36.05 32.96
N LEU MA 269 -49.24 37.06 32.10
CA LEU MA 269 -48.99 36.83 30.68
C LEU MA 269 -47.51 36.58 30.49
N ASP MA 270 -47.14 35.31 30.38
CA ASP MA 270 -45.79 34.91 29.98
C ASP MA 270 -45.91 34.39 28.55
N ILE MA 271 -45.86 35.33 27.60
CA ILE MA 271 -46.09 34.97 26.21
C ILE MA 271 -44.94 34.13 25.68
N THR MA 272 -43.71 34.42 26.09
CA THR MA 272 -42.56 33.69 25.59
C THR MA 272 -42.57 32.28 26.15
N ALA MA 273 -42.67 31.30 25.25
CA ALA MA 273 -42.77 29.91 25.68
C ALA MA 273 -41.53 29.45 26.44
N ASP MA 274 -40.40 30.11 26.25
CA ASP MA 274 -39.21 29.78 27.04
C ASP MA 274 -39.51 30.04 28.51
N PRO MA 275 -39.25 29.09 29.40
CA PRO MA 275 -39.59 29.33 30.81
C PRO MA 275 -38.68 30.33 31.50
N THR MA 276 -37.47 30.54 31.00
CA THR MA 276 -36.54 31.45 31.68
C THR MA 276 -36.96 32.89 31.51
N THR MA 277 -36.99 33.37 30.27
CA THR MA 277 -37.36 34.75 30.02
C THR MA 277 -38.86 34.94 30.22
N ASN MA 278 -39.22 36.11 30.74
CA ASN MA 278 -40.61 36.40 31.09
C ASN MA 278 -40.85 37.89 30.96
N PRO MA 279 -40.61 38.47 29.78
CA PRO MA 279 -40.64 39.93 29.67
C PRO MA 279 -42.06 40.45 29.75
N GLN MA 280 -42.18 41.69 30.22
CA GLN MA 280 -43.44 42.42 30.27
C GLN MA 280 -43.37 43.50 29.19
N ILE MA 281 -43.80 43.13 27.98
CA ILE MA 281 -43.69 44.02 26.84
C ILE MA 281 -44.61 45.22 27.04
N GLU MA 282 -44.23 46.35 26.45
CA GLU MA 282 -44.98 47.59 26.65
C GLU MA 282 -46.43 47.47 26.19
N ARG MA 283 -46.70 46.62 25.20
CA ARG MA 283 -48.04 46.47 24.66
C ARG MA 283 -48.96 45.64 25.54
N MET MA 284 -48.45 45.05 26.63
CA MET MA 284 -49.27 44.35 27.61
C MET MA 284 -49.52 45.29 28.78
N MET MA 285 -50.64 45.98 28.76
CA MET MA 285 -51.03 46.89 29.82
C MET MA 285 -51.90 46.17 30.83
N ARG MA 286 -52.01 46.77 32.02
CA ARG MA 286 -52.86 46.24 33.08
C ARG MA 286 -53.72 47.34 33.67
N VAL MA 287 -54.90 46.96 34.15
CA VAL MA 287 -55.80 47.87 34.84
C VAL MA 287 -56.38 47.14 36.06
N ASN MA 288 -56.88 47.92 37.02
CA ASN MA 288 -57.75 47.41 38.09
C ASN MA 288 -59.14 47.96 37.85
N TRP MA 289 -60.18 47.13 38.01
CA TRP MA 289 -61.51 47.48 37.55
C TRP MA 289 -62.54 47.12 38.60
N LYS MA 290 -63.63 47.89 38.65
CA LYS MA 290 -64.88 47.37 39.20
C LYS MA 290 -66.01 47.59 38.20
N ARG MA 291 -65.95 48.68 37.42
CA ARG MA 291 -67.01 49.03 36.49
C ARG MA 291 -66.44 49.17 35.09
N TRP MA 292 -67.07 48.47 34.14
CA TRP MA 292 -66.63 48.54 32.76
C TRP MA 292 -66.74 49.96 32.22
N TRP MA 293 -67.66 50.76 32.75
CA TRP MA 293 -67.66 52.18 32.39
C TRP MA 293 -66.36 52.84 32.79
N GLN MA 294 -65.85 52.54 33.97
CA GLN MA 294 -64.58 53.11 34.38
C GLN MA 294 -63.44 52.60 33.51
N VAL MA 295 -63.49 51.33 33.12
CA VAL MA 295 -62.44 50.79 32.23
C VAL MA 295 -62.44 51.54 30.92
N PHE MA 296 -63.61 51.65 30.29
CA PHE MA 296 -63.70 52.33 28.99
C PHE MA 296 -63.34 53.80 29.12
N TYR MA 297 -63.71 54.43 30.24
CA TYR MA 297 -63.37 55.83 30.44
C TYR MA 297 -61.86 56.02 30.54
N THR MA 298 -61.18 55.13 31.27
CA THR MA 298 -59.73 55.22 31.33
C THR MA 298 -59.13 55.05 29.95
N ILE MA 299 -59.63 54.08 29.19
CA ILE MA 299 -59.07 53.82 27.86
C ILE MA 299 -59.26 55.03 26.95
N VAL MA 300 -60.45 55.62 26.97
CA VAL MA 300 -60.70 56.77 26.11
C VAL MA 300 -59.86 57.95 26.56
N ASP MA 301 -59.76 58.17 27.87
CA ASP MA 301 -59.00 59.32 28.36
C ASP MA 301 -57.53 59.21 28.00
N TYR MA 302 -56.98 58.00 28.05
CA TYR MA 302 -55.57 57.75 27.75
C TYR MA 302 -55.38 57.06 26.41
N ILE MA 303 -56.27 57.30 25.44
CA ILE MA 303 -56.11 56.65 24.14
C ILE MA 303 -54.83 57.10 23.45
N ASN MA 304 -54.42 58.35 23.63
CA ASN MA 304 -53.22 58.83 22.95
C ASN MA 304 -52.01 58.03 23.39
N GLN MA 305 -51.85 57.80 24.69
CA GLN MA 305 -50.70 57.05 25.18
C GLN MA 305 -50.71 55.62 24.67
N ILE MA 306 -51.90 55.06 24.47
CA ILE MA 306 -52.00 53.70 23.96
C ILE MA 306 -51.41 53.62 22.56
N VAL MA 307 -51.78 54.56 21.69
CA VAL MA 307 -51.24 54.53 20.34
C VAL MA 307 -49.78 54.93 20.34
N GLN MA 308 -49.33 55.69 21.33
CA GLN MA 308 -47.89 55.92 21.47
C GLN MA 308 -47.18 54.60 21.74
N VAL MA 309 -47.74 53.77 22.61
CA VAL MA 309 -47.15 52.45 22.87
C VAL MA 309 -47.16 51.62 21.60
N MET MA 310 -48.27 51.62 20.87
CA MET MA 310 -48.43 50.80 19.68
C MET MA 310 -47.72 51.44 18.49
N SER MA 311 -47.74 50.73 17.36
CA SER MA 311 -47.19 51.25 16.11
C SER MA 311 -47.81 50.46 14.96
N LYS MA 312 -47.78 51.07 13.78
CA LYS MA 312 -48.42 50.46 12.62
C LYS MA 312 -47.75 49.13 12.28
N ARG MA 313 -48.55 48.18 11.82
CA ARG MA 313 -48.05 46.83 11.56
C ARG MA 313 -46.96 46.88 10.50
N SER MA 314 -45.77 46.40 10.88
CA SER MA 314 -44.61 46.51 9.99
C SER MA 314 -44.84 45.78 8.69
N ARG MA 315 -45.41 44.58 8.76
CA ARG MA 315 -45.61 43.79 7.54
C ARG MA 315 -46.58 44.48 6.59
N SER MA 316 -47.63 45.10 7.13
CA SER MA 316 -48.62 45.74 6.27
C SER MA 316 -48.05 46.91 5.49
N LEU MA 317 -46.93 47.46 5.92
CA LEU MA 317 -46.34 48.59 5.19
C LEU MA 317 -45.93 48.17 3.79
N ASN MA 318 -45.89 49.16 2.89
CA ASN MA 318 -45.37 48.91 1.56
C ASN MA 318 -43.93 48.47 1.61
N SER MA 319 -43.16 48.97 2.59
CA SER MA 319 -41.73 48.68 2.66
C SER MA 319 -41.45 47.19 2.83
N ALA MA 320 -42.41 46.41 3.32
CA ALA MA 320 -42.26 44.97 3.51
C ALA MA 320 -42.98 44.20 2.42
N ALA MA 321 -42.93 44.71 1.19
CA ALA MA 321 -43.79 44.20 0.12
C ALA MA 321 -43.49 42.75 -0.19
N PHE MA 322 -42.23 42.43 -0.46
CA PHE MA 322 -41.83 41.13 -1.00
C PHE MA 322 -41.09 40.28 0.02
N TYR MA 323 -41.48 40.37 1.29
CA TYR MA 323 -41.00 39.42 2.29
C TYR MA 323 -42.14 38.55 2.80
N TYR MA 324 -43.05 39.10 3.60
CA TYR MA 324 -44.23 38.35 4.04
C TYR MA 324 -45.40 39.31 4.23
N ARG MA 325 -45.61 40.21 3.26
CA ARG MA 325 -46.56 41.30 3.45
C ARG MA 325 -47.94 40.76 3.80
N VAL MA 326 -48.61 41.43 4.74
CA VAL MA 326 -49.87 40.96 5.28
C VAL MA 326 -50.83 42.13 5.50
N GLN NA 51 -1.88 24.27 43.93
CA GLN NA 51 -3.18 24.44 44.56
C GLN NA 51 -3.01 24.83 46.02
N ASN NA 52 -3.49 26.03 46.36
CA ASN NA 52 -3.19 26.68 47.62
C ASN NA 52 -4.48 26.97 48.36
N TYR NA 53 -5.29 25.93 48.52
CA TYR NA 53 -6.63 26.06 49.10
C TYR NA 53 -6.60 26.89 50.38
N GLY NA 54 -7.70 27.61 50.61
CA GLY NA 54 -7.89 28.33 51.85
C GLY NA 54 -7.43 29.77 51.84
N LEU NA 55 -6.79 30.23 50.77
CA LEU NA 55 -6.31 31.60 50.67
C LEU NA 55 -7.04 32.32 49.56
N ASN NA 56 -7.54 33.51 49.85
CA ASN NA 56 -8.22 34.34 48.86
C ASN NA 56 -7.22 35.34 48.28
N ILE NA 57 -6.34 34.81 47.45
CA ILE NA 57 -5.25 35.60 46.88
C ILE NA 57 -5.71 36.16 45.53
N PRO NA 58 -5.25 37.36 45.15
CA PRO NA 58 -5.80 37.99 43.94
C PRO NA 58 -5.50 37.18 42.69
N ILE NA 59 -6.43 37.26 41.74
CA ILE NA 59 -6.29 36.62 40.43
C ILE NA 59 -6.36 37.70 39.37
N THR NA 60 -5.38 37.72 38.48
CA THR NA 60 -5.26 38.73 37.44
C THR NA 60 -5.74 38.17 36.12
N GLY NA 61 -6.39 39.02 35.33
CA GLY NA 61 -6.87 38.62 34.02
C GLY NA 61 -6.85 39.77 33.03
N SER NA 62 -6.52 39.48 31.78
CA SER NA 62 -6.44 40.49 30.74
C SER NA 62 -7.79 40.67 30.07
N MET NA 63 -8.12 41.91 29.73
CA MET NA 63 -9.39 42.23 29.10
C MET NA 63 -9.37 42.03 27.59
N ASP NA 64 -8.39 41.31 27.04
CA ASP NA 64 -8.23 41.16 25.61
C ASP NA 64 -7.99 39.72 25.14
N THR NA 65 -7.72 38.78 26.04
CA THR NA 65 -7.48 37.41 25.62
C THR NA 65 -8.74 36.83 24.96
N VAL NA 66 -8.53 36.16 23.83
CA VAL NA 66 -9.66 35.60 23.09
C VAL NA 66 -10.27 34.48 23.91
N TYR NA 67 -11.54 34.62 24.26
CA TYR NA 67 -12.19 33.65 25.13
C TYR NA 67 -12.51 32.36 24.36
N SER NA 68 -12.59 31.26 25.10
CA SER NA 68 -12.54 29.93 24.54
C SER NA 68 -13.95 29.41 24.21
N ASN NA 69 -13.98 28.25 23.56
CA ASN NA 69 -15.20 27.71 22.98
C ASN NA 69 -16.17 27.24 24.07
N SER NA 70 -17.32 26.75 23.64
CA SER NA 70 -18.39 26.37 24.56
C SER NA 70 -17.97 25.19 25.44
N THR NA 71 -18.63 25.09 26.59
CA THR NA 71 -18.56 23.92 27.46
C THR NA 71 -19.93 23.30 27.68
N ARG NA 72 -20.89 23.58 26.79
CA ARG NA 72 -22.19 22.93 26.86
C ARG NA 72 -22.02 21.42 26.77
N GLU NA 73 -21.23 20.96 25.80
CA GLU NA 73 -20.97 19.54 25.66
C GLU NA 73 -20.27 18.99 26.90
N GLU NA 74 -19.33 19.76 27.46
CA GLU NA 74 -18.64 19.31 28.66
C GLU NA 74 -19.60 19.09 29.81
N VAL NA 75 -20.48 20.07 30.07
CA VAL NA 75 -21.40 19.94 31.19
C VAL NA 75 -22.38 18.81 30.95
N PHE NA 76 -22.85 18.65 29.72
CA PHE NA 76 -23.77 17.55 29.43
C PHE NA 76 -23.11 16.21 29.67
N LEU NA 77 -21.88 16.03 29.17
CA LEU NA 77 -21.25 14.73 29.29
C LEU NA 77 -20.84 14.42 30.72
N THR NA 78 -20.42 15.43 31.48
CA THR NA 78 -19.90 15.21 32.84
C THR NA 78 -20.93 15.40 33.93
N SER NA 79 -21.76 16.44 33.84
CA SER NA 79 -22.69 16.75 34.92
C SER NA 79 -23.91 15.84 34.85
N THR NA 80 -24.81 16.00 35.82
CA THR NA 80 -26.05 15.23 35.90
C THR NA 80 -27.21 16.16 36.26
N LEU NA 81 -28.25 16.13 35.45
CA LEU NA 81 -29.42 16.96 35.67
C LEU NA 81 -30.44 16.18 36.49
N CYS NA 82 -31.33 16.92 37.16
CA CYS NA 82 -32.01 16.30 38.29
C CYS NA 82 -33.33 17.03 38.54
N LEU NA 83 -34.43 16.42 38.11
CA LEU NA 83 -35.75 17.01 38.28
C LEU NA 83 -36.36 16.60 39.61
N TYR NA 84 -37.12 17.52 40.20
CA TYR NA 84 -38.00 17.23 41.32
C TYR NA 84 -39.38 17.70 40.93
N TYR NA 85 -40.39 16.87 41.12
CA TYR NA 85 -41.74 17.19 40.70
C TYR NA 85 -42.74 16.66 41.72
N PRO NA 86 -43.98 17.14 41.71
CA PRO NA 86 -44.98 16.60 42.62
C PRO NA 86 -45.68 15.38 42.05
N THR NA 87 -46.09 14.48 42.95
CA THR NA 87 -46.70 13.23 42.53
C THR NA 87 -48.00 13.47 41.76
N GLU NA 88 -48.66 14.60 41.99
CA GLU NA 88 -49.81 14.97 41.18
C GLU NA 88 -49.44 15.04 39.71
N ALA NA 89 -48.20 15.43 39.40
CA ALA NA 89 -47.78 15.50 38.01
C ALA NA 89 -47.82 14.12 37.35
N SER NA 90 -47.21 13.12 37.99
CA SER NA 90 -47.26 11.78 37.43
C SER NA 90 -48.69 11.26 37.39
N THR NA 91 -49.49 11.63 38.38
CA THR NA 91 -50.90 11.18 38.39
C THR NA 91 -51.63 11.69 37.16
N GLN NA 92 -51.46 12.97 36.83
CA GLN NA 92 -52.09 13.49 35.61
C GLN NA 92 -51.45 12.88 34.36
N ILE NA 93 -50.16 12.58 34.42
CA ILE NA 93 -49.51 11.98 33.26
C ILE NA 93 -50.16 10.65 32.92
N SER NA 94 -50.50 9.87 33.95
CA SER NA 94 -51.23 8.61 33.79
C SER NA 94 -50.48 7.66 32.84
N ASP NA 95 -49.22 7.42 33.19
CA ASP NA 95 -48.31 6.63 32.38
C ASP NA 95 -47.34 5.97 33.35
N GLY NA 96 -46.11 5.70 32.95
CA GLY NA 96 -45.27 4.82 33.74
C GLY NA 96 -44.13 4.17 32.98
N GLU NA 97 -44.07 4.40 31.68
CA GLU NA 97 -42.80 4.43 30.97
C GLU NA 97 -42.33 5.86 30.72
N TRP NA 98 -42.95 6.83 31.40
CA TRP NA 98 -42.71 8.23 31.06
C TRP NA 98 -41.35 8.71 31.52
N LYS NA 99 -40.84 8.20 32.64
CA LYS NA 99 -39.49 8.56 33.05
C LYS NA 99 -38.47 8.12 32.00
N ASP NA 100 -38.60 6.88 31.53
CA ASP NA 100 -37.70 6.39 30.49
C ASP NA 100 -37.87 7.20 29.20
N SER NA 101 -39.11 7.52 28.83
CA SER NA 101 -39.33 8.29 27.62
C SER NA 101 -38.69 9.67 27.72
N LEU NA 102 -38.83 10.32 28.87
CA LEU NA 102 -38.23 11.64 29.04
C LEU NA 102 -36.71 11.55 29.04
N SER NA 103 -36.15 10.47 29.61
CA SER NA 103 -34.71 10.29 29.53
C SER NA 103 -34.26 10.14 28.08
N GLN NA 104 -35.01 9.39 27.29
CA GLN NA 104 -34.70 9.25 25.87
C GLN NA 104 -34.75 10.60 25.17
N MET NA 105 -35.75 11.42 25.48
CA MET NA 105 -35.83 12.74 24.87
C MET NA 105 -34.67 13.62 25.31
N PHE NA 106 -34.30 13.55 26.59
CA PHE NA 106 -33.15 14.31 27.07
C PHE NA 106 -31.88 13.91 26.34
N LEU NA 107 -31.76 12.63 25.99
CA LEU NA 107 -30.55 12.16 25.31
C LEU NA 107 -30.30 12.95 24.03
N ILE NA 108 -31.34 13.22 23.26
CA ILE NA 108 -31.16 13.96 22.03
C ILE NA 108 -30.70 15.38 22.32
N LYS NA 109 -31.19 15.97 23.41
CA LYS NA 109 -30.68 17.29 23.80
C LYS NA 109 -29.22 17.20 24.20
N GLY NA 110 -28.79 16.06 24.72
CA GLY NA 110 -27.36 15.81 24.92
C GLY NA 110 -27.00 15.08 26.19
N TRP NA 111 -27.91 14.98 27.14
CA TRP NA 111 -27.61 14.38 28.43
C TRP NA 111 -27.52 12.87 28.29
N PRO NA 112 -26.39 12.23 28.66
CA PRO NA 112 -26.34 10.76 28.62
C PRO NA 112 -27.50 10.08 29.34
N THR NA 113 -27.72 8.80 29.04
CA THR NA 113 -28.94 8.13 29.50
C THR NA 113 -29.01 8.09 31.01
N GLY NA 114 -27.90 7.78 31.68
CA GLY NA 114 -27.89 7.70 33.13
C GLY NA 114 -27.70 9.02 33.84
N SER NA 115 -27.64 10.13 33.11
CA SER NA 115 -27.26 11.41 33.69
C SER NA 115 -28.43 12.25 34.17
N VAL NA 116 -29.67 11.81 33.96
CA VAL NA 116 -30.85 12.53 34.43
C VAL NA 116 -31.50 11.71 35.53
N TYR NA 117 -31.86 12.37 36.62
CA TYR NA 117 -32.51 11.72 37.76
C TYR NA 117 -33.83 12.42 38.06
N PHE NA 118 -34.92 11.68 37.99
CA PHE NA 118 -36.25 12.19 38.33
C PHE NA 118 -36.59 11.82 39.76
N LYS NA 119 -37.12 12.79 40.51
CA LYS NA 119 -37.55 12.57 41.88
C LYS NA 119 -38.96 13.12 42.05
N GLU NA 120 -39.78 12.38 42.80
CA GLU NA 120 -41.13 12.81 43.12
C GLU NA 120 -41.21 13.22 44.59
N TYR NA 121 -42.25 13.99 44.91
CA TYR NA 121 -42.56 14.31 46.29
C TYR NA 121 -44.06 14.52 46.39
N SER NA 122 -44.59 14.34 47.60
CA SER NA 122 -46.03 14.39 47.79
C SER NA 122 -46.58 15.78 47.53
N ASN NA 123 -45.99 16.80 48.14
CA ASN NA 123 -46.44 18.18 47.95
C ASN NA 123 -45.38 19.10 48.51
N ILE NA 124 -45.62 20.42 48.38
CA ILE NA 124 -44.58 21.40 48.65
C ILE NA 124 -44.17 21.37 50.11
N VAL NA 125 -45.15 21.40 51.01
CA VAL NA 125 -44.84 21.47 52.44
C VAL NA 125 -44.14 20.20 52.89
N ASP NA 126 -44.54 19.05 52.38
CA ASP NA 126 -43.86 17.80 52.74
C ASP NA 126 -42.43 17.79 52.19
N PHE NA 127 -42.22 18.36 51.01
CA PHE NA 127 -40.87 18.44 50.48
C PHE NA 127 -40.02 19.41 51.27
N SER NA 128 -40.64 20.39 51.94
CA SER NA 128 -39.87 21.42 52.61
C SER NA 128 -39.03 20.87 53.75
N VAL NA 129 -39.55 19.88 54.47
CA VAL NA 129 -38.84 19.36 55.64
C VAL NA 129 -37.59 18.60 55.16
N ASP NA 130 -36.42 19.18 55.42
CA ASP NA 130 -35.14 18.53 55.16
C ASP NA 130 -35.00 18.18 53.68
N PRO NA 131 -34.95 19.16 52.78
CA PRO NA 131 -34.77 18.85 51.37
C PRO NA 131 -33.29 18.71 51.03
N GLN NA 132 -32.85 17.51 50.68
CA GLN NA 132 -31.45 17.26 50.37
C GLN NA 132 -31.33 17.16 48.85
N LEU NA 133 -30.80 18.20 48.24
CA LEU NA 133 -30.65 18.27 46.79
C LEU NA 133 -29.24 17.84 46.39
N TYR NA 134 -28.88 16.62 46.78
CA TYR NA 134 -27.55 16.07 46.53
C TYR NA 134 -27.42 15.65 45.07
N CYS NA 135 -27.40 16.64 44.18
CA CYS NA 135 -27.60 16.30 42.77
C CYS NA 135 -27.13 17.49 41.95
N ASP NA 136 -26.46 17.23 40.82
CA ASP NA 136 -25.52 18.19 40.27
C ASP NA 136 -26.16 19.38 39.54
N TYR NA 137 -27.36 19.23 38.98
CA TYR NA 137 -28.09 20.38 38.44
C TYR NA 137 -29.55 20.18 38.80
N ASN NA 138 -30.03 20.90 39.82
CA ASN NA 138 -31.34 20.64 40.39
C ASN NA 138 -32.39 21.57 39.80
N LEU NA 139 -33.49 20.99 39.33
CA LEU NA 139 -34.72 21.72 39.03
C LEU NA 139 -35.78 21.29 40.01
N VAL NA 140 -36.59 22.24 40.47
CA VAL NA 140 -37.67 21.97 41.41
C VAL NA 140 -38.93 22.56 40.79
N LEU NA 141 -39.78 21.70 40.23
CA LEU NA 141 -41.12 22.12 39.85
C LEU NA 141 -41.92 22.43 41.11
N MET NA 142 -42.75 23.46 41.04
CA MET NA 142 -43.43 23.95 42.23
C MET NA 142 -44.81 24.44 41.79
N LYS NA 143 -45.83 23.62 42.02
CA LYS NA 143 -47.19 24.01 41.66
C LYS NA 143 -47.73 24.97 42.70
N TYR NA 144 -48.16 26.15 42.25
CA TYR NA 144 -48.65 27.18 43.14
C TYR NA 144 -50.16 27.10 43.23
N ASP NA 145 -50.67 26.91 44.45
CA ASP NA 145 -52.06 27.11 44.78
C ASP NA 145 -52.13 28.08 45.95
N GLN NA 146 -53.23 28.82 46.03
CA GLN NA 146 -53.35 29.88 47.01
C GLN NA 146 -53.25 29.30 48.42
N SER NA 147 -52.86 30.16 49.36
CA SER NA 147 -52.64 29.86 50.78
C SER NA 147 -51.29 29.19 51.02
N LEU NA 148 -50.51 28.89 49.99
CA LEU NA 148 -49.19 28.31 50.14
C LEU NA 148 -48.09 29.28 49.70
N GLU NA 149 -48.41 30.56 49.55
CA GLU NA 149 -47.40 31.49 49.04
C GLU NA 149 -46.23 31.63 50.00
N LEU NA 150 -46.51 31.78 51.30
CA LEU NA 150 -45.41 31.95 52.25
C LEU NA 150 -44.59 30.68 52.38
N ASP NA 151 -45.23 29.51 52.44
CA ASP NA 151 -44.48 28.27 52.56
C ASP NA 151 -43.65 28.04 51.31
N MET NA 152 -44.20 28.35 50.15
CA MET NA 152 -43.45 28.24 48.90
C MET NA 152 -42.23 29.15 48.91
N SER NA 153 -42.41 30.39 49.38
CA SER NA 153 -41.28 31.29 49.46
C SER NA 153 -40.27 30.82 50.49
N GLU NA 154 -40.72 30.18 51.56
CA GLU NA 154 -39.80 29.63 52.56
C GLU NA 154 -38.95 28.54 51.93
N LEU NA 155 -39.58 27.64 51.18
CA LEU NA 155 -38.82 26.58 50.52
C LEU NA 155 -37.83 27.16 49.52
N ALA NA 156 -38.26 28.15 48.74
CA ALA NA 156 -37.34 28.77 47.79
C ALA NA 156 -36.19 29.45 48.51
N ASP NA 157 -36.47 30.16 49.60
CA ASP NA 157 -35.40 30.81 50.34
C ASP NA 157 -34.43 29.79 50.92
N LEU NA 158 -34.95 28.63 51.33
CA LEU NA 158 -34.08 27.60 51.88
C LEU NA 158 -33.14 27.05 50.81
N ILE NA 159 -33.67 26.71 49.64
CA ILE NA 159 -32.86 26.00 48.65
C ILE NA 159 -32.05 26.95 47.78
N LEU NA 160 -32.65 28.03 47.26
CA LEU NA 160 -31.95 28.89 46.32
C LEU NA 160 -30.75 29.58 46.96
N ASN NA 161 -30.73 29.73 48.28
CA ASN NA 161 -29.57 30.25 48.98
C ASN NA 161 -28.82 29.12 49.66
N GLU NA 162 -27.69 29.47 50.26
CA GLU NA 162 -26.74 28.50 50.81
C GLU NA 162 -26.48 28.89 52.27
N TRP NA 163 -27.10 28.16 53.18
CA TRP NA 163 -27.05 28.47 54.60
C TRP NA 163 -25.98 27.64 55.28
N LEU NA 164 -25.12 28.30 56.04
CA LEU NA 164 -24.23 27.65 56.99
C LEU NA 164 -24.86 27.80 58.35
N CYS NA 165 -25.03 26.71 59.08
CA CYS NA 165 -25.76 26.91 60.32
C CYS NA 165 -25.50 25.88 61.40
N ASN NA 166 -25.62 26.38 62.63
CA ASN NA 166 -25.23 25.76 63.88
C ASN NA 166 -26.45 25.23 64.60
N PRO NA 167 -26.26 24.30 65.53
CA PRO NA 167 -27.40 23.81 66.30
C PRO NA 167 -27.80 24.81 67.36
N MET NA 168 -29.02 24.65 67.85
CA MET NA 168 -29.52 25.40 69.00
C MET NA 168 -29.99 24.41 70.04
N ASP NA 169 -29.89 24.82 71.30
CA ASP NA 169 -30.36 24.03 72.43
C ASP NA 169 -31.33 24.91 73.20
N ILE NA 170 -32.61 24.78 72.85
CA ILE NA 170 -33.62 25.72 73.32
C ILE NA 170 -33.73 25.69 74.84
N THR NA 171 -33.43 24.56 75.46
CA THR NA 171 -33.62 24.45 76.90
C THR NA 171 -32.61 25.28 77.67
N LEU NA 172 -31.41 25.45 77.13
CA LEU NA 172 -30.29 26.01 77.90
C LEU NA 172 -30.15 27.52 77.75
N TYR NA 173 -29.88 27.98 76.54
CA TYR NA 173 -29.42 29.34 76.31
C TYR NA 173 -30.53 30.22 75.79
N TYR NA 174 -30.26 31.52 75.78
CA TYR NA 174 -31.10 32.51 75.13
C TYR NA 174 -30.38 33.00 73.89
N TYR NA 175 -31.07 33.01 72.77
CA TYR NA 175 -30.44 33.19 71.46
C TYR NA 175 -30.79 34.54 70.87
N GLN NA 176 -29.77 35.23 70.38
CA GLN NA 176 -29.92 36.47 69.64
C GLN NA 176 -29.89 36.18 68.14
N GLN NA 177 -30.04 37.23 67.35
CA GLN NA 177 -29.79 37.19 65.92
C GLN NA 177 -28.78 38.27 65.59
N SER NA 178 -27.75 37.90 64.84
CA SER NA 178 -26.58 38.75 64.68
C SER NA 178 -26.76 39.85 63.63
N GLY NA 179 -27.79 39.78 62.79
CA GLY NA 179 -27.99 40.82 61.81
C GLY NA 179 -28.90 40.33 60.69
N GLU NA 180 -28.75 40.98 59.53
CA GLU NA 180 -29.61 40.68 58.40
C GLU NA 180 -29.43 39.25 57.91
N SER NA 181 -28.24 38.70 58.03
CA SER NA 181 -27.94 37.40 57.45
C SER NA 181 -28.34 36.22 58.34
N ASN NA 182 -28.83 36.47 59.55
CA ASN NA 182 -29.07 35.42 60.52
C ASN NA 182 -30.57 35.22 60.69
N LYS NA 183 -31.01 33.98 60.51
CA LYS NA 183 -32.38 33.54 60.75
C LYS NA 183 -32.33 32.32 61.67
N TRP NA 184 -33.50 31.79 62.01
CA TRP NA 184 -33.60 30.45 62.56
C TRP NA 184 -34.47 29.62 61.63
N ILE NA 185 -33.98 28.44 61.25
CA ILE NA 185 -34.69 27.54 60.37
C ILE NA 185 -35.17 26.37 61.20
N SER NA 186 -36.49 26.16 61.23
CA SER NA 186 -37.09 25.08 62.00
C SER NA 186 -37.77 24.13 61.03
N MET NA 187 -37.38 22.86 61.08
CA MET NA 187 -37.92 21.82 60.22
C MET NA 187 -38.42 20.66 61.07
N GLY NA 188 -39.48 20.03 60.61
CA GLY NA 188 -40.03 18.88 61.32
C GLY NA 188 -41.47 18.67 60.92
N SER NA 189 -42.01 17.56 61.41
CA SER NA 189 -43.40 17.24 61.11
C SER NA 189 -44.37 18.24 61.72
N SER NA 190 -43.98 18.93 62.79
CA SER NA 190 -44.84 19.95 63.39
C SER NA 190 -43.94 20.92 64.15
N CYS NA 191 -43.66 22.07 63.55
CA CYS NA 191 -42.90 23.13 64.20
C CYS NA 191 -43.87 24.19 64.70
N THR NA 192 -43.69 24.63 65.94
CA THR NA 192 -44.44 25.74 66.49
C THR NA 192 -43.50 26.51 67.41
N VAL NA 193 -43.00 27.64 66.91
CA VAL NA 193 -41.95 28.38 67.58
C VAL NA 193 -42.61 29.50 68.38
N LYS NA 194 -42.52 29.43 69.70
CA LYS NA 194 -43.05 30.48 70.57
C LYS NA 194 -41.88 31.25 71.16
N VAL NA 195 -41.85 32.55 70.92
CA VAL NA 195 -40.68 33.38 71.20
C VAL NA 195 -41.03 34.41 72.26
N CYS NA 196 -40.26 34.45 73.33
CA CYS NA 196 -40.38 35.46 74.38
C CYS NA 196 -39.14 36.33 74.36
N PRO NA 197 -39.22 37.61 73.95
CA PRO NA 197 -38.04 38.47 74.06
C PRO NA 197 -37.80 38.86 75.50
N LEU NA 198 -36.56 39.25 75.79
CA LEU NA 198 -36.14 39.58 77.15
C LEU NA 198 -35.51 40.97 77.20
N ASN NA 199 -35.69 41.63 78.35
CA ASN NA 199 -34.93 42.82 78.66
C ASN NA 199 -33.48 42.46 78.95
N THR NA 200 -32.65 43.49 79.10
CA THR NA 200 -31.26 43.24 79.47
C THR NA 200 -31.13 42.56 80.83
N GLN NA 201 -32.14 42.69 81.69
CA GLN NA 201 -32.17 42.05 82.99
C GLN NA 201 -32.72 40.62 82.93
N THR NA 202 -32.82 40.02 81.76
CA THR NA 202 -33.37 38.67 81.60
C THR NA 202 -34.80 38.62 82.13
N LEU NA 203 -35.60 39.61 81.74
CA LEU NA 203 -37.01 39.68 82.09
C LEU NA 203 -37.81 39.80 80.81
N GLY NA 204 -38.86 38.98 80.70
CA GLY NA 204 -39.67 39.00 79.50
C GLY NA 204 -40.40 40.31 79.31
N ILE NA 205 -40.55 40.71 78.06
CA ILE NA 205 -41.35 41.87 77.67
C ILE NA 205 -42.53 41.36 76.84
N GLY NA 206 -43.74 41.63 77.31
CA GLY NA 206 -44.91 41.04 76.69
C GLY NA 206 -45.10 39.57 76.98
N CYS NA 207 -44.29 38.99 77.87
CA CYS NA 207 -44.36 37.58 78.19
C CYS NA 207 -43.68 37.39 79.54
N GLN NA 208 -43.65 36.14 80.00
CA GLN NA 208 -42.96 35.77 81.23
C GLN NA 208 -42.13 34.53 80.97
N THR NA 209 -40.91 34.52 81.50
CA THR NA 209 -40.00 33.40 81.26
C THR NA 209 -40.58 32.09 81.76
N THR NA 210 -41.47 32.14 82.76
CA THR NA 210 -42.05 30.91 83.30
C THR NA 210 -43.21 30.41 82.45
N ASN NA 211 -44.26 31.21 82.32
CA ASN NA 211 -45.47 30.79 81.63
C ASN NA 211 -45.21 30.78 80.12
N VAL NA 212 -45.21 29.59 79.53
CA VAL NA 212 -44.98 29.46 78.09
C VAL NA 212 -46.15 30.01 77.30
N ASP NA 213 -47.36 30.04 77.87
CA ASP NA 213 -48.52 30.42 77.10
C ASP NA 213 -48.50 31.89 76.73
N SER NA 214 -47.88 32.74 77.54
CA SER NA 214 -47.79 34.16 77.23
C SER NA 214 -46.80 34.47 76.13
N PHE NA 215 -46.00 33.49 75.70
CA PHE NA 215 -45.06 33.69 74.61
C PHE NA 215 -45.81 34.12 73.35
N GLU NA 216 -45.04 34.65 72.40
CA GLU NA 216 -45.58 35.15 71.13
C GLU NA 216 -45.30 34.08 70.07
N THR NA 217 -46.36 33.42 69.61
CA THR NA 217 -46.22 32.36 68.62
C THR NA 217 -45.91 32.96 67.25
N VAL NA 218 -44.70 32.69 66.74
CA VAL NA 218 -44.27 33.21 65.45
C VAL NA 218 -44.60 32.25 64.31
N ALA NA 219 -44.78 30.97 64.58
CA ALA NA 219 -45.22 30.01 63.59
C ALA NA 219 -45.87 28.85 64.31
N GLU NA 220 -46.73 28.12 63.59
CA GLU NA 220 -47.40 26.97 64.18
C GLU NA 220 -47.72 25.95 63.10
N ASN NA 221 -47.47 24.68 63.40
CA ASN NA 221 -47.76 23.57 62.50
C ASN NA 221 -47.11 23.76 61.14
N GLU NA 222 -45.99 24.49 61.09
CA GLU NA 222 -45.27 24.68 59.85
C GLU NA 222 -44.27 23.55 59.65
N LYS NA 223 -44.34 22.89 58.49
CA LYS NA 223 -43.35 21.88 58.18
C LYS NA 223 -41.96 22.51 58.09
N LEU NA 224 -41.87 23.70 57.53
CA LEU NA 224 -40.66 24.51 57.50
C LEU NA 224 -41.02 25.92 57.91
N ALA NA 225 -40.21 26.53 58.78
CA ALA NA 225 -40.43 27.91 59.17
C ALA NA 225 -39.09 28.62 59.32
N ILE NA 226 -38.91 29.67 58.54
CA ILE NA 226 -37.78 30.58 58.68
C ILE NA 226 -38.27 31.76 59.50
N VAL NA 227 -37.77 31.92 60.72
CA VAL NA 227 -38.18 33.00 61.62
C VAL NA 227 -37.03 33.97 61.77
N ASP NA 228 -37.31 35.24 61.49
CA ASP NA 228 -36.47 36.36 61.85
C ASP NA 228 -37.12 37.11 62.99
N VAL NA 229 -36.28 37.74 63.82
CA VAL NA 229 -36.72 38.51 64.97
C VAL NA 229 -35.83 39.72 65.10
N VAL NA 230 -36.21 40.62 66.00
CA VAL NA 230 -35.48 41.87 66.16
C VAL NA 230 -34.05 41.56 66.57
N ASP NA 231 -33.11 42.25 65.95
CA ASP NA 231 -31.70 41.93 66.09
C ASP NA 231 -31.15 42.53 67.38
N GLY NA 232 -30.48 41.70 68.18
CA GLY NA 232 -29.88 42.15 69.40
C GLY NA 232 -30.72 41.97 70.65
N ILE NA 233 -31.85 41.28 70.58
CA ILE NA 233 -32.69 41.01 71.73
C ILE NA 233 -32.60 39.52 72.04
N ASN NA 234 -32.24 39.22 73.29
CA ASN NA 234 -32.24 37.83 73.75
C ASN NA 234 -33.66 37.28 73.69
N HIS NA 235 -33.79 36.03 73.28
CA HIS NA 235 -35.07 35.36 73.14
C HIS NA 235 -35.01 34.04 73.87
N LYS NA 236 -36.10 33.68 74.53
CA LYS NA 236 -36.32 32.34 75.01
C LYS NA 236 -37.34 31.68 74.09
N ILE NA 237 -36.98 30.54 73.54
CA ILE NA 237 -37.81 29.85 72.57
C ILE NA 237 -38.49 28.69 73.27
N ASN NA 238 -39.67 28.33 72.77
CA ASN NA 238 -40.32 27.07 73.11
C ASN NA 238 -40.69 26.38 71.82
N LEU NA 239 -40.16 25.18 71.63
CA LEU NA 239 -40.35 24.43 70.39
C LEU NA 239 -40.23 22.93 70.68
N THR NA 240 -41.36 22.31 71.01
CA THR NA 240 -41.72 20.95 70.58
C THR NA 240 -40.51 20.06 70.29
N THR NA 241 -39.63 19.87 71.26
CA THR NA 241 -38.30 19.33 70.96
C THR NA 241 -38.34 17.93 70.35
N THR NA 242 -39.41 17.18 70.57
CA THR NA 242 -39.45 15.80 70.07
C THR NA 242 -39.71 15.73 68.57
N THR NA 243 -40.50 16.66 68.03
CA THR NA 243 -40.88 16.63 66.62
C THR NA 243 -40.00 17.55 65.78
N CYS NA 244 -39.94 18.83 66.12
CA CYS NA 244 -39.30 19.83 65.29
C CYS NA 244 -37.92 20.17 65.80
N THR NA 245 -36.98 20.38 64.88
CA THR NA 245 -35.61 20.74 65.17
C THR NA 245 -35.31 22.10 64.55
N ILE NA 246 -34.60 22.94 65.30
CA ILE NA 246 -34.36 24.33 64.94
C ILE NA 246 -32.86 24.56 64.89
N ARG NA 247 -32.42 25.31 63.89
CA ARG NA 247 -31.00 25.59 63.66
C ARG NA 247 -30.80 27.08 63.46
N ASN NA 248 -29.78 27.63 64.12
CA ASN NA 248 -29.45 29.05 64.01
C ASN NA 248 -28.58 29.23 62.78
N CYS NA 249 -29.12 29.90 61.75
CA CYS NA 249 -28.55 29.82 60.41
C CYS NA 249 -28.17 31.17 59.82
N LYS NA 250 -26.92 31.25 59.35
CA LYS NA 250 -26.40 32.39 58.61
C LYS NA 250 -26.48 32.10 57.12
N LYS NA 251 -26.73 33.16 56.36
CA LYS NA 251 -26.95 33.08 54.92
C LYS NA 251 -25.66 33.47 54.21
N LEU NA 252 -25.00 32.49 53.60
CA LEU NA 252 -23.86 32.76 52.74
C LEU NA 252 -24.38 33.11 51.35
N GLY NA 253 -23.52 33.06 50.34
CA GLY NA 253 -23.92 33.40 49.00
C GLY NA 253 -25.04 32.53 48.48
N PRO NA 254 -25.45 32.75 47.23
CA PRO NA 254 -26.57 32.00 46.68
C PRO NA 254 -26.16 30.59 46.24
N ARG NA 255 -27.17 29.74 46.10
CA ARG NA 255 -26.97 28.36 45.65
C ARG NA 255 -26.96 28.36 44.12
N GLU NA 256 -25.77 28.18 43.55
CA GLU NA 256 -25.64 28.03 42.09
C GLU NA 256 -26.57 26.94 41.56
N ASN NA 257 -26.75 25.87 42.34
CA ASN NA 257 -27.06 24.55 41.82
C ASN NA 257 -28.53 24.34 41.50
N VAL NA 258 -29.42 25.06 42.17
CA VAL NA 258 -30.85 24.75 42.16
C VAL NA 258 -31.59 25.88 41.46
N ALA NA 259 -32.62 25.51 40.71
CA ALA NA 259 -33.52 26.45 40.06
C ALA NA 259 -34.95 25.99 40.29
N VAL NA 260 -35.81 26.94 40.62
CA VAL NA 260 -37.20 26.67 40.98
C VAL NA 260 -38.08 27.17 39.85
N ILE NA 261 -39.01 26.33 39.41
CA ILE NA 261 -39.92 26.63 38.32
C ILE NA 261 -41.33 26.63 38.89
N GLN NA 262 -41.90 27.81 39.05
CA GLN NA 262 -43.26 27.96 39.56
C GLN NA 262 -44.24 27.68 38.43
N VAL NA 263 -45.06 26.65 38.60
CA VAL NA 263 -45.95 26.22 37.54
C VAL NA 263 -47.24 27.03 37.53
N GLY NA 264 -47.54 27.76 38.60
CA GLY NA 264 -48.84 28.38 38.75
C GLY NA 264 -48.95 29.83 38.35
N GLY NA 265 -48.94 30.72 39.33
CA GLY NA 265 -49.40 32.09 39.16
C GLY NA 265 -48.27 33.07 38.98
N ALA NA 266 -48.44 34.26 39.55
CA ALA NA 266 -47.54 35.38 39.31
C ALA NA 266 -46.35 35.31 40.26
N ASN NA 267 -45.47 36.29 40.13
CA ASN NA 267 -44.28 36.37 40.98
C ASN NA 267 -44.69 36.66 42.41
N ILE NA 268 -44.50 35.69 43.29
CA ILE NA 268 -44.81 35.85 44.71
C ILE NA 268 -43.63 35.44 45.58
N LEU NA 269 -42.67 34.72 45.01
CA LEU NA 269 -41.56 34.20 45.78
C LEU NA 269 -40.66 35.35 46.19
N ASP NA 270 -40.84 35.83 47.42
CA ASP NA 270 -39.92 36.79 48.03
C ASP NA 270 -38.91 36.00 48.82
N ILE NA 271 -37.72 35.84 48.25
CA ILE NA 271 -36.64 35.12 48.92
C ILE NA 271 -35.71 36.07 49.66
N THR NA 272 -36.18 37.29 49.96
CA THR NA 272 -35.46 38.27 50.75
C THR NA 272 -36.35 38.66 51.92
N ALA NA 273 -35.93 38.33 53.14
CA ALA NA 273 -36.72 38.69 54.31
C ALA NA 273 -36.88 40.20 54.42
N ASP NA 274 -35.97 40.96 53.85
CA ASP NA 274 -36.13 42.40 53.78
C ASP NA 274 -37.42 42.74 53.05
N PRO NA 275 -38.21 43.71 53.54
CA PRO NA 275 -39.41 44.11 52.80
C PRO NA 275 -39.10 45.10 51.69
N THR NA 276 -38.05 45.90 51.86
CA THR NA 276 -37.75 46.97 50.91
C THR NA 276 -37.31 46.45 49.55
N THR NA 277 -36.87 45.19 49.46
CA THR NA 277 -36.39 44.63 48.21
C THR NA 277 -37.06 43.29 47.95
N ASN NA 278 -37.64 43.15 46.76
CA ASN NA 278 -38.15 41.88 46.25
C ASN NA 278 -37.46 41.64 44.90
N PRO NA 279 -36.32 40.96 44.88
CA PRO NA 279 -35.54 40.89 43.65
C PRO NA 279 -36.14 39.87 42.68
N GLN NA 280 -35.52 39.77 41.51
CA GLN NA 280 -35.90 38.80 40.50
C GLN NA 280 -34.65 38.01 40.14
N ILE NA 281 -34.62 36.76 40.57
CA ILE NA 281 -33.46 35.91 40.38
C ILE NA 281 -33.62 35.16 39.07
N GLU NA 282 -32.48 34.83 38.45
CA GLU NA 282 -32.52 34.08 37.20
C GLU NA 282 -33.00 32.65 37.45
N ARG NA 283 -32.56 32.04 38.54
CA ARG NA 283 -32.93 30.66 38.86
C ARG NA 283 -34.39 30.53 39.26
N MET NA 284 -35.07 31.64 39.55
CA MET NA 284 -36.46 31.65 39.95
C MET NA 284 -37.29 31.97 38.72
N MET NA 285 -38.03 30.98 38.22
CA MET NA 285 -38.69 31.07 36.93
C MET NA 285 -40.15 30.73 37.10
N ARG NA 286 -40.95 31.04 36.07
CA ARG NA 286 -42.37 30.73 36.07
C ARG NA 286 -42.76 30.14 34.72
N VAL NA 287 -43.88 29.44 34.72
CA VAL NA 287 -44.46 28.93 33.49
C VAL NA 287 -45.94 28.69 33.70
N ASN NA 288 -46.77 29.14 32.77
CA ASN NA 288 -48.19 28.83 32.79
C ASN NA 288 -48.40 27.40 32.31
N TRP NA 289 -49.52 26.81 32.72
CA TRP NA 289 -49.72 25.40 32.44
C TRP NA 289 -51.21 25.05 32.44
N LYS NA 290 -51.53 24.03 31.66
CA LYS NA 290 -52.72 23.22 31.88
C LYS NA 290 -52.45 21.73 31.73
N ARG NA 291 -51.26 21.32 31.30
CA ARG NA 291 -50.97 19.92 31.03
C ARG NA 291 -49.53 19.61 31.40
N TRP NA 292 -49.35 18.61 32.26
CA TRP NA 292 -48.02 18.31 32.76
C TRP NA 292 -47.11 17.80 31.66
N TRP NA 293 -47.65 17.10 30.66
CA TRP NA 293 -46.82 16.75 29.52
C TRP NA 293 -46.29 17.99 28.83
N GLN NA 294 -47.14 19.01 28.68
CA GLN NA 294 -46.67 20.26 28.08
C GLN NA 294 -45.57 20.89 28.92
N VAL NA 295 -45.74 20.87 30.24
CA VAL NA 295 -44.72 21.45 31.12
C VAL NA 295 -43.39 20.72 30.95
N PHE NA 296 -43.43 19.38 30.99
CA PHE NA 296 -42.20 18.62 30.88
C PHE NA 296 -41.57 18.81 29.51
N TYR NA 297 -42.37 18.89 28.46
CA TYR NA 297 -41.83 19.12 27.14
C TYR NA 297 -41.16 20.48 27.04
N THR NA 298 -41.75 21.51 27.64
CA THR NA 298 -41.09 22.81 27.64
C THR NA 298 -39.76 22.73 28.36
N ILE NA 299 -39.71 22.06 29.51
CA ILE NA 299 -38.47 21.94 30.26
C ILE NA 299 -37.41 21.22 29.42
N VAL NA 300 -37.79 20.09 28.83
CA VAL NA 300 -36.82 19.31 28.06
C VAL NA 300 -36.35 20.11 26.86
N ASP NA 301 -37.26 20.79 26.17
CA ASP NA 301 -36.89 21.57 24.99
C ASP NA 301 -35.91 22.67 25.35
N TYR NA 302 -36.14 23.34 26.49
CA TYR NA 302 -35.34 24.49 26.87
C TYR NA 302 -34.26 24.16 27.90
N ILE NA 303 -33.92 22.88 28.05
CA ILE NA 303 -32.98 22.49 29.09
C ILE NA 303 -31.62 23.17 28.92
N ASN NA 304 -31.27 23.52 27.68
CA ASN NA 304 -30.03 24.29 27.48
C ASN NA 304 -30.11 25.59 28.24
N GLN NA 305 -31.22 26.30 28.11
CA GLN NA 305 -31.34 27.62 28.72
C GLN NA 305 -31.40 27.52 30.23
N ILE NA 306 -32.14 26.55 30.77
CA ILE NA 306 -32.20 26.39 32.22
C ILE NA 306 -30.82 26.09 32.77
N VAL NA 307 -30.08 25.21 32.10
CA VAL NA 307 -28.75 24.84 32.56
C VAL NA 307 -27.85 26.06 32.60
N GLN NA 308 -27.81 26.82 31.49
CA GLN NA 308 -26.90 27.95 31.44
C GLN NA 308 -27.50 29.20 32.08
N VAL NA 309 -28.65 29.08 32.72
CA VAL NA 309 -29.05 30.01 33.79
C VAL NA 309 -28.48 29.56 35.13
N MET NA 310 -28.55 28.28 35.43
CA MET NA 310 -27.92 27.75 36.62
C MET NA 310 -26.41 27.64 36.39
N SER NA 311 -25.71 27.10 37.38
CA SER NA 311 -24.30 26.75 37.20
C SER NA 311 -23.88 25.83 38.32
N LYS NA 312 -22.66 25.31 38.20
CA LYS NA 312 -22.15 24.32 39.14
C LYS NA 312 -22.09 24.88 40.55
N ARG NA 313 -22.38 24.05 41.55
CA ARG NA 313 -22.34 24.48 42.93
C ARG NA 313 -20.92 24.90 43.32
N SER NA 314 -20.76 26.19 43.61
CA SER NA 314 -19.43 26.74 43.88
C SER NA 314 -18.76 26.07 45.06
N ARG NA 315 -19.54 25.63 46.03
CA ARG NA 315 -19.00 25.00 47.23
C ARG NA 315 -18.71 23.52 47.04
N SER NA 316 -19.20 22.91 45.96
CA SER NA 316 -18.82 21.55 45.62
C SER NA 316 -17.53 21.50 44.82
N LEU NA 317 -16.99 22.64 44.41
CA LEU NA 317 -15.74 22.69 43.68
C LEU NA 317 -14.56 22.43 44.61
N ASN NA 318 -13.41 22.16 44.02
CA ASN NA 318 -12.17 22.12 44.78
C ASN NA 318 -11.69 23.51 45.17
N SER NA 319 -12.08 24.52 44.39
CA SER NA 319 -11.67 25.89 44.69
C SER NA 319 -12.10 26.32 46.08
N ALA NA 320 -13.26 25.83 46.54
CA ALA NA 320 -13.80 26.16 47.86
C ALA NA 320 -13.50 25.07 48.86
N ALA NA 321 -12.32 24.46 48.78
CA ALA NA 321 -12.03 23.26 49.55
C ALA NA 321 -12.09 23.52 51.05
N PHE NA 322 -11.36 24.53 51.52
CA PHE NA 322 -11.24 24.83 52.94
C PHE NA 322 -11.91 26.15 53.31
N TYR NA 323 -13.05 26.44 52.67
CA TYR NA 323 -13.90 27.54 53.13
C TYR NA 323 -15.19 26.99 53.72
N TYR NA 324 -16.07 26.41 52.90
CA TYR NA 324 -17.25 25.71 53.41
C TYR NA 324 -17.63 24.58 52.46
N ARG NA 325 -16.66 23.76 52.06
CA ARG NA 325 -16.92 22.76 51.02
C ARG NA 325 -18.06 21.85 51.42
N VAL NA 326 -18.92 21.55 50.45
CA VAL NA 326 -20.13 20.78 50.66
C VAL NA 326 -20.13 19.54 49.79
N ASN OA 52 -14.24 31.05 41.23
CA ASN OA 52 -12.84 31.07 40.81
C ASN OA 52 -11.93 31.36 42.00
N TYR OA 53 -10.74 30.75 41.98
CA TYR OA 53 -9.73 30.99 42.99
C TYR OA 53 -8.37 30.94 42.32
N GLY OA 54 -7.39 31.53 42.99
CA GLY OA 54 -6.02 31.49 42.51
C GLY OA 54 -5.28 30.26 43.00
N LEU OA 55 -5.87 29.09 42.82
CA LEU OA 55 -5.21 27.86 43.22
C LEU OA 55 -3.90 27.68 42.47
N ASN OA 56 -3.91 27.91 41.17
CA ASN OA 56 -2.73 27.64 40.35
C ASN OA 56 -1.56 28.54 40.75
N ILE OA 57 -1.82 29.83 40.96
CA ILE OA 57 -0.74 30.78 41.20
C ILE OA 57 -0.12 30.49 42.56
N PRO OA 58 1.18 30.74 42.76
CA PRO OA 58 1.79 30.46 44.06
C PRO OA 58 1.75 31.65 45.00
N ILE OA 59 1.88 31.35 46.28
CA ILE OA 59 1.98 32.37 47.33
C ILE OA 59 3.43 32.47 47.75
N THR OA 60 3.95 33.69 47.81
CA THR OA 60 5.27 33.97 48.32
C THR OA 60 5.17 34.49 49.75
N GLY OA 61 6.25 34.34 50.50
CA GLY OA 61 6.27 34.86 51.85
C GLY OA 61 7.65 34.84 52.45
N SER OA 62 8.06 35.96 53.01
CA SER OA 62 9.39 36.05 53.62
C SER OA 62 9.43 35.17 54.86
N MET OA 63 10.64 35.04 55.43
CA MET OA 63 10.85 34.25 56.62
C MET OA 63 11.06 35.08 57.87
N ASP OA 64 11.50 36.33 57.73
CA ASP OA 64 11.75 37.20 58.86
C ASP OA 64 10.52 38.00 59.29
N THR OA 65 9.36 37.71 58.72
CA THR OA 65 8.14 38.42 59.09
C THR OA 65 7.82 38.19 60.56
N VAL OA 66 7.51 39.28 61.27
CA VAL OA 66 7.25 39.18 62.70
C VAL OA 66 5.99 38.36 62.93
N TYR OA 67 5.98 37.60 64.03
CA TYR OA 67 4.83 36.77 64.37
C TYR OA 67 3.63 37.65 64.66
N SER OA 68 2.54 37.42 63.94
CA SER OA 68 1.30 38.12 64.21
C SER OA 68 0.69 37.62 65.52
N ASN OA 69 -0.03 38.53 66.19
CA ASN OA 69 -0.51 38.27 67.54
C ASN OA 69 -1.58 37.17 67.51
N SER OA 70 -1.94 36.73 68.71
CA SER OA 70 -2.78 35.54 68.86
C SER OA 70 -4.22 35.83 68.41
N THR OA 71 -4.78 34.92 67.63
CA THR OA 71 -6.20 34.91 67.30
C THR OA 71 -7.00 34.00 68.22
N ARG OA 72 -6.44 33.66 69.38
CA ARG OA 72 -7.12 32.78 70.32
C ARG OA 72 -8.44 33.37 70.77
N GLU OA 73 -8.44 34.67 71.08
CA GLU OA 73 -9.68 35.33 71.46
C GLU OA 73 -10.70 35.26 70.33
N GLU OA 74 -10.26 35.47 69.09
CA GLU OA 74 -11.19 35.43 67.96
C GLU OA 74 -11.85 34.07 67.84
N VAL OA 75 -11.04 33.00 67.85
CA VAL OA 75 -11.60 31.67 67.67
C VAL OA 75 -12.51 31.32 68.84
N PHE OA 76 -12.10 31.65 70.07
CA PHE OA 76 -12.92 31.31 71.22
C PHE OA 76 -14.23 32.07 71.22
N LEU OA 77 -14.21 33.34 70.81
CA LEU OA 77 -15.44 34.13 70.85
C LEU OA 77 -16.39 33.74 69.73
N THR OA 78 -15.88 33.32 68.58
CA THR OA 78 -16.76 33.08 67.44
C THR OA 78 -17.20 31.62 67.32
N SER OA 79 -16.32 30.67 67.59
CA SER OA 79 -16.59 29.27 67.25
C SER OA 79 -17.55 28.64 68.26
N THR OA 80 -17.77 27.34 68.16
CA THR OA 80 -18.69 26.61 69.03
C THR OA 80 -18.13 25.22 69.29
N LEU OA 81 -17.65 24.99 70.51
CA LEU OA 81 -17.31 23.64 70.94
C LEU OA 81 -18.56 22.78 71.01
N CYS OA 82 -18.40 21.47 70.87
CA CYS OA 82 -19.58 20.65 70.71
C CYS OA 82 -19.26 19.22 71.11
N LEU OA 83 -19.82 18.77 72.23
CA LEU OA 83 -19.44 17.51 72.85
C LEU OA 83 -20.49 16.45 72.58
N TYR OA 84 -20.09 15.38 71.90
CA TYR OA 84 -20.88 14.16 71.82
C TYR OA 84 -20.41 13.22 72.92
N TYR OA 85 -21.36 12.56 73.59
CA TYR OA 85 -21.03 11.75 74.75
C TYR OA 85 -22.11 10.70 74.93
N PRO OA 86 -21.81 9.56 75.55
CA PRO OA 86 -22.82 8.51 75.69
C PRO OA 86 -23.88 8.88 76.71
N THR OA 87 -24.96 8.11 76.72
CA THR OA 87 -26.04 8.35 77.68
C THR OA 87 -25.65 7.90 79.07
N GLU OA 88 -24.85 6.85 79.17
CA GLU OA 88 -24.46 6.38 80.49
C GLU OA 88 -23.59 7.40 81.22
N ALA OA 89 -23.00 8.35 80.49
CA ALA OA 89 -22.35 9.48 81.15
C ALA OA 89 -23.35 10.28 81.97
N SER OA 90 -24.47 10.67 81.35
CA SER OA 90 -25.50 11.39 82.10
C SER OA 90 -26.09 10.50 83.18
N THR OA 91 -26.22 9.21 82.90
CA THR OA 91 -26.80 8.29 83.89
C THR OA 91 -25.93 8.23 85.14
N GLN OA 92 -24.61 8.20 84.98
CA GLN OA 92 -23.73 8.20 86.15
C GLN OA 92 -23.65 9.57 86.79
N ILE OA 93 -23.80 10.63 86.00
CA ILE OA 93 -23.79 11.97 86.58
C ILE OA 93 -24.99 12.15 87.50
N SER OA 94 -26.15 11.64 87.09
CA SER OA 94 -27.34 11.63 87.94
C SER OA 94 -27.79 13.05 88.29
N ASP OA 95 -27.95 13.85 87.25
CA ASP OA 95 -28.16 15.29 87.39
C ASP OA 95 -28.99 15.78 86.21
N GLY OA 96 -28.81 17.02 85.81
CA GLY OA 96 -29.72 17.65 84.85
C GLY OA 96 -29.71 19.16 84.95
N GLU OA 97 -29.03 19.69 85.96
CA GLU OA 97 -28.43 21.01 85.87
C GLU OA 97 -26.99 20.94 85.38
N TRP OA 98 -26.52 19.76 84.98
CA TRP OA 98 -25.09 19.59 84.72
C TRP OA 98 -24.67 20.20 83.40
N LYS OA 99 -25.52 20.17 82.37
CA LYS OA 99 -25.17 20.87 81.14
C LYS OA 99 -25.07 22.37 81.38
N ASP OA 100 -26.00 22.92 82.16
CA ASP OA 100 -25.92 24.33 82.52
C ASP OA 100 -24.64 24.63 83.29
N SER OA 101 -24.28 23.76 84.23
CA SER OA 101 -23.05 23.95 84.99
C SER OA 101 -21.84 23.89 84.06
N LEU OA 102 -21.82 22.95 83.12
CA LEU OA 102 -20.68 22.85 82.22
C LEU OA 102 -20.58 24.08 81.33
N SER OA 103 -21.70 24.62 80.88
CA SER OA 103 -21.63 25.86 80.10
C SER OA 103 -21.09 27.00 80.95
N GLN OA 104 -21.55 27.10 82.20
CA GLN OA 104 -21.05 28.16 83.07
C GLN OA 104 -19.57 27.97 83.39
N MET OA 105 -19.07 26.73 83.30
CA MET OA 105 -17.67 26.47 83.57
C MET OA 105 -16.81 26.65 82.33
N PHE OA 106 -17.39 26.50 81.14
CA PHE OA 106 -16.69 26.90 79.93
C PHE OA 106 -16.60 28.42 79.84
N LEU OA 107 -17.61 29.11 80.37
CA LEU OA 107 -17.63 30.58 80.32
C LEU OA 107 -16.35 31.17 80.91
N ILE OA 108 -15.84 30.59 81.99
CA ILE OA 108 -14.61 31.11 82.56
C ILE OA 108 -13.43 30.80 81.64
N LYS OA 109 -13.43 29.63 81.02
CA LYS OA 109 -12.32 29.28 80.14
C LYS OA 109 -12.29 30.15 78.90
N GLY OA 110 -13.41 30.79 78.57
CA GLY OA 110 -13.40 31.83 77.56
C GLY OA 110 -14.31 31.54 76.39
N TRP OA 111 -15.36 30.77 76.61
CA TRP OA 111 -16.37 30.53 75.59
C TRP OA 111 -17.61 31.35 75.90
N PRO OA 112 -18.21 32.08 74.96
CA PRO OA 112 -19.50 32.71 75.26
C PRO OA 112 -20.54 31.65 75.54
N THR OA 113 -21.58 32.06 76.26
CA THR OA 113 -22.52 31.09 76.82
C THR OA 113 -23.20 30.26 75.74
N GLY OA 114 -23.65 30.89 74.67
CA GLY OA 114 -24.41 30.19 73.66
C GLY OA 114 -23.57 29.55 72.58
N SER OA 115 -22.40 29.01 72.95
CA SER OA 115 -21.50 28.39 71.99
C SER OA 115 -21.34 26.89 72.25
N VAL OA 116 -20.94 26.50 73.45
CA VAL OA 116 -20.65 25.09 73.71
C VAL OA 116 -21.96 24.31 73.75
N TYR OA 117 -22.04 23.25 72.95
CA TYR OA 117 -23.23 22.43 72.84
C TYR OA 117 -22.95 21.00 73.27
N PHE OA 118 -24.02 20.28 73.59
CA PHE OA 118 -23.94 18.88 74.01
C PHE OA 118 -24.94 18.06 73.21
N LYS OA 119 -24.46 17.00 72.57
CA LYS OA 119 -25.26 16.16 71.69
C LYS OA 119 -25.06 14.71 72.11
N GLU OA 120 -25.87 14.26 73.07
CA GLU OA 120 -25.81 12.90 73.57
C GLU OA 120 -26.11 11.91 72.44
N TYR OA 121 -25.56 10.71 72.56
CA TYR OA 121 -25.86 9.60 71.67
C TYR OA 121 -26.08 8.32 72.47
N SER OA 122 -26.88 7.42 71.90
CA SER OA 122 -27.31 6.23 72.64
C SER OA 122 -26.12 5.36 73.04
N ASN OA 123 -25.41 4.81 72.06
CA ASN OA 123 -24.17 4.09 72.33
C ASN OA 123 -23.28 4.20 71.09
N ILE OA 124 -22.09 3.60 71.17
CA ILE OA 124 -21.09 3.81 70.13
C ILE OA 124 -21.56 3.21 68.80
N VAL OA 125 -22.07 1.98 68.82
CA VAL OA 125 -22.43 1.32 67.58
C VAL OA 125 -23.61 2.01 66.93
N ASP OA 126 -24.54 2.53 67.73
CA ASP OA 126 -25.69 3.22 67.17
C ASP OA 126 -25.29 4.59 66.64
N PHE OA 127 -24.40 5.29 67.34
CA PHE OA 127 -23.90 6.56 66.82
C PHE OA 127 -23.13 6.36 65.52
N SER OA 128 -22.54 5.18 65.34
CA SER OA 128 -21.75 4.94 64.13
C SER OA 128 -22.60 5.04 62.87
N VAL OA 129 -23.91 4.81 62.95
CA VAL OA 129 -24.75 4.89 61.77
C VAL OA 129 -25.10 6.35 61.50
N ASP OA 130 -24.89 6.79 60.26
CA ASP OA 130 -25.09 8.15 59.80
C ASP OA 130 -24.63 9.19 60.84
N PRO OA 131 -23.39 9.11 61.29
CA PRO OA 131 -22.91 10.10 62.27
C PRO OA 131 -22.91 11.47 61.62
N GLN OA 132 -23.37 12.46 62.38
CA GLN OA 132 -23.58 13.81 61.85
C GLN OA 132 -22.77 14.79 62.66
N LEU OA 133 -21.86 15.50 62.00
CA LEU OA 133 -21.00 16.49 62.63
C LEU OA 133 -21.74 17.82 62.57
N TYR OA 134 -22.55 18.06 63.59
CA TYR OA 134 -23.51 19.16 63.57
C TYR OA 134 -22.87 20.54 63.56
N CYS OA 135 -21.59 20.65 63.87
CA CYS OA 135 -21.20 21.67 64.82
C CYS OA 135 -19.75 22.04 64.58
N ASP OA 136 -19.34 23.20 65.11
CA ASP OA 136 -18.10 23.84 64.64
C ASP OA 136 -16.83 23.10 65.07
N TYR OA 137 -16.53 23.04 66.36
CA TYR OA 137 -15.48 22.19 66.90
C TYR OA 137 -16.17 20.97 67.48
N ASN OA 138 -15.77 19.77 67.04
CA ASN OA 138 -16.45 18.55 67.42
C ASN OA 138 -15.55 17.71 68.30
N LEU OA 139 -16.07 17.29 69.44
CA LEU OA 139 -15.42 16.31 70.31
C LEU OA 139 -16.34 15.14 70.46
N VAL OA 140 -15.80 13.93 70.36
CA VAL OA 140 -16.59 12.70 70.45
C VAL OA 140 -15.98 11.87 71.58
N LEU OA 141 -16.59 11.92 72.75
CA LEU OA 141 -16.26 10.98 73.80
C LEU OA 141 -16.65 9.58 73.35
N MET OA 142 -15.82 8.60 73.68
CA MET OA 142 -16.02 7.25 73.17
C MET OA 142 -15.52 6.27 74.21
N LYS OA 143 -16.43 5.62 74.92
CA LYS OA 143 -16.05 4.69 75.98
C LYS OA 143 -15.56 3.40 75.36
N TYR OA 144 -14.33 3.02 75.67
CA TYR OA 144 -13.78 1.78 75.17
C TYR OA 144 -14.36 0.60 75.95
N ASP OA 145 -14.62 -0.49 75.22
CA ASP OA 145 -14.89 -1.77 75.85
C ASP OA 145 -14.43 -2.85 74.89
N GLN OA 146 -14.18 -4.03 75.44
CA GLN OA 146 -13.71 -5.14 74.63
C GLN OA 146 -14.81 -5.57 73.65
N SER OA 147 -14.38 -6.08 72.49
CA SER OA 147 -15.21 -6.56 71.40
C SER OA 147 -15.80 -5.44 70.55
N LEU OA 148 -15.64 -4.17 70.95
CA LEU OA 148 -16.07 -3.02 70.16
C LEU OA 148 -14.89 -2.29 69.54
N GLU OA 149 -13.72 -2.92 69.51
CA GLU OA 149 -12.52 -2.27 68.99
C GLU OA 149 -12.70 -1.91 67.52
N LEU OA 150 -13.17 -2.87 66.72
CA LEU OA 150 -13.34 -2.58 65.29
C LEU OA 150 -14.43 -1.55 65.08
N ASP OA 151 -15.48 -1.57 65.90
CA ASP OA 151 -16.54 -0.59 65.72
C ASP OA 151 -16.04 0.83 66.00
N MET OA 152 -15.26 0.98 67.07
CA MET OA 152 -14.68 2.29 67.35
C MET OA 152 -13.72 2.71 66.26
N SER OA 153 -12.91 1.77 65.76
CA SER OA 153 -12.00 2.10 64.66
C SER OA 153 -12.77 2.52 63.42
N GLU OA 154 -13.88 1.84 63.13
CA GLU OA 154 -14.70 2.18 61.98
C GLU OA 154 -15.24 3.60 62.13
N LEU OA 155 -15.75 3.94 63.31
CA LEU OA 155 -16.28 5.28 63.49
C LEU OA 155 -15.17 6.32 63.36
N ALA OA 156 -14.01 6.05 63.95
CA ALA OA 156 -12.92 7.01 63.87
C ALA OA 156 -12.50 7.22 62.43
N ASP OA 157 -12.40 6.14 61.66
CA ASP OA 157 -12.08 6.26 60.25
C ASP OA 157 -13.14 7.06 59.52
N LEU OA 158 -14.40 6.87 59.89
CA LEU OA 158 -15.48 7.54 59.19
C LEU OA 158 -15.49 9.03 59.44
N ILE OA 159 -15.33 9.45 60.70
CA ILE OA 159 -15.51 10.86 61.03
C ILE OA 159 -14.20 11.66 61.00
N LEU OA 160 -13.07 11.04 61.31
CA LEU OA 160 -11.81 11.77 61.31
C LEU OA 160 -11.32 12.09 59.91
N ASN OA 161 -11.93 11.54 58.85
CA ASN OA 161 -11.48 11.73 57.49
C ASN OA 161 -12.64 12.21 56.63
N GLU OA 162 -12.30 12.96 55.59
CA GLU OA 162 -13.30 13.51 54.68
C GLU OA 162 -13.59 12.49 53.60
N TRP OA 163 -14.74 11.83 53.69
CA TRP OA 163 -15.14 10.83 52.72
C TRP OA 163 -16.06 11.45 51.67
N LEU OA 164 -15.80 11.14 50.41
CA LEU OA 164 -16.61 11.60 49.29
C LEU OA 164 -17.34 10.37 48.74
N CYS OA 165 -18.65 10.31 48.95
CA CYS OA 165 -19.43 9.11 48.70
C CYS OA 165 -20.34 9.30 47.51
N ASN OA 166 -20.30 8.35 46.59
CA ASN OA 166 -21.21 8.21 45.48
C ASN OA 166 -22.23 7.12 45.77
N PRO OA 167 -23.41 7.17 45.16
CA PRO OA 167 -24.40 6.13 45.40
C PRO OA 167 -23.96 4.81 44.79
N MET OA 168 -24.44 3.73 45.41
CA MET OA 168 -24.25 2.38 44.91
C MET OA 168 -25.60 1.71 44.80
N ASP OA 169 -25.88 1.12 43.65
CA ASP OA 169 -27.10 0.36 43.43
C ASP OA 169 -26.71 -1.11 43.42
N ILE OA 170 -26.97 -1.79 44.53
CA ILE OA 170 -26.48 -3.17 44.70
C ILE OA 170 -27.08 -4.07 43.63
N THR OA 171 -28.39 -3.95 43.40
CA THR OA 171 -29.09 -4.96 42.60
C THR OA 171 -28.69 -4.89 41.14
N LEU OA 172 -28.46 -3.69 40.61
CA LEU OA 172 -28.35 -3.55 39.16
C LEU OA 172 -26.96 -3.90 38.64
N TYR OA 173 -25.92 -3.24 39.15
CA TYR OA 173 -24.59 -3.29 38.57
C TYR OA 173 -23.58 -3.93 39.51
N TYR OA 174 -22.52 -4.45 38.91
CA TYR OA 174 -21.35 -4.90 39.65
C TYR OA 174 -20.42 -3.72 39.87
N TYR OA 175 -19.91 -3.61 41.09
CA TYR OA 175 -19.12 -2.46 41.50
C TYR OA 175 -17.69 -2.89 41.80
N GLN OA 176 -16.77 -1.94 41.63
CA GLN OA 176 -15.34 -2.21 41.54
C GLN OA 176 -14.60 -1.12 42.26
N GLN OA 177 -13.58 -1.50 43.04
CA GLN OA 177 -12.86 -0.56 43.89
C GLN OA 177 -11.67 0.02 43.12
N SER OA 178 -11.53 1.34 43.17
CA SER OA 178 -10.52 2.00 42.36
C SER OA 178 -9.12 1.82 42.94
N GLY OA 179 -8.98 1.95 44.25
CA GLY OA 179 -7.66 1.91 44.84
C GLY OA 179 -7.70 1.96 46.35
N GLU OA 180 -6.52 2.14 46.94
CA GLU OA 180 -6.40 2.12 48.39
C GLU OA 180 -7.26 3.19 49.05
N SER OA 181 -7.46 4.32 48.38
CA SER OA 181 -8.24 5.42 48.94
C SER OA 181 -9.71 5.30 48.64
N ASN OA 182 -10.21 4.09 48.38
CA ASN OA 182 -11.62 3.84 48.13
C ASN OA 182 -12.09 2.71 49.03
N LYS OA 183 -13.28 2.87 49.60
CA LYS OA 183 -13.91 1.85 50.41
C LYS OA 183 -15.38 1.81 50.07
N TRP OA 184 -16.08 0.84 50.63
CA TRP OA 184 -17.54 0.83 50.58
C TRP OA 184 -18.04 0.98 52.01
N ILE OA 185 -18.81 2.02 52.26
CA ILE OA 185 -19.34 2.32 53.58
C ILE OA 185 -20.80 1.93 53.59
N SER OA 186 -21.17 1.02 54.47
CA SER OA 186 -22.55 0.57 54.62
C SER OA 186 -23.07 1.03 55.97
N MET OA 187 -24.20 1.72 55.94
CA MET OA 187 -24.83 2.28 57.13
C MET OA 187 -26.27 1.81 57.19
N GLY OA 188 -26.74 1.46 58.38
CA GLY OA 188 -28.11 1.08 58.53
C GLY OA 188 -28.35 0.40 59.86
N SER OA 189 -29.62 0.04 60.07
CA SER OA 189 -29.97 -0.68 61.29
C SER OA 189 -29.35 -2.08 61.31
N SER OA 190 -29.12 -2.66 60.14
CA SER OA 190 -28.47 -3.97 60.05
C SER OA 190 -27.93 -4.14 58.65
N CYS OA 191 -26.62 -4.29 58.53
CA CYS OA 191 -25.96 -4.46 57.24
C CYS OA 191 -25.28 -5.83 57.23
N THR OA 192 -25.49 -6.57 56.15
CA THR OA 192 -24.87 -7.88 55.94
C THR OA 192 -24.27 -7.87 54.55
N VAL OA 193 -23.05 -7.36 54.44
CA VAL OA 193 -22.39 -7.21 53.15
C VAL OA 193 -21.86 -8.59 52.75
N LYS OA 194 -22.58 -9.27 51.86
CA LYS OA 194 -22.10 -10.52 51.27
C LYS OA 194 -21.58 -10.20 49.88
N VAL OA 195 -20.33 -10.55 49.62
CA VAL OA 195 -19.68 -10.23 48.34
C VAL OA 195 -19.43 -11.53 47.59
N CYS OA 196 -19.42 -11.43 46.27
CA CYS OA 196 -19.05 -12.55 45.39
C CYS OA 196 -18.21 -11.96 44.26
N PRO OA 197 -16.88 -12.13 44.27
CA PRO OA 197 -16.09 -11.59 43.16
C PRO OA 197 -16.29 -12.40 41.89
N LEU OA 198 -16.09 -11.75 40.75
CA LEU OA 198 -16.43 -12.33 39.46
C LEU OA 198 -15.23 -12.35 38.53
N ASN OA 199 -15.22 -13.34 37.64
CA ASN OA 199 -14.28 -13.38 36.54
C ASN OA 199 -14.61 -12.28 35.54
N THR OA 200 -13.84 -12.23 34.46
CA THR OA 200 -14.17 -11.31 33.38
C THR OA 200 -15.46 -11.71 32.68
N GLN OA 201 -15.83 -12.99 32.74
CA GLN OA 201 -17.02 -13.49 32.08
C GLN OA 201 -18.27 -13.35 32.95
N THR OA 202 -18.21 -12.56 34.02
CA THR OA 202 -19.34 -12.42 34.94
C THR OA 202 -19.68 -13.75 35.59
N LEU OA 203 -18.65 -14.53 35.90
CA LEU OA 203 -18.78 -15.80 36.60
C LEU OA 203 -18.09 -15.68 37.95
N GLY OA 204 -18.78 -16.07 39.00
CA GLY OA 204 -18.21 -15.95 40.33
C GLY OA 204 -17.07 -16.92 40.56
N ILE OA 205 -16.24 -16.60 41.55
CA ILE OA 205 -15.16 -17.46 42.02
C ILE OA 205 -15.37 -17.69 43.50
N GLY OA 206 -15.36 -18.96 43.90
CA GLY OA 206 -15.73 -19.29 45.26
C GLY OA 206 -17.18 -19.01 45.59
N CYS OA 207 -18.01 -18.79 44.57
CA CYS OA 207 -19.40 -18.42 44.76
C CYS OA 207 -20.10 -18.46 43.42
N GLN OA 208 -21.34 -18.92 43.42
CA GLN OA 208 -22.18 -18.79 42.24
C GLN OA 208 -22.84 -17.42 42.24
N THR OA 209 -22.97 -16.83 41.05
CA THR OA 209 -23.56 -15.51 40.95
C THR OA 209 -25.05 -15.50 41.29
N THR OA 210 -25.68 -16.67 41.36
CA THR OA 210 -27.13 -16.76 41.56
C THR OA 210 -27.52 -17.34 42.90
N ASN OA 211 -26.60 -17.93 43.66
CA ASN OA 211 -26.87 -18.55 44.95
C ASN OA 211 -26.25 -17.68 46.03
N VAL OA 212 -27.08 -16.93 46.76
CA VAL OA 212 -26.60 -16.05 47.80
C VAL OA 212 -25.93 -16.81 48.93
N ASP OA 213 -26.19 -18.11 49.06
CA ASP OA 213 -25.62 -18.90 50.13
C ASP OA 213 -24.18 -19.32 49.87
N SER OA 214 -23.66 -19.11 48.66
CA SER OA 214 -22.25 -19.33 48.37
C SER OA 214 -21.40 -18.08 48.55
N PHE OA 215 -22.04 -16.92 48.71
CA PHE OA 215 -21.33 -15.66 48.85
C PHE OA 215 -20.41 -15.70 50.08
N GLU OA 216 -19.54 -14.69 50.18
CA GLU OA 216 -18.58 -14.57 51.27
C GLU OA 216 -18.98 -13.32 52.06
N THR OA 217 -19.38 -13.53 53.31
CA THR OA 217 -19.69 -12.40 54.17
C THR OA 217 -18.42 -11.63 54.50
N VAL OA 218 -18.51 -10.30 54.59
CA VAL OA 218 -17.41 -9.50 55.10
C VAL OA 218 -17.80 -8.69 56.33
N ALA OA 219 -19.08 -8.53 56.61
CA ALA OA 219 -19.53 -7.94 57.86
C ALA OA 219 -21.02 -8.17 58.00
N GLU OA 220 -21.47 -8.68 59.15
CA GLU OA 220 -22.87 -9.02 59.35
C GLU OA 220 -23.40 -8.38 60.62
N ASN OA 221 -24.63 -7.86 60.53
CA ASN OA 221 -25.35 -7.24 61.63
C ASN OA 221 -24.62 -6.01 62.19
N GLU OA 222 -23.69 -5.44 61.44
CA GLU OA 222 -23.00 -4.24 61.85
C GLU OA 222 -23.82 -3.01 61.48
N LYS OA 223 -23.92 -2.07 62.42
CA LYS OA 223 -24.57 -0.81 62.12
C LYS OA 223 -23.78 -0.05 61.06
N LEU OA 224 -22.46 -0.05 61.17
CA LEU OA 224 -21.57 0.58 60.22
C LEU OA 224 -20.51 -0.42 59.79
N ALA OA 225 -20.19 -0.44 58.50
CA ALA OA 225 -19.13 -1.31 58.00
C ALA OA 225 -18.38 -0.60 56.90
N ILE OA 226 -17.08 -0.41 57.11
CA ILE OA 226 -16.19 0.14 56.08
C ILE OA 226 -15.48 -1.06 55.49
N VAL OA 227 -16.05 -1.63 54.44
CA VAL OA 227 -15.52 -2.85 53.84
C VAL OA 227 -14.58 -2.48 52.69
N ASP OA 228 -13.40 -3.10 52.71
CA ASP OA 228 -12.42 -3.03 51.63
C ASP OA 228 -12.36 -4.40 50.97
N VAL OA 229 -12.36 -4.40 49.64
CA VAL OA 229 -12.22 -5.60 48.85
C VAL OA 229 -11.05 -5.40 47.91
N VAL OA 230 -10.61 -6.48 47.27
CA VAL OA 230 -9.45 -6.42 46.41
C VAL OA 230 -9.73 -5.47 45.26
N ASP OA 231 -8.81 -4.52 45.06
CA ASP OA 231 -9.03 -3.43 44.13
C ASP OA 231 -8.74 -3.92 42.72
N GLY OA 232 -9.78 -3.97 41.88
CA GLY OA 232 -9.65 -4.43 40.51
C GLY OA 232 -10.68 -5.47 40.13
N ILE OA 233 -11.55 -5.84 41.07
CA ILE OA 233 -12.47 -6.95 40.89
C ILE OA 233 -13.87 -6.41 40.67
N ASN OA 234 -14.66 -7.15 39.89
CA ASN OA 234 -16.08 -6.87 39.75
C ASN OA 234 -16.82 -7.77 40.73
N HIS OA 235 -17.33 -7.18 41.80
CA HIS OA 235 -18.06 -7.89 42.82
C HIS OA 235 -19.56 -7.83 42.55
N LYS OA 236 -20.28 -8.80 43.09
CA LYS OA 236 -21.72 -8.70 43.25
C LYS OA 236 -22.03 -8.72 44.74
N ILE OA 237 -22.92 -7.82 45.16
CA ILE OA 237 -23.16 -7.54 46.56
C ILE OA 237 -24.57 -7.98 46.90
N ASN OA 238 -24.73 -8.49 48.12
CA ASN OA 238 -26.03 -8.83 48.68
C ASN OA 238 -26.11 -8.15 50.03
N LEU OA 239 -26.99 -7.16 50.14
CA LEU OA 239 -27.19 -6.44 51.39
C LEU OA 239 -28.61 -5.89 51.43
N THR OA 240 -29.54 -6.69 51.99
CA THR OA 240 -30.64 -6.22 52.84
C THR OA 240 -31.11 -4.80 52.51
N THR OA 241 -31.44 -4.55 51.24
CA THR OA 241 -31.47 -3.18 50.74
C THR OA 241 -32.49 -2.29 51.45
N THR OA 242 -33.49 -2.88 52.11
CA THR OA 242 -34.52 -2.06 52.75
C THR OA 242 -34.02 -1.38 54.01
N THR OA 243 -33.13 -2.03 54.77
CA THR OA 243 -32.72 -1.55 56.09
C THR OA 243 -31.30 -1.01 56.14
N CYS OA 244 -30.49 -1.23 55.10
CA CYS OA 244 -29.13 -0.72 55.07
C CYS OA 244 -28.82 -0.20 53.68
N THR OA 245 -27.96 0.82 53.62
CA THR OA 245 -27.56 1.47 52.39
C THR OA 245 -26.04 1.49 52.29
N ILE OA 246 -25.54 1.15 51.12
CA ILE OA 246 -24.11 1.10 50.86
C ILE OA 246 -23.75 2.22 49.91
N ARG OA 247 -22.54 2.76 50.09
CA ARG OA 247 -22.05 3.87 49.27
C ARG OA 247 -20.60 3.62 48.91
N ASN OA 248 -20.20 4.15 47.75
CA ASN OA 248 -18.85 3.99 47.22
C ASN OA 248 -18.09 5.26 47.59
N CYS OA 249 -17.20 5.17 48.58
CA CYS OA 249 -16.65 6.36 49.22
C CYS OA 249 -15.14 6.42 49.00
N LYS OA 250 -14.70 7.44 48.29
CA LYS OA 250 -13.30 7.82 48.29
C LYS OA 250 -12.96 8.53 49.59
N LYS OA 251 -11.67 8.56 49.92
CA LYS OA 251 -11.17 9.17 51.15
C LYS OA 251 -10.20 10.28 50.79
N LEU OA 252 -10.64 11.52 50.94
CA LEU OA 252 -9.82 12.70 50.71
C LEU OA 252 -8.93 12.90 51.94
N GLY OA 253 -8.37 14.11 52.08
CA GLY OA 253 -7.54 14.44 53.20
C GLY OA 253 -8.27 14.33 54.53
N PRO OA 254 -7.65 14.79 55.61
CA PRO OA 254 -8.19 14.53 56.94
C PRO OA 254 -9.14 15.63 57.40
N ARG OA 255 -10.21 15.21 58.07
CA ARG OA 255 -11.11 16.18 58.71
C ARG OA 255 -10.51 16.56 60.05
N GLU OA 256 -10.04 17.80 60.16
CA GLU OA 256 -9.42 18.29 61.39
C GLU OA 256 -10.42 19.00 62.29
N ASN OA 257 -11.71 18.94 61.96
CA ASN OA 257 -12.74 19.55 62.79
C ASN OA 257 -13.13 18.70 63.99
N VAL OA 258 -12.79 17.40 63.97
CA VAL OA 258 -13.27 16.44 64.95
C VAL OA 258 -12.09 15.89 65.73
N ALA OA 259 -12.29 15.73 67.04
CA ALA OA 259 -11.38 14.99 67.90
C ALA OA 259 -12.17 13.87 68.54
N VAL OA 260 -11.52 12.74 68.75
CA VAL OA 260 -12.15 11.57 69.36
C VAL OA 260 -11.36 11.23 70.61
N ILE OA 261 -12.06 11.17 71.74
CA ILE OA 261 -11.46 10.94 73.05
C ILE OA 261 -11.85 9.54 73.48
N GLN OA 262 -10.90 8.61 73.35
CA GLN OA 262 -11.10 7.27 73.89
C GLN OA 262 -11.03 7.34 75.40
N VAL OA 263 -12.15 7.05 76.06
CA VAL OA 263 -12.25 7.28 77.49
C VAL OA 263 -11.66 6.14 78.31
N GLY OA 264 -11.42 4.99 77.71
CA GLY OA 264 -11.09 3.79 78.46
C GLY OA 264 -9.68 3.27 78.31
N GLY OA 265 -9.51 2.23 77.48
CA GLY OA 265 -8.35 1.36 77.55
C GLY OA 265 -7.18 1.75 76.68
N ALA OA 266 -6.71 0.80 75.87
CA ALA OA 266 -5.46 0.93 75.14
C ALA OA 266 -5.68 1.50 73.75
N ASN OA 267 -4.56 1.89 73.12
CA ASN OA 267 -4.62 2.46 71.78
C ASN OA 267 -4.99 1.38 70.78
N ILE OA 268 -6.12 1.55 70.10
CA ILE OA 268 -6.66 0.53 69.22
C ILE OA 268 -7.08 1.08 67.87
N LEU OA 269 -7.21 2.39 67.77
CA LEU OA 269 -7.84 3.01 66.60
C LEU OA 269 -6.87 2.99 65.43
N ASP OA 270 -6.98 1.96 64.60
CA ASP OA 270 -6.27 1.89 63.33
C ASP OA 270 -7.13 2.61 62.30
N ILE OA 271 -6.94 3.93 62.21
CA ILE OA 271 -7.73 4.71 61.27
C ILE OA 271 -7.45 4.31 59.82
N THR OA 272 -6.21 3.96 59.52
CA THR OA 272 -5.82 3.62 58.16
C THR OA 272 -5.95 2.11 57.96
N ALA OA 273 -6.81 1.71 57.03
CA ALA OA 273 -7.04 0.29 56.79
C ALA OA 273 -5.79 -0.43 56.33
N ASP OA 274 -4.83 0.30 55.76
CA ASP OA 274 -3.54 -0.28 55.41
C ASP OA 274 -2.93 -0.88 56.67
N PRO OA 275 -2.60 -2.18 56.70
CA PRO OA 275 -2.10 -2.77 57.94
C PRO OA 275 -0.64 -2.45 58.24
N THR OA 276 0.11 -1.90 57.29
CA THR OA 276 1.48 -1.54 57.57
C THR OA 276 1.56 -0.31 58.46
N THR OA 277 0.74 0.70 58.17
CA THR OA 277 0.78 1.96 58.89
C THR OA 277 -0.29 2.00 59.97
N ASN OA 278 0.09 2.49 61.15
CA ASN OA 278 -0.82 2.64 62.29
C ASN OA 278 -0.52 3.97 62.95
N PRO OA 279 -0.82 5.08 62.27
CA PRO OA 279 -0.41 6.39 62.81
C PRO OA 279 -1.17 6.75 64.07
N GLN OA 280 -0.51 7.51 64.93
CA GLN OA 280 -1.10 8.09 66.14
C GLN OA 280 -1.35 9.56 65.85
N ILE OA 281 -2.51 9.86 65.26
CA ILE OA 281 -2.82 11.24 64.92
C ILE OA 281 -2.94 12.05 66.20
N GLU OA 282 -2.67 13.35 66.10
CA GLU OA 282 -2.76 14.22 67.27
C GLU OA 282 -4.16 14.22 67.87
N ARG OA 283 -5.18 13.94 67.06
CA ARG OA 283 -6.57 13.97 67.50
C ARG OA 283 -7.07 12.61 68.01
N MET OA 284 -6.18 11.63 68.15
CA MET OA 284 -6.53 10.36 68.80
C MET OA 284 -6.38 10.51 70.32
N MET OA 285 -7.22 11.36 70.90
CA MET OA 285 -7.09 11.68 72.30
C MET OA 285 -7.46 10.48 73.15
N ARG OA 286 -6.84 10.36 74.32
CA ARG OA 286 -7.11 9.22 75.19
C ARG OA 286 -7.04 9.66 76.64
N VAL OA 287 -7.92 9.09 77.47
CA VAL OA 287 -7.91 9.33 78.91
C VAL OA 287 -8.24 8.03 79.63
N ASN OA 288 -7.84 7.97 80.90
CA ASN OA 288 -8.21 6.90 81.81
C ASN OA 288 -9.28 7.43 82.75
N TRP OA 289 -10.33 6.64 82.95
CA TRP OA 289 -11.54 7.13 83.60
C TRP OA 289 -12.02 6.16 84.68
N LYS OA 290 -12.62 6.73 85.70
CA LYS OA 290 -13.55 6.03 86.56
C LYS OA 290 -14.84 6.80 86.75
N ARG OA 291 -14.79 8.14 86.77
CA ARG OA 291 -15.94 8.99 87.00
C ARG OA 291 -16.13 9.93 85.82
N TRP OA 292 -17.35 9.93 85.28
CA TRP OA 292 -17.64 10.77 84.14
C TRP OA 292 -17.52 12.25 84.48
N TRP OA 293 -17.82 12.62 85.72
CA TRP OA 293 -17.58 14.01 86.12
C TRP OA 293 -16.10 14.34 86.02
N GLN OA 294 -15.23 13.40 86.40
CA GLN OA 294 -13.81 13.66 86.28
C GLN OA 294 -13.40 13.82 84.82
N VAL OA 295 -13.94 12.97 83.95
CA VAL OA 295 -13.62 13.08 82.53
C VAL OA 295 -14.05 14.44 81.99
N PHE OA 296 -15.28 14.86 82.31
CA PHE OA 296 -15.78 16.12 81.80
C PHE OA 296 -14.98 17.30 82.36
N TYR OA 297 -14.60 17.22 83.63
CA TYR OA 297 -13.76 18.27 84.21
C TYR OA 297 -12.42 18.34 83.50
N THR OA 298 -11.83 17.19 83.17
CA THR OA 298 -10.58 17.19 82.44
C THR OA 298 -10.74 17.87 81.09
N ILE OA 299 -11.82 17.55 80.38
CA ILE OA 299 -12.04 18.16 79.07
C ILE OA 299 -12.22 19.67 79.22
N VAL OA 300 -13.01 20.10 80.21
CA VAL OA 300 -13.24 21.54 80.38
C VAL OA 300 -11.94 22.24 80.72
N ASP OA 301 -11.12 21.64 81.58
CA ASP OA 301 -9.87 22.28 81.98
C ASP OA 301 -8.93 22.42 80.80
N TYR OA 302 -8.69 21.33 80.07
CA TYR OA 302 -7.75 21.32 78.97
C TYR OA 302 -8.41 21.55 77.62
N ILE OA 303 -9.54 22.27 77.60
CA ILE OA 303 -10.23 22.50 76.33
C ILE OA 303 -9.39 23.35 75.39
N ASN OA 304 -8.62 24.29 75.93
CA ASN OA 304 -7.81 25.14 75.07
C ASN OA 304 -6.84 24.31 74.23
N GLN OA 305 -6.18 23.35 74.84
CA GLN OA 305 -5.22 22.53 74.11
C GLN OA 305 -5.91 21.65 73.08
N ILE OA 306 -7.12 21.18 73.38
CA ILE OA 306 -7.86 20.37 72.41
C ILE OA 306 -8.16 21.19 71.16
N VAL OA 307 -8.62 22.43 71.35
CA VAL OA 307 -8.88 23.29 70.21
C VAL OA 307 -7.57 23.62 69.49
N GLN OA 308 -6.48 23.76 70.22
CA GLN OA 308 -5.19 23.98 69.57
C GLN OA 308 -4.84 22.80 68.67
N VAL OA 309 -5.13 21.58 69.12
CA VAL OA 309 -4.93 20.41 68.28
C VAL OA 309 -5.82 20.46 67.05
N MET OA 310 -7.08 20.83 67.23
CA MET OA 310 -8.01 20.86 66.10
C MET OA 310 -7.80 22.12 65.27
N SER OA 311 -8.55 22.26 64.19
CA SER OA 311 -8.48 23.42 63.31
C SER OA 311 -9.86 23.69 62.73
N LYS OA 312 -10.40 24.87 63.05
CA LYS OA 312 -11.79 25.17 62.70
C LYS OA 312 -12.04 25.16 61.20
N ARG OA 313 -11.02 25.47 60.40
CA ARG OA 313 -11.25 25.79 58.99
C ARG OA 313 -11.89 24.64 58.22
N SER OA 314 -11.76 23.41 58.68
CA SER OA 314 -12.27 22.25 57.93
C SER OA 314 -13.71 21.93 58.35
N ARG OA 315 -14.58 22.92 58.18
CA ARG OA 315 -16.00 22.76 58.45
C ARG OA 315 -16.78 22.77 57.16
N SER OA 316 -17.68 21.80 56.99
CA SER OA 316 -18.54 21.72 55.83
C SER OA 316 -19.90 22.34 56.11
N LEU OA 317 -20.63 22.65 55.04
CA LEU OA 317 -21.97 23.19 55.22
C LEU OA 317 -22.90 22.16 55.85
N ASN OA 318 -22.95 20.96 55.28
CA ASN OA 318 -23.86 19.96 55.79
C ASN OA 318 -23.37 19.44 57.13
N SER OA 319 -24.31 18.88 57.89
CA SER OA 319 -23.98 18.15 59.10
C SER OA 319 -23.56 16.71 58.80
N ALA OA 320 -23.66 16.28 57.55
CA ALA OA 320 -23.28 14.92 57.21
C ALA OA 320 -21.77 14.72 57.33
N ALA OA 321 -21.37 13.49 57.59
CA ALA OA 321 -19.96 13.14 57.74
C ALA OA 321 -19.27 12.88 56.41
N PHE OA 322 -19.96 13.05 55.28
CA PHE OA 322 -19.36 12.79 53.98
C PHE OA 322 -20.04 13.67 52.94
N TYR OA 323 -19.33 13.86 51.83
CA TYR OA 323 -19.83 14.64 50.70
C TYR OA 323 -20.54 13.71 49.74
N TYR OA 324 -21.86 13.80 49.64
CA TYR OA 324 -22.63 12.99 48.72
C TYR OA 324 -22.53 13.63 47.33
N ARG OA 325 -22.13 12.85 46.34
CA ARG OA 325 -21.78 13.38 45.01
C ARG OA 325 -22.39 12.52 43.91
N VAL OA 326 -23.72 12.34 43.97
CA VAL OA 326 -24.51 11.70 42.91
C VAL OA 326 -23.98 12.01 41.51
N GLN PA 51 33.18 -13.38 42.70
CA GLN PA 51 32.53 -13.85 43.91
C GLN PA 51 33.59 -14.25 44.93
N ASN PA 52 33.65 -13.48 46.01
CA ASN PA 52 34.78 -13.49 46.95
C ASN PA 52 34.32 -13.79 48.37
N TYR PA 53 33.58 -14.88 48.53
CA TYR PA 53 32.78 -15.12 49.72
C TYR PA 53 33.64 -15.16 50.98
N GLY PA 54 32.96 -15.20 52.12
CA GLY PA 54 33.61 -15.48 53.39
C GLY PA 54 34.59 -14.43 53.83
N LEU PA 55 34.29 -13.16 53.58
CA LEU PA 55 35.20 -12.10 53.95
C LEU PA 55 34.50 -10.76 53.89
N ASN PA 56 34.69 -9.93 54.92
CA ASN PA 56 34.10 -8.60 54.97
C ASN PA 56 35.07 -7.63 54.30
N ILE PA 57 34.68 -7.13 53.13
CA ILE PA 57 35.52 -6.24 52.33
C ILE PA 57 34.70 -4.98 52.06
N PRO PA 58 35.21 -3.79 52.34
CA PRO PA 58 34.32 -2.62 52.39
C PRO PA 58 33.88 -2.19 51.00
N ILE PA 59 32.59 -1.86 50.89
CA ILE PA 59 31.98 -1.46 49.62
C ILE PA 59 32.00 0.05 49.52
N THR PA 60 32.61 0.56 48.45
CA THR PA 60 32.60 1.98 48.14
C THR PA 60 31.47 2.27 47.15
N GLY PA 61 30.78 3.39 47.36
CA GLY PA 61 29.66 3.74 46.53
C GLY PA 61 29.47 5.24 46.38
N SER PA 62 29.35 5.71 45.14
CA SER PA 62 29.16 7.13 44.90
C SER PA 62 27.83 7.60 45.46
N MET PA 63 27.76 8.89 45.77
CA MET PA 63 26.57 9.48 46.37
C MET PA 63 25.73 10.27 45.38
N ASP PA 64 26.32 10.76 44.30
CA ASP PA 64 25.65 11.62 43.33
C ASP PA 64 25.55 10.95 41.95
N THR PA 65 25.26 9.65 41.93
CA THR PA 65 25.12 8.92 40.69
C THR PA 65 23.65 8.89 40.28
N VAL PA 66 23.41 8.98 38.97
CA VAL PA 66 22.06 9.15 38.47
C VAL PA 66 21.21 7.91 38.72
N TYR PA 67 21.70 6.75 38.32
CA TYR PA 67 20.91 5.51 38.34
C TYR PA 67 19.56 5.72 37.66
N SER PA 68 19.60 6.33 36.47
CA SER PA 68 18.37 6.53 35.71
C SER PA 68 17.76 5.19 35.32
N ASN PA 69 18.60 4.23 34.93
CA ASN PA 69 18.12 2.89 34.61
C ASN PA 69 17.38 2.26 35.77
N SER PA 70 17.67 2.67 37.00
CA SER PA 70 17.02 2.06 38.16
C SER PA 70 15.52 2.31 38.13
N THR PA 71 14.76 1.26 38.43
CA THR PA 71 13.31 1.34 38.54
C THR PA 71 12.86 0.26 39.53
N ARG PA 72 11.54 0.09 39.63
CA ARG PA 72 10.99 -0.75 40.69
C ARG PA 72 11.42 -2.21 40.52
N GLU PA 73 11.57 -2.89 41.65
CA GLU PA 73 11.90 -4.30 41.71
C GLU PA 73 10.60 -5.07 41.87
N GLU PA 74 10.11 -5.67 40.78
CA GLU PA 74 8.88 -6.45 40.81
C GLU PA 74 9.20 -7.77 41.51
N VAL PA 75 9.12 -7.73 42.84
CA VAL PA 75 9.49 -8.88 43.65
C VAL PA 75 8.51 -10.03 43.43
N PHE PA 76 7.23 -9.71 43.24
CA PHE PA 76 6.21 -10.76 43.15
C PHE PA 76 6.40 -11.64 41.93
N LEU PA 77 7.15 -11.21 40.92
CA LEU PA 77 7.34 -12.03 39.73
C LEU PA 77 8.22 -13.25 39.99
N THR PA 78 8.97 -13.28 41.10
CA THR PA 78 9.90 -14.35 41.39
C THR PA 78 9.69 -15.00 42.75
N SER PA 79 9.38 -14.22 43.77
CA SER PA 79 9.35 -14.74 45.13
C SER PA 79 8.12 -15.64 45.32
N THR PA 80 7.96 -16.13 46.54
CA THR PA 80 6.82 -16.97 46.92
C THR PA 80 6.23 -16.44 48.22
N LEU PA 81 5.03 -15.88 48.12
CA LEU PA 81 4.30 -15.41 49.29
C LEU PA 81 3.69 -16.59 50.02
N CYS PA 82 3.46 -16.43 51.32
CA CYS PA 82 3.40 -17.61 52.17
C CYS PA 82 2.65 -17.25 53.45
N LEU PA 83 1.36 -17.59 53.51
CA LEU PA 83 0.47 -17.14 54.58
C LEU PA 83 0.22 -18.26 55.58
N TYR PA 84 0.33 -17.93 56.86
CA TYR PA 84 0.01 -18.83 57.95
C TYR PA 84 -1.16 -18.23 58.72
N TYR PA 85 -2.15 -19.07 59.03
CA TYR PA 85 -3.36 -18.64 59.69
C TYR PA 85 -3.75 -19.68 60.73
N PRO PA 86 -4.55 -19.30 61.73
CA PRO PA 86 -5.12 -20.31 62.61
C PRO PA 86 -6.30 -21.03 61.94
N THR PA 87 -6.51 -22.28 62.35
CA THR PA 87 -7.56 -23.09 61.73
C THR PA 87 -8.95 -22.52 61.97
N GLU PA 88 -9.14 -21.75 63.05
CA GLU PA 88 -10.44 -21.13 63.26
C GLU PA 88 -10.77 -20.12 62.18
N ALA PA 89 -9.76 -19.57 61.50
CA ALA PA 89 -10.03 -18.77 60.31
C ALA PA 89 -10.76 -19.59 59.26
N SER PA 90 -10.27 -20.80 58.99
CA SER PA 90 -10.93 -21.68 58.04
C SER PA 90 -12.32 -22.04 58.50
N THR PA 91 -12.47 -22.34 59.80
CA THR PA 91 -13.79 -22.72 60.29
C THR PA 91 -14.80 -21.59 60.11
N GLN PA 92 -14.41 -20.37 60.46
CA GLN PA 92 -15.34 -19.25 60.28
C GLN PA 92 -15.61 -18.99 58.81
N ILE PA 93 -14.61 -19.20 57.96
CA ILE PA 93 -14.81 -18.99 56.53
C ILE PA 93 -15.86 -19.96 56.00
N SER PA 94 -15.81 -21.22 56.44
CA SER PA 94 -16.81 -22.21 56.08
C SER PA 94 -16.88 -22.40 54.56
N ASP PA 95 -15.74 -22.79 54.01
CA ASP PA 95 -15.52 -22.87 52.57
C ASP PA 95 -14.50 -23.97 52.33
N GLY PA 96 -13.68 -23.86 51.28
CA GLY PA 96 -12.84 -24.96 50.88
C GLY PA 96 -12.41 -24.90 49.42
N GLU PA 97 -12.96 -23.93 48.68
CA GLU PA 97 -12.28 -23.36 47.53
C GLU PA 97 -11.79 -21.96 47.83
N TRP PA 98 -11.79 -21.54 49.10
CA TRP PA 98 -11.31 -20.21 49.43
C TRP PA 98 -9.82 -20.08 49.18
N LYS PA 99 -9.07 -21.18 49.29
CA LYS PA 99 -7.66 -21.13 48.90
C LYS PA 99 -7.53 -20.78 47.43
N ASP PA 100 -8.37 -21.40 46.58
CA ASP PA 100 -8.34 -21.07 45.16
C ASP PA 100 -8.75 -19.61 44.93
N SER PA 101 -9.78 -19.15 45.63
CA SER PA 101 -10.23 -17.77 45.44
C SER PA 101 -9.14 -16.78 45.83
N LEU PA 102 -8.50 -17.01 46.97
CA LEU PA 102 -7.42 -16.12 47.40
C LEU PA 102 -6.24 -16.20 46.45
N SER PA 103 -5.94 -17.39 45.92
CA SER PA 103 -4.87 -17.49 44.94
C SER PA 103 -5.20 -16.69 43.69
N GLN PA 104 -6.47 -16.72 43.27
CA GLN PA 104 -6.88 -15.93 42.11
C GLN PA 104 -6.70 -14.44 42.38
N MET PA 105 -7.12 -13.98 43.56
CA MET PA 105 -6.98 -12.56 43.84
C MET PA 105 -5.52 -12.16 43.99
N PHE PA 106 -4.68 -13.04 44.53
CA PHE PA 106 -3.26 -12.77 44.56
C PHE PA 106 -2.70 -12.67 43.15
N LEU PA 107 -3.16 -13.54 42.26
CA LEU PA 107 -2.74 -13.45 40.85
C LEU PA 107 -3.12 -12.11 40.27
N ILE PA 108 -4.32 -11.63 40.61
CA ILE PA 108 -4.76 -10.34 40.10
C ILE PA 108 -3.87 -9.23 40.64
N LYS PA 109 -3.40 -9.38 41.87
CA LYS PA 109 -2.44 -8.41 42.40
C LYS PA 109 -1.06 -8.56 41.76
N GLY PA 110 -0.73 -9.74 41.22
CA GLY PA 110 0.51 -9.91 40.48
C GLY PA 110 1.23 -11.23 40.63
N TRP PA 111 0.89 -12.00 41.65
CA TRP PA 111 1.71 -13.16 42.01
C TRP PA 111 1.32 -14.37 41.14
N PRO PA 112 2.25 -14.99 40.43
CA PRO PA 112 1.88 -16.14 39.58
C PRO PA 112 1.18 -17.23 40.37
N THR PA 113 0.66 -18.22 39.62
CA THR PA 113 -0.31 -19.16 40.17
C THR PA 113 0.25 -19.91 41.38
N GLY PA 114 1.42 -20.52 41.22
CA GLY PA 114 2.03 -21.29 42.28
C GLY PA 114 2.88 -20.49 43.24
N SER PA 115 2.88 -19.17 43.11
CA SER PA 115 3.75 -18.31 43.91
C SER PA 115 3.11 -17.92 45.25
N VAL PA 116 2.07 -18.62 45.68
CA VAL PA 116 1.42 -18.34 46.95
C VAL PA 116 1.12 -19.66 47.64
N TYR PA 117 1.43 -19.74 48.94
CA TYR PA 117 1.17 -20.94 49.73
C TYR PA 117 0.37 -20.56 50.95
N PHE PA 118 -0.44 -21.51 51.43
CA PHE PA 118 -1.36 -21.31 52.56
C PHE PA 118 -1.12 -22.42 53.58
N LYS PA 119 -0.17 -22.19 54.50
CA LYS PA 119 0.24 -23.21 55.46
C LYS PA 119 -0.51 -23.01 56.76
N GLU PA 120 -1.54 -23.83 56.98
CA GLU PA 120 -2.36 -23.75 58.17
C GLU PA 120 -1.55 -24.18 59.40
N TYR PA 121 -1.97 -23.68 60.57
CA TYR PA 121 -1.50 -24.19 61.85
C TYR PA 121 -2.67 -24.30 62.81
N SER PA 122 -2.59 -25.26 63.72
CA SER PA 122 -3.73 -25.58 64.57
C SER PA 122 -4.06 -24.43 65.52
N ASN PA 123 -3.06 -23.94 66.24
CA ASN PA 123 -3.25 -22.80 67.12
C ASN PA 123 -1.87 -22.21 67.42
N ILE PA 124 -1.85 -21.10 68.16
CA ILE PA 124 -0.62 -20.33 68.30
C ILE PA 124 0.44 -21.14 69.03
N VAL PA 125 0.05 -21.81 70.12
CA VAL PA 125 1.04 -22.51 70.94
C VAL PA 125 1.58 -23.72 70.18
N ASP PA 126 0.71 -24.51 69.57
CA ASP PA 126 1.18 -25.68 68.83
C ASP PA 126 1.97 -25.28 67.58
N PHE PA 127 1.72 -24.08 67.06
CA PHE PA 127 2.58 -23.57 66.00
C PHE PA 127 3.94 -23.17 66.55
N SER PA 128 3.98 -22.74 67.81
CA SER PA 128 5.22 -22.24 68.38
C SER PA 128 6.28 -23.30 68.58
N VAL PA 129 5.95 -24.58 68.45
CA VAL PA 129 6.90 -25.66 68.69
C VAL PA 129 7.69 -25.91 67.42
N ASP PA 130 8.95 -25.46 67.40
CA ASP PA 130 9.84 -25.62 66.26
C ASP PA 130 9.20 -25.08 64.97
N PRO PA 131 8.82 -23.80 64.94
CA PRO PA 131 8.22 -23.24 63.73
C PRO PA 131 9.28 -23.00 62.68
N GLN PA 132 9.32 -23.84 61.66
CA GLN PA 132 10.29 -23.75 60.58
C GLN PA 132 9.58 -23.16 59.37
N LEU PA 133 9.94 -21.94 59.03
CA LEU PA 133 9.30 -21.19 57.96
C LEU PA 133 10.13 -21.29 56.68
N TYR PA 134 10.25 -22.52 56.18
CA TYR PA 134 11.05 -22.76 54.98
C TYR PA 134 10.33 -22.17 53.78
N CYS PA 135 10.48 -20.87 53.54
CA CYS PA 135 9.63 -20.24 52.54
C CYS PA 135 10.27 -18.89 52.23
N ASP PA 136 9.62 -18.05 51.39
CA ASP PA 136 10.29 -16.87 50.85
C ASP PA 136 9.67 -15.53 51.23
N TYR PA 137 8.39 -15.47 51.56
CA TYR PA 137 7.83 -14.26 52.16
C TYR PA 137 6.72 -14.69 53.10
N ASN PA 138 7.04 -14.77 54.39
CA ASN PA 138 6.14 -15.34 55.37
C ASN PA 138 5.32 -14.23 56.03
N LEU PA 139 4.00 -14.35 55.94
CA LEU PA 139 3.08 -13.55 56.74
C LEU PA 139 2.40 -14.49 57.72
N VAL PA 140 2.40 -14.14 59.00
CA VAL PA 140 1.80 -14.96 60.05
C VAL PA 140 0.69 -14.16 60.69
N LEU PA 141 -0.54 -14.69 60.63
CA LEU PA 141 -1.71 -14.02 61.17
C LEU PA 141 -1.92 -14.52 62.60
N MET PA 142 -1.39 -13.78 63.57
CA MET PA 142 -1.47 -14.18 64.97
C MET PA 142 -2.72 -13.55 65.57
N LYS PA 143 -3.68 -14.39 65.94
CA LYS PA 143 -4.93 -13.92 66.54
C LYS PA 143 -4.69 -13.71 68.03
N TYR PA 144 -4.75 -12.47 68.48
CA TYR PA 144 -4.52 -12.18 69.89
C TYR PA 144 -5.70 -12.62 70.72
N ASP PA 145 -5.41 -13.37 71.78
CA ASP PA 145 -6.36 -13.62 72.85
C ASP PA 145 -5.63 -13.44 74.17
N GLN PA 146 -6.36 -13.02 75.19
CA GLN PA 146 -5.74 -12.77 76.48
C GLN PA 146 -5.16 -14.06 77.04
N SER PA 147 -4.11 -13.92 77.84
CA SER PA 147 -3.32 -14.97 78.46
C SER PA 147 -2.34 -15.60 77.48
N LEU PA 148 -2.37 -15.24 76.20
CA LEU PA 148 -1.36 -15.66 75.23
C LEU PA 148 -0.34 -14.57 74.98
N GLU PA 149 -0.19 -13.64 75.92
CA GLU PA 149 0.70 -12.50 75.70
C GLU PA 149 2.13 -12.96 75.48
N LEU PA 150 2.72 -13.59 76.50
CA LEU PA 150 4.13 -13.95 76.37
C LEU PA 150 4.32 -15.06 75.36
N ASP PA 151 3.33 -15.93 75.15
CA ASP PA 151 3.49 -16.97 74.14
C ASP PA 151 3.52 -16.35 72.75
N MET PA 152 2.66 -15.37 72.48
CA MET PA 152 2.74 -14.63 71.23
C MET PA 152 4.07 -13.91 71.11
N SER PA 153 4.51 -13.25 72.18
CA SER PA 153 5.73 -12.46 72.10
C SER PA 153 6.94 -13.35 71.86
N GLU PA 154 7.04 -14.49 72.55
CA GLU PA 154 8.18 -15.35 72.37
C GLU PA 154 8.17 -16.00 70.99
N LEU PA 155 7.00 -16.41 70.50
CA LEU PA 155 6.95 -16.93 69.14
C LEU PA 155 7.36 -15.87 68.13
N ALA PA 156 6.87 -14.64 68.31
CA ALA PA 156 7.22 -13.56 67.40
C ALA PA 156 8.72 -13.32 67.42
N ASP PA 157 9.32 -13.31 68.60
CA ASP PA 157 10.76 -13.14 68.69
C ASP PA 157 11.48 -14.27 67.97
N LEU PA 158 11.01 -15.50 68.16
CA LEU PA 158 11.65 -16.66 67.57
C LEU PA 158 11.67 -16.57 66.05
N ILE PA 159 10.56 -16.12 65.46
CA ILE PA 159 10.49 -16.08 64.00
C ILE PA 159 10.99 -14.77 63.40
N LEU PA 160 11.12 -13.70 64.20
CA LEU PA 160 11.60 -12.43 63.67
C LEU PA 160 13.08 -12.19 63.88
N ASN PA 161 13.72 -12.92 64.79
CA ASN PA 161 15.15 -12.80 65.00
C ASN PA 161 15.83 -14.07 64.50
N GLU PA 162 16.92 -13.90 63.76
CA GLU PA 162 17.73 -15.04 63.35
C GLU PA 162 18.49 -15.56 64.56
N TRP PA 163 18.18 -16.78 64.97
CA TRP PA 163 18.78 -17.40 66.15
C TRP PA 163 19.80 -18.43 65.71
N LEU PA 164 21.00 -18.33 66.27
CA LEU PA 164 22.06 -19.30 66.03
C LEU PA 164 22.14 -20.18 67.28
N CYS PA 165 21.75 -21.44 67.16
CA CYS PA 165 21.53 -22.30 68.31
C CYS PA 165 22.51 -23.46 68.31
N ASN PA 166 23.16 -23.68 69.47
CA ASN PA 166 23.98 -24.83 69.80
C ASN PA 166 23.20 -25.77 70.71
N PRO PA 167 23.50 -27.06 70.71
CA PRO PA 167 22.72 -27.99 71.53
C PRO PA 167 23.18 -27.91 72.98
N MET PA 168 22.53 -28.68 73.84
CA MET PA 168 22.90 -28.73 75.25
C MET PA 168 22.61 -30.11 75.80
N ASP PA 169 23.50 -30.59 76.67
CA ASP PA 169 23.41 -31.89 77.31
C ASP PA 169 23.17 -31.61 78.79
N ILE PA 170 21.90 -31.50 79.16
CA ILE PA 170 21.53 -31.01 80.49
C ILE PA 170 22.06 -31.92 81.59
N THR PA 171 22.19 -33.21 81.31
CA THR PA 171 22.59 -34.13 82.35
C THR PA 171 24.09 -34.16 82.59
N LEU PA 172 24.88 -33.41 81.81
CA LEU PA 172 26.33 -33.57 81.78
C LEU PA 172 27.09 -32.29 82.12
N TYR PA 173 26.63 -31.13 81.65
CA TYR PA 173 27.37 -29.88 81.79
C TYR PA 173 26.50 -28.82 82.44
N TYR PA 174 27.14 -27.92 83.17
CA TYR PA 174 26.50 -26.71 83.67
C TYR PA 174 26.64 -25.61 82.63
N TYR PA 175 25.61 -24.78 82.51
CA TYR PA 175 25.50 -23.80 81.45
C TYR PA 175 25.33 -22.41 82.02
N GLN PA 176 25.82 -21.42 81.28
CA GLN PA 176 25.65 -20.02 81.64
C GLN PA 176 25.54 -19.19 80.37
N GLN PA 177 24.70 -18.18 80.41
CA GLN PA 177 24.53 -17.28 79.28
C GLN PA 177 25.72 -16.33 79.20
N SER PA 178 26.29 -16.17 78.01
CA SER PA 178 27.46 -15.32 77.86
C SER PA 178 27.12 -13.86 78.16
N GLY PA 179 25.97 -13.40 77.68
CA GLY PA 179 25.62 -12.01 77.87
C GLY PA 179 24.26 -11.60 77.32
N GLU PA 180 24.19 -10.38 76.79
CA GLU PA 180 22.91 -9.76 76.50
C GLU PA 180 22.12 -10.53 75.44
N SER PA 181 22.80 -11.00 74.41
CA SER PA 181 22.14 -11.57 73.23
C SER PA 181 21.90 -13.06 73.33
N ASN PA 182 22.23 -13.70 74.45
CA ASN PA 182 22.11 -15.14 74.60
C ASN PA 182 20.85 -15.50 75.37
N LYS PA 183 20.16 -16.54 74.90
CA LYS PA 183 18.98 -17.08 75.56
C LYS PA 183 19.11 -18.60 75.54
N TRP PA 184 18.20 -19.28 76.24
CA TRP PA 184 18.01 -20.71 76.05
C TRP PA 184 16.60 -20.92 75.52
N ILE PA 185 16.50 -21.51 74.35
CA ILE PA 185 15.21 -21.76 73.72
C ILE PA 185 14.81 -23.19 74.01
N SER PA 186 13.66 -23.37 74.65
CA SER PA 186 13.14 -24.70 74.99
C SER PA 186 11.87 -24.93 74.21
N MET PA 187 11.86 -25.98 73.39
CA MET PA 187 10.72 -26.31 72.55
C MET PA 187 10.39 -27.79 72.70
N GLY PA 188 9.10 -28.09 72.70
CA GLY PA 188 8.67 -29.46 72.86
C GLY PA 188 7.18 -29.51 73.11
N SER PA 189 6.68 -30.73 73.31
CA SER PA 189 5.26 -30.90 73.57
C SER PA 189 4.87 -30.29 74.90
N SER PA 190 5.70 -30.47 75.95
CA SER PA 190 5.43 -29.83 77.23
C SER PA 190 6.76 -29.64 77.95
N CYS PA 191 7.35 -28.45 77.83
CA CYS PA 191 8.58 -28.14 78.53
C CYS PA 191 8.28 -27.69 79.95
N THR PA 192 9.12 -28.14 80.88
CA THR PA 192 9.04 -27.72 82.28
C THR PA 192 10.47 -27.48 82.75
N VAL PA 193 10.93 -26.24 82.58
CA VAL PA 193 12.33 -25.89 82.82
C VAL PA 193 12.49 -25.51 84.28
N LYS PA 194 13.40 -26.17 84.97
CA LYS PA 194 13.76 -25.82 86.33
C LYS PA 194 15.26 -25.59 86.39
N VAL PA 195 15.68 -24.55 87.08
CA VAL PA 195 17.08 -24.13 87.11
C VAL PA 195 17.54 -24.02 88.55
N CYS PA 196 18.73 -24.55 88.82
CA CYS PA 196 19.43 -24.34 90.08
C CYS PA 196 20.66 -23.50 89.80
N PRO PA 197 20.67 -22.21 90.14
CA PRO PA 197 21.91 -21.43 90.04
C PRO PA 197 22.99 -22.03 90.92
N LEU PA 198 24.23 -21.89 90.46
CA LEU PA 198 25.41 -22.41 91.15
C LEU PA 198 26.38 -21.27 91.41
N ASN PA 199 26.86 -21.16 92.64
CA ASN PA 199 27.92 -20.22 92.93
C ASN PA 199 29.24 -20.77 92.39
N THR PA 200 30.34 -20.04 92.65
CA THR PA 200 31.62 -20.43 92.10
C THR PA 200 32.07 -21.80 92.60
N GLN PA 201 31.63 -22.19 93.80
CA GLN PA 201 32.04 -23.45 94.41
C GLN PA 201 31.09 -24.59 94.11
N THR PA 202 30.20 -24.43 93.12
CA THR PA 202 29.26 -25.47 92.71
C THR PA 202 28.25 -25.81 93.81
N LEU PA 203 28.09 -24.95 94.80
CA LEU PA 203 27.09 -25.10 95.84
C LEU PA 203 25.90 -24.22 95.46
N GLY PA 204 24.78 -24.85 95.09
CA GLY PA 204 23.66 -24.10 94.58
C GLY PA 204 23.13 -23.12 95.62
N ILE PA 205 22.67 -21.96 95.14
CA ILE PA 205 22.14 -20.91 95.98
C ILE PA 205 20.63 -20.92 95.80
N GLY PA 206 19.90 -21.12 96.91
CA GLY PA 206 18.47 -21.30 96.82
C GLY PA 206 18.05 -22.67 96.31
N CYS PA 207 19.00 -23.58 96.13
CA CYS PA 207 18.70 -24.90 95.62
C CYS PA 207 19.76 -25.87 96.10
N GLN PA 208 19.36 -27.12 96.26
CA GLN PA 208 20.29 -28.22 96.48
C GLN PA 208 20.52 -28.90 95.14
N THR PA 209 21.79 -29.09 94.78
CA THR PA 209 22.11 -29.56 93.44
C THR PA 209 21.55 -30.94 93.16
N THR PA 210 21.22 -31.71 94.20
CA THR PA 210 20.62 -33.03 94.03
C THR PA 210 19.10 -32.94 93.99
N ASN PA 211 18.50 -32.35 95.03
CA ASN PA 211 17.05 -32.28 95.14
C ASN PA 211 16.50 -31.39 94.05
N VAL PA 212 15.83 -31.99 93.06
CA VAL PA 212 15.20 -31.21 92.02
C VAL PA 212 14.08 -30.35 92.55
N ASP PA 213 13.50 -30.69 93.71
CA ASP PA 213 12.37 -29.94 94.23
C ASP PA 213 12.75 -28.51 94.55
N SER PA 214 13.95 -28.30 95.11
CA SER PA 214 14.36 -26.96 95.48
C SER PA 214 14.70 -26.10 94.27
N PHE PA 215 14.80 -26.68 93.08
CA PHE PA 215 15.09 -25.93 91.88
C PHE PA 215 14.02 -24.86 91.66
N GLU PA 216 14.33 -23.92 90.78
CA GLU PA 216 13.52 -22.72 90.59
C GLU PA 216 12.88 -22.79 89.21
N THR PA 217 11.59 -23.12 89.16
CA THR PA 217 10.91 -23.25 87.89
C THR PA 217 10.87 -21.92 87.16
N VAL PA 218 10.99 -21.98 85.83
CA VAL PA 218 10.96 -20.80 84.98
C VAL PA 218 9.90 -20.95 83.90
N ALA PA 219 9.32 -22.14 83.76
CA ALA PA 219 8.20 -22.36 82.86
C ALA PA 219 7.67 -23.76 83.10
N GLU PA 220 6.36 -23.93 82.95
CA GLU PA 220 5.72 -25.23 83.07
C GLU PA 220 4.63 -25.36 82.02
N ASN PA 221 4.53 -26.56 81.44
CA ASN PA 221 3.50 -26.88 80.45
C ASN PA 221 3.55 -25.93 79.26
N GLU PA 222 4.71 -25.36 78.97
CA GLU PA 222 4.88 -24.41 77.89
C GLU PA 222 5.51 -25.12 76.70
N LYS PA 223 4.82 -25.10 75.56
CA LYS PA 223 5.37 -25.74 74.38
C LYS PA 223 6.57 -25.00 73.82
N LEU PA 224 6.68 -23.70 74.13
CA LEU PA 224 7.88 -22.92 73.82
C LEU PA 224 8.17 -21.99 74.98
N ALA PA 225 9.47 -21.82 75.27
CA ALA PA 225 9.89 -20.90 76.33
C ALA PA 225 11.29 -20.39 76.00
N ILE PA 226 11.40 -19.08 75.82
CA ILE PA 226 12.69 -18.42 75.61
C ILE PA 226 13.16 -17.96 76.99
N VAL PA 227 13.83 -18.85 77.70
CA VAL PA 227 14.18 -18.56 79.09
C VAL PA 227 15.49 -17.79 79.13
N ASP PA 228 15.50 -16.75 79.96
CA ASP PA 228 16.66 -15.94 80.25
C ASP PA 228 16.93 -16.01 81.74
N VAL PA 229 18.20 -16.21 82.11
CA VAL PA 229 18.64 -16.23 83.48
C VAL PA 229 19.81 -15.25 83.60
N VAL PA 230 20.29 -15.07 84.84
CA VAL PA 230 21.33 -14.08 85.07
C VAL PA 230 22.58 -14.48 84.30
N ASP PA 231 23.10 -13.55 83.51
CA ASP PA 231 24.21 -13.85 82.61
C ASP PA 231 25.52 -13.79 83.39
N GLY PA 232 26.21 -14.93 83.46
CA GLY PA 232 27.46 -15.04 84.18
C GLY PA 232 27.39 -15.98 85.37
N ILE PA 233 26.33 -16.76 85.45
CA ILE PA 233 26.08 -17.67 86.57
C ILE PA 233 25.94 -19.08 86.00
N ASN PA 234 26.71 -20.01 86.54
CA ASN PA 234 26.53 -21.40 86.19
C ASN PA 234 25.15 -21.87 86.64
N HIS PA 235 24.57 -22.78 85.87
CA HIS PA 235 23.23 -23.26 86.14
C HIS PA 235 23.18 -24.76 85.90
N LYS PA 236 22.46 -25.46 86.78
CA LYS PA 236 22.02 -26.82 86.47
C LYS PA 236 20.57 -26.74 86.02
N ILE PA 237 20.21 -27.58 85.07
CA ILE PA 237 18.90 -27.51 84.43
C ILE PA 237 18.22 -28.86 84.58
N ASN PA 238 16.88 -28.83 84.59
CA ASN PA 238 16.07 -30.03 84.71
C ASN PA 238 14.82 -29.83 83.89
N LEU PA 239 14.65 -30.64 82.83
CA LEU PA 239 13.38 -30.63 82.08
C LEU PA 239 13.26 -31.95 81.34
N THR PA 240 12.44 -32.86 81.88
CA THR PA 240 11.60 -33.79 81.12
C THR PA 240 12.19 -34.15 79.75
N THR PA 241 13.41 -34.69 79.73
CA THR PA 241 14.22 -34.68 78.51
C THR PA 241 13.54 -35.37 77.34
N THR PA 242 12.62 -36.30 77.58
CA THR PA 242 11.97 -37.00 76.48
C THR PA 242 11.11 -36.05 75.65
N THR PA 243 10.41 -35.13 76.29
CA THR PA 243 9.38 -34.34 75.62
C THR PA 243 9.85 -32.96 75.20
N CYS PA 244 10.93 -32.43 75.77
CA CYS PA 244 11.39 -31.08 75.49
C CYS PA 244 12.86 -31.08 75.18
N THR PA 245 13.24 -30.34 74.13
CA THR PA 245 14.62 -30.07 73.79
C THR PA 245 14.93 -28.62 74.10
N ILE PA 246 16.17 -28.35 74.47
CA ILE PA 246 16.60 -27.01 74.85
C ILE PA 246 17.93 -26.72 74.19
N ARG PA 247 18.12 -25.48 73.77
CA ARG PA 247 19.27 -25.09 72.96
C ARG PA 247 19.78 -23.73 73.40
N ASN PA 248 21.11 -23.63 73.49
CA ASN PA 248 21.78 -22.37 73.83
C ASN PA 248 21.86 -21.53 72.57
N CYS PA 249 21.12 -20.43 72.51
CA CYS PA 249 20.94 -19.66 71.28
C CYS PA 249 21.46 -18.24 71.44
N LYS PA 250 22.02 -17.72 70.35
CA LYS PA 250 22.43 -16.32 70.25
C LYS PA 250 21.52 -15.62 69.27
N LYS PA 251 21.24 -14.35 69.54
CA LYS PA 251 20.45 -13.52 68.65
C LYS PA 251 21.39 -12.84 67.66
N LEU PA 252 21.30 -13.23 66.39
CA LEU PA 252 21.94 -12.49 65.33
C LEU PA 252 21.06 -11.29 65.00
N GLY PA 253 21.29 -10.66 63.86
CA GLY PA 253 20.45 -9.55 63.44
C GLY PA 253 19.02 -9.99 63.21
N PRO PA 254 18.22 -9.15 62.57
CA PRO PA 254 16.80 -9.46 62.40
C PRO PA 254 16.55 -10.32 61.17
N ARG PA 255 15.53 -11.15 61.28
CA ARG PA 255 15.05 -11.95 60.16
C ARG PA 255 13.99 -11.13 59.43
N GLU PA 256 14.29 -10.76 58.19
CA GLU PA 256 13.37 -9.93 57.40
C GLU PA 256 12.48 -10.75 56.48
N ASN PA 257 12.60 -12.07 56.51
CA ASN PA 257 11.77 -12.93 55.69
C ASN PA 257 10.33 -13.01 56.20
N VAL PA 258 10.10 -12.62 57.46
CA VAL PA 258 8.87 -12.94 58.17
C VAL PA 258 8.27 -11.66 58.71
N ALA PA 259 6.94 -11.56 58.64
CA ALA PA 259 6.18 -10.45 59.21
C ALA PA 259 4.99 -11.02 59.95
N VAL PA 260 4.59 -10.30 61.01
CA VAL PA 260 3.53 -10.74 61.91
C VAL PA 260 2.38 -9.75 61.79
N ILE PA 261 1.25 -10.21 61.27
CA ILE PA 261 0.01 -9.44 61.33
C ILE PA 261 -0.72 -9.88 62.60
N GLN PA 262 -0.71 -9.02 63.61
CA GLN PA 262 -1.47 -9.28 64.82
C GLN PA 262 -2.91 -8.84 64.58
N VAL PA 263 -3.84 -9.78 64.76
CA VAL PA 263 -5.19 -9.58 64.30
C VAL PA 263 -6.11 -9.00 65.37
N GLY PA 264 -5.81 -9.20 66.65
CA GLY PA 264 -6.74 -8.86 67.69
C GLY PA 264 -6.52 -7.52 68.37
N GLY PA 265 -5.97 -7.56 69.58
CA GLY PA 265 -6.01 -6.46 70.51
C GLY PA 265 -4.79 -5.56 70.45
N ALA PA 266 -4.58 -4.84 71.54
CA ALA PA 266 -3.61 -3.74 71.56
C ALA PA 266 -2.19 -4.27 71.42
N ASN PA 267 -1.24 -3.34 71.33
CA ASN PA 267 0.16 -3.69 71.17
C ASN PA 267 0.68 -4.35 72.44
N ILE PA 268 1.27 -5.54 72.28
CA ILE PA 268 1.87 -6.25 73.41
C ILE PA 268 3.24 -6.82 73.06
N LEU PA 269 3.58 -6.89 71.77
CA LEU PA 269 4.71 -7.71 71.36
C LEU PA 269 6.04 -7.09 71.77
N ASP PA 270 6.46 -7.34 73.00
CA ASP PA 270 7.76 -6.88 73.49
C ASP PA 270 8.79 -7.97 73.16
N ILE PA 271 9.23 -7.96 71.90
CA ILE PA 271 10.13 -9.02 71.45
C ILE PA 271 11.47 -8.93 72.15
N THR PA 272 11.96 -7.71 72.40
CA THR PA 272 13.25 -7.56 73.05
C THR PA 272 13.13 -7.94 74.51
N ALA PA 273 13.86 -8.98 74.91
CA ALA PA 273 13.76 -9.48 76.28
C ALA PA 273 14.24 -8.47 77.30
N ASP PA 274 14.98 -7.45 76.89
CA ASP PA 274 15.28 -6.35 77.79
C ASP PA 274 13.98 -5.65 78.16
N PRO PA 275 13.82 -5.16 79.40
CA PRO PA 275 12.60 -4.44 79.72
C PRO PA 275 12.63 -2.98 79.29
N THR PA 276 13.84 -2.39 79.26
CA THR PA 276 13.94 -0.96 79.01
C THR PA 276 13.53 -0.60 77.59
N THR PA 277 13.74 -1.48 76.62
CA THR PA 277 13.47 -1.21 75.22
C THR PA 277 12.31 -2.07 74.73
N ASN PA 278 11.30 -1.41 74.15
CA ASN PA 278 10.13 -2.08 73.59
C ASN PA 278 9.89 -1.51 72.20
N PRO PA 279 10.77 -1.79 71.25
CA PRO PA 279 10.66 -1.15 69.94
C PRO PA 279 9.49 -1.69 69.14
N GLN PA 280 9.01 -0.87 68.21
CA GLN PA 280 7.89 -1.20 67.34
C GLN PA 280 8.43 -1.43 65.94
N ILE PA 281 8.89 -2.66 65.68
CA ILE PA 281 9.44 -3.00 64.39
C ILE PA 281 8.32 -2.97 63.34
N GLU PA 282 8.65 -2.46 62.15
CA GLU PA 282 7.65 -2.29 61.11
C GLU PA 282 7.01 -3.61 60.71
N ARG PA 283 7.77 -4.71 60.78
CA ARG PA 283 7.24 -6.02 60.43
C ARG PA 283 6.17 -6.52 61.40
N MET PA 284 6.01 -5.88 62.55
CA MET PA 284 4.97 -6.25 63.52
C MET PA 284 3.71 -5.44 63.24
N MET PA 285 3.07 -5.78 62.14
CA MET PA 285 1.85 -5.11 61.73
C MET PA 285 0.70 -5.49 62.64
N ARG PA 286 -0.32 -4.65 62.67
CA ARG PA 286 -1.48 -4.88 63.51
C ARG PA 286 -2.73 -4.37 62.82
N VAL PA 287 -3.81 -5.14 62.91
CA VAL PA 287 -5.08 -4.76 62.29
C VAL PA 287 -6.22 -5.33 63.12
N ASN PA 288 -7.29 -4.55 63.27
CA ASN PA 288 -8.47 -5.01 63.98
C ASN PA 288 -9.27 -5.98 63.11
N TRP PA 289 -10.27 -6.62 63.71
CA TRP PA 289 -10.98 -7.64 62.95
C TRP PA 289 -12.33 -7.92 63.58
N LYS PA 290 -13.28 -8.27 62.71
CA LYS PA 290 -14.47 -8.99 63.13
C LYS PA 290 -14.84 -10.11 62.19
N ARG PA 291 -14.15 -10.27 61.05
CA ARG PA 291 -14.44 -11.35 60.12
C ARG PA 291 -13.17 -11.73 59.37
N TRP PA 292 -12.92 -13.04 59.30
CA TRP PA 292 -11.69 -13.52 58.70
C TRP PA 292 -11.64 -13.23 57.21
N TRP PA 293 -12.80 -13.19 56.54
CA TRP PA 293 -12.79 -12.73 55.16
C TRP PA 293 -12.30 -11.30 55.06
N GLN PA 294 -12.74 -10.44 55.98
CA GLN PA 294 -12.27 -9.06 55.94
C GLN PA 294 -10.78 -9.00 56.16
N VAL PA 295 -10.26 -9.82 57.07
CA VAL PA 295 -8.81 -9.86 57.30
C VAL PA 295 -8.08 -10.27 56.03
N PHE PA 296 -8.52 -11.38 55.42
CA PHE PA 296 -7.81 -11.89 54.25
C PHE PA 296 -7.90 -10.92 53.08
N TYR PA 297 -9.05 -10.30 52.89
CA TYR PA 297 -9.20 -9.33 51.81
C TYR PA 297 -8.30 -8.14 52.04
N THR PA 298 -8.21 -7.68 53.29
CA THR PA 298 -7.28 -6.59 53.59
C THR PA 298 -5.85 -6.97 53.21
N ILE PA 299 -5.42 -8.17 53.60
CA ILE PA 299 -4.06 -8.59 53.33
C ILE PA 299 -3.81 -8.66 51.82
N VAL PA 300 -4.76 -9.26 51.09
CA VAL PA 300 -4.59 -9.41 49.66
C VAL PA 300 -4.53 -8.04 48.99
N ASP PA 301 -5.42 -7.14 49.38
CA ASP PA 301 -5.48 -5.83 48.75
C ASP PA 301 -4.20 -5.05 49.00
N TYR PA 302 -3.65 -5.13 50.20
CA TYR PA 302 -2.48 -4.34 50.58
C TYR PA 302 -1.19 -5.14 50.55
N ILE PA 303 -1.16 -6.27 49.84
CA ILE PA 303 -0.03 -7.19 49.96
C ILE PA 303 1.27 -6.53 49.54
N ASN PA 304 1.25 -5.68 48.51
CA ASN PA 304 2.49 -5.11 48.01
C ASN PA 304 3.19 -4.29 49.09
N GLN PA 305 2.44 -3.51 49.85
CA GLN PA 305 3.04 -2.75 50.94
C GLN PA 305 3.65 -3.66 51.99
N ILE PA 306 3.05 -4.84 52.21
CA ILE PA 306 3.60 -5.78 53.17
C ILE PA 306 4.97 -6.24 52.73
N VAL PA 307 5.11 -6.58 51.45
CA VAL PA 307 6.40 -7.01 50.95
C VAL PA 307 7.39 -5.87 51.00
N GLN PA 308 6.95 -4.63 50.76
CA GLN PA 308 7.85 -3.50 50.91
C GLN PA 308 8.35 -3.38 52.34
N VAL PA 309 7.47 -3.66 53.31
CA VAL PA 309 7.91 -3.67 54.70
C VAL PA 309 8.94 -4.76 54.93
N MET PA 310 8.73 -5.93 54.35
CA MET PA 310 9.62 -7.07 54.55
C MET PA 310 10.86 -6.91 53.66
N SER PA 311 11.66 -7.97 53.56
CA SER PA 311 12.80 -8.02 52.67
C SER PA 311 13.27 -9.47 52.56
N LYS PA 312 14.17 -9.72 51.63
CA LYS PA 312 14.69 -11.06 51.43
C LYS PA 312 15.54 -11.50 52.62
N ARG PA 313 15.51 -12.80 52.90
CA ARG PA 313 16.34 -13.36 53.97
C ARG PA 313 17.80 -13.08 53.68
N SER PA 314 18.43 -12.24 54.50
CA SER PA 314 19.79 -11.80 54.23
C SER PA 314 20.78 -12.96 54.31
N ARG PA 315 20.48 -13.97 55.12
CA ARG PA 315 21.37 -15.11 55.24
C ARG PA 315 21.29 -16.03 54.04
N SER PA 316 20.13 -16.11 53.39
CA SER PA 316 19.94 -17.05 52.29
C SER PA 316 20.61 -16.61 51.00
N LEU PA 317 21.16 -15.39 50.94
CA LEU PA 317 21.78 -14.92 49.72
C LEU PA 317 23.16 -15.54 49.56
N ASN PA 318 23.72 -15.42 48.35
CA ASN PA 318 25.08 -15.90 48.12
C ASN PA 318 26.09 -15.13 48.95
N SER PA 319 25.82 -13.86 49.22
CA SER PA 319 26.80 -13.01 49.90
C SER PA 319 27.18 -13.57 51.26
N ALA PA 320 26.23 -14.16 51.97
CA ALA PA 320 26.45 -14.68 53.31
C ALA PA 320 26.88 -16.14 53.30
N ALA PA 321 27.60 -16.56 52.25
CA ALA PA 321 27.85 -17.98 52.04
C ALA PA 321 28.62 -18.60 53.19
N PHE PA 322 29.66 -17.92 53.69
CA PHE PA 322 30.58 -18.50 54.65
C PHE PA 322 30.55 -17.76 55.98
N TYR PA 323 29.39 -17.24 56.37
CA TYR PA 323 29.19 -16.77 57.74
C TYR PA 323 28.22 -17.68 58.48
N TYR PA 324 26.93 -17.64 58.14
CA TYR PA 324 25.98 -18.60 58.70
C TYR PA 324 24.84 -18.86 57.71
N ARG PA 325 25.17 -19.13 56.44
CA ARG PA 325 24.15 -19.25 55.41
C ARG PA 325 23.09 -20.27 55.80
N VAL PA 326 21.83 -19.88 55.62
CA VAL PA 326 20.68 -20.71 55.96
C VAL PA 326 19.70 -20.73 54.81
N GLN QA 51 31.09 25.70 98.15
CA GLN QA 51 29.65 25.52 98.28
C GLN QA 51 28.95 26.87 98.31
N ASN QA 52 27.99 27.06 97.41
CA ASN QA 52 27.31 28.34 97.21
C ASN QA 52 25.82 28.10 97.03
N TYR QA 53 25.22 27.37 97.97
CA TYR QA 53 23.87 26.82 97.80
C TYR QA 53 22.84 27.90 97.51
N GLY QA 54 21.69 27.46 97.01
CA GLY QA 54 20.53 28.31 96.83
C GLY QA 54 20.67 29.40 95.80
N LEU QA 55 21.31 29.12 94.67
CA LEU QA 55 21.50 30.11 93.63
C LEU QA 55 21.49 29.43 92.27
N ASN QA 56 20.95 30.14 91.28
CA ASN QA 56 20.93 29.66 89.90
C ASN QA 56 22.11 30.23 89.12
N ILE QA 57 23.30 29.94 89.61
CA ILE QA 57 24.52 30.46 88.97
C ILE QA 57 24.67 29.80 87.59
N PRO QA 58 24.91 30.55 86.52
CA PRO QA 58 25.19 29.90 85.23
C PRO QA 58 26.45 29.06 85.31
N ILE QA 59 26.44 27.94 84.58
CA ILE QA 59 27.55 26.99 84.58
C ILE QA 59 28.06 26.87 83.14
N THR QA 60 29.32 27.24 82.94
CA THR QA 60 29.95 27.20 81.64
C THR QA 60 30.66 25.87 81.46
N GLY QA 61 30.77 25.43 80.21
CA GLY QA 61 31.45 24.18 79.92
C GLY QA 61 31.86 24.07 78.47
N SER QA 62 33.10 23.68 78.23
CA SER QA 62 33.57 23.51 76.86
C SER QA 62 32.89 22.31 76.21
N MET QA 63 32.73 22.39 74.89
CA MET QA 63 32.11 21.33 74.12
C MET QA 63 33.12 20.32 73.60
N ASP QA 64 34.41 20.48 73.93
CA ASP QA 64 35.46 19.61 73.42
C ASP QA 64 36.21 18.86 74.51
N THR QA 65 35.92 19.11 75.77
CA THR QA 65 36.62 18.42 76.85
C THR QA 65 36.34 16.92 76.79
N VAL QA 66 37.40 16.11 76.94
CA VAL QA 66 37.25 14.66 76.94
C VAL QA 66 36.45 14.25 78.16
N TYR QA 67 35.41 13.45 77.95
CA TYR QA 67 34.54 13.05 79.05
C TYR QA 67 35.14 11.88 79.82
N SER QA 68 34.52 11.59 80.97
CA SER QA 68 35.15 10.86 82.06
C SER QA 68 34.97 9.35 81.89
N ASN QA 69 35.37 8.60 82.92
CA ASN QA 69 35.29 7.15 82.95
C ASN QA 69 33.85 6.71 83.20
N SER QA 70 33.64 5.39 83.23
CA SER QA 70 32.32 4.83 83.49
C SER QA 70 32.05 4.82 84.99
N THR QA 71 30.89 5.33 85.38
CA THR QA 71 30.53 5.51 86.77
C THR QA 71 29.60 4.39 87.26
N ARG QA 72 29.36 3.37 86.45
CA ARG QA 72 28.44 2.30 86.82
C ARG QA 72 28.91 1.57 88.07
N GLU QA 73 30.18 1.20 88.11
CA GLU QA 73 30.69 0.47 89.27
C GLU QA 73 30.62 1.34 90.52
N GLU QA 74 30.88 2.64 90.39
CA GLU QA 74 30.81 3.51 91.55
C GLU QA 74 29.40 3.63 92.08
N VAL QA 75 28.41 3.79 91.19
CA VAL QA 75 27.04 3.87 91.69
C VAL QA 75 26.62 2.55 92.32
N PHE QA 76 27.08 1.43 91.78
CA PHE QA 76 26.80 0.16 92.43
C PHE QA 76 27.41 0.11 93.84
N LEU QA 77 28.67 0.55 93.97
CA LEU QA 77 29.33 0.49 95.27
C LEU QA 77 28.68 1.42 96.28
N THR QA 78 28.11 2.54 95.82
CA THR QA 78 27.60 3.57 96.72
C THR QA 78 26.09 3.56 96.88
N SER QA 79 25.34 3.23 95.83
CA SER QA 79 23.89 3.40 95.85
C SER QA 79 23.23 2.24 96.60
N THR QA 80 21.90 2.19 96.54
CA THR QA 80 21.14 1.07 97.10
C THR QA 80 19.93 0.83 96.22
N LEU QA 81 19.88 -0.33 95.58
CA LEU QA 81 18.75 -0.72 94.77
C LEU QA 81 17.63 -1.25 95.65
N CYS QA 82 16.40 -1.19 95.13
CA CYS QA 82 15.28 -1.27 96.05
C CYS QA 82 14.04 -1.70 95.26
N LEU QA 83 13.63 -2.95 95.42
CA LEU QA 83 12.59 -3.56 94.58
C LEU QA 83 11.30 -3.72 95.37
N TYR QA 84 10.19 -3.25 94.80
CA TYR QA 84 8.88 -3.29 95.43
C TYR QA 84 7.99 -4.22 94.61
N TYR QA 85 7.72 -5.40 95.15
CA TYR QA 85 7.00 -6.45 94.45
C TYR QA 85 5.69 -6.76 95.14
N PRO QA 86 4.71 -7.33 94.44
CA PRO QA 86 3.45 -7.69 95.09
C PRO QA 86 3.55 -9.05 95.77
N THR QA 87 2.75 -9.21 96.83
CA THR QA 87 2.86 -10.40 97.66
C THR QA 87 2.56 -11.68 96.88
N GLU QA 88 1.73 -11.58 95.84
CA GLU QA 88 1.48 -12.77 95.02
C GLU QA 88 2.74 -13.25 94.34
N ALA QA 89 3.71 -12.36 94.10
CA ALA QA 89 4.99 -12.80 93.55
C ALA QA 89 5.64 -13.82 94.47
N SER QA 90 5.76 -13.49 95.75
CA SER QA 90 6.31 -14.45 96.71
C SER QA 90 5.43 -15.68 96.81
N THR QA 91 4.11 -15.48 96.76
CA THR QA 91 3.19 -16.61 96.87
C THR QA 91 3.44 -17.64 95.79
N GLN QA 92 3.60 -17.19 94.55
CA GLN QA 92 3.90 -18.11 93.44
C GLN QA 92 5.33 -18.62 93.51
N ILE QA 93 6.25 -17.80 94.03
CA ILE QA 93 7.64 -18.21 94.13
C ILE QA 93 7.75 -19.44 95.03
N SER QA 94 7.04 -19.44 96.15
CA SER QA 94 7.01 -20.61 97.04
C SER QA 94 8.42 -20.94 97.53
N ASP QA 95 9.00 -19.99 98.27
CA ASP QA 95 10.40 -20.03 98.66
C ASP QA 95 10.51 -19.30 100.00
N GLY QA 96 11.64 -18.68 100.29
CA GLY QA 96 11.95 -18.29 101.65
C GLY QA 96 13.43 -18.17 101.91
N GLU QA 97 14.24 -18.53 100.92
CA GLU QA 97 15.60 -18.01 100.79
C GLU QA 97 15.78 -17.27 99.48
N TRP QA 98 14.68 -16.91 98.81
CA TRP QA 98 14.78 -16.30 97.49
C TRP QA 98 15.24 -14.86 97.56
N LYS QA 99 14.95 -14.16 98.66
CA LYS QA 99 15.59 -12.87 98.89
C LYS QA 99 17.09 -13.02 98.86
N ASP QA 100 17.60 -14.04 99.55
CA ASP QA 100 19.04 -14.26 99.60
C ASP QA 100 19.58 -14.67 98.23
N SER QA 101 18.84 -15.49 97.49
CA SER QA 101 19.29 -15.91 96.17
C SER QA 101 19.41 -14.71 95.23
N LEU QA 102 18.39 -13.86 95.21
CA LEU QA 102 18.47 -12.67 94.37
C LEU QA 102 19.55 -11.72 94.86
N SER QA 103 19.80 -11.68 96.18
CA SER QA 103 20.90 -10.86 96.68
C SER QA 103 22.23 -11.38 96.17
N GLN QA 104 22.41 -12.70 96.14
CA GLN QA 104 23.63 -13.28 95.59
C GLN QA 104 23.78 -12.95 94.11
N MET QA 105 22.68 -13.05 93.36
CA MET QA 105 22.75 -12.74 91.93
C MET QA 105 23.09 -11.26 91.71
N PHE QA 106 22.50 -10.37 92.51
CA PHE QA 106 22.88 -8.97 92.42
C PHE QA 106 24.34 -8.77 92.79
N LEU QA 107 24.82 -9.52 93.79
CA LEU QA 107 26.23 -9.41 94.17
C LEU QA 107 27.14 -9.76 93.01
N ILE QA 108 26.82 -10.84 92.30
CA ILE QA 108 27.63 -11.21 91.16
C ILE QA 108 27.43 -10.22 90.02
N LYS QA 109 26.30 -9.52 89.98
CA LYS QA 109 26.12 -8.47 88.98
C LYS QA 109 26.93 -7.22 89.30
N GLY QA 110 27.23 -6.97 90.57
CA GLY QA 110 28.06 -5.85 90.95
C GLY QA 110 27.66 -5.13 92.23
N TRP QA 111 26.40 -5.23 92.62
CA TRP QA 111 25.95 -4.52 93.81
C TRP QA 111 26.59 -5.13 95.07
N PRO QA 112 26.76 -4.35 96.13
CA PRO QA 112 27.18 -4.94 97.40
C PRO QA 112 26.11 -5.84 97.98
N THR QA 113 26.49 -6.57 99.04
CA THR QA 113 25.60 -7.56 99.63
C THR QA 113 24.36 -6.91 100.23
N GLY QA 114 24.56 -5.91 101.08
CA GLY QA 114 23.46 -5.27 101.77
C GLY QA 114 22.90 -4.08 101.02
N SER QA 115 23.21 -3.98 99.74
CA SER QA 115 22.84 -2.82 98.95
C SER QA 115 21.49 -2.97 98.24
N VAL QA 116 20.88 -4.15 98.28
CA VAL QA 116 19.62 -4.39 97.59
C VAL QA 116 18.56 -4.68 98.65
N TYR QA 117 17.52 -3.86 98.69
CA TYR QA 117 16.40 -4.02 99.62
C TYR QA 117 15.20 -4.55 98.86
N PHE QA 118 14.49 -5.49 99.49
CA PHE QA 118 13.31 -6.10 98.91
C PHE QA 118 12.11 -5.73 99.78
N LYS QA 119 11.10 -5.12 99.17
CA LYS QA 119 9.90 -4.67 99.85
C LYS QA 119 8.69 -5.34 99.22
N GLU QA 120 7.78 -5.79 100.06
CA GLU QA 120 6.54 -6.39 99.62
C GLU QA 120 5.41 -5.40 99.85
N TYR QA 121 4.40 -5.47 98.98
CA TYR QA 121 3.18 -4.71 99.18
C TYR QA 121 2.00 -5.60 98.82
N SER QA 122 0.93 -5.50 99.61
CA SER QA 122 -0.18 -6.44 99.50
C SER QA 122 -0.81 -6.41 98.10
N ASN QA 123 -1.04 -5.22 97.58
CA ASN QA 123 -1.51 -5.05 96.22
C ASN QA 123 -1.43 -3.57 95.88
N ILE QA 124 -1.69 -3.26 94.61
CA ILE QA 124 -1.38 -1.93 94.09
C ILE QA 124 -2.18 -0.86 94.83
N VAL QA 125 -3.48 -1.10 95.01
CA VAL QA 125 -4.34 -0.08 95.60
C VAL QA 125 -3.93 0.19 97.04
N ASP QA 126 -3.70 -0.86 97.82
CA ASP QA 126 -3.29 -0.67 99.20
C ASP QA 126 -1.86 -0.16 99.32
N PHE QA 127 -1.09 -0.23 98.23
CA PHE QA 127 0.22 0.43 98.18
C PHE QA 127 0.10 1.90 97.85
N SER QA 128 -0.97 2.31 97.17
CA SER QA 128 -1.11 3.69 96.75
C SER QA 128 -1.25 4.64 97.94
N VAL QA 129 -1.64 4.14 99.10
CA VAL QA 129 -1.78 4.99 100.30
C VAL QA 129 -0.40 5.20 100.90
N ASP QA 130 0.05 6.46 100.93
CA ASP QA 130 1.36 6.86 101.40
C ASP QA 130 2.46 5.97 100.82
N PRO QA 131 2.74 6.07 99.54
CA PRO QA 131 3.88 5.32 99.01
C PRO QA 131 5.16 6.00 99.41
N GLN QA 132 5.89 5.38 100.33
CA GLN QA 132 7.02 6.02 101.00
C GLN QA 132 8.30 5.42 100.43
N LEU QA 133 8.89 6.11 99.46
CA LEU QA 133 10.03 5.58 98.70
C LEU QA 133 11.34 6.09 99.29
N TYR QA 134 11.52 5.84 100.59
CA TYR QA 134 12.73 6.29 101.27
C TYR QA 134 13.91 5.45 100.88
N CYS QA 135 14.37 5.54 99.63
CA CYS QA 135 15.31 4.52 99.18
C CYS QA 135 15.89 4.99 97.84
N ASP QA 136 17.09 4.50 97.51
CA ASP QA 136 17.97 5.26 96.62
C ASP QA 136 17.65 5.06 95.13
N TYR QA 137 17.75 3.83 94.63
CA TYR QA 137 17.24 3.46 93.32
C TYR QA 137 16.06 2.53 93.50
N ASN QA 138 14.94 2.86 92.87
CA ASN QA 138 13.66 2.26 93.19
C ASN QA 138 13.02 1.65 91.95
N LEU QA 139 12.69 0.36 92.05
CA LEU QA 139 11.90 -0.35 91.05
C LEU QA 139 10.57 -0.73 91.69
N VAL QA 140 9.48 -0.56 90.94
CA VAL QA 140 8.15 -0.93 91.40
C VAL QA 140 7.53 -1.83 90.35
N LEU QA 141 7.32 -3.09 90.70
CA LEU QA 141 6.68 -4.05 89.79
C LEU QA 141 5.17 -3.97 90.02
N MET QA 142 4.41 -3.81 88.94
CA MET QA 142 2.96 -3.66 89.02
C MET QA 142 2.33 -4.61 88.02
N LYS QA 143 1.57 -5.59 88.52
CA LYS QA 143 0.85 -6.48 87.63
C LYS QA 143 -0.40 -5.76 87.13
N TYR QA 144 -0.46 -5.51 85.83
CA TYR QA 144 -1.67 -4.95 85.26
C TYR QA 144 -2.80 -5.96 85.27
N ASP QA 145 -3.96 -5.52 85.72
CA ASP QA 145 -5.21 -6.23 85.54
C ASP QA 145 -6.26 -5.24 85.08
N GLN QA 146 -7.29 -5.74 84.43
CA GLN QA 146 -8.31 -4.87 83.87
C GLN QA 146 -9.04 -4.12 84.98
N SER QA 147 -9.53 -2.93 84.65
CA SER QA 147 -10.30 -2.02 85.50
C SER QA 147 -9.41 -1.25 86.47
N LEU QA 148 -8.12 -1.54 86.55
CA LEU QA 148 -7.18 -0.78 87.38
C LEU QA 148 -6.29 0.13 86.54
N GLU QA 149 -6.70 0.44 85.31
CA GLU QA 149 -5.90 1.31 84.47
C GLU QA 149 -5.75 2.69 85.10
N LEU QA 150 -6.85 3.25 85.58
CA LEU QA 150 -6.77 4.59 86.18
C LEU QA 150 -5.95 4.57 87.46
N ASP QA 151 -6.13 3.55 88.29
CA ASP QA 151 -5.37 3.51 89.53
C ASP QA 151 -3.89 3.34 89.27
N MET QA 152 -3.54 2.50 88.28
CA MET QA 152 -2.14 2.37 87.89
C MET QA 152 -1.58 3.69 87.40
N SER QA 153 -2.34 4.40 86.56
CA SER QA 153 -1.87 5.69 86.07
C SER QA 153 -1.71 6.70 87.20
N GLU QA 154 -2.66 6.70 88.14
CA GLU QA 154 -2.58 7.62 89.27
C GLU QA 154 -1.33 7.34 90.11
N LEU QA 155 -1.10 6.07 90.44
CA LEU QA 155 0.06 5.73 91.25
C LEU QA 155 1.36 6.06 90.52
N ALA QA 156 1.41 5.73 89.23
CA ALA QA 156 2.60 6.04 88.44
C ALA QA 156 2.85 7.54 88.40
N ASP QA 157 1.79 8.32 88.21
CA ASP QA 157 1.93 9.77 88.25
C ASP QA 157 2.51 10.21 89.59
N LEU QA 158 1.94 9.73 90.68
CA LEU QA 158 2.35 10.19 92.00
C LEU QA 158 3.82 9.88 92.26
N ILE QA 159 4.27 8.67 91.93
CA ILE QA 159 5.63 8.31 92.30
C ILE QA 159 6.63 8.84 91.28
N LEU QA 160 6.31 8.80 89.98
CA LEU QA 160 7.28 9.22 88.97
C LEU QA 160 7.46 10.73 88.97
N ASN QA 161 6.43 11.50 89.31
CA ASN QA 161 6.55 12.94 89.37
C ASN QA 161 6.88 13.40 90.78
N GLU QA 162 7.52 14.56 90.88
CA GLU QA 162 7.94 15.14 92.15
C GLU QA 162 6.91 16.19 92.54
N TRP QA 163 6.02 15.84 93.45
CA TRP QA 163 4.96 16.73 93.91
C TRP QA 163 5.39 17.44 95.18
N LEU QA 164 5.26 18.75 95.19
CA LEU QA 164 5.42 19.57 96.39
C LEU QA 164 4.06 20.14 96.76
N CYS QA 165 3.67 20.01 98.02
CA CYS QA 165 2.28 20.34 98.30
C CYS QA 165 1.98 20.72 99.73
N ASN QA 166 0.84 21.39 99.85
CA ASN QA 166 0.39 22.13 101.02
C ASN QA 166 -0.91 21.50 101.51
N PRO QA 167 -1.28 21.73 102.76
CA PRO QA 167 -2.49 21.11 103.30
C PRO QA 167 -3.72 21.87 102.87
N MET QA 168 -4.88 21.26 103.14
CA MET QA 168 -6.17 21.84 102.80
C MET QA 168 -7.10 21.67 104.00
N ASP QA 169 -7.69 22.79 104.44
CA ASP QA 169 -8.67 22.79 105.53
C ASP QA 169 -10.04 22.79 104.86
N ILE QA 170 -10.54 21.60 104.56
CA ILE QA 170 -11.66 21.44 103.66
C ILE QA 170 -12.91 22.12 104.19
N THR QA 171 -13.02 22.29 105.50
CA THR QA 171 -14.20 22.85 106.11
C THR QA 171 -14.13 24.36 106.31
N LEU QA 172 -13.07 25.02 105.84
CA LEU QA 172 -12.83 26.41 106.23
C LEU QA 172 -12.53 27.32 105.04
N TYR QA 173 -12.00 26.77 103.94
CA TYR QA 173 -11.57 27.55 102.80
C TYR QA 173 -12.23 27.04 101.53
N TYR QA 174 -12.07 27.81 100.45
CA TYR QA 174 -12.42 27.41 99.10
C TYR QA 174 -11.14 27.46 98.27
N TYR QA 175 -10.91 26.41 97.49
CA TYR QA 175 -9.63 26.20 96.82
C TYR QA 175 -9.80 26.27 95.31
N GLN QA 176 -9.06 27.16 94.67
CA GLN QA 176 -8.93 27.16 93.22
C GLN QA 176 -7.85 26.17 92.83
N GLN QA 177 -7.49 26.15 91.55
CA GLN QA 177 -6.30 25.48 91.07
C GLN QA 177 -5.52 26.48 90.23
N SER QA 178 -4.24 26.65 90.56
CA SER QA 178 -3.46 27.71 89.94
C SER QA 178 -3.33 27.50 88.43
N GLY QA 179 -3.09 26.27 88.00
CA GLY QA 179 -2.90 26.02 86.59
C GLY QA 179 -2.84 24.55 86.29
N GLU QA 180 -2.24 24.23 85.15
CA GLU QA 180 -2.14 22.84 84.72
C GLU QA 180 -1.33 22.01 85.71
N SER QA 181 -0.37 22.63 86.39
CA SER QA 181 0.54 21.90 87.24
C SER QA 181 -0.03 21.63 88.63
N ASN QA 182 -1.23 22.10 88.92
CA ASN QA 182 -1.85 21.93 90.23
C ASN QA 182 -2.90 20.83 90.15
N LYS QA 183 -2.89 19.93 91.14
CA LYS QA 183 -3.92 18.92 91.32
C LYS QA 183 -4.20 18.85 92.80
N TRP QA 184 -5.15 17.99 93.19
CA TRP QA 184 -5.35 17.66 94.59
C TRP QA 184 -5.17 16.16 94.76
N ILE QA 185 -4.29 15.78 95.68
CA ILE QA 185 -3.99 14.38 95.95
C ILE QA 185 -4.74 13.98 97.22
N SER QA 186 -5.69 13.07 97.08
CA SER QA 186 -6.54 12.63 98.18
C SER QA 186 -6.20 11.18 98.50
N MET QA 187 -5.79 10.93 99.75
CA MET QA 187 -5.10 9.72 100.15
C MET QA 187 -5.67 9.25 101.47
N GLY QA 188 -5.89 7.96 101.61
CA GLY QA 188 -6.38 7.42 102.86
C GLY QA 188 -7.04 6.07 102.65
N SER QA 189 -7.54 5.50 103.75
CA SER QA 189 -8.16 4.20 103.68
C SER QA 189 -9.42 4.21 102.83
N SER QA 190 -10.06 5.36 102.68
CA SER QA 190 -11.18 5.50 101.74
C SER QA 190 -11.42 6.98 101.51
N CYS QA 191 -11.31 7.42 100.26
CA CYS QA 191 -11.51 8.81 99.88
C CYS QA 191 -12.76 8.90 99.00
N THR QA 192 -13.68 9.78 99.39
CA THR QA 192 -14.85 10.11 98.58
C THR QA 192 -14.93 11.63 98.52
N VAL QA 193 -14.24 12.23 97.55
CA VAL QA 193 -14.22 13.68 97.42
C VAL QA 193 -15.44 14.10 96.62
N LYS QA 194 -16.18 15.08 97.15
CA LYS QA 194 -17.34 15.65 96.47
C LYS QA 194 -17.10 17.14 96.33
N VAL QA 195 -17.21 17.65 95.11
CA VAL QA 195 -16.81 19.01 94.76
C VAL QA 195 -18.02 19.80 94.32
N CYS QA 196 -18.11 21.05 94.76
CA CYS QA 196 -19.19 21.96 94.39
C CYS QA 196 -18.55 23.26 93.90
N PRO QA 197 -18.59 23.57 92.59
CA PRO QA 197 -17.99 24.83 92.14
C PRO QA 197 -18.92 25.99 92.37
N LEU QA 198 -18.33 27.17 92.57
CA LEU QA 198 -19.06 28.35 93.03
C LEU QA 198 -18.92 29.49 92.04
N ASN QA 199 -19.96 30.32 91.96
CA ASN QA 199 -19.91 31.56 91.20
C ASN QA 199 -19.01 32.58 91.90
N THR QA 200 -18.82 33.72 91.25
CA THR QA 200 -18.14 34.83 91.89
C THR QA 200 -18.87 35.31 93.13
N GLN QA 201 -20.18 35.12 93.19
CA GLN QA 201 -20.96 35.42 94.38
C GLN QA 201 -20.95 34.30 95.40
N THR QA 202 -20.09 33.29 95.22
CA THR QA 202 -19.93 32.21 96.20
C THR QA 202 -21.23 31.40 96.34
N LEU QA 203 -21.92 31.20 95.22
CA LEU QA 203 -23.09 30.33 95.15
C LEU QA 203 -22.75 29.16 94.26
N GLY QA 204 -23.08 27.95 94.72
CA GLY QA 204 -22.75 26.76 93.98
C GLY QA 204 -23.49 26.64 92.65
N ILE QA 205 -22.75 26.39 91.58
CA ILE QA 205 -23.35 26.13 90.27
C ILE QA 205 -23.49 24.63 90.10
N GLY QA 206 -24.69 24.17 89.78
CA GLY QA 206 -24.97 22.76 89.73
C GLY QA 206 -25.04 22.09 91.08
N CYS QA 207 -25.09 22.86 92.17
CA CYS QA 207 -25.00 22.33 93.52
C CYS QA 207 -25.31 23.45 94.50
N GLN QA 208 -25.91 23.06 95.63
CA GLN QA 208 -26.15 23.99 96.73
C GLN QA 208 -24.95 23.98 97.66
N THR QA 209 -24.45 25.17 97.99
CA THR QA 209 -23.27 25.25 98.84
C THR QA 209 -23.49 24.65 100.22
N THR QA 210 -24.75 24.56 100.66
CA THR QA 210 -25.07 23.98 101.97
C THR QA 210 -25.35 22.48 101.86
N ASN QA 211 -26.32 22.11 101.03
CA ASN QA 211 -26.66 20.70 100.89
C ASN QA 211 -25.50 19.94 100.25
N VAL QA 212 -25.15 18.81 100.86
CA VAL QA 212 -24.04 17.99 100.36
C VAL QA 212 -24.48 17.00 99.29
N ASP QA 213 -25.78 16.72 99.18
CA ASP QA 213 -26.25 15.76 98.20
C ASP QA 213 -26.00 16.25 96.78
N SER QA 214 -26.21 17.53 96.54
CA SER QA 214 -26.10 18.07 95.19
C SER QA 214 -24.67 18.22 94.71
N PHE QA 215 -23.68 18.01 95.58
CA PHE QA 215 -22.28 18.10 95.18
C PHE QA 215 -21.99 17.10 94.07
N GLU QA 216 -20.92 17.38 93.33
CA GLU QA 216 -20.47 16.51 92.25
C GLU QA 216 -19.40 15.57 92.78
N THR QA 217 -19.55 14.28 92.51
CA THR QA 217 -18.63 13.26 93.00
C THR QA 217 -17.64 12.89 91.90
N VAL QA 218 -16.36 12.89 92.23
CA VAL QA 218 -15.30 12.59 91.29
C VAL QA 218 -14.37 11.51 91.83
N ALA QA 219 -14.77 10.85 92.92
CA ALA QA 219 -14.08 9.67 93.41
C ALA QA 219 -14.95 9.02 94.48
N GLU QA 220 -15.05 7.69 94.43
CA GLU QA 220 -15.78 6.91 95.43
C GLU QA 220 -14.91 5.77 95.94
N ASN QA 221 -14.58 5.82 97.23
CA ASN QA 221 -13.90 4.73 97.91
C ASN QA 221 -12.59 4.37 97.21
N GLU QA 222 -11.81 5.40 96.89
CA GLU QA 222 -10.48 5.23 96.31
C GLU QA 222 -9.43 5.47 97.38
N LYS QA 223 -8.47 4.54 97.46
CA LYS QA 223 -7.36 4.73 98.39
C LYS QA 223 -6.51 5.93 97.98
N LEU QA 224 -6.46 6.22 96.69
CA LEU QA 224 -5.72 7.36 96.17
C LEU QA 224 -6.47 7.96 94.99
N ALA QA 225 -6.46 9.28 94.92
CA ALA QA 225 -7.13 9.99 93.82
C ALA QA 225 -6.38 11.27 93.52
N ILE QA 226 -5.91 11.41 92.28
CA ILE QA 226 -5.43 12.68 91.77
C ILE QA 226 -6.63 13.33 91.09
N VAL QA 227 -7.25 14.30 91.76
CA VAL QA 227 -8.44 14.96 91.24
C VAL QA 227 -8.03 16.31 90.66
N ASP QA 228 -8.42 16.53 89.41
CA ASP QA 228 -8.25 17.79 88.70
C ASP QA 228 -9.63 18.40 88.49
N VAL QA 229 -9.72 19.71 88.67
CA VAL QA 229 -10.95 20.46 88.48
C VAL QA 229 -10.64 21.68 87.63
N VAL QA 230 -11.69 22.42 87.28
CA VAL QA 230 -11.55 23.56 86.40
C VAL QA 230 -10.70 24.60 87.09
N ASP QA 231 -9.53 24.88 86.53
CA ASP QA 231 -8.57 25.79 87.16
C ASP QA 231 -9.09 27.21 87.04
N GLY QA 232 -9.59 27.76 88.15
CA GLY QA 232 -10.10 29.11 88.18
C GLY QA 232 -11.31 29.29 89.06
N ILE QA 233 -12.02 28.20 89.36
CA ILE QA 233 -13.25 28.26 90.15
C ILE QA 233 -12.93 28.05 91.61
N ASN QA 234 -13.59 28.81 92.47
CA ASN QA 234 -13.62 28.49 93.90
C ASN QA 234 -14.51 27.27 94.10
N HIS QA 235 -13.94 26.20 94.64
CA HIS QA 235 -14.68 24.98 94.93
C HIS QA 235 -14.86 24.82 96.42
N LYS QA 236 -15.99 24.25 96.81
CA LYS QA 236 -16.21 23.76 98.17
C LYS QA 236 -16.20 22.25 98.13
N ILE QA 237 -15.36 21.65 98.97
CA ILE QA 237 -15.07 20.23 98.93
C ILE QA 237 -15.62 19.59 100.19
N ASN QA 238 -16.04 18.33 100.06
CA ASN QA 238 -16.35 17.49 101.22
C ASN QA 238 -15.63 16.17 101.05
N LEU QA 239 -14.85 15.79 102.05
CA LEU QA 239 -14.12 14.51 102.02
C LEU QA 239 -13.94 14.04 103.46
N THR QA 240 -14.92 13.27 103.96
CA THR QA 240 -14.73 12.17 104.90
C THR QA 240 -13.54 12.37 105.83
N THR QA 241 -13.46 13.53 106.48
CA THR QA 241 -12.18 14.03 106.97
C THR QA 241 -11.53 13.12 108.00
N THR QA 242 -12.30 12.28 108.70
CA THR QA 242 -11.70 11.41 109.70
C THR QA 242 -10.82 10.35 109.05
N THR QA 243 -11.07 10.01 107.79
CA THR QA 243 -10.38 8.92 107.11
C THR QA 243 -9.36 9.41 106.10
N CYS QA 244 -9.78 10.24 105.15
CA CYS QA 244 -8.95 10.60 104.00
C CYS QA 244 -8.41 12.02 104.14
N THR QA 245 -7.12 12.18 103.91
CA THR QA 245 -6.46 13.47 103.94
C THR QA 245 -6.15 13.90 102.51
N ILE QA 246 -6.41 15.18 102.22
CA ILE QA 246 -6.29 15.72 100.87
C ILE QA 246 -5.33 16.89 100.90
N ARG QA 247 -4.45 16.94 99.91
CA ARG QA 247 -3.39 17.95 99.84
C ARG QA 247 -3.42 18.64 98.49
N ASN QA 248 -3.28 19.96 98.51
CA ASN QA 248 -3.23 20.77 97.31
C ASN QA 248 -1.81 20.73 96.79
N CYS QA 249 -1.59 20.03 95.66
CA CYS QA 249 -0.24 19.66 95.25
C CYS QA 249 0.12 20.18 93.87
N LYS QA 250 1.28 20.88 93.80
CA LYS QA 250 1.88 21.32 92.57
C LYS QA 250 2.91 20.30 92.11
N LYS QA 251 3.08 20.22 90.80
CA LYS QA 251 3.98 19.25 90.18
C LYS QA 251 5.26 19.96 89.77
N LEU QA 252 6.36 19.60 90.42
CA LEU QA 252 7.69 20.01 89.98
C LEU QA 252 8.11 19.10 88.84
N GLY QA 253 9.41 19.09 88.52
CA GLY QA 253 9.91 18.20 87.49
C GLY QA 253 9.70 16.75 87.82
N PRO QA 254 10.25 15.84 87.02
CA PRO QA 254 9.99 14.42 87.23
C PRO QA 254 10.92 13.83 88.28
N ARG QA 255 10.35 13.02 89.17
CA ARG QA 255 11.17 12.29 90.14
C ARG QA 255 11.97 11.25 89.38
N GLU QA 256 13.23 11.57 89.10
CA GLU QA 256 14.04 10.73 88.22
C GLU QA 256 14.50 9.44 88.88
N ASN QA 257 14.10 9.18 90.13
CA ASN QA 257 14.56 8.01 90.85
C ASN QA 257 13.76 6.77 90.48
N VAL QA 258 12.46 6.79 90.78
CA VAL QA 258 11.68 5.56 90.72
C VAL QA 258 11.45 5.15 89.27
N ALA QA 259 11.22 3.86 89.07
CA ALA QA 259 10.90 3.32 87.76
C ALA QA 259 9.85 2.23 87.91
N VAL QA 260 8.85 2.26 87.03
CA VAL QA 260 7.73 1.35 87.08
C VAL QA 260 7.93 0.28 86.03
N ILE QA 261 7.70 -0.98 86.41
CA ILE QA 261 7.75 -2.11 85.50
C ILE QA 261 6.37 -2.74 85.50
N GLN QA 262 5.64 -2.57 84.40
CA GLN QA 262 4.32 -3.16 84.24
C GLN QA 262 4.50 -4.61 83.83
N VAL QA 263 4.21 -5.51 84.75
CA VAL QA 263 4.39 -6.93 84.49
C VAL QA 263 3.32 -7.47 83.55
N GLY QA 264 2.19 -6.78 83.43
CA GLY QA 264 1.06 -7.34 82.71
C GLY QA 264 1.04 -7.05 81.22
N GLY QA 265 -0.01 -6.39 80.76
CA GLY QA 265 -0.32 -6.34 79.35
C GLY QA 265 0.01 -5.04 78.63
N ALA QA 266 -1.03 -4.37 78.12
CA ALA QA 266 -0.87 -3.31 77.14
C ALA QA 266 -0.19 -2.10 77.76
N ASN QA 267 0.02 -1.08 76.92
CA ASN QA 267 0.62 0.19 77.34
C ASN QA 267 -0.53 1.16 77.66
N ILE QA 268 -0.70 1.47 78.94
CA ILE QA 268 -1.88 2.18 79.42
C ILE QA 268 -1.57 3.41 80.24
N LEU QA 269 -0.38 3.53 80.82
CA LEU QA 269 -0.13 4.57 81.83
C LEU QA 269 -0.15 5.95 81.20
N ASP QA 270 -0.81 6.89 81.89
CA ASP QA 270 -0.89 8.29 81.47
C ASP QA 270 -0.44 9.13 82.66
N ILE QA 271 0.86 9.38 82.75
CA ILE QA 271 1.35 10.29 83.77
C ILE QA 271 0.83 11.70 83.53
N THR QA 272 0.72 12.09 82.27
CA THR QA 272 0.24 13.43 81.91
C THR QA 272 -1.28 13.44 81.95
N ALA QA 273 -1.85 14.10 82.95
CA ALA QA 273 -3.30 14.18 83.07
C ALA QA 273 -3.91 14.89 81.88
N ASP QA 274 -3.18 15.81 81.27
CA ASP QA 274 -3.66 16.46 80.05
C ASP QA 274 -3.93 15.41 78.98
N PRO QA 275 -5.07 15.45 78.29
CA PRO QA 275 -5.36 14.39 77.33
C PRO QA 275 -4.64 14.54 76.01
N THR QA 276 -4.21 15.75 75.65
CA THR QA 276 -3.56 15.96 74.37
C THR QA 276 -2.26 15.18 74.27
N THR QA 277 -1.52 15.08 75.37
CA THR QA 277 -0.20 14.46 75.41
C THR QA 277 -0.25 13.23 76.31
N ASN QA 278 0.21 12.10 75.77
CA ASN QA 278 0.35 10.86 76.52
C ASN QA 278 1.71 10.26 76.20
N PRO QA 279 2.79 10.92 76.61
CA PRO QA 279 4.12 10.52 76.15
C PRO QA 279 4.63 9.29 76.87
N GLN QA 280 5.66 8.70 76.28
CA GLN QA 280 6.34 7.54 76.83
C GLN QA 280 7.58 8.02 77.55
N ILE QA 281 7.59 7.86 78.86
CA ILE QA 281 8.73 8.24 79.69
C ILE QA 281 9.61 7.02 79.87
N GLU QA 282 10.93 7.22 79.87
CA GLU QA 282 11.86 6.11 79.84
C GLU QA 282 11.72 5.22 81.07
N ARG QA 283 11.36 5.80 82.22
CA ARG QA 283 11.27 5.04 83.46
C ARG QA 283 9.98 4.24 83.56
N MET QA 284 9.05 4.39 82.61
CA MET QA 284 8.05 3.37 82.38
C MET QA 284 8.66 2.20 81.64
N MET QA 285 8.27 0.99 82.02
CA MET QA 285 8.76 -0.20 81.36
C MET QA 285 7.65 -1.24 81.39
N ARG QA 286 7.76 -2.23 80.50
CA ARG QA 286 6.78 -3.31 80.45
C ARG QA 286 7.48 -4.63 80.20
N VAL QA 287 6.86 -5.71 80.68
CA VAL QA 287 7.31 -7.07 80.39
C VAL QA 287 6.10 -7.97 80.31
N ASN QA 288 6.18 -8.98 79.47
CA ASN QA 288 5.19 -10.05 79.43
C ASN QA 288 5.67 -11.17 80.34
N TRP QA 289 4.71 -11.90 80.93
CA TRP QA 289 5.08 -12.79 82.02
C TRP QA 289 4.14 -14.00 82.09
N LYS QA 290 4.70 -15.11 82.53
CA LYS QA 290 3.98 -16.14 83.27
C LYS QA 290 4.55 -16.42 84.64
N ARG QA 291 5.85 -16.25 84.85
CA ARG QA 291 6.51 -16.71 86.07
C ARG QA 291 7.32 -15.59 86.69
N TRP QA 292 7.11 -15.37 87.98
CA TRP QA 292 7.79 -14.30 88.66
C TRP QA 292 9.29 -14.57 88.75
N TRP QA 293 9.72 -15.83 88.72
CA TRP QA 293 11.15 -16.08 88.58
C TRP QA 293 11.69 -15.48 87.31
N GLN QA 294 10.98 -15.68 86.20
CA GLN QA 294 11.48 -15.13 84.95
C GLN QA 294 11.48 -13.61 85.00
N VAL QA 295 10.48 -13.03 85.66
CA VAL QA 295 10.44 -11.58 85.81
C VAL QA 295 11.66 -11.08 86.60
N PHE QA 296 11.91 -11.69 87.77
CA PHE QA 296 13.00 -11.22 88.61
C PHE QA 296 14.35 -11.47 87.96
N TYR QA 297 14.50 -12.60 87.27
CA TYR QA 297 15.74 -12.88 86.56
C TYR QA 297 15.96 -11.88 85.44
N THR QA 298 14.90 -11.49 84.73
CA THR QA 298 15.04 -10.47 83.71
C THR QA 298 15.50 -9.15 84.32
N ILE QA 299 14.89 -8.75 85.43
CA ILE QA 299 15.27 -7.51 86.07
C ILE QA 299 16.73 -7.56 86.51
N VAL QA 300 17.13 -8.67 87.13
CA VAL QA 300 18.50 -8.79 87.62
C VAL QA 300 19.47 -8.77 86.46
N ASP QA 301 19.16 -9.48 85.38
CA ASP QA 301 20.07 -9.55 84.25
C ASP QA 301 20.26 -8.19 83.61
N TYR QA 302 19.18 -7.42 83.46
CA TYR QA 302 19.24 -6.12 82.81
C TYR QA 302 19.29 -4.98 83.81
N ILE QA 303 19.74 -5.23 85.04
CA ILE QA 303 19.72 -4.17 86.05
C ILE QA 303 20.62 -3.02 85.67
N ASN QA 304 21.68 -3.27 84.90
CA ASN QA 304 22.53 -2.17 84.45
C ASN QA 304 21.73 -1.18 83.63
N GLN QA 305 20.93 -1.68 82.69
CA GLN QA 305 20.09 -0.81 81.89
C GLN QA 305 19.02 -0.13 82.74
N ILE QA 306 18.50 -0.82 83.75
CA ILE QA 306 17.47 -0.24 84.61
C ILE QA 306 17.99 1.03 85.27
N VAL QA 307 19.07 0.90 86.03
CA VAL QA 307 19.60 2.06 86.74
C VAL QA 307 20.13 3.10 85.77
N GLN QA 308 20.72 2.64 84.65
CA GLN QA 308 21.25 3.59 83.68
C GLN QA 308 20.14 4.33 82.94
N VAL QA 309 18.89 3.84 83.02
CA VAL QA 309 17.74 4.64 82.63
C VAL QA 309 17.33 5.56 83.76
N MET QA 310 17.31 5.06 84.99
CA MET QA 310 16.98 5.89 86.14
C MET QA 310 18.12 6.86 86.42
N SER QA 311 17.90 7.75 87.39
CA SER QA 311 18.91 8.71 87.80
C SER QA 311 18.64 9.14 89.23
N LYS QA 312 19.72 9.53 89.93
CA LYS QA 312 19.60 9.93 91.31
C LYS QA 312 18.74 11.18 91.44
N ARG QA 313 18.10 11.32 92.60
CA ARG QA 313 17.18 12.43 92.82
C ARG QA 313 17.90 13.75 92.71
N SER QA 314 17.36 14.67 91.92
CA SER QA 314 17.89 16.03 91.93
C SER QA 314 17.74 16.66 93.30
N ARG QA 315 16.73 16.25 94.07
CA ARG QA 315 16.44 16.85 95.36
C ARG QA 315 17.25 16.26 96.50
N SER QA 316 17.88 15.10 96.32
CA SER QA 316 18.64 14.46 97.39
C SER QA 316 20.12 14.82 97.37
N LEU QA 317 20.59 15.55 96.38
CA LEU QA 317 21.96 16.05 96.39
C LEU QA 317 22.09 17.27 97.29
N ASN QA 318 23.33 17.66 97.56
CA ASN QA 318 23.58 18.96 98.16
C ASN QA 318 23.37 20.09 97.18
N SER QA 319 23.43 19.81 95.87
CA SER QA 319 23.20 20.85 94.87
C SER QA 319 21.80 21.44 94.98
N ALA QA 320 20.83 20.65 95.46
CA ALA QA 320 19.47 21.11 95.69
C ALA QA 320 19.23 21.39 97.17
N ALA QA 321 20.23 21.92 97.87
CA ALA QA 321 20.15 22.02 99.32
C ALA QA 321 19.03 22.96 99.76
N PHE QA 322 19.02 24.17 99.23
CA PHE QA 322 18.08 25.20 99.69
C PHE QA 322 16.91 25.41 98.76
N TYR QA 323 16.80 24.63 97.67
CA TYR QA 323 15.60 24.78 96.85
C TYR QA 323 14.43 24.01 97.46
N TYR QA 324 14.45 22.68 97.38
CA TYR QA 324 13.43 21.86 98.01
C TYR QA 324 14.01 20.52 98.45
N ARG QA 325 15.14 20.53 99.16
CA ARG QA 325 15.86 19.29 99.45
C ARG QA 325 14.95 18.28 100.11
N VAL QA 326 15.07 17.02 99.69
CA VAL QA 326 14.27 15.94 100.23
C VAL QA 326 14.80 14.60 99.75
N ASN RA 52 25.18 -8.24 52.58
CA ASN RA 52 25.82 -7.55 51.48
C ASN RA 52 27.29 -7.38 51.76
N TYR RA 53 28.04 -8.48 51.75
CA TYR RA 53 29.44 -8.48 52.13
C TYR RA 53 30.37 -8.17 50.97
N GLY RA 54 29.87 -7.48 49.94
CA GLY RA 54 30.72 -6.97 48.88
C GLY RA 54 31.49 -8.04 48.15
N LEU RA 55 30.80 -9.10 47.71
CA LEU RA 55 31.47 -10.23 47.09
C LEU RA 55 31.77 -9.99 45.61
N ASN RA 56 32.34 -8.82 45.27
CA ASN RA 56 32.82 -8.60 43.92
C ASN RA 56 34.12 -7.84 43.84
N ILE RA 57 34.49 -7.04 44.83
CA ILE RA 57 35.67 -6.18 44.73
C ILE RA 57 36.89 -7.02 45.08
N PRO RA 58 38.00 -6.93 44.35
CA PRO RA 58 39.11 -7.83 44.59
C PRO RA 58 39.84 -7.48 45.88
N ILE RA 59 40.50 -8.48 46.44
CA ILE RA 59 41.31 -8.35 47.65
C ILE RA 59 42.76 -8.60 47.28
N THR RA 60 43.64 -7.69 47.68
CA THR RA 60 45.06 -7.76 47.34
C THR RA 60 45.84 -8.24 48.56
N GLY RA 61 46.51 -9.37 48.41
CA GLY RA 61 47.41 -9.88 49.42
C GLY RA 61 48.83 -9.43 49.18
N SER RA 62 49.76 -10.12 49.84
CA SER RA 62 51.18 -9.87 49.65
C SER RA 62 51.92 -11.18 49.84
N MET RA 63 52.96 -11.37 49.04
CA MET RA 63 53.68 -12.64 48.97
C MET RA 63 54.94 -12.65 49.84
N ASP RA 64 55.06 -11.71 50.78
CA ASP RA 64 56.26 -11.61 51.61
C ASP RA 64 55.98 -11.46 53.10
N THR RA 65 54.85 -10.87 53.48
CA THR RA 65 54.65 -10.43 54.85
C THR RA 65 53.18 -10.57 55.23
N VAL RA 66 52.86 -11.08 56.44
CA VAL RA 66 53.70 -11.85 57.38
C VAL RA 66 52.85 -13.02 57.89
N TYR RA 67 53.49 -14.12 58.24
CA TYR RA 67 52.80 -15.19 58.94
C TYR RA 67 52.46 -14.69 60.34
N SER RA 68 51.17 -14.70 60.67
CA SER RA 68 50.68 -14.04 61.88
C SER RA 68 49.59 -14.91 62.50
N ASN RA 69 48.88 -14.32 63.46
CA ASN RA 69 47.79 -14.97 64.18
C ASN RA 69 46.45 -14.58 63.58
N SER RA 70 45.45 -15.42 63.84
CA SER RA 70 44.05 -15.06 63.59
C SER RA 70 43.54 -14.25 64.78
N THR RA 71 43.06 -13.04 64.53
CA THR RA 71 42.80 -12.11 65.62
C THR RA 71 41.77 -12.62 66.60
N ARG RA 72 40.50 -12.69 66.20
CA ARG RA 72 39.41 -13.09 67.10
C ARG RA 72 38.13 -13.23 66.28
N GLU RA 73 37.09 -13.72 66.97
CA GLU RA 73 35.72 -13.73 66.45
C GLU RA 73 34.80 -13.93 67.63
N GLU RA 74 33.79 -13.07 67.78
CA GLU RA 74 32.91 -13.05 68.95
C GLU RA 74 31.48 -13.34 68.51
N VAL RA 75 31.15 -14.64 68.44
CA VAL RA 75 29.76 -15.07 68.44
C VAL RA 75 29.50 -16.19 69.44
N PHE RA 76 30.54 -16.91 69.88
CA PHE RA 76 30.44 -17.86 70.97
C PHE RA 76 31.75 -17.84 71.73
N LEU RA 77 31.74 -18.46 72.92
CA LEU RA 77 32.97 -18.56 73.70
C LEU RA 77 34.06 -19.28 72.92
N THR RA 78 33.72 -20.39 72.27
CA THR RA 78 34.66 -21.12 71.44
C THR RA 78 33.88 -22.19 70.67
N SER RA 79 34.61 -22.93 69.83
CA SER RA 79 34.00 -23.93 68.97
C SER RA 79 33.44 -25.09 69.80
N THR RA 80 32.74 -26.00 69.11
CA THR RA 80 32.14 -27.16 69.76
C THR RA 80 32.37 -28.41 68.92
N LEU RA 81 32.93 -29.43 69.55
CA LEU RA 81 33.15 -30.73 68.93
C LEU RA 81 31.95 -31.62 69.19
N CYS RA 82 31.73 -32.59 68.30
CA CYS RA 82 30.38 -33.13 68.19
C CYS RA 82 30.46 -34.52 67.58
N LEU RA 83 30.37 -35.54 68.43
CA LEU RA 83 30.50 -36.92 68.01
C LEU RA 83 29.14 -37.50 67.66
N TYR RA 84 29.10 -38.30 66.60
CA TYR RA 84 27.89 -39.01 66.18
C TYR RA 84 28.25 -40.48 66.08
N TYR RA 85 27.80 -41.25 67.06
CA TYR RA 85 28.19 -42.65 67.19
C TYR RA 85 26.96 -43.54 67.19
N PRO RA 86 27.08 -44.79 66.74
CA PRO RA 86 25.91 -45.67 66.75
C PRO RA 86 25.68 -46.29 68.13
N THR RA 87 24.45 -46.79 68.31
CA THR RA 87 24.08 -47.41 69.58
C THR RA 87 24.97 -48.60 69.91
N GLU RA 88 25.55 -49.23 68.89
CA GLU RA 88 26.42 -50.37 69.11
C GLU RA 88 27.61 -50.01 69.98
N ALA RA 89 28.11 -48.78 69.85
CA ALA RA 89 29.22 -48.35 70.69
C ALA RA 89 28.82 -48.37 72.16
N SER RA 90 27.65 -47.83 72.48
CA SER RA 90 27.18 -47.84 73.85
C SER RA 90 26.98 -49.27 74.35
N THR RA 91 26.36 -50.12 73.53
CA THR RA 91 26.09 -51.48 73.97
C THR RA 91 27.38 -52.24 74.26
N GLN RA 92 28.37 -52.11 73.39
CA GLN RA 92 29.64 -52.80 73.62
C GLN RA 92 30.38 -52.20 74.80
N ILE RA 93 30.32 -50.88 74.99
CA ILE RA 93 31.04 -50.26 76.08
C ILE RA 93 30.45 -50.67 77.42
N SER RA 94 29.13 -50.84 77.49
CA SER RA 94 28.47 -51.34 78.69
C SER RA 94 28.73 -50.42 79.88
N ASP RA 95 28.36 -49.16 79.69
CA ASP RA 95 28.68 -48.09 80.62
C ASP RA 95 27.58 -47.04 80.51
N GLY RA 96 27.88 -45.78 80.79
CA GLY RA 96 26.86 -44.76 80.97
C GLY RA 96 27.33 -43.61 81.83
N GLU RA 97 28.53 -43.75 82.40
CA GLU RA 97 29.35 -42.61 82.77
C GLU RA 97 30.41 -42.32 81.71
N TRP RA 98 30.34 -42.99 80.57
CA TRP RA 98 31.41 -42.89 79.58
C TRP RA 98 31.38 -41.58 78.82
N LYS RA 99 30.21 -40.98 78.63
CA LYS RA 99 30.18 -39.65 78.03
C LYS RA 99 30.91 -38.65 78.91
N ASP RA 100 30.68 -38.72 80.22
CA ASP RA 100 31.39 -37.84 81.14
C ASP RA 100 32.88 -38.14 81.14
N SER RA 101 33.24 -39.42 81.11
CA SER RA 101 34.66 -39.77 81.05
C SER RA 101 35.32 -39.20 79.79
N LEU RA 102 34.64 -39.31 78.66
CA LEU RA 102 35.20 -38.79 77.41
C LEU RA 102 35.31 -37.28 77.44
N SER RA 103 34.34 -36.60 78.06
CA SER RA 103 34.46 -35.15 78.21
C SER RA 103 35.65 -34.79 79.07
N GLN RA 104 35.85 -35.52 80.17
CA GLN RA 104 37.00 -35.28 81.02
C GLN RA 104 38.30 -35.49 80.26
N MET RA 105 38.35 -36.52 79.40
CA MET RA 105 39.55 -36.79 78.63
C MET RA 105 39.72 -35.84 77.46
N PHE RA 106 38.66 -35.16 77.02
CA PHE RA 106 38.81 -34.10 76.05
C PHE RA 106 39.36 -32.84 76.70
N LEU RA 107 38.99 -32.61 77.95
CA LEU RA 107 39.45 -31.40 78.65
C LEU RA 107 40.97 -31.30 78.65
N ILE RA 108 41.67 -32.42 78.85
CA ILE RA 108 43.13 -32.37 78.84
C ILE RA 108 43.64 -32.06 77.43
N LYS RA 109 42.97 -32.59 76.40
CA LYS RA 109 43.35 -32.25 75.04
C LYS RA 109 43.14 -30.77 74.76
N GLY RA 110 42.26 -30.11 75.50
CA GLY RA 110 42.17 -28.67 75.46
C GLY RA 110 40.85 -28.14 74.95
N TRP RA 111 39.78 -28.89 75.20
CA TRP RA 111 38.43 -28.48 74.86
C TRP RA 111 37.69 -28.14 76.15
N PRO RA 112 37.17 -26.93 76.35
CA PRO RA 112 36.42 -26.66 77.58
C PRO RA 112 35.21 -27.58 77.68
N THR RA 113 34.71 -27.71 78.91
CA THR RA 113 33.79 -28.81 79.22
C THR RA 113 32.53 -28.76 78.35
N GLY RA 114 31.94 -27.58 78.22
CA GLY RA 114 30.67 -27.51 77.52
C GLY RA 114 30.74 -27.67 76.02
N SER RA 115 31.93 -27.85 75.45
CA SER RA 115 32.10 -27.82 74.01
C SER RA 115 31.88 -29.17 73.34
N VAL RA 116 31.93 -30.27 74.08
CA VAL RA 116 31.89 -31.61 73.49
C VAL RA 116 30.50 -32.19 73.68
N TYR RA 117 29.85 -32.53 72.56
CA TYR RA 117 28.51 -33.10 72.57
C TYR RA 117 28.51 -34.45 71.87
N PHE RA 118 27.64 -35.33 72.33
CA PHE RA 118 27.54 -36.70 71.84
C PHE RA 118 26.13 -36.97 71.34
N LYS RA 119 26.02 -37.69 70.22
CA LYS RA 119 24.74 -37.98 69.59
C LYS RA 119 24.71 -39.45 69.20
N GLU RA 120 23.70 -40.16 69.69
CA GLU RA 120 23.54 -41.58 69.45
C GLU RA 120 22.47 -41.79 68.39
N TYR RA 121 22.73 -42.69 67.44
CA TYR RA 121 21.78 -43.00 66.39
C TYR RA 121 21.70 -44.51 66.22
N SER RA 122 20.54 -44.97 65.72
CA SER RA 122 20.26 -46.39 65.69
C SER RA 122 21.25 -47.13 64.80
N ASN RA 123 21.38 -46.69 63.55
CA ASN RA 123 22.34 -47.26 62.61
C ASN RA 123 22.35 -46.36 61.38
N ILE RA 124 23.09 -46.79 60.36
CA ILE RA 124 23.36 -45.92 59.21
C ILE RA 124 22.08 -45.57 58.48
N VAL RA 125 21.22 -46.55 58.24
CA VAL RA 125 20.01 -46.30 57.44
C VAL RA 125 19.01 -45.47 58.23
N ASP RA 126 18.82 -45.78 59.51
CA ASP RA 126 17.88 -45.02 60.32
C ASP RA 126 18.38 -43.62 60.61
N PHE RA 127 19.68 -43.38 60.50
CA PHE RA 127 20.24 -42.05 60.69
C PHE RA 127 20.24 -41.26 59.40
N SER RA 128 20.27 -41.93 58.25
CA SER RA 128 20.31 -41.22 56.97
C SER RA 128 19.07 -40.34 56.77
N VAL RA 129 17.95 -40.70 57.38
CA VAL RA 129 16.74 -39.90 57.22
C VAL RA 129 16.90 -38.59 58.00
N ASP RA 130 16.87 -37.47 57.28
CA ASP RA 130 16.92 -36.14 57.87
C ASP RA 130 18.08 -36.00 58.86
N PRO RA 131 19.30 -36.22 58.43
CA PRO RA 131 20.42 -36.15 59.38
C PRO RA 131 20.67 -34.73 59.80
N GLN RA 132 20.26 -34.39 61.00
CA GLN RA 132 20.30 -33.01 61.50
C GLN RA 132 21.58 -32.85 62.30
N LEU RA 133 22.52 -32.10 61.75
CA LEU RA 133 23.83 -31.87 62.36
C LEU RA 133 23.76 -30.62 63.23
N TYR RA 134 23.42 -30.82 64.51
CA TYR RA 134 22.97 -29.72 65.37
C TYR RA 134 24.13 -28.93 65.96
N CYS RA 135 25.16 -28.57 65.21
CA CYS RA 135 26.43 -28.49 65.91
C CYS RA 135 27.46 -27.81 64.99
N ASP RA 136 28.73 -27.81 65.42
CA ASP RA 136 29.77 -27.06 64.70
C ASP RA 136 30.85 -27.94 64.08
N TYR RA 137 31.57 -28.75 64.86
CA TYR RA 137 32.54 -29.72 64.36
C TYR RA 137 31.98 -31.12 64.49
N ASN RA 138 31.50 -31.67 63.38
CA ASN RA 138 30.79 -32.92 63.36
C ASN RA 138 31.73 -34.05 62.94
N LEU RA 139 31.76 -35.11 63.72
CA LEU RA 139 32.34 -36.38 63.32
C LEU RA 139 31.25 -37.42 63.32
N VAL RA 140 31.22 -38.28 62.31
CA VAL RA 140 30.21 -39.33 62.18
C VAL RA 140 30.97 -40.64 62.04
N LEU RA 141 30.97 -41.43 63.11
CA LEU RA 141 31.60 -42.75 63.06
C LEU RA 141 30.62 -43.72 62.44
N MET RA 142 30.93 -44.20 61.24
CA MET RA 142 30.05 -45.07 60.48
C MET RA 142 30.67 -46.46 60.47
N LYS RA 143 30.00 -47.43 61.10
CA LYS RA 143 30.50 -48.78 61.08
C LYS RA 143 30.26 -49.39 59.70
N TYR RA 144 31.33 -49.77 59.03
CA TYR RA 144 31.18 -50.39 57.72
C TYR RA 144 30.54 -51.76 57.87
N ASP RA 145 29.65 -52.09 56.94
CA ASP RA 145 29.01 -53.39 56.90
C ASP RA 145 28.71 -53.72 55.46
N GLN RA 146 29.04 -54.95 55.06
CA GLN RA 146 28.80 -55.36 53.69
C GLN RA 146 27.32 -55.26 53.37
N SER RA 147 27.02 -54.84 52.13
CA SER RA 147 25.69 -54.56 51.60
C SER RA 147 25.18 -53.20 52.03
N LEU RA 148 25.90 -52.46 52.88
CA LEU RA 148 25.59 -51.07 53.19
C LEU RA 148 26.53 -50.11 52.48
N GLU RA 149 27.20 -50.57 51.43
CA GLU RA 149 28.15 -49.71 50.73
C GLU RA 149 27.44 -48.49 50.15
N LEU RA 150 26.37 -48.72 49.39
CA LEU RA 150 25.68 -47.60 48.76
C LEU RA 150 24.94 -46.75 49.78
N ASP RA 151 24.48 -47.33 50.88
CA ASP RA 151 23.86 -46.53 51.92
C ASP RA 151 24.88 -45.60 52.58
N MET RA 152 26.08 -46.11 52.86
CA MET RA 152 27.13 -45.26 53.39
C MET RA 152 27.50 -44.17 52.39
N SER RA 153 27.57 -44.53 51.11
CA SER RA 153 27.87 -43.53 50.09
C SER RA 153 26.78 -42.47 50.02
N GLU RA 154 25.51 -42.88 50.15
CA GLU RA 154 24.40 -41.93 50.17
C GLU RA 154 24.55 -40.96 51.32
N LEU RA 155 24.79 -41.47 52.52
CA LEU RA 155 24.90 -40.59 53.67
C LEU RA 155 26.09 -39.66 53.54
N ALA RA 156 27.22 -40.18 53.05
CA ALA RA 156 28.40 -39.34 52.87
C ALA RA 156 28.12 -38.24 51.85
N ASP RA 157 27.53 -38.59 50.71
CA ASP RA 157 27.20 -37.58 49.72
C ASP RA 157 26.22 -36.56 50.27
N LEU RA 158 25.38 -36.96 51.22
CA LEU RA 158 24.41 -36.03 51.77
C LEU RA 158 25.07 -35.05 52.73
N ILE RA 159 25.82 -35.55 53.73
CA ILE RA 159 26.32 -34.65 54.76
C ILE RA 159 27.61 -33.96 54.33
N LEU RA 160 28.53 -34.69 53.69
CA LEU RA 160 29.82 -34.10 53.36
C LEU RA 160 29.71 -32.95 52.37
N ASN RA 161 28.60 -32.82 51.66
CA ASN RA 161 28.42 -31.79 50.65
C ASN RA 161 27.22 -30.94 50.98
N GLU RA 162 27.23 -29.71 50.47
CA GLU RA 162 26.24 -28.70 50.81
C GLU RA 162 25.18 -28.68 49.72
N TRP RA 163 23.94 -28.94 50.10
CA TRP RA 163 22.84 -29.20 49.18
C TRP RA 163 21.81 -28.08 49.25
N LEU RA 164 21.13 -27.85 48.12
CA LEU RA 164 20.04 -26.88 48.03
C LEU RA 164 18.84 -27.62 47.47
N CYS RA 165 17.83 -27.84 48.30
CA CYS RA 165 16.71 -28.72 47.97
C CYS RA 165 15.42 -27.92 47.82
N ASN RA 166 14.68 -28.22 46.76
CA ASN RA 166 13.35 -27.71 46.49
C ASN RA 166 12.32 -28.84 46.65
N PRO RA 167 11.06 -28.52 46.94
CA PRO RA 167 10.05 -29.58 47.06
C PRO RA 167 9.71 -30.16 45.71
N MET RA 168 9.14 -31.37 45.75
CA MET RA 168 8.65 -32.05 44.56
C MET RA 168 7.24 -32.54 44.83
N ASP RA 169 6.25 -31.89 44.21
CA ASP RA 169 4.85 -32.30 44.32
C ASP RA 169 4.60 -33.32 43.23
N ILE RA 170 4.72 -34.60 43.59
CA ILE RA 170 4.75 -35.65 42.58
C ILE RA 170 3.40 -35.79 41.89
N THR RA 171 2.31 -35.57 42.62
CA THR RA 171 0.99 -35.85 42.07
C THR RA 171 0.66 -34.96 40.89
N LEU RA 172 1.23 -33.74 40.85
CA LEU RA 172 0.75 -32.70 39.95
C LEU RA 172 1.70 -32.34 38.82
N TYR RA 173 2.99 -32.69 38.90
CA TYR RA 173 3.96 -32.22 37.92
C TYR RA 173 4.87 -33.35 37.48
N TYR RA 174 5.38 -33.23 36.26
CA TYR RA 174 6.55 -33.98 35.83
C TYR RA 174 7.80 -33.32 36.41
N TYR RA 175 8.95 -33.98 36.24
CA TYR RA 175 10.19 -33.45 36.77
C TYR RA 175 11.34 -33.79 35.84
N GLN RA 176 12.41 -33.01 35.98
CA GLN RA 176 13.58 -33.07 35.12
C GLN RA 176 14.81 -32.93 35.99
N GLN RA 177 15.98 -32.97 35.37
CA GLN RA 177 17.25 -32.73 36.05
C GLN RA 177 18.05 -31.72 35.24
N SER RA 178 18.38 -30.60 35.86
CA SER RA 178 19.03 -29.52 35.13
C SER RA 178 20.39 -29.92 34.61
N GLY RA 179 21.19 -30.60 35.43
CA GLY RA 179 22.55 -30.91 35.02
C GLY RA 179 23.17 -31.93 35.94
N GLU RA 180 24.48 -32.14 35.73
CA GLU RA 180 25.20 -33.15 36.50
C GLU RA 180 25.14 -32.89 37.99
N SER RA 181 25.00 -31.64 38.40
CA SER RA 181 25.03 -31.29 39.81
C SER RA 181 23.69 -31.48 40.51
N ASN RA 182 22.66 -31.89 39.79
CA ASN RA 182 21.31 -32.00 40.35
C ASN RA 182 20.94 -33.46 40.55
N LYS RA 183 20.69 -33.83 41.80
CA LYS RA 183 20.18 -35.14 42.18
C LYS RA 183 18.73 -34.97 42.62
N TRP RA 184 18.06 -36.09 42.91
CA TRP RA 184 16.87 -36.06 43.75
C TRP RA 184 17.15 -36.88 45.00
N ILE RA 185 16.68 -36.39 46.14
CA ILE RA 185 16.91 -37.04 47.43
C ILE RA 185 15.56 -37.42 47.98
N SER RA 186 15.35 -38.71 48.24
CA SER RA 186 14.12 -39.22 48.82
C SER RA 186 14.42 -39.76 50.21
N MET RA 187 13.62 -39.35 51.19
CA MET RA 187 13.84 -39.74 52.57
C MET RA 187 12.50 -40.04 53.23
N GLY RA 188 12.55 -40.87 54.25
CA GLY RA 188 11.37 -41.26 55.00
C GLY RA 188 11.52 -42.67 55.52
N SER RA 189 10.38 -43.26 55.90
CA SER RA 189 10.40 -44.61 56.43
C SER RA 189 10.61 -45.63 55.32
N SER RA 190 9.95 -45.45 54.19
CA SER RA 190 10.07 -46.37 53.06
C SER RA 190 9.92 -45.57 51.78
N CYS RA 191 10.96 -45.57 50.95
CA CYS RA 191 10.99 -44.82 49.69
C CYS RA 191 11.10 -45.82 48.55
N THR RA 192 9.99 -46.07 47.87
CA THR RA 192 9.93 -46.93 46.69
C THR RA 192 9.71 -46.02 45.49
N VAL RA 193 10.81 -45.50 44.96
CA VAL RA 193 10.76 -44.46 43.94
C VAL RA 193 10.69 -45.14 42.58
N LYS RA 194 9.49 -45.19 42.00
CA LYS RA 194 9.31 -45.70 40.65
C LYS RA 194 9.22 -44.51 39.70
N VAL RA 195 10.10 -44.48 38.71
CA VAL RA 195 10.13 -43.41 37.72
C VAL RA 195 9.58 -43.93 36.41
N CYS RA 196 9.23 -43.00 35.53
CA CYS RA 196 8.80 -43.33 34.17
C CYS RA 196 9.27 -42.19 33.29
N PRO RA 197 10.32 -42.39 32.48
CA PRO RA 197 10.77 -41.31 31.60
C PRO RA 197 9.83 -41.15 30.41
N LEU RA 198 9.73 -39.92 29.94
CA LEU RA 198 8.83 -39.56 28.85
C LEU RA 198 9.62 -38.93 27.72
N ASN RA 199 9.28 -39.31 26.49
CA ASN RA 199 9.94 -38.74 25.32
C ASN RA 199 9.38 -37.35 25.07
N THR RA 200 9.71 -36.78 23.90
CA THR RA 200 9.21 -35.45 23.58
C THR RA 200 7.70 -35.40 23.52
N GLN RA 201 7.07 -36.51 23.13
CA GLN RA 201 5.62 -36.56 22.93
C GLN RA 201 4.85 -36.85 24.20
N THR RA 202 5.51 -36.88 25.35
CA THR RA 202 4.86 -37.19 26.62
C THR RA 202 4.22 -38.57 26.58
N LEU RA 203 4.87 -39.51 25.89
CA LEU RA 203 4.55 -40.92 25.97
C LEU RA 203 5.71 -41.60 26.69
N GLY RA 204 5.40 -42.28 27.79
CA GLY RA 204 6.43 -42.91 28.58
C GLY RA 204 7.23 -43.92 27.79
N ILE RA 205 8.55 -43.80 27.83
CA ILE RA 205 9.44 -44.73 27.13
C ILE RA 205 9.77 -45.87 28.09
N GLY RA 206 9.40 -47.09 27.70
CA GLY RA 206 9.52 -48.21 28.60
C GLY RA 206 8.48 -48.27 29.69
N CYS RA 207 7.44 -47.43 29.61
CA CYS RA 207 6.41 -47.41 30.63
C CYS RA 207 5.19 -46.68 30.09
N GLN RA 208 4.03 -47.05 30.61
CA GLN RA 208 2.79 -46.34 30.37
C GLN RA 208 2.48 -45.45 31.57
N THR RA 209 2.28 -44.16 31.32
CA THR RA 209 2.14 -43.21 32.41
C THR RA 209 0.94 -43.53 33.29
N THR RA 210 -0.08 -44.17 32.75
CA THR RA 210 -1.29 -44.48 33.51
C THR RA 210 -1.21 -45.82 34.23
N ASN RA 211 -0.18 -46.62 33.99
CA ASN RA 211 -0.01 -47.94 34.59
C ASN RA 211 1.27 -47.90 35.43
N VAL RA 212 1.11 -47.76 36.74
CA VAL RA 212 2.26 -47.64 37.63
C VAL RA 212 3.15 -48.89 37.57
N ASP RA 213 2.57 -50.03 37.20
CA ASP RA 213 3.32 -51.28 37.22
C ASP RA 213 4.48 -51.25 36.24
N SER RA 214 4.29 -50.64 35.07
CA SER RA 214 5.32 -50.62 34.04
C SER RA 214 6.53 -49.77 34.40
N PHE RA 215 6.43 -48.95 35.45
CA PHE RA 215 7.48 -48.01 35.80
C PHE RA 215 8.78 -48.74 36.12
N GLU RA 216 9.85 -47.97 36.26
CA GLU RA 216 11.17 -48.48 36.60
C GLU RA 216 11.51 -48.06 38.02
N THR RA 217 11.81 -49.04 38.87
CA THR RA 217 12.08 -48.79 40.29
C THR RA 217 13.57 -48.51 40.46
N VAL RA 218 13.93 -47.24 40.50
CA VAL RA 218 15.33 -46.86 40.63
C VAL RA 218 15.87 -47.25 42.00
N ALA RA 219 15.04 -47.21 43.05
CA ALA RA 219 15.50 -47.53 44.39
C ALA RA 219 14.29 -47.86 45.24
N GLU RA 220 14.29 -49.04 45.87
CA GLU RA 220 13.15 -49.53 46.62
C GLU RA 220 13.48 -49.66 48.11
N ASN RA 221 12.52 -49.28 48.94
CA ASN RA 221 12.53 -49.59 50.36
C ASN RA 221 13.80 -49.09 51.05
N GLU RA 222 14.25 -47.90 50.66
CA GLU RA 222 15.40 -47.26 51.26
C GLU RA 222 14.96 -46.17 52.22
N LYS RA 223 15.67 -46.05 53.34
CA LYS RA 223 15.48 -44.90 54.21
C LYS RA 223 15.91 -43.62 53.51
N LEU RA 224 17.04 -43.66 52.80
CA LEU RA 224 17.52 -42.55 51.99
C LEU RA 224 17.91 -43.08 50.63
N ALA RA 225 17.54 -42.35 49.58
CA ALA RA 225 17.94 -42.70 48.22
C ALA RA 225 18.27 -41.44 47.46
N ILE RA 226 19.50 -41.35 46.98
CA ILE RA 226 19.92 -40.33 46.02
C ILE RA 226 19.74 -40.95 44.64
N VAL RA 227 18.78 -40.45 43.88
CA VAL RA 227 18.48 -40.98 42.55
C VAL RA 227 18.93 -39.96 41.51
N ASP RA 228 19.62 -40.45 40.49
CA ASP RA 228 20.04 -39.70 39.32
C ASP RA 228 19.43 -40.37 38.10
N VAL RA 229 18.50 -39.70 37.45
CA VAL RA 229 17.99 -40.10 36.16
C VAL RA 229 18.69 -39.27 35.10
N VAL RA 230 18.52 -39.66 33.84
CA VAL RA 230 19.21 -38.98 32.76
C VAL RA 230 18.78 -37.52 32.73
N ASP RA 231 19.74 -36.64 32.47
CA ASP RA 231 19.53 -35.21 32.58
C ASP RA 231 19.00 -34.67 31.25
N GLY RA 232 17.81 -34.11 31.28
CA GLY RA 232 17.17 -33.53 30.10
C GLY RA 232 15.93 -34.26 29.64
N ILE RA 233 15.46 -35.29 30.36
CA ILE RA 233 14.27 -36.05 29.98
C ILE RA 233 13.26 -35.94 31.11
N ASN RA 234 12.04 -35.55 30.78
CA ASN RA 234 11.00 -35.46 31.79
C ASN RA 234 10.70 -36.84 32.36
N HIS RA 235 10.31 -36.86 33.63
CA HIS RA 235 9.98 -38.09 34.33
C HIS RA 235 8.69 -37.90 35.11
N LYS RA 236 7.94 -38.99 35.24
CA LYS RA 236 6.82 -39.05 36.17
C LYS RA 236 7.19 -39.99 37.31
N ILE RA 237 7.05 -39.51 38.54
CA ILE RA 237 7.54 -40.21 39.71
C ILE RA 237 6.36 -40.80 40.46
N ASN RA 238 6.65 -41.80 41.28
CA ASN RA 238 5.62 -42.50 42.06
C ASN RA 238 6.29 -43.01 43.33
N LEU RA 239 5.92 -42.44 44.47
CA LEU RA 239 6.39 -42.97 45.75
C LEU RA 239 5.43 -42.51 46.85
N THR RA 240 4.51 -43.40 47.25
CA THR RA 240 4.10 -43.58 48.63
C THR RA 240 4.17 -42.29 49.46
N THR RA 241 3.45 -41.25 49.06
CA THR RA 241 3.63 -39.94 49.65
C THR RA 241 3.26 -39.88 51.13
N THR RA 242 2.56 -40.90 51.66
CA THR RA 242 2.22 -40.89 53.07
C THR RA 242 3.46 -40.96 53.95
N THR RA 243 4.43 -41.79 53.57
CA THR RA 243 5.61 -42.03 54.39
C THR RA 243 6.83 -41.23 53.93
N CYS RA 244 7.20 -41.35 52.65
CA CYS RA 244 8.47 -40.84 52.15
C CYS RA 244 8.26 -39.60 51.31
N THR RA 245 9.01 -38.56 51.61
CA THR RA 245 9.07 -37.34 50.81
C THR RA 245 10.28 -37.39 49.89
N ILE RA 246 10.29 -36.48 48.92
CA ILE RA 246 11.35 -36.41 47.93
C ILE RA 246 11.56 -34.95 47.55
N ARG RA 247 12.81 -34.62 47.22
CA ARG RA 247 13.20 -33.23 46.98
C ARG RA 247 14.18 -33.16 45.82
N ASN RA 248 14.07 -32.09 45.03
CA ASN RA 248 15.04 -31.81 43.98
C ASN RA 248 16.23 -31.09 44.59
N CYS RA 249 17.38 -31.76 44.70
CA CYS RA 249 18.52 -31.22 45.43
C CYS RA 249 19.67 -30.97 44.47
N LYS RA 250 20.06 -29.70 44.34
CA LYS RA 250 21.27 -29.32 43.63
C LYS RA 250 22.45 -29.33 44.60
N LYS RA 251 23.64 -29.56 44.07
CA LYS RA 251 24.85 -29.70 44.88
C LYS RA 251 25.67 -28.44 44.77
N LEU RA 252 25.76 -27.68 45.86
CA LEU RA 252 26.70 -26.58 45.97
C LEU RA 252 28.06 -27.15 46.32
N GLY RA 253 28.99 -26.32 46.78
CA GLY RA 253 30.30 -26.78 47.17
C GLY RA 253 30.25 -27.75 48.34
N PRO RA 254 31.41 -28.04 48.95
CA PRO RA 254 31.44 -29.01 50.04
C PRO RA 254 31.10 -28.38 51.39
N ARG RA 255 30.54 -29.21 52.26
CA ARG RA 255 30.28 -28.84 53.64
C ARG RA 255 31.41 -29.39 54.49
N GLU RA 256 32.20 -28.49 55.08
CA GLU RA 256 33.45 -28.87 55.71
C GLU RA 256 33.40 -28.79 57.23
N ASN RA 257 32.20 -28.88 57.81
CA ASN RA 257 32.07 -29.13 59.24
C ASN RA 257 32.13 -30.60 59.59
N VAL RA 258 31.88 -31.48 58.62
CA VAL RA 258 31.56 -32.88 58.88
C VAL RA 258 32.71 -33.75 58.41
N ALA RA 259 33.07 -34.73 59.23
CA ALA RA 259 34.07 -35.73 58.89
C ALA RA 259 33.44 -37.11 59.07
N VAL RA 260 33.37 -37.87 57.99
CA VAL RA 260 32.82 -39.22 58.01
C VAL RA 260 33.98 -40.17 58.27
N ILE RA 261 33.95 -40.85 59.41
CA ILE RA 261 34.99 -41.79 59.80
C ILE RA 261 34.46 -43.19 59.56
N GLN RA 262 34.89 -43.80 58.47
CA GLN RA 262 34.57 -45.20 58.23
C GLN RA 262 35.34 -46.04 59.23
N VAL RA 263 34.61 -46.76 60.09
CA VAL RA 263 35.24 -47.46 61.19
C VAL RA 263 35.80 -48.80 60.75
N GLY RA 264 35.26 -49.40 59.70
CA GLY RA 264 35.58 -50.78 59.37
C GLY RA 264 36.50 -51.02 58.20
N GLY RA 265 35.93 -51.36 57.05
CA GLY RA 265 36.66 -52.02 55.99
C GLY RA 265 37.41 -51.12 55.03
N ALA RA 266 37.29 -51.42 53.74
CA ALA RA 266 38.09 -50.75 52.73
C ALA RA 266 37.56 -49.34 52.47
N ASN RA 267 38.18 -48.66 51.52
CA ASN RA 267 37.82 -47.29 51.16
C ASN RA 267 36.80 -47.34 50.03
N ILE RA 268 35.53 -47.28 50.38
CA ILE RA 268 34.43 -47.47 49.42
C ILE RA 268 33.58 -46.23 49.23
N LEU RA 269 33.73 -45.22 50.06
CA LEU RA 269 32.83 -44.06 50.01
C LEU RA 269 33.07 -43.31 48.71
N ASP RA 270 32.15 -43.47 47.75
CA ASP RA 270 32.20 -42.74 46.48
C ASP RA 270 31.20 -41.60 46.59
N ILE RA 271 31.67 -40.45 47.07
CA ILE RA 271 30.80 -39.30 47.24
C ILE RA 271 30.26 -38.81 45.91
N THR RA 272 31.06 -38.88 44.86
CA THR RA 272 30.70 -38.33 43.57
C THR RA 272 29.98 -39.39 42.74
N ALA RA 273 28.72 -39.10 42.38
CA ALA RA 273 27.92 -40.04 41.61
C ALA RA 273 28.53 -40.36 40.25
N ASP RA 274 29.38 -39.48 39.74
CA ASP RA 274 30.07 -39.73 38.48
C ASP RA 274 30.89 -41.01 38.59
N PRO RA 275 30.71 -42.00 37.71
CA PRO RA 275 31.60 -43.18 37.77
C PRO RA 275 33.04 -42.86 37.45
N THR RA 276 33.31 -41.83 36.65
CA THR RA 276 34.67 -41.58 36.20
C THR RA 276 35.55 -41.06 37.33
N THR RA 277 34.98 -40.27 38.24
CA THR RA 277 35.73 -39.66 39.33
C THR RA 277 35.48 -40.40 40.64
N ASN RA 278 36.50 -40.42 41.49
CA ASN RA 278 36.42 -41.08 42.78
C ASN RA 278 37.44 -40.45 43.72
N PRO RA 279 37.28 -39.18 44.08
CA PRO RA 279 38.32 -38.51 44.86
C PRO RA 279 38.36 -38.99 46.30
N GLN RA 280 39.53 -38.84 46.90
CA GLN RA 280 39.75 -39.08 48.32
C GLN RA 280 39.84 -37.73 49.01
N ILE RA 281 38.83 -37.37 49.77
CA ILE RA 281 38.78 -36.08 50.45
C ILE RA 281 39.50 -36.21 51.78
N GLU RA 282 40.01 -35.09 52.28
CA GLU RA 282 40.72 -35.10 53.55
C GLU RA 282 39.78 -35.41 54.71
N ARG RA 283 38.48 -35.20 54.55
CA ARG RA 283 37.49 -35.48 55.58
C ARG RA 283 36.90 -36.87 55.49
N MET RA 284 37.13 -37.61 54.40
CA MET RA 284 36.69 -38.99 54.30
C MET RA 284 37.69 -39.84 55.08
N MET RA 285 37.52 -39.79 56.41
CA MET RA 285 38.42 -40.48 57.31
C MET RA 285 38.15 -41.97 57.31
N ARG RA 286 39.19 -42.75 57.62
CA ARG RA 286 39.04 -44.19 57.75
C ARG RA 286 39.95 -44.67 58.86
N VAL RA 287 39.40 -45.47 59.77
CA VAL RA 287 40.14 -46.01 60.89
C VAL RA 287 39.83 -47.50 60.99
N ASN RA 288 40.70 -48.21 61.70
CA ASN RA 288 40.67 -49.65 61.82
C ASN RA 288 40.36 -50.02 63.26
N TRP RA 289 39.36 -50.88 63.46
CA TRP RA 289 38.76 -51.06 64.77
C TRP RA 289 38.64 -52.54 65.12
N LYS RA 290 38.74 -52.81 66.41
CA LYS RA 290 38.22 -54.04 67.00
C LYS RA 290 37.33 -53.69 68.18
N ARG RA 291 37.55 -52.54 68.82
CA ARG RA 291 36.82 -52.14 70.01
C ARG RA 291 36.51 -50.65 70.00
N TRP RA 292 35.30 -50.32 70.41
CA TRP RA 292 34.85 -48.94 70.34
C TRP RA 292 35.60 -48.06 71.32
N TRP RA 293 36.08 -48.62 72.43
CA TRP RA 293 36.92 -47.83 73.31
C TRP RA 293 38.21 -47.42 72.62
N GLN RA 294 38.80 -48.34 71.85
CA GLN RA 294 39.99 -47.99 71.08
C GLN RA 294 39.66 -46.91 70.06
N VAL RA 295 38.51 -47.04 69.40
CA VAL RA 295 38.14 -46.03 68.40
C VAL RA 295 38.02 -44.65 69.06
N PHE RA 296 37.28 -44.58 70.16
CA PHE RA 296 37.06 -43.28 70.81
C PHE RA 296 38.38 -42.72 71.33
N TYR RA 297 39.25 -43.58 71.85
CA TYR RA 297 40.53 -43.11 72.35
C TYR RA 297 41.38 -42.55 71.22
N THR RA 298 41.39 -43.20 70.05
CA THR RA 298 42.12 -42.64 68.92
C THR RA 298 41.56 -41.28 68.54
N ILE RA 299 40.23 -41.17 68.52
CA ILE RA 299 39.61 -39.90 68.15
C ILE RA 299 40.03 -38.81 69.11
N VAL RA 300 39.94 -39.08 70.42
CA VAL RA 300 40.29 -38.07 71.41
C VAL RA 300 41.76 -37.71 71.29
N ASP RA 301 42.62 -38.71 71.11
CA ASP RA 301 44.06 -38.46 71.07
C ASP RA 301 44.42 -37.59 69.88
N TYR RA 302 43.84 -37.87 68.71
CA TYR RA 302 44.19 -37.17 67.48
C TYR RA 302 43.21 -36.06 67.13
N ILE RA 303 42.40 -35.62 68.10
CA ILE RA 303 41.34 -34.68 67.78
C ILE RA 303 41.88 -33.36 67.25
N ASN RA 304 43.10 -32.99 67.63
CA ASN RA 304 43.68 -31.76 67.09
C ASN RA 304 43.79 -31.84 65.57
N GLN RA 305 44.22 -32.98 65.05
CA GLN RA 305 44.28 -33.15 63.61
C GLN RA 305 42.89 -33.25 63.01
N ILE RA 306 41.97 -33.88 63.73
CA ILE RA 306 40.60 -34.06 63.26
C ILE RA 306 39.95 -32.71 62.99
N VAL RA 307 40.20 -31.73 63.85
CA VAL RA 307 39.64 -30.40 63.65
C VAL RA 307 40.53 -29.53 62.77
N GLN RA 308 41.82 -29.85 62.66
CA GLN RA 308 42.68 -29.12 61.74
C GLN RA 308 42.37 -29.46 60.29
N VAL RA 309 41.77 -30.62 60.03
CA VAL RA 309 41.37 -30.96 58.67
C VAL RA 309 40.05 -30.29 58.27
N MET RA 310 39.21 -29.92 59.23
CA MET RA 310 37.90 -29.35 58.95
C MET RA 310 37.97 -27.82 59.00
N SER RA 311 36.80 -27.18 58.93
CA SER RA 311 36.72 -25.73 59.02
C SER RA 311 35.37 -25.32 59.56
N LYS RA 312 35.38 -24.52 60.63
CA LYS RA 312 34.13 -24.13 61.30
C LYS RA 312 33.29 -23.17 60.49
N ARG RA 313 33.84 -22.55 59.44
CA ARG RA 313 33.16 -21.43 58.80
C ARG RA 313 31.86 -21.89 58.14
N SER RA 314 31.91 -23.00 57.42
CA SER RA 314 30.76 -23.46 56.64
C SER RA 314 29.74 -24.09 57.57
N ARG RA 315 28.93 -23.22 58.19
CA ARG RA 315 27.89 -23.64 59.11
C ARG RA 315 26.63 -22.87 58.80
N SER RA 316 25.49 -23.43 59.22
CA SER RA 316 24.18 -22.87 58.92
C SER RA 316 23.40 -22.70 60.21
N LEU RA 317 22.44 -21.76 60.19
CA LEU RA 317 21.58 -21.56 61.35
C LEU RA 317 20.85 -22.85 61.71
N ASN RA 318 19.98 -23.30 60.82
CA ASN RA 318 19.28 -24.55 61.08
C ASN RA 318 20.26 -25.71 61.00
N SER RA 319 19.92 -26.79 61.70
CA SER RA 319 20.76 -27.97 61.72
C SER RA 319 20.53 -28.88 60.52
N ALA RA 320 19.60 -28.54 59.63
CA ALA RA 320 19.27 -29.39 58.51
C ALA RA 320 20.47 -29.54 57.58
N ALA RA 321 20.59 -30.71 56.97
CA ALA RA 321 21.71 -31.02 56.10
C ALA RA 321 21.57 -30.41 54.71
N PHE RA 322 20.56 -29.59 54.47
CA PHE RA 322 20.39 -28.94 53.18
C PHE RA 322 19.65 -27.63 53.38
N TYR RA 323 19.84 -26.72 52.43
CA TYR RA 323 19.13 -25.46 52.41
C TYR RA 323 17.80 -25.69 51.70
N TYR RA 324 16.70 -25.57 52.43
CA TYR RA 324 15.38 -25.76 51.84
C TYR RA 324 14.94 -24.44 51.20
N ARG RA 325 15.01 -24.39 49.88
CA ARG RA 325 14.75 -23.15 49.15
C ARG RA 325 13.30 -23.03 48.70
N VAL RA 326 12.43 -23.95 49.10
CA VAL RA 326 11.02 -23.99 48.72
C VAL RA 326 10.86 -23.79 47.20
N ASN SA 56 56.67 -44.42 12.55
CA ASN SA 56 55.97 -43.14 12.52
C ASN SA 56 56.95 -41.97 12.43
N ILE SA 57 56.71 -41.09 11.47
CA ILE SA 57 57.59 -39.94 11.22
C ILE SA 57 57.44 -38.94 12.35
N PRO SA 58 58.39 -38.03 12.54
CA PRO SA 58 58.19 -36.95 13.52
C PRO SA 58 56.98 -36.11 13.13
N ILE SA 59 56.24 -35.67 14.14
CA ILE SA 59 55.09 -34.79 13.95
C ILE SA 59 55.42 -33.43 14.56
N THR SA 60 55.95 -32.52 13.75
CA THR SA 60 56.28 -31.19 14.23
C THR SA 60 55.00 -30.39 14.43
N GLY SA 61 54.97 -29.57 15.48
CA GLY SA 61 53.81 -28.77 15.78
C GLY SA 61 54.16 -27.63 16.68
N SER SA 62 53.37 -26.56 16.60
CA SER SA 62 53.65 -25.35 17.35
C SER SA 62 53.15 -25.48 18.77
N MET SA 63 53.32 -24.41 19.54
CA MET SA 63 52.68 -24.25 20.84
C MET SA 63 51.72 -23.07 20.89
N ASP SA 64 51.70 -22.23 19.87
CA ASP SA 64 50.78 -21.09 19.78
C ASP SA 64 49.60 -21.34 18.86
N THR SA 65 49.40 -22.59 18.43
CA THR SA 65 48.20 -22.92 17.68
C THR SA 65 46.97 -22.70 18.55
N VAL SA 66 45.89 -22.29 17.92
CA VAL SA 66 44.63 -22.07 18.63
C VAL SA 66 43.94 -23.41 18.85
N TYR SA 67 43.13 -23.49 19.89
CA TYR SA 67 42.37 -24.70 20.15
C TYR SA 67 41.32 -24.89 19.07
N SER SA 68 41.31 -26.07 18.46
CA SER SA 68 40.27 -26.38 17.50
C SER SA 68 38.95 -26.62 18.22
N ASN SA 69 37.87 -26.61 17.45
CA ASN SA 69 36.54 -26.76 18.02
C ASN SA 69 36.39 -28.12 18.68
N SER SA 70 35.40 -28.23 19.57
CA SER SA 70 35.13 -29.48 20.25
C SER SA 70 34.67 -30.54 19.27
N THR SA 71 35.21 -31.75 19.39
CA THR SA 71 34.89 -32.87 18.52
C THR SA 71 33.88 -33.82 19.15
N ARG SA 72 33.23 -33.41 20.24
CA ARG SA 72 32.29 -34.28 20.93
C ARG SA 72 31.14 -34.69 20.01
N GLU SA 73 30.58 -33.72 19.29
CA GLU SA 73 29.47 -34.04 18.39
C GLU SA 73 29.92 -34.98 17.29
N GLU SA 74 31.10 -34.75 16.74
CA GLU SA 74 31.59 -35.61 15.67
C GLU SA 74 31.80 -37.03 16.15
N VAL SA 75 32.39 -37.21 17.33
CA VAL SA 75 32.63 -38.57 17.82
C VAL SA 75 31.31 -39.25 18.13
N PHE SA 76 30.34 -38.52 18.70
CA PHE SA 76 29.03 -39.10 18.92
C PHE SA 76 28.37 -39.51 17.61
N LEU SA 77 28.54 -38.70 16.57
CA LEU SA 77 27.86 -38.97 15.30
C LEU SA 77 28.56 -40.03 14.47
N THR SA 78 29.84 -40.32 14.72
CA THR SA 78 30.56 -41.32 13.93
C THR SA 78 31.26 -42.36 14.81
N SER SA 79 30.69 -42.69 15.96
CA SER SA 79 31.19 -43.79 16.76
C SER SA 79 30.02 -44.60 17.29
N THR SA 80 30.35 -45.76 17.86
CA THR SA 80 29.35 -46.67 18.42
C THR SA 80 29.75 -47.04 19.84
N LEU SA 81 28.78 -47.04 20.74
CA LEU SA 81 28.98 -47.37 22.14
C LEU SA 81 28.50 -48.79 22.40
N CYS SA 82 29.13 -49.47 23.36
CA CYS SA 82 29.12 -50.94 23.32
C CYS SA 82 28.97 -51.38 24.79
N LEU SA 83 27.73 -51.63 25.24
CA LEU SA 83 27.47 -51.92 26.65
C LEU SA 83 27.44 -53.42 26.88
N TYR SA 84 28.39 -53.94 27.65
CA TYR SA 84 28.47 -55.38 27.94
C TYR SA 84 28.05 -55.58 29.40
N TYR SA 85 26.87 -56.15 29.59
CA TYR SA 85 26.25 -56.24 30.91
C TYR SA 85 25.93 -57.68 31.25
N PRO SA 86 25.89 -58.03 32.55
CA PRO SA 86 25.59 -59.42 32.90
C PRO SA 86 24.10 -59.71 32.78
N THR SA 87 23.79 -61.00 32.65
CA THR SA 87 22.40 -61.42 32.50
C THR SA 87 21.58 -61.13 33.75
N GLU SA 88 22.23 -61.13 34.92
CA GLU SA 88 21.51 -60.84 36.15
C GLU SA 88 20.93 -59.44 36.12
N ALA SA 89 21.57 -58.52 35.40
CA ALA SA 89 21.01 -57.20 35.21
C ALA SA 89 19.63 -57.28 34.57
N SER SA 90 19.54 -57.98 33.44
CA SER SA 90 18.25 -58.12 32.77
C SER SA 90 17.23 -58.84 33.65
N THR SA 91 17.69 -59.84 34.40
CA THR SA 91 16.75 -60.57 35.26
C THR SA 91 16.16 -59.65 36.32
N GLN SA 92 16.98 -58.78 36.91
CA GLN SA 92 16.44 -57.82 37.87
C GLN SA 92 15.56 -56.78 37.18
N ILE SA 93 15.92 -56.38 35.97
CA ILE SA 93 15.15 -55.36 35.27
C ILE SA 93 13.74 -55.86 35.00
N SER SA 94 13.60 -57.11 34.57
CA SER SA 94 12.28 -57.73 34.33
C SER SA 94 11.51 -56.94 33.28
N ASP SA 95 12.15 -56.75 32.13
CA ASP SA 95 11.64 -55.91 31.06
C ASP SA 95 12.16 -56.47 29.74
N GLY SA 96 12.34 -55.63 28.73
CA GLY SA 96 12.56 -56.11 27.38
C GLY SA 96 12.13 -55.10 26.34
N GLU SA 97 11.51 -54.01 26.77
CA GLU SA 97 11.61 -52.74 26.08
C GLU SA 97 12.77 -51.91 26.61
N TRP SA 98 13.56 -52.46 27.54
CA TRP SA 98 14.56 -51.63 28.21
C TRP SA 98 15.73 -51.31 27.31
N LYS SA 99 16.11 -52.21 26.41
CA LYS SA 99 17.14 -51.88 25.44
C LYS SA 99 16.70 -50.69 24.59
N ASP SA 100 15.46 -50.70 24.10
CA ASP SA 100 14.98 -49.60 23.29
C ASP SA 100 14.88 -48.31 24.10
N SER SA 101 14.41 -48.40 25.35
CA SER SA 101 14.31 -47.20 26.17
C SER SA 101 15.69 -46.61 26.44
N LEU SA 102 16.68 -47.45 26.74
CA LEU SA 102 18.02 -46.94 26.94
C LEU SA 102 18.60 -46.36 25.66
N SER SA 103 18.29 -46.97 24.52
CA SER SA 103 18.75 -46.40 23.26
C SER SA 103 18.18 -45.02 23.04
N GLN SA 104 16.89 -44.83 23.37
CA GLN SA 104 16.31 -43.49 23.24
C GLN SA 104 16.93 -42.51 24.21
N MET SA 105 17.16 -42.93 25.45
CA MET SA 105 17.80 -42.06 26.42
C MET SA 105 19.23 -41.74 26.03
N PHE SA 106 19.87 -42.60 25.24
CA PHE SA 106 21.17 -42.27 24.66
C PHE SA 106 21.00 -41.28 23.52
N LEU SA 107 19.95 -41.45 22.71
CA LEU SA 107 19.67 -40.51 21.63
C LEU SA 107 19.53 -39.10 22.18
N ILE SA 108 18.93 -38.96 23.36
CA ILE SA 108 18.83 -37.64 23.97
C ILE SA 108 20.22 -37.07 24.24
N LYS SA 109 21.17 -37.93 24.58
CA LYS SA 109 22.53 -37.46 24.86
C LYS SA 109 23.34 -37.21 23.59
N GLY SA 110 22.98 -37.84 22.47
CA GLY SA 110 23.63 -37.52 21.21
C GLY SA 110 23.89 -38.67 20.26
N TRP SA 111 23.98 -39.89 20.76
CA TRP SA 111 24.26 -41.01 19.88
C TRP SA 111 23.10 -41.22 18.90
N PRO SA 112 23.36 -41.56 17.64
CA PRO SA 112 22.24 -41.91 16.75
C PRO SA 112 21.44 -43.08 17.29
N THR SA 113 20.32 -43.36 16.62
CA THR SA 113 19.39 -44.36 17.13
C THR SA 113 20.00 -45.75 17.16
N GLY SA 114 20.89 -46.06 16.22
CA GLY SA 114 21.53 -47.36 16.15
C GLY SA 114 22.92 -47.43 16.73
N SER SA 115 23.47 -46.30 17.18
CA SER SA 115 24.87 -46.26 17.56
C SER SA 115 25.18 -47.02 18.84
N VAL SA 116 24.19 -47.42 19.62
CA VAL SA 116 24.41 -48.11 20.89
C VAL SA 116 24.06 -49.58 20.71
N TYR SA 117 24.97 -50.45 21.12
CA TYR SA 117 24.79 -51.90 21.00
C TYR SA 117 24.89 -52.52 22.39
N PHE SA 118 23.84 -53.22 22.79
CA PHE SA 118 23.80 -53.89 24.08
C PHE SA 118 24.16 -55.35 23.89
N LYS SA 119 25.00 -55.86 24.79
CA LYS SA 119 25.48 -57.24 24.74
C LYS SA 119 25.31 -57.84 26.13
N GLU SA 120 24.39 -58.78 26.26
CA GLU SA 120 24.31 -59.59 27.46
C GLU SA 120 25.44 -60.62 27.45
N TYR SA 121 25.90 -60.97 28.65
CA TYR SA 121 26.77 -62.13 28.80
C TYR SA 121 26.34 -62.85 30.07
N SER SA 122 26.65 -64.15 30.12
CA SER SA 122 26.16 -64.98 31.21
C SER SA 122 26.69 -64.49 32.54
N ASN SA 123 28.01 -64.52 32.73
CA ASN SA 123 28.63 -64.02 33.94
C ASN SA 123 30.12 -63.77 33.65
N ILE SA 124 30.87 -63.51 34.71
CA ILE SA 124 32.22 -62.98 34.53
C ILE SA 124 33.12 -63.99 33.83
N VAL SA 125 33.06 -65.26 34.24
CA VAL SA 125 33.95 -66.25 33.65
C VAL SA 125 33.54 -66.57 32.22
N ASP SA 126 32.24 -66.64 31.95
CA ASP SA 126 31.77 -66.93 30.60
C ASP SA 126 32.09 -65.79 29.64
N PHE SA 127 32.16 -64.55 30.14
CA PHE SA 127 32.69 -63.48 29.31
C PHE SA 127 34.20 -63.55 29.22
N SER SA 128 34.84 -64.07 30.27
CA SER SA 128 36.30 -64.18 30.26
C SER SA 128 36.77 -65.10 29.15
N VAL SA 129 36.09 -66.23 28.96
CA VAL SA 129 36.48 -67.12 27.87
C VAL SA 129 36.17 -66.43 26.55
N ASP SA 130 37.21 -66.18 25.76
CA ASP SA 130 37.10 -65.54 24.45
C ASP SA 130 36.33 -64.23 24.53
N PRO SA 131 36.90 -63.16 25.09
CA PRO SA 131 36.22 -61.87 25.09
C PRO SA 131 36.32 -61.20 23.72
N GLN SA 132 35.20 -61.12 23.01
CA GLN SA 132 35.14 -60.48 21.71
C GLN SA 132 34.32 -59.20 21.85
N LEU SA 133 34.92 -58.08 21.48
CA LEU SA 133 34.34 -56.75 21.64
C LEU SA 133 33.95 -56.24 20.26
N TYR SA 134 32.73 -56.53 19.84
CA TYR SA 134 32.33 -56.30 18.45
C TYR SA 134 31.93 -54.87 18.18
N CYS SA 135 32.68 -53.87 18.62
CA CYS SA 135 32.15 -52.51 18.55
C CYS SA 135 33.25 -51.54 18.97
N ASP SA 136 32.93 -50.25 19.03
CA ASP SA 136 33.93 -49.18 18.90
C ASP SA 136 34.34 -48.50 20.20
N TYR SA 137 33.42 -48.28 21.14
CA TYR SA 137 33.72 -47.70 22.45
C TYR SA 137 33.12 -48.62 23.49
N ASN SA 138 33.95 -49.37 24.20
CA ASN SA 138 33.48 -50.51 24.96
C ASN SA 138 33.39 -50.21 26.45
N LEU SA 139 32.22 -50.48 27.03
CA LEU SA 139 32.00 -50.43 28.46
C LEU SA 139 31.68 -51.85 28.91
N VAL SA 140 32.33 -52.30 29.98
CA VAL SA 140 32.11 -53.64 30.53
C VAL SA 140 31.62 -53.45 31.96
N LEU SA 141 30.31 -53.59 32.16
CA LEU SA 141 29.79 -53.70 33.51
C LEU SA 141 30.33 -54.98 34.14
N MET SA 142 30.78 -54.87 35.39
CA MET SA 142 31.52 -55.97 36.00
C MET SA 142 31.15 -56.03 37.48
N LYS SA 143 30.22 -56.91 37.83
CA LYS SA 143 29.79 -57.00 39.22
C LYS SA 143 30.85 -57.71 40.05
N TYR SA 144 31.09 -57.20 41.25
CA TYR SA 144 32.07 -57.76 42.16
C TYR SA 144 31.35 -58.62 43.19
N ASP SA 145 31.77 -59.88 43.29
CA ASP SA 145 31.45 -60.74 44.41
C ASP SA 145 32.75 -61.40 44.88
N GLN SA 146 32.80 -61.70 46.16
CA GLN SA 146 34.03 -62.23 46.74
C GLN SA 146 34.34 -63.60 46.14
N SER SA 147 35.64 -63.93 46.14
CA SER SA 147 36.24 -65.13 45.58
C SER SA 147 36.36 -65.09 44.06
N LEU SA 148 35.77 -64.09 43.38
CA LEU SA 148 36.01 -63.85 41.97
C LEU SA 148 36.94 -62.68 41.74
N GLU SA 149 37.68 -62.27 42.75
CA GLU SA 149 38.58 -61.13 42.62
C GLU SA 149 39.62 -61.37 41.55
N LEU SA 150 40.31 -62.52 41.62
CA LEU SA 150 41.39 -62.77 40.68
C LEU SA 150 40.87 -62.94 39.26
N ASP SA 151 39.77 -63.65 39.08
CA ASP SA 151 39.25 -63.83 37.72
C ASP SA 151 38.73 -62.53 37.14
N MET SA 152 38.12 -61.69 37.98
CA MET SA 152 37.72 -60.37 37.51
C MET SA 152 38.94 -59.56 37.09
N SER SA 153 40.02 -59.62 37.87
CA SER SA 153 41.23 -58.90 37.51
C SER SA 153 41.84 -59.43 36.23
N GLU SA 154 41.81 -60.75 36.05
CA GLU SA 154 42.32 -61.36 34.82
C GLU SA 154 41.55 -60.86 33.61
N LEU SA 155 40.22 -60.87 33.70
CA LEU SA 155 39.41 -60.39 32.59
C LEU SA 155 39.70 -58.93 32.31
N ALA SA 156 39.78 -58.12 33.37
CA ALA SA 156 40.03 -56.69 33.19
C ALA SA 156 41.37 -56.47 32.50
N ASP SA 157 42.41 -57.18 32.94
CA ASP SA 157 43.72 -57.04 32.32
C ASP SA 157 43.67 -57.44 30.85
N LEU SA 158 43.01 -58.56 30.55
CA LEU SA 158 42.98 -59.03 29.17
C LEU SA 158 42.29 -58.03 28.26
N ILE SA 159 41.15 -57.50 28.68
CA ILE SA 159 40.47 -56.58 27.78
C ILE SA 159 41.15 -55.21 27.77
N LEU SA 160 41.78 -54.80 28.85
CA LEU SA 160 42.34 -53.45 28.95
C LEU SA 160 43.76 -53.34 28.41
N ASN SA 161 44.41 -54.45 28.06
CA ASN SA 161 45.72 -54.37 27.43
C ASN SA 161 45.72 -55.12 26.12
N GLU SA 162 46.41 -54.57 25.12
CA GLU SA 162 46.60 -55.25 23.86
C GLU SA 162 47.61 -56.38 24.02
N TRP SA 163 47.40 -57.48 23.30
CA TRP SA 163 48.29 -58.63 23.34
C TRP SA 163 48.64 -59.04 21.92
N LEU SA 164 49.94 -59.15 21.64
CA LEU SA 164 50.43 -59.76 20.42
C LEU SA 164 50.81 -61.18 20.78
N CYS SA 165 50.17 -62.17 20.14
CA CYS SA 165 50.39 -63.51 20.66
C CYS SA 165 50.05 -64.62 19.69
N ASN SA 166 50.60 -65.80 20.00
CA ASN SA 166 50.68 -66.89 19.04
C ASN SA 166 50.53 -68.22 19.77
N PRO SA 167 50.13 -69.28 19.07
CA PRO SA 167 49.80 -70.53 19.77
C PRO SA 167 51.04 -71.24 20.29
N MET SA 168 50.78 -72.23 21.16
CA MET SA 168 51.80 -73.07 21.74
C MET SA 168 51.40 -74.53 21.56
N ASP SA 169 52.30 -75.33 21.01
CA ASP SA 169 52.10 -76.77 20.89
C ASP SA 169 52.66 -77.41 22.15
N ILE SA 170 51.79 -77.57 23.14
CA ILE SA 170 52.24 -78.04 24.44
C ILE SA 170 52.74 -79.48 24.38
N THR SA 171 52.19 -80.30 23.49
CA THR SA 171 52.48 -81.72 23.50
C THR SA 171 53.94 -82.03 23.20
N LEU SA 172 54.65 -81.12 22.53
CA LEU SA 172 56.00 -81.40 22.04
C LEU SA 172 57.06 -80.49 22.66
N TYR SA 173 56.88 -79.18 22.61
CA TYR SA 173 57.97 -78.25 22.89
C TYR SA 173 58.01 -77.86 24.36
N TYR SA 174 59.07 -77.13 24.71
CA TYR SA 174 59.23 -76.48 26.01
C TYR SA 174 59.33 -74.98 25.79
N TYR SA 175 58.68 -74.21 26.66
CA TYR SA 175 58.48 -72.78 26.44
C TYR SA 175 59.01 -71.98 27.62
N GLN SA 176 59.92 -71.06 27.33
CA GLN SA 176 60.37 -70.07 28.31
C GLN SA 176 59.37 -68.93 28.36
N GLN SA 177 59.71 -67.89 29.11
CA GLN SA 177 59.01 -66.61 29.04
C GLN SA 177 60.04 -65.53 28.80
N SER SA 178 59.82 -64.73 27.76
CA SER SA 178 60.86 -63.82 27.29
C SER SA 178 61.22 -62.78 28.34
N GLY SA 179 60.22 -62.21 29.01
CA GLY SA 179 60.50 -61.15 29.95
C GLY SA 179 59.31 -60.82 30.80
N GLU SA 180 59.37 -59.63 31.40
CA GLU SA 180 58.32 -59.20 32.32
C GLU SA 180 56.97 -59.11 31.64
N SER SA 181 56.95 -58.84 30.33
CA SER SA 181 55.72 -58.59 29.59
C SER SA 181 55.39 -59.75 28.66
N ASN SA 182 55.58 -60.98 29.13
CA ASN SA 182 55.34 -62.17 28.32
C ASN SA 182 54.70 -63.22 29.22
N LYS SA 183 53.38 -63.36 29.11
CA LYS SA 183 52.58 -64.29 29.88
C LYS SA 183 52.14 -65.43 28.99
N TRP SA 184 51.44 -66.41 29.58
CA TRP SA 184 50.72 -67.41 28.82
C TRP SA 184 49.24 -67.28 29.15
N ILE SA 185 48.41 -67.10 28.13
CA ILE SA 185 46.98 -66.95 28.31
C ILE SA 185 46.31 -68.27 27.95
N SER SA 186 45.59 -68.84 28.89
CA SER SA 186 44.87 -70.09 28.69
C SER SA 186 43.37 -69.82 28.81
N MET SA 187 42.61 -70.28 27.82
CA MET SA 187 41.18 -70.04 27.75
C MET SA 187 40.47 -71.31 27.33
N GLY SA 188 39.28 -71.54 27.86
CA GLY SA 188 38.47 -72.66 27.46
C GLY SA 188 37.48 -73.02 28.55
N SER SA 189 36.77 -74.13 28.30
CA SER SA 189 35.75 -74.58 29.24
C SER SA 189 36.36 -74.97 30.58
N SER SA 190 37.52 -75.61 30.57
CA SER SA 190 38.18 -76.01 31.81
C SER SA 190 39.68 -76.08 31.56
N CYS SA 191 40.40 -75.07 32.03
CA CYS SA 191 41.85 -75.01 31.90
C CYS SA 191 42.48 -75.48 33.20
N THR SA 192 43.50 -76.31 33.09
CA THR SA 192 44.32 -76.72 34.24
C THR SA 192 45.77 -76.75 33.78
N VAL SA 193 46.44 -75.60 33.87
CA VAL SA 193 47.87 -75.57 33.59
C VAL SA 193 48.63 -76.32 34.67
N LYS SA 194 49.48 -77.25 34.27
CA LYS SA 194 50.37 -77.96 35.19
C LYS SA 194 51.78 -77.84 34.64
N VAL SA 195 52.58 -76.98 35.26
CA VAL SA 195 53.92 -76.67 34.77
C VAL SA 195 54.93 -77.52 35.51
N CYS SA 196 56.06 -77.77 34.83
CA CYS SA 196 57.19 -78.49 35.40
C CYS SA 196 58.46 -77.79 34.91
N PRO SA 197 59.13 -77.02 35.77
CA PRO SA 197 60.36 -76.37 35.33
C PRO SA 197 61.47 -77.38 35.09
N LEU SA 198 62.40 -77.04 34.21
CA LEU SA 198 63.50 -77.90 33.82
C LEU SA 198 64.83 -77.23 34.17
N ASN SA 199 65.92 -77.86 33.73
CA ASN SA 199 67.27 -77.34 33.91
C ASN SA 199 67.98 -77.32 32.57
N THR SA 200 69.26 -76.93 32.60
CA THR SA 200 70.08 -77.02 31.40
C THR SA 200 70.26 -78.46 30.96
N GLN SA 201 70.16 -79.42 31.87
CA GLN SA 201 70.19 -80.84 31.55
C GLN SA 201 68.82 -81.38 31.14
N THR SA 202 67.82 -80.52 31.05
CA THR SA 202 66.47 -80.92 30.64
C THR SA 202 65.89 -81.95 31.63
N LEU SA 203 66.27 -81.84 32.89
CA LEU SA 203 65.69 -82.60 33.98
C LEU SA 203 64.77 -81.70 34.78
N GLY SA 204 63.62 -82.23 35.16
CA GLY SA 204 62.70 -81.45 35.96
C GLY SA 204 63.21 -81.20 37.37
N ILE SA 205 62.66 -80.16 37.99
CA ILE SA 205 62.97 -79.81 39.37
C ILE SA 205 61.66 -79.66 40.12
N GLY SA 206 61.51 -80.43 41.20
CA GLY SA 206 60.23 -80.50 41.88
C GLY SA 206 59.17 -81.17 41.03
N CYS SA 207 59.60 -81.87 39.99
CA CYS SA 207 58.68 -82.50 39.05
C CYS SA 207 59.40 -83.51 38.17
N GLN SA 208 58.92 -84.75 38.16
CA GLN SA 208 59.40 -85.73 37.20
C GLN SA 208 58.79 -85.42 35.85
N THR SA 209 59.62 -85.36 34.81
CA THR SA 209 59.13 -84.96 33.49
C THR SA 209 58.07 -85.92 32.97
N THR SA 210 58.09 -87.17 33.41
CA THR SA 210 57.12 -88.16 32.96
C THR SA 210 55.85 -88.12 33.82
N ASN SA 211 56.01 -88.31 35.13
CA ASN SA 211 54.85 -88.40 36.02
C ASN SA 211 54.19 -87.04 36.13
N VAL SA 212 53.00 -86.90 35.55
CA VAL SA 212 52.26 -85.65 35.64
C VAL SA 212 51.87 -85.34 37.08
N ASP SA 213 51.76 -86.37 37.92
CA ASP SA 213 51.33 -86.16 39.30
C ASP SA 213 52.26 -85.21 40.05
N SER SA 214 53.55 -85.19 39.69
CA SER SA 214 54.49 -84.32 40.36
C SER SA 214 54.49 -82.90 39.83
N PHE SA 215 53.78 -82.63 38.74
CA PHE SA 215 53.74 -81.29 38.19
C PHE SA 215 53.08 -80.33 39.17
N GLU SA 216 53.49 -79.06 39.10
CA GLU SA 216 52.97 -78.02 39.98
C GLU SA 216 51.79 -77.36 39.29
N THR SA 217 50.57 -77.78 39.66
CA THR SA 217 49.38 -77.12 39.15
C THR SA 217 49.37 -75.67 39.61
N VAL SA 218 49.10 -74.76 38.67
CA VAL SA 218 49.04 -73.33 38.96
C VAL SA 218 47.74 -72.72 38.46
N ALA SA 219 46.78 -73.57 38.09
CA ALA SA 219 45.40 -73.17 37.83
C ALA SA 219 44.60 -74.43 37.62
N GLU SA 220 43.33 -74.40 38.02
CA GLU SA 220 42.43 -75.51 37.73
C GLU SA 220 41.00 -75.01 37.67
N ASN SA 221 40.21 -75.60 36.77
CA ASN SA 221 38.80 -75.27 36.60
C ASN SA 221 38.58 -73.80 36.30
N GLU SA 222 39.59 -73.12 35.77
CA GLU SA 222 39.48 -71.71 35.44
C GLU SA 222 39.10 -71.57 33.97
N LYS SA 223 38.06 -70.80 33.70
CA LYS SA 223 37.73 -70.45 32.32
C LYS SA 223 38.78 -69.55 31.70
N LEU SA 224 39.64 -68.94 32.50
CA LEU SA 224 40.73 -68.13 31.96
C LEU SA 224 41.84 -68.05 32.98
N ALA SA 225 43.08 -68.15 32.50
CA ALA SA 225 44.25 -68.10 33.36
C ALA SA 225 45.36 -67.35 32.65
N ILE SA 226 45.77 -66.23 33.22
CA ILE SA 226 46.94 -65.48 32.76
C ILE SA 226 48.08 -65.95 33.66
N VAL SA 227 48.77 -67.00 33.23
CA VAL SA 227 49.80 -67.62 34.06
C VAL SA 227 51.16 -67.00 33.74
N ASP SA 228 51.84 -66.58 34.79
CA ASP SA 228 53.22 -66.09 34.75
C ASP SA 228 54.10 -67.05 35.52
N VAL SA 229 55.22 -67.44 34.92
CA VAL SA 229 56.18 -68.32 35.57
C VAL SA 229 57.53 -67.61 35.62
N VAL SA 230 58.52 -68.25 36.22
CA VAL SA 230 59.85 -67.66 36.31
C VAL SA 230 60.38 -67.47 34.90
N ASP SA 231 60.75 -66.24 34.57
CA ASP SA 231 61.13 -65.89 33.21
C ASP SA 231 62.60 -66.25 33.00
N GLY SA 232 62.84 -67.36 32.33
CA GLY SA 232 64.20 -67.81 32.06
C GLY SA 232 64.37 -69.32 32.12
N ILE SA 233 63.35 -70.04 32.54
CA ILE SA 233 63.39 -71.49 32.69
C ILE SA 233 62.53 -72.11 31.59
N ASN SA 234 62.95 -73.27 31.10
CA ASN SA 234 62.12 -74.03 30.17
C ASN SA 234 61.11 -74.85 30.96
N HIS SA 235 59.84 -74.69 30.65
CA HIS SA 235 58.75 -75.34 31.37
C HIS SA 235 58.07 -76.35 30.46
N LYS SA 236 57.82 -77.54 30.99
CA LYS SA 236 56.95 -78.51 30.33
C LYS SA 236 55.56 -78.36 30.91
N ILE SA 237 54.57 -78.17 30.05
CA ILE SA 237 53.20 -77.91 30.46
C ILE SA 237 52.35 -79.14 30.13
N ASN SA 238 51.41 -79.45 31.01
CA ASN SA 238 50.28 -80.31 30.67
C ASN SA 238 49.02 -79.47 30.83
N LEU SA 239 48.20 -79.45 29.77
CA LEU SA 239 46.91 -78.78 29.80
C LEU SA 239 45.97 -79.48 28.82
N THR SA 240 45.24 -80.48 29.32
CA THR SA 240 43.84 -80.75 28.99
C THR SA 240 43.45 -80.26 27.60
N THR SA 241 44.13 -80.76 26.57
CA THR SA 241 44.10 -80.11 25.26
C THR SA 241 42.68 -79.95 24.72
N THR SA 242 41.77 -80.86 25.05
CA THR SA 242 40.47 -80.88 24.40
C THR SA 242 39.63 -79.67 24.76
N THR SA 243 39.52 -79.36 26.05
CA THR SA 243 38.59 -78.34 26.54
C THR SA 243 39.27 -77.01 26.87
N CYS SA 244 40.55 -76.85 26.55
CA CYS SA 244 41.21 -75.59 26.84
C CYS SA 244 42.45 -75.43 25.95
N THR SA 245 42.63 -74.22 25.45
CA THR SA 245 43.79 -73.85 24.65
C THR SA 245 44.67 -72.89 25.43
N ILE SA 246 45.94 -72.84 25.06
CA ILE SA 246 46.91 -71.94 25.67
C ILE SA 246 47.72 -71.29 24.56
N ARG SA 247 48.03 -70.01 24.74
CA ARG SA 247 48.75 -69.24 23.75
C ARG SA 247 49.77 -68.35 24.44
N ASN SA 248 50.98 -68.30 23.89
CA ASN SA 248 52.05 -67.48 24.45
C ASN SA 248 51.83 -66.05 23.99
N CYS SA 249 51.64 -65.13 24.95
CA CYS SA 249 51.26 -63.77 24.63
C CYS SA 249 52.18 -62.74 25.27
N LYS SA 250 52.33 -61.63 24.56
CA LYS SA 250 53.17 -60.51 24.97
C LYS SA 250 52.31 -59.26 25.05
N LYS SA 251 52.59 -58.43 26.05
CA LYS SA 251 51.75 -57.30 26.42
C LYS SA 251 52.25 -56.03 25.74
N LEU SA 252 51.43 -55.48 24.86
CA LEU SA 252 51.69 -54.19 24.24
C LEU SA 252 51.02 -53.10 25.06
N GLY SA 253 50.93 -51.89 24.49
CA GLY SA 253 50.31 -50.78 25.16
C GLY SA 253 48.85 -51.03 25.51
N PRO SA 254 48.21 -50.06 26.16
CA PRO SA 254 46.82 -50.25 26.56
C PRO SA 254 45.88 -50.33 25.37
N ARG SA 255 44.78 -51.06 25.57
CA ARG SA 255 43.70 -51.14 24.59
C ARG SA 255 42.67 -50.09 24.98
N GLU SA 256 42.91 -48.86 24.52
CA GLU SA 256 42.12 -47.71 24.96
C GLU SA 256 40.67 -47.76 24.50
N ASN SA 257 40.33 -48.68 23.59
CA ASN SA 257 38.94 -48.85 23.18
C ASN SA 257 38.03 -49.17 24.35
N VAL SA 258 38.54 -49.83 25.38
CA VAL SA 258 37.71 -50.45 26.41
C VAL SA 258 37.82 -49.69 27.73
N ALA SA 259 36.79 -49.86 28.56
CA ALA SA 259 36.78 -49.39 29.92
C ALA SA 259 35.86 -50.30 30.71
N VAL SA 260 36.19 -50.50 31.98
CA VAL SA 260 35.50 -51.48 32.82
C VAL SA 260 34.93 -50.75 34.02
N ILE SA 261 33.63 -50.92 34.23
CA ILE SA 261 32.90 -50.29 35.34
C ILE SA 261 32.65 -51.39 36.37
N GLN SA 262 33.47 -51.40 37.42
CA GLN SA 262 33.25 -52.31 38.53
C GLN SA 262 32.04 -51.85 39.33
N VAL SA 263 31.02 -52.69 39.38
CA VAL SA 263 29.74 -52.30 39.93
C VAL SA 263 29.70 -52.49 41.44
N GLY SA 264 30.52 -53.37 42.00
CA GLY SA 264 30.42 -53.71 43.40
C GLY SA 264 31.43 -53.04 44.30
N GLY SA 265 32.00 -53.81 45.22
CA GLY SA 265 32.82 -53.29 46.30
C GLY SA 265 34.13 -52.65 45.89
N ALA SA 266 35.06 -52.59 46.83
CA ALA SA 266 36.21 -51.68 46.78
C ALA SA 266 37.15 -51.94 45.61
N ASN SA 267 38.18 -51.09 45.49
CA ASN SA 267 39.15 -51.23 44.42
C ASN SA 267 39.97 -52.50 44.62
N ILE SA 268 39.88 -53.43 43.67
CA ILE SA 268 40.63 -54.67 43.75
C ILE SA 268 41.32 -55.00 42.43
N LEU SA 269 40.92 -54.34 41.35
CA LEU SA 269 41.53 -54.61 40.06
C LEU SA 269 43.00 -54.27 40.10
N ASP SA 270 43.84 -55.25 39.77
CA ASP SA 270 45.29 -55.06 39.63
C ASP SA 270 45.64 -55.67 38.28
N ILE SA 271 45.63 -54.84 37.23
CA ILE SA 271 45.98 -55.35 35.92
C ILE SA 271 47.44 -55.77 35.87
N THR SA 272 48.30 -55.08 36.62
CA THR SA 272 49.74 -55.31 36.53
C THR SA 272 50.12 -56.49 37.41
N ALA SA 273 50.60 -57.56 36.80
CA ALA SA 273 51.02 -58.73 37.54
C ALA SA 273 52.14 -58.42 38.51
N ASP SA 274 52.91 -57.36 38.26
CA ASP SA 274 53.98 -56.99 39.16
C ASP SA 274 53.42 -56.65 40.53
N PRO SA 275 53.89 -57.27 41.62
CA PRO SA 275 53.43 -56.84 42.94
C PRO SA 275 53.73 -55.37 43.23
N THR SA 276 54.89 -54.88 42.83
CA THR SA 276 55.33 -53.56 43.28
C THR SA 276 54.42 -52.46 42.76
N THR SA 277 54.00 -52.53 41.51
CA THR SA 277 53.16 -51.52 40.90
C THR SA 277 51.72 -51.99 40.85
N ASN SA 278 50.82 -51.17 41.37
CA ASN SA 278 49.37 -51.42 41.33
C ASN SA 278 48.66 -50.14 40.88
N PRO SA 279 48.92 -49.69 39.66
CA PRO SA 279 48.41 -48.38 39.25
C PRO SA 279 46.91 -48.37 39.08
N GLN SA 280 46.34 -47.18 39.25
CA GLN SA 280 44.93 -46.93 38.98
C GLN SA 280 44.80 -46.23 37.64
N ILE SA 281 43.99 -46.79 36.76
CA ILE SA 281 43.84 -46.30 35.40
C ILE SA 281 42.52 -45.56 35.30
N GLU SA 282 42.50 -44.53 34.47
CA GLU SA 282 41.26 -43.79 34.24
C GLU SA 282 40.14 -44.69 33.73
N ARG SA 283 40.49 -45.75 32.98
CA ARG SA 283 39.49 -46.60 32.35
C ARG SA 283 38.90 -47.64 33.28
N MET SA 284 39.42 -47.78 34.50
CA MET SA 284 38.89 -48.70 35.50
C MET SA 284 38.03 -47.88 36.45
N MET SA 285 36.76 -47.75 36.11
CA MET SA 285 35.80 -47.02 36.92
C MET SA 285 35.22 -47.94 37.97
N ARG SA 286 34.72 -47.35 39.06
CA ARG SA 286 34.08 -48.10 40.13
C ARG SA 286 32.88 -47.30 40.61
N VAL SA 287 31.70 -47.92 40.60
CA VAL SA 287 30.47 -47.24 41.00
C VAL SA 287 29.68 -48.17 41.90
N ASN SA 288 29.28 -47.69 43.07
CA ASN SA 288 28.44 -48.48 43.96
C ASN SA 288 27.08 -48.71 43.32
N TRP SA 289 26.32 -49.65 43.89
CA TRP SA 289 25.08 -50.05 43.25
C TRP SA 289 24.14 -50.67 44.27
N LYS SA 290 22.84 -50.47 44.03
CA LYS SA 290 21.81 -51.29 44.65
C LYS SA 290 20.80 -51.74 43.60
N ARG SA 291 20.64 -50.98 42.52
CA ARG SA 291 19.66 -51.28 41.48
C ARG SA 291 20.27 -51.08 40.11
N TRP SA 292 20.07 -52.07 39.24
CA TRP SA 292 20.67 -52.02 37.92
C TRP SA 292 20.09 -50.88 37.08
N TRP SA 293 18.83 -50.51 37.30
CA TRP SA 293 18.33 -49.30 36.67
C TRP SA 293 19.18 -48.10 37.07
N GLN SA 294 19.53 -48.00 38.34
CA GLN SA 294 20.33 -46.87 38.76
C GLN SA 294 21.71 -46.91 38.12
N VAL SA 295 22.30 -48.10 38.02
CA VAL SA 295 23.61 -48.21 37.38
C VAL SA 295 23.54 -47.74 35.94
N PHE SA 296 22.57 -48.27 35.18
CA PHE SA 296 22.47 -47.92 33.77
C PHE SA 296 22.14 -46.45 33.59
N TYR SA 297 21.30 -45.89 34.46
CA TYR SA 297 20.95 -44.49 34.34
C TYR SA 297 22.15 -43.61 34.60
N THR SA 298 22.98 -43.95 35.60
CA THR SA 298 24.19 -43.17 35.82
C THR SA 298 25.13 -43.25 34.63
N ILE SA 299 25.26 -44.44 34.05
CA ILE SA 299 26.12 -44.58 32.87
C ILE SA 299 25.62 -43.70 31.74
N VAL SA 300 24.31 -43.74 31.48
CA VAL SA 300 23.74 -42.95 30.39
C VAL SA 300 23.94 -41.47 30.67
N ASP SA 301 23.69 -41.05 31.91
CA ASP SA 301 23.79 -39.63 32.24
C ASP SA 301 25.21 -39.12 32.06
N TYR SA 302 26.20 -39.91 32.47
CA TYR SA 302 27.60 -39.51 32.40
C TYR SA 302 28.33 -40.12 31.22
N ILE SA 303 27.60 -40.49 30.16
CA ILE SA 303 28.28 -41.06 29.00
C ILE SA 303 29.23 -40.08 28.33
N ASN SA 304 29.02 -38.78 28.52
CA ASN SA 304 30.00 -37.82 28.03
C ASN SA 304 31.36 -38.07 28.68
N GLN SA 305 31.36 -38.26 30.00
CA GLN SA 305 32.61 -38.37 30.73
C GLN SA 305 33.28 -39.71 30.47
N ILE SA 306 32.50 -40.77 30.32
CA ILE SA 306 33.10 -42.08 30.07
C ILE SA 306 33.82 -42.09 28.72
N VAL SA 307 33.18 -41.55 27.69
CA VAL SA 307 33.82 -41.48 26.39
C VAL SA 307 35.01 -40.53 26.43
N GLN SA 308 34.92 -39.46 27.21
CA GLN SA 308 36.07 -38.57 27.35
C GLN SA 308 37.24 -39.31 28.00
N VAL SA 309 36.94 -40.24 28.90
CA VAL SA 309 37.98 -41.06 29.52
C VAL SA 309 38.57 -42.02 28.49
N MET SA 310 37.73 -42.56 27.61
CA MET SA 310 38.12 -43.64 26.72
C MET SA 310 38.56 -43.08 25.38
N SER SA 311 39.68 -43.57 24.86
CA SER SA 311 40.23 -43.10 23.60
C SER SA 311 40.11 -44.17 22.53
N LYS SA 312 40.03 -43.73 21.27
CA LYS SA 312 39.84 -44.66 20.16
C LYS SA 312 41.05 -45.55 19.97
N ARG SA 313 40.81 -46.75 19.45
CA ARG SA 313 41.87 -47.72 19.27
C ARG SA 313 42.89 -47.23 18.26
N SER SA 314 44.11 -47.72 18.39
CA SER SA 314 45.16 -47.45 17.41
C SER SA 314 46.11 -48.65 17.42
N ARG SA 315 45.89 -49.58 16.52
CA ARG SA 315 46.75 -50.75 16.39
C ARG SA 315 46.46 -51.45 15.07
N SER SA 316 47.50 -51.67 14.27
CA SER SA 316 47.33 -52.31 12.97
C SER SA 316 47.06 -53.79 13.14
N LEU SA 317 45.78 -54.17 13.20
CA LEU SA 317 45.41 -55.56 13.37
C LEU SA 317 45.60 -56.31 12.06
N ASN SA 318 46.29 -57.46 12.15
CA ASN SA 318 46.48 -58.34 11.00
C ASN SA 318 45.43 -59.42 10.90
N SER SA 319 44.44 -59.44 11.80
CA SER SA 319 43.46 -60.50 11.89
C SER SA 319 42.06 -59.93 11.72
N ALA SA 320 41.31 -60.45 10.77
CA ALA SA 320 39.96 -59.99 10.53
C ALA SA 320 39.06 -60.37 11.70
N ALA SA 321 38.01 -59.58 11.90
CA ALA SA 321 37.03 -59.84 12.94
C ALA SA 321 35.82 -58.94 12.69
N PHE SA 322 34.73 -59.25 13.37
CA PHE SA 322 33.47 -58.54 13.17
C PHE SA 322 33.41 -57.34 14.12
N TYR SA 323 33.30 -56.15 13.56
CA TYR SA 323 33.09 -54.93 14.32
C TYR SA 323 31.74 -54.33 13.97
N TYR SA 324 31.24 -53.48 14.86
CA TYR SA 324 29.95 -52.81 14.73
C TYR SA 324 30.23 -51.33 14.58
N ARG SA 325 30.47 -50.90 13.35
CA ARG SA 325 30.91 -49.54 13.06
C ARG SA 325 29.79 -48.77 12.35
N VAL SA 326 30.10 -47.50 12.05
CA VAL SA 326 29.23 -46.67 11.22
C VAL SA 326 30.05 -46.16 10.04
N ASN TA 52 82.84 -41.12 68.22
CA ASN TA 52 81.74 -40.79 67.31
C ASN TA 52 82.23 -40.82 65.87
N TYR TA 53 81.32 -40.57 64.93
CA TYR TA 53 81.67 -40.56 63.52
C TYR TA 53 80.51 -40.00 62.72
N GLY TA 54 80.82 -39.15 61.75
CA GLY TA 54 79.85 -38.80 60.73
C GLY TA 54 78.96 -37.60 61.03
N LEU TA 55 77.79 -37.90 61.59
CA LEU TA 55 76.58 -37.10 61.50
C LEU TA 55 76.76 -35.59 61.46
N ASN TA 56 77.65 -35.06 62.30
CA ASN TA 56 77.69 -33.62 62.57
C ASN TA 56 78.54 -32.84 61.57
N ILE TA 57 78.71 -33.33 60.34
CA ILE TA 57 79.34 -32.54 59.28
C ILE TA 57 78.59 -32.74 57.98
N PRO TA 58 78.62 -31.75 57.08
CA PRO TA 58 77.94 -31.92 55.81
C PRO TA 58 78.79 -32.69 54.80
N ILE TA 59 78.11 -33.23 53.80
CA ILE TA 59 78.75 -33.86 52.65
C ILE TA 59 78.26 -33.12 51.41
N THR TA 60 79.19 -32.69 50.56
CA THR TA 60 78.87 -31.89 49.39
C THR TA 60 78.89 -32.78 48.15
N GLY TA 61 77.82 -32.72 47.37
CA GLY TA 61 77.74 -33.43 46.12
C GLY TA 61 78.02 -32.52 44.94
N SER TA 62 77.69 -33.01 43.74
CA SER TA 62 77.82 -32.24 42.53
C SER TA 62 76.73 -32.68 41.58
N MET TA 63 75.98 -31.72 41.03
CA MET TA 63 74.90 -32.02 40.11
C MET TA 63 75.38 -32.22 38.67
N ASP TA 64 76.68 -32.10 38.42
CA ASP TA 64 77.28 -32.37 37.12
C ASP TA 64 78.45 -33.32 37.28
N THR TA 65 78.23 -34.40 38.04
CA THR TA 65 79.11 -35.56 38.06
C THR TA 65 78.24 -36.78 37.83
N VAL TA 66 78.73 -37.72 37.02
CA VAL TA 66 77.97 -38.91 36.64
C VAL TA 66 78.82 -40.14 36.91
N TYR TA 67 78.25 -41.09 37.63
CA TYR TA 67 78.78 -42.44 37.71
C TYR TA 67 77.70 -43.38 38.21
N SER TA 68 77.39 -44.40 37.44
CA SER TA 68 76.49 -45.46 37.88
C SER TA 68 76.54 -46.59 36.86
N ASN TA 69 76.78 -47.82 37.31
CA ASN TA 69 76.91 -48.95 36.39
C ASN TA 69 76.18 -50.18 36.92
N SER TA 70 74.92 -50.00 37.33
CA SER TA 70 74.02 -51.11 37.62
C SER TA 70 74.55 -51.98 38.76
N THR TA 71 74.54 -51.38 39.95
CA THR TA 71 74.88 -52.08 41.19
C THR TA 71 73.83 -53.11 41.62
N ARG TA 72 72.80 -53.40 40.82
CA ARG TA 72 71.73 -54.32 41.20
C ARG TA 72 72.20 -55.76 41.32
N GLU TA 73 73.41 -56.09 40.88
CA GLU TA 73 73.86 -57.49 40.85
C GLU TA 73 74.51 -57.90 42.17
N GLU TA 74 75.39 -57.07 42.72
CA GLU TA 74 76.12 -57.46 43.93
C GLU TA 74 75.20 -57.69 45.12
N VAL TA 75 74.02 -57.07 45.12
CA VAL TA 75 73.06 -57.32 46.20
C VAL TA 75 72.65 -58.79 46.21
N PHE TA 76 72.53 -59.40 45.03
CA PHE TA 76 72.21 -60.82 44.97
C PHE TA 76 73.30 -61.65 45.62
N LEU TA 77 74.56 -61.35 45.31
CA LEU TA 77 75.66 -62.19 45.76
C LEU TA 77 75.96 -62.00 47.24
N THR TA 78 75.68 -60.82 47.79
CA THR TA 78 75.95 -60.57 49.21
C THR TA 78 74.73 -60.81 50.09
N SER TA 79 73.63 -60.14 49.78
CA SER TA 79 72.46 -60.14 50.65
C SER TA 79 71.80 -61.52 50.69
N THR TA 80 70.73 -61.62 51.46
CA THR TA 80 69.97 -62.87 51.58
C THR TA 80 68.49 -62.54 51.51
N LEU TA 81 67.83 -62.99 50.45
CA LEU TA 81 66.37 -62.92 50.40
C LEU TA 81 65.78 -63.90 51.39
N CYS TA 82 64.58 -63.61 51.86
CA CYS TA 82 64.09 -64.29 53.04
C CYS TA 82 62.58 -64.14 53.18
N LEU TA 83 61.87 -65.26 53.06
CA LEU TA 83 60.42 -65.26 52.96
C LEU TA 83 59.77 -65.71 54.25
N TYR TA 84 58.55 -65.24 54.48
CA TYR TA 84 57.70 -65.65 55.59
C TYR TA 84 56.32 -65.95 55.01
N TYR TA 85 55.96 -67.23 54.96
CA TYR TA 85 54.72 -67.65 54.32
C TYR TA 85 53.87 -68.46 55.28
N PRO TA 86 52.55 -68.51 55.07
CA PRO TA 86 51.69 -69.21 56.02
C PRO TA 86 51.67 -70.71 55.77
N THR TA 87 51.20 -71.44 56.79
CA THR TA 87 51.16 -72.89 56.70
C THR TA 87 50.24 -73.36 55.58
N GLU TA 88 49.17 -72.62 55.32
CA GLU TA 88 48.23 -73.03 54.28
C GLU TA 88 48.91 -73.07 52.92
N ALA TA 89 49.94 -72.27 52.72
CA ALA TA 89 50.68 -72.32 51.46
C ALA TA 89 51.26 -73.70 51.23
N SER TA 90 52.00 -74.22 52.21
CA SER TA 90 52.56 -75.57 52.06
C SER TA 90 51.46 -76.62 52.02
N THR TA 91 50.42 -76.45 52.84
CA THR TA 91 49.36 -77.45 52.88
C THR TA 91 48.66 -77.57 51.53
N GLN TA 92 48.49 -76.44 50.84
CA GLN TA 92 47.91 -76.45 49.50
C GLN TA 92 48.90 -76.91 48.44
N ILE TA 93 50.17 -76.58 48.60
CA ILE TA 93 51.16 -76.99 47.61
C ILE TA 93 51.28 -78.51 47.58
N SER TA 94 51.26 -79.16 48.75
CA SER TA 94 51.30 -80.62 48.84
C SER TA 94 52.58 -81.16 48.19
N ASP TA 95 53.70 -80.68 48.71
CA ASP TA 95 55.02 -80.97 48.15
C ASP TA 95 56.03 -80.93 49.29
N GLY TA 96 57.29 -80.58 49.00
CA GLY TA 96 58.35 -80.75 49.97
C GLY TA 96 59.72 -80.89 49.33
N GLU TA 97 59.75 -81.00 48.01
CA GLU TA 97 60.88 -80.53 47.23
C GLU TA 97 60.67 -79.10 46.75
N TRP TA 98 59.57 -78.45 47.17
CA TRP TA 98 59.26 -77.14 46.63
C TRP TA 98 60.22 -76.07 47.13
N LYS TA 99 60.74 -76.22 48.35
CA LYS TA 99 61.76 -75.28 48.81
C LYS TA 99 62.99 -75.34 47.93
N ASP TA 100 63.45 -76.55 47.60
CA ASP TA 100 64.60 -76.67 46.72
C ASP TA 100 64.28 -76.16 45.33
N SER TA 101 63.08 -76.42 44.83
CA SER TA 101 62.71 -75.93 43.51
C SER TA 101 62.74 -74.41 43.47
N LEU TA 102 62.15 -73.77 44.48
CA LEU TA 102 62.17 -72.31 44.53
C LEU TA 102 63.59 -71.78 44.67
N SER TA 103 64.43 -72.48 45.45
CA SER TA 103 65.80 -72.03 45.60
C SER TA 103 66.54 -72.07 44.27
N GLN TA 104 66.33 -73.12 43.48
CA GLN TA 104 66.97 -73.18 42.17
C GLN TA 104 66.37 -72.16 41.21
N MET TA 105 65.07 -71.89 41.33
CA MET TA 105 64.44 -70.87 40.51
C MET TA 105 64.89 -69.47 40.90
N PHE TA 106 65.45 -69.30 42.10
CA PHE TA 106 66.11 -68.05 42.45
C PHE TA 106 67.55 -68.04 41.98
N LEU TA 107 68.21 -69.21 42.00
CA LEU TA 107 69.58 -69.31 41.50
C LEU TA 107 69.63 -68.93 40.03
N ILE TA 108 68.65 -69.36 39.24
CA ILE TA 108 68.65 -69.02 37.83
C ILE TA 108 68.49 -67.52 37.62
N LYS TA 109 67.96 -66.81 38.61
CA LYS TA 109 67.73 -65.37 38.47
C LYS TA 109 68.82 -64.52 39.09
N GLY TA 110 69.62 -65.05 40.02
CA GLY TA 110 70.80 -64.35 40.48
C GLY TA 110 71.14 -64.54 41.93
N TRP TA 111 70.16 -64.93 42.74
CA TRP TA 111 70.41 -65.13 44.15
C TRP TA 111 71.06 -66.49 44.37
N PRO TA 112 72.27 -66.57 44.94
CA PRO TA 112 72.94 -67.87 45.02
C PRO TA 112 72.20 -68.85 45.92
N THR TA 113 72.73 -70.07 46.04
CA THR TA 113 71.99 -71.13 46.70
C THR TA 113 71.76 -70.81 48.19
N GLY TA 114 72.75 -70.22 48.84
CA GLY TA 114 72.67 -70.02 50.27
C GLY TA 114 71.88 -68.81 50.71
N SER TA 115 71.27 -68.07 49.79
CA SER TA 115 70.66 -66.78 50.11
C SER TA 115 69.18 -66.91 50.45
N VAL TA 116 68.38 -67.42 49.52
CA VAL TA 116 66.93 -67.43 49.69
C VAL TA 116 66.58 -68.37 50.82
N TYR TA 117 66.10 -67.82 51.93
CA TYR TA 117 65.84 -68.58 53.15
C TYR TA 117 64.36 -68.51 53.48
N PHE TA 118 63.75 -69.66 53.73
CA PHE TA 118 62.30 -69.75 53.91
C PHE TA 118 61.95 -69.85 55.39
N LYS TA 119 60.82 -69.24 55.76
CA LYS TA 119 60.26 -69.36 57.08
C LYS TA 119 58.75 -69.55 56.99
N GLU TA 120 58.22 -70.37 57.88
CA GLU TA 120 56.83 -70.75 57.89
C GLU TA 120 56.22 -70.38 59.23
N TYR TA 121 55.03 -69.78 59.20
CA TYR TA 121 54.29 -69.43 60.40
C TYR TA 121 52.86 -69.95 60.28
N SER TA 122 52.29 -70.32 61.42
CA SER TA 122 50.99 -70.97 61.42
C SER TA 122 49.91 -70.07 60.84
N ASN TA 123 49.80 -68.85 61.37
CA ASN TA 123 48.86 -67.87 60.83
C ASN TA 123 49.26 -66.50 61.36
N ILE TA 124 48.49 -65.49 60.97
CA ILE TA 124 48.92 -64.11 61.18
C ILE TA 124 48.92 -63.75 62.66
N VAL TA 125 47.87 -64.12 63.39
CA VAL TA 125 47.81 -63.76 64.81
C VAL TA 125 48.91 -64.47 65.59
N ASP TA 126 49.13 -65.76 65.30
CA ASP TA 126 50.16 -66.49 66.03
C ASP TA 126 51.56 -66.02 65.65
N PHE TA 127 51.73 -65.49 64.44
CA PHE TA 127 53.02 -64.91 64.07
C PHE TA 127 53.22 -63.56 64.72
N SER TA 128 52.12 -62.85 65.03
CA SER TA 128 52.25 -61.51 65.59
C SER TA 128 52.86 -61.50 66.98
N VAL TA 129 52.92 -62.64 67.67
CA VAL TA 129 53.45 -62.67 69.04
C VAL TA 129 54.98 -62.66 68.94
N ASP TA 130 55.57 -61.48 69.09
CA ASP TA 130 57.02 -61.32 69.10
C ASP TA 130 57.63 -61.83 67.81
N PRO TA 131 57.33 -61.21 66.67
CA PRO TA 131 57.94 -61.63 65.41
C PRO TA 131 59.43 -61.39 65.43
N GLN TA 132 60.14 -62.21 64.66
CA GLN TA 132 61.58 -62.12 64.53
C GLN TA 132 61.93 -62.09 63.06
N LEU TA 133 63.07 -61.47 62.75
CA LEU TA 133 63.56 -61.32 61.38
C LEU TA 133 64.95 -61.94 61.31
N TYR TA 134 65.01 -63.26 61.11
CA TYR TA 134 66.28 -63.99 61.10
C TYR TA 134 66.95 -63.81 59.74
N CYS TA 135 67.10 -62.56 59.34
CA CYS TA 135 66.78 -62.27 57.95
C CYS TA 135 67.49 -61.00 57.50
N ASP TA 136 67.59 -60.84 56.17
CA ASP TA 136 68.25 -59.69 55.57
C ASP TA 136 67.37 -58.93 54.58
N TYR TA 137 66.59 -59.64 53.77
CA TYR TA 137 65.58 -59.03 52.89
C TYR TA 137 64.27 -59.73 53.18
N ASN TA 138 63.44 -59.12 54.03
CA ASN TA 138 62.25 -59.74 54.58
C ASN TA 138 61.06 -59.54 53.64
N LEU TA 139 60.45 -60.65 53.22
CA LEU TA 139 59.14 -60.64 52.61
C LEU TA 139 58.16 -61.34 53.54
N VAL TA 140 56.99 -60.75 53.71
CA VAL TA 140 55.94 -61.33 54.55
C VAL TA 140 54.71 -61.50 53.67
N LEU TA 141 54.47 -62.73 53.22
CA LEU TA 141 53.22 -63.03 52.52
C LEU TA 141 52.09 -63.06 53.53
N MET TA 142 50.99 -62.38 53.21
CA MET TA 142 49.97 -62.07 54.20
C MET TA 142 48.60 -62.33 53.58
N LYS TA 143 47.88 -63.32 54.11
CA LYS TA 143 46.57 -63.65 53.59
C LYS TA 143 45.50 -62.83 54.30
N TYR TA 144 44.55 -62.30 53.53
CA TYR TA 144 43.47 -61.49 54.06
C TYR TA 144 42.20 -62.33 54.22
N ASP TA 145 41.57 -62.20 55.38
CA ASP TA 145 40.25 -62.75 55.62
C ASP TA 145 39.51 -61.80 56.54
N GLN TA 146 38.18 -61.91 56.54
CA GLN TA 146 37.34 -60.94 57.23
C GLN TA 146 37.61 -60.95 58.73
N SER TA 147 37.67 -59.76 59.31
CA SER TA 147 37.79 -59.47 60.74
C SER TA 147 39.21 -59.61 61.26
N LEU TA 148 40.14 -60.18 60.51
CA LEU TA 148 41.56 -60.19 60.88
C LEU TA 148 42.31 -59.02 60.27
N GLU TA 149 41.60 -58.09 59.64
CA GLU TA 149 42.28 -56.98 58.97
C GLU TA 149 42.93 -56.04 59.98
N LEU TA 150 42.35 -55.88 61.17
CA LEU TA 150 43.02 -55.04 62.16
C LEU TA 150 44.29 -55.71 62.68
N ASP TA 151 44.24 -57.02 62.93
CA ASP TA 151 45.43 -57.71 63.39
C ASP TA 151 46.52 -57.66 62.32
N MET TA 152 46.12 -57.78 61.06
CA MET TA 152 47.03 -57.62 59.95
C MET TA 152 47.65 -56.24 59.95
N SER TA 153 46.83 -55.21 60.14
CA SER TA 153 47.33 -53.84 60.18
C SER TA 153 48.30 -53.64 61.34
N GLU TA 154 47.98 -54.21 62.50
CA GLU TA 154 48.85 -54.06 63.65
C GLU TA 154 50.20 -54.72 63.40
N LEU TA 155 50.21 -55.91 62.82
CA LEU TA 155 51.47 -56.56 62.51
C LEU TA 155 52.26 -55.75 61.48
N ALA TA 156 51.57 -55.22 60.48
CA ALA TA 156 52.25 -54.40 59.48
C ALA TA 156 52.87 -53.17 60.12
N ASP TA 157 52.15 -52.53 61.04
CA ASP TA 157 52.69 -51.39 61.76
C ASP TA 157 53.90 -51.80 62.57
N LEU TA 158 53.85 -52.98 63.20
CA LEU TA 158 54.94 -53.37 64.08
C LEU TA 158 56.20 -53.68 63.30
N ILE TA 159 56.09 -54.31 62.14
CA ILE TA 159 57.27 -54.76 61.41
C ILE TA 159 57.76 -53.70 60.42
N LEU TA 160 56.86 -53.00 59.72
CA LEU TA 160 57.31 -52.05 58.71
C LEU TA 160 58.05 -50.86 59.32
N ASN TA 161 57.67 -50.45 60.52
CA ASN TA 161 58.25 -49.28 61.17
C ASN TA 161 59.13 -49.71 62.34
N GLU TA 162 60.14 -48.90 62.63
CA GLU TA 162 61.07 -49.18 63.70
C GLU TA 162 60.53 -48.67 65.02
N TRP TA 163 60.69 -49.48 66.07
CA TRP TA 163 60.18 -49.14 67.39
C TRP TA 163 61.31 -49.20 68.41
N LEU TA 164 61.22 -48.32 69.40
CA LEU TA 164 62.13 -48.26 70.54
C LEU TA 164 61.28 -48.51 71.78
N CYS TA 165 61.43 -49.68 72.37
CA CYS TA 165 60.55 -50.14 73.44
C CYS TA 165 61.30 -50.20 74.76
N ASN TA 166 60.66 -49.68 75.81
CA ASN TA 166 61.08 -49.83 77.18
C ASN TA 166 60.09 -50.70 77.92
N PRO TA 167 60.51 -51.40 78.97
CA PRO TA 167 59.56 -52.22 79.71
C PRO TA 167 58.67 -51.36 80.60
N MET TA 168 57.51 -51.90 80.91
CA MET TA 168 56.58 -51.30 81.85
C MET TA 168 56.28 -52.30 82.95
N ASP TA 169 56.43 -51.87 84.19
CA ASP TA 169 55.99 -52.67 85.34
C ASP TA 169 54.55 -52.28 85.61
N ILE TA 170 53.62 -53.14 85.21
CA ILE TA 170 52.21 -52.78 85.22
C ILE TA 170 51.70 -52.63 86.63
N THR TA 171 52.14 -53.50 87.53
CA THR TA 171 51.53 -53.56 88.86
C THR TA 171 52.00 -52.45 89.79
N LEU TA 172 53.11 -51.79 89.50
CA LEU TA 172 53.69 -50.80 90.40
C LEU TA 172 53.35 -49.37 90.01
N TYR TA 173 53.68 -48.97 88.79
CA TYR TA 173 53.61 -47.58 88.36
C TYR TA 173 52.52 -47.40 87.32
N TYR TA 174 51.77 -46.31 87.46
CA TYR TA 174 50.90 -45.88 86.37
C TYR TA 174 51.75 -45.31 85.24
N TYR TA 175 51.19 -45.29 84.04
CA TYR TA 175 51.97 -44.96 82.86
C TYR TA 175 51.20 -43.98 81.97
N GLN TA 176 51.97 -43.28 81.13
CA GLN TA 176 51.50 -42.14 80.38
C GLN TA 176 52.19 -42.14 79.02
N GLN TA 177 51.53 -41.55 78.03
CA GLN TA 177 52.05 -41.46 76.67
C GLN TA 177 52.44 -40.02 76.36
N SER TA 178 53.61 -39.85 75.75
CA SER TA 178 54.11 -38.50 75.49
C SER TA 178 53.38 -37.86 74.33
N GLY TA 179 53.48 -38.46 73.14
CA GLY TA 179 52.91 -37.86 71.94
C GLY TA 179 52.33 -38.89 70.97
N GLU TA 180 52.06 -38.48 69.74
CA GLU TA 180 51.49 -39.40 68.77
C GLU TA 180 52.42 -40.56 68.48
N SER TA 181 53.73 -40.35 68.61
CA SER TA 181 54.72 -41.35 68.26
C SER TA 181 54.96 -42.36 69.37
N ASN TA 182 54.02 -42.52 70.29
CA ASN TA 182 54.15 -43.47 71.39
C ASN TA 182 52.92 -44.36 71.42
N LYS TA 183 53.15 -45.64 71.68
CA LYS TA 183 52.09 -46.62 71.84
C LYS TA 183 52.47 -47.54 72.98
N TRP TA 184 51.55 -48.43 73.35
CA TRP TA 184 51.87 -49.55 74.22
C TRP TA 184 51.64 -50.82 73.42
N ILE TA 185 52.68 -51.64 73.29
CA ILE TA 185 52.64 -52.86 72.49
C ILE TA 185 52.61 -54.04 73.47
N SER TA 186 51.55 -54.83 73.40
CA SER TA 186 51.39 -56.00 74.26
C SER TA 186 51.43 -57.25 73.40
N MET TA 187 52.24 -58.22 73.80
CA MET TA 187 52.44 -59.46 73.07
C MET TA 187 52.39 -60.63 74.02
N GLY TA 188 51.78 -61.73 73.57
CA GLY TA 188 51.66 -62.91 74.39
C GLY TA 188 50.60 -63.83 73.83
N SER TA 189 50.42 -64.95 74.53
CA SER TA 189 49.45 -65.94 74.07
C SER TA 189 48.02 -65.40 74.15
N SER TA 190 47.73 -64.56 75.14
CA SER TA 190 46.39 -63.97 75.28
C SER TA 190 46.52 -62.75 76.18
N CYS TA 191 46.23 -61.58 75.63
CA CYS TA 191 46.37 -60.31 76.33
C CYS TA 191 44.99 -59.69 76.52
N THR TA 192 44.75 -59.18 77.72
CA THR TA 192 43.53 -58.45 78.05
C THR TA 192 43.96 -57.13 78.69
N VAL TA 193 44.15 -56.12 77.84
CA VAL TA 193 44.56 -54.80 78.31
C VAL TA 193 43.32 -54.06 78.78
N LYS TA 194 43.21 -53.88 80.09
CA LYS TA 194 42.10 -53.16 80.70
C LYS TA 194 42.68 -51.91 81.36
N VAL TA 195 42.30 -50.74 80.85
CA VAL TA 195 42.86 -49.47 81.30
C VAL TA 195 41.83 -48.72 82.11
N CYS TA 196 42.28 -48.00 83.13
CA CYS TA 196 41.45 -47.07 83.88
C CYS TA 196 42.22 -45.76 83.95
N PRO TA 197 41.75 -44.67 83.32
CA PRO TA 197 42.53 -43.43 83.37
C PRO TA 197 42.22 -42.62 84.62
N LEU TA 198 43.27 -42.01 85.16
CA LEU TA 198 43.23 -41.35 86.45
C LEU TA 198 43.15 -39.84 86.27
N ASN TA 199 43.25 -39.10 87.38
CA ASN TA 199 43.32 -37.65 87.36
C ASN TA 199 44.54 -37.20 88.13
N THR TA 200 44.66 -35.88 88.35
CA THR TA 200 45.70 -35.38 89.25
C THR TA 200 45.48 -35.82 90.68
N GLN TA 201 44.26 -36.23 91.03
CA GLN TA 201 43.99 -36.82 92.34
C GLN TA 201 44.34 -38.30 92.39
N THR TA 202 44.72 -38.91 91.26
CA THR TA 202 45.07 -40.32 91.21
C THR TA 202 43.87 -41.20 91.55
N LEU TA 203 42.70 -40.82 91.03
CA LEU TA 203 41.49 -41.62 91.12
C LEU TA 203 40.89 -41.72 89.73
N GLY TA 204 40.34 -42.89 89.42
CA GLY TA 204 39.87 -43.13 88.06
C GLY TA 204 38.66 -42.30 87.70
N ILE TA 205 38.42 -42.19 86.39
CA ILE TA 205 37.26 -41.51 85.84
C ILE TA 205 36.51 -42.49 84.96
N GLY TA 206 35.24 -42.71 85.25
CA GLY TA 206 34.51 -43.78 84.61
C GLY TA 206 34.89 -45.15 85.08
N CYS TA 207 35.67 -45.25 86.16
CA CYS TA 207 36.21 -46.51 86.62
C CYS TA 207 36.83 -46.30 88.00
N GLN TA 208 36.55 -47.21 88.91
CA GLN TA 208 37.20 -47.21 90.22
C GLN TA 208 38.55 -47.90 90.09
N THR TA 209 39.60 -47.23 90.56
CA THR TA 209 40.95 -47.77 90.39
C THR TA 209 41.14 -49.09 91.13
N THR TA 210 40.28 -49.41 92.09
CA THR TA 210 40.37 -50.67 92.81
C THR TA 210 39.55 -51.78 92.17
N ASN TA 211 38.43 -51.43 91.54
CA ASN TA 211 37.52 -52.41 90.96
C ASN TA 211 37.95 -52.69 89.52
N VAL TA 212 38.49 -53.89 89.29
CA VAL TA 212 38.99 -54.24 87.96
C VAL TA 212 37.87 -54.32 86.94
N ASP TA 213 36.63 -54.52 87.37
CA ASP TA 213 35.53 -54.74 86.44
C ASP TA 213 34.97 -53.44 85.87
N SER TA 214 35.39 -52.28 86.39
CA SER TA 214 34.98 -51.00 85.84
C SER TA 214 35.92 -50.50 84.76
N PHE TA 215 37.07 -51.16 84.57
CA PHE TA 215 38.05 -50.74 83.59
C PHE TA 215 37.47 -50.83 82.19
N GLU TA 216 38.16 -50.23 81.23
CA GLU TA 216 37.77 -50.25 79.82
C GLU TA 216 38.71 -51.22 79.11
N THR TA 217 38.12 -52.24 78.48
CA THR TA 217 38.89 -53.24 77.75
C THR TA 217 39.30 -52.69 76.40
N VAL TA 218 40.55 -52.24 76.25
CA VAL TA 218 40.96 -51.73 74.95
C VAL TA 218 41.26 -52.85 73.98
N ALA TA 219 41.57 -54.06 74.46
CA ALA TA 219 41.68 -55.24 73.62
C ALA TA 219 41.76 -56.48 74.49
N GLU TA 220 40.92 -57.48 74.23
CA GLU TA 220 40.91 -58.72 74.99
C GLU TA 220 41.19 -59.89 74.07
N ASN TA 221 42.11 -60.76 74.49
CA ASN TA 221 42.46 -61.97 73.77
C ASN TA 221 42.94 -61.65 72.36
N GLU TA 222 44.04 -60.91 72.29
CA GLU TA 222 44.79 -60.72 71.06
C GLU TA 222 46.24 -61.15 71.29
N LYS TA 223 46.80 -61.81 70.29
CA LYS TA 223 48.21 -62.18 70.36
C LYS TA 223 49.09 -60.94 70.40
N LEU TA 224 48.73 -59.92 69.61
CA LEU TA 224 49.42 -58.65 69.60
C LEU TA 224 48.38 -57.53 69.70
N ALA TA 225 48.75 -56.46 70.39
CA ALA TA 225 47.88 -55.29 70.46
C ALA TA 225 48.73 -54.03 70.61
N ILE TA 226 48.62 -53.14 69.65
CA ILE TA 226 49.23 -51.82 69.71
C ILE TA 226 48.13 -50.86 70.13
N VAL TA 227 48.10 -50.50 71.42
CA VAL TA 227 47.04 -49.68 71.97
C VAL TA 227 47.55 -48.26 72.15
N ASP TA 228 46.75 -47.29 71.72
CA ASP TA 228 46.95 -45.89 72.03
C ASP TA 228 45.82 -45.42 72.94
N VAL TA 229 46.19 -44.56 73.89
CA VAL TA 229 45.25 -43.95 74.82
C VAL TA 229 45.51 -42.45 74.81
N VAL TA 230 44.58 -41.71 75.40
CA VAL TA 230 44.62 -40.25 75.35
C VAL TA 230 45.91 -39.78 76.01
N ASP TA 231 46.77 -39.15 75.23
CA ASP TA 231 48.09 -38.77 75.72
C ASP TA 231 47.95 -37.69 76.79
N GLY TA 232 48.79 -37.77 77.81
CA GLY TA 232 48.78 -36.83 78.91
C GLY TA 232 48.00 -37.25 80.13
N ILE TA 233 47.50 -38.49 80.16
CA ILE TA 233 46.71 -39.01 81.28
C ILE TA 233 47.39 -40.25 81.81
N ASN TA 234 47.56 -40.33 83.13
CA ASN TA 234 48.02 -41.56 83.75
C ASN TA 234 46.94 -42.62 83.65
N HIS TA 235 47.38 -43.87 83.52
CA HIS TA 235 46.48 -45.01 83.42
C HIS TA 235 46.94 -46.11 84.36
N LYS TA 236 45.99 -46.82 84.96
CA LYS TA 236 46.26 -48.10 85.61
C LYS TA 236 45.86 -49.19 84.64
N ILE TA 237 46.80 -50.06 84.29
CA ILE TA 237 46.59 -51.12 83.33
C ILE TA 237 46.51 -52.43 84.10
N ASN TA 238 45.65 -53.34 83.63
CA ASN TA 238 45.71 -54.73 84.05
C ASN TA 238 45.74 -55.62 82.80
N LEU TA 239 46.73 -56.51 82.75
CA LEU TA 239 46.72 -57.58 81.76
C LEU TA 239 47.59 -58.71 82.31
N THR TA 240 46.95 -59.70 82.94
CA THR TA 240 47.35 -61.11 82.90
C THR TA 240 48.84 -61.30 82.73
N THR TA 241 49.64 -60.77 83.67
CA THR TA 241 51.07 -60.60 83.42
C THR TA 241 51.77 -61.90 83.06
N THR TA 242 51.23 -63.04 83.50
CA THR TA 242 51.84 -64.31 83.16
C THR TA 242 51.69 -64.62 81.67
N THR TA 243 50.57 -64.23 81.07
CA THR TA 243 50.24 -64.62 79.70
C THR TA 243 50.53 -63.54 78.67
N CYS TA 244 50.91 -62.33 79.09
CA CYS TA 244 51.21 -61.26 78.16
C CYS TA 244 52.22 -60.31 78.77
N THR TA 245 52.97 -59.64 77.90
CA THR TA 245 53.99 -58.67 78.29
C THR TA 245 53.78 -57.41 77.46
N ILE TA 246 53.75 -56.26 78.14
CA ILE TA 246 53.44 -54.98 77.51
C ILE TA 246 54.64 -54.05 77.67
N ARG TA 247 54.91 -53.27 76.63
CA ARG TA 247 56.07 -52.42 76.56
C ARG TA 247 55.66 -51.03 76.05
N ASN TA 248 56.26 -50.01 76.63
CA ASN TA 248 56.02 -48.64 76.21
C ASN TA 248 56.96 -48.35 75.05
N CYS TA 249 56.40 -48.17 73.84
CA CYS TA 249 57.18 -48.17 72.61
C CYS TA 249 57.01 -46.85 71.89
N LYS TA 250 58.11 -46.12 71.73
CA LYS TA 250 58.14 -45.01 70.79
C LYS TA 250 58.41 -45.53 69.39
N LYS TA 251 58.12 -44.70 68.40
CA LYS TA 251 58.21 -45.07 66.99
C LYS TA 251 59.28 -44.21 66.33
N LEU TA 252 60.39 -44.83 65.95
CA LEU TA 252 61.41 -44.17 65.17
C LEU TA 252 60.96 -44.19 63.71
N GLY TA 253 61.87 -43.91 62.77
CA GLY TA 253 61.53 -43.91 61.37
C GLY TA 253 61.10 -45.27 60.88
N PRO TA 254 61.04 -45.45 59.56
CA PRO TA 254 60.54 -46.71 59.01
C PRO TA 254 61.61 -47.78 58.99
N ARG TA 255 61.18 -49.04 59.09
CA ARG TA 255 62.07 -50.17 58.91
C ARG TA 255 62.02 -50.51 57.42
N GLU TA 256 62.90 -49.88 56.66
CA GLU TA 256 62.88 -49.99 55.21
C GLU TA 256 63.23 -51.40 54.73
N ASN TA 257 63.75 -52.25 55.60
CA ASN TA 257 64.13 -53.60 55.20
C ASN TA 257 62.92 -54.41 54.75
N VAL TA 258 61.89 -54.46 55.58
CA VAL TA 258 60.86 -55.47 55.40
C VAL TA 258 59.84 -55.00 54.36
N ALA TA 259 59.13 -55.96 53.78
CA ALA TA 259 58.00 -55.66 52.93
C ALA TA 259 56.89 -56.66 53.19
N VAL TA 260 55.66 -56.21 52.96
CA VAL TA 260 54.46 -56.99 53.20
C VAL TA 260 53.74 -57.13 51.87
N ILE TA 261 53.42 -58.37 51.50
CA ILE TA 261 52.74 -58.70 50.26
C ILE TA 261 51.41 -59.32 50.66
N GLN TA 262 50.36 -58.51 50.62
CA GLN TA 262 49.02 -59.00 50.88
C GLN TA 262 48.54 -59.80 49.68
N VAL TA 263 48.48 -61.11 49.84
CA VAL TA 263 47.98 -61.96 48.77
C VAL TA 263 46.46 -61.80 48.62
N GLY TA 264 45.76 -61.53 49.70
CA GLY TA 264 44.31 -61.58 49.64
C GLY TA 264 43.65 -60.38 48.98
N GLY TA 265 42.55 -59.92 49.55
CA GLY TA 265 41.66 -58.99 48.88
C GLY TA 265 42.06 -57.53 48.94
N ALA TA 266 41.10 -56.67 49.28
CA ALA TA 266 41.22 -55.24 49.05
C ALA TA 266 42.23 -54.61 49.98
N ASN TA 267 42.66 -53.40 49.61
CA ASN TA 267 43.62 -52.63 50.40
C ASN TA 267 43.00 -52.23 51.72
N ILE TA 268 43.65 -52.60 52.83
CA ILE TA 268 43.10 -52.38 54.16
C ILE TA 268 44.12 -51.85 55.15
N LEU TA 269 45.42 -51.93 54.81
CA LEU TA 269 46.46 -51.67 55.80
C LEU TA 269 46.55 -50.19 56.12
N ASP TA 270 46.17 -49.82 57.34
CA ASP TA 270 46.36 -48.48 57.89
C ASP TA 270 47.50 -48.59 58.90
N ILE TA 271 48.72 -48.41 58.42
CA ILE TA 271 49.87 -48.54 59.33
C ILE TA 271 49.91 -47.38 60.32
N THR TA 272 49.56 -46.18 59.88
CA THR TA 272 49.65 -45.01 60.73
C THR TA 272 48.42 -44.92 61.60
N ALA TA 273 48.61 -45.03 62.93
CA ALA TA 273 47.48 -45.06 63.85
C ALA TA 273 46.66 -43.79 63.78
N ASP TA 274 47.26 -42.67 63.39
CA ASP TA 274 46.50 -41.45 63.19
C ASP TA 274 45.44 -41.71 62.12
N PRO TA 275 44.19 -41.31 62.34
CA PRO TA 275 43.16 -41.62 61.34
C PRO TA 275 43.14 -40.68 60.16
N THR TA 276 43.68 -39.47 60.29
CA THR TA 276 43.68 -38.54 59.15
C THR TA 276 44.50 -39.08 58.00
N THR TA 277 45.69 -39.61 58.27
CA THR TA 277 46.60 -40.07 57.24
C THR TA 277 46.47 -41.58 57.07
N ASN TA 278 46.35 -42.01 55.82
CA ASN TA 278 46.31 -43.42 55.44
C ASN TA 278 47.27 -43.62 54.29
N PRO TA 279 48.58 -43.53 54.55
CA PRO TA 279 49.55 -43.51 53.45
C PRO TA 279 49.55 -44.81 52.67
N GLN TA 280 50.22 -44.76 51.52
CA GLN TA 280 50.40 -45.93 50.65
C GLN TA 280 51.88 -45.99 50.32
N ILE TA 281 52.65 -46.60 51.21
CA ILE TA 281 54.10 -46.68 51.01
C ILE TA 281 54.39 -47.78 50.00
N GLU TA 282 55.63 -47.84 49.51
CA GLU TA 282 55.96 -48.77 48.44
C GLU TA 282 56.10 -50.19 48.95
N ARG TA 283 56.50 -50.38 50.21
CA ARG TA 283 56.77 -51.72 50.70
C ARG TA 283 55.51 -52.53 50.96
N MET TA 284 54.34 -51.89 51.04
CA MET TA 284 53.07 -52.59 51.10
C MET TA 284 52.62 -52.87 49.67
N MET TA 285 52.37 -54.14 49.36
CA MET TA 285 51.99 -54.55 48.02
C MET TA 285 50.80 -55.48 48.10
N ARG TA 286 50.06 -55.56 47.00
CA ARG TA 286 48.90 -56.43 46.89
C ARG TA 286 49.03 -57.29 45.64
N VAL TA 287 48.69 -58.56 45.77
CA VAL TA 287 48.72 -59.49 44.63
C VAL TA 287 47.54 -60.43 44.77
N ASN TA 288 46.52 -60.25 43.93
CA ASN TA 288 45.39 -61.17 43.92
C ASN TA 288 45.88 -62.59 43.68
N TRP TA 289 45.09 -63.55 44.15
CA TRP TA 289 45.57 -64.92 44.18
C TRP TA 289 44.41 -65.90 44.15
N LYS TA 290 44.69 -67.06 43.55
CA LYS TA 290 43.93 -68.28 43.79
C LYS TA 290 44.84 -69.45 44.14
N ARG TA 291 46.02 -69.52 43.52
CA ARG TA 291 46.95 -70.63 43.73
C ARG TA 291 48.22 -70.09 44.37
N TRP TA 292 48.62 -70.71 45.49
CA TRP TA 292 49.85 -70.29 46.15
C TRP TA 292 51.05 -70.52 45.26
N TRP TA 293 51.00 -71.51 44.38
CA TRP TA 293 52.07 -71.68 43.42
C TRP TA 293 52.18 -70.47 42.51
N GLN TA 294 51.04 -69.96 42.04
CA GLN TA 294 51.08 -68.75 41.22
C GLN TA 294 51.63 -67.58 42.00
N VAL TA 295 51.28 -67.49 43.29
CA VAL TA 295 51.79 -66.40 44.12
C VAL TA 295 53.30 -66.48 44.21
N PHE TA 296 53.83 -67.65 44.56
CA PHE TA 296 55.27 -67.79 44.71
C PHE TA 296 55.99 -67.57 43.39
N TYR TA 297 55.40 -68.02 42.29
CA TYR TA 297 56.00 -67.75 40.99
C TYR TA 297 56.04 -66.26 40.71
N THR TA 298 54.98 -65.53 41.07
CA THR TA 298 55.00 -64.08 40.90
C THR TA 298 56.11 -63.45 41.71
N ILE TA 299 56.27 -63.88 42.97
CA ILE TA 299 57.31 -63.31 43.81
C ILE TA 299 58.67 -63.57 43.20
N VAL TA 300 58.92 -64.80 42.77
CA VAL TA 300 60.22 -65.13 42.20
C VAL TA 300 60.47 -64.31 40.94
N ASP TA 301 59.46 -64.23 40.06
CA ASP TA 301 59.65 -63.55 38.78
C ASP TA 301 59.94 -62.07 38.99
N TYR TA 302 59.18 -61.41 39.87
CA TYR TA 302 59.31 -59.98 40.10
C TYR TA 302 60.12 -59.67 41.35
N ILE TA 303 61.02 -60.56 41.74
CA ILE TA 303 61.79 -60.34 42.96
C ILE TA 303 62.66 -59.10 42.84
N ASN TA 304 63.27 -58.88 41.69
CA ASN TA 304 64.23 -57.79 41.57
C ASN TA 304 63.56 -56.44 41.80
N GLN TA 305 62.34 -56.26 41.30
CA GLN TA 305 61.63 -55.02 41.54
C GLN TA 305 61.32 -54.86 43.03
N ILE TA 306 60.92 -55.95 43.69
CA ILE TA 306 60.56 -55.88 45.09
C ILE TA 306 61.78 -55.48 45.92
N VAL TA 307 62.92 -56.10 45.64
CA VAL TA 307 64.11 -55.76 46.40
C VAL TA 307 64.60 -54.36 46.02
N GLN TA 308 64.27 -53.89 44.82
CA GLN TA 308 64.53 -52.48 44.50
C GLN TA 308 63.72 -51.58 45.41
N VAL TA 309 62.47 -51.93 45.67
CA VAL TA 309 61.65 -51.16 46.60
C VAL TA 309 62.23 -51.23 48.00
N MET TA 310 62.78 -52.38 48.38
CA MET TA 310 63.35 -52.54 49.71
C MET TA 310 64.65 -51.75 49.84
N SER TA 311 65.29 -51.86 51.00
CA SER TA 311 66.60 -51.27 51.23
C SER TA 311 67.36 -52.09 52.27
N LYS TA 312 68.55 -52.55 51.90
CA LYS TA 312 69.30 -53.44 52.77
C LYS TA 312 69.76 -52.74 54.04
N ARG TA 313 70.12 -51.46 53.93
CA ARG TA 313 70.88 -50.81 55.00
C ARG TA 313 70.15 -50.80 56.32
N SER TA 314 68.81 -50.80 56.29
CA SER TA 314 68.03 -50.99 57.50
C SER TA 314 68.17 -52.43 57.94
N ARG TA 315 68.88 -52.66 59.04
CA ARG TA 315 69.06 -54.00 59.57
C ARG TA 315 69.71 -53.88 60.94
N SER TA 316 69.30 -54.76 61.86
CA SER TA 316 69.80 -54.74 63.23
C SER TA 316 70.56 -56.01 63.50
N LEU TA 317 71.51 -55.94 64.45
CA LEU TA 317 72.16 -57.14 64.94
C LEU TA 317 71.15 -58.12 65.50
N ASN TA 318 70.28 -57.63 66.38
CA ASN TA 318 69.19 -58.46 66.87
C ASN TA 318 68.20 -58.73 65.75
N SER TA 319 67.65 -59.93 65.75
CA SER TA 319 66.60 -60.30 64.81
C SER TA 319 65.21 -59.91 65.32
N ALA TA 320 65.12 -59.27 66.48
CA ALA TA 320 63.83 -58.89 67.04
C ALA TA 320 63.19 -57.81 66.18
N ALA TA 321 61.98 -57.43 66.56
CA ALA TA 321 61.19 -56.43 65.83
C ALA TA 321 61.19 -55.06 66.51
N PHE TA 322 62.04 -54.86 67.52
CA PHE TA 322 62.08 -53.58 68.22
C PHE TA 322 63.43 -53.47 68.90
N TYR TA 323 63.75 -52.25 69.33
CA TYR TA 323 64.98 -51.96 70.04
C TYR TA 323 64.64 -51.86 71.53
N TYR TA 324 65.02 -52.88 72.30
CA TYR TA 324 64.68 -52.96 73.70
C TYR TA 324 65.72 -52.18 74.50
N ARG TA 325 65.34 -51.03 75.03
CA ARG TA 325 66.26 -50.12 75.70
C ARG TA 325 66.05 -50.08 77.20
N VAL TA 326 65.57 -51.18 77.77
CA VAL TA 326 65.36 -51.36 79.22
C VAL TA 326 64.76 -50.13 79.90
C1 NAG UA . -4.43 -52.13 2.71
C2 NAG UA . -4.62 -52.08 4.25
C3 NAG UA . -4.94 -53.46 4.82
C4 NAG UA . -6.15 -54.04 4.09
C5 NAG UA . -5.76 -54.21 2.64
C6 NAG UA . -6.85 -54.82 1.81
C7 NAG UA . -3.50 -50.59 5.84
C8 NAG UA . -2.18 -50.14 6.39
N2 NAG UA . -3.45 -51.53 4.90
O3 NAG UA . -5.18 -53.35 6.20
O4 NAG UA . -6.56 -55.28 4.66
O5 NAG UA . -5.50 -52.90 2.10
O6 NAG UA . -7.93 -55.28 2.61
O7 NAG UA . -4.55 -50.12 6.23
H1 NAG UA . -3.59 -52.57 2.53
H2 NAG UA . -5.39 -51.52 4.45
H3 NAG UA . -4.16 -54.05 4.67
H4 NAG UA . -6.86 -53.37 4.12
H5 NAG UA . -4.95 -54.75 2.58
H61 NAG UA . -7.19 -54.16 1.18
H62 NAG UA . -6.49 -55.58 1.31
H81 NAG UA . -1.72 -50.90 6.81
H82 NAG UA . -2.32 -49.44 7.05
H83 NAG UA . -1.62 -49.80 5.66
HN2 NAG UA . -2.63 -51.85 4.64
HO3 NAG UA . -4.79 -54.03 6.64
HO6 NAG UA . -8.68 -55.27 2.15
C1 NAG UA . -7.47 -55.10 5.79
C2 NAG UA . -8.51 -56.20 5.78
C3 NAG UA . -9.45 -56.04 6.98
C4 NAG UA . -8.65 -55.93 8.27
C5 NAG UA . -7.58 -54.86 8.15
C6 NAG UA . -6.66 -54.80 9.34
C7 NAG UA . -9.99 -57.24 4.12
C8 NAG UA . -10.71 -57.07 2.82
N2 NAG UA . -9.27 -56.20 4.54
O3 NAG UA . -10.34 -57.15 7.03
O4 NAG UA . -9.52 -55.57 9.34
O5 NAG UA . -6.75 -55.13 7.01
O6 NAG UA . -5.31 -54.54 8.95
O7 NAG UA . -10.05 -58.29 4.76
H1 NAG UA . -7.96 -54.25 5.73
H2 NAG UA . -8.06 -57.07 5.87
H3 NAG UA . -9.97 -55.23 6.86
H4 NAG UA . -8.23 -56.79 8.46
H5 NAG UA . -8.01 -53.99 8.04
H61 NAG UA . -6.96 -54.09 9.94
H62 NAG UA . -6.68 -55.65 9.81
H81 NAG UA . -11.25 -57.86 2.64
H82 NAG UA . -11.29 -56.28 2.88
H83 NAG UA . -10.06 -56.94 2.10
HN2 NAG UA . -9.26 -55.45 4.02
HO3 NAG UA . -11.10 -56.91 7.42
HO6 NAG UA . -4.82 -54.39 9.67
C1 BMA UA . -10.14 -56.69 10.00
C2 BMA UA . -9.38 -56.98 11.30
C3 BMA UA . -10.07 -58.11 12.05
C4 BMA UA . -11.59 -57.87 12.19
C5 BMA UA . -12.22 -57.50 10.83
C6 BMA UA . -13.68 -57.08 10.95
O2 BMA UA . -9.40 -55.85 12.16
O3 BMA UA . -9.49 -58.32 13.34
O4 BMA UA . -12.22 -59.04 12.68
O5 BMA UA . -11.49 -56.40 10.27
O6 BMA UA . -14.26 -57.14 9.65
H1 BMA UA . -10.10 -57.60 9.37
H2 BMA UA . -8.35 -57.26 11.06
H3 BMA UA . -9.93 -59.05 11.50
H4 BMA UA . -11.73 -57.02 12.87
H5 BMA UA . -12.16 -58.36 10.15
H61 BMA UA . -13.72 -56.07 11.38
H62 BMA UA . -14.16 -57.77 11.65
HO2 BMA UA . -8.47 -55.64 12.34
HO3 BMA UA . -9.42 -59.29 13.43
HO4 BMA UA . -12.95 -58.72 13.25
HO6 BMA UA . -15.22 -57.03 9.76
C1 NAG VA . 58.60 -48.09 -6.22
C2 NAG VA . 59.41 -48.28 -4.93
C3 NAG VA . 60.89 -48.07 -5.19
C4 NAG VA . 61.36 -48.97 -6.32
C5 NAG VA . 60.49 -48.75 -7.56
C6 NAG VA . 60.81 -49.70 -8.69
C7 NAG VA . 58.61 -47.80 -2.65
C8 NAG VA . 58.15 -46.73 -1.70
N2 NAG VA . 58.94 -47.39 -3.88
O3 NAG VA . 61.63 -48.35 -4.01
O4 NAG VA . 62.71 -48.69 -6.65
O5 NAG VA . 59.11 -48.96 -7.23
O6 NAG VA . 60.56 -51.05 -8.32
O7 NAG VA . 58.67 -48.97 -2.32
H1 NAG VA . 58.69 -47.18 -6.51
H2 NAG VA . 59.29 -49.20 -4.64
H3 NAG VA . 61.04 -47.14 -5.45
H4 NAG VA . 61.29 -49.90 -6.05
H5 NAG VA . 60.60 -47.83 -7.87
H61 NAG VA . 60.27 -49.47 -9.47
H62 NAG VA . 61.77 -49.61 -8.92
H81 NAG VA . 57.99 -47.11 -0.83
H82 NAG VA . 57.32 -46.33 -2.04
H83 NAG VA . 58.83 -46.04 -1.64
HN2 NAG VA . 58.88 -46.50 -4.08
HO3 NAG VA . 62.24 -47.73 -3.88
HO6 NAG VA . 60.29 -51.50 -9.04
CA CA WA . 10.88 -56.75 -7.24
CA CA XA . 17.39 -47.77 -17.74
CA CA YA . 9.78 -41.37 -9.79
CA CA ZA . -8.58 -48.94 -10.93
C1 NAG AB . 17.46 -13.00 -35.73
C2 NAG AB . 18.93 -13.25 -35.34
C3 NAG AB . 19.85 -13.00 -36.54
C4 NAG AB . 19.36 -13.73 -37.77
C5 NAG AB . 17.89 -13.41 -38.03
C6 NAG AB . 17.31 -14.16 -39.20
C7 NAG AB . 20.51 -12.41 -33.66
C8 NAG AB . 20.68 -11.49 -32.48
N2 NAG AB . 19.30 -12.43 -34.21
O3 NAG AB . 21.17 -13.44 -36.23
O4 NAG AB . 20.13 -13.35 -38.91
O5 NAG AB . 17.12 -13.78 -36.87
O6 NAG AB . 16.19 -13.47 -39.75
O7 NAG AB . 21.42 -13.10 -34.08
H1 NAG AB . 17.34 -12.06 -35.94
H2 NAG AB . 19.03 -14.19 -35.09
H3 NAG AB . 19.87 -12.04 -36.72
H4 NAG AB . 19.46 -14.70 -37.64
H5 NAG AB . 17.79 -12.46 -38.19
H61 NAG AB . 17.02 -15.05 -38.91
H62 NAG AB . 17.99 -14.26 -39.90
H81 NAG AB . 21.61 -11.54 -32.17
H82 NAG AB . 20.08 -11.75 -31.77
H83 NAG AB . 20.49 -10.57 -32.77
HN2 NAG AB . 18.65 -11.89 -33.84
HO3 NAG AB . 21.70 -13.26 -36.91
HO4 NAG AB . 20.41 -14.08 -39.34
HO6 NAG AB . 15.79 -13.99 -40.35
C1 NAG BB . 2.29 -69.40 -56.57
C2 NAG BB . 1.36 -68.64 -57.52
C3 NAG BB . 0.02 -69.36 -57.61
C4 NAG BB . 0.23 -70.83 -58.01
C5 NAG BB . 1.20 -71.49 -57.04
C6 NAG BB . 1.55 -72.91 -57.44
C7 NAG BB . 0.76 -66.30 -57.91
C8 NAG BB . 0.62 -64.94 -57.29
N2 NAG BB . 1.17 -67.27 -57.09
O3 NAG BB . -0.80 -68.72 -58.59
O4 NAG BB . -1.02 -71.52 -57.97
O5 NAG BB . 2.45 -70.75 -57.02
O6 NAG BB . 2.39 -72.93 -58.60
O7 NAG BB . 0.50 -66.51 -59.09
H1 NAG BB . 1.90 -69.40 -55.67
H2 NAG BB . 1.74 -68.65 -58.42
H3 NAG BB . -0.43 -69.33 -56.75
H4 NAG BB . 0.59 -70.87 -58.91
H5 NAG BB . 0.82 -71.50 -56.15
H61 NAG BB . 2.03 -73.33 -56.71
H62 NAG BB . 0.74 -73.39 -57.64
H81 NAG BB . -0.04 -64.98 -56.58
H82 NAG BB . 0.33 -64.31 -57.98
H83 NAG BB . 1.48 -64.66 -56.93
HN2 NAG BB . 1.34 -67.07 -56.22
HO3 NAG BB . -1.64 -68.95 -58.47
HO4 NAG BB . -1.23 -71.79 -58.79
HO6 NAG BB . 2.70 -73.74 -58.72
CA CA CB . 8.13 -60.44 -39.78
CA CA DB . 22.62 -55.55 -38.13
CA CA EB . 19.57 -56.25 -50.86
CA CA FB . 15.35 -75.07 -55.42
CA CA GB . 44.58 -68.51 -15.66
CA CA HB . 37.33 -82.45 -2.70
C1 NAG IB . 43.68 -44.50 -58.15
C2 NAG IB . 45.01 -44.66 -58.88
C3 NAG IB . 45.39 -43.35 -59.54
C4 NAG IB . 44.26 -42.88 -60.45
C5 NAG IB . 42.94 -42.83 -59.70
C6 NAG IB . 41.76 -42.54 -60.59
C7 NAG IB . 46.97 -46.02 -58.34
C8 NAG IB . 48.00 -46.39 -57.30
N2 NAG IB . 46.06 -45.12 -57.99
O3 NAG IB . 46.59 -43.52 -60.28
O4 NAG IB . 44.56 -41.59 -60.95
O5 NAG IB . 42.66 -44.10 -59.07
O6 NAG IB . 41.27 -43.72 -61.21
O7 NAG IB . 46.99 -46.54 -59.46
H1 NAG IB . 43.78 -43.82 -57.45
H2 NAG IB . 44.89 -45.31 -59.59
H3 NAG IB . 45.54 -42.68 -58.84
H4 NAG IB . 44.19 -43.50 -61.20
H5 NAG IB . 42.99 -42.14 -59.01
H61 NAG IB . 42.05 -41.91 -61.30
H62 NAG IB . 41.05 -42.12 -60.07
H81 NAG IB . 48.62 -47.04 -57.67
H82 NAG IB . 48.48 -45.58 -57.03
H83 NAG IB . 47.54 -46.77 -56.52
HN2 NAG IB . 46.10 -44.78 -57.14
HO3 NAG IB . 46.92 -42.72 -60.49
HO4 NAG IB . 44.59 -41.61 -61.84
HO6 NAG IB . 40.48 -43.56 -61.58
C1 NAG JB . 41.40 -90.85 -13.92
C2 NAG JB . 42.74 -91.52 -14.22
C3 NAG JB . 42.56 -93.01 -14.45
C4 NAG JB . 41.79 -93.63 -13.28
C5 NAG JB . 40.50 -92.87 -13.01
C6 NAG JB . 39.77 -93.35 -11.79
C7 NAG JB . 44.69 -90.99 -15.61
C8 NAG JB . 45.18 -90.30 -16.85
N2 NAG JB . 43.38 -90.90 -15.38
O3 NAG JB . 43.82 -93.63 -14.58
O4 NAG JB . 41.47 -94.99 -13.59
O5 NAG JB . 40.80 -91.48 -12.80
O6 NAG JB . 38.85 -92.37 -11.31
O7 NAG JB . 45.45 -91.58 -14.86
H1 NAG JB . 40.81 -90.95 -14.70
H2 NAG JB . 43.33 -91.41 -13.45
H3 NAG JB . 42.04 -93.14 -15.27
H4 NAG JB . 42.35 -93.60 -12.48
H5 NAG JB . 39.92 -92.94 -13.80
H61 NAG JB . 39.27 -94.17 -12.03
H62 NAG JB . 40.42 -93.56 -11.10
H81 NAG JB . 44.74 -90.69 -17.63
H82 NAG JB . 46.14 -90.42 -16.93
H83 NAG JB . 44.96 -89.35 -16.79
HN2 NAG JB . 42.86 -90.45 -15.97
HO3 NAG JB . 43.73 -94.41 -14.99
HO4 NAG JB . 41.72 -95.51 -12.91
HO6 NAG JB . 38.28 -92.75 -10.77
CA CA KB . 32.38 -76.89 -24.19
CA CA LB . 34.72 -61.67 -20.20
C1 NAG MB . -5.33 -0.81 -28.56
C2 NAG MB . -5.35 0.01 -27.26
C3 NAG MB . -4.10 -0.27 -26.44
C4 NAG MB . -3.94 -1.78 -26.22
C5 NAG MB . -3.99 -2.51 -27.55
C6 NAG MB . -3.96 -4.02 -27.39
C7 NAG MB . -5.95 2.32 -26.67
C8 NAG MB . -5.99 3.75 -27.14
N2 NAG MB . -5.45 1.43 -27.55
O3 NAG MB . -4.18 0.40 -25.19
O4 NAG MB . -2.70 -2.04 -25.58
O5 NAG MB . -5.20 -2.19 -28.24
O6 NAG MB . -4.81 -4.66 -28.34
O7 NAG MB . -6.37 1.98 -25.57
H1 NAG MB . -4.54 -0.54 -29.06
H2 NAG MB . -6.13 -0.26 -26.75
H3 NAG MB . -3.32 0.06 -26.93
H4 NAG MB . -4.67 -2.09 -25.65
H5 NAG MB . -3.23 -2.24 -28.09
H61 NAG MB . -4.26 -4.25 -26.50
H62 NAG MB . -3.05 -4.33 -27.52
H81 NAG MB . -6.53 3.81 -27.95
H82 NAG MB . -5.08 4.04 -27.32
H83 NAG MB . -6.38 4.30 -26.44
HN2 NAG MB . -5.17 1.75 -28.35
HO3 NAG MB . -3.38 0.70 -24.96
HO4 NAG MB . -2.85 -2.38 -24.77
HO6 NAG MB . -4.33 -4.87 -29.07
C1 NAG NB . -59.48 -4.44 -62.91
C2 NAG NB . -60.26 -3.24 -62.32
C3 NAG NB . -61.56 -3.70 -61.67
C4 NAG NB . -62.36 -4.61 -62.61
C5 NAG NB . -61.48 -5.75 -63.07
C6 NAG NB . -62.16 -6.69 -64.04
C7 NAG NB . -59.38 -1.18 -61.31
C8 NAG NB . -58.49 -0.62 -60.24
N2 NAG NB . -59.45 -2.52 -61.36
O3 NAG NB . -62.34 -2.57 -61.32
O4 NAG NB . -63.51 -5.12 -61.94
O5 NAG NB . -60.33 -5.22 -63.75
O6 NAG NB . -61.36 -7.83 -64.30
O7 NAG NB . -60.00 -0.46 -62.09
H1 NAG NB . -59.15 -4.99 -62.18
H2 NAG NB . -60.49 -2.65 -63.06
H3 NAG NB . -61.35 -4.21 -60.86
H4 NAG NB . -62.64 -4.09 -63.39
H5 NAG NB . -61.18 -6.26 -62.29
H61 NAG NB . -62.32 -6.21 -64.88
H62 NAG NB . -63.01 -6.97 -63.66
H81 NAG NB . -57.58 -0.95 -60.36
H82 NAG NB . -58.83 -0.89 -59.36
H83 NAG NB . -58.49 0.36 -60.30
HN2 NAG NB . -58.97 -3.00 -60.75
HO3 NAG NB . -62.69 -2.68 -60.51
HO4 NAG NB . -64.21 -4.62 -62.15
HO6 NAG NB . -61.79 -8.37 -64.86
CA CA OB . -42.52 -12.68 -56.34
CA CA PB . -28.78 -8.57 -64.14
CA CA QB . -37.56 0.70 -66.25
CA CA RB . -53.44 -7.32 -75.64
C1 NAG SB . -20.50 16.83 -80.16
C2 NAG SB . -19.89 17.60 -81.33
C3 NAG SB . -19.63 19.05 -80.92
C4 NAG SB . -20.90 19.68 -80.39
C5 NAG SB . -21.51 18.82 -79.28
C6 NAG SB . -22.86 19.32 -78.82
C7 NAG SB . -18.53 16.42 -83.00
C8 NAG SB . -17.18 15.80 -83.29
N2 NAG SB . -18.66 16.97 -81.79
O3 NAG SB . -19.13 19.77 -82.04
O4 NAG SB . -20.63 20.99 -79.89
O5 NAG SB . -21.70 17.49 -79.74
O6 NAG SB . -23.86 18.34 -79.00
O7 NAG SB . -19.44 16.40 -83.81
H1 NAG SB . -19.87 16.84 -79.41
H2 NAG SB . -20.54 17.62 -82.05
H3 NAG SB . -18.95 19.06 -80.21
H4 NAG SB . -21.55 19.75 -81.12
H5 NAG SB . -20.89 18.82 -78.52
H61 NAG SB . -22.81 19.55 -77.88
H62 NAG SB . -23.09 20.11 -79.33
H81 NAG SB . -16.99 15.11 -82.63
H82 NAG SB . -17.20 15.41 -84.18
H83 NAG SB . -16.50 16.50 -83.25
HN2 NAG SB . -17.94 16.95 -81.22
HO3 NAG SB . -18.78 20.54 -81.76
HO4 NAG SB . -21.22 21.56 -80.22
HO6 NAG SB . -23.98 17.89 -78.24
C1 NAG TB . -22.55 -46.28 -91.46
C2 NAG TB . -22.41 -46.19 -92.98
C3 NAG TB . -23.69 -46.70 -93.66
C4 NAG TB . -24.08 -48.07 -93.13
C5 NAG TB . -24.15 -48.05 -91.61
C6 NAG TB . -24.42 -49.41 -91.01
C7 NAG TB . -21.58 -44.53 -94.57
C8 NAG TB . -21.36 -43.08 -94.85
N2 NAG TB . -22.13 -44.83 -93.40
O3 NAG TB . -23.48 -46.78 -95.06
O4 NAG TB . -25.35 -48.44 -93.65
O5 NAG TB . -22.88 -47.61 -91.08
O6 NAG TB . -23.77 -49.55 -89.75
O7 NAG TB . -21.26 -45.40 -95.39
H1 NAG TB . -23.29 -45.70 -91.18
H2 NAG TB . -21.68 -46.76 -93.26
H3 NAG TB . -24.41 -46.07 -93.48
H4 NAG TB . -23.41 -48.72 -93.42
H5 NAG TB . -24.84 -47.43 -91.33
H61 NAG TB . -24.08 -50.09 -91.62
H62 NAG TB . -25.37 -49.52 -90.89
H81 NAG TB . -20.54 -42.78 -94.42
H82 NAG TB . -21.28 -42.94 -95.81
H83 NAG TB . -22.11 -42.57 -94.51
HN2 NAG TB . -22.35 -44.14 -92.85
HO3 NAG TB . -24.24 -46.60 -95.48
HO4 NAG TB . -25.24 -49.07 -94.27
HO6 NAG TB . -24.01 -50.33 -89.38
CA CA UB . -26.05 -31.86 -79.51
CA CA VB . -14.81 -24.43 -70.85
CA CA WB . -9.86 -30.98 -80.82
CA CA XB . -15.09 -50.03 -79.93
CA CA YB . -15.01 -24.63 -37.27
CA CA ZB . -31.40 -30.59 -28.21
C1 NAG AC . 15.94 -23.74 -75.75
C2 NAG AC . 17.29 -24.47 -75.88
C3 NAG AC . 18.11 -23.89 -77.02
C4 NAG AC . 17.29 -23.88 -78.31
C5 NAG AC . 15.97 -23.16 -78.08
C6 NAG AC . 15.06 -23.20 -79.29
C7 NAG AC . 18.06 -25.37 -73.72
C8 NAG AC . 18.88 -25.10 -72.50
N2 NAG AC . 18.03 -24.38 -74.63
O3 NAG AC . 19.28 -24.67 -77.21
O4 NAG AC . 18.02 -23.22 -79.34
O5 NAG AC . 15.26 -23.79 -77.01
O6 NAG AC . 13.69 -23.14 -78.90
O7 NAG AC . 17.45 -26.43 -73.88
H1 NAG AC . 16.12 -22.81 -75.55
H2 NAG AC . 17.12 -25.41 -76.08
H3 NAG AC . 18.37 -22.97 -76.80
H4 NAG AC . 17.13 -24.80 -78.59
H5 NAG AC . 16.15 -22.24 -77.85
H61 NAG AC . 15.22 -24.03 -79.78
H62 NAG AC . 15.27 -22.44 -79.86
H81 NAG AC . 19.81 -24.90 -72.76
H82 NAG AC . 18.51 -24.35 -72.01
H83 NAG AC . 18.89 -25.90 -71.93
HN2 NAG AC . 18.51 -23.63 -74.45
HO3 NAG AC . 20.00 -24.14 -77.19
HO4 NAG AC . 18.28 -23.80 -79.95
HO6 NAG AC . 13.18 -23.28 -79.62
C1 NAG BC . -23.77 -43.64 -28.88
C2 NAG BC . -22.74 -44.45 -28.05
C3 NAG BC . -23.16 -45.92 -27.98
C4 NAG BC . -24.60 -46.06 -27.50
C5 NAG BC . -25.49 -45.25 -28.41
C6 NAG BC . -26.95 -45.28 -28.00
C7 NAG BC . -20.29 -44.35 -27.89
C8 NAG BC . -19.01 -44.23 -28.65
N2 NAG BC . -21.41 -44.35 -28.63
O3 NAG BC . -22.29 -46.60 -27.07
O4 NAG BC . -25.00 -47.41 -27.53
O5 NAG BC . -25.08 -43.87 -28.38
O6 NAG BC . -27.80 -45.57 -29.10
O7 NAG BC . -20.32 -44.44 -26.67
H1 NAG BC . -23.72 -43.92 -29.82
H2 NAG BC . -22.73 -44.09 -27.15
H3 NAG BC . -23.07 -46.32 -28.86
H4 NAG BC . -24.67 -45.72 -26.59
H5 NAG BC . -25.42 -45.58 -29.32
H61 NAG BC . -27.06 -45.97 -27.32
H62 NAG BC . -27.20 -44.41 -27.62
H81 NAG BC . -19.01 -43.39 -29.14
H82 NAG BC . -18.93 -44.97 -29.28
H83 NAG BC . -18.26 -44.24 -28.03
HN2 NAG BC . -21.33 -44.27 -29.52
HO3 NAG BC . -22.08 -47.40 -27.40
HO4 NAG BC . -24.69 -47.80 -28.27
HO6 NAG BC . -28.52 -45.08 -29.06
CA CA CC . -20.73 -36.80 -47.65
CA CA DC . -17.48 -20.97 -49.08
C1 NAG EC . -18.33 39.80 -2.49
C2 NAG EC . -17.19 40.50 -3.24
C3 NAG EC . -15.92 40.52 -2.40
C4 NAG EC . -16.22 41.16 -1.05
C5 NAG EC . -17.42 40.49 -0.38
C6 NAG EC . -17.85 41.19 0.88
C7 NAG EC . -16.68 38.77 -5.05
C8 NAG EC . -16.68 37.66 -4.04
N2 NAG EC . -16.94 40.02 -4.60
O3 NAG EC . -14.91 41.26 -3.08
O4 NAG EC . -15.08 41.05 -0.20
O5 NAG EC . -18.56 40.48 -1.26
O6 NAG EC . -19.24 41.02 1.14
O7 NAG EC . -16.49 38.55 -6.23
H1 NAG EC . -18.01 38.93 -2.21
H2 NAG EC . -17.46 41.43 -3.33
H3 NAG EC . -15.57 39.63 -2.22
H4 NAG EC . -16.42 42.10 -1.19
H5 NAG EC . -17.18 39.56 -0.16
H61 NAG EC . -17.35 40.82 1.64
H62 NAG EC . -17.65 42.14 0.80
H81 NAG EC . -16.29 36.87 -4.46
H82 NAG EC . -16.15 37.86 -3.25
H83 NAG EC . -17.59 37.44 -3.79
HN2 NAG EC . -16.94 40.67 -5.26
HO3 NAG EC . -14.24 40.73 -3.28
HO4 NAG EC . -14.56 41.76 -0.31
HO6 NAG EC . -19.36 40.60 1.90
C1 NAG FC . -81.99 44.57 -1.38
C2 NAG FC . -81.89 45.27 -0.02
C3 NAG FC . -82.96 44.75 0.92
C4 NAG FC . -84.33 44.83 0.27
C5 NAG FC . -84.31 44.15 -1.08
C6 NAG FC . -85.62 44.26 -1.84
C7 NAG FC . -79.95 46.05 1.26
C8 NAG FC . -78.59 45.70 1.79
N2 NAG FC . -80.57 45.11 0.56
O3 NAG FC . -82.95 45.50 2.13
O4 NAG FC . -85.31 44.23 1.10
O5 NAG FC . -83.30 44.73 -1.91
O6 NAG FC . -86.04 43.01 -2.33
O7 NAG FC . -80.47 47.15 1.48
H1 NAG FC . -81.80 43.63 -1.27
H2 NAG FC . -82.07 46.22 -0.14
H3 NAG FC . -82.76 43.81 1.13
H4 NAG FC . -84.56 45.78 0.15
H5 NAG FC . -84.10 43.20 -0.95
H61 NAG FC . -86.29 44.62 -1.24
H62 NAG FC . -85.49 44.88 -2.58
H81 NAG FC . -78.22 46.46 2.28
H82 NAG FC . -78.00 45.48 1.05
H83 NAG FC . -78.66 44.93 2.39
HN2 NAG FC . -80.14 44.31 0.44
HO3 NAG FC . -83.12 44.96 2.81
HO4 NAG FC . -85.86 44.84 1.42
HO6 NAG FC . -86.75 43.12 -2.86
CA CA GC . -67.99 34.46 -10.78
CA CA HC . -58.76 41.38 -21.24
CA CA IC . -63.68 49.92 -13.03
CA CA JC . -83.71 50.13 -14.74
C1 NAG KC . -49.51 71.10 -23.57
C2 NAG KC . -50.35 72.32 -23.18
C3 NAG KC . -49.46 73.41 -22.60
C4 NAG KC . -48.62 72.87 -21.46
C5 NAG KC . -47.84 71.63 -21.92
C6 NAG KC . -47.07 70.98 -20.81
C7 NAG KC . -52.22 73.55 -24.21
C8 NAG KC . -52.85 73.98 -25.49
N2 NAG KC . -51.09 72.82 -24.32
O3 NAG KC . -50.28 74.49 -22.12
O4 NAG KC . -47.70 73.85 -21.01
O5 NAG KC . -48.76 70.66 -22.44
O6 NAG KC . -47.20 69.56 -20.86
O7 NAG KC . -52.70 73.83 -23.11
H1 NAG KC . -48.88 71.36 -24.26
H2 NAG KC . -50.98 72.05 -22.49
H3 NAG KC . -48.87 73.75 -23.31
H4 NAG KC . -49.21 72.62 -20.72
H5 NAG KC . -47.23 71.90 -22.63
H61 NAG KC . -46.12 71.20 -20.90
H62 NAG KC . -47.39 71.30 -19.95
H81 NAG KC . -52.23 74.54 -25.99
H82 NAG KC . -53.09 73.20 -26.02
H83 NAG KC . -53.66 74.50 -25.29
HN2 NAG KC . -50.78 72.64 -25.16
HO3 NAG KC . -49.80 75.24 -22.13
HO4 NAG KC . -47.92 74.11 -20.19
HO6 NAG KC . -46.98 69.22 -20.06
C1 NAG LC . -79.70 27.74 -60.47
C2 NAG LC . -80.05 28.72 -61.57
C3 NAG LC . -81.55 28.76 -61.80
C4 NAG LC . -82.07 27.36 -62.07
C5 NAG LC . -81.61 26.39 -60.97
C6 NAG LC . -81.98 24.96 -61.25
C7 NAG LC . -79.19 30.94 -62.19
C8 NAG LC . -78.70 32.27 -61.68
N2 NAG LC . -79.55 30.05 -61.26
O3 NAG LC . -81.84 29.60 -62.91
O4 NAG LC . -83.49 27.37 -62.11
O5 NAG LC . -80.19 26.44 -60.82
O6 NAG LC . -80.84 24.11 -61.17
O7 NAG LC . -79.26 30.69 -63.39
H1 NAG LC . -80.13 28.02 -59.64
H2 NAG LC . -79.63 28.43 -62.41
H3 NAG LC . -81.98 29.12 -61.01
H4 NAG LC . -81.72 27.04 -62.92
H5 NAG LC . -82.03 26.67 -60.12
H61 NAG LC . -82.36 24.90 -62.15
H62 NAG LC . -82.63 24.66 -60.60
H81 NAG LC . -78.47 32.83 -62.44
H82 NAG LC . -77.91 32.13 -61.13
H83 NAG LC . -79.41 32.69 -61.16
HN2 NAG LC . -79.48 30.30 -60.38
HO3 NAG LC . -82.59 30.04 -62.75
HO4 NAG LC . -83.82 27.40 -61.29
HO6 NAG LC . -81.00 23.35 -61.60
CA CA MC . -71.80 33.55 -43.31
CA CA NC . -56.18 32.41 -41.45
CA CA OC . -58.69 33.10 -54.54
CA CA PC . -69.73 16.97 -59.45
CA CA QC . -41.66 11.60 -18.74
CA CA RC . -54.32 1.76 -6.39
C1 NAG SC . -32.73 33.29 -62.07
C2 NAG SC . -32.40 33.10 -63.55
C3 NAG SC . -32.09 34.45 -64.18
C4 NAG SC . -33.19 35.46 -63.89
C5 NAG SC . -33.51 35.50 -62.40
C6 NAG SC . -34.70 36.39 -62.08
C7 NAG SC . -31.03 31.55 -64.87
C8 NAG SC . -29.85 30.64 -64.86
N2 NAG SC . -31.29 32.18 -63.72
O3 NAG SC . -31.94 34.28 -65.59
O4 NAG SC . -32.79 36.76 -64.31
O5 NAG SC . -33.82 34.18 -61.93
O6 NAG SC . -34.64 37.61 -62.80
O7 NAG SC . -31.73 31.71 -65.87
H1 NAG SC . -31.95 33.65 -61.61
H2 NAG SC . -33.19 32.73 -63.99
H3 NAG SC . -31.24 34.79 -63.81
H4 NAG SC . -34.00 35.20 -64.39
H5 NAG SC . -32.73 35.84 -61.92
H61 NAG SC . -34.71 36.57 -61.12
H62 NAG SC . -35.52 35.91 -62.32
H81 NAG SC . -29.76 30.20 -65.74
H82 NAG SC . -29.96 29.96 -64.17
H83 NAG SC . -29.03 31.16 -64.68
HN2 NAG SC . -30.74 32.02 -63.00
HO3 NAG SC . -31.23 34.74 -65.87
HO4 NAG SC . -32.98 36.86 -65.18
HO6 NAG SC . -35.28 38.15 -62.50
C1 NAG TC . -53.48 -7.94 -17.36
C2 NAG TC . -52.72 -9.15 -17.86
C3 NAG TC . -53.69 -10.21 -18.37
C4 NAG TC . -54.74 -10.53 -17.32
C5 NAG TC . -55.40 -9.25 -16.84
C6 NAG TC . -56.37 -9.48 -15.70
C7 NAG TC . -50.48 -8.54 -18.67
C8 NAG TC . -49.66 -8.16 -19.87
N2 NAG TC . -51.78 -8.78 -18.91
O3 NAG TC . -52.96 -11.39 -18.70
O4 NAG TC . -55.72 -11.40 -17.87
O5 NAG TC . -54.41 -8.33 -16.35
O6 NAG TC . -57.26 -10.55 -15.99
O7 NAG TC . -50.00 -8.62 -17.55
H1 NAG TC . -53.97 -7.54 -18.10
H2 NAG TC . -52.23 -9.54 -17.11
H3 NAG TC . -54.13 -9.88 -19.17
H4 NAG TC . -54.31 -10.97 -16.57
H5 NAG TC . -55.88 -8.83 -17.59
H61 NAG TC . -56.90 -8.67 -15.56
H62 NAG TC . -55.88 -9.68 -14.89
H81 NAG TC . -49.79 -8.82 -20.57
H82 NAG TC . -48.72 -8.12 -19.62
H83 NAG TC . -49.95 -7.28 -20.19
HN2 NAG TC . -52.09 -8.70 -19.76
HO3 NAG TC . -53.17 -11.65 -19.53
HO4 NAG TC . -55.54 -12.24 -17.64
HO6 NAG TC . -57.91 -10.57 -15.40
CA CA UC . -54.01 9.36 -27.19
CA CA VC . -47.81 21.94 -23.21
C1 NAG WC . -18.33 64.41 60.68
C2 NAG WC . -18.24 64.53 62.19
C3 NAG WC . -16.94 63.91 62.69
C4 NAG WC . -16.83 62.46 62.21
C5 NAG WC . -16.97 62.41 60.69
C6 NAG WC . -17.00 60.99 60.16
C7 NAG WC . -19.06 66.32 63.66
C8 NAG WC . -19.04 67.79 63.93
N2 NAG WC . -18.33 65.92 62.61
O3 NAG WC . -16.90 63.96 64.11
O4 NAG WC . -15.57 61.92 62.58
O5 NAG WC . -18.20 63.03 60.28
O6 NAG WC . -16.87 60.04 61.20
O7 NAG WC . -19.70 65.54 64.36
H1 NAG WC . -17.60 64.93 60.27
H2 NAG WC . -18.97 64.02 62.58
H3 NAG WC . -16.18 64.42 62.33
H4 NAG WC . -17.55 61.95 62.63
H5 NAG WC . -16.23 62.89 60.28
H61 NAG WC . -17.85 60.85 59.69
H62 NAG WC . -16.27 60.88 59.53
H81 NAG WC . -19.40 68.27 63.16
H82 NAG WC . -18.13 68.08 64.11
H83 NAG WC . -19.60 67.98 64.72
HN2 NAG WC . -17.89 66.54 62.14
HO3 NAG WC . -16.13 64.32 64.37
HO4 NAG WC . -15.54 61.84 63.47
HO6 NAG WC . -16.61 59.26 60.86
C1 NAG XC . -79.73 61.36 42.35
C2 NAG XC . -80.18 62.67 43.03
C3 NAG XC . -81.30 62.39 44.05
C4 NAG XC . -82.42 61.60 43.41
C5 NAG XC . -81.85 60.33 42.76
C6 NAG XC . -82.89 59.51 42.03
C7 NAG XC . -78.94 64.64 43.83
C8 NAG XC . -77.72 65.13 44.54
N2 NAG XC . -79.05 63.32 43.69
O3 NAG XC . -81.79 63.63 44.54
O4 NAG XC . -83.37 61.23 44.40
O5 NAG XC . -80.86 60.71 41.79
O6 NAG XC . -82.97 59.88 40.66
O7 NAG XC . -79.79 65.42 43.38
H1 NAG XC . -79.32 60.78 43.01
H2 NAG XC . -80.53 63.27 42.36
H3 NAG XC . -80.92 61.89 44.79
H4 NAG XC . -82.86 62.14 42.72
H5 NAG XC . -81.44 59.79 43.44
H61 NAG XC . -82.68 58.57 42.11
H62 NAG XC . -83.77 59.67 42.45
H81 NAG XC . -76.92 64.84 44.06
H82 NAG XC . -77.74 66.11 44.58
H83 NAG XC . -77.71 64.76 45.44
HN2 NAG XC . -78.40 62.79 44.04
HO3 NAG XC . -81.98 63.55 45.41
HO4 NAG XC . -84.06 61.78 44.37
HO6 NAG XC . -83.45 59.25 40.23
CA CA YC . -63.55 53.01 45.15
CA CA ZC . -51.13 52.07 35.54
CA CA AD . -59.06 62.24 33.68
CA CA BD . -77.13 55.21 29.76
C1 NAG CD . -44.21 71.76 13.28
C2 NAG CD . -45.32 71.65 12.23
C3 NAG CD . -45.11 72.70 11.14
C4 NAG CD . -45.04 74.08 11.76
C5 NAG CD . -43.95 74.13 12.83
C6 NAG CD . -43.92 75.44 13.58
C7 NAG CD . -46.48 69.62 11.49
C8 NAG CD . -46.33 68.26 10.85
N2 NAG CD . -45.35 70.32 11.65
O3 NAG CD . -46.18 72.63 10.21
O4 NAG CD . -44.76 75.06 10.76
O5 NAG CD . -44.17 73.10 13.81
O6 NAG CD . -44.93 75.51 14.57
O7 NAG CD . -47.57 70.05 11.82
H1 NAG CD . -43.35 71.60 12.85
H2 NAG CD . -46.17 71.84 12.67
H3 NAG CD . -44.27 72.52 10.68
H4 NAG CD . -45.90 74.30 12.18
H5 NAG CD . -43.08 73.98 12.40
H61 NAG CD . -43.04 75.54 14.01
H62 NAG CD . -44.04 76.18 12.95
H81 NAG CD . -45.87 68.35 10.00
H82 NAG CD . -47.20 67.87 10.71
H83 NAG CD . -45.80 67.69 11.44
HN2 NAG CD . -44.57 69.95 11.37
HO3 NAG CD . -45.94 73.05 9.46
HO4 NAG CD . -45.33 75.74 10.84
HO6 NAG CD . -44.69 76.07 15.20
C1 NAG DD . -57.51 9.34 16.83
C2 NAG DD . -57.82 9.05 15.35
C3 NAG DD . -59.22 8.45 15.19
C4 NAG DD . -59.38 7.23 16.10
C5 NAG DD . -59.06 7.64 17.53
C6 NAG DD . -59.13 6.47 18.50
C7 NAG DD . -57.01 10.33 13.42
C8 NAG DD . -57.02 11.66 12.72
N2 NAG DD . -57.71 10.26 14.54
O3 NAG DD . -59.42 8.07 13.84
O4 NAG DD . -60.71 6.75 16.02
O5 NAG DD . -57.74 8.16 17.61
O6 NAG DD . -59.04 6.92 19.85
O7 NAG DD . -56.39 9.38 12.97
H1 NAG DD . -58.09 10.05 17.15
H2 NAG DD . -57.18 8.40 15.03
H3 NAG DD . -59.88 9.12 15.44
H4 NAG DD . -58.76 6.54 15.82
H5 NAG DD . -59.70 8.32 17.82
H61 NAG DD . -58.39 5.86 18.31
H62 NAG DD . -59.98 6.00 18.37
H81 NAG DD . -56.62 12.34 13.31
H82 NAG DD . -57.93 11.91 12.51
H83 NAG DD . -56.50 11.61 11.90
HN2 NAG DD . -58.15 11.01 14.83
HO3 NAG DD . -60.23 8.31 13.59
HO4 NAG DD . -60.71 5.98 15.57
HO6 NAG DD . -59.14 6.22 20.39
CA CA ED . -57.11 27.65 24.55
CA CA FD . -41.56 32.66 29.44
CA CA GD . -39.90 24.03 20.70
CA CA HD . -47.93 6.48 26.94
CA CA ID . -33.05 39.20 62.25
CA CA JD . -47.79 37.74 75.02
C1 NAG KD . -14.68 27.13 18.31
C2 NAG KD . -13.66 26.16 17.71
C3 NAG KD . -13.31 26.58 16.29
C4 NAG KD . -14.57 26.72 15.45
C5 NAG KD . -15.56 27.66 16.14
C6 NAG KD . -16.89 27.74 15.42
C7 NAG KD . -11.72 24.99 18.66
C8 NAG KD . -10.51 25.10 19.54
N2 NAG KD . -12.46 26.10 18.53
O3 NAG KD . -12.44 25.61 15.71
O4 NAG KD . -14.26 27.23 14.17
O5 NAG KD . -15.84 27.19 17.47
O6 NAG KD . -17.97 27.91 16.34
O7 NAG KD . -12.01 23.95 18.10
H1 NAG KD . -14.29 28.03 18.38
H2 NAG KD . -14.07 25.28 17.67
H3 NAG KD . -12.86 27.44 16.31
H4 NAG KD . -14.99 25.84 15.35
H5 NAG KD . -15.17 28.55 16.19
H61 NAG KD . -17.03 26.93 14.91
H62 NAG KD . -16.87 28.51 14.81
H81 NAG KD . -10.04 24.25 19.57
H82 NAG KD . -9.92 25.80 19.18
H83 NAG KD . -10.79 25.36 20.44
HN2 NAG KD . -12.19 26.85 18.98
HO3 NAG KD . -11.74 26.01 15.36
HO4 NAG KD . -13.98 28.08 14.25
HO6 NAG KD . -18.71 28.10 15.88
C1 NAG LD . -42.52 24.12 75.76
C2 NAG LD . -41.39 23.27 76.29
C3 NAG LD . -41.90 21.87 76.60
C4 NAG LD . -43.11 21.94 77.52
C5 NAG LD . -44.16 22.91 76.98
C6 NAG LD . -45.29 23.16 77.95
C7 NAG LD . -39.03 22.99 75.69
C8 NAG LD . -38.03 22.99 74.59
N2 NAG LD . -40.29 23.21 75.34
O3 NAG LD . -40.86 21.12 77.21
O4 NAG LD . -43.70 20.65 77.66
O5 NAG LD . -43.56 24.19 76.71
O6 NAG LD . -46.35 23.87 77.33
O7 NAG LD . -38.70 22.81 76.86
H1 NAG LD . -42.87 23.68 74.95
H2 NAG LD . -41.08 23.67 77.12
H3 NAG LD . -42.16 21.43 75.77
H4 NAG LD . -42.81 22.26 78.41
H5 NAG LD . -44.52 22.54 76.15
H61 NAG LD . -45.63 22.29 78.26
H62 NAG LD . -44.95 23.66 78.71
H81 NAG LD . -38.46 22.72 73.75
H82 NAG LD . -37.31 22.36 74.80
H83 NAG LD . -37.66 23.88 74.48
HN2 NAG LD . -40.48 23.35 74.45
HO3 NAG LD . -41.00 20.26 77.08
HO4 NAG LD . -43.62 20.38 78.50
HO6 NAG LD . -47.03 23.93 77.90
CA CA MD . -43.43 26.33 55.74
CA CA ND . -38.28 40.89 50.19
C1 NAG OD . 0.70 42.60 69.52
C2 NAG OD . 0.12 43.99 69.25
C3 NAG OD . 1.17 45.05 69.55
C4 NAG OD . 1.72 44.89 70.96
C5 NAG OD . 2.20 43.46 71.17
C6 NAG OD . 2.63 43.17 72.59
C7 NAG OD . -1.62 43.90 67.53
C8 NAG OD . -1.93 44.07 66.06
N2 NAG OD . -0.35 44.11 67.88
O3 NAG OD . 0.58 46.35 69.41
O4 NAG OD . 2.80 45.77 71.17
O5 NAG OD . 1.15 42.52 70.87
O6 NAG OD . 1.83 42.15 73.17
O7 NAG OD . -2.49 43.60 68.33
H1 NAG OD . 1.48 42.52 68.95
H2 NAG OD . -0.63 44.13 69.86
H3 NAG OD . 1.90 44.97 68.91
H4 NAG OD . 1.01 45.08 71.61
H5 NAG OD . 2.96 43.28 70.58
H61 NAG OD . 2.54 43.98 73.12
H62 NAG OD . 3.56 42.88 72.60
H81 NAG OD . -1.53 43.33 65.56
H82 NAG OD . -2.90 44.08 65.93
H83 NAG OD . -1.55 44.91 65.75
HN2 NAG OD . 0.26 44.33 67.24
HO3 NAG OD . 1.21 46.95 69.24
HO4 NAG OD . 2.78 46.08 72.00
HO6 NAG OD . 2.32 41.42 73.31
C1 NAG PD . -29.87 -10.76 49.69
C2 NAG PD . -30.64 -10.23 48.47
C3 NAG PD . -32.11 -10.59 48.59
C4 NAG PD . -32.29 -12.09 48.81
C5 NAG PD . -31.44 -12.54 50.01
C6 NAG PD . -31.46 -14.03 50.22
C7 NAG PD . -30.51 -8.18 47.14
C8 NAG PD . -30.31 -6.70 47.18
N2 NAG PD . -30.48 -8.80 48.32
O3 NAG PD . -32.79 -10.21 47.40
O4 NAG PD . -33.65 -12.39 49.07
O5 NAG PD . -30.06 -12.17 49.80
O6 NAG PD . -30.34 -14.46 50.97
O7 NAG PD . -30.68 -8.79 46.09
H1 NAG PD . -30.20 -10.32 50.48
H2 NAG PD . -30.31 -10.67 47.67
H3 NAG PD . -32.50 -10.11 49.34
H4 NAG PD . -31.98 -12.57 48.02
H5 NAG PD . -31.77 -12.10 50.82
H61 NAG PD . -31.44 -14.48 49.35
H62 NAG PD . -32.27 -14.28 50.68
H81 NAG PD . -31.19 -6.26 47.20
H82 NAG PD . -29.83 -6.41 46.39
H83 NAG PD . -29.81 -6.45 47.97
HN2 NAG PD . -30.35 -8.30 49.08
HO3 NAG PD . -33.67 -10.18 47.56
HO4 NAG PD . -33.86 -12.17 49.90
HO6 NAG PD . -30.49 -15.28 51.29
CA CA QD . -19.73 -1.28 62.72
CA CA RD . -3.42 0.39 59.77
CA CA SD . -9.47 -1.34 48.73
CA CA TD . -18.29 -19.70 49.11
C1 NAG UD . 22.98 2.23 35.07
C2 NAG UD . 23.98 1.10 34.83
C3 NAG UD . 25.35 1.45 35.43
C4 NAG UD . 25.81 2.81 34.91
C5 NAG UD . 24.74 3.86 35.19
C6 NAG UD . 25.07 5.22 34.64
C7 NAG UD . 22.47 -0.84 34.90
C8 NAG UD . 22.13 -2.12 35.59
N2 NAG UD . 23.52 -0.17 35.38
O3 NAG UD . 26.30 0.45 35.06
O4 NAG UD . 27.02 3.19 35.56
O5 NAG UD . 23.50 3.46 34.59
O6 NAG UD . 24.04 5.70 33.79
O7 NAG UD . 21.83 -0.43 33.93
H1 NAG UD . 22.86 2.31 36.04
H2 NAG UD . 24.09 0.99 33.87
H3 NAG UD . 25.27 1.49 36.40
H4 NAG UD . 25.96 2.77 33.95
H5 NAG UD . 24.61 3.93 36.16
H61 NAG UD . 25.91 5.16 34.13
H62 NAG UD . 25.20 5.85 35.37
H81 NAG UD . 21.95 -1.94 36.53
H82 NAG UD . 22.88 -2.75 35.51
H83 NAG UD . 21.33 -2.52 35.18
HN2 NAG UD . 23.95 -0.52 36.10
HO3 NAG UD . 26.78 0.24 35.78
HO4 NAG UD . 27.71 3.05 35.01
HO6 NAG UD . 24.22 6.54 33.56
C1 NAG VD . 14.27 -33.82 86.12
C2 NAG VD . 15.43 -34.74 85.76
C3 NAG VD . 14.98 -36.19 85.82
C4 NAG VD . 14.37 -36.50 87.18
C5 NAG VD . 13.26 -35.50 87.49
C6 NAG VD . 12.68 -35.67 88.87
C7 NAG VD . 17.26 -34.61 84.13
C8 NAG VD . 17.64 -34.23 82.73
N2 NAG VD . 15.97 -34.42 84.45
O3 NAG VD . 16.11 -37.03 85.60
O4 NAG VD . 13.82 -37.81 87.19
O5 NAG VD . 13.78 -34.15 87.42
O6 NAG VD . 13.69 -35.96 89.84
O7 NAG VD . 18.07 -35.07 84.93
H1 NAG VD . 13.56 -33.93 85.46
H2 NAG VD . 16.13 -34.63 86.42
H3 NAG VD . 14.33 -36.35 85.13
H4 NAG VD . 15.06 -36.44 87.86
H5 NAG VD . 12.54 -35.60 86.84
H61 NAG VD . 12.22 -34.84 89.13
H62 NAG VD . 12.03 -36.40 88.86
H81 NAG VD . 17.13 -34.77 82.09
H82 NAG VD . 18.59 -34.40 82.60
H83 NAG VD . 17.46 -33.29 82.59
HN2 NAG VD . 15.41 -34.08 83.82
HO3 NAG VD . 15.85 -37.78 85.20
HO4 NAG VD . 14.30 -38.33 87.73
HO6 NAG VD . 13.33 -36.00 90.64
CA CA WD . 5.98 -19.63 76.34
CA CA XD . 11.46 -5.26 75.83
CA CA YD . 20.27 -13.08 79.47
CA CA ZD . 14.17 -22.77 95.75
CA CA AE . -6.40 21.28 86.78
CA CA BE . -25.23 18.43 91.26
C1 NAG CE . 39.46 5.62 82.32
C2 NAG CE . 40.44 5.18 83.43
C3 NAG CE . 41.82 4.88 82.83
C4 NAG CE . 41.72 3.89 81.68
C5 NAG CE . 40.74 4.44 80.64
C6 NAG CE . 40.52 3.50 79.49
C7 NAG CE . 41.02 5.93 85.69
C8 NAG CE . 41.05 7.09 86.64
N2 NAG CE . 40.54 6.19 84.46
O3 NAG CE . 42.67 4.35 83.84
O4 NAG CE . 42.99 3.70 81.08
O5 NAG CE . 39.46 4.65 81.25
O6 NAG CE . 41.03 2.20 79.75
O7 NAG CE . 41.40 4.81 86.02
H1 NAG CE . 39.74 6.49 81.97
H2 NAG CE . 40.10 4.35 83.82
H3 NAG CE . 42.21 5.72 82.51
H4 NAG CE . 41.38 3.04 82.03
H5 NAG CE . 41.08 5.29 80.31
H61 NAG CE . 39.56 3.44 79.31
H62 NAG CE . 40.96 3.86 78.69
H81 NAG CE . 41.42 6.80 87.50
H82 NAG CE . 41.62 7.80 86.27
H83 NAG CE . 40.14 7.43 86.77
HN2 NAG CE . 40.27 7.03 84.27
HO3 NAG CE . 43.47 4.71 83.78
HO4 NAG CE . 43.47 4.44 81.16
HO6 NAG CE . 40.76 1.64 79.11
C1 NAG DE . -19.82 16.03 104.37
C2 NAG DE . -19.33 16.85 105.58
C3 NAG DE . -19.89 16.28 106.88
C4 NAG DE . -21.40 16.16 106.79
C5 NAG DE . -21.79 15.33 105.58
C6 NAG DE . -23.29 15.24 105.37
C7 NAG DE . -17.18 17.96 106.02
C8 NAG DE . -15.69 17.83 106.02
N2 NAG DE . -17.88 16.89 105.64
O3 NAG DE . -19.53 17.12 107.95
O4 NAG DE . -21.92 15.52 107.96
O5 NAG DE . -21.25 15.94 104.40
O6 NAG DE . -23.98 15.34 106.61
O7 NAG DE . -17.73 19.00 106.36
H1 NAG DE . -19.43 15.14 104.41
H2 NAG DE . -19.66 17.76 105.48
H3 NAG DE . -19.50 15.39 107.02
H4 NAG DE . -21.80 17.05 106.71
H5 NAG DE . -21.42 14.43 105.66
H61 NAG DE . -23.57 15.97 104.79
H62 NAG DE . -23.50 14.38 104.96
H81 NAG DE . -15.43 17.10 106.62
H82 NAG DE . -15.29 18.66 106.32
H83 NAG DE . -15.39 17.61 105.11
HN2 NAG DE . -17.41 16.15 105.40
HO3 NAG DE . -19.37 16.64 108.68
HO4 NAG DE . -22.15 16.15 108.56
HO6 NAG DE . -24.85 15.28 106.47
CA CA EE . -6.74 5.39 92.85
CA CA FE . -2.33 12.27 78.87
C1 NAG GE . 50.53 -16.07 67.85
C2 NAG GE . 51.00 -14.95 68.82
C3 NAG GE . 52.14 -15.44 69.72
C4 NAG GE . 51.79 -16.77 70.37
C5 NAG GE . 51.40 -17.77 69.30
C6 NAG GE . 51.00 -19.13 69.86
C7 NAG GE . 51.66 -12.59 68.68
C8 NAG GE . 52.06 -11.48 67.77
N2 NAG GE . 51.40 -13.76 68.10
O3 NAG GE . 52.41 -14.47 70.72
O4 NAG GE . 52.90 -17.27 71.11
O5 NAG GE . 50.27 -17.27 68.58
O6 NAG GE . 52.15 -19.89 70.22
O7 NAG GE . 51.58 -12.43 69.89
H1 NAG GE . 51.24 -16.23 67.19
H2 NAG GE . 50.24 -14.73 69.40
H3 NAG GE . 52.93 -15.57 69.17
H4 NAG GE . 51.03 -16.64 70.98
H5 NAG GE . 52.15 -17.90 68.68
H61 NAG GE . 50.50 -19.61 69.18
H62 NAG GE . 50.45 -18.99 70.65
H81 NAG GE . 52.25 -10.67 68.30
H82 NAG GE . 51.34 -11.29 67.14
H83 NAG GE . 52.87 -11.73 67.27
HN2 NAG GE . 51.47 -13.82 67.18
HO3 NAG GE . 53.19 -14.08 70.55
HO4 NAG GE . 53.26 -16.61 71.58
HO6 NAG GE . 52.06 -20.72 69.92
C1 NAG HE . 2.24 -44.88 43.55
C2 NAG HE . 1.02 -43.97 43.33
C3 NAG HE . -0.20 -44.53 44.05
C4 NAG HE . -0.42 -45.98 43.67
C5 NAG HE . 0.86 -46.79 43.90
C6 NAG HE . 0.74 -48.22 43.45
C7 NAG HE . 0.85 -41.54 43.09
C8 NAG HE . 1.23 -40.21 43.69
N2 NAG HE . 1.29 -42.61 43.75
O3 NAG HE . -1.33 -43.76 43.71
O4 NAG HE . -1.47 -46.54 44.47
O5 NAG HE . 1.93 -46.22 43.16
O6 NAG HE . 1.78 -48.57 42.55
O7 NAG HE . 0.18 -41.63 42.09
H1 NAG HE . 2.48 -44.86 44.50
H2 NAG HE . 0.80 -43.98 42.38
H3 NAG HE . -0.05 -44.47 45.02
H4 NAG HE . -0.67 -46.04 42.73
H5 NAG HE . 1.08 -46.78 44.86
H61 NAG HE . -0.12 -48.36 43.01
H62 NAG HE . 0.79 -48.82 44.23
H81 NAG HE . 2.19 -40.13 43.71
H82 NAG HE . 0.86 -40.14 44.60
H83 NAG HE . 0.85 -39.50 43.14
HN2 NAG HE . 1.79 -42.49 44.51
HO3 NAG HE . -1.93 -43.79 44.37
HO4 NAG HE . -2.16 -46.72 43.94
HO6 NAG HE . 1.86 -49.45 42.50
CA CA IE . 19.92 -46.00 50.29
CA CA JE . 32.30 -41.88 41.60
CA CA KE . 21.82 -36.46 36.93
CA CA LE . 9.06 -50.95 32.14
C1 NAG ME . 32.27 -24.65 17.25
C2 NAG ME . 31.18 -25.62 16.83
C3 NAG ME . 29.81 -25.02 17.16
C4 NAG ME . 29.75 -24.66 18.64
C5 NAG ME . 30.93 -23.77 19.03
C6 NAG ME . 31.01 -23.53 20.52
C7 NAG ME . 30.85 -27.09 14.89
C8 NAG ME . 31.04 -27.25 13.42
N2 NAG ME . 31.28 -25.94 15.41
O3 NAG ME . 28.80 -25.97 16.84
O4 NAG ME . 28.53 -23.96 18.90
O5 NAG ME . 32.17 -24.39 18.64
O6 NAG ME . 30.23 -22.41 20.90
O7 NAG ME . 30.33 -27.96 15.59
H1 NAG ME . 32.17 -23.81 16.76
H2 NAG ME . 31.28 -26.43 17.35
H3 NAG ME . 29.68 -24.23 16.62
H4 NAG ME . 29.76 -25.48 19.16
H5 NAG ME . 30.86 -22.91 18.56
H61 NAG ME . 30.69 -24.31 20.99
H62 NAG ME . 31.94 -23.37 20.76
H81 NAG ME . 31.99 -27.23 13.20
H82 NAG ME . 30.66 -28.11 13.14
H83 NAG ME . 30.58 -26.52 12.95
HN2 NAG ME . 31.66 -25.32 14.85
HO3 NAG ME . 28.28 -25.65 16.19
HO4 NAG ME . 27.85 -24.42 18.58
HO6 NAG ME . 30.44 -22.17 21.73
C1 NAG NE . 47.96 -84.61 31.40
C2 NAG NE . 47.97 -85.24 30.01
C3 NAG NE . 46.78 -86.17 29.84
C4 NAG NE . 46.72 -87.18 30.98
C5 NAG NE . 46.75 -86.45 32.33
C6 NAG NE . 46.79 -87.39 33.51
C7 NAG NE . 49.03 -83.87 28.27
C8 NAG NE . 48.83 -82.80 27.24
N2 NAG NE . 47.96 -84.22 28.98
O3 NAG NE . 46.89 -86.86 28.59
O4 NAG NE . 45.51 -87.93 30.88
O5 NAG NE . 47.92 -85.65 32.39
O6 NAG NE . 47.70 -88.46 33.30
O7 NAG NE . 50.14 -84.38 28.44
H1 NAG NE . 47.16 -84.07 31.51
H2 NAG NE . 48.78 -85.78 29.92
H3 NAG NE . 45.95 -85.64 29.83
H4 NAG NE . 47.48 -87.78 30.91
H5 NAG NE . 45.96 -85.88 32.39
H61 NAG NE . 47.06 -86.90 34.30
H62 NAG NE . 45.90 -87.76 33.64
H81 NAG NE . 49.67 -82.61 26.79
H82 NAG NE . 48.51 -81.98 27.68
H83 NAG NE . 48.16 -83.09 26.58
HN2 NAG NE . 47.17 -83.79 28.80
HO3 NAG NE . 46.10 -86.87 28.19
HO4 NAG NE . 45.68 -88.72 30.52
HO6 NAG NE . 47.81 -88.90 34.06
CA CA OE . 39.92 -66.99 35.79
CA CA PE . 50.22 -55.14 40.60
CA CA QE . 56.67 -63.69 33.56
CA CA RE . 55.99 -81.65 42.67
CA CA SE . 49.08 -41.77 71.77
CA CA TE . 33.85 -48.06 83.12
C1 NAG UE . 81.36 -49.25 36.02
C2 NAG UE . 82.75 -49.90 35.96
C3 NAG UE . 83.64 -49.14 34.97
C4 NAG UE . 82.95 -49.00 33.62
C5 NAG UE . 81.55 -48.42 33.80
C6 NAG UE . 80.76 -48.38 32.50
C7 NAG UE . 84.40 -50.76 37.56
C8 NAG UE . 84.92 -50.69 38.96
N2 NAG UE . 83.37 -49.95 37.28
O3 NAG UE . 84.87 -49.83 34.81
O4 NAG UE . 83.70 -48.13 32.78
O5 NAG UE . 80.79 -49.23 34.71
O6 NAG UE . 81.49 -47.70 31.48
O7 NAG UE . 84.91 -51.49 36.72
H1 NAG UE . 81.45 -48.33 36.34
H2 NAG UE . 82.65 -50.81 35.63
H3 NAG UE . 83.82 -48.26 35.33
H4 NAG UE . 82.88 -49.87 33.20
H5 NAG UE . 81.62 -47.52 34.15
H61 NAG UE . 80.57 -49.29 32.22
H62 NAG UE . 79.92 -47.90 32.66
H81 NAG UE . 84.21 -50.94 39.58
H82 NAG UE . 85.22 -49.78 39.16
H83 NAG UE . 85.67 -51.31 39.06
HN2 NAG UE . 83.04 -49.42 37.94
HO3 NAG UE . 85.48 -49.28 34.47
HO4 NAG UE . 84.15 -48.61 32.19
HO6 NAG UE . 80.93 -47.39 30.88
C1 NAG VE . 43.77 -58.33 86.82
C2 NAG VE . 44.74 -58.45 88.01
C3 NAG VE . 44.70 -59.88 88.58
C4 NAG VE . 43.28 -60.29 88.90
C5 NAG VE . 42.40 -60.11 87.66
C6 NAG VE . 40.95 -60.43 87.91
C7 NAG VE . 46.72 -56.99 88.03
C8 NAG VE . 48.11 -56.80 87.53
N2 NAG VE . 46.10 -58.11 87.63
O3 NAG VE . 45.50 -59.93 89.76
O4 NAG VE . 43.24 -61.66 89.30
O5 NAG VE . 42.47 -58.75 87.22
O6 NAG VE . 40.10 -59.58 87.15
O7 NAG VE . 46.17 -56.17 88.76
H1 NAG VE . 44.08 -58.90 86.10
H2 NAG VE . 44.44 -57.85 88.72
H3 NAG VE . 45.07 -60.49 87.92
H4 NAG VE . 42.93 -59.73 89.62
H5 NAG VE . 42.74 -60.69 86.94
H61 NAG VE . 40.78 -61.36 87.67
H62 NAG VE . 40.76 -60.31 88.87
H81 NAG VE . 48.67 -57.55 87.83
H82 NAG VE . 48.11 -56.77 86.55
H83 NAG VE . 48.47 -55.96 87.87
HN2 NAG VE . 46.56 -58.68 87.08
HO3 NAG VE . 45.93 -60.70 89.79
HO4 NAG VE . 43.06 -61.70 90.17
HO6 NAG VE . 39.26 -59.88 87.21
CA CA WE . 45.81 -57.59 67.73
CA CA XE . 45.63 -43.96 59.52
#